data_9P7W
#
_entry.id   9P7W
#
_cell.length_a   1.00
_cell.length_b   1.00
_cell.length_c   1.00
_cell.angle_alpha   90.00
_cell.angle_beta   90.00
_cell.angle_gamma   90.00
#
_symmetry.space_group_name_H-M   'P 1'
#
loop_
_entity.id
_entity.type
_entity.pdbx_description
1 polymer '40S ribosomal protein SA'
2 polymer '40S ribosomal protein S3a'
3 polymer '40S ribosomal protein S2'
4 polymer 'Small ribosomal subunit protein eS4, X isoform'
5 polymer '40S ribosomal protein S6'
6 polymer 'Small ribosomal subunit protein eS7'
7 polymer '40S ribosomal protein S8'
8 polymer '40S ribosomal protein S9'
9 polymer '40S ribosomal protein S11'
10 polymer '40S ribosomal protein S13'
11 polymer 'Small ribosomal subunit protein uS11'
12 polymer 'Small ribosomal subunit protein eS21'
13 polymer '40S ribosomal protein S15a'
14 polymer '40S ribosomal protein S23'
15 polymer '40S ribosomal protein S24'
16 polymer '40S ribosomal protein S26'
17 polymer 'Small ribosomal subunit protein eS27'
18 polymer 'Small ribosomal subunit protein eS30'
19 polymer '18S rRNA [Homo sapiens]'
20 polymer '60S ribosomal protein L19'
21 polymer 'Ribosomal protein L24'
22 polymer 'Small ribosomal subunit protein eS17'
23 polymer 'Small ribosomal subunit protein uS3'
24 polymer '40S ribosomal protein S5'
25 polymer '40S ribosomal protein S10'
26 polymer 'Small ribosomal subunit protein eS12'
27 polymer 'Small ribosomal subunit protein uS19'
28 polymer 'Small ribosomal subunit protein uS9'
29 polymer '40S ribosomal protein S18'
30 polymer '40S ribosomal protein S19'
31 polymer '40S ribosomal protein S20'
32 polymer 'Small ribosomal subunit protein eS25'
33 polymer '40S ribosomal protein S28'
34 polymer '40S ribosomal protein S29'
35 polymer 'Ubiquitin-40S ribosomal protein S27a'
36 polymer 'Receptor of activated protein C kinase 1'
37 polymer 'A site tRNA'
38 polymer 'P site tRNA'
39 polymer 'Transcription factor BTF3'
40 polymer '28S rRNA'
41 polymer '5S rRNA'
42 polymer '5.8S rRNA'
43 polymer '60S ribosomal protein L8'
44 polymer 'Large ribosomal subunit protein uL3'
45 polymer '60S ribosomal protein L4'
46 polymer 'Large ribosomal subunit protein uL18'
47 polymer 'Large ribosomal subunit protein eL6'
48 polymer '60S ribosomal protein L7'
49 polymer '60S ribosomal protein L7a'
50 polymer '60S ribosomal protein L9'
51 polymer 'Ribosomal protein uL16-like'
52 polymer '60S ribosomal protein L11'
53 polymer 'Large ribosomal subunit protein eL13'
54 polymer '60S ribosomal protein L14'
55 polymer '60S ribosomal protein L15'
56 polymer '60S ribosomal protein L13a'
57 polymer '60S ribosomal protein L17'
58 polymer '60S ribosomal protein L18'
59 polymer '60S ribosomal protein L18a'
60 polymer '60S ribosomal protein L21'
61 polymer 'Heparin-binding protein HBp15'
62 polymer '60S ribosomal protein L23'
63 polymer '60S ribosomal protein L23a'
64 polymer '60S ribosomal protein L26'
65 polymer '60S ribosomal protein L27'
66 polymer '60S ribosomal protein L27a'
67 polymer 'Large ribosomal subunit protein eL29'
68 polymer '60S ribosomal protein L30'
69 polymer '60S ribosomal protein L31'
70 polymer '60S ribosomal protein L32'
71 polymer '60S ribosomal protein L35a'
72 polymer '60S ribosomal protein L34'
73 polymer '60S ribosomal protein L35'
74 polymer '60S ribosomal protein L36'
75 polymer '60S ribosomal protein L37'
76 polymer '60S ribosomal protein L38'
77 polymer '60S ribosomal protein L39'
78 polymer 'Large ribosomal subunit protein eL40'
79 polymer '60S ribosomal protein L41'
80 polymer '60S ribosomal protein L36a'
81 polymer '60S ribosomal protein L37a'
82 polymer '60S ribosomal protein L28'
83 polymer '60S acidic ribosomal protein P0'
84 polymer 'Large ribosomal subunit protein uL11'
85 non-polymer 'MAGNESIUM ION'
86 non-polymer 'ZINC ION'
87 non-polymer SPERMINE
88 non-polymer SPERMIDINE
#
loop_
_entity_poly.entity_id
_entity_poly.type
_entity_poly.pdbx_seq_one_letter_code
_entity_poly.pdbx_strand_id
1 'polypeptide(L)'
;GALDVLQMKEEDVLKFLAAGTHLGGTNLDFQMEQYIYKRKSDGIYIINLKRTWEKLLLAARAIVAIENPADVSVISSRNT
GQRAVLKFAAATGATPIAGRFTPGTFTNQIQAAFREPRLLVVTDPRADHQPLTEASYVNLPTIALCNTDSPLRYVDIAIP
CNNKGAHSVGLMWWMLAREVLRMRGTISREHPWEVMPDLYFYRDPEEIEKEEQAAAEKAVT
;
SA
2 'polypeptide(L)'
;VVDPFSKKDWYDVKAPAMFNIRNIGKTLVTRTQGTKIASDGLKGRVFEVSLADLQNDEVAFRKFKLITEDVQGKNCLTNF
HGMDLTRDKMCSMVKKWQTMIEAHVDVKTTDGYLLRLFCVGFTKKRNNQIRKTSYAQHQQVRQIRKKMMEIMTREVQTND
LKEVVNKLIPDSIGKDIEKACQSIYPLHDVFVRKVKMLKKPKFELGKLMELHGE
;
SB
3 'polypeptide(L)'
;EWMPVTKLGRLVKDMKIKSLEEIYLFSLPIKESEIIDFFLGASLKDEVLKIMPVQKQTRAGQRTRFKAFVAIGDYNGHVG
LGVKCSKEVATAIRGAIILAKLSIVPVRRGYWGNKIGKPHTVPCKVTGRCGSVLVRLIPAPRGTGIVSAPVPKKLLMMAG
IDDCYTSARGCTATLGNFAKATFDAISKTYSYLTPDLWKETVFTKSPYQEFTDHLVKTHTRV
;
SC
4 'polypeptide(L)'
;ARGPKKHLKRVAAPKHWMLDKLTGVFAPRPSTGPHKLRECLPLIIFLRNRLKYALTGDEVKKICMQRFIKIDGKVRTDIT
YPAGFMDVISIDKTGENFRLIYDTKGRFAVHRITPEEAKYKLCKVRKIFVGTKGIPHLVTHDARTIRYPDPLIKVNDTIQ
IDLETGKITDFIKFDTGNLCMVTGGANLGRIGVITNRERHPGSFDVVHVKDANGNSFATRLSNIFVIGKGNKPWISLPRG
KGIRLTIAEERDKRLAAKQSSG
;
SE
5 'polypeptide(L)'
;MKLNISFPATGCQKLIEVDDERKLRTFYEKRMATEVAADALGEEWKGYVVRISGGNDKQGFPMKQGVLTHGRVRLLLSKG
HSCYRPRRTGERKRKSVRGCIVDANLSVLNLVIVKKGEKDIPGLTDTTVPRRLGPKRASRIRKLFNLSKEDDVRQYVVRK
PLNKEGKKPRTKAPKIQRLVTPRVLQHKRRRIALKKQRTKKNKEEAAEYAKLLAKRMKEAKEKRQEQIAKRRRLSSL
;
SG
6 'polypeptide(L)'
;SAKIVKPNGEKPDEFESGISQALLELEMNSDLKAQLRELNITAAKEIEVGGGRKAIIIFVPVPQLKSFQKIQVRLVRELE
KKFSGKHVVFIAQRRILPKPTRKKNKQKRPRSRTLTAVHDAILEDLVFPSEIVGKRIRVKLDGSRLIKVHLDKAQQNNVE
HKVETFSGVYKKLTGKDVNFEFPEFQ
;
SH
7 'polypeptide(L)'
;GISRDNWHKRRKTGGKRKPYHKKRKYELGRPAANTKIGPRRIHTVRVRGGNKKYRALRLDVGNFSWGSECCTRKTRIIDV
VYNASNNELVRTKTLVKNCIVLIDSTPYRQWYESHYALPLGRKKGAKLTPEEEEILNKKRSKKIQKKYDERKKNAKISSL
LEEQFQQGKLLACIASRPGQCGRADGYVLEGKELEFYLRKIKARKG
;
SI
8 'polypeptide(L)'
;PVARSWVCRKTYVTPRRPFEKSRLDQELKLIGEYGLRNKREVWRVKFTLAKIRKAARELLTLDEKDPRRLFEGNALLRRL
VRIGVLDEGKMKLDYILGLKIEDFLERRLQTQVFKLGLAKSIHHARVLIRQRHIRVRKQVVNIPSFIVRLDSQKHIDFSL
RSPYGGGRPGRVKRKNAKKGQGGAG
;
SJ
9 'polypeptide(L)'
;ADIQTERAYQKQPTIFQNKKRVLLGETGKEKLPRYYKNIGLGFKTPKEAIEGTYIDKKCPFTGNVSIRGRILSGVVTKMK
MQRTIVIRRDYLHYIRKYNRFEKRHKNMSVHLSPCFRDVQIGDIVTVGECRPLSKTVRFNVLKVTKAAGTKKQ
;
SL
10 'polypeptide(L)'
;GRMHAPGKGLSQSALPYRRSVPTWLKLTSDDVKEQIYKLAKKGLTPSQIGVILRDSHGVAQVRFVTGNKILRILKSKGLA
PDLPEDLYHLIKKAVAVRKHLERNRKDKDAKFRLILIESRIHRLARYYKTKRVLPPNWKYESSTASALVA
;
SN
11 'polypeptide(L)'
;EQVISLGPQVAEGENVFGVCHIFASFNDTFVHVTDLSGKETICRVTGGMKVKADRDESSPYAAMLAAQDVAQRCKELGIT
ALHIKLRATGGNRTKTPGPGAQSALRALARSGMKIGRIEDVTPIPSDSTRRKGGRRGRRL
;
SO
12 'polypeptide(L)'
;MQNDAGEFVDLYVPRKCSASNRIIGAKDHASIQMNVAEVDKVTGRFNGQFKTYAICGAIRRMGESDDSILRLAKADGIVS
KNF
;
SV
13 'polypeptide(L)'
;VRMNVLADALKSINNAEKRGKRQVLIRPCSKVIVRFLTVMMKHGYIGEFEIIDDHRAGKIVVNLTGRLNKCGVISPRFDV
QLKDLEKWQNNLLPSRQFGFIVLTTSAGIMDHEEARRKHTGGKILGFFF
;
SW
14 'polypeptide(L)'
;GKCRGLRTARKLRSHRRDQKWHDKQYKKAHLGTALKANPFGGASHAKGIVLEKVGVEAKQPNSAIRKCVRVQLIKNGKKI
TAFVPNDGCLNFIEENDEVLVAGFGRKGHAVGDIPGVRFKVVKVANVSLLALYKGKKERPR
;
SX
15 'polypeptide(L)'
;NDTVTIRTRKFMTNRLLQRKQMVIDVLHPGKATVPKTEIREKLAKMYKTTPDVIFVFGFRTHFGGGKTTGFGMIYDSLDY
AKKNEPKHRLARHGLYEKKKTSRKQRKERKNRMKKVRGTAKANVGAGKKPK
;
SY
16 'polypeptide(L)'
;TKKRRNNGRAKKGRGHVQPIRCTNCARCVPKDKAIKKFVIRNIVEAAAVRDISEASVFDAYVLPKLYVKLHYCVSCAIHS
KVVRNRSREARKDRTPPPRFRP
;
Sa
17 'polypeptide(L)'
;PLAKDLLHPSPEEEKRKHKKKRLVQSPNSYFMDVKCPGCYKITTVFSHAQTVVLCVGCSTVLCQPTGGKARLTEGCSFRR
KQH
;
Sb
18 'polypeptide(L)' VHGSLARAGKVRGQTPKVAKQEKKKKKTGRAKRRMQYNRRFVNVVPTFGKKKGPNANS Se
19 'polyribonucleotide'
;UACCUGGUUGAUCCUGCCAGUAGCAU(A2M)UGCUUGUCUCAAAGAUUAAGCCAUGCAUGUCUAAGUACGCACGGCCGGU
ACAGUGAAACUGCGAA(PSU)GGCUC(A2M)UUAAA(PSU)CAG(PSU)UAUGGU(OMU)CCUU(OMU)GGUCGCUCGCU
CCUCUCCCACUUGGAUAACUGUGGUA(A2M)UUCUAG(A2M)GCUAA(OMU)A(OMC)AUGCCGACGGGCGCUGACCCCC
UUCGCGGGGGGGAUGCGUGCAUUUAUCAGUGGUGACUCUAGAUAACCUCGGGCCGAUCGCACGCCCCCCGUGGCGGCGAC
GACCCAUUCGAACGUC(OMU)GCCCUAUCAACUUUCGAUGGUAGUCGCCGUGCCUACCAUGGUGACCACGGG(PSU)GAC
GGGGAAUCAGGGUUCGAU(OMU)CCGGAGA(OMG)GGAGCCUGAGAAACGGCUACCACAU(OMC)CAAGG(A2M)AGGCA
GCAGGCGCGC(A2M)AAUUACCCACUCCCGACCCGGGGA(OMG)GUAGUGA(OMC)GAAAAAUAACAAUACAGGACUCUU
UCGAGGCCCUGUAAUUGGAAUGAGUCCACUUUAA(A2M)UCCUUUAACGAGGAUCCAUUGGAG(OMG)GCAAGUCUGGUG
CCAGCAGCCGCGG(OMU)AAUUCCAGCUCCAAUA(OMG)CGUA(PSU)A(PSU)UAAAGUUGCUGCAGUU(A2M)AAAAG
CUCGUAG(PSU)U(OMG)GA(PSU)CUUGGGAGCGGGCGUCCCCGCCCUCUCGGCCGGGGCCCGAAGCG(OMU)U(PSU)
ACUUUGAAAAAA(PSU)UAGAGUGUUCAAAGCAGGCCCGAGCCGCCUGGAUACCGCAGCUAGGAA(PSU)AA(PSU)
(OMG)GAAUAGGACCGCGGUUCUAUUUUGUUGGUUUUCGGAACUGAGGCCAUGAUUAAGAGGGACGGCCGGGGGCAUUCG
UAUUGCGCCGCUAGAGGUGAAAU(PSU)CUUGGACCGGCGCAAGACGGACCAGAGCGAAAGCAUU(PSU)GCCAAGAAUG
UUUUCAUUAAUCAAGA(A2M)CGAAAGUCGGAGG(PSU)(PSU)CGAAGACGA(PSU)CAGAUACCGUCGUAGUUCCGAC
CA(PSU)AAACGAUGCCGACCGGCGAUGCGGCGGCGUUAUUCCCAUGACCCGCCGGGCAGCUUCCGGGAAACCAAAGUCU
UUGGGUUCCGGGGGGAGUA(PSU)GG(PSU)UGCAAAGCUGAAACUUAAAGGAAUUGACGGAAGGGCACCACCAGGAGUG
GAGCC(PSU)GCGGCUUAAUU(PSU)GAC(B8N)CAACACGGGAAACCUCACCCGGC(OMC)CGGACACGGACAGGA
(OMU)UGACAGAUUGAUAGCUCUUUCUCGAUUCCGUGGGUGG(OMU)G(OMG)UGCAUGGC(4AC)GUUCUUAGUUGGUG
GAGCGAUUUGUCUGG(PSU)UAAUUCCGAUAACGA(A2M)CGAGACU(OMC)UGGCAUGCUAACUAGUUACGCGACCCCC
GAGCGGUCGGCGUCCCCCAACU(OMU)CUUAGAGGGACAAGUGGCGUUCAGCCACCCGAGAUUGAGCAAUAACA(OMG)G
UCUGUGAUGCCCUUAGAUGUCCGGGGCUGCACGCGCGCUACACUGACUGGCUCAGCGUGUGCCUACCCUACGCCGGCAGG
CGCGGGUAACCCGUUGAACCCCAUUCGUGAUGGGGAUCGGGGAUUGCAAUUAUUCCCCAUGAACGAG(G7M)AAUUCCCA
GUAAGUGCGGGUCAUAAGCUUGCGUUGAUUAAGUCCCUGCCCUUUGUACACACCG(OMC)CCGUCGCUACUACCGAUUGG
AUGGUUUAGUGAGGCCCUCGGAUCGGCCCCGCCGGGGUCGGCCCACGGCCCUGGCGGAGCGCUGAGAAGACGGUCGAACU
UGACUAUCUAGAGGAAGUAAAAGUCGUA(6MZ)CAAGGUUUC(4AC)GUAGGUG(MA6)(MA6)CCUGCGGAAGGAUCAU
UA
;
S2
20 'polypeptide(L)'
;SMLRLQKRLASSVLRCGKKKVWLDPNETNEIANANSRQQIRKLIKDGLIIRKPVTVHSRARCRKNTLARRKGRHMGIGKR
KGTANARMPEKVTWMRRMRILRRLLRRYRESKKIDRHMYHSLYLKVKGNVFKNKRILMEHIHKLKADKARKKLLADQAEA
RRSKTKEARKRREERLQAKKEEIIKTL
;
LR
21 'polypeptide(L)'
;MKVELCSFSGYKIYPGHGRRYARTDGKVFQFLNAKCESAFLSKRNPRQINWTVLYRRKHKKGQKRTRRAVKFQRAITGAS
LADIMAKRNQKPEVRKAQREQAIRAAKEAKKAKQASKK
;
LW
22 'polypeptide(L)'
;MGRVRTKTVKKAARVIIEKYYTRLGNDFHTNKRVCEEIAIIPSKKLRNKIAGYVTHLMKRIQRGPVRGISIKLQEEERER
RDNYVPEVSALDQEIIEVDPDTKEMLKLLDFGSLSNLQVTQPTVGMNFKTPRGPV
;
SR
23 'polypeptide(L)'
;MAVQISKKRKFVADGIFKAELNEFLTRELAEDGYSGVEVRVTPTRTEIIILATRTQNVLGEKGRRIRELTAVVQKRFGFP
EGSVELYAEKVATRGLCAIAQAESLRYKLLGGLAVRRACYGVLRFIMESGAKGCEVVVSGKLRGQRAKSMKFVDGLMIHS
GDPVNYYVDTAVRHVLLRQGVLGIKVKIMLPWDPTGKIGPKKPLPDHVSIVEPKDEILPTTPISEQK
;
SD
24 'polypeptide(L)'
;DIKLFGKWSTDDVQINDISLQDYIAVKEKYAKYLPHSAGRYAAKRFRKAQCPIVERLTNSMMMHGRNNGKKLMTVRIVKH
AFEIIHLLTGENPLQVLVNAIINSGPREDSTRIGRAGTVRRQAVDVSPLRRVNQAIWLLCTGAREAAFRNIKTIAECLAD
ELINAAKGSSNSYAIKKKDELERVAKSNR
;
SF
25 'polypeptide(L)'
;MLMPKKNRIAIYELLFKEGVMVAKKDVHMPKHPELADKNVPNLHVMKAMQSLKSRGYVKEQFAWRHFYWYLTNEGIQYLR
DYLHLPPEIVPATLRRSR
;
SK
26 'polypeptide(L)'
;VMDVNTALQEVLKTALIHDGLARGIREAAKALDKRQAHLCVLASNCDEPMYVKLVEALCAEHQINLIKVDDNKKLGEWVG
LCKIDREGKPRKVVGCSCVVVKDYGKESQAKDVIEEYFKCKK
;
SM
27 'polypeptide(L)'
;TYRGVDLDQLLDMSYEQLMQLYSARQRRRLNRGLRRKQHSLLKRLRKAKKEAPPMEKPEVVKTHLRDMIILPEMVGSMVG
VYNGKTFNQVEIKPEMIGHYLGEFSITYKPVKHGRPGIGAT
;
SP
28 'polypeptide(L)'
;SKGPLQSVQVFGRKKTATAVAHCKRGNGLIKVNGRPLEMIEPRTLQYKLLEPVLLLGKERFAGVDIRVRVKGGGHVAQIY
AIRQSISKALVAYYQKYVDEASKKEIKDILIQYDRTLLVADPRRCESKKFGGPGARARYQKSYR
;
SQ
29 'polypeptide(L)'
;MSLVIPEKFQHILRVLNTNIDGRRKIAFAITAIKGVGRRYAHVVLRKADIDLTKRAGELTEDEVERVITIMQNPRQYKIP
DWFLNRQKDVKDGKYSQVLANGLDNKLREDLERLKKIRAHRGLRHFWGLRVRGQHTKTTGRRGRT
;
SS
30 'polypeptide(L)'
;PGVTVKDVNQQEFVRALAAFLKKSGKLKVPEWVDTVKLAKHKELAPYDENWFYTRAASTARHLYLRGGAGVGSMTKIYGG
RQRNGVMPSHFSRGSKSVARRVLQALEGLKMVEKDQDGGRKLTPQGQRDLDRIAGQVAAANKK
;
ST
31 'polypeptide(L)'
;AIHRIRITLTSRNVKSLEKVCADLIRGAKEKNLKVKGPVRMPTKTLRITTRKTPCGEGSKTWDRFQMRIHKRLIDLHSPS
EIVKQITSISIEPGVEVEVTIADA
;
SU
32 'polypeptide(L)' RDKLNNLVLFDKATYDKLCKEVPNYKLITPAVVSERLKIRGSLARAALQELLSKGLIKLVSKHRAQVIYTRNTKG SZ
33 'polypeptide(L)' RVQPIKLARVTKVLGRTGSQGQCTQVRVEFMDDTSRSIIRNVKGPVREGDVLTLLESEREARRL Sc
34 'polypeptide(L)' GHQQLYWSHPRKFGQGSRSCRVCSNRHGLIRKYGLNMCRQCFRQYAKDIGFIKLD Sd
35 'polypeptide(L)' YTTPKKNKHKRKKVKLAVLKYYKVDENGKISRLRRECPSDECGAGVFMASHFDRHYCGKCCLTYCFN Sf
36 'polypeptide(L)'
;TEQMTLRGTLKGHNGWVTQIATTPQFPDMILSASRDKTIIMWKLTRDETNYGIPQRALRGHSHFVSDVVISSDGQFALSG
SWDGTLRLWDLTTGTTTRRFVGHTKDVLSVAFSSDNRQIVSGSRDKTIKLWNTLGVCKYTVQDESHSEWVSCVRFSPNSS
NPIIVSCGWDKLVKVWNLANCKLKTNHIGHTGYLNTVTVSPDGSLCASGGKDGQAMLWDLNEGKHLYTLDGGDIINALCF
SPNRYWLCAATGPSIKIWDLEGKIIVDELKQEVISTSSKAEPPQCTSLAWSADGQTLFAGYTDNLVRVWQVTI
;
Sg
37 'polyribonucleotide' GUCUCCGUAGUGUAGGGUAUCACGUUCGCCUAACACGCGAAAGGUCCUCGGUUCGAAACCGGGCGGAAACA At
38 'polyribonucleotide' GUCUCCGUAGUGUAGGGUAUCACGUUCGCCUAACACGCGAAAGGUCCUCGGUUCGAAACCGGGCGGAAACACCA Pt
39 'polypeptide(L)' IMNQEKLAKLQAQVRIGGKGTARRKKKVVHR CI
40 'polyribonucleotide'
;CGCGACCUCAGAUCAGACGUGGCGACCCGCUGAAUUUAAGCAUAUUAGUCAGCGGAGGAGAAGAAACUAACCAGGAUUCC
CUCAGUAACGGCGAGUGAACAGGGAAGAGCCCAGCGCCGAAUCCCCGCCCCGCGGCGGGGCGCGGGACAUGUGGCGUACG
GAAGACCCGCUCCCCGGCGCCGCUCGUGGGGGGCCCAAGUCCUUCUGAUCGAGGCCCAGCCCGUGGACGGUGUGAGGCCG
GUAGCGGCCCCCGGCGCGCCGGGCCCGGGUCUUCCCGGAGUCGGGUUGCUUGGGAAUGCAGCCCAAAGCGGGUGGUAAAC
UCCAUCUAAGGCUAAAUACCGGCACGAGACCGAUAGUCAACAAGUACCGUAAGGGAAAGUUGAAAAGAACUUUGAAG
(A2M)G(A2M)GAGUUCAAGAGGGCGUGAAACCGUUAAGAGGUAAACGGGUGGGGUCCGCGCAGUCCGCCCGGAGGAUUC
AACCCGGCGGCGGGUCCGGCCGUGUCGGCGGCCCGGCGGAUCUUUCCCGCGCGGGGGACCGUCCCCCGACCGGCGACCGG
CCGCCGCCGGGCGCAUUUCCACCGCGGCGGUGCGCCGCGACCGGCUCCGGGACGGCUGGGAAGGCCCGGCGGGGAAGGUG
GCUCGGGGGCCCCCGAGUGUUACAGCCCCCCCGGCAGCAGCACUCGCCGAAUCCCGGGGCCGAGGGAGCGAGACCCGUCG
CCGCGCUCUCCCCCCUCGGGGGGGCCGGGCCACCCCUCCCACGGCGCGACCGCUCGGGGCGGACUGUCCCCAGUGCGCCC
CGGGCGGGUCGCGCCGUCGGGCCCGGGGGAGGCCACGCGCGCGUCCCCCGAAGAGGGGGACGGCGGAGCGAGCGCACGGG
GUCGGCGGCGACGUCGGCUACCCACCCGACCC(OMG)UCUUG(1MA)(A2M)AC(A2M)CGGACCAAGGAGU(OMC)UAA
CACGUGCGCGAGUCGGGGGCUCGCACGAAAGCCGCCGUGGCGCAAUGAAGGUGAAGGCCGGCGCGCUCGCCGGCCGAGGU
GGGAUCCCGAGGCCUCUCCAGUCCGCCGAGGGCGCACCACCGGCCCGUCUCGCCCGCCGCGCCGGGGAGGUGGAGCACGA
GCGCACGUGUUAGGACCC(OMG)A(A2M)AGAUGGUGA(A2M)C(PSU)AUGCCUGGGCAGGGCGAAGCCAGAGGAAACU
CUGGUGGAGGUCCG(PSU)AGCGGUCCUGACGUGCAAAUCGGUCGUCCGACCUGGGUAUAG(OMG)GGCGAAAGACUAAU
CGAACCAUCUAGUAGCUGGUUCCCUCCGAAGUUUCCC(PSU)CAGGA(PSU)AGCUGGCGCUCUCGCAGACCCGAGCCAC
GCAGUUUUAUCCGGUAAAGCGAA(PSU)GAUUAGAGGUCUUGGGGCCGAAACGAUCUCAACCUA(PSU)(PSU)CUCAAA
CUU(PSU)AAAUGGGUAAGAAGCCCGGCUCGCUGGCGUGGAGCCGGGCGUGGAAUGCGAGUGCCUAGUGGGCCAC(PSU)
U(PSU)UGGUAAGC(A2M)GAACUGGCGCUGCGGGAUGAACCGAACGCCGGGUUAAGGCGCCCGAUGCCGACGCUCAUCA
GACCCCAGAAAAGGUGUUGGUUGAUAUAGACAGCAGGACGGUGGCCAUGGAAGUCGGAAUCCGCUAAGGAGUGUGUAACA
ACUCACCUGCCGAAUCAACUAGCCCUGAAAAUGGAUGGCGCUGGAGCGUCGGGCCCAUACCCGGCCGUCGCCGGCAGUCG
AGAGUGGACGGGAGCGGCGGCCGGAGCCCCGCGGACGCUACGCCGCGACGAGUAGGAGGGCCGCUGCGGUGAGCCUUGAA
GCCUAGGGCGCGGGCCCGGGUGGAGCCGCCGCAGGUGCAGAU(OMC)UUGGUGGUAGU(A2M)(OMG)(OMC)AAAUAUU
CAAACGAGAACUUUGAAGGCCGAAGUGG(A2M)GAAGGGUUCCAUGUGAACAG(OMC)A(OMG)UUGAACAUGGGUCAGU
CGGUCCUGAGAGAUGGGCGAGCGCCGUUCCGAAGGGACGGGCGAUGGCCUCCGUUGCCCUCGGCCGAUCGAAAGGGAGUC
GGGUUCAGAUCCCCGAAUCCGGAGUGGCGGAGAUGGGCGCCGCGAGGCGUCCAGUGCGGUAACGCGACCGAUCCCGGAGA
AGCCGGCGGGAGCCCCGGGGAGAGUUCUCUU(PSU)UCUUUGUGAAGGGCAGGGCGCCCUGGAAUGGGUUCGCCCCGAGA
GAGGGGCCCGUGCCUUGGAAAGCGUCGCGGUUCCGGCGGCGUCCGGUGAGCUCUCGCUGGCCCUUGAAAAUCCGGGGGAG
AGGGUGUAAAUCUCGCGCCGGGCCGUACCC(A2M)UAUCCGCAGCAGGUCU(OMC)CAAGGUGAAC(A2M)GCCUCUGG
(OMC)AUGUUGGAACAA(OMU)G(PSU)AGGUAAGGGAAGUCGGCAAGC(OMC)GGAUCCGUAACUUC(OMG)GGAUAAG
GAUUGGCUCUAAGGGCUGGGUCGGUCGCGGCCGGCGCCUAGCAGCCGACUUAGAACUGGUGCGGACCAGG(OMG)GAAUC
CGAC(PSU)G(PSU)UUAAUUAAAACAAAGCAUCGCGAAGGCCCGCGGCGGGUGUUGACGCGAUGUGAUU(PSU)CUGCC
(OMC)AGUGCUCUGAAUGUCA(A2M)AGUGAAGAAAUUCAAUGAAGCGCGG(OMG)UAAACGGCGGGAGUAACUAUGACU
CUCUUAAGGUAGC(5MC)AA(A2M)UGCCUC(OMG)UCAUCUAAUUAGUGA(OMC)GCGCAUGAA(UY1)GGA(PSU)GA
(A2M)CGAG(A2M)UUCCCACUGU(OMC)CC(PSU)ACCUAC(PSU)A(PSU)CCAGCGAAACCAC(A2M)G(OMC)CAA
GGGAACGGGCU(PSU)GG(OMC)GGAAUCAGCGG(OMG)GAAAGAAGACCCUGUUGAGC(PSU)UGAC(OMU)CUAGUCU
GGCACGGUGAAGAGACAUGAGAACUCUGAUCGUUUUUUCACUGACCCGGUGAGGCGGGGGGGCGAGCCCCGAGGGGCUCU
CGCUUCUGGCGCCAAGCGCCCGGCCGCGCGCCGGCCGGGCGCGACCCGCUCCGGGGACAGUGCCAGGUGGGGAGUUUGAC
UG(OMG)GGCGGUACACCUGUCAAACGGUA(6MZ)CGCAGG(OMU)(OMG)UCCUAAGGCGAGCUCAGGGAGGACAGAAA
CCUCCCGUGGAGCAGAAGGGCAAAAGCUCGCUUGA(PSU)CU(PSU)GA(PSU)UUUCAG(OMU)ACGAA(PSU)ACAGA
CCGUGAAAGCGGGGCCUCACGAUCCUUCUGACCUU(PSU)UGGGUUU(PSU)AAGCAGGA(OMG)GUGUCAGAAAAGUUA
CCACAG(OMG)GAUAACUGGC(PSU)UGUGGCGGCCAAGCGUUCAUAGCGACG(PSU)CGCUUUUUGA(PSU)CCUU
(5MC)GAUGUCGG(OMC)(PSU)CUUCCUAUCAUUG(PSU)GAAGCAGAAUUCACCAAGCGU(PSU)(OMG)GAU(OMU)
(OMG)(PSU)UCACCCACUAAUAGGGAACG(PSU)G(A2M)GCUGGG(UR3)U(PSU)AGA(OMC)CGUCGUGAGACAGG
U(PSU)AGUUUUACCCUACUGAUG(A2M)UGUG(PSU)UG(PSU)UGCCAUGGUA(A2M)UCCUGCUCAGUACGAGAGGA
ACCGCAG(OMG)U(OMU)CA(OMG)ACAU(PSU)UGGUGUA(PSU)(OMG)UGCUUGGCUGAGGAGCCAAUGGGGCGAAG
CUACCA(PSU)CUGUGGGAUUAUGAC(PSU)GAACGCCUCUAAGUCAGAAUCCCGCCCAGGCGGAACGAUACGGCAGCGC
CGCGGAGCCUCGGUUGGCCUCGGAUAGCCGGUCCCCCGCCGGGGUCCGGUGCGGAGUGCCCUUCGUCCUGGGAAACGGGG
CGCGGCCGGAGAGGCGGCCGCCCCCUCGCCCGUCACGCACCGCACGUUCGUGGGGAACCUGGCGCUAAACCA(PSU)
(PSU)CGUAGACGACCUGCUUCUGGGUCGGGG(PSU)UUCGUACG(PSU)AGCAGAGCAGCUCCCUCGCUGCGAUCUAUU
GAAAGUCAGCCCUCGACACAAGGGUUUGU
;
L5
41 'polyribonucleotide'
;GUCUACGGCCAUACCACCCUGAACGCGCCCGAUCUCGUCUGAUCUCGGAAGCUAAGCAGGGUCGGGCCUGGUUAGUACUU
GGAUGGGAGACCGCCUGGGAAUACCGGGUGCUGUAGGCUU
;
L7
42 'polyribonucleotide'
;CGACUCUUAGCGGUGGAUCACUCGGCUCGUGCGUCGAUGAAGAACGCAGCUAGC(PSU)GCGAGAAUUAAUG(PSU)GAA
UU(OMG)CAGGACACAUUGAUCAUCGACACUUCGAACGCACUUGCGGCCCCGGGUUCCUCCCGGGGCUACGCCUGUCUGA
GCGUCGCU
;
L8
43 'polypeptide(L)'
;GRVIRGQRKGAGSVFRAHVKHRKGAARLRAVDFAERHGYIKGIVKDIIHDPGRGAPLAKVVFRDPYRFKKRTELFIAAEG
IHTGQFVYCGKKAQLNIGNVLPVGTMPEGTIVCCLEEKPGDRGKLARASGNYATVISHNPETKKTRVKLPSGSKKVISSA
NRAVVGVVAGGGRIDKPILKAGRAYHKYKAKRNCWPRVRGVAMNPVEHPFGGGNHQHIGKPSTIRRDAPAGRKVGLIAAR
RTGRLRGT
;
LA
44 'polypeptide(L)'
;SHRKFSAPRHGSLGFLPRKRSSRHRGKVKSFPKDDPSKPVHLTAFLGYKAGMTHIVREVDRPGSKVNKKEVVEAVTIVET
PPMVVVGIVGYVETPRGLRTFKTVFAEHISDECKRRFYKNWHKSKKKAFTKYCKKWQDEDGKKQLEKDFSSMKKYCQVIR
VIAHTQMRLLPLRQKKAHLMEIQVNGGTVAEKLDWARERLEQQVPVNQVFGQDEMIDVIGVTKGKGYKGVTSRWHTKKLP
RKTHRGLRKVACIGAWHPARVAFSVARAGQKGYHHRTEINKKIYKIGQGYLIKDGKLIKNNASTDYDLSDKSINPLGGFV
HYGEVTNDFVMLKGCVVGTKKRVLTLRKSLLVQTKRRALEKIDLKFIDTTSKFGHGRFQTMEEKKAFMGPLKKDRIAKEE
GA
;
LB
45 'polypeptide(L)'
;MACARPLISVYSEKGESSGKNVTLPAVFKAPIRPDIVNFVHTNLRKNNRQPYAVSELAGHQTSAESWGTGRAVARIPRVR
GGGTHRSGQGAFGNMCRGGRMFAPTKTWRRWHRRVNTTQKRYAICSALAASALPALVMSKGHRIEEVPELPLVVEDKVEG
YKKTKEAVLLLKKLKAWNDIKKVYASQRMRAGKGKMRNRRRIQRRGPCIIYNEDNGIIKAFRNIPGITLLNVSKLNILKL
APGGHVGRFCIWTESAFRKLDELYGTWRKAASLKSNYNLPMHKMINTDLSRILKSPEIQRALRAPRKKIHRRVLKKNPLK
NLRIMLKLNPYAKTMRRNTILRQARNHKLRVDKAAAAAAALQAKSDEK
;
LC
46 'polypeptide(L)'
;GFVKVVKNKAYFKRYQVKFRRRREGKTDYYARKRLVIQDKNKYNTPKYRMIVRVTNRDIICQIAYARIEGDMIVCAAYAH
ELPKYGVKVGLTNYAAAYCTGLLLARRLLNRFGMDKIYEGQVEVTGDEYNVESIDGQPGAFTCYLDAGLARTTTGNKVFG
ALKGAVDGGLSIPHSTKRFPGYDSESKEFNAEVHRKHIMGQNVADYMRYLMEEDEDAYKKQFSQYIKNSVTPDMMEEMYK
KAHAAIRENPVYEKKPKKEVKKKRWNRPKMSLAQKKDRVAQKKASFLRAQERA
;
LD
47 'polypeptide(L)'
;KGKPHCSRNPVLVRGIGRYSRSAMYSRKAMYKRKYSAAKSKVEKKKKEKVLATVTKPVGGDKNGGTRVVKLRKMPRYYPT
EDVPRKLLSHGKKPFSQHVRKLRASITPGTILIILTGRHRGKRVVFLKQLASGLLLVTGPLVLNRVPLRRTHQKFVIATS
TKIDISNVKIPKHLTDAYFKKKKLRKPRHQEGEIFDTEKEKYEITEQRKIDQKAVDSQILPKIKAIPQLQGYLRSVFALT
NGIYPHKLVF
;
LE
48 'polypeptide(L)'
;NFAELKIKRLRKKFAQKMLRKARRKLIYEKAKHYHKEYRQMYRTEIRMARMARKAGNFYVPAEPKLAFVIRIRGINGVSP
KVRKVLQLLRLRQIFNGTFVKLNKASINMLRIVEPYIAWGYPNLKSVNELIYKRGYGKINKKRIALTDNALIARSLGKYG
IICMEDLIHEIYTVGKRFKEANNFLWPFKLSSPRGGMKKKTTHFVEGGDAGNREDQINRLIRRMN
;
LF
49 'polypeptide(L)'
;KVVNPLFEKRPKNFGIGQDIQPKRDLTRFVKWPRYIRLQRQRAILYKRLKVPPAINQFTQALDRQTATQLLKLAHKYRPE
TKQEKKQRLLARAEKKAAGKGDVPTKRPPVLRAGVNTVTTLVENKKAQLVVIAHDVDPIELVVFLPALCRKMGVPYCIIK
GKARLGRLVHRKTCTTVAFTQVNSEDKGALAKLVEAIRTNYNDRYDEIRRHWGGNVLGPKSVARIAKLEKAKAKELATKL
G
;
LG
50 'polypeptide(L)'
;MKTILSNQTVDIPENVDITLKGRTVIVKGPRGTLRRDFNHINVELSLLGKKKKRLRVDKWWGNRKELATVRTICSHVQNM
IKGVTLGFRYKMRSVYAHFPINVVIQENGSLVEIRNFLGEKYIRRVRMRPGVACSVSQAQKDELILEGNDIELVSNSAAL
IQQATTVKNKDIRKFLDGIYVSEKGTVQQA
;
LH
51 'polypeptide(L)'
;GRRPARCYRYCKNKPYPKSRFCRGVPDAKIRIFDLGRKKAKVDEFPLGGHMVSDEYEQLSSEALEAARICANKYMVKSCG
RDGFHMRVRLHPFHVIRINKMLSCAGADRLQTGMRGAFGKPQGTVARVHIGQVIMSIRTKLQNEEHVIEALRRAKFKFPG
RQKIHISKKWGFTKFNADEFEDMVAKKCLIPDGCGVKYVPSHGPLDKWRVLHS
;
LI
52 'polypeptide(L)'
;QDQGEKENPMRELRIRKLCLNICVGESGDRLTRAAKVLEQLTGQTPVFSKARYTVRSFGIRRNEKIAVHCTVRGAKAEEI
LEKGLKVREYELRKNNFSDTGNFGFGIQEHIDLGIKYDPSIGIYGLDFYVVLGRPGFSIADKKRRTGCIGAKHRISKEEA
MRWFQQKYDGIILPGK
;
LJ
53 'polypeptide(L)'
;APSRNGMVLKPHFHKDWQRRVATWFNQPARKIRRRKARQAKARRIAPRPASGPIRPIVRCPTVRYHTKVRAGRGFSLEEL
RVAGIHKKVARTIGISVDPRRRNKSTESLQANVQRLKEYRSKLILFPRKPSAPKKGDSSAEELKLATQLTGPVMPVRNVY
KKEKARVITEEEKNFKAFASLRMARANARLFGIRAKRAKEAAEQDVEKKK
;
LL
54 'polypeptide(L)'
;VFRRFVEVGRVAYVSFGPHAGKLVAIVDVIDQNRALVDGPCTQVRRQAMPFKCMQLTDFILKFPHSAHQKYVRQAWQKAD
INTKWAATRWAKKIEARERKAKMTDFDRFKVMKAKKMRNRIIKNEVKKLQKAALLKASP
;
LM
55 'polypeptide(L)'
;GAYKYIQELWRKKQSDVMRFLLRVRCWQYRQLSALHRAPRPTRPDKARRLGYKAKQGYVIYRIRVRRGGRKRPVPKGATY
GKPVHHGVNQLKFARSLQSVAEERAGRHCGALRVLNSYWVGEDSTYKFFEVILIDPFHKAIRRNPDTQWITKPVHKHREM
RGLTSAGRKSRGLGKGHKFHHTIGGSRRAAWRRRNTLQLHRYR
;
LN
56 'polypeptide(L)'
;EVQVLVLDGRGHLLGRLAAIVAKQVLLGRKVVVVRCEGINISGNFYRNKLKYLAFLRKRMNTNPSRGPYHFRAPSRIFWR
TVRGMLPHKTKRGQAALDRLKVFDGIPPPYDKKKRMVVPAALKVVRLKPTRKFAYLGRLAHEVGWKYQAVTATLEEKRKE
KAKIHYRKKKQLMRLRKQAEKNVEKKIDKYTEVLKTHGLLV
;
LO
57 'polypeptide(L)'
;VRYSLDPENPTKSCKSRGSNLRVHFKNTRETAQAIKGMHIRKATKYLKDVTLQKQCVPFRRYNGGVGRCAQAKQWGWTQG
RWPKKSAEFLLHMLKNAESNAELKGLDVDSLVIEHIQVNKAPKMRRRTYRAHGRINPYMSSPCHIEMILTEKE
;
LP
58 'polypeptide(L)'
;GVDIRHNKDRKVRRKEPKSQDIYLRLLVKLYRFLARRTNSTFNQVVLKRLFMSRTNRPPLSLSRMIRKMKLPGRENKTAV
VVGTITDDVRVQEVPKLKVCALRVTSRARSRILRAGGKILTFDQLALDSPKGCGTVLLSGPRKGREVYRHFGKAPGTPHS
HTKPYVRSKGRKFERARGRRASRGYKN
;
LQ
59 'polypeptide(L)'
;KASGTLREYKVVGRCLPTPKCHTPPLYRMRIFAPNHVVAKSRFWYFVSQLKKMKKSSGEIVYCGQVFEKSPLRVKNFGIW
LRYDSRSGTHNMYREYRDLTTAGAVTQCYRDMGARHRARAHSIQIMKVEEIAASKCRRPAVKQFHDSKIKFPLPHRVLRR
QHKPRFTTKRPNTFF
;
LS
60 'polypeptide(L)'
;TNTKGKRRGTRYMFSRPFRKHGVVPLATYMRIYKKGDIVDIKGMGTVQKGMPHKCYHGKTGRVYNVTQHAVGIVVNKQVK
GKILAKRINVRIEHIKHSKSRDSFLKRVKENDQKKKEAKEKGTWVQLKRQPAPPREAHFVRTNGKEPELLEPIPYEFMA
;
LT
61 'polypeptide(L)'
;QVLKFTLDCTHPVEDGIMDAANFEQFLQERIKVNGKAGNLGGGVVTIERSKSKITVTSEVPFSKRYLKYLTKKYLKKNNL
RDWLRVVANSKESYELRYFQI
;
LU
62 'polypeptide(L)'
;SGAKFRISLGLPVGAVINCADNTGAKNLYIISVKGIKGRLNRLPAAGVGDMVMATVKKGKPELRKKVHPAVVIRQRKSYR
RKDGVFLYFEDNAGVIVNNKGEMKGSAITGPVAKECADLWPRIASNAGSIA
;
LV
63 'polypeptide(L)'
;KKKIRTSPTFRRPKTLRLRRQPKYPRKSAPRRNKLDHYAIIKFPLTTESAMKKIEDNNTLVFIVDVKANKHQIKQAVKKL
YDIDVAKVNTLIRPDGEKKAYVRLAPDYDALDVANKIGII
;
LX
64 'polypeptide(L)'
;MKFNPFVTSDRSKNRKRHFNAPSHIRRKIMSSPLSKELRQKYNVRSMPIRKDDEVQVVRGHYKGQQIGKVVQVYRKKYVI
YIERVQREKANGTTVHVGIHPSKVVITRLKLDKDRKKILERKAKSRQVGKEKGK
;
LY
65 'polypeptide(L)'
;GKFMKPGKVVLVLAGRYSGRKAVIVKNIDDGTSDRPYSHALVAGIDRYPRKVTAAMGKKKIAKRSKIKSFVKVYNYNHLM
PTRYSVDIPLDKTVVNKDVFRDPALKRKARREAKVKFEERYKTGKNKWFFQKLRF
;
LZ
66 'polypeptide(L)'
;PSRLRKTRKLRGHVSHGHGRIGKHRKHPGGRGNAGGLHHHRINFDKYHPGYFGKVGMKHYHLKRNQSFCPTVNLDKLWTL
VSEQTRVNAAKNKTGAAPIIDVVRSGYYKVLGKGKLPKQPVIVKAKFFSRRAEEKIKSVGGACVLVA
;
La
67 'polypeptide(L)'
;AKSKNHTTHNQSRKWHRNGIKKPRSQRYESLKGVDPKFLRNMRFAKKHNKKGLKKMQANNAKAMSARAEAIKALVVSRKL
DRLAYIAHPKLGKRARARIAKGLRLCRPK
;
Lb
68 'polypeptide(L)'
;KSLESINSRLQLVMKSGKYVLGYKQTLKMIRQGKAKLVILANNCPALRKSEIEYYAMLAKTGVHHYSGNNIELGTACGKY
YRVCTLAIIDPGDSDIIR
;
Lc
69 'polypeptide(L)'
;NEVVTREYTINIHKRIHGVGFKKRAPRALKEIRKFAMKEMGTPDVRIDTRLNKAVWAKGIRNVPYRIRVRLSRKRNEDED
SPNKLYTLVTYVPVTTFKNLQTVNVDE
;
Ld
70 'polypeptide(L)'
;AALRPLVKPKIVKKRTKKFIRHQSDRYVKIKRNWRKPRGIDNRVRRRFKGQILMPNIGYGSNKKTKHMLPSGFRKFLVHN
VKELEVLLMCNKSYCAEIAHNVSSKNRKAIVERAAQLAIRVTNPNARL
;
Le
71 'polypeptide(L)'
;SGRLWSKAIFAGYKRGLRNQREHTALLKIEGVYARDETEFYLGKRCAYVYKAKNNTVTPGGKPNKTRVIWGKVTRAHGNS
GMVRAKFRSNLPAKAIGHRIRVMLYPSRI
;
Lf
72 'polypeptide(L)'
;VQRLTYRRRLSYNTASNKTRLSRTPGNRIVYLYTKKVGKAPKSACGVCPGRLRGVRAVRPKVLMRLSKTKKHVSRAYGGS
MCAKCVRDRIKRAFLIEEQKIVVKVLKAQAQSQK
;
Lg
73 'polypeptide(L)'
;AKIKARDLRGKKKEELLKQLDDLKVELSQLRVAKVTGGAASKLSKIRVVRKSIARVLTVINQTQKENLRKFYKGKKYKPL
DLRPKKTRAMRRRLNKHEENLKTKKQQRKERLYPLRKYAVKA
;
Lh
74 'polypeptide(L)'
;ALRYPMAVGLNKGHKVTKNVSKPRHSRRRGRLTKHTKFVRDMIREVCGFAPYERRAMELLKVSKDKRALKFIKKRVGTHI
RAKRKREELSNVLAAMRKAAAK
;
Li
75 'polypeptide(L)'
;TKGTSSFGKRRNKTHTLCRRCGSKAYHLQKSTCGKCGYPAKRKRKYNWSAKAKRRNTTGTGRMRHLKIVYRRFRHGFREG
TTPKPK
;
Lj
76 'polypeptide(L)' PRKIEEIKDFLLTARRKDAKSVKIKKNKDNVKFKVRCSRYLYTLVITDKEKAEKLKQSLPPGLAVKELK Lk
77 'polypeptide(L)' SSHKTFRIKRFLAKKQKQNRPIPQWIRMKTGNKIRYNSKRRHWRRTKLGL Ll
78 'polypeptide(L)' IIEPSLRQLAQKYNCDKMICRKCYARLHPRAVNCRKKKCGHTNNLRPKKKVK Lm
79 'polypeptide(L)' MRAKWRKKRMRRLKRKRRKMRQRS Ln
80 'polypeptide(L)'
;VNVPKTRRTFCKKCGKHQPHKVTQYKKGKDSLYAQGKRRYDRKQSGYGGQTKPIFRKKAKTTKKIVLRLECVEPNCRSKR
MLAIKRCKHFELGGDKKRKGQVIQF
;
Lo
81 'polypeptide(L)'
;AKRTKKVGIVGKYGTRYGASLRKMVKKIEISQHAKYTCSFCGKTKMKRRAVGIWHCGSCMKTVAGGAWTYNTTSAVTVKS
AIRRLKELKDQ
;
Lp
82 'polypeptide(L)'
;SAHLQWMVVRNCSSFLIKRNKQTYSTEPNNLKARNSFRYNGLIHRKTVGVEPAADGKGVVVVIKRRSGQRKPATSYVRTT
INKNARATLSSIRHMIRKNKYRPDLRMAAIRRASAILRSQKPVMV
;
Lr
83 'polypeptide(L)'
;DRATWKSNYFLKIIQLLDDYPKCFIVGADNVGSKQMQQIRMSLRGKAVVLMGKNTMMRKAIRGHLENNPALEKLLPHIRG
NVGFVFTKEDLTEIRDMLLANKVPAAARAGAIAPCEVTVPAQNTGLGPEKTSFFQALGITTKISRGTIEILSDVQLIKTG
DKVGASEATLLNMLNISPFSFGLVIQQVFDNGSIYN
;
Ls
84 'polypeptide(L)'
;PNEIKVVYLRCTGGEVGATSALAPKIGPLGLSPKKVGDDIAKATGDWKGLRITVKLTIQNRQAQIEVVPSASALIIKALK
EITFDEIVNIARQMRHRSLARELSGTIKEILGTAQSVGCNVDGRHPHDIIDDINSGAVECP
;
Lt
#
# COMPACT_ATOMS: atom_id res chain seq x y z
N GLY A 1 61.29 -8.96 101.02
CA GLY A 1 62.27 -9.18 102.07
C GLY A 1 62.10 -10.50 102.80
N ALA A 2 63.06 -11.40 102.62
CA ALA A 2 63.03 -12.69 103.28
C ALA A 2 63.55 -12.64 104.72
N LEU A 3 64.14 -11.53 105.13
CA LEU A 3 64.70 -11.42 106.48
C LEU A 3 63.59 -11.41 107.52
N ASP A 4 63.90 -11.97 108.69
CA ASP A 4 62.90 -12.09 109.74
C ASP A 4 62.59 -10.74 110.40
N VAL A 5 63.52 -9.80 110.35
CA VAL A 5 63.20 -8.45 110.82
C VAL A 5 62.23 -7.78 109.85
N LEU A 6 62.34 -8.06 108.56
CA LEU A 6 61.40 -7.58 107.57
C LEU A 6 60.35 -8.65 107.27
N GLN A 7 59.56 -8.97 108.30
CA GLN A 7 58.57 -10.03 108.21
C GLN A 7 57.28 -9.56 108.86
N MET A 8 56.18 -10.20 108.45
CA MET A 8 54.88 -9.94 109.07
C MET A 8 54.92 -10.31 110.55
N LYS A 9 54.47 -9.40 111.38
CA LYS A 9 54.28 -9.68 112.79
C LYS A 9 52.92 -10.34 113.00
N GLU A 10 52.75 -10.92 114.18
CA GLU A 10 51.48 -11.57 114.50
C GLU A 10 50.34 -10.57 114.49
N GLU A 11 50.56 -9.39 115.09
CA GLU A 11 49.48 -8.40 115.15
C GLU A 11 49.19 -7.79 113.79
N ASP A 12 50.17 -7.77 112.89
CA ASP A 12 49.92 -7.29 111.54
C ASP A 12 49.02 -8.26 110.79
N VAL A 13 49.23 -9.56 110.99
CA VAL A 13 48.35 -10.57 110.40
C VAL A 13 46.92 -10.35 110.88
N LEU A 14 46.76 -10.07 112.17
CA LEU A 14 45.43 -9.81 112.72
C LEU A 14 44.81 -8.57 112.09
N LYS A 15 45.58 -7.51 111.91
CA LYS A 15 45.06 -6.28 111.34
C LYS A 15 44.63 -6.49 109.89
N PHE A 16 45.40 -7.28 109.14
CA PHE A 16 45.04 -7.54 107.74
C PHE A 16 43.71 -8.26 107.64
N LEU A 17 43.50 -9.28 108.48
CA LEU A 17 42.25 -10.03 108.45
C LEU A 17 41.08 -9.16 108.87
N ALA A 18 41.27 -8.32 109.90
CA ALA A 18 40.18 -7.51 110.42
C ALA A 18 39.71 -6.50 109.40
N ALA A 19 40.62 -5.93 108.62
CA ALA A 19 40.30 -4.90 107.65
C ALA A 19 40.00 -5.47 106.26
N GLY A 20 39.47 -6.69 106.19
CA GLY A 20 39.26 -7.30 104.90
C GLY A 20 40.58 -7.70 104.28
N THR A 21 41.00 -6.95 103.26
CA THR A 21 42.35 -6.96 102.68
C THR A 21 42.56 -8.23 101.85
N HIS A 22 41.61 -9.15 101.90
CA HIS A 22 41.70 -10.38 101.11
C HIS A 22 40.41 -10.79 100.44
N LEU A 23 39.26 -10.24 100.83
CA LEU A 23 37.97 -10.60 100.24
C LEU A 23 37.78 -9.79 98.95
N GLY A 24 38.56 -10.15 97.95
CA GLY A 24 38.65 -9.36 96.74
C GLY A 24 37.44 -9.49 95.84
N GLY A 25 37.50 -8.77 94.73
CA GLY A 25 36.38 -8.73 93.80
C GLY A 25 36.18 -10.04 93.08
N THR A 26 34.97 -10.20 92.55
CA THR A 26 34.58 -11.43 91.88
C THR A 26 35.29 -11.63 90.55
N ASN A 27 36.00 -10.63 90.05
CA ASN A 27 36.74 -10.72 88.80
C ASN A 27 38.23 -10.82 89.10
N LEU A 28 38.88 -11.84 88.55
CA LEU A 28 40.31 -12.01 88.68
C LEU A 28 40.95 -11.80 87.31
N ASP A 29 41.89 -10.86 87.24
CA ASP A 29 42.61 -10.62 86.02
C ASP A 29 43.57 -11.77 85.73
N PHE A 30 43.87 -11.97 84.45
CA PHE A 30 44.87 -12.97 84.10
C PHE A 30 46.24 -12.55 84.56
N GLN A 31 46.45 -11.25 84.77
CA GLN A 31 47.71 -10.73 85.29
C GLN A 31 47.89 -11.06 86.77
N MET A 32 46.80 -11.13 87.53
CA MET A 32 46.84 -11.37 88.97
C MET A 32 46.66 -12.83 89.32
N GLU A 33 46.94 -13.74 88.39
CA GLU A 33 46.78 -15.17 88.65
C GLU A 33 47.73 -15.64 89.75
N GLN A 34 49.01 -15.36 89.60
CA GLN A 34 50.00 -15.78 90.59
C GLN A 34 49.95 -14.94 91.85
N TYR A 35 49.14 -13.88 91.89
CA TYR A 35 48.91 -13.14 93.12
C TYR A 35 47.77 -13.69 93.95
N ILE A 36 46.74 -14.26 93.30
CA ILE A 36 45.63 -14.83 94.04
C ILE A 36 46.06 -16.11 94.73
N TYR A 37 45.25 -16.55 95.70
CA TYR A 37 45.43 -17.85 96.32
C TYR A 37 44.31 -18.81 95.92
N LYS A 38 43.05 -18.43 96.16
CA LYS A 38 41.93 -19.32 95.87
C LYS A 38 40.67 -18.47 95.83
N ARG A 39 39.67 -18.98 95.12
CA ARG A 39 38.35 -18.37 95.07
C ARG A 39 37.42 -19.11 96.01
N LYS A 40 36.51 -18.36 96.64
CA LYS A 40 35.49 -18.97 97.49
C LYS A 40 34.21 -19.21 96.71
N SER A 41 33.26 -19.88 97.36
CA SER A 41 32.02 -20.27 96.70
C SER A 41 31.09 -19.08 96.44
N ASP A 42 31.35 -17.93 97.07
CA ASP A 42 30.59 -16.73 96.78
C ASP A 42 31.09 -15.99 95.54
N GLY A 43 32.15 -16.48 94.91
CA GLY A 43 32.82 -15.74 93.88
C GLY A 43 33.83 -14.74 94.41
N ILE A 44 33.90 -14.58 95.72
CA ILE A 44 34.81 -13.61 96.34
C ILE A 44 36.21 -14.21 96.36
N TYR A 45 37.10 -13.65 95.56
CA TYR A 45 38.46 -14.17 95.50
C TYR A 45 39.19 -13.89 96.80
N ILE A 46 40.26 -14.65 97.03
CA ILE A 46 41.09 -14.52 98.21
C ILE A 46 42.54 -14.39 97.77
N ILE A 47 43.22 -13.35 98.24
CA ILE A 47 44.60 -13.10 97.87
C ILE A 47 45.53 -13.95 98.71
N ASN A 48 46.80 -14.01 98.32
CA ASN A 48 47.85 -14.62 99.12
C ASN A 48 48.54 -13.50 99.88
N LEU A 49 48.24 -13.39 101.18
CA LEU A 49 48.71 -12.25 101.97
C LEU A 49 50.23 -12.17 102.05
N LYS A 50 50.92 -13.31 102.02
CA LYS A 50 52.37 -13.28 102.05
C LYS A 50 52.93 -12.57 100.83
N ARG A 51 52.35 -12.82 99.65
CA ARG A 51 52.81 -12.16 98.45
C ARG A 51 52.53 -10.66 98.50
N THR A 52 51.43 -10.27 99.13
CA THR A 52 51.17 -8.86 99.39
C THR A 52 52.26 -8.25 100.26
N TRP A 53 52.67 -8.98 101.30
CA TRP A 53 53.74 -8.51 102.17
C TRP A 53 55.05 -8.36 101.41
N GLU A 54 55.38 -9.35 100.56
CA GLU A 54 56.65 -9.30 99.84
C GLU A 54 56.69 -8.14 98.85
N LYS A 55 55.58 -7.90 98.15
CA LYS A 55 55.55 -6.79 97.21
C LYS A 55 55.61 -5.45 97.93
N LEU A 56 54.98 -5.37 99.11
CA LEU A 56 55.04 -4.13 99.89
C LEU A 56 56.46 -3.80 100.29
N LEU A 57 57.23 -4.83 100.70
CA LEU A 57 58.63 -4.62 101.02
C LEU A 57 59.41 -4.21 99.78
N LEU A 58 59.08 -4.81 98.63
CA LEU A 58 59.80 -4.49 97.40
C LEU A 58 59.55 -3.05 96.97
N ALA A 59 58.30 -2.60 97.04
CA ALA A 59 58.00 -1.21 96.72
C ALA A 59 58.66 -0.27 97.71
N ALA A 60 58.71 -0.66 98.99
CA ALA A 60 59.38 0.15 99.99
C ALA A 60 60.87 0.29 99.68
N ARG A 61 61.51 -0.81 99.26
CA ARG A 61 62.93 -0.76 98.94
C ARG A 61 63.20 0.18 97.77
N ALA A 62 62.32 0.17 96.76
CA ALA A 62 62.49 1.08 95.64
C ALA A 62 62.28 2.53 96.06
N ILE A 63 61.33 2.77 96.98
CA ILE A 63 61.07 4.12 97.44
C ILE A 63 62.28 4.68 98.18
N VAL A 64 62.82 3.91 99.13
CA VAL A 64 63.95 4.38 99.91
C VAL A 64 65.24 4.45 99.11
N ALA A 65 65.21 4.02 97.84
CA ALA A 65 66.37 4.21 96.97
C ALA A 65 66.51 5.65 96.49
N ILE A 66 65.44 6.45 96.57
CA ILE A 66 65.47 7.85 96.15
C ILE A 66 65.86 8.70 97.33
N GLU A 67 66.85 9.58 97.15
CA GLU A 67 67.35 10.41 98.23
C GLU A 67 66.44 11.60 98.52
N ASN A 68 65.53 11.94 97.61
CA ASN A 68 64.66 13.09 97.81
C ASN A 68 63.27 12.63 98.21
N PRO A 69 62.84 12.87 99.46
CA PRO A 69 61.47 12.51 99.83
C PRO A 69 60.40 13.23 99.02
N ALA A 70 60.68 14.44 98.55
CA ALA A 70 59.72 15.16 97.72
C ALA A 70 59.69 14.68 96.28
N ASP A 71 60.74 13.98 95.83
CA ASP A 71 60.78 13.47 94.46
C ASP A 71 59.74 12.39 94.22
N VAL A 72 59.41 11.60 95.22
CA VAL A 72 58.34 10.63 95.11
C VAL A 72 57.03 11.31 95.42
N SER A 73 56.00 10.99 94.64
CA SER A 73 54.67 11.56 94.80
C SER A 73 53.65 10.46 94.99
N VAL A 74 52.66 10.73 95.83
CA VAL A 74 51.53 9.84 96.05
C VAL A 74 50.28 10.57 95.59
N ILE A 75 49.49 9.92 94.74
CA ILE A 75 48.37 10.55 94.06
C ILE A 75 47.14 9.65 94.21
N SER A 76 45.96 10.27 94.18
CA SER A 76 44.70 9.55 94.31
C SER A 76 43.57 10.44 93.84
N SER A 77 42.66 9.88 93.04
CA SER A 77 41.49 10.64 92.60
C SER A 77 40.24 10.30 93.38
N ARG A 78 40.10 9.08 93.87
CA ARG A 78 38.91 8.66 94.59
C ARG A 78 38.92 9.21 96.01
N ASN A 79 37.72 9.41 96.54
CA ASN A 79 37.56 9.92 97.90
C ASN A 79 38.13 8.96 98.93
N THR A 80 38.03 7.66 98.69
CA THR A 80 38.47 6.66 99.67
C THR A 80 39.97 6.45 99.50
N GLY A 81 40.73 7.35 100.14
CA GLY A 81 42.18 7.27 100.09
C GLY A 81 42.88 8.60 100.04
N GLN A 82 42.14 9.68 99.76
CA GLN A 82 42.73 11.01 99.73
C GLN A 82 43.27 11.39 101.10
N ARG A 83 42.49 11.13 102.15
CA ARG A 83 43.01 11.43 103.51
C ARG A 83 44.28 10.60 103.74
N ALA A 84 44.30 9.36 103.24
CA ALA A 84 45.46 8.51 103.45
C ALA A 84 46.71 9.15 102.86
N VAL A 85 46.62 9.66 101.63
CA VAL A 85 47.81 10.17 100.95
C VAL A 85 48.29 11.46 101.60
N LEU A 86 47.39 12.24 102.19
CA LEU A 86 47.81 13.45 102.89
C LEU A 86 48.60 13.11 104.13
N LYS A 87 48.16 12.11 104.90
CA LYS A 87 48.93 11.67 106.04
C LYS A 87 50.23 11.00 105.61
N PHE A 88 50.19 10.27 104.49
CA PHE A 88 51.39 9.61 103.98
C PHE A 88 52.45 10.63 103.60
N ALA A 89 52.05 11.70 102.91
CA ALA A 89 53.00 12.72 102.49
C ALA A 89 53.52 13.50 103.69
N ALA A 90 52.67 13.70 104.70
CA ALA A 90 53.10 14.39 105.91
C ALA A 90 54.17 13.59 106.64
N ALA A 91 54.02 12.26 106.69
CA ALA A 91 54.97 11.44 107.43
C ALA A 91 56.23 11.18 106.63
N THR A 92 56.08 10.76 105.37
CA THR A 92 57.21 10.35 104.54
C THR A 92 57.86 11.51 103.80
N GLY A 93 57.31 12.72 103.91
CA GLY A 93 57.85 13.81 103.13
C GLY A 93 57.55 13.75 101.65
N ALA A 94 56.54 12.97 101.26
CA ALA A 94 56.17 12.83 99.86
C ALA A 94 55.35 14.03 99.40
N THR A 95 54.96 14.02 98.13
CA THR A 95 54.13 15.07 97.56
C THR A 95 52.74 14.53 97.30
N PRO A 96 51.70 15.06 97.92
CA PRO A 96 50.35 14.52 97.74
C PRO A 96 49.57 15.23 96.64
N ILE A 97 48.81 14.44 95.89
CA ILE A 97 47.80 14.95 94.97
C ILE A 97 46.52 14.22 95.27
N ALA A 98 45.44 14.97 95.50
CA ALA A 98 44.16 14.40 95.84
C ALA A 98 43.09 14.95 94.91
N GLY A 99 42.01 14.19 94.77
CA GLY A 99 40.87 14.67 94.02
C GLY A 99 41.17 14.81 92.54
N ARG A 100 40.68 15.90 91.95
CA ARG A 100 40.75 16.10 90.51
C ARG A 100 42.20 16.32 90.07
N PHE A 101 42.67 15.48 89.15
CA PHE A 101 44.01 15.58 88.61
C PHE A 101 43.96 16.24 87.24
N THR A 102 44.76 17.27 87.06
CA THR A 102 44.76 17.96 85.77
C THR A 102 45.82 17.36 84.85
N PRO A 103 45.44 16.94 83.65
CA PRO A 103 46.44 16.47 82.68
C PRO A 103 47.40 17.58 82.30
N GLY A 104 48.64 17.20 82.03
CA GLY A 104 49.70 18.15 81.76
C GLY A 104 50.61 18.40 82.93
N THR A 105 50.40 17.73 84.07
CA THR A 105 51.25 17.94 85.23
C THR A 105 52.66 17.40 85.01
N PHE A 106 52.77 16.20 84.45
CA PHE A 106 54.07 15.63 84.17
C PHE A 106 54.59 16.01 82.79
N THR A 107 53.74 16.54 81.92
CA THR A 107 54.07 16.71 80.52
C THR A 107 54.14 18.17 80.11
N ASN A 108 53.06 18.93 80.33
CA ASN A 108 53.05 20.35 80.01
C ASN A 108 53.94 21.10 81.00
N GLN A 109 55.02 21.71 80.49
CA GLN A 109 56.01 22.36 81.33
C GLN A 109 55.80 23.87 81.43
N ILE A 110 54.69 24.38 80.94
CA ILE A 110 54.42 25.81 80.94
C ILE A 110 53.70 26.25 82.20
N GLN A 111 52.59 25.61 82.53
CA GLN A 111 51.79 26.02 83.67
C GLN A 111 52.50 25.69 84.98
N ALA A 112 52.05 26.34 86.05
CA ALA A 112 52.69 26.20 87.36
C ALA A 112 52.55 24.80 87.93
N ALA A 113 51.59 24.01 87.45
CA ALA A 113 51.38 22.67 87.99
C ALA A 113 52.46 21.68 87.57
N PHE A 114 53.36 22.06 86.66
CA PHE A 114 54.33 21.12 86.12
C PHE A 114 55.26 20.61 87.21
N ARG A 115 55.44 19.30 87.24
CA ARG A 115 56.31 18.66 88.22
C ARG A 115 56.86 17.38 87.61
N GLU A 116 57.94 16.88 88.21
CA GLU A 116 58.65 15.71 87.72
C GLU A 116 58.87 14.72 88.86
N PRO A 117 57.81 14.02 89.28
CA PRO A 117 57.98 12.99 90.32
C PRO A 117 58.75 11.80 89.77
N ARG A 118 59.96 11.60 90.30
CA ARG A 118 60.78 10.48 89.85
C ARG A 118 60.19 9.13 90.21
N LEU A 119 59.32 9.08 91.21
CA LEU A 119 58.66 7.85 91.59
C LEU A 119 57.18 8.15 91.83
N LEU A 120 56.33 7.22 91.41
CA LEU A 120 54.90 7.44 91.43
C LEU A 120 54.21 6.37 92.27
N VAL A 121 53.15 6.77 92.98
CA VAL A 121 52.28 5.84 93.66
C VAL A 121 50.83 6.22 93.34
N VAL A 122 50.09 5.26 92.78
CA VAL A 122 48.74 5.48 92.30
C VAL A 122 47.80 4.62 93.12
N THR A 123 46.81 5.26 93.76
CA THR A 123 45.86 4.54 94.60
C THR A 123 44.90 3.68 93.80
N ASP A 124 44.55 4.09 92.58
CA ASP A 124 43.61 3.33 91.77
C ASP A 124 44.05 3.33 90.31
N PRO A 125 44.46 2.18 89.77
CA PRO A 125 44.82 2.14 88.34
C PRO A 125 43.69 2.54 87.42
N ARG A 126 42.45 2.17 87.77
CA ARG A 126 41.32 2.47 86.89
C ARG A 126 40.92 3.93 86.98
N ALA A 127 40.75 4.45 88.19
CA ALA A 127 40.35 5.85 88.35
C ALA A 127 41.45 6.78 87.88
N ASP A 128 42.68 6.55 88.34
CA ASP A 128 43.82 7.35 87.90
C ASP A 128 44.51 6.74 86.69
N HIS A 129 43.71 6.48 85.66
CA HIS A 129 44.28 6.07 84.38
C HIS A 129 45.15 7.18 83.79
N GLN A 130 44.71 8.43 83.93
CA GLN A 130 45.38 9.56 83.29
C GLN A 130 46.83 9.74 83.73
N PRO A 131 47.17 9.76 85.02
CA PRO A 131 48.59 9.90 85.37
C PRO A 131 49.43 8.71 84.97
N LEU A 132 48.83 7.51 84.92
CA LEU A 132 49.58 6.34 84.46
C LEU A 132 50.00 6.50 83.01
N THR A 133 49.10 7.02 82.17
CA THR A 133 49.43 7.26 80.77
C THR A 133 50.53 8.31 80.65
N GLU A 134 50.39 9.42 81.37
CA GLU A 134 51.39 10.47 81.31
C GLU A 134 52.71 10.06 81.93
N ALA A 135 52.72 8.99 82.72
CA ALA A 135 53.96 8.46 83.26
C ALA A 135 54.83 7.78 82.21
N SER A 136 54.29 7.56 81.01
CA SER A 136 55.03 6.92 79.93
C SER A 136 55.73 7.91 79.02
N TYR A 137 55.62 9.21 79.27
CA TYR A 137 56.27 10.22 78.46
C TYR A 137 57.50 10.82 79.11
N VAL A 138 57.81 10.46 80.35
CA VAL A 138 58.85 11.14 81.11
C VAL A 138 59.79 10.10 81.72
N ASN A 139 59.65 8.85 81.29
CA ASN A 139 60.46 7.74 81.78
C ASN A 139 60.27 7.54 83.28
N LEU A 140 59.02 7.32 83.66
CA LEU A 140 58.65 7.26 85.07
C LEU A 140 58.35 5.82 85.50
N PRO A 141 59.19 5.21 86.34
CA PRO A 141 58.78 3.95 86.98
C PRO A 141 57.73 4.20 88.04
N THR A 142 56.64 3.45 87.95
CA THR A 142 55.47 3.72 88.78
C THR A 142 55.15 2.52 89.67
N ILE A 143 54.48 2.82 90.78
CA ILE A 143 53.90 1.82 91.66
C ILE A 143 52.41 2.11 91.74
N ALA A 144 51.59 1.08 91.70
CA ALA A 144 50.15 1.26 91.88
C ALA A 144 49.65 0.35 92.99
N LEU A 145 48.43 0.63 93.40
CA LEU A 145 47.79 -0.08 94.50
C LEU A 145 46.99 -1.27 93.98
N CYS A 146 46.10 -1.76 94.82
CA CYS A 146 45.57 -3.10 94.74
C CYS A 146 44.20 -3.18 94.05
N ASN A 147 43.95 -4.33 93.43
CA ASN A 147 42.62 -4.89 93.15
C ASN A 147 42.82 -6.24 92.46
N THR A 148 41.78 -7.08 92.54
CA THR A 148 41.78 -8.36 91.85
C THR A 148 41.45 -8.23 90.38
N ASP A 149 40.94 -7.09 89.95
CA ASP A 149 40.61 -6.84 88.55
C ASP A 149 41.10 -5.46 88.14
N SER A 150 42.30 -5.10 88.58
CA SER A 150 42.91 -3.83 88.19
C SER A 150 43.84 -4.06 87.00
N PRO A 151 43.59 -3.44 85.86
CA PRO A 151 44.55 -3.53 84.75
C PRO A 151 45.86 -2.84 85.11
N LEU A 152 46.95 -3.39 84.60
CA LEU A 152 48.29 -2.95 84.95
C LEU A 152 49.08 -2.62 83.69
N ARG A 153 48.49 -1.81 82.81
CA ARG A 153 49.14 -1.46 81.55
C ARG A 153 50.49 -0.81 81.79
N TYR A 154 50.52 0.24 82.62
CA TYR A 154 51.76 0.92 82.96
C TYR A 154 52.17 0.70 84.40
N VAL A 155 51.67 -0.34 85.04
CA VAL A 155 52.00 -0.62 86.44
C VAL A 155 53.17 -1.59 86.49
N ASP A 156 54.05 -1.40 87.47
CA ASP A 156 55.24 -2.23 87.61
C ASP A 156 55.29 -3.02 88.91
N ILE A 157 55.03 -2.38 90.06
CA ILE A 157 55.25 -2.99 91.36
C ILE A 157 53.93 -3.06 92.12
N ALA A 158 52.85 -3.37 91.41
CA ALA A 158 51.53 -3.46 92.04
C ALA A 158 51.52 -4.45 93.20
N ILE A 159 50.89 -4.06 94.28
CA ILE A 159 50.64 -4.93 95.43
C ILE A 159 49.20 -5.43 95.32
N PRO A 160 48.95 -6.73 95.43
CA PRO A 160 47.58 -7.31 95.26
C PRO A 160 46.73 -7.54 96.51
N CYS A 161 46.17 -6.48 97.10
CA CYS A 161 45.51 -6.60 98.39
C CYS A 161 43.99 -6.38 98.34
N ASN A 162 43.53 -5.17 98.04
CA ASN A 162 42.14 -4.74 97.92
C ASN A 162 42.15 -3.24 97.65
N ASN A 163 41.05 -2.74 97.08
CA ASN A 163 40.82 -1.29 97.08
C ASN A 163 39.38 -0.89 97.33
N LYS A 164 38.45 -1.83 97.45
CA LYS A 164 37.04 -1.49 97.56
C LYS A 164 36.73 -0.73 98.83
N GLY A 165 37.24 -1.21 99.97
CA GLY A 165 36.93 -0.64 101.26
C GLY A 165 38.00 0.32 101.72
N ALA A 166 37.57 1.51 102.16
CA ALA A 166 38.50 2.53 102.60
C ALA A 166 39.32 2.08 103.81
N HIS A 167 38.79 1.16 104.61
CA HIS A 167 39.55 0.66 105.74
C HIS A 167 40.72 -0.18 105.27
N SER A 168 40.53 -0.96 104.21
CA SER A 168 41.66 -1.66 103.61
C SER A 168 42.63 -0.67 102.97
N VAL A 169 42.12 0.42 102.43
CA VAL A 169 42.98 1.43 101.82
C VAL A 169 43.88 2.07 102.87
N GLY A 170 43.28 2.52 103.97
CA GLY A 170 44.05 3.23 104.98
C GLY A 170 45.09 2.36 105.66
N LEU A 171 44.75 1.10 105.90
CA LEU A 171 45.68 0.20 106.58
C LEU A 171 46.94 -0.02 105.74
N MET A 172 46.77 -0.25 104.44
CA MET A 172 47.93 -0.45 103.58
C MET A 172 48.75 0.84 103.46
N TRP A 173 48.08 1.98 103.42
CA TRP A 173 48.79 3.26 103.34
C TRP A 173 49.60 3.52 104.60
N TRP A 174 49.02 3.20 105.77
CA TRP A 174 49.76 3.39 107.02
C TRP A 174 50.87 2.36 107.17
N MET A 175 50.63 1.12 106.75
CA MET A 175 51.67 0.11 106.76
C MET A 175 52.81 0.49 105.84
N LEU A 176 52.46 1.03 104.66
CA LEU A 176 53.48 1.45 103.69
C LEU A 176 54.35 2.56 104.27
N ALA A 177 53.74 3.56 104.91
CA ALA A 177 54.52 4.61 105.55
C ALA A 177 55.34 4.05 106.71
N ARG A 178 54.78 3.11 107.46
CA ARG A 178 55.49 2.52 108.59
C ARG A 178 56.75 1.80 108.13
N GLU A 179 56.65 1.03 107.04
CA GLU A 179 57.79 0.25 106.58
C GLU A 179 58.87 1.13 105.97
N VAL A 180 58.49 2.09 105.12
CA VAL A 180 59.48 2.95 104.49
C VAL A 180 60.18 3.84 105.51
N LEU A 181 59.56 4.07 106.66
CA LEU A 181 60.23 4.78 107.73
C LEU A 181 61.07 3.82 108.58
N ARG A 182 60.64 2.57 108.70
CA ARG A 182 61.45 1.59 109.41
C ARG A 182 62.75 1.29 108.67
N MET A 183 62.67 1.22 107.33
CA MET A 183 63.87 1.00 106.53
C MET A 183 64.83 2.17 106.63
N ARG A 184 64.31 3.39 106.65
CA ARG A 184 65.13 4.57 106.80
C ARG A 184 65.40 4.84 108.29
N GLY A 185 66.22 5.85 108.57
CA GLY A 185 66.65 6.11 109.93
C GLY A 185 65.70 6.98 110.72
N THR A 186 64.41 6.62 110.74
CA THR A 186 63.40 7.36 111.47
C THR A 186 62.67 6.53 112.50
N ILE A 187 62.52 5.23 112.30
CA ILE A 187 61.90 4.33 113.27
C ILE A 187 62.94 3.28 113.65
N SER A 188 63.14 3.10 114.95
CA SER A 188 64.16 2.19 115.46
C SER A 188 63.78 0.72 115.32
N ARG A 189 62.61 0.43 114.76
CA ARG A 189 62.12 -0.91 114.41
C ARG A 189 61.77 -1.76 115.62
N GLU A 190 61.87 -1.24 116.85
CA GLU A 190 61.52 -2.04 118.00
C GLU A 190 60.07 -1.80 118.44
N HIS A 191 59.74 -0.57 118.80
CA HIS A 191 58.37 -0.40 119.20
C HIS A 191 57.50 -0.04 118.01
N PRO A 192 56.23 -0.43 118.02
CA PRO A 192 55.36 -0.15 116.88
C PRO A 192 55.13 1.34 116.68
N TRP A 193 54.82 1.71 115.44
CA TRP A 193 54.63 3.11 115.08
C TRP A 193 53.44 3.69 115.84
N GLU A 194 53.66 4.83 116.49
CA GLU A 194 52.61 5.48 117.25
C GLU A 194 51.53 6.10 116.37
N VAL A 195 51.77 6.19 115.06
CA VAL A 195 50.76 6.71 114.15
C VAL A 195 49.58 5.74 114.12
N MET A 196 48.40 6.26 114.41
CA MET A 196 47.25 5.41 114.62
C MET A 196 46.77 4.84 113.28
N PRO A 197 46.47 3.54 113.22
CA PRO A 197 46.11 2.93 111.91
C PRO A 197 44.91 3.54 111.24
N ASP A 198 43.89 3.95 112.01
CA ASP A 198 42.69 4.54 111.43
C ASP A 198 42.84 6.02 111.17
N LEU A 199 43.98 6.63 111.51
CA LEU A 199 44.22 8.01 111.13
C LEU A 199 44.29 8.14 109.62
N TYR A 200 44.92 7.18 108.95
CA TYR A 200 44.99 7.16 107.50
C TYR A 200 43.66 6.77 106.86
N PHE A 201 42.69 6.32 107.64
CA PHE A 201 41.40 5.95 107.10
C PHE A 201 40.66 7.19 106.63
N TYR A 202 39.88 7.05 105.56
CA TYR A 202 39.04 8.13 105.09
C TYR A 202 37.63 7.95 105.64
N ARG A 203 37.11 9.01 106.26
CA ARG A 203 35.76 8.95 106.87
C ARG A 203 34.71 9.39 105.86
N ASP A 204 33.54 8.76 105.89
CA ASP A 204 32.45 9.08 104.99
C ASP A 204 31.98 10.52 105.21
N PRO A 205 31.60 11.23 104.16
CA PRO A 205 31.09 12.60 104.34
C PRO A 205 29.87 12.68 105.24
N GLU A 206 29.04 11.64 105.29
CA GLU A 206 27.95 11.63 106.25
C GLU A 206 28.48 11.58 107.68
N GLU A 207 29.52 10.77 107.91
CA GLU A 207 30.04 10.60 109.26
C GLU A 207 30.87 11.78 109.72
N ILE A 208 31.43 12.53 108.77
CA ILE A 208 32.34 13.65 109.15
C ILE A 208 31.55 14.72 109.91
N GLU A 209 30.22 14.78 109.71
CA GLU A 209 29.38 15.78 110.34
C GLU A 209 28.59 15.25 111.52
N LYS A 210 28.52 13.93 111.70
CA LYS A 210 27.72 13.34 112.77
C LYS A 210 28.54 12.65 113.85
N GLU A 211 29.83 12.41 113.62
CA GLU A 211 30.64 11.79 114.65
C GLU A 211 31.34 12.80 115.54
N GLU A 212 31.68 13.96 114.98
CA GLU A 212 32.39 15.01 115.77
C GLU A 212 31.40 15.73 116.70
N GLN A 213 30.11 15.73 116.36
CA GLN A 213 29.12 16.36 117.22
C GLN A 213 28.81 15.49 118.43
N ALA A 214 28.71 14.18 118.23
CA ALA A 214 28.51 13.27 119.36
C ALA A 214 29.78 13.14 120.18
N ALA A 215 30.94 13.36 119.56
CA ALA A 215 32.20 13.31 120.30
C ALA A 215 32.27 14.42 121.34
N ALA A 216 31.87 15.63 120.97
CA ALA A 216 31.89 16.74 121.90
C ALA A 216 30.74 16.65 122.90
N GLU A 217 29.63 16.06 122.49
CA GLU A 217 28.49 15.93 123.40
C GLU A 217 28.74 14.87 124.46
N LYS A 218 29.32 13.73 124.07
CA LYS A 218 29.64 12.70 125.04
C LYS A 218 30.80 13.13 125.93
N ALA A 219 31.73 13.94 125.41
CA ALA A 219 32.80 14.47 126.24
C ALA A 219 32.26 15.40 127.31
N VAL A 220 31.32 16.27 126.95
CA VAL A 220 30.79 17.22 127.94
C VAL A 220 29.79 16.53 128.86
N THR A 221 29.23 15.39 128.46
CA THR A 221 28.38 14.60 129.34
C THR A 221 29.09 13.30 129.73
N VAL B 1 -41.87 1.45 58.49
CA VAL B 1 -42.74 2.16 59.41
C VAL B 1 -42.58 1.61 60.82
N VAL B 2 -43.27 0.50 61.11
CA VAL B 2 -43.22 -0.08 62.44
C VAL B 2 -41.87 -0.75 62.65
N ASP B 3 -41.25 -0.47 63.80
CA ASP B 3 -39.93 -1.01 64.07
C ASP B 3 -40.01 -2.51 64.35
N PRO B 4 -38.94 -3.24 64.06
CA PRO B 4 -38.92 -4.68 64.41
C PRO B 4 -39.01 -4.93 65.90
N PHE B 5 -38.44 -4.02 66.71
CA PHE B 5 -38.30 -4.26 68.14
C PHE B 5 -39.63 -4.36 68.87
N SER B 6 -40.71 -3.88 68.25
CA SER B 6 -42.03 -4.06 68.84
C SER B 6 -42.49 -5.50 68.71
N LYS B 7 -42.17 -6.14 67.59
CA LYS B 7 -42.63 -7.49 67.28
C LYS B 7 -41.66 -8.56 67.76
N LYS B 8 -40.90 -8.28 68.81
CA LYS B 8 -39.97 -9.24 69.37
C LYS B 8 -40.42 -9.67 70.77
N ASP B 9 -40.00 -10.87 71.15
CA ASP B 9 -40.21 -11.39 72.49
C ASP B 9 -38.87 -11.80 73.08
N TRP B 10 -38.78 -11.73 74.40
CA TRP B 10 -37.50 -11.88 75.08
C TRP B 10 -37.40 -13.25 75.74
N TYR B 11 -36.16 -13.73 75.86
CA TYR B 11 -35.88 -15.02 76.45
C TYR B 11 -34.70 -14.88 77.40
N ASP B 12 -34.63 -15.79 78.36
CA ASP B 12 -33.58 -15.78 79.37
C ASP B 12 -32.72 -17.03 79.20
N VAL B 13 -31.44 -16.82 78.95
CA VAL B 13 -30.51 -17.91 78.68
C VAL B 13 -30.15 -18.57 80.00
N LYS B 14 -30.16 -19.90 80.02
CA LYS B 14 -29.91 -20.67 81.23
C LYS B 14 -28.74 -21.63 81.02
N ALA B 15 -27.83 -21.66 81.99
CA ALA B 15 -26.74 -22.60 82.00
C ALA B 15 -27.20 -23.94 82.58
N PRO B 16 -26.51 -25.03 82.27
CA PRO B 16 -26.81 -26.31 82.91
C PRO B 16 -26.34 -26.35 84.36
N ALA B 17 -26.46 -27.53 84.99
CA ALA B 17 -26.02 -27.70 86.37
C ALA B 17 -24.51 -27.64 86.53
N MET B 18 -23.75 -27.64 85.44
CA MET B 18 -22.30 -27.55 85.51
C MET B 18 -21.84 -26.23 86.12
N PHE B 19 -22.52 -25.14 85.80
CA PHE B 19 -22.20 -23.83 86.36
C PHE B 19 -23.19 -23.47 87.46
N ASN B 20 -22.68 -22.90 88.56
CA ASN B 20 -23.53 -22.57 89.70
C ASN B 20 -24.36 -21.32 89.48
N ILE B 21 -24.11 -20.57 88.41
CA ILE B 21 -24.92 -19.41 88.07
C ILE B 21 -25.77 -19.77 86.86
N ARG B 22 -27.08 -19.50 86.97
CA ARG B 22 -28.01 -19.92 85.93
C ARG B 22 -28.14 -18.88 84.82
N ASN B 23 -28.52 -17.65 85.17
CA ASN B 23 -28.88 -16.65 84.17
C ASN B 23 -27.64 -16.15 83.46
N ILE B 24 -27.42 -16.64 82.24
CA ILE B 24 -26.35 -16.11 81.40
C ILE B 24 -26.71 -14.71 80.92
N GLY B 25 -27.94 -14.53 80.43
CA GLY B 25 -28.35 -13.23 79.94
C GLY B 25 -29.68 -13.28 79.24
N LYS B 26 -29.90 -12.31 78.36
CA LYS B 26 -31.17 -12.15 77.66
C LYS B 26 -30.94 -12.08 76.16
N THR B 27 -32.01 -12.40 75.42
CA THR B 27 -31.98 -12.34 73.96
C THR B 27 -33.37 -11.97 73.47
N LEU B 28 -33.42 -11.32 72.32
CA LEU B 28 -34.68 -10.92 71.69
C LEU B 28 -34.75 -11.49 70.29
N VAL B 29 -35.90 -12.06 69.94
CA VAL B 29 -36.13 -12.64 68.62
C VAL B 29 -37.54 -12.26 68.20
N THR B 30 -37.79 -12.26 66.88
CA THR B 30 -39.10 -11.94 66.38
C THR B 30 -40.08 -13.06 66.72
N ARG B 31 -41.37 -12.73 66.67
CA ARG B 31 -42.41 -13.69 67.03
C ARG B 31 -42.55 -14.78 65.99
N THR B 32 -43.25 -15.85 66.37
CA THR B 32 -43.42 -17.02 65.50
C THR B 32 -44.64 -16.80 64.64
N GLN B 33 -44.43 -16.24 63.45
CA GLN B 33 -45.52 -16.03 62.50
C GLN B 33 -45.05 -16.44 61.12
N GLY B 34 -45.99 -16.92 60.30
CA GLY B 34 -45.63 -17.48 59.03
C GLY B 34 -44.97 -18.84 59.20
N THR B 35 -44.32 -19.29 58.13
CA THR B 35 -43.61 -20.56 58.17
C THR B 35 -42.27 -20.46 58.89
N LYS B 36 -41.80 -19.27 59.22
CA LYS B 36 -40.55 -19.09 59.95
C LYS B 36 -40.82 -19.13 61.44
N ILE B 37 -39.91 -19.77 62.18
CA ILE B 37 -40.13 -20.12 63.57
C ILE B 37 -39.13 -19.37 64.43
N ALA B 38 -39.61 -18.76 65.52
CA ALA B 38 -38.71 -18.14 66.47
C ALA B 38 -37.90 -19.17 67.23
N SER B 39 -38.46 -20.36 67.45
CA SER B 39 -37.82 -21.36 68.30
C SER B 39 -36.48 -21.81 67.73
N ASP B 40 -36.46 -22.23 66.46
CA ASP B 40 -35.21 -22.66 65.86
C ASP B 40 -34.32 -21.49 65.45
N GLY B 41 -34.92 -20.30 65.26
CA GLY B 41 -34.10 -19.12 65.11
C GLY B 41 -33.31 -18.81 66.36
N LEU B 42 -33.92 -19.04 67.52
CA LEU B 42 -33.18 -18.99 68.77
C LEU B 42 -32.12 -20.07 68.84
N LYS B 43 -32.45 -21.27 68.37
CA LYS B 43 -31.53 -22.39 68.45
C LYS B 43 -30.32 -22.13 67.55
N GLY B 44 -29.23 -22.82 67.88
CA GLY B 44 -28.00 -22.66 67.12
C GLY B 44 -27.35 -21.29 67.25
N ARG B 45 -27.29 -20.75 68.47
CA ARG B 45 -26.58 -19.51 68.74
C ARG B 45 -25.54 -19.77 69.82
N VAL B 46 -24.31 -19.37 69.54
CA VAL B 46 -23.20 -19.51 70.47
C VAL B 46 -23.19 -18.30 71.39
N PHE B 47 -23.07 -18.53 72.69
CA PHE B 47 -23.03 -17.47 73.68
C PHE B 47 -21.70 -17.55 74.41
N GLU B 48 -20.68 -16.92 73.84
CA GLU B 48 -19.34 -16.93 74.44
C GLU B 48 -19.33 -16.00 75.65
N VAL B 49 -19.15 -16.58 76.84
CA VAL B 49 -19.22 -15.83 78.08
C VAL B 49 -17.98 -16.12 78.92
N SER B 50 -17.66 -15.18 79.80
CA SER B 50 -16.53 -15.32 80.69
C SER B 50 -16.83 -16.36 81.77
N LEU B 51 -15.77 -16.87 82.40
CA LEU B 51 -15.94 -17.74 83.56
C LEU B 51 -16.36 -16.96 84.80
N ALA B 52 -16.28 -15.64 84.76
CA ALA B 52 -16.61 -14.84 85.94
C ALA B 52 -18.10 -14.96 86.29
N ASP B 53 -18.97 -14.76 85.31
CA ASP B 53 -20.40 -14.90 85.54
C ASP B 53 -20.88 -16.35 85.41
N LEU B 54 -19.99 -17.26 85.01
CA LEU B 54 -20.35 -18.67 84.96
C LEU B 54 -20.27 -19.32 86.34
N GLN B 55 -19.17 -19.09 87.05
CA GLN B 55 -18.93 -19.67 88.36
C GLN B 55 -18.91 -18.56 89.42
N ASN B 56 -18.58 -18.94 90.64
CA ASN B 56 -18.64 -18.00 91.77
C ASN B 56 -17.34 -17.23 91.94
N ASP B 57 -16.24 -17.94 92.20
CA ASP B 57 -14.96 -17.32 92.50
C ASP B 57 -13.86 -17.94 91.65
N GLU B 58 -14.11 -18.10 90.36
CA GLU B 58 -13.16 -18.70 89.45
C GLU B 58 -12.26 -17.63 88.84
N VAL B 59 -11.38 -18.06 87.93
CA VAL B 59 -10.64 -17.14 87.08
C VAL B 59 -11.59 -16.60 86.02
N ALA B 60 -11.18 -15.58 85.29
CA ALA B 60 -12.06 -14.94 84.32
C ALA B 60 -11.62 -15.07 82.89
N PHE B 61 -10.34 -15.39 82.62
CA PHE B 61 -9.87 -15.42 81.25
C PHE B 61 -10.50 -16.55 80.44
N ARG B 62 -10.91 -17.63 81.10
CA ARG B 62 -11.55 -18.72 80.39
C ARG B 62 -12.90 -18.27 79.85
N LYS B 63 -13.23 -18.76 78.66
CA LYS B 63 -14.48 -18.45 78.00
C LYS B 63 -15.13 -19.74 77.51
N PHE B 64 -16.45 -19.75 77.45
CA PHE B 64 -17.20 -20.94 77.09
C PHE B 64 -18.19 -20.60 75.98
N LYS B 65 -18.23 -21.47 74.96
CA LYS B 65 -19.06 -21.21 73.78
C LYS B 65 -20.55 -21.41 74.09
N LEU B 66 -20.92 -22.62 74.54
CA LEU B 66 -22.24 -22.88 75.12
C LEU B 66 -23.37 -22.56 74.15
N ILE B 67 -23.44 -23.34 73.08
CA ILE B 67 -24.51 -23.15 72.10
C ILE B 67 -25.82 -23.67 72.65
N THR B 68 -26.89 -22.92 72.38
CA THR B 68 -28.24 -23.37 72.73
C THR B 68 -28.66 -24.54 71.86
N GLU B 69 -29.49 -25.41 72.42
CA GLU B 69 -30.01 -26.56 71.69
C GLU B 69 -31.52 -26.61 71.64
N ASP B 70 -32.20 -26.29 72.74
CA ASP B 70 -33.65 -26.30 72.80
C ASP B 70 -34.11 -25.10 73.62
N VAL B 71 -35.20 -24.48 73.18
CA VAL B 71 -35.82 -23.38 73.90
C VAL B 71 -37.28 -23.72 74.15
N GLN B 72 -37.72 -23.57 75.39
CA GLN B 72 -39.10 -23.85 75.78
C GLN B 72 -39.62 -22.71 76.63
N GLY B 73 -40.81 -22.23 76.30
CA GLY B 73 -41.39 -21.11 77.01
C GLY B 73 -40.61 -19.83 76.78
N LYS B 74 -39.99 -19.31 77.82
CA LYS B 74 -39.21 -18.08 77.75
C LYS B 74 -37.77 -18.28 78.20
N ASN B 75 -37.28 -19.51 78.18
CA ASN B 75 -35.93 -19.82 78.64
C ASN B 75 -35.20 -20.67 77.61
N CYS B 76 -33.91 -20.39 77.44
CA CYS B 76 -33.08 -21.05 76.43
C CYS B 76 -32.14 -22.03 77.11
N LEU B 77 -32.33 -23.31 76.83
CA LEU B 77 -31.48 -24.37 77.35
C LEU B 77 -30.25 -24.50 76.47
N THR B 78 -29.08 -24.28 77.05
CA THR B 78 -27.82 -24.32 76.32
C THR B 78 -26.98 -25.50 76.79
N ASN B 79 -26.39 -26.20 75.83
CA ASN B 79 -25.43 -27.26 76.09
C ASN B 79 -24.03 -26.75 75.80
N PHE B 80 -23.04 -27.45 76.33
CA PHE B 80 -21.65 -27.04 76.16
C PHE B 80 -21.25 -27.15 74.69
N HIS B 81 -20.44 -26.20 74.25
CA HIS B 81 -20.01 -26.15 72.86
C HIS B 81 -18.49 -26.09 72.69
N GLY B 82 -17.80 -25.38 73.57
CA GLY B 82 -16.35 -25.29 73.46
C GLY B 82 -15.79 -24.35 74.51
N MET B 83 -14.46 -24.32 74.56
CA MET B 83 -13.75 -23.50 75.53
C MET B 83 -12.53 -22.87 74.86
N ASP B 84 -12.18 -21.67 75.32
CA ASP B 84 -11.05 -20.94 74.78
C ASP B 84 -10.49 -20.02 75.85
N LEU B 85 -9.27 -19.54 75.63
CA LEU B 85 -8.71 -18.54 76.51
C LEU B 85 -8.93 -17.15 75.92
N THR B 86 -8.95 -16.15 76.80
CA THR B 86 -9.10 -14.78 76.33
C THR B 86 -7.81 -14.33 75.65
N ARG B 87 -7.95 -13.35 74.76
CA ARG B 87 -6.86 -13.01 73.85
C ARG B 87 -5.72 -12.31 74.58
N ASP B 88 -6.04 -11.37 75.48
CA ASP B 88 -4.97 -10.58 76.09
C ASP B 88 -4.15 -11.41 77.07
N LYS B 89 -4.78 -12.38 77.73
CA LYS B 89 -4.02 -13.28 78.59
C LYS B 89 -3.16 -14.22 77.77
N MET B 90 -3.67 -14.67 76.62
CA MET B 90 -2.90 -15.56 75.76
C MET B 90 -1.63 -14.90 75.25
N CYS B 91 -1.74 -13.62 74.86
CA CYS B 91 -0.56 -12.91 74.37
C CYS B 91 0.39 -12.55 75.51
N SER B 92 -0.15 -12.28 76.70
CA SER B 92 0.70 -11.91 77.82
C SER B 92 1.58 -13.07 78.26
N MET B 93 1.13 -14.30 78.04
CA MET B 93 1.91 -15.46 78.41
C MET B 93 3.10 -15.65 77.48
N VAL B 94 2.91 -15.37 76.19
CA VAL B 94 3.94 -15.60 75.19
C VAL B 94 5.07 -14.60 75.37
N LYS B 95 6.17 -15.06 75.96
CA LYS B 95 7.31 -14.21 76.27
C LYS B 95 8.55 -14.71 75.54
N LYS B 96 9.57 -13.87 75.54
CA LYS B 96 10.79 -14.14 74.79
C LYS B 96 11.81 -14.86 75.67
N TRP B 97 12.77 -15.54 75.01
CA TRP B 97 13.82 -16.33 75.65
C TRP B 97 13.24 -17.50 76.43
N GLN B 98 12.23 -18.15 75.86
CA GLN B 98 11.65 -19.35 76.45
C GLN B 98 11.05 -20.21 75.35
N THR B 99 10.77 -21.45 75.69
CA THR B 99 10.28 -22.45 74.74
C THR B 99 8.81 -22.75 75.04
N MET B 100 7.98 -22.71 74.00
CA MET B 100 6.59 -23.10 74.10
C MET B 100 6.37 -24.42 73.37
N ILE B 101 5.50 -25.25 73.92
CA ILE B 101 5.16 -26.54 73.32
C ILE B 101 3.64 -26.64 73.24
N GLU B 102 3.12 -26.76 72.03
CA GLU B 102 1.69 -26.81 71.80
C GLU B 102 1.32 -28.17 71.23
N ALA B 103 0.27 -28.77 71.78
CA ALA B 103 -0.15 -30.11 71.39
C ALA B 103 -1.63 -30.10 71.02
N HIS B 104 -2.02 -31.08 70.21
CA HIS B 104 -3.39 -31.22 69.79
C HIS B 104 -3.74 -32.71 69.72
N VAL B 105 -5.02 -33.00 69.92
CA VAL B 105 -5.49 -34.39 69.92
C VAL B 105 -6.95 -34.38 69.49
N ASP B 106 -7.38 -35.48 68.89
CA ASP B 106 -8.79 -35.69 68.57
C ASP B 106 -9.32 -36.80 69.48
N VAL B 107 -10.28 -36.47 70.33
CA VAL B 107 -10.69 -37.35 71.41
C VAL B 107 -12.20 -37.47 71.42
N LYS B 108 -12.68 -38.59 71.95
CA LYS B 108 -14.10 -38.94 71.94
C LYS B 108 -14.55 -39.26 73.36
N THR B 109 -15.71 -38.73 73.74
CA THR B 109 -16.31 -39.02 75.02
C THR B 109 -17.10 -40.31 74.96
N THR B 110 -17.42 -40.85 76.14
CA THR B 110 -18.29 -42.02 76.20
C THR B 110 -19.68 -41.70 75.68
N ASP B 111 -20.14 -40.46 75.89
CA ASP B 111 -21.41 -40.04 75.34
C ASP B 111 -21.38 -39.92 73.82
N GLY B 112 -20.20 -39.92 73.21
CA GLY B 112 -20.09 -39.79 71.77
C GLY B 112 -19.92 -38.36 71.30
N TYR B 113 -18.97 -37.66 71.89
CA TYR B 113 -18.66 -36.28 71.53
C TYR B 113 -17.21 -36.18 71.11
N LEU B 114 -16.98 -35.69 69.90
CA LEU B 114 -15.63 -35.53 69.36
C LEU B 114 -15.14 -34.11 69.63
N LEU B 115 -14.00 -33.99 70.30
CA LEU B 115 -13.44 -32.71 70.68
C LEU B 115 -11.95 -32.65 70.35
N ARG B 116 -11.47 -31.46 70.04
CA ARG B 116 -10.05 -31.23 69.75
C ARG B 116 -9.44 -30.46 70.91
N LEU B 117 -8.68 -31.14 71.75
CA LEU B 117 -8.06 -30.51 72.91
C LEU B 117 -6.71 -29.91 72.54
N PHE B 118 -6.41 -28.75 73.13
CA PHE B 118 -5.17 -28.03 72.88
C PHE B 118 -4.55 -27.59 74.18
N CYS B 119 -3.22 -27.61 74.24
CA CYS B 119 -2.48 -27.18 75.42
C CYS B 119 -1.37 -26.23 75.02
N VAL B 120 -1.18 -25.18 75.81
CA VAL B 120 -0.09 -24.23 75.62
C VAL B 120 0.74 -24.20 76.91
N GLY B 121 2.01 -24.55 76.80
CA GLY B 121 2.87 -24.62 77.95
C GLY B 121 4.18 -23.90 77.74
N PHE B 122 4.59 -23.10 78.70
CA PHE B 122 5.79 -22.28 78.60
C PHE B 122 6.82 -22.76 79.61
N THR B 123 8.08 -22.77 79.19
CA THR B 123 9.15 -23.14 80.10
C THR B 123 9.27 -22.13 81.23
N LYS B 124 9.71 -22.62 82.38
CA LYS B 124 9.79 -21.82 83.60
C LYS B 124 11.24 -21.45 83.85
N LYS B 125 11.53 -20.15 83.85
CA LYS B 125 12.85 -19.73 84.29
C LYS B 125 12.95 -19.89 85.79
N ARG B 126 14.09 -20.43 86.24
CA ARG B 126 14.26 -20.70 87.66
C ARG B 126 14.60 -19.42 88.41
N ASN B 127 14.18 -19.38 89.68
CA ASN B 127 14.50 -18.22 90.51
C ASN B 127 15.98 -18.14 90.84
N ASN B 128 16.71 -19.25 90.75
CA ASN B 128 18.16 -19.24 90.88
C ASN B 128 18.87 -19.29 89.52
N GLN B 129 18.11 -19.22 88.43
CA GLN B 129 18.70 -19.30 87.10
C GLN B 129 19.38 -17.99 86.74
N ILE B 130 20.56 -18.10 86.12
CA ILE B 130 21.29 -16.95 85.62
C ILE B 130 21.11 -16.90 84.10
N ARG B 131 20.90 -18.06 83.50
CA ARG B 131 20.76 -18.13 82.05
C ARG B 131 19.51 -17.39 81.60
N LYS B 132 19.68 -16.46 80.66
CA LYS B 132 18.56 -15.70 80.14
C LYS B 132 17.60 -16.61 79.37
N THR B 133 18.12 -17.48 78.53
CA THR B 133 17.29 -18.37 77.73
C THR B 133 16.86 -19.58 78.55
N SER B 134 15.61 -19.98 78.36
CA SER B 134 15.07 -21.22 78.92
C SER B 134 14.61 -22.04 77.73
N TYR B 135 15.53 -22.80 77.14
CA TYR B 135 15.28 -23.55 75.92
C TYR B 135 15.41 -25.04 76.19
N ALA B 136 14.44 -25.81 75.73
CA ALA B 136 14.46 -27.26 75.84
C ALA B 136 14.97 -27.87 74.55
N GLN B 137 15.66 -29.00 74.69
CA GLN B 137 16.07 -29.75 73.51
C GLN B 137 14.87 -30.35 72.82
N HIS B 138 15.01 -30.60 71.52
CA HIS B 138 13.87 -31.01 70.70
C HIS B 138 13.32 -32.36 71.14
N GLN B 139 14.20 -33.27 71.57
CA GLN B 139 13.72 -34.56 72.06
C GLN B 139 13.05 -34.41 73.42
N GLN B 140 13.48 -33.45 74.22
CA GLN B 140 12.74 -33.13 75.44
C GLN B 140 11.35 -32.60 75.10
N VAL B 141 11.27 -31.75 74.06
CA VAL B 141 9.97 -31.24 73.62
C VAL B 141 9.10 -32.38 73.11
N ARG B 142 9.67 -33.28 72.33
CA ARG B 142 8.90 -34.40 71.80
C ARG B 142 8.40 -35.32 72.90
N GLN B 143 9.26 -35.57 73.90
CA GLN B 143 8.84 -36.40 75.02
C GLN B 143 7.73 -35.72 75.82
N ILE B 144 7.84 -34.41 76.00
CA ILE B 144 6.81 -33.67 76.73
C ILE B 144 5.51 -33.65 75.94
N ARG B 145 5.58 -33.35 74.65
CA ARG B 145 4.37 -33.25 73.84
C ARG B 145 3.65 -34.59 73.77
N LYS B 146 4.39 -35.68 73.68
CA LYS B 146 3.76 -37.00 73.71
C LYS B 146 3.12 -37.27 75.06
N LYS B 147 3.82 -36.92 76.15
CA LYS B 147 3.31 -37.21 77.49
C LYS B 147 2.03 -36.43 77.77
N MET B 148 2.02 -35.14 77.44
CA MET B 148 0.86 -34.32 77.71
C MET B 148 -0.22 -34.46 76.64
N MET B 149 0.01 -35.29 75.63
CA MET B 149 -1.05 -35.64 74.69
C MET B 149 -1.79 -36.90 75.13
N GLU B 150 -1.06 -37.89 75.63
CA GLU B 150 -1.68 -39.15 76.01
C GLU B 150 -2.41 -39.03 77.35
N ILE B 151 -1.90 -38.21 78.27
CA ILE B 151 -2.66 -37.93 79.48
C ILE B 151 -3.82 -36.99 79.20
N MET B 152 -3.78 -36.27 78.08
CA MET B 152 -4.85 -35.37 77.70
C MET B 152 -6.04 -36.15 77.12
N THR B 153 -5.75 -37.10 76.22
CA THR B 153 -6.81 -37.87 75.58
C THR B 153 -7.42 -38.89 76.52
N ARG B 154 -6.66 -39.37 77.50
CA ARG B 154 -7.14 -40.42 78.38
C ARG B 154 -8.31 -39.93 79.23
N GLU B 155 -8.21 -38.71 79.74
CA GLU B 155 -9.21 -38.19 80.66
C GLU B 155 -10.58 -38.05 80.02
N VAL B 156 -10.65 -37.89 78.71
CA VAL B 156 -11.91 -37.67 78.01
C VAL B 156 -12.50 -38.97 77.49
N GLN B 157 -11.66 -39.86 76.97
CA GLN B 157 -12.15 -41.15 76.50
C GLN B 157 -12.73 -41.98 77.63
N THR B 158 -12.09 -41.95 78.80
CA THR B 158 -12.46 -42.85 79.89
C THR B 158 -13.86 -42.54 80.41
N ASN B 159 -14.13 -41.28 80.74
CA ASN B 159 -15.38 -40.92 81.39
C ASN B 159 -16.25 -40.11 80.43
N ASP B 160 -17.42 -39.71 80.92
CA ASP B 160 -18.41 -39.05 80.10
C ASP B 160 -17.99 -37.59 79.87
N LEU B 161 -18.79 -36.88 79.07
CA LEU B 161 -18.55 -35.46 78.83
C LEU B 161 -18.61 -34.66 80.13
N LYS B 162 -19.48 -35.07 81.06
CA LYS B 162 -19.71 -34.28 82.26
C LYS B 162 -18.48 -34.21 83.15
N GLU B 163 -17.83 -35.36 83.39
CA GLU B 163 -16.63 -35.35 84.22
C GLU B 163 -15.53 -34.50 83.61
N VAL B 164 -15.43 -34.49 82.29
CA VAL B 164 -14.45 -33.64 81.62
C VAL B 164 -14.77 -32.17 81.85
N VAL B 165 -16.05 -31.80 81.72
CA VAL B 165 -16.43 -30.39 81.76
C VAL B 165 -16.10 -29.77 83.11
N ASN B 166 -16.53 -30.42 84.19
CA ASN B 166 -16.34 -29.84 85.51
C ASN B 166 -14.92 -30.03 86.03
N LYS B 167 -14.08 -30.79 85.34
CA LYS B 167 -12.67 -30.84 85.73
C LYS B 167 -11.84 -29.78 85.02
N LEU B 168 -12.20 -29.42 83.79
CA LEU B 168 -11.49 -28.33 83.12
C LEU B 168 -12.00 -26.96 83.54
N ILE B 169 -13.15 -26.90 84.22
CA ILE B 169 -13.65 -25.62 84.70
C ILE B 169 -12.68 -24.97 85.69
N PRO B 170 -12.12 -25.68 86.67
CA PRO B 170 -10.94 -25.13 87.36
C PRO B 170 -9.60 -25.49 86.73
N ASP B 171 -9.62 -26.04 85.51
CA ASP B 171 -8.42 -26.40 84.75
C ASP B 171 -7.56 -27.39 85.55
N SER B 172 -8.19 -28.49 85.97
CA SER B 172 -7.46 -29.55 86.64
C SER B 172 -6.50 -30.26 85.69
N ILE B 173 -6.80 -30.24 84.39
CA ILE B 173 -5.96 -30.91 83.41
C ILE B 173 -4.59 -30.26 83.35
N GLY B 174 -4.56 -28.92 83.34
CA GLY B 174 -3.29 -28.22 83.26
C GLY B 174 -2.42 -28.47 84.47
N LYS B 175 -3.04 -28.75 85.62
CA LYS B 175 -2.27 -29.02 86.83
C LYS B 175 -1.55 -30.37 86.74
N ASP B 176 -2.26 -31.41 86.26
CA ASP B 176 -1.63 -32.73 86.22
C ASP B 176 -0.62 -32.83 85.09
N ILE B 177 -0.78 -32.04 84.03
CA ILE B 177 0.24 -31.97 82.99
C ILE B 177 1.53 -31.41 83.57
N GLU B 178 1.42 -30.31 84.33
CA GLU B 178 2.59 -29.68 84.92
C GLU B 178 3.31 -30.63 85.87
N LYS B 179 2.56 -31.34 86.70
CA LYS B 179 3.17 -32.28 87.63
C LYS B 179 3.88 -33.40 86.89
N ALA B 180 3.27 -33.91 85.82
CA ALA B 180 3.86 -35.00 85.06
C ALA B 180 5.01 -34.52 84.18
N CYS B 181 5.16 -33.22 83.98
CA CYS B 181 6.20 -32.67 83.14
C CYS B 181 7.41 -32.18 83.91
N GLN B 182 7.34 -32.13 85.24
CA GLN B 182 8.46 -31.62 86.03
C GLN B 182 9.71 -32.47 85.90
N SER B 183 9.56 -33.73 85.49
CA SER B 183 10.74 -34.58 85.30
C SER B 183 11.62 -34.07 84.18
N ILE B 184 11.02 -33.75 83.04
CA ILE B 184 11.79 -33.38 81.85
C ILE B 184 12.14 -31.89 81.86
N TYR B 185 11.16 -31.03 82.05
CA TYR B 185 11.46 -29.61 82.19
C TYR B 185 10.38 -28.95 83.04
N PRO B 186 10.75 -28.05 83.94
CA PRO B 186 9.73 -27.33 84.71
C PRO B 186 8.86 -26.42 83.85
N LEU B 187 7.58 -26.75 83.73
CA LEU B 187 6.62 -25.91 83.03
C LEU B 187 5.65 -25.30 84.02
N HIS B 188 5.61 -23.98 84.09
CA HIS B 188 4.72 -23.29 85.00
C HIS B 188 3.51 -22.69 84.31
N ASP B 189 3.67 -22.23 83.07
CA ASP B 189 2.60 -21.53 82.38
C ASP B 189 1.86 -22.51 81.48
N VAL B 190 1.14 -23.41 82.13
CA VAL B 190 0.43 -24.52 81.47
C VAL B 190 -1.06 -24.28 81.60
N PHE B 191 -1.78 -24.44 80.49
CA PHE B 191 -3.22 -24.22 80.46
C PHE B 191 -3.84 -25.24 79.52
N VAL B 192 -5.14 -25.08 79.27
CA VAL B 192 -5.83 -25.73 78.18
C VAL B 192 -6.33 -24.61 77.28
N ARG B 193 -5.58 -24.32 76.21
CA ARG B 193 -5.81 -23.12 75.42
C ARG B 193 -7.18 -23.13 74.76
N LYS B 194 -7.53 -24.23 74.12
CA LYS B 194 -8.72 -24.24 73.29
C LYS B 194 -9.24 -25.67 73.16
N VAL B 195 -10.55 -25.78 72.97
CA VAL B 195 -11.18 -27.05 72.67
C VAL B 195 -12.50 -26.76 71.95
N LYS B 196 -12.76 -27.47 70.87
CA LYS B 196 -13.91 -27.23 70.03
C LYS B 196 -14.65 -28.54 69.80
N MET B 197 -15.95 -28.42 69.53
CA MET B 197 -16.81 -29.57 69.33
C MET B 197 -16.94 -29.89 67.85
N LEU B 198 -16.87 -31.17 67.53
CA LEU B 198 -16.89 -31.63 66.15
C LEU B 198 -18.11 -32.47 65.81
N LYS B 199 -18.48 -33.42 66.66
CA LYS B 199 -19.65 -34.25 66.44
C LYS B 199 -20.57 -34.17 67.64
N LYS B 200 -21.87 -34.30 67.38
CA LYS B 200 -22.90 -34.24 68.42
C LYS B 200 -23.90 -35.35 68.18
N PRO B 201 -24.10 -36.26 69.14
CA PRO B 201 -24.88 -37.49 68.91
C PRO B 201 -26.40 -37.33 69.00
N LYS B 202 -26.99 -36.86 67.89
CA LYS B 202 -28.40 -36.99 67.56
C LYS B 202 -29.31 -36.08 68.37
N PHE B 203 -28.77 -35.42 69.39
CA PHE B 203 -29.55 -34.57 70.31
C PHE B 203 -30.75 -35.34 70.88
N GLU B 204 -30.43 -36.36 71.66
CA GLU B 204 -31.46 -36.97 72.49
C GLU B 204 -31.95 -35.96 73.51
N LEU B 205 -33.26 -35.75 73.57
CA LEU B 205 -33.79 -34.73 74.47
C LEU B 205 -33.76 -35.19 75.92
N GLY B 206 -33.78 -36.50 76.15
CA GLY B 206 -33.69 -37.01 77.51
C GLY B 206 -32.34 -36.73 78.16
N LYS B 207 -31.27 -36.78 77.37
CA LYS B 207 -29.96 -36.46 77.91
C LYS B 207 -29.81 -34.96 78.16
N LEU B 208 -30.51 -34.13 77.39
CA LEU B 208 -30.49 -32.69 77.63
C LEU B 208 -31.14 -32.33 78.96
N MET B 209 -32.25 -32.98 79.28
CA MET B 209 -33.03 -32.58 80.45
C MET B 209 -32.35 -32.98 81.75
N GLU B 210 -31.64 -34.12 81.74
CA GLU B 210 -31.03 -34.60 82.97
C GLU B 210 -29.84 -33.74 83.39
N LEU B 211 -29.11 -33.18 82.43
CA LEU B 211 -27.95 -32.37 82.78
C LEU B 211 -28.34 -30.98 83.27
N HIS B 212 -29.43 -30.41 82.73
CA HIS B 212 -29.84 -29.07 83.16
C HIS B 212 -30.37 -29.07 84.59
N GLY B 213 -31.07 -30.13 84.99
CA GLY B 213 -31.64 -30.20 86.33
C GLY B 213 -30.96 -31.20 87.22
N GLU B 214 -31.63 -32.32 87.47
CA GLU B 214 -31.08 -33.38 88.31
C GLU B 214 -30.50 -34.49 87.45
N GLU C 1 70.84 34.65 79.86
CA GLU C 1 69.51 35.25 79.86
C GLU C 1 68.41 34.19 79.96
N TRP C 2 68.79 32.94 79.67
CA TRP C 2 67.84 31.84 79.63
C TRP C 2 67.83 31.12 80.96
N MET C 3 66.67 31.09 81.62
CA MET C 3 66.50 30.45 82.92
C MET C 3 65.52 29.30 82.77
N PRO C 4 66.01 28.09 82.53
CA PRO C 4 65.10 26.95 82.36
C PRO C 4 64.54 26.47 83.69
N VAL C 5 63.24 26.20 83.71
CA VAL C 5 62.62 25.54 84.85
C VAL C 5 62.30 24.10 84.46
N THR C 6 63.30 23.24 84.64
CA THR C 6 63.27 21.83 84.26
C THR C 6 64.46 21.17 84.94
N LYS C 7 64.27 19.93 85.40
CA LYS C 7 65.40 19.20 85.98
C LYS C 7 66.50 18.99 84.94
N LEU C 8 66.14 18.45 83.78
CA LEU C 8 67.12 18.27 82.72
C LEU C 8 67.60 19.60 82.17
N GLY C 9 66.69 20.58 82.07
CA GLY C 9 67.08 21.89 81.56
C GLY C 9 68.06 22.59 82.48
N ARG C 10 67.92 22.41 83.79
CA ARG C 10 68.85 23.04 84.72
C ARG C 10 70.22 22.36 84.65
N LEU C 11 70.22 21.03 84.68
CA LEU C 11 71.47 20.30 84.82
C LEU C 11 72.39 20.46 83.62
N VAL C 12 71.82 20.63 82.43
CA VAL C 12 72.66 20.85 81.26
C VAL C 12 73.33 22.22 81.33
N LYS C 13 72.62 23.22 81.85
CA LYS C 13 73.14 24.58 81.80
C LYS C 13 74.30 24.79 82.77
N ASP C 14 74.24 24.15 83.95
CA ASP C 14 75.25 24.35 84.98
C ASP C 14 76.39 23.35 84.90
N MET C 15 76.65 22.78 83.72
CA MET C 15 77.85 21.99 83.44
C MET C 15 77.97 20.76 84.33
N LYS C 16 76.83 20.11 84.60
CA LYS C 16 76.86 18.84 85.31
C LYS C 16 76.79 17.64 84.38
N ILE C 17 76.34 17.85 83.15
CA ILE C 17 76.35 16.84 82.10
C ILE C 17 77.23 17.35 80.97
N LYS C 18 78.21 16.54 80.56
CA LYS C 18 79.24 16.98 79.63
C LYS C 18 78.93 16.66 78.18
N SER C 19 77.88 15.89 77.90
CA SER C 19 77.59 15.51 76.53
C SER C 19 76.13 15.13 76.40
N LEU C 20 75.66 15.09 75.16
CA LEU C 20 74.29 14.71 74.84
C LEU C 20 74.09 13.21 74.86
N GLU C 21 75.17 12.43 75.00
CA GLU C 21 75.03 10.99 75.03
C GLU C 21 74.33 10.52 76.30
N GLU C 22 74.38 11.32 77.36
CA GLU C 22 73.66 10.95 78.58
C GLU C 22 72.17 11.05 78.39
N ILE C 23 71.70 12.09 77.70
CA ILE C 23 70.28 12.22 77.42
C ILE C 23 69.83 11.12 76.46
N TYR C 24 70.72 10.71 75.56
CA TYR C 24 70.41 9.57 74.69
C TYR C 24 70.35 8.27 75.48
N LEU C 25 71.32 8.07 76.38
CA LEU C 25 71.41 6.82 77.12
C LEU C 25 70.21 6.61 78.03
N PHE C 26 69.79 7.67 78.72
CA PHE C 26 68.65 7.58 79.63
C PHE C 26 67.34 7.94 78.95
N SER C 27 67.39 8.39 77.70
CA SER C 27 66.20 8.63 76.87
C SER C 27 65.22 9.61 77.51
N LEU C 28 65.74 10.56 78.28
CA LEU C 28 64.88 11.57 78.88
C LEU C 28 64.40 12.54 77.80
N PRO C 29 63.12 12.89 77.79
CA PRO C 29 62.60 13.72 76.70
C PRO C 29 63.21 15.11 76.69
N ILE C 30 63.36 15.66 75.49
CA ILE C 30 63.83 17.02 75.29
C ILE C 30 62.62 17.93 75.19
N LYS C 31 62.52 18.90 76.09
CA LYS C 31 61.41 19.84 76.08
C LYS C 31 61.87 21.28 75.97
N GLU C 32 63.16 21.53 75.84
CA GLU C 32 63.70 22.87 75.66
C GLU C 32 64.63 22.87 74.47
N SER C 33 64.43 23.83 73.56
CA SER C 33 65.31 23.93 72.40
C SER C 33 66.73 24.31 72.79
N GLU C 34 66.91 24.98 73.93
CA GLU C 34 68.25 25.39 74.37
C GLU C 34 69.01 24.28 75.07
N ILE C 35 68.39 23.11 75.27
CA ILE C 35 69.10 21.98 75.86
C ILE C 35 70.21 21.50 74.94
N ILE C 36 69.92 21.36 73.66
CA ILE C 36 70.84 20.67 72.77
C ILE C 36 71.90 21.61 72.18
N ASP C 37 71.59 22.90 72.03
CA ASP C 37 72.59 23.83 71.53
C ASP C 37 73.64 24.16 72.59
N PHE C 38 73.40 23.79 73.84
CA PHE C 38 74.47 23.88 74.85
C PHE C 38 75.63 22.98 74.48
N PHE C 39 75.33 21.74 74.07
CA PHE C 39 76.37 20.80 73.71
C PHE C 39 76.93 21.11 72.32
N LEU C 40 76.07 21.02 71.30
CA LEU C 40 76.50 21.20 69.91
C LEU C 40 76.37 22.68 69.56
N GLY C 41 77.34 23.45 70.04
CA GLY C 41 77.34 24.88 69.78
C GLY C 41 77.92 25.22 68.42
N ALA C 42 77.08 25.81 67.57
CA ALA C 42 77.47 26.26 66.24
C ALA C 42 78.05 25.13 65.40
N SER C 43 77.49 23.94 65.55
CA SER C 43 77.91 22.78 64.77
C SER C 43 76.86 22.29 63.80
N LEU C 44 75.58 22.49 64.09
CA LEU C 44 74.52 22.00 63.23
C LEU C 44 74.47 22.79 61.93
N LYS C 45 74.06 22.11 60.87
CA LYS C 45 73.75 22.72 59.58
C LYS C 45 72.24 22.66 59.38
N ASP C 46 71.65 23.79 59.00
CA ASP C 46 70.21 23.87 58.82
C ASP C 46 69.84 23.69 57.35
N GLU C 47 68.73 23.00 57.12
CA GLU C 47 68.16 22.89 55.78
C GLU C 47 66.66 23.04 55.86
N VAL C 48 66.09 23.77 54.90
CA VAL C 48 64.65 23.93 54.77
C VAL C 48 64.22 23.20 53.51
N LEU C 49 63.41 22.15 53.67
CA LEU C 49 63.16 21.23 52.56
C LEU C 49 62.09 21.76 51.61
N LYS C 50 60.87 21.94 52.10
CA LYS C 50 59.77 22.28 51.22
C LYS C 50 58.72 23.08 52.01
N ILE C 51 58.10 24.04 51.33
CA ILE C 51 57.03 24.84 51.90
C ILE C 51 55.75 24.45 51.18
N MET C 52 54.85 23.77 51.88
CA MET C 52 53.58 23.36 51.31
C MET C 52 52.44 24.08 52.01
N PRO C 53 51.69 24.94 51.33
CA PRO C 53 50.60 25.70 51.95
C PRO C 53 49.29 24.93 52.01
N VAL C 54 49.15 24.12 53.06
CA VAL C 54 47.87 23.45 53.28
C VAL C 54 46.81 24.48 53.64
N GLN C 55 45.55 24.10 53.46
CA GLN C 55 44.47 25.05 53.68
C GLN C 55 43.18 24.34 54.04
N LYS C 56 42.42 24.99 54.92
CA LYS C 56 41.13 24.50 55.39
C LYS C 56 40.01 25.29 54.73
N GLN C 57 38.96 24.61 54.28
CA GLN C 57 37.83 25.27 53.65
C GLN C 57 36.97 25.94 54.70
N THR C 58 36.90 27.27 54.68
CA THR C 58 36.19 28.03 55.68
C THR C 58 34.83 28.47 55.16
N ARG C 59 34.12 29.24 55.98
CA ARG C 59 32.81 29.72 55.59
C ARG C 59 32.90 30.85 54.59
N ALA C 60 33.94 31.67 54.68
CA ALA C 60 34.18 32.77 53.75
C ALA C 60 35.64 32.72 53.33
N GLY C 61 35.88 32.43 52.05
CA GLY C 61 37.24 32.22 51.60
C GLY C 61 37.79 30.90 52.10
N GLN C 62 39.10 30.86 52.28
CA GLN C 62 39.77 29.67 52.80
C GLN C 62 41.08 30.08 53.44
N ARG C 63 41.25 29.72 54.71
CA ARG C 63 42.47 30.07 55.43
C ARG C 63 43.63 29.23 54.90
N THR C 64 44.80 29.85 54.80
CA THR C 64 45.98 29.22 54.25
C THR C 64 47.10 29.24 55.28
N ARG C 65 47.64 28.07 55.58
CA ARG C 65 48.75 27.95 56.52
C ARG C 65 49.90 27.24 55.82
N PHE C 66 51.08 27.83 55.93
CA PHE C 66 52.27 27.28 55.29
C PHE C 66 52.92 26.27 56.22
N LYS C 67 53.34 25.14 55.67
CA LYS C 67 53.98 24.07 56.43
C LYS C 67 55.41 23.90 55.95
N ALA C 68 56.34 23.74 56.89
CA ALA C 68 57.75 23.68 56.58
C ALA C 68 58.38 22.42 57.16
N PHE C 69 59.44 21.96 56.52
CA PHE C 69 60.24 20.84 57.00
C PHE C 69 61.68 21.30 57.17
N VAL C 70 62.29 20.92 58.28
CA VAL C 70 63.66 21.35 58.58
C VAL C 70 64.47 20.13 59.01
N ALA C 71 65.59 19.91 58.31
CA ALA C 71 66.54 18.87 58.63
C ALA C 71 67.81 19.52 59.17
N ILE C 72 68.18 19.19 60.39
CA ILE C 72 69.35 19.75 61.05
C ILE C 72 70.19 18.62 61.61
N GLY C 73 71.46 18.90 61.85
CA GLY C 73 72.36 17.92 62.42
C GLY C 73 73.80 18.08 61.99
N ASP C 74 74.72 17.88 62.92
CA ASP C 74 76.13 17.95 62.60
C ASP C 74 76.52 16.79 61.68
N TYR C 75 77.52 17.03 60.85
CA TYR C 75 77.97 15.99 59.92
C TYR C 75 78.93 15.02 60.60
N ASN C 76 78.54 14.49 61.75
CA ASN C 76 79.39 13.58 62.49
C ASN C 76 78.62 12.54 63.27
N GLY C 77 77.30 12.46 63.12
CA GLY C 77 76.56 11.40 63.80
C GLY C 77 75.28 11.79 64.50
N HIS C 78 74.78 13.01 64.28
CA HIS C 78 73.50 13.42 64.86
C HIS C 78 72.67 14.12 63.79
N VAL C 79 71.35 13.92 63.86
CA VAL C 79 70.42 14.51 62.90
C VAL C 79 69.04 14.53 63.56
N GLY C 80 68.15 15.35 63.02
CA GLY C 80 66.78 15.38 63.48
C GLY C 80 65.89 16.05 62.45
N LEU C 81 64.59 15.79 62.55
CA LEU C 81 63.63 16.29 61.58
C LEU C 81 62.42 16.87 62.31
N GLY C 82 62.02 18.08 61.91
CA GLY C 82 60.89 18.75 62.54
C GLY C 82 59.98 19.44 61.55
N VAL C 83 58.67 19.29 61.76
CA VAL C 83 57.65 19.83 60.87
C VAL C 83 56.79 20.80 61.67
N LYS C 84 56.59 22.00 61.12
CA LYS C 84 55.78 23.03 61.76
C LYS C 84 54.80 23.59 60.74
N CYS C 85 53.56 23.78 61.16
CA CYS C 85 52.53 24.41 60.34
C CYS C 85 52.12 25.72 61.00
N SER C 86 52.32 26.83 60.31
CA SER C 86 51.98 28.13 60.85
C SER C 86 51.49 29.03 59.72
N LYS C 87 50.68 30.03 60.09
CA LYS C 87 50.11 30.92 59.10
C LYS C 87 51.13 31.90 58.51
N GLU C 88 52.25 32.12 59.19
CA GLU C 88 53.33 32.95 58.65
C GLU C 88 54.53 32.09 58.32
N VAL C 89 55.20 32.40 57.21
CA VAL C 89 56.24 31.53 56.69
C VAL C 89 57.47 31.55 57.60
N ALA C 90 57.91 32.75 58.01
CA ALA C 90 59.11 32.87 58.82
C ALA C 90 58.92 32.21 60.19
N THR C 91 57.75 32.42 60.80
CA THR C 91 57.47 31.77 62.08
C THR C 91 57.39 30.27 61.92
N ALA C 92 56.87 29.79 60.78
CA ALA C 92 56.88 28.37 60.50
C ALA C 92 58.29 27.85 60.34
N ILE C 93 59.19 28.67 59.77
CA ILE C 93 60.57 28.26 59.58
C ILE C 93 61.25 28.02 60.93
N ARG C 94 61.13 29.00 61.82
CA ARG C 94 61.83 28.89 63.11
C ARG C 94 61.19 27.85 64.01
N GLY C 95 59.86 27.73 63.96
CA GLY C 95 59.20 26.67 64.72
C GLY C 95 59.59 25.29 64.24
N ALA C 96 59.80 25.14 62.92
CA ALA C 96 60.27 23.87 62.40
C ALA C 96 61.70 23.61 62.80
N ILE C 97 62.49 24.67 63.02
CA ILE C 97 63.83 24.49 63.56
C ILE C 97 63.77 24.06 65.00
N ILE C 98 62.86 24.65 65.78
CA ILE C 98 62.74 24.31 67.20
C ILE C 98 62.29 22.88 67.38
N LEU C 99 61.29 22.45 66.60
CA LEU C 99 60.81 21.08 66.72
C LEU C 99 61.86 20.09 66.24
N ALA C 100 62.60 20.44 65.18
CA ALA C 100 63.70 19.61 64.73
C ALA C 100 64.80 19.54 65.79
N LYS C 101 64.98 20.63 66.54
CA LYS C 101 65.91 20.62 67.66
C LYS C 101 65.42 19.69 68.76
N LEU C 102 64.11 19.72 69.03
CA LEU C 102 63.56 18.88 70.09
C LEU C 102 63.71 17.41 69.77
N SER C 103 63.53 17.03 68.50
CA SER C 103 63.65 15.65 68.06
C SER C 103 64.97 15.49 67.31
N ILE C 104 66.03 15.22 68.06
CA ILE C 104 67.34 14.90 67.51
C ILE C 104 67.73 13.54 68.05
N VAL C 105 67.92 12.57 67.15
CA VAL C 105 68.34 11.23 67.56
C VAL C 105 69.78 11.03 67.12
N PRO C 106 70.55 10.23 67.86
CA PRO C 106 71.91 9.92 67.42
C PRO C 106 71.91 8.80 66.39
N VAL C 107 72.93 8.82 65.54
CA VAL C 107 73.01 7.93 64.40
C VAL C 107 74.17 6.96 64.61
N ARG C 108 73.86 5.67 64.58
CA ARG C 108 74.86 4.62 64.73
C ARG C 108 75.43 4.28 63.37
N ARG C 109 76.75 4.11 63.31
CA ARG C 109 77.44 3.81 62.06
C ARG C 109 78.25 2.54 62.21
N GLY C 110 78.02 1.57 61.32
CA GLY C 110 78.79 0.36 61.26
C GLY C 110 79.73 0.33 60.08
N TYR C 111 80.15 -0.87 59.71
CA TYR C 111 81.03 -1.09 58.58
C TYR C 111 80.39 -2.08 57.61
N TRP C 112 80.47 -1.77 56.32
CA TRP C 112 80.00 -2.70 55.31
C TRP C 112 80.86 -3.96 55.29
N GLY C 113 82.16 -3.80 55.48
CA GLY C 113 83.09 -4.90 55.50
C GLY C 113 84.52 -4.40 55.44
N ASN C 114 85.46 -5.17 55.99
CA ASN C 114 86.86 -4.77 56.13
C ASN C 114 86.99 -3.44 56.87
N LYS C 115 86.57 -3.47 58.13
CA LYS C 115 86.64 -2.33 59.02
C LYS C 115 88.09 -1.85 59.15
N ILE C 116 88.30 -0.55 58.93
CA ILE C 116 89.64 0.02 59.08
C ILE C 116 89.62 1.18 60.06
N GLY C 117 88.88 2.24 59.73
CA GLY C 117 88.95 3.47 60.47
C GLY C 117 87.62 3.98 60.98
N LYS C 118 87.23 5.17 60.54
CA LYS C 118 85.93 5.70 60.93
C LYS C 118 84.82 4.91 60.24
N PRO C 119 83.77 4.52 60.96
CA PRO C 119 82.64 3.83 60.31
C PRO C 119 81.99 4.72 59.27
N HIS C 120 81.53 4.09 58.18
CA HIS C 120 81.12 4.82 57.00
C HIS C 120 79.68 4.54 56.56
N THR C 121 79.01 3.55 57.14
CA THR C 121 77.71 3.12 56.65
C THR C 121 76.80 2.86 57.83
N VAL C 122 75.54 2.52 57.52
CA VAL C 122 74.55 2.12 58.51
C VAL C 122 74.97 0.76 59.08
N PRO C 123 74.59 0.43 60.32
CA PRO C 123 75.00 -0.88 60.86
C PRO C 123 74.45 -2.06 60.06
N CYS C 124 73.23 -1.95 59.55
CA CYS C 124 72.57 -3.03 58.82
C CYS C 124 71.39 -2.42 58.08
N LYS C 125 70.72 -3.23 57.27
CA LYS C 125 69.61 -2.73 56.48
C LYS C 125 68.41 -2.47 57.38
N VAL C 126 68.01 -1.19 57.48
CA VAL C 126 66.91 -0.77 58.33
C VAL C 126 65.76 -0.35 57.43
N THR C 127 64.59 -0.17 58.05
CA THR C 127 63.39 0.18 57.29
C THR C 127 62.44 0.97 58.18
N GLY C 128 62.05 2.16 57.73
CA GLY C 128 61.08 2.97 58.43
C GLY C 128 59.74 2.97 57.71
N ARG C 129 58.69 3.26 58.48
CA ARG C 129 57.33 3.15 57.97
C ARG C 129 56.55 4.41 58.34
N CYS C 130 56.22 5.21 57.34
CA CYS C 130 55.38 6.39 57.51
C CYS C 130 54.52 6.55 56.26
N GLY C 131 53.23 6.25 56.38
CA GLY C 131 52.41 6.25 55.19
C GLY C 131 52.79 5.10 54.27
N SER C 132 52.44 5.25 53.00
CA SER C 132 52.80 4.23 52.02
C SER C 132 54.28 4.28 51.65
N VAL C 133 55.01 5.26 52.17
CA VAL C 133 56.42 5.44 51.82
C VAL C 133 57.23 4.47 52.67
N LEU C 134 57.70 3.40 52.04
CA LEU C 134 58.67 2.49 52.66
C LEU C 134 60.06 2.94 52.21
N VAL C 135 60.91 3.26 53.17
CA VAL C 135 62.29 3.63 52.89
C VAL C 135 63.20 2.61 53.55
N ARG C 136 64.06 1.98 52.76
CA ARG C 136 65.04 1.02 53.25
C ARG C 136 66.43 1.58 53.00
N LEU C 137 67.26 1.55 54.03
CA LEU C 137 68.64 2.01 53.96
C LEU C 137 69.56 0.81 54.08
N ILE C 138 70.42 0.61 53.09
CA ILE C 138 71.23 -0.60 52.99
C ILE C 138 72.70 -0.23 53.16
N PRO C 139 73.49 -1.03 53.88
CA PRO C 139 74.92 -0.76 53.95
C PRO C 139 75.57 -0.84 52.58
N ALA C 140 76.61 -0.03 52.40
CA ALA C 140 77.36 0.03 51.15
C ALA C 140 78.84 0.15 51.46
N PRO C 141 79.70 -0.40 50.59
CA PRO C 141 81.15 -0.27 50.81
C PRO C 141 81.64 1.17 50.73
N ARG C 142 82.91 1.38 51.04
CA ARG C 142 83.46 2.72 51.13
C ARG C 142 83.46 3.40 49.77
N GLY C 143 83.30 4.72 49.78
CA GLY C 143 83.41 5.53 48.59
C GLY C 143 82.20 5.52 47.68
N THR C 144 81.14 4.78 48.01
CA THR C 144 79.97 4.75 47.14
C THR C 144 79.19 6.05 47.17
N GLY C 145 79.31 6.83 48.24
CA GLY C 145 78.48 8.00 48.38
C GLY C 145 77.07 7.60 48.78
N ILE C 146 76.18 8.58 48.71
CA ILE C 146 74.79 8.39 49.09
C ILE C 146 73.98 8.29 47.80
N VAL C 147 73.64 7.05 47.44
CA VAL C 147 72.79 6.80 46.28
C VAL C 147 71.35 6.71 46.77
N SER C 148 70.58 7.74 46.47
CA SER C 148 69.21 7.87 46.94
C SER C 148 68.52 8.95 46.11
N ALA C 149 67.30 9.28 46.48
CA ALA C 149 66.69 10.47 45.96
C ALA C 149 67.44 11.69 46.47
N PRO C 150 67.34 12.82 45.79
CA PRO C 150 67.95 14.04 46.33
C PRO C 150 67.34 14.49 47.65
N VAL C 151 66.11 14.04 47.94
CA VAL C 151 65.46 14.47 49.17
C VAL C 151 66.17 13.97 50.42
N PRO C 152 66.43 12.67 50.60
CA PRO C 152 67.13 12.24 51.81
C PRO C 152 68.64 12.12 51.67
N LYS C 153 69.20 12.45 50.50
CA LYS C 153 70.64 12.45 50.36
C LYS C 153 71.27 13.48 51.29
N LYS C 154 70.66 14.66 51.39
CA LYS C 154 71.16 15.67 52.32
C LYS C 154 71.00 15.22 53.77
N LEU C 155 69.88 14.56 54.08
CA LEU C 155 69.66 14.05 55.43
C LEU C 155 70.70 13.00 55.80
N LEU C 156 70.98 12.08 54.87
CA LEU C 156 71.97 11.04 55.13
C LEU C 156 73.35 11.64 55.32
N MET C 157 73.70 12.63 54.49
CA MET C 157 75.01 13.27 54.61
C MET C 157 75.14 14.00 55.94
N MET C 158 74.10 14.72 56.34
CA MET C 158 74.15 15.46 57.60
C MET C 158 73.93 14.58 58.81
N ALA C 159 73.63 13.30 58.61
CA ALA C 159 73.59 12.34 59.71
C ALA C 159 74.91 11.62 59.90
N GLY C 160 75.97 12.08 59.24
CA GLY C 160 77.27 11.46 59.35
C GLY C 160 77.47 10.25 58.47
N ILE C 161 76.45 9.82 57.73
CA ILE C 161 76.57 8.66 56.85
C ILE C 161 77.32 9.07 55.60
N ASP C 162 78.20 8.18 55.14
CA ASP C 162 79.05 8.48 53.99
C ASP C 162 78.80 7.57 52.80
N ASP C 163 78.39 6.32 53.02
CA ASP C 163 78.20 5.35 51.96
C ASP C 163 76.97 4.51 52.28
N CYS C 164 75.94 4.59 51.44
CA CYS C 164 74.69 3.93 51.75
C CYS C 164 73.84 3.76 50.50
N TYR C 165 73.34 2.55 50.29
CA TYR C 165 72.31 2.31 49.29
C TYR C 165 70.94 2.67 49.85
N THR C 166 69.99 2.92 48.95
CA THR C 166 68.64 3.27 49.37
C THR C 166 67.63 2.75 48.35
N SER C 167 66.57 2.14 48.86
CA SER C 167 65.48 1.63 48.02
C SER C 167 64.16 2.12 48.62
N ALA C 168 63.33 2.71 47.77
CA ALA C 168 62.08 3.32 48.23
C ALA C 168 60.88 2.57 47.67
N ARG C 169 59.71 2.95 48.18
CA ARG C 169 58.44 2.41 47.73
C ARG C 169 57.36 3.39 48.16
N GLY C 170 56.26 3.41 47.42
CA GLY C 170 55.15 4.28 47.80
C GLY C 170 55.13 5.58 47.03
N CYS C 171 54.61 6.65 47.64
CA CYS C 171 54.53 7.95 47.00
C CYS C 171 55.63 8.84 47.56
N THR C 172 56.83 8.69 46.99
CA THR C 172 57.98 9.50 47.40
C THR C 172 57.83 10.96 47.01
N ALA C 173 56.85 11.30 46.18
CA ALA C 173 56.54 12.70 45.93
C ALA C 173 56.03 13.38 47.20
N THR C 174 55.42 12.61 48.09
CA THR C 174 54.99 13.15 49.38
C THR C 174 56.21 13.39 50.26
N LEU C 175 56.72 14.62 50.25
CA LEU C 175 57.99 14.91 50.91
C LEU C 175 57.86 14.84 52.43
N GLY C 176 56.66 15.09 52.96
CA GLY C 176 56.48 14.95 54.39
C GLY C 176 56.63 13.53 54.87
N ASN C 177 55.97 12.60 54.18
CA ASN C 177 56.06 11.20 54.59
C ASN C 177 57.40 10.59 54.19
N PHE C 178 57.94 11.02 53.06
CA PHE C 178 59.22 10.49 52.60
C PHE C 178 60.34 10.85 53.56
N ALA C 179 60.40 12.13 53.96
CA ALA C 179 61.45 12.55 54.88
C ALA C 179 61.25 11.92 56.25
N LYS C 180 60.00 11.76 56.68
CA LYS C 180 59.75 11.08 57.95
C LYS C 180 60.17 9.62 57.88
N ALA C 181 59.93 8.96 56.74
CA ALA C 181 60.27 7.54 56.63
C ALA C 181 61.77 7.32 56.66
N THR C 182 62.54 8.18 55.98
CA THR C 182 64.00 8.06 56.02
C THR C 182 64.53 8.34 57.43
N PHE C 183 63.98 9.36 58.08
CA PHE C 183 64.43 9.67 59.44
C PHE C 183 64.07 8.56 60.41
N ASP C 184 62.88 7.98 60.27
CA ASP C 184 62.47 6.88 61.14
C ASP C 184 63.41 5.68 60.99
N ALA C 185 63.81 5.38 59.76
CA ALA C 185 64.73 4.27 59.54
C ALA C 185 66.10 4.55 60.16
N ILE C 186 66.57 5.79 60.07
CA ILE C 186 67.83 6.14 60.71
C ILE C 186 67.68 6.09 62.23
N SER C 187 66.55 6.57 62.74
CA SER C 187 66.34 6.64 64.19
C SER C 187 66.27 5.27 64.84
N LYS C 188 65.99 4.22 64.07
CA LYS C 188 65.92 2.87 64.61
C LYS C 188 67.19 2.07 64.39
N THR C 189 68.29 2.72 63.97
CA THR C 189 69.56 2.00 63.87
C THR C 189 70.02 1.51 65.23
N TYR C 190 69.85 2.36 66.26
CA TYR C 190 70.25 1.96 67.60
C TYR C 190 69.29 0.95 68.21
N SER C 191 68.00 1.06 67.88
CA SER C 191 67.03 0.09 68.38
C SER C 191 67.32 -1.32 67.87
N TYR C 192 68.00 -1.43 66.74
CA TYR C 192 68.42 -2.72 66.23
C TYR C 192 69.47 -3.33 67.15
N LEU C 193 69.38 -4.63 67.40
CA LEU C 193 70.33 -5.34 68.25
C LEU C 193 71.35 -6.08 67.42
N THR C 194 72.59 -6.03 67.87
CA THR C 194 73.73 -6.62 67.16
C THR C 194 74.49 -7.49 68.15
N PRO C 195 75.12 -8.57 67.68
CA PRO C 195 75.86 -9.44 68.60
C PRO C 195 76.95 -8.75 69.41
N ASP C 196 77.55 -7.67 68.89
CA ASP C 196 78.52 -6.95 69.70
C ASP C 196 77.88 -6.18 70.86
N LEU C 197 76.56 -6.03 70.85
CA LEU C 197 75.82 -5.47 71.97
C LEU C 197 75.10 -6.54 72.78
N TRP C 198 75.37 -7.83 72.51
CA TRP C 198 74.74 -8.90 73.27
C TRP C 198 75.23 -8.97 74.71
N LYS C 199 76.37 -8.36 75.00
CA LYS C 199 76.97 -8.47 76.32
C LYS C 199 76.10 -7.80 77.38
N GLU C 200 76.27 -8.26 78.61
CA GLU C 200 75.51 -7.71 79.73
C GLU C 200 75.90 -6.27 79.96
N THR C 201 74.96 -5.36 79.72
CA THR C 201 75.20 -3.94 79.92
C THR C 201 75.23 -3.60 81.39
N VAL C 202 76.04 -2.59 81.72
CA VAL C 202 76.20 -2.12 83.10
C VAL C 202 75.30 -0.91 83.29
N PHE C 203 74.40 -0.99 84.27
CA PHE C 203 73.52 0.11 84.58
C PHE C 203 74.18 1.02 85.62
N THR C 204 74.39 2.27 85.27
CA THR C 204 75.07 3.23 86.11
C THR C 204 74.06 4.18 86.75
N LYS C 205 74.56 5.20 87.44
CA LYS C 205 73.69 6.16 88.10
C LYS C 205 72.92 7.01 87.09
N SER C 206 71.65 7.22 87.36
CA SER C 206 70.85 8.15 86.58
C SER C 206 71.36 9.57 86.83
N PRO C 207 71.28 10.46 85.82
CA PRO C 207 71.67 11.86 86.07
C PRO C 207 70.82 12.52 87.13
N TYR C 208 69.53 12.17 87.19
CA TYR C 208 68.67 12.68 88.24
C TYR C 208 69.14 12.22 89.61
N GLN C 209 69.48 10.94 89.73
CA GLN C 209 69.91 10.41 91.03
C GLN C 209 71.33 10.81 91.36
N GLU C 210 72.14 11.18 90.37
CA GLU C 210 73.51 11.60 90.62
C GLU C 210 73.55 13.00 91.21
N PHE C 211 72.74 13.91 90.67
CA PHE C 211 72.68 15.29 91.14
C PHE C 211 71.32 15.60 91.76
N THR C 212 70.77 14.62 92.50
CA THR C 212 69.52 14.86 93.19
C THR C 212 69.69 15.91 94.28
N ASP C 213 70.87 15.97 94.91
CA ASP C 213 71.12 16.97 95.93
C ASP C 213 71.35 18.35 95.32
N HIS C 214 71.91 18.41 94.11
CA HIS C 214 72.18 19.69 93.47
C HIS C 214 70.88 20.43 93.17
N LEU C 215 69.84 19.70 92.76
CA LEU C 215 68.59 20.35 92.42
C LEU C 215 67.72 20.66 93.64
N VAL C 216 68.09 20.15 94.81
CA VAL C 216 67.37 20.52 96.04
C VAL C 216 67.54 22.01 96.31
N LYS C 217 68.77 22.52 96.20
CA LYS C 217 69.02 23.92 96.44
C LYS C 217 68.77 24.76 95.19
N THR C 218 69.22 24.28 94.03
CA THR C 218 69.16 25.08 92.82
C THR C 218 67.78 25.03 92.18
N HIS C 219 67.30 23.83 91.86
CA HIS C 219 66.04 23.67 91.15
C HIS C 219 64.88 23.67 92.15
N THR C 220 64.47 24.86 92.54
CA THR C 220 63.36 25.04 93.45
C THR C 220 62.38 26.06 92.91
N ALA D 1 78.09 -25.62 1.60
CA ALA D 1 79.03 -25.37 0.52
C ALA D 1 78.98 -26.50 -0.50
N ARG D 2 79.12 -26.14 -1.77
CA ARG D 2 79.16 -27.13 -2.84
C ARG D 2 80.51 -27.82 -2.95
N GLY D 3 81.48 -27.40 -2.13
CA GLY D 3 82.79 -28.00 -2.12
C GLY D 3 83.62 -27.45 -0.99
N PRO D 4 84.83 -27.99 -0.80
CA PRO D 4 85.68 -27.52 0.29
C PRO D 4 86.14 -26.09 0.08
N LYS D 5 86.43 -25.43 1.20
CA LYS D 5 86.85 -24.03 1.16
C LYS D 5 88.35 -23.94 0.87
N LYS D 6 88.71 -23.05 -0.07
CA LYS D 6 90.10 -22.75 -0.36
C LYS D 6 90.48 -21.34 0.06
N HIS D 7 89.67 -20.72 0.92
CA HIS D 7 89.95 -19.41 1.46
C HIS D 7 89.80 -19.44 2.97
N LEU D 8 90.72 -18.77 3.67
CA LEU D 8 90.65 -18.62 5.11
C LEU D 8 90.63 -17.15 5.47
N LYS D 9 89.82 -16.80 6.48
CA LYS D 9 89.77 -15.44 6.97
C LYS D 9 90.83 -15.22 8.03
N ARG D 10 91.30 -13.97 8.10
CA ARG D 10 92.34 -13.62 9.07
C ARG D 10 91.87 -13.82 10.50
N VAL D 11 90.64 -13.42 10.80
CA VAL D 11 90.14 -13.53 12.17
C VAL D 11 89.89 -14.98 12.55
N ALA D 12 89.50 -15.81 11.58
CA ALA D 12 89.25 -17.22 11.84
C ALA D 12 90.54 -18.04 11.91
N ALA D 13 91.69 -17.43 11.65
CA ALA D 13 92.96 -18.13 11.68
C ALA D 13 93.30 -18.57 13.11
N PRO D 14 94.19 -19.55 13.27
CA PRO D 14 94.59 -19.97 14.62
C PRO D 14 95.20 -18.83 15.40
N LYS D 15 94.87 -18.78 16.70
CA LYS D 15 95.30 -17.67 17.53
C LYS D 15 96.79 -17.70 17.80
N HIS D 16 97.36 -18.90 17.93
CA HIS D 16 98.78 -19.04 18.23
C HIS D 16 99.67 -18.56 17.11
N TRP D 17 99.11 -18.30 15.92
CA TRP D 17 99.88 -17.73 14.82
C TRP D 17 100.32 -16.30 15.12
N MET D 18 99.69 -15.65 16.11
CA MET D 18 100.02 -14.27 16.49
C MET D 18 99.87 -13.32 15.31
N LEU D 19 98.83 -13.53 14.51
CA LEU D 19 98.52 -12.63 13.41
C LEU D 19 97.88 -11.36 13.93
N ASP D 20 97.72 -10.39 13.02
CA ASP D 20 97.04 -9.15 13.33
C ASP D 20 95.84 -8.97 12.42
N LYS D 21 94.87 -8.18 12.89
CA LYS D 21 93.59 -8.04 12.23
C LYS D 21 93.57 -6.92 11.19
N LEU D 22 94.71 -6.27 10.96
CA LEU D 22 94.74 -5.06 10.15
C LEU D 22 95.31 -5.28 8.76
N THR D 23 96.41 -6.03 8.64
CA THR D 23 97.14 -6.06 7.37
C THR D 23 96.31 -6.69 6.25
N GLY D 24 95.57 -7.74 6.55
CA GLY D 24 94.83 -8.41 5.51
C GLY D 24 93.51 -8.99 5.94
N VAL D 25 92.52 -8.97 5.03
CA VAL D 25 91.24 -9.60 5.30
C VAL D 25 91.40 -11.11 5.40
N PHE D 26 92.12 -11.69 4.44
CA PHE D 26 92.30 -13.13 4.39
C PHE D 26 93.40 -13.58 5.33
N ALA D 27 93.66 -14.87 5.31
CA ALA D 27 94.71 -15.52 6.09
C ALA D 27 95.54 -16.35 5.14
N PRO D 28 96.72 -16.80 5.57
CA PRO D 28 97.55 -17.65 4.70
C PRO D 28 96.85 -18.87 4.13
N ARG D 29 95.91 -19.49 4.86
CA ARG D 29 95.21 -20.70 4.43
C ARG D 29 96.21 -21.79 4.05
N PRO D 30 96.84 -22.42 5.04
CA PRO D 30 97.83 -23.47 4.73
C PRO D 30 97.18 -24.62 3.98
N SER D 31 97.92 -25.15 3.01
CA SER D 31 97.40 -26.24 2.21
C SER D 31 97.37 -27.53 3.01
N THR D 32 96.84 -28.58 2.41
CA THR D 32 96.81 -29.89 3.04
C THR D 32 98.23 -30.43 3.18
N GLY D 33 98.49 -31.08 4.31
CA GLY D 33 99.82 -31.59 4.58
C GLY D 33 99.84 -32.63 5.67
N PRO D 34 101.05 -32.93 6.16
CA PRO D 34 101.18 -33.96 7.20
C PRO D 34 100.44 -33.63 8.49
N HIS D 35 100.35 -32.35 8.83
CA HIS D 35 99.69 -31.91 10.06
C HIS D 35 98.32 -31.32 9.73
N LYS D 36 97.54 -31.10 10.79
CA LYS D 36 96.27 -30.43 10.65
C LYS D 36 96.47 -28.92 10.54
N LEU D 37 95.41 -28.22 10.16
CA LEU D 37 95.50 -26.77 9.99
C LEU D 37 95.54 -26.04 11.33
N ARG D 38 95.16 -26.70 12.41
CA ARG D 38 95.12 -26.02 13.70
C ARG D 38 96.47 -25.99 14.40
N GLU D 39 97.47 -26.72 13.92
CA GLU D 39 98.77 -26.79 14.58
C GLU D 39 99.90 -26.74 13.57
N CYS D 40 99.81 -25.83 12.61
CA CYS D 40 100.84 -25.74 11.58
C CYS D 40 101.13 -24.28 11.26
N LEU D 41 102.42 -23.98 11.03
CA LEU D 41 102.82 -22.66 10.57
C LEU D 41 103.13 -22.72 9.10
N PRO D 42 102.42 -22.00 8.24
CA PRO D 42 102.84 -21.89 6.84
C PRO D 42 104.16 -21.13 6.74
N LEU D 43 104.89 -21.43 5.67
CA LEU D 43 106.16 -20.76 5.44
C LEU D 43 105.98 -19.26 5.28
N ILE D 44 104.86 -18.84 4.69
CA ILE D 44 104.67 -17.43 4.32
C ILE D 44 104.72 -16.53 5.55
N ILE D 45 104.22 -17.03 6.69
CA ILE D 45 104.27 -16.25 7.92
C ILE D 45 105.42 -16.63 8.83
N PHE D 46 106.12 -17.74 8.56
CA PHE D 46 107.33 -18.04 9.31
C PHE D 46 108.52 -17.23 8.83
N LEU D 47 108.47 -16.71 7.60
CA LEU D 47 109.58 -15.94 7.05
C LEU D 47 109.26 -14.46 6.92
N ARG D 48 108.00 -14.10 6.70
CA ARG D 48 107.62 -12.69 6.62
C ARG D 48 107.37 -12.06 7.97
N ASN D 49 107.02 -12.87 8.98
CA ASN D 49 106.65 -12.36 10.29
C ASN D 49 107.52 -12.86 11.42
N ARG D 50 108.01 -14.10 11.36
CA ARG D 50 108.76 -14.67 12.48
C ARG D 50 110.22 -14.23 12.46
N LEU D 51 110.94 -14.58 11.40
CA LEU D 51 112.34 -14.21 11.28
C LEU D 51 112.53 -12.87 10.58
N LYS D 52 111.44 -12.25 10.11
CA LYS D 52 111.47 -10.96 9.41
C LYS D 52 112.38 -11.00 8.20
N TYR D 53 112.61 -12.20 7.64
CA TYR D 53 113.48 -12.32 6.48
C TYR D 53 112.84 -11.74 5.23
N ALA D 54 111.52 -11.55 5.23
CA ALA D 54 110.81 -10.92 4.13
C ALA D 54 109.88 -9.86 4.69
N LEU D 55 109.84 -8.70 4.04
CA LEU D 55 108.90 -7.66 4.46
C LEU D 55 107.48 -7.99 4.03
N THR D 56 107.32 -8.48 2.80
CA THR D 56 106.02 -8.79 2.24
C THR D 56 105.99 -10.26 1.84
N GLY D 57 104.81 -10.72 1.43
CA GLY D 57 104.57 -12.11 1.12
C GLY D 57 105.02 -12.57 -0.23
N ASP D 58 105.76 -11.75 -0.98
CA ASP D 58 106.27 -12.19 -2.26
C ASP D 58 107.77 -12.46 -2.25
N GLU D 59 108.53 -11.89 -1.31
CA GLU D 59 109.92 -12.31 -1.15
C GLU D 59 109.99 -13.72 -0.57
N VAL D 60 109.04 -14.08 0.29
CA VAL D 60 108.97 -15.46 0.76
C VAL D 60 108.63 -16.39 -0.40
N LYS D 61 107.82 -15.91 -1.36
CA LYS D 61 107.56 -16.70 -2.55
C LYS D 61 108.84 -16.91 -3.36
N LYS D 62 109.61 -15.84 -3.55
CA LYS D 62 110.82 -15.93 -4.37
C LYS D 62 111.84 -16.87 -3.73
N ILE D 63 112.02 -16.76 -2.41
CA ILE D 63 113.01 -17.59 -1.74
C ILE D 63 112.53 -19.02 -1.59
N CYS D 64 111.22 -19.26 -1.58
CA CYS D 64 110.72 -20.64 -1.64
C CYS D 64 110.94 -21.23 -3.03
N MET D 65 110.85 -20.40 -4.07
CA MET D 65 111.01 -20.89 -5.43
C MET D 65 112.48 -21.07 -5.79
N GLN D 66 113.39 -20.58 -4.95
CA GLN D 66 114.81 -20.81 -5.17
C GLN D 66 115.31 -22.08 -4.49
N ARG D 67 114.42 -22.85 -3.88
CA ARG D 67 114.71 -24.19 -3.36
C ARG D 67 115.81 -24.16 -2.31
N PHE D 68 115.82 -23.10 -1.50
CA PHE D 68 116.80 -22.97 -0.42
C PHE D 68 116.26 -23.38 0.93
N ILE D 69 115.01 -23.05 1.24
CA ILE D 69 114.40 -23.52 2.47
C ILE D 69 114.15 -25.03 2.35
N LYS D 70 114.80 -25.80 3.20
CA LYS D 70 114.72 -27.25 3.17
C LYS D 70 113.91 -27.70 4.38
N ILE D 71 112.66 -28.06 4.15
CA ILE D 71 111.79 -28.52 5.22
C ILE D 71 112.02 -30.01 5.43
N ASP D 72 112.59 -30.34 6.59
CA ASP D 72 112.75 -31.73 7.03
C ASP D 72 113.53 -32.55 6.00
N GLY D 73 114.67 -32.01 5.56
CA GLY D 73 115.55 -32.70 4.65
C GLY D 73 115.15 -32.65 3.20
N LYS D 74 114.02 -32.02 2.87
CA LYS D 74 113.53 -31.95 1.50
C LYS D 74 113.04 -30.55 1.20
N VAL D 75 113.45 -30.01 0.06
CA VAL D 75 113.10 -28.65 -0.31
C VAL D 75 111.66 -28.59 -0.78
N ARG D 76 110.93 -27.58 -0.33
CA ARG D 76 109.53 -27.40 -0.68
C ARG D 76 109.34 -26.05 -1.37
N THR D 77 108.70 -26.09 -2.54
CA THR D 77 108.33 -24.89 -3.28
C THR D 77 106.96 -24.37 -2.90
N ASP D 78 106.32 -24.97 -1.90
CA ASP D 78 104.98 -24.58 -1.50
C ASP D 78 105.08 -23.43 -0.51
N ILE D 79 104.45 -22.30 -0.85
CA ILE D 79 104.54 -21.11 -0.02
C ILE D 79 103.80 -21.32 1.31
N THR D 80 102.72 -22.07 1.30
CA THR D 80 101.89 -22.30 2.49
C THR D 80 101.95 -23.75 2.95
N TYR D 81 103.12 -24.36 2.91
CA TYR D 81 103.27 -25.72 3.38
C TYR D 81 103.10 -25.76 4.90
N PRO D 82 102.24 -26.62 5.42
CA PRO D 82 102.09 -26.72 6.88
C PRO D 82 103.34 -27.29 7.55
N ALA D 83 104.03 -26.46 8.34
CA ALA D 83 105.22 -26.95 9.04
C ALA D 83 104.86 -28.02 10.05
N GLY D 84 104.09 -27.67 11.07
CA GLY D 84 103.68 -28.62 12.08
C GLY D 84 104.63 -28.69 13.25
N PHE D 85 104.40 -29.69 14.08
CA PHE D 85 105.06 -29.80 15.37
C PHE D 85 106.41 -30.49 15.22
N MET D 86 107.40 -29.93 15.92
CA MET D 86 108.80 -30.39 15.95
C MET D 86 109.29 -30.85 14.58
N ASP D 87 109.06 -30.01 13.58
CA ASP D 87 109.57 -30.24 12.23
C ASP D 87 110.82 -29.38 12.02
N VAL D 88 111.90 -30.03 11.58
CA VAL D 88 113.16 -29.32 11.40
C VAL D 88 113.06 -28.45 10.14
N ILE D 89 113.33 -27.16 10.30
CA ILE D 89 113.40 -26.23 9.20
C ILE D 89 114.87 -25.89 9.00
N SER D 90 115.43 -26.27 7.87
CA SER D 90 116.84 -26.03 7.58
C SER D 90 116.97 -24.89 6.58
N ILE D 91 117.81 -23.93 6.92
CA ILE D 91 118.26 -22.92 5.97
C ILE D 91 119.77 -23.11 5.84
N ASP D 92 120.16 -23.94 4.87
CA ASP D 92 121.56 -24.35 4.78
C ASP D 92 122.44 -23.28 4.16
N LYS D 93 121.86 -22.26 3.53
CA LYS D 93 122.67 -21.14 3.05
C LYS D 93 123.30 -20.41 4.23
N THR D 94 122.57 -20.29 5.33
CA THR D 94 123.09 -19.72 6.57
C THR D 94 123.52 -20.79 7.57
N GLY D 95 123.32 -22.07 7.25
CA GLY D 95 123.74 -23.14 8.13
C GLY D 95 123.08 -23.13 9.49
N GLU D 96 121.82 -22.69 9.56
CA GLU D 96 121.08 -22.65 10.82
C GLU D 96 119.76 -23.38 10.64
N ASN D 97 119.37 -24.11 11.68
CA ASN D 97 118.22 -24.99 11.61
C ASN D 97 117.31 -24.74 12.81
N PHE D 98 116.03 -25.06 12.64
CA PHE D 98 115.00 -24.67 13.60
C PHE D 98 114.13 -25.87 13.92
N ARG D 99 113.59 -25.88 15.14
CA ARG D 99 112.60 -26.85 15.57
C ARG D 99 111.38 -26.09 16.06
N LEU D 100 110.21 -26.41 15.51
CA LEU D 100 109.00 -25.64 15.77
C LEU D 100 108.32 -26.21 17.01
N ILE D 101 108.65 -25.65 18.17
CA ILE D 101 108.23 -26.19 19.45
C ILE D 101 107.35 -25.17 20.17
N TYR D 102 106.33 -25.67 20.87
CA TYR D 102 105.46 -24.80 21.64
C TYR D 102 106.21 -24.18 22.81
N ASP D 103 105.86 -22.96 23.14
CA ASP D 103 106.45 -22.27 24.28
C ASP D 103 105.62 -22.57 25.53
N THR D 104 105.93 -21.86 26.62
CA THR D 104 105.22 -22.06 27.88
C THR D 104 103.78 -21.58 27.83
N LYS D 105 103.39 -20.85 26.79
CA LYS D 105 102.03 -20.35 26.65
C LYS D 105 101.35 -20.90 25.41
N GLY D 106 101.75 -22.09 24.98
CA GLY D 106 101.08 -22.79 23.89
C GLY D 106 101.13 -22.12 22.54
N ARG D 107 102.28 -21.58 22.15
CA ARG D 107 102.42 -20.88 20.89
C ARG D 107 103.69 -21.35 20.19
N PHE D 108 103.68 -21.28 18.86
CA PHE D 108 104.86 -21.63 18.09
C PHE D 108 105.91 -20.53 18.24
N ALA D 109 106.93 -20.80 19.05
CA ALA D 109 108.00 -19.85 19.29
C ALA D 109 109.25 -20.27 18.53
N VAL D 110 110.07 -19.27 18.20
CA VAL D 110 111.31 -19.53 17.47
C VAL D 110 112.29 -20.27 18.36
N HIS D 111 112.86 -21.36 17.85
CA HIS D 111 113.83 -22.15 18.61
C HIS D 111 114.85 -22.72 17.62
N ARG D 112 116.04 -22.13 17.59
CA ARG D 112 117.12 -22.69 16.80
C ARG D 112 117.67 -23.96 17.45
N ILE D 113 118.35 -24.77 16.64
CA ILE D 113 118.99 -25.99 17.10
C ILE D 113 120.31 -26.16 16.37
N THR D 114 121.18 -26.99 16.95
CA THR D 114 122.42 -27.37 16.30
C THR D 114 122.14 -28.33 15.15
N PRO D 115 122.92 -28.27 14.07
CA PRO D 115 122.64 -29.13 12.91
C PRO D 115 122.68 -30.62 13.21
N GLU D 116 123.58 -31.06 14.09
CA GLU D 116 123.63 -32.49 14.43
C GLU D 116 122.41 -32.90 15.22
N GLU D 117 121.84 -31.99 16.02
CA GLU D 117 120.59 -32.27 16.70
C GLU D 117 119.44 -32.35 15.70
N ALA D 118 119.56 -31.62 14.59
CA ALA D 118 118.50 -31.58 13.59
C ALA D 118 118.41 -32.87 12.79
N LYS D 119 119.48 -33.66 12.74
CA LYS D 119 119.50 -34.85 11.91
C LYS D 119 118.53 -35.93 12.38
N TYR D 120 117.96 -35.79 13.57
CA TYR D 120 116.93 -36.67 14.06
C TYR D 120 115.74 -35.86 14.53
N LYS D 121 114.55 -36.38 14.29
CA LYS D 121 113.32 -35.70 14.67
C LYS D 121 112.40 -36.70 15.34
N LEU D 122 111.94 -36.37 16.55
CA LEU D 122 111.05 -37.27 17.26
C LEU D 122 109.66 -37.26 16.63
N CYS D 123 108.94 -38.35 16.85
CA CYS D 123 107.61 -38.51 16.28
C CYS D 123 106.80 -39.43 17.20
N LYS D 124 105.48 -39.27 17.15
CA LYS D 124 104.56 -40.08 17.95
C LYS D 124 103.80 -41.01 17.03
N VAL D 125 103.88 -42.31 17.29
CA VAL D 125 103.12 -43.28 16.51
C VAL D 125 101.64 -43.17 16.88
N ARG D 126 100.80 -43.02 15.86
CA ARG D 126 99.36 -42.94 16.09
C ARG D 126 98.68 -44.30 15.91
N LYS D 127 98.83 -44.92 14.75
CA LYS D 127 98.15 -46.17 14.46
C LYS D 127 99.16 -47.18 13.93
N ILE D 128 99.11 -48.39 14.47
CA ILE D 128 99.94 -49.50 14.03
C ILE D 128 99.02 -50.60 13.52
N PHE D 129 99.36 -51.18 12.39
CA PHE D 129 98.53 -52.18 11.75
C PHE D 129 99.41 -53.05 10.88
N VAL D 130 98.79 -54.08 10.29
CA VAL D 130 99.47 -55.01 9.41
C VAL D 130 98.79 -54.96 8.04
N GLY D 131 99.59 -54.78 7.00
CA GLY D 131 99.12 -54.70 5.64
C GLY D 131 99.29 -56.00 4.89
N THR D 132 99.33 -55.89 3.56
CA THR D 132 99.42 -57.06 2.71
C THR D 132 100.74 -57.80 2.95
N LYS D 133 100.69 -59.12 2.75
CA LYS D 133 101.80 -60.04 2.95
C LYS D 133 102.35 -60.00 4.37
N GLY D 134 101.51 -59.63 5.34
CA GLY D 134 101.92 -59.60 6.73
C GLY D 134 102.86 -58.50 7.09
N ILE D 135 103.04 -57.51 6.22
CA ILE D 135 104.02 -56.45 6.44
C ILE D 135 103.46 -55.46 7.46
N PRO D 136 104.12 -55.26 8.60
CA PRO D 136 103.59 -54.32 9.60
C PRO D 136 103.90 -52.88 9.17
N HIS D 137 102.84 -52.08 9.03
CA HIS D 137 102.95 -50.68 8.67
C HIS D 137 102.65 -49.81 9.87
N LEU D 138 103.49 -48.79 10.06
CA LEU D 138 103.41 -47.91 11.23
C LEU D 138 103.32 -46.48 10.76
N VAL D 139 102.26 -45.77 11.17
CA VAL D 139 102.11 -44.37 10.83
C VAL D 139 102.51 -43.54 12.05
N THR D 140 102.69 -42.24 11.82
CA THR D 140 103.08 -41.32 12.87
C THR D 140 102.06 -40.19 12.93
N HIS D 141 102.33 -39.20 13.79
CA HIS D 141 101.45 -38.04 13.89
C HIS D 141 101.50 -37.18 12.63
N ASP D 142 102.56 -37.33 11.84
CA ASP D 142 102.61 -36.74 10.50
C ASP D 142 101.86 -37.66 9.55
N ALA D 143 102.02 -37.41 8.26
CA ALA D 143 101.46 -38.31 7.24
C ALA D 143 102.47 -39.36 6.80
N ARG D 144 103.64 -39.41 7.42
CA ARG D 144 104.66 -40.38 7.08
C ARG D 144 104.36 -41.74 7.71
N THR D 145 104.53 -42.79 6.93
CA THR D 145 104.38 -44.16 7.41
C THR D 145 105.59 -44.98 6.98
N ILE D 146 105.90 -45.99 7.79
CA ILE D 146 107.07 -46.82 7.59
C ILE D 146 106.65 -48.30 7.61
N ARG D 147 107.52 -49.14 7.08
CA ARG D 147 107.31 -50.58 7.08
C ARG D 147 108.38 -51.26 7.91
N TYR D 148 108.04 -52.45 8.39
CA TYR D 148 108.95 -53.28 9.19
C TYR D 148 109.51 -52.56 10.41
N PRO D 149 108.67 -52.15 11.36
CA PRO D 149 109.19 -51.55 12.59
C PRO D 149 109.37 -52.59 13.68
N ASP D 150 109.93 -52.18 14.81
CA ASP D 150 110.05 -53.08 15.96
C ASP D 150 108.66 -53.36 16.50
N PRO D 151 108.23 -54.62 16.58
CA PRO D 151 106.87 -54.91 17.05
C PRO D 151 106.61 -54.54 18.50
N LEU D 152 107.65 -54.29 19.29
CA LEU D 152 107.47 -53.96 20.70
C LEU D 152 107.01 -52.53 20.93
N ILE D 153 106.71 -51.77 19.88
CA ILE D 153 106.16 -50.43 20.00
C ILE D 153 104.68 -50.48 19.65
N LYS D 154 103.85 -50.06 20.59
CA LYS D 154 102.40 -50.06 20.41
C LYS D 154 101.93 -48.66 20.03
N VAL D 155 100.61 -48.47 20.04
CA VAL D 155 100.05 -47.17 19.72
C VAL D 155 100.44 -46.16 20.81
N ASN D 156 100.26 -44.88 20.47
CA ASN D 156 100.60 -43.71 21.29
C ASN D 156 101.94 -43.86 22.02
N ASP D 157 102.95 -44.32 21.31
CA ASP D 157 104.33 -44.31 21.77
C ASP D 157 105.12 -43.29 20.95
N THR D 158 106.42 -43.25 21.20
CA THR D 158 107.31 -42.32 20.55
C THR D 158 108.44 -43.09 19.87
N ILE D 159 108.90 -42.59 18.74
CA ILE D 159 109.98 -43.20 17.98
C ILE D 159 110.93 -42.11 17.52
N GLN D 160 112.22 -42.44 17.52
CA GLN D 160 113.26 -41.53 17.03
C GLN D 160 113.48 -41.80 15.55
N ILE D 161 113.25 -40.79 14.72
CA ILE D 161 113.30 -40.92 13.27
C ILE D 161 114.50 -40.13 12.76
N ASP D 162 115.49 -40.84 12.24
CA ASP D 162 116.61 -40.18 11.58
C ASP D 162 116.18 -39.73 10.18
N LEU D 163 116.77 -38.64 9.73
CA LEU D 163 116.44 -38.13 8.42
C LEU D 163 117.27 -38.84 7.35
N GLU D 164 116.86 -38.64 6.10
CA GLU D 164 117.48 -39.13 4.86
C GLU D 164 117.34 -40.64 4.68
N THR D 165 116.81 -41.38 5.65
CA THR D 165 116.45 -42.78 5.43
C THR D 165 115.03 -43.04 5.90
N GLY D 166 114.60 -42.30 6.92
CA GLY D 166 113.28 -42.51 7.49
C GLY D 166 113.12 -43.84 8.19
N LYS D 167 114.10 -44.26 8.97
CA LYS D 167 114.03 -45.48 9.75
C LYS D 167 113.89 -45.14 11.22
N ILE D 168 113.80 -46.18 12.05
CA ILE D 168 113.70 -46.04 13.49
C ILE D 168 115.10 -46.20 14.08
N THR D 169 115.70 -45.07 14.49
CA THR D 169 116.98 -45.15 15.19
C THR D 169 116.79 -45.61 16.63
N ASP D 170 115.74 -45.11 17.28
CA ASP D 170 115.49 -45.40 18.69
C ASP D 170 113.99 -45.35 18.92
N PHE D 171 113.58 -45.70 20.14
CA PHE D 171 112.17 -45.70 20.48
C PHE D 171 112.00 -45.36 21.95
N ILE D 172 110.80 -44.88 22.29
CA ILE D 172 110.43 -44.53 23.64
C ILE D 172 109.17 -45.29 24.00
N LYS D 173 109.21 -46.02 25.11
CA LYS D 173 108.04 -46.74 25.58
C LYS D 173 107.19 -45.83 26.46
N PHE D 174 105.93 -45.64 26.08
CA PHE D 174 105.06 -44.72 26.79
C PHE D 174 104.71 -45.31 28.15
N ASP D 175 105.17 -44.65 29.22
CA ASP D 175 104.97 -45.14 30.57
C ASP D 175 105.03 -43.99 31.56
N THR D 176 104.53 -44.26 32.76
CA THR D 176 104.63 -43.31 33.86
C THR D 176 106.09 -43.08 34.23
N GLY D 177 106.41 -41.84 34.58
CA GLY D 177 107.77 -41.45 34.86
C GLY D 177 108.54 -40.91 33.68
N ASN D 178 107.95 -40.90 32.49
CA ASN D 178 108.60 -40.42 31.29
C ASN D 178 108.24 -38.96 31.04
N LEU D 179 109.23 -38.19 30.63
CA LEU D 179 109.04 -36.78 30.33
C LEU D 179 108.32 -36.61 29.00
N CYS D 180 107.27 -35.79 29.00
CA CYS D 180 106.47 -35.57 27.79
C CYS D 180 106.24 -34.09 27.54
N MET D 181 105.38 -33.79 26.57
CA MET D 181 105.01 -32.43 26.25
C MET D 181 103.56 -32.42 25.84
N VAL D 182 102.77 -31.50 26.41
CA VAL D 182 101.38 -31.39 26.01
C VAL D 182 101.29 -30.75 24.64
N THR D 183 100.35 -31.21 23.82
CA THR D 183 100.25 -30.77 22.42
C THR D 183 98.89 -30.18 22.10
N GLY D 184 98.10 -29.85 23.11
CA GLY D 184 96.79 -29.27 22.86
C GLY D 184 96.09 -28.93 24.14
N GLY D 185 94.88 -28.39 23.99
CA GLY D 185 94.06 -28.04 25.12
C GLY D 185 94.55 -26.80 25.85
N ALA D 186 94.01 -26.63 27.05
CA ALA D 186 94.41 -25.51 27.90
C ALA D 186 95.85 -25.66 28.36
N ASN D 187 96.28 -26.89 28.64
CA ASN D 187 97.63 -27.15 29.12
C ASN D 187 98.65 -27.28 28.01
N LEU D 188 98.31 -26.86 26.80
CA LEU D 188 99.21 -26.94 25.67
C LEU D 188 100.48 -26.14 25.93
N GLY D 189 101.63 -26.75 25.65
CA GLY D 189 102.92 -26.11 25.83
C GLY D 189 103.61 -26.41 27.13
N ARG D 190 103.11 -27.35 27.93
CA ARG D 190 103.71 -27.67 29.21
C ARG D 190 104.66 -28.86 29.08
N ILE D 191 105.69 -28.85 29.92
CA ILE D 191 106.64 -29.95 30.03
C ILE D 191 106.47 -30.58 31.40
N GLY D 192 106.35 -31.89 31.44
CA GLY D 192 106.24 -32.56 32.72
C GLY D 192 106.47 -34.04 32.59
N VAL D 193 106.53 -34.69 33.75
CA VAL D 193 106.76 -36.12 33.87
C VAL D 193 105.46 -36.79 34.27
N ILE D 194 105.11 -37.88 33.57
CA ILE D 194 103.86 -38.57 33.85
C ILE D 194 103.87 -39.14 35.25
N THR D 195 102.76 -38.99 35.95
CA THR D 195 102.58 -39.58 37.27
C THR D 195 101.45 -40.58 37.34
N ASN D 196 100.45 -40.47 36.49
CA ASN D 196 99.33 -41.41 36.49
C ASN D 196 98.66 -41.35 35.12
N ARG D 197 97.83 -42.35 34.85
CA ARG D 197 97.07 -42.39 33.61
C ARG D 197 95.85 -43.26 33.85
N GLU D 198 94.68 -42.65 33.92
CA GLU D 198 93.43 -43.38 34.06
C GLU D 198 92.75 -43.50 32.71
N ARG D 199 92.02 -44.60 32.52
CA ARG D 199 91.42 -44.94 31.25
C ARG D 199 89.91 -45.02 31.38
N HIS D 200 89.23 -44.72 30.28
CA HIS D 200 87.77 -44.83 30.19
C HIS D 200 87.42 -45.46 28.85
N PRO D 201 86.94 -46.70 28.81
CA PRO D 201 86.53 -47.29 27.54
C PRO D 201 85.40 -46.50 26.90
N GLY D 202 85.42 -46.43 25.57
CA GLY D 202 84.44 -45.63 24.85
C GLY D 202 84.62 -44.14 25.01
N SER D 203 85.75 -43.69 25.58
CA SER D 203 85.98 -42.29 25.87
C SER D 203 87.45 -41.99 25.60
N PHE D 204 87.91 -40.85 26.08
CA PHE D 204 89.29 -40.41 25.93
C PHE D 204 90.00 -40.56 27.27
N ASP D 205 91.17 -41.19 27.23
CA ASP D 205 91.94 -41.40 28.45
C ASP D 205 92.45 -40.06 28.99
N VAL D 206 92.48 -39.97 30.33
CA VAL D 206 92.96 -38.78 31.02
C VAL D 206 94.21 -39.15 31.78
N VAL D 207 95.28 -38.40 31.55
CA VAL D 207 96.54 -38.63 32.20
C VAL D 207 96.74 -37.57 33.27
N HIS D 208 97.71 -37.77 34.15
CA HIS D 208 98.06 -36.82 35.19
C HIS D 208 99.56 -36.61 35.15
N VAL D 209 99.97 -35.34 35.06
CA VAL D 209 101.37 -34.99 34.83
C VAL D 209 101.82 -34.02 35.90
N LYS D 210 102.93 -34.32 36.55
CA LYS D 210 103.58 -33.39 37.46
C LYS D 210 104.92 -32.99 36.88
N ASP D 211 105.19 -31.68 36.92
CA ASP D 211 106.43 -31.13 36.41
C ASP D 211 107.49 -31.13 37.51
N ALA D 212 108.64 -30.51 37.24
CA ALA D 212 109.72 -30.48 38.22
C ALA D 212 109.32 -29.70 39.46
N ASN D 213 108.63 -28.57 39.29
CA ASN D 213 108.33 -27.67 40.39
C ASN D 213 107.12 -28.10 41.21
N GLY D 214 106.53 -29.26 40.92
CA GLY D 214 105.50 -29.83 41.75
C GLY D 214 104.08 -29.65 41.28
N ASN D 215 103.84 -28.72 40.35
CA ASN D 215 102.49 -28.50 39.84
C ASN D 215 101.98 -29.73 39.11
N SER D 216 100.71 -30.05 39.32
CA SER D 216 100.05 -31.17 38.67
C SER D 216 98.99 -30.63 37.71
N PHE D 217 98.79 -31.36 36.62
CA PHE D 217 97.83 -30.94 35.60
C PHE D 217 97.46 -32.15 34.76
N ALA D 218 96.21 -32.19 34.31
CA ALA D 218 95.68 -33.33 33.57
C ALA D 218 95.30 -32.89 32.17
N THR D 219 95.29 -33.85 31.24
CA THR D 219 94.89 -33.59 29.87
C THR D 219 94.53 -34.91 29.21
N ARG D 220 93.88 -34.82 28.06
CA ARG D 220 93.51 -36.01 27.32
C ARG D 220 94.75 -36.66 26.72
N LEU D 221 94.63 -37.96 26.44
CA LEU D 221 95.77 -38.74 25.97
C LEU D 221 96.28 -38.26 24.63
N SER D 222 95.38 -37.81 23.75
CA SER D 222 95.78 -37.30 22.45
C SER D 222 96.63 -36.05 22.56
N ASN D 223 96.61 -35.37 23.70
CA ASN D 223 97.42 -34.18 23.93
C ASN D 223 98.71 -34.50 24.68
N ILE D 224 99.29 -35.67 24.46
CA ILE D 224 100.52 -36.09 25.11
C ILE D 224 101.52 -36.47 24.03
N PHE D 225 102.75 -35.97 24.17
CA PHE D 225 103.86 -36.29 23.26
C PHE D 225 105.09 -36.57 24.11
N VAL D 226 105.33 -37.85 24.41
CA VAL D 226 106.50 -38.23 25.18
C VAL D 226 107.75 -37.93 24.37
N ILE D 227 108.69 -37.19 24.96
CA ILE D 227 109.89 -36.78 24.24
C ILE D 227 111.14 -37.19 24.99
N GLY D 228 111.03 -37.34 26.31
CA GLY D 228 112.16 -37.61 27.16
C GLY D 228 112.19 -39.05 27.61
N LYS D 229 113.40 -39.60 27.75
CA LYS D 229 113.60 -40.93 28.31
C LYS D 229 113.57 -40.81 29.82
N GLY D 230 112.35 -40.75 30.37
CA GLY D 230 112.18 -40.63 31.80
C GLY D 230 112.37 -39.22 32.29
N ASN D 231 113.63 -38.79 32.37
CA ASN D 231 113.99 -37.44 32.76
C ASN D 231 114.83 -36.73 31.71
N LYS D 232 115.74 -37.43 31.05
CA LYS D 232 116.60 -36.81 30.05
C LYS D 232 115.82 -36.59 28.76
N PRO D 233 115.66 -35.36 28.30
CA PRO D 233 114.99 -35.14 27.01
C PRO D 233 115.85 -35.62 25.86
N TRP D 234 115.18 -36.04 24.79
CA TRP D 234 115.87 -36.37 23.57
C TRP D 234 115.99 -35.19 22.61
N ILE D 235 115.41 -34.06 22.97
CA ILE D 235 115.42 -32.85 22.16
C ILE D 235 115.84 -31.68 23.06
N SER D 236 116.62 -30.76 22.50
CA SER D 236 116.94 -29.53 23.23
C SER D 236 115.65 -28.74 23.49
N LEU D 237 115.36 -28.52 24.76
CA LEU D 237 114.13 -27.85 25.13
C LEU D 237 114.21 -26.35 24.82
N PRO D 238 113.07 -25.72 24.57
CA PRO D 238 113.07 -24.27 24.34
C PRO D 238 113.42 -23.50 25.60
N ARG D 239 113.67 -22.20 25.42
CA ARG D 239 114.02 -21.35 26.55
C ARG D 239 112.87 -21.29 27.54
N GLY D 240 113.20 -21.37 28.82
CA GLY D 240 112.23 -21.54 29.87
C GLY D 240 111.95 -22.97 30.22
N LYS D 241 112.42 -23.94 29.42
CA LYS D 241 112.29 -25.37 29.66
C LYS D 241 110.83 -25.82 29.76
N GLY D 242 109.89 -25.00 29.31
CA GLY D 242 108.50 -25.38 29.32
C GLY D 242 107.89 -25.55 30.70
N ILE D 243 108.17 -24.64 31.61
CA ILE D 243 107.58 -24.65 32.95
C ILE D 243 106.47 -23.61 32.99
N ARG D 244 105.28 -24.02 33.41
CA ARG D 244 104.13 -23.14 33.42
C ARG D 244 104.15 -22.29 34.68
N LEU D 245 104.17 -20.97 34.50
CA LEU D 245 104.34 -20.03 35.58
C LEU D 245 103.08 -19.19 35.76
N THR D 246 102.67 -18.99 37.01
CA THR D 246 101.47 -18.25 37.32
C THR D 246 101.66 -16.76 37.01
N ILE D 247 100.54 -16.06 36.87
CA ILE D 247 100.55 -14.68 36.37
C ILE D 247 101.21 -13.72 37.34
N ALA D 248 101.45 -14.13 38.57
CA ALA D 248 102.02 -13.23 39.55
C ALA D 248 103.48 -12.90 39.24
N GLU D 249 104.27 -13.90 38.85
CA GLU D 249 105.71 -13.72 38.84
C GLU D 249 106.27 -13.17 37.53
N GLU D 250 105.58 -13.33 36.41
CA GLU D 250 106.18 -12.82 35.17
C GLU D 250 106.16 -11.30 35.13
N ARG D 251 105.26 -10.66 35.88
CA ARG D 251 105.28 -9.20 35.96
C ARG D 251 106.56 -8.71 36.60
N ASP D 252 106.94 -9.33 37.72
CA ASP D 252 108.19 -8.94 38.38
C ASP D 252 109.40 -9.58 37.70
N LYS D 253 109.18 -10.59 36.88
CA LYS D 253 110.28 -11.16 36.10
C LYS D 253 110.68 -10.21 34.98
N ARG D 254 109.69 -9.67 34.27
CA ARG D 254 109.98 -8.66 33.25
C ARG D 254 110.53 -7.39 33.89
N LEU D 255 110.02 -7.03 35.08
CA LEU D 255 110.57 -5.90 35.81
C LEU D 255 112.03 -6.15 36.20
N ALA D 256 112.34 -7.37 36.64
CA ALA D 256 113.70 -7.69 37.02
C ALA D 256 114.64 -7.65 35.83
N ALA D 257 114.20 -8.18 34.69
CA ALA D 257 115.01 -8.13 33.48
C ALA D 257 115.17 -6.68 33.01
N LYS D 258 114.10 -5.89 33.11
CA LYS D 258 114.14 -4.51 32.66
C LYS D 258 115.03 -3.66 33.56
N GLN D 259 115.01 -3.91 34.86
CA GLN D 259 115.85 -3.15 35.78
C GLN D 259 117.33 -3.41 35.52
N SER D 260 117.70 -4.68 35.30
CA SER D 260 119.10 -5.00 35.03
C SER D 260 119.54 -4.51 33.67
N SER D 261 118.65 -4.58 32.67
CA SER D 261 118.99 -4.20 31.30
C SER D 261 119.26 -2.71 31.15
N GLY D 262 118.71 -1.88 32.03
CA GLY D 262 118.93 -0.45 31.97
C GLY D 262 119.97 0.01 32.98
N MET E 1 70.51 -20.86 -56.59
CA MET E 1 71.10 -21.77 -55.61
C MET E 1 72.59 -21.94 -55.83
N LYS E 2 73.36 -21.85 -54.75
CA LYS E 2 74.79 -22.08 -54.77
C LYS E 2 75.08 -23.56 -54.52
N LEU E 3 76.08 -24.09 -55.20
CA LEU E 3 76.58 -25.44 -54.99
C LEU E 3 78.06 -25.35 -54.67
N ASN E 4 78.47 -25.92 -53.54
CA ASN E 4 79.86 -25.91 -53.14
C ASN E 4 80.48 -27.25 -53.54
N ILE E 5 81.16 -27.25 -54.69
CA ILE E 5 81.73 -28.45 -55.26
C ILE E 5 83.20 -28.54 -54.88
N SER E 6 83.60 -29.68 -54.33
CA SER E 6 84.96 -29.93 -53.87
C SER E 6 85.45 -31.26 -54.41
N PHE E 7 86.76 -31.36 -54.65
CA PHE E 7 87.37 -32.56 -55.19
C PHE E 7 88.34 -33.14 -54.17
N PRO E 8 88.30 -34.45 -53.92
CA PRO E 8 89.18 -35.01 -52.89
C PRO E 8 90.62 -35.14 -53.34
N ALA E 9 90.86 -35.58 -54.57
CA ALA E 9 92.22 -35.87 -55.03
C ALA E 9 92.99 -34.62 -55.45
N THR E 10 92.34 -33.46 -55.51
CA THR E 10 93.02 -32.25 -55.92
C THR E 10 92.68 -31.04 -55.06
N GLY E 11 91.73 -31.12 -54.16
CA GLY E 11 91.23 -29.92 -53.52
C GLY E 11 90.48 -29.09 -54.54
N CYS E 12 90.96 -27.86 -54.77
CA CYS E 12 90.49 -27.01 -55.87
C CYS E 12 88.98 -26.78 -55.82
N GLN E 13 88.45 -26.65 -54.62
CA GLN E 13 87.02 -26.46 -54.45
C GLN E 13 86.63 -25.03 -54.84
N LYS E 14 85.41 -24.89 -55.33
CA LYS E 14 84.89 -23.60 -55.79
C LYS E 14 83.39 -23.59 -55.60
N LEU E 15 82.77 -22.45 -55.94
CA LEU E 15 81.33 -22.27 -55.84
C LEU E 15 80.75 -22.04 -57.23
N ILE E 16 79.65 -22.76 -57.53
CA ILE E 16 78.96 -22.64 -58.80
C ILE E 16 77.50 -22.33 -58.52
N GLU E 17 77.00 -21.24 -59.11
CA GLU E 17 75.61 -20.82 -58.91
C GLU E 17 74.78 -21.29 -60.10
N VAL E 18 73.73 -22.04 -59.82
CA VAL E 18 72.82 -22.53 -60.85
C VAL E 18 71.41 -22.11 -60.47
N ASP E 19 70.52 -22.11 -61.47
CA ASP E 19 69.15 -21.67 -61.25
C ASP E 19 68.12 -22.65 -61.79
N ASP E 20 68.46 -23.36 -62.87
CA ASP E 20 67.51 -24.23 -63.53
C ASP E 20 67.18 -25.43 -62.64
N GLU E 21 65.92 -25.53 -62.22
CA GLU E 21 65.54 -26.54 -61.25
C GLU E 21 65.54 -27.95 -61.85
N ARG E 22 65.53 -28.07 -63.18
CA ARG E 22 65.68 -29.38 -63.79
C ARG E 22 67.03 -30.01 -63.44
N LYS E 23 68.07 -29.19 -63.37
CA LYS E 23 69.39 -29.68 -63.00
C LYS E 23 69.42 -30.12 -61.53
N LEU E 24 68.71 -29.41 -60.66
CA LEU E 24 68.78 -29.68 -59.23
C LEU E 24 67.88 -30.83 -58.79
N ARG E 25 66.84 -31.15 -59.55
CA ARG E 25 65.92 -32.18 -59.10
C ARG E 25 66.49 -33.58 -59.18
N THR E 26 67.62 -33.77 -59.88
CA THR E 26 68.33 -35.04 -59.78
C THR E 26 68.96 -35.22 -58.41
N PHE E 27 69.07 -34.14 -57.63
CA PHE E 27 69.56 -34.20 -56.26
C PHE E 27 68.44 -34.18 -55.23
N TYR E 28 67.27 -33.64 -55.58
CA TYR E 28 66.21 -33.49 -54.62
C TYR E 28 65.68 -34.85 -54.18
N GLU E 29 65.12 -34.88 -52.97
CA GLU E 29 64.63 -36.11 -52.34
C GLU E 29 65.74 -37.16 -52.22
N LYS E 30 66.91 -36.72 -51.79
CA LYS E 30 68.05 -37.61 -51.59
C LYS E 30 68.67 -37.34 -50.22
N ARG E 31 69.07 -38.41 -49.54
CA ARG E 31 69.74 -38.28 -48.27
C ARG E 31 71.24 -38.05 -48.48
N MET E 32 71.93 -37.75 -47.39
CA MET E 32 73.36 -37.55 -47.45
C MET E 32 74.09 -38.87 -47.69
N ALA E 33 75.36 -38.76 -48.06
CA ALA E 33 76.25 -39.90 -48.27
C ALA E 33 75.73 -40.83 -49.36
N THR E 34 75.03 -40.27 -50.34
CA THR E 34 74.64 -41.00 -51.53
C THR E 34 75.21 -40.30 -52.76
N GLU E 35 75.65 -41.10 -53.73
CA GLU E 35 76.34 -40.60 -54.91
C GLU E 35 75.36 -40.63 -56.08
N VAL E 36 74.95 -39.45 -56.53
CA VAL E 36 74.02 -39.31 -57.65
C VAL E 36 74.76 -38.66 -58.80
N ALA E 37 74.68 -39.29 -59.97
CA ALA E 37 75.40 -38.82 -61.14
C ALA E 37 74.91 -37.44 -61.56
N ALA E 38 75.82 -36.46 -61.51
CA ALA E 38 75.48 -35.08 -61.85
C ALA E 38 75.62 -34.84 -63.35
N ASP E 39 74.77 -35.54 -64.11
CA ASP E 39 74.82 -35.48 -65.55
C ASP E 39 73.95 -34.38 -66.15
N ALA E 40 73.06 -33.79 -65.36
CA ALA E 40 72.06 -32.85 -65.87
C ALA E 40 72.50 -31.40 -65.73
N LEU E 41 73.74 -31.14 -65.33
CA LEU E 41 74.22 -29.78 -65.08
C LEU E 41 74.97 -29.31 -66.32
N GLY E 42 74.21 -28.97 -67.36
CA GLY E 42 74.86 -28.57 -68.60
C GLY E 42 75.48 -29.76 -69.32
N GLU E 43 76.33 -29.44 -70.30
CA GLU E 43 76.94 -30.45 -71.14
C GLU E 43 78.36 -30.82 -70.72
N GLU E 44 78.97 -30.05 -69.82
CA GLU E 44 80.32 -30.33 -69.34
C GLU E 44 80.32 -31.23 -68.12
N TRP E 45 79.17 -31.78 -67.74
CA TRP E 45 79.06 -32.59 -66.54
C TRP E 45 78.71 -34.05 -66.83
N LYS E 46 78.96 -34.49 -68.07
CA LYS E 46 78.72 -35.89 -68.40
C LYS E 46 79.75 -36.78 -67.73
N GLY E 47 79.32 -38.01 -67.43
CA GLY E 47 80.22 -38.99 -66.83
C GLY E 47 80.65 -38.68 -65.41
N TYR E 48 80.09 -37.65 -64.80
CA TYR E 48 80.46 -37.23 -63.45
C TYR E 48 79.42 -37.74 -62.48
N VAL E 49 79.87 -38.40 -61.41
CA VAL E 49 79.02 -38.76 -60.29
C VAL E 49 79.55 -38.05 -59.05
N VAL E 50 78.66 -37.39 -58.33
CA VAL E 50 79.03 -36.56 -57.19
C VAL E 50 78.14 -36.97 -56.01
N ARG E 51 78.64 -36.76 -54.80
CA ARG E 51 77.98 -37.22 -53.59
C ARG E 51 77.50 -36.03 -52.76
N ILE E 52 76.27 -36.15 -52.25
CA ILE E 52 75.70 -35.13 -51.38
C ILE E 52 76.36 -35.25 -50.01
N SER E 53 77.25 -34.30 -49.70
CA SER E 53 78.04 -34.38 -48.48
C SER E 53 77.72 -33.30 -47.46
N GLY E 54 76.80 -32.38 -47.74
CA GLY E 54 76.44 -31.37 -46.76
C GLY E 54 75.60 -30.28 -47.40
N GLY E 55 75.41 -29.23 -46.63
CA GLY E 55 74.68 -28.08 -47.11
C GLY E 55 74.16 -27.25 -45.95
N ASN E 56 73.51 -26.15 -46.30
CA ASN E 56 72.95 -25.23 -45.33
C ASN E 56 71.47 -25.02 -45.62
N ASP E 57 70.84 -24.17 -44.81
CA ASP E 57 69.44 -23.84 -44.98
C ASP E 57 69.36 -22.44 -45.59
N LYS E 58 68.15 -21.95 -45.83
CA LYS E 58 67.98 -20.57 -46.25
C LYS E 58 68.54 -19.60 -45.23
N GLN E 59 68.51 -19.97 -43.96
CA GLN E 59 69.05 -19.14 -42.89
C GLN E 59 70.44 -19.57 -42.46
N GLY E 60 71.04 -20.54 -43.16
CA GLY E 60 72.35 -21.03 -42.80
C GLY E 60 72.38 -22.17 -41.81
N PHE E 61 71.25 -22.80 -41.54
CA PHE E 61 71.22 -23.90 -40.60
C PHE E 61 71.93 -25.11 -41.22
N PRO E 62 72.94 -25.67 -40.57
CA PRO E 62 73.62 -26.84 -41.12
C PRO E 62 72.72 -28.05 -41.11
N MET E 63 72.98 -28.97 -42.03
CA MET E 63 72.21 -30.20 -42.16
C MET E 63 72.97 -31.39 -41.60
N LYS E 64 72.32 -32.13 -40.71
CA LYS E 64 72.95 -33.18 -39.93
C LYS E 64 72.53 -34.55 -40.43
N GLN E 65 73.51 -35.45 -40.56
CA GLN E 65 73.28 -36.78 -41.10
C GLN E 65 72.33 -37.58 -40.21
N GLY E 66 71.33 -38.20 -40.82
CA GLY E 66 70.43 -39.07 -40.10
C GLY E 66 69.26 -38.38 -39.42
N VAL E 67 69.10 -37.07 -39.59
CA VAL E 67 67.93 -36.39 -39.04
C VAL E 67 66.67 -36.86 -39.75
N LEU E 68 66.77 -37.12 -41.04
CA LEU E 68 65.72 -37.79 -41.82
C LEU E 68 64.44 -36.95 -41.85
N THR E 69 64.57 -35.73 -42.34
CA THR E 69 63.42 -34.89 -42.65
C THR E 69 63.84 -33.83 -43.66
N HIS E 70 62.84 -33.19 -44.24
CA HIS E 70 63.04 -32.05 -45.12
C HIS E 70 62.49 -30.84 -44.37
N GLY E 71 63.33 -30.26 -43.55
CA GLY E 71 62.92 -29.17 -42.68
C GLY E 71 63.93 -29.00 -41.56
N ARG E 72 63.44 -28.48 -40.43
CA ARG E 72 64.30 -28.16 -39.30
C ARG E 72 63.73 -28.76 -38.03
N VAL E 73 64.62 -29.27 -37.18
CA VAL E 73 64.25 -29.74 -35.85
C VAL E 73 65.28 -29.23 -34.86
N ARG E 74 64.87 -29.15 -33.60
CA ARG E 74 65.77 -28.79 -32.51
C ARG E 74 66.22 -30.07 -31.83
N LEU E 75 67.53 -30.28 -31.77
CA LEU E 75 68.12 -31.45 -31.13
C LEU E 75 69.04 -30.99 -30.01
N LEU E 76 68.96 -31.68 -28.88
CA LEU E 76 69.85 -31.39 -27.75
C LEU E 76 71.22 -31.96 -28.09
N LEU E 77 72.05 -31.12 -28.69
CA LEU E 77 73.35 -31.54 -29.20
C LEU E 77 74.41 -31.39 -28.11
N SER E 78 75.08 -32.48 -27.79
CA SER E 78 76.18 -32.50 -26.83
C SER E 78 77.52 -32.49 -27.58
N LYS E 79 78.60 -32.67 -26.83
CA LYS E 79 79.94 -32.68 -27.41
C LYS E 79 80.11 -33.83 -28.39
N GLY E 80 80.73 -33.52 -29.53
CA GLY E 80 81.11 -34.55 -30.48
C GLY E 80 79.99 -35.09 -31.34
N HIS E 81 78.80 -34.49 -31.32
CA HIS E 81 77.73 -35.02 -32.14
C HIS E 81 77.86 -34.53 -33.58
N SER E 82 77.63 -33.23 -33.80
CA SER E 82 77.86 -32.53 -35.05
C SER E 82 77.44 -31.08 -34.84
N CYS E 83 77.93 -30.20 -35.70
CA CYS E 83 77.41 -28.84 -35.86
C CYS E 83 77.48 -28.02 -34.58
N TYR E 84 78.34 -28.40 -33.64
CA TYR E 84 78.31 -27.78 -32.32
C TYR E 84 79.63 -28.02 -31.60
N ARG E 85 80.06 -27.00 -30.86
CA ARG E 85 81.21 -27.13 -29.98
C ARG E 85 80.83 -26.64 -28.59
N PRO E 86 81.16 -27.40 -27.54
CA PRO E 86 80.80 -26.98 -26.18
C PRO E 86 81.75 -25.93 -25.65
N ARG E 87 81.18 -24.97 -24.92
CA ARG E 87 81.99 -23.92 -24.29
C ARG E 87 82.51 -24.33 -22.92
N ARG E 88 82.08 -25.48 -22.41
CA ARG E 88 82.63 -26.04 -21.19
C ARG E 88 82.39 -27.54 -21.21
N THR E 89 83.10 -28.24 -20.33
CA THR E 89 83.05 -29.69 -20.35
C THR E 89 81.67 -30.20 -19.96
N GLY E 90 81.12 -31.08 -20.78
CA GLY E 90 79.82 -31.67 -20.54
C GLY E 90 78.63 -30.83 -20.95
N GLU E 91 78.85 -29.60 -21.40
CA GLU E 91 77.74 -28.74 -21.77
C GLU E 91 77.05 -29.25 -23.02
N ARG E 92 75.72 -29.27 -22.97
CA ARG E 92 74.89 -29.58 -24.13
C ARG E 92 73.97 -28.40 -24.39
N LYS E 93 73.47 -28.32 -25.62
CA LYS E 93 72.65 -27.19 -26.01
C LYS E 93 71.80 -27.58 -27.21
N ARG E 94 70.57 -27.10 -27.24
CA ARG E 94 69.62 -27.45 -28.29
C ARG E 94 69.73 -26.46 -29.44
N LYS E 95 70.11 -26.96 -30.61
CA LYS E 95 70.24 -26.15 -31.81
C LYS E 95 69.33 -26.67 -32.90
N SER E 96 68.86 -25.75 -33.74
CA SER E 96 67.99 -26.08 -34.86
C SER E 96 68.82 -26.42 -36.08
N VAL E 97 68.57 -27.59 -36.68
CA VAL E 97 69.38 -28.07 -37.79
C VAL E 97 68.49 -28.58 -38.91
N ARG E 98 69.00 -28.45 -40.14
CA ARG E 98 68.35 -28.99 -41.32
C ARG E 98 68.45 -30.52 -41.35
N GLY E 99 67.41 -31.15 -41.88
CA GLY E 99 67.43 -32.59 -42.05
C GLY E 99 68.33 -33.02 -43.19
N CYS E 100 68.60 -34.32 -43.24
CA CYS E 100 69.52 -34.84 -44.25
C CYS E 100 68.91 -34.86 -45.65
N ILE E 101 67.59 -34.88 -45.76
CA ILE E 101 66.93 -34.80 -47.07
C ILE E 101 66.97 -33.37 -47.56
N VAL E 102 67.31 -33.20 -48.84
CA VAL E 102 67.45 -31.88 -49.44
C VAL E 102 66.17 -31.54 -50.21
N ASP E 103 65.93 -30.24 -50.36
CA ASP E 103 64.85 -29.74 -51.20
C ASP E 103 65.29 -28.39 -51.77
N ALA E 104 64.32 -27.62 -52.28
CA ALA E 104 64.60 -26.32 -52.85
C ALA E 104 65.05 -25.30 -51.81
N ASN E 105 64.83 -25.55 -50.53
CA ASN E 105 65.16 -24.60 -49.48
C ASN E 105 66.52 -24.91 -48.86
N LEU E 106 67.54 -24.91 -49.69
CA LEU E 106 68.92 -24.98 -49.24
C LEU E 106 69.69 -23.87 -49.93
N SER E 107 70.34 -23.01 -49.13
CA SER E 107 71.14 -21.94 -49.71
C SER E 107 72.31 -22.51 -50.50
N VAL E 108 72.98 -23.51 -49.94
CA VAL E 108 74.09 -24.17 -50.60
C VAL E 108 73.80 -25.65 -50.70
N LEU E 109 74.76 -26.38 -51.25
CA LEU E 109 74.71 -27.83 -51.33
C LEU E 109 76.13 -28.35 -51.51
N ASN E 110 76.69 -28.92 -50.45
CA ASN E 110 78.05 -29.43 -50.51
C ASN E 110 78.07 -30.71 -51.33
N LEU E 111 78.86 -30.71 -52.40
CA LEU E 111 78.96 -31.83 -53.31
C LEU E 111 80.44 -32.17 -53.50
N VAL E 112 80.78 -33.44 -53.35
CA VAL E 112 82.17 -33.90 -53.47
C VAL E 112 82.22 -34.98 -54.54
N ILE E 113 83.12 -34.83 -55.51
CA ILE E 113 83.21 -35.78 -56.60
C ILE E 113 83.81 -37.08 -56.09
N VAL E 114 83.14 -38.20 -56.38
CA VAL E 114 83.58 -39.50 -55.89
C VAL E 114 84.26 -40.30 -56.99
N LYS E 115 83.87 -40.08 -58.24
CA LYS E 115 84.51 -40.75 -59.35
C LYS E 115 84.80 -39.76 -60.47
N LYS E 116 85.97 -39.90 -61.07
CA LYS E 116 86.39 -39.06 -62.17
C LYS E 116 85.59 -39.41 -63.43
N GLY E 117 85.27 -38.38 -64.21
CA GLY E 117 84.56 -38.60 -65.46
C GLY E 117 85.50 -38.84 -66.62
N GLU E 118 85.41 -38.02 -67.67
CA GLU E 118 86.27 -38.20 -68.83
C GLU E 118 87.13 -36.97 -69.10
N LYS E 119 86.58 -35.79 -68.85
CA LYS E 119 87.27 -34.54 -69.12
C LYS E 119 87.53 -33.82 -67.80
N ASP E 120 88.18 -32.66 -67.88
CA ASP E 120 88.56 -31.90 -66.70
C ASP E 120 87.76 -30.61 -66.62
N ILE E 121 87.09 -30.40 -65.48
CA ILE E 121 86.35 -29.16 -65.27
C ILE E 121 87.33 -28.00 -65.10
N PRO E 122 87.14 -26.89 -65.80
CA PRO E 122 88.08 -25.76 -65.67
C PRO E 122 88.12 -25.21 -64.26
N GLY E 123 89.33 -25.04 -63.73
CA GLY E 123 89.52 -24.51 -62.40
C GLY E 123 89.31 -25.50 -61.29
N LEU E 124 88.94 -26.75 -61.59
CA LEU E 124 88.61 -27.70 -60.54
C LEU E 124 89.37 -29.01 -60.69
N THR E 125 89.61 -29.49 -61.90
CA THR E 125 90.35 -30.74 -62.12
C THR E 125 91.76 -30.43 -62.59
N ASP E 126 92.34 -29.36 -62.06
CA ASP E 126 93.66 -28.88 -62.47
C ASP E 126 94.18 -27.94 -61.39
N THR E 127 95.45 -27.57 -61.52
CA THR E 127 96.21 -26.77 -60.55
C THR E 127 96.05 -27.32 -59.14
N THR E 128 96.54 -28.54 -58.94
CA THR E 128 96.35 -29.24 -57.68
C THR E 128 97.05 -28.51 -56.54
N VAL E 129 96.32 -28.25 -55.47
CA VAL E 129 96.88 -27.60 -54.29
C VAL E 129 97.69 -28.62 -53.50
N PRO E 130 98.90 -28.29 -53.07
CA PRO E 130 99.71 -29.27 -52.34
C PRO E 130 99.18 -29.47 -50.93
N ARG E 131 99.33 -30.68 -50.42
CA ARG E 131 99.06 -30.93 -49.02
C ARG E 131 100.01 -30.10 -48.17
N ARG E 132 99.46 -29.40 -47.18
CA ARG E 132 100.18 -28.31 -46.55
C ARG E 132 101.44 -28.79 -45.84
N LEU E 133 101.37 -29.93 -45.16
CA LEU E 133 102.48 -30.35 -44.32
C LEU E 133 102.50 -31.88 -44.25
N GLY E 134 103.70 -32.44 -44.28
CA GLY E 134 103.87 -33.87 -44.29
C GLY E 134 103.59 -34.49 -42.93
N PRO E 135 103.70 -35.81 -42.87
CA PRO E 135 103.48 -36.51 -41.60
C PRO E 135 104.54 -36.14 -40.57
N LYS E 136 104.12 -36.18 -39.30
CA LYS E 136 104.99 -35.80 -38.19
C LYS E 136 105.39 -36.97 -37.31
N ARG E 137 104.58 -38.04 -37.26
CA ARG E 137 104.93 -39.21 -36.50
C ARG E 137 106.11 -39.94 -37.15
N ALA E 138 106.86 -40.68 -36.33
CA ALA E 138 108.02 -41.40 -36.84
C ALA E 138 107.61 -42.46 -37.86
N SER E 139 106.67 -43.33 -37.49
CA SER E 139 106.30 -44.43 -38.37
C SER E 139 105.44 -43.99 -39.54
N ARG E 140 104.78 -42.83 -39.45
CA ARG E 140 103.94 -42.40 -40.56
C ARG E 140 104.77 -42.05 -41.78
N ILE E 141 105.94 -41.43 -41.58
CA ILE E 141 106.80 -41.16 -42.73
C ILE E 141 107.42 -42.45 -43.23
N ARG E 142 107.50 -43.47 -42.37
CA ARG E 142 107.96 -44.79 -42.83
C ARG E 142 106.96 -45.40 -43.79
N LYS E 143 105.67 -45.13 -43.57
CA LYS E 143 104.67 -45.53 -44.55
C LYS E 143 104.86 -44.78 -45.86
N LEU E 144 105.20 -43.50 -45.78
CA LEU E 144 105.29 -42.67 -46.99
C LEU E 144 106.44 -43.08 -47.88
N PHE E 145 107.60 -43.40 -47.30
CA PHE E 145 108.81 -43.68 -48.07
C PHE E 145 109.29 -45.12 -47.89
N ASN E 146 108.41 -46.01 -47.40
CA ASN E 146 108.68 -47.45 -47.32
C ASN E 146 109.93 -47.77 -46.50
N LEU E 147 110.06 -47.11 -45.35
CA LEU E 147 111.20 -47.36 -44.48
C LEU E 147 111.06 -48.71 -43.79
N SER E 148 112.14 -49.50 -43.78
CA SER E 148 112.12 -50.73 -42.99
C SER E 148 112.51 -50.46 -41.54
N LYS E 149 113.74 -49.99 -41.31
CA LYS E 149 114.21 -49.71 -39.96
C LYS E 149 115.45 -48.83 -40.02
N GLU E 150 115.36 -47.63 -39.43
CA GLU E 150 116.50 -46.74 -39.22
C GLU E 150 117.28 -46.46 -40.50
N ASP E 151 116.55 -46.23 -41.59
CA ASP E 151 117.17 -45.89 -42.87
C ASP E 151 117.16 -44.38 -43.10
N ASP E 152 117.94 -43.68 -42.27
CA ASP E 152 118.04 -42.21 -42.30
C ASP E 152 116.67 -41.55 -42.16
N VAL E 153 116.02 -41.87 -41.03
CA VAL E 153 114.69 -41.33 -40.76
C VAL E 153 114.77 -39.82 -40.53
N ARG E 154 115.87 -39.35 -39.94
CA ARG E 154 115.99 -37.93 -39.63
C ARG E 154 116.05 -37.08 -40.89
N GLN E 155 116.66 -37.61 -41.95
CA GLN E 155 116.78 -36.85 -43.20
C GLN E 155 115.57 -37.03 -44.11
N TYR E 156 114.86 -38.16 -43.98
CA TYR E 156 113.81 -38.49 -44.95
C TYR E 156 112.53 -37.70 -44.74
N VAL E 157 112.47 -36.84 -43.73
CA VAL E 157 111.34 -35.93 -43.55
C VAL E 157 111.39 -34.88 -44.66
N VAL E 158 110.30 -34.13 -44.81
CA VAL E 158 110.18 -33.10 -45.84
C VAL E 158 110.46 -31.74 -45.22
N ARG E 159 111.42 -31.02 -45.79
CA ARG E 159 111.80 -29.70 -45.30
C ARG E 159 110.96 -28.64 -46.00
N LYS E 160 110.23 -27.85 -45.24
CA LYS E 160 109.35 -26.82 -45.79
C LYS E 160 110.15 -25.54 -46.04
N PRO E 161 110.21 -25.04 -47.28
CA PRO E 161 110.99 -23.83 -47.55
C PRO E 161 110.27 -22.57 -47.11
N LEU E 162 111.07 -21.55 -46.78
CA LEU E 162 110.58 -20.24 -46.41
C LEU E 162 111.29 -19.21 -47.27
N ASN E 163 110.52 -18.38 -47.97
CA ASN E 163 111.06 -17.31 -48.80
C ASN E 163 110.25 -16.04 -48.54
N LYS E 164 110.67 -15.26 -47.55
CA LYS E 164 110.12 -13.94 -47.32
C LYS E 164 111.16 -12.88 -47.67
N GLU E 165 110.67 -11.70 -48.04
CA GLU E 165 111.54 -10.66 -48.59
C GLU E 165 112.55 -10.18 -47.57
N GLY E 166 112.12 -9.94 -46.33
CA GLY E 166 113.01 -9.42 -45.31
C GLY E 166 113.66 -10.49 -44.47
N LYS E 167 114.14 -11.56 -45.10
CA LYS E 167 114.83 -12.61 -44.38
C LYS E 167 115.71 -13.39 -45.36
N LYS E 168 116.71 -14.04 -44.80
CA LYS E 168 117.50 -15.01 -45.55
C LYS E 168 116.65 -16.25 -45.80
N PRO E 169 116.46 -16.68 -47.04
CA PRO E 169 115.67 -17.89 -47.29
C PRO E 169 116.27 -19.11 -46.60
N ARG E 170 115.40 -19.90 -45.98
CA ARG E 170 115.81 -21.07 -45.23
C ARG E 170 114.65 -22.04 -45.15
N THR E 171 114.96 -23.31 -44.95
CA THR E 171 113.95 -24.35 -44.88
C THR E 171 113.91 -24.95 -43.47
N LYS E 172 112.73 -25.44 -43.11
CA LYS E 172 112.43 -25.84 -41.74
C LYS E 172 112.09 -27.32 -41.69
N ALA E 173 112.71 -28.03 -40.75
CA ALA E 173 112.44 -29.45 -40.54
C ALA E 173 111.59 -29.61 -39.29
N PRO E 174 110.36 -30.10 -39.41
CA PRO E 174 109.53 -30.27 -38.21
C PRO E 174 110.11 -31.31 -37.27
N LYS E 175 109.85 -31.11 -35.98
CA LYS E 175 110.19 -32.11 -34.99
C LYS E 175 109.33 -33.35 -35.18
N ILE E 176 109.95 -34.52 -35.06
CA ILE E 176 109.28 -35.80 -35.22
C ILE E 176 109.26 -36.52 -33.88
N GLN E 177 108.13 -37.16 -33.57
CA GLN E 177 107.90 -37.74 -32.26
C GLN E 177 107.98 -39.26 -32.31
N ARG E 178 108.16 -39.87 -31.13
CA ARG E 178 108.10 -41.32 -30.94
C ARG E 178 109.23 -42.02 -31.70
N LEU E 179 110.45 -41.54 -31.49
CA LEU E 179 111.63 -42.02 -32.18
C LEU E 179 112.35 -43.10 -31.36
N VAL E 180 113.50 -43.50 -31.88
CA VAL E 180 114.48 -44.25 -31.13
C VAL E 180 115.65 -43.30 -30.91
N THR E 181 115.70 -42.70 -29.73
CA THR E 181 116.67 -41.67 -29.42
C THR E 181 117.41 -42.06 -28.16
N PRO E 182 118.71 -41.76 -28.06
CA PRO E 182 119.44 -42.05 -26.82
C PRO E 182 118.81 -41.40 -25.59
N ARG E 183 118.13 -40.27 -25.76
CA ARG E 183 117.38 -39.70 -24.65
C ARG E 183 116.28 -40.63 -24.19
N VAL E 184 115.51 -41.18 -25.13
CA VAL E 184 114.42 -42.09 -24.77
C VAL E 184 114.96 -43.38 -24.20
N LEU E 185 116.01 -43.94 -24.82
CA LEU E 185 116.59 -45.17 -24.33
C LEU E 185 117.21 -44.98 -22.95
N GLN E 186 117.71 -43.77 -22.67
CA GLN E 186 118.17 -43.45 -21.33
C GLN E 186 117.02 -43.50 -20.33
N HIS E 187 115.85 -43.02 -20.74
CA HIS E 187 114.66 -43.13 -19.88
C HIS E 187 114.29 -44.58 -19.66
N LYS E 188 114.46 -45.43 -20.67
CA LYS E 188 114.13 -46.84 -20.53
C LYS E 188 115.03 -47.51 -19.50
N ARG E 189 116.34 -47.24 -19.58
CA ARG E 189 117.26 -47.77 -18.58
C ARG E 189 116.98 -47.18 -17.21
N ARG E 190 116.62 -45.90 -17.15
CA ARG E 190 116.33 -45.26 -15.88
C ARG E 190 115.11 -45.89 -15.21
N ARG E 191 114.00 -46.00 -15.94
CA ARG E 191 112.77 -46.50 -15.36
C ARG E 191 112.86 -47.98 -15.03
N ILE E 192 113.73 -48.72 -15.72
CA ILE E 192 113.93 -50.12 -15.38
C ILE E 192 114.93 -50.28 -14.24
N ALA E 193 115.81 -49.29 -14.04
CA ALA E 193 116.69 -49.31 -12.89
C ALA E 193 115.95 -48.96 -11.60
N LEU E 194 114.87 -48.18 -11.70
CA LEU E 194 114.07 -47.85 -10.53
C LEU E 194 113.49 -49.12 -9.90
N LYS E 195 113.11 -50.08 -10.75
CA LYS E 195 112.65 -51.36 -10.23
C LYS E 195 113.77 -52.11 -9.52
N LYS E 196 115.02 -51.91 -9.96
CA LYS E 196 116.13 -52.70 -9.44
C LYS E 196 116.39 -52.40 -7.97
N GLN E 197 116.51 -51.11 -7.62
CA GLN E 197 116.76 -50.79 -6.22
C GLN E 197 115.49 -50.90 -5.38
N ARG E 198 114.32 -50.85 -6.02
CA ARG E 198 113.08 -51.08 -5.28
C ARG E 198 112.97 -52.53 -4.85
N THR E 199 113.32 -53.45 -5.75
CA THR E 199 113.34 -54.86 -5.40
C THR E 199 114.46 -55.15 -4.40
N LYS E 200 115.59 -54.45 -4.54
CA LYS E 200 116.67 -54.61 -3.58
C LYS E 200 116.24 -54.17 -2.20
N LYS E 201 115.59 -53.00 -2.11
CA LYS E 201 115.07 -52.53 -0.83
C LYS E 201 114.00 -53.48 -0.30
N ASN E 202 113.16 -53.99 -1.19
CA ASN E 202 112.11 -54.94 -0.79
C ASN E 202 112.72 -56.17 -0.13
N LYS E 203 113.84 -56.66 -0.69
CA LYS E 203 114.46 -57.86 -0.14
C LYS E 203 115.15 -57.57 1.20
N GLU E 204 115.88 -56.47 1.28
CA GLU E 204 116.65 -56.22 2.50
C GLU E 204 115.78 -55.73 3.64
N GLU E 205 114.68 -55.04 3.33
CA GLU E 205 113.75 -54.64 4.38
C GLU E 205 113.10 -55.85 5.03
N ALA E 206 112.74 -56.85 4.23
CA ALA E 206 112.24 -58.11 4.78
C ALA E 206 113.34 -58.84 5.55
N ALA E 207 114.57 -58.79 5.04
CA ALA E 207 115.66 -59.51 5.68
C ALA E 207 115.99 -58.92 7.05
N GLU E 208 116.15 -57.60 7.11
CA GLU E 208 116.47 -56.94 8.36
C GLU E 208 115.34 -57.12 9.37
N TYR E 209 114.09 -57.02 8.92
CA TYR E 209 112.96 -57.21 9.82
C TYR E 209 112.92 -58.63 10.37
N ALA E 210 113.17 -59.62 9.51
CA ALA E 210 113.19 -61.00 9.97
C ALA E 210 114.30 -61.24 10.98
N LYS E 211 115.38 -60.48 10.86
CA LYS E 211 116.47 -60.59 11.84
C LYS E 211 116.04 -60.11 13.22
N LEU E 212 115.46 -58.91 13.28
CA LEU E 212 115.01 -58.38 14.56
C LEU E 212 113.84 -59.19 15.11
N LEU E 213 112.91 -59.57 14.24
CA LEU E 213 111.79 -60.40 14.66
C LEU E 213 112.28 -61.73 15.22
N ALA E 214 113.39 -62.24 14.70
CA ALA E 214 113.99 -63.43 15.28
C ALA E 214 114.51 -63.16 16.69
N LYS E 215 115.13 -62.00 16.90
CA LYS E 215 115.72 -61.70 18.19
C LYS E 215 114.65 -61.46 19.24
N ARG E 216 113.63 -60.68 18.91
CA ARG E 216 112.58 -60.34 19.88
C ARG E 216 111.81 -61.57 20.32
N MET E 217 111.43 -62.43 19.37
CA MET E 217 110.60 -63.58 19.68
C MET E 217 111.34 -64.60 20.54
N LYS E 218 112.63 -64.77 20.31
CA LYS E 218 113.41 -65.73 21.11
C LYS E 218 113.57 -65.24 22.54
N GLU E 219 113.69 -63.92 22.74
CA GLU E 219 113.74 -63.38 24.09
C GLU E 219 112.42 -63.60 24.82
N ALA E 220 111.31 -63.37 24.12
CA ALA E 220 109.99 -63.55 24.74
C ALA E 220 109.75 -65.02 25.07
N LYS E 221 110.09 -65.93 24.16
CA LYS E 221 109.97 -67.35 24.44
C LYS E 221 110.95 -67.80 25.51
N GLU E 222 112.08 -67.09 25.65
CA GLU E 222 112.98 -67.38 26.77
C GLU E 222 112.39 -66.93 28.09
N LYS E 223 111.64 -65.82 28.09
CA LYS E 223 110.89 -65.44 29.28
C LYS E 223 109.83 -66.48 29.60
N ARG E 224 109.20 -67.03 28.56
CA ARG E 224 108.28 -68.15 28.77
C ARG E 224 109.01 -69.36 29.34
N GLN E 225 110.26 -69.56 28.94
CA GLN E 225 111.07 -70.62 29.53
C GLN E 225 111.35 -70.33 31.00
N GLU E 226 111.40 -69.04 31.37
CA GLU E 226 111.62 -68.70 32.78
C GLU E 226 110.42 -69.08 33.62
N GLN E 227 109.20 -68.90 33.10
CA GLN E 227 108.02 -69.33 33.83
C GLN E 227 107.93 -70.85 33.87
N ILE E 228 108.47 -71.52 32.84
CA ILE E 228 108.57 -72.98 32.89
C ILE E 228 109.43 -73.40 34.07
N ALA E 229 110.56 -72.71 34.28
CA ALA E 229 111.44 -73.02 35.39
C ALA E 229 110.79 -72.64 36.73
N LYS E 230 110.00 -71.57 36.73
CA LYS E 230 109.42 -71.09 37.99
C LYS E 230 108.44 -72.10 38.58
N ARG E 231 107.62 -72.72 37.73
CA ARG E 231 106.66 -73.69 38.22
C ARG E 231 107.27 -75.06 38.48
N ARG E 232 108.42 -75.35 37.86
CA ARG E 232 109.03 -76.68 37.95
C ARG E 232 110.13 -76.77 39.00
N ARG E 233 110.75 -75.66 39.38
CA ARG E 233 111.82 -75.68 40.36
C ARG E 233 111.33 -75.87 41.78
N LEU E 234 110.01 -75.82 42.00
CA LEU E 234 109.44 -75.91 43.34
C LEU E 234 108.22 -76.82 43.27
N SER E 235 108.28 -77.95 43.96
CA SER E 235 107.23 -78.95 43.86
C SER E 235 106.56 -79.27 45.19
N SER E 236 107.33 -79.40 46.26
CA SER E 236 106.80 -79.79 47.57
C SER E 236 106.98 -78.74 48.64
N LEU E 237 108.01 -77.91 48.57
CA LEU E 237 108.29 -76.91 49.59
C LEU E 237 107.29 -75.76 49.51
N SER F 1 89.26 -76.20 86.40
CA SER F 1 88.11 -75.33 86.18
C SER F 1 86.98 -76.09 85.51
N ALA F 2 85.78 -75.52 85.54
CA ALA F 2 84.60 -76.13 84.93
C ALA F 2 83.94 -75.12 84.00
N LYS F 3 83.64 -75.55 82.78
CA LYS F 3 83.01 -74.69 81.77
C LYS F 3 81.95 -75.53 81.06
N ILE F 4 80.69 -75.37 81.47
CA ILE F 4 79.57 -76.11 80.90
C ILE F 4 78.56 -75.19 80.22
N VAL F 5 78.33 -74.01 80.76
CA VAL F 5 77.29 -73.10 80.26
C VAL F 5 77.95 -71.77 79.94
N LYS F 6 78.43 -71.62 78.71
CA LYS F 6 78.96 -70.35 78.20
C LYS F 6 79.02 -70.37 76.67
N PRO F 7 77.88 -70.24 75.98
CA PRO F 7 77.90 -70.22 74.51
C PRO F 7 78.04 -68.83 73.94
N ASN F 8 79.01 -68.65 73.05
CA ASN F 8 79.21 -67.38 72.35
C ASN F 8 80.15 -67.63 71.18
N GLY F 9 80.33 -66.60 70.35
CA GLY F 9 81.18 -66.75 69.18
C GLY F 9 82.62 -67.06 69.54
N GLU F 10 83.16 -66.39 70.55
CA GLU F 10 84.53 -66.61 70.99
C GLU F 10 84.56 -67.78 71.97
N LYS F 11 85.26 -68.85 71.59
CA LYS F 11 85.26 -70.07 72.40
C LYS F 11 85.87 -69.88 73.79
N PRO F 12 87.03 -69.26 73.98
CA PRO F 12 87.53 -69.04 75.33
C PRO F 12 86.87 -67.83 75.98
N ASP F 13 87.12 -67.69 77.28
CA ASP F 13 86.62 -66.55 78.05
C ASP F 13 87.72 -66.02 78.94
N GLU F 14 87.68 -64.71 79.22
CA GLU F 14 88.59 -64.05 80.13
C GLU F 14 87.77 -63.38 81.21
N PHE F 15 87.90 -63.90 82.44
CA PHE F 15 87.27 -63.38 83.66
C PHE F 15 85.77 -63.67 83.66
N GLU F 16 85.24 -64.11 82.52
CA GLU F 16 83.87 -64.60 82.45
C GLU F 16 83.76 -66.04 82.87
N SER F 17 84.89 -66.76 82.93
CA SER F 17 84.89 -68.09 83.51
C SER F 17 84.52 -68.07 84.98
N GLY F 18 84.78 -66.95 85.66
CA GLY F 18 84.34 -66.82 87.04
C GLY F 18 82.82 -66.81 87.15
N ILE F 19 82.15 -66.14 86.22
CA ILE F 19 80.69 -66.11 86.25
C ILE F 19 80.11 -67.46 85.87
N SER F 20 80.66 -68.10 84.84
CA SER F 20 80.18 -69.42 84.45
C SER F 20 80.40 -70.43 85.57
N GLN F 21 81.53 -70.33 86.28
CA GLN F 21 81.76 -71.16 87.45
C GLN F 21 80.75 -70.87 88.54
N ALA F 22 80.46 -69.59 88.77
CA ALA F 22 79.54 -69.21 89.84
C ALA F 22 78.14 -69.72 89.59
N LEU F 23 77.67 -69.66 88.34
CA LEU F 23 76.33 -70.12 88.04
C LEU F 23 76.26 -71.64 88.01
N LEU F 24 77.36 -72.32 87.67
CA LEU F 24 77.31 -73.78 87.69
C LEU F 24 77.38 -74.33 89.10
N GLU F 25 78.03 -73.62 90.03
CA GLU F 25 77.94 -73.99 91.43
C GLU F 25 76.72 -73.34 92.10
N LEU F 26 75.96 -72.54 91.36
CA LEU F 26 74.64 -72.10 91.81
C LEU F 26 73.64 -73.24 91.80
N GLU F 27 74.01 -74.39 91.24
CA GLU F 27 73.28 -75.63 91.44
C GLU F 27 73.03 -75.86 92.93
N MET F 28 71.92 -76.53 93.23
CA MET F 28 71.46 -76.76 94.60
C MET F 28 71.23 -75.44 95.32
N ASN F 29 70.30 -74.66 94.79
CA ASN F 29 69.78 -73.46 95.43
C ASN F 29 68.29 -73.66 95.71
N SER F 30 67.63 -72.58 96.13
CA SER F 30 66.23 -72.66 96.55
C SER F 30 65.33 -72.56 95.31
N ASP F 31 65.33 -73.64 94.52
CA ASP F 31 64.42 -73.84 93.40
C ASP F 31 64.58 -72.74 92.33
N LEU F 32 65.83 -72.60 91.86
CA LEU F 32 66.13 -71.74 90.73
C LEU F 32 66.68 -72.49 89.52
N LYS F 33 67.27 -73.67 89.73
CA LYS F 33 67.77 -74.46 88.61
C LYS F 33 66.65 -75.06 87.78
N ALA F 34 65.44 -75.13 88.32
CA ALA F 34 64.30 -75.65 87.57
C ALA F 34 63.90 -74.72 86.43
N GLN F 35 64.41 -73.49 86.39
CA GLN F 35 64.17 -72.58 85.29
C GLN F 35 65.47 -71.92 84.83
N LEU F 36 66.61 -72.53 85.16
CA LEU F 36 67.91 -72.00 84.76
C LEU F 36 68.70 -72.95 83.86
N ARG F 37 68.47 -74.26 83.93
CA ARG F 37 69.17 -75.19 83.05
C ARG F 37 68.80 -74.99 81.59
N GLU F 38 67.65 -74.37 81.33
CA GLU F 38 67.19 -74.08 79.99
C GLU F 38 67.78 -72.79 79.43
N LEU F 39 68.60 -72.10 80.21
CA LEU F 39 69.14 -70.80 79.84
C LEU F 39 70.66 -70.88 79.77
N ASN F 40 71.27 -69.79 79.31
CA ASN F 40 72.72 -69.72 79.21
C ASN F 40 73.16 -68.27 79.24
N ILE F 41 74.46 -68.07 79.47
CA ILE F 41 75.05 -66.75 79.58
C ILE F 41 75.99 -66.54 78.40
N THR F 42 75.81 -65.43 77.69
CA THR F 42 76.61 -65.14 76.50
C THR F 42 78.02 -64.70 76.88
N ALA F 43 78.14 -63.59 77.60
CA ALA F 43 79.45 -63.05 77.94
C ALA F 43 79.34 -62.19 79.19
N ALA F 44 80.49 -61.99 79.84
CA ALA F 44 80.58 -61.16 81.03
C ALA F 44 81.62 -60.07 80.81
N LYS F 45 81.46 -58.98 81.55
CA LYS F 45 82.35 -57.82 81.41
C LYS F 45 82.43 -57.14 82.77
N GLU F 46 83.44 -56.27 82.92
CA GLU F 46 83.66 -55.53 84.15
C GLU F 46 83.86 -54.05 83.83
N ILE F 47 83.28 -53.18 84.67
CA ILE F 47 83.41 -51.74 84.53
C ILE F 47 83.71 -51.13 85.89
N GLU F 48 84.31 -49.95 85.87
CA GLU F 48 84.56 -49.15 87.07
C GLU F 48 83.62 -47.96 87.07
N VAL F 49 82.91 -47.76 88.17
CA VAL F 49 81.93 -46.70 88.31
C VAL F 49 82.31 -45.83 89.48
N GLY F 50 82.31 -44.51 89.26
CA GLY F 50 82.47 -43.55 90.35
C GLY F 50 83.80 -43.72 91.06
N GLY F 51 83.73 -44.19 92.31
CA GLY F 51 84.92 -44.44 93.09
C GLY F 51 85.36 -45.89 93.02
N GLY F 52 85.23 -46.62 94.12
CA GLY F 52 85.60 -48.01 94.17
C GLY F 52 84.58 -48.98 93.67
N ARG F 53 83.46 -48.48 93.12
CA ARG F 53 82.41 -49.35 92.64
C ARG F 53 82.88 -50.16 91.44
N LYS F 54 82.60 -51.45 91.47
CA LYS F 54 82.86 -52.34 90.34
C LYS F 54 81.56 -53.04 89.98
N ALA F 55 81.27 -53.12 88.69
CA ALA F 55 80.03 -53.71 88.22
C ALA F 55 80.32 -54.72 87.11
N ILE F 56 79.52 -55.77 87.08
CA ILE F 56 79.64 -56.79 86.04
C ILE F 56 78.41 -56.72 85.14
N ILE F 57 78.61 -57.10 83.89
CA ILE F 57 77.57 -57.07 82.87
C ILE F 57 77.41 -58.47 82.31
N ILE F 58 76.18 -58.97 82.29
CA ILE F 58 75.89 -60.33 81.86
C ILE F 58 75.00 -60.27 80.63
N PHE F 59 75.44 -60.94 79.57
CA PHE F 59 74.77 -60.87 78.27
C PHE F 59 73.90 -62.09 78.04
N VAL F 60 72.74 -61.86 77.44
CA VAL F 60 71.80 -62.94 77.14
C VAL F 60 71.32 -62.79 75.70
N PRO F 61 71.01 -63.88 75.00
CA PRO F 61 70.40 -63.74 73.67
C PRO F 61 68.99 -63.20 73.76
N VAL F 62 68.53 -62.64 72.65
CA VAL F 62 67.19 -62.03 72.61
C VAL F 62 66.09 -63.05 72.90
N PRO F 63 66.08 -64.27 72.34
CA PRO F 63 65.05 -65.24 72.76
C PRO F 63 65.14 -65.59 74.24
N GLN F 64 66.30 -65.42 74.87
CA GLN F 64 66.46 -65.68 76.29
C GLN F 64 66.31 -64.44 77.14
N LEU F 65 65.95 -63.31 76.55
CA LEU F 65 65.72 -62.10 77.34
C LEU F 65 64.51 -62.28 78.27
N LYS F 66 63.39 -62.71 77.71
CA LYS F 66 62.17 -62.78 78.50
C LYS F 66 62.25 -63.83 79.59
N SER F 67 62.92 -64.95 79.30
CA SER F 67 63.07 -66.00 80.30
C SER F 67 63.85 -65.51 81.50
N PHE F 68 64.88 -64.71 81.28
CA PHE F 68 65.63 -64.15 82.39
C PHE F 68 64.80 -63.11 83.13
N GLN F 69 63.99 -62.35 82.41
CA GLN F 69 63.27 -61.22 83.00
C GLN F 69 62.30 -61.67 84.07
N LYS F 70 61.56 -62.75 83.83
CA LYS F 70 60.51 -63.17 84.74
C LYS F 70 61.05 -63.53 86.13
N ILE F 71 62.34 -63.80 86.24
CA ILE F 71 62.97 -64.15 87.51
C ILE F 71 64.17 -63.24 87.74
N GLN F 72 64.22 -62.13 87.01
CA GLN F 72 65.40 -61.28 87.05
C GLN F 72 65.61 -60.66 88.42
N VAL F 73 64.53 -60.21 89.05
CA VAL F 73 64.65 -59.61 90.38
C VAL F 73 65.09 -60.64 91.42
N ARG F 74 64.91 -61.93 91.13
CA ARG F 74 65.23 -62.96 92.13
C ARG F 74 66.74 -63.16 92.25
N LEU F 75 67.38 -63.61 91.17
CA LEU F 75 68.75 -64.11 91.25
C LEU F 75 69.77 -63.01 91.51
N VAL F 76 69.46 -61.75 91.21
CA VAL F 76 70.47 -60.71 91.23
C VAL F 76 70.96 -60.45 92.64
N ARG F 77 70.07 -60.55 93.64
CA ARG F 77 70.50 -60.38 95.03
C ARG F 77 71.37 -61.55 95.49
N GLU F 78 71.20 -62.72 94.87
CA GLU F 78 72.08 -63.85 95.15
C GLU F 78 73.45 -63.63 94.55
N LEU F 79 73.50 -63.13 93.30
CA LEU F 79 74.78 -62.84 92.67
C LEU F 79 75.51 -61.69 93.37
N GLU F 80 74.75 -60.80 94.02
CA GLU F 80 75.35 -59.80 94.90
C GLU F 80 75.95 -60.47 96.13
N LYS F 81 75.30 -61.52 96.64
CA LYS F 81 75.86 -62.27 97.77
C LYS F 81 77.16 -62.93 97.37
N LYS F 82 77.23 -63.46 96.15
CA LYS F 82 78.49 -64.02 95.66
C LYS F 82 79.56 -62.95 95.53
N PHE F 83 79.22 -61.81 94.93
CA PHE F 83 80.16 -60.72 94.69
C PHE F 83 79.65 -59.50 95.44
N SER F 84 80.06 -59.36 96.70
CA SER F 84 79.67 -58.20 97.48
C SER F 84 80.35 -56.95 96.95
N GLY F 85 79.57 -55.87 96.84
CA GLY F 85 80.03 -54.64 96.24
C GLY F 85 80.02 -54.62 94.72
N LYS F 86 79.48 -55.66 94.08
CA LYS F 86 79.43 -55.74 92.64
C LYS F 86 77.98 -55.74 92.19
N HIS F 87 77.60 -54.75 91.38
CA HIS F 87 76.25 -54.64 90.86
C HIS F 87 76.18 -55.27 89.48
N VAL F 88 75.18 -56.13 89.28
CA VAL F 88 75.05 -56.94 88.08
C VAL F 88 73.87 -56.45 87.26
N VAL F 89 74.06 -56.37 85.95
CA VAL F 89 73.02 -55.96 85.01
C VAL F 89 72.88 -57.03 83.94
N PHE F 90 71.69 -57.14 83.37
CA PHE F 90 71.39 -58.13 82.34
C PHE F 90 71.02 -57.39 81.06
N ILE F 91 71.96 -57.39 80.10
CA ILE F 91 71.79 -56.69 78.84
C ILE F 91 71.82 -57.72 77.72
N ALA F 92 70.87 -57.62 76.80
CA ALA F 92 70.79 -58.51 75.65
C ALA F 92 71.52 -57.87 74.48
N GLN F 93 72.49 -58.59 73.92
CA GLN F 93 73.15 -58.14 72.70
C GLN F 93 72.14 -58.13 71.55
N ARG F 94 72.26 -57.11 70.69
CA ARG F 94 71.25 -56.90 69.66
C ARG F 94 71.80 -56.81 68.25
N ARG F 95 73.12 -57.00 68.06
CA ARG F 95 73.71 -57.11 66.73
C ARG F 95 73.42 -55.87 65.87
N ILE F 96 73.95 -54.73 66.32
CA ILE F 96 73.79 -53.49 65.59
C ILE F 96 74.46 -53.63 64.23
N LEU F 97 73.70 -53.42 63.17
CA LEU F 97 74.20 -53.58 61.82
C LEU F 97 74.56 -52.23 61.22
N PRO F 98 75.58 -52.19 60.37
CA PRO F 98 75.96 -50.91 59.74
C PRO F 98 74.87 -50.39 58.81
N LYS F 99 74.75 -49.07 58.78
CA LYS F 99 73.82 -48.44 57.86
C LYS F 99 74.30 -48.64 56.42
N PRO F 100 73.42 -49.03 55.50
CA PRO F 100 73.85 -49.22 54.11
C PRO F 100 74.36 -47.92 53.49
N THR F 101 75.32 -48.06 52.59
CA THR F 101 76.00 -46.93 51.97
C THR F 101 76.18 -47.21 50.49
N ARG F 102 76.58 -46.18 49.74
CA ARG F 102 76.96 -46.36 48.35
C ARG F 102 78.13 -47.31 48.19
N LYS F 103 78.98 -47.42 49.20
CA LYS F 103 80.11 -48.35 49.19
C LYS F 103 79.70 -49.71 49.73
N LYS F 104 77.75 -61.27 47.31
CA LYS F 104 77.44 -59.85 47.08
C LYS F 104 75.94 -59.61 47.22
N ASN F 105 75.30 -60.36 48.10
CA ASN F 105 73.86 -60.29 48.30
C ASN F 105 73.57 -59.83 49.72
N LYS F 106 72.66 -58.87 49.85
CA LYS F 106 72.29 -58.29 51.14
C LYS F 106 70.78 -58.26 51.27
N GLN F 107 70.29 -58.53 52.47
CA GLN F 107 68.87 -58.52 52.74
C GLN F 107 68.50 -57.31 53.59
N LYS F 108 67.22 -56.95 53.55
CA LYS F 108 66.72 -55.78 54.26
C LYS F 108 67.06 -55.84 55.73
N ARG F 109 67.83 -54.87 56.20
CA ARG F 109 68.16 -54.79 57.61
C ARG F 109 66.90 -54.42 58.40
N PRO F 110 66.49 -55.21 59.38
CA PRO F 110 65.29 -54.87 60.15
C PRO F 110 65.50 -53.62 60.99
N ARG F 111 64.38 -52.99 61.35
CA ARG F 111 64.44 -51.80 62.18
C ARG F 111 64.99 -52.09 63.56
N SER F 112 64.72 -53.28 64.10
CA SER F 112 65.20 -53.61 65.44
C SER F 112 66.71 -53.73 65.50
N ARG F 113 67.37 -53.97 64.37
CA ARG F 113 68.82 -54.08 64.37
C ARG F 113 69.52 -52.72 64.24
N THR F 114 68.77 -51.66 63.97
CA THR F 114 69.39 -50.35 63.81
C THR F 114 69.90 -49.83 65.16
N LEU F 115 70.95 -49.02 65.09
CA LEU F 115 71.64 -48.57 66.30
C LEU F 115 70.73 -47.77 67.21
N THR F 116 69.91 -46.88 66.63
CA THR F 116 69.01 -46.08 67.44
C THR F 116 67.98 -46.95 68.15
N ALA F 117 67.44 -47.95 67.45
CA ALA F 117 66.44 -48.82 68.04
C ALA F 117 67.02 -49.77 69.07
N VAL F 118 68.35 -49.86 69.17
CA VAL F 118 68.97 -50.73 70.16
C VAL F 118 69.23 -49.99 71.46
N HIS F 119 69.65 -48.73 71.38
CA HIS F 119 70.03 -47.99 72.57
C HIS F 119 68.85 -47.80 73.52
N ASP F 120 67.66 -47.55 72.98
CA ASP F 120 66.49 -47.41 73.84
C ASP F 120 66.03 -48.78 74.33
N ALA F 121 66.31 -49.84 73.58
CA ALA F 121 65.95 -51.18 74.02
C ALA F 121 66.84 -51.64 75.17
N ILE F 122 68.14 -51.39 75.07
CA ILE F 122 69.07 -51.77 76.13
C ILE F 122 68.94 -50.85 77.33
N LEU F 123 68.27 -49.72 77.19
CA LEU F 123 67.97 -48.86 78.34
C LEU F 123 66.82 -49.43 79.16
N GLU F 124 65.94 -50.22 78.53
CA GLU F 124 64.79 -50.77 79.25
C GLU F 124 65.22 -51.89 80.19
N ASP F 125 65.80 -52.96 79.63
CA ASP F 125 66.19 -54.11 80.43
C ASP F 125 67.32 -53.79 81.41
N LEU F 126 68.05 -52.70 81.18
CA LEU F 126 69.03 -52.24 82.16
C LEU F 126 68.37 -51.76 83.43
N VAL F 127 67.16 -51.23 83.34
CA VAL F 127 66.38 -50.77 84.47
C VAL F 127 65.11 -51.60 84.65
N PHE F 128 65.17 -52.86 84.20
CA PHE F 128 64.02 -53.72 83.92
C PHE F 128 62.95 -53.79 85.00
N PRO F 129 63.27 -53.95 86.30
CA PRO F 129 62.18 -54.03 87.29
C PRO F 129 61.31 -52.79 87.33
N SER F 130 61.82 -51.64 86.90
CA SER F 130 61.02 -50.44 86.65
C SER F 130 60.93 -50.21 85.15
N GLU F 131 60.25 -49.14 84.76
CA GLU F 131 60.13 -48.82 83.34
C GLU F 131 60.22 -47.31 83.16
N ILE F 132 60.18 -46.88 81.90
CA ILE F 132 60.36 -45.48 81.52
C ILE F 132 59.01 -44.88 81.21
N VAL F 133 58.69 -43.77 81.87
CA VAL F 133 57.47 -43.02 81.61
C VAL F 133 57.75 -41.68 80.97
N GLY F 134 59.02 -41.34 80.76
CA GLY F 134 59.37 -40.09 80.12
C GLY F 134 60.84 -40.01 79.77
N LYS F 135 61.16 -39.37 78.65
CA LYS F 135 62.54 -39.17 78.24
C LYS F 135 62.72 -37.72 77.79
N ARG F 136 63.73 -37.06 78.33
CA ARG F 136 64.03 -35.67 78.00
C ARG F 136 65.50 -35.57 77.64
N ILE F 137 65.80 -35.36 76.36
CA ILE F 137 67.18 -35.24 75.90
C ILE F 137 67.51 -33.76 75.77
N ARG F 138 68.59 -33.33 76.43
CA ARG F 138 68.96 -31.93 76.54
C ARG F 138 70.36 -31.68 76.00
N VAL F 139 70.52 -30.61 75.24
CA VAL F 139 71.80 -30.23 74.66
C VAL F 139 72.41 -29.14 75.51
N LYS F 140 73.64 -29.37 75.99
CA LYS F 140 74.30 -28.47 76.94
C LYS F 140 75.28 -27.54 76.22
N LEU F 141 74.74 -26.77 75.27
CA LEU F 141 75.37 -25.57 74.71
C LEU F 141 76.54 -25.87 73.77
N ASP F 142 76.94 -27.13 73.64
CA ASP F 142 78.10 -27.42 72.80
C ASP F 142 77.98 -28.75 72.05
N GLY F 143 76.77 -29.28 71.89
CA GLY F 143 76.58 -30.56 71.25
C GLY F 143 76.61 -31.74 72.19
N SER F 144 77.04 -31.56 73.43
CA SER F 144 76.90 -32.60 74.43
C SER F 144 75.42 -32.79 74.75
N ARG F 145 75.05 -34.02 75.08
CA ARG F 145 73.66 -34.36 75.32
C ARG F 145 73.53 -35.19 76.59
N LEU F 146 72.44 -34.94 77.33
CA LEU F 146 72.12 -35.71 78.52
C LEU F 146 70.72 -36.27 78.39
N ILE F 147 70.58 -37.57 78.64
CA ILE F 147 69.30 -38.26 78.56
C ILE F 147 68.73 -38.31 79.96
N LYS F 148 67.73 -37.47 80.24
CA LYS F 148 67.00 -37.51 81.48
C LYS F 148 65.89 -38.54 81.38
N VAL F 149 65.84 -39.47 82.31
CA VAL F 149 64.89 -40.57 82.29
C VAL F 149 63.92 -40.40 83.44
N HIS F 150 62.64 -40.60 83.18
CA HIS F 150 61.60 -40.56 84.18
C HIS F 150 61.20 -41.99 84.55
N LEU F 151 61.28 -42.32 85.83
CA LEU F 151 61.11 -43.69 86.28
C LEU F 151 59.73 -43.92 86.89
N ASP F 152 59.56 -45.10 87.50
CA ASP F 152 58.22 -45.57 87.86
C ASP F 152 57.58 -44.74 88.96
N LYS F 153 58.34 -44.37 90.00
CA LYS F 153 57.80 -43.91 91.27
C LYS F 153 56.87 -44.97 91.88
N ALA F 154 57.10 -46.23 91.53
CA ALA F 154 56.31 -47.35 92.07
C ALA F 154 57.08 -48.08 93.17
N GLN F 155 58.27 -48.55 92.86
CA GLN F 155 59.13 -49.21 93.83
C GLN F 155 60.45 -48.46 93.95
N GLN F 156 60.93 -48.34 95.19
CA GLN F 156 62.16 -47.63 95.47
C GLN F 156 63.18 -48.47 96.22
N ASN F 157 62.81 -49.65 96.72
CA ASN F 157 63.68 -50.35 97.65
C ASN F 157 64.92 -50.93 96.98
N ASN F 158 64.86 -51.27 95.70
CA ASN F 158 65.98 -51.94 95.04
C ASN F 158 66.53 -51.17 93.83
N VAL F 159 65.97 -50.00 93.54
CA VAL F 159 66.38 -49.24 92.37
C VAL F 159 66.98 -47.88 92.74
N GLU F 160 66.77 -47.39 93.96
CA GLU F 160 67.25 -46.08 94.34
C GLU F 160 68.77 -46.02 94.51
N HIS F 161 69.46 -47.15 94.48
CA HIS F 161 70.90 -47.17 94.68
C HIS F 161 71.69 -47.57 93.45
N LYS F 162 71.10 -48.30 92.51
CA LYS F 162 71.81 -48.82 91.35
C LYS F 162 71.87 -47.83 90.20
N VAL F 163 71.34 -46.62 90.38
CA VAL F 163 71.35 -45.63 89.31
C VAL F 163 72.78 -45.19 88.98
N GLU F 164 73.69 -45.27 89.95
CA GLU F 164 75.05 -44.81 89.71
C GLU F 164 75.79 -45.74 88.76
N THR F 165 75.64 -47.05 88.92
CA THR F 165 76.19 -47.97 87.93
C THR F 165 75.45 -47.89 86.61
N PHE F 166 74.13 -47.63 86.66
CA PHE F 166 73.34 -47.56 85.45
C PHE F 166 73.85 -46.47 84.52
N SER F 167 74.18 -45.30 85.07
CA SER F 167 74.73 -44.22 84.27
C SER F 167 76.11 -44.60 83.72
N GLY F 168 76.96 -45.18 84.57
CA GLY F 168 78.32 -45.47 84.16
C GLY F 168 78.39 -46.54 83.07
N VAL F 169 77.58 -47.59 83.21
CA VAL F 169 77.61 -48.67 82.23
C VAL F 169 77.10 -48.18 80.88
N TYR F 170 76.13 -47.27 80.88
CA TYR F 170 75.67 -46.67 79.64
C TYR F 170 76.76 -45.80 79.03
N LYS F 171 77.57 -45.16 79.87
CA LYS F 171 78.70 -44.39 79.37
C LYS F 171 79.70 -45.29 78.67
N LYS F 172 79.92 -46.49 79.21
CA LYS F 172 80.90 -47.40 78.62
C LYS F 172 80.38 -48.01 77.33
N LEU F 173 79.27 -48.73 77.40
CA LEU F 173 78.83 -49.54 76.26
C LEU F 173 78.23 -48.71 75.13
N THR F 174 77.82 -47.47 75.41
CA THR F 174 77.29 -46.59 74.37
C THR F 174 78.22 -45.42 74.08
N GLY F 175 78.58 -44.65 75.10
CA GLY F 175 79.37 -43.45 74.92
C GLY F 175 78.66 -42.15 75.29
N LYS F 176 77.41 -42.20 75.73
CA LYS F 176 76.66 -41.03 76.12
C LYS F 176 76.31 -41.11 77.60
N ASP F 177 76.00 -39.95 78.18
CA ASP F 177 75.64 -39.86 79.59
C ASP F 177 74.13 -39.90 79.76
N VAL F 178 73.66 -40.81 80.60
CA VAL F 178 72.24 -40.97 80.89
C VAL F 178 72.05 -40.94 82.40
N ASN F 179 71.27 -39.99 82.89
CA ASN F 179 70.95 -39.90 84.30
C ASN F 179 69.49 -40.27 84.53
N PHE F 180 69.13 -40.41 85.80
CA PHE F 180 67.79 -40.85 86.17
C PHE F 180 67.19 -39.93 87.22
N GLU F 181 65.86 -39.92 87.26
CA GLU F 181 65.13 -39.23 88.32
C GLU F 181 63.73 -39.84 88.38
N PHE F 182 63.03 -39.54 89.47
CA PHE F 182 61.67 -40.02 89.66
C PHE F 182 60.71 -38.83 89.66
N PRO F 183 59.71 -38.82 88.80
CA PRO F 183 58.77 -37.69 88.75
C PRO F 183 57.72 -37.84 89.84
N GLU F 184 56.83 -36.84 89.92
CA GLU F 184 55.76 -36.87 90.89
C GLU F 184 54.62 -37.75 90.37
N PHE F 185 53.46 -37.68 91.03
CA PHE F 185 52.33 -38.52 90.67
C PHE F 185 51.83 -38.21 89.26
N GLN F 186 51.30 -39.22 88.60
CA GLN F 186 50.88 -39.10 87.21
C GLN F 186 49.35 -39.11 87.09
N GLY G 1 65.59 -35.81 -9.53
CA GLY G 1 64.98 -37.09 -9.84
C GLY G 1 64.55 -37.84 -8.61
N ILE G 2 64.74 -39.17 -8.65
CA ILE G 2 64.42 -39.98 -7.49
C ILE G 2 65.32 -39.58 -6.33
N SER G 3 64.79 -39.68 -5.11
CA SER G 3 65.52 -39.24 -3.94
C SER G 3 65.42 -40.29 -2.85
N ARG G 4 66.34 -40.21 -1.89
CA ARG G 4 66.34 -41.09 -0.73
C ARG G 4 66.34 -40.29 0.57
N ASP G 5 66.04 -39.00 0.52
CA ASP G 5 66.14 -38.12 1.66
C ASP G 5 65.17 -38.53 2.77
N ASN G 6 65.56 -38.24 4.01
CA ASN G 6 64.69 -38.47 5.14
C ASN G 6 63.60 -37.40 5.27
N TRP G 7 63.94 -36.14 5.01
CA TRP G 7 63.08 -35.04 5.40
C TRP G 7 61.82 -34.91 4.57
N HIS G 8 61.68 -35.68 3.50
CA HIS G 8 60.42 -35.69 2.76
C HIS G 8 59.37 -36.56 3.42
N LYS G 9 59.73 -37.27 4.50
CA LYS G 9 58.82 -38.15 5.20
C LYS G 9 58.07 -37.39 6.30
N ARG G 10 57.06 -38.06 6.85
CA ARG G 10 56.39 -37.56 8.04
C ARG G 10 57.22 -37.88 9.28
N ARG G 11 57.28 -36.92 10.19
CA ARG G 11 58.06 -37.12 11.40
C ARG G 11 57.39 -38.14 12.32
N LYS G 12 58.12 -38.50 13.39
CA LYS G 12 57.67 -39.59 14.26
C LYS G 12 56.32 -39.29 14.87
N THR G 13 56.07 -38.02 15.21
CA THR G 13 54.85 -37.61 15.86
C THR G 13 53.64 -37.59 14.94
N GLY G 14 53.84 -37.76 13.64
CA GLY G 14 52.76 -37.64 12.69
C GLY G 14 52.61 -36.28 12.07
N GLY G 15 53.46 -35.33 12.45
CA GLY G 15 53.43 -34.01 11.86
C GLY G 15 54.05 -34.00 10.49
N LYS G 16 53.97 -32.84 9.85
CA LYS G 16 54.56 -32.63 8.53
C LYS G 16 55.88 -31.89 8.69
N ARG G 17 56.91 -32.38 8.01
CA ARG G 17 58.23 -31.76 8.03
C ARG G 17 58.42 -30.94 6.77
N LYS G 18 58.52 -29.63 6.94
CA LYS G 18 58.75 -28.76 5.79
C LYS G 18 60.17 -28.93 5.27
N PRO G 19 60.38 -28.75 3.96
CA PRO G 19 61.74 -28.82 3.42
C PRO G 19 62.46 -27.50 3.57
N TYR G 20 63.58 -27.51 4.29
CA TYR G 20 64.37 -26.29 4.42
C TYR G 20 65.30 -26.07 3.24
N HIS G 21 65.47 -27.06 2.38
CA HIS G 21 66.28 -26.91 1.19
C HIS G 21 65.74 -27.85 0.11
N LYS G 22 66.04 -27.52 -1.13
CA LYS G 22 65.54 -28.33 -2.25
C LYS G 22 66.40 -29.58 -2.39
N LYS G 23 66.14 -30.36 -3.44
CA LYS G 23 66.83 -31.63 -3.61
C LYS G 23 68.33 -31.42 -3.82
N ARG G 24 69.13 -32.24 -3.16
CA ARG G 24 70.57 -32.22 -3.32
C ARG G 24 71.03 -33.38 -4.17
N LYS G 25 72.25 -33.25 -4.71
CA LYS G 25 72.76 -34.31 -5.57
C LYS G 25 73.16 -35.55 -4.76
N TYR G 26 73.73 -35.36 -3.58
CA TYR G 26 74.20 -36.52 -2.82
C TYR G 26 73.06 -37.39 -2.33
N GLU G 27 71.87 -36.84 -2.18
CA GLU G 27 70.69 -37.64 -1.86
C GLU G 27 69.96 -38.05 -3.13
N LEU G 28 70.68 -38.63 -4.08
CA LEU G 28 70.08 -39.03 -5.34
C LEU G 28 69.52 -40.44 -5.24
N GLY G 29 68.80 -40.81 -6.28
CA GLY G 29 68.30 -42.17 -6.42
C GLY G 29 68.35 -42.57 -7.87
N ARG G 30 68.45 -43.88 -8.10
CA ARG G 30 68.57 -44.37 -9.45
C ARG G 30 67.56 -45.49 -9.69
N PRO G 31 67.14 -45.68 -10.94
CA PRO G 31 66.21 -46.77 -11.24
C PRO G 31 66.81 -48.13 -10.91
N ALA G 32 65.94 -49.04 -10.49
CA ALA G 32 66.37 -50.39 -10.14
C ALA G 32 66.96 -51.09 -11.35
N ALA G 33 68.00 -51.89 -11.12
CA ALA G 33 68.64 -52.62 -12.20
C ALA G 33 67.70 -53.64 -12.83
N ASN G 34 66.94 -54.36 -11.99
CA ASN G 34 66.01 -55.41 -12.44
C ASN G 34 66.73 -56.45 -13.29
N THR G 35 67.66 -57.15 -12.64
CA THR G 35 68.42 -58.18 -13.32
C THR G 35 67.51 -59.34 -13.71
N LYS G 36 67.52 -59.67 -14.99
CA LYS G 36 66.79 -60.81 -15.50
C LYS G 36 67.78 -61.86 -16.00
N ILE G 37 67.25 -62.93 -16.59
CA ILE G 37 68.08 -63.99 -17.15
C ILE G 37 68.10 -63.82 -18.66
N GLY G 38 69.29 -63.73 -19.23
CA GLY G 38 69.47 -63.55 -20.64
C GLY G 38 70.92 -63.38 -21.01
N PRO G 39 71.20 -63.05 -22.27
CA PRO G 39 72.59 -62.83 -22.69
C PRO G 39 73.21 -61.70 -21.89
N ARG G 40 74.51 -61.84 -21.62
CA ARG G 40 75.20 -61.01 -20.65
C ARG G 40 75.19 -59.55 -21.06
N ARG G 41 74.38 -58.75 -20.36
CA ARG G 41 74.22 -57.32 -20.63
C ARG G 41 74.49 -56.56 -19.33
N ILE G 42 75.64 -55.90 -19.26
CA ILE G 42 76.07 -55.21 -18.05
C ILE G 42 76.34 -53.77 -18.42
N HIS G 43 75.75 -52.84 -17.68
CA HIS G 43 75.91 -51.42 -17.92
C HIS G 43 76.75 -50.80 -16.82
N THR G 44 77.33 -49.64 -17.12
CA THR G 44 78.19 -48.93 -16.21
C THR G 44 77.54 -47.60 -15.85
N VAL G 45 77.49 -47.31 -14.55
CA VAL G 45 77.01 -46.03 -14.06
C VAL G 45 78.09 -45.41 -13.18
N ARG G 46 78.32 -44.12 -13.35
CA ARG G 46 79.26 -43.41 -12.50
C ARG G 46 78.61 -43.09 -11.17
N VAL G 47 79.39 -43.19 -10.10
CA VAL G 47 78.87 -42.95 -8.76
C VAL G 47 79.66 -41.84 -8.08
N ARG G 48 79.32 -41.55 -6.83
CA ARG G 48 80.02 -40.53 -6.07
C ARG G 48 81.51 -40.87 -5.98
N GLY G 49 82.35 -39.85 -6.12
CA GLY G 49 83.77 -40.06 -6.10
C GLY G 49 84.35 -40.62 -7.37
N GLY G 50 83.58 -40.59 -8.46
CA GLY G 50 84.10 -41.05 -9.73
C GLY G 50 84.30 -42.54 -9.84
N ASN G 51 83.81 -43.31 -8.90
CA ASN G 51 83.97 -44.76 -8.96
C ASN G 51 82.94 -45.36 -9.91
N LYS G 52 83.00 -46.68 -10.07
CA LYS G 52 82.22 -47.38 -11.07
C LYS G 52 81.35 -48.44 -10.40
N LYS G 53 80.08 -48.47 -10.76
CA LYS G 53 79.15 -49.49 -10.29
C LYS G 53 78.60 -50.26 -11.48
N TYR G 54 78.54 -51.58 -11.35
CA TYR G 54 78.15 -52.45 -12.45
C TYR G 54 76.69 -52.82 -12.30
N ARG G 55 75.83 -52.14 -13.06
CA ARG G 55 74.40 -52.43 -13.07
C ARG G 55 74.17 -53.69 -13.88
N ALA G 56 73.75 -54.76 -13.21
CA ALA G 56 73.40 -55.99 -13.92
C ALA G 56 72.02 -55.86 -14.51
N LEU G 57 71.89 -56.14 -15.80
CA LEU G 57 70.60 -56.09 -16.47
C LEU G 57 70.13 -57.44 -16.97
N ARG G 58 70.99 -58.21 -17.63
CA ARG G 58 70.64 -59.54 -18.09
C ARG G 58 71.83 -60.47 -17.83
N LEU G 59 71.79 -61.15 -16.70
CA LEU G 59 72.86 -62.07 -16.30
C LEU G 59 72.33 -63.49 -16.34
N ASP G 60 73.17 -64.43 -16.79
CA ASP G 60 72.76 -65.80 -16.97
C ASP G 60 73.66 -66.83 -16.29
N VAL G 61 74.93 -66.52 -16.04
CA VAL G 61 75.86 -67.48 -15.46
C VAL G 61 76.53 -66.83 -14.25
N GLY G 62 76.66 -67.60 -13.17
CA GLY G 62 77.20 -67.07 -11.94
C GLY G 62 78.01 -68.13 -11.21
N ASN G 63 78.78 -67.67 -10.24
CA ASN G 63 79.71 -68.50 -9.51
C ASN G 63 79.09 -68.91 -8.19
N PHE G 64 78.86 -70.21 -8.00
CA PHE G 64 78.22 -70.73 -6.80
C PHE G 64 79.17 -71.67 -6.07
N SER G 65 79.06 -71.70 -4.75
CA SER G 65 79.90 -72.55 -3.93
C SER G 65 79.09 -73.66 -3.28
N TRP G 66 79.67 -74.85 -3.23
CA TRP G 66 79.03 -75.96 -2.53
C TRP G 66 79.05 -75.75 -1.03
N GLY G 67 80.13 -75.20 -0.50
CA GLY G 67 80.23 -74.98 0.92
C GLY G 67 80.72 -76.21 1.66
N SER G 68 79.91 -77.26 1.66
CA SER G 68 80.28 -78.48 2.37
C SER G 68 81.55 -79.10 1.78
N GLU G 69 81.69 -79.07 0.47
CA GLU G 69 82.90 -79.54 -0.20
C GLU G 69 83.87 -78.41 -0.53
N CYS G 70 83.51 -77.16 -0.20
CA CYS G 70 84.36 -75.99 -0.49
C CYS G 70 84.71 -75.92 -1.97
N CYS G 71 83.75 -76.29 -2.81
CA CYS G 71 83.93 -76.34 -4.26
C CYS G 71 83.08 -75.25 -4.90
N THR G 72 83.74 -74.27 -5.52
CA THR G 72 83.05 -73.14 -6.12
C THR G 72 83.27 -73.17 -7.63
N ARG G 73 82.17 -73.22 -8.38
CA ARG G 73 82.22 -73.34 -9.83
C ARG G 73 81.31 -72.30 -10.46
N LYS G 74 81.72 -71.82 -11.63
CA LYS G 74 80.93 -70.88 -12.42
C LYS G 74 80.00 -71.68 -13.31
N THR G 75 78.70 -71.67 -12.98
CA THR G 75 77.72 -72.51 -13.64
C THR G 75 76.53 -71.70 -14.10
N ARG G 76 75.81 -72.23 -15.09
CA ARG G 76 74.72 -71.52 -15.75
C ARG G 76 73.42 -71.68 -14.99
N ILE G 77 72.68 -70.58 -14.87
CA ILE G 77 71.42 -70.54 -14.13
C ILE G 77 70.27 -70.86 -15.07
N ILE G 78 69.39 -71.78 -14.66
CA ILE G 78 68.21 -72.09 -15.45
C ILE G 78 67.15 -71.01 -15.23
N ASP G 79 66.66 -70.87 -14.01
CA ASP G 79 65.59 -69.92 -13.73
C ASP G 79 65.50 -69.70 -12.22
N VAL G 80 64.55 -68.86 -11.82
CA VAL G 80 64.29 -68.52 -10.43
C VAL G 80 63.08 -69.31 -9.96
N VAL G 81 63.12 -69.81 -8.72
CA VAL G 81 62.03 -70.64 -8.21
C VAL G 81 61.34 -69.99 -7.03
N TYR G 82 62.07 -69.20 -6.24
CA TYR G 82 61.50 -68.64 -5.03
C TYR G 82 62.08 -67.27 -4.77
N ASN G 83 61.27 -66.40 -4.18
CA ASN G 83 61.70 -65.07 -3.76
C ASN G 83 60.91 -64.69 -2.52
N ALA G 84 61.62 -64.43 -1.42
CA ALA G 84 60.96 -64.16 -0.15
C ALA G 84 60.25 -62.80 -0.17
N SER G 85 60.85 -61.81 -0.84
CA SER G 85 60.28 -60.46 -0.81
C SER G 85 58.92 -60.42 -1.48
N ASN G 86 58.82 -60.92 -2.71
CA ASN G 86 57.57 -60.84 -3.46
C ASN G 86 57.53 -61.97 -4.47
N ASN G 87 56.33 -62.53 -4.66
CA ASN G 87 56.15 -63.63 -5.59
C ASN G 87 56.17 -63.17 -7.04
N GLU G 88 55.84 -61.90 -7.30
CA GLU G 88 55.85 -61.40 -8.67
C GLU G 88 57.26 -61.32 -9.24
N LEU G 89 58.28 -61.31 -8.40
CA LEU G 89 59.65 -61.29 -8.90
C LEU G 89 60.01 -62.60 -9.58
N VAL G 90 59.49 -63.72 -9.07
CA VAL G 90 59.78 -65.02 -9.65
C VAL G 90 59.22 -65.12 -11.06
N ARG G 91 58.01 -64.58 -11.27
CA ARG G 91 57.37 -64.66 -12.58
C ARG G 91 58.17 -63.90 -13.63
N THR G 92 58.69 -62.73 -13.26
CA THR G 92 59.53 -61.95 -14.17
C THR G 92 60.94 -62.48 -14.27
N LYS G 93 61.26 -63.52 -13.50
CA LYS G 93 62.60 -64.13 -13.50
C LYS G 93 63.66 -63.09 -13.16
N THR G 94 63.54 -62.54 -11.96
CA THR G 94 64.44 -61.49 -11.49
C THR G 94 65.45 -62.09 -10.53
N LEU G 95 66.68 -61.61 -10.61
CA LEU G 95 67.79 -62.11 -9.79
C LEU G 95 68.18 -61.02 -8.79
N VAL G 96 67.83 -61.24 -7.52
CA VAL G 96 68.20 -60.33 -6.45
C VAL G 96 68.97 -61.14 -5.41
N LYS G 97 69.33 -60.50 -4.29
CA LYS G 97 70.21 -61.15 -3.33
C LYS G 97 69.62 -62.43 -2.74
N ASN G 98 68.55 -62.33 -1.96
CA ASN G 98 68.07 -63.49 -1.22
C ASN G 98 67.14 -64.38 -2.02
N CYS G 99 66.93 -64.07 -3.30
CA CYS G 99 66.21 -65.01 -4.15
C CYS G 99 67.05 -66.26 -4.37
N ILE G 100 66.38 -67.38 -4.55
CA ILE G 100 67.04 -68.64 -4.86
C ILE G 100 66.66 -69.05 -6.27
N VAL G 101 67.61 -69.67 -6.97
CA VAL G 101 67.47 -70.03 -8.37
C VAL G 101 67.84 -71.49 -8.54
N LEU G 102 67.83 -71.94 -9.79
CA LEU G 102 68.31 -73.26 -10.19
C LEU G 102 69.56 -73.08 -11.04
N ILE G 103 70.53 -73.98 -10.85
CA ILE G 103 71.79 -73.91 -11.58
C ILE G 103 72.09 -75.30 -12.13
N ASP G 104 72.95 -75.32 -13.15
CA ASP G 104 73.38 -76.58 -13.73
C ASP G 104 74.28 -77.32 -12.76
N SER G 105 74.16 -78.65 -12.74
CA SER G 105 74.98 -79.49 -11.89
C SER G 105 76.13 -80.14 -12.64
N THR G 106 76.35 -79.77 -13.90
CA THR G 106 77.39 -80.42 -14.69
C THR G 106 78.79 -80.23 -14.12
N PRO G 107 79.24 -79.02 -13.76
CA PRO G 107 80.61 -78.91 -13.22
C PRO G 107 80.75 -79.52 -11.84
N TYR G 108 79.73 -79.43 -10.99
CA TYR G 108 79.82 -80.02 -9.66
C TYR G 108 79.81 -81.54 -9.75
N ARG G 109 79.09 -82.10 -10.72
CA ARG G 109 79.20 -83.52 -10.99
C ARG G 109 80.60 -83.88 -11.43
N GLN G 110 81.18 -83.09 -12.35
CA GLN G 110 82.51 -83.37 -12.86
C GLN G 110 83.55 -83.33 -11.74
N TRP G 111 83.39 -82.40 -10.80
CA TRP G 111 84.34 -82.30 -9.70
C TRP G 111 84.14 -83.43 -8.69
N TYR G 112 82.88 -83.78 -8.41
CA TYR G 112 82.62 -84.84 -7.44
C TYR G 112 83.17 -86.17 -7.92
N GLU G 113 82.99 -86.46 -9.20
CA GLU G 113 83.57 -87.68 -9.77
C GLU G 113 85.08 -87.62 -9.74
N SER G 114 85.67 -86.47 -10.06
CA SER G 114 87.11 -86.35 -10.10
C SER G 114 87.76 -86.41 -8.72
N HIS G 115 86.97 -86.27 -7.66
CA HIS G 115 87.52 -86.29 -6.31
C HIS G 115 87.24 -87.58 -5.55
N TYR G 116 86.09 -88.21 -5.78
CA TYR G 116 85.71 -89.40 -5.05
C TYR G 116 85.58 -90.64 -5.91
N ALA G 117 85.50 -90.48 -7.24
CA ALA G 117 85.33 -91.59 -8.17
C ALA G 117 84.09 -92.41 -7.87
N LEU G 118 83.03 -91.75 -7.39
CA LEU G 118 81.75 -92.40 -7.15
C LEU G 118 80.76 -91.91 -8.20
N PRO G 119 80.24 -92.78 -9.06
CA PRO G 119 79.32 -92.31 -10.11
C PRO G 119 78.02 -91.77 -9.54
N LEU G 120 77.86 -90.45 -9.62
CA LEU G 120 76.76 -89.74 -9.00
C LEU G 120 75.79 -89.25 -10.06
N GLY G 121 74.50 -89.28 -9.75
CA GLY G 121 73.50 -88.89 -10.72
C GLY G 121 73.25 -89.92 -11.80
N ARG G 122 73.78 -91.13 -11.65
CA ARG G 122 73.60 -92.20 -12.62
C ARG G 122 72.54 -93.16 -12.10
N LYS G 123 71.51 -93.39 -12.92
CA LYS G 123 70.35 -94.18 -12.51
C LYS G 123 70.53 -95.66 -12.82
N LYS G 124 70.84 -95.99 -14.07
CA LYS G 124 71.04 -97.37 -14.49
C LYS G 124 72.44 -97.65 -15.01
N GLY G 125 73.22 -96.63 -15.37
CA GLY G 125 74.59 -96.82 -15.81
C GLY G 125 74.71 -97.07 -17.30
N ALA G 126 75.97 -97.13 -17.74
CA ALA G 126 76.33 -97.37 -19.14
C ALA G 126 75.69 -96.32 -20.06
N LYS G 127 75.89 -95.05 -19.74
CA LYS G 127 75.34 -93.97 -20.53
C LYS G 127 76.42 -92.93 -20.86
N LEU G 128 77.42 -92.81 -20.00
CA LEU G 128 78.52 -91.87 -20.17
C LEU G 128 79.86 -92.60 -20.31
N THR G 129 79.81 -93.81 -20.85
CA THR G 129 80.96 -94.71 -21.01
C THR G 129 82.20 -94.12 -21.68
N PRO G 130 82.12 -93.13 -22.58
CA PRO G 130 83.37 -92.54 -23.10
C PRO G 130 84.26 -91.91 -22.06
N GLU G 131 83.73 -91.52 -20.91
CA GLU G 131 84.59 -90.88 -19.91
C GLU G 131 84.48 -91.53 -18.52
N GLU G 132 83.31 -92.08 -18.18
CA GLU G 132 83.15 -92.59 -16.82
C GLU G 132 83.88 -93.91 -16.63
N GLU G 133 84.07 -94.67 -17.70
CA GLU G 133 84.84 -95.92 -17.58
C GLU G 133 86.29 -95.64 -17.22
N GLU G 134 86.83 -94.51 -17.68
CA GLU G 134 88.20 -94.15 -17.33
C GLU G 134 88.30 -93.63 -15.90
N ILE G 135 87.30 -92.85 -15.47
CA ILE G 135 87.39 -92.24 -14.15
C ILE G 135 86.90 -93.15 -13.02
N LEU G 136 86.20 -94.24 -13.34
CA LEU G 136 85.78 -95.15 -12.28
C LEU G 136 86.89 -96.11 -11.87
N ASN G 137 87.71 -96.54 -12.83
CA ASN G 137 88.83 -97.44 -12.57
C ASN G 137 90.14 -96.67 -12.40
N LYS G 138 90.54 -95.94 -13.45
CA LYS G 138 91.76 -95.12 -13.50
C LYS G 138 93.04 -95.96 -13.40
N LYS G 139 92.90 -97.28 -13.33
CA LYS G 139 93.97 -98.27 -13.21
C LYS G 139 95.08 -97.85 -12.24
N ARG G 140 94.72 -97.15 -11.18
CA ARG G 140 95.72 -96.55 -10.32
C ARG G 140 96.41 -97.62 -9.48
N SER G 141 97.58 -97.25 -8.97
CA SER G 141 98.41 -98.20 -8.23
C SER G 141 97.80 -98.49 -6.87
N LYS G 142 98.49 -99.33 -6.09
CA LYS G 142 98.00 -99.70 -4.77
C LYS G 142 98.03 -98.51 -3.81
N LYS G 143 99.05 -97.66 -3.91
CA LYS G 143 99.14 -96.53 -2.98
C LYS G 143 98.11 -95.45 -3.33
N ILE G 144 97.81 -95.29 -4.61
CA ILE G 144 96.81 -94.29 -5.01
C ILE G 144 95.42 -94.74 -4.61
N GLN G 145 95.10 -96.00 -4.87
CA GLN G 145 93.81 -96.54 -4.43
C GLN G 145 93.71 -96.55 -2.91
N LYS G 146 94.84 -96.72 -2.23
CA LYS G 146 94.88 -96.58 -0.78
C LYS G 146 94.45 -95.19 -0.34
N LYS G 147 94.69 -94.17 -1.17
CA LYS G 147 94.26 -92.82 -0.85
C LYS G 147 92.88 -92.52 -1.38
N TYR G 148 92.45 -93.21 -2.45
CA TYR G 148 91.12 -92.99 -2.99
C TYR G 148 90.04 -93.56 -2.08
N ASP G 149 90.22 -94.79 -1.60
CA ASP G 149 89.15 -95.44 -0.85
C ASP G 149 88.98 -94.85 0.55
N GLU G 150 90.01 -94.22 1.10
CA GLU G 150 89.82 -93.50 2.35
C GLU G 150 89.04 -92.21 2.13
N ARG G 151 89.17 -91.62 0.94
CA ARG G 151 88.29 -90.53 0.56
C ARG G 151 86.89 -91.01 0.21
N LYS G 152 86.72 -92.31 -0.05
CA LYS G 152 85.40 -92.84 -0.33
C LYS G 152 84.52 -92.81 0.91
N LYS G 153 85.09 -93.11 2.07
CA LYS G 153 84.27 -93.35 3.26
C LYS G 153 83.60 -92.08 3.75
N ASN G 154 84.18 -90.91 3.49
CA ASN G 154 83.57 -89.66 3.93
C ASN G 154 82.63 -89.07 2.89
N ALA G 155 82.52 -89.68 1.72
CA ALA G 155 81.71 -89.14 0.63
C ALA G 155 80.28 -89.65 0.77
N LYS G 156 79.54 -89.04 1.68
CA LYS G 156 78.14 -89.36 1.90
C LYS G 156 77.30 -88.15 1.47
N ILE G 157 76.28 -88.40 0.66
CA ILE G 157 75.44 -87.36 0.09
C ILE G 157 74.02 -87.57 0.58
N SER G 158 73.39 -86.50 1.05
CA SER G 158 71.99 -86.58 1.47
C SER G 158 71.10 -86.89 0.27
N SER G 159 69.93 -87.47 0.57
CA SER G 159 68.99 -87.84 -0.48
C SER G 159 68.51 -86.62 -1.26
N LEU G 160 68.46 -85.46 -0.59
CA LEU G 160 68.04 -84.24 -1.27
C LEU G 160 69.02 -83.85 -2.36
N LEU G 161 70.31 -83.87 -2.05
CA LEU G 161 71.31 -83.44 -3.01
C LEU G 161 71.48 -84.46 -4.13
N GLU G 162 71.55 -85.75 -3.79
CA GLU G 162 71.79 -86.77 -4.81
C GLU G 162 70.59 -86.91 -5.75
N GLU G 163 69.37 -86.80 -5.23
CA GLU G 163 68.21 -86.85 -6.11
C GLU G 163 68.13 -85.61 -6.98
N GLN G 164 68.64 -84.47 -6.50
CA GLN G 164 68.80 -83.31 -7.36
C GLN G 164 69.78 -83.60 -8.48
N PHE G 165 70.81 -84.41 -8.19
CA PHE G 165 71.79 -84.73 -9.22
C PHE G 165 71.21 -85.66 -10.27
N GLN G 166 70.25 -86.51 -9.88
CA GLN G 166 69.50 -87.25 -10.89
C GLN G 166 68.74 -86.29 -11.79
N GLN G 167 68.17 -85.24 -11.20
CA GLN G 167 67.48 -84.22 -11.99
C GLN G 167 68.45 -83.42 -12.85
N GLY G 168 69.73 -83.37 -12.46
CA GLY G 168 70.72 -82.64 -13.21
C GLY G 168 70.83 -81.18 -12.88
N LYS G 169 70.07 -80.69 -11.91
CA LYS G 169 70.15 -79.30 -11.46
C LYS G 169 70.20 -79.26 -9.95
N LEU G 170 70.70 -78.14 -9.43
CA LEU G 170 70.75 -77.87 -8.01
C LEU G 170 70.15 -76.50 -7.75
N LEU G 171 69.41 -76.38 -6.66
CA LEU G 171 68.84 -75.08 -6.31
C LEU G 171 69.77 -74.38 -5.34
N ALA G 172 70.14 -73.14 -5.66
CA ALA G 172 71.15 -72.42 -4.91
C ALA G 172 70.68 -70.99 -4.68
N CYS G 173 71.06 -70.45 -3.53
CA CYS G 173 70.66 -69.11 -3.11
C CYS G 173 71.76 -68.12 -3.46
N ILE G 174 71.36 -67.02 -4.11
CA ILE G 174 72.32 -65.96 -4.40
C ILE G 174 72.74 -65.28 -3.10
N ALA G 175 73.98 -64.82 -3.06
CA ALA G 175 74.46 -63.99 -1.96
C ALA G 175 74.92 -62.62 -2.42
N SER G 176 75.42 -62.50 -3.65
CA SER G 176 75.77 -61.20 -4.19
C SER G 176 74.51 -60.42 -4.53
N ARG G 177 74.71 -59.14 -4.87
CA ARG G 177 73.61 -58.25 -5.22
C ARG G 177 73.83 -57.73 -6.64
N PRO G 178 73.22 -58.37 -7.64
CA PRO G 178 73.29 -57.82 -9.00
C PRO G 178 72.65 -56.44 -9.04
N GLY G 179 73.21 -55.59 -9.90
CA GLY G 179 72.91 -54.18 -9.87
C GLY G 179 73.83 -53.38 -8.97
N GLN G 180 74.57 -54.05 -8.09
CA GLN G 180 75.66 -53.45 -7.34
C GLN G 180 77.00 -54.00 -7.78
N CYS G 181 77.16 -55.32 -7.79
CA CYS G 181 78.37 -55.96 -8.26
C CYS G 181 78.26 -56.43 -9.71
N GLY G 182 77.05 -56.71 -10.19
CA GLY G 182 76.86 -57.18 -11.54
C GLY G 182 76.98 -58.67 -11.73
N ARG G 183 77.33 -59.42 -10.69
CA ARG G 183 77.46 -60.87 -10.80
C ARG G 183 76.42 -61.54 -9.90
N ALA G 184 76.35 -62.85 -10.00
CA ALA G 184 75.30 -63.64 -9.34
C ALA G 184 75.92 -64.72 -8.47
N ASP G 185 76.88 -64.33 -7.65
CA ASP G 185 77.54 -65.27 -6.76
C ASP G 185 76.57 -65.78 -5.71
N GLY G 186 76.85 -66.97 -5.20
CA GLY G 186 75.95 -67.57 -4.23
C GLY G 186 76.48 -68.89 -3.74
N TYR G 187 75.59 -69.67 -3.13
CA TYR G 187 75.94 -70.95 -2.53
C TYR G 187 74.78 -71.93 -2.71
N VAL G 188 75.12 -73.21 -2.68
CA VAL G 188 74.12 -74.27 -2.81
C VAL G 188 73.46 -74.51 -1.46
N LEU G 189 72.15 -74.67 -1.46
CA LEU G 189 71.42 -74.97 -0.23
C LEU G 189 71.63 -76.43 0.18
N GLU G 190 71.79 -76.64 1.49
CA GLU G 190 71.78 -77.97 2.07
C GLU G 190 71.12 -77.89 3.44
N GLY G 191 70.99 -79.05 4.09
CA GLY G 191 70.54 -79.09 5.46
C GLY G 191 69.10 -78.59 5.63
N LYS G 192 68.80 -78.12 6.84
CA LYS G 192 67.45 -77.65 7.14
C LYS G 192 67.07 -76.43 6.32
N GLU G 193 68.06 -75.65 5.88
CA GLU G 193 67.77 -74.53 4.99
C GLU G 193 67.18 -75.02 3.68
N LEU G 194 67.76 -76.10 3.13
CA LEU G 194 67.25 -76.65 1.88
C LEU G 194 65.86 -77.26 2.08
N GLU G 195 65.64 -77.96 3.19
CA GLU G 195 64.32 -78.52 3.47
C GLU G 195 63.29 -77.43 3.66
N PHE G 196 63.73 -76.26 4.13
CA PHE G 196 62.80 -75.16 4.38
C PHE G 196 62.18 -74.66 3.08
N TYR G 197 63.02 -74.33 2.10
CA TYR G 197 62.52 -73.73 0.87
C TYR G 197 61.84 -74.76 -0.03
N LEU G 198 62.27 -76.02 0.05
CA LEU G 198 61.59 -77.07 -0.71
C LEU G 198 60.15 -77.24 -0.23
N ARG G 199 59.95 -77.24 1.09
CA ARG G 199 58.59 -77.28 1.63
C ARG G 199 57.81 -76.04 1.23
N LYS G 200 58.47 -74.88 1.23
CA LYS G 200 57.80 -73.64 0.87
C LYS G 200 57.36 -73.65 -0.59
N ILE G 201 58.18 -74.21 -1.48
CA ILE G 201 57.83 -74.28 -2.90
C ILE G 201 56.63 -75.18 -3.11
N LYS G 202 56.60 -76.32 -2.40
CA LYS G 202 55.48 -77.24 -2.52
C LYS G 202 54.18 -76.60 -2.07
N ALA G 203 54.21 -75.85 -0.96
CA ALA G 203 53.01 -75.16 -0.50
C ALA G 203 52.63 -74.03 -1.44
N ARG G 204 53.60 -73.48 -2.18
CA ARG G 204 53.29 -72.48 -3.20
C ARG G 204 52.46 -73.09 -4.33
N LYS G 205 52.82 -74.28 -4.78
CA LYS G 205 52.11 -74.94 -5.85
C LYS G 205 52.37 -76.44 -5.76
N GLY G 206 51.33 -77.23 -6.00
CA GLY G 206 51.43 -78.67 -5.96
C GLY G 206 50.28 -79.33 -5.23
N PRO H 1 84.72 -9.50 4.52
CA PRO H 1 84.95 -8.51 3.47
C PRO H 1 85.97 -7.43 3.82
N VAL H 2 85.63 -6.52 4.71
CA VAL H 2 86.47 -5.34 4.92
C VAL H 2 87.46 -5.57 6.06
N ALA H 3 88.59 -4.87 5.98
CA ALA H 3 89.70 -5.02 6.92
C ALA H 3 89.66 -4.00 8.03
N ARG H 4 88.58 -3.25 8.15
CA ARG H 4 88.45 -2.26 9.20
C ARG H 4 88.31 -2.96 10.55
N SER H 5 88.71 -2.25 11.61
CA SER H 5 88.63 -2.76 12.96
C SER H 5 87.38 -2.31 13.71
N TRP H 6 87.04 -1.03 13.57
CA TRP H 6 85.89 -0.37 14.22
C TRP H 6 85.70 -0.80 15.66
N VAL H 7 86.77 -0.74 16.44
CA VAL H 7 86.72 -0.88 17.89
C VAL H 7 86.85 0.51 18.49
N CYS H 8 85.84 0.93 19.25
CA CYS H 8 85.81 2.30 19.75
C CYS H 8 84.90 2.36 20.97
N ARG H 9 85.02 3.47 21.72
CA ARG H 9 84.22 3.70 22.91
C ARG H 9 84.12 5.19 23.16
N LYS H 10 83.18 5.57 24.02
CA LYS H 10 82.95 6.96 24.36
C LYS H 10 83.70 7.30 25.63
N THR H 11 84.47 8.39 25.59
CA THR H 11 85.34 8.78 26.70
C THR H 11 84.63 9.64 27.74
N TYR H 12 83.36 9.95 27.55
CA TYR H 12 82.63 10.79 28.49
C TYR H 12 81.27 10.19 28.77
N VAL H 13 80.70 10.58 29.91
CA VAL H 13 79.36 10.15 30.30
C VAL H 13 78.55 11.38 30.65
N THR H 14 77.36 11.50 30.05
CA THR H 14 76.46 12.58 30.38
C THR H 14 75.84 12.36 31.77
N PRO H 15 75.59 13.43 32.51
CA PRO H 15 75.02 13.28 33.86
C PRO H 15 73.61 12.72 33.82
N ARG H 16 73.24 12.02 34.89
CA ARG H 16 71.94 11.38 34.97
C ARG H 16 70.82 12.41 34.96
N ARG H 17 70.90 13.41 35.82
CA ARG H 17 69.93 14.49 35.86
C ARG H 17 70.59 15.81 35.50
N PRO H 18 69.98 16.59 34.62
CA PRO H 18 70.49 17.94 34.35
C PRO H 18 69.82 18.97 35.25
N PHE H 19 70.37 20.18 35.21
CA PHE H 19 69.82 21.35 35.90
C PHE H 19 69.70 21.11 37.41
N GLU H 20 70.87 20.96 38.02
CA GLU H 20 71.02 21.04 39.47
C GLU H 20 72.03 22.12 39.78
N LYS H 21 71.70 23.01 40.71
CA LYS H 21 72.59 24.12 41.03
C LYS H 21 73.93 23.62 41.55
N SER H 22 73.92 22.59 42.39
CA SER H 22 75.15 22.12 43.01
C SER H 22 76.13 21.57 41.98
N ARG H 23 75.66 20.66 41.11
CA ARG H 23 76.54 20.06 40.12
C ARG H 23 77.02 21.10 39.12
N LEU H 24 76.14 21.99 38.68
CA LEU H 24 76.53 23.00 37.70
C LEU H 24 77.54 23.97 38.30
N ASP H 25 77.39 24.32 39.58
CA ASP H 25 78.37 25.17 40.24
C ASP H 25 79.72 24.47 40.35
N GLN H 26 79.71 23.19 40.71
CA GLN H 26 80.96 22.45 40.86
C GLN H 26 81.69 22.33 39.51
N GLU H 27 80.95 22.03 38.45
CA GLU H 27 81.57 21.91 37.14
C GLU H 27 82.14 23.23 36.67
N LEU H 28 81.39 24.32 36.83
CA LEU H 28 81.87 25.61 36.35
C LEU H 28 83.06 26.08 37.17
N LYS H 29 83.10 25.76 38.46
CA LYS H 29 84.27 26.09 39.27
C LYS H 29 85.51 25.42 38.72
N LEU H 30 85.39 24.15 38.34
CA LEU H 30 86.54 23.42 37.81
C LEU H 30 86.91 23.89 36.42
N ILE H 31 85.92 24.30 35.62
CA ILE H 31 86.21 24.81 34.29
C ILE H 31 87.04 26.09 34.38
N GLY H 32 86.59 27.03 35.20
CA GLY H 32 87.32 28.29 35.33
C GLY H 32 88.67 28.12 35.99
N GLU H 33 88.74 27.24 36.99
CA GLU H 33 89.99 27.04 37.73
C GLU H 33 91.08 26.44 36.85
N TYR H 34 90.72 25.48 35.99
CA TYR H 34 91.68 24.76 35.18
C TYR H 34 91.54 25.05 33.69
N GLY H 35 90.85 26.15 33.34
CA GLY H 35 90.81 26.63 31.97
C GLY H 35 90.20 25.68 30.97
N LEU H 36 89.25 24.85 31.40
CA LEU H 36 88.66 23.85 30.53
C LEU H 36 87.78 24.50 29.46
N ARG H 37 87.74 23.88 28.28
CA ARG H 37 87.01 24.47 27.16
C ARG H 37 85.51 24.32 27.32
N ASN H 38 85.05 23.16 27.77
CA ASN H 38 83.61 22.90 27.85
C ASN H 38 83.38 21.80 28.88
N LYS H 39 82.11 21.43 29.04
CA LYS H 39 81.73 20.45 30.06
C LYS H 39 81.92 19.01 29.61
N ARG H 40 82.14 18.76 28.32
CA ARG H 40 82.39 17.38 27.91
C ARG H 40 83.73 16.88 28.43
N GLU H 41 84.72 17.77 28.46
CA GLU H 41 86.06 17.37 28.86
C GLU H 41 86.25 17.37 30.37
N VAL H 42 85.29 17.90 31.13
CA VAL H 42 85.30 17.68 32.56
C VAL H 42 84.48 16.44 32.90
N TRP H 43 83.62 16.01 31.97
CA TRP H 43 82.94 14.73 32.16
C TRP H 43 83.84 13.56 31.81
N ARG H 44 84.87 13.78 30.99
CA ARG H 44 85.75 12.68 30.62
C ARG H 44 86.71 12.34 31.76
N VAL H 45 87.10 13.35 32.54
CA VAL H 45 87.96 13.08 33.70
C VAL H 45 87.12 12.57 34.85
N LYS H 46 85.87 13.00 34.93
CA LYS H 46 84.92 12.36 35.84
C LYS H 46 84.70 10.92 35.44
N PHE H 47 84.65 10.65 34.13
CA PHE H 47 84.50 9.30 33.63
C PHE H 47 85.73 8.45 33.94
N THR H 48 86.91 9.05 33.83
CA THR H 48 88.14 8.31 34.12
C THR H 48 88.18 7.85 35.57
N LEU H 49 87.85 8.74 36.50
CA LEU H 49 87.80 8.35 37.90
C LEU H 49 86.60 7.46 38.18
N ALA H 50 85.54 7.59 37.37
CA ALA H 50 84.39 6.69 37.50
C ALA H 50 84.79 5.26 37.18
N LYS H 51 85.58 5.07 36.13
CA LYS H 51 86.02 3.72 35.76
C LYS H 51 87.02 3.19 36.77
N ILE H 52 88.00 4.01 37.15
CA ILE H 52 89.08 3.53 38.01
C ILE H 52 88.57 3.23 39.41
N ARG H 53 87.73 4.12 39.97
CA ARG H 53 87.19 3.86 41.29
C ARG H 53 86.25 2.65 41.27
N LYS H 54 85.60 2.41 40.14
CA LYS H 54 84.80 1.19 39.99
C LYS H 54 85.67 -0.05 40.07
N ALA H 55 86.83 -0.02 39.43
CA ALA H 55 87.74 -1.16 39.48
C ALA H 55 88.26 -1.38 40.89
N ALA H 56 88.62 -0.31 41.59
CA ALA H 56 89.06 -0.44 42.97
C ALA H 56 87.96 -0.99 43.86
N ARG H 57 86.73 -0.54 43.63
CA ARG H 57 85.59 -1.04 44.39
C ARG H 57 85.39 -2.53 44.15
N GLU H 58 85.54 -2.97 42.90
CA GLU H 58 85.35 -4.37 42.57
C GLU H 58 86.40 -5.24 43.25
N LEU H 59 87.62 -4.72 43.40
CA LEU H 59 88.69 -5.51 44.01
C LEU H 59 88.46 -5.70 45.49
N LEU H 60 87.86 -4.71 46.16
CA LEU H 60 87.66 -4.80 47.61
C LEU H 60 86.73 -5.95 47.99
N THR H 61 85.67 -6.16 47.21
CA THR H 61 84.75 -7.25 47.50
C THR H 61 85.38 -8.62 47.28
N LEU H 62 86.51 -8.68 46.57
CA LEU H 62 87.12 -9.95 46.22
C LEU H 62 87.73 -10.62 47.45
N ASP H 63 87.86 -11.93 47.39
CA ASP H 63 88.48 -12.69 48.46
C ASP H 63 89.95 -12.29 48.60
N GLU H 64 90.42 -12.20 49.83
CA GLU H 64 91.80 -11.84 50.09
C GLU H 64 92.73 -12.94 49.61
N LYS H 65 93.97 -12.55 49.30
CA LYS H 65 95.03 -13.41 48.77
C LYS H 65 94.69 -13.94 47.39
N ASP H 66 93.78 -13.30 46.68
CA ASP H 66 93.51 -13.65 45.31
C ASP H 66 94.72 -13.29 44.45
N PRO H 67 95.23 -14.21 43.64
CA PRO H 67 96.31 -13.84 42.71
C PRO H 67 95.94 -12.70 41.78
N ARG H 68 94.70 -12.70 41.27
CA ARG H 68 94.28 -11.65 40.37
C ARG H 68 94.15 -10.31 41.08
N ARG H 69 93.60 -10.32 42.30
CA ARG H 69 93.41 -9.09 43.04
C ARG H 69 94.75 -8.46 43.41
N LEU H 70 95.69 -9.28 43.89
CA LEU H 70 97.00 -8.78 44.25
C LEU H 70 97.90 -8.55 43.06
N PHE H 71 97.47 -8.93 41.86
CA PHE H 71 98.23 -8.63 40.65
C PHE H 71 97.75 -7.33 40.01
N GLU H 72 96.47 -7.29 39.61
CA GLU H 72 95.95 -6.13 38.89
C GLU H 72 95.89 -4.89 39.77
N GLY H 73 95.67 -5.07 41.07
CA GLY H 73 95.72 -3.93 41.98
C GLY H 73 97.07 -3.25 41.98
N ASN H 74 98.14 -4.05 41.94
CA ASN H 74 99.47 -3.48 41.83
C ASN H 74 99.66 -2.78 40.49
N ALA H 75 99.00 -3.29 39.44
CA ALA H 75 99.16 -2.71 38.11
C ALA H 75 98.55 -1.30 38.06
N LEU H 76 97.33 -1.15 38.56
CA LEU H 76 96.69 0.17 38.54
C LEU H 76 97.36 1.11 39.53
N LEU H 77 97.82 0.58 40.68
CA LEU H 77 98.60 1.38 41.60
C LEU H 77 99.85 1.92 40.94
N ARG H 78 100.50 1.06 40.14
CA ARG H 78 101.75 1.46 39.50
C ARG H 78 101.53 2.59 38.50
N ARG H 79 100.43 2.55 37.74
CA ARG H 79 100.24 3.61 36.76
C ARG H 79 99.71 4.89 37.41
N LEU H 80 98.89 4.77 38.46
CA LEU H 80 98.40 5.97 39.13
C LEU H 80 99.54 6.76 39.75
N VAL H 81 100.49 6.07 40.38
CA VAL H 81 101.65 6.78 40.89
C VAL H 81 102.55 7.23 39.75
N ARG H 82 102.58 6.50 38.62
CA ARG H 82 103.43 6.89 37.50
C ARG H 82 102.99 8.21 36.89
N ILE H 83 101.67 8.42 36.78
CA ILE H 83 101.20 9.70 36.25
C ILE H 83 101.32 10.79 37.31
N GLY H 84 101.20 10.43 38.58
CA GLY H 84 101.34 11.38 39.67
C GLY H 84 100.08 11.72 40.44
N VAL H 85 99.01 10.92 40.31
CA VAL H 85 97.80 11.20 41.07
C VAL H 85 97.83 10.56 42.45
N LEU H 86 98.71 9.59 42.68
CA LEU H 86 98.77 8.90 43.96
C LEU H 86 100.20 8.86 44.46
N ASP H 87 100.37 9.11 45.76
CA ASP H 87 101.70 9.18 46.33
C ASP H 87 102.31 7.78 46.45
N GLU H 88 103.64 7.75 46.50
CA GLU H 88 104.37 6.49 46.56
C GLU H 88 104.04 5.73 47.84
N GLY H 89 103.95 6.44 48.97
CA GLY H 89 103.66 5.78 50.22
C GLY H 89 102.25 5.26 50.34
N LYS H 90 101.33 5.69 49.47
CA LYS H 90 99.94 5.27 49.54
C LYS H 90 99.68 4.13 48.56
N MET H 91 100.24 2.97 48.89
CA MET H 91 99.95 1.74 48.16
C MET H 91 98.88 0.92 48.87
N LYS H 92 97.74 1.57 49.11
CA LYS H 92 96.62 0.94 49.79
C LYS H 92 95.34 1.19 48.99
N LEU H 93 94.62 0.13 48.68
CA LEU H 93 93.44 0.23 47.83
C LEU H 93 92.28 0.95 48.51
N ASP H 94 92.27 1.01 49.85
CA ASP H 94 91.17 1.66 50.54
C ASP H 94 91.19 3.16 50.33
N TYR H 95 92.36 3.75 50.10
CA TYR H 95 92.48 5.19 49.93
C TYR H 95 92.45 5.63 48.48
N ILE H 96 92.48 4.69 47.53
CA ILE H 96 92.24 5.04 46.14
C ILE H 96 90.82 5.53 45.95
N LEU H 97 89.88 4.95 46.71
CA LEU H 97 88.49 5.41 46.66
C LEU H 97 88.37 6.87 47.07
N GLY H 98 89.24 7.33 47.97
CA GLY H 98 89.18 8.69 48.45
C GLY H 98 89.72 9.73 47.50
N LEU H 99 90.31 9.31 46.39
CA LEU H 99 90.85 10.28 45.43
C LEU H 99 89.71 10.99 44.72
N LYS H 100 90.03 12.15 44.15
CA LYS H 100 89.05 13.00 43.50
C LYS H 100 89.46 13.24 42.05
N ILE H 101 88.77 14.16 41.39
CA ILE H 101 89.06 14.51 40.01
C ILE H 101 89.96 15.74 39.89
N GLU H 102 90.08 16.53 40.95
CA GLU H 102 90.87 17.75 40.88
C GLU H 102 92.36 17.42 40.80
N ASP H 103 92.82 16.42 41.55
CA ASP H 103 94.21 16.00 41.42
C ASP H 103 94.51 15.35 40.09
N PHE H 104 93.49 14.82 39.41
CA PHE H 104 93.68 14.35 38.04
C PHE H 104 93.76 15.51 37.07
N LEU H 105 93.01 16.58 37.33
CA LEU H 105 93.00 17.73 36.43
C LEU H 105 94.35 18.40 36.38
N GLU H 106 95.03 18.51 37.53
CA GLU H 106 96.32 19.16 37.58
C GLU H 106 97.44 18.32 36.95
N ARG H 107 97.14 17.12 36.46
CA ARG H 107 98.10 16.34 35.71
C ARG H 107 98.12 16.68 34.23
N ARG H 108 97.16 17.48 33.76
CA ARG H 108 97.10 17.86 32.35
C ARG H 108 98.33 18.66 31.96
N LEU H 109 98.59 18.69 30.65
CA LEU H 109 99.71 19.48 30.16
C LEU H 109 99.46 20.97 30.36
N GLN H 110 98.22 21.40 30.14
CA GLN H 110 97.87 22.80 30.34
C GLN H 110 98.06 23.20 31.80
N THR H 111 97.57 22.37 32.73
CA THR H 111 97.69 22.68 34.14
C THR H 111 99.13 22.59 34.62
N GLN H 112 99.91 21.67 34.05
CA GLN H 112 101.27 21.49 34.53
C GLN H 112 102.18 22.65 34.13
N VAL H 113 102.08 23.10 32.87
CA VAL H 113 102.94 24.20 32.44
C VAL H 113 102.54 25.49 33.15
N PHE H 114 101.26 25.65 33.46
CA PHE H 114 100.82 26.79 34.25
C PHE H 114 101.36 26.70 35.67
N LYS H 115 101.40 25.49 36.23
CA LYS H 115 101.94 25.31 37.58
C LYS H 115 103.44 25.56 37.60
N LEU H 116 104.13 25.24 36.50
CA LEU H 116 105.58 25.38 36.47
C LEU H 116 106.02 26.81 36.16
N GLY H 117 105.08 27.73 35.99
CA GLY H 117 105.41 29.12 35.74
C GLY H 117 105.77 29.45 34.32
N LEU H 118 105.73 28.46 33.41
CA LEU H 118 106.04 28.69 32.01
C LEU H 118 105.00 29.58 31.32
N ALA H 119 103.83 29.77 31.93
CA ALA H 119 102.80 30.62 31.39
C ALA H 119 102.26 31.53 32.50
N LYS H 120 101.71 32.67 32.09
CA LYS H 120 101.22 33.66 33.03
C LYS H 120 99.77 33.44 33.44
N SER H 121 99.00 32.71 32.63
CA SER H 121 97.63 32.38 32.97
C SER H 121 97.34 30.95 32.60
N ILE H 122 96.28 30.38 33.17
CA ILE H 122 95.88 29.03 32.81
C ILE H 122 95.39 29.00 31.38
N HIS H 123 94.61 30.00 30.96
CA HIS H 123 94.21 30.11 29.57
C HIS H 123 95.42 30.43 28.69
N HIS H 124 96.35 31.25 29.20
CA HIS H 124 97.58 31.51 28.47
C HIS H 124 98.38 30.24 28.26
N ALA H 125 98.33 29.32 29.23
CA ALA H 125 98.99 28.03 29.07
C ALA H 125 98.35 27.21 27.96
N ARG H 126 97.02 27.19 27.91
CA ARG H 126 96.33 26.36 26.92
C ARG H 126 96.58 26.87 25.51
N VAL H 127 96.48 28.19 25.31
CA VAL H 127 96.71 28.75 23.98
C VAL H 127 98.18 28.58 23.58
N LEU H 128 99.09 28.62 24.55
CA LEU H 128 100.50 28.40 24.26
C LEU H 128 100.73 26.98 23.76
N ILE H 129 100.09 25.99 24.39
CA ILE H 129 100.31 24.60 24.03
C ILE H 129 99.81 24.32 22.63
N ARG H 130 98.61 24.82 22.30
CA ARG H 130 98.08 24.64 20.95
C ARG H 130 98.91 25.39 19.91
N GLN H 131 99.69 26.38 20.34
CA GLN H 131 100.54 27.13 19.43
C GLN H 131 101.88 26.45 19.17
N ARG H 132 102.05 25.23 19.68
CA ARG H 132 103.21 24.39 19.39
C ARG H 132 104.50 25.09 19.83
N HIS H 133 104.50 25.53 21.10
CA HIS H 133 105.66 26.18 21.68
C HIS H 133 106.30 25.37 22.81
N ILE H 134 105.63 24.34 23.30
CA ILE H 134 106.13 23.55 24.40
C ILE H 134 106.50 22.15 23.88
N ARG H 135 107.22 21.40 24.71
CA ARG H 135 107.63 20.05 24.37
C ARG H 135 107.78 19.24 25.63
N VAL H 136 107.72 17.92 25.49
CA VAL H 136 107.94 16.96 26.56
C VAL H 136 109.10 16.07 26.15
N ARG H 137 110.08 15.91 27.04
CA ARG H 137 111.37 15.32 26.70
C ARG H 137 111.96 16.06 25.51
N LYS H 138 111.86 15.46 24.32
CA LYS H 138 112.23 16.13 23.09
C LYS H 138 111.12 16.12 22.06
N GLN H 139 109.98 15.50 22.36
CA GLN H 139 108.85 15.42 21.43
C GLN H 139 107.88 16.55 21.72
N VAL H 140 107.51 17.29 20.67
CA VAL H 140 106.56 18.39 20.82
C VAL H 140 105.15 17.84 20.97
N VAL H 141 104.42 18.36 21.94
CA VAL H 141 103.03 17.97 22.18
C VAL H 141 102.18 19.24 22.17
N ASN H 142 100.96 19.13 21.66
CA ASN H 142 100.06 20.27 21.59
C ASN H 142 98.68 19.94 22.13
N ILE H 143 98.60 18.99 23.05
CA ILE H 143 97.34 18.56 23.64
C ILE H 143 97.26 19.09 25.06
N PRO H 144 96.32 19.99 25.37
CA PRO H 144 96.21 20.50 26.75
C PRO H 144 95.85 19.43 27.77
N SER H 145 95.11 18.40 27.37
CA SER H 145 94.66 17.35 28.25
C SER H 145 95.69 16.23 28.41
N PHE H 146 96.85 16.36 27.77
CA PHE H 146 97.87 15.32 27.83
C PHE H 146 98.42 15.20 29.25
N ILE H 147 98.07 14.11 29.94
CA ILE H 147 98.62 13.88 31.26
C ILE H 147 100.13 13.64 31.16
N VAL H 148 100.83 14.00 32.23
CA VAL H 148 102.28 13.86 32.26
C VAL H 148 102.64 12.76 33.23
N ARG H 149 103.85 12.23 33.06
CA ARG H 149 104.41 11.24 33.96
C ARG H 149 105.44 11.90 34.87
N LEU H 150 105.71 11.24 35.99
CA LEU H 150 106.65 11.79 36.96
C LEU H 150 108.06 11.88 36.38
N ASP H 151 108.47 10.87 35.63
CA ASP H 151 109.83 10.87 35.08
C ASP H 151 109.99 11.81 33.90
N SER H 152 108.89 12.26 33.29
CA SER H 152 108.93 13.28 32.26
C SER H 152 108.57 14.66 32.81
N GLN H 153 108.30 14.75 34.11
CA GLN H 153 107.86 16.01 34.70
C GLN H 153 108.93 17.09 34.58
N LYS H 154 110.19 16.73 34.81
CA LYS H 154 111.27 17.70 34.75
C LYS H 154 111.72 18.01 33.32
N HIS H 155 111.23 17.28 32.33
CA HIS H 155 111.60 17.50 30.94
C HIS H 155 110.60 18.36 30.18
N ILE H 156 109.57 18.86 30.85
CA ILE H 156 108.59 19.72 30.21
C ILE H 156 109.23 21.10 30.04
N ASP H 157 109.53 21.48 28.79
CA ASP H 157 110.19 22.73 28.52
C ASP H 157 109.87 23.18 27.10
N PHE H 158 110.20 24.43 26.81
CA PHE H 158 109.86 25.03 25.54
C PHE H 158 110.61 24.37 24.39
N SER H 159 109.97 24.37 23.21
CA SER H 159 110.48 23.64 22.06
C SER H 159 111.60 24.41 21.38
N LEU H 160 112.25 23.74 20.43
CA LEU H 160 113.39 24.32 19.72
C LEU H 160 112.95 25.30 18.64
N ARG H 161 111.87 25.00 17.93
CA ARG H 161 111.42 25.86 16.85
C ARG H 161 110.61 27.05 17.34
N SER H 162 110.16 27.03 18.59
CA SER H 162 109.34 28.11 19.10
C SER H 162 110.17 29.38 19.32
N PRO H 163 109.56 30.56 19.15
CA PRO H 163 110.24 31.83 19.44
C PRO H 163 110.29 32.16 20.93
N TYR H 164 110.53 31.14 21.74
CA TYR H 164 110.63 31.32 23.19
C TYR H 164 111.84 30.64 23.80
N GLY H 165 112.43 29.65 23.14
CA GLY H 165 113.64 29.02 23.61
C GLY H 165 114.82 29.57 22.84
N GLY H 166 115.24 28.85 21.80
CA GLY H 166 116.25 29.35 20.89
C GLY H 166 115.75 30.48 20.02
N GLY H 167 116.26 30.58 18.80
CA GLY H 167 115.86 31.65 17.92
C GLY H 167 114.52 31.42 17.26
N ARG H 168 114.45 31.68 15.96
CA ARG H 168 113.26 31.50 15.13
C ARG H 168 112.08 32.34 15.65
N PRO H 169 112.11 33.65 15.45
CA PRO H 169 110.96 34.48 15.84
C PRO H 169 109.74 34.22 14.97
N GLY H 170 108.58 34.51 15.54
CA GLY H 170 107.32 34.34 14.83
C GLY H 170 107.16 35.35 13.70
N ARG H 171 106.14 35.12 12.87
CA ARG H 171 105.99 35.91 11.66
C ARG H 171 105.60 37.35 11.94
N VAL H 172 104.87 37.60 13.03
CA VAL H 172 104.50 38.98 13.35
C VAL H 172 105.71 39.75 13.89
N LYS H 173 106.58 39.08 14.64
CA LYS H 173 107.83 39.71 15.04
C LYS H 173 108.67 40.05 13.81
N ARG H 174 108.72 39.14 12.85
CA ARG H 174 109.39 39.44 11.58
C ARG H 174 108.71 40.59 10.86
N LYS H 175 107.38 40.65 10.91
CA LYS H 175 106.65 41.69 10.20
C LYS H 175 106.94 43.07 10.78
N ASN H 176 106.84 43.19 12.11
CA ASN H 176 107.09 44.47 12.76
C ASN H 176 108.56 44.88 12.61
N ALA H 177 109.47 43.93 12.78
CA ALA H 177 110.89 44.25 12.68
C ALA H 177 111.28 44.62 11.26
N LYS H 178 110.75 43.90 10.26
CA LYS H 178 111.08 44.22 8.88
C LYS H 178 110.48 45.55 8.45
N LYS H 179 109.37 45.95 9.07
CA LYS H 179 108.88 47.31 8.87
C LYS H 179 109.80 48.31 9.56
N GLY H 180 110.40 47.91 10.68
CA GLY H 180 111.34 48.79 11.35
C GLY H 180 112.60 49.04 10.55
N GLN H 181 113.17 47.99 9.96
CA GLN H 181 114.39 48.14 9.18
C GLN H 181 114.13 48.56 7.74
N GLY H 182 112.87 48.61 7.32
CA GLY H 182 112.54 49.19 6.03
C GLY H 182 112.29 50.67 6.14
N GLY H 183 111.60 51.07 7.21
CA GLY H 183 111.32 52.46 7.52
C GLY H 183 112.38 53.16 8.33
N ALA H 184 113.48 52.48 8.64
CA ALA H 184 114.57 53.09 9.40
C ALA H 184 115.86 52.36 9.07
N GLY H 185 116.97 52.98 9.46
CA GLY H 185 118.29 52.39 9.28
C GLY H 185 118.95 52.03 10.59
N ALA I 1 57.58 -71.76 19.84
CA ALA I 1 57.35 -72.40 18.56
C ALA I 1 58.60 -72.38 17.70
N ASP I 2 58.45 -72.79 16.44
CA ASP I 2 59.59 -72.80 15.53
C ASP I 2 59.94 -71.38 15.11
N ILE I 3 61.21 -71.21 14.72
CA ILE I 3 61.76 -69.89 14.45
C ILE I 3 61.52 -69.42 13.03
N GLN I 4 60.91 -70.24 12.18
CA GLN I 4 60.65 -69.87 10.80
C GLN I 4 59.17 -69.55 10.65
N THR I 5 58.86 -68.25 10.70
CA THR I 5 57.48 -67.76 10.66
C THR I 5 57.24 -66.86 9.45
N GLU I 6 58.09 -66.92 8.43
CA GLU I 6 57.94 -66.06 7.27
C GLU I 6 58.51 -66.75 6.05
N ARG I 7 58.53 -66.02 4.93
CA ARG I 7 58.91 -66.58 3.64
C ARG I 7 60.41 -66.84 3.55
N ALA I 8 61.20 -66.10 4.31
CA ALA I 8 62.65 -66.27 4.27
C ALA I 8 63.10 -67.20 5.40
N TYR I 9 64.38 -67.56 5.37
CA TYR I 9 64.98 -68.48 6.32
C TYR I 9 65.91 -67.73 7.25
N GLN I 10 65.72 -67.89 8.55
CA GLN I 10 66.47 -67.14 9.56
C GLN I 10 67.62 -67.99 10.07
N LYS I 11 68.82 -67.40 10.09
CA LYS I 11 70.02 -68.05 10.58
C LYS I 11 71.13 -67.02 10.71
N GLN I 12 72.01 -67.24 11.68
CA GLN I 12 73.17 -66.36 11.83
C GLN I 12 74.09 -66.54 10.64
N PRO I 13 74.61 -65.45 10.06
CA PRO I 13 75.49 -65.60 8.89
C PRO I 13 76.81 -66.27 9.19
N THR I 14 77.31 -66.15 10.41
CA THR I 14 78.64 -66.67 10.72
C THR I 14 78.66 -68.19 10.76
N ILE I 15 77.55 -68.82 11.17
CA ILE I 15 77.51 -70.25 11.37
C ILE I 15 77.17 -70.95 10.05
N PHE I 16 77.98 -71.94 9.70
CA PHE I 16 77.74 -72.80 8.54
C PHE I 16 77.06 -74.06 9.01
N GLN I 17 75.74 -74.15 8.78
CA GLN I 17 74.96 -75.25 9.33
C GLN I 17 75.20 -76.56 8.59
N ASN I 18 75.45 -76.50 7.29
CA ASN I 18 75.61 -77.71 6.48
C ASN I 18 77.08 -78.11 6.40
N LYS I 19 77.68 -78.35 7.56
CA LYS I 19 79.11 -78.60 7.67
C LYS I 19 79.43 -80.09 7.50
N LYS I 20 78.98 -80.64 6.36
CA LYS I 20 79.24 -82.04 5.99
C LYS I 20 78.79 -83.00 7.10
N ARG I 21 77.48 -83.01 7.34
CA ARG I 21 76.91 -83.84 8.39
C ARG I 21 76.64 -85.21 7.80
N VAL I 22 77.59 -86.11 7.97
CA VAL I 22 77.62 -87.41 7.30
C VAL I 22 77.65 -88.51 8.35
N LEU I 23 77.87 -89.75 7.90
CA LEU I 23 77.73 -90.94 8.73
C LEU I 23 78.55 -90.85 10.03
N LEU I 24 79.66 -90.13 10.01
CA LEU I 24 80.46 -89.97 11.23
C LEU I 24 79.70 -89.22 12.31
N GLY I 25 78.95 -88.19 11.92
CA GLY I 25 78.15 -87.42 12.86
C GLY I 25 76.72 -87.90 12.86
N GLU I 26 76.28 -88.40 14.00
CA GLU I 26 74.96 -89.02 14.13
C GLU I 26 73.89 -87.94 14.05
N THR I 27 73.31 -87.75 12.87
CA THR I 27 72.26 -86.76 12.66
C THR I 27 70.90 -87.46 12.69
N GLY I 28 70.08 -87.11 13.68
CA GLY I 28 70.46 -86.17 14.71
C GLY I 28 70.78 -86.80 16.05
N LYS I 29 71.07 -85.98 17.05
CA LYS I 29 71.14 -84.53 16.87
C LYS I 29 72.33 -83.92 17.60
N GLU I 30 73.10 -83.12 16.87
CA GLU I 30 74.17 -82.32 17.44
C GLU I 30 73.74 -80.85 17.37
N LYS I 31 73.70 -80.19 18.52
CA LYS I 31 73.24 -78.82 18.56
C LYS I 31 74.27 -77.89 17.94
N LEU I 32 73.84 -77.12 16.95
CA LEU I 32 74.75 -76.25 16.21
C LEU I 32 75.32 -75.17 17.13
N PRO I 33 76.60 -74.83 16.99
CA PRO I 33 77.17 -73.77 17.82
C PRO I 33 76.46 -72.44 17.57
N ARG I 34 76.32 -71.65 18.64
CA ARG I 34 75.65 -70.38 18.57
C ARG I 34 76.69 -69.26 18.60
N TYR I 35 76.55 -68.33 17.67
CA TYR I 35 77.47 -67.20 17.57
C TYR I 35 76.99 -66.09 18.50
N TYR I 36 77.85 -65.69 19.43
CA TYR I 36 77.57 -64.58 20.32
C TYR I 36 78.84 -63.75 20.44
N LYS I 37 78.68 -62.52 20.92
CA LYS I 37 79.82 -61.66 21.19
C LYS I 37 79.54 -60.87 22.46
N ASN I 38 80.62 -60.44 23.12
CA ASN I 38 80.51 -59.62 24.31
C ASN I 38 80.68 -58.15 23.92
N ILE I 39 79.74 -57.32 24.35
CA ILE I 39 79.73 -55.92 23.89
C ILE I 39 80.67 -55.02 24.66
N GLY I 40 81.28 -55.51 25.73
CA GLY I 40 82.21 -54.70 26.49
C GLY I 40 81.51 -53.75 27.45
N LEU I 41 82.27 -52.74 27.88
CA LEU I 41 81.81 -51.72 28.83
C LEU I 41 81.32 -52.33 30.14
N GLY I 42 81.93 -53.43 30.56
CA GLY I 42 81.49 -54.11 31.75
C GLY I 42 80.11 -54.72 31.67
N PHE I 43 79.57 -54.87 30.46
CA PHE I 43 78.24 -55.44 30.28
C PHE I 43 78.35 -56.94 30.10
N LYS I 44 77.42 -57.67 30.70
CA LYS I 44 77.41 -59.12 30.66
C LYS I 44 76.37 -59.58 29.65
N THR I 45 76.81 -60.35 28.67
CA THR I 45 75.87 -60.97 27.74
C THR I 45 75.13 -62.10 28.45
N PRO I 46 73.80 -62.10 28.46
CA PRO I 46 73.05 -63.06 29.27
C PRO I 46 73.15 -64.48 28.71
N LYS I 47 72.85 -65.44 29.59
CA LYS I 47 72.89 -66.85 29.21
C LYS I 47 71.88 -67.16 28.12
N GLU I 48 70.75 -66.45 28.10
CA GLU I 48 69.74 -66.71 27.08
C GLU I 48 70.28 -66.43 25.68
N ALA I 49 71.13 -65.40 25.55
CA ALA I 49 71.72 -65.10 24.26
C ALA I 49 72.72 -66.16 23.83
N ILE I 50 73.31 -66.89 24.78
CA ILE I 50 74.35 -67.85 24.44
C ILE I 50 73.73 -69.14 23.91
N GLU I 51 72.77 -69.68 24.64
CA GLU I 51 72.18 -70.97 24.29
C GLU I 51 70.84 -70.83 23.58
N GLY I 52 70.45 -69.62 23.22
CA GLY I 52 69.19 -69.43 22.55
C GLY I 52 69.20 -70.00 21.14
N THR I 53 68.00 -70.21 20.61
CA THR I 53 67.83 -70.68 19.24
C THR I 53 67.18 -69.62 18.35
N TYR I 54 66.84 -68.46 18.89
CA TYR I 54 66.23 -67.41 18.10
C TYR I 54 67.24 -66.81 17.14
N ILE I 55 66.73 -66.06 16.17
CA ILE I 55 67.56 -65.33 15.21
C ILE I 55 67.15 -63.86 15.25
N ASP I 56 68.13 -62.98 15.36
CA ASP I 56 67.86 -61.55 15.36
C ASP I 56 69.12 -60.82 14.92
N LYS I 57 69.11 -60.26 13.72
CA LYS I 57 70.28 -59.57 13.20
C LYS I 57 70.54 -58.25 13.91
N LYS I 58 69.56 -57.74 14.65
CA LYS I 58 69.71 -56.47 15.36
C LYS I 58 70.03 -56.69 16.84
N CYS I 59 70.12 -57.93 17.29
CA CYS I 59 70.37 -58.20 18.71
C CYS I 59 71.76 -57.69 19.08
N PRO I 60 71.92 -57.15 20.30
CA PRO I 60 73.23 -56.63 20.71
C PRO I 60 74.34 -57.66 20.67
N PHE I 61 74.03 -58.93 20.91
CA PHE I 61 75.03 -59.98 21.04
C PHE I 61 75.01 -60.98 19.89
N THR I 62 73.83 -61.35 19.42
CA THR I 62 73.69 -62.34 18.36
C THR I 62 73.44 -61.70 17.00
N GLY I 63 73.67 -60.40 16.88
CA GLY I 63 73.45 -59.69 15.63
C GLY I 63 74.61 -58.79 15.28
N ASN I 64 74.52 -58.19 14.11
CA ASN I 64 75.57 -57.31 13.60
C ASN I 64 75.22 -55.86 13.97
N VAL I 65 75.43 -55.53 15.24
CA VAL I 65 75.41 -54.15 15.71
C VAL I 65 76.62 -53.93 16.61
N SER I 66 77.30 -52.82 16.41
CA SER I 66 78.41 -52.42 17.26
C SER I 66 77.93 -51.25 18.11
N ILE I 67 77.83 -51.49 19.41
CA ILE I 67 77.33 -50.48 20.34
C ILE I 67 78.44 -49.48 20.62
N ARG I 68 78.21 -48.22 20.27
CA ARG I 68 79.18 -47.18 20.52
C ARG I 68 78.44 -45.86 20.71
N GLY I 69 79.04 -44.97 21.48
CA GLY I 69 78.45 -43.66 21.69
C GLY I 69 77.91 -43.45 23.09
N ARG I 70 76.62 -43.15 23.19
CA ARG I 70 76.02 -42.77 24.45
C ARG I 70 75.31 -43.95 25.10
N ILE I 71 75.35 -43.98 26.43
CA ILE I 71 74.60 -44.95 27.22
C ILE I 71 73.72 -44.16 28.19
N LEU I 72 72.47 -44.56 28.31
CA LEU I 72 71.51 -43.81 29.14
C LEU I 72 70.49 -44.77 29.72
N SER I 73 69.55 -44.22 30.48
CA SER I 73 68.55 -44.98 31.21
C SER I 73 67.15 -44.68 30.68
N GLY I 74 66.21 -45.55 31.02
CA GLY I 74 64.84 -45.36 30.57
C GLY I 74 63.89 -46.26 31.31
N VAL I 75 62.60 -45.95 31.16
CA VAL I 75 61.51 -46.65 31.83
C VAL I 75 60.55 -47.16 30.77
N VAL I 76 60.17 -48.43 30.86
CA VAL I 76 59.33 -49.05 29.84
C VAL I 76 57.93 -48.46 29.89
N THR I 77 57.41 -48.08 28.72
CA THR I 77 56.09 -47.50 28.61
C THR I 77 55.11 -48.44 27.89
N LYS I 78 55.43 -48.86 26.67
CA LYS I 78 54.63 -49.84 25.95
C LYS I 78 55.54 -50.92 25.39
N MET I 79 54.99 -52.11 25.21
CA MET I 79 55.71 -53.23 24.62
C MET I 79 54.90 -53.85 23.49
N LYS I 80 54.02 -53.06 22.87
CA LYS I 80 53.07 -53.57 21.89
C LYS I 80 53.58 -53.47 20.46
N MET I 81 54.90 -53.52 20.27
CA MET I 81 55.49 -53.57 18.94
C MET I 81 56.37 -54.80 18.83
N GLN I 82 56.63 -55.22 17.59
CA GLN I 82 57.36 -56.46 17.36
C GLN I 82 58.84 -56.25 17.64
N ARG I 83 59.32 -56.88 18.72
CA ARG I 83 60.73 -56.89 19.09
C ARG I 83 61.28 -55.49 19.35
N THR I 84 60.42 -54.58 19.79
CA THR I 84 60.86 -53.24 20.15
C THR I 84 59.83 -52.64 21.09
N ILE I 85 60.31 -51.75 21.96
CA ILE I 85 59.48 -51.10 22.97
C ILE I 85 59.76 -49.61 22.93
N VAL I 86 58.93 -48.85 23.64
CA VAL I 86 59.12 -47.41 23.79
C VAL I 86 59.40 -47.11 25.26
N ILE I 87 60.45 -46.34 25.51
CA ILE I 87 60.86 -45.99 26.85
C ILE I 87 60.72 -44.48 27.01
N ARG I 88 60.67 -44.04 28.26
CA ARG I 88 60.42 -42.65 28.58
C ARG I 88 61.38 -42.19 29.66
N ARG I 89 61.96 -41.01 29.48
CA ARG I 89 62.99 -40.50 30.37
C ARG I 89 62.50 -39.19 30.99
N ASP I 90 62.08 -39.25 32.25
CA ASP I 90 61.64 -38.05 32.95
C ASP I 90 62.86 -37.27 33.42
N TYR I 91 63.05 -36.08 32.87
CA TYR I 91 64.19 -35.24 33.18
C TYR I 91 63.72 -33.83 33.49
N LEU I 92 64.45 -33.16 34.37
CA LEU I 92 64.08 -31.83 34.83
C LEU I 92 64.91 -30.80 34.07
N HIS I 93 64.23 -29.86 33.41
CA HIS I 93 64.87 -28.81 32.63
C HIS I 93 64.90 -27.54 33.47
N TYR I 94 66.08 -27.01 33.71
CA TYR I 94 66.25 -25.89 34.62
C TYR I 94 66.09 -24.56 33.90
N ILE I 95 65.37 -23.64 34.53
CA ILE I 95 65.14 -22.29 34.01
C ILE I 95 65.81 -21.30 34.94
N ARG I 96 66.70 -20.47 34.38
CA ARG I 96 67.49 -19.57 35.19
C ARG I 96 66.64 -18.49 35.83
N LYS I 97 65.62 -18.01 35.10
CA LYS I 97 64.86 -16.85 35.57
C LYS I 97 64.16 -17.13 36.88
N TYR I 98 63.40 -18.22 36.94
CA TYR I 98 62.68 -18.58 38.15
C TYR I 98 63.51 -19.46 39.08
N ASN I 99 64.71 -19.86 38.65
CA ASN I 99 65.61 -20.69 39.45
C ASN I 99 64.95 -22.01 39.84
N ARG I 100 64.11 -22.54 38.94
CA ARG I 100 63.37 -23.75 39.23
C ARG I 100 63.46 -24.72 38.06
N PHE I 101 62.68 -25.81 38.11
CA PHE I 101 62.79 -26.88 37.14
C PHE I 101 61.46 -27.11 36.44
N GLU I 102 61.56 -27.80 35.31
CA GLU I 102 60.42 -28.10 34.46
C GLU I 102 60.42 -29.59 34.19
N LYS I 103 59.37 -30.28 34.64
CA LYS I 103 59.32 -31.72 34.49
C LYS I 103 59.02 -32.05 33.04
N ARG I 104 60.02 -32.55 32.32
CA ARG I 104 59.92 -32.91 30.92
C ARG I 104 60.15 -34.40 30.75
N HIS I 105 59.93 -34.88 29.53
CA HIS I 105 60.10 -36.29 29.23
C HIS I 105 60.30 -36.46 27.73
N LYS I 106 60.99 -37.53 27.36
CA LYS I 106 61.24 -37.85 25.97
C LYS I 106 61.02 -39.34 25.76
N ASN I 107 60.47 -39.70 24.60
CA ASN I 107 60.19 -41.09 24.25
C ASN I 107 61.22 -41.60 23.25
N MET I 108 61.71 -42.82 23.50
CA MET I 108 62.69 -43.45 22.64
C MET I 108 62.25 -44.86 22.33
N SER I 109 62.08 -45.18 21.04
CA SER I 109 61.77 -46.53 20.62
C SER I 109 63.08 -47.29 20.47
N VAL I 110 63.28 -48.29 21.34
CA VAL I 110 64.53 -49.04 21.39
C VAL I 110 64.23 -50.50 21.06
N HIS I 111 65.14 -51.13 20.32
CA HIS I 111 64.94 -52.52 19.94
C HIS I 111 65.18 -53.44 21.12
N LEU I 112 64.25 -54.36 21.34
CA LEU I 112 64.30 -55.30 22.45
C LEU I 112 64.62 -56.68 21.89
N SER I 113 65.84 -57.14 22.12
CA SER I 113 66.19 -58.48 21.70
C SER I 113 65.44 -59.50 22.55
N PRO I 114 65.05 -60.64 21.96
CA PRO I 114 64.23 -61.61 22.69
C PRO I 114 64.91 -62.27 23.87
N CYS I 115 66.20 -61.99 24.13
CA CYS I 115 66.87 -62.59 25.28
C CYS I 115 66.28 -62.09 26.59
N PHE I 116 65.74 -60.88 26.61
CA PHE I 116 65.06 -60.35 27.79
C PHE I 116 63.61 -60.79 27.72
N ARG I 117 63.30 -61.92 28.36
CA ARG I 117 62.00 -62.55 28.21
C ARG I 117 60.96 -62.04 29.20
N ASP I 118 61.33 -61.88 30.48
CA ASP I 118 60.38 -61.42 31.49
C ASP I 118 60.58 -59.92 31.72
N VAL I 119 60.08 -59.14 30.76
CA VAL I 119 60.13 -57.69 30.82
C VAL I 119 58.70 -57.17 30.88
N GLN I 120 58.42 -56.33 31.86
CA GLN I 120 57.09 -55.80 32.09
C GLN I 120 57.12 -54.28 32.00
N ILE I 121 55.94 -53.69 31.84
CA ILE I 121 55.83 -52.25 31.67
C ILE I 121 56.20 -51.57 32.98
N GLY I 122 57.22 -50.71 32.93
CA GLY I 122 57.77 -50.08 34.11
C GLY I 122 59.20 -50.47 34.42
N ASP I 123 59.76 -51.45 33.71
CA ASP I 123 61.13 -51.87 33.97
C ASP I 123 62.11 -50.76 33.60
N ILE I 124 63.24 -50.74 34.29
CA ILE I 124 64.31 -49.79 34.00
C ILE I 124 65.33 -50.48 33.12
N VAL I 125 65.69 -49.83 32.02
CA VAL I 125 66.64 -50.39 31.06
C VAL I 125 67.75 -49.38 30.82
N THR I 126 68.96 -49.88 30.66
CA THR I 126 70.06 -49.10 30.13
C THR I 126 70.22 -49.45 28.66
N VAL I 127 70.21 -48.43 27.80
CA VAL I 127 70.31 -48.65 26.36
C VAL I 127 71.58 -48.00 25.86
N GLY I 128 72.02 -48.47 24.70
CA GLY I 128 73.24 -47.98 24.11
C GLY I 128 73.00 -47.53 22.68
N GLU I 129 73.74 -46.50 22.29
CA GLU I 129 73.62 -45.97 20.93
C GLU I 129 74.21 -46.96 19.94
N CYS I 130 73.57 -47.08 18.79
CA CYS I 130 74.05 -47.95 17.72
C CYS I 130 73.69 -47.30 16.40
N ARG I 131 73.89 -48.04 15.30
CA ARG I 131 73.46 -47.56 14.00
C ARG I 131 71.94 -47.49 13.96
N PRO I 132 71.39 -46.59 13.14
CA PRO I 132 69.93 -46.43 13.11
C PRO I 132 69.20 -47.68 12.65
N LEU I 133 68.51 -48.35 13.57
CA LEU I 133 67.87 -49.61 13.25
C LEU I 133 66.61 -49.42 12.40
N SER I 134 65.78 -48.45 12.77
CA SER I 134 64.55 -48.18 12.03
C SER I 134 64.47 -46.69 11.74
N LYS I 135 63.30 -46.23 11.28
CA LYS I 135 63.18 -44.81 10.96
C LYS I 135 63.36 -43.94 12.20
N THR I 136 62.74 -44.32 13.32
CA THR I 136 62.81 -43.55 14.54
C THR I 136 63.47 -44.32 15.68
N VAL I 137 64.32 -45.29 15.36
CA VAL I 137 64.99 -46.11 16.35
C VAL I 137 66.49 -45.94 16.19
N ARG I 138 67.17 -45.65 17.29
CA ARG I 138 68.63 -45.54 17.25
C ARG I 138 69.33 -46.23 18.41
N PHE I 139 68.61 -46.69 19.43
CA PHE I 139 69.22 -47.31 20.59
C PHE I 139 68.76 -48.75 20.70
N ASN I 140 69.49 -49.51 21.51
CA ASN I 140 69.28 -50.94 21.65
C ASN I 140 69.31 -51.30 23.12
N VAL I 141 68.46 -52.25 23.53
CA VAL I 141 68.37 -52.62 24.94
C VAL I 141 69.62 -53.40 25.34
N LEU I 142 70.31 -52.90 26.36
CA LEU I 142 71.56 -53.51 26.81
C LEU I 142 71.41 -54.30 28.10
N LYS I 143 70.54 -53.87 29.01
CA LYS I 143 70.32 -54.57 30.27
C LYS I 143 68.95 -54.18 30.81
N VAL I 144 68.33 -55.12 31.54
CA VAL I 144 67.00 -54.92 32.10
C VAL I 144 67.08 -55.15 33.61
N THR I 145 66.52 -54.23 34.38
CA THR I 145 66.37 -54.38 35.82
C THR I 145 64.90 -54.25 36.20
N LYS I 146 64.45 -55.14 37.08
CA LYS I 146 63.06 -55.10 37.52
C LYS I 146 62.82 -53.91 38.44
N ALA I 147 61.63 -53.31 38.31
CA ALA I 147 61.27 -52.14 39.09
C ALA I 147 60.34 -52.55 40.24
N ALA I 148 60.98 -53.02 41.32
CA ALA I 148 60.30 -53.34 42.58
C ALA I 148 59.18 -54.37 42.40
N GLY I 149 59.40 -55.33 41.50
CA GLY I 149 58.41 -56.35 41.24
C GLY I 149 58.84 -57.74 41.71
N THR I 150 59.17 -58.61 40.76
CA THR I 150 59.66 -59.97 40.96
C THR I 150 58.71 -60.86 41.74
N LYS I 151 57.47 -60.43 41.97
CA LYS I 151 56.51 -61.21 42.74
C LYS I 151 55.15 -61.10 42.08
N LYS I 152 54.57 -62.26 41.75
CA LYS I 152 53.29 -62.33 41.05
C LYS I 152 52.20 -62.81 42.00
N GLN I 153 51.09 -62.07 42.02
CA GLN I 153 49.98 -62.38 42.93
C GLN I 153 48.78 -62.93 42.17
N GLY J 1 41.99 -31.59 58.90
CA GLY J 1 40.67 -31.29 58.39
C GLY J 1 39.97 -32.51 57.83
N ARG J 2 38.64 -32.51 57.87
CA ARG J 2 37.88 -33.63 57.33
C ARG J 2 37.86 -33.58 55.81
N MET J 3 37.91 -34.77 55.20
CA MET J 3 38.07 -34.86 53.75
C MET J 3 36.86 -34.32 53.01
N HIS J 4 35.67 -34.77 53.39
CA HIS J 4 34.44 -34.39 52.71
C HIS J 4 33.46 -33.72 53.67
N ALA J 5 34.00 -32.90 54.57
CA ALA J 5 33.19 -32.23 55.58
C ALA J 5 33.95 -31.01 56.05
N PRO J 6 33.24 -29.94 56.42
CA PRO J 6 33.89 -28.76 56.99
C PRO J 6 34.12 -28.90 58.50
N GLY J 7 34.65 -30.04 58.91
CA GLY J 7 34.89 -30.34 60.30
C GLY J 7 36.37 -30.33 60.63
N LYS J 8 36.68 -29.86 61.82
CA LYS J 8 38.04 -29.86 62.35
C LYS J 8 38.07 -30.55 63.70
N GLY J 9 37.35 -31.68 63.79
CA GLY J 9 37.21 -32.37 65.05
C GLY J 9 38.51 -33.02 65.49
N LEU J 10 38.87 -32.81 66.75
CA LEU J 10 40.09 -33.34 67.34
C LEU J 10 39.83 -34.61 68.15
N SER J 11 38.62 -35.16 68.08
CA SER J 11 38.29 -36.35 68.85
C SER J 11 39.05 -37.55 68.28
N GLN J 12 40.10 -37.96 68.97
CA GLN J 12 40.95 -39.05 68.54
C GLN J 12 41.16 -40.01 69.71
N SER J 13 42.01 -41.01 69.48
CA SER J 13 42.39 -41.97 70.50
C SER J 13 43.88 -41.81 70.78
N ALA J 14 44.23 -41.61 72.04
CA ALA J 14 45.61 -41.37 72.46
C ALA J 14 46.13 -42.59 73.19
N LEU J 15 47.00 -43.36 72.53
CA LEU J 15 47.68 -44.44 73.20
C LEU J 15 48.62 -43.87 74.25
N PRO J 16 48.71 -44.49 75.43
CA PRO J 16 49.62 -43.99 76.46
C PRO J 16 51.06 -44.24 76.09
N TYR J 17 51.94 -43.44 76.71
CA TYR J 17 53.38 -43.61 76.52
C TYR J 17 53.84 -44.98 76.98
N ARG J 18 53.15 -45.56 77.97
CA ARG J 18 53.48 -46.89 78.46
C ARG J 18 53.35 -47.91 77.33
N ARG J 19 54.37 -48.76 77.20
CA ARG J 19 54.33 -49.86 76.25
C ARG J 19 54.36 -51.23 76.92
N SER J 20 54.70 -51.29 78.20
CA SER J 20 54.75 -52.56 78.91
C SER J 20 53.35 -53.09 79.15
N VAL J 21 53.23 -54.41 79.13
CA VAL J 21 51.94 -55.06 79.43
C VAL J 21 51.58 -54.79 80.89
N PRO J 22 50.32 -54.49 81.20
CA PRO J 22 49.94 -54.25 82.60
C PRO J 22 50.18 -55.47 83.48
N THR J 23 50.54 -55.19 84.74
CA THR J 23 50.82 -56.27 85.68
C THR J 23 49.57 -57.09 85.99
N TRP J 24 48.40 -56.47 86.00
CA TRP J 24 47.16 -57.19 86.29
C TRP J 24 46.64 -57.97 85.10
N LEU J 25 47.18 -57.75 83.91
CA LEU J 25 46.73 -58.47 82.73
C LEU J 25 47.39 -59.85 82.73
N LYS J 26 46.70 -60.84 83.26
CA LYS J 26 47.27 -62.16 83.45
C LYS J 26 47.16 -63.04 82.22
N LEU J 27 46.41 -62.61 81.21
CA LEU J 27 46.25 -63.40 80.00
C LEU J 27 47.54 -63.41 79.20
N THR J 28 47.69 -64.42 78.36
CA THR J 28 48.90 -64.60 77.55
C THR J 28 48.64 -64.22 76.11
N SER J 29 49.73 -64.14 75.34
CA SER J 29 49.63 -63.75 73.94
C SER J 29 48.81 -64.75 73.14
N ASP J 30 49.05 -66.04 73.36
CA ASP J 30 48.26 -67.06 72.66
C ASP J 30 46.82 -67.05 73.13
N ASP J 31 46.57 -66.70 74.40
CA ASP J 31 45.19 -66.57 74.87
C ASP J 31 44.46 -65.45 74.16
N VAL J 32 45.16 -64.37 73.85
CA VAL J 32 44.57 -63.32 73.01
C VAL J 32 44.31 -63.87 71.61
N LYS J 33 45.24 -64.67 71.10
CA LYS J 33 45.11 -65.21 69.75
C LYS J 33 43.86 -66.08 69.61
N GLU J 34 43.68 -67.05 70.51
CA GLU J 34 42.54 -67.93 70.43
C GLU J 34 41.22 -67.18 70.66
N GLN J 35 41.24 -66.17 71.54
CA GLN J 35 40.05 -65.34 71.72
C GLN J 35 39.68 -64.63 70.43
N ILE J 36 40.67 -64.11 69.71
CA ILE J 36 40.40 -63.41 68.45
C ILE J 36 39.86 -64.38 67.41
N TYR J 37 40.42 -65.58 67.35
CA TYR J 37 39.96 -66.57 66.37
C TYR J 37 38.50 -66.92 66.59
N LYS J 38 38.04 -66.88 67.83
CA LYS J 38 36.64 -67.14 68.13
C LYS J 38 35.74 -66.07 67.55
N LEU J 39 36.09 -64.79 67.75
CA LEU J 39 35.20 -63.70 67.35
C LEU J 39 35.26 -63.45 65.85
N ALA J 40 36.45 -63.58 65.25
CA ALA J 40 36.56 -63.36 63.82
C ALA J 40 35.85 -64.45 63.04
N LYS J 41 35.96 -65.70 63.49
CA LYS J 41 35.16 -66.78 62.90
C LYS J 41 33.69 -66.63 63.26
N LYS J 42 33.38 -65.92 64.34
CA LYS J 42 32.00 -65.66 64.70
C LYS J 42 31.32 -64.78 63.67
N GLY J 43 32.07 -63.89 63.03
CA GLY J 43 31.51 -63.03 62.00
C GLY J 43 31.57 -61.55 62.33
N LEU J 44 32.59 -61.13 63.05
CA LEU J 44 32.76 -59.73 63.42
C LEU J 44 34.01 -59.15 62.78
N THR J 45 33.95 -57.87 62.47
CA THR J 45 35.04 -57.19 61.78
C THR J 45 36.25 -57.05 62.70
N PRO J 46 37.44 -56.84 62.13
CA PRO J 46 38.62 -56.62 62.99
C PRO J 46 38.49 -55.41 63.90
N SER J 47 37.82 -54.34 63.44
CA SER J 47 37.55 -53.21 64.32
C SER J 47 36.61 -53.62 65.45
N GLN J 48 35.62 -54.46 65.14
CA GLN J 48 34.72 -54.96 66.17
C GLN J 48 35.43 -55.93 67.11
N ILE J 49 36.51 -56.56 66.65
CA ILE J 49 37.28 -57.43 67.53
C ILE J 49 38.02 -56.61 68.57
N GLY J 50 38.67 -55.53 68.16
CA GLY J 50 39.49 -54.75 69.07
C GLY J 50 38.68 -54.06 70.15
N VAL J 51 37.47 -53.60 69.81
CA VAL J 51 36.65 -52.94 70.82
C VAL J 51 36.16 -53.95 71.86
N ILE J 52 35.84 -55.17 71.41
CA ILE J 52 35.26 -56.15 72.33
C ILE J 52 36.33 -56.73 73.25
N LEU J 53 37.50 -57.05 72.70
CA LEU J 53 38.58 -57.58 73.53
C LEU J 53 39.01 -56.56 74.59
N ARG J 54 39.10 -55.29 74.21
CA ARG J 54 39.47 -54.27 75.18
C ARG J 54 38.37 -54.06 76.22
N ASP J 55 37.11 -53.96 75.77
CA ASP J 55 36.02 -53.67 76.69
C ASP J 55 35.81 -54.81 77.69
N SER J 56 35.66 -56.03 77.18
CA SER J 56 35.23 -57.15 78.00
C SER J 56 36.39 -57.83 78.72
N HIS J 57 37.53 -57.93 78.06
CA HIS J 57 38.65 -58.71 78.58
C HIS J 57 39.83 -57.86 79.01
N GLY J 58 39.78 -56.55 78.78
CA GLY J 58 40.80 -55.65 79.27
C GLY J 58 42.19 -55.84 78.70
N VAL J 59 42.31 -55.98 77.39
CA VAL J 59 43.59 -55.95 76.72
C VAL J 59 43.90 -54.50 76.34
N ALA J 60 45.06 -54.01 76.76
CA ALA J 60 45.44 -52.63 76.47
C ALA J 60 45.62 -52.44 74.96
N GLN J 61 46.38 -53.33 74.33
CA GLN J 61 46.69 -53.21 72.91
C GLN J 61 47.14 -54.57 72.43
N VAL J 62 46.50 -55.07 71.36
CA VAL J 62 46.90 -56.34 70.78
C VAL J 62 48.33 -56.26 70.27
N ARG J 63 48.70 -55.11 69.70
CA ARG J 63 50.08 -54.91 69.27
C ARG J 63 51.05 -54.93 70.44
N PHE J 64 50.59 -54.52 71.62
CA PHE J 64 51.48 -54.52 72.79
C PHE J 64 51.70 -55.93 73.32
N VAL J 65 50.64 -56.74 73.38
CA VAL J 65 50.71 -58.03 74.05
C VAL J 65 51.22 -59.12 73.13
N THR J 66 50.87 -59.10 71.85
CA THR J 66 51.32 -60.10 70.90
C THR J 66 52.47 -59.63 70.03
N GLY J 67 52.76 -58.33 70.01
CA GLY J 67 53.76 -57.81 69.11
C GLY J 67 53.28 -57.56 67.70
N ASN J 68 51.99 -57.70 67.44
CA ASN J 68 51.47 -57.56 66.09
C ASN J 68 50.02 -57.07 66.17
N LYS J 69 49.56 -56.44 65.11
CA LYS J 69 48.20 -55.91 65.02
C LYS J 69 47.22 -57.03 64.69
N ILE J 70 45.93 -56.72 64.85
CA ILE J 70 44.89 -57.73 64.70
C ILE J 70 44.83 -58.24 63.27
N LEU J 71 44.84 -57.33 62.29
CA LEU J 71 44.61 -57.74 60.91
C LEU J 71 45.73 -58.61 60.38
N ARG J 72 46.97 -58.30 60.73
CA ARG J 72 48.08 -59.15 60.33
C ARG J 72 47.97 -60.51 60.99
N ILE J 73 47.49 -60.55 62.24
CA ILE J 73 47.22 -61.81 62.91
C ILE J 73 46.14 -62.59 62.16
N LEU J 74 45.11 -61.88 61.69
CA LEU J 74 44.02 -62.52 60.96
C LEU J 74 44.51 -63.11 59.65
N LYS J 75 45.31 -62.35 58.89
CA LYS J 75 45.74 -62.84 57.59
C LYS J 75 46.78 -63.94 57.72
N SER J 76 47.54 -63.94 58.82
CA SER J 76 48.50 -65.03 59.04
C SER J 76 47.79 -66.35 59.27
N LYS J 77 46.62 -66.33 59.93
CA LYS J 77 45.82 -67.53 60.05
C LYS J 77 45.07 -67.81 58.75
N GLY J 78 44.68 -66.76 58.03
CA GLY J 78 43.99 -66.91 56.76
C GLY J 78 42.51 -66.61 56.78
N LEU J 79 41.97 -66.14 57.89
CA LEU J 79 40.55 -65.82 57.99
C LEU J 79 40.27 -64.33 57.80
N ALA J 80 41.28 -63.55 57.45
CA ALA J 80 41.04 -62.15 57.12
C ALA J 80 40.30 -62.05 55.80
N PRO J 81 39.26 -61.22 55.73
CA PRO J 81 38.49 -61.09 54.48
C PRO J 81 39.32 -60.47 53.36
N ASP J 82 38.90 -60.76 52.13
CA ASP J 82 39.57 -60.20 50.96
C ASP J 82 39.42 -58.69 50.90
N LEU J 83 38.27 -58.17 51.30
CA LEU J 83 38.11 -56.72 51.23
C LEU J 83 38.54 -56.08 52.54
N PRO J 84 39.18 -54.90 52.49
CA PRO J 84 39.45 -54.16 53.71
C PRO J 84 38.14 -53.75 54.39
N GLU J 85 38.19 -53.67 55.72
CA GLU J 85 36.99 -53.39 56.49
C GLU J 85 36.42 -52.02 56.16
N ASP J 86 37.29 -51.01 56.06
CA ASP J 86 36.82 -49.66 55.75
C ASP J 86 36.31 -49.56 54.32
N LEU J 87 36.92 -50.30 53.39
CA LEU J 87 36.43 -50.33 52.02
C LEU J 87 35.09 -51.04 51.95
N TYR J 88 34.93 -52.11 52.71
CA TYR J 88 33.68 -52.87 52.72
C TYR J 88 32.54 -52.00 53.26
N HIS J 89 32.79 -51.28 54.34
CA HIS J 89 31.74 -50.46 54.94
C HIS J 89 31.45 -49.22 54.12
N LEU J 90 32.44 -48.73 53.37
CA LEU J 90 32.18 -47.66 52.41
C LEU J 90 31.22 -48.13 51.33
N ILE J 91 31.47 -49.31 50.77
CA ILE J 91 30.60 -49.84 49.73
C ILE J 91 29.22 -50.13 50.28
N LYS J 92 29.16 -50.70 51.49
CA LYS J 92 27.86 -51.00 52.11
C LYS J 92 27.05 -49.72 52.30
N LYS J 93 27.70 -48.64 52.73
CA LYS J 93 27.01 -47.37 52.84
C LYS J 93 26.50 -46.90 51.49
N ALA J 94 27.31 -47.04 50.45
CA ALA J 94 26.92 -46.58 49.12
C ALA J 94 25.72 -47.36 48.61
N VAL J 95 25.62 -48.63 48.97
CA VAL J 95 24.46 -49.43 48.57
C VAL J 95 23.20 -48.93 49.25
N ALA J 96 23.29 -48.61 50.55
CA ALA J 96 22.13 -48.12 51.27
C ALA J 96 21.68 -46.77 50.75
N VAL J 97 22.65 -45.90 50.42
CA VAL J 97 22.31 -44.61 49.84
C VAL J 97 21.68 -44.79 48.47
N ARG J 98 22.22 -45.70 47.66
CA ARG J 98 21.67 -45.95 46.33
C ARG J 98 20.24 -46.48 46.41
N LYS J 99 19.99 -47.41 47.35
CA LYS J 99 18.64 -47.94 47.51
C LYS J 99 17.68 -46.88 48.04
N HIS J 100 18.17 -45.98 48.89
CA HIS J 100 17.32 -44.88 49.33
C HIS J 100 17.04 -43.90 48.20
N LEU J 101 17.99 -43.76 47.28
CA LEU J 101 17.87 -42.74 46.24
C LEU J 101 16.84 -43.12 45.19
N GLU J 102 16.79 -44.40 44.81
CA GLU J 102 15.81 -44.82 43.82
C GLU J 102 14.39 -44.70 44.34
N ARG J 103 14.19 -44.90 45.65
CA ARG J 103 12.86 -44.68 46.22
C ARG J 103 12.52 -43.20 46.25
N ASN J 104 13.50 -42.35 46.52
CA ASN J 104 13.28 -40.91 46.67
C ASN J 104 14.19 -40.18 45.69
N ARG J 105 13.66 -39.88 44.50
CA ARG J 105 14.45 -39.22 43.47
C ARG J 105 14.65 -37.74 43.77
N LYS J 106 13.77 -37.14 44.56
CA LYS J 106 13.82 -35.70 44.78
C LYS J 106 14.74 -35.31 45.93
N ASP J 107 15.43 -36.26 46.55
CA ASP J 107 16.36 -35.96 47.62
C ASP J 107 17.69 -35.55 47.00
N LYS J 108 17.80 -34.25 46.70
CA LYS J 108 19.00 -33.72 46.09
C LYS J 108 20.20 -33.82 47.03
N ASP J 109 19.97 -33.68 48.33
CA ASP J 109 21.06 -33.80 49.29
C ASP J 109 21.65 -35.20 49.28
N ALA J 110 20.81 -36.22 49.17
CA ALA J 110 21.29 -37.59 49.15
C ALA J 110 22.05 -37.89 47.87
N LYS J 111 21.63 -37.28 46.76
CA LYS J 111 22.39 -37.40 45.52
C LYS J 111 23.76 -36.76 45.66
N PHE J 112 23.82 -35.62 46.36
CA PHE J 112 25.11 -35.00 46.65
C PHE J 112 25.98 -35.92 47.51
N ARG J 113 25.38 -36.52 48.55
CA ARG J 113 26.15 -37.35 49.46
C ARG J 113 26.64 -38.62 48.78
N LEU J 114 25.89 -39.12 47.80
CA LEU J 114 26.33 -40.29 47.07
C LEU J 114 27.62 -40.02 46.32
N ILE J 115 27.75 -38.82 45.74
CA ILE J 115 28.97 -38.46 45.04
C ILE J 115 30.14 -38.42 46.01
N LEU J 116 29.95 -37.81 47.18
CA LEU J 116 31.03 -37.70 48.16
C LEU J 116 31.48 -39.07 48.65
N ILE J 117 30.52 -39.95 48.92
CA ILE J 117 30.86 -41.28 49.41
C ILE J 117 31.63 -42.06 48.35
N GLU J 118 31.15 -42.02 47.11
CA GLU J 118 31.80 -42.78 46.05
C GLU J 118 33.15 -42.18 45.67
N SER J 119 33.32 -40.87 45.84
CA SER J 119 34.61 -40.25 45.63
C SER J 119 35.64 -40.80 46.61
N ARG J 120 35.24 -40.99 47.87
CA ARG J 120 36.11 -41.62 48.84
C ARG J 120 36.33 -43.08 48.49
N ILE J 121 35.32 -43.72 47.89
CA ILE J 121 35.43 -45.13 47.50
C ILE J 121 36.52 -45.30 46.45
N HIS J 122 36.51 -44.45 45.43
CA HIS J 122 37.46 -44.58 44.33
C HIS J 122 38.88 -44.25 44.79
N ARG J 123 39.01 -43.22 45.60
CA ARG J 123 40.34 -42.82 46.07
C ARG J 123 40.97 -43.91 46.93
N LEU J 124 40.19 -44.49 47.85
CA LEU J 124 40.70 -45.59 48.65
C LEU J 124 40.99 -46.81 47.79
N ALA J 125 40.20 -47.03 46.75
CA ALA J 125 40.44 -48.16 45.86
C ALA J 125 41.77 -48.01 45.14
N ARG J 126 42.09 -46.79 44.69
CA ARG J 126 43.38 -46.56 44.05
C ARG J 126 44.53 -46.82 45.01
N TYR J 127 44.36 -46.42 46.27
CA TYR J 127 45.41 -46.66 47.27
C TYR J 127 45.65 -48.14 47.49
N TYR J 128 44.57 -48.92 47.54
CA TYR J 128 44.72 -50.34 47.84
C TYR J 128 45.34 -51.10 46.67
N LYS J 129 45.02 -50.71 45.44
CA LYS J 129 45.68 -51.33 44.30
C LYS J 129 47.18 -51.05 44.32
N THR J 130 47.56 -49.86 44.75
CA THR J 130 48.97 -49.54 44.91
C THR J 130 49.61 -50.45 45.95
N LYS J 131 48.92 -50.68 47.06
CA LYS J 131 49.41 -51.59 48.08
C LYS J 131 49.14 -53.05 47.76
N ARG J 132 48.64 -53.34 46.55
CA ARG J 132 48.39 -54.69 46.06
C ARG J 132 47.38 -55.46 46.91
N VAL J 133 46.62 -54.75 47.74
CA VAL J 133 45.50 -55.38 48.44
C VAL J 133 44.44 -55.83 47.45
N LEU J 134 44.10 -54.97 46.52
CA LEU J 134 43.12 -55.21 45.48
C LEU J 134 43.80 -55.66 44.20
N PRO J 135 43.09 -56.40 43.35
CA PRO J 135 43.60 -56.66 42.00
C PRO J 135 43.80 -55.37 41.25
N PRO J 136 44.84 -55.27 40.43
CA PRO J 136 45.04 -54.04 39.64
C PRO J 136 43.92 -53.78 38.64
N ASN J 137 43.15 -54.80 38.26
CA ASN J 137 42.01 -54.62 37.40
C ASN J 137 40.69 -54.59 38.16
N TRP J 138 40.73 -54.32 39.47
CA TRP J 138 39.52 -54.19 40.25
C TRP J 138 38.78 -52.93 39.85
N LYS J 139 37.47 -52.91 40.11
CA LYS J 139 36.66 -51.76 39.76
C LYS J 139 35.40 -51.75 40.60
N TYR J 140 35.00 -50.57 41.04
CA TYR J 140 33.71 -50.41 41.71
C TYR J 140 32.65 -50.04 40.68
N GLU J 141 31.44 -50.56 40.87
CA GLU J 141 30.34 -50.28 39.97
C GLU J 141 29.06 -50.13 40.78
N SER J 142 28.15 -49.31 40.24
CA SER J 142 26.83 -49.19 40.85
C SER J 142 26.04 -50.49 40.74
N SER J 143 26.17 -51.19 39.62
CA SER J 143 25.42 -52.43 39.41
C SER J 143 25.96 -53.55 40.28
N THR J 144 27.28 -53.71 40.34
CA THR J 144 27.91 -54.80 41.05
C THR J 144 28.12 -54.49 42.52
N ALA J 145 27.78 -53.29 42.98
CA ALA J 145 27.90 -52.98 44.40
C ALA J 145 26.98 -53.85 45.24
N SER J 146 25.75 -54.05 44.79
CA SER J 146 24.77 -54.80 45.56
C SER J 146 25.13 -56.27 45.71
N ALA J 147 26.01 -56.79 44.87
CA ALA J 147 26.49 -58.16 44.99
C ALA J 147 27.82 -58.25 45.73
N LEU J 148 28.71 -57.29 45.51
CA LEU J 148 30.04 -57.33 46.09
C LEU J 148 29.99 -57.24 47.61
N VAL J 149 29.16 -56.37 48.14
CA VAL J 149 29.01 -56.24 49.57
C VAL J 149 27.88 -57.15 50.02
N ALA J 150 27.99 -57.64 51.26
CA ALA J 150 26.99 -58.52 51.87
C ALA J 150 26.65 -59.72 51.00
N ILE K 4 -45.22 -0.31 76.42
CA ILE K 4 -44.42 -1.41 75.90
C ILE K 4 -42.97 -1.29 76.34
N SER K 5 -42.43 -0.06 76.27
CA SER K 5 -41.09 0.32 76.72
C SER K 5 -39.98 -0.29 75.87
N LEU K 6 -40.34 -1.11 74.88
CA LEU K 6 -39.39 -1.72 73.95
C LEU K 6 -38.26 -2.47 74.66
N GLY K 7 -38.64 -3.21 75.70
CA GLY K 7 -37.67 -3.91 76.50
C GLY K 7 -38.22 -5.13 77.22
N PRO K 8 -37.35 -5.83 77.94
CA PRO K 8 -37.78 -7.01 78.70
C PRO K 8 -38.32 -6.65 80.07
N GLN K 9 -38.62 -7.67 80.87
CA GLN K 9 -39.02 -7.49 82.27
C GLN K 9 -37.74 -7.41 83.11
N VAL K 10 -37.29 -6.19 83.39
CA VAL K 10 -36.01 -5.97 84.06
C VAL K 10 -36.27 -5.66 85.54
N ALA K 11 -35.39 -6.18 86.39
CA ALA K 11 -35.41 -5.89 87.81
C ALA K 11 -34.36 -4.84 88.14
N GLU K 12 -34.64 -4.04 89.18
CA GLU K 12 -33.70 -3.00 89.58
C GLU K 12 -32.41 -3.61 90.11
N GLY K 13 -32.51 -4.74 90.83
CA GLY K 13 -31.35 -5.34 91.46
C GLY K 13 -30.40 -6.07 90.53
N GLU K 14 -30.78 -6.23 89.27
CA GLU K 14 -29.91 -6.88 88.28
C GLU K 14 -29.79 -6.01 87.05
N ASN K 15 -28.67 -6.14 86.36
CA ASN K 15 -28.40 -5.41 85.13
C ASN K 15 -28.57 -6.32 83.93
N VAL K 16 -29.19 -5.81 82.88
CA VAL K 16 -29.25 -6.48 81.60
C VAL K 16 -28.03 -6.09 80.78
N PHE K 17 -27.35 -7.09 80.21
CA PHE K 17 -26.09 -6.87 79.52
C PHE K 17 -26.25 -7.17 78.03
N GLY K 18 -25.83 -6.22 77.20
CA GLY K 18 -25.61 -6.45 75.79
C GLY K 18 -24.13 -6.59 75.50
N VAL K 19 -23.81 -6.69 74.22
CA VAL K 19 -22.43 -6.79 73.76
C VAL K 19 -22.25 -5.81 72.60
N CYS K 20 -21.22 -4.98 72.69
CA CYS K 20 -20.93 -3.99 71.64
C CYS K 20 -19.67 -4.42 70.92
N HIS K 21 -19.84 -5.11 69.78
CA HIS K 21 -18.71 -5.49 68.93
C HIS K 21 -18.26 -4.25 68.17
N ILE K 22 -17.22 -3.59 68.68
CA ILE K 22 -16.70 -2.39 68.04
C ILE K 22 -15.47 -2.76 67.23
N PHE K 23 -15.40 -2.24 66.01
CA PHE K 23 -14.28 -2.46 65.10
C PHE K 23 -13.84 -1.08 64.63
N ALA K 24 -12.91 -0.47 65.37
CA ALA K 24 -12.41 0.86 65.06
C ALA K 24 -11.16 0.70 64.20
N SER K 25 -11.35 0.78 62.89
CA SER K 25 -10.25 0.75 61.96
C SER K 25 -9.79 2.17 61.65
N PHE K 26 -8.98 2.33 60.63
CA PHE K 26 -8.71 3.64 60.07
C PHE K 26 -9.78 3.96 59.03
N ASN K 27 -10.09 5.25 58.91
CA ASN K 27 -11.12 5.78 58.04
C ASN K 27 -12.52 5.26 58.37
N ASP K 28 -12.70 4.65 59.55
CA ASP K 28 -14.04 4.29 60.01
C ASP K 28 -13.99 3.90 61.48
N THR K 29 -15.15 3.96 62.12
CA THR K 29 -15.34 3.45 63.47
C THR K 29 -16.68 2.75 63.53
N PHE K 30 -16.66 1.44 63.73
CA PHE K 30 -17.87 0.65 63.94
C PHE K 30 -18.10 0.49 65.43
N VAL K 31 -19.29 0.86 65.89
CA VAL K 31 -19.65 0.73 67.31
C VAL K 31 -20.92 -0.10 67.39
N HIS K 32 -21.04 -1.07 66.48
CA HIS K 32 -22.19 -1.96 66.43
C HIS K 32 -22.44 -2.65 67.76
N VAL K 33 -23.69 -2.64 68.19
CA VAL K 33 -24.09 -3.28 69.44
C VAL K 33 -25.15 -4.34 69.15
N THR K 34 -24.92 -5.56 69.63
CA THR K 34 -25.77 -6.70 69.41
C THR K 34 -26.17 -7.29 70.76
N ASP K 35 -26.92 -8.38 70.71
CA ASP K 35 -27.23 -9.14 71.93
C ASP K 35 -26.03 -10.03 72.27
N LEU K 36 -26.22 -10.97 73.20
CA LEU K 36 -25.11 -11.81 73.63
C LEU K 36 -24.62 -12.72 72.51
N SER K 37 -25.54 -13.31 71.74
CA SER K 37 -25.12 -14.18 70.66
C SER K 37 -24.48 -13.40 69.53
N GLY K 38 -25.03 -12.23 69.20
CA GLY K 38 -24.62 -11.47 68.05
C GLY K 38 -25.42 -11.75 66.79
N LYS K 39 -26.31 -12.74 66.83
CA LYS K 39 -27.19 -12.99 65.68
C LYS K 39 -28.22 -11.89 65.52
N GLU K 40 -28.88 -11.51 66.61
CA GLU K 40 -29.83 -10.40 66.60
C GLU K 40 -29.14 -9.12 67.06
N THR K 41 -29.37 -8.04 66.34
CA THR K 41 -28.66 -6.79 66.55
C THR K 41 -29.56 -5.75 67.19
N ILE K 42 -28.94 -4.86 67.96
CA ILE K 42 -29.64 -3.79 68.65
C ILE K 42 -29.72 -2.56 67.77
N CYS K 43 -28.56 -2.01 67.42
CA CYS K 43 -28.48 -0.89 66.50
C CYS K 43 -27.06 -0.81 65.97
N ARG K 44 -26.92 -0.31 64.75
CA ARG K 44 -25.61 -0.18 64.12
C ARG K 44 -25.48 1.25 63.61
N VAL K 45 -24.54 1.98 64.17
CA VAL K 45 -24.21 3.34 63.75
C VAL K 45 -22.71 3.41 63.52
N THR K 46 -22.30 3.98 62.39
CA THR K 46 -20.91 4.06 61.99
C THR K 46 -20.42 5.50 62.13
N GLY K 47 -19.12 5.68 61.87
CA GLY K 47 -18.55 7.01 61.95
C GLY K 47 -18.91 7.91 60.80
N GLY K 48 -19.31 7.35 59.67
CA GLY K 48 -19.62 8.12 58.49
C GLY K 48 -21.03 8.66 58.38
N MET K 49 -21.88 8.43 59.38
CA MET K 49 -23.22 8.99 59.40
C MET K 49 -23.40 10.15 60.38
N LYS K 50 -22.52 10.28 61.37
CA LYS K 50 -22.52 11.42 62.27
C LYS K 50 -21.66 12.57 61.77
N VAL K 51 -21.15 12.47 60.54
CA VAL K 51 -20.33 13.52 59.95
C VAL K 51 -20.42 13.40 58.44
N LYS K 52 -20.30 14.52 57.75
CA LYS K 52 -20.38 14.54 56.29
C LYS K 52 -19.14 15.20 55.69
N ALA K 53 -17.95 14.81 56.15
CA ALA K 53 -16.70 15.40 55.68
C ALA K 53 -15.72 14.40 55.09
N ASP K 54 -15.91 13.10 55.33
CA ASP K 54 -15.12 11.98 54.83
C ASP K 54 -13.68 11.99 55.34
N ARG K 55 -13.32 12.90 56.25
CA ARG K 55 -12.07 12.80 56.99
C ARG K 55 -12.27 12.41 58.45
N ASP K 56 -13.42 12.76 59.03
CA ASP K 56 -13.72 12.46 60.43
C ASP K 56 -14.33 11.08 60.61
N GLU K 57 -14.29 10.24 59.58
CA GLU K 57 -14.89 8.90 59.68
C GLU K 57 -14.21 8.06 60.74
N SER K 58 -12.93 8.31 61.00
CA SER K 58 -12.21 7.66 62.09
C SER K 58 -11.86 8.63 63.21
N SER K 59 -12.44 9.83 63.20
CA SER K 59 -12.10 10.82 64.22
C SER K 59 -12.65 10.39 65.57
N PRO K 60 -11.95 10.73 66.65
CA PRO K 60 -12.54 10.52 67.99
C PRO K 60 -13.83 11.29 68.20
N TYR K 61 -13.92 12.51 67.66
CA TYR K 61 -15.10 13.34 67.89
C TYR K 61 -16.34 12.71 67.27
N ALA K 62 -16.26 12.33 66.00
CA ALA K 62 -17.42 11.74 65.34
C ALA K 62 -17.75 10.38 65.92
N ALA K 63 -16.72 9.60 66.29
CA ALA K 63 -16.95 8.32 66.93
C ALA K 63 -17.63 8.49 68.28
N MET K 64 -17.32 9.57 68.98
CA MET K 64 -18.01 9.90 70.22
C MET K 64 -19.47 10.21 69.97
N LEU K 65 -19.76 10.95 68.90
CA LEU K 65 -21.14 11.31 68.59
C LEU K 65 -21.98 10.07 68.30
N ALA K 66 -21.44 9.15 67.50
CA ALA K 66 -22.14 7.90 67.23
C ALA K 66 -22.27 7.07 68.50
N ALA K 67 -21.26 7.09 69.36
CA ALA K 67 -21.32 6.34 70.61
C ALA K 67 -22.46 6.83 71.50
N GLN K 68 -22.69 8.14 71.51
CA GLN K 68 -23.82 8.68 72.27
C GLN K 68 -25.14 8.21 71.70
N ASP K 69 -25.20 7.99 70.39
CA ASP K 69 -26.44 7.49 69.78
C ASP K 69 -26.72 6.06 70.22
N VAL K 70 -25.66 5.27 70.45
CA VAL K 70 -25.84 3.93 70.98
C VAL K 70 -26.41 3.99 72.39
N ALA K 71 -25.94 4.95 73.18
CA ALA K 71 -26.43 5.10 74.55
C ALA K 71 -27.93 5.38 74.57
N GLN K 72 -28.38 6.32 73.74
CA GLN K 72 -29.80 6.64 73.67
C GLN K 72 -30.61 5.46 73.18
N ARG K 73 -30.10 4.76 72.16
CA ARG K 73 -30.89 3.69 71.53
C ARG K 73 -30.99 2.47 72.42
N CYS K 74 -29.90 2.07 73.06
CA CYS K 74 -29.95 0.90 73.94
C CYS K 74 -30.74 1.20 75.21
N LYS K 75 -30.63 2.42 75.74
CA LYS K 75 -31.37 2.75 76.95
C LYS K 75 -32.88 2.72 76.70
N GLU K 76 -33.32 3.21 75.55
CA GLU K 76 -34.73 3.11 75.21
C GLU K 76 -35.12 1.71 74.75
N LEU K 77 -34.15 0.84 74.47
CA LEU K 77 -34.44 -0.56 74.24
C LEU K 77 -34.26 -1.41 75.49
N GLY K 78 -33.94 -0.81 76.63
CA GLY K 78 -33.87 -1.52 77.89
C GLY K 78 -32.58 -2.29 78.09
N ILE K 79 -31.44 -1.63 77.88
CA ILE K 79 -30.13 -2.23 78.10
C ILE K 79 -29.28 -1.22 78.86
N THR K 80 -28.76 -1.63 80.02
CA THR K 80 -28.06 -0.73 80.91
C THR K 80 -26.55 -0.96 80.98
N ALA K 81 -26.08 -2.15 80.60
CA ALA K 81 -24.66 -2.46 80.64
C ALA K 81 -24.28 -3.19 79.37
N LEU K 82 -23.00 -3.07 78.99
CA LEU K 82 -22.51 -3.60 77.73
C LEU K 82 -21.20 -4.33 77.92
N HIS K 83 -20.95 -5.29 77.04
CA HIS K 83 -19.68 -6.02 76.96
C HIS K 83 -18.98 -5.59 75.68
N ILE K 84 -17.98 -4.73 75.81
CA ILE K 84 -17.31 -4.15 74.65
C ILE K 84 -16.29 -5.12 74.10
N LYS K 85 -16.36 -5.37 72.79
CA LYS K 85 -15.44 -6.27 72.10
C LYS K 85 -14.67 -5.44 71.07
N LEU K 86 -13.44 -5.08 71.41
CA LEU K 86 -12.59 -4.29 70.52
C LEU K 86 -12.13 -5.11 69.33
N ARG K 87 -11.89 -4.43 68.22
CA ARG K 87 -11.40 -5.08 67.01
C ARG K 87 -10.58 -4.10 66.19
N ALA K 88 -9.37 -4.53 65.81
CA ALA K 88 -8.53 -3.79 64.90
C ALA K 88 -8.81 -4.28 63.48
N THR K 89 -8.00 -3.83 62.53
CA THR K 89 -8.18 -4.27 61.15
C THR K 89 -7.85 -5.75 61.00
N GLY K 90 -6.81 -6.22 61.67
CA GLY K 90 -6.45 -7.61 61.60
C GLY K 90 -5.93 -8.01 60.23
N GLY K 91 -6.07 -9.31 59.94
CA GLY K 91 -5.59 -9.84 58.68
C GLY K 91 -4.10 -9.64 58.53
N ASN K 92 -3.66 -9.40 57.29
CA ASN K 92 -2.31 -8.93 57.08
C ASN K 92 -2.17 -7.44 57.31
N ARG K 93 -3.27 -6.71 57.41
CA ARG K 93 -3.25 -5.27 57.62
C ARG K 93 -3.05 -4.97 59.11
N THR K 94 -3.23 -3.71 59.48
CA THR K 94 -2.75 -3.23 60.77
C THR K 94 -3.47 -3.91 61.93
N LYS K 95 -2.72 -4.14 63.01
CA LYS K 95 -3.27 -4.67 64.25
C LYS K 95 -3.52 -3.58 65.29
N THR K 96 -3.39 -2.31 64.91
CA THR K 96 -3.64 -1.20 65.82
C THR K 96 -4.98 -0.56 65.46
N PRO K 97 -5.90 -0.45 66.40
CA PRO K 97 -7.17 0.22 66.10
C PRO K 97 -6.97 1.71 65.88
N GLY K 98 -7.95 2.32 65.21
CA GLY K 98 -7.88 3.72 64.90
C GLY K 98 -8.07 4.58 66.13
N PRO K 99 -7.99 5.89 65.93
CA PRO K 99 -8.19 6.81 67.06
C PRO K 99 -9.58 6.74 67.69
N GLY K 100 -10.58 6.29 66.94
CA GLY K 100 -11.92 6.17 67.48
C GLY K 100 -12.09 5.08 68.51
N ALA K 101 -11.09 4.21 68.68
CA ALA K 101 -11.18 3.15 69.68
C ALA K 101 -11.28 3.72 71.09
N GLN K 102 -10.52 4.78 71.37
CA GLN K 102 -10.55 5.37 72.71
C GLN K 102 -11.85 6.15 72.94
N SER K 103 -12.31 6.89 71.93
CA SER K 103 -13.46 7.76 72.13
C SER K 103 -14.74 6.96 72.28
N ALA K 104 -14.97 5.99 71.42
CA ALA K 104 -16.19 5.19 71.49
C ALA K 104 -16.24 4.32 72.74
N LEU K 105 -15.11 4.19 73.45
CA LEU K 105 -15.05 3.42 74.68
C LEU K 105 -15.13 4.31 75.91
N ARG K 106 -14.67 5.56 75.81
CA ARG K 106 -14.77 6.49 76.93
C ARG K 106 -16.11 7.22 76.96
N ALA K 107 -16.72 7.44 75.79
CA ALA K 107 -18.02 8.10 75.75
C ALA K 107 -19.11 7.22 76.36
N LEU K 108 -19.01 5.90 76.17
CA LEU K 108 -20.05 5.02 76.67
C LEU K 108 -20.06 4.98 78.19
N ALA K 109 -18.89 5.06 78.81
CA ALA K 109 -18.80 4.95 80.27
C ALA K 109 -19.54 6.10 80.95
N ARG K 110 -19.39 7.30 80.43
CA ARG K 110 -19.97 8.49 81.05
C ARG K 110 -21.30 8.91 80.43
N SER K 111 -21.81 8.17 79.44
CA SER K 111 -23.10 8.50 78.86
C SER K 111 -24.27 7.86 79.61
N GLY K 112 -24.01 7.23 80.74
CA GLY K 112 -25.04 6.54 81.48
C GLY K 112 -25.22 5.09 81.12
N MET K 113 -24.14 4.35 80.88
CA MET K 113 -24.23 2.95 80.52
C MET K 113 -23.02 2.22 81.06
N LYS K 114 -23.25 1.12 81.78
CA LYS K 114 -22.19 0.42 82.47
C LYS K 114 -21.37 -0.42 81.51
N ILE K 115 -20.17 -0.80 81.97
CA ILE K 115 -19.19 -1.51 81.17
C ILE K 115 -18.80 -2.78 81.90
N GLY K 116 -18.68 -3.88 81.15
CA GLY K 116 -18.27 -5.13 81.74
C GLY K 116 -16.98 -5.68 81.17
N ARG K 117 -17.03 -6.93 80.69
CA ARG K 117 -15.86 -7.57 80.11
C ARG K 117 -15.47 -6.90 78.80
N ILE K 118 -14.18 -6.63 78.64
CA ILE K 118 -13.63 -6.01 77.44
C ILE K 118 -12.57 -6.95 76.87
N GLU K 119 -12.82 -7.44 75.65
CA GLU K 119 -12.01 -8.48 75.04
C GLU K 119 -11.73 -8.09 73.60
N ASP K 120 -10.62 -8.60 73.07
CA ASP K 120 -10.20 -8.28 71.71
C ASP K 120 -10.60 -9.39 70.75
N VAL K 121 -11.50 -9.08 69.84
CA VAL K 121 -11.93 -10.01 68.80
C VAL K 121 -11.16 -9.78 67.50
N THR K 122 -10.01 -9.12 67.57
CA THR K 122 -9.26 -8.78 66.38
C THR K 122 -8.84 -10.06 65.65
N PRO K 123 -9.02 -10.13 64.33
CA PRO K 123 -8.58 -11.31 63.60
C PRO K 123 -7.06 -11.39 63.55
N ILE K 124 -6.49 -12.33 64.29
CA ILE K 124 -5.04 -12.50 64.30
C ILE K 124 -4.73 -13.79 63.55
N PRO K 125 -4.39 -13.71 62.27
CA PRO K 125 -4.07 -14.93 61.52
C PRO K 125 -2.81 -15.59 62.04
N SER K 126 -2.82 -16.92 62.03
CA SER K 126 -1.57 -17.65 62.13
C SER K 126 -0.66 -17.24 60.98
N ASP K 127 -1.07 -17.55 59.76
CA ASP K 127 -0.37 -17.04 58.58
C ASP K 127 -1.39 -16.81 57.47
N SER K 128 -1.54 -15.55 57.08
CA SER K 128 -2.57 -15.15 56.13
C SER K 128 -1.99 -15.08 54.72
N THR K 129 -2.78 -14.53 53.79
CA THR K 129 -2.36 -14.39 52.41
C THR K 129 -1.38 -13.22 52.28
N ARG K 130 -0.91 -12.99 51.05
CA ARG K 130 0.08 -11.96 50.80
C ARG K 130 -0.57 -10.57 50.85
N ARG K 131 0.10 -9.65 51.55
CA ARG K 131 -0.40 -8.30 51.72
C ARG K 131 -0.42 -7.55 50.39
N LYS K 132 -1.26 -6.52 50.31
CA LYS K 132 -1.39 -5.72 49.11
C LYS K 132 -0.41 -4.56 49.13
N GLY K 133 0.33 -4.39 48.04
CA GLY K 133 1.24 -3.26 47.91
C GLY K 133 2.55 -3.58 47.23
N GLY K 134 2.85 -4.86 47.06
CA GLY K 134 4.11 -5.27 46.50
C GLY K 134 5.21 -5.34 47.55
N ARG K 135 6.32 -5.95 47.16
CA ARG K 135 7.43 -6.10 48.10
C ARG K 135 8.16 -4.79 48.37
N ARG K 136 7.88 -3.74 47.62
CA ARG K 136 8.49 -2.45 47.86
C ARG K 136 7.66 -1.57 48.79
N GLY K 137 6.46 -2.00 49.14
CA GLY K 137 5.61 -1.17 49.94
C GLY K 137 5.03 -0.01 49.13
N ARG K 138 4.42 0.91 49.85
CA ARG K 138 3.82 2.11 49.26
C ARG K 138 4.87 3.21 49.29
N ARG K 139 5.51 3.44 48.14
CA ARG K 139 6.59 4.42 48.04
C ARG K 139 6.03 5.82 48.23
N LEU K 140 6.31 6.42 49.38
CA LEU K 140 5.90 7.80 49.65
C LEU K 140 7.06 8.61 50.21
N MET L 1 81.07 -1.05 66.80
CA MET L 1 82.21 -0.67 67.62
C MET L 1 83.24 -1.78 67.68
N GLN L 2 84.40 -1.47 68.27
CA GLN L 2 85.53 -2.38 68.40
C GLN L 2 85.99 -2.88 67.03
N ASN L 3 86.50 -1.94 66.25
CA ASN L 3 87.05 -2.25 64.94
C ASN L 3 88.29 -3.13 65.09
N ASP L 4 88.85 -3.55 63.95
CA ASP L 4 89.98 -4.48 63.98
C ASP L 4 91.22 -3.88 64.65
N ALA L 5 91.32 -2.55 64.72
CA ALA L 5 92.41 -1.94 65.46
C ALA L 5 92.30 -2.22 66.94
N GLY L 6 91.09 -2.16 67.49
CA GLY L 6 90.87 -2.52 68.88
C GLY L 6 89.98 -1.55 69.63
N GLU L 7 90.04 -0.27 69.26
CA GLU L 7 89.28 0.74 69.97
C GLU L 7 87.79 0.57 69.74
N PHE L 8 87.01 0.83 70.79
CA PHE L 8 85.55 0.74 70.73
C PHE L 8 85.02 2.03 70.13
N VAL L 9 85.15 2.14 68.82
CA VAL L 9 84.78 3.35 68.09
C VAL L 9 83.27 3.48 67.95
N ASP L 10 82.68 4.27 68.85
CA ASP L 10 81.26 4.56 68.84
C ASP L 10 81.02 5.75 69.76
N LEU L 11 80.07 6.61 69.37
CA LEU L 11 79.76 7.78 70.19
C LEU L 11 79.18 7.39 71.54
N TYR L 12 78.28 6.40 71.58
CA TYR L 12 77.79 5.91 72.86
C TYR L 12 77.23 4.51 72.69
N VAL L 13 77.04 3.84 73.82
CA VAL L 13 76.51 2.48 73.88
C VAL L 13 75.19 2.54 74.64
N PRO L 14 74.09 2.06 74.08
CA PRO L 14 72.79 2.20 74.71
C PRO L 14 72.60 1.19 75.86
N ARG L 15 71.40 1.18 76.41
CA ARG L 15 71.05 0.31 77.53
C ARG L 15 70.43 -0.98 77.00
N LYS L 16 69.89 -1.78 77.91
CA LYS L 16 69.19 -3.01 77.55
C LYS L 16 68.14 -3.32 78.59
N CYS L 17 67.22 -4.21 78.23
CA CYS L 17 66.12 -4.59 79.10
C CYS L 17 66.51 -5.79 79.95
N SER L 18 66.02 -5.82 81.19
CA SER L 18 66.23 -6.97 82.04
C SER L 18 65.14 -8.01 81.89
N ALA L 19 64.00 -7.65 81.30
CA ALA L 19 62.90 -8.59 81.09
C ALA L 19 62.98 -9.30 79.75
N SER L 20 63.36 -8.60 78.68
CA SER L 20 63.41 -9.17 77.35
C SER L 20 64.73 -8.94 76.62
N ASN L 21 65.73 -8.35 77.29
CA ASN L 21 67.05 -8.14 76.70
C ASN L 21 66.98 -7.31 75.42
N ARG L 22 66.10 -6.30 75.42
CA ARG L 22 65.88 -5.46 74.25
C ARG L 22 66.55 -4.10 74.44
N ILE L 23 67.05 -3.54 73.34
CA ILE L 23 67.78 -2.28 73.41
C ILE L 23 66.82 -1.18 73.84
N ILE L 24 67.23 -0.42 74.86
CA ILE L 24 66.51 0.79 75.24
C ILE L 24 66.76 1.84 74.15
N GLY L 25 65.71 2.24 73.46
CA GLY L 25 65.85 3.22 72.39
C GLY L 25 66.31 4.56 72.91
N ALA L 26 67.01 5.31 72.05
CA ALA L 26 67.45 6.64 72.42
C ALA L 26 66.28 7.57 72.69
N LYS L 27 65.12 7.30 72.10
CA LYS L 27 63.92 8.10 72.34
C LYS L 27 62.77 7.27 72.87
N ASP L 28 63.06 6.13 73.49
CA ASP L 28 62.04 5.37 74.19
C ASP L 28 61.70 6.07 75.49
N HIS L 29 60.71 6.96 75.46
CA HIS L 29 60.38 7.79 76.61
C HIS L 29 59.51 7.07 77.63
N ALA L 30 59.06 5.86 77.34
CA ALA L 30 58.42 5.02 78.35
C ALA L 30 59.41 4.10 79.06
N SER L 31 60.67 4.09 78.64
CA SER L 31 61.67 3.21 79.25
C SER L 31 61.97 3.66 80.67
N ILE L 32 61.94 2.71 81.60
CA ILE L 32 62.15 3.01 83.00
C ILE L 32 63.38 2.24 83.49
N GLN L 33 64.14 2.87 84.38
CA GLN L 33 65.28 2.23 85.01
C GLN L 33 65.18 2.55 86.51
N MET L 34 64.44 1.73 87.23
CA MET L 34 64.24 1.91 88.66
C MET L 34 65.36 1.25 89.43
N ASN L 35 65.43 1.55 90.72
CA ASN L 35 66.46 1.02 91.60
C ASN L 35 65.82 0.49 92.87
N VAL L 36 66.30 -0.65 93.34
CA VAL L 36 65.87 -1.24 94.60
C VAL L 36 66.99 -1.04 95.60
N ALA L 37 66.66 -0.45 96.76
CA ALA L 37 67.64 -0.24 97.82
C ALA L 37 67.60 -1.44 98.75
N GLU L 38 68.59 -2.32 98.61
CA GLU L 38 68.67 -3.49 99.47
C GLU L 38 69.14 -3.11 100.87
N VAL L 39 68.90 -4.00 101.81
CA VAL L 39 69.22 -3.77 103.22
C VAL L 39 70.14 -4.87 103.70
N ASP L 40 70.80 -4.60 104.81
CA ASP L 40 71.62 -5.62 105.47
C ASP L 40 70.72 -6.63 106.18
N LYS L 41 71.31 -7.78 106.51
CA LYS L 41 70.55 -8.84 107.16
C LYS L 41 70.32 -8.56 108.63
N VAL L 42 71.26 -7.90 109.30
CA VAL L 42 71.26 -7.80 110.75
C VAL L 42 70.09 -6.95 111.25
N THR L 43 69.87 -5.79 110.64
CA THR L 43 68.85 -4.87 111.10
C THR L 43 67.85 -4.50 110.02
N GLY L 44 68.10 -4.84 108.77
CA GLY L 44 67.20 -4.47 107.70
C GLY L 44 67.20 -2.99 107.39
N ARG L 45 68.27 -2.29 107.73
CA ARG L 45 68.39 -0.87 107.39
C ARG L 45 69.13 -0.71 106.07
N PHE L 46 68.93 0.45 105.46
CA PHE L 46 69.59 0.77 104.20
C PHE L 46 71.10 0.80 104.40
N ASN L 47 71.82 0.07 103.54
CA ASN L 47 73.27 -0.04 103.62
C ASN L 47 73.97 0.78 102.53
N GLY L 48 73.32 1.80 102.00
CA GLY L 48 73.97 2.69 101.07
C GLY L 48 73.86 2.31 99.60
N GLN L 49 74.52 1.23 99.20
CA GLN L 49 74.49 0.83 97.81
C GLN L 49 73.18 0.13 97.48
N PHE L 50 72.88 0.04 96.19
CA PHE L 50 71.58 -0.41 95.70
C PHE L 50 71.78 -1.33 94.49
N LYS L 51 70.69 -1.94 94.06
CA LYS L 51 70.62 -2.66 92.81
C LYS L 51 69.73 -1.89 91.85
N THR L 52 69.76 -2.28 90.58
CA THR L 52 69.05 -1.54 89.54
C THR L 52 68.52 -2.49 88.48
N TYR L 53 67.28 -2.23 88.04
CA TYR L 53 66.65 -2.99 86.97
C TYR L 53 66.17 -2.02 85.89
N ALA L 54 66.18 -2.51 84.66
CA ALA L 54 65.79 -1.71 83.49
C ALA L 54 64.67 -2.42 82.75
N ILE L 55 63.63 -1.68 82.40
CA ILE L 55 62.49 -2.21 81.67
C ILE L 55 62.25 -1.33 80.45
N CYS L 56 62.20 -1.94 79.27
CA CYS L 56 61.88 -1.19 78.07
C CYS L 56 60.39 -0.85 78.03
N GLY L 57 60.07 0.19 77.24
CA GLY L 57 58.70 0.68 77.22
C GLY L 57 57.71 -0.36 76.71
N ALA L 58 58.13 -1.17 75.73
CA ALA L 58 57.20 -2.12 75.11
C ALA L 58 56.72 -3.17 76.11
N ILE L 59 57.62 -3.71 76.93
CA ILE L 59 57.22 -4.70 77.93
C ILE L 59 56.29 -4.07 78.96
N ARG L 60 56.66 -2.89 79.45
CA ARG L 60 55.83 -2.22 80.44
C ARG L 60 54.65 -1.49 79.81
N ARG L 61 54.35 -1.74 78.54
CA ARG L 61 53.12 -1.29 77.91
C ARG L 61 52.12 -2.41 77.71
N MET L 62 52.61 -3.61 77.38
CA MET L 62 51.75 -4.79 77.40
C MET L 62 51.43 -5.24 78.82
N GLY L 63 52.03 -4.62 79.82
CA GLY L 63 51.62 -4.81 81.19
C GLY L 63 52.28 -5.94 81.93
N GLU L 64 53.40 -6.45 81.43
CA GLU L 64 54.07 -7.57 82.07
C GLU L 64 55.24 -7.16 82.95
N SER L 65 55.43 -5.86 83.19
CA SER L 65 56.43 -5.44 84.17
C SER L 65 56.02 -5.84 85.57
N ASP L 66 54.73 -6.15 85.77
CA ASP L 66 54.25 -6.66 87.06
C ASP L 66 54.99 -7.92 87.46
N ASP L 67 55.03 -8.91 86.56
CA ASP L 67 55.65 -10.19 86.89
C ASP L 67 57.16 -10.17 86.70
N SER L 68 57.66 -9.43 85.71
CA SER L 68 59.08 -9.46 85.41
C SER L 68 59.90 -8.78 86.50
N ILE L 69 59.38 -7.71 87.10
CA ILE L 69 60.06 -7.08 88.23
C ILE L 69 60.09 -8.02 89.43
N LEU L 70 59.03 -8.81 89.61
CA LEU L 70 59.04 -9.85 90.63
C LEU L 70 60.13 -10.88 90.36
N ARG L 71 60.27 -11.30 89.10
CA ARG L 71 61.27 -12.31 88.77
C ARG L 71 62.68 -11.76 88.87
N LEU L 72 62.87 -10.50 88.47
CA LEU L 72 64.19 -9.87 88.57
C LEU L 72 64.57 -9.61 90.01
N ALA L 73 63.59 -9.33 90.87
CA ALA L 73 63.87 -9.22 92.30
C ALA L 73 64.09 -10.58 92.94
N LYS L 74 63.48 -11.63 92.37
CA LYS L 74 63.78 -12.99 92.83
C LYS L 74 65.22 -13.36 92.51
N ALA L 75 65.74 -12.84 91.39
CA ALA L 75 67.08 -13.19 90.96
C ALA L 75 68.13 -12.75 91.97
N ASP L 76 67.96 -11.55 92.53
CA ASP L 76 68.89 -11.00 93.50
C ASP L 76 68.55 -11.40 94.93
N GLY L 77 67.65 -12.36 95.11
CA GLY L 77 67.33 -12.86 96.43
C GLY L 77 66.48 -11.94 97.27
N ILE L 78 66.05 -10.80 96.73
CA ILE L 78 65.21 -9.88 97.49
C ILE L 78 63.87 -10.52 97.82
N VAL L 79 63.30 -11.24 96.87
CA VAL L 79 62.08 -11.99 97.10
C VAL L 79 62.45 -13.36 97.67
N SER L 80 61.67 -13.80 98.67
CA SER L 80 61.93 -15.07 99.32
C SER L 80 61.68 -16.24 98.37
N LYS L 81 62.28 -17.39 98.72
CA LYS L 81 62.13 -18.58 97.90
C LYS L 81 60.73 -19.15 97.96
N ASN L 82 60.08 -19.09 99.13
CA ASN L 82 58.75 -19.65 99.31
C ASN L 82 57.64 -18.73 98.84
N PHE L 83 57.99 -17.69 98.08
CA PHE L 83 57.02 -16.73 97.55
C PHE L 83 55.96 -17.40 96.69
N VAL M 1 47.65 -29.13 55.17
CA VAL M 1 48.39 -29.98 56.09
C VAL M 1 49.73 -29.33 56.44
N ARG M 2 50.49 -29.99 57.30
CA ARG M 2 51.81 -29.49 57.69
C ARG M 2 52.84 -30.02 56.69
N MET M 3 53.19 -29.21 55.71
CA MET M 3 54.05 -29.65 54.62
C MET M 3 55.52 -29.35 54.82
N ASN M 4 55.88 -28.61 55.87
CA ASN M 4 57.28 -28.37 56.18
C ASN M 4 57.40 -28.21 57.69
N VAL M 5 58.06 -29.18 58.33
CA VAL M 5 58.18 -29.19 59.77
C VAL M 5 59.09 -28.07 60.25
N LEU M 6 60.17 -27.81 59.51
CA LEU M 6 61.08 -26.73 59.88
C LEU M 6 60.40 -25.37 59.73
N ALA M 7 59.59 -25.20 58.70
CA ALA M 7 58.87 -23.95 58.52
C ALA M 7 57.91 -23.70 59.67
N ASP M 8 57.23 -24.74 60.15
CA ASP M 8 56.29 -24.57 61.24
C ASP M 8 57.00 -24.23 62.53
N ALA M 9 58.15 -24.85 62.80
CA ALA M 9 58.86 -24.57 64.04
C ALA M 9 59.52 -23.20 64.02
N LEU M 10 60.18 -22.85 62.92
CA LEU M 10 60.89 -21.57 62.86
C LEU M 10 59.92 -20.41 62.94
N LYS M 11 58.74 -20.56 62.35
CA LYS M 11 57.72 -19.52 62.49
C LYS M 11 57.18 -19.48 63.91
N SER M 12 57.03 -20.65 64.55
CA SER M 12 56.50 -20.68 65.90
C SER M 12 57.41 -19.97 66.88
N ILE M 13 58.72 -20.20 66.77
CA ILE M 13 59.65 -19.60 67.72
C ILE M 13 59.92 -18.15 67.38
N ASN M 14 59.74 -17.77 66.11
CA ASN M 14 59.92 -16.37 65.73
C ASN M 14 58.87 -15.49 66.38
N ASN M 15 57.61 -15.96 66.41
CA ASN M 15 56.55 -15.19 67.04
C ASN M 15 56.79 -15.03 68.53
N ALA M 16 57.19 -16.11 69.20
CA ALA M 16 57.41 -16.06 70.64
C ALA M 16 58.60 -15.18 70.98
N GLU M 17 59.63 -15.18 70.13
CA GLU M 17 60.73 -14.25 70.32
C GLU M 17 60.28 -12.81 70.13
N LYS M 18 59.40 -12.58 69.15
CA LYS M 18 58.88 -11.22 68.93
C LYS M 18 58.09 -10.74 70.14
N ARG M 19 57.31 -11.63 70.75
CA ARG M 19 56.62 -11.28 71.99
C ARG M 19 57.58 -11.14 73.16
N GLY M 20 58.73 -11.80 73.09
CA GLY M 20 59.69 -11.74 74.18
C GLY M 20 59.45 -12.75 75.27
N LYS M 21 59.11 -13.98 74.93
CA LYS M 21 58.85 -15.02 75.91
C LYS M 21 60.16 -15.64 76.37
N ARG M 22 60.06 -16.64 77.24
CA ARG M 22 61.23 -17.35 77.75
C ARG M 22 61.35 -18.77 77.20
N GLN M 23 60.24 -19.51 77.10
CA GLN M 23 60.26 -20.86 76.59
C GLN M 23 59.12 -21.04 75.60
N VAL M 24 59.43 -21.70 74.49
CA VAL M 24 58.46 -21.94 73.42
C VAL M 24 58.50 -23.42 73.05
N LEU M 25 57.31 -24.02 72.91
CA LEU M 25 57.18 -25.42 72.54
C LEU M 25 56.79 -25.54 71.09
N ILE M 26 57.47 -26.42 70.36
CA ILE M 26 57.13 -26.77 68.99
C ILE M 26 56.67 -28.22 68.97
N ARG M 27 55.51 -28.46 68.34
CA ARG M 27 54.90 -29.78 68.44
C ARG M 27 55.69 -30.86 67.69
N PRO M 28 56.01 -30.71 66.39
CA PRO M 28 56.71 -31.81 65.72
C PRO M 28 58.23 -31.69 65.78
N CYS M 29 58.90 -32.77 66.16
CA CYS M 29 60.36 -32.80 66.21
C CYS M 29 60.91 -33.47 64.96
N SER M 30 62.10 -33.04 64.55
CA SER M 30 62.83 -33.68 63.47
C SER M 30 64.31 -33.40 63.63
N LYS M 31 65.12 -34.29 63.06
CA LYS M 31 66.58 -34.11 63.12
C LYS M 31 66.99 -32.83 62.41
N VAL M 32 66.26 -32.44 61.37
CA VAL M 32 66.57 -31.19 60.68
C VAL M 32 66.32 -30.00 61.59
N ILE M 33 65.29 -30.09 62.43
CA ILE M 33 65.03 -29.04 63.40
C ILE M 33 66.09 -29.04 64.49
N VAL M 34 66.46 -30.23 64.97
CA VAL M 34 67.47 -30.35 66.02
C VAL M 34 68.80 -29.78 65.52
N ARG M 35 69.22 -30.19 64.33
CA ARG M 35 70.47 -29.70 63.77
C ARG M 35 70.41 -28.20 63.49
N PHE M 36 69.24 -27.70 63.12
CA PHE M 36 69.09 -26.26 62.95
C PHE M 36 69.26 -25.53 64.28
N LEU M 37 68.76 -26.11 65.37
CA LEU M 37 68.89 -25.47 66.66
C LEU M 37 70.30 -25.57 67.22
N THR M 38 71.03 -26.61 66.81
CA THR M 38 72.38 -26.80 67.35
C THR M 38 73.30 -25.66 66.96
N VAL M 39 73.22 -25.21 65.72
CA VAL M 39 74.08 -24.10 65.31
C VAL M 39 73.67 -22.82 66.02
N MET M 40 72.39 -22.66 66.35
CA MET M 40 71.95 -21.46 67.05
C MET M 40 72.47 -21.43 68.48
N MET M 41 72.67 -22.60 69.08
CA MET M 41 73.31 -22.66 70.39
C MET M 41 74.79 -22.30 70.28
N LYS M 42 75.43 -22.64 69.16
CA LYS M 42 76.85 -22.37 69.01
C LYS M 42 77.13 -20.88 69.04
N HIS M 43 76.32 -20.10 68.33
CA HIS M 43 76.51 -18.66 68.26
C HIS M 43 75.79 -17.92 69.38
N GLY M 44 75.17 -18.65 70.31
CA GLY M 44 74.54 -18.02 71.45
C GLY M 44 73.23 -17.34 71.16
N TYR M 45 72.65 -17.52 69.97
CA TYR M 45 71.40 -16.86 69.63
C TYR M 45 70.27 -17.30 70.55
N ILE M 46 70.31 -18.52 71.05
CA ILE M 46 69.32 -19.06 71.97
C ILE M 46 70.05 -19.73 73.14
N GLY M 47 69.27 -20.33 74.03
CA GLY M 47 69.82 -21.01 75.17
C GLY M 47 69.61 -22.51 75.14
N GLU M 48 69.47 -23.11 76.32
CA GLU M 48 69.27 -24.55 76.42
C GLU M 48 67.90 -24.95 75.88
N PHE M 49 67.87 -26.00 75.08
CA PHE M 49 66.61 -26.56 74.61
C PHE M 49 66.59 -28.06 74.88
N GLU M 50 65.42 -28.56 75.28
CA GLU M 50 65.24 -29.96 75.64
C GLU M 50 64.09 -30.56 74.84
N ILE M 51 64.23 -31.84 74.50
CA ILE M 51 63.31 -32.54 73.63
C ILE M 51 62.57 -33.57 74.46
N ILE M 52 61.26 -33.38 74.60
CA ILE M 52 60.39 -34.40 75.19
C ILE M 52 60.21 -35.51 74.18
N ASP M 53 60.92 -36.61 74.38
CA ASP M 53 60.97 -37.69 73.40
C ASP M 53 59.92 -38.74 73.77
N ASP M 54 58.73 -38.59 73.22
CA ASP M 54 57.70 -39.61 73.33
C ASP M 54 57.88 -40.63 72.21
N HIS M 55 56.87 -41.49 72.03
CA HIS M 55 56.90 -42.44 70.94
C HIS M 55 56.42 -41.85 69.63
N ARG M 56 55.80 -40.68 69.68
CA ARG M 56 55.36 -39.94 68.50
C ARG M 56 56.47 -38.97 68.09
N ALA M 57 56.14 -38.03 67.22
CA ALA M 57 57.00 -36.88 67.00
C ALA M 57 57.03 -36.05 68.27
N GLY M 58 58.17 -36.02 68.96
CA GLY M 58 58.27 -35.36 70.25
C GLY M 58 58.19 -33.84 70.14
N LYS M 59 58.07 -33.22 71.30
CA LYS M 59 57.96 -31.77 71.38
C LYS M 59 59.22 -31.17 71.98
N ILE M 60 59.61 -30.01 71.45
CA ILE M 60 60.86 -29.37 71.83
C ILE M 60 60.54 -28.03 72.46
N VAL M 61 61.11 -27.78 73.64
CA VAL M 61 61.01 -26.50 74.32
C VAL M 61 62.38 -25.83 74.28
N VAL M 62 62.40 -24.56 73.90
CA VAL M 62 63.64 -23.82 73.69
C VAL M 62 63.70 -22.66 74.66
N ASN M 63 64.87 -22.41 75.21
CA ASN M 63 65.10 -21.18 75.96
C ASN M 63 65.47 -20.05 75.00
N LEU M 64 64.93 -18.87 75.28
CA LEU M 64 65.11 -17.70 74.43
C LEU M 64 65.87 -16.64 75.19
N THR M 65 66.99 -16.19 74.62
CA THR M 65 67.79 -15.13 75.22
C THR M 65 67.35 -13.74 74.80
N GLY M 66 66.40 -13.63 73.87
CA GLY M 66 65.87 -12.34 73.50
C GLY M 66 66.78 -11.49 72.65
N ARG M 67 67.91 -12.04 72.21
CA ARG M 67 68.86 -11.31 71.38
C ARG M 67 68.61 -11.54 69.89
N LEU M 68 67.60 -12.32 69.53
CA LEU M 68 67.30 -12.65 68.15
C LEU M 68 66.39 -11.59 67.53
N ASN M 69 66.55 -11.39 66.22
CA ASN M 69 65.64 -10.55 65.45
C ASN M 69 64.70 -11.40 64.61
N LYS M 70 65.24 -12.29 63.77
CA LYS M 70 64.44 -13.11 62.88
C LYS M 70 65.13 -14.45 62.75
N CYS M 71 64.34 -15.51 62.63
CA CYS M 71 64.83 -16.88 62.47
C CYS M 71 64.05 -17.60 61.38
N GLY M 72 63.90 -16.95 60.24
CA GLY M 72 63.02 -17.44 59.20
C GLY M 72 63.58 -18.64 58.44
N VAL M 73 62.76 -19.13 57.52
CA VAL M 73 63.04 -20.33 56.75
C VAL M 73 62.90 -20.01 55.27
N ILE M 74 63.57 -20.79 54.44
CA ILE M 74 63.43 -20.72 52.99
C ILE M 74 62.80 -22.03 52.56
N SER M 75 61.46 -22.05 52.46
CA SER M 75 60.74 -23.31 52.37
C SER M 75 61.00 -24.08 51.08
N PRO M 76 60.98 -23.47 49.87
CA PRO M 76 61.39 -24.25 48.70
C PRO M 76 62.89 -24.46 48.71
N ARG M 77 63.32 -25.72 48.86
CA ARG M 77 64.70 -26.05 49.19
C ARG M 77 65.57 -25.95 47.93
N PHE M 78 66.02 -24.73 47.66
CA PHE M 78 66.79 -24.45 46.47
C PHE M 78 68.23 -24.97 46.61
N ASP M 79 68.94 -24.99 45.49
CA ASP M 79 70.32 -25.43 45.46
C ASP M 79 71.21 -24.21 45.33
N VAL M 80 72.06 -23.98 46.32
CA VAL M 80 72.95 -22.83 46.35
C VAL M 80 74.38 -23.32 46.18
N GLN M 81 74.98 -22.94 45.06
CA GLN M 81 76.36 -23.29 44.76
C GLN M 81 77.29 -22.27 45.42
N LEU M 82 78.59 -22.51 45.27
CA LEU M 82 79.56 -21.60 45.88
C LEU M 82 79.64 -20.27 45.15
N LYS M 83 79.23 -20.22 43.88
CA LYS M 83 79.33 -18.96 43.15
C LYS M 83 78.27 -17.97 43.60
N ASP M 84 77.05 -18.43 43.83
CA ASP M 84 75.93 -17.55 44.17
C ASP M 84 75.63 -17.53 45.66
N LEU M 85 76.52 -18.06 46.49
CA LEU M 85 76.29 -18.05 47.93
C LEU M 85 76.23 -16.63 48.48
N GLU M 86 77.15 -15.76 48.03
CA GLU M 86 77.11 -14.38 48.48
C GLU M 86 75.91 -13.64 47.88
N LYS M 87 75.37 -14.13 46.77
CA LYS M 87 74.14 -13.55 46.24
C LYS M 87 72.98 -13.76 47.20
N TRP M 88 72.93 -14.92 47.84
CA TRP M 88 71.94 -15.14 48.89
C TRP M 88 72.33 -14.44 50.18
N GLN M 89 73.63 -14.23 50.40
CA GLN M 89 74.08 -13.58 51.63
C GLN M 89 73.64 -12.12 51.68
N ASN M 90 73.93 -11.37 50.62
CA ASN M 90 73.57 -9.95 50.62
C ASN M 90 72.08 -9.74 50.40
N ASN M 91 71.32 -10.79 50.10
CA ASN M 91 69.88 -10.67 49.92
C ASN M 91 69.09 -11.08 51.16
N LEU M 92 69.69 -11.83 52.08
CA LEU M 92 68.99 -12.27 53.27
C LEU M 92 69.63 -11.74 54.55
N LEU M 93 70.94 -11.84 54.68
CA LEU M 93 71.60 -11.33 55.88
C LEU M 93 71.46 -9.82 55.94
N PRO M 94 71.15 -9.27 57.12
CA PRO M 94 70.99 -7.81 57.21
C PRO M 94 72.28 -7.04 57.03
N SER M 95 73.42 -7.69 57.22
CA SER M 95 74.72 -7.08 56.98
C SER M 95 75.74 -8.19 56.84
N ARG M 96 76.95 -7.81 56.44
CA ARG M 96 78.03 -8.78 56.31
C ARG M 96 78.82 -8.97 57.59
N GLN M 97 78.44 -8.30 58.69
CA GLN M 97 79.19 -8.42 59.92
C GLN M 97 78.56 -9.37 60.91
N PHE M 98 77.26 -9.65 60.79
CA PHE M 98 76.59 -10.58 61.69
C PHE M 98 75.51 -11.32 60.91
N GLY M 99 74.87 -12.27 61.58
CA GLY M 99 73.85 -13.09 60.94
C GLY M 99 74.44 -14.35 60.36
N PHE M 100 73.56 -15.33 60.14
CA PHE M 100 73.97 -16.64 59.62
C PHE M 100 72.90 -17.19 58.70
N ILE M 101 73.33 -17.68 57.55
CA ILE M 101 72.48 -18.43 56.64
C ILE M 101 72.86 -19.90 56.75
N VAL M 102 71.91 -20.72 57.18
CA VAL M 102 72.14 -22.14 57.40
C VAL M 102 71.76 -22.89 56.14
N LEU M 103 72.72 -23.60 55.57
CA LEU M 103 72.50 -24.43 54.41
C LEU M 103 73.08 -25.80 54.68
N THR M 104 72.39 -26.83 54.19
CA THR M 104 72.85 -28.19 54.37
C THR M 104 73.71 -28.60 53.19
N THR M 105 74.77 -29.33 53.48
CA THR M 105 75.60 -29.96 52.47
C THR M 105 75.72 -31.43 52.82
N SER M 106 76.47 -32.16 51.99
CA SER M 106 76.76 -33.53 52.35
C SER M 106 77.75 -33.62 53.51
N ALA M 107 78.34 -32.50 53.91
CA ALA M 107 79.11 -32.41 55.14
C ALA M 107 78.23 -32.10 56.35
N GLY M 108 76.92 -32.12 56.19
CA GLY M 108 76.00 -31.89 57.28
C GLY M 108 75.38 -30.51 57.21
N ILE M 109 74.55 -30.23 58.21
CA ILE M 109 73.90 -28.92 58.34
C ILE M 109 74.85 -27.98 59.06
N MET M 110 75.12 -26.84 58.44
CA MET M 110 76.03 -25.87 59.02
C MET M 110 75.71 -24.50 58.42
N ASP M 111 76.41 -23.48 58.88
CA ASP M 111 76.16 -22.13 58.42
C ASP M 111 77.03 -21.82 57.20
N HIS M 112 76.81 -20.62 56.64
CA HIS M 112 77.49 -20.23 55.42
C HIS M 112 78.98 -20.06 55.63
N GLU M 113 79.39 -19.63 56.82
CA GLU M 113 80.81 -19.45 57.09
C GLU M 113 81.53 -20.79 57.16
N GLU M 114 80.93 -21.79 57.81
CA GLU M 114 81.53 -23.12 57.84
C GLU M 114 81.55 -23.75 56.46
N ALA M 115 80.48 -23.56 55.69
CA ALA M 115 80.43 -24.11 54.34
C ALA M 115 81.51 -23.49 53.45
N ARG M 116 81.72 -22.18 53.57
CA ARG M 116 82.79 -21.54 52.81
C ARG M 116 84.16 -21.93 53.35
N ARG M 117 84.23 -22.29 54.64
CA ARG M 117 85.50 -22.71 55.21
C ARG M 117 86.00 -23.99 54.57
N LYS M 118 85.09 -24.93 54.33
CA LYS M 118 85.46 -26.20 53.72
C LYS M 118 85.08 -26.29 52.25
N HIS M 119 84.73 -25.17 51.62
CA HIS M 119 84.62 -25.04 50.17
C HIS M 119 83.60 -26.03 49.59
N THR M 120 82.33 -25.80 49.95
CA THR M 120 81.25 -26.67 49.52
C THR M 120 79.98 -25.87 49.34
N GLY M 121 79.08 -26.41 48.52
CA GLY M 121 77.73 -25.88 48.39
C GLY M 121 76.71 -26.99 48.68
N GLY M 122 75.44 -26.59 48.68
CA GLY M 122 74.39 -27.55 48.97
C GLY M 122 72.99 -27.02 48.75
N LYS M 123 72.09 -27.34 49.68
CA LYS M 123 70.69 -26.93 49.60
C LYS M 123 70.38 -25.95 50.72
N ILE M 124 69.73 -24.84 50.38
CA ILE M 124 69.38 -23.83 51.37
C ILE M 124 68.30 -24.37 52.30
N LEU M 125 68.46 -24.10 53.60
CA LEU M 125 67.48 -24.48 54.61
C LEU M 125 66.83 -23.28 55.26
N GLY M 126 67.62 -22.38 55.81
CA GLY M 126 67.05 -21.27 56.54
C GLY M 126 68.09 -20.21 56.84
N PHE M 127 67.73 -19.30 57.74
CA PHE M 127 68.54 -18.12 58.01
C PHE M 127 68.03 -17.46 59.29
N PHE M 128 68.96 -17.02 60.12
CA PHE M 128 68.62 -16.27 61.31
C PHE M 128 69.64 -15.16 61.53
N PHE M 129 69.21 -14.12 62.23
CA PHE M 129 70.07 -12.98 62.53
C PHE M 129 69.48 -12.15 63.66
N GLY N 1 47.72 -17.27 47.72
CA GLY N 1 49.04 -16.83 47.29
C GLY N 1 49.41 -17.32 45.91
N LYS N 2 50.62 -17.82 45.77
CA LYS N 2 51.13 -18.33 44.49
C LYS N 2 51.79 -19.67 44.72
N CYS N 3 52.12 -20.33 43.61
CA CYS N 3 52.89 -21.57 43.68
C CYS N 3 54.34 -21.28 44.01
N ARG N 4 54.98 -22.22 44.71
CA ARG N 4 56.34 -22.03 45.16
C ARG N 4 57.20 -23.28 45.02
N GLY N 5 56.71 -24.31 44.35
CA GLY N 5 57.41 -25.59 44.33
C GLY N 5 58.69 -25.55 43.51
N LEU N 6 59.45 -26.63 43.62
CA LEU N 6 60.73 -26.69 42.94
C LEU N 6 60.57 -26.92 41.45
N ARG N 7 59.57 -27.67 41.04
CA ARG N 7 59.34 -27.96 39.63
C ARG N 7 58.07 -27.30 39.13
N THR N 8 57.82 -26.07 39.56
CA THR N 8 56.70 -25.28 39.09
C THR N 8 57.13 -24.24 38.06
N ALA N 9 58.33 -24.35 37.50
CA ALA N 9 58.83 -23.34 36.58
C ALA N 9 58.00 -23.27 35.30
N ARG N 10 57.32 -24.36 34.95
CA ARG N 10 56.44 -24.31 33.78
C ARG N 10 55.19 -23.50 34.09
N LYS N 11 54.59 -23.73 35.26
CA LYS N 11 53.41 -22.96 35.66
C LYS N 11 53.74 -21.49 35.80
N LEU N 12 54.91 -21.19 36.37
CA LEU N 12 55.33 -19.80 36.51
C LEU N 12 55.50 -19.15 35.15
N ARG N 13 56.17 -19.84 34.22
CA ARG N 13 56.45 -19.23 32.93
C ARG N 13 55.18 -19.10 32.10
N SER N 14 54.22 -20.01 32.28
CA SER N 14 53.00 -19.95 31.50
C SER N 14 52.11 -18.82 31.99
N HIS N 15 51.94 -18.70 33.30
CA HIS N 15 51.07 -17.66 33.83
C HIS N 15 51.70 -16.28 33.66
N ARG N 16 53.04 -16.19 33.74
CA ARG N 16 53.70 -14.91 33.59
C ARG N 16 53.49 -14.36 32.18
N ARG N 17 53.62 -15.21 31.16
CA ARG N 17 53.39 -14.73 29.82
C ARG N 17 51.92 -14.58 29.48
N ASP N 18 51.03 -15.27 30.21
CA ASP N 18 49.61 -15.05 30.02
C ASP N 18 49.19 -13.70 30.56
N GLN N 19 49.62 -13.37 31.78
CA GLN N 19 49.31 -12.09 32.37
C GLN N 19 49.98 -10.94 31.64
N LYS N 20 51.07 -11.22 30.93
CA LYS N 20 51.72 -10.17 30.15
C LYS N 20 50.86 -9.67 29.00
N TRP N 21 49.83 -10.43 28.60
CA TRP N 21 48.89 -9.96 27.60
C TRP N 21 47.83 -9.05 28.18
N HIS N 22 47.99 -8.61 29.43
CA HIS N 22 46.98 -7.79 30.09
C HIS N 22 47.38 -6.33 30.25
N ASP N 23 48.65 -6.00 30.07
CA ASP N 23 49.03 -4.59 30.06
C ASP N 23 48.99 -4.06 28.64
N LYS N 24 48.80 -2.74 28.53
CA LYS N 24 48.61 -2.12 27.23
C LYS N 24 49.86 -2.20 26.36
N GLN N 25 51.05 -2.07 26.96
CA GLN N 25 52.26 -1.96 26.16
C GLN N 25 52.61 -3.29 25.47
N TYR N 26 52.61 -4.38 26.24
CA TYR N 26 52.88 -5.68 25.64
C TYR N 26 51.79 -6.07 24.65
N LYS N 27 50.53 -5.76 24.98
CA LYS N 27 49.43 -6.07 24.07
C LYS N 27 49.55 -5.24 22.79
N LYS N 28 50.11 -4.04 22.88
CA LYS N 28 50.21 -3.18 21.71
C LYS N 28 51.36 -3.61 20.81
N ALA N 29 52.54 -3.83 21.38
CA ALA N 29 53.74 -4.05 20.58
C ALA N 29 53.93 -5.50 20.16
N HIS N 30 53.07 -6.41 20.63
CA HIS N 30 53.25 -7.83 20.33
C HIS N 30 52.06 -8.47 19.64
N LEU N 31 50.85 -7.96 19.86
CA LEU N 31 49.70 -8.50 19.12
C LEU N 31 49.80 -8.15 17.65
N GLY N 32 50.28 -6.95 17.33
CA GLY N 32 50.48 -6.53 15.96
C GLY N 32 49.26 -5.93 15.30
N THR N 33 48.10 -5.99 15.93
CA THR N 33 46.93 -5.31 15.38
C THR N 33 47.11 -3.81 15.38
N ALA N 34 47.76 -3.28 16.42
CA ALA N 34 48.09 -1.86 16.45
C ALA N 34 49.05 -1.50 15.32
N LEU N 35 50.03 -2.36 15.07
CA LEU N 35 50.97 -2.11 13.98
C LEU N 35 50.29 -2.16 12.63
N LYS N 36 49.29 -3.04 12.49
CA LYS N 36 48.57 -3.14 11.23
C LYS N 36 47.76 -1.88 10.94
N ALA N 37 47.04 -1.40 11.95
CA ALA N 37 46.19 -0.23 11.78
C ALA N 37 46.93 1.08 11.99
N ASN N 38 48.22 1.02 12.28
CA ASN N 38 49.01 2.23 12.48
C ASN N 38 49.13 2.97 11.16
N PRO N 39 48.68 4.23 11.08
CA PRO N 39 48.78 4.95 9.80
C PRO N 39 50.20 5.12 9.30
N PHE N 40 51.15 5.27 10.21
CA PHE N 40 52.55 5.35 9.81
C PHE N 40 53.20 4.00 9.58
N GLY N 41 52.49 2.92 9.85
CA GLY N 41 53.09 1.60 9.75
C GLY N 41 54.25 1.39 10.69
N GLY N 42 54.21 2.01 11.86
CA GLY N 42 55.30 1.91 12.80
C GLY N 42 56.51 2.75 12.47
N ALA N 43 56.45 3.55 11.40
CA ALA N 43 57.57 4.38 11.00
C ALA N 43 57.50 5.73 11.70
N SER N 44 58.67 6.37 11.81
CA SER N 44 58.74 7.65 12.52
C SER N 44 58.06 8.75 11.73
N HIS N 45 58.26 8.79 10.41
CA HIS N 45 57.68 9.82 9.56
C HIS N 45 56.99 9.17 8.38
N ALA N 46 56.18 9.97 7.70
CA ALA N 46 55.49 9.53 6.49
C ALA N 46 55.26 10.72 5.58
N LYS N 47 55.06 10.44 4.30
CA LYS N 47 54.81 11.47 3.29
C LYS N 47 53.40 11.30 2.75
N GLY N 48 52.68 12.42 2.63
CA GLY N 48 51.31 12.39 2.18
C GLY N 48 50.99 13.61 1.34
N ILE N 49 49.71 13.73 0.98
CA ILE N 49 49.22 14.80 0.12
C ILE N 49 48.11 15.54 0.86
N VAL N 50 48.21 16.86 0.87
CA VAL N 50 47.21 17.68 1.54
C VAL N 50 45.91 17.63 0.76
N LEU N 51 44.81 17.33 1.45
CA LEU N 51 43.49 17.23 0.86
C LEU N 51 42.63 18.46 1.12
N GLU N 52 42.61 18.96 2.35
CA GLU N 52 41.66 19.97 2.75
C GLU N 52 42.18 20.71 3.97
N LYS N 53 41.96 22.01 4.02
CA LYS N 53 42.33 22.83 5.16
C LYS N 53 41.12 22.99 6.07
N VAL N 54 41.32 22.69 7.35
CA VAL N 54 40.24 22.65 8.32
C VAL N 54 40.68 23.36 9.60
N GLY N 55 39.69 23.68 10.43
CA GLY N 55 39.99 24.25 11.73
C GLY N 55 39.43 23.41 12.87
N VAL N 56 40.33 22.80 13.64
CA VAL N 56 39.95 21.99 14.78
C VAL N 56 39.71 22.91 15.97
N GLU N 57 38.56 22.77 16.62
CA GLU N 57 38.25 23.61 17.76
C GLU N 57 39.11 23.24 18.96
N ALA N 58 39.31 24.22 19.83
CA ALA N 58 40.01 23.97 21.08
C ALA N 58 39.08 23.28 22.08
N LYS N 59 39.68 22.70 23.11
CA LYS N 59 38.91 22.03 24.15
C LYS N 59 38.19 23.07 25.00
N GLN N 60 37.49 22.60 26.03
CA GLN N 60 36.64 23.48 26.83
C GLN N 60 37.41 24.57 27.58
N PRO N 61 38.46 24.29 28.34
CA PRO N 61 39.13 25.39 29.06
C PRO N 61 39.75 26.43 28.15
N ASN N 62 40.21 26.02 26.97
CA ASN N 62 40.79 26.94 26.01
C ASN N 62 39.72 27.39 25.02
N SER N 63 40.08 28.33 24.14
CA SER N 63 39.15 28.82 23.13
C SER N 63 39.98 29.41 21.99
N ALA N 64 40.12 28.66 20.91
CA ALA N 64 40.87 29.11 19.76
C ALA N 64 40.52 28.20 18.59
N ILE N 65 41.12 28.50 17.44
CA ILE N 65 40.98 27.69 16.24
C ILE N 65 42.35 27.10 15.94
N ARG N 66 42.43 25.78 15.89
CA ARG N 66 43.68 25.09 15.61
C ARG N 66 43.73 24.77 14.13
N LYS N 67 44.88 25.03 13.51
CA LYS N 67 45.01 24.90 12.06
C LYS N 67 45.50 23.52 11.71
N CYS N 68 44.67 22.76 10.99
CA CYS N 68 44.99 21.39 10.63
C CYS N 68 44.65 21.16 9.17
N VAL N 69 45.28 20.14 8.59
CA VAL N 69 45.13 19.81 7.18
C VAL N 69 44.92 18.31 7.04
N ARG N 70 43.90 17.93 6.27
CA ARG N 70 43.73 16.54 5.89
C ARG N 70 44.92 16.09 5.05
N VAL N 71 45.40 14.89 5.31
CA VAL N 71 46.53 14.33 4.57
C VAL N 71 46.18 12.90 4.18
N GLN N 72 46.26 12.60 2.89
CA GLN N 72 46.15 11.23 2.41
C GLN N 72 47.54 10.73 2.04
N LEU N 73 47.98 9.67 2.73
CA LEU N 73 49.35 9.19 2.54
C LEU N 73 49.49 8.48 1.21
N ILE N 74 50.73 8.51 0.68
CA ILE N 74 50.99 7.84 -0.58
C ILE N 74 50.97 6.33 -0.41
N LYS N 75 51.52 5.82 0.68
CA LYS N 75 51.42 4.42 1.02
C LYS N 75 50.21 4.19 1.92
N ASN N 76 49.50 3.10 1.65
CA ASN N 76 48.30 2.64 2.36
C ASN N 76 47.14 3.65 2.33
N GLY N 77 47.31 4.75 1.60
CA GLY N 77 46.27 5.70 1.30
C GLY N 77 45.33 6.11 2.43
N LYS N 78 45.82 6.16 3.66
CA LYS N 78 44.97 6.50 4.78
C LYS N 78 44.95 8.00 5.00
N LYS N 79 43.78 8.51 5.35
CA LYS N 79 43.57 9.94 5.55
C LYS N 79 43.64 10.27 7.04
N ILE N 80 44.41 11.29 7.38
CA ILE N 80 44.66 11.68 8.76
C ILE N 80 44.52 13.19 8.87
N THR N 81 44.63 13.69 10.11
CA THR N 81 44.56 15.11 10.39
C THR N 81 45.89 15.54 11.00
N ALA N 82 46.52 16.55 10.40
CA ALA N 82 47.86 16.97 10.79
C ALA N 82 47.85 18.42 11.21
N PHE N 83 48.31 18.67 12.43
CA PHE N 83 48.42 20.02 12.96
C PHE N 83 49.54 20.79 12.26
N VAL N 84 49.44 22.11 12.26
CA VAL N 84 50.47 22.97 11.70
C VAL N 84 51.08 23.77 12.85
N PRO N 85 52.28 23.43 13.31
CA PRO N 85 52.79 23.94 14.59
C PRO N 85 53.57 25.24 14.48
N ASN N 86 52.95 26.28 13.93
CA ASN N 86 53.58 27.59 13.87
C ASN N 86 52.52 28.68 13.90
N ASP N 87 52.97 29.92 13.75
CA ASP N 87 52.05 31.05 13.81
C ASP N 87 51.25 31.22 12.53
N GLY N 88 51.88 31.02 11.37
CA GLY N 88 51.19 31.25 10.12
C GLY N 88 51.55 30.32 8.99
N CYS N 89 52.13 29.16 9.33
CA CYS N 89 52.62 28.27 8.28
C CYS N 89 51.51 27.59 7.50
N LEU N 90 50.25 27.70 7.94
CA LEU N 90 49.14 27.28 7.10
C LEU N 90 49.16 28.00 5.76
N ASN N 91 49.53 29.29 5.76
CA ASN N 91 49.59 30.05 4.52
C ASN N 91 50.62 29.46 3.56
N PHE N 92 51.74 28.97 4.10
CA PHE N 92 52.74 28.32 3.26
C PHE N 92 52.20 27.02 2.70
N ILE N 93 51.30 26.35 3.43
CA ILE N 93 50.67 25.15 2.93
C ILE N 93 49.65 25.52 1.86
N GLU N 94 49.74 24.87 0.71
CA GLU N 94 48.75 25.00 -0.34
C GLU N 94 48.19 23.63 -0.66
N GLU N 95 47.28 23.58 -1.63
CA GLU N 95 46.61 22.34 -1.96
C GLU N 95 47.55 21.41 -2.72
N ASN N 96 47.39 20.10 -2.48
CA ASN N 96 48.13 19.04 -3.18
C ASN N 96 49.64 19.20 -2.99
N ASP N 97 50.06 19.02 -1.74
CA ASP N 97 51.46 19.17 -1.37
C ASP N 97 52.01 17.87 -0.80
N GLU N 98 53.24 17.54 -1.18
CA GLU N 98 53.96 16.42 -0.60
C GLU N 98 54.45 16.85 0.78
N VAL N 99 53.68 16.54 1.82
CA VAL N 99 54.00 16.96 3.18
C VAL N 99 54.53 15.77 3.96
N LEU N 100 55.60 16.01 4.70
CA LEU N 100 56.21 14.99 5.55
C LEU N 100 55.70 15.21 6.97
N VAL N 101 54.76 14.39 7.41
CA VAL N 101 54.16 14.51 8.72
C VAL N 101 54.83 13.55 9.68
N ALA N 102 54.93 13.95 10.94
CA ALA N 102 55.40 13.11 12.02
C ALA N 102 54.33 13.10 13.11
N GLY N 103 54.52 12.25 14.10
CA GLY N 103 53.63 12.27 15.24
C GLY N 103 53.84 13.51 16.09
N PHE N 104 52.88 13.79 16.97
CA PHE N 104 53.07 14.94 17.85
C PHE N 104 54.05 14.61 18.97
N GLY N 105 54.11 13.36 19.41
CA GLY N 105 55.14 13.01 20.38
C GLY N 105 54.81 11.99 21.45
N ARG N 106 53.56 11.56 21.55
CA ARG N 106 53.17 10.63 22.62
C ARG N 106 52.50 9.39 22.04
N LYS N 107 53.11 8.82 20.99
CA LYS N 107 52.77 7.50 20.47
C LYS N 107 51.30 7.41 20.04
N GLY N 108 50.95 8.22 19.04
CA GLY N 108 49.61 8.17 18.49
C GLY N 108 48.54 8.61 19.46
N HIS N 109 48.81 9.64 20.25
CA HIS N 109 47.85 10.18 21.20
C HIS N 109 47.68 11.66 20.92
N ALA N 110 46.44 12.13 21.00
CA ALA N 110 46.16 13.55 20.84
C ALA N 110 46.83 14.34 21.96
N VAL N 111 47.28 15.55 21.64
CA VAL N 111 48.09 16.35 22.55
C VAL N 111 47.44 17.71 22.74
N GLY N 112 47.44 18.19 23.99
CA GLY N 112 46.98 19.53 24.27
C GLY N 112 45.48 19.65 24.12
N ASP N 113 45.05 20.87 23.75
CA ASP N 113 43.65 21.16 23.54
C ASP N 113 43.21 20.89 22.11
N ILE N 114 43.89 19.98 21.42
CA ILE N 114 43.53 19.63 20.05
C ILE N 114 42.98 18.22 20.04
N PRO N 115 41.66 18.05 19.98
CA PRO N 115 41.09 16.70 20.02
C PRO N 115 41.14 16.02 18.67
N GLY N 116 41.44 14.72 18.71
CA GLY N 116 41.39 13.89 17.52
C GLY N 116 42.51 14.07 16.53
N VAL N 117 43.54 14.83 16.88
CA VAL N 117 44.68 15.06 16.00
C VAL N 117 45.91 14.43 16.62
N ARG N 118 46.62 13.62 15.84
CA ARG N 118 47.75 12.86 16.35
C ARG N 118 49.07 13.18 15.67
N PHE N 119 49.06 13.97 14.60
CA PHE N 119 50.24 14.22 13.81
C PHE N 119 50.39 15.71 13.57
N LYS N 120 51.60 16.11 13.19
CA LYS N 120 51.86 17.49 12.80
C LYS N 120 52.71 17.47 11.54
N VAL N 121 52.51 18.46 10.70
CA VAL N 121 53.24 18.55 9.43
C VAL N 121 54.59 19.20 9.69
N VAL N 122 55.63 18.60 9.13
CA VAL N 122 57.00 19.05 9.32
C VAL N 122 57.57 19.69 8.06
N LYS N 123 57.35 19.08 6.90
CA LYS N 123 57.84 19.62 5.65
C LYS N 123 56.69 19.75 4.67
N VAL N 124 56.86 20.66 3.71
CA VAL N 124 55.87 20.88 2.65
C VAL N 124 56.62 21.06 1.34
N ALA N 125 56.14 20.40 0.28
CA ALA N 125 56.75 20.43 -1.04
C ALA N 125 58.23 20.08 -0.97
N ASN N 126 58.55 19.11 -0.11
CA ASN N 126 59.91 18.61 0.09
C ASN N 126 60.87 19.73 0.48
N VAL N 127 60.41 20.63 1.35
CA VAL N 127 61.27 21.65 1.94
C VAL N 127 60.72 21.96 3.33
N SER N 128 61.60 22.38 4.22
CA SER N 128 61.27 22.47 5.65
C SER N 128 60.30 23.61 5.92
N LEU N 129 59.26 23.31 6.70
CA LEU N 129 58.31 24.34 7.12
C LEU N 129 58.94 25.27 8.16
N LEU N 130 59.88 24.76 8.96
CA LEU N 130 60.62 25.61 9.88
C LEU N 130 61.46 26.64 9.11
N ALA N 131 62.08 26.22 8.01
CA ALA N 131 62.89 27.13 7.23
C ALA N 131 62.04 28.21 6.58
N LEU N 132 60.83 27.87 6.15
CA LEU N 132 59.91 28.89 5.65
C LEU N 132 59.55 29.88 6.74
N TYR N 133 59.33 29.38 7.96
CA TYR N 133 58.95 30.26 9.07
C TYR N 133 60.07 31.20 9.44
N LYS N 134 61.31 30.75 9.34
CA LYS N 134 62.47 31.56 9.73
C LYS N 134 63.11 32.30 8.57
N GLY N 135 62.57 32.17 7.36
CA GLY N 135 63.16 32.86 6.23
C GLY N 135 64.48 32.31 5.77
N LYS N 136 64.82 31.07 6.15
CA LYS N 136 66.07 30.48 5.69
C LYS N 136 66.06 30.26 4.19
N LYS N 137 64.94 29.83 3.63
CA LYS N 137 64.83 29.62 2.20
C LYS N 137 63.40 29.84 1.75
N GLU N 138 63.25 30.10 0.45
CA GLU N 138 61.97 30.47 -0.13
C GLU N 138 61.21 29.22 -0.57
N ARG N 139 60.09 29.45 -1.26
CA ARG N 139 59.31 28.40 -1.88
C ARG N 139 59.98 27.91 -3.15
N PRO N 140 59.61 26.71 -3.64
CA PRO N 140 60.17 26.25 -4.92
C PRO N 140 59.58 26.99 -6.12
N ARG N 141 60.13 28.16 -6.40
CA ARG N 141 59.65 29.01 -7.49
C ARG N 141 60.60 29.00 -8.67
N ASN O 1 122.89 21.13 5.51
CA ASN O 1 123.85 20.04 5.61
C ASN O 1 124.42 19.93 7.02
N ASP O 2 124.56 21.08 7.69
CA ASP O 2 125.27 21.13 8.96
C ASP O 2 124.60 20.27 10.04
N THR O 3 123.29 20.09 9.96
CA THR O 3 122.57 19.23 10.91
C THR O 3 121.76 18.21 10.12
N VAL O 4 122.42 17.14 9.67
CA VAL O 4 121.78 15.98 9.08
C VAL O 4 122.54 14.75 9.55
N THR O 5 121.98 14.03 10.52
CA THR O 5 122.59 12.82 11.05
C THR O 5 121.69 11.64 10.73
N ILE O 6 122.30 10.52 10.37
CA ILE O 6 121.59 9.30 10.00
C ILE O 6 122.05 8.17 10.89
N ARG O 7 121.10 7.43 11.43
CA ARG O 7 121.37 6.23 12.22
C ARG O 7 120.46 5.11 11.76
N THR O 8 120.58 3.96 12.41
CA THR O 8 119.75 2.80 12.10
C THR O 8 119.60 1.93 13.33
N ARG O 9 118.61 1.05 13.28
CA ARG O 9 118.45 -0.02 14.25
C ARG O 9 117.76 -1.18 13.54
N LYS O 10 117.60 -2.29 14.25
CA LYS O 10 117.03 -3.51 13.69
C LYS O 10 117.78 -3.95 12.44
N PHE O 11 119.10 -3.82 12.48
CA PHE O 11 119.93 -4.22 11.37
C PHE O 11 120.06 -5.74 11.32
N MET O 12 120.07 -6.27 10.10
CA MET O 12 120.39 -7.67 9.85
C MET O 12 120.83 -7.79 8.40
N THR O 13 121.39 -8.95 8.08
CA THR O 13 121.66 -9.31 6.70
C THR O 13 121.21 -10.75 6.49
N ASN O 14 120.57 -10.99 5.36
CA ASN O 14 120.14 -12.33 4.97
C ASN O 14 120.66 -12.61 3.58
N ARG O 15 121.60 -13.55 3.48
CA ARG O 15 122.16 -13.90 2.19
C ARG O 15 121.14 -14.57 1.28
N LEU O 16 119.99 -14.98 1.82
CA LEU O 16 118.95 -15.58 0.99
C LEU O 16 118.47 -14.59 -0.06
N LEU O 17 118.31 -13.32 0.33
CA LEU O 17 117.97 -12.25 -0.59
C LEU O 17 119.15 -11.34 -0.87
N GLN O 18 120.36 -11.75 -0.49
CA GLN O 18 121.60 -11.05 -0.78
C GLN O 18 121.59 -9.62 -0.27
N ARG O 19 120.84 -9.35 0.80
CA ARG O 19 120.53 -7.98 1.15
C ARG O 19 120.62 -7.79 2.66
N LYS O 20 120.70 -6.52 3.05
CA LYS O 20 120.72 -6.12 4.44
C LYS O 20 119.47 -5.31 4.73
N GLN O 21 118.73 -5.71 5.76
CA GLN O 21 117.47 -5.08 6.11
C GLN O 21 117.62 -4.36 7.45
N MET O 22 117.20 -3.10 7.48
CA MET O 22 117.30 -2.29 8.68
C MET O 22 116.29 -1.17 8.60
N VAL O 23 115.80 -0.75 9.77
CA VAL O 23 114.96 0.43 9.89
C VAL O 23 115.86 1.60 10.28
N ILE O 24 115.78 2.68 9.52
CA ILE O 24 116.69 3.82 9.65
C ILE O 24 115.91 5.02 10.14
N ASP O 25 116.49 5.76 11.06
CA ASP O 25 115.88 6.94 11.66
C ASP O 25 116.76 8.14 11.34
N VAL O 26 116.33 8.94 10.36
CA VAL O 26 117.07 10.13 9.96
C VAL O 26 116.61 11.29 10.82
N LEU O 27 117.47 12.30 10.98
CA LEU O 27 117.18 13.41 11.89
C LEU O 27 117.55 14.73 11.22
N HIS O 28 116.53 15.47 10.78
CA HIS O 28 116.70 16.87 10.42
C HIS O 28 116.04 17.72 11.50
N PRO O 29 116.80 18.48 12.29
CA PRO O 29 116.19 19.16 13.44
C PRO O 29 115.15 20.20 13.06
N GLY O 30 115.52 21.16 12.23
CA GLY O 30 114.60 22.22 11.86
C GLY O 30 114.23 22.22 10.40
N LYS O 31 114.62 21.17 9.69
CA LYS O 31 114.44 21.12 8.25
C LYS O 31 113.18 20.36 7.86
N ALA O 32 112.84 20.45 6.58
CA ALA O 32 111.73 19.70 6.04
C ALA O 32 112.08 18.22 5.97
N THR O 33 111.15 17.44 5.45
CA THR O 33 111.45 16.04 5.15
C THR O 33 112.59 15.97 4.15
N VAL O 34 113.59 15.16 4.45
CA VAL O 34 114.73 15.00 3.56
C VAL O 34 114.30 14.12 2.39
N PRO O 35 114.63 14.49 1.16
CA PRO O 35 114.38 13.59 0.03
C PRO O 35 115.18 12.30 0.18
N LYS O 36 114.67 11.25 -0.46
CA LYS O 36 115.25 9.92 -0.29
C LYS O 36 116.69 9.84 -0.81
N THR O 37 117.04 10.68 -1.79
CA THR O 37 118.34 10.56 -2.43
C THR O 37 119.48 10.85 -1.45
N GLU O 38 119.31 11.85 -0.58
CA GLU O 38 120.37 12.17 0.39
C GLU O 38 120.55 11.05 1.39
N ILE O 39 119.46 10.42 1.81
CA ILE O 39 119.54 9.23 2.66
C ILE O 39 120.28 8.13 1.93
N ARG O 40 120.04 8.02 0.62
CA ARG O 40 120.64 6.98 -0.19
C ARG O 40 122.15 7.11 -0.21
N GLU O 41 122.65 8.32 -0.50
CA GLU O 41 124.09 8.51 -0.63
C GLU O 41 124.80 8.50 0.71
N LYS O 42 124.16 9.02 1.76
CA LYS O 42 124.81 9.07 3.06
C LYS O 42 124.89 7.70 3.69
N LEU O 43 123.79 6.92 3.63
CA LEU O 43 123.82 5.57 4.15
C LEU O 43 124.79 4.70 3.37
N ALA O 44 124.87 4.90 2.05
CA ALA O 44 125.85 4.19 1.24
C ALA O 44 127.27 4.60 1.62
N LYS O 45 127.49 5.89 1.87
CA LYS O 45 128.80 6.35 2.31
C LYS O 45 129.17 5.75 3.66
N MET O 46 128.17 5.58 4.53
CA MET O 46 128.39 4.92 5.81
C MET O 46 128.84 3.48 5.61
N TYR O 47 128.25 2.79 4.64
CA TYR O 47 128.58 1.40 4.36
C TYR O 47 129.73 1.25 3.38
N LYS O 48 130.31 2.36 2.91
CA LYS O 48 131.37 2.36 1.90
C LYS O 48 130.93 1.65 0.62
N THR O 49 129.67 1.85 0.24
CA THR O 49 129.08 1.17 -0.90
C THR O 49 128.58 2.21 -1.89
N THR O 50 128.44 1.79 -3.14
CA THR O 50 127.94 2.68 -4.18
C THR O 50 126.50 3.09 -3.89
N PRO O 51 126.16 4.37 -4.09
CA PRO O 51 124.82 4.88 -3.76
C PRO O 51 123.79 4.74 -4.88
N ASP O 52 123.76 3.56 -5.49
CA ASP O 52 122.69 3.23 -6.43
C ASP O 52 122.09 1.86 -6.18
N VAL O 53 122.77 1.00 -5.40
CA VAL O 53 122.21 -0.28 -4.96
C VAL O 53 121.43 -0.13 -3.66
N ILE O 54 121.22 1.10 -3.20
CA ILE O 54 120.52 1.39 -1.95
C ILE O 54 119.09 1.78 -2.26
N PHE O 55 118.15 1.19 -1.51
CA PHE O 55 116.73 1.46 -1.65
C PHE O 55 116.18 1.91 -0.31
N VAL O 56 115.44 3.00 -0.28
CA VAL O 56 114.79 3.49 0.92
C VAL O 56 113.35 3.85 0.59
N PHE O 57 112.48 3.78 1.60
CA PHE O 57 111.05 3.92 1.40
C PHE O 57 110.38 4.06 2.76
N GLY O 58 109.06 4.23 2.75
CA GLY O 58 108.24 4.18 3.94
C GLY O 58 108.62 5.15 5.04
N PHE O 59 108.89 6.40 4.67
CA PHE O 59 109.39 7.40 5.61
C PHE O 59 108.22 8.20 6.15
N ARG O 60 108.16 8.32 7.48
CA ARG O 60 107.16 9.13 8.15
C ARG O 60 107.85 10.13 9.06
N THR O 61 107.57 11.41 8.84
CA THR O 61 108.11 12.45 9.69
C THR O 61 107.35 12.51 10.99
N HIS O 62 108.08 12.64 12.10
CA HIS O 62 107.46 12.79 13.39
C HIS O 62 106.70 14.10 13.47
N PHE O 63 105.78 14.18 14.42
CA PHE O 63 105.02 15.41 14.62
C PHE O 63 105.95 16.54 15.01
N GLY O 64 105.88 17.65 14.26
CA GLY O 64 106.77 18.76 14.47
C GLY O 64 108.10 18.65 13.76
N GLY O 65 108.37 17.52 13.10
CA GLY O 65 109.65 17.34 12.43
C GLY O 65 110.64 16.56 13.27
N GLY O 66 111.90 16.75 12.92
CA GLY O 66 112.98 16.08 13.63
C GLY O 66 113.29 14.72 13.05
N LYS O 67 112.85 13.67 13.73
CA LYS O 67 113.12 12.31 13.29
C LYS O 67 112.12 11.91 12.22
N THR O 68 112.62 11.38 11.11
CA THR O 68 111.79 10.74 10.10
C THR O 68 112.22 9.29 10.00
N THR O 69 111.29 8.37 10.25
CA THR O 69 111.59 6.95 10.32
C THR O 69 111.16 6.28 9.02
N GLY O 70 112.10 5.58 8.38
CA GLY O 70 111.82 4.83 7.18
C GLY O 70 112.54 3.50 7.22
N PHE O 71 112.44 2.77 6.11
CA PHE O 71 113.03 1.45 5.98
C PHE O 71 114.08 1.47 4.88
N GLY O 72 115.22 0.83 5.13
CA GLY O 72 116.28 0.77 4.14
C GLY O 72 116.65 -0.65 3.75
N MET O 73 116.60 -0.93 2.46
CA MET O 73 117.05 -2.19 1.89
C MET O 73 118.24 -1.92 1.00
N ILE O 74 119.41 -2.46 1.38
CA ILE O 74 120.61 -2.36 0.56
C ILE O 74 120.93 -3.77 0.06
N TYR O 75 121.58 -3.83 -1.09
CA TYR O 75 121.86 -5.09 -1.76
C TYR O 75 123.33 -5.17 -2.08
N ASP O 76 123.88 -6.38 -2.09
CA ASP O 76 125.30 -6.55 -2.37
C ASP O 76 125.63 -6.47 -3.86
N SER O 77 124.63 -6.54 -4.74
CA SER O 77 124.85 -6.28 -6.15
C SER O 77 123.55 -5.84 -6.79
N LEU O 78 123.64 -4.88 -7.72
CA LEU O 78 122.44 -4.40 -8.40
C LEU O 78 121.88 -5.47 -9.33
N ASP O 79 122.73 -6.35 -9.85
CA ASP O 79 122.23 -7.48 -10.64
C ASP O 79 121.30 -8.36 -9.81
N TYR O 80 121.67 -8.61 -8.56
CA TYR O 80 120.81 -9.37 -7.66
C TYR O 80 119.49 -8.63 -7.39
N ALA O 81 119.57 -7.31 -7.20
CA ALA O 81 118.37 -6.54 -6.93
C ALA O 81 117.40 -6.59 -8.10
N LYS O 82 117.91 -6.52 -9.33
CA LYS O 82 117.06 -6.66 -10.50
C LYS O 82 116.36 -8.02 -10.52
N LYS O 83 116.99 -9.05 -9.95
CA LYS O 83 116.32 -10.34 -9.83
C LYS O 83 115.16 -10.27 -8.83
N ASN O 84 115.39 -9.66 -7.66
CA ASN O 84 114.38 -9.63 -6.60
C ASN O 84 114.15 -8.20 -6.09
N GLU O 85 113.33 -7.46 -6.82
CA GLU O 85 112.77 -6.20 -6.35
C GLU O 85 111.33 -6.09 -6.80
N PRO O 86 110.48 -5.44 -6.01
CA PRO O 86 109.18 -5.01 -6.53
C PRO O 86 109.39 -4.04 -7.68
N LYS O 87 108.50 -4.11 -8.66
CA LYS O 87 108.66 -3.32 -9.88
C LYS O 87 108.60 -1.83 -9.59
N HIS O 88 107.78 -1.43 -8.61
CA HIS O 88 107.65 -0.01 -8.31
C HIS O 88 108.92 0.55 -7.69
N ARG O 89 109.53 -0.19 -6.76
CA ARG O 89 110.74 0.31 -6.12
C ARG O 89 111.90 0.39 -7.11
N LEU O 90 111.90 -0.46 -8.14
CA LEU O 90 112.85 -0.28 -9.23
C LEU O 90 112.49 0.94 -10.07
N ALA O 91 111.19 1.17 -10.28
CA ALA O 91 110.76 2.28 -11.11
C ALA O 91 110.99 3.63 -10.44
N ARG O 92 111.08 3.66 -9.11
CA ARG O 92 111.37 4.91 -8.43
C ARG O 92 112.77 5.40 -8.76
N HIS O 93 113.72 4.47 -8.90
CA HIS O 93 115.05 4.82 -9.39
C HIS O 93 115.10 4.90 -10.90
N GLY O 94 114.08 4.37 -11.59
CA GLY O 94 114.05 4.39 -13.04
C GLY O 94 114.63 3.17 -13.72
N LEU O 95 115.05 2.15 -12.97
CA LEU O 95 115.57 0.95 -13.60
C LEU O 95 114.47 0.09 -14.21
N TYR O 96 113.21 0.36 -13.89
CA TYR O 96 112.08 -0.35 -14.45
C TYR O 96 111.18 0.63 -15.18
N GLU O 97 110.58 0.17 -16.28
CA GLU O 97 109.69 0.99 -17.08
C GLU O 97 108.32 0.35 -17.15
N LYS O 98 107.28 1.18 -17.05
CA LYS O 98 105.89 0.73 -16.99
C LYS O 98 105.02 1.55 -17.93
N LYS O 99 105.47 1.70 -19.18
CA LYS O 99 104.68 2.40 -20.20
C LYS O 99 103.57 1.45 -20.64
N LYS O 100 102.45 1.49 -19.93
CA LYS O 100 101.36 0.54 -20.10
C LYS O 100 100.05 1.27 -20.35
N THR O 101 98.97 0.51 -20.31
CA THR O 101 97.61 1.02 -20.53
C THR O 101 96.79 0.85 -19.27
N SER O 102 95.69 1.60 -19.20
CA SER O 102 94.75 1.46 -18.10
C SER O 102 94.11 0.08 -18.10
N ARG O 103 93.74 -0.38 -16.91
CA ARG O 103 93.13 -1.70 -16.79
C ARG O 103 91.75 -1.75 -17.44
N LYS O 104 91.15 -0.59 -17.70
CA LYS O 104 89.87 -0.55 -18.39
C LYS O 104 90.03 -0.97 -19.85
N GLN O 105 91.03 -0.42 -20.54
CA GLN O 105 91.28 -0.81 -21.92
C GLN O 105 91.79 -2.24 -22.01
N ARG O 106 92.51 -2.70 -20.99
CA ARG O 106 93.00 -4.07 -20.98
C ARG O 106 91.85 -5.06 -20.94
N LYS O 107 90.80 -4.74 -20.17
CA LYS O 107 89.68 -5.67 -20.04
C LYS O 107 88.86 -5.73 -21.31
N GLU O 108 88.63 -4.60 -21.97
CA GLU O 108 87.93 -4.61 -23.25
C GLU O 108 88.75 -5.35 -24.29
N ARG O 109 90.08 -5.27 -24.18
CA ARG O 109 90.95 -6.04 -25.08
C ARG O 109 90.71 -7.53 -24.92
N LYS O 110 90.59 -7.99 -23.67
CA LYS O 110 90.46 -9.42 -23.41
C LYS O 110 89.10 -9.94 -23.88
N ASN O 111 88.03 -9.22 -23.58
CA ASN O 111 86.69 -9.69 -23.95
C ASN O 111 86.53 -9.77 -25.45
N ARG O 112 87.07 -8.78 -26.17
CA ARG O 112 87.01 -8.80 -27.63
C ARG O 112 87.79 -9.98 -28.20
N MET O 113 88.89 -10.36 -27.55
CA MET O 113 89.64 -11.54 -27.97
C MET O 113 88.86 -12.82 -27.74
N LYS O 114 87.94 -12.84 -26.77
CA LYS O 114 87.13 -14.03 -26.54
C LYS O 114 86.07 -14.21 -27.60
N LYS O 115 85.56 -13.12 -28.17
CA LYS O 115 84.55 -13.22 -29.21
C LYS O 115 85.11 -13.91 -30.45
N VAL O 116 86.33 -13.56 -30.84
CA VAL O 116 86.98 -14.20 -31.98
C VAL O 116 87.53 -15.55 -31.53
N ARG O 117 87.23 -16.59 -32.30
CA ARG O 117 87.63 -17.95 -31.97
C ARG O 117 88.70 -18.42 -32.92
N GLY O 118 89.84 -18.83 -32.37
CA GLY O 118 90.86 -19.54 -33.14
C GLY O 118 91.78 -18.78 -34.06
N THR O 119 91.24 -17.90 -34.89
CA THR O 119 92.06 -17.24 -35.90
C THR O 119 93.11 -16.35 -35.27
N ALA O 120 94.38 -16.73 -35.44
CA ALA O 120 95.47 -15.93 -34.90
C ALA O 120 95.61 -14.61 -35.63
N LYS O 121 95.18 -14.54 -36.89
CA LYS O 121 95.20 -13.28 -37.62
C LYS O 121 94.22 -12.27 -37.05
N ALA O 122 93.18 -12.73 -36.36
CA ALA O 122 92.12 -11.87 -35.86
C ALA O 122 92.11 -11.76 -34.34
N ASN O 123 92.77 -12.67 -33.64
CA ASN O 123 92.79 -12.63 -32.18
C ASN O 123 93.74 -11.56 -31.67
N VAL O 124 94.73 -11.16 -32.48
CA VAL O 124 95.53 -9.98 -32.20
C VAL O 124 95.06 -8.78 -33.01
N GLY O 125 94.35 -9.00 -34.12
CA GLY O 125 93.69 -7.90 -34.81
C GLY O 125 92.43 -7.41 -34.16
N ALA O 126 91.91 -8.14 -33.17
CA ALA O 126 90.71 -7.72 -32.45
C ALA O 126 90.96 -6.48 -31.62
N GLY O 127 92.20 -6.21 -31.23
CA GLY O 127 92.54 -5.02 -30.49
C GLY O 127 92.80 -3.80 -31.32
N LYS O 128 92.69 -3.91 -32.65
CA LYS O 128 92.95 -2.76 -33.50
C LYS O 128 91.83 -1.74 -33.43
N LYS O 129 90.57 -2.20 -33.48
CA LYS O 129 89.45 -1.25 -33.52
C LYS O 129 89.26 -0.51 -32.19
N PRO O 130 89.07 -1.20 -31.04
CA PRO O 130 88.86 -0.42 -29.80
C PRO O 130 90.19 -0.05 -29.14
N LYS O 131 90.85 0.98 -29.67
CA LYS O 131 92.13 1.44 -29.14
C LYS O 131 91.94 2.16 -27.81
N THR P 1 31.79 3.24 52.41
CA THR P 1 32.49 2.58 53.50
C THR P 1 31.56 1.65 54.23
N LYS P 2 32.10 0.59 54.82
CA LYS P 2 31.31 -0.34 55.60
C LYS P 2 30.91 0.37 56.89
N LYS P 3 29.68 0.89 56.91
CA LYS P 3 29.25 1.73 58.01
C LYS P 3 29.20 0.96 59.33
N ARG P 4 28.74 -0.29 59.28
CA ARG P 4 28.65 -1.12 60.47
C ARG P 4 29.30 -2.47 60.22
N ARG P 5 30.03 -2.96 61.23
CA ARG P 5 30.41 -4.37 61.24
C ARG P 5 29.18 -5.25 61.39
N ASN P 6 28.13 -4.72 62.02
CA ASN P 6 26.86 -5.43 62.11
C ASN P 6 26.22 -5.63 60.74
N ASN P 7 26.58 -4.81 59.75
CA ASN P 7 25.94 -4.79 58.42
C ASN P 7 24.43 -4.56 58.52
N GLY P 8 24.00 -3.83 59.54
CA GLY P 8 22.61 -3.48 59.68
C GLY P 8 21.67 -4.64 59.90
N ARG P 9 22.17 -5.78 60.35
CA ARG P 9 21.35 -6.96 60.55
C ARG P 9 22.08 -7.89 61.51
N ALA P 10 21.36 -8.90 61.99
CA ALA P 10 21.94 -9.85 62.92
C ALA P 10 22.47 -11.11 62.25
N LYS P 11 22.38 -11.20 60.91
CA LYS P 11 22.69 -12.44 60.20
C LYS P 11 24.17 -12.76 60.32
N LYS P 12 24.51 -13.74 61.14
CA LYS P 12 25.89 -14.15 61.35
C LYS P 12 26.16 -15.56 60.85
N GLY P 13 25.42 -16.55 61.34
CA GLY P 13 25.61 -17.91 60.88
C GLY P 13 24.55 -18.36 59.90
N ARG P 14 23.55 -17.52 59.69
CA ARG P 14 22.44 -17.87 58.81
C ARG P 14 22.80 -17.58 57.36
N GLY P 15 22.30 -18.45 56.48
CA GLY P 15 22.48 -18.26 55.06
C GLY P 15 21.39 -17.39 54.48
N HIS P 16 20.14 -17.68 54.84
CA HIS P 16 19.00 -16.91 54.40
C HIS P 16 18.10 -16.63 55.60
N VAL P 17 17.36 -15.53 55.52
CA VAL P 17 16.46 -15.08 56.57
C VAL P 17 15.11 -14.79 55.95
N GLN P 18 14.05 -15.36 56.52
CA GLN P 18 12.72 -15.15 55.98
C GLN P 18 12.28 -13.70 56.19
N PRO P 19 11.46 -13.17 55.30
CA PRO P 19 11.07 -11.76 55.36
C PRO P 19 9.77 -11.52 56.12
N ILE P 20 9.63 -10.29 56.60
CA ILE P 20 8.45 -9.85 57.32
C ILE P 20 8.01 -8.50 56.77
N ARG P 21 6.72 -8.37 56.49
CA ARG P 21 6.17 -7.14 55.93
C ARG P 21 6.14 -6.04 56.96
N CYS P 22 6.39 -4.81 56.51
CA CYS P 22 6.29 -3.66 57.39
C CYS P 22 4.83 -3.41 57.74
N THR P 23 4.61 -2.89 58.95
CA THR P 23 3.25 -2.60 59.39
C THR P 23 2.70 -1.35 58.70
N ASN P 24 3.51 -0.31 58.59
CA ASN P 24 3.02 0.96 58.08
C ASN P 24 2.98 0.97 56.55
N CYS P 25 4.13 0.81 55.91
CA CYS P 25 4.23 0.91 54.46
C CYS P 25 3.98 -0.42 53.74
N ALA P 26 3.89 -1.52 54.47
CA ALA P 26 3.60 -2.85 53.92
C ALA P 26 4.64 -3.28 52.89
N ARG P 27 5.87 -3.46 53.38
CA ARG P 27 7.02 -3.79 52.55
C ARG P 27 7.82 -4.93 53.17
N CYS P 28 8.24 -5.88 52.34
CA CYS P 28 9.08 -6.97 52.82
C CYS P 28 10.38 -6.42 53.39
N VAL P 29 10.78 -6.93 54.55
CA VAL P 29 12.05 -6.58 55.19
C VAL P 29 12.67 -7.88 55.70
N PRO P 30 13.99 -8.03 55.66
CA PRO P 30 14.61 -9.19 56.35
C PRO P 30 14.31 -9.14 57.84
N LYS P 31 14.13 -10.33 58.42
CA LYS P 31 13.52 -10.43 59.75
C LYS P 31 14.41 -9.80 60.81
N ASP P 32 15.67 -10.22 60.89
CA ASP P 32 16.56 -9.66 61.89
C ASP P 32 17.05 -8.26 61.53
N LYS P 33 16.86 -7.83 60.29
CA LYS P 33 17.22 -6.47 59.93
C LYS P 33 16.20 -5.47 60.48
N ALA P 34 14.92 -5.81 60.41
CA ALA P 34 13.87 -4.89 60.82
C ALA P 34 13.88 -4.68 62.32
N ILE P 35 13.66 -3.43 62.73
CA ILE P 35 13.56 -3.11 64.15
C ILE P 35 12.17 -3.49 64.63
N LYS P 36 12.12 -4.34 65.65
CA LYS P 36 10.87 -4.90 66.15
C LYS P 36 10.45 -4.20 67.43
N LYS P 37 9.24 -3.65 67.42
CA LYS P 37 8.62 -3.06 68.60
C LYS P 37 7.67 -4.08 69.23
N PHE P 38 7.56 -4.02 70.56
CA PHE P 38 6.60 -4.84 71.30
C PHE P 38 5.86 -3.91 72.24
N VAL P 39 4.82 -3.27 71.73
CA VAL P 39 4.07 -2.30 72.53
C VAL P 39 3.10 -3.04 73.44
N ILE P 40 3.12 -2.69 74.72
CA ILE P 40 2.11 -3.15 75.68
C ILE P 40 1.39 -1.90 76.19
N ARG P 41 0.33 -1.51 75.50
CA ARG P 41 -0.34 -0.26 75.80
C ARG P 41 -1.51 -0.48 76.75
N ASN P 42 -2.00 0.61 77.31
CA ASN P 42 -3.26 0.57 78.03
C ASN P 42 -4.40 0.43 77.04
N ILE P 43 -5.30 -0.51 77.30
CA ILE P 43 -6.42 -0.72 76.40
C ILE P 43 -7.40 0.45 76.46
N VAL P 44 -7.28 1.30 77.48
CA VAL P 44 -8.04 2.54 77.59
C VAL P 44 -7.06 3.71 77.62
N GLU P 45 -7.57 4.92 77.71
CA GLU P 45 -6.72 6.10 77.82
C GLU P 45 -6.16 6.22 79.23
N ALA P 46 -5.17 7.09 79.37
CA ALA P 46 -4.67 7.43 80.71
C ALA P 46 -5.75 8.15 81.51
N ALA P 47 -6.46 9.08 80.88
CA ALA P 47 -7.51 9.83 81.54
C ALA P 47 -8.87 9.15 81.51
N ALA P 48 -9.01 8.05 80.77
CA ALA P 48 -10.29 7.35 80.70
C ALA P 48 -10.50 6.37 81.84
N VAL P 49 -9.47 6.12 82.65
CA VAL P 49 -9.57 5.11 83.70
C VAL P 49 -10.61 5.53 84.73
N ARG P 50 -10.66 6.83 85.06
CA ARG P 50 -11.60 7.31 86.05
C ARG P 50 -13.05 7.12 85.59
N ASP P 51 -13.31 7.37 84.31
CA ASP P 51 -14.67 7.18 83.79
C ASP P 51 -15.01 5.70 83.63
N ILE P 52 -14.03 4.87 83.27
CA ILE P 52 -14.30 3.45 83.08
C ILE P 52 -14.58 2.77 84.42
N SER P 53 -13.83 3.13 85.45
CA SER P 53 -13.99 2.49 86.75
C SER P 53 -15.38 2.70 87.34
N GLU P 54 -16.02 3.82 87.01
CA GLU P 54 -17.38 4.05 87.47
C GLU P 54 -18.36 3.16 86.73
N ALA P 55 -18.21 3.05 85.42
CA ALA P 55 -19.13 2.22 84.65
C ALA P 55 -18.91 0.73 84.91
N SER P 56 -17.72 0.33 85.35
CA SER P 56 -17.44 -1.08 85.53
C SER P 56 -18.34 -1.68 86.60
N VAL P 57 -18.94 -2.83 86.29
CA VAL P 57 -19.85 -3.50 87.22
C VAL P 57 -19.12 -4.39 88.20
N PHE P 58 -17.80 -4.50 88.09
CA PHE P 58 -16.98 -5.18 89.08
C PHE P 58 -16.18 -4.15 89.85
N ASP P 59 -16.03 -4.37 91.15
CA ASP P 59 -15.30 -3.42 91.99
C ASP P 59 -13.81 -3.43 91.67
N ALA P 60 -13.15 -4.57 91.83
CA ALA P 60 -11.73 -4.70 91.50
C ALA P 60 -11.55 -5.37 90.15
N TYR P 61 -12.01 -4.70 89.10
CA TYR P 61 -11.89 -5.19 87.74
C TYR P 61 -10.58 -4.68 87.15
N VAL P 62 -9.61 -5.59 87.00
CA VAL P 62 -8.29 -5.19 86.54
C VAL P 62 -8.36 -4.72 85.10
N LEU P 63 -7.47 -3.80 84.74
CA LEU P 63 -7.47 -3.20 83.42
C LEU P 63 -6.73 -4.10 82.43
N PRO P 64 -7.36 -4.51 81.33
CA PRO P 64 -6.62 -5.25 80.30
C PRO P 64 -5.60 -4.37 79.60
N LYS P 65 -4.63 -5.02 78.98
CA LYS P 65 -3.58 -4.36 78.23
C LYS P 65 -3.78 -4.60 76.74
N LEU P 66 -2.81 -4.15 75.95
CA LEU P 66 -2.85 -4.25 74.50
C LEU P 66 -1.51 -4.76 74.01
N TYR P 67 -1.45 -6.06 73.74
CA TYR P 67 -0.19 -6.74 73.39
C TYR P 67 -0.09 -6.80 71.88
N VAL P 68 0.67 -5.87 71.31
CA VAL P 68 0.85 -5.77 69.86
C VAL P 68 2.33 -5.81 69.55
N LYS P 69 2.69 -6.57 68.51
CA LYS P 69 4.06 -6.62 68.01
C LYS P 69 4.12 -5.86 66.69
N LEU P 70 5.04 -4.90 66.61
CA LEU P 70 5.13 -3.99 65.49
C LEU P 70 6.43 -4.21 64.73
N HIS P 71 6.35 -4.19 63.41
CA HIS P 71 7.51 -4.36 62.54
C HIS P 71 7.67 -3.11 61.68
N TYR P 72 8.87 -2.56 61.68
CA TYR P 72 9.16 -1.33 60.95
C TYR P 72 10.40 -1.51 60.09
N CYS P 73 10.28 -1.21 58.81
CA CYS P 73 11.47 -0.95 58.01
C CYS P 73 12.11 0.35 58.50
N VAL P 74 13.40 0.52 58.21
CA VAL P 74 14.08 1.68 58.75
C VAL P 74 13.54 2.96 58.12
N SER P 75 12.92 2.85 56.95
CA SER P 75 12.27 4.02 56.33
C SER P 75 11.07 4.47 57.15
N CYS P 76 10.20 3.52 57.52
CA CYS P 76 9.06 3.87 58.36
C CYS P 76 9.49 4.15 59.79
N ALA P 77 10.54 3.50 60.27
CA ALA P 77 11.02 3.72 61.63
C ALA P 77 11.56 5.13 61.80
N ILE P 78 12.32 5.61 60.83
CA ILE P 78 12.82 6.98 60.88
C ILE P 78 11.69 7.97 60.70
N HIS P 79 10.74 7.66 59.83
CA HIS P 79 9.60 8.56 59.62
C HIS P 79 8.76 8.67 60.89
N SER P 80 8.56 7.56 61.58
CA SER P 80 7.89 7.58 62.87
C SER P 80 8.78 8.14 63.97
N LYS P 81 10.06 8.36 63.68
CA LYS P 81 11.04 8.87 64.63
C LYS P 81 11.13 7.97 65.86
N VAL P 82 11.08 6.66 65.64
CA VAL P 82 11.34 5.72 66.73
C VAL P 82 12.84 5.43 66.84
N VAL P 83 13.59 5.56 65.76
CA VAL P 83 15.03 5.44 65.78
C VAL P 83 15.62 6.72 65.20
N ARG P 84 16.85 7.00 65.57
CA ARG P 84 17.51 8.24 65.19
C ARG P 84 18.96 7.93 64.84
N ASN P 85 19.53 8.77 63.98
CA ASN P 85 20.94 8.63 63.66
C ASN P 85 21.78 8.98 64.88
N ARG P 86 22.88 8.25 65.05
CA ARG P 86 23.83 8.48 66.12
C ARG P 86 25.18 8.82 65.52
N SER P 87 26.06 9.38 66.33
CA SER P 87 27.39 9.71 65.87
C SER P 87 28.16 8.43 65.55
N ARG P 88 29.37 8.59 65.01
CA ARG P 88 30.17 7.42 64.65
C ARG P 88 30.49 6.58 65.87
N GLU P 89 30.87 7.23 66.97
CA GLU P 89 31.10 6.49 68.21
C GLU P 89 29.78 6.04 68.83
N ALA P 90 28.78 6.91 68.85
CA ALA P 90 27.50 6.60 69.47
C ALA P 90 26.74 5.50 68.74
N ARG P 91 27.16 5.15 67.52
CA ARG P 91 26.51 4.06 66.80
C ARG P 91 26.86 2.70 67.38
N LYS P 92 27.93 2.61 68.16
CA LYS P 92 28.48 1.30 68.52
C LYS P 92 27.66 0.60 69.59
N ASP P 93 27.16 1.33 70.57
CA ASP P 93 26.49 0.68 71.70
C ASP P 93 25.14 0.09 71.29
N ARG P 94 24.85 -1.09 71.85
CA ARG P 94 23.65 -1.83 71.50
C ARG P 94 22.63 -1.90 72.63
N THR P 95 22.90 -1.25 73.76
CA THR P 95 21.96 -1.27 74.86
C THR P 95 20.68 -0.51 74.50
N PRO P 96 19.53 -0.94 75.01
CA PRO P 96 18.29 -0.21 74.74
C PRO P 96 18.31 1.15 75.41
N PRO P 97 17.57 2.12 74.88
CA PRO P 97 17.50 3.44 75.52
C PRO P 97 16.79 3.35 76.85
N PRO P 98 16.99 4.34 77.74
CA PRO P 98 16.37 4.27 79.07
C PRO P 98 14.86 4.26 79.01
N ARG P 99 14.25 3.63 80.02
CA ARG P 99 12.82 3.33 80.02
C ARG P 99 11.96 4.45 80.59
N PHE P 100 12.55 5.51 81.16
CA PHE P 100 11.81 6.62 81.75
C PHE P 100 10.84 6.15 82.83
N ARG P 101 11.27 5.20 83.66
CA ARG P 101 10.40 4.72 84.73
C ARG P 101 10.08 5.78 85.78
N PRO P 102 11.05 6.58 86.30
CA PRO P 102 10.56 7.40 87.42
C PRO P 102 9.86 8.67 86.96
N PRO Q 1 52.24 -13.45 80.60
CA PRO Q 1 53.32 -14.04 81.40
C PRO Q 1 54.47 -14.55 80.53
N LEU Q 2 55.56 -13.78 80.50
CA LEU Q 2 56.70 -14.12 79.66
C LEU Q 2 57.56 -15.23 80.28
N ALA Q 3 57.44 -15.47 81.58
CA ALA Q 3 58.30 -16.41 82.28
C ALA Q 3 57.61 -17.74 82.57
N LYS Q 4 56.78 -18.21 81.65
CA LYS Q 4 56.09 -19.48 81.85
C LYS Q 4 57.07 -20.64 81.73
N ASP Q 5 57.12 -21.48 82.77
CA ASP Q 5 57.98 -22.66 82.76
C ASP Q 5 57.19 -23.82 82.18
N LEU Q 6 57.33 -24.01 80.87
CA LEU Q 6 56.63 -25.09 80.19
C LEU Q 6 57.28 -26.45 80.40
N LEU Q 7 58.55 -26.47 80.81
CA LEU Q 7 59.27 -27.72 80.96
C LEU Q 7 58.71 -28.55 82.10
N HIS Q 8 58.42 -27.92 83.24
CA HIS Q 8 57.97 -28.61 84.44
C HIS Q 8 56.67 -27.97 84.90
N PRO Q 9 55.53 -28.38 84.35
CA PRO Q 9 54.24 -27.91 84.84
C PRO Q 9 53.68 -28.83 85.90
N SER Q 10 53.10 -28.23 86.94
CA SER Q 10 52.51 -28.99 88.02
C SER Q 10 51.29 -29.77 87.51
N PRO Q 11 50.98 -30.91 88.13
CA PRO Q 11 50.00 -31.83 87.52
C PRO Q 11 48.59 -31.27 87.42
N GLU Q 12 48.28 -30.18 88.11
CA GLU Q 12 46.95 -29.60 88.00
C GLU Q 12 46.67 -29.11 86.58
N GLU Q 13 47.64 -28.44 85.96
CA GLU Q 13 47.45 -27.98 84.59
C GLU Q 13 47.43 -29.15 83.61
N GLU Q 14 48.20 -30.20 83.90
CA GLU Q 14 48.31 -31.30 82.95
C GLU Q 14 46.99 -32.02 82.78
N LYS Q 15 46.37 -32.41 83.90
CA LYS Q 15 45.05 -33.04 83.83
C LYS Q 15 44.01 -32.08 83.27
N ARG Q 16 44.15 -30.79 83.59
CA ARG Q 16 43.22 -29.79 83.07
C ARG Q 16 43.32 -29.67 81.56
N LYS Q 17 44.50 -29.89 81.00
CA LYS Q 17 44.71 -29.76 79.57
C LYS Q 17 44.07 -30.92 78.82
N HIS Q 18 43.86 -30.71 77.53
CA HIS Q 18 43.36 -31.77 76.67
C HIS Q 18 44.40 -32.88 76.56
N LYS Q 19 43.92 -34.11 76.40
CA LYS Q 19 44.81 -35.27 76.41
C LYS Q 19 45.81 -35.23 75.26
N LYS Q 20 45.34 -34.91 74.05
CA LYS Q 20 46.25 -34.82 72.92
C LYS Q 20 47.21 -33.64 73.06
N LYS Q 21 46.78 -32.57 73.73
CA LYS Q 21 47.58 -31.38 73.89
C LYS Q 21 48.48 -31.41 75.12
N ARG Q 22 48.48 -32.51 75.86
CA ARG Q 22 49.32 -32.61 77.04
C ARG Q 22 50.80 -32.69 76.64
N LEU Q 23 51.67 -32.44 77.62
CA LEU Q 23 53.11 -32.49 77.37
C LEU Q 23 53.53 -33.88 76.93
N VAL Q 24 52.98 -34.91 77.57
CA VAL Q 24 53.09 -36.29 77.12
C VAL Q 24 51.65 -36.80 76.98
N GLN Q 25 51.37 -37.52 75.88
CA GLN Q 25 50.00 -37.97 75.66
C GLN Q 25 49.53 -38.92 76.74
N SER Q 26 48.59 -38.44 77.55
CA SER Q 26 48.01 -39.21 78.64
C SER Q 26 46.55 -39.48 78.32
N PRO Q 27 46.15 -40.74 78.15
CA PRO Q 27 44.73 -41.03 77.92
C PRO Q 27 43.93 -40.86 79.20
N ASN Q 28 42.71 -40.37 79.05
CA ASN Q 28 41.83 -40.15 80.18
C ASN Q 28 41.08 -41.40 80.60
N SER Q 29 41.28 -42.51 79.88
CA SER Q 29 40.61 -43.77 80.18
C SER Q 29 41.52 -44.66 81.03
N TYR Q 30 40.94 -45.77 81.48
CA TYR Q 30 41.59 -46.68 82.41
C TYR Q 30 40.78 -47.96 82.45
N PHE Q 31 41.16 -48.87 83.35
CA PHE Q 31 40.47 -50.14 83.55
C PHE Q 31 40.00 -50.24 84.99
N MET Q 32 38.80 -50.77 85.18
CA MET Q 32 38.19 -50.87 86.50
C MET Q 32 37.95 -52.34 86.85
N ASP Q 33 38.29 -52.70 88.08
CA ASP Q 33 37.98 -54.01 88.62
C ASP Q 33 36.50 -54.03 88.99
N VAL Q 34 35.67 -54.39 88.02
CA VAL Q 34 34.23 -54.42 88.22
C VAL Q 34 33.90 -55.55 89.18
N LYS Q 35 33.31 -55.21 90.32
CA LYS Q 35 32.87 -56.17 91.31
C LYS Q 35 31.37 -56.00 91.51
N CYS Q 36 30.59 -56.70 90.69
CA CYS Q 36 29.14 -56.71 90.83
C CYS Q 36 28.72 -57.50 92.06
N PRO Q 37 27.57 -57.17 92.65
CA PRO Q 37 27.07 -57.99 93.75
C PRO Q 37 26.56 -59.33 93.25
N GLY Q 38 26.44 -60.28 94.18
CA GLY Q 38 25.91 -61.57 93.83
C GLY Q 38 26.83 -62.43 92.98
N CYS Q 39 28.14 -62.15 93.02
CA CYS Q 39 29.12 -62.98 92.34
C CYS Q 39 30.37 -63.07 93.22
N TYR Q 40 31.33 -63.86 92.77
CA TYR Q 40 32.59 -64.06 93.48
C TYR Q 40 33.79 -63.87 92.56
N LYS Q 41 33.59 -63.17 91.44
CA LYS Q 41 34.62 -63.04 90.42
C LYS Q 41 34.79 -61.57 90.03
N ILE Q 42 36.01 -61.22 89.66
CA ILE Q 42 36.33 -59.88 89.19
C ILE Q 42 36.27 -59.86 87.67
N THR Q 43 35.52 -58.90 87.14
CA THR Q 43 35.43 -58.68 85.70
C THR Q 43 36.17 -57.40 85.35
N THR Q 44 36.92 -57.43 84.25
CA THR Q 44 37.65 -56.25 83.80
C THR Q 44 36.86 -55.56 82.70
N VAL Q 45 36.56 -54.28 82.90
CA VAL Q 45 35.79 -53.50 81.95
C VAL Q 45 36.50 -52.18 81.69
N PHE Q 46 36.58 -51.81 80.41
CA PHE Q 46 37.08 -50.50 80.02
C PHE Q 46 36.24 -49.40 80.66
N SER Q 47 36.91 -48.34 81.12
CA SER Q 47 36.20 -47.26 81.79
C SER Q 47 35.34 -46.45 80.83
N HIS Q 48 35.61 -46.54 79.53
CA HIS Q 48 34.79 -45.87 78.52
C HIS Q 48 34.13 -46.91 77.63
N ALA Q 49 33.56 -47.95 78.26
CA ALA Q 49 33.09 -49.11 77.52
C ALA Q 49 31.91 -48.75 76.63
N GLN Q 50 31.99 -49.15 75.36
CA GLN Q 50 30.95 -48.91 74.39
C GLN Q 50 29.98 -50.08 74.24
N THR Q 51 30.19 -51.17 74.96
CA THR Q 51 29.38 -52.36 74.80
C THR Q 51 28.67 -52.69 76.11
N VAL Q 52 27.61 -53.47 76.00
CA VAL Q 52 26.84 -53.92 77.16
C VAL Q 52 27.52 -55.19 77.64
N VAL Q 53 28.51 -55.03 78.51
CA VAL Q 53 29.34 -56.15 78.93
C VAL Q 53 28.59 -57.01 79.94
N LEU Q 54 28.97 -58.28 80.00
CA LEU Q 54 28.39 -59.24 80.91
C LEU Q 54 29.50 -60.16 81.41
N CYS Q 55 29.27 -60.78 82.58
CA CYS Q 55 30.19 -61.81 83.01
C CYS Q 55 29.99 -63.06 82.17
N VAL Q 56 30.96 -63.97 82.26
CA VAL Q 56 30.75 -65.28 81.64
C VAL Q 56 29.74 -66.08 82.45
N GLY Q 57 29.47 -65.67 83.68
CA GLY Q 57 28.56 -66.40 84.55
C GLY Q 57 27.39 -65.60 85.08
N CYS Q 58 27.50 -64.27 85.11
CA CYS Q 58 26.43 -63.44 85.63
C CYS Q 58 25.55 -62.97 84.49
N SER Q 59 24.24 -63.14 84.65
CA SER Q 59 23.26 -62.58 83.71
C SER Q 59 22.82 -61.19 84.16
N THR Q 60 23.79 -60.36 84.49
CA THR Q 60 23.54 -58.99 84.93
C THR Q 60 24.45 -58.05 84.15
N VAL Q 61 23.86 -57.00 83.59
CA VAL Q 61 24.62 -56.06 82.79
C VAL Q 61 25.57 -55.29 83.70
N LEU Q 62 26.82 -55.17 83.28
CA LEU Q 62 27.84 -54.58 84.13
C LEU Q 62 27.95 -53.08 83.95
N CYS Q 63 27.65 -52.56 82.75
CA CYS Q 63 27.65 -51.13 82.51
C CYS Q 63 26.68 -50.84 81.37
N GLN Q 64 26.63 -49.57 80.98
CA GLN Q 64 25.85 -49.15 79.84
C GLN Q 64 26.68 -48.28 78.92
N PRO Q 65 26.47 -48.37 77.62
CA PRO Q 65 27.17 -47.49 76.69
C PRO Q 65 26.50 -46.12 76.61
N THR Q 66 27.19 -45.11 77.13
CA THR Q 66 26.74 -43.73 77.02
C THR Q 66 27.85 -42.89 76.40
N GLY Q 67 27.71 -41.57 76.45
CA GLY Q 67 28.61 -40.68 75.74
C GLY Q 67 30.09 -40.82 76.04
N GLY Q 68 30.52 -40.46 77.25
CA GLY Q 68 31.93 -40.52 77.55
C GLY Q 68 32.36 -41.71 78.39
N LYS Q 69 31.67 -41.94 79.51
CA LYS Q 69 32.03 -42.99 80.45
C LYS Q 69 30.84 -43.92 80.69
N ALA Q 70 31.14 -45.17 81.00
CA ALA Q 70 30.12 -46.19 81.12
C ALA Q 70 29.18 -45.90 82.28
N ARG Q 71 27.95 -46.39 82.16
CA ARG Q 71 26.89 -46.20 83.15
C ARG Q 71 26.67 -47.52 83.87
N LEU Q 72 27.42 -47.74 84.95
CA LEU Q 72 27.35 -48.99 85.69
C LEU Q 72 26.01 -49.11 86.41
N THR Q 73 25.55 -50.35 86.57
CA THR Q 73 24.32 -50.59 87.30
C THR Q 73 24.54 -50.38 88.79
N GLU Q 74 23.44 -50.14 89.50
CA GLU Q 74 23.53 -49.79 90.92
C GLU Q 74 23.91 -51.01 91.75
N GLY Q 75 24.77 -50.78 92.74
CA GLY Q 75 25.29 -51.82 93.59
C GLY Q 75 26.68 -52.30 93.24
N CYS Q 76 27.07 -52.18 91.98
CA CYS Q 76 28.38 -52.64 91.54
C CYS Q 76 29.45 -51.62 91.93
N SER Q 77 30.60 -52.11 92.36
CA SER Q 77 31.74 -51.27 92.71
C SER Q 77 32.84 -51.43 91.68
N PHE Q 78 33.80 -50.50 91.72
CA PHE Q 78 34.92 -50.49 90.79
C PHE Q 78 36.18 -50.11 91.53
N ARG Q 79 37.28 -50.78 91.20
CA ARG Q 79 38.57 -50.53 91.81
C ARG Q 79 39.58 -50.19 90.72
N ARG Q 80 40.31 -49.10 90.92
CA ARG Q 80 41.27 -48.67 89.92
C ARG Q 80 42.43 -49.67 89.85
N LYS Q 81 43.19 -49.58 88.77
CA LYS Q 81 44.31 -50.49 88.52
C LYS Q 81 45.57 -49.67 88.32
N GLN Q 82 46.50 -49.79 89.27
CA GLN Q 82 47.77 -49.04 89.31
C GLN Q 82 47.59 -47.60 88.85
N HIS Q 83 46.59 -46.94 89.43
CA HIS Q 83 46.25 -45.54 89.15
C HIS Q 83 45.93 -45.28 87.68
N VAL R 1 33.12 22.48 8.78
CA VAL R 1 34.12 23.37 9.35
C VAL R 1 33.60 24.82 9.33
N HIS R 2 33.85 25.54 10.42
CA HIS R 2 33.32 26.90 10.54
C HIS R 2 33.98 27.86 9.55
N GLY R 3 35.31 27.85 9.50
CA GLY R 3 36.03 28.76 8.62
C GLY R 3 36.45 30.06 9.28
N SER R 4 37.10 29.96 10.44
CA SER R 4 37.74 31.10 11.08
C SER R 4 39.21 31.21 10.72
N LEU R 5 39.66 30.41 9.75
CA LEU R 5 41.07 30.35 9.36
C LEU R 5 41.53 31.61 8.65
N ALA R 6 40.62 32.51 8.29
CA ALA R 6 41.01 33.77 7.67
C ALA R 6 41.80 34.65 8.62
N ARG R 7 41.78 34.35 9.92
CA ARG R 7 42.55 35.10 10.90
C ARG R 7 43.92 34.48 11.16
N ALA R 8 44.33 33.51 10.34
CA ALA R 8 45.57 32.80 10.58
C ALA R 8 46.77 33.71 10.38
N GLY R 9 47.78 33.54 11.24
CA GLY R 9 49.00 34.32 11.16
C GLY R 9 48.80 35.81 11.36
N LYS R 10 47.70 36.21 12.00
CA LYS R 10 47.38 37.62 12.13
C LYS R 10 48.40 38.35 12.99
N VAL R 11 48.78 37.76 14.13
CA VAL R 11 49.67 38.44 15.06
C VAL R 11 51.08 38.53 14.51
N ARG R 12 51.56 37.48 13.83
CA ARG R 12 52.88 37.54 13.22
C ARG R 12 52.95 38.65 12.18
N GLY R 13 51.91 38.77 11.34
CA GLY R 13 51.88 39.85 10.38
C GLY R 13 51.72 41.22 11.02
N GLN R 14 50.87 41.32 12.04
CA GLN R 14 50.57 42.60 12.65
C GLN R 14 51.68 43.08 13.58
N THR R 15 52.62 42.21 13.93
CA THR R 15 53.74 42.63 14.75
C THR R 15 54.61 43.61 13.98
N PRO R 16 54.93 44.77 14.55
CA PRO R 16 55.83 45.71 13.86
C PRO R 16 57.19 45.10 13.63
N LYS R 17 57.75 45.36 12.46
CA LYS R 17 59.04 44.79 12.07
C LYS R 17 60.15 45.72 12.53
N VAL R 18 60.76 45.40 13.66
CA VAL R 18 61.89 46.14 14.19
C VAL R 18 63.13 45.30 14.00
N ALA R 19 64.21 45.93 13.54
CA ALA R 19 65.43 45.22 13.23
C ALA R 19 66.25 44.95 14.49
N LYS R 20 66.96 43.83 14.49
CA LYS R 20 67.87 43.52 15.56
C LYS R 20 68.96 44.58 15.65
N GLN R 21 69.30 44.99 16.87
CA GLN R 21 70.37 45.95 17.04
C GLN R 21 71.72 45.25 16.87
N GLU R 22 72.70 46.02 16.42
CA GLU R 22 74.04 45.47 16.18
C GLU R 22 74.77 45.29 17.50
N LYS R 23 75.36 44.12 17.69
CA LYS R 23 76.02 43.77 18.94
C LYS R 23 77.39 43.17 18.65
N LYS R 24 78.28 43.31 19.63
CA LYS R 24 79.58 42.68 19.54
C LYS R 24 79.44 41.16 19.58
N LYS R 25 80.25 40.49 18.77
CA LYS R 25 80.24 39.04 18.72
C LYS R 25 80.66 38.46 20.06
N LYS R 26 79.90 37.48 20.56
CA LYS R 26 80.21 36.88 21.84
C LYS R 26 81.40 35.94 21.73
N LYS R 27 82.22 35.91 22.78
CA LYS R 27 83.28 34.91 22.86
C LYS R 27 82.67 33.52 22.95
N THR R 28 83.36 32.55 22.37
CA THR R 28 82.84 31.19 22.29
C THR R 28 83.85 30.21 22.87
N GLY R 29 83.34 29.04 23.24
CA GLY R 29 84.21 27.97 23.70
C GLY R 29 84.79 28.26 25.06
N ARG R 30 86.12 28.11 25.18
CA ARG R 30 86.78 28.30 26.46
C ARG R 30 86.66 29.74 26.94
N ALA R 31 86.78 30.71 26.03
CA ALA R 31 86.61 32.10 26.41
C ALA R 31 85.19 32.37 26.87
N LYS R 32 84.22 31.70 26.26
CA LYS R 32 82.84 31.83 26.71
C LYS R 32 82.69 31.34 28.14
N ARG R 33 83.32 30.21 28.47
CA ARG R 33 83.30 29.74 29.85
C ARG R 33 84.07 30.67 30.77
N ARG R 34 85.18 31.22 30.29
CA ARG R 34 86.02 32.10 31.09
C ARG R 34 85.25 33.33 31.53
N MET R 35 84.51 33.93 30.61
CA MET R 35 83.80 35.18 30.90
C MET R 35 82.73 34.99 31.97
N GLN R 36 81.92 33.94 31.83
CA GLN R 36 80.86 33.71 32.79
C GLN R 36 81.41 33.25 34.14
N TYR R 37 82.51 32.50 34.13
CA TYR R 37 83.15 32.12 35.38
C TYR R 37 83.67 33.35 36.12
N ASN R 38 84.28 34.27 35.37
CA ASN R 38 84.73 35.52 35.97
C ASN R 38 83.55 36.33 36.48
N ARG R 39 82.45 36.34 35.72
CA ARG R 39 81.28 37.14 36.08
C ARG R 39 80.64 36.63 37.37
N ARG R 40 80.43 35.32 37.49
CA ARG R 40 79.53 34.81 38.51
C ARG R 40 80.23 34.17 39.70
N PHE R 41 81.53 33.85 39.61
CA PHE R 41 82.21 33.23 40.75
C PHE R 41 83.22 34.14 41.42
N VAL R 42 84.22 34.65 40.69
CA VAL R 42 85.31 35.40 41.31
C VAL R 42 84.88 36.87 41.39
N ASN R 43 84.13 37.17 42.45
CA ASN R 43 83.67 38.51 42.80
C ASN R 43 83.14 38.50 44.23
N VAL R 44 83.44 39.56 44.98
CA VAL R 44 82.95 39.70 46.34
C VAL R 44 81.88 40.78 46.35
N VAL R 45 80.69 40.43 46.83
CA VAL R 45 79.57 41.35 46.91
C VAL R 45 79.25 41.60 48.38
N PRO R 46 79.38 42.83 48.88
CA PRO R 46 78.81 43.17 50.18
C PRO R 46 77.33 43.50 50.13
N THR R 47 76.73 43.47 48.94
CA THR R 47 75.37 43.97 48.75
C THR R 47 74.37 42.83 48.94
N PHE R 48 73.22 43.17 49.52
CA PHE R 48 72.13 42.23 49.72
C PHE R 48 71.44 41.96 48.38
N GLY R 49 70.31 41.26 48.43
CA GLY R 49 69.57 40.90 47.22
C GLY R 49 69.15 39.45 47.25
N LYS R 50 69.61 38.74 48.29
CA LYS R 50 69.37 37.30 48.44
C LYS R 50 69.81 36.52 47.20
N LYS R 51 70.96 36.91 46.65
CA LYS R 51 71.57 36.25 45.50
C LYS R 51 70.63 36.28 44.29
N LYS R 52 70.38 37.51 43.83
CA LYS R 52 69.52 37.71 42.67
C LYS R 52 70.11 37.06 41.44
N GLY R 53 69.24 36.56 40.56
CA GLY R 53 69.65 35.82 39.40
C GLY R 53 70.37 36.65 38.36
N PRO R 54 70.91 35.99 37.34
CA PRO R 54 71.69 36.69 36.32
C PRO R 54 70.86 37.52 35.34
N ASN R 55 69.54 37.49 35.45
CA ASN R 55 68.68 38.28 34.59
C ASN R 55 67.84 39.24 35.43
N ALA R 56 68.48 39.95 36.35
CA ALA R 56 67.79 40.86 37.25
C ALA R 56 67.09 41.97 36.49
N ASN R 57 65.77 41.93 36.46
CA ASN R 57 64.97 42.94 35.77
C ASN R 57 64.65 44.14 36.67
N SER R 58 65.69 44.73 37.25
CA SER R 58 65.50 45.86 38.16
C SER R 58 65.61 47.18 37.42
N SER T 1 -8.67 -80.53 -50.55
CA SER T 1 -9.00 -79.13 -50.76
C SER T 1 -8.62 -78.29 -49.56
N MET T 2 -9.43 -78.37 -48.51
CA MET T 2 -9.20 -77.65 -47.27
C MET T 2 -8.94 -78.66 -46.16
N LEU T 3 -7.90 -78.43 -45.37
CA LEU T 3 -7.53 -79.31 -44.27
C LEU T 3 -7.50 -78.59 -42.94
N ARG T 4 -8.39 -77.62 -42.74
CA ARG T 4 -8.44 -76.93 -41.47
C ARG T 4 -8.90 -77.85 -40.35
N LEU T 5 -9.88 -78.72 -40.65
CA LEU T 5 -10.39 -79.64 -39.65
C LEU T 5 -9.36 -80.71 -39.31
N GLN T 6 -8.73 -81.28 -40.34
CA GLN T 6 -7.79 -82.38 -40.11
C GLN T 6 -6.56 -81.92 -39.34
N LYS T 7 -6.13 -80.68 -39.54
CA LYS T 7 -5.00 -80.17 -38.76
C LYS T 7 -5.40 -79.97 -37.31
N ARG T 8 -6.64 -79.57 -37.07
CA ARG T 8 -7.11 -79.40 -35.70
C ARG T 8 -7.25 -80.73 -34.99
N LEU T 9 -7.81 -81.73 -35.67
CA LEU T 9 -7.98 -83.03 -35.06
C LEU T 9 -6.64 -83.71 -34.81
N ALA T 10 -5.72 -83.61 -35.78
CA ALA T 10 -4.42 -84.24 -35.61
C ALA T 10 -3.64 -83.64 -34.44
N SER T 11 -3.82 -82.34 -34.20
CA SER T 11 -3.22 -81.72 -33.04
C SER T 11 -3.74 -82.34 -31.75
N SER T 12 -5.05 -82.56 -31.67
CA SER T 12 -5.65 -83.08 -30.44
C SER T 12 -5.25 -84.54 -30.21
N VAL T 13 -5.12 -85.32 -31.29
CA VAL T 13 -4.71 -86.71 -31.14
C VAL T 13 -3.25 -86.80 -30.74
N LEU T 14 -2.39 -85.99 -31.35
CA LEU T 14 -0.97 -86.02 -31.07
C LEU T 14 -0.59 -85.33 -29.77
N ARG T 15 -1.54 -84.64 -29.13
CA ARG T 15 -1.28 -83.87 -27.91
C ARG T 15 -0.15 -82.87 -28.11
N CYS T 16 -0.14 -82.23 -29.28
CA CYS T 16 0.81 -81.19 -29.57
C CYS T 16 0.06 -79.94 -30.02
N GLY T 17 0.76 -78.96 -30.53
CA GLY T 17 0.11 -77.81 -31.11
C GLY T 17 -0.05 -77.96 -32.60
N LYS T 18 -0.81 -77.04 -33.19
CA LYS T 18 -0.89 -76.99 -34.64
C LYS T 18 0.45 -76.63 -35.25
N LYS T 19 1.36 -76.05 -34.47
CA LYS T 19 2.70 -75.77 -34.96
C LYS T 19 3.43 -77.05 -35.35
N LYS T 20 3.22 -78.13 -34.60
CA LYS T 20 3.98 -79.35 -34.75
C LYS T 20 3.27 -80.40 -35.57
N VAL T 21 2.16 -80.07 -36.21
CA VAL T 21 1.43 -81.03 -37.04
C VAL T 21 1.92 -80.93 -38.47
N TRP T 22 2.29 -82.06 -39.05
CA TRP T 22 2.76 -82.10 -40.43
C TRP T 22 1.79 -82.96 -41.24
N LEU T 23 0.97 -82.32 -42.04
CA LEU T 23 0.10 -83.01 -42.98
C LEU T 23 0.83 -83.14 -44.31
N ASP T 24 0.94 -84.36 -44.80
CA ASP T 24 1.76 -84.63 -45.98
C ASP T 24 1.21 -83.87 -47.19
N PRO T 25 1.99 -82.98 -47.80
CA PRO T 25 1.48 -82.27 -48.98
C PRO T 25 1.23 -83.17 -50.17
N ASN T 26 1.85 -84.35 -50.24
CA ASN T 26 1.59 -85.24 -51.36
C ASN T 26 0.22 -85.92 -51.22
N GLU T 27 -0.12 -86.37 -50.02
CA GLU T 27 -1.40 -87.03 -49.76
C GLU T 27 -2.43 -86.06 -49.23
N THR T 28 -2.68 -84.96 -49.95
CA THR T 28 -3.72 -84.04 -49.52
C THR T 28 -5.09 -84.71 -49.57
N ASN T 29 -5.36 -85.45 -50.66
CA ASN T 29 -6.67 -86.09 -50.81
C ASN T 29 -6.90 -87.17 -49.78
N GLU T 30 -5.87 -87.97 -49.49
CA GLU T 30 -6.03 -89.06 -48.53
C GLU T 30 -6.34 -88.51 -47.14
N ILE T 31 -5.64 -87.45 -46.74
CA ILE T 31 -5.91 -86.83 -45.45
C ILE T 31 -7.30 -86.20 -45.44
N ALA T 32 -7.73 -85.65 -46.58
CA ALA T 32 -9.01 -84.93 -46.63
C ALA T 32 -10.20 -85.82 -46.34
N ASN T 33 -10.08 -87.13 -46.54
CA ASN T 33 -11.19 -88.03 -46.27
C ASN T 33 -11.35 -88.35 -44.79
N ALA T 34 -10.34 -88.07 -43.98
CA ALA T 34 -10.37 -88.44 -42.56
C ALA T 34 -11.11 -87.37 -41.78
N ASN T 35 -12.40 -87.59 -41.56
CA ASN T 35 -13.27 -86.64 -40.89
C ASN T 35 -13.52 -87.01 -39.43
N SER T 36 -12.73 -87.92 -38.86
CA SER T 36 -12.93 -88.35 -37.49
C SER T 36 -11.58 -88.65 -36.86
N ARG T 37 -11.54 -88.61 -35.53
CA ARG T 37 -10.29 -88.85 -34.81
C ARG T 37 -9.82 -90.28 -34.95
N GLN T 38 -10.71 -91.21 -35.29
CA GLN T 38 -10.26 -92.58 -35.49
C GLN T 38 -9.54 -92.73 -36.82
N GLN T 39 -10.03 -92.08 -37.88
CA GLN T 39 -9.30 -92.09 -39.13
C GLN T 39 -8.00 -91.30 -39.03
N ILE T 40 -8.00 -90.24 -38.23
CA ILE T 40 -6.78 -89.50 -37.96
C ILE T 40 -5.75 -90.39 -37.28
N ARG T 41 -6.20 -91.21 -36.33
CA ARG T 41 -5.29 -92.11 -35.62
C ARG T 41 -4.60 -93.07 -36.57
N LYS T 42 -5.33 -93.59 -37.55
CA LYS T 42 -4.71 -94.49 -38.51
C LYS T 42 -3.76 -93.75 -39.45
N LEU T 43 -4.06 -92.48 -39.75
CA LEU T 43 -3.15 -91.70 -40.58
C LEU T 43 -1.81 -91.51 -39.88
N ILE T 44 -1.85 -91.25 -38.58
CA ILE T 44 -0.62 -91.06 -37.81
C ILE T 44 0.21 -92.33 -37.80
N LYS T 45 -0.44 -93.48 -37.57
CA LYS T 45 0.28 -94.75 -37.57
C LYS T 45 0.85 -95.04 -38.94
N ASP T 46 0.09 -94.79 -40.00
CA ASP T 46 0.55 -95.08 -41.35
C ASP T 46 1.67 -94.16 -41.79
N GLY T 47 1.79 -92.99 -41.20
CA GLY T 47 2.85 -92.07 -41.53
C GLY T 47 2.44 -90.90 -42.40
N LEU T 48 1.16 -90.75 -42.71
CA LEU T 48 0.72 -89.61 -43.49
C LEU T 48 0.60 -88.35 -42.65
N ILE T 49 0.64 -88.47 -41.33
CA ILE T 49 0.71 -87.33 -40.42
C ILE T 49 1.87 -87.57 -39.48
N ILE T 50 2.73 -86.56 -39.33
CA ILE T 50 3.93 -86.67 -38.52
C ILE T 50 3.93 -85.53 -37.52
N ARG T 51 4.23 -85.83 -36.26
CA ARG T 51 4.46 -84.81 -35.26
C ARG T 51 5.91 -84.33 -35.35
N LYS T 52 6.08 -83.06 -35.71
CA LYS T 52 7.41 -82.51 -35.91
C LYS T 52 8.13 -82.33 -34.58
N PRO T 53 9.47 -82.40 -34.58
CA PRO T 53 10.21 -82.25 -33.33
C PRO T 53 10.19 -80.82 -32.82
N VAL T 54 10.54 -80.68 -31.54
CA VAL T 54 10.57 -79.38 -30.89
C VAL T 54 11.69 -78.55 -31.51
N THR T 55 11.42 -77.27 -31.77
CA THR T 55 12.44 -76.36 -32.25
C THR T 55 13.57 -76.28 -31.24
N VAL T 56 14.81 -76.35 -31.74
CA VAL T 56 15.95 -76.48 -30.86
C VAL T 56 16.21 -75.16 -30.15
N HIS T 57 16.27 -75.20 -28.82
CA HIS T 57 16.73 -74.08 -28.00
C HIS T 57 17.84 -74.63 -27.12
N SER T 58 19.06 -74.64 -27.66
CA SER T 58 20.19 -75.23 -26.97
C SER T 58 20.62 -74.36 -25.82
N ARG T 59 21.06 -75.00 -24.74
CA ARG T 59 21.64 -74.32 -23.60
C ARG T 59 23.15 -74.45 -23.55
N ALA T 60 23.77 -74.92 -24.64
CA ALA T 60 25.22 -75.12 -24.64
C ALA T 60 25.95 -73.79 -24.50
N ARG T 61 25.45 -72.76 -25.17
CA ARG T 61 26.05 -71.44 -25.05
C ARG T 61 25.99 -70.93 -23.62
N CYS T 62 24.86 -71.15 -22.95
CA CYS T 62 24.75 -70.78 -21.54
C CYS T 62 25.67 -71.65 -20.68
N ARG T 63 25.76 -72.94 -20.99
CA ARG T 63 26.57 -73.83 -20.16
C ARG T 63 28.03 -73.43 -20.20
N LYS T 64 28.54 -73.05 -21.37
CA LYS T 64 29.90 -72.58 -21.45
C LYS T 64 30.08 -71.27 -20.69
N ASN T 65 29.12 -70.36 -20.80
CA ASN T 65 29.21 -69.08 -20.10
C ASN T 65 29.14 -69.26 -18.59
N THR T 66 28.41 -70.28 -18.12
CA THR T 66 28.38 -70.57 -16.69
C THR T 66 29.73 -71.06 -16.22
N LEU T 67 30.42 -71.86 -17.02
CA LEU T 67 31.76 -72.30 -16.66
C LEU T 67 32.72 -71.12 -16.59
N ALA T 68 32.61 -70.18 -17.52
CA ALA T 68 33.44 -68.99 -17.46
C ALA T 68 33.12 -68.17 -16.22
N ARG T 69 31.84 -67.97 -15.94
CA ARG T 69 31.46 -67.16 -14.78
C ARG T 69 31.89 -67.82 -13.48
N ARG T 70 31.86 -69.16 -13.44
CA ARG T 70 32.28 -69.87 -12.24
C ARG T 70 33.77 -69.69 -11.99
N LYS T 71 34.55 -69.42 -13.03
CA LYS T 71 35.97 -69.14 -12.88
C LYS T 71 36.25 -67.66 -12.70
N GLY T 72 35.22 -66.83 -12.60
CA GLY T 72 35.38 -65.42 -12.36
C GLY T 72 35.27 -64.54 -13.59
N ARG T 73 35.13 -65.13 -14.77
CA ARG T 73 34.96 -64.32 -15.96
C ARG T 73 33.59 -63.65 -15.96
N HIS T 74 33.49 -62.53 -16.66
CA HIS T 74 32.26 -61.76 -16.83
C HIS T 74 31.67 -61.28 -15.53
N MET T 75 32.40 -61.34 -14.42
CA MET T 75 31.92 -60.76 -13.17
C MET T 75 32.31 -59.29 -13.08
N GLY T 76 33.60 -59.02 -13.08
CA GLY T 76 34.27 -57.74 -13.25
C GLY T 76 33.64 -56.62 -12.45
N ILE T 77 33.81 -55.41 -12.96
CA ILE T 77 33.18 -54.22 -12.40
C ILE T 77 32.13 -53.66 -13.35
N GLY T 78 32.41 -53.72 -14.65
CA GLY T 78 31.50 -53.25 -15.67
C GLY T 78 30.46 -54.25 -16.08
N LYS T 79 30.34 -55.36 -15.35
CA LYS T 79 29.28 -56.32 -15.61
C LYS T 79 28.28 -56.39 -14.47
N ARG T 80 28.37 -55.48 -13.50
CA ARG T 80 27.44 -55.45 -12.38
C ARG T 80 26.46 -54.32 -12.58
N LYS T 81 25.18 -54.65 -12.59
CA LYS T 81 24.14 -53.65 -12.72
C LYS T 81 23.32 -53.50 -11.46
N GLY T 82 23.64 -54.23 -10.40
CA GLY T 82 22.93 -54.12 -9.16
C GLY T 82 23.84 -53.79 -8.01
N THR T 83 23.27 -53.31 -6.91
CA THR T 83 24.04 -52.96 -5.73
C THR T 83 24.67 -54.22 -5.14
N ALA T 84 25.72 -54.03 -4.34
CA ALA T 84 26.36 -55.16 -3.68
C ALA T 84 25.39 -55.88 -2.76
N ASN T 85 24.51 -55.13 -2.09
CA ASN T 85 23.50 -55.75 -1.25
C ASN T 85 22.44 -56.45 -2.10
N ALA T 86 22.21 -56.00 -3.33
CA ALA T 86 21.25 -56.69 -4.19
C ALA T 86 21.82 -57.98 -4.74
N ARG T 87 23.11 -57.98 -5.08
CA ARG T 87 23.73 -59.18 -5.62
C ARG T 87 24.02 -60.21 -4.52
N MET T 88 24.33 -59.75 -3.32
CA MET T 88 24.66 -60.64 -2.21
C MET T 88 24.27 -59.93 -0.94
N PRO T 89 23.09 -60.21 -0.40
CA PRO T 89 22.55 -59.39 0.68
C PRO T 89 23.38 -59.46 1.94
N GLU T 90 23.31 -58.38 2.73
CA GLU T 90 24.03 -58.36 4.00
C GLU T 90 23.38 -59.27 5.02
N LYS T 91 22.05 -59.34 5.01
CA LYS T 91 21.37 -60.19 5.99
C LYS T 91 21.57 -61.66 5.67
N VAL T 92 21.60 -62.02 4.39
CA VAL T 92 21.87 -63.40 4.01
C VAL T 92 23.29 -63.79 4.41
N THR T 93 24.25 -62.90 4.16
CA THR T 93 25.63 -63.18 4.55
C THR T 93 25.77 -63.30 6.06
N TRP T 94 25.08 -62.43 6.81
CA TRP T 94 25.16 -62.50 8.26
C TRP T 94 24.49 -63.75 8.80
N MET T 95 23.41 -64.19 8.15
CA MET T 95 22.75 -65.43 8.56
C MET T 95 23.67 -66.63 8.41
N ARG T 96 24.37 -66.71 7.28
CA ARG T 96 25.29 -67.82 7.07
C ARG T 96 26.42 -67.79 8.08
N ARG T 97 26.97 -66.61 8.36
CA ARG T 97 28.04 -66.51 9.34
C ARG T 97 27.57 -66.89 10.73
N MET T 98 26.37 -66.44 11.11
CA MET T 98 25.86 -66.74 12.44
C MET T 98 25.61 -68.23 12.61
N ARG T 99 25.01 -68.87 11.60
CA ARG T 99 24.74 -70.30 11.71
C ARG T 99 26.03 -71.10 11.71
N ILE T 100 26.99 -70.70 10.89
CA ILE T 100 28.25 -71.48 10.77
C ILE T 100 29.00 -71.40 12.10
N LEU T 101 29.11 -70.20 12.67
CA LEU T 101 29.90 -70.04 13.88
C LEU T 101 29.19 -70.63 15.08
N ARG T 102 27.87 -70.47 15.16
CA ARG T 102 27.14 -71.07 16.26
C ARG T 102 27.17 -72.59 16.21
N ARG T 103 27.23 -73.16 15.00
CA ARG T 103 27.40 -74.61 14.90
C ARG T 103 28.77 -75.04 15.40
N LEU T 104 29.80 -74.27 15.08
CA LEU T 104 31.14 -74.61 15.61
C LEU T 104 31.08 -74.61 17.13
N LEU T 105 30.61 -73.50 17.71
CA LEU T 105 30.60 -73.41 19.17
C LEU T 105 29.82 -74.56 19.78
N ARG T 106 28.70 -74.93 19.16
CA ARG T 106 27.93 -76.05 19.67
C ARG T 106 28.74 -77.33 19.63
N ARG T 107 29.34 -77.63 18.48
CA ARG T 107 30.10 -78.87 18.34
C ARG T 107 31.28 -78.92 19.30
N TYR T 108 31.91 -77.78 19.57
CA TYR T 108 33.02 -77.79 20.51
C TYR T 108 32.55 -78.09 21.92
N ARG T 109 31.39 -77.60 22.31
CA ARG T 109 30.90 -77.84 23.66
C ARG T 109 30.55 -79.30 23.88
N GLU T 110 29.84 -79.92 22.92
CA GLU T 110 29.50 -81.33 23.07
C GLU T 110 30.71 -82.23 22.90
N SER T 111 31.75 -81.77 22.22
CA SER T 111 33.01 -82.50 22.18
C SER T 111 33.88 -82.19 23.39
N LYS T 112 33.40 -81.33 24.28
CA LYS T 112 34.08 -80.95 25.52
C LYS T 112 35.42 -80.29 25.27
N LYS T 113 35.59 -79.70 24.09
CA LYS T 113 36.74 -78.82 23.86
C LYS T 113 36.61 -77.56 24.69
N ILE T 114 35.40 -77.06 24.86
CA ILE T 114 35.12 -75.88 25.68
C ILE T 114 33.95 -76.19 26.60
N ASP T 115 34.02 -75.70 27.83
CA ASP T 115 32.94 -75.88 28.78
C ASP T 115 31.83 -74.86 28.52
N ARG T 116 30.76 -74.94 29.32
CA ARG T 116 29.61 -74.07 29.12
C ARG T 116 29.99 -72.60 29.28
N HIS T 117 30.78 -72.28 30.30
CA HIS T 117 31.08 -70.89 30.62
C HIS T 117 31.91 -70.23 29.52
N MET T 118 32.86 -70.97 28.94
CA MET T 118 33.53 -70.45 27.76
C MET T 118 32.60 -70.36 26.57
N TYR T 119 31.66 -71.30 26.46
CA TYR T 119 30.72 -71.27 25.34
C TYR T 119 29.84 -70.04 25.38
N HIS T 120 29.32 -69.69 26.56
CA HIS T 120 28.36 -68.59 26.63
C HIS T 120 29.04 -67.26 26.34
N SER T 121 30.26 -67.08 26.82
CA SER T 121 30.97 -65.84 26.54
C SER T 121 31.30 -65.72 25.05
N LEU T 122 31.73 -66.80 24.43
CA LEU T 122 32.02 -66.76 23.00
C LEU T 122 30.75 -66.61 22.17
N TYR T 123 29.64 -67.18 22.65
CA TYR T 123 28.38 -67.07 21.94
C TYR T 123 27.93 -65.61 21.87
N LEU T 124 28.10 -64.87 22.96
CA LEU T 124 27.79 -63.45 22.94
C LEU T 124 28.82 -62.67 22.16
N LYS T 125 30.02 -63.21 22.00
CA LYS T 125 31.04 -62.53 21.20
C LYS T 125 30.75 -62.64 19.71
N VAL T 126 30.33 -63.82 19.25
CA VAL T 126 30.04 -63.94 17.82
C VAL T 126 28.82 -63.10 17.46
N LYS T 127 27.85 -63.00 18.36
CA LYS T 127 26.72 -62.12 18.13
C LYS T 127 27.16 -60.67 18.10
N GLY T 128 28.21 -60.33 18.81
CA GLY T 128 28.78 -59.00 18.80
C GLY T 128 29.72 -58.71 17.67
N ASN T 129 29.90 -59.67 16.74
CA ASN T 129 30.61 -59.46 15.48
C ASN T 129 32.11 -59.21 15.70
N VAL T 130 32.74 -60.05 16.51
CA VAL T 130 34.17 -59.95 16.75
C VAL T 130 34.94 -61.09 16.12
N PHE T 131 34.29 -61.96 15.36
CA PHE T 131 34.97 -63.02 14.61
C PHE T 131 34.43 -62.98 13.19
N LYS T 132 35.28 -62.57 12.25
CA LYS T 132 34.81 -62.34 10.90
C LYS T 132 34.50 -63.62 10.16
N ASN T 133 35.06 -64.75 10.63
CA ASN T 133 34.93 -66.05 9.93
C ASN T 133 35.08 -67.21 10.92
N LYS T 134 35.42 -68.40 10.41
CA LYS T 134 35.44 -69.65 11.22
C LYS T 134 36.88 -70.05 11.58
N ARG T 135 37.88 -69.62 10.81
CA ARG T 135 39.26 -69.92 11.24
C ARG T 135 39.63 -68.97 12.40
N ILE T 136 39.19 -67.72 12.35
CA ILE T 136 39.65 -66.81 13.43
C ILE T 136 38.96 -67.18 14.74
N LEU T 137 37.72 -67.67 14.70
CA LEU T 137 37.10 -68.14 15.96
C LEU T 137 37.96 -69.27 16.52
N MET T 138 38.34 -70.23 15.67
CA MET T 138 39.10 -71.40 16.18
C MET T 138 40.40 -70.90 16.77
N GLU T 139 41.11 -70.03 16.05
CA GLU T 139 42.39 -69.54 16.56
C GLU T 139 42.22 -68.84 17.89
N HIS T 140 41.14 -68.07 18.04
CA HIS T 140 40.88 -67.45 19.33
C HIS T 140 40.57 -68.49 20.39
N ILE T 141 39.89 -69.56 20.00
CA ILE T 141 39.62 -70.65 20.94
C ILE T 141 40.92 -71.29 21.40
N HIS T 142 41.81 -71.58 20.44
CA HIS T 142 43.06 -72.26 20.80
C HIS T 142 43.96 -71.36 21.63
N LYS T 143 43.92 -70.05 21.37
CA LYS T 143 44.66 -69.12 22.22
C LYS T 143 44.10 -69.10 23.64
N LEU T 144 42.77 -69.07 23.77
CA LEU T 144 42.15 -69.07 25.09
C LEU T 144 42.44 -70.38 25.82
N LYS T 145 42.42 -71.49 25.11
CA LYS T 145 42.80 -72.76 25.70
C LYS T 145 44.25 -72.73 26.18
N ALA T 146 45.13 -72.16 25.36
CA ALA T 146 46.56 -72.23 25.66
C ALA T 146 46.91 -71.45 26.91
N ASP T 147 46.47 -70.19 26.99
CA ASP T 147 46.83 -69.39 28.15
C ASP T 147 46.00 -69.71 29.38
N LYS T 148 44.83 -70.34 29.22
CA LYS T 148 44.15 -70.88 30.38
C LYS T 148 44.96 -72.01 31.00
N ALA T 149 45.53 -72.87 30.16
CA ALA T 149 46.44 -73.90 30.67
C ALA T 149 47.72 -73.29 31.20
N ARG T 150 48.17 -72.19 30.60
CA ARG T 150 49.39 -71.53 31.04
C ARG T 150 49.26 -71.02 32.47
N LYS T 151 48.14 -70.38 32.78
CA LYS T 151 47.91 -69.94 34.15
C LYS T 151 47.47 -71.10 35.04
N LYS T 152 47.04 -72.21 34.45
CA LYS T 152 46.66 -73.37 35.25
C LYS T 152 47.88 -73.99 35.91
N LEU T 153 48.94 -74.23 35.14
CA LEU T 153 50.14 -74.84 35.71
C LEU T 153 50.93 -73.83 36.53
N LEU T 154 50.85 -72.55 36.18
CA LEU T 154 51.52 -71.52 36.97
C LEU T 154 50.95 -71.46 38.38
N ALA T 155 49.62 -71.50 38.50
CA ALA T 155 49.01 -71.50 39.81
C ALA T 155 49.30 -72.78 40.57
N ASP T 156 49.31 -73.91 39.88
CA ASP T 156 49.50 -75.19 40.55
C ASP T 156 50.93 -75.38 41.02
N GLN T 157 51.91 -74.98 40.22
CA GLN T 157 53.29 -75.17 40.63
C GLN T 157 53.71 -74.17 41.70
N ALA T 158 53.13 -72.96 41.69
CA ALA T 158 53.35 -72.05 42.79
C ALA T 158 52.64 -72.54 44.04
N GLU T 159 51.49 -73.19 43.87
CA GLU T 159 50.84 -73.85 44.99
C GLU T 159 51.68 -75.00 45.51
N ALA T 160 52.41 -75.68 44.62
CA ALA T 160 53.33 -76.72 45.05
C ALA T 160 54.47 -76.14 45.88
N ARG T 161 54.98 -74.98 45.48
CA ARG T 161 56.04 -74.33 46.26
C ARG T 161 55.54 -73.91 47.64
N ARG T 162 54.31 -73.38 47.71
CA ARG T 162 53.78 -72.95 48.99
C ARG T 162 53.42 -74.14 49.88
N SER T 163 52.83 -75.19 49.30
CA SER T 163 52.52 -76.38 50.07
C SER T 163 53.78 -77.12 50.48
N LYS T 164 54.87 -76.93 49.75
CA LYS T 164 56.13 -77.57 50.13
C LYS T 164 56.72 -76.91 51.37
N THR T 165 56.75 -75.57 51.39
CA THR T 165 57.26 -74.87 52.57
C THR T 165 56.30 -75.02 53.75
N LYS T 166 54.99 -75.08 53.48
CA LYS T 166 54.04 -75.25 54.56
C LYS T 166 54.15 -76.63 55.18
N GLU T 167 54.33 -77.67 54.36
CA GLU T 167 54.53 -79.01 54.89
C GLU T 167 55.87 -79.13 55.59
N ALA T 168 56.89 -78.42 55.09
CA ALA T 168 58.16 -78.38 55.80
C ALA T 168 58.01 -77.69 57.15
N ARG T 169 57.22 -76.62 57.20
CA ARG T 169 57.08 -75.84 58.43
C ARG T 169 56.26 -76.59 59.47
N LYS T 170 55.21 -77.31 59.05
CA LYS T 170 54.35 -77.99 60.02
C LYS T 170 55.11 -79.07 60.78
N ARG T 171 56.12 -79.66 60.16
CA ARG T 171 57.00 -80.58 60.86
C ARG T 171 58.24 -79.90 61.41
N ARG T 172 58.52 -78.66 60.98
CA ARG T 172 59.65 -77.90 61.51
C ARG T 172 59.44 -77.60 62.99
N GLU T 173 58.20 -77.28 63.37
CA GLU T 173 57.88 -77.13 64.78
C GLU T 173 57.82 -78.48 65.48
N GLU T 174 57.60 -79.55 64.73
CA GLU T 174 57.42 -80.86 65.35
C GLU T 174 58.74 -81.43 65.86
N ARG T 175 59.79 -81.35 65.06
CA ARG T 175 61.07 -81.88 65.53
C ARG T 175 61.81 -80.91 66.44
N LEU T 176 61.30 -79.69 66.60
CA LEU T 176 61.78 -78.83 67.68
C LEU T 176 61.10 -79.19 68.99
N GLN T 177 59.76 -79.32 68.97
CA GLN T 177 59.04 -79.64 70.19
C GLN T 177 59.34 -81.05 70.68
N ALA T 178 59.79 -81.93 69.78
CA ALA T 178 60.24 -83.25 70.22
C ALA T 178 61.50 -83.15 71.08
N LYS T 179 62.36 -82.17 70.78
CA LYS T 179 63.55 -81.94 71.59
C LYS T 179 63.25 -81.09 72.82
N LYS T 180 62.24 -80.23 72.75
CA LYS T 180 61.90 -79.39 73.89
C LYS T 180 61.14 -80.18 74.95
N GLU T 181 60.32 -81.14 74.54
CA GLU T 181 59.44 -81.87 75.45
C GLU T 181 59.96 -83.26 75.80
N GLU T 182 61.19 -83.58 75.43
CA GLU T 182 61.81 -84.83 75.86
C GLU T 182 62.52 -84.71 77.20
N ILE T 183 62.52 -83.53 77.81
CA ILE T 183 63.10 -83.34 79.13
C ILE T 183 62.07 -83.51 80.24
N ILE T 184 60.86 -82.97 80.03
CA ILE T 184 59.85 -83.00 81.08
C ILE T 184 59.36 -84.43 81.32
N LYS T 185 59.37 -85.28 80.29
CA LYS T 185 58.98 -86.67 80.47
C LYS T 185 59.97 -87.46 81.32
N THR T 186 61.16 -86.91 81.58
CA THR T 186 62.18 -87.59 82.38
C THR T 186 62.69 -86.73 83.52
N LEU T 187 62.09 -85.56 83.74
CA LEU T 187 62.52 -84.60 84.77
C LEU T 187 63.97 -84.20 84.58
N MET U 1 53.87 -28.11 -57.53
CA MET U 1 55.08 -27.31 -57.75
C MET U 1 55.35 -26.41 -56.54
N LYS U 2 54.51 -26.54 -55.53
CA LYS U 2 54.72 -25.89 -54.25
C LYS U 2 55.56 -26.78 -53.36
N VAL U 3 55.61 -26.45 -52.06
CA VAL U 3 56.14 -27.39 -51.09
C VAL U 3 55.27 -28.63 -51.11
N GLU U 4 55.91 -29.79 -51.01
CA GLU U 4 55.21 -31.06 -51.00
C GLU U 4 55.22 -31.63 -49.59
N LEU U 5 54.05 -31.92 -49.06
CA LEU U 5 53.89 -32.19 -47.64
C LEU U 5 53.66 -33.69 -47.42
N CYS U 6 53.83 -34.11 -46.17
CA CYS U 6 53.59 -35.49 -45.77
C CYS U 6 52.66 -35.51 -44.57
N SER U 7 51.73 -36.46 -44.57
CA SER U 7 50.63 -36.48 -43.61
C SER U 7 51.09 -37.05 -42.25
N PHE U 8 50.13 -37.19 -41.34
CA PHE U 8 50.24 -38.10 -40.20
C PHE U 8 50.45 -39.55 -40.63
N SER U 9 49.93 -39.94 -41.78
CA SER U 9 50.12 -41.28 -42.29
C SER U 9 51.33 -41.40 -43.20
N GLY U 10 52.12 -40.33 -43.35
CA GLY U 10 53.28 -40.35 -44.20
C GLY U 10 52.98 -40.23 -45.68
N TYR U 11 51.71 -40.22 -46.07
CA TYR U 11 51.36 -40.12 -47.47
C TYR U 11 51.65 -38.71 -47.98
N LYS U 12 51.93 -38.61 -49.27
CA LYS U 12 52.27 -37.35 -49.88
C LYS U 12 51.00 -36.57 -50.19
N ILE U 13 50.93 -35.33 -49.72
CA ILE U 13 49.73 -34.50 -49.87
C ILE U 13 50.00 -33.48 -50.96
N TYR U 14 49.30 -33.64 -52.08
CA TYR U 14 49.42 -32.70 -53.18
C TYR U 14 48.66 -31.43 -52.86
N PRO U 15 49.04 -30.30 -53.46
CA PRO U 15 48.41 -29.02 -53.11
C PRO U 15 46.91 -29.03 -53.39
N GLY U 16 46.16 -28.37 -52.53
CA GLY U 16 44.73 -28.33 -52.64
C GLY U 16 43.99 -29.49 -52.03
N HIS U 17 44.66 -30.31 -51.22
CA HIS U 17 44.04 -31.47 -50.60
C HIS U 17 44.23 -31.41 -49.09
N GLY U 18 43.31 -32.04 -48.37
CA GLY U 18 43.43 -32.18 -46.94
C GLY U 18 43.34 -30.85 -46.20
N ARG U 19 43.64 -30.93 -44.90
CA ARG U 19 43.59 -29.79 -44.02
C ARG U 19 44.91 -29.65 -43.28
N ARG U 20 45.01 -28.58 -42.51
CA ARG U 20 46.19 -28.28 -41.71
C ARG U 20 45.75 -27.92 -40.30
N TYR U 21 46.48 -28.43 -39.32
CA TYR U 21 46.12 -28.29 -37.92
C TYR U 21 47.27 -27.65 -37.16
N ALA U 22 47.07 -26.44 -36.67
CA ALA U 22 48.06 -25.73 -35.87
C ALA U 22 47.60 -25.72 -34.43
N ARG U 23 48.26 -26.49 -33.58
CA ARG U 23 47.89 -26.51 -32.18
C ARG U 23 48.33 -25.24 -31.48
N THR U 24 47.83 -25.06 -30.26
CA THR U 24 48.23 -23.91 -29.46
C THR U 24 49.68 -24.02 -29.00
N ASP U 25 50.22 -25.25 -28.92
CA ASP U 25 51.59 -25.39 -28.46
C ASP U 25 52.62 -24.91 -29.48
N GLY U 26 52.20 -24.60 -30.70
CA GLY U 26 53.11 -24.10 -31.71
C GLY U 26 53.56 -25.09 -32.75
N LYS U 27 53.04 -26.32 -32.75
CA LYS U 27 53.42 -27.30 -33.75
C LYS U 27 52.29 -27.49 -34.74
N VAL U 28 52.65 -27.74 -36.00
CA VAL U 28 51.71 -27.72 -37.11
C VAL U 28 51.76 -29.07 -37.81
N PHE U 29 50.58 -29.63 -38.07
CA PHE U 29 50.43 -30.90 -38.75
C PHE U 29 49.63 -30.71 -40.02
N GLN U 30 49.83 -31.61 -40.98
CA GLN U 30 49.02 -31.62 -42.17
C GLN U 30 48.49 -33.03 -42.38
N PHE U 31 47.23 -33.12 -42.75
CA PHE U 31 46.55 -34.39 -42.93
C PHE U 31 46.04 -34.49 -44.35
N LEU U 32 45.87 -35.71 -44.81
CA LEU U 32 45.41 -35.93 -46.17
C LEU U 32 43.89 -35.97 -46.24
N ASN U 33 43.24 -36.55 -45.23
CA ASN U 33 41.78 -36.63 -45.23
C ASN U 33 41.31 -36.83 -43.80
N ALA U 34 40.00 -36.72 -43.61
CA ALA U 34 39.43 -36.77 -42.27
C ALA U 34 39.66 -38.11 -41.59
N LYS U 35 39.92 -39.17 -42.35
CA LYS U 35 40.30 -40.44 -41.73
C LYS U 35 41.62 -40.31 -41.00
N CYS U 36 42.64 -39.78 -41.69
CA CYS U 36 43.94 -39.61 -41.06
C CYS U 36 43.89 -38.56 -39.97
N GLU U 37 43.10 -37.51 -40.14
CA GLU U 37 43.04 -36.46 -39.14
C GLU U 37 42.40 -36.95 -37.86
N SER U 38 41.25 -37.61 -37.98
CA SER U 38 40.54 -38.07 -36.78
C SER U 38 41.28 -39.23 -36.11
N ALA U 39 42.09 -39.97 -36.85
CA ALA U 39 42.99 -40.93 -36.23
C ALA U 39 43.99 -40.23 -35.35
N PHE U 40 44.55 -39.12 -35.84
CA PHE U 40 45.51 -38.34 -35.06
C PHE U 40 44.85 -37.64 -33.88
N LEU U 41 43.61 -37.16 -34.06
CA LEU U 41 42.95 -36.43 -33.00
C LEU U 41 42.54 -37.35 -31.86
N SER U 42 42.17 -38.58 -32.15
CA SER U 42 41.91 -39.56 -31.11
C SER U 42 43.18 -40.17 -30.57
N LYS U 43 44.34 -39.57 -30.87
CA LYS U 43 45.63 -39.95 -30.31
C LYS U 43 45.99 -41.39 -30.61
N ARG U 44 45.59 -41.89 -31.77
CA ARG U 44 46.00 -43.22 -32.19
C ARG U 44 47.45 -43.18 -32.69
N ASN U 45 48.14 -44.29 -32.49
CA ASN U 45 49.56 -44.38 -32.78
C ASN U 45 49.74 -44.94 -34.19
N PRO U 46 50.34 -44.19 -35.12
CA PRO U 46 50.45 -44.68 -36.50
C PRO U 46 51.29 -45.92 -36.64
N ARG U 47 52.12 -46.25 -35.66
CA ARG U 47 52.89 -47.48 -35.68
C ARG U 47 52.02 -48.71 -35.45
N GLN U 48 50.75 -48.55 -35.10
CA GLN U 48 49.85 -49.67 -34.90
C GLN U 48 48.66 -49.68 -35.85
N ILE U 49 48.69 -48.88 -36.91
CA ILE U 49 47.67 -48.91 -37.96
C ILE U 49 48.36 -49.39 -39.22
N ASN U 50 47.88 -50.49 -39.79
CA ASN U 50 48.67 -51.25 -40.75
C ASN U 50 48.89 -50.50 -42.06
N TRP U 51 47.93 -49.69 -42.50
CA TRP U 51 48.07 -49.04 -43.79
C TRP U 51 48.93 -47.78 -43.73
N THR U 52 49.42 -47.43 -42.55
CA THR U 52 50.22 -46.22 -42.38
C THR U 52 51.66 -46.49 -42.77
N VAL U 53 52.31 -45.46 -43.33
CA VAL U 53 53.71 -45.59 -43.76
C VAL U 53 54.60 -45.97 -42.58
N LEU U 54 54.40 -45.32 -41.43
CA LEU U 54 55.24 -45.59 -40.28
C LEU U 54 55.07 -47.01 -39.75
N TYR U 55 53.94 -47.66 -40.03
CA TYR U 55 53.82 -49.08 -39.72
C TYR U 55 54.58 -49.93 -40.72
N ARG U 56 54.48 -49.61 -42.02
CA ARG U 56 55.16 -50.41 -43.02
C ARG U 56 56.66 -50.36 -42.82
N ARG U 57 57.20 -49.17 -42.56
CA ARG U 57 58.63 -49.06 -42.29
C ARG U 57 58.99 -49.79 -40.99
N LYS U 58 58.14 -49.71 -39.98
CA LYS U 58 58.45 -50.35 -38.70
C LYS U 58 58.54 -51.86 -38.84
N HIS U 59 57.59 -52.47 -39.53
CA HIS U 59 57.58 -53.91 -39.70
C HIS U 59 58.37 -54.37 -40.92
N LYS U 60 59.02 -53.44 -41.62
CA LYS U 60 59.80 -53.73 -42.82
C LYS U 60 58.95 -54.44 -43.86
N LYS U 61 57.70 -54.00 -44.00
CA LYS U 61 56.80 -54.56 -44.99
C LYS U 61 57.13 -53.97 -46.35
N GLY U 62 57.16 -54.84 -47.37
CA GLY U 62 57.52 -54.44 -48.70
C GLY U 62 59.00 -54.31 -48.96
N GLN U 63 59.84 -54.51 -47.94
CA GLN U 63 61.28 -54.37 -48.08
C GLN U 63 62.01 -55.51 -47.39
N THR U 66 79.48 -51.55 -50.94
CA THR U 66 80.35 -52.58 -50.41
C THR U 66 81.52 -51.97 -49.66
N ARG U 67 82.53 -52.79 -49.37
CA ARG U 67 83.78 -52.30 -48.80
C ARG U 67 84.53 -51.45 -49.82
N ARG U 68 85.16 -50.38 -49.36
CA ARG U 68 85.99 -49.55 -50.22
C ARG U 68 86.96 -48.75 -49.38
N ALA U 69 88.23 -48.77 -49.77
CA ALA U 69 89.25 -47.93 -49.14
C ALA U 69 90.37 -47.72 -50.16
N VAL U 70 90.43 -46.52 -50.71
CA VAL U 70 91.39 -46.17 -51.76
C VAL U 70 92.35 -45.13 -51.21
N LYS U 71 93.59 -45.16 -51.68
CA LYS U 71 94.62 -44.21 -51.27
C LYS U 71 95.35 -43.68 -52.49
N PHE U 72 95.56 -42.38 -52.52
CA PHE U 72 96.32 -41.72 -53.57
C PHE U 72 97.37 -40.82 -52.95
N GLN U 73 98.44 -40.57 -53.70
CA GLN U 73 99.52 -39.71 -53.23
C GLN U 73 99.39 -38.35 -53.89
N ARG U 74 99.63 -37.29 -53.11
CA ARG U 74 99.59 -35.93 -53.60
C ARG U 74 100.89 -35.24 -53.22
N ALA U 75 101.43 -34.45 -54.15
CA ALA U 75 102.62 -33.66 -53.86
C ALA U 75 102.33 -32.68 -52.74
N ILE U 76 103.26 -32.57 -51.80
CA ILE U 76 103.07 -31.75 -50.61
C ILE U 76 104.00 -30.55 -50.68
N THR U 77 103.83 -29.64 -49.73
CA THR U 77 104.71 -28.46 -49.65
C THR U 77 106.10 -28.91 -49.23
N GLY U 78 107.04 -28.88 -50.18
CA GLY U 78 108.41 -29.22 -49.87
C GLY U 78 108.98 -30.32 -50.75
N ALA U 79 108.17 -31.32 -51.10
CA ALA U 79 108.61 -32.43 -51.92
C ALA U 79 107.49 -32.82 -52.87
N SER U 80 107.75 -32.71 -54.17
CA SER U 80 106.73 -32.99 -55.17
C SER U 80 106.62 -34.49 -55.40
N LEU U 81 105.71 -34.86 -56.31
CA LEU U 81 105.49 -36.27 -56.62
C LEU U 81 106.72 -36.88 -57.26
N ALA U 82 107.45 -36.10 -58.06
CA ALA U 82 108.70 -36.58 -58.64
C ALA U 82 109.74 -36.89 -57.57
N ASP U 83 109.84 -36.03 -56.55
CA ASP U 83 110.79 -36.28 -55.48
C ASP U 83 110.41 -37.52 -54.70
N ILE U 84 109.16 -37.59 -54.23
CA ILE U 84 108.78 -38.66 -53.31
C ILE U 84 108.78 -40.02 -53.98
N MET U 85 108.66 -40.05 -55.31
CA MET U 85 108.73 -41.32 -56.02
C MET U 85 110.13 -41.88 -55.99
N ALA U 86 111.13 -41.05 -56.31
CA ALA U 86 112.51 -41.53 -56.31
C ALA U 86 112.98 -41.85 -54.90
N LYS U 87 112.46 -41.13 -53.91
CA LYS U 87 112.84 -41.41 -52.52
C LYS U 87 112.37 -42.80 -52.10
N ARG U 88 111.17 -43.20 -52.50
CA ARG U 88 110.65 -44.51 -52.16
C ARG U 88 111.00 -45.59 -53.18
N ASN U 89 111.61 -45.22 -54.30
CA ASN U 89 112.08 -46.19 -55.29
C ASN U 89 113.54 -46.56 -55.09
N GLN U 90 114.03 -46.40 -53.87
CA GLN U 90 115.39 -46.77 -53.49
C GLN U 90 115.49 -48.25 -53.12
N LYS U 91 114.51 -49.05 -53.52
CA LYS U 91 114.49 -50.47 -53.17
C LYS U 91 115.69 -51.27 -53.67
N PRO U 92 116.19 -51.09 -54.92
CA PRO U 92 117.39 -51.83 -55.32
C PRO U 92 118.68 -51.31 -54.68
N GLU U 93 118.87 -51.59 -53.41
CA GLU U 93 120.11 -51.40 -52.65
C GLU U 93 120.52 -49.94 -52.50
N VAL U 94 119.69 -48.99 -52.90
CA VAL U 94 120.03 -47.58 -52.68
C VAL U 94 119.93 -47.24 -51.20
N ARG U 95 118.91 -47.75 -50.51
CA ARG U 95 118.82 -47.60 -49.07
C ARG U 95 119.86 -48.45 -48.35
N LYS U 96 120.24 -49.59 -48.94
CA LYS U 96 121.35 -50.35 -48.40
C LYS U 96 122.64 -49.55 -48.49
N ALA U 97 122.81 -48.79 -49.59
CA ALA U 97 123.98 -47.94 -49.73
C ALA U 97 123.96 -46.80 -48.74
N GLN U 98 122.76 -46.31 -48.40
CA GLN U 98 122.67 -45.21 -47.43
C GLN U 98 122.82 -45.71 -46.01
N ARG U 99 122.34 -46.92 -45.72
CA ARG U 99 122.45 -47.43 -44.36
C ARG U 99 123.89 -47.73 -44.00
N GLU U 100 124.71 -48.15 -44.97
CA GLU U 100 126.10 -48.46 -44.67
C GLU U 100 126.95 -47.20 -44.53
N GLN U 101 126.66 -46.18 -45.34
CA GLN U 101 127.46 -44.97 -45.26
C GLN U 101 127.09 -44.14 -44.03
N ALA U 102 125.84 -44.20 -43.60
CA ALA U 102 125.43 -43.46 -42.41
C ALA U 102 125.99 -44.12 -41.16
N ILE U 103 126.04 -45.45 -41.13
CA ILE U 103 126.57 -46.17 -39.97
C ILE U 103 128.04 -45.83 -39.77
N ARG U 104 128.82 -45.87 -40.85
CA ARG U 104 130.25 -45.60 -40.73
C ARG U 104 130.52 -44.12 -40.50
N ALA U 105 129.62 -43.24 -40.95
CA ALA U 105 129.82 -41.81 -40.74
C ALA U 105 129.60 -41.43 -39.28
N ALA U 106 128.54 -41.94 -38.67
CA ALA U 106 128.26 -41.63 -37.27
C ALA U 106 129.26 -42.34 -36.35
N LYS U 107 129.69 -43.55 -36.72
CA LYS U 107 130.65 -44.26 -35.89
C LYS U 107 132.02 -43.56 -35.90
N GLU U 108 132.47 -43.11 -37.07
CA GLU U 108 133.79 -42.47 -37.13
C GLU U 108 133.77 -41.12 -36.43
N ALA U 109 132.63 -40.43 -36.44
CA ALA U 109 132.51 -39.19 -35.67
C ALA U 109 132.47 -39.50 -34.18
N LYS U 110 131.87 -40.62 -33.80
CA LYS U 110 131.85 -41.03 -32.40
C LYS U 110 133.24 -41.37 -31.91
N LYS U 111 134.00 -42.14 -32.70
CA LYS U 111 135.36 -42.49 -32.31
C LYS U 111 136.26 -41.26 -32.30
N ALA U 112 136.09 -40.36 -33.26
CA ALA U 112 136.85 -39.11 -33.25
C ALA U 112 136.41 -38.21 -32.10
N LYS U 113 135.17 -38.35 -31.63
CA LYS U 113 134.75 -37.61 -30.45
C LYS U 113 135.48 -38.08 -29.20
N GLN U 114 135.65 -39.40 -29.05
CA GLN U 114 136.43 -39.92 -27.94
C GLN U 114 137.91 -39.60 -28.12
N ALA U 115 138.36 -39.47 -29.37
CA ALA U 115 139.76 -39.13 -29.63
C ALA U 115 140.05 -37.66 -29.35
N SER U 116 139.04 -36.80 -29.44
CA SER U 116 139.26 -35.36 -29.23
C SER U 116 139.54 -35.06 -27.77
N LYS U 117 138.86 -35.73 -26.86
CA LYS U 117 139.00 -35.46 -25.43
C LYS U 117 140.24 -36.16 -24.88
N LYS U 118 140.42 -36.07 -23.57
CA LYS U 118 141.46 -36.81 -22.86
C LYS U 118 141.09 -37.01 -21.41
N MET V 1 16.14 37.22 84.34
CA MET V 1 16.71 36.83 83.06
C MET V 1 17.80 37.82 82.62
N GLY V 2 18.87 37.28 82.05
CA GLY V 2 19.96 38.12 81.56
C GLY V 2 20.70 38.88 82.63
N ARG V 3 20.83 38.32 83.84
CA ARG V 3 21.61 38.93 84.89
C ARG V 3 22.70 38.01 85.40
N VAL V 4 23.06 36.99 84.62
CA VAL V 4 24.18 36.14 84.95
C VAL V 4 25.46 36.96 84.95
N ARG V 5 26.38 36.63 85.84
CA ARG V 5 27.55 37.47 86.07
C ARG V 5 28.75 36.96 85.28
N THR V 6 29.44 37.89 84.65
CA THR V 6 30.53 37.62 83.72
C THR V 6 31.74 37.08 84.50
N LYS V 7 32.77 36.64 83.78
CA LYS V 7 33.99 36.18 84.42
C LYS V 7 34.64 37.27 85.26
N THR V 8 34.69 38.50 84.72
CA THR V 8 35.42 39.56 85.38
C THR V 8 34.82 39.89 86.75
N VAL V 9 33.49 40.06 86.80
CA VAL V 9 32.84 40.40 88.05
C VAL V 9 32.95 39.26 89.06
N LYS V 10 32.89 38.02 88.59
CA LYS V 10 32.96 36.89 89.51
C LYS V 10 34.38 36.67 90.03
N LYS V 11 35.39 36.81 89.16
CA LYS V 11 36.76 36.50 89.55
C LYS V 11 37.25 37.43 90.65
N ALA V 12 37.05 38.74 90.47
CA ALA V 12 37.47 39.69 91.50
C ALA V 12 36.69 39.49 92.79
N ALA V 13 35.39 39.19 92.68
CA ALA V 13 34.56 39.02 93.86
C ALA V 13 35.04 37.83 94.70
N ARG V 14 35.37 36.71 94.05
CA ARG V 14 35.86 35.56 94.79
C ARG V 14 37.19 35.87 95.48
N VAL V 15 38.08 36.58 94.78
CA VAL V 15 39.41 36.84 95.31
C VAL V 15 39.35 37.75 96.53
N ILE V 16 38.61 38.86 96.42
CA ILE V 16 38.58 39.82 97.53
C ILE V 16 37.89 39.23 98.75
N ILE V 17 36.91 38.33 98.54
CA ILE V 17 36.24 37.72 99.67
C ILE V 17 37.20 36.87 100.48
N GLU V 18 38.02 36.07 99.81
CA GLU V 18 38.95 35.20 100.50
C GLU V 18 40.24 35.90 100.91
N LYS V 19 40.40 37.19 100.57
CA LYS V 19 41.51 37.99 101.07
C LYS V 19 41.11 38.91 102.21
N TYR V 20 39.85 39.34 102.25
CA TYR V 20 39.36 40.27 103.26
C TYR V 20 38.08 39.74 103.90
N TYR V 21 38.10 38.43 104.22
CA TYR V 21 36.95 37.80 104.84
C TYR V 21 36.62 38.41 106.19
N THR V 22 37.63 38.91 106.89
CA THR V 22 37.42 39.55 108.19
C THR V 22 36.80 40.92 108.06
N ARG V 23 37.02 41.61 106.94
CA ARG V 23 36.52 42.96 106.76
C ARG V 23 35.22 43.04 105.99
N LEU V 24 34.62 41.90 105.65
CA LEU V 24 33.42 41.87 104.82
C LEU V 24 32.31 41.12 105.55
N GLY V 25 31.08 41.63 105.42
CA GLY V 25 29.94 41.02 106.06
C GLY V 25 28.85 40.65 105.07
N ASN V 26 27.61 41.02 105.37
CA ASN V 26 26.47 40.66 104.53
C ASN V 26 25.62 41.86 104.09
N ASP V 27 25.81 43.03 104.68
CA ASP V 27 25.11 44.21 104.19
C ASP V 27 25.69 44.62 102.85
N PHE V 28 24.81 44.84 101.87
CA PHE V 28 25.28 45.18 100.53
C PHE V 28 25.99 46.52 100.51
N HIS V 29 25.42 47.54 101.18
CA HIS V 29 25.98 48.88 101.08
C HIS V 29 27.30 48.98 101.83
N THR V 30 27.45 48.27 102.95
CA THR V 30 28.75 48.20 103.58
C THR V 30 29.75 47.47 102.69
N ASN V 31 29.30 46.38 102.07
CA ASN V 31 30.19 45.60 101.20
C ASN V 31 30.69 46.43 100.02
N LYS V 32 29.80 47.22 99.41
CA LYS V 32 30.21 48.02 98.25
C LYS V 32 31.21 49.10 98.62
N ARG V 33 31.30 49.47 99.89
CA ARG V 33 32.24 50.49 100.32
C ARG V 33 33.61 49.94 100.68
N VAL V 34 33.67 48.71 101.21
CA VAL V 34 34.95 48.12 101.58
C VAL V 34 35.79 47.86 100.34
N CYS V 35 35.15 47.44 99.25
CA CYS V 35 35.88 47.12 98.02
C CYS V 35 36.57 48.34 97.41
N GLU V 36 36.18 49.55 97.81
CA GLU V 36 36.78 50.74 97.23
C GLU V 36 38.25 50.89 97.62
N GLU V 37 38.58 50.61 98.87
CA GLU V 37 39.93 50.82 99.37
C GLU V 37 40.81 49.59 99.28
N ILE V 38 40.24 48.41 99.07
CA ILE V 38 41.04 47.20 98.87
C ILE V 38 41.17 46.83 97.40
N ALA V 39 40.45 47.50 96.51
CA ALA V 39 40.60 47.30 95.07
C ALA V 39 40.20 48.57 94.35
N ILE V 40 41.00 48.97 93.38
CA ILE V 40 40.74 50.17 92.59
C ILE V 40 39.87 49.75 91.41
N ILE V 41 38.56 49.98 91.53
CA ILE V 41 37.61 49.65 90.48
C ILE V 41 37.24 50.94 89.76
N PRO V 42 37.63 51.11 88.49
CA PRO V 42 37.36 52.38 87.80
C PRO V 42 35.88 52.70 87.63
N SER V 43 35.00 51.71 87.68
CA SER V 43 33.59 51.92 87.41
C SER V 43 32.78 51.77 88.70
N LYS V 44 31.93 52.76 88.97
CA LYS V 44 30.98 52.64 90.07
C LYS V 44 29.95 51.56 89.79
N LYS V 45 29.58 51.37 88.53
CA LYS V 45 28.68 50.29 88.16
C LYS V 45 29.33 48.93 88.39
N LEU V 46 30.63 48.81 88.18
CA LEU V 46 31.29 47.52 88.35
C LEU V 46 31.46 47.15 89.80
N ARG V 47 31.69 48.13 90.68
CA ARG V 47 32.03 47.81 92.06
C ARG V 47 30.82 47.28 92.83
N ASN V 48 29.64 47.87 92.63
CA ASN V 48 28.47 47.36 93.34
C ASN V 48 27.86 46.13 92.69
N LYS V 49 28.20 45.85 91.42
CA LYS V 49 27.84 44.55 90.86
C LYS V 49 28.68 43.45 91.48
N ILE V 50 29.96 43.72 91.75
CA ILE V 50 30.79 42.77 92.47
C ILE V 50 30.22 42.52 93.85
N ALA V 51 29.85 43.60 94.56
CA ALA V 51 29.34 43.47 95.91
C ALA V 51 28.01 42.72 95.92
N GLY V 52 27.23 42.82 94.85
CA GLY V 52 26.01 42.01 94.76
C GLY V 52 26.32 40.53 94.74
N TYR V 53 27.41 40.15 94.06
CA TYR V 53 27.89 38.78 94.11
C TYR V 53 28.57 38.45 95.42
N VAL V 54 29.09 39.46 96.12
CA VAL V 54 29.73 39.24 97.41
C VAL V 54 28.71 38.84 98.46
N THR V 55 27.57 39.52 98.48
CA THR V 55 26.52 39.18 99.45
C THR V 55 26.01 37.76 99.22
N HIS V 56 25.84 37.37 97.96
CA HIS V 56 25.39 36.02 97.67
C HIS V 56 26.42 34.98 98.12
N LEU V 57 27.70 35.23 97.84
CA LEU V 57 28.73 34.28 98.22
C LEU V 57 28.90 34.19 99.73
N MET V 58 28.75 35.32 100.43
CA MET V 58 28.81 35.29 101.89
C MET V 58 27.62 34.54 102.47
N LYS V 59 26.45 34.62 101.83
CA LYS V 59 25.29 33.89 102.30
C LYS V 59 25.44 32.38 102.15
N ARG V 60 26.27 31.93 101.20
CA ARG V 60 26.48 30.51 101.05
C ARG V 60 27.70 30.02 101.82
N ILE V 61 28.75 30.84 101.92
CA ILE V 61 29.96 30.42 102.61
C ILE V 61 29.72 30.29 104.11
N GLN V 62 28.69 30.95 104.65
CA GLN V 62 28.38 30.81 106.05
C GLN V 62 27.77 29.45 106.39
N ARG V 63 27.38 28.69 105.38
CA ARG V 63 26.65 27.44 105.57
C ARG V 63 27.31 26.26 104.87
N GLY V 64 27.89 26.48 103.68
CA GLY V 64 28.52 25.41 102.93
C GLY V 64 29.89 25.82 102.44
N PRO V 65 30.68 24.82 101.99
CA PRO V 65 32.07 25.07 101.54
C PRO V 65 32.16 25.53 100.08
N VAL V 66 31.99 26.84 99.88
CA VAL V 66 32.13 27.41 98.55
C VAL V 66 33.57 27.23 98.05
N ARG V 67 33.73 27.21 96.73
CA ARG V 67 35.04 27.02 96.11
C ARG V 67 36.05 28.07 96.58
N GLY V 68 35.58 29.27 96.94
CA GLY V 68 36.44 30.26 97.54
C GLY V 68 37.03 29.75 98.84
N ILE V 69 38.35 29.87 99.00
CA ILE V 69 39.04 29.31 100.14
C ILE V 69 38.80 30.20 101.36
N SER V 70 39.14 29.70 102.55
CA SER V 70 38.96 30.45 103.78
C SER V 70 39.92 29.91 104.82
N ILE V 71 40.44 30.81 105.66
CA ILE V 71 41.31 30.39 106.75
C ILE V 71 40.55 29.55 107.75
N LYS V 72 39.34 29.99 108.12
CA LYS V 72 38.56 29.27 109.11
C LYS V 72 37.90 28.01 108.56
N LEU V 73 37.63 27.95 107.25
CA LEU V 73 36.99 26.76 106.70
C LEU V 73 37.99 25.66 106.39
N GLN V 74 39.22 26.02 106.00
CA GLN V 74 40.24 25.00 105.79
C GLN V 74 40.75 24.43 107.10
N GLU V 75 40.82 25.25 108.16
CA GLU V 75 41.22 24.72 109.46
C GLU V 75 40.16 23.79 110.03
N GLU V 76 38.89 24.12 109.75
CA GLU V 76 37.76 23.27 110.21
C GLU V 76 37.79 22.00 109.36
N GLU V 77 38.15 22.14 108.08
CA GLU V 77 38.28 20.94 107.22
C GLU V 77 39.43 20.11 107.80
N ARG V 78 40.53 20.77 108.16
CA ARG V 78 41.66 20.04 108.80
C ARG V 78 41.18 19.45 110.13
N GLU V 79 40.23 20.13 110.80
CA GLU V 79 39.76 19.69 112.14
C GLU V 79 39.22 18.25 112.08
N ARG V 80 38.94 17.73 110.89
CA ARG V 80 38.32 16.38 110.79
C ARG V 80 39.23 15.45 109.97
N ARG V 81 40.42 15.90 109.59
CA ARG V 81 41.30 15.08 108.72
C ARG V 81 42.26 14.25 109.58
N ASP V 82 43.45 14.78 109.85
CA ASP V 82 44.43 14.10 110.73
C ASP V 82 43.87 13.99 112.15
N ASN V 83 42.61 14.39 112.34
CA ASN V 83 42.07 14.44 113.72
C ASN V 83 41.02 13.36 113.95
N TYR V 84 40.42 13.37 115.14
CA TYR V 84 39.38 12.40 115.49
C TYR V 84 39.97 11.00 115.55
N VAL V 85 40.96 10.83 116.42
CA VAL V 85 41.54 9.52 116.69
C VAL V 85 40.70 8.83 117.75
N PRO V 86 40.04 7.73 117.44
CA PRO V 86 39.27 7.01 118.46
C PRO V 86 40.18 6.41 119.51
N GLU V 87 39.63 6.28 120.72
CA GLU V 87 40.36 5.66 121.82
C GLU V 87 40.72 4.22 121.51
N VAL V 88 39.89 3.53 120.74
CA VAL V 88 40.10 2.12 120.41
C VAL V 88 40.21 1.99 118.90
N SER V 89 41.21 1.25 118.45
CA SER V 89 41.38 1.00 117.03
C SER V 89 40.24 0.13 116.50
N ALA V 90 39.95 0.29 115.21
CA ALA V 90 38.94 -0.53 114.57
C ALA V 90 39.48 -1.90 114.18
N LEU V 91 40.80 -2.10 114.21
CA LEU V 91 41.42 -3.33 113.75
C LEU V 91 41.98 -4.17 114.89
N ASP V 92 41.66 -3.84 116.13
CA ASP V 92 42.00 -4.67 117.28
C ASP V 92 40.76 -5.30 117.89
N GLN V 93 39.83 -5.72 117.02
CA GLN V 93 38.55 -6.24 117.47
C GLN V 93 38.73 -7.53 118.27
N GLU V 94 37.82 -7.73 119.21
CA GLU V 94 37.88 -8.89 120.10
C GLU V 94 37.80 -10.18 119.30
N ILE V 95 36.89 -10.25 118.33
CA ILE V 95 36.72 -11.43 117.50
C ILE V 95 36.83 -11.03 116.04
N ILE V 96 37.47 -11.88 115.24
CA ILE V 96 37.59 -11.70 113.81
C ILE V 96 36.99 -12.92 113.14
N GLU V 97 36.02 -12.69 112.26
CA GLU V 97 35.37 -13.80 111.56
C GLU V 97 36.19 -14.17 110.33
N VAL V 98 36.67 -15.41 110.29
CA VAL V 98 37.63 -15.86 109.31
C VAL V 98 37.04 -17.02 108.52
N ASP V 99 37.02 -16.89 107.20
CA ASP V 99 36.53 -17.96 106.35
C ASP V 99 37.50 -19.14 106.40
N PRO V 100 37.00 -20.36 106.30
CA PRO V 100 37.90 -21.53 106.29
C PRO V 100 38.90 -21.51 105.15
N ASP V 101 38.57 -20.89 104.02
CA ASP V 101 39.53 -20.82 102.93
C ASP V 101 40.73 -19.96 103.30
N THR V 102 40.49 -18.82 103.95
CA THR V 102 41.60 -18.01 104.43
C THR V 102 42.28 -18.66 105.62
N LYS V 103 41.55 -19.50 106.37
CA LYS V 103 42.19 -20.34 107.37
C LYS V 103 43.17 -21.30 106.72
N GLU V 104 42.78 -21.87 105.57
CA GLU V 104 43.69 -22.73 104.83
C GLU V 104 44.91 -21.96 104.36
N MET V 105 44.72 -20.72 103.89
CA MET V 105 45.85 -19.90 103.46
C MET V 105 46.78 -19.58 104.62
N LEU V 106 46.21 -19.28 105.78
CA LEU V 106 47.04 -18.99 106.96
C LEU V 106 47.81 -20.24 107.40
N LYS V 107 47.15 -21.39 107.39
CA LYS V 107 47.83 -22.64 107.73
C LYS V 107 48.94 -22.95 106.72
N LEU V 108 48.70 -22.68 105.44
CA LEU V 108 49.74 -22.85 104.43
C LEU V 108 50.88 -21.86 104.65
N LEU V 109 50.56 -20.67 105.15
CA LEU V 109 51.60 -19.70 105.47
C LEU V 109 52.45 -20.15 106.66
N ASP V 110 51.89 -20.99 107.54
CA ASP V 110 52.30 -21.39 108.91
C ASP V 110 51.84 -20.35 109.92
N PHE V 111 51.12 -19.31 109.49
CA PHE V 111 50.59 -18.30 110.39
C PHE V 111 49.12 -18.54 110.72
N GLY V 112 48.69 -19.78 110.79
CA GLY V 112 47.34 -20.10 111.18
C GLY V 112 47.19 -20.25 112.69
N SER V 113 46.03 -20.77 113.09
CA SER V 113 45.72 -21.13 114.48
C SER V 113 45.84 -19.94 115.44
N LEU V 114 45.52 -18.75 114.95
CA LEU V 114 45.58 -17.56 115.80
C LEU V 114 44.35 -17.48 116.70
N SER V 115 44.55 -16.91 117.89
CA SER V 115 43.52 -16.98 118.94
C SER V 115 42.34 -16.07 118.63
N ASN V 116 42.60 -14.89 118.08
CA ASN V 116 41.52 -13.93 117.80
C ASN V 116 40.59 -14.40 116.69
N LEU V 117 40.95 -15.45 115.97
CA LEU V 117 40.17 -15.92 114.83
C LEU V 117 39.10 -16.91 115.27
N GLN V 118 37.92 -16.82 114.66
CA GLN V 118 36.86 -17.78 114.85
C GLN V 118 36.41 -18.28 113.48
N VAL V 119 36.31 -19.59 113.33
CA VAL V 119 35.96 -20.19 112.06
C VAL V 119 34.45 -20.05 111.83
N THR V 120 34.08 -19.24 110.85
CA THR V 120 32.68 -19.06 110.48
C THR V 120 32.34 -19.94 109.29
N GLN V 121 31.06 -20.25 109.17
CA GLN V 121 30.62 -21.13 108.09
C GLN V 121 30.70 -20.38 106.76
N PRO V 122 31.40 -20.93 105.77
CA PRO V 122 31.40 -20.32 104.45
C PRO V 122 30.03 -20.40 103.81
N THR V 123 29.79 -19.52 102.84
CA THR V 123 28.52 -19.51 102.14
C THR V 123 28.32 -20.80 101.36
N VAL V 124 27.06 -21.21 101.21
CA VAL V 124 26.69 -22.36 100.40
C VAL V 124 25.56 -21.93 99.48
N GLY V 125 25.67 -22.29 98.20
CA GLY V 125 24.65 -22.00 97.22
C GLY V 125 25.26 -21.53 95.93
N MET V 126 26.37 -20.79 96.04
CA MET V 126 27.13 -20.28 94.90
C MET V 126 26.24 -19.47 93.96
N ASN V 127 25.23 -18.80 94.53
CA ASN V 127 24.19 -18.12 93.77
C ASN V 127 24.55 -16.68 93.46
N PHE V 128 25.84 -16.36 93.35
CA PHE V 128 26.27 -15.03 92.97
C PHE V 128 25.94 -14.78 91.50
N LYS V 129 26.37 -13.61 91.01
CA LYS V 129 26.11 -13.11 89.66
C LYS V 129 24.64 -12.76 89.49
N THR V 130 24.38 -11.58 88.94
CA THR V 130 23.00 -11.27 88.57
C THR V 130 22.64 -12.06 87.32
N PRO V 131 21.36 -12.45 87.17
CA PRO V 131 20.95 -13.16 85.96
C PRO V 131 21.23 -12.34 84.71
N ARG V 132 21.64 -13.02 83.65
CA ARG V 132 22.09 -12.35 82.44
C ARG V 132 20.92 -11.76 81.68
N GLY V 133 21.15 -10.56 81.14
CA GLY V 133 20.20 -9.93 80.26
C GLY V 133 18.98 -9.39 80.98
N PRO V 134 17.96 -9.01 80.21
CA PRO V 134 16.74 -8.48 80.81
C PRO V 134 15.96 -9.54 81.56
N VAL V 135 15.18 -9.08 82.53
CA VAL V 135 14.34 -9.92 83.39
C VAL V 135 15.14 -11.03 84.07
N MET W 1 30.92 91.45 69.89
CA MET W 1 30.16 92.35 69.03
C MET W 1 30.33 91.98 67.56
N ALA W 2 29.91 92.88 66.67
CA ALA W 2 30.04 92.64 65.23
C ALA W 2 31.49 92.57 64.78
N VAL W 3 32.41 93.15 65.56
CA VAL W 3 33.83 93.02 65.24
C VAL W 3 34.27 91.58 65.34
N GLN W 4 33.85 90.90 66.41
CA GLN W 4 34.18 89.50 66.62
C GLN W 4 33.13 88.60 65.97
N ILE W 5 33.32 87.30 66.14
CA ILE W 5 32.38 86.32 65.64
C ILE W 5 31.84 85.53 66.83
N SER W 6 30.72 84.85 66.62
CA SER W 6 30.07 84.10 67.68
C SER W 6 30.97 82.97 68.17
N LYS W 7 30.68 82.49 69.37
CA LYS W 7 31.45 81.38 69.93
C LYS W 7 31.31 80.13 69.08
N LYS W 8 30.14 79.96 68.45
CA LYS W 8 29.92 78.82 67.58
C LYS W 8 30.88 78.83 66.38
N ARG W 9 31.01 79.99 65.73
CA ARG W 9 31.90 80.06 64.58
C ARG W 9 33.37 80.14 65.00
N LYS W 10 33.66 80.68 66.17
CA LYS W 10 35.05 80.86 66.57
C LYS W 10 35.72 79.54 66.85
N PHE W 11 35.07 78.65 67.61
CA PHE W 11 35.67 77.36 67.93
C PHE W 11 35.77 76.47 66.71
N VAL W 12 34.77 76.53 65.84
CA VAL W 12 34.83 75.77 64.61
C VAL W 12 35.99 76.24 63.75
N ALA W 13 36.16 77.56 63.64
CA ALA W 13 37.27 78.11 62.87
C ALA W 13 38.62 77.67 63.45
N ASP W 14 38.71 77.60 64.77
CA ASP W 14 39.95 77.11 65.39
C ASP W 14 40.20 75.66 65.05
N GLY W 15 39.14 74.84 65.05
CA GLY W 15 39.29 73.46 64.62
C GLY W 15 39.69 73.34 63.17
N ILE W 16 39.14 74.22 62.33
CA ILE W 16 39.56 74.27 60.93
C ILE W 16 41.04 74.62 60.85
N PHE W 17 41.47 75.60 61.64
CA PHE W 17 42.86 76.02 61.64
C PHE W 17 43.78 74.91 62.09
N LYS W 18 43.39 74.16 63.12
CA LYS W 18 44.21 73.06 63.60
C LYS W 18 44.33 71.97 62.54
N ALA W 19 43.21 71.64 61.88
CA ALA W 19 43.24 70.62 60.84
C ALA W 19 44.10 71.06 59.65
N GLU W 20 44.01 72.33 59.27
CA GLU W 20 44.85 72.85 58.21
C GLU W 20 46.32 72.80 58.61
N LEU W 21 46.60 73.16 59.86
CA LEU W 21 47.98 73.19 60.34
C LEU W 21 48.59 71.80 60.35
N ASN W 22 47.88 70.82 60.93
CA ASN W 22 48.41 69.48 61.07
C ASN W 22 48.65 68.83 59.71
N GLU W 23 47.71 69.02 58.78
CA GLU W 23 47.88 68.43 57.45
C GLU W 23 49.10 68.99 56.74
N PHE W 24 49.29 70.30 56.81
CA PHE W 24 50.47 70.91 56.21
C PHE W 24 51.75 70.42 56.90
N LEU W 25 51.70 70.32 58.23
CA LEU W 25 52.88 69.84 58.96
C LEU W 25 53.23 68.42 58.56
N THR W 26 52.22 67.57 58.38
CA THR W 26 52.47 66.21 57.93
C THR W 26 53.02 66.20 56.51
N ARG W 27 52.52 67.08 55.65
CA ARG W 27 52.94 67.09 54.26
C ARG W 27 54.35 67.64 54.10
N GLU W 28 54.66 68.73 54.80
CA GLU W 28 55.99 69.32 54.72
C GLU W 28 57.03 68.51 55.48
N LEU W 29 56.64 67.92 56.60
CA LEU W 29 57.55 67.20 57.49
C LEU W 29 57.28 65.69 57.45
N ALA W 30 57.01 65.16 56.25
CA ALA W 30 56.72 63.74 56.13
C ALA W 30 57.92 62.88 56.52
N GLU W 31 59.09 63.23 55.99
CA GLU W 31 60.30 62.45 56.22
C GLU W 31 61.05 62.88 57.48
N ASP W 32 60.50 63.82 58.25
CA ASP W 32 61.20 64.43 59.37
C ASP W 32 60.83 63.81 60.71
N GLY W 33 60.21 62.64 60.70
CA GLY W 33 59.81 62.01 61.95
C GLY W 33 58.69 62.70 62.67
N TYR W 34 57.92 63.53 61.96
CA TYR W 34 56.85 64.30 62.57
C TYR W 34 55.72 63.39 63.03
N SER W 35 55.20 63.67 64.22
CA SER W 35 54.15 62.85 64.82
C SER W 35 52.83 63.58 64.90
N GLY W 36 52.79 64.76 65.50
CA GLY W 36 51.54 65.48 65.66
C GLY W 36 51.80 66.85 66.21
N VAL W 37 50.72 67.64 66.30
CA VAL W 37 50.82 69.03 66.71
C VAL W 37 49.85 69.29 67.87
N GLU W 38 50.33 69.95 68.91
CA GLU W 38 49.51 70.44 70.00
C GLU W 38 49.73 71.95 70.10
N VAL W 39 48.63 72.70 70.09
CA VAL W 39 48.68 74.16 70.12
C VAL W 39 48.20 74.65 71.47
N ARG W 40 49.02 75.46 72.13
CA ARG W 40 48.66 76.11 73.38
C ARG W 40 48.53 77.60 73.08
N VAL W 41 47.35 77.98 72.62
CA VAL W 41 47.11 79.32 72.10
C VAL W 41 46.51 80.20 73.19
N THR W 42 47.07 81.39 73.34
CA THR W 42 46.61 82.41 74.25
C THR W 42 46.10 83.61 73.47
N PRO W 43 45.15 84.37 74.01
CA PRO W 43 44.62 85.53 73.27
C PRO W 43 45.67 86.56 72.90
N THR W 44 46.72 86.71 73.71
CA THR W 44 47.77 87.66 73.39
C THR W 44 48.50 87.25 72.11
N ARG W 45 48.93 86.00 72.03
CA ARG W 45 49.61 85.51 70.84
C ARG W 45 49.50 83.99 70.79
N THR W 46 49.54 83.45 69.58
CA THR W 46 49.42 82.03 69.35
C THR W 46 50.78 81.35 69.44
N GLU W 47 50.82 80.17 70.03
CA GLU W 47 52.05 79.42 70.20
C GLU W 47 51.78 77.94 69.92
N ILE W 48 52.65 77.33 69.12
CA ILE W 48 52.40 76.02 68.54
C ILE W 48 53.59 75.11 68.86
N ILE W 49 53.31 73.85 69.16
CA ILE W 49 54.33 72.85 69.44
C ILE W 49 54.26 71.76 68.38
N ILE W 50 55.39 71.47 67.74
CA ILE W 50 55.52 70.40 66.77
C ILE W 50 56.22 69.22 67.43
N LEU W 51 55.54 68.09 67.47
CA LEU W 51 56.09 66.87 68.07
C LEU W 51 56.80 66.06 67.00
N ALA W 52 58.08 65.75 67.25
CA ALA W 52 58.86 64.96 66.31
C ALA W 52 59.90 64.18 67.10
N THR W 53 60.45 63.15 66.44
CA THR W 53 61.52 62.36 67.04
C THR W 53 62.89 62.92 66.75
N ARG W 54 63.05 63.68 65.67
CA ARG W 54 64.33 64.23 65.25
C ARG W 54 64.15 65.73 65.05
N THR W 55 64.80 66.53 65.89
CA THR W 55 64.62 67.97 65.84
C THR W 55 65.74 68.69 65.10
N GLN W 56 66.90 68.06 64.93
CA GLN W 56 68.01 68.69 64.24
C GLN W 56 67.76 68.84 62.75
N ASN W 57 66.77 68.16 62.19
CA ASN W 57 66.46 68.30 60.79
C ASN W 57 65.22 69.14 60.53
N VAL W 58 64.27 69.18 61.46
CA VAL W 58 63.14 70.10 61.32
C VAL W 58 63.61 71.53 61.53
N LEU W 59 64.66 71.72 62.32
CA LEU W 59 65.33 73.00 62.44
C LEU W 59 66.49 73.00 61.45
N GLY W 60 66.46 73.92 60.50
CA GLY W 60 67.47 73.93 59.47
C GLY W 60 68.80 74.47 59.94
N GLU W 61 69.54 75.11 59.05
CA GLU W 61 70.84 75.68 59.39
C GLU W 61 70.63 76.91 60.25
N LYS W 62 70.99 76.79 61.52
CA LYS W 62 70.82 77.87 62.51
C LYS W 62 69.36 78.32 62.59
N GLY W 63 68.44 77.36 62.47
CA GLY W 63 67.03 77.66 62.53
C GLY W 63 66.45 78.27 61.27
N ARG W 64 67.07 78.04 60.11
CA ARG W 64 66.54 78.59 58.87
C ARG W 64 65.17 78.00 58.54
N ARG W 65 65.05 76.68 58.65
CA ARG W 65 63.82 76.02 58.20
C ARG W 65 62.65 76.33 59.11
N ILE W 66 62.87 76.32 60.42
CA ILE W 66 61.78 76.66 61.35
C ILE W 66 61.37 78.11 61.18
N ARG W 67 62.33 79.00 60.90
CA ARG W 67 62.00 80.38 60.59
C ARG W 67 61.18 80.46 59.29
N GLU W 68 61.51 79.61 58.32
CA GLU W 68 60.74 79.58 57.08
C GLU W 68 59.31 79.12 57.34
N LEU W 69 59.13 78.15 58.22
CA LEU W 69 57.79 77.69 58.57
C LEU W 69 57.00 78.78 59.28
N THR W 70 57.64 79.47 60.22
CA THR W 70 56.94 80.52 60.96
C THR W 70 56.53 81.66 60.03
N ALA W 71 57.34 81.92 59.00
CA ALA W 71 56.97 82.93 58.01
C ALA W 71 55.73 82.53 57.24
N VAL W 72 55.64 81.26 56.82
CA VAL W 72 54.52 80.82 56.02
C VAL W 72 53.24 80.79 56.85
N VAL W 73 53.31 80.28 58.08
CA VAL W 73 52.10 80.15 58.89
C VAL W 73 51.55 81.52 59.27
N GLN W 74 52.42 82.53 59.43
CA GLN W 74 51.93 83.88 59.70
C GLN W 74 51.23 84.46 58.47
N LYS W 75 51.88 84.36 57.31
CA LYS W 75 51.33 84.94 56.10
C LYS W 75 50.07 84.22 55.64
N ARG W 76 49.95 82.94 55.99
CA ARG W 76 48.79 82.16 55.56
C ARG W 76 47.52 82.64 56.25
N PHE W 77 47.56 82.80 57.56
CA PHE W 77 46.38 83.11 58.35
C PHE W 77 46.27 84.59 58.71
N GLY W 78 47.15 85.43 58.17
CA GLY W 78 47.06 86.86 58.42
C GLY W 78 47.26 87.27 59.85
N PHE W 79 48.19 86.64 60.55
CA PHE W 79 48.47 87.00 61.94
C PHE W 79 49.51 88.10 62.01
N PRO W 80 49.49 88.93 63.07
CA PRO W 80 50.42 90.07 63.14
C PRO W 80 51.88 89.65 63.32
N GLU W 81 52.78 90.63 63.31
CA GLU W 81 54.20 90.33 63.43
C GLU W 81 54.52 89.72 64.79
N GLY W 82 55.29 88.63 64.78
CA GLY W 82 55.82 88.04 65.98
C GLY W 82 54.84 87.25 66.83
N SER W 83 53.53 87.44 66.62
CA SER W 83 52.54 86.80 67.47
C SER W 83 52.45 85.29 67.25
N VAL W 84 53.11 84.75 66.24
CA VAL W 84 53.14 83.32 65.99
C VAL W 84 54.49 82.78 66.44
N GLU W 85 54.45 81.69 67.22
CA GLU W 85 55.65 81.07 67.75
C GLU W 85 55.54 79.56 67.55
N LEU W 86 56.66 78.94 67.21
CA LEU W 86 56.73 77.49 67.04
C LEU W 86 57.88 76.93 67.83
N TYR W 87 57.62 75.82 68.53
CA TYR W 87 58.63 75.08 69.25
C TYR W 87 58.75 73.69 68.64
N ALA W 88 59.94 73.10 68.74
CA ALA W 88 60.20 71.74 68.32
C ALA W 88 60.67 70.91 69.50
N GLU W 89 60.00 69.79 69.74
CA GLU W 89 60.28 68.94 70.89
C GLU W 89 60.49 67.50 70.44
N LYS W 90 61.16 66.74 71.30
CA LYS W 90 61.37 65.32 71.06
C LYS W 90 60.28 64.53 71.79
N VAL W 91 59.50 63.77 71.03
CA VAL W 91 58.41 62.99 71.62
C VAL W 91 58.97 61.87 72.47
N ALA W 92 58.44 61.74 73.68
CA ALA W 92 58.86 60.66 74.56
C ALA W 92 58.39 59.31 74.03
N THR W 93 59.26 58.30 74.19
CA THR W 93 59.02 56.94 73.73
C THR W 93 58.57 56.92 72.27
N ARG W 94 59.49 57.34 71.40
CA ARG W 94 59.15 57.61 70.01
C ARG W 94 58.66 56.38 69.26
N GLY W 95 58.92 55.17 69.77
CA GLY W 95 58.39 53.99 69.12
C GLY W 95 56.90 53.77 69.33
N LEU W 96 56.27 54.52 70.21
CA LEU W 96 54.88 54.30 70.61
C LEU W 96 53.88 55.14 69.83
N CYS W 97 54.33 56.08 69.00
CA CYS W 97 53.43 56.96 68.27
C CYS W 97 53.15 56.36 66.89
N ALA W 98 51.87 56.18 66.58
CA ALA W 98 51.49 55.54 65.33
C ALA W 98 51.89 56.37 64.13
N ILE W 99 51.70 57.69 64.20
CA ILE W 99 52.03 58.55 63.07
C ILE W 99 53.54 58.57 62.86
N ALA W 100 54.30 58.52 63.95
CA ALA W 100 55.76 58.45 63.84
C ALA W 100 56.20 57.16 63.17
N GLN W 101 55.62 56.03 63.57
CA GLN W 101 56.07 54.76 63.04
C GLN W 101 55.54 54.50 61.63
N ALA W 102 54.29 54.90 61.37
CA ALA W 102 53.70 54.66 60.06
C ALA W 102 54.43 55.44 58.97
N GLU W 103 54.86 56.66 59.28
CA GLU W 103 55.66 57.42 58.33
C GLU W 103 57.00 56.74 58.07
N SER W 104 57.60 56.17 59.12
CA SER W 104 58.88 55.49 58.94
C SER W 104 58.70 54.22 58.11
N LEU W 105 57.55 53.54 58.26
CA LEU W 105 57.27 52.39 57.43
C LEU W 105 57.10 52.80 55.97
N ARG W 106 56.53 53.98 55.74
CA ARG W 106 56.52 54.54 54.39
C ARG W 106 57.93 54.78 53.89
N TYR W 107 58.83 55.18 54.78
CA TYR W 107 60.22 55.42 54.39
C TYR W 107 60.92 54.14 54.01
N LYS W 108 60.69 53.06 54.76
CA LYS W 108 61.36 51.80 54.48
C LYS W 108 60.93 51.21 53.14
N LEU W 109 59.62 51.17 52.90
CA LEU W 109 59.11 50.59 51.67
C LEU W 109 59.47 51.45 50.46
N LEU W 110 59.52 52.77 50.63
CA LEU W 110 60.02 53.61 49.56
C LEU W 110 61.48 53.33 49.26
N GLY W 111 62.23 52.85 50.25
CA GLY W 111 63.60 52.43 50.00
C GLY W 111 63.68 51.14 49.21
N GLY W 112 62.60 50.38 49.15
CA GLY W 112 62.57 49.13 48.44
C GLY W 112 62.71 47.87 49.29
N LEU W 113 62.47 47.97 50.60
CA LEU W 113 62.55 46.79 51.45
C LEU W 113 61.36 45.86 51.20
N ALA W 114 61.61 44.56 51.32
CA ALA W 114 60.55 43.57 51.20
C ALA W 114 59.50 43.80 52.29
N VAL W 115 58.23 43.77 51.89
CA VAL W 115 57.16 44.24 52.76
C VAL W 115 57.00 43.32 53.97
N ARG W 116 57.18 42.01 53.77
CA ARG W 116 57.07 41.08 54.89
C ARG W 116 58.14 41.34 55.94
N ARG W 117 59.38 41.60 55.51
CA ARG W 117 60.46 41.85 56.46
C ARG W 117 60.30 43.22 57.11
N ALA W 118 59.87 44.22 56.34
CA ALA W 118 59.73 45.58 56.87
C ALA W 118 58.65 45.64 57.94
N CYS W 119 57.55 44.91 57.74
CA CYS W 119 56.52 44.87 58.76
C CYS W 119 57.03 44.21 60.04
N TYR W 120 57.89 43.21 59.91
CA TYR W 120 58.44 42.54 61.08
C TYR W 120 59.29 43.49 61.91
N GLY W 121 60.14 44.28 61.26
CA GLY W 121 61.00 45.20 62.00
C GLY W 121 60.21 46.30 62.70
N VAL W 122 59.22 46.86 62.00
CA VAL W 122 58.37 47.89 62.61
C VAL W 122 57.63 47.32 63.81
N LEU W 123 57.07 46.12 63.66
CA LEU W 123 56.36 45.49 64.76
C LEU W 123 57.30 45.21 65.93
N ARG W 124 58.53 44.81 65.64
CA ARG W 124 59.49 44.51 66.69
C ARG W 124 59.91 45.78 67.42
N PHE W 125 60.06 46.89 66.70
CA PHE W 125 60.43 48.14 67.34
C PHE W 125 59.33 48.63 68.28
N ILE W 126 58.08 48.50 67.85
CA ILE W 126 56.96 48.95 68.67
C ILE W 126 56.80 48.04 69.89
N MET W 127 56.99 46.73 69.70
CA MET W 127 56.90 45.82 70.84
C MET W 127 58.07 45.99 71.79
N GLU W 128 59.25 46.33 71.27
CA GLU W 128 60.40 46.55 72.13
C GLU W 128 60.32 47.87 72.88
N SER W 129 59.60 48.86 72.32
CA SER W 129 59.44 50.12 73.03
C SER W 129 58.55 49.96 74.25
N GLY W 130 57.74 48.92 74.31
CA GLY W 130 56.87 48.69 75.44
C GLY W 130 55.44 49.05 75.16
N ALA W 131 54.62 48.05 74.83
CA ALA W 131 53.21 48.25 74.57
C ALA W 131 52.48 46.95 74.84
N LYS W 132 51.18 47.06 75.12
CA LYS W 132 50.38 45.87 75.40
C LYS W 132 50.07 45.09 74.13
N GLY W 133 50.01 45.75 73.00
CA GLY W 133 49.82 45.07 71.73
C GLY W 133 49.97 46.02 70.57
N CYS W 134 50.45 45.49 69.46
CA CYS W 134 50.67 46.28 68.25
C CYS W 134 50.04 45.58 67.06
N GLU W 135 49.53 46.36 66.12
CA GLU W 135 48.90 45.84 64.92
C GLU W 135 49.27 46.71 63.73
N VAL W 136 49.65 46.08 62.63
CA VAL W 136 49.89 46.74 61.36
C VAL W 136 49.19 45.96 60.27
N VAL W 137 48.64 46.68 59.29
CA VAL W 137 48.00 46.07 58.12
C VAL W 137 48.56 46.73 56.87
N VAL W 138 48.99 45.92 55.91
CA VAL W 138 49.47 46.39 54.63
C VAL W 138 48.58 45.80 53.55
N SER W 139 47.84 46.66 52.86
CA SER W 139 46.90 46.23 51.83
C SER W 139 47.17 47.00 50.55
N GLY W 140 47.12 46.28 49.43
CA GLY W 140 47.37 46.90 48.15
C GLY W 140 47.77 45.85 47.13
N LYS W 141 48.36 46.34 46.04
CA LYS W 141 48.77 45.48 44.93
C LYS W 141 50.12 44.84 45.23
N LEU W 142 50.07 43.83 46.08
CA LEU W 142 51.23 43.02 46.38
C LEU W 142 51.22 41.79 45.47
N ARG W 143 52.42 41.23 45.23
CA ARG W 143 52.59 40.08 44.34
C ARG W 143 51.97 40.33 42.97
N GLY W 144 50.84 39.68 42.70
CA GLY W 144 50.15 39.84 41.43
C GLY W 144 49.30 41.10 41.38
N GLN W 145 48.57 41.23 40.28
CA GLN W 145 47.71 42.41 40.10
C GLN W 145 46.61 42.45 41.14
N ARG W 146 45.96 41.33 41.40
CA ARG W 146 44.88 41.32 42.38
C ARG W 146 45.42 41.66 43.76
N ALA W 147 44.70 42.54 44.45
CA ALA W 147 45.18 43.07 45.72
C ALA W 147 45.16 42.01 46.81
N LYS W 148 46.00 42.23 47.83
CA LYS W 148 46.07 41.35 48.98
C LYS W 148 46.31 42.20 50.22
N SER W 149 45.88 41.70 51.37
CA SER W 149 46.00 42.41 52.64
C SER W 149 46.67 41.51 53.65
N MET W 150 47.73 42.01 54.28
CA MET W 150 48.50 41.29 55.28
C MET W 150 48.35 42.00 56.61
N LYS W 151 47.90 41.29 57.63
CA LYS W 151 47.58 41.86 58.93
C LYS W 151 48.47 41.21 59.99
N PHE W 152 49.56 41.89 60.33
CA PHE W 152 50.49 41.42 61.35
C PHE W 152 50.14 42.06 62.67
N VAL W 153 49.60 41.27 63.59
CA VAL W 153 49.14 41.77 64.87
C VAL W 153 49.64 40.85 65.97
N ASP W 154 50.10 41.43 67.07
CA ASP W 154 50.51 40.65 68.24
C ASP W 154 50.15 41.42 69.50
N GLY W 155 50.03 40.69 70.60
CA GLY W 155 49.63 41.29 71.85
C GLY W 155 48.12 41.43 71.98
N LEU W 156 47.72 42.32 72.87
CA LEU W 156 46.31 42.61 73.09
C LEU W 156 45.86 43.74 72.18
N MET W 157 44.63 43.64 71.67
CA MET W 157 44.12 44.64 70.73
C MET W 157 42.60 44.62 70.78
N ILE W 158 42.01 45.60 71.46
CA ILE W 158 40.56 45.69 71.56
C ILE W 158 40.04 46.60 70.45
N HIS W 159 38.77 46.41 70.11
CA HIS W 159 38.13 47.20 69.06
C HIS W 159 36.78 47.77 69.44
N SER W 160 36.12 47.25 70.46
CA SER W 160 34.76 47.63 70.79
C SER W 160 34.74 48.44 72.08
N GLY W 161 33.82 49.40 72.13
CA GLY W 161 33.56 50.16 73.33
C GLY W 161 34.23 51.52 73.33
N ASP W 162 33.80 52.34 74.28
CA ASP W 162 34.45 53.63 74.51
C ASP W 162 35.95 53.56 74.80
N PRO W 163 36.48 52.59 75.55
CA PRO W 163 37.92 52.62 75.85
C PRO W 163 38.84 52.72 74.66
N VAL W 164 38.39 52.27 73.48
CA VAL W 164 39.28 52.23 72.32
C VAL W 164 39.67 53.63 71.84
N ASN W 165 38.94 54.67 72.26
CA ASN W 165 39.29 56.02 71.84
C ASN W 165 40.59 56.50 72.46
N TYR W 166 40.79 56.24 73.75
CA TYR W 166 41.94 56.75 74.48
C TYR W 166 42.95 55.67 74.84
N TYR W 167 42.89 54.52 74.19
CA TYR W 167 43.83 53.44 74.45
C TYR W 167 44.67 53.05 73.25
N VAL W 168 44.29 53.44 72.04
CA VAL W 168 45.03 53.07 70.85
C VAL W 168 45.42 54.31 70.08
N ASP W 169 46.50 54.20 69.32
CA ASP W 169 46.95 55.26 68.41
C ASP W 169 46.76 54.77 66.99
N THR W 170 45.93 55.47 66.23
CA THR W 170 45.54 55.04 64.89
C THR W 170 46.13 55.97 63.85
N ALA W 171 46.85 55.40 62.90
CA ALA W 171 47.41 56.14 61.78
C ALA W 171 47.18 55.36 60.50
N VAL W 172 46.86 56.09 59.43
CA VAL W 172 46.67 55.51 58.11
C VAL W 172 47.45 56.34 57.11
N ARG W 173 48.42 55.72 56.45
CA ARG W 173 49.27 56.39 55.48
C ARG W 173 49.13 55.72 54.12
N HIS W 174 49.45 56.48 53.08
CA HIS W 174 49.43 56.00 51.70
C HIS W 174 50.84 55.98 51.15
N VAL W 175 51.20 54.91 50.47
CA VAL W 175 52.53 54.72 49.91
C VAL W 175 52.41 54.72 48.39
N LEU W 176 52.94 55.76 47.74
CA LEU W 176 52.80 55.92 46.30
C LEU W 176 53.86 55.09 45.60
N LEU W 177 53.57 53.80 45.47
CA LEU W 177 54.45 52.90 44.75
C LEU W 177 54.23 53.03 43.25
N ARG W 178 55.13 52.40 42.48
CA ARG W 178 55.04 52.46 41.03
C ARG W 178 53.78 51.76 40.52
N GLN W 179 53.43 50.63 41.12
CA GLN W 179 52.25 49.88 40.70
C GLN W 179 50.95 50.54 41.15
N GLY W 180 50.97 51.27 42.26
CA GLY W 180 49.76 51.90 42.76
C GLY W 180 49.95 52.55 44.11
N VAL W 181 49.02 52.32 45.04
CA VAL W 181 49.08 52.89 46.38
C VAL W 181 48.94 51.77 47.39
N LEU W 182 49.72 51.84 48.47
CA LEU W 182 49.72 50.86 49.53
C LEU W 182 49.26 51.51 50.82
N GLY W 183 48.24 50.94 51.46
CA GLY W 183 47.73 51.47 52.71
C GLY W 183 48.33 50.77 53.91
N ILE W 184 48.61 51.54 54.96
CA ILE W 184 49.17 51.02 56.20
C ILE W 184 48.26 51.44 57.35
N LYS W 185 47.76 50.47 58.10
CA LYS W 185 46.84 50.72 59.21
C LYS W 185 47.53 50.33 60.50
N VAL W 186 47.95 51.32 61.29
CA VAL W 186 48.74 51.10 62.49
C VAL W 186 47.88 51.36 63.71
N LYS W 187 47.83 50.39 64.61
CA LYS W 187 47.15 50.53 65.89
C LYS W 187 48.11 50.09 66.99
N ILE W 188 48.36 50.98 67.95
CA ILE W 188 49.26 50.69 69.06
C ILE W 188 48.48 50.80 70.35
N MET W 189 48.46 49.71 71.12
CA MET W 189 47.74 49.67 72.39
C MET W 189 48.69 50.16 73.49
N LEU W 190 48.43 51.36 74.00
CA LEU W 190 49.31 51.96 74.97
C LEU W 190 49.09 51.33 76.35
N PRO W 191 50.15 51.16 77.13
CA PRO W 191 49.98 50.75 78.53
C PRO W 191 49.38 51.86 79.37
N TRP W 192 48.68 51.47 80.43
CA TRP W 192 48.10 52.46 81.34
C TRP W 192 49.20 53.12 82.15
N ASP W 193 49.31 54.44 82.02
CA ASP W 193 50.39 55.19 82.66
C ASP W 193 49.80 56.16 83.67
N PRO W 194 50.07 56.00 84.96
CA PRO W 194 49.56 56.96 85.96
C PRO W 194 50.08 58.38 85.74
N THR W 195 51.31 58.54 85.24
CA THR W 195 51.82 59.86 84.93
C THR W 195 51.06 60.50 83.77
N GLY W 196 50.76 59.70 82.75
CA GLY W 196 50.20 60.23 81.53
C GLY W 196 51.23 60.69 80.51
N LYS W 197 52.52 60.62 80.84
CA LYS W 197 53.54 61.04 79.89
C LYS W 197 53.68 60.05 78.73
N ILE W 198 53.58 58.76 79.03
CA ILE W 198 53.76 57.71 78.03
C ILE W 198 52.49 56.92 77.77
N GLY W 199 51.37 57.27 78.40
CA GLY W 199 50.15 56.55 78.19
C GLY W 199 48.92 57.25 78.75
N PRO W 200 47.77 56.59 78.63
CA PRO W 200 46.53 57.12 79.21
C PRO W 200 46.59 57.13 80.73
N LYS W 201 45.94 58.15 81.31
CA LYS W 201 45.97 58.32 82.76
C LYS W 201 44.95 57.43 83.48
N LYS W 202 43.99 56.86 82.77
CA LYS W 202 43.01 56.04 83.45
C LYS W 202 43.28 54.56 83.21
N PRO W 203 43.12 53.72 84.22
CA PRO W 203 43.27 52.28 84.03
C PRO W 203 42.06 51.70 83.30
N LEU W 204 42.20 50.44 82.89
CA LEU W 204 41.18 49.79 82.09
C LEU W 204 39.88 49.66 82.87
N PRO W 205 38.73 49.94 82.26
CA PRO W 205 37.46 49.86 83.00
C PRO W 205 37.14 48.45 83.48
N ASP W 206 37.55 47.43 82.74
CA ASP W 206 37.20 46.06 83.04
C ASP W 206 38.27 45.34 83.85
N HIS W 207 39.34 46.03 84.25
CA HIS W 207 40.40 45.43 85.03
C HIS W 207 40.17 45.67 86.52
N VAL W 208 40.61 44.71 87.34
CA VAL W 208 40.55 44.81 88.79
C VAL W 208 41.96 44.67 89.35
N SER W 209 42.32 45.58 90.24
CA SER W 209 43.61 45.59 90.90
C SER W 209 43.40 45.60 92.40
N ILE W 210 43.67 44.47 93.05
CA ILE W 210 43.34 44.27 94.45
C ILE W 210 44.64 44.28 95.25
N VAL W 211 44.65 45.07 96.32
CA VAL W 211 45.80 45.11 97.21
C VAL W 211 45.72 43.93 98.19
N GLU W 212 46.82 43.69 98.89
CA GLU W 212 46.92 42.58 99.82
C GLU W 212 46.84 43.08 101.26
N PRO W 213 46.17 42.33 102.13
CA PRO W 213 46.16 42.68 103.54
C PRO W 213 47.43 42.24 104.24
N LYS W 214 47.68 42.83 105.40
CA LYS W 214 48.81 42.43 106.22
C LYS W 214 48.35 41.33 107.19
N ASP W 215 49.28 40.84 108.01
CA ASP W 215 48.94 39.84 109.01
C ASP W 215 47.98 40.39 110.06
N GLU W 216 48.43 41.34 110.89
CA GLU W 216 47.59 42.09 111.82
C GLU W 216 46.72 41.19 112.69
N ILE W 217 47.30 40.08 113.15
CA ILE W 217 46.50 39.01 113.76
C ILE W 217 46.17 39.33 115.21
N LEU W 218 47.19 39.68 116.00
CA LEU W 218 47.09 39.87 117.44
C LEU W 218 46.49 38.62 118.08
N PRO W 219 47.24 37.51 118.15
CA PRO W 219 46.70 36.27 118.72
C PRO W 219 46.97 36.08 120.21
N THR W 220 47.45 37.10 120.91
CA THR W 220 47.84 36.98 122.30
C THR W 220 46.75 37.53 123.21
N THR W 221 47.05 37.61 124.50
CA THR W 221 46.13 38.16 125.48
C THR W 221 45.96 39.67 125.25
N PRO W 222 44.80 40.23 125.62
CA PRO W 222 44.63 41.68 125.49
C PRO W 222 45.52 42.44 126.45
N ILE W 223 46.56 43.08 125.93
CA ILE W 223 47.47 43.89 126.71
C ILE W 223 47.20 45.36 126.42
N SER W 224 47.66 46.22 127.31
CA SER W 224 47.44 47.64 127.20
C SER W 224 48.78 48.36 127.09
N GLU W 225 48.90 49.22 126.09
CA GLU W 225 50.10 50.00 125.86
C GLU W 225 49.76 51.46 126.07
N GLN W 226 50.34 52.06 127.12
CA GLN W 226 50.04 53.45 127.45
C GLN W 226 50.86 54.38 126.56
N LYS W 227 50.20 55.38 125.99
CA LYS W 227 50.85 56.34 125.11
C LYS W 227 50.11 57.68 125.07
N ASP X 1 -20.20 54.75 93.76
CA ASP X 1 -19.85 55.78 94.74
C ASP X 1 -19.04 56.89 94.08
N ILE X 2 -18.24 56.52 93.09
CA ILE X 2 -17.28 57.46 92.53
C ILE X 2 -17.96 58.49 91.65
N LYS X 3 -19.20 58.25 91.22
CA LYS X 3 -19.97 59.18 90.39
C LYS X 3 -19.22 59.48 89.08
N LEU X 4 -19.09 58.45 88.27
CA LEU X 4 -18.45 58.59 86.96
C LEU X 4 -19.24 59.55 86.08
N PHE X 5 -18.54 60.57 85.55
CA PHE X 5 -19.15 61.69 84.84
C PHE X 5 -20.15 62.45 85.72
N GLY X 6 -19.92 62.42 87.03
CA GLY X 6 -20.76 63.09 87.98
C GLY X 6 -21.95 62.29 88.47
N LYS X 7 -22.24 61.16 87.86
CA LYS X 7 -23.44 60.38 88.20
C LYS X 7 -23.11 58.91 88.00
N TRP X 8 -24.13 58.06 87.98
CA TRP X 8 -24.00 56.63 87.69
C TRP X 8 -23.01 55.96 88.65
N SER X 9 -23.40 55.92 89.92
CA SER X 9 -22.55 55.32 90.94
C SER X 9 -22.25 53.86 90.60
N THR X 10 -20.99 53.50 90.71
CA THR X 10 -20.51 52.20 90.25
C THR X 10 -20.81 51.05 91.20
N ASP X 11 -21.36 51.33 92.37
CA ASP X 11 -21.57 50.29 93.38
C ASP X 11 -22.78 49.42 93.09
N ASP X 12 -23.58 49.74 92.07
CA ASP X 12 -24.82 49.01 91.80
C ASP X 12 -24.67 47.93 90.74
N VAL X 13 -23.65 48.01 89.89
CA VAL X 13 -23.56 47.10 88.76
C VAL X 13 -23.01 45.75 89.19
N GLN X 14 -23.17 44.76 88.31
CA GLN X 14 -22.82 43.38 88.60
C GLN X 14 -22.47 42.68 87.30
N ILE X 15 -21.70 41.59 87.44
CA ILE X 15 -21.37 40.72 86.31
C ILE X 15 -22.04 39.38 86.57
N ASN X 16 -22.87 38.95 85.62
CA ASN X 16 -23.74 37.79 85.83
C ASN X 16 -23.01 36.45 85.72
N ASP X 17 -21.77 36.44 85.24
CA ASP X 17 -21.01 35.21 85.06
C ASP X 17 -19.69 35.31 85.81
N ILE X 18 -19.29 34.22 86.46
CA ILE X 18 -18.11 34.25 87.30
C ILE X 18 -16.82 34.07 86.50
N SER X 19 -16.92 33.61 85.25
CA SER X 19 -15.73 33.64 84.40
C SER X 19 -15.31 35.07 84.11
N LEU X 20 -16.24 36.01 84.18
CA LEU X 20 -15.97 37.42 83.97
C LEU X 20 -16.02 38.24 85.25
N GLN X 21 -16.29 37.60 86.40
CA GLN X 21 -16.46 38.35 87.64
C GLN X 21 -15.18 39.07 88.04
N ASP X 22 -14.03 38.45 87.82
CA ASP X 22 -12.75 39.07 88.12
C ASP X 22 -12.02 39.56 86.87
N TYR X 23 -12.71 39.62 85.73
CA TYR X 23 -12.12 40.12 84.49
C TYR X 23 -12.85 41.34 83.94
N ILE X 24 -13.79 41.90 84.69
CA ILE X 24 -14.32 43.23 84.43
C ILE X 24 -13.83 44.14 85.55
N ALA X 25 -13.69 45.42 85.23
CA ALA X 25 -13.02 46.36 86.13
C ALA X 25 -13.86 47.61 86.34
N VAL X 26 -15.14 47.41 86.68
CA VAL X 26 -15.98 48.50 87.19
C VAL X 26 -16.23 48.37 88.68
N LYS X 27 -15.45 47.55 89.38
CA LYS X 27 -15.57 47.38 90.82
C LYS X 27 -15.27 48.70 91.54
N GLU X 28 -15.56 48.71 92.84
CA GLU X 28 -15.28 49.90 93.64
C GLU X 28 -13.78 50.15 93.76
N LYS X 29 -12.97 49.09 93.67
CA LYS X 29 -11.52 49.28 93.59
C LYS X 29 -11.14 50.02 92.31
N TYR X 30 -11.76 49.65 91.20
CA TYR X 30 -11.54 50.31 89.92
C TYR X 30 -12.58 51.37 89.63
N ALA X 31 -13.09 52.02 90.67
CA ALA X 31 -14.05 53.10 90.52
C ALA X 31 -13.29 54.40 90.36
N LYS X 32 -13.37 55.00 89.18
CA LYS X 32 -12.66 56.23 88.86
C LYS X 32 -13.65 57.30 88.44
N TYR X 33 -13.36 58.55 88.82
CA TYR X 33 -14.22 59.67 88.41
C TYR X 33 -14.30 59.79 86.90
N LEU X 34 -13.17 59.71 86.22
CA LEU X 34 -13.09 59.97 84.79
C LEU X 34 -12.38 58.82 84.08
N PRO X 35 -12.86 58.43 82.90
CA PRO X 35 -12.18 57.36 82.14
C PRO X 35 -11.01 57.88 81.32
N HIS X 36 -10.04 58.49 82.02
CA HIS X 36 -8.81 58.94 81.37
C HIS X 36 -7.69 58.79 82.38
N SER X 37 -6.66 58.06 82.00
CA SER X 37 -5.55 57.78 82.91
C SER X 37 -4.35 57.31 82.09
N ALA X 38 -3.23 58.02 82.21
CA ALA X 38 -1.96 57.56 81.64
C ALA X 38 -1.24 56.65 82.63
N GLY X 39 -1.94 55.58 83.01
CA GLY X 39 -1.49 54.68 84.05
C GLY X 39 -0.56 53.58 83.64
N ARG X 40 -0.21 53.49 82.36
CA ARG X 40 0.74 52.49 81.86
C ARG X 40 0.28 51.06 82.19
N TYR X 41 -0.95 50.76 81.82
CA TYR X 41 -1.52 49.44 82.10
C TYR X 41 -0.92 48.35 81.22
N ALA X 42 -0.52 48.67 79.99
CA ALA X 42 -0.19 47.67 78.98
C ALA X 42 1.31 47.39 78.90
N ALA X 43 2.09 47.83 79.88
CA ALA X 43 3.52 47.56 79.88
C ALA X 43 3.87 46.16 80.36
N LYS X 44 2.87 45.33 80.67
CA LYS X 44 3.10 44.01 81.21
C LYS X 44 1.88 43.14 80.94
N ARG X 45 2.12 41.85 80.71
CA ARG X 45 1.03 40.90 80.59
C ARG X 45 0.32 40.75 81.93
N PHE X 46 -0.99 40.46 81.87
CA PHE X 46 -1.84 40.32 83.05
C PHE X 46 -1.89 41.61 83.87
N ARG X 47 -1.70 42.75 83.20
CA ARG X 47 -1.81 44.05 83.83
C ARG X 47 -2.88 44.93 83.23
N LYS X 48 -3.25 44.71 81.96
CA LYS X 48 -4.43 45.36 81.42
C LYS X 48 -5.72 44.84 82.03
N ALA X 49 -5.65 43.73 82.76
CA ALA X 49 -6.84 43.16 83.39
C ALA X 49 -7.39 44.10 84.45
N GLN X 50 -6.51 44.71 85.26
CA GLN X 50 -6.96 45.63 86.30
C GLN X 50 -7.22 47.02 85.76
N CYS X 51 -6.96 47.27 84.49
CA CYS X 51 -7.35 48.54 83.89
C CYS X 51 -8.87 48.62 83.85
N PRO X 52 -9.47 49.73 84.28
CA PRO X 52 -10.92 49.87 84.24
C PRO X 52 -11.47 49.65 82.83
N ILE X 53 -12.51 48.84 82.74
CA ILE X 53 -13.05 48.46 81.44
C ILE X 53 -13.63 49.67 80.72
N VAL X 54 -14.09 50.69 81.46
CA VAL X 54 -14.53 51.91 80.83
C VAL X 54 -13.34 52.63 80.18
N GLU X 55 -12.19 52.62 80.84
CA GLU X 55 -10.96 53.11 80.23
C GLU X 55 -10.60 52.30 78.98
N ARG X 56 -10.77 50.97 79.04
CA ARG X 56 -10.42 50.12 77.91
C ARG X 56 -11.34 50.38 76.72
N LEU X 57 -12.63 50.54 76.96
CA LEU X 57 -13.55 50.88 75.88
C LEU X 57 -13.20 52.23 75.28
N THR X 58 -12.82 53.20 76.12
CA THR X 58 -12.42 54.51 75.64
C THR X 58 -11.20 54.41 74.73
N ASN X 59 -10.20 53.64 75.16
CA ASN X 59 -9.02 53.46 74.33
C ASN X 59 -9.37 52.76 73.02
N SER X 60 -10.22 51.75 73.09
CA SER X 60 -10.54 50.95 71.92
C SER X 60 -11.51 51.64 70.97
N MET X 61 -12.11 52.77 71.37
CA MET X 61 -13.07 53.44 70.50
C MET X 61 -12.42 54.32 69.44
N MET X 62 -11.13 54.59 69.53
CA MET X 62 -10.44 55.43 68.55
C MET X 62 -9.64 54.52 67.61
N MET X 63 -10.00 54.52 66.33
CA MET X 63 -9.34 53.68 65.35
C MET X 63 -9.42 54.33 63.98
N HIS X 64 -8.79 53.67 63.00
CA HIS X 64 -8.89 53.98 61.58
C HIS X 64 -8.41 55.39 61.26
N GLY X 65 -7.11 55.57 61.48
CA GLY X 65 -6.33 56.61 60.82
C GLY X 65 -6.41 58.00 61.40
N ARG X 66 -7.50 58.72 61.13
CA ARG X 66 -7.62 60.08 61.61
C ARG X 66 -7.84 60.15 63.11
N ASN X 67 -8.22 59.03 63.74
CA ASN X 67 -8.56 58.99 65.15
C ASN X 67 -7.75 57.86 65.79
N ASN X 68 -6.52 58.17 66.21
CA ASN X 68 -5.72 57.18 66.90
C ASN X 68 -5.12 57.78 68.17
N GLY X 69 -4.91 59.10 68.14
CA GLY X 69 -4.39 59.80 69.30
C GLY X 69 -5.45 60.59 70.01
N LYS X 70 -6.49 60.99 69.27
CA LYS X 70 -7.54 61.85 69.80
C LYS X 70 -8.32 61.11 70.88
N LYS X 71 -8.09 61.48 72.14
CA LYS X 71 -8.76 60.86 73.27
C LYS X 71 -9.82 61.74 73.92
N LEU X 72 -9.66 63.06 73.86
CA LEU X 72 -10.67 63.96 74.42
C LEU X 72 -11.99 63.85 73.67
N MET X 73 -11.92 63.73 72.34
CA MET X 73 -13.13 63.49 71.56
C MET X 73 -13.76 62.15 71.92
N THR X 74 -12.92 61.16 72.26
CA THR X 74 -13.46 59.85 72.61
C THR X 74 -14.14 59.87 73.97
N VAL X 75 -13.50 60.47 74.98
CA VAL X 75 -14.10 60.51 76.31
C VAL X 75 -15.40 61.29 76.28
N ARG X 76 -15.45 62.37 75.50
CA ARG X 76 -16.68 63.15 75.45
C ARG X 76 -17.80 62.38 74.76
N ILE X 77 -17.49 61.65 73.68
CA ILE X 77 -18.54 60.87 73.00
C ILE X 77 -18.96 59.69 73.86
N VAL X 78 -18.01 59.12 74.60
CA VAL X 78 -18.35 58.11 75.59
C VAL X 78 -19.33 58.68 76.63
N LYS X 79 -19.07 59.91 77.09
CA LYS X 79 -19.95 60.56 78.04
C LYS X 79 -21.33 60.83 77.45
N HIS X 80 -21.36 61.33 76.20
CA HIS X 80 -22.64 61.55 75.54
C HIS X 80 -23.41 60.26 75.38
N ALA X 81 -22.72 59.19 74.97
CA ALA X 81 -23.37 57.91 74.74
C ALA X 81 -23.90 57.29 76.03
N PHE X 82 -23.17 57.43 77.14
CA PHE X 82 -23.59 56.80 78.38
C PHE X 82 -24.85 57.46 78.93
N GLU X 83 -25.00 58.76 78.75
CA GLU X 83 -26.27 59.40 79.09
C GLU X 83 -27.37 58.95 78.16
N ILE X 84 -27.02 58.66 76.90
CA ILE X 84 -28.02 58.22 75.93
C ILE X 84 -28.59 56.86 76.32
N ILE X 85 -27.71 55.91 76.68
CA ILE X 85 -28.20 54.59 77.07
C ILE X 85 -28.93 54.66 78.40
N HIS X 86 -28.47 55.51 79.31
CA HIS X 86 -29.19 55.69 80.57
C HIS X 86 -30.58 56.25 80.33
N LEU X 87 -30.70 57.13 79.34
CA LEU X 87 -32.02 57.67 78.99
C LEU X 87 -32.89 56.62 78.32
N LEU X 88 -32.32 55.87 77.38
CA LEU X 88 -33.10 54.93 76.57
C LEU X 88 -33.49 53.67 77.33
N THR X 89 -32.79 53.34 78.41
CA THR X 89 -33.12 52.16 79.20
C THR X 89 -33.66 52.50 80.58
N GLY X 90 -33.24 53.62 81.16
CA GLY X 90 -33.68 54.03 82.48
C GLY X 90 -32.78 53.58 83.61
N GLU X 91 -31.81 52.72 83.35
CA GLU X 91 -30.95 52.16 84.40
C GLU X 91 -29.50 52.54 84.15
N ASN X 92 -28.61 51.95 84.94
CA ASN X 92 -27.21 52.34 84.97
C ASN X 92 -26.54 52.07 83.63
N PRO X 93 -25.87 53.07 83.05
CA PRO X 93 -25.16 52.84 81.78
C PRO X 93 -24.07 51.81 81.88
N LEU X 94 -23.40 51.71 83.04
CA LEU X 94 -22.42 50.65 83.22
C LEU X 94 -23.08 49.28 83.20
N GLN X 95 -24.33 49.19 83.68
CA GLN X 95 -25.05 47.94 83.57
C GLN X 95 -25.43 47.64 82.12
N VAL X 96 -25.74 48.69 81.35
CA VAL X 96 -25.96 48.52 79.92
C VAL X 96 -24.68 48.02 79.26
N LEU X 97 -23.55 48.60 79.63
CA LEU X 97 -22.27 48.22 79.04
C LEU X 97 -21.87 46.81 79.45
N VAL X 98 -22.03 46.48 80.74
CA VAL X 98 -21.59 45.17 81.24
C VAL X 98 -22.39 44.06 80.59
N ASN X 99 -23.70 44.26 80.44
CA ASN X 99 -24.51 43.27 79.72
C ASN X 99 -24.06 43.16 78.27
N ALA X 100 -23.67 44.28 77.66
CA ALA X 100 -23.14 44.25 76.30
C ALA X 100 -21.83 43.46 76.24
N ILE X 101 -20.97 43.63 77.24
CA ILE X 101 -19.69 42.92 77.25
C ILE X 101 -19.90 41.42 77.36
N ILE X 102 -20.76 41.00 78.28
CA ILE X 102 -20.97 39.57 78.51
C ILE X 102 -21.66 38.93 77.31
N ASN X 103 -22.70 39.57 76.79
CA ASN X 103 -23.48 38.96 75.73
C ASN X 103 -22.77 38.99 74.38
N SER X 104 -21.75 39.83 74.21
CA SER X 104 -21.04 39.92 72.94
C SER X 104 -19.71 39.20 72.94
N GLY X 105 -19.21 38.79 74.10
CA GLY X 105 -17.97 38.07 74.18
C GLY X 105 -18.10 36.69 73.56
N PRO X 106 -17.31 36.42 72.53
CA PRO X 106 -17.39 35.12 71.85
C PRO X 106 -16.84 34.03 72.75
N ARG X 107 -17.71 33.08 73.11
CA ARG X 107 -17.35 32.05 74.08
C ARG X 107 -16.33 31.06 73.53
N GLU X 108 -16.32 30.83 72.21
CA GLU X 108 -15.36 29.94 71.59
C GLU X 108 -14.96 30.49 70.23
N ASP X 109 -13.85 29.96 69.72
CA ASP X 109 -13.33 30.31 68.41
C ASP X 109 -12.61 29.09 67.84
N SER X 110 -11.93 29.28 66.71
CA SER X 110 -11.18 28.21 66.07
C SER X 110 -10.01 28.81 65.32
N THR X 111 -8.88 28.09 65.33
CA THR X 111 -7.65 28.59 64.73
C THR X 111 -6.73 27.42 64.40
N ARG X 112 -6.34 27.29 63.13
CA ARG X 112 -5.40 26.28 62.69
C ARG X 112 -4.54 26.85 61.57
N ILE X 113 -3.58 26.04 61.09
CA ILE X 113 -2.59 26.48 60.13
C ILE X 113 -2.67 25.70 58.82
N GLY X 114 -2.85 24.38 58.89
CA GLY X 114 -2.83 23.55 57.71
C GLY X 114 -4.06 23.70 56.83
N ARG X 115 -4.27 22.73 55.94
CA ARG X 115 -5.44 22.76 55.07
C ARG X 115 -6.72 22.65 55.90
N ALA X 116 -7.68 23.51 55.60
CA ALA X 116 -8.89 23.64 56.40
C ALA X 116 -10.11 23.25 55.60
N GLY X 117 -11.16 22.85 56.30
CA GLY X 117 -12.41 22.49 55.68
C GLY X 117 -13.10 23.67 55.03
N THR X 118 -13.56 24.63 55.84
CA THR X 118 -14.16 25.85 55.31
C THR X 118 -13.32 27.08 55.63
N VAL X 119 -13.07 27.36 56.91
CA VAL X 119 -12.23 28.48 57.30
C VAL X 119 -11.13 27.97 58.21
N ARG X 120 -11.52 27.39 59.34
CA ARG X 120 -10.60 26.83 60.33
C ARG X 120 -10.81 25.32 60.39
N ARG X 121 -9.97 24.65 61.18
CA ARG X 121 -10.01 23.21 61.29
C ARG X 121 -10.42 22.72 62.67
N GLN X 122 -9.75 23.17 63.73
CA GLN X 122 -9.98 22.67 65.08
C GLN X 122 -10.55 23.78 65.96
N ALA X 123 -11.50 23.41 66.82
CA ALA X 123 -12.17 24.37 67.69
C ALA X 123 -11.45 24.44 69.03
N VAL X 124 -11.07 25.65 69.43
CA VAL X 124 -10.37 25.89 70.68
C VAL X 124 -11.11 27.01 71.40
N ASP X 125 -11.55 26.74 72.62
CA ASP X 125 -12.29 27.72 73.40
C ASP X 125 -11.36 28.83 73.88
N VAL X 126 -11.91 30.04 73.99
CA VAL X 126 -11.12 31.23 74.32
C VAL X 126 -11.01 31.39 75.83
N SER X 127 -10.11 32.27 76.27
CA SER X 127 -9.93 32.64 77.66
C SER X 127 -10.90 33.73 78.04
N PRO X 128 -11.22 33.87 79.34
CA PRO X 128 -12.08 34.97 79.77
C PRO X 128 -11.49 36.35 79.48
N LEU X 129 -10.16 36.49 79.55
CA LEU X 129 -9.55 37.76 79.15
C LEU X 129 -9.77 38.03 77.67
N ARG X 130 -9.63 37.00 76.84
CA ARG X 130 -9.94 37.15 75.42
C ARG X 130 -11.40 37.45 75.21
N ARG X 131 -12.27 36.93 76.08
CA ARG X 131 -13.70 37.21 75.98
C ARG X 131 -13.97 38.69 76.14
N VAL X 132 -13.34 39.32 77.12
CA VAL X 132 -13.52 40.75 77.35
C VAL X 132 -12.87 41.56 76.24
N ASN X 133 -11.67 41.16 75.83
CA ASN X 133 -10.93 41.93 74.82
C ASN X 133 -11.66 41.94 73.49
N GLN X 134 -12.19 40.78 73.08
CA GLN X 134 -12.87 40.71 71.80
C GLN X 134 -14.23 41.39 71.86
N ALA X 135 -14.92 41.33 73.00
CA ALA X 135 -16.21 42.00 73.13
C ALA X 135 -16.05 43.50 73.04
N ILE X 136 -15.00 44.05 73.66
CA ILE X 136 -14.74 45.48 73.60
C ILE X 136 -14.47 45.92 72.16
N TRP X 137 -13.62 45.17 71.46
CA TRP X 137 -13.31 45.53 70.08
C TRP X 137 -14.54 45.41 69.18
N LEU X 138 -15.33 44.35 69.37
CA LEU X 138 -16.50 44.14 68.51
C LEU X 138 -17.54 45.23 68.71
N LEU X 139 -17.75 45.65 69.95
CA LEU X 139 -18.66 46.77 70.19
C LEU X 139 -18.13 48.05 69.58
N CYS X 140 -16.83 48.31 69.70
CA CYS X 140 -16.24 49.50 69.14
C CYS X 140 -16.36 49.52 67.63
N THR X 141 -16.09 48.37 66.98
CA THR X 141 -16.15 48.31 65.53
C THR X 141 -17.57 48.47 65.03
N GLY X 142 -18.55 47.90 65.74
CA GLY X 142 -19.93 48.06 65.32
C GLY X 142 -20.37 49.51 65.31
N ALA X 143 -19.98 50.25 66.35
CA ALA X 143 -20.23 51.69 66.35
C ALA X 143 -19.45 52.39 65.24
N ARG X 144 -18.21 51.97 65.03
CA ARG X 144 -17.36 52.62 64.03
C ARG X 144 -17.92 52.45 62.63
N GLU X 145 -18.39 51.24 62.29
CA GLU X 145 -18.91 50.99 60.96
C GLU X 145 -20.30 51.59 60.77
N ALA X 146 -21.08 51.71 61.85
CA ALA X 146 -22.44 52.23 61.71
C ALA X 146 -22.44 53.73 61.49
N ALA X 147 -21.35 54.41 61.81
CA ALA X 147 -21.27 55.87 61.72
C ALA X 147 -20.39 56.35 60.59
N PHE X 148 -20.39 55.66 59.45
CA PHE X 148 -19.49 56.01 58.36
C PHE X 148 -20.15 56.79 57.24
N ARG X 149 -21.35 56.42 56.82
CA ARG X 149 -22.05 57.15 55.77
C ARG X 149 -23.51 57.33 56.15
N ASN X 150 -23.75 57.77 57.38
CA ASN X 150 -25.09 58.10 57.82
C ASN X 150 -25.04 59.35 58.69
N ILE X 151 -26.20 60.01 58.80
CA ILE X 151 -26.29 61.26 59.55
C ILE X 151 -26.10 61.05 61.05
N LYS X 152 -26.22 59.82 61.53
CA LYS X 152 -26.09 59.55 62.95
C LYS X 152 -24.63 59.70 63.38
N THR X 153 -24.44 59.99 64.67
CA THR X 153 -23.13 60.26 65.23
C THR X 153 -22.55 59.03 65.92
N ILE X 154 -21.36 59.21 66.50
CA ILE X 154 -20.68 58.11 67.16
C ILE X 154 -21.42 57.70 68.43
N ALA X 155 -21.91 58.68 69.20
CA ALA X 155 -22.51 58.38 70.49
C ALA X 155 -23.79 57.57 70.33
N GLU X 156 -24.64 57.94 69.37
CA GLU X 156 -25.87 57.20 69.14
C GLU X 156 -25.59 55.85 68.48
N CYS X 157 -24.62 55.80 67.55
CA CYS X 157 -24.23 54.54 66.94
C CYS X 157 -23.68 53.58 67.98
N LEU X 158 -22.89 54.10 68.92
CA LEU X 158 -22.42 53.28 70.04
C LEU X 158 -23.58 52.89 70.94
N ALA X 159 -24.60 53.74 71.03
CA ALA X 159 -25.74 53.45 71.90
C ALA X 159 -26.50 52.22 71.42
N ASP X 160 -26.84 52.19 70.12
CA ASP X 160 -27.56 51.02 69.61
C ASP X 160 -26.68 49.79 69.58
N GLU X 161 -25.36 49.98 69.42
CA GLU X 161 -24.45 48.84 69.44
C GLU X 161 -24.40 48.21 70.83
N LEU X 162 -24.35 49.04 71.87
CA LEU X 162 -24.37 48.52 73.24
C LEU X 162 -25.74 47.96 73.59
N ILE X 163 -26.81 48.63 73.18
CA ILE X 163 -28.15 48.23 73.57
C ILE X 163 -28.54 46.91 72.92
N ASN X 164 -28.34 46.80 71.61
CA ASN X 164 -28.69 45.56 70.92
C ASN X 164 -27.82 44.41 71.38
N ALA X 165 -26.62 44.72 71.89
CA ALA X 165 -25.79 43.70 72.50
C ALA X 165 -26.31 43.32 73.88
N ALA X 166 -26.73 44.30 74.67
CA ALA X 166 -27.11 44.05 76.06
C ALA X 166 -28.37 43.20 76.14
N LYS X 167 -29.42 43.60 75.41
CA LYS X 167 -30.63 42.79 75.37
C LYS X 167 -30.43 41.55 74.52
N GLY X 168 -29.99 41.75 73.28
CA GLY X 168 -29.86 40.67 72.32
C GLY X 168 -31.00 40.67 71.34
N SER X 169 -30.76 41.21 70.15
CA SER X 169 -31.78 41.23 69.11
C SER X 169 -31.19 40.93 67.73
N SER X 170 -29.92 40.50 67.67
CA SER X 170 -29.20 40.29 66.42
C SER X 170 -29.21 41.54 65.54
N ASN X 171 -29.14 42.70 66.20
CA ASN X 171 -28.87 43.96 65.52
C ASN X 171 -27.51 44.53 65.88
N SER X 172 -26.92 44.10 66.99
CA SER X 172 -25.59 44.52 67.37
C SER X 172 -24.55 43.78 66.53
N TYR X 173 -23.63 44.52 65.94
CA TYR X 173 -22.53 43.90 65.21
C TYR X 173 -21.60 43.15 66.14
N ALA X 174 -21.69 43.42 67.45
CA ALA X 174 -20.84 42.75 68.43
C ALA X 174 -21.34 41.33 68.73
N ILE X 175 -22.64 41.08 68.63
CA ILE X 175 -23.14 39.72 68.80
C ILE X 175 -23.31 39.02 67.45
N LYS X 176 -23.55 39.77 66.38
CA LYS X 176 -23.72 39.16 65.06
C LYS X 176 -22.44 38.51 64.59
N LYS X 177 -21.30 39.18 64.78
CA LYS X 177 -20.02 38.56 64.47
C LYS X 177 -19.64 37.52 65.52
N LYS X 178 -20.23 37.60 66.71
CA LYS X 178 -19.98 36.58 67.72
C LYS X 178 -20.63 35.26 67.33
N ASP X 179 -21.90 35.30 66.93
CA ASP X 179 -22.60 34.08 66.54
C ASP X 179 -22.04 33.52 65.23
N GLU X 180 -21.67 34.39 64.31
CA GLU X 180 -20.99 33.95 63.09
C GLU X 180 -19.71 33.20 63.42
N LEU X 181 -19.05 33.57 64.53
CA LEU X 181 -17.88 32.84 64.98
C LEU X 181 -18.28 31.52 65.63
N GLU X 182 -19.34 31.52 66.44
CA GLU X 182 -19.74 30.33 67.16
C GLU X 182 -20.20 29.23 66.21
N ARG X 183 -20.81 29.63 65.08
CA ARG X 183 -21.24 28.65 64.09
C ARG X 183 -20.04 27.91 63.50
N VAL X 184 -19.00 28.66 63.14
CA VAL X 184 -17.84 28.05 62.50
C VAL X 184 -17.07 27.19 63.51
N ALA X 185 -16.99 27.64 64.77
CA ALA X 185 -16.28 26.88 65.78
C ALA X 185 -17.00 25.56 66.09
N LYS X 186 -18.33 25.58 66.18
CA LYS X 186 -19.06 24.35 66.44
C LYS X 186 -18.99 23.41 65.25
N SER X 187 -19.15 23.95 64.03
CA SER X 187 -19.13 23.10 62.85
C SER X 187 -17.75 22.51 62.59
N ASN X 188 -16.69 23.18 63.06
CA ASN X 188 -15.33 22.70 62.91
C ASN X 188 -14.81 22.04 64.17
N ARG X 189 -15.66 21.35 64.91
CA ARG X 189 -15.21 20.58 66.06
C ARG X 189 -14.51 19.32 65.58
N MET Y 1 54.85 83.03 30.69
CA MET Y 1 53.83 84.02 31.06
C MET Y 1 54.29 85.41 30.66
N LEU Y 2 53.33 86.26 30.28
CA LEU Y 2 53.60 87.60 29.77
C LEU Y 2 53.33 88.68 30.81
N MET Y 3 53.70 88.43 32.06
CA MET Y 3 53.51 89.42 33.10
C MET Y 3 54.38 90.65 32.85
N PRO Y 4 53.95 91.81 33.31
CA PRO Y 4 54.79 93.02 33.19
C PRO Y 4 56.05 92.90 34.02
N LYS Y 5 57.07 93.65 33.60
CA LYS Y 5 58.35 93.61 34.29
C LYS Y 5 58.21 94.07 35.73
N LYS Y 6 57.32 95.01 36.00
CA LYS Y 6 57.07 95.43 37.38
C LYS Y 6 56.53 94.27 38.20
N ASN Y 7 55.62 93.47 37.63
CA ASN Y 7 55.11 92.31 38.35
C ASN Y 7 56.20 91.29 38.60
N ARG Y 8 57.06 91.05 37.61
CA ARG Y 8 58.10 90.05 37.76
C ARG Y 8 59.09 90.45 38.85
N ILE Y 9 59.48 91.73 38.87
CA ILE Y 9 60.45 92.17 39.87
C ILE Y 9 59.79 92.35 41.23
N ALA Y 10 58.47 92.57 41.26
CA ALA Y 10 57.79 92.71 42.54
C ALA Y 10 57.73 91.38 43.28
N ILE Y 11 57.38 90.31 42.57
CA ILE Y 11 57.38 88.99 43.19
C ILE Y 11 58.81 88.55 43.49
N TYR Y 12 59.75 88.88 42.60
CA TYR Y 12 61.15 88.51 42.82
C TYR Y 12 61.73 89.22 44.03
N GLU Y 13 61.43 90.50 44.20
CA GLU Y 13 61.89 91.19 45.40
C GLU Y 13 61.11 90.76 46.62
N LEU Y 14 59.90 90.22 46.42
CA LEU Y 14 59.14 89.67 47.53
C LEU Y 14 59.77 88.38 48.03
N LEU Y 15 60.21 87.53 47.10
CA LEU Y 15 60.86 86.28 47.49
C LEU Y 15 62.24 86.54 48.06
N PHE Y 16 62.89 87.61 47.62
CA PHE Y 16 64.19 87.95 48.20
C PHE Y 16 64.02 88.72 49.50
N LYS Y 17 62.85 89.33 49.73
CA LYS Y 17 62.58 89.89 51.04
C LYS Y 17 62.40 88.78 52.07
N GLU Y 18 61.62 87.76 51.72
CA GLU Y 18 61.51 86.55 52.51
C GLU Y 18 61.32 85.40 51.54
N GLY Y 19 62.06 84.31 51.73
CA GLY Y 19 62.03 83.20 50.80
C GLY Y 19 60.85 82.28 50.99
N VAL Y 20 59.66 82.86 51.17
CA VAL Y 20 58.43 82.12 51.35
C VAL Y 20 57.39 82.68 50.40
N MET Y 21 56.35 81.90 50.15
CA MET Y 21 55.27 82.33 49.26
C MET Y 21 54.01 81.53 49.59
N VAL Y 22 52.99 82.23 50.06
CA VAL Y 22 51.67 81.65 50.29
C VAL Y 22 50.72 82.26 49.26
N ALA Y 23 50.08 81.41 48.46
CA ALA Y 23 49.20 81.90 47.41
C ALA Y 23 48.07 80.90 47.17
N LYS Y 24 46.85 81.41 47.13
CA LYS Y 24 45.70 80.57 46.82
C LYS Y 24 45.67 80.22 45.34
N LYS Y 25 45.21 79.01 45.04
CA LYS Y 25 45.09 78.54 43.67
C LYS Y 25 43.79 79.08 43.10
N ASP Y 26 43.85 80.25 42.48
CA ASP Y 26 42.67 80.90 41.93
C ASP Y 26 43.12 81.77 40.76
N VAL Y 27 42.93 81.27 39.54
CA VAL Y 27 43.33 82.02 38.35
C VAL Y 27 42.44 83.23 38.13
N HIS Y 28 41.23 83.23 38.69
CA HIS Y 28 40.31 84.35 38.54
C HIS Y 28 40.41 85.37 39.66
N MET Y 29 41.31 85.15 40.62
CA MET Y 29 41.46 86.12 41.71
C MET Y 29 42.11 87.39 41.15
N PRO Y 30 41.47 88.54 41.27
CA PRO Y 30 42.00 89.75 40.59
C PRO Y 30 43.32 90.22 41.16
N LYS Y 31 43.53 90.09 42.47
CA LYS Y 31 44.76 90.56 43.09
C LYS Y 31 45.16 89.61 44.21
N HIS Y 32 46.46 89.44 44.38
CA HIS Y 32 46.96 88.72 45.54
C HIS Y 32 46.68 89.54 46.79
N PRO Y 33 46.42 88.89 47.94
CA PRO Y 33 46.25 89.62 49.20
C PRO Y 33 47.45 90.51 49.50
N GLU Y 34 48.63 89.92 49.56
CA GLU Y 34 49.84 90.71 49.64
C GLU Y 34 50.09 91.40 48.30
N LEU Y 35 50.82 92.52 48.36
CA LEU Y 35 51.10 93.34 47.19
C LEU Y 35 49.82 93.76 46.49
N ALA Y 36 48.80 94.09 47.28
CA ALA Y 36 47.53 94.55 46.72
C ALA Y 36 47.70 95.87 45.98
N ASP Y 37 48.46 96.80 46.56
CA ASP Y 37 48.74 98.07 45.91
C ASP Y 37 49.63 97.93 44.69
N LYS Y 38 50.29 96.78 44.52
CA LYS Y 38 51.09 96.52 43.33
C LYS Y 38 50.27 95.97 42.18
N ASN Y 39 49.01 95.63 42.41
CA ASN Y 39 48.07 95.24 41.37
C ASN Y 39 48.52 93.99 40.62
N VAL Y 40 49.29 93.14 41.26
CA VAL Y 40 49.72 91.88 40.63
C VAL Y 40 48.57 90.88 40.71
N PRO Y 41 48.13 90.33 39.59
CA PRO Y 41 47.08 89.32 39.63
C PRO Y 41 47.59 88.02 40.24
N ASN Y 42 46.65 87.24 40.75
CA ASN Y 42 46.99 85.95 41.32
C ASN Y 42 47.57 85.02 40.26
N LEU Y 43 47.14 85.18 39.01
CA LEU Y 43 47.64 84.36 37.91
C LEU Y 43 49.14 84.54 37.71
N HIS Y 44 49.60 85.80 37.68
CA HIS Y 44 51.01 86.07 37.43
C HIS Y 44 51.88 85.56 38.58
N VAL Y 45 51.33 85.58 39.80
CA VAL Y 45 52.04 84.98 40.93
C VAL Y 45 52.18 83.47 40.73
N MET Y 46 51.09 82.83 40.30
CA MET Y 46 51.10 81.38 40.17
C MET Y 46 52.09 80.91 39.11
N LYS Y 47 52.11 81.58 37.96
CA LYS Y 47 52.97 81.12 36.87
C LYS Y 47 54.44 81.47 37.14
N ALA Y 48 54.69 82.61 37.77
CA ALA Y 48 56.08 82.98 38.08
C ALA Y 48 56.72 81.98 39.03
N MET Y 49 55.98 81.59 40.07
CA MET Y 49 56.51 80.58 40.99
C MET Y 49 56.56 79.21 40.34
N GLN Y 50 55.77 78.99 39.28
CA GLN Y 50 55.86 77.73 38.54
C GLN Y 50 57.15 77.65 37.74
N SER Y 51 57.54 78.76 37.09
CA SER Y 51 58.75 78.77 36.28
C SER Y 51 59.99 78.63 37.17
N LEU Y 52 59.93 79.14 38.39
CA LEU Y 52 61.04 78.99 39.32
C LEU Y 52 61.19 77.53 39.76
N LYS Y 53 60.08 76.85 40.01
CA LYS Y 53 60.15 75.46 40.46
C LYS Y 53 60.70 74.56 39.37
N SER Y 54 60.27 74.77 38.12
CA SER Y 54 60.80 74.00 37.01
C SER Y 54 62.30 74.23 36.83
N ARG Y 55 62.77 75.42 37.15
CA ARG Y 55 64.20 75.70 37.12
C ARG Y 55 64.92 75.35 38.41
N GLY Y 56 64.20 74.81 39.40
CA GLY Y 56 64.81 74.33 40.62
C GLY Y 56 65.13 75.40 41.65
N TYR Y 57 64.77 76.65 41.40
CA TYR Y 57 65.05 77.72 42.34
C TYR Y 57 64.12 77.70 43.55
N VAL Y 58 62.94 77.09 43.43
CA VAL Y 58 62.00 77.01 44.54
C VAL Y 58 61.42 75.60 44.58
N LYS Y 59 61.10 75.14 45.79
CA LYS Y 59 60.43 73.87 46.00
C LYS Y 59 59.01 74.13 46.51
N GLU Y 60 58.04 73.42 45.94
CA GLU Y 60 56.63 73.70 46.17
C GLU Y 60 56.02 72.62 47.06
N GLN Y 61 55.24 73.06 48.05
CA GLN Y 61 54.40 72.19 48.85
C GLN Y 61 52.97 72.70 48.78
N PHE Y 62 52.05 71.85 48.33
CA PHE Y 62 50.67 72.25 48.13
C PHE Y 62 49.83 71.83 49.32
N ALA Y 63 49.17 72.80 49.95
CA ALA Y 63 48.22 72.58 51.03
C ALA Y 63 46.88 72.15 50.46
N TRP Y 64 45.83 72.25 51.27
CA TRP Y 64 44.47 72.10 50.76
C TRP Y 64 44.25 72.94 49.51
N ARG Y 65 44.40 74.26 49.64
CA ARG Y 65 44.21 75.15 48.51
C ARG Y 65 45.23 76.29 48.49
N HIS Y 66 46.46 76.05 48.96
CA HIS Y 66 47.44 77.13 49.03
C HIS Y 66 48.83 76.59 48.76
N PHE Y 67 49.52 77.18 47.79
CA PHE Y 67 50.93 76.87 47.57
C PHE Y 67 51.78 77.46 48.67
N TYR Y 68 52.82 76.72 49.08
CA TYR Y 68 53.69 77.08 50.18
C TYR Y 68 55.14 77.06 49.73
N TRP Y 69 55.42 77.77 48.63
CA TRP Y 69 56.74 77.77 48.01
C TRP Y 69 57.84 78.16 48.98
N TYR Y 70 58.91 77.36 49.02
CA TYR Y 70 60.06 77.60 49.88
C TYR Y 70 61.29 77.83 49.01
N LEU Y 71 61.94 78.97 49.17
CA LEU Y 71 63.11 79.31 48.38
C LEU Y 71 64.28 78.38 48.70
N THR Y 72 64.98 77.98 47.64
CA THR Y 72 66.17 77.15 47.75
C THR Y 72 67.41 78.03 47.62
N ASN Y 73 68.57 77.45 47.99
CA ASN Y 73 69.81 78.19 47.93
C ASN Y 73 70.19 78.54 46.50
N GLU Y 74 69.80 77.70 45.54
CA GLU Y 74 70.12 77.98 44.14
C GLU Y 74 69.44 79.25 43.65
N GLY Y 75 68.19 79.47 44.06
CA GLY Y 75 67.51 80.68 43.70
C GLY Y 75 67.99 81.91 44.44
N ILE Y 76 68.76 81.72 45.52
CA ILE Y 76 69.25 82.86 46.29
C ILE Y 76 70.20 83.70 45.44
N GLN Y 77 71.17 83.06 44.79
CA GLN Y 77 72.06 83.81 43.92
C GLN Y 77 71.38 84.21 42.63
N TYR Y 78 70.33 83.48 42.22
CA TYR Y 78 69.60 83.87 41.03
C TYR Y 78 68.87 85.19 41.25
N LEU Y 79 68.22 85.34 42.40
CA LEU Y 79 67.61 86.61 42.73
C LEU Y 79 68.66 87.66 43.05
N ARG Y 80 69.87 87.22 43.39
CA ARG Y 80 70.96 88.15 43.63
C ARG Y 80 71.38 88.85 42.34
N ASP Y 81 71.61 88.07 41.27
CA ASP Y 81 72.14 88.65 40.04
C ASP Y 81 71.05 89.11 39.08
N TYR Y 82 69.82 88.61 39.21
CA TYR Y 82 68.73 89.15 38.39
C TYR Y 82 68.43 90.59 38.76
N LEU Y 83 68.43 90.89 40.06
CA LEU Y 83 68.20 92.24 40.55
C LEU Y 83 69.48 92.99 40.85
N HIS Y 84 70.64 92.37 40.62
CA HIS Y 84 71.95 93.01 40.76
C HIS Y 84 72.16 93.55 42.18
N LEU Y 85 72.22 92.63 43.13
CA LEU Y 85 72.23 92.91 44.55
C LEU Y 85 73.54 92.49 45.19
N PRO Y 86 73.99 93.17 46.24
CA PRO Y 86 75.26 92.82 46.86
C PRO Y 86 75.15 91.50 47.59
N PRO Y 87 76.27 90.76 47.70
CA PRO Y 87 76.29 89.52 48.49
C PRO Y 87 76.40 89.76 50.00
N GLU Y 88 75.64 90.71 50.49
CA GLU Y 88 75.48 91.01 51.91
C GLU Y 88 74.01 91.04 52.32
N ILE Y 89 73.13 91.52 51.46
CA ILE Y 89 71.71 91.54 51.75
C ILE Y 89 71.12 90.17 51.46
N VAL Y 90 70.41 89.61 52.43
CA VAL Y 90 69.82 88.28 52.31
C VAL Y 90 68.36 88.36 52.72
N PRO Y 91 67.55 87.37 52.35
CA PRO Y 91 66.17 87.32 52.84
C PRO Y 91 66.10 87.21 54.35
N ALA Y 92 64.97 87.63 54.90
CA ALA Y 92 64.77 87.61 56.35
C ALA Y 92 64.82 86.20 56.90
N THR Y 93 64.51 85.19 56.08
CA THR Y 93 64.52 83.82 56.57
C THR Y 93 65.93 83.29 56.77
N LEU Y 94 66.91 83.82 56.04
CA LEU Y 94 68.27 83.31 56.14
C LEU Y 94 68.90 83.69 57.48
N ARG Y 95 68.77 84.96 57.89
CA ARG Y 95 69.34 85.44 59.13
C ARG Y 95 68.35 86.36 59.83
N ARG Y 96 68.36 86.30 61.16
CA ARG Y 96 67.55 87.20 61.98
C ARG Y 96 68.46 87.86 63.01
N SER Y 97 68.55 89.19 62.95
CA SER Y 97 69.28 90.03 63.89
C SER Y 97 70.79 89.76 63.91
N ARG Y 98 71.28 88.92 63.03
CA ARG Y 98 72.69 88.53 63.04
C ARG Y 98 73.29 88.56 61.64
N VAL Z 1 90.59 109.33 24.82
CA VAL Z 1 89.22 108.91 24.57
C VAL Z 1 88.98 107.57 25.26
N MET Z 2 90.06 106.95 25.71
CA MET Z 2 89.94 105.66 26.39
C MET Z 2 89.32 105.80 27.78
N ASP Z 3 89.48 106.98 28.40
CA ASP Z 3 88.80 107.22 29.68
C ASP Z 3 87.31 107.36 29.48
N VAL Z 4 86.88 107.99 28.39
CA VAL Z 4 85.46 108.03 28.05
C VAL Z 4 84.97 106.64 27.68
N ASN Z 5 85.84 105.85 27.06
CA ASN Z 5 85.44 104.52 26.59
C ASN Z 5 85.11 103.60 27.76
N THR Z 6 85.88 103.69 28.84
CA THR Z 6 85.52 102.96 30.05
C THR Z 6 84.38 103.62 30.81
N ALA Z 7 84.10 104.89 30.52
CA ALA Z 7 83.07 105.63 31.25
C ALA Z 7 81.67 105.27 30.79
N LEU Z 8 81.44 105.12 29.49
CA LEU Z 8 80.07 104.84 29.06
C LEU Z 8 79.67 103.40 29.33
N GLN Z 9 80.63 102.49 29.47
CA GLN Z 9 80.30 101.11 29.80
C GLN Z 9 79.66 101.02 31.19
N GLU Z 10 80.24 101.71 32.17
CA GLU Z 10 79.66 101.69 33.50
C GLU Z 10 78.39 102.54 33.57
N VAL Z 11 78.26 103.53 32.68
CA VAL Z 11 76.99 104.26 32.58
C VAL Z 11 75.88 103.33 32.11
N LEU Z 12 76.16 102.50 31.11
CA LEU Z 12 75.18 101.53 30.67
C LEU Z 12 75.02 100.40 31.68
N LYS Z 13 76.02 100.19 32.53
CA LYS Z 13 75.88 99.22 33.60
C LYS Z 13 74.92 99.72 34.68
N THR Z 14 75.10 100.96 35.12
CA THR Z 14 74.16 101.56 36.06
C THR Z 14 72.80 101.78 35.41
N ALA Z 15 72.78 101.95 34.09
CA ALA Z 15 71.50 101.97 33.38
C ALA Z 15 70.78 100.64 33.51
N LEU Z 16 71.53 99.54 33.38
CA LEU Z 16 70.92 98.22 33.54
C LEU Z 16 70.48 97.98 34.97
N ILE Z 17 71.09 98.68 35.94
CA ILE Z 17 70.58 98.65 37.31
C ILE Z 17 69.19 99.26 37.35
N HIS Z 18 69.01 100.39 36.69
CA HIS Z 18 67.74 101.11 36.65
C HIS Z 18 66.94 100.67 35.43
N ASP Z 19 65.91 101.44 35.09
CA ASP Z 19 65.01 101.13 33.99
C ASP Z 19 64.96 102.27 32.97
N GLY Z 20 66.11 102.88 32.70
CA GLY Z 20 66.17 104.00 31.79
C GLY Z 20 66.96 103.74 30.53
N LEU Z 21 66.75 102.56 29.93
CA LEU Z 21 67.57 102.18 28.78
C LEU Z 21 67.05 102.82 27.50
N ALA Z 22 65.75 102.71 27.23
CA ALA Z 22 65.13 103.20 25.99
C ALA Z 22 65.82 102.63 24.76
N ARG Z 23 66.10 101.32 24.79
CA ARG Z 23 66.74 100.66 23.66
C ARG Z 23 65.73 100.43 22.55
N GLY Z 24 66.02 100.94 21.36
CA GLY Z 24 65.13 100.82 20.23
C GLY Z 24 64.51 102.15 19.84
N ILE Z 25 64.11 102.24 18.56
CA ILE Z 25 63.63 103.50 18.01
C ILE Z 25 62.37 103.99 18.71
N ARG Z 26 61.40 103.11 18.92
CA ARG Z 26 60.11 103.54 19.46
C ARG Z 26 60.28 104.10 20.88
N GLU Z 27 61.14 103.49 21.68
CA GLU Z 27 61.43 104.02 23.00
C GLU Z 27 62.35 105.24 22.94
N ALA Z 28 63.27 105.27 21.98
CA ALA Z 28 64.21 106.39 21.89
C ALA Z 28 63.50 107.69 21.52
N ALA Z 29 62.55 107.61 20.59
CA ALA Z 29 61.79 108.80 20.21
C ALA Z 29 60.89 109.25 21.37
N LYS Z 30 60.36 108.30 22.12
CA LYS Z 30 59.49 108.63 23.24
C LYS Z 30 60.23 109.41 24.32
N ALA Z 31 61.46 109.00 24.65
CA ALA Z 31 62.21 109.69 25.68
C ALA Z 31 62.75 111.03 25.21
N LEU Z 32 62.87 111.21 23.89
CA LEU Z 32 63.55 112.40 23.36
C LEU Z 32 62.62 113.60 23.31
N ASP Z 33 61.45 113.45 22.68
CA ASP Z 33 60.56 114.59 22.48
C ASP Z 33 59.90 115.07 23.76
N LYS Z 34 59.86 114.24 24.81
CA LYS Z 34 59.29 114.65 26.08
C LYS Z 34 60.29 115.34 26.97
N ARG Z 35 61.55 115.45 26.54
CA ARG Z 35 62.64 116.14 27.24
C ARG Z 35 62.97 115.50 28.58
N GLN Z 36 62.56 114.25 28.79
CA GLN Z 36 63.05 113.46 29.91
C GLN Z 36 64.23 112.59 29.49
N ALA Z 37 65.23 113.20 28.86
CA ALA Z 37 66.38 112.47 28.33
C ALA Z 37 67.64 113.25 28.65
N HIS Z 38 68.75 112.52 28.71
CA HIS Z 38 70.03 113.12 29.08
C HIS Z 38 71.14 112.80 28.09
N LEU Z 39 71.14 111.62 27.49
CA LEU Z 39 72.24 111.20 26.65
C LEU Z 39 71.73 110.18 25.64
N CYS Z 40 72.23 110.27 24.41
CA CYS Z 40 71.85 109.37 23.34
C CYS Z 40 73.11 108.86 22.66
N VAL Z 41 73.14 107.57 22.35
CA VAL Z 41 74.28 106.92 21.71
C VAL Z 41 73.82 106.39 20.37
N LEU Z 42 74.58 106.69 19.32
CA LEU Z 42 74.27 106.24 17.97
C LEU Z 42 75.49 105.59 17.36
N ALA Z 43 75.28 104.42 16.76
CA ALA Z 43 76.37 103.69 16.13
C ALA Z 43 76.76 104.33 14.82
N SER Z 44 78.07 104.50 14.60
CA SER Z 44 78.55 105.01 13.32
C SER Z 44 78.40 103.98 12.22
N ASN Z 45 78.27 102.71 12.58
CA ASN Z 45 78.15 101.63 11.61
C ASN Z 45 76.66 101.42 11.27
N CYS Z 46 76.15 102.29 10.40
CA CYS Z 46 74.79 102.18 9.90
C CYS Z 46 74.81 102.19 8.38
N ASP Z 47 74.10 101.25 7.77
CA ASP Z 47 74.01 101.15 6.33
C ASP Z 47 72.79 101.85 5.76
N GLU Z 48 71.82 102.22 6.59
CA GLU Z 48 70.58 102.84 6.13
C GLU Z 48 70.65 104.32 6.48
N PRO Z 49 70.96 105.20 5.52
CA PRO Z 49 71.35 106.57 5.87
C PRO Z 49 70.28 107.38 6.58
N MET Z 50 69.01 107.19 6.24
CA MET Z 50 67.95 107.97 6.86
C MET Z 50 67.81 107.64 8.35
N TYR Z 51 68.30 106.48 8.78
CA TYR Z 51 68.29 106.14 10.20
C TYR Z 51 69.08 107.15 11.00
N VAL Z 52 70.38 107.27 10.73
CA VAL Z 52 71.22 108.17 11.51
C VAL Z 52 70.83 109.62 11.26
N LYS Z 53 70.19 109.91 10.13
CA LYS Z 53 69.72 111.27 9.87
C LYS Z 53 68.63 111.66 10.84
N LEU Z 54 67.68 110.76 11.09
CA LEU Z 54 66.61 111.06 12.03
C LEU Z 54 67.11 111.06 13.46
N VAL Z 55 68.05 110.17 13.78
CA VAL Z 55 68.62 110.13 15.13
C VAL Z 55 69.37 111.41 15.43
N GLU Z 56 70.18 111.88 14.48
CA GLU Z 56 70.93 113.12 14.70
C GLU Z 56 70.02 114.34 14.66
N ALA Z 57 68.92 114.27 13.91
CA ALA Z 57 67.99 115.39 13.87
C ALA Z 57 67.31 115.61 15.21
N LEU Z 58 66.75 114.54 15.79
CA LEU Z 58 66.09 114.67 17.08
C LEU Z 58 67.08 114.92 18.21
N CYS Z 59 68.31 114.42 18.08
CA CYS Z 59 69.33 114.70 19.07
C CYS Z 59 69.92 116.09 18.95
N ALA Z 60 69.68 116.78 17.82
CA ALA Z 60 70.13 118.15 17.64
C ALA Z 60 69.04 119.17 17.93
N GLU Z 61 67.77 118.82 17.67
CA GLU Z 61 66.68 119.74 17.98
C GLU Z 61 66.59 120.00 19.48
N HIS Z 62 66.84 118.98 20.28
CA HIS Z 62 66.93 119.10 21.73
C HIS Z 62 68.38 118.97 22.15
N GLN Z 63 68.71 119.55 23.31
CA GLN Z 63 70.08 119.57 23.81
C GLN Z 63 70.38 118.25 24.52
N ILE Z 64 70.56 117.21 23.71
CA ILE Z 64 70.87 115.87 24.20
C ILE Z 64 72.23 115.46 23.63
N ASN Z 65 73.07 114.89 24.49
CA ASN Z 65 74.39 114.46 24.08
C ASN Z 65 74.30 113.37 23.02
N LEU Z 66 75.12 113.49 21.98
CA LEU Z 66 75.23 112.47 20.94
C LEU Z 66 76.62 111.86 21.02
N ILE Z 67 76.68 110.58 21.37
CA ILE Z 67 77.94 109.85 21.51
C ILE Z 67 77.95 108.74 20.47
N LYS Z 68 79.08 108.58 19.79
CA LYS Z 68 79.21 107.64 18.69
C LYS Z 68 80.05 106.44 19.11
N VAL Z 69 79.58 105.25 18.78
CA VAL Z 69 80.33 104.01 18.96
C VAL Z 69 80.69 103.48 17.58
N ASP Z 70 81.77 102.70 17.53
CA ASP Z 70 82.27 102.22 16.24
C ASP Z 70 81.33 101.21 15.60
N ASP Z 71 80.57 100.43 16.39
CA ASP Z 71 79.73 99.40 15.84
C ASP Z 71 78.47 99.23 16.67
N ASN Z 72 77.40 98.79 16.01
CA ASN Z 72 76.13 98.57 16.69
C ASN Z 72 76.12 97.23 17.43
N LYS Z 73 76.74 96.21 16.86
CA LYS Z 73 76.75 94.90 17.52
C LYS Z 73 77.64 94.93 18.76
N LYS Z 74 78.74 95.67 18.69
CA LYS Z 74 79.55 95.89 19.90
C LYS Z 74 78.79 96.75 20.90
N LEU Z 75 77.96 97.68 20.42
CA LEU Z 75 77.14 98.49 21.32
C LEU Z 75 76.09 97.64 22.02
N GLY Z 76 75.55 96.64 21.33
CA GLY Z 76 74.60 95.74 21.97
C GLY Z 76 75.25 94.91 23.06
N GLU Z 77 76.49 94.50 22.85
CA GLU Z 77 77.24 93.79 23.89
C GLU Z 77 77.41 94.65 25.12
N TRP Z 78 77.74 95.93 24.91
CA TRP Z 78 78.02 96.82 26.04
C TRP Z 78 76.74 97.21 26.77
N VAL Z 79 75.67 97.51 26.02
CA VAL Z 79 74.43 97.94 26.65
C VAL Z 79 73.73 96.79 27.37
N GLY Z 80 73.97 95.56 26.95
CA GLY Z 80 73.42 94.40 27.59
C GLY Z 80 72.33 93.66 26.83
N LEU Z 81 72.24 93.82 25.52
CA LEU Z 81 71.27 93.06 24.73
C LEU Z 81 71.88 91.77 24.20
N CYS Z 82 72.50 91.01 25.10
CA CYS Z 82 73.11 89.72 24.79
C CYS Z 82 72.71 88.73 25.87
N LYS Z 83 73.01 87.46 25.61
CA LYS Z 83 72.66 86.41 26.57
C LYS Z 83 73.36 86.58 27.91
N ILE Z 84 74.51 87.27 27.92
CA ILE Z 84 75.36 87.42 29.10
C ILE Z 84 75.72 86.05 29.63
N ASP Z 85 76.39 85.25 28.79
CA ASP Z 85 76.89 83.94 29.16
C ASP Z 85 78.37 83.84 28.82
N ARG Z 86 79.14 84.84 29.25
CA ARG Z 86 80.53 84.99 28.86
C ARG Z 86 81.39 83.80 29.23
N GLU Z 87 80.96 82.99 30.20
CA GLU Z 87 81.74 81.82 30.58
C GLU Z 87 81.63 80.70 29.55
N GLY Z 88 80.49 80.54 28.88
CA GLY Z 88 80.31 79.39 28.01
C GLY Z 88 79.85 79.66 26.60
N LYS Z 89 79.23 80.81 26.36
CA LYS Z 89 78.61 81.09 25.07
C LYS Z 89 79.01 82.47 24.60
N PRO Z 90 79.22 82.65 23.29
CA PRO Z 90 79.47 83.99 22.75
C PRO Z 90 78.28 84.94 22.89
N ARG Z 91 77.14 84.42 23.35
CA ARG Z 91 75.98 85.24 23.71
C ARG Z 91 75.51 86.08 22.52
N LYS Z 92 74.97 85.37 21.53
CA LYS Z 92 74.53 85.96 20.26
C LYS Z 92 73.71 87.22 20.51
N VAL Z 93 74.25 88.35 20.03
CA VAL Z 93 73.79 89.68 20.42
C VAL Z 93 73.06 90.32 19.25
N VAL Z 94 71.91 90.92 19.53
CA VAL Z 94 71.20 91.69 18.54
C VAL Z 94 71.92 93.00 18.28
N GLY Z 95 71.56 93.67 17.18
CA GLY Z 95 72.19 94.92 16.84
C GLY Z 95 71.52 96.10 17.51
N CYS Z 96 72.08 96.54 18.64
CA CYS Z 96 71.55 97.69 19.36
C CYS Z 96 72.35 98.93 18.96
N SER Z 97 71.69 99.86 18.25
CA SER Z 97 72.36 101.04 17.72
C SER Z 97 71.97 102.33 18.41
N CYS Z 98 70.77 102.44 18.96
CA CYS Z 98 70.33 103.67 19.62
C CYS Z 98 69.94 103.35 21.06
N VAL Z 99 70.53 104.10 21.99
CA VAL Z 99 70.23 104.00 23.41
C VAL Z 99 70.05 105.41 23.96
N VAL Z 100 69.02 105.61 24.77
CA VAL Z 100 68.77 106.89 25.42
C VAL Z 100 68.91 106.66 26.92
N VAL Z 101 70.03 107.11 27.48
CA VAL Z 101 70.28 106.97 28.92
C VAL Z 101 69.58 108.10 29.63
N LYS Z 102 68.31 107.89 29.96
CA LYS Z 102 67.45 108.91 30.53
C LYS Z 102 67.35 108.82 32.05
N ASP Z 103 67.98 107.81 32.66
CA ASP Z 103 67.81 107.59 34.09
C ASP Z 103 68.82 108.38 34.93
N TYR Z 104 70.12 108.12 34.73
CA TYR Z 104 71.20 108.67 35.57
C TYR Z 104 70.91 108.41 37.05
N GLY Z 105 70.43 107.21 37.35
CA GLY Z 105 70.05 106.88 38.72
C GLY Z 105 71.23 106.82 39.67
N LYS Z 106 72.40 106.41 39.17
CA LYS Z 106 73.61 106.38 39.98
C LYS Z 106 74.79 106.81 39.12
N GLU Z 107 75.76 107.47 39.74
CA GLU Z 107 76.94 107.99 39.05
C GLU Z 107 78.19 107.63 39.84
N SER Z 108 79.11 106.91 39.19
CA SER Z 108 80.42 106.63 39.77
C SER Z 108 81.55 107.27 38.97
N GLN Z 109 81.62 106.99 37.67
CA GLN Z 109 82.50 107.68 36.74
C GLN Z 109 81.71 108.49 35.72
N ALA Z 110 80.42 108.69 35.97
CA ALA Z 110 79.57 109.40 35.01
C ALA Z 110 79.99 110.85 34.83
N LYS Z 111 80.70 111.43 35.80
CA LYS Z 111 81.15 112.81 35.67
C LYS Z 111 82.14 112.96 34.52
N ASP Z 112 82.91 111.91 34.22
CA ASP Z 112 83.78 111.95 33.05
C ASP Z 112 82.96 112.07 31.77
N VAL Z 113 81.81 111.39 31.73
CA VAL Z 113 80.89 111.54 30.60
C VAL Z 113 80.38 112.97 30.53
N ILE Z 114 80.11 113.57 31.69
CA ILE Z 114 79.63 114.95 31.73
C ILE Z 114 80.70 115.90 31.22
N GLU Z 115 81.96 115.64 31.58
CA GLU Z 115 83.06 116.47 31.09
C GLU Z 115 83.24 116.32 29.59
N GLU Z 116 82.97 115.14 29.05
CA GLU Z 116 83.10 114.95 27.60
C GLU Z 116 81.99 115.68 26.85
N TYR Z 117 80.79 115.70 27.42
CA TYR Z 117 79.70 116.51 26.86
C TYR Z 117 79.98 118.00 27.01
N PHE Z 118 80.71 118.38 28.06
CA PHE Z 118 81.24 119.73 28.14
C PHE Z 118 82.24 119.99 27.02
N LYS Z 119 83.04 118.98 26.68
CA LYS Z 119 84.00 119.12 25.58
C LYS Z 119 83.29 119.27 24.24
N CYS Z 120 82.19 118.52 24.05
CA CYS Z 120 81.46 118.59 22.79
C CYS Z 120 80.77 119.94 22.60
N LYS Z 121 80.26 120.52 23.68
CA LYS Z 121 79.56 121.79 23.56
C LYS Z 121 80.51 122.98 23.47
N LYS Z 122 81.76 122.83 23.88
CA LYS Z 122 82.71 123.94 23.89
C LYS Z 122 83.09 124.37 22.48
N THR AA 1 -4.10 96.87 19.86
CA THR AA 1 -5.13 96.50 20.81
C THR AA 1 -4.54 95.68 21.96
N TYR AA 2 -3.41 96.15 22.50
CA TYR AA 2 -2.72 95.41 23.57
C TYR AA 2 -3.57 95.36 24.84
N ARG AA 3 -4.07 96.51 25.27
CA ARG AA 3 -5.04 96.60 26.36
C ARG AA 3 -6.23 97.41 25.88
N GLY AA 4 -6.68 97.13 24.67
CA GLY AA 4 -7.64 97.97 24.00
C GLY AA 4 -7.05 99.19 23.32
N VAL AA 5 -5.74 99.39 23.45
CA VAL AA 5 -5.07 100.54 22.87
C VAL AA 5 -4.25 100.04 21.68
N ASP AA 6 -4.46 100.68 20.53
CA ASP AA 6 -3.94 100.18 19.27
C ASP AA 6 -2.46 100.49 19.11
N LEU AA 7 -1.84 99.79 18.16
CA LEU AA 7 -0.42 99.95 17.85
C LEU AA 7 -0.10 101.31 17.22
N ASP AA 8 -1.13 102.07 16.82
CA ASP AA 8 -0.90 103.35 16.19
C ASP AA 8 -0.25 104.35 17.15
N GLN AA 9 -0.41 104.14 18.46
CA GLN AA 9 0.24 104.96 19.47
C GLN AA 9 1.25 104.19 20.30
N LEU AA 10 1.29 102.87 20.19
CA LEU AA 10 2.14 102.07 21.07
C LEU AA 10 3.62 102.26 20.77
N LEU AA 11 3.96 102.66 19.53
CA LEU AA 11 5.37 102.79 19.18
C LEU AA 11 6.03 103.96 19.90
N ASP AA 12 5.33 105.09 20.01
CA ASP AA 12 5.92 106.32 20.51
C ASP AA 12 5.54 106.62 21.96
N MET AA 13 5.03 105.63 22.69
CA MET AA 13 4.76 105.80 24.11
C MET AA 13 6.00 105.48 24.92
N SER AA 14 6.15 106.16 26.05
CA SER AA 14 7.35 106.03 26.85
C SER AA 14 7.33 104.76 27.69
N TYR AA 15 8.51 104.33 28.12
CA TYR AA 15 8.67 103.05 28.80
C TYR AA 15 7.91 103.02 30.12
N GLU AA 16 7.96 104.11 30.89
CA GLU AA 16 7.43 104.09 32.25
C GLU AA 16 5.93 103.83 32.26
N GLN AA 17 5.20 104.47 31.35
CA GLN AA 17 3.77 104.18 31.23
C GLN AA 17 3.50 102.89 30.47
N LEU AA 18 4.44 102.42 29.64
CA LEU AA 18 4.31 101.09 29.07
C LEU AA 18 4.33 100.02 30.14
N MET AA 19 5.02 100.30 31.26
CA MET AA 19 5.02 99.37 32.38
C MET AA 19 3.61 99.24 32.98
N GLN AA 20 2.84 100.32 32.94
CA GLN AA 20 1.45 100.23 33.39
C GLN AA 20 0.63 99.33 32.49
N LEU AA 21 1.02 99.21 31.21
CA LEU AA 21 0.32 98.32 30.29
C LEU AA 21 0.76 96.88 30.44
N TYR AA 22 1.92 96.64 31.05
CA TYR AA 22 2.49 95.32 31.09
C TYR AA 22 2.05 94.55 32.33
N SER AA 23 2.19 93.23 32.26
CA SER AA 23 1.88 92.35 33.37
C SER AA 23 2.96 92.49 34.45
N ALA AA 24 2.75 91.79 35.57
CA ALA AA 24 3.58 91.99 36.76
C ALA AA 24 5.03 91.60 36.51
N ARG AA 25 5.25 90.45 35.87
CA ARG AA 25 6.62 90.00 35.60
C ARG AA 25 7.33 90.97 34.66
N GLN AA 26 6.63 91.45 33.64
CA GLN AA 26 7.23 92.44 32.75
C GLN AA 26 7.48 93.74 33.48
N ARG AA 27 6.63 94.09 34.45
CA ARG AA 27 6.83 95.29 35.24
C ARG AA 27 8.11 95.21 36.04
N ARG AA 28 8.35 94.06 36.68
CA ARG AA 28 9.58 93.88 37.44
C ARG AA 28 10.79 93.89 36.53
N ARG AA 29 10.68 93.27 35.35
CA ARG AA 29 11.80 93.24 34.41
C ARG AA 29 12.14 94.64 33.93
N LEU AA 30 11.12 95.46 33.68
CA LEU AA 30 11.37 96.83 33.22
C LEU AA 30 11.80 97.73 34.36
N ASN AA 31 11.30 97.50 35.57
CA ASN AA 31 11.74 98.27 36.72
C ASN AA 31 13.21 98.04 37.00
N ARG AA 32 13.65 96.80 36.90
CA ARG AA 32 15.07 96.52 36.95
C ARG AA 32 15.72 96.95 35.64
N GLY AA 33 17.03 97.19 35.70
CA GLY AA 33 17.72 97.79 34.57
C GLY AA 33 17.72 96.88 33.35
N LEU AA 34 17.60 97.51 32.17
CA LEU AA 34 17.68 96.80 30.91
C LEU AA 34 19.15 96.79 30.47
N ARG AA 35 19.71 95.60 30.30
CA ARG AA 35 21.15 95.47 30.14
C ARG AA 35 21.61 96.00 28.79
N ARG AA 36 22.92 96.19 28.66
CA ARG AA 36 23.49 96.77 27.46
C ARG AA 36 23.24 95.90 26.24
N LYS AA 37 23.43 94.59 26.35
CA LYS AA 37 23.30 93.72 25.19
C LYS AA 37 21.86 93.62 24.72
N GLN AA 38 20.90 93.77 25.64
CA GLN AA 38 19.51 93.86 25.23
C GLN AA 38 19.25 95.15 24.48
N HIS AA 39 19.83 96.26 24.94
CA HIS AA 39 19.71 97.52 24.23
C HIS AA 39 20.38 97.44 22.87
N SER AA 40 21.50 96.71 22.79
CA SER AA 40 22.17 96.51 21.50
C SER AA 40 21.28 95.76 20.54
N LEU AA 41 20.57 94.74 21.03
CA LEU AA 41 19.60 94.04 20.20
C LEU AA 41 18.47 94.96 19.76
N LEU AA 42 17.98 95.79 20.68
CA LEU AA 42 16.87 96.67 20.35
C LEU AA 42 17.28 97.72 19.33
N LYS AA 43 18.49 98.26 19.47
CA LYS AA 43 19.02 99.15 18.46
C LYS AA 43 19.31 98.40 17.17
N ARG AA 44 19.58 97.10 17.26
CA ARG AA 44 19.78 96.31 16.04
C ARG AA 44 18.49 96.16 15.26
N LEU AA 45 17.38 95.98 15.96
CA LEU AA 45 16.08 95.91 15.28
C LEU AA 45 15.70 97.27 14.70
N ARG AA 46 16.04 98.34 15.41
CA ARG AA 46 15.85 99.68 14.86
C ARG AA 46 16.70 99.90 13.63
N LYS AA 47 17.93 99.38 13.65
CA LYS AA 47 18.82 99.50 12.51
C LYS AA 47 18.28 98.74 11.31
N ALA AA 48 17.76 97.54 11.52
CA ALA AA 48 17.28 96.74 10.40
C ALA AA 48 16.02 97.33 9.80
N LYS AA 49 15.21 98.01 10.62
CA LYS AA 49 13.92 98.49 10.16
C LYS AA 49 14.05 99.72 9.27
N LYS AA 50 15.05 100.57 9.51
CA LYS AA 50 15.10 101.86 8.83
C LYS AA 50 15.47 101.72 7.36
N GLU AA 51 16.35 100.78 7.02
CA GLU AA 51 16.67 100.52 5.62
C GLU AA 51 15.80 99.42 5.02
N ALA AA 52 14.82 98.91 5.76
CA ALA AA 52 13.90 97.94 5.20
C ALA AA 52 13.07 98.61 4.12
N PRO AA 53 13.02 98.05 2.91
CA PRO AA 53 12.33 98.72 1.82
C PRO AA 53 10.84 98.82 2.10
N PRO AA 54 10.17 99.83 1.56
CA PRO AA 54 8.72 99.95 1.76
C PRO AA 54 7.99 98.73 1.21
N MET AA 55 6.98 98.29 1.96
CA MET AA 55 6.19 97.10 1.63
C MET AA 55 7.06 95.87 1.45
N GLU AA 56 8.19 95.81 2.14
CA GLU AA 56 9.10 94.68 2.09
C GLU AA 56 9.46 94.28 3.52
N LYS AA 57 9.32 92.98 3.82
CA LYS AA 57 9.64 92.50 5.15
C LYS AA 57 11.14 92.65 5.42
N PRO AA 58 11.51 93.13 6.61
CA PRO AA 58 12.93 93.40 6.89
C PRO AA 58 13.75 92.12 6.95
N GLU AA 59 15.06 92.31 6.88
CA GLU AA 59 16.00 91.20 6.88
C GLU AA 59 15.96 90.47 8.23
N VAL AA 60 16.33 89.20 8.20
CA VAL AA 60 16.34 88.38 9.41
C VAL AA 60 17.59 88.70 10.22
N VAL AA 61 17.39 88.99 11.50
CA VAL AA 61 18.46 89.37 12.42
C VAL AA 61 18.52 88.34 13.52
N LYS AA 62 19.63 87.62 13.59
CA LYS AA 62 19.76 86.49 14.53
C LYS AA 62 20.08 86.98 15.93
N THR AA 63 19.72 86.16 16.91
CA THR AA 63 19.96 86.48 18.32
C THR AA 63 20.12 85.20 19.12
N HIS AA 64 20.81 85.31 20.25
CA HIS AA 64 20.88 84.23 21.23
C HIS AA 64 19.86 84.41 22.34
N LEU AA 65 19.90 85.56 23.02
CA LEU AA 65 19.09 85.76 24.21
C LEU AA 65 17.61 85.78 23.84
N ARG AA 66 16.80 85.11 24.65
CA ARG AA 66 15.39 84.92 24.36
C ARG AA 66 14.49 85.25 25.54
N ASP AA 67 15.04 85.86 26.59
CA ASP AA 67 14.24 86.36 27.70
C ASP AA 67 13.83 87.81 27.52
N MET AA 68 14.08 88.41 26.36
CA MET AA 68 13.71 89.80 26.12
C MET AA 68 12.25 89.87 25.68
N ILE AA 69 11.47 90.70 26.38
CA ILE AA 69 10.05 90.80 26.05
C ILE AA 69 9.87 91.49 24.70
N ILE AA 70 8.68 91.34 24.13
CA ILE AA 70 8.36 91.88 22.82
C ILE AA 70 7.87 93.30 22.98
N LEU AA 71 8.47 94.25 22.20
CA LEU AA 71 8.12 95.66 22.20
C LEU AA 71 7.37 96.04 20.92
N PRO AA 72 6.51 97.06 21.00
CA PRO AA 72 5.85 97.56 19.78
C PRO AA 72 6.82 98.05 18.72
N GLU AA 73 7.95 98.65 19.13
CA GLU AA 73 8.94 99.07 18.14
C GLU AA 73 9.64 97.89 17.49
N MET AA 74 9.58 96.70 18.11
CA MET AA 74 10.09 95.48 17.52
C MET AA 74 9.10 94.83 16.55
N VAL AA 75 7.83 95.28 16.54
CA VAL AA 75 6.80 94.63 15.76
C VAL AA 75 7.04 94.83 14.28
N GLY AA 76 6.82 93.78 13.49
CA GLY AA 76 7.05 93.80 12.06
C GLY AA 76 8.45 93.40 11.64
N SER AA 77 9.34 93.14 12.59
CA SER AA 77 10.71 92.77 12.30
C SER AA 77 10.82 91.25 12.11
N MET AA 78 11.92 90.84 11.50
CA MET AA 78 12.24 89.43 11.29
C MET AA 78 13.49 89.10 12.10
N VAL AA 79 13.35 88.15 13.02
CA VAL AA 79 14.43 87.80 13.95
C VAL AA 79 14.57 86.29 13.97
N GLY AA 80 15.81 85.82 13.77
CA GLY AA 80 16.11 84.41 13.93
C GLY AA 80 16.56 84.08 15.33
N VAL AA 81 15.74 83.33 16.07
CA VAL AA 81 15.98 83.07 17.48
C VAL AA 81 16.70 81.75 17.64
N TYR AA 82 17.81 81.77 18.37
CA TYR AA 82 18.60 80.57 18.61
C TYR AA 82 17.85 79.63 19.54
N ASN AA 83 17.43 78.49 19.01
CA ASN AA 83 16.82 77.42 19.81
C ASN AA 83 17.85 76.50 20.42
N GLY AA 84 19.13 76.64 20.07
CA GLY AA 84 20.19 75.76 20.48
C GLY AA 84 21.01 75.21 19.33
N LYS AA 85 20.38 75.00 18.17
CA LYS AA 85 21.07 74.55 16.98
C LYS AA 85 21.02 75.60 15.88
N THR AA 86 19.82 76.05 15.50
CA THR AA 86 19.68 76.99 14.41
C THR AA 86 19.03 78.27 14.90
N PHE AA 87 18.69 79.17 13.99
CA PHE AA 87 18.04 80.43 14.30
C PHE AA 87 16.66 80.42 13.63
N ASN AA 88 15.64 80.00 14.39
CA ASN AA 88 14.30 79.89 13.84
C ASN AA 88 13.76 81.24 13.43
N GLN AA 89 13.20 81.31 12.23
CA GLN AA 89 12.57 82.53 11.75
C GLN AA 89 11.22 82.70 12.42
N VAL AA 90 11.05 83.80 13.15
CA VAL AA 90 9.79 84.11 13.81
C VAL AA 90 9.42 85.55 13.48
N GLU AA 91 8.11 85.83 13.48
CA GLU AA 91 7.59 87.14 13.15
C GLU AA 91 6.93 87.75 14.38
N ILE AA 92 7.22 89.03 14.62
CA ILE AA 92 6.66 89.74 15.77
C ILE AA 92 5.42 90.47 15.27
N LYS AA 93 4.28 89.79 15.32
CA LYS AA 93 3.04 90.49 15.06
C LYS AA 93 2.65 91.29 16.30
N PRO AA 94 1.86 92.37 16.13
CA PRO AA 94 1.60 93.27 17.27
C PRO AA 94 0.84 92.64 18.43
N GLU AA 95 0.22 91.47 18.23
CA GLU AA 95 -0.53 90.81 19.29
C GLU AA 95 0.30 89.78 20.04
N MET AA 96 1.62 90.01 20.14
CA MET AA 96 2.51 89.14 20.89
C MET AA 96 3.29 89.88 21.97
N ILE AA 97 2.85 91.09 22.33
CA ILE AA 97 3.66 91.96 23.17
C ILE AA 97 3.80 91.38 24.58
N GLY AA 98 2.73 90.82 25.13
CA GLY AA 98 2.77 90.34 26.50
C GLY AA 98 3.39 88.97 26.68
N HIS AA 99 4.59 88.76 26.14
CA HIS AA 99 5.29 87.49 26.24
C HIS AA 99 6.79 87.74 26.13
N TYR AA 100 7.56 86.67 26.02
CA TYR AA 100 8.99 86.73 25.80
C TYR AA 100 9.31 86.46 24.34
N LEU AA 101 10.56 86.75 23.97
CA LEU AA 101 11.01 86.50 22.61
C LEU AA 101 11.22 85.00 22.33
N GLY AA 102 11.44 84.21 23.37
CA GLY AA 102 11.79 82.82 23.18
C GLY AA 102 10.62 81.85 23.20
N GLU AA 103 9.46 82.31 23.67
CA GLU AA 103 8.30 81.42 23.73
C GLU AA 103 7.75 81.08 22.35
N PHE AA 104 8.23 81.75 21.31
CA PHE AA 104 7.84 81.44 19.94
C PHE AA 104 8.94 80.73 19.16
N SER AA 105 9.81 80.03 19.86
CA SER AA 105 10.82 79.17 19.24
C SER AA 105 11.18 78.10 20.25
N ILE AA 106 10.62 76.90 20.08
CA ILE AA 106 10.82 75.84 21.06
C ILE AA 106 12.26 75.35 21.05
N THR AA 107 12.64 74.66 22.11
CA THR AA 107 13.97 74.08 22.25
C THR AA 107 13.98 72.56 22.14
N TYR AA 108 12.82 71.91 22.16
CA TYR AA 108 12.72 70.48 21.97
C TYR AA 108 11.63 70.19 20.96
N LYS AA 109 11.91 69.30 20.02
CA LYS AA 109 10.95 69.01 18.97
C LYS AA 109 9.83 68.11 19.50
N PRO AA 110 8.67 68.13 18.86
CA PRO AA 110 7.57 67.26 19.29
C PRO AA 110 7.96 65.79 19.24
N VAL AA 111 7.49 65.04 20.24
CA VAL AA 111 7.90 63.66 20.44
C VAL AA 111 6.98 62.73 19.68
N LYS AA 112 7.58 61.84 18.90
CA LYS AA 112 6.88 60.82 18.13
C LYS AA 112 7.17 59.48 18.78
N HIS AA 113 6.27 59.03 19.66
CA HIS AA 113 6.48 57.78 20.38
C HIS AA 113 6.57 56.60 19.42
N GLY AA 114 7.60 55.78 19.61
CA GLY AA 114 7.74 54.53 18.90
C GLY AA 114 7.35 53.34 19.75
N ARG AA 115 7.68 52.17 19.23
CA ARG AA 115 7.43 50.94 19.98
C ARG AA 115 8.33 50.88 21.21
N PRO AA 116 7.80 50.54 22.38
CA PRO AA 116 8.65 50.45 23.57
C PRO AA 116 9.68 49.34 23.44
N GLY AA 117 10.83 49.54 24.08
CA GLY AA 117 11.92 48.60 24.00
C GLY AA 117 11.88 47.51 25.05
N ILE AA 118 13.02 47.26 25.71
CA ILE AA 118 13.11 46.19 26.71
C ILE AA 118 12.60 46.62 28.08
N GLY AA 119 12.13 47.85 28.21
CA GLY AA 119 11.57 48.29 29.48
C GLY AA 119 10.27 47.60 29.80
N ALA AA 120 9.88 47.69 31.08
CA ALA AA 120 8.68 47.05 31.62
C ALA AA 120 8.72 45.53 31.41
N THR AA 121 9.71 44.93 32.06
CA THR AA 121 9.90 43.47 32.10
C THR AA 121 10.04 42.85 30.71
N SER BA 1 -2.06 85.33 115.41
CA SER BA 1 -3.07 85.86 114.51
C SER BA 1 -2.43 86.37 113.23
N LYS BA 2 -1.13 86.65 113.28
CA LYS BA 2 -0.38 87.13 112.13
C LYS BA 2 0.92 86.36 112.00
N GLY BA 3 0.85 85.04 112.09
CA GLY BA 3 2.02 84.19 111.98
C GLY BA 3 2.70 84.30 110.63
N PRO BA 4 3.97 84.67 110.64
CA PRO BA 4 4.70 84.85 109.38
C PRO BA 4 5.46 83.60 108.95
N LEU BA 5 5.65 83.48 107.64
CA LEU BA 5 6.53 82.47 107.02
C LEU BA 5 6.11 81.04 107.38
N GLN BA 6 4.91 80.67 106.91
CA GLN BA 6 4.41 79.30 106.97
C GLN BA 6 3.93 78.93 105.57
N SER BA 7 4.87 78.43 104.75
CA SER BA 7 4.58 78.18 103.34
C SER BA 7 5.60 77.19 102.79
N VAL BA 8 5.17 76.43 101.78
CA VAL BA 8 6.03 75.52 101.04
C VAL BA 8 5.80 75.73 99.55
N GLN BA 9 6.74 75.25 98.75
CA GLN BA 9 6.63 75.33 97.29
C GLN BA 9 7.03 73.97 96.72
N VAL BA 10 6.07 73.28 96.10
CA VAL BA 10 6.22 71.89 95.69
C VAL BA 10 5.84 71.76 94.23
N PHE BA 11 6.68 71.07 93.45
CA PHE BA 11 6.46 70.91 92.02
C PHE BA 11 5.92 69.53 91.69
N GLY BA 12 5.75 69.32 90.38
CA GLY BA 12 5.36 68.04 89.81
C GLY BA 12 5.52 68.11 88.30
N ARG BA 13 6.13 67.10 87.70
CA ARG BA 13 6.42 67.12 86.27
C ARG BA 13 6.13 65.76 85.66
N LYS BA 14 5.56 65.78 84.45
CA LYS BA 14 5.31 64.57 83.70
C LYS BA 14 5.19 64.94 82.22
N LYS BA 15 6.01 64.29 81.40
CA LYS BA 15 6.12 64.60 79.97
C LYS BA 15 6.47 66.09 79.77
N THR BA 16 7.43 66.55 80.58
CA THR BA 16 8.05 67.87 80.51
C THR BA 16 7.09 68.96 80.99
N ALA BA 17 5.85 68.60 81.29
CA ALA BA 17 4.86 69.54 81.78
C ALA BA 17 5.15 69.85 83.23
N THR BA 18 5.52 71.08 83.53
CA THR BA 18 5.94 71.48 84.86
C THR BA 18 4.82 72.27 85.54
N ALA BA 19 4.55 71.93 86.80
CA ALA BA 19 3.62 72.68 87.64
C ALA BA 19 4.25 72.87 89.00
N VAL BA 20 4.23 74.11 89.50
CA VAL BA 20 4.87 74.47 90.76
C VAL BA 20 3.83 75.15 91.63
N ALA BA 21 3.47 74.51 92.74
CA ALA BA 21 2.43 75.00 93.62
C ALA BA 21 3.06 75.83 94.74
N HIS BA 22 2.45 76.97 95.03
CA HIS BA 22 2.85 77.83 96.15
C HIS BA 22 1.83 77.61 97.27
N CYS BA 23 2.10 76.66 98.15
CA CYS BA 23 1.22 76.34 99.26
C CYS BA 23 1.53 77.26 100.43
N LYS BA 24 0.49 77.75 101.09
CA LYS BA 24 0.63 78.74 102.15
C LYS BA 24 -0.54 78.59 103.11
N ARG BA 25 -0.36 79.06 104.33
CA ARG BA 25 -1.42 79.05 105.33
C ARG BA 25 -2.37 80.20 105.07
N GLY BA 26 -3.59 79.89 104.65
CA GLY BA 26 -4.53 80.92 104.32
C GLY BA 26 -5.91 80.36 104.06
N ASN BA 27 -6.74 81.18 103.42
CA ASN BA 27 -8.11 80.78 103.14
C ASN BA 27 -8.15 79.70 102.07
N GLY BA 28 -9.23 78.92 102.10
CA GLY BA 28 -9.42 77.87 101.12
C GLY BA 28 -9.61 78.43 99.72
N LEU BA 29 -8.60 78.25 98.88
CA LEU BA 29 -8.60 78.83 97.55
C LEU BA 29 -7.55 78.10 96.72
N ILE BA 30 -7.86 77.86 95.45
CA ILE BA 30 -6.99 77.13 94.54
C ILE BA 30 -6.90 77.90 93.24
N LYS BA 31 -5.68 78.28 92.87
CA LYS BA 31 -5.45 79.04 91.65
C LYS BA 31 -4.18 78.56 90.97
N VAL BA 32 -4.26 78.35 89.66
CA VAL BA 32 -3.10 78.01 88.84
C VAL BA 32 -2.94 79.07 87.76
N ASN BA 33 -1.75 79.66 87.71
CA ASN BA 33 -1.44 80.76 86.78
C ASN BA 33 -2.46 81.88 86.90
N GLY BA 34 -2.82 82.21 88.14
CA GLY BA 34 -3.79 83.26 88.37
C GLY BA 34 -5.17 82.96 87.86
N ARG BA 35 -5.52 81.69 87.71
CA ARG BA 35 -6.80 81.29 87.17
C ARG BA 35 -7.51 80.36 88.13
N PRO BA 36 -8.85 80.39 88.16
CA PRO BA 36 -9.58 79.44 89.00
C PRO BA 36 -9.40 78.02 88.53
N LEU BA 37 -9.51 77.09 89.49
CA LEU BA 37 -9.40 75.67 89.16
C LEU BA 37 -10.49 75.22 88.21
N GLU BA 38 -11.66 75.86 88.30
CA GLU BA 38 -12.76 75.51 87.40
C GLU BA 38 -12.56 76.10 86.01
N MET BA 39 -12.05 77.33 85.94
CA MET BA 39 -11.88 78.00 84.66
C MET BA 39 -10.54 77.59 84.07
N ILE BA 40 -10.59 76.70 83.07
CA ILE BA 40 -9.39 76.13 82.47
C ILE BA 40 -9.80 75.53 81.14
N GLU BA 41 -8.84 75.43 80.21
CA GLU BA 41 -9.16 74.99 78.86
C GLU BA 41 -9.74 73.59 78.77
N PRO BA 42 -9.20 72.54 79.43
CA PRO BA 42 -9.80 71.21 79.21
C PRO BA 42 -10.93 70.92 80.20
N ARG BA 43 -12.10 71.51 79.93
CA ARG BA 43 -13.27 71.28 80.76
C ARG BA 43 -13.68 69.82 80.77
N THR BA 44 -13.36 69.08 79.70
CA THR BA 44 -13.63 67.65 79.67
C THR BA 44 -12.83 66.92 80.74
N LEU BA 45 -11.59 67.34 80.96
CA LEU BA 45 -10.71 66.72 81.93
C LEU BA 45 -10.72 67.43 83.27
N GLN BA 46 -11.65 68.34 83.50
CA GLN BA 46 -11.67 69.09 84.76
C GLN BA 46 -11.92 68.17 85.95
N TYR BA 47 -12.61 67.05 85.75
CA TYR BA 47 -12.82 66.12 86.85
C TYR BA 47 -11.52 65.47 87.31
N LYS BA 48 -10.47 65.52 86.50
CA LYS BA 48 -9.15 65.11 86.98
C LYS BA 48 -8.57 66.18 87.90
N LEU BA 49 -8.88 67.44 87.65
CA LEU BA 49 -8.53 68.51 88.57
C LEU BA 49 -9.37 68.45 89.85
N LEU BA 50 -10.62 68.01 89.74
CA LEU BA 50 -11.46 67.83 90.91
C LEU BA 50 -11.16 66.53 91.64
N GLU BA 51 -10.46 65.61 90.99
CA GLU BA 51 -10.18 64.31 91.60
C GLU BA 51 -9.37 64.38 92.89
N PRO BA 52 -8.29 65.18 93.01
CA PRO BA 52 -7.60 65.22 94.31
C PRO BA 52 -8.42 65.87 95.40
N VAL BA 53 -9.00 67.05 95.14
CA VAL BA 53 -9.68 67.80 96.18
C VAL BA 53 -10.92 67.05 96.69
N LEU BA 54 -11.64 66.37 95.78
CA LEU BA 54 -12.80 65.60 96.20
C LEU BA 54 -12.40 64.45 97.11
N LEU BA 55 -11.27 63.80 96.81
CA LEU BA 55 -10.85 62.62 97.55
C LEU BA 55 -10.29 62.94 98.93
N LEU BA 56 -10.13 64.22 99.27
CA LEU BA 56 -9.60 64.60 100.58
C LEU BA 56 -10.54 65.46 101.41
N GLY BA 57 -11.56 66.08 100.82
CA GLY BA 57 -12.47 66.91 101.59
C GLY BA 57 -11.92 68.31 101.85
N LYS BA 58 -12.76 69.32 101.66
CA LYS BA 58 -12.31 70.71 101.74
C LYS BA 58 -11.97 71.15 103.16
N GLU BA 59 -12.22 70.30 104.16
CA GLU BA 59 -11.74 70.60 105.51
C GLU BA 59 -10.24 70.80 105.54
N ARG BA 60 -9.50 69.92 104.86
CA ARG BA 60 -8.05 70.01 104.80
C ARG BA 60 -7.57 71.16 103.91
N PHE BA 61 -8.46 71.72 103.09
CA PHE BA 61 -8.09 72.77 102.16
C PHE BA 61 -8.51 74.16 102.63
N ALA BA 62 -9.36 74.25 103.66
CA ALA BA 62 -9.82 75.55 104.13
C ALA BA 62 -8.67 76.37 104.72
N GLY BA 63 -7.76 75.71 105.43
CA GLY BA 63 -6.66 76.40 106.05
C GLY BA 63 -5.42 76.45 105.18
N VAL BA 64 -5.58 76.23 103.88
CA VAL BA 64 -4.45 76.18 102.95
C VAL BA 64 -4.83 76.91 101.66
N ASP BA 65 -3.93 77.77 101.18
CA ASP BA 65 -4.06 78.42 99.88
C ASP BA 65 -2.97 77.88 98.97
N ILE BA 66 -3.33 77.58 97.72
CA ILE BA 66 -2.44 76.93 96.76
C ILE BA 66 -2.34 77.80 95.51
N ARG BA 67 -1.13 78.08 95.07
CA ARG BA 67 -0.88 78.95 93.91
C ARG BA 67 0.07 78.24 92.94
N VAL BA 68 -0.49 77.46 92.02
CA VAL BA 68 0.28 76.68 91.06
C VAL BA 68 0.64 77.56 89.88
N ARG BA 69 1.72 77.22 89.19
CA ARG BA 69 2.13 77.89 87.96
C ARG BA 69 2.70 76.85 87.00
N VAL BA 70 2.44 77.02 85.71
CA VAL BA 70 2.86 76.06 84.69
C VAL BA 70 3.66 76.79 83.61
N LYS BA 71 4.83 76.26 83.28
CA LYS BA 71 5.75 76.84 82.32
C LYS BA 71 6.22 75.78 81.32
N GLY BA 72 5.28 75.05 80.74
CA GLY BA 72 5.62 74.16 79.65
C GLY BA 72 4.68 72.97 79.58
N GLY BA 73 5.06 72.04 78.73
CA GLY BA 73 4.29 70.84 78.51
C GLY BA 73 3.11 71.05 77.58
N GLY BA 74 2.28 70.03 77.51
CA GLY BA 74 1.10 70.03 76.67
C GLY BA 74 -0.14 70.47 77.42
N HIS BA 75 -1.25 69.80 77.13
CA HIS BA 75 -2.55 70.14 77.70
C HIS BA 75 -2.96 69.21 78.84
N VAL BA 76 -3.05 67.92 78.56
CA VAL BA 76 -3.48 66.97 79.57
C VAL BA 76 -2.32 66.54 80.47
N ALA BA 77 -1.11 66.43 79.92
CA ALA BA 77 0.06 66.20 80.77
C ALA BA 77 0.26 67.35 81.74
N GLN BA 78 -0.16 68.55 81.35
CA GLN BA 78 -0.15 69.70 82.26
C GLN BA 78 -1.00 69.43 83.49
N ILE BA 79 -2.20 68.87 83.29
CA ILE BA 79 -3.09 68.58 84.41
C ILE BA 79 -2.47 67.54 85.33
N TYR BA 80 -1.90 66.49 84.77
CA TYR BA 80 -1.38 65.40 85.58
C TYR BA 80 -0.19 65.83 86.42
N ALA BA 81 0.55 66.85 85.96
CA ALA BA 81 1.53 67.47 86.83
C ALA BA 81 0.88 68.38 87.87
N ILE BA 82 -0.17 69.10 87.47
CA ILE BA 82 -0.81 70.07 88.36
C ILE BA 82 -1.41 69.37 89.57
N ARG BA 83 -2.21 68.31 89.32
CA ARG BA 83 -2.88 67.63 90.41
C ARG BA 83 -1.89 67.00 91.38
N GLN BA 84 -0.80 66.46 90.85
CA GLN BA 84 0.24 65.90 91.71
C GLN BA 84 0.89 66.98 92.56
N SER BA 85 1.16 68.15 91.96
CA SER BA 85 1.81 69.23 92.69
C SER BA 85 0.94 69.72 93.84
N ILE BA 86 -0.37 69.76 93.63
CA ILE BA 86 -1.28 70.26 94.65
C ILE BA 86 -1.29 69.33 95.86
N SER BA 87 -1.47 68.04 95.61
CA SER BA 87 -1.55 67.09 96.72
C SER BA 87 -0.21 66.95 97.42
N LYS BA 88 0.88 66.92 96.66
CA LYS BA 88 2.20 66.80 97.27
C LYS BA 88 2.55 68.05 98.09
N ALA BA 89 2.08 69.23 97.64
CA ALA BA 89 2.26 70.43 98.44
C ALA BA 89 1.45 70.36 99.73
N LEU BA 90 0.23 69.84 99.65
CA LEU BA 90 -0.60 69.72 100.84
C LEU BA 90 0.02 68.77 101.86
N VAL BA 91 0.55 67.64 101.39
CA VAL BA 91 1.15 66.69 102.32
C VAL BA 91 2.53 67.19 102.77
N ALA BA 92 3.14 68.10 102.03
CA ALA BA 92 4.39 68.71 102.49
C ALA BA 92 4.12 69.74 103.57
N TYR BA 93 3.02 70.48 103.44
CA TYR BA 93 2.55 71.34 104.53
C TYR BA 93 2.27 70.51 105.77
N TYR BA 94 1.52 69.41 105.59
CA TYR BA 94 1.16 68.57 106.72
C TYR BA 94 2.37 67.83 107.29
N GLN BA 95 3.45 67.72 106.50
CA GLN BA 95 4.63 67.02 106.97
C GLN BA 95 5.41 67.85 107.99
N LYS BA 96 5.51 69.16 107.76
CA LYS BA 96 6.42 70.01 108.51
C LYS BA 96 5.69 71.04 109.38
N TYR BA 97 4.36 71.05 109.37
CA TYR BA 97 3.64 72.04 110.16
C TYR BA 97 2.72 71.36 111.17
N VAL BA 98 2.18 70.19 110.81
CA VAL BA 98 1.46 69.36 111.76
C VAL BA 98 2.14 68.00 111.81
N ASP BA 99 1.64 67.11 112.66
CA ASP BA 99 2.20 65.77 112.73
C ASP BA 99 1.94 65.00 111.44
N GLU BA 100 2.87 64.11 111.11
CA GLU BA 100 2.72 63.30 109.89
C GLU BA 100 1.73 62.17 110.05
N ALA BA 101 1.11 61.99 111.23
CA ALA BA 101 -0.08 61.17 111.31
C ALA BA 101 -1.19 61.78 110.48
N SER BA 102 -1.31 63.11 110.52
CA SER BA 102 -2.20 63.80 109.59
C SER BA 102 -1.75 63.62 108.15
N LYS BA 103 -0.45 63.45 107.93
CA LYS BA 103 0.02 63.14 106.58
C LYS BA 103 -0.35 61.72 106.19
N LYS BA 104 -0.42 60.82 107.17
CA LYS BA 104 -0.70 59.42 106.85
C LYS BA 104 -2.16 59.21 106.46
N GLU BA 105 -3.08 59.85 107.19
CA GLU BA 105 -4.50 59.73 106.87
C GLU BA 105 -4.86 60.35 105.53
N ILE BA 106 -3.99 61.17 104.97
CA ILE BA 106 -4.23 61.78 103.67
C ILE BA 106 -3.35 61.18 102.57
N LYS BA 107 -2.20 60.59 102.92
CA LYS BA 107 -1.34 59.95 101.93
C LYS BA 107 -1.92 58.62 101.46
N ASP BA 108 -2.48 57.84 102.39
CA ASP BA 108 -2.99 56.53 102.04
C ASP BA 108 -4.17 56.63 101.06
N ILE BA 109 -4.97 57.68 101.18
CA ILE BA 109 -6.07 57.88 100.24
C ILE BA 109 -5.52 58.23 98.87
N LEU BA 110 -4.44 59.00 98.81
CA LEU BA 110 -3.83 59.33 97.53
C LEU BA 110 -3.22 58.10 96.87
N ILE BA 111 -2.47 57.31 97.63
CA ILE BA 111 -1.76 56.18 97.04
C ILE BA 111 -2.69 55.02 96.69
N GLN BA 112 -3.81 54.88 97.40
CA GLN BA 112 -4.73 53.80 97.08
C GLN BA 112 -5.51 54.08 95.80
N TYR BA 113 -5.74 55.37 95.50
CA TYR BA 113 -6.57 55.72 94.35
C TYR BA 113 -5.73 55.82 93.09
N ASP BA 114 -4.61 56.52 93.15
CA ASP BA 114 -3.74 56.69 92.00
C ASP BA 114 -2.37 57.10 92.48
N ARG BA 115 -1.35 56.29 92.20
CA ARG BA 115 -0.01 56.62 92.62
C ARG BA 115 0.57 57.82 91.90
N THR BA 116 -0.04 58.25 90.79
CA THR BA 116 0.44 59.41 90.07
C THR BA 116 0.30 60.70 90.87
N LEU BA 117 -0.57 60.71 91.88
CA LEU BA 117 -0.71 61.86 92.76
C LEU BA 117 0.49 62.06 93.67
N LEU BA 118 1.36 61.06 93.80
CA LEU BA 118 2.51 61.12 94.68
C LEU BA 118 3.82 60.78 93.96
N VAL BA 119 3.80 59.84 93.03
CA VAL BA 119 4.98 59.41 92.29
C VAL BA 119 4.68 59.63 90.81
N ALA BA 120 5.46 60.50 90.17
CA ALA BA 120 5.13 60.98 88.84
C ALA BA 120 5.45 59.94 87.77
N ASP BA 121 4.86 60.13 86.60
CA ASP BA 121 5.08 59.23 85.47
C ASP BA 121 6.44 59.49 84.85
N PRO BA 122 7.33 58.50 84.77
CA PRO BA 122 8.71 58.78 84.33
C PRO BA 122 8.96 58.63 82.84
N ARG BA 123 7.99 58.16 82.06
CA ARG BA 123 8.23 57.98 80.64
C ARG BA 123 8.16 59.31 79.92
N ARG BA 124 9.22 59.64 79.15
CA ARG BA 124 9.30 60.95 78.52
C ARG BA 124 9.16 60.90 77.00
N CYS BA 125 10.06 60.23 76.30
CA CYS BA 125 10.13 60.24 74.84
C CYS BA 125 11.06 59.11 74.39
N GLU BA 126 11.32 59.07 73.08
CA GLU BA 126 12.29 58.17 72.47
C GLU BA 126 12.73 58.81 71.15
N SER BA 127 14.04 58.99 70.98
CA SER BA 127 14.56 59.70 69.83
C SER BA 127 14.31 58.94 68.53
N LYS BA 128 14.07 59.70 67.47
CA LYS BA 128 13.88 59.11 66.15
C LYS BA 128 15.23 58.75 65.54
N LYS BA 129 15.30 57.60 64.90
CA LYS BA 129 16.52 57.12 64.28
C LYS BA 129 16.45 57.26 62.76
N PHE BA 130 17.63 57.27 62.13
CA PHE BA 130 17.74 57.55 60.71
C PHE BA 130 17.35 56.37 59.83
N GLY BA 131 16.75 55.32 60.39
CA GLY BA 131 16.32 54.21 59.58
C GLY BA 131 15.01 54.48 58.86
N GLY BA 132 14.18 55.33 59.45
CA GLY BA 132 12.87 55.60 58.91
C GLY BA 132 12.32 56.94 59.37
N PRO BA 133 10.99 57.04 59.48
CA PRO BA 133 10.38 58.31 59.88
C PRO BA 133 10.13 58.46 61.36
N GLY BA 134 10.31 57.40 62.16
CA GLY BA 134 10.00 57.45 63.57
C GLY BA 134 11.09 56.82 64.41
N ALA BA 135 10.82 56.74 65.71
CA ALA BA 135 11.75 56.11 66.64
C ALA BA 135 11.93 54.63 66.33
N ARG BA 136 10.84 53.97 65.97
CA ARG BA 136 10.89 52.55 65.61
C ARG BA 136 10.42 52.28 64.19
N ALA BA 137 9.54 53.09 63.64
CA ALA BA 137 9.05 52.86 62.28
C ALA BA 137 10.18 53.00 61.28
N ARG BA 138 10.21 52.07 60.32
CA ARG BA 138 11.14 52.11 59.22
C ARG BA 138 10.38 52.36 57.92
N TYR BA 139 11.13 52.76 56.90
CA TYR BA 139 10.50 53.09 55.63
C TYR BA 139 9.96 51.82 54.97
N GLN BA 140 9.24 52.02 53.86
CA GLN BA 140 8.66 50.92 53.11
C GLN BA 140 9.72 50.36 52.18
N LYS BA 141 10.46 49.37 52.66
CA LYS BA 141 11.47 48.74 51.81
C LYS BA 141 10.81 47.94 50.70
N SER BA 142 11.40 47.98 49.52
CA SER BA 142 10.84 47.32 48.35
C SER BA 142 11.95 46.60 47.62
N TYR BA 143 11.62 45.44 47.04
CA TYR BA 143 12.61 44.59 46.42
C TYR BA 143 12.59 44.63 44.90
N ARG BA 144 11.63 45.31 44.28
CA ARG BA 144 11.59 45.36 42.83
C ARG BA 144 11.31 46.77 42.31
N MET CA 1 -38.44 79.93 62.54
CA MET CA 1 -39.57 79.28 63.16
C MET CA 1 -39.69 77.84 62.67
N SER CA 2 -38.82 77.49 61.72
CA SER CA 2 -38.92 76.24 60.97
C SER CA 2 -40.31 76.11 60.35
N LEU CA 3 -40.82 77.22 59.84
CA LEU CA 3 -42.14 77.24 59.24
C LEU CA 3 -42.15 76.45 57.93
N VAL CA 4 -43.34 76.33 57.35
CA VAL CA 4 -43.52 75.54 56.15
C VAL CA 4 -42.80 76.20 54.97
N ILE CA 5 -42.56 75.41 53.93
CA ILE CA 5 -41.87 75.88 52.73
C ILE CA 5 -42.66 77.02 52.11
N PRO CA 6 -42.02 78.10 51.67
CA PRO CA 6 -42.76 79.21 51.07
C PRO CA 6 -43.54 78.77 49.84
N GLU CA 7 -44.74 79.35 49.68
CA GLU CA 7 -45.62 78.95 48.59
C GLU CA 7 -45.03 79.32 47.23
N LYS CA 8 -44.50 80.55 47.11
CA LYS CA 8 -43.83 80.97 45.88
C LYS CA 8 -42.39 80.44 45.90
N PHE CA 9 -42.26 79.18 45.50
CA PHE CA 9 -41.02 78.43 45.64
C PHE CA 9 -40.53 77.98 44.27
N GLN CA 10 -39.27 78.28 43.98
CA GLN CA 10 -38.59 77.71 42.82
C GLN CA 10 -37.72 76.56 43.32
N HIS CA 11 -38.07 75.33 42.91
CA HIS CA 11 -37.28 74.18 43.34
C HIS CA 11 -35.89 74.19 42.73
N ILE CA 12 -35.79 74.52 41.44
CA ILE CA 12 -34.53 74.89 40.81
C ILE CA 12 -34.78 76.14 39.97
N LEU CA 13 -33.97 77.17 40.21
CA LEU CA 13 -34.13 78.46 39.56
C LEU CA 13 -33.54 78.38 38.15
N ARG CA 14 -33.43 79.55 37.51
CA ARG CA 14 -32.77 79.65 36.22
C ARG CA 14 -32.23 81.07 36.11
N VAL CA 15 -30.94 81.22 36.38
CA VAL CA 15 -30.27 82.52 36.35
C VAL CA 15 -29.32 82.55 35.16
N LEU CA 16 -29.50 83.54 34.29
CA LEU CA 16 -28.76 83.69 33.05
C LEU CA 16 -28.83 82.42 32.21
N ASN CA 17 -27.70 81.73 32.07
CA ASN CA 17 -27.60 80.55 31.23
C ASN CA 17 -27.47 79.26 32.04
N THR CA 18 -27.67 79.33 33.35
CA THR CA 18 -27.52 78.17 34.21
C THR CA 18 -28.66 78.16 35.22
N ASN CA 19 -28.71 77.08 36.00
CA ASN CA 19 -29.75 76.87 37.01
C ASN CA 19 -29.11 76.62 38.36
N ILE CA 20 -29.75 77.12 39.41
CA ILE CA 20 -29.27 76.94 40.78
C ILE CA 20 -30.33 76.22 41.58
N ASP CA 21 -29.89 75.35 42.49
CA ASP CA 21 -30.81 74.59 43.31
C ASP CA 21 -31.42 75.49 44.38
N GLY CA 22 -32.75 75.46 44.50
CA GLY CA 22 -33.47 76.20 45.50
C GLY CA 22 -33.64 75.51 46.83
N ARG CA 23 -33.09 74.31 46.98
CA ARG CA 23 -33.18 73.58 48.24
C ARG CA 23 -31.99 73.78 49.15
N ARG CA 24 -31.03 74.61 48.76
CA ARG CA 24 -29.83 74.84 49.55
C ARG CA 24 -29.74 76.32 49.90
N LYS CA 25 -28.65 76.69 50.58
CA LYS CA 25 -28.40 78.09 50.90
C LYS CA 25 -28.18 78.89 49.63
N ILE CA 26 -28.63 80.15 49.65
CA ILE CA 26 -28.58 80.98 48.46
C ILE CA 26 -27.13 81.28 48.05
N ALA CA 27 -26.26 81.51 49.04
CA ALA CA 27 -24.86 81.82 48.73
C ALA CA 27 -24.17 80.63 48.07
N PHE CA 28 -24.42 79.42 48.54
CA PHE CA 28 -23.84 78.23 47.95
C PHE CA 28 -24.68 77.69 46.80
N ALA CA 29 -25.80 78.33 46.47
CA ALA CA 29 -26.54 77.98 45.28
C ALA CA 29 -26.04 78.74 44.06
N ILE CA 30 -25.71 80.02 44.23
CA ILE CA 30 -25.17 80.82 43.14
C ILE CA 30 -23.74 80.46 42.80
N THR CA 31 -23.06 79.69 43.65
CA THR CA 31 -21.75 79.17 43.29
C THR CA 31 -21.84 78.16 42.15
N ALA CA 32 -23.02 77.59 41.92
CA ALA CA 32 -23.23 76.71 40.78
C ALA CA 32 -23.15 77.46 39.46
N ILE CA 33 -23.31 78.79 39.47
CA ILE CA 33 -23.11 79.58 38.26
C ILE CA 33 -21.63 79.59 37.91
N LYS CA 34 -21.31 79.26 36.66
CA LYS CA 34 -19.93 79.17 36.23
C LYS CA 34 -19.29 80.54 36.22
N GLY CA 35 -18.17 80.68 36.93
CA GLY CA 35 -17.54 81.97 37.18
C GLY CA 35 -17.80 82.53 38.55
N VAL CA 36 -18.81 82.03 39.25
CA VAL CA 36 -19.19 82.52 40.57
C VAL CA 36 -18.72 81.52 41.61
N GLY CA 37 -17.79 81.95 42.47
CA GLY CA 37 -17.25 81.11 43.52
C GLY CA 37 -17.82 81.48 44.87
N ARG CA 38 -17.27 80.82 45.90
CA ARG CA 38 -17.76 81.01 47.26
C ARG CA 38 -17.45 82.41 47.76
N ARG CA 39 -16.20 82.85 47.59
CA ARG CA 39 -15.81 84.17 48.07
C ARG CA 39 -16.56 85.27 47.34
N TYR CA 40 -16.83 85.06 46.05
CA TYR CA 40 -17.66 86.01 45.31
C TYR CA 40 -19.08 86.03 45.85
N ALA CA 41 -19.62 84.85 46.16
CA ALA CA 41 -21.00 84.78 46.61
C ALA CA 41 -21.18 85.42 47.98
N HIS CA 42 -20.23 85.20 48.89
CA HIS CA 42 -20.32 85.72 50.25
C HIS CA 42 -19.85 87.16 50.35
N VAL CA 43 -19.76 87.89 49.24
CA VAL CA 43 -19.44 89.31 49.29
C VAL CA 43 -20.52 90.06 48.52
N VAL CA 44 -21.24 89.36 47.64
CA VAL CA 44 -22.31 90.02 46.90
C VAL CA 44 -23.62 89.96 47.67
N LEU CA 45 -23.78 88.98 48.57
CA LEU CA 45 -24.96 88.99 49.43
C LEU CA 45 -24.84 90.06 50.51
N ARG CA 46 -23.62 90.31 50.98
CA ARG CA 46 -23.39 91.38 51.94
C ARG CA 46 -23.61 92.75 51.29
N LYS CA 47 -23.16 92.91 50.05
CA LYS CA 47 -23.30 94.19 49.35
C LYS CA 47 -24.69 94.39 48.75
N ALA CA 48 -25.49 93.33 48.64
CA ALA CA 48 -26.87 93.47 48.18
C ALA CA 48 -27.87 93.59 49.33
N ASP CA 49 -27.40 93.48 50.58
CA ASP CA 49 -28.20 93.72 51.78
C ASP CA 49 -29.38 92.74 51.89
N ILE CA 50 -29.04 91.48 52.15
CA ILE CA 50 -30.00 90.40 52.35
C ILE CA 50 -29.62 89.55 53.55
N ASP CA 51 -30.62 88.81 54.02
CA ASP CA 51 -30.36 87.78 55.01
C ASP CA 51 -29.54 86.68 54.36
N LEU CA 52 -28.71 86.02 55.16
CA LEU CA 52 -27.90 84.93 54.66
C LEU CA 52 -28.55 83.57 54.89
N THR CA 53 -29.09 83.35 56.09
CA THR CA 53 -29.59 82.04 56.48
C THR CA 53 -30.83 81.62 55.69
N LYS CA 54 -31.42 82.54 54.93
CA LYS CA 54 -32.55 82.20 54.09
C LYS CA 54 -32.13 81.25 52.97
N ARG CA 55 -32.99 80.30 52.66
CA ARG CA 55 -32.70 79.34 51.60
C ARG CA 55 -32.83 80.00 50.24
N ALA CA 56 -32.32 79.31 49.22
CA ALA CA 56 -32.37 79.83 47.86
C ALA CA 56 -33.80 79.84 47.32
N GLY CA 57 -34.67 78.99 47.84
CA GLY CA 57 -36.02 78.88 47.30
C GLY CA 57 -36.97 79.96 47.74
N GLU CA 58 -36.60 80.75 48.74
CA GLU CA 58 -37.45 81.82 49.25
C GLU CA 58 -36.95 83.21 48.88
N LEU CA 59 -36.07 83.31 47.88
CA LEU CA 59 -35.71 84.62 47.35
C LEU CA 59 -36.83 85.16 46.48
N THR CA 60 -37.28 86.36 46.78
CA THR CA 60 -38.26 87.01 45.92
C THR CA 60 -37.60 87.41 44.61
N GLU CA 61 -38.45 87.62 43.59
CA GLU CA 61 -37.93 87.80 42.23
C GLU CA 61 -37.16 89.11 42.08
N ASP CA 62 -37.49 90.13 42.88
CA ASP CA 62 -36.73 91.36 42.83
C ASP CA 62 -35.40 91.22 43.57
N GLU CA 63 -35.35 90.35 44.58
CA GLU CA 63 -34.08 90.03 45.20
C GLU CA 63 -33.21 89.21 44.26
N VAL CA 64 -33.83 88.37 43.43
CA VAL CA 64 -33.08 87.53 42.50
C VAL CA 64 -32.41 88.38 41.42
N GLU CA 65 -33.17 89.28 40.81
CA GLU CA 65 -32.60 90.12 39.77
C GLU CA 65 -31.64 91.14 40.33
N ARG CA 66 -31.76 91.45 41.62
CA ARG CA 66 -30.82 92.37 42.25
C ARG CA 66 -29.43 91.76 42.37
N VAL CA 67 -29.36 90.52 42.86
CA VAL CA 67 -28.08 89.85 43.00
C VAL CA 67 -27.44 89.62 41.64
N ILE CA 68 -28.26 89.29 40.63
CA ILE CA 68 -27.76 89.10 39.28
C ILE CA 68 -27.17 90.40 38.73
N THR CA 69 -27.87 91.52 38.92
CA THR CA 69 -27.37 92.78 38.38
C THR CA 69 -26.22 93.32 39.21
N ILE CA 70 -26.14 92.96 40.49
CA ILE CA 70 -24.98 93.31 41.30
C ILE CA 70 -23.73 92.65 40.72
N MET CA 71 -23.82 91.36 40.40
CA MET CA 71 -22.71 90.67 39.78
C MET CA 71 -22.54 91.07 38.32
N GLN CA 72 -23.61 91.55 37.68
CA GLN CA 72 -23.53 91.93 36.28
C GLN CA 72 -22.71 93.20 36.09
N ASN CA 73 -22.71 94.09 37.08
CA ASN CA 73 -21.89 95.30 37.07
C ASN CA 73 -21.14 95.36 38.39
N PRO CA 74 -20.14 94.49 38.59
CA PRO CA 74 -19.38 94.52 39.85
C PRO CA 74 -18.43 95.69 39.95
N ARG CA 75 -18.07 96.33 38.83
CA ARG CA 75 -17.15 97.46 38.84
C ARG CA 75 -17.73 98.67 39.56
N GLN CA 76 -19.04 98.82 39.60
CA GLN CA 76 -19.69 100.00 40.13
C GLN CA 76 -20.57 99.69 41.33
N TYR CA 77 -20.18 98.71 42.14
CA TYR CA 77 -20.95 98.38 43.33
C TYR CA 77 -20.04 98.06 44.50
N LYS CA 78 -19.00 98.88 44.68
CA LYS CA 78 -18.06 98.83 45.80
C LYS CA 78 -17.27 97.53 45.85
N ILE CA 79 -17.34 96.70 44.82
CA ILE CA 79 -16.54 95.48 44.75
C ILE CA 79 -15.14 95.86 44.32
N PRO CA 80 -14.12 95.49 45.07
CA PRO CA 80 -12.75 95.89 44.73
C PRO CA 80 -12.28 95.32 43.40
N ASP CA 81 -11.41 96.07 42.73
CA ASP CA 81 -10.94 95.69 41.41
C ASP CA 81 -10.12 94.42 41.40
N TRP CA 82 -9.55 94.02 42.53
CA TRP CA 82 -8.76 92.80 42.63
C TRP CA 82 -9.63 91.57 42.91
N PHE CA 83 -10.91 91.64 42.59
CA PHE CA 83 -11.83 90.55 42.89
C PHE CA 83 -12.49 89.98 41.64
N LEU CA 84 -12.24 90.57 40.47
CA LEU CA 84 -12.84 90.12 39.23
C LEU CA 84 -12.00 88.99 38.63
N ASN CA 85 -12.36 88.55 37.43
CA ASN CA 85 -11.63 87.48 36.74
C ASN CA 85 -10.68 88.03 35.67
N ARG CA 86 -11.23 88.70 34.67
CA ARG CA 86 -10.46 89.20 33.53
C ARG CA 86 -9.99 90.62 33.81
N GLN CA 87 -9.36 90.79 34.96
CA GLN CA 87 -8.83 92.10 35.30
C GLN CA 87 -7.57 92.40 34.49
N LYS CA 88 -7.45 93.64 34.03
CA LYS CA 88 -6.44 94.06 33.05
C LYS CA 88 -6.52 93.18 31.80
N ASP CA 89 -7.61 93.39 31.08
CA ASP CA 89 -7.94 92.60 29.90
C ASP CA 89 -6.88 92.72 28.81
N VAL CA 90 -6.61 91.58 28.16
CA VAL CA 90 -5.82 91.58 26.93
C VAL CA 90 -6.59 92.15 25.75
N LYS CA 91 -7.90 91.93 25.70
CA LYS CA 91 -8.70 92.37 24.54
C LYS CA 91 -8.95 93.87 24.57
N ASP CA 92 -9.52 94.38 25.67
CA ASP CA 92 -9.87 95.78 25.73
C ASP CA 92 -9.31 96.51 26.95
N GLY CA 93 -8.51 95.85 27.78
CA GLY CA 93 -7.88 96.49 28.91
C GLY CA 93 -8.78 96.71 30.11
N LYS CA 94 -10.09 96.82 29.91
CA LYS CA 94 -10.98 97.09 31.03
C LYS CA 94 -11.09 95.86 31.93
N TYR CA 95 -11.50 96.11 33.16
CA TYR CA 95 -11.49 95.11 34.22
C TYR CA 95 -12.88 94.52 34.32
N SER CA 96 -13.01 93.23 34.00
CA SER CA 96 -14.31 92.60 33.86
C SER CA 96 -14.38 91.34 34.71
N GLN CA 97 -15.61 90.97 35.09
CA GLN CA 97 -15.90 89.70 35.75
C GLN CA 97 -17.06 89.06 35.01
N VAL CA 98 -16.80 87.97 34.32
CA VAL CA 98 -17.80 87.30 33.49
C VAL CA 98 -18.24 86.02 34.19
N LEU CA 99 -19.55 85.74 34.16
CA LEU CA 99 -20.13 84.65 34.91
C LEU CA 99 -21.12 83.84 34.07
N ALA CA 100 -20.86 83.65 32.80
CA ALA CA 100 -21.83 83.04 31.90
C ALA CA 100 -21.09 82.20 30.86
N ASN CA 101 -21.79 81.87 29.77
CA ASN CA 101 -21.11 81.23 28.64
C ASN CA 101 -20.08 82.14 28.00
N GLY CA 102 -20.17 83.45 28.25
CA GLY CA 102 -19.14 84.36 27.80
C GLY CA 102 -17.79 84.07 28.44
N LEU CA 103 -17.80 83.55 29.66
CA LEU CA 103 -16.56 83.07 30.26
C LEU CA 103 -16.00 81.91 29.45
N ASP CA 104 -16.88 80.98 29.03
CA ASP CA 104 -16.42 79.82 28.28
C ASP CA 104 -15.82 80.23 26.94
N ASN CA 105 -16.42 81.22 26.27
CA ASN CA 105 -15.91 81.62 24.96
C ASN CA 105 -14.80 82.66 25.06
N LYS CA 106 -14.63 83.31 26.21
CA LYS CA 106 -13.43 84.11 26.40
C LYS CA 106 -12.22 83.26 26.74
N LEU CA 107 -12.45 82.13 27.43
CA LEU CA 107 -11.41 81.11 27.50
C LEU CA 107 -11.07 80.59 26.12
N ARG CA 108 -12.08 80.46 25.26
CA ARG CA 108 -11.85 80.11 23.87
C ARG CA 108 -11.05 81.20 23.16
N GLU CA 109 -11.36 82.47 23.44
CA GLU CA 109 -10.65 83.56 22.79
C GLU CA 109 -9.18 83.61 23.22
N ASP CA 110 -8.92 83.44 24.51
CA ASP CA 110 -7.55 83.40 25.00
C ASP CA 110 -6.80 82.21 24.41
N LEU CA 111 -7.45 81.05 24.36
CA LEU CA 111 -6.81 79.85 23.86
C LEU CA 111 -6.49 79.97 22.37
N GLU CA 112 -7.43 80.48 21.58
CA GLU CA 112 -7.18 80.64 20.15
C GLU CA 112 -6.12 81.71 19.90
N ARG CA 113 -5.97 82.67 20.80
CA ARG CA 113 -4.92 83.67 20.64
C ARG CA 113 -3.55 83.06 20.84
N LEU CA 114 -3.42 82.15 21.81
CA LEU CA 114 -2.16 81.45 22.00
C LEU CA 114 -1.84 80.57 20.79
N LYS CA 115 -2.86 79.92 20.22
CA LYS CA 115 -2.64 79.14 19.01
C LYS CA 115 -2.21 80.03 17.85
N LYS CA 116 -2.81 81.21 17.73
CA LYS CA 116 -2.47 82.12 16.63
C LYS CA 116 -1.03 82.58 16.74
N ILE CA 117 -0.62 83.06 17.91
CA ILE CA 117 0.75 83.50 18.13
C ILE CA 117 1.72 82.34 18.21
N ARG CA 118 1.20 81.11 18.18
CA ARG CA 118 1.96 79.86 18.36
C ARG CA 118 3.03 79.99 19.43
N ALA CA 119 2.60 80.41 20.62
CA ALA CA 119 3.50 80.40 21.77
C ALA CA 119 3.71 78.96 22.24
N HIS CA 120 4.57 78.80 23.24
CA HIS CA 120 4.80 77.47 23.79
C HIS CA 120 3.53 76.92 24.44
N ARG CA 121 2.81 77.77 25.18
CA ARG CA 121 1.57 77.32 25.80
C ARG CA 121 0.49 77.06 24.76
N GLY CA 122 0.53 77.80 23.65
CA GLY CA 122 -0.41 77.55 22.58
C GLY CA 122 -0.21 76.19 21.93
N LEU CA 123 1.05 75.83 21.67
CA LEU CA 123 1.35 74.54 21.08
C LEU CA 123 1.07 73.41 22.06
N ARG CA 124 1.44 73.60 23.34
CA ARG CA 124 1.17 72.59 24.34
C ARG CA 124 -0.33 72.36 24.49
N HIS CA 125 -1.12 73.43 24.44
CA HIS CA 125 -2.57 73.28 24.48
C HIS CA 125 -3.10 72.61 23.22
N PHE CA 126 -2.43 72.85 22.08
CA PHE CA 126 -2.84 72.23 20.83
C PHE CA 126 -2.70 70.71 20.91
N TRP CA 127 -1.58 70.23 21.43
CA TRP CA 127 -1.34 68.81 21.53
C TRP CA 127 -2.09 68.16 22.68
N GLY CA 128 -2.72 68.96 23.55
CA GLY CA 128 -3.44 68.44 24.68
C GLY CA 128 -2.59 68.14 25.90
N LEU CA 129 -1.31 68.53 25.89
CA LEU CA 129 -0.42 68.25 27.00
C LEU CA 129 -0.59 69.28 28.12
N ARG CA 130 0.15 69.07 29.21
CA ARG CA 130 0.18 70.05 30.29
C ARG CA 130 0.86 71.33 29.82
N VAL CA 131 0.43 72.45 30.39
CA VAL CA 131 0.99 73.74 30.03
C VAL CA 131 1.68 74.44 31.20
N ARG CA 132 1.46 73.99 32.43
CA ARG CA 132 2.03 74.64 33.60
C ARG CA 132 3.44 74.13 33.91
N GLY CA 133 4.09 73.47 32.96
CA GLY CA 133 5.50 73.17 33.08
C GLY CA 133 5.87 72.14 34.11
N GLN CA 134 4.95 71.27 34.47
CA GLN CA 134 5.24 70.22 35.45
C GLN CA 134 5.74 68.96 34.75
N HIS CA 135 6.24 68.03 35.54
CA HIS CA 135 6.74 66.78 34.99
C HIS CA 135 5.60 65.96 34.40
N THR CA 136 5.83 65.40 33.22
CA THR CA 136 4.87 64.57 32.51
C THR CA 136 5.28 63.10 32.51
N LYS CA 137 6.27 62.74 33.31
CA LYS CA 137 6.89 61.43 33.18
C LYS CA 137 5.93 60.30 33.55
N THR CA 138 5.30 60.40 34.72
CA THR CA 138 4.51 59.28 35.23
C THR CA 138 3.06 59.64 35.55
N THR CA 139 2.67 60.90 35.43
CA THR CA 139 1.29 61.29 35.71
C THR CA 139 0.60 61.73 34.43
N GLY CA 140 -0.69 62.02 34.55
CA GLY CA 140 -1.47 62.32 33.37
C GLY CA 140 -1.73 61.12 32.49
N ARG CA 141 -1.65 59.91 33.05
CA ARG CA 141 -1.86 58.69 32.29
C ARG CA 141 -3.31 58.25 32.26
N ARG CA 142 -4.14 58.76 33.18
CA ARG CA 142 -5.55 58.41 33.17
C ARG CA 142 -6.25 58.92 31.92
N GLY CA 143 -5.95 60.15 31.52
CA GLY CA 143 -6.47 60.73 30.31
C GLY CA 143 -5.83 60.25 29.04
N ARG CA 144 -4.90 59.30 29.12
CA ARG CA 144 -4.28 58.69 27.96
C ARG CA 144 -4.69 57.24 27.76
N THR CA 145 -4.50 56.39 28.75
CA THR CA 145 -4.89 54.98 28.65
C THR CA 145 -5.54 54.50 29.93
N PRO DA 1 -15.63 90.33 97.54
CA PRO DA 1 -15.91 89.39 96.44
C PRO DA 1 -15.71 90.03 95.07
N GLY DA 2 -14.50 90.54 94.82
CA GLY DA 2 -14.22 91.21 93.56
C GLY DA 2 -14.22 90.24 92.38
N VAL DA 3 -14.41 90.81 91.20
CA VAL DA 3 -14.44 90.05 89.95
C VAL DA 3 -13.36 90.57 89.04
N THR DA 4 -12.50 89.67 88.58
CA THR DA 4 -11.49 89.97 87.57
C THR DA 4 -11.77 89.12 86.33
N VAL DA 5 -11.41 89.65 85.16
CA VAL DA 5 -11.67 88.95 83.92
C VAL DA 5 -10.93 87.61 83.88
N LYS DA 6 -9.79 87.51 84.55
CA LYS DA 6 -9.06 86.26 84.62
C LYS DA 6 -9.74 85.21 85.50
N ASP DA 7 -10.80 85.58 86.22
CA ASP DA 7 -11.46 84.67 87.14
C ASP DA 7 -12.67 83.97 86.52
N VAL DA 8 -12.99 84.23 85.27
CA VAL DA 8 -14.17 83.64 84.64
C VAL DA 8 -13.81 83.03 83.29
N ASN DA 9 -14.81 82.52 82.58
CA ASN DA 9 -14.62 81.99 81.25
C ASN DA 9 -14.33 83.13 80.27
N GLN DA 10 -13.22 83.01 79.54
CA GLN DA 10 -12.89 84.01 78.55
C GLN DA 10 -13.86 83.98 77.36
N GLN DA 11 -14.32 82.80 76.99
CA GLN DA 11 -15.18 82.67 75.80
C GLN DA 11 -16.50 83.40 76.00
N GLU DA 12 -17.10 83.29 77.19
CA GLU DA 12 -18.33 84.03 77.43
C GLU DA 12 -18.06 85.52 77.54
N PHE DA 13 -16.87 85.89 77.99
CA PHE DA 13 -16.55 87.31 78.16
C PHE DA 13 -16.34 88.00 76.81
N VAL DA 14 -15.66 87.33 75.88
CA VAL DA 14 -15.29 87.99 74.63
C VAL DA 14 -16.52 88.29 73.77
N ARG DA 15 -17.54 87.43 73.85
CA ARG DA 15 -18.79 87.74 73.17
C ARG DA 15 -19.50 88.91 73.84
N ALA DA 16 -19.41 89.00 75.16
CA ALA DA 16 -20.05 90.09 75.89
C ALA DA 16 -19.46 91.44 75.50
N LEU DA 17 -18.14 91.51 75.35
CA LEU DA 17 -17.50 92.78 75.03
C LEU DA 17 -17.70 93.16 73.58
N ALA DA 18 -17.81 92.17 72.68
CA ALA DA 18 -18.06 92.48 71.28
C ALA DA 18 -19.42 93.14 71.09
N ALA DA 19 -20.44 92.64 71.78
CA ALA DA 19 -21.76 93.28 71.72
C ALA DA 19 -21.76 94.63 72.43
N PHE DA 20 -20.95 94.76 73.48
CA PHE DA 20 -20.81 96.05 74.16
C PHE DA 20 -20.25 97.09 73.22
N LEU DA 21 -19.28 96.70 72.39
CA LEU DA 21 -18.76 97.62 71.39
C LEU DA 21 -19.78 97.85 70.29
N LYS DA 22 -20.65 96.88 70.04
CA LYS DA 22 -21.62 97.00 68.96
C LYS DA 22 -22.60 98.14 69.20
N LYS DA 23 -23.09 98.27 70.43
CA LYS DA 23 -24.02 99.36 70.73
C LYS DA 23 -23.32 100.71 70.70
N SER DA 24 -22.09 100.79 71.20
CA SER DA 24 -21.31 102.03 71.20
C SER DA 24 -20.42 101.98 69.96
N GLY DA 25 -21.01 102.26 68.81
CA GLY DA 25 -20.31 102.11 67.55
C GLY DA 25 -19.43 103.28 67.17
N LYS DA 26 -18.82 103.93 68.16
CA LYS DA 26 -17.84 104.98 67.88
C LYS DA 26 -16.53 104.43 67.35
N LEU DA 27 -16.34 103.11 67.39
CA LEU DA 27 -15.12 102.49 66.90
C LEU DA 27 -15.02 102.64 65.39
N LYS DA 28 -13.79 102.83 64.91
CA LYS DA 28 -13.53 103.01 63.48
C LYS DA 28 -13.63 101.67 62.79
N VAL DA 29 -14.81 101.37 62.25
CA VAL DA 29 -15.03 100.16 61.47
C VAL DA 29 -14.75 100.51 60.01
N PRO DA 30 -13.68 100.00 59.39
CA PRO DA 30 -13.29 100.45 58.06
C PRO DA 30 -14.26 100.02 56.97
N GLU DA 31 -14.00 100.50 55.75
CA GLU DA 31 -14.92 100.35 54.64
C GLU DA 31 -14.83 99.01 53.93
N TRP DA 32 -13.83 98.18 54.25
CA TRP DA 32 -13.65 96.90 53.57
C TRP DA 32 -13.96 95.71 54.46
N VAL DA 33 -14.66 95.93 55.58
CA VAL DA 33 -14.93 94.84 56.52
C VAL DA 33 -15.81 93.77 55.88
N ASP DA 34 -16.58 94.13 54.87
CA ASP DA 34 -17.44 93.19 54.19
C ASP DA 34 -16.73 92.45 53.06
N THR DA 35 -15.43 92.65 52.88
CA THR DA 35 -14.71 92.14 51.71
C THR DA 35 -13.65 91.09 52.06
N VAL DA 36 -12.71 91.43 52.94
CA VAL DA 36 -11.46 90.69 53.04
C VAL DA 36 -11.60 89.44 53.90
N LYS DA 37 -10.65 88.52 53.75
CA LYS DA 37 -10.47 87.43 54.69
C LYS DA 37 -9.58 87.91 55.83
N LEU DA 38 -9.82 87.34 57.02
CA LEU DA 38 -9.07 87.74 58.19
C LEU DA 38 -7.65 87.22 58.19
N ALA DA 39 -7.30 86.34 57.25
CA ALA DA 39 -6.00 85.68 57.25
C ALA DA 39 -5.66 85.19 55.87
N LYS DA 40 -4.38 84.94 55.65
CA LYS DA 40 -3.94 84.27 54.41
C LYS DA 40 -4.29 82.80 54.42
N HIS DA 41 -4.26 82.17 55.59
CA HIS DA 41 -4.49 80.74 55.71
C HIS DA 41 -5.96 80.37 55.73
N LYS DA 42 -6.86 81.36 55.67
CA LYS DA 42 -8.29 81.11 55.70
C LYS DA 42 -8.85 81.25 54.29
N GLU DA 43 -9.66 80.27 53.88
CA GLU DA 43 -10.24 80.32 52.55
C GLU DA 43 -11.55 81.09 52.53
N LEU DA 44 -12.30 81.09 53.63
CA LEU DA 44 -13.62 81.71 53.66
C LEU DA 44 -13.64 82.87 54.66
N ALA DA 45 -14.30 83.96 54.26
CA ALA DA 45 -14.49 85.07 55.15
C ALA DA 45 -15.45 84.68 56.28
N PRO DA 46 -15.27 85.23 57.48
CA PRO DA 46 -16.12 84.83 58.62
C PRO DA 46 -17.58 85.17 58.40
N TYR DA 47 -18.45 84.33 58.98
CA TYR DA 47 -19.88 84.47 58.78
C TYR DA 47 -20.42 85.71 59.47
N ASP DA 48 -19.89 86.04 60.65
CA ASP DA 48 -20.41 87.17 61.41
C ASP DA 48 -20.04 88.48 60.75
N GLU DA 49 -21.04 89.34 60.54
CA GLU DA 49 -20.79 90.64 59.94
C GLU DA 49 -20.00 91.53 60.89
N ASN DA 50 -20.29 91.46 62.18
CA ASN DA 50 -19.51 92.19 63.18
C ASN DA 50 -18.36 91.34 63.69
N TRP DA 51 -17.61 90.76 62.75
CA TRP DA 51 -16.34 90.14 63.11
C TRP DA 51 -15.32 91.19 63.52
N PHE DA 52 -15.49 92.42 63.04
CA PHE DA 52 -14.61 93.50 63.47
C PHE DA 52 -14.78 93.77 64.96
N TYR DA 53 -16.02 93.75 65.43
CA TYR DA 53 -16.26 93.86 66.87
C TYR DA 53 -15.80 92.61 67.59
N THR DA 54 -15.73 91.49 66.89
CA THR DA 54 -15.21 90.26 67.49
C THR DA 54 -13.70 90.34 67.66
N ARG DA 55 -12.98 90.80 66.63
CA ARG DA 55 -11.54 90.90 66.71
C ARG DA 55 -11.11 91.94 67.72
N ALA DA 56 -11.80 93.08 67.76
CA ALA DA 56 -11.51 94.11 68.75
C ALA DA 56 -11.72 93.57 70.16
N ALA DA 57 -12.81 92.84 70.38
CA ALA DA 57 -13.06 92.23 71.68
C ALA DA 57 -12.00 91.19 72.01
N SER DA 58 -11.51 90.48 71.00
CA SER DA 58 -10.54 89.43 71.23
C SER DA 58 -9.18 89.99 71.61
N THR DA 59 -8.74 91.04 70.93
CA THR DA 59 -7.41 91.57 71.18
C THR DA 59 -7.33 92.34 72.50
N ALA DA 60 -8.42 93.03 72.88
CA ALA DA 60 -8.40 93.76 74.14
C ALA DA 60 -8.27 92.81 75.31
N ARG DA 61 -8.97 91.68 75.26
CA ARG DA 61 -8.82 90.65 76.29
C ARG DA 61 -7.40 90.11 76.32
N HIS DA 62 -6.77 89.99 75.15
CA HIS DA 62 -5.40 89.52 75.08
C HIS DA 62 -4.43 90.53 75.70
N LEU DA 63 -4.68 91.82 75.47
CA LEU DA 63 -3.77 92.84 75.98
C LEU DA 63 -3.73 92.85 77.50
N TYR DA 64 -4.84 92.51 78.15
CA TYR DA 64 -4.82 92.40 79.61
C TYR DA 64 -3.96 91.22 80.05
N LEU DA 65 -3.97 90.14 79.28
CA LEU DA 65 -3.12 88.99 79.61
C LEU DA 65 -1.64 89.37 79.58
N ARG DA 66 -1.23 90.09 78.55
CA ARG DA 66 0.14 90.57 78.44
C ARG DA 66 0.19 91.72 77.44
N GLY DA 67 0.88 92.79 77.82
CA GLY DA 67 1.08 93.93 76.97
C GLY DA 67 2.40 93.88 76.23
N GLY DA 68 2.68 94.96 75.51
CA GLY DA 68 3.89 95.06 74.72
C GLY DA 68 3.84 94.39 73.38
N ALA DA 69 2.73 93.73 73.06
CA ALA DA 69 2.60 93.06 71.76
C ALA DA 69 2.46 94.08 70.65
N GLY DA 70 3.01 93.74 69.48
CA GLY DA 70 2.88 94.54 68.30
C GLY DA 70 1.94 93.91 67.28
N VAL DA 71 2.04 94.41 66.04
CA VAL DA 71 1.25 93.85 64.96
C VAL DA 71 1.68 92.42 64.66
N GLY DA 72 2.99 92.18 64.64
CA GLY DA 72 3.49 90.83 64.41
C GLY DA 72 3.12 89.88 65.53
N SER DA 73 3.15 90.35 66.77
CA SER DA 73 2.77 89.50 67.89
C SER DA 73 1.30 89.12 67.83
N MET DA 74 0.45 90.06 67.40
CA MET DA 74 -0.96 89.75 67.25
C MET DA 74 -1.19 88.74 66.13
N THR DA 75 -0.60 88.98 64.96
CA THR DA 75 -0.83 88.08 63.84
C THR DA 75 -0.22 86.71 64.09
N LYS DA 76 0.75 86.62 65.01
CA LYS DA 76 1.23 85.31 65.44
C LYS DA 76 0.18 84.61 66.30
N ILE DA 77 -0.43 85.33 67.23
CA ILE DA 77 -1.44 84.74 68.10
C ILE DA 77 -2.65 84.30 67.28
N TYR DA 78 -3.06 85.14 66.33
CA TYR DA 78 -4.24 84.88 65.52
C TYR DA 78 -3.95 84.00 64.31
N GLY DA 79 -2.73 83.50 64.17
CA GLY DA 79 -2.43 82.58 63.09
C GLY DA 79 -3.13 81.26 63.25
N GLY DA 80 -3.18 80.49 62.16
CA GLY DA 80 -3.89 79.24 62.14
C GLY DA 80 -3.40 78.30 61.06
N ARG DA 81 -3.87 77.06 61.10
CA ARG DA 81 -3.41 76.04 60.18
C ARG DA 81 -3.86 76.37 58.75
N GLN DA 82 -2.94 76.21 57.80
CA GLN DA 82 -3.23 76.37 56.39
C GLN DA 82 -3.23 75.00 55.72
N ARG DA 83 -4.32 74.67 55.03
CA ARG DA 83 -4.42 73.37 54.39
C ARG DA 83 -3.43 73.23 53.25
N ASN DA 84 -3.26 74.28 52.45
CA ASN DA 84 -2.26 74.36 51.37
C ASN DA 84 -2.50 73.34 50.27
N GLY DA 85 -3.69 72.75 50.22
CA GLY DA 85 -4.04 71.88 49.10
C GLY DA 85 -3.28 70.57 49.15
N VAL DA 86 -2.70 70.19 48.01
CA VAL DA 86 -2.04 68.90 47.87
C VAL DA 86 -0.80 68.80 48.75
N MET DA 87 -0.10 69.90 48.95
CA MET DA 87 1.08 69.91 49.79
C MET DA 87 0.68 69.66 51.25
N PRO DA 88 1.60 69.14 52.06
CA PRO DA 88 1.30 68.98 53.48
C PRO DA 88 1.03 70.33 54.14
N SER DA 89 0.19 70.29 55.17
CA SER DA 89 -0.28 71.51 55.82
C SER DA 89 0.87 72.26 56.47
N HIS DA 90 0.78 73.59 56.44
CA HIS DA 90 1.71 74.48 57.10
C HIS DA 90 0.95 75.35 58.11
N PHE DA 91 1.69 76.23 58.76
CA PHE DA 91 1.11 77.26 59.61
C PHE DA 91 1.31 78.62 58.96
N SER DA 92 0.31 79.49 59.04
CA SER DA 92 0.39 80.83 58.51
C SER DA 92 -0.27 81.80 59.47
N ARG DA 93 0.16 83.06 59.41
CA ARG DA 93 -0.39 84.10 60.26
C ARG DA 93 -1.64 84.70 59.62
N GLY DA 94 -2.17 85.74 60.26
CA GLY DA 94 -3.36 86.41 59.81
C GLY DA 94 -3.07 87.54 58.84
N SER DA 95 -3.99 88.49 58.79
CA SER DA 95 -3.85 89.66 57.94
C SER DA 95 -3.27 90.81 58.76
N LYS DA 96 -2.18 91.40 58.26
CA LYS DA 96 -1.46 92.42 59.02
C LYS DA 96 -2.27 93.71 59.15
N SER DA 97 -2.87 94.16 58.05
CA SER DA 97 -3.65 95.39 58.10
C SER DA 97 -4.92 95.22 58.92
N VAL DA 98 -5.47 94.01 58.97
CA VAL DA 98 -6.65 93.78 59.80
C VAL DA 98 -6.30 94.02 61.27
N ALA DA 99 -5.19 93.46 61.73
CA ALA DA 99 -4.75 93.72 63.09
C ALA DA 99 -4.34 95.18 63.27
N ARG DA 100 -3.71 95.77 62.25
CA ARG DA 100 -3.24 97.15 62.36
C ARG DA 100 -4.40 98.12 62.49
N ARG DA 101 -5.47 97.92 61.73
CA ARG DA 101 -6.60 98.84 61.78
C ARG DA 101 -7.46 98.60 63.01
N VAL DA 102 -7.53 97.36 63.51
CA VAL DA 102 -8.15 97.13 64.80
C VAL DA 102 -7.38 97.85 65.89
N LEU DA 103 -6.06 97.74 65.86
CA LEU DA 103 -5.24 98.38 66.88
C LEU DA 103 -5.34 99.89 66.80
N GLN DA 104 -5.38 100.45 65.59
CA GLN DA 104 -5.50 101.90 65.44
C GLN DA 104 -6.83 102.41 65.98
N ALA DA 105 -7.91 101.67 65.71
CA ALA DA 105 -9.22 102.07 66.20
C ALA DA 105 -9.32 101.98 67.72
N LEU DA 106 -8.49 101.15 68.35
CA LEU DA 106 -8.51 101.05 69.80
C LEU DA 106 -8.08 102.35 70.47
N GLU DA 107 -7.06 103.01 69.92
CA GLU DA 107 -6.73 104.33 70.44
C GLU DA 107 -7.82 105.35 70.09
N GLY DA 108 -8.58 105.09 69.03
CA GLY DA 108 -9.76 105.91 68.78
C GLY DA 108 -10.79 105.77 69.89
N LEU DA 109 -10.86 104.59 70.51
CA LEU DA 109 -11.65 104.41 71.71
C LEU DA 109 -10.91 104.91 72.95
N LYS DA 110 -9.61 105.19 72.82
CA LYS DA 110 -8.79 105.73 73.91
C LYS DA 110 -8.74 104.76 75.09
N MET DA 111 -8.41 103.50 74.80
CA MET DA 111 -8.30 102.47 75.81
C MET DA 111 -6.96 101.75 75.81
N VAL DA 112 -6.12 101.99 74.81
CA VAL DA 112 -4.80 101.38 74.68
C VAL DA 112 -3.83 102.47 74.26
N GLU DA 113 -2.62 102.46 74.81
CA GLU DA 113 -1.60 103.42 74.42
C GLU DA 113 -0.37 102.69 73.90
N LYS DA 114 0.31 103.32 72.95
CA LYS DA 114 1.59 102.80 72.49
C LYS DA 114 2.61 102.91 73.61
N ASP DA 115 3.48 101.91 73.71
CA ASP DA 115 4.42 101.86 74.81
C ASP DA 115 5.61 102.78 74.55
N GLN DA 116 6.42 102.94 75.60
CA GLN DA 116 7.71 103.61 75.42
C GLN DA 116 8.60 102.82 74.47
N ASP DA 117 8.57 101.49 74.58
CA ASP DA 117 9.22 100.61 73.63
C ASP DA 117 8.22 100.24 72.54
N GLY DA 118 8.56 99.26 71.71
CA GLY DA 118 7.65 98.82 70.68
C GLY DA 118 6.45 98.09 71.28
N GLY DA 119 5.35 98.11 70.53
CA GLY DA 119 4.11 97.51 71.00
C GLY DA 119 3.22 98.51 71.71
N ARG DA 120 2.14 97.97 72.27
CA ARG DA 120 1.15 98.78 72.97
C ARG DA 120 0.64 98.01 74.18
N LYS DA 121 0.06 98.74 75.12
CA LYS DA 121 -0.48 98.15 76.35
C LYS DA 121 -1.75 98.90 76.73
N LEU DA 122 -2.41 98.40 77.78
CA LEU DA 122 -3.68 98.95 78.21
C LEU DA 122 -3.52 100.27 78.94
N THR DA 123 -4.46 101.17 78.71
CA THR DA 123 -4.66 102.30 79.61
C THR DA 123 -5.50 101.86 80.80
N PRO DA 124 -5.40 102.56 81.93
CA PRO DA 124 -6.33 102.28 83.04
C PRO DA 124 -7.79 102.49 82.66
N GLN DA 125 -8.06 103.32 81.65
CA GLN DA 125 -9.43 103.44 81.15
C GLN DA 125 -9.90 102.14 80.52
N GLY DA 126 -9.07 101.55 79.67
CA GLY DA 126 -9.42 100.28 79.08
C GLY DA 126 -9.45 99.16 80.10
N GLN DA 127 -8.52 99.18 81.05
CA GLN DA 127 -8.54 98.19 82.13
C GLN DA 127 -9.80 98.33 82.97
N ARG DA 128 -10.33 99.55 83.09
CA ARG DA 128 -11.60 99.74 83.78
C ARG DA 128 -12.73 99.07 83.02
N ASP DA 129 -12.73 99.17 81.68
CA ASP DA 129 -13.85 98.66 80.89
C ASP DA 129 -13.81 97.15 80.76
N LEU DA 130 -12.61 96.58 80.61
CA LEU DA 130 -12.48 95.12 80.51
C LEU DA 130 -13.01 94.45 81.77
N ASP DA 131 -12.67 95.00 82.94
CA ASP DA 131 -13.18 94.46 84.18
C ASP DA 131 -14.62 94.90 84.44
N ARG DA 132 -15.07 95.97 83.78
CA ARG DA 132 -16.45 96.40 83.91
C ARG DA 132 -17.40 95.36 83.33
N ILE DA 133 -17.05 94.78 82.19
CA ILE DA 133 -17.88 93.73 81.61
C ILE DA 133 -17.59 92.40 82.28
N ALA DA 134 -16.43 92.27 82.93
CA ALA DA 134 -16.13 91.06 83.67
C ALA DA 134 -17.10 90.86 84.83
N GLY DA 135 -17.48 91.95 85.50
CA GLY DA 135 -18.38 91.83 86.63
C GLY DA 135 -19.76 91.33 86.23
N GLN DA 136 -20.32 91.89 85.15
CA GLN DA 136 -21.67 91.52 84.77
C GLN DA 136 -21.73 90.14 84.12
N VAL DA 137 -20.66 89.73 83.43
CA VAL DA 137 -20.66 88.39 82.85
C VAL DA 137 -20.42 87.36 83.94
N ALA DA 138 -19.81 87.76 85.05
CA ALA DA 138 -19.69 86.87 86.20
C ALA DA 138 -21.02 86.78 86.95
N ALA DA 139 -21.73 87.89 87.07
CA ALA DA 139 -23.05 87.87 87.70
C ALA DA 139 -24.02 87.02 86.90
N ALA DA 140 -23.98 87.13 85.57
CA ALA DA 140 -24.85 86.32 84.73
C ALA DA 140 -24.45 84.85 84.78
N ASN DA 141 -23.20 84.56 85.15
CA ASN DA 141 -22.79 83.16 85.29
C ASN DA 141 -23.45 82.51 86.50
N LYS DA 142 -23.40 83.19 87.65
CA LYS DA 142 -24.05 82.67 88.85
C LYS DA 142 -25.56 82.70 88.69
N LYS DA 143 -26.11 83.83 88.26
CA LYS DA 143 -27.54 83.98 88.09
C LYS DA 143 -27.90 84.17 86.62
CA ALA EA 1 40.34 102.94 91.49
C ALA EA 1 39.24 101.98 91.92
N ILE EA 2 38.06 102.14 91.33
CA ILE EA 2 36.91 101.28 91.58
C ILE EA 2 36.53 100.63 90.26
N HIS EA 3 36.45 99.30 90.25
CA HIS EA 3 36.16 98.58 89.02
C HIS EA 3 35.38 97.32 89.31
N ARG EA 4 34.64 96.87 88.31
CA ARG EA 4 33.94 95.58 88.33
C ARG EA 4 34.23 94.88 87.02
N ILE EA 5 34.81 93.68 87.09
CA ILE EA 5 35.26 92.96 85.90
C ILE EA 5 34.51 91.65 85.79
N ARG EA 6 33.93 91.39 84.62
CA ARG EA 6 33.30 90.12 84.32
C ARG EA 6 34.28 89.26 83.54
N ILE EA 7 34.45 88.01 83.99
CA ILE EA 7 35.30 87.04 83.32
C ILE EA 7 34.43 85.88 82.88
N THR EA 8 34.56 85.49 81.62
CA THR EA 8 33.85 84.33 81.10
C THR EA 8 34.85 83.35 80.47
N LEU EA 9 34.62 82.07 80.70
CA LEU EA 9 35.48 81.02 80.20
C LEU EA 9 34.64 80.07 79.35
N THR EA 10 35.26 79.53 78.30
CA THR EA 10 34.56 78.62 77.40
C THR EA 10 35.56 77.62 76.84
N SER EA 11 35.27 76.33 77.01
CA SER EA 11 36.16 75.27 76.55
C SER EA 11 35.33 74.09 76.10
N ARG EA 12 35.99 72.98 75.79
CA ARG EA 12 35.31 71.79 75.30
C ARG EA 12 35.27 70.64 76.30
N ASN EA 13 36.18 70.59 77.26
CA ASN EA 13 36.20 69.56 78.28
C ASN EA 13 35.89 70.20 79.63
N VAL EA 14 34.93 69.62 80.35
CA VAL EA 14 34.47 70.23 81.59
C VAL EA 14 35.50 70.07 82.70
N LYS EA 15 36.35 69.03 82.62
CA LYS EA 15 37.32 68.79 83.67
C LYS EA 15 38.32 69.93 83.78
N SER EA 16 38.96 70.29 82.66
CA SER EA 16 39.92 71.39 82.69
C SER EA 16 39.23 72.74 82.81
N LEU EA 17 37.96 72.81 82.43
CA LEU EA 17 37.20 74.05 82.61
C LEU EA 17 36.84 74.26 84.07
N GLU EA 18 36.55 73.18 84.78
CA GLU EA 18 36.31 73.30 86.22
C GLU EA 18 37.61 73.52 86.97
N LYS EA 19 38.73 73.04 86.41
CA LYS EA 19 40.02 73.29 87.02
C LYS EA 19 40.45 74.74 86.83
N VAL EA 20 40.30 75.28 85.62
CA VAL EA 20 40.62 76.69 85.38
C VAL EA 20 39.64 77.59 86.13
N CYS EA 21 38.42 77.12 86.38
CA CYS EA 21 37.52 77.87 87.25
C CYS EA 21 38.01 77.84 88.69
N ALA EA 22 38.43 76.67 89.16
CA ALA EA 22 38.72 76.49 90.58
C ALA EA 22 39.94 77.30 91.00
N ASP EA 23 41.03 77.25 90.24
CA ASP EA 23 42.28 77.85 90.68
C ASP EA 23 42.24 79.38 90.59
N LEU EA 24 41.46 79.92 89.65
CA LEU EA 24 41.36 81.38 89.54
C LEU EA 24 40.55 81.96 90.69
N ILE EA 25 39.41 81.36 91.00
CA ILE EA 25 38.58 81.87 92.10
C ILE EA 25 39.23 81.59 93.44
N ARG EA 26 40.01 80.51 93.54
CA ARG EA 26 40.68 80.19 94.80
C ARG EA 26 41.70 81.26 95.17
N GLY EA 27 42.46 81.74 94.19
CA GLY EA 27 43.43 82.79 94.46
C GLY EA 27 42.78 84.09 94.88
N ALA EA 28 41.64 84.43 94.28
CA ALA EA 28 40.89 85.60 94.71
C ALA EA 28 40.37 85.44 96.12
N LYS EA 29 40.00 84.22 96.50
CA LYS EA 29 39.53 83.97 97.86
C LYS EA 29 40.62 84.24 98.90
N GLU EA 30 41.88 84.02 98.53
CA GLU EA 30 42.98 84.39 99.40
C GLU EA 30 43.31 85.87 99.31
N LYS EA 31 43.08 86.47 98.14
CA LYS EA 31 43.35 87.89 97.91
C LYS EA 31 42.18 88.79 98.28
N ASN EA 32 41.22 88.27 99.06
CA ASN EA 32 40.02 88.96 99.55
C ASN EA 32 39.33 89.76 98.44
N LEU EA 33 38.82 89.01 97.47
CA LEU EA 33 37.94 89.53 96.44
C LEU EA 33 36.57 88.88 96.55
N LYS EA 34 35.52 89.68 96.37
CA LYS EA 34 34.15 89.17 96.46
C LYS EA 34 33.79 88.52 95.13
N VAL EA 35 33.71 87.19 95.12
CA VAL EA 35 33.60 86.41 93.89
C VAL EA 35 32.19 85.83 93.82
N LYS EA 36 31.42 86.26 92.82
CA LYS EA 36 30.15 85.62 92.54
C LYS EA 36 30.40 84.22 91.98
N GLY EA 37 29.45 83.33 92.22
CA GLY EA 37 29.60 81.94 91.87
C GLY EA 37 29.72 81.71 90.38
N PRO EA 38 30.27 80.57 89.98
CA PRO EA 38 30.39 80.25 88.56
C PRO EA 38 29.03 80.06 87.90
N VAL EA 39 28.67 80.98 87.02
CA VAL EA 39 27.39 80.94 86.33
C VAL EA 39 27.50 79.92 85.19
N ARG EA 40 26.85 78.77 85.37
CA ARG EA 40 26.89 77.72 84.35
C ARG EA 40 25.88 78.07 83.27
N MET EA 41 26.39 78.64 82.17
CA MET EA 41 25.55 78.87 81.01
C MET EA 41 25.11 77.54 80.41
N PRO EA 42 23.93 77.50 79.78
CA PRO EA 42 23.50 76.27 79.12
C PRO EA 42 24.49 75.85 78.05
N THR EA 43 24.73 74.54 77.98
CA THR EA 43 25.77 74.03 77.10
C THR EA 43 25.29 74.02 75.65
N LYS EA 44 26.10 74.56 74.76
CA LYS EA 44 25.75 74.64 73.35
C LYS EA 44 26.22 73.37 72.66
N THR EA 45 25.27 72.56 72.22
CA THR EA 45 25.55 71.27 71.59
C THR EA 45 25.53 71.47 70.08
N LEU EA 46 26.71 71.43 69.46
CA LEU EA 46 26.83 71.59 68.02
C LEU EA 46 26.71 70.22 67.37
N ARG EA 47 25.53 69.91 66.83
CA ARG EA 47 25.26 68.60 66.26
C ARG EA 47 25.19 68.70 64.74
N ILE EA 48 25.91 67.82 64.07
CA ILE EA 48 25.89 67.72 62.61
C ILE EA 48 25.65 66.26 62.24
N THR EA 49 24.69 66.05 61.35
CA THR EA 49 24.40 64.71 60.85
C THR EA 49 24.89 64.61 59.41
N THR EA 50 25.73 63.62 59.14
CA THR EA 50 26.38 63.47 57.85
C THR EA 50 26.29 62.03 57.39
N ARG EA 51 25.96 61.84 56.12
CA ARG EA 51 25.91 60.50 55.55
C ARG EA 51 27.28 59.85 55.60
N LYS EA 52 27.32 58.61 56.09
CA LYS EA 52 28.60 57.94 56.30
C LYS EA 52 29.28 57.61 54.98
N THR EA 53 28.54 57.01 54.05
CA THR EA 53 29.14 56.60 52.79
C THR EA 53 29.49 57.82 51.93
N PRO EA 54 30.58 57.75 51.16
CA PRO EA 54 30.92 58.84 50.24
C PRO EA 54 30.27 58.72 48.88
N CYS EA 55 29.60 57.62 48.59
CA CYS EA 55 29.06 57.37 47.26
C CYS EA 55 27.55 57.25 47.20
N GLY EA 56 26.89 56.94 48.31
CA GLY EA 56 25.45 56.81 48.32
C GLY EA 56 24.91 55.43 48.05
N GLU EA 57 25.64 54.38 48.41
CA GLU EA 57 25.16 53.01 48.31
C GLU EA 57 25.28 52.36 49.68
N GLY EA 58 24.21 51.72 50.11
CA GLY EA 58 24.22 51.03 51.38
C GLY EA 58 22.84 51.06 52.01
N SER EA 59 22.81 50.79 53.31
CA SER EA 59 21.56 50.75 54.07
C SER EA 59 21.18 52.11 54.63
N LYS EA 60 21.68 53.20 54.01
CA LYS EA 60 21.34 54.57 54.38
C LYS EA 60 21.66 54.85 55.85
N THR EA 61 22.94 54.78 56.17
CA THR EA 61 23.43 55.01 57.51
C THR EA 61 24.07 56.39 57.61
N TRP EA 62 23.83 57.07 58.72
CA TRP EA 62 24.30 58.42 58.95
C TRP EA 62 25.30 58.43 60.10
N ASP EA 63 25.72 59.63 60.49
CA ASP EA 63 26.69 59.84 61.54
C ASP EA 63 26.36 61.13 62.26
N ARG EA 64 26.17 61.05 63.57
CA ARG EA 64 25.76 62.19 64.39
C ARG EA 64 26.95 62.68 65.19
N PHE EA 65 27.46 63.85 64.83
CA PHE EA 65 28.63 64.44 65.45
C PHE EA 65 28.21 65.49 66.47
N GLN EA 66 28.57 65.27 67.73
CA GLN EA 66 28.29 66.20 68.80
C GLN EA 66 29.57 66.96 69.17
N MET EA 67 29.39 68.23 69.50
CA MET EA 67 30.49 69.08 69.97
C MET EA 67 29.95 69.93 71.11
N ARG EA 68 30.49 69.73 72.31
CA ARG EA 68 29.99 70.40 73.50
C ARG EA 68 30.77 71.68 73.75
N ILE EA 69 30.03 72.77 73.95
CA ILE EA 69 30.61 74.06 74.33
C ILE EA 69 30.03 74.43 75.67
N HIS EA 70 30.90 74.60 76.66
CA HIS EA 70 30.50 74.93 78.02
C HIS EA 70 31.04 76.29 78.38
N LYS EA 71 30.17 77.18 78.87
CA LYS EA 71 30.55 78.52 79.25
C LYS EA 71 30.25 78.72 80.73
N ARG EA 72 31.22 79.27 81.44
CA ARG EA 72 31.05 79.61 82.85
C ARG EA 72 31.47 81.05 83.07
N LEU EA 73 30.69 81.78 83.86
CA LEU EA 73 30.93 83.20 84.12
C LEU EA 73 31.32 83.40 85.57
N ILE EA 74 32.42 84.10 85.79
CA ILE EA 74 32.93 84.40 87.13
C ILE EA 74 33.01 85.91 87.27
N ASP EA 75 32.45 86.44 88.34
CA ASP EA 75 32.40 87.87 88.58
C ASP EA 75 33.39 88.23 89.68
N LEU EA 76 34.33 89.11 89.36
CA LEU EA 76 35.34 89.58 90.31
C LEU EA 76 35.00 91.04 90.60
N HIS EA 77 34.11 91.24 91.57
CA HIS EA 77 33.60 92.57 91.90
C HIS EA 77 33.96 92.88 93.34
N SER EA 78 35.13 93.38 93.53
CA SER EA 78 35.44 93.92 94.85
C SER EA 78 35.35 95.44 94.81
N PRO EA 79 35.05 96.09 95.93
CA PRO EA 79 34.91 97.56 95.91
C PRO EA 79 36.19 98.29 95.55
N SER EA 80 37.36 97.68 95.77
CA SER EA 80 38.63 98.35 95.52
C SER EA 80 39.12 98.04 94.10
N GLU EA 81 40.34 98.47 93.81
CA GLU EA 81 40.92 98.24 92.49
C GLU EA 81 41.32 96.77 92.35
N ILE EA 82 41.14 96.23 91.15
CA ILE EA 82 41.29 94.80 90.92
C ILE EA 82 42.35 94.51 89.87
N VAL EA 83 42.51 95.45 88.92
CA VAL EA 83 43.27 95.17 87.70
C VAL EA 83 44.73 94.90 88.03
N LYS EA 84 45.33 95.72 88.91
CA LYS EA 84 46.74 95.56 89.22
C LYS EA 84 47.00 94.30 90.02
N GLN EA 85 46.05 93.90 90.87
CA GLN EA 85 46.27 92.74 91.73
C GLN EA 85 46.33 91.45 90.92
N ILE EA 86 45.50 91.34 89.89
CA ILE EA 86 45.42 90.14 89.06
C ILE EA 86 46.10 90.47 87.73
N THR EA 87 47.34 90.00 87.57
CA THR EA 87 48.07 90.18 86.32
C THR EA 87 48.28 88.87 85.57
N SER EA 88 48.46 87.76 86.27
CA SER EA 88 48.66 86.49 85.63
C SER EA 88 47.36 85.96 85.04
N ILE EA 89 47.48 84.99 84.14
CA ILE EA 89 46.34 84.31 83.57
C ILE EA 89 46.34 82.82 83.88
N SER EA 90 47.51 82.18 83.82
CA SER EA 90 47.71 80.77 84.19
C SER EA 90 46.70 79.86 83.49
N ILE EA 91 46.58 80.05 82.19
CA ILE EA 91 45.58 79.36 81.41
C ILE EA 91 46.19 78.11 80.79
N GLU EA 92 45.34 77.20 80.34
CA GLU EA 92 45.72 75.92 79.77
C GLU EA 92 45.12 75.78 78.38
N PRO EA 93 45.69 74.92 77.53
CA PRO EA 93 45.13 74.74 76.19
C PRO EA 93 43.72 74.17 76.24
N GLY EA 94 42.93 74.53 75.24
CA GLY EA 94 41.56 74.07 75.13
C GLY EA 94 40.53 75.05 75.62
N VAL EA 95 40.93 76.09 76.33
CA VAL EA 95 40.00 77.07 76.87
C VAL EA 95 40.26 78.42 76.21
N GLU EA 96 39.20 79.21 76.08
CA GLU EA 96 39.29 80.60 75.65
C GLU EA 96 38.77 81.47 76.78
N VAL EA 97 39.58 82.42 77.22
CA VAL EA 97 39.24 83.29 78.33
C VAL EA 97 38.94 84.67 77.78
N GLU EA 98 38.33 85.50 78.64
CA GLU EA 98 37.90 86.81 78.22
C GLU EA 98 37.87 87.75 79.42
N VAL EA 99 38.32 88.99 79.21
CA VAL EA 99 38.21 90.05 80.21
C VAL EA 99 37.37 91.17 79.63
N THR EA 100 36.40 91.63 80.41
CA THR EA 100 35.55 92.74 80.01
C THR EA 100 35.11 93.49 81.25
N ILE EA 101 35.23 94.81 81.20
CA ILE EA 101 34.72 95.67 82.27
C ILE EA 101 33.19 95.58 82.26
N ALA EA 102 32.60 95.78 83.44
CA ALA EA 102 31.15 95.71 83.58
C ALA EA 102 30.45 96.88 82.90
N ASP EA 103 31.19 97.89 82.44
CA ASP EA 103 30.57 99.01 81.74
C ASP EA 103 29.90 98.55 80.44
N ALA EA 104 30.56 97.66 79.71
CA ALA EA 104 30.00 97.14 78.46
C ALA EA 104 30.03 95.62 78.46
N ARG FA 1 -31.68 53.38 48.17
CA ARG FA 1 -30.34 53.61 48.68
C ARG FA 1 -29.46 54.30 47.63
N ASP FA 2 -30.10 55.13 46.80
CA ASP FA 2 -29.39 55.96 45.84
C ASP FA 2 -29.29 57.40 46.28
N LYS FA 3 -30.34 57.93 46.92
CA LYS FA 3 -30.34 59.26 47.48
C LYS FA 3 -31.40 59.32 48.56
N LEU FA 4 -31.24 60.27 49.47
CA LEU FA 4 -32.24 60.48 50.51
C LEU FA 4 -33.21 61.59 50.17
N ASN FA 5 -32.74 62.62 49.46
CA ASN FA 5 -33.53 63.75 48.94
C ASN FA 5 -34.60 64.22 49.93
N ASN FA 6 -34.19 64.38 51.17
CA ASN FA 6 -35.09 64.85 52.21
C ASN FA 6 -35.50 66.30 51.93
N LEU FA 7 -36.70 66.66 52.36
CA LEU FA 7 -37.18 68.03 52.20
C LEU FA 7 -36.34 68.96 53.06
N VAL FA 8 -35.80 70.02 52.45
CA VAL FA 8 -35.00 70.98 53.20
C VAL FA 8 -35.87 71.74 54.20
N LEU FA 9 -37.11 72.06 53.82
CA LEU FA 9 -38.05 72.73 54.68
C LEU FA 9 -39.31 71.88 54.82
N PHE FA 10 -40.04 72.12 55.90
CA PHE FA 10 -41.26 71.35 56.18
C PHE FA 10 -42.35 71.68 55.17
N ASP FA 11 -43.32 70.78 55.10
CA ASP FA 11 -44.63 71.03 54.49
C ASP FA 11 -45.70 70.77 55.55
N LYS FA 12 -46.96 70.84 55.15
CA LYS FA 12 -48.04 70.66 56.12
C LYS FA 12 -48.07 69.26 56.71
N ALA FA 13 -47.76 68.24 55.90
CA ALA FA 13 -47.89 66.86 56.35
C ALA FA 13 -46.75 66.41 57.27
N THR FA 14 -45.64 67.14 57.31
CA THR FA 14 -44.54 66.82 58.22
C THR FA 14 -44.38 67.83 59.34
N TYR FA 15 -44.87 69.05 59.17
CA TYR FA 15 -44.87 70.02 60.27
C TYR FA 15 -45.73 69.52 61.43
N ASP FA 16 -46.89 68.96 61.12
CA ASP FA 16 -47.76 68.45 62.17
C ASP FA 16 -47.24 67.13 62.73
N LYS FA 17 -46.53 66.35 61.92
CA LYS FA 17 -45.96 65.10 62.40
C LYS FA 17 -44.86 65.36 63.42
N LEU FA 18 -44.05 66.39 63.18
CA LEU FA 18 -43.03 66.80 64.15
C LEU FA 18 -43.65 67.26 65.45
N CYS FA 19 -44.79 67.95 65.37
CA CYS FA 19 -45.39 68.59 66.54
C CYS FA 19 -46.46 67.73 67.20
N LYS FA 20 -46.64 66.48 66.78
CA LYS FA 20 -47.63 65.61 67.40
C LYS FA 20 -47.06 64.27 67.88
N GLU FA 21 -45.96 63.79 67.30
CA GLU FA 21 -45.39 62.53 67.74
C GLU FA 21 -43.90 62.57 68.05
N VAL FA 22 -43.16 63.56 67.55
CA VAL FA 22 -41.73 63.64 67.86
C VAL FA 22 -41.46 63.89 69.34
N PRO FA 23 -42.16 64.85 70.04
CA PRO FA 23 -41.98 64.98 71.48
C PRO FA 23 -42.77 63.96 72.29
N ASN FA 24 -42.73 62.70 71.85
CA ASN FA 24 -43.40 61.60 72.53
C ASN FA 24 -42.44 60.49 72.96
N TYR FA 25 -41.28 60.36 72.31
CA TYR FA 25 -40.31 59.32 72.63
C TYR FA 25 -39.03 59.94 73.18
N LYS FA 26 -38.37 59.20 74.07
CA LYS FA 26 -37.25 59.75 74.83
C LYS FA 26 -36.04 60.02 73.95
N LEU FA 27 -35.64 59.05 73.13
CA LEU FA 27 -34.44 59.17 72.30
C LEU FA 27 -34.74 60.12 71.15
N ILE FA 28 -34.39 61.39 71.33
CA ILE FA 28 -34.57 62.40 70.30
C ILE FA 28 -33.24 63.12 70.08
N THR FA 29 -32.80 63.15 68.83
CA THR FA 29 -31.65 63.91 68.36
C THR FA 29 -31.99 64.38 66.95
N PRO FA 30 -31.24 65.35 66.42
CA PRO FA 30 -31.40 65.66 64.99
C PRO FA 30 -31.14 64.47 64.10
N ALA FA 31 -30.31 63.52 64.55
CA ALA FA 31 -30.05 62.32 63.76
C ALA FA 31 -31.26 61.39 63.75
N VAL FA 32 -31.84 61.12 64.91
CA VAL FA 32 -32.90 60.11 65.00
C VAL FA 32 -34.16 60.59 64.30
N VAL FA 33 -34.53 61.86 64.52
CA VAL FA 33 -35.71 62.40 63.85
C VAL FA 33 -35.48 62.48 62.34
N SER FA 34 -34.23 62.53 61.90
CA SER FA 34 -33.94 62.56 60.47
C SER FA 34 -34.27 61.23 59.80
N GLU FA 35 -34.00 60.12 60.50
CA GLU FA 35 -34.32 58.80 59.96
C GLU FA 35 -35.77 58.40 60.23
N ARG FA 36 -36.50 59.15 61.04
CA ARG FA 36 -37.92 58.88 61.28
C ARG FA 36 -38.81 59.68 60.34
N LEU FA 37 -38.71 61.00 60.39
CA LEU FA 37 -39.58 61.88 59.62
C LEU FA 37 -39.04 62.17 58.23
N LYS FA 38 -37.86 61.68 57.89
CA LYS FA 38 -37.21 61.93 56.60
C LYS FA 38 -37.03 63.42 56.36
N ILE FA 39 -36.34 64.08 57.27
CA ILE FA 39 -36.02 65.50 57.15
C ILE FA 39 -34.52 65.66 56.91
N ARG FA 40 -34.12 66.86 56.49
CA ARG FA 40 -32.73 67.12 56.16
C ARG FA 40 -31.81 66.93 57.35
N GLY FA 41 -31.92 67.79 58.36
CA GLY FA 41 -31.05 67.69 59.52
C GLY FA 41 -30.54 69.04 59.99
N SER FA 42 -30.30 69.97 59.07
CA SER FA 42 -30.07 71.35 59.47
C SER FA 42 -31.38 72.01 59.89
N LEU FA 43 -32.46 71.71 59.17
CA LEU FA 43 -33.78 72.16 59.58
C LEU FA 43 -34.16 71.58 60.94
N ALA FA 44 -33.75 70.35 61.22
CA ALA FA 44 -34.09 69.72 62.48
C ALA FA 44 -33.49 70.47 63.66
N ARG FA 45 -32.27 70.99 63.50
CA ARG FA 45 -31.66 71.81 64.54
C ARG FA 45 -32.46 73.08 64.76
N ALA FA 46 -32.94 73.70 63.68
CA ALA FA 46 -33.76 74.89 63.80
C ALA FA 46 -35.10 74.57 64.48
N ALA FA 47 -35.71 73.44 64.14
CA ALA FA 47 -36.98 73.07 64.74
C ALA FA 47 -36.81 72.72 66.22
N LEU FA 48 -35.74 72.04 66.57
CA LEU FA 48 -35.50 71.68 67.97
C LEU FA 48 -35.32 72.92 68.83
N GLN FA 49 -34.56 73.90 68.34
CA GLN FA 49 -34.41 75.14 69.09
C GLN FA 49 -35.71 75.93 69.12
N GLU FA 50 -36.60 75.72 68.14
CA GLU FA 50 -37.95 76.27 68.25
C GLU FA 50 -38.71 75.60 69.38
N LEU FA 51 -38.60 74.28 69.50
CA LEU FA 51 -39.37 73.56 70.52
C LEU FA 51 -38.81 73.81 71.92
N LEU FA 52 -37.54 74.21 72.02
CA LEU FA 52 -36.99 74.57 73.32
C LEU FA 52 -37.53 75.93 73.77
N SER FA 53 -37.72 76.85 72.83
CA SER FA 53 -38.33 78.13 73.18
C SER FA 53 -39.81 77.97 73.48
N LYS FA 54 -40.45 76.99 72.84
CA LYS FA 54 -41.85 76.72 73.13
C LYS FA 54 -42.02 76.01 74.47
N GLY FA 55 -40.96 75.38 74.96
CA GLY FA 55 -40.94 74.86 76.32
C GLY FA 55 -41.52 73.48 76.54
N LEU FA 56 -41.76 72.72 75.47
CA LEU FA 56 -42.32 71.39 75.60
C LEU FA 56 -41.26 70.29 75.59
N ILE FA 57 -39.98 70.64 75.44
CA ILE FA 57 -38.91 69.65 75.35
C ILE FA 57 -37.73 70.12 76.19
N LYS FA 58 -37.26 69.25 77.08
CA LYS FA 58 -36.13 69.53 77.96
C LYS FA 58 -34.81 69.33 77.22
N LEU FA 59 -33.76 69.97 77.73
CA LEU FA 59 -32.39 69.84 77.25
C LEU FA 59 -31.59 68.95 78.20
N VAL FA 60 -30.60 68.24 77.65
CA VAL FA 60 -29.73 67.42 78.48
C VAL FA 60 -28.25 67.74 78.28
N SER FA 61 -27.78 67.86 77.03
CA SER FA 61 -26.34 67.92 76.78
C SER FA 61 -25.88 69.26 76.22
N LYS FA 62 -26.42 69.72 75.10
CA LYS FA 62 -26.04 71.00 74.47
C LYS FA 62 -24.53 71.06 74.21
N HIS FA 63 -24.10 70.24 73.26
CA HIS FA 63 -22.73 70.29 72.75
C HIS FA 63 -22.73 70.70 71.29
N ARG FA 64 -21.60 71.26 70.86
CA ARG FA 64 -21.49 71.85 69.52
C ARG FA 64 -21.72 70.83 68.42
N ALA FA 65 -21.38 69.56 68.67
CA ALA FA 65 -21.59 68.49 67.71
C ALA FA 65 -22.62 67.48 68.15
N GLN FA 66 -22.71 67.18 69.44
CA GLN FA 66 -23.69 66.24 69.97
C GLN FA 66 -24.60 67.02 70.92
N VAL FA 67 -25.62 67.66 70.36
CA VAL FA 67 -26.64 68.33 71.14
C VAL FA 67 -27.84 67.39 71.24
N ILE FA 68 -28.28 67.13 72.47
CA ILE FA 68 -29.30 66.14 72.76
C ILE FA 68 -30.39 66.81 73.59
N TYR FA 69 -31.62 66.35 73.42
CA TYR FA 69 -32.76 66.79 74.20
C TYR FA 69 -33.51 65.56 74.73
N THR FA 70 -34.51 65.80 75.56
CA THR FA 70 -35.26 64.73 76.19
C THR FA 70 -36.68 65.19 76.46
N ARG FA 71 -37.55 64.23 76.77
CA ARG FA 71 -38.92 64.54 77.16
C ARG FA 71 -39.00 64.78 78.66
N ASN FA 72 -40.00 65.56 79.07
CA ASN FA 72 -40.22 65.81 80.48
C ASN FA 72 -40.74 64.55 81.15
N THR FA 73 -40.67 64.54 82.49
CA THR FA 73 -41.08 63.37 83.24
C THR FA 73 -42.57 63.09 83.04
N LYS FA 74 -42.89 61.83 82.79
CA LYS FA 74 -44.26 61.39 82.53
C LYS FA 74 -44.85 60.80 83.81
N GLY FA 75 -46.01 61.31 84.21
CA GLY FA 75 -46.67 60.84 85.42
C GLY FA 75 -45.95 61.22 86.70
N ARG GA 1 -31.08 15.86 76.14
CA ARG GA 1 -30.84 15.67 74.71
C ARG GA 1 -29.60 16.43 74.27
N VAL GA 2 -29.46 17.68 74.71
CA VAL GA 2 -28.28 18.48 74.43
C VAL GA 2 -27.62 18.88 75.74
N GLN GA 3 -26.32 19.12 75.68
CA GLN GA 3 -25.55 19.44 76.87
C GLN GA 3 -25.42 20.95 77.01
N PRO GA 4 -26.00 21.55 78.05
CA PRO GA 4 -25.92 23.01 78.20
C PRO GA 4 -24.55 23.46 78.68
N ILE GA 5 -24.33 24.77 78.59
CA ILE GA 5 -23.03 25.35 78.90
C ILE GA 5 -22.73 25.23 80.39
N LYS GA 6 -21.51 24.80 80.71
CA LYS GA 6 -21.04 24.77 82.09
C LYS GA 6 -19.67 25.41 82.17
N LEU GA 7 -19.10 25.48 83.37
CA LEU GA 7 -17.86 26.22 83.61
C LEU GA 7 -16.81 25.30 84.18
N ALA GA 8 -15.55 25.58 83.83
CA ALA GA 8 -14.42 24.84 84.36
C ALA GA 8 -13.29 25.80 84.69
N ARG GA 9 -12.51 25.45 85.71
CA ARG GA 9 -11.45 26.30 86.22
C ARG GA 9 -10.08 25.72 85.87
N VAL GA 10 -9.24 26.54 85.25
CA VAL GA 10 -7.85 26.17 85.00
C VAL GA 10 -7.11 26.06 86.32
N THR GA 11 -6.36 24.98 86.49
CA THR GA 11 -5.53 24.79 87.67
C THR GA 11 -4.04 24.90 87.37
N LYS GA 12 -3.59 24.37 86.23
CA LYS GA 12 -2.17 24.37 85.89
C LYS GA 12 -2.00 24.64 84.40
N VAL GA 13 -0.87 25.23 84.05
CA VAL GA 13 -0.53 25.51 82.66
C VAL GA 13 0.45 24.46 82.18
N LEU GA 14 0.08 23.75 81.11
CA LEU GA 14 0.93 22.69 80.57
C LEU GA 14 2.04 23.26 79.70
N GLY GA 15 1.68 24.12 78.76
CA GLY GA 15 2.65 24.67 77.82
C GLY GA 15 1.95 25.14 76.57
N ARG GA 16 2.76 25.67 75.66
CA ARG GA 16 2.21 26.17 74.40
C ARG GA 16 1.90 25.02 73.45
N THR GA 17 1.07 25.32 72.46
CA THR GA 17 0.68 24.35 71.45
C THR GA 17 0.19 25.11 70.22
N GLY GA 18 -0.19 24.37 69.18
CA GLY GA 18 -0.60 24.98 67.93
C GLY GA 18 0.54 25.36 67.02
N SER GA 19 1.78 25.08 67.41
CA SER GA 19 3.00 25.37 66.65
C SER GA 19 3.14 26.84 66.30
N GLN GA 20 2.37 27.71 66.96
CA GLN GA 20 2.57 29.16 66.90
C GLN GA 20 2.47 29.84 68.25
N GLY GA 21 1.80 29.25 69.24
CA GLY GA 21 1.58 29.88 70.52
C GLY GA 21 0.20 30.45 70.73
N GLN GA 22 -0.60 30.57 69.66
CA GLN GA 22 -1.96 31.11 69.77
C GLN GA 22 -2.87 30.22 70.59
N CYS GA 23 -2.48 28.98 70.85
CA CYS GA 23 -3.22 28.08 71.71
C CYS GA 23 -2.29 27.59 72.81
N THR GA 24 -2.73 27.74 74.06
CA THR GA 24 -2.00 27.25 75.22
C THR GA 24 -2.76 26.06 75.78
N GLN GA 25 -2.03 25.04 76.21
CA GLN GA 25 -2.63 23.84 76.79
C GLN GA 25 -2.58 23.97 78.30
N VAL GA 26 -3.71 23.69 78.96
CA VAL GA 26 -3.81 23.79 80.42
C VAL GA 26 -4.60 22.60 80.93
N ARG GA 27 -4.53 22.38 82.24
CA ARG GA 27 -5.29 21.36 82.93
C ARG GA 27 -6.38 22.03 83.75
N VAL GA 28 -7.60 21.56 83.60
CA VAL GA 28 -8.75 22.17 84.27
C VAL GA 28 -9.42 21.12 85.14
N GLU GA 29 -10.18 21.61 86.12
CA GLU GA 29 -11.13 20.80 86.86
C GLU GA 29 -12.46 21.53 86.85
N PHE GA 30 -13.54 20.77 86.92
CA PHE GA 30 -14.87 21.34 86.82
C PHE GA 30 -15.37 21.73 88.19
N MET GA 31 -15.85 22.98 88.31
CA MET GA 31 -16.41 23.42 89.57
C MET GA 31 -17.67 22.64 89.93
N ASP GA 32 -18.35 22.08 88.93
CA ASP GA 32 -19.52 21.26 89.21
C ASP GA 32 -19.14 19.96 89.89
N ASP GA 33 -17.99 19.39 89.53
CA ASP GA 33 -17.51 18.14 90.11
C ASP GA 33 -15.99 18.24 90.23
N THR GA 34 -15.51 18.48 91.44
CA THR GA 34 -14.08 18.66 91.66
C THR GA 34 -13.30 17.40 91.30
N SER GA 35 -13.87 16.23 91.55
CA SER GA 35 -13.22 14.98 91.16
C SER GA 35 -13.11 14.85 89.65
N ARG GA 36 -13.94 15.55 88.90
CA ARG GA 36 -13.88 15.56 87.44
C ARG GA 36 -12.88 16.61 86.99
N SER GA 37 -11.74 16.17 86.43
CA SER GA 37 -10.68 17.07 86.00
C SER GA 37 -10.07 16.55 84.70
N ILE GA 38 -10.05 17.39 83.68
CA ILE GA 38 -9.59 17.02 82.35
C ILE GA 38 -8.51 18.00 81.91
N ILE GA 39 -8.01 17.81 80.69
CA ILE GA 39 -7.01 18.68 80.09
C ILE GA 39 -7.63 19.35 78.87
N ARG GA 40 -7.60 20.68 78.84
CA ARG GA 40 -8.21 21.45 77.78
C ARG GA 40 -7.21 22.46 77.22
N ASN GA 41 -7.22 22.61 75.90
CA ASN GA 41 -6.41 23.61 75.22
C ASN GA 41 -7.26 24.83 74.94
N VAL GA 42 -6.74 26.01 75.27
CA VAL GA 42 -7.45 27.26 75.20
C VAL GA 42 -6.62 28.25 74.38
N LYS GA 43 -7.24 29.37 74.04
CA LYS GA 43 -6.55 30.46 73.36
C LYS GA 43 -6.66 31.72 74.20
N GLY GA 44 -5.74 32.65 73.96
CA GLY GA 44 -5.67 33.87 74.73
C GLY GA 44 -4.91 33.69 76.02
N PRO GA 45 -4.65 34.79 76.73
CA PRO GA 45 -3.85 34.72 77.95
C PRO GA 45 -4.61 34.09 79.09
N VAL GA 46 -3.99 33.11 79.74
CA VAL GA 46 -4.56 32.38 80.86
C VAL GA 46 -3.55 32.31 81.98
N ARG GA 47 -4.00 32.52 83.21
CA ARG GA 47 -3.18 32.28 84.38
C ARG GA 47 -3.79 31.14 85.19
N GLU GA 48 -3.15 30.82 86.31
CA GLU GA 48 -3.61 29.74 87.16
C GLU GA 48 -4.76 30.19 88.04
N GLY GA 49 -5.80 29.37 88.12
CA GLY GA 49 -6.91 29.62 89.02
C GLY GA 49 -8.09 30.32 88.41
N ASP GA 50 -8.02 30.75 87.15
CA ASP GA 50 -9.17 31.40 86.55
C ASP GA 50 -10.16 30.35 86.05
N VAL GA 51 -11.35 30.82 85.65
CA VAL GA 51 -12.44 29.97 85.20
C VAL GA 51 -12.93 30.49 83.85
N LEU GA 52 -13.29 29.57 82.96
CA LEU GA 52 -13.66 29.91 81.59
C LEU GA 52 -14.86 29.09 81.15
N THR GA 53 -15.58 29.63 80.16
CA THR GA 53 -16.79 29.02 79.63
C THR GA 53 -16.46 27.75 78.85
N LEU GA 54 -17.44 26.85 78.79
CA LEU GA 54 -17.29 25.58 78.08
C LEU GA 54 -18.63 25.19 77.49
N LEU GA 55 -18.68 25.05 76.16
CA LEU GA 55 -19.91 24.68 75.49
C LEU GA 55 -20.07 23.18 75.28
N GLU GA 56 -19.07 22.39 75.64
CA GLU GA 56 -19.15 20.95 75.50
C GLU GA 56 -18.15 20.33 76.47
N SER GA 57 -18.40 19.06 76.82
CA SER GA 57 -17.65 18.43 77.90
C SER GA 57 -16.24 18.05 77.46
N GLU GA 58 -16.11 17.16 76.50
CA GLU GA 58 -14.81 16.65 76.07
C GLU GA 58 -14.65 16.83 74.56
N ARG GA 59 -13.62 17.56 74.15
CA ARG GA 59 -13.28 17.70 72.75
C ARG GA 59 -11.93 17.08 72.41
N GLU GA 60 -10.87 17.49 73.09
CA GLU GA 60 -9.53 17.00 72.81
C GLU GA 60 -8.79 16.75 74.13
N ALA GA 61 -7.91 15.77 74.11
CA ALA GA 61 -7.07 15.46 75.27
C ALA GA 61 -5.84 14.72 74.78
N ARG GA 62 -4.66 15.28 75.07
CA ARG GA 62 -3.41 14.66 74.67
C ARG GA 62 -2.29 15.26 75.53
N ARG GA 63 -1.11 14.67 75.42
CA ARG GA 63 0.05 15.10 76.19
C ARG GA 63 1.17 15.49 75.22
N LEU GA 64 1.83 16.61 75.50
CA LEU GA 64 2.97 17.05 74.72
C LEU GA 64 4.18 16.18 75.02
N GLY HA 1 38.94 84.77 26.27
CA GLY HA 1 39.37 85.98 25.59
C GLY HA 1 40.17 86.91 26.49
N HIS HA 2 39.95 88.20 26.34
CA HIS HA 2 40.61 89.17 27.21
C HIS HA 2 39.95 89.16 28.59
N GLN HA 3 40.53 89.95 29.50
CA GLN HA 3 40.14 89.91 30.91
C GLN HA 3 38.69 90.33 31.13
N GLN HA 4 38.08 90.99 30.14
CA GLN HA 4 36.72 91.47 30.30
C GLN HA 4 35.67 90.37 30.17
N LEU HA 5 35.97 89.29 29.45
CA LEU HA 5 35.01 88.21 29.27
C LEU HA 5 35.52 86.85 29.71
N TYR HA 6 36.78 86.74 30.14
CA TYR HA 6 37.30 85.46 30.62
C TYR HA 6 36.60 84.99 31.88
N TRP HA 7 36.08 85.93 32.68
CA TRP HA 7 35.38 85.62 33.92
C TRP HA 7 34.14 86.49 34.03
N SER HA 8 33.50 86.76 32.90
CA SER HA 8 32.45 87.78 32.84
C SER HA 8 31.23 87.41 33.68
N HIS HA 9 30.82 86.14 33.64
CA HIS HA 9 29.55 85.76 34.25
C HIS HA 9 29.63 85.82 35.76
N PRO HA 10 28.73 86.52 36.43
CA PRO HA 10 28.83 86.69 37.89
C PRO HA 10 28.62 85.39 38.64
N ARG HA 11 29.28 85.30 39.80
CA ARG HA 11 29.19 84.13 40.67
C ARG HA 11 29.01 84.56 42.13
N LYS HA 12 28.02 85.41 42.38
CA LYS HA 12 27.76 85.90 43.71
C LYS HA 12 26.97 84.93 44.58
N PHE HA 13 26.45 83.84 44.01
CA PHE HA 13 25.61 82.92 44.77
C PHE HA 13 25.62 81.57 44.06
N GLY HA 14 24.80 80.65 44.58
CA GLY HA 14 24.68 79.34 44.00
C GLY HA 14 25.87 78.45 44.32
N GLN HA 15 25.84 77.24 43.74
CA GLN HA 15 26.94 76.30 43.93
C GLN HA 15 28.23 76.82 43.33
N GLY HA 16 28.14 77.65 42.29
CA GLY HA 16 29.33 78.19 41.67
C GLY HA 16 30.06 79.20 42.51
N SER HA 17 29.36 79.85 43.45
CA SER HA 17 30.03 80.81 44.31
C SER HA 17 30.83 80.13 45.41
N ARG HA 18 30.35 79.01 45.93
CA ARG HA 18 30.94 78.36 47.09
C ARG HA 18 31.52 77.01 46.69
N SER HA 19 32.77 76.78 47.04
CA SER HA 19 33.44 75.50 46.79
C SER HA 19 34.06 74.99 48.08
N CYS HA 20 34.37 73.71 48.09
CA CYS HA 20 35.01 73.10 49.24
C CYS HA 20 36.40 73.70 49.47
N ARG HA 21 36.73 73.92 50.74
CA ARG HA 21 38.03 74.48 51.08
C ARG HA 21 39.15 73.45 51.10
N VAL HA 22 38.81 72.16 51.04
CA VAL HA 22 39.80 71.09 51.11
C VAL HA 22 39.98 70.40 49.77
N CYS HA 23 38.92 69.79 49.24
CA CYS HA 23 39.00 69.06 47.99
C CYS HA 23 38.54 69.87 46.80
N SER HA 24 38.18 71.15 47.01
CA SER HA 24 37.86 72.09 45.93
C SER HA 24 36.70 71.59 45.07
N ASN HA 25 35.70 70.99 45.69
CA ASN HA 25 34.56 70.44 44.99
C ASN HA 25 33.28 71.18 45.38
N ARG HA 26 32.35 71.27 44.44
CA ARG HA 26 31.11 72.00 44.64
C ARG HA 26 29.93 71.07 44.92
N HIS HA 27 30.17 69.96 45.62
CA HIS HA 27 29.11 69.01 45.92
C HIS HA 27 29.31 68.45 47.33
N GLY HA 28 28.20 68.30 48.05
CA GLY HA 28 28.26 67.79 49.40
C GLY HA 28 28.73 68.79 50.43
N LEU HA 29 28.71 70.08 50.09
CA LEU HA 29 29.22 71.10 50.99
C LEU HA 29 28.39 71.17 52.27
N ILE HA 30 29.08 71.38 53.39
CA ILE HA 30 28.40 71.54 54.67
C ILE HA 30 28.58 72.97 55.13
N ARG HA 31 27.64 73.85 54.77
CA ARG HA 31 27.77 75.26 55.08
C ARG HA 31 27.37 75.60 56.50
N LYS HA 32 26.90 74.62 57.27
CA LYS HA 32 26.60 74.84 58.67
C LYS HA 32 27.87 75.26 59.40
N TYR HA 33 27.76 76.34 60.17
CA TYR HA 33 28.88 76.92 60.91
C TYR HA 33 30.00 77.38 59.98
N GLY HA 34 29.68 77.62 58.72
CA GLY HA 34 30.68 78.09 57.77
C GLY HA 34 31.84 77.14 57.61
N LEU HA 35 31.58 75.84 57.69
CA LEU HA 35 32.65 74.86 57.51
C LEU HA 35 33.20 74.91 56.11
N ASN HA 36 32.30 75.00 55.12
CA ASN HA 36 32.67 74.97 53.70
C ASN HA 36 33.57 73.79 53.40
N MET HA 37 33.18 72.63 53.93
CA MET HA 37 33.99 71.42 53.86
C MET HA 37 33.28 70.35 53.04
N CYS HA 38 34.07 69.55 52.36
CA CYS HA 38 33.55 68.49 51.51
C CYS HA 38 32.83 67.47 52.39
N ARG HA 39 31.77 66.86 51.84
CA ARG HA 39 30.97 65.93 52.63
C ARG HA 39 31.80 64.80 53.21
N GLN HA 40 32.86 64.41 52.51
CA GLN HA 40 33.76 63.37 52.98
C GLN HA 40 34.99 63.92 53.69
N CYS HA 41 35.46 65.11 53.31
CA CYS HA 41 36.59 65.72 54.01
C CYS HA 41 36.23 66.08 55.44
N PHE HA 42 34.95 66.35 55.70
CA PHE HA 42 34.52 66.67 57.05
C PHE HA 42 34.77 65.50 58.00
N ARG HA 43 34.42 64.29 57.56
CA ARG HA 43 34.73 63.11 58.35
C ARG HA 43 36.23 62.87 58.43
N GLN HA 44 36.97 63.27 57.40
CA GLN HA 44 38.41 63.06 57.38
C GLN HA 44 39.10 63.84 58.50
N TYR HA 45 38.65 65.07 58.74
CA TYR HA 45 39.21 65.89 59.80
C TYR HA 45 38.31 65.96 61.02
N ALA HA 46 37.42 64.97 61.20
CA ALA HA 46 36.43 65.04 62.26
C ALA HA 46 37.09 65.02 63.64
N LYS HA 47 38.08 64.14 63.82
CA LYS HA 47 38.77 64.08 65.11
C LYS HA 47 39.60 65.33 65.35
N ASP HA 48 40.28 65.82 64.31
CA ASP HA 48 41.12 67.00 64.45
C ASP HA 48 40.29 68.22 64.81
N ILE HA 49 39.12 68.38 64.18
CA ILE HA 49 38.26 69.51 64.48
C ILE HA 49 37.75 69.42 65.92
N GLY HA 50 37.39 68.23 66.36
CA GLY HA 50 36.89 68.02 67.70
C GLY HA 50 35.48 67.48 67.78
N PHE HA 51 34.86 67.14 66.66
CA PHE HA 51 33.52 66.57 66.67
C PHE HA 51 33.62 65.09 67.06
N ILE HA 52 33.08 64.75 68.22
CA ILE HA 52 33.08 63.38 68.71
C ILE HA 52 31.71 62.77 68.47
N LYS HA 53 31.64 61.45 68.50
CA LYS HA 53 30.40 60.72 68.32
C LYS HA 53 29.94 60.16 69.65
N LEU HA 54 28.70 60.46 70.03
CA LEU HA 54 28.15 60.00 71.30
C LEU HA 54 26.87 59.21 71.15
N ASP HA 55 25.96 59.64 70.28
CA ASP HA 55 24.76 58.86 70.00
C ASP HA 55 24.21 59.22 68.63
N TYR IA 1 33.28 63.89 15.63
CA TYR IA 1 34.10 65.05 15.32
C TYR IA 1 33.70 65.68 14.00
N THR IA 2 34.69 65.97 13.16
CA THR IA 2 34.48 66.52 11.82
C THR IA 2 33.66 67.82 11.90
N THR IA 3 34.31 68.83 12.48
CA THR IA 3 33.69 70.13 12.64
C THR IA 3 33.35 70.71 11.27
N PRO IA 4 32.10 71.04 11.00
CA PRO IA 4 31.73 71.50 9.64
C PRO IA 4 32.44 72.76 9.21
N LYS IA 5 32.72 73.68 10.13
CA LYS IA 5 33.37 74.92 9.77
C LYS IA 5 34.84 74.67 9.42
N LYS IA 6 35.39 75.57 8.62
CA LYS IA 6 36.82 75.55 8.35
C LYS IA 6 37.59 76.05 9.56
N ASN IA 7 38.88 75.70 9.61
CA ASN IA 7 39.72 76.14 10.71
C ASN IA 7 39.82 77.66 10.72
N LYS IA 8 39.35 78.28 11.80
CA LYS IA 8 39.35 79.73 11.89
C LYS IA 8 40.77 80.26 12.01
N HIS IA 9 41.02 81.38 11.34
CA HIS IA 9 42.37 81.95 11.26
C HIS IA 9 42.54 83.05 12.31
N LYS IA 10 43.55 82.90 13.14
CA LYS IA 10 43.97 83.99 14.02
C LYS IA 10 44.92 84.91 13.26
N ARG IA 11 44.84 86.20 13.60
CA ARG IA 11 45.42 87.24 12.77
C ARG IA 11 46.94 87.10 12.65
N LYS IA 12 47.43 87.14 11.42
CA LYS IA 12 48.84 87.29 11.14
C LYS IA 12 49.12 88.76 10.85
N LYS IA 13 49.88 89.40 11.73
CA LYS IA 13 50.14 90.82 11.60
C LYS IA 13 50.95 91.11 10.34
N VAL IA 14 50.78 92.32 9.81
CA VAL IA 14 51.41 92.72 8.56
C VAL IA 14 52.92 92.76 8.64
N LYS IA 15 53.48 92.78 9.86
CA LYS IA 15 54.92 92.85 10.09
C LYS IA 15 55.53 94.08 9.42
N LEU IA 16 55.07 95.24 9.87
CA LEU IA 16 55.56 96.51 9.36
C LEU IA 16 56.97 96.77 9.86
N ALA IA 17 57.76 97.44 9.02
CA ALA IA 17 59.11 97.85 9.38
C ALA IA 17 59.07 99.09 10.26
N VAL IA 18 60.22 99.76 10.41
CA VAL IA 18 60.32 100.92 11.28
C VAL IA 18 59.36 102.01 10.82
N LEU IA 19 58.84 102.77 11.79
CA LEU IA 19 57.84 103.81 11.55
C LEU IA 19 58.35 104.90 10.60
N LYS IA 20 59.35 105.67 11.02
CA LYS IA 20 59.93 106.75 10.23
C LYS IA 20 58.87 107.69 9.66
N TYR IA 21 57.78 107.92 10.38
CA TYR IA 21 56.76 108.83 9.89
C TYR IA 21 56.92 110.25 10.46
N TYR IA 22 58.13 110.80 10.34
CA TYR IA 22 58.32 112.24 10.52
C TYR IA 22 59.64 112.64 9.88
N LYS IA 23 59.57 113.57 8.93
CA LYS IA 23 60.66 113.89 8.02
C LYS IA 23 61.20 115.29 8.32
N VAL IA 24 62.46 115.50 7.92
CA VAL IA 24 63.13 116.78 8.09
C VAL IA 24 63.59 117.28 6.73
N ASP IA 25 63.86 118.58 6.67
CA ASP IA 25 64.25 119.24 5.42
C ASP IA 25 65.31 120.29 5.72
N GLU IA 26 65.86 120.87 4.64
CA GLU IA 26 66.96 121.84 4.64
C GLU IA 26 68.05 121.48 5.65
N ASN IA 27 68.70 120.32 5.44
CA ASN IA 27 69.76 119.80 6.31
C ASN IA 27 69.25 119.47 7.71
N GLY IA 28 67.95 119.28 7.87
CA GLY IA 28 67.38 118.95 9.16
C GLY IA 28 66.53 120.03 9.78
N LYS IA 29 65.22 119.86 9.72
CA LYS IA 29 64.26 120.73 10.40
C LYS IA 29 62.97 119.94 10.59
N ILE IA 30 62.57 119.77 11.86
CA ILE IA 30 61.50 118.83 12.16
C ILE IA 30 60.16 119.35 11.64
N SER IA 31 59.25 118.41 11.37
CA SER IA 31 57.89 118.73 10.99
C SER IA 31 57.04 117.50 11.27
N ARG IA 32 56.15 117.59 12.26
CA ARG IA 32 55.29 116.46 12.60
C ARG IA 32 54.19 116.32 11.56
N LEU IA 33 54.02 115.09 11.07
CA LEU IA 33 52.92 114.75 10.17
C LEU IA 33 51.88 113.86 10.84
N ARG IA 34 52.04 113.60 12.13
CA ARG IA 34 51.06 112.87 12.93
C ARG IA 34 50.68 113.72 14.14
N ARG IA 35 49.41 113.63 14.53
CA ARG IA 35 48.94 114.40 15.66
C ARG IA 35 49.38 113.75 16.97
N GLU IA 36 48.94 114.35 18.08
CA GLU IA 36 49.33 113.92 19.41
C GLU IA 36 48.11 113.86 20.31
N CYS IA 37 48.21 113.08 21.40
CA CYS IA 37 47.13 113.03 22.37
C CYS IA 37 46.95 114.39 23.02
N PRO IA 38 45.74 114.78 23.40
CA PRO IA 38 45.58 115.95 24.28
C PRO IA 38 45.63 115.54 25.74
N SER IA 39 46.09 114.32 26.00
CA SER IA 39 46.12 113.72 27.33
C SER IA 39 47.56 113.50 27.79
N ASP IA 40 47.71 112.86 28.94
CA ASP IA 40 48.99 112.80 29.64
C ASP IA 40 49.50 111.38 29.87
N GLU IA 41 48.72 110.36 29.56
CA GLU IA 41 49.15 108.98 29.80
C GLU IA 41 49.80 108.34 28.58
N CYS IA 42 49.22 108.48 27.38
CA CYS IA 42 49.95 108.15 26.18
C CYS IA 42 51.11 109.13 25.95
N GLY IA 43 50.98 110.35 26.47
CA GLY IA 43 52.09 111.28 26.54
C GLY IA 43 52.48 111.84 25.19
N ALA IA 44 53.53 112.67 25.21
CA ALA IA 44 54.06 113.27 23.99
C ALA IA 44 55.02 112.35 23.25
N GLY IA 45 55.43 111.23 23.86
CA GLY IA 45 56.38 110.35 23.25
C GLY IA 45 55.83 109.43 22.18
N VAL IA 46 54.52 109.46 21.98
CA VAL IA 46 53.87 108.64 20.95
C VAL IA 46 53.04 109.58 20.07
N PHE IA 47 52.80 109.13 18.86
CA PHE IA 47 51.99 109.86 17.88
C PHE IA 47 50.66 109.16 17.72
N MET IA 48 49.80 109.74 16.90
CA MET IA 48 48.45 109.25 16.68
C MET IA 48 48.38 108.42 15.41
N ALA IA 49 47.16 108.02 15.06
CA ALA IA 49 46.90 107.22 13.88
C ALA IA 49 46.48 108.10 12.71
N SER IA 50 46.41 107.48 11.53
CA SER IA 50 46.05 108.16 10.29
C SER IA 50 44.99 107.36 9.55
N HIS IA 51 43.93 106.99 10.27
CA HIS IA 51 42.78 106.38 9.61
C HIS IA 51 42.14 107.39 8.66
N PHE IA 52 41.38 106.88 7.71
CA PHE IA 52 40.93 107.70 6.59
C PHE IA 52 39.99 108.82 7.02
N ASP IA 53 39.42 108.75 8.22
CA ASP IA 53 38.52 109.82 8.66
C ASP IA 53 38.67 110.17 10.14
N ARG IA 54 39.64 109.60 10.85
CA ARG IA 54 39.82 109.96 12.25
C ARG IA 54 41.26 109.67 12.65
N HIS IA 55 41.64 110.20 13.82
CA HIS IA 55 42.97 110.04 14.38
C HIS IA 55 42.87 109.45 15.77
N TYR IA 56 43.81 108.58 16.11
CA TYR IA 56 43.68 107.72 17.29
C TYR IA 56 45.04 107.46 17.91
N CYS IA 57 45.27 107.99 19.10
CA CYS IA 57 46.43 107.58 19.87
C CYS IA 57 46.02 106.45 20.81
N GLY IA 58 46.86 105.41 20.87
CA GLY IA 58 46.38 104.07 21.16
C GLY IA 58 45.76 103.91 22.54
N LYS IA 59 46.51 104.30 23.58
CA LYS IA 59 46.13 103.95 24.95
C LYS IA 59 44.82 104.60 25.37
N CYS IA 60 44.62 105.86 25.00
CA CYS IA 60 43.43 106.57 25.45
C CYS IA 60 42.16 106.15 24.73
N CYS IA 61 42.29 105.60 23.52
CA CYS IA 61 41.15 105.18 22.71
C CYS IA 61 40.19 106.35 22.46
N LEU IA 62 40.72 107.40 21.83
CA LEU IA 62 39.98 108.61 21.54
C LEU IA 62 40.12 108.93 20.06
N THR IA 63 39.21 108.41 19.25
CA THR IA 63 39.23 108.70 17.82
C THR IA 63 38.56 110.02 17.51
N TYR IA 64 39.35 111.08 17.36
CA TYR IA 64 38.82 112.37 16.96
C TYR IA 64 38.56 112.35 15.47
N CYS IA 65 37.28 112.30 15.10
CA CYS IA 65 36.88 112.28 13.71
C CYS IA 65 36.35 113.64 13.29
N PHE IA 66 36.83 114.13 12.16
CA PHE IA 66 36.38 115.38 11.58
C PHE IA 66 35.12 115.13 10.76
N ASN IA 67 34.17 116.05 10.89
CA ASN IA 67 32.88 115.89 10.20
C ASN IA 67 32.51 117.15 9.42
N THR JA 1 13.06 38.42 139.46
CA THR JA 1 11.66 38.09 139.30
C THR JA 1 11.05 38.95 138.20
N GLU JA 2 11.92 39.60 137.43
CA GLU JA 2 11.52 40.47 136.34
C GLU JA 2 11.93 39.88 135.01
N GLN JA 3 11.08 40.06 133.99
CA GLN JA 3 11.38 39.64 132.64
C GLN JA 3 11.24 40.82 131.70
N MET JA 4 12.24 41.00 130.83
CA MET JA 4 12.21 42.06 129.83
C MET JA 4 11.34 41.59 128.67
N THR JA 5 10.04 41.78 128.79
CA THR JA 5 9.08 41.31 127.80
C THR JA 5 8.89 42.37 126.72
N LEU JA 6 8.55 41.92 125.52
CA LEU JA 6 8.35 42.81 124.39
C LEU JA 6 7.09 43.62 124.61
N ARG JA 7 7.26 44.87 125.04
CA ARG JA 7 6.11 45.74 125.30
C ARG JA 7 5.34 46.04 124.03
N GLY JA 8 6.05 46.30 122.93
CA GLY JA 8 5.38 46.62 121.69
C GLY JA 8 6.37 46.77 120.56
N THR JA 9 5.83 47.03 119.38
CA THR JA 9 6.60 47.25 118.17
C THR JA 9 6.14 48.54 117.51
N LEU JA 10 7.09 49.23 116.87
CA LEU JA 10 6.82 50.54 116.28
C LEU JA 10 7.31 50.54 114.84
N LYS JA 11 6.37 50.50 113.89
CA LYS JA 11 6.67 50.56 112.48
C LYS JA 11 6.93 52.01 112.07
N GLY JA 12 6.99 52.26 110.77
CA GLY JA 12 7.06 53.63 110.28
C GLY JA 12 8.27 53.90 109.42
N HIS JA 13 9.42 53.34 109.81
CA HIS JA 13 10.62 53.47 109.00
C HIS JA 13 10.52 52.60 107.77
N ASN JA 14 11.23 53.02 106.73
CA ASN JA 14 11.42 52.21 105.54
C ASN JA 14 12.77 51.51 105.52
N GLY JA 15 13.73 51.98 106.31
CA GLY JA 15 15.07 51.43 106.32
C GLY JA 15 15.47 51.01 107.72
N TRP JA 16 16.69 50.49 107.80
CA TRP JA 16 17.20 49.93 109.05
C TRP JA 16 17.35 51.02 110.10
N VAL JA 17 16.84 50.76 111.29
CA VAL JA 17 16.80 51.75 112.35
C VAL JA 17 18.17 51.80 113.03
N THR JA 18 19.04 52.68 112.55
CA THR JA 18 20.46 52.61 112.91
C THR JA 18 20.70 53.04 114.35
N GLN JA 19 20.02 54.09 114.80
CA GLN JA 19 20.28 54.66 116.13
C GLN JA 19 18.98 54.87 116.87
N ILE JA 20 19.04 54.69 118.20
CA ILE JA 20 17.96 55.05 119.10
C ILE JA 20 18.52 56.09 120.08
N ALA JA 21 17.88 57.25 120.15
CA ALA JA 21 18.36 58.35 120.97
C ALA JA 21 17.26 58.76 121.94
N THR JA 22 17.59 58.79 123.23
CA THR JA 22 16.64 59.12 124.29
C THR JA 22 17.19 60.28 125.11
N THR JA 23 16.29 61.08 125.65
CA THR JA 23 16.67 62.28 126.38
C THR JA 23 16.06 62.28 127.79
N PRO JA 24 16.79 62.79 128.78
CA PRO JA 24 16.20 62.90 130.12
C PRO JA 24 15.17 64.02 130.21
N GLN JA 25 15.26 65.03 129.34
CA GLN JA 25 14.28 66.11 129.36
C GLN JA 25 12.88 65.60 129.04
N PHE JA 26 12.75 64.83 127.96
CA PHE JA 26 11.45 64.36 127.48
C PHE JA 26 11.49 62.86 127.33
N PRO JA 27 11.28 62.11 128.42
CA PRO JA 27 11.16 60.66 128.30
C PRO JA 27 9.98 60.22 127.44
N ASP JA 28 8.98 61.08 127.26
CA ASP JA 28 7.86 60.82 126.37
C ASP JA 28 8.21 61.06 124.90
N MET JA 29 9.47 61.39 124.61
CA MET JA 29 9.90 61.60 123.23
C MET JA 29 11.25 60.93 123.03
N ILE JA 30 11.30 59.97 122.10
CA ILE JA 30 12.56 59.44 121.61
C ILE JA 30 12.48 59.45 120.08
N LEU JA 31 13.66 59.51 119.46
CA LEU JA 31 13.75 59.57 118.01
C LEU JA 31 14.74 58.52 117.52
N SER JA 32 14.50 58.04 116.31
CA SER JA 32 15.24 56.90 115.77
C SER JA 32 15.70 57.22 114.35
N ALA JA 33 17.00 57.07 114.11
CA ALA JA 33 17.55 57.23 112.77
C ALA JA 33 17.23 55.99 111.93
N SER JA 34 17.37 56.14 110.61
CA SER JA 34 16.93 55.08 109.71
C SER JA 34 17.68 55.18 108.38
N ARG JA 35 17.61 54.09 107.63
CA ARG JA 35 18.17 54.02 106.28
C ARG JA 35 17.25 54.62 105.22
N ASP JA 36 16.25 55.40 105.62
CA ASP JA 36 15.36 56.06 104.67
C ASP JA 36 15.67 57.54 104.51
N LYS JA 37 16.86 57.97 104.98
CA LYS JA 37 17.29 59.37 104.94
C LYS JA 37 16.31 60.29 105.67
N THR JA 38 15.57 59.73 106.63
CA THR JA 38 14.59 60.49 107.38
C THR JA 38 14.73 60.14 108.85
N ILE JA 39 14.76 61.16 109.69
CA ILE JA 39 14.78 60.99 111.13
C ILE JA 39 13.34 61.09 111.61
N ILE JA 40 12.89 60.11 112.38
CA ILE JA 40 11.52 60.08 112.89
C ILE JA 40 11.57 60.24 114.40
N MET JA 41 11.03 61.34 114.88
CA MET JA 41 10.79 61.53 116.30
C MET JA 41 9.42 60.99 116.65
N TRP JA 42 9.25 60.61 117.91
CA TRP JA 42 8.08 59.89 118.35
C TRP JA 42 7.35 60.62 119.45
N LYS JA 43 6.03 60.44 119.47
CA LYS JA 43 5.17 60.83 120.58
C LYS JA 43 4.76 59.56 121.30
N LEU JA 44 5.30 59.34 122.49
CA LEU JA 44 5.16 58.06 123.18
C LEU JA 44 3.75 57.98 123.78
N THR JA 45 2.86 57.27 123.09
CA THR JA 45 1.47 57.08 123.53
C THR JA 45 1.27 55.59 123.80
N ARG JA 46 1.36 55.21 125.08
CA ARG JA 46 1.36 53.79 125.47
C ARG JA 46 -0.07 53.34 125.77
N ASP JA 47 -0.78 52.96 124.71
CA ASP JA 47 -2.11 52.37 124.83
C ASP JA 47 -2.16 51.08 124.04
N GLU JA 48 -3.38 50.55 123.88
CA GLU JA 48 -3.54 49.23 123.26
C GLU JA 48 -3.31 49.27 121.75
N THR JA 49 -3.56 50.41 121.10
CA THR JA 49 -3.38 50.48 119.66
C THR JA 49 -1.90 50.54 119.29
N ASN JA 50 -1.16 51.46 119.90
CA ASN JA 50 0.25 51.66 119.62
C ASN JA 50 0.98 51.98 120.92
N TYR JA 51 2.31 51.90 120.87
CA TYR JA 51 3.12 52.45 121.95
C TYR JA 51 3.61 53.86 121.64
N GLY JA 52 3.58 54.28 120.38
CA GLY JA 52 3.98 55.61 120.00
C GLY JA 52 3.52 55.91 118.59
N ILE JA 53 3.70 57.16 118.21
CA ILE JA 53 3.31 57.62 116.87
C ILE JA 53 4.40 58.55 116.35
N PRO JA 54 4.78 58.46 115.07
CA PRO JA 54 5.68 59.47 114.50
C PRO JA 54 5.06 60.86 114.57
N GLN JA 55 5.86 61.84 114.94
CA GLN JA 55 5.37 63.20 115.20
C GLN JA 55 5.92 64.23 114.23
N ARG JA 56 7.24 64.31 114.08
CA ARG JA 56 7.86 65.23 113.14
C ARG JA 56 8.76 64.44 112.21
N ALA JA 57 8.79 64.84 110.94
CA ALA JA 57 9.63 64.23 109.93
C ALA JA 57 10.77 65.16 109.57
N LEU JA 58 11.99 64.67 109.65
CA LEU JA 58 13.19 65.46 109.43
C LEU JA 58 13.93 64.91 108.22
N ARG JA 59 14.06 65.72 107.18
CA ARG JA 59 14.52 65.26 105.88
C ARG JA 59 15.55 66.21 105.29
N GLY JA 60 16.45 65.63 104.49
CA GLY JA 60 17.48 66.40 103.82
C GLY JA 60 18.80 65.68 103.68
N HIS JA 61 19.01 64.65 104.47
CA HIS JA 61 20.24 63.87 104.35
C HIS JA 61 20.27 63.13 103.03
N SER JA 62 21.46 63.06 102.43
CA SER JA 62 21.62 62.46 101.11
C SER JA 62 21.83 60.95 101.16
N HIS JA 63 22.43 60.43 102.23
CA HIS JA 63 22.61 59.00 102.36
C HIS JA 63 21.97 58.51 103.65
N PHE JA 64 22.14 57.24 103.97
CA PHE JA 64 21.44 56.65 105.10
C PHE JA 64 21.92 57.25 106.41
N VAL JA 65 20.98 57.54 107.31
CA VAL JA 65 21.30 58.20 108.56
C VAL JA 65 22.03 57.22 109.48
N SER JA 66 23.13 57.67 110.07
CA SER JA 66 23.98 56.80 110.89
C SER JA 66 23.66 56.93 112.38
N ASP JA 67 23.82 58.13 112.93
CA ASP JA 67 23.73 58.35 114.36
C ASP JA 67 22.93 59.62 114.62
N VAL JA 68 22.31 59.68 115.80
CA VAL JA 68 21.57 60.86 116.20
C VAL JA 68 21.63 60.96 117.72
N VAL JA 69 21.85 62.17 118.23
CA VAL JA 69 22.01 62.42 119.66
C VAL JA 69 21.29 63.72 120.00
N ILE JA 70 20.52 63.72 121.08
CA ILE JA 70 19.87 64.94 121.54
C ILE JA 70 20.86 65.73 122.38
N SER JA 71 20.91 67.04 122.16
CA SER JA 71 21.66 67.92 123.04
C SER JA 71 21.02 67.92 124.43
N SER JA 72 21.79 68.41 125.41
CA SER JA 72 21.38 68.29 126.81
C SER JA 72 20.10 69.08 127.10
N ASP JA 73 19.84 70.15 126.35
CA ASP JA 73 18.64 70.94 126.58
C ASP JA 73 17.37 70.24 126.10
N GLY JA 74 17.48 69.20 125.29
CA GLY JA 74 16.30 68.54 124.76
C GLY JA 74 15.61 69.27 123.63
N GLN JA 75 16.21 70.35 123.12
CA GLN JA 75 15.60 71.14 122.07
C GLN JA 75 16.29 70.99 120.72
N PHE JA 76 17.45 70.36 120.67
CA PHE JA 76 18.19 70.16 119.43
C PHE JA 76 18.69 68.72 119.36
N ALA JA 77 18.91 68.24 118.14
CA ALA JA 77 19.35 66.87 117.91
C ALA JA 77 20.33 66.85 116.75
N LEU JA 78 21.57 66.46 117.03
CA LEU JA 78 22.60 66.36 116.01
C LEU JA 78 22.49 65.01 115.31
N SER JA 79 22.75 65.01 114.01
CA SER JA 79 22.66 63.81 113.21
C SER JA 79 23.91 63.67 112.34
N GLY JA 80 24.49 62.48 112.33
CA GLY JA 80 25.55 62.12 111.41
C GLY JA 80 25.04 61.06 110.46
N SER JA 81 25.40 61.17 109.19
CA SER JA 81 24.84 60.33 108.15
C SER JA 81 25.95 59.91 107.19
N TRP JA 82 25.67 58.86 106.40
CA TRP JA 82 26.66 58.35 105.46
C TRP JA 82 27.07 59.38 104.41
N ASP JA 83 26.24 60.40 104.19
CA ASP JA 83 26.52 61.40 103.16
C ASP JA 83 27.71 62.29 103.49
N GLY JA 84 28.32 62.15 104.66
CA GLY JA 84 29.44 62.97 105.06
C GLY JA 84 29.06 64.32 105.63
N THR JA 85 27.77 64.61 105.80
CA THR JA 85 27.31 65.89 106.30
C THR JA 85 26.64 65.71 107.65
N LEU JA 86 26.87 66.66 108.56
CA LEU JA 86 26.26 66.66 109.88
C LEU JA 86 25.17 67.72 109.90
N ARG JA 87 23.94 67.30 110.18
CA ARG JA 87 22.79 68.19 110.17
C ARG JA 87 22.33 68.43 111.60
N LEU JA 88 22.33 69.69 112.01
CA LEU JA 88 21.87 70.09 113.32
C LEU JA 88 20.40 70.47 113.23
N TRP JA 89 19.55 69.72 113.92
CA TRP JA 89 18.11 69.92 113.84
C TRP JA 89 17.58 70.47 115.16
N ASP JA 90 16.82 71.54 115.09
CA ASP JA 90 15.97 71.89 116.21
C ASP JA 90 14.73 71.00 116.18
N LEU JA 91 14.08 70.87 117.33
CA LEU JA 91 12.91 69.99 117.42
C LEU JA 91 11.58 70.73 117.44
N THR JA 92 11.57 72.01 117.83
CA THR JA 92 10.34 72.78 117.78
C THR JA 92 9.86 72.93 116.33
N THR JA 93 10.79 73.11 115.40
CA THR JA 93 10.46 73.29 113.99
C THR JA 93 10.93 72.18 113.08
N GLY JA 94 11.98 71.44 113.47
CA GLY JA 94 12.45 70.35 112.64
C GLY JA 94 13.22 70.77 111.41
N THR JA 95 13.89 71.91 111.46
CA THR JA 95 14.63 72.46 110.33
C THR JA 95 16.13 72.47 110.64
N THR JA 96 16.93 72.02 109.67
CA THR JA 96 18.38 72.00 109.83
C THR JA 96 18.90 73.43 109.93
N THR JA 97 19.44 73.78 111.09
CA THR JA 97 20.00 75.10 111.33
C THR JA 97 21.52 75.14 111.22
N ARG JA 98 22.16 74.02 110.91
CA ARG JA 98 23.60 73.99 110.75
C ARG JA 98 23.98 72.72 109.98
N ARG JA 99 24.94 72.85 109.08
CA ARG JA 99 25.39 71.75 108.22
C ARG JA 99 26.91 71.68 108.31
N PHE JA 100 27.41 70.94 109.30
CA PHE JA 100 28.85 70.73 109.45
C PHE JA 100 29.36 69.88 108.30
N VAL JA 101 30.28 70.41 107.51
CA VAL JA 101 30.81 69.71 106.35
C VAL JA 101 32.33 69.79 106.36
N GLY JA 102 32.96 68.79 105.74
CA GLY JA 102 34.41 68.69 105.74
C GLY JA 102 34.91 67.26 105.77
N HIS JA 103 34.07 66.33 106.21
CA HIS JA 103 34.39 64.92 106.09
C HIS JA 103 34.38 64.50 104.63
N THR JA 104 35.40 63.75 104.22
CA THR JA 104 35.54 63.32 102.84
C THR JA 104 34.79 62.04 102.53
N LYS JA 105 34.29 61.33 103.54
CA LYS JA 105 33.68 60.02 103.34
C LYS JA 105 32.55 59.85 104.35
N ASP JA 106 32.11 58.60 104.51
CA ASP JA 106 30.85 58.32 105.21
C ASP JA 106 31.02 58.52 106.71
N VAL JA 107 30.32 59.52 107.25
CA VAL JA 107 30.24 59.69 108.69
C VAL JA 107 29.31 58.64 109.25
N LEU JA 108 29.79 57.86 110.23
CA LEU JA 108 29.00 56.78 110.78
C LEU JA 108 28.62 56.97 112.24
N SER JA 109 29.15 57.98 112.91
CA SER JA 109 28.82 58.21 114.31
C SER JA 109 29.07 59.65 114.68
N VAL JA 110 28.43 60.09 115.76
CA VAL JA 110 28.57 61.45 116.29
C VAL JA 110 28.23 61.42 117.77
N ALA JA 111 29.02 62.13 118.56
CA ALA JA 111 28.83 62.19 120.01
C ALA JA 111 28.75 63.65 120.45
N PHE JA 112 28.13 63.86 121.60
CA PHE JA 112 27.87 65.19 122.13
C PHE JA 112 28.57 65.34 123.47
N SER JA 113 29.30 66.44 123.63
CA SER JA 113 29.95 66.71 124.90
C SER JA 113 28.92 67.15 125.94
N SER JA 114 29.34 67.11 127.21
CA SER JA 114 28.43 67.44 128.29
C SER JA 114 28.06 68.91 128.30
N ASP JA 115 29.02 69.79 127.99
CA ASP JA 115 28.86 71.23 128.16
C ASP JA 115 28.23 71.90 126.94
N ASN JA 116 27.73 71.12 125.98
CA ASN JA 116 26.99 71.61 124.82
C ASN JA 116 27.85 72.41 123.85
N ARG JA 117 29.16 72.41 124.03
CA ARG JA 117 30.05 73.26 123.24
C ARG JA 117 30.84 72.52 122.18
N GLN JA 118 31.06 71.22 122.35
CA GLN JA 118 31.91 70.48 121.43
C GLN JA 118 31.18 69.23 120.94
N ILE JA 119 31.34 68.95 119.65
CA ILE JA 119 30.70 67.84 118.97
C ILE JA 119 31.77 67.08 118.20
N VAL JA 120 31.81 65.77 118.36
CA VAL JA 120 32.81 64.97 117.68
C VAL JA 120 32.11 64.04 116.71
N SER JA 121 32.83 63.62 115.67
CA SER JA 121 32.25 62.83 114.59
C SER JA 121 33.23 61.76 114.15
N GLY JA 122 32.73 60.54 113.96
CA GLY JA 122 33.54 59.44 113.47
C GLY JA 122 33.14 59.05 112.07
N SER JA 123 34.12 58.76 111.21
CA SER JA 123 33.86 58.52 109.80
C SER JA 123 34.84 57.49 109.26
N ARG JA 124 34.51 56.93 108.10
CA ARG JA 124 35.36 55.98 107.41
C ARG JA 124 36.60 56.63 106.78
N ASP JA 125 36.78 57.93 106.92
CA ASP JA 125 37.95 58.61 106.36
C ASP JA 125 39.16 58.56 107.28
N LYS JA 126 39.17 57.65 108.25
CA LYS JA 126 40.29 57.40 109.15
C LYS JA 126 40.65 58.62 110.00
N THR JA 127 39.76 59.61 110.09
CA THR JA 127 40.00 60.79 110.90
C THR JA 127 38.76 61.11 111.73
N ILE JA 128 38.98 61.80 112.84
CA ILE JA 128 37.93 62.16 113.79
C ILE JA 128 37.90 63.68 113.88
N LYS JA 129 36.76 64.28 113.52
CA LYS JA 129 36.66 65.72 113.37
C LYS JA 129 35.91 66.33 114.55
N LEU JA 130 36.48 67.37 115.15
CA LEU JA 130 35.86 68.10 116.24
C LEU JA 130 35.21 69.37 115.70
N TRP JA 131 34.04 69.70 116.23
CA TRP JA 131 33.25 70.85 115.82
C TRP JA 131 32.84 71.65 117.04
N ASN JA 132 32.80 72.96 116.89
CA ASN JA 132 32.28 73.82 117.95
C ASN JA 132 30.79 74.06 117.70
N THR JA 133 30.20 74.98 118.47
CA THR JA 133 28.78 75.29 118.29
C THR JA 133 28.52 76.03 116.99
N LEU JA 134 29.46 76.88 116.56
CA LEU JA 134 29.25 77.75 115.41
C LEU JA 134 29.50 77.07 114.06
N GLY JA 135 30.04 75.85 114.06
CA GLY JA 135 30.22 75.11 112.84
C GLY JA 135 31.60 75.11 112.22
N VAL JA 136 32.64 75.45 112.98
CA VAL JA 136 34.01 75.50 112.49
C VAL JA 136 34.76 74.32 113.07
N CYS JA 137 35.42 73.54 112.21
CA CYS JA 137 36.16 72.36 112.63
C CYS JA 137 37.49 72.80 113.21
N LYS JA 138 37.57 72.86 114.55
CA LYS JA 138 38.76 73.38 115.20
C LYS JA 138 39.94 72.42 115.05
N TYR JA 139 39.70 71.11 115.14
CA TYR JA 139 40.77 70.14 114.99
C TYR JA 139 40.27 68.92 114.23
N THR JA 140 41.17 68.32 113.45
CA THR JA 140 40.96 67.04 112.80
C THR JA 140 42.01 66.08 113.34
N VAL JA 141 41.56 64.95 113.87
CA VAL JA 141 42.48 63.93 114.38
C VAL JA 141 42.97 63.10 113.20
N GLN JA 142 44.10 63.51 112.63
CA GLN JA 142 44.67 62.86 111.45
C GLN JA 142 45.89 62.01 111.77
N ASP JA 143 46.77 62.48 112.66
CA ASP JA 143 47.97 61.74 113.00
C ASP JA 143 47.74 60.98 114.30
N GLU JA 144 48.35 59.80 114.39
CA GLU JA 144 48.25 58.84 115.49
C GLU JA 144 46.84 58.27 115.63
N SER JA 145 45.90 58.65 114.76
CA SER JA 145 44.53 58.16 114.84
C SER JA 145 44.46 56.75 114.29
N HIS JA 146 43.25 56.19 114.19
CA HIS JA 146 43.08 54.88 113.60
C HIS JA 146 43.47 54.92 112.13
N SER JA 147 44.25 53.94 111.70
CA SER JA 147 44.60 53.80 110.30
C SER JA 147 43.48 53.16 109.49
N GLU JA 148 42.39 52.78 110.13
CA GLU JA 148 41.24 52.16 109.48
C GLU JA 148 39.99 52.98 109.80
N TRP JA 149 38.83 52.43 109.44
CA TRP JA 149 37.57 53.14 109.63
C TRP JA 149 37.30 53.39 111.10
N VAL JA 150 37.02 54.65 111.43
CA VAL JA 150 36.67 55.02 112.81
C VAL JA 150 35.14 55.00 112.87
N SER JA 151 34.60 53.85 113.27
CA SER JA 151 33.17 53.60 113.16
C SER JA 151 32.35 54.19 114.30
N CYS JA 152 32.98 54.60 115.41
CA CYS JA 152 32.22 55.14 116.52
C CYS JA 152 33.11 56.03 117.39
N VAL JA 153 32.53 57.10 117.91
CA VAL JA 153 33.18 58.00 118.86
C VAL JA 153 32.17 58.38 119.95
N ARG JA 154 32.62 58.45 121.20
CA ARG JA 154 31.75 58.75 122.33
C ARG JA 154 32.46 59.65 123.34
N PHE JA 155 31.75 60.68 123.80
CA PHE JA 155 32.27 61.56 124.85
C PHE JA 155 32.14 60.89 126.22
N SER JA 156 32.79 61.50 127.20
CA SER JA 156 32.73 60.99 128.56
C SER JA 156 31.59 61.67 129.33
N PRO JA 157 30.68 60.92 129.93
CA PRO JA 157 29.67 61.53 130.80
C PRO JA 157 30.25 62.05 132.10
N ASN JA 158 31.46 61.62 132.45
CA ASN JA 158 32.10 62.08 133.67
C ASN JA 158 32.49 63.54 133.54
N SER JA 159 32.19 64.33 134.58
CA SER JA 159 32.51 65.74 134.56
C SER JA 159 34.02 65.98 134.60
N SER JA 160 34.73 65.25 135.45
CA SER JA 160 36.18 65.37 135.51
C SER JA 160 36.82 64.60 134.35
N ASN JA 161 38.15 64.79 134.23
CA ASN JA 161 39.05 64.16 133.26
C ASN JA 161 38.40 63.95 131.89
N PRO JA 162 38.13 65.02 131.14
CA PRO JA 162 37.42 64.89 129.87
C PRO JA 162 38.19 64.02 128.87
N ILE JA 163 37.59 62.88 128.52
CA ILE JA 163 38.20 61.91 127.63
C ILE JA 163 37.25 61.64 126.48
N ILE JA 164 37.82 61.30 125.32
CA ILE JA 164 37.05 60.89 124.16
C ILE JA 164 37.48 59.48 123.79
N VAL JA 165 36.52 58.60 123.55
CA VAL JA 165 36.78 57.22 123.21
C VAL JA 165 36.37 57.01 121.75
N SER JA 166 37.04 56.07 121.09
CA SER JA 166 36.79 55.84 119.67
C SER JA 166 37.13 54.39 119.35
N CYS JA 167 36.28 53.76 118.55
CA CYS JA 167 36.46 52.38 118.12
C CYS JA 167 36.81 52.36 116.63
N GLY JA 168 37.79 51.54 116.27
CA GLY JA 168 38.32 51.54 114.93
C GLY JA 168 38.38 50.15 114.33
N TRP JA 169 38.46 50.12 113.01
CA TRP JA 169 38.51 48.88 112.23
C TRP JA 169 39.89 48.24 112.27
N ASP JA 170 40.87 48.88 112.89
CA ASP JA 170 42.22 48.34 113.00
C ASP JA 170 42.41 47.48 114.24
N LYS JA 171 41.32 46.88 114.75
CA LYS JA 171 41.35 46.02 115.95
C LYS JA 171 41.94 46.76 117.15
N LEU JA 172 41.60 48.05 117.28
CA LEU JA 172 42.24 48.91 118.26
C LEU JA 172 41.21 49.84 118.89
N VAL JA 173 41.38 50.09 120.19
CA VAL JA 173 40.60 51.07 120.93
C VAL JA 173 41.51 52.25 121.25
N LYS JA 174 41.09 53.44 120.87
CA LYS JA 174 41.88 54.65 121.08
C LYS JA 174 41.12 55.62 121.98
N VAL JA 175 41.81 56.16 122.97
CA VAL JA 175 41.27 57.18 123.86
C VAL JA 175 42.17 58.40 123.78
N TRP JA 176 41.57 59.57 123.65
CA TRP JA 176 42.31 60.83 123.54
C TRP JA 176 41.85 61.76 124.64
N ASN JA 177 42.80 62.33 125.37
CA ASN JA 177 42.45 63.28 126.42
C ASN JA 177 42.04 64.58 125.76
N LEU JA 178 40.78 64.98 125.96
CA LEU JA 178 40.22 66.10 125.22
C LEU JA 178 40.93 67.42 125.52
N ALA JA 179 41.65 67.50 126.63
CA ALA JA 179 42.36 68.73 126.96
C ALA JA 179 43.44 69.06 125.93
N ASN JA 180 44.22 68.05 125.52
CA ASN JA 180 45.30 68.26 124.56
C ASN JA 180 45.08 67.55 123.24
N CYS JA 181 43.96 66.83 123.08
CA CYS JA 181 43.63 66.10 121.86
C CYS JA 181 44.73 65.10 121.50
N LYS JA 182 45.40 64.56 122.52
CA LYS JA 182 46.50 63.62 122.33
C LYS JA 182 46.13 62.27 122.92
N LEU JA 183 46.76 61.22 122.37
CA LEU JA 183 46.45 59.87 122.79
C LEU JA 183 46.83 59.64 124.24
N LYS JA 184 46.02 58.86 124.94
CA LYS JA 184 46.28 58.47 126.32
C LYS JA 184 46.82 57.06 126.43
N THR JA 185 46.10 56.09 125.87
CA THR JA 185 46.56 54.70 125.86
C THR JA 185 45.81 53.95 124.77
N ASN JA 186 46.39 52.83 124.35
CA ASN JA 186 45.79 51.96 123.34
C ASN JA 186 45.35 50.67 124.01
N HIS JA 187 44.13 50.25 123.73
CA HIS JA 187 43.55 49.05 124.32
C HIS JA 187 43.36 48.01 123.22
N ILE JA 188 44.33 47.11 123.10
CA ILE JA 188 44.32 46.11 122.05
C ILE JA 188 43.77 44.81 122.63
N GLY JA 189 43.40 43.88 121.74
CA GLY JA 189 42.85 42.62 122.17
C GLY JA 189 41.75 42.11 121.27
N HIS JA 190 41.35 42.93 120.30
CA HIS JA 190 40.30 42.55 119.37
C HIS JA 190 40.82 41.56 118.34
N THR JA 191 39.94 40.64 117.93
CA THR JA 191 40.20 39.73 116.84
C THR JA 191 39.32 40.01 115.63
N GLY JA 192 38.70 41.18 115.60
CA GLY JA 192 37.87 41.61 114.48
C GLY JA 192 37.71 43.11 114.53
N TYR JA 193 36.94 43.63 113.60
CA TYR JA 193 36.72 45.07 113.55
C TYR JA 193 35.87 45.51 114.73
N LEU JA 194 35.64 46.81 114.82
CA LEU JA 194 34.84 47.39 115.90
C LEU JA 194 33.64 48.11 115.32
N ASN JA 195 32.55 48.09 116.08
CA ASN JA 195 31.31 48.76 115.69
C ASN JA 195 30.95 49.90 116.63
N THR JA 196 30.85 49.63 117.93
CA THR JA 196 30.38 50.64 118.87
C THR JA 196 31.02 50.37 120.23
N VAL JA 197 31.53 51.43 120.86
CA VAL JA 197 31.97 51.41 122.24
C VAL JA 197 31.07 52.33 123.03
N THR JA 198 30.62 51.87 124.20
CA THR JA 198 29.76 52.66 125.07
C THR JA 198 30.38 52.78 126.44
N VAL JA 199 30.27 53.95 127.03
CA VAL JA 199 30.82 54.23 128.34
C VAL JA 199 29.71 54.15 129.38
N SER JA 200 30.08 53.74 130.58
CA SER JA 200 29.15 53.68 131.68
C SER JA 200 28.79 55.10 132.13
N PRO JA 201 27.63 55.26 132.79
CA PRO JA 201 27.26 56.60 133.27
C PRO JA 201 28.27 57.19 134.24
N ASP JA 202 28.94 56.37 135.03
CA ASP JA 202 29.94 56.86 135.97
C ASP JA 202 31.28 57.15 135.30
N GLY JA 203 31.43 56.84 134.02
CA GLY JA 203 32.67 57.08 133.31
C GLY JA 203 33.83 56.24 133.79
N SER JA 204 33.61 54.96 134.02
CA SER JA 204 34.66 54.05 134.45
C SER JA 204 34.85 52.84 133.55
N LEU JA 205 33.84 52.47 132.77
CA LEU JA 205 33.88 51.30 131.92
C LEU JA 205 33.58 51.70 130.50
N CYS JA 206 34.30 51.10 129.54
CA CYS JA 206 34.21 51.47 128.13
C CYS JA 206 34.13 50.20 127.26
N ALA JA 207 33.20 49.32 127.59
CA ALA JA 207 33.01 48.10 126.82
C ALA JA 207 32.62 48.42 125.38
N SER JA 208 33.05 47.55 124.47
CA SER JA 208 32.78 47.72 123.04
C SER JA 208 32.36 46.38 122.45
N GLY JA 209 31.58 46.45 121.39
CA GLY JA 209 31.16 45.27 120.66
C GLY JA 209 31.49 45.38 119.19
N GLY JA 210 31.89 44.27 118.60
CA GLY JA 210 32.30 44.26 117.21
C GLY JA 210 32.38 42.86 116.61
N LYS JA 211 33.29 42.69 115.65
CA LYS JA 211 33.39 41.43 114.92
C LYS JA 211 33.87 40.29 115.81
N ASP JA 212 34.69 40.61 116.83
CA ASP JA 212 35.39 39.58 117.59
C ASP JA 212 34.45 38.62 118.33
N GLY JA 213 33.20 39.00 118.53
CA GLY JA 213 32.25 38.12 119.18
C GLY JA 213 32.27 38.16 120.69
N GLN JA 214 33.11 39.00 121.29
CA GLN JA 214 33.12 39.17 122.74
C GLN JA 214 33.32 40.64 123.07
N ALA JA 215 32.75 41.06 124.19
CA ALA JA 215 32.82 42.45 124.64
C ALA JA 215 33.83 42.54 125.79
N MET JA 216 34.97 43.16 125.51
CA MET JA 216 36.02 43.31 126.50
C MET JA 216 35.83 44.61 127.27
N LEU JA 217 36.08 44.57 128.57
CA LEU JA 217 35.96 45.72 129.43
C LEU JA 217 37.33 46.38 129.58
N TRP JA 218 37.33 47.70 129.71
CA TRP JA 218 38.51 48.47 130.05
C TRP JA 218 38.12 49.50 131.09
N ASP JA 219 39.13 50.06 131.76
CA ASP JA 219 38.91 51.00 132.86
C ASP JA 219 39.36 52.40 132.43
N LEU JA 220 38.48 53.38 132.63
CA LEU JA 220 38.80 54.76 132.29
C LEU JA 220 39.84 55.35 133.25
N ASN JA 221 39.82 54.91 134.51
CA ASN JA 221 40.64 55.55 135.54
C ASN JA 221 42.13 55.42 135.24
N GLU JA 222 42.57 54.21 134.87
CA GLU JA 222 43.99 53.95 134.61
C GLU JA 222 44.23 53.50 133.18
N GLY JA 223 43.48 52.51 132.69
CA GLY JA 223 43.67 51.98 131.37
C GLY JA 223 44.32 50.62 131.36
N LYS JA 224 43.51 49.58 131.26
CA LYS JA 224 43.94 48.18 131.21
C LYS JA 224 42.70 47.34 130.92
N HIS JA 225 42.93 46.05 130.68
CA HIS JA 225 41.83 45.13 130.44
C HIS JA 225 41.21 44.70 131.77
N LEU JA 226 39.88 44.54 131.76
CA LEU JA 226 39.14 44.19 132.96
C LEU JA 226 38.40 42.86 132.87
N TYR JA 227 37.62 42.65 131.82
CA TYR JA 227 36.81 41.44 131.75
C TYR JA 227 36.50 41.12 130.29
N THR JA 228 36.26 39.85 130.01
CA THR JA 228 35.86 39.38 128.69
C THR JA 228 34.47 38.78 128.77
N LEU JA 229 33.54 39.29 127.98
CA LEU JA 229 32.14 38.88 128.00
C LEU JA 229 31.79 38.21 126.66
N ASP JA 230 31.68 36.89 126.66
CA ASP JA 230 31.52 36.13 125.44
C ASP JA 230 30.08 36.22 124.95
N GLY JA 231 29.92 36.25 123.62
CA GLY JA 231 28.62 36.40 123.00
C GLY JA 231 28.41 35.40 121.88
N GLY JA 232 27.20 35.40 121.33
CA GLY JA 232 26.87 34.45 120.28
C GLY JA 232 27.58 34.75 118.97
N ASP JA 233 27.54 36.00 118.54
CA ASP JA 233 28.15 36.41 117.28
C ASP JA 233 28.62 37.85 117.43
N ILE JA 234 28.81 38.53 116.29
CA ILE JA 234 29.29 39.92 116.33
C ILE JA 234 28.27 40.79 117.05
N ILE JA 235 28.75 41.96 117.50
CA ILE JA 235 27.93 42.94 118.20
C ILE JA 235 28.03 44.26 117.45
N ASN JA 236 26.88 44.83 117.09
CA ASN JA 236 26.84 46.07 116.33
C ASN JA 236 26.29 47.25 117.10
N ALA JA 237 25.68 47.04 118.26
CA ALA JA 237 25.13 48.12 119.06
C ALA JA 237 25.33 47.83 120.54
N LEU JA 238 25.26 48.89 121.34
CA LEU JA 238 25.60 48.80 122.75
C LEU JA 238 24.99 49.99 123.47
N CYS JA 239 24.73 49.81 124.77
CA CYS JA 239 24.27 50.88 125.65
C CYS JA 239 24.35 50.39 127.09
N PHE JA 240 24.37 51.36 128.01
CA PHE JA 240 24.54 51.08 129.43
C PHE JA 240 23.30 51.48 130.20
N SER JA 241 22.99 50.72 131.25
CA SER JA 241 21.86 51.04 132.10
C SER JA 241 22.22 52.20 133.03
N PRO JA 242 21.45 53.30 133.02
CA PRO JA 242 21.80 54.41 133.93
C PRO JA 242 21.46 54.13 135.38
N ASN JA 243 20.28 53.59 135.65
CA ASN JA 243 19.85 53.30 137.01
C ASN JA 243 20.54 52.09 137.61
N ARG JA 244 21.12 51.23 136.77
CA ARG JA 244 21.72 49.99 137.24
C ARG JA 244 23.12 49.87 136.66
N TYR JA 245 23.71 48.69 136.79
CA TYR JA 245 25.02 48.39 136.23
C TYR JA 245 24.89 47.27 135.20
N TRP JA 246 23.89 47.40 134.34
CA TRP JA 246 23.52 46.37 133.39
C TRP JA 246 24.08 46.69 132.01
N LEU JA 247 24.63 45.68 131.35
CA LEU JA 247 25.20 45.80 130.02
C LEU JA 247 24.43 44.88 129.09
N CYS JA 248 23.79 45.45 128.08
CA CYS JA 248 23.08 44.70 127.06
C CYS JA 248 23.72 44.96 125.70
N ALA JA 249 23.84 43.92 124.90
CA ALA JA 249 24.50 43.99 123.60
C ALA JA 249 23.56 43.51 122.51
N ALA JA 250 23.59 44.20 121.37
CA ALA JA 250 22.87 43.78 120.18
C ALA JA 250 23.71 42.73 119.45
N THR JA 251 23.87 41.59 120.11
CA THR JA 251 24.70 40.50 119.59
C THR JA 251 23.96 39.82 118.45
N GLY JA 252 24.22 40.27 117.22
CA GLY JA 252 23.50 39.78 116.06
C GLY JA 252 22.03 40.11 116.15
N PRO JA 253 21.18 39.15 115.77
CA PRO JA 253 19.73 39.36 115.82
C PRO JA 253 19.09 39.07 117.16
N SER JA 254 19.88 38.83 118.20
CA SER JA 254 19.38 38.50 119.53
C SER JA 254 19.97 39.45 120.55
N ILE JA 255 19.11 40.13 121.30
CA ILE JA 255 19.56 40.99 122.38
C ILE JA 255 19.89 40.13 123.58
N LYS JA 256 20.98 40.45 124.28
CA LYS JA 256 21.41 39.67 125.44
C LYS JA 256 21.83 40.62 126.55
N ILE JA 257 21.46 40.28 127.78
CA ILE JA 257 21.66 41.15 128.93
C ILE JA 257 22.49 40.44 129.99
N TRP JA 258 23.45 41.16 130.55
CA TRP JA 258 24.29 40.69 131.64
C TRP JA 258 24.33 41.73 132.75
N ASP JA 259 24.89 41.33 133.88
CA ASP JA 259 25.04 42.19 135.05
C ASP JA 259 26.52 42.32 135.39
N LEU JA 260 26.97 43.55 135.62
CA LEU JA 260 28.39 43.79 135.85
C LEU JA 260 28.89 43.24 137.17
N GLU JA 261 27.98 42.88 138.08
CA GLU JA 261 28.43 42.36 139.38
C GLU JA 261 28.63 40.85 139.33
N GLY JA 262 27.65 40.10 138.85
CA GLY JA 262 27.76 38.66 138.81
C GLY JA 262 28.31 38.11 137.51
N LYS JA 263 28.31 38.94 136.46
CA LYS JA 263 28.72 38.54 135.12
C LYS JA 263 27.94 37.32 134.63
N ILE JA 264 26.63 37.31 134.91
CA ILE JA 264 25.77 36.21 134.56
C ILE JA 264 24.77 36.64 133.49
N ILE JA 265 24.11 35.66 132.89
CA ILE JA 265 23.14 35.91 131.82
C ILE JA 265 21.79 36.12 132.48
N VAL JA 266 21.36 37.38 132.55
CA VAL JA 266 20.12 37.73 133.23
C VAL JA 266 18.92 37.24 132.43
N ASP JA 267 18.90 37.48 131.13
CA ASP JA 267 17.74 37.20 130.29
C ASP JA 267 18.22 37.18 128.84
N GLU JA 268 17.27 37.15 127.90
CA GLU JA 268 17.58 37.20 126.48
C GLU JA 268 16.33 37.65 125.73
N LEU JA 269 16.53 38.44 124.67
CA LEU JA 269 15.44 38.95 123.85
C LEU JA 269 15.62 38.41 122.44
N LYS JA 270 14.74 37.50 122.04
CA LYS JA 270 14.85 36.81 120.76
C LYS JA 270 13.76 37.28 119.77
N GLN JA 271 13.16 38.44 120.02
CA GLN JA 271 12.08 39.05 119.24
C GLN JA 271 10.79 38.25 119.29
N GLU JA 272 10.78 37.08 119.93
CA GLU JA 272 9.62 36.20 120.00
C GLU JA 272 9.06 35.88 118.62
N VAL JA 273 9.96 35.59 117.69
CA VAL JA 273 9.59 35.24 116.33
C VAL JA 273 9.53 33.73 116.20
N ILE JA 274 8.52 33.24 115.49
CA ILE JA 274 8.33 31.81 115.30
C ILE JA 274 8.20 31.50 113.82
N SER JA 275 8.82 32.32 112.97
CA SER JA 275 8.73 32.10 111.53
C SER JA 275 9.39 30.79 111.13
N THR JA 276 10.60 30.52 111.64
CA THR JA 276 11.39 29.31 111.46
C THR JA 276 11.32 28.73 110.04
N SER JA 277 11.36 29.62 109.04
CA SER JA 277 11.30 29.18 107.65
C SER JA 277 12.55 28.43 107.22
N SER JA 278 13.66 28.59 107.96
CA SER JA 278 14.98 28.07 107.60
C SER JA 278 15.45 28.58 106.24
N LYS JA 279 14.87 29.67 105.77
CA LYS JA 279 15.28 30.37 104.57
C LYS JA 279 15.77 31.78 104.84
N ALA JA 280 14.97 32.58 105.55
CA ALA JA 280 15.31 33.96 105.86
C ALA JA 280 15.96 34.04 107.23
N GLU JA 281 17.02 34.82 107.33
CA GLU JA 281 17.64 35.05 108.63
C GLU JA 281 16.71 35.89 109.50
N PRO JA 282 16.77 35.71 110.82
CA PRO JA 282 15.99 36.57 111.70
C PRO JA 282 16.46 38.02 111.58
N PRO JA 283 15.56 38.98 111.79
CA PRO JA 283 15.94 40.39 111.68
C PRO JA 283 17.02 40.75 112.67
N GLN JA 284 18.13 41.27 112.15
CA GLN JA 284 19.27 41.63 112.99
C GLN JA 284 18.96 42.87 113.82
N CYS JA 285 19.39 42.83 115.07
CA CYS JA 285 19.23 43.98 115.97
C CYS JA 285 20.27 45.04 115.60
N THR JA 286 19.80 46.18 115.09
CA THR JA 286 20.70 47.21 114.60
C THR JA 286 21.04 48.28 115.62
N SER JA 287 20.17 48.53 116.60
CA SER JA 287 20.39 49.59 117.56
C SER JA 287 20.00 49.10 118.95
N LEU JA 288 20.45 49.84 119.97
CA LEU JA 288 20.19 49.47 121.35
C LEU JA 288 20.43 50.69 122.24
N ALA JA 289 19.37 51.13 122.93
CA ALA JA 289 19.48 52.29 123.82
C ALA JA 289 18.56 52.12 125.01
N TRP JA 290 19.02 52.54 126.18
CA TRP JA 290 18.24 52.46 127.41
C TRP JA 290 17.34 53.68 127.53
N SER JA 291 16.73 53.85 128.70
CA SER JA 291 15.85 54.97 128.98
C SER JA 291 16.43 55.83 130.10
N ALA JA 292 15.96 57.07 130.18
CA ALA JA 292 16.39 57.95 131.27
C ALA JA 292 16.00 57.37 132.62
N ASP JA 293 14.79 56.84 132.74
CA ASP JA 293 14.39 56.14 133.96
C ASP JA 293 14.93 54.72 133.99
N GLY JA 294 15.37 54.18 132.86
CA GLY JA 294 16.01 52.88 132.81
C GLY JA 294 15.09 51.69 132.92
N GLN JA 295 13.78 51.89 132.94
CA GLN JA 295 12.84 50.79 133.06
C GLN JA 295 12.47 50.18 131.73
N THR JA 296 12.83 50.80 130.62
CA THR JA 296 12.48 50.31 129.29
C THR JA 296 13.68 50.40 128.37
N LEU JA 297 13.82 49.40 127.52
CA LEU JA 297 14.89 49.32 126.54
C LEU JA 297 14.31 49.45 125.14
N PHE JA 298 15.10 49.96 124.22
CA PHE JA 298 14.69 50.15 122.84
C PHE JA 298 15.74 49.58 121.91
N ALA JA 299 15.30 49.06 120.76
CA ALA JA 299 16.21 48.40 119.83
C ALA JA 299 15.61 48.43 118.43
N GLY JA 300 16.23 49.18 117.53
CA GLY JA 300 15.88 49.08 116.14
C GLY JA 300 16.38 47.80 115.52
N TYR JA 301 15.91 47.51 114.32
CA TYR JA 301 16.21 46.25 113.65
C TYR JA 301 16.39 46.50 112.16
N THR JA 302 16.66 45.41 111.43
CA THR JA 302 16.72 45.44 109.98
C THR JA 302 15.34 45.38 109.34
N ASP JA 303 14.29 45.08 110.09
CA ASP JA 303 12.94 45.03 109.57
C ASP JA 303 12.29 46.41 109.50
N ASN JA 304 13.11 47.47 109.56
CA ASN JA 304 12.63 48.86 109.51
C ASN JA 304 11.69 49.17 110.67
N LEU JA 305 11.92 48.52 111.81
CA LEU JA 305 11.07 48.66 112.99
C LEU JA 305 11.94 48.67 114.23
N VAL JA 306 11.47 49.38 115.26
CA VAL JA 306 12.12 49.41 116.56
C VAL JA 306 11.20 48.74 117.58
N ARG JA 307 11.78 47.83 118.35
CA ARG JA 307 11.05 47.10 119.37
C ARG JA 307 11.29 47.77 120.73
N VAL JA 308 10.22 47.94 121.49
CA VAL JA 308 10.31 48.48 122.84
C VAL JA 308 10.07 47.34 123.82
N TRP JA 309 11.00 47.17 124.76
CA TRP JA 309 10.94 46.12 125.75
C TRP JA 309 10.83 46.75 127.13
N GLN JA 310 10.05 46.11 128.01
CA GLN JA 310 9.73 46.68 129.30
C GLN JA 310 10.02 45.67 130.41
N VAL JA 311 10.62 46.16 131.49
CA VAL JA 311 10.83 45.32 132.67
C VAL JA 311 9.49 45.08 133.35
N THR JA 312 9.30 43.87 133.86
CA THR JA 312 8.08 43.55 134.59
C THR JA 312 8.29 43.80 136.08
N ILE JA 313 7.25 44.27 136.75
CA ILE JA 313 7.33 44.60 138.16
C ILE JA 313 7.23 43.34 139.01
N ILE MA 1 13.97 -105.13 -51.59
CA ILE MA 1 15.40 -104.87 -51.57
C ILE MA 1 15.69 -103.54 -52.26
N MET MA 2 16.91 -103.03 -52.09
CA MET MA 2 17.29 -101.73 -52.61
C MET MA 2 18.23 -101.90 -53.79
N ASN MA 3 17.93 -101.21 -54.89
CA ASN MA 3 18.85 -101.06 -55.99
C ASN MA 3 19.08 -99.57 -56.24
N GLN MA 4 19.91 -99.27 -57.25
CA GLN MA 4 20.34 -97.90 -57.48
C GLN MA 4 19.16 -96.99 -57.84
N GLU MA 5 18.22 -97.50 -58.64
CA GLU MA 5 17.05 -96.71 -59.00
C GLU MA 5 16.19 -96.42 -57.78
N LYS MA 6 16.00 -97.40 -56.91
CA LYS MA 6 15.19 -97.22 -55.72
C LYS MA 6 15.84 -96.28 -54.72
N LEU MA 7 17.17 -96.37 -54.58
CA LEU MA 7 17.87 -95.52 -53.63
C LEU MA 7 17.83 -94.05 -54.03
N ALA MA 8 18.05 -93.76 -55.32
CA ALA MA 8 18.16 -92.37 -55.77
C ALA MA 8 16.84 -91.63 -55.59
N LYS MA 9 15.72 -92.32 -55.69
CA LYS MA 9 14.42 -91.69 -55.46
C LYS MA 9 14.02 -91.73 -54.00
N LEU MA 10 14.53 -92.71 -53.23
CA LEU MA 10 14.25 -92.76 -51.81
C LEU MA 10 14.78 -91.54 -51.08
N GLN MA 11 15.95 -91.03 -51.51
CA GLN MA 11 16.51 -89.84 -50.91
C GLN MA 11 15.53 -88.67 -50.95
N ALA MA 12 14.70 -88.62 -51.99
CA ALA MA 12 13.75 -87.51 -52.10
C ALA MA 12 12.66 -87.62 -51.04
N GLN MA 13 12.02 -88.78 -50.92
CA GLN MA 13 10.82 -88.86 -50.08
C GLN MA 13 11.16 -88.74 -48.59
N VAL MA 14 12.35 -89.19 -48.18
CA VAL MA 14 12.69 -89.10 -46.77
C VAL MA 14 13.01 -87.67 -46.36
N ARG MA 15 13.37 -86.81 -47.29
CA ARG MA 15 13.64 -85.40 -47.01
C ARG MA 15 12.35 -84.62 -47.15
N ILE MA 16 11.82 -84.13 -46.03
CA ILE MA 16 10.61 -83.31 -46.02
C ILE MA 16 10.91 -81.89 -45.58
N GLY MA 17 12.19 -81.49 -45.65
CA GLY MA 17 12.55 -80.15 -45.25
C GLY MA 17 14.03 -79.92 -45.50
N GLY MA 18 14.47 -78.71 -45.20
CA GLY MA 18 15.84 -78.33 -45.35
C GLY MA 18 16.72 -78.88 -44.24
N LYS MA 19 17.96 -78.40 -44.21
CA LYS MA 19 18.92 -78.85 -43.21
C LYS MA 19 18.43 -78.50 -41.81
N GLY MA 20 18.50 -79.47 -40.92
CA GLY MA 20 18.08 -79.27 -39.55
C GLY MA 20 16.67 -79.70 -39.23
N THR MA 21 16.01 -80.43 -40.12
CA THR MA 21 14.67 -80.95 -39.88
C THR MA 21 14.70 -82.47 -39.86
N ALA MA 22 13.79 -83.05 -39.09
CA ALA MA 22 13.75 -84.50 -38.94
C ALA MA 22 13.37 -85.17 -40.25
N ARG MA 23 13.94 -86.35 -40.46
CA ARG MA 23 13.66 -87.11 -41.67
C ARG MA 23 12.35 -87.86 -41.54
N ARG MA 24 11.71 -88.10 -42.69
CA ARG MA 24 10.51 -88.91 -42.73
C ARG MA 24 10.84 -90.36 -42.40
N LYS MA 25 10.00 -90.97 -41.56
CA LYS MA 25 10.27 -92.33 -41.14
C LYS MA 25 9.64 -93.36 -42.07
N LYS MA 26 8.37 -93.16 -42.44
CA LYS MA 26 7.67 -94.14 -43.26
C LYS MA 26 6.52 -93.47 -43.99
N LYS MA 27 6.07 -94.14 -45.06
CA LYS MA 27 4.82 -93.78 -45.74
C LYS MA 27 4.19 -95.09 -46.18
N VAL MA 28 3.30 -95.62 -45.36
CA VAL MA 28 2.74 -96.94 -45.56
C VAL MA 28 1.25 -96.80 -45.90
N VAL MA 29 0.83 -97.47 -46.95
CA VAL MA 29 -0.57 -97.55 -47.33
C VAL MA 29 -1.11 -98.90 -46.91
N HIS MA 30 -2.30 -98.91 -46.31
CA HIS MA 30 -2.96 -100.14 -45.90
C HIS MA 30 -4.46 -99.92 -45.99
N ARG MA 31 -5.15 -100.83 -46.65
CA ARG MA 31 -6.60 -100.73 -46.78
C ARG MA 31 -7.27 -101.81 -45.94
N GLY QA 1 -29.99 -22.43 -2.12
CA GLY QA 1 -31.16 -23.12 -2.62
C GLY QA 1 -31.07 -24.62 -2.47
N ARG QA 2 -29.95 -25.10 -1.94
CA ARG QA 2 -29.70 -26.52 -1.80
C ARG QA 2 -29.56 -26.87 -0.33
N VAL QA 3 -29.98 -28.08 0.03
CA VAL QA 3 -29.93 -28.51 1.43
C VAL QA 3 -28.49 -28.64 1.88
N ILE QA 4 -28.16 -28.02 3.01
CA ILE QA 4 -26.78 -27.96 3.44
C ILE QA 4 -26.38 -29.26 4.12
N ARG QA 5 -25.07 -29.48 4.22
CA ARG QA 5 -24.58 -30.59 5.01
C ARG QA 5 -24.78 -30.29 6.49
N GLY QA 6 -25.10 -31.32 7.25
CA GLY QA 6 -25.49 -31.14 8.63
C GLY QA 6 -27.00 -31.07 8.70
N GLN QA 7 -27.60 -30.44 7.71
CA GLN QA 7 -29.02 -30.60 7.48
C GLN QA 7 -29.33 -31.94 6.81
N ARG QA 8 -28.38 -32.47 6.04
CA ARG QA 8 -28.53 -33.78 5.45
C ARG QA 8 -28.18 -34.90 6.42
N LYS QA 9 -27.63 -34.58 7.58
CA LYS QA 9 -27.20 -35.61 8.51
C LYS QA 9 -28.37 -36.27 9.22
N GLY QA 10 -29.50 -35.57 9.35
CA GLY QA 10 -30.64 -36.16 10.02
C GLY QA 10 -31.30 -37.28 9.25
N ALA QA 11 -31.19 -37.26 7.92
CA ALA QA 11 -31.79 -38.32 7.12
C ALA QA 11 -31.14 -39.66 7.41
N GLY QA 12 -29.83 -39.67 7.61
CA GLY QA 12 -29.14 -40.84 8.12
C GLY QA 12 -28.87 -41.93 7.12
N SER QA 13 -28.93 -41.66 5.82
CA SER QA 13 -28.62 -42.68 4.84
C SER QA 13 -27.13 -42.97 4.79
N VAL QA 14 -26.32 -41.93 4.76
CA VAL QA 14 -24.88 -42.05 4.71
C VAL QA 14 -24.22 -41.65 6.02
N PHE QA 15 -24.81 -40.74 6.76
CA PHE QA 15 -24.28 -40.30 8.04
C PHE QA 15 -24.72 -41.17 9.18
N ARG QA 16 -25.24 -42.35 8.87
CA ARG QA 16 -25.58 -43.34 9.87
C ARG QA 16 -24.32 -43.85 10.56
N ALA QA 17 -24.44 -44.21 11.82
CA ALA QA 17 -23.30 -44.72 12.56
C ALA QA 17 -22.89 -46.09 12.04
N HIS QA 18 -21.59 -46.34 12.03
CA HIS QA 18 -21.05 -47.62 11.58
C HIS QA 18 -20.97 -48.54 12.79
N VAL QA 19 -21.89 -49.49 12.87
CA VAL QA 19 -21.99 -50.33 14.05
C VAL QA 19 -21.87 -51.80 13.66
N LYS QA 20 -21.14 -52.07 12.58
CA LYS QA 20 -21.04 -53.45 12.11
C LYS QA 20 -20.23 -54.30 13.06
N HIS QA 21 -19.13 -53.78 13.58
CA HIS QA 21 -18.21 -54.56 14.39
C HIS QA 21 -18.29 -54.24 15.87
N ARG QA 22 -19.26 -53.43 16.29
CA ARG QA 22 -19.41 -53.12 17.70
C ARG QA 22 -19.96 -54.33 18.45
N LYS QA 23 -19.55 -54.45 19.71
CA LYS QA 23 -19.77 -55.66 20.50
C LYS QA 23 -21.08 -55.65 21.27
N GLY QA 24 -21.92 -54.65 21.08
CA GLY QA 24 -23.16 -54.57 21.82
C GLY QA 24 -23.20 -53.34 22.70
N ALA QA 25 -24.39 -52.95 23.14
CA ALA QA 25 -24.50 -51.79 24.01
C ALA QA 25 -23.91 -52.12 25.37
N ALA QA 26 -23.05 -51.24 25.86
CA ALA QA 26 -22.42 -51.43 27.16
C ALA QA 26 -23.34 -50.84 28.22
N ARG QA 27 -23.98 -51.72 29.00
CA ARG QA 27 -24.96 -51.31 29.98
C ARG QA 27 -24.76 -52.12 31.25
N LEU QA 28 -25.19 -51.54 32.37
CA LEU QA 28 -25.24 -52.30 33.61
C LEU QA 28 -26.32 -53.37 33.53
N ARG QA 29 -26.25 -54.33 34.44
CA ARG QA 29 -27.27 -55.36 34.46
C ARG QA 29 -28.58 -54.79 34.98
N ALA QA 30 -29.68 -55.38 34.53
CA ALA QA 30 -30.98 -54.91 34.94
C ALA QA 30 -31.18 -55.11 36.44
N VAL QA 31 -31.70 -54.09 37.10
CA VAL QA 31 -31.92 -54.15 38.55
C VAL QA 31 -33.02 -55.16 38.85
N ASP QA 32 -32.75 -56.03 39.82
CA ASP QA 32 -33.68 -57.08 40.21
C ASP QA 32 -33.63 -57.20 41.72
N PHE QA 33 -34.20 -58.30 42.24
CA PHE QA 33 -34.26 -58.47 43.69
C PHE QA 33 -32.87 -58.53 44.30
N ALA QA 34 -31.95 -59.25 43.66
CA ALA QA 34 -30.62 -59.41 44.21
C ALA QA 34 -29.90 -58.08 44.30
N GLU QA 35 -30.00 -57.27 43.26
CA GLU QA 35 -29.30 -55.99 43.25
C GLU QA 35 -29.98 -54.96 44.14
N ARG QA 36 -31.25 -55.17 44.46
CA ARG QA 36 -32.02 -54.20 45.22
C ARG QA 36 -31.92 -54.42 46.72
N HIS QA 37 -31.83 -55.66 47.18
CA HIS QA 37 -31.77 -55.94 48.60
C HIS QA 37 -30.43 -56.46 49.08
N GLY QA 38 -29.65 -57.10 48.22
CA GLY QA 38 -28.35 -57.58 48.61
C GLY QA 38 -27.29 -57.27 47.58
N TYR QA 39 -26.56 -58.29 47.13
CA TYR QA 39 -25.63 -58.14 46.04
C TYR QA 39 -25.57 -59.46 45.29
N ILE QA 40 -24.94 -59.42 44.12
CA ILE QA 40 -24.67 -60.60 43.32
C ILE QA 40 -23.23 -60.53 42.82
N LYS QA 41 -22.51 -61.64 42.91
CA LYS QA 41 -21.11 -61.67 42.56
C LYS QA 41 -20.94 -62.21 41.14
N GLY QA 42 -20.22 -61.45 40.31
CA GLY QA 42 -19.86 -61.88 38.98
C GLY QA 42 -18.35 -61.90 38.85
N ILE QA 43 -17.89 -62.42 37.71
CA ILE QA 43 -16.46 -62.57 37.44
C ILE QA 43 -16.16 -61.97 36.07
N VAL QA 44 -15.12 -61.15 36.01
CA VAL QA 44 -14.70 -60.57 34.74
C VAL QA 44 -14.02 -61.65 33.92
N LYS QA 45 -14.51 -61.87 32.70
CA LYS QA 45 -13.98 -62.93 31.86
C LYS QA 45 -13.20 -62.43 30.65
N ASP QA 46 -13.40 -61.19 30.23
CA ASP QA 46 -12.58 -60.62 29.17
C ASP QA 46 -12.71 -59.11 29.22
N ILE QA 47 -11.72 -58.44 28.64
CA ILE QA 47 -11.69 -56.99 28.52
C ILE QA 47 -11.41 -56.68 27.07
N ILE QA 48 -12.45 -56.38 26.31
CA ILE QA 48 -12.36 -56.30 24.86
C ILE QA 48 -12.43 -54.84 24.43
N HIS QA 49 -12.14 -54.61 23.16
CA HIS QA 49 -12.04 -53.27 22.58
C HIS QA 49 -13.24 -53.06 21.67
N ASP QA 50 -14.13 -52.15 22.06
CA ASP QA 50 -15.26 -51.82 21.22
C ASP QA 50 -14.81 -50.87 20.12
N PRO QA 51 -14.98 -51.22 18.85
CA PRO QA 51 -14.56 -50.32 17.78
C PRO QA 51 -15.29 -48.99 17.83
N GLY QA 52 -14.57 -47.92 17.52
CA GLY QA 52 -15.16 -46.60 17.59
C GLY QA 52 -15.37 -46.09 18.99
N ARG QA 53 -14.79 -46.74 19.99
CA ARG QA 53 -14.92 -46.34 21.38
C ARG QA 53 -13.54 -46.23 22.00
N GLY QA 54 -13.34 -45.21 22.83
CA GLY QA 54 -12.08 -45.08 23.52
C GLY QA 54 -11.95 -45.87 24.80
N ALA QA 55 -13.02 -46.49 25.26
CA ALA QA 55 -12.98 -47.20 26.52
C ALA QA 55 -13.12 -48.69 26.31
N PRO QA 56 -12.34 -49.50 27.03
CA PRO QA 56 -12.52 -50.95 26.96
C PRO QA 56 -13.83 -51.37 27.59
N LEU QA 57 -14.35 -52.49 27.11
CA LEU QA 57 -15.58 -53.06 27.62
C LEU QA 57 -15.28 -54.36 28.35
N ALA QA 58 -15.67 -54.43 29.61
CA ALA QA 58 -15.53 -55.66 30.37
C ALA QA 58 -16.68 -56.60 30.02
N LYS QA 59 -16.42 -57.89 30.15
CA LYS QA 59 -17.43 -58.92 29.92
C LYS QA 59 -17.53 -59.75 31.18
N VAL QA 60 -18.55 -59.49 31.98
CA VAL QA 60 -18.73 -60.11 33.28
C VAL QA 60 -19.75 -61.23 33.15
N VAL QA 61 -19.61 -62.26 33.97
CA VAL QA 61 -20.54 -63.39 33.97
C VAL QA 61 -21.12 -63.54 35.37
N PHE QA 62 -22.45 -63.49 35.44
CA PHE QA 62 -23.19 -63.68 36.69
C PHE QA 62 -23.98 -64.97 36.60
N ARG QA 63 -24.56 -65.36 37.73
CA ARG QA 63 -25.49 -66.48 37.79
C ARG QA 63 -26.90 -65.93 37.84
N ASP QA 64 -27.76 -66.44 36.97
CA ASP QA 64 -29.16 -66.04 37.03
C ASP QA 64 -29.78 -66.60 38.31
N PRO QA 65 -30.41 -65.75 39.13
CA PRO QA 65 -30.89 -66.21 40.43
C PRO QA 65 -32.19 -67.00 40.38
N TYR QA 66 -32.85 -67.05 39.22
CA TYR QA 66 -34.14 -67.71 39.12
C TYR QA 66 -34.12 -68.98 38.29
N ARG QA 67 -33.12 -69.15 37.43
CA ARG QA 67 -33.00 -70.36 36.64
C ARG QA 67 -31.54 -70.70 36.48
N PHE QA 68 -31.28 -71.97 36.17
CA PHE QA 68 -29.92 -72.48 36.02
C PHE QA 68 -29.39 -72.01 34.68
N LYS QA 69 -28.72 -70.86 34.69
CA LYS QA 69 -28.17 -70.28 33.48
C LYS QA 69 -27.11 -69.27 33.88
N LYS QA 70 -26.24 -68.92 32.94
CA LYS QA 70 -25.23 -67.90 33.12
C LYS QA 70 -25.63 -66.66 32.35
N ARG QA 71 -25.55 -65.51 33.00
CA ARG QA 71 -25.91 -64.23 32.39
C ARG QA 71 -24.64 -63.45 32.12
N THR QA 72 -24.39 -63.14 30.86
CA THR QA 72 -23.20 -62.41 30.47
C THR QA 72 -23.57 -60.95 30.24
N GLU QA 73 -22.88 -60.06 30.93
CA GLU QA 73 -23.08 -58.63 30.80
C GLU QA 73 -21.88 -58.00 30.10
N LEU QA 74 -22.12 -56.83 29.53
CA LEU QA 74 -21.08 -56.07 28.83
C LEU QA 74 -20.92 -54.75 29.58
N PHE QA 75 -20.08 -54.75 30.60
CA PHE QA 75 -19.88 -53.55 31.39
C PHE QA 75 -18.91 -52.60 30.68
N ILE QA 76 -18.77 -51.43 31.27
CA ILE QA 76 -17.72 -50.50 30.91
C ILE QA 76 -16.58 -50.68 31.89
N ALA QA 77 -15.38 -50.90 31.38
CA ALA QA 77 -14.26 -51.31 32.21
C ALA QA 77 -13.77 -50.12 33.04
N ALA QA 78 -13.96 -50.20 34.36
CA ALA QA 78 -13.29 -49.27 35.25
C ALA QA 78 -11.80 -49.55 35.26
N GLU QA 79 -11.01 -48.49 35.39
CA GLU QA 79 -9.56 -48.65 35.33
C GLU QA 79 -9.06 -49.43 36.53
N GLY QA 80 -8.20 -50.40 36.27
CA GLY QA 80 -7.63 -51.22 37.31
C GLY QA 80 -8.26 -52.59 37.44
N ILE QA 81 -9.47 -52.78 36.91
CA ILE QA 81 -10.07 -54.11 36.95
C ILE QA 81 -9.38 -55.01 35.94
N HIS QA 82 -9.57 -56.32 36.13
CA HIS QA 82 -8.84 -57.30 35.35
C HIS QA 82 -9.66 -58.57 35.26
N THR QA 83 -9.27 -59.45 34.33
CA THR QA 83 -9.92 -60.74 34.22
C THR QA 83 -9.63 -61.57 35.46
N GLY QA 84 -10.50 -62.52 35.74
CA GLY QA 84 -10.36 -63.29 36.95
C GLY QA 84 -10.49 -62.48 38.21
N GLN QA 85 -11.35 -61.47 38.19
CA GLN QA 85 -11.62 -60.65 39.36
C GLN QA 85 -13.11 -60.63 39.61
N PHE QA 86 -13.49 -60.72 40.88
CA PHE QA 86 -14.89 -60.74 41.24
C PHE QA 86 -15.39 -59.32 41.45
N VAL QA 87 -16.47 -58.98 40.76
CA VAL QA 87 -17.11 -57.68 40.90
C VAL QA 87 -18.50 -57.90 41.46
N TYR QA 88 -18.84 -57.15 42.50
CA TYR QA 88 -20.08 -57.33 43.24
C TYR QA 88 -21.01 -56.17 42.94
N CYS QA 89 -22.26 -56.48 42.61
CA CYS QA 89 -23.22 -55.47 42.21
C CYS QA 89 -24.46 -55.57 43.09
N GLY QA 90 -24.81 -54.47 43.74
CA GLY QA 90 -26.02 -54.41 44.51
C GLY QA 90 -25.93 -53.36 45.60
N LYS QA 91 -26.97 -53.32 46.43
CA LYS QA 91 -26.99 -52.38 47.53
C LYS QA 91 -25.95 -52.74 48.59
N LYS QA 92 -25.79 -54.03 48.88
CA LYS QA 92 -24.88 -54.47 49.93
C LYS QA 92 -23.44 -54.62 49.45
N ALA QA 93 -23.16 -54.35 48.19
CA ALA QA 93 -21.79 -54.36 47.71
C ALA QA 93 -20.99 -53.26 48.39
N GLN QA 94 -19.70 -53.50 48.55
CA GLN QA 94 -18.82 -52.59 49.27
C GLN QA 94 -17.98 -51.77 48.29
N LEU QA 95 -17.33 -50.73 48.82
CA LEU QA 95 -16.61 -49.76 47.99
C LEU QA 95 -15.35 -50.39 47.43
N ASN QA 96 -15.41 -50.80 46.17
CA ASN QA 96 -14.24 -51.33 45.50
C ASN QA 96 -14.33 -50.99 44.02
N ILE QA 97 -13.17 -50.85 43.40
CA ILE QA 97 -13.11 -50.48 41.99
C ILE QA 97 -13.71 -51.61 41.16
N GLY QA 98 -14.75 -51.30 40.41
CA GLY QA 98 -15.45 -52.28 39.60
C GLY QA 98 -16.76 -52.74 40.18
N ASN QA 99 -17.04 -52.43 41.44
CA ASN QA 99 -18.31 -52.81 42.02
C ASN QA 99 -19.39 -51.81 41.61
N VAL QA 100 -20.63 -52.30 41.56
CA VAL QA 100 -21.80 -51.49 41.21
C VAL QA 100 -22.68 -51.38 42.43
N LEU QA 101 -23.07 -50.15 42.78
CA LEU QA 101 -23.82 -49.95 44.01
C LEU QA 101 -24.47 -48.58 43.98
N PRO QA 102 -25.59 -48.37 44.67
CA PRO QA 102 -26.32 -47.12 44.53
C PRO QA 102 -25.54 -45.94 45.08
N VAL QA 103 -25.88 -44.76 44.56
CA VAL QA 103 -25.20 -43.56 45.02
C VAL QA 103 -25.56 -43.25 46.48
N GLY QA 104 -26.80 -43.54 46.88
CA GLY QA 104 -27.25 -43.18 48.21
C GLY QA 104 -26.49 -43.84 49.33
N THR QA 105 -25.91 -45.01 49.09
CA THR QA 105 -25.12 -45.71 50.08
C THR QA 105 -23.65 -45.34 50.03
N MET QA 106 -23.27 -44.46 49.10
CA MET QA 106 -21.90 -44.05 48.94
C MET QA 106 -21.53 -42.95 49.92
N PRO QA 107 -20.23 -42.78 50.19
CA PRO QA 107 -19.81 -41.62 51.00
C PRO QA 107 -19.86 -40.32 50.23
N GLU QA 108 -19.39 -39.24 50.86
CA GLU QA 108 -19.60 -37.89 50.36
C GLU QA 108 -18.59 -37.45 49.31
N GLY QA 109 -17.64 -38.31 48.93
CA GLY QA 109 -16.63 -37.86 48.00
C GLY QA 109 -16.22 -38.89 46.97
N THR QA 110 -16.88 -40.04 46.99
CA THR QA 110 -16.54 -41.10 46.05
C THR QA 110 -16.84 -40.67 44.62
N ILE QA 111 -16.06 -41.20 43.70
CA ILE QA 111 -16.19 -40.83 42.30
C ILE QA 111 -16.48 -42.07 41.46
N VAL QA 112 -17.48 -41.95 40.59
CA VAL QA 112 -18.14 -43.10 40.01
C VAL QA 112 -17.94 -43.09 38.50
N CYS QA 113 -18.15 -44.26 37.90
CA CYS QA 113 -17.84 -44.50 36.51
C CYS QA 113 -19.06 -44.42 35.60
N CYS QA 114 -20.04 -45.29 35.81
CA CYS QA 114 -21.16 -45.42 34.89
C CYS QA 114 -22.44 -45.10 35.65
N LEU QA 115 -22.79 -43.82 35.69
CA LEU QA 115 -23.85 -43.32 36.55
C LEU QA 115 -25.17 -43.29 35.80
N GLU QA 116 -26.22 -43.82 36.41
CA GLU QA 116 -27.53 -43.78 35.81
C GLU QA 116 -28.08 -42.36 35.81
N GLU QA 117 -28.90 -42.06 34.79
CA GLU QA 117 -29.58 -40.77 34.76
C GLU QA 117 -30.89 -40.81 35.54
N LYS QA 118 -31.60 -41.94 35.47
CA LYS QA 118 -32.84 -42.18 36.16
C LYS QA 118 -32.75 -43.50 36.89
N PRO QA 119 -33.43 -43.64 38.03
CA PRO QA 119 -33.34 -44.89 38.78
C PRO QA 119 -34.06 -46.02 38.06
N GLY QA 120 -33.33 -47.06 37.70
CA GLY QA 120 -33.95 -48.19 37.06
C GLY QA 120 -33.33 -48.59 35.75
N ASP QA 121 -32.92 -47.60 34.94
CA ASP QA 121 -32.29 -47.93 33.68
C ASP QA 121 -30.85 -48.33 33.94
N ARG QA 122 -30.05 -48.38 32.91
CA ARG QA 122 -28.67 -48.77 33.06
C ARG QA 122 -27.79 -47.53 32.90
N GLY QA 123 -26.47 -47.72 32.90
CA GLY QA 123 -25.58 -46.58 33.02
C GLY QA 123 -25.69 -45.62 31.86
N LYS QA 124 -25.68 -44.33 32.16
CA LYS QA 124 -25.88 -43.30 31.15
C LYS QA 124 -24.91 -42.14 31.20
N LEU QA 125 -24.14 -41.95 32.27
CA LEU QA 125 -23.29 -40.79 32.42
C LEU QA 125 -21.86 -41.20 32.70
N ALA QA 126 -20.92 -40.35 32.31
CA ALA QA 126 -19.49 -40.54 32.52
C ALA QA 126 -18.99 -41.83 31.89
N ARG QA 127 -19.52 -42.16 30.70
CA ARG QA 127 -19.18 -43.41 30.04
C ARG QA 127 -18.06 -43.28 29.02
N ALA QA 128 -17.51 -42.09 28.83
CA ALA QA 128 -16.41 -41.89 27.88
C ALA QA 128 -15.09 -42.02 28.61
N SER QA 129 -14.08 -42.53 27.90
CA SER QA 129 -12.85 -43.00 28.53
C SER QA 129 -12.19 -41.92 29.38
N GLY QA 130 -11.83 -42.28 30.60
CA GLY QA 130 -11.17 -41.38 31.52
C GLY QA 130 -12.08 -40.50 32.34
N ASN QA 131 -13.38 -40.51 32.09
CA ASN QA 131 -14.30 -39.63 32.78
C ASN QA 131 -14.78 -40.26 34.08
N TYR QA 132 -15.49 -39.47 34.87
CA TYR QA 132 -16.05 -39.89 36.14
C TYR QA 132 -16.93 -38.77 36.68
N ALA QA 133 -17.97 -39.16 37.40
CA ALA QA 133 -18.74 -38.22 38.21
C ALA QA 133 -18.21 -38.22 39.63
N THR QA 134 -18.72 -37.30 40.44
CA THR QA 134 -18.38 -37.24 41.85
C THR QA 134 -19.63 -37.09 42.67
N VAL QA 135 -19.78 -37.92 43.70
CA VAL QA 135 -20.91 -37.81 44.61
C VAL QA 135 -20.64 -36.65 45.55
N ILE QA 136 -21.45 -35.60 45.44
CA ILE QA 136 -21.23 -34.39 46.21
C ILE QA 136 -21.93 -34.45 47.56
N SER QA 137 -23.22 -34.80 47.59
CA SER QA 137 -23.96 -34.73 48.83
C SER QA 137 -25.16 -35.66 48.76
N HIS QA 138 -25.70 -35.97 49.94
CA HIS QA 138 -26.94 -36.71 50.09
C HIS QA 138 -27.90 -35.91 50.95
N ASN QA 139 -29.08 -36.48 51.17
CA ASN QA 139 -29.98 -36.08 52.23
C ASN QA 139 -31.00 -37.19 52.44
N PRO QA 140 -31.20 -37.63 53.68
CA PRO QA 140 -32.18 -38.71 53.93
C PRO QA 140 -33.57 -38.38 53.44
N GLU QA 141 -34.01 -37.13 53.62
CA GLU QA 141 -35.26 -36.71 53.04
C GLU QA 141 -35.14 -36.64 51.52
N THR QA 142 -36.28 -36.82 50.84
CA THR QA 142 -36.53 -36.66 49.40
C THR QA 142 -35.67 -37.56 48.52
N LYS QA 143 -34.82 -38.40 49.13
CA LYS QA 143 -34.09 -39.45 48.43
C LYS QA 143 -33.27 -38.93 47.26
N LYS QA 144 -32.60 -37.80 47.45
CA LYS QA 144 -31.87 -37.16 46.37
C LYS QA 144 -30.38 -37.12 46.67
N THR QA 145 -29.59 -37.20 45.60
CA THR QA 145 -28.14 -37.14 45.69
C THR QA 145 -27.63 -36.20 44.61
N ARG QA 146 -26.79 -35.25 45.01
CA ARG QA 146 -26.19 -34.31 44.08
C ARG QA 146 -24.85 -34.86 43.60
N VAL QA 147 -24.69 -34.98 42.29
CA VAL QA 147 -23.46 -35.46 41.69
C VAL QA 147 -22.87 -34.35 40.85
N LYS QA 148 -21.67 -34.60 40.33
CA LYS QA 148 -20.93 -33.61 39.55
C LYS QA 148 -20.43 -34.27 38.28
N LEU QA 149 -21.06 -33.94 37.16
CA LEU QA 149 -20.79 -34.57 35.89
C LEU QA 149 -19.42 -34.14 35.37
N PRO QA 150 -18.88 -34.85 34.38
CA PRO QA 150 -17.59 -34.44 33.79
C PRO QA 150 -17.59 -33.01 33.26
N SER QA 151 -18.72 -32.50 32.81
CA SER QA 151 -18.79 -31.14 32.30
C SER QA 151 -18.61 -30.10 33.40
N GLY QA 152 -18.64 -30.49 34.67
CA GLY QA 152 -18.62 -29.56 35.77
C GLY QA 152 -19.99 -29.15 36.26
N SER QA 153 -21.06 -29.60 35.62
CA SER QA 153 -22.40 -29.29 36.07
C SER QA 153 -22.81 -30.23 37.19
N LYS QA 154 -23.41 -29.67 38.23
CA LYS QA 154 -23.96 -30.47 39.32
C LYS QA 154 -25.40 -30.83 39.01
N LYS QA 155 -25.76 -32.08 39.27
CA LYS QA 155 -27.07 -32.59 38.94
C LYS QA 155 -27.63 -33.37 40.12
N VAL QA 156 -28.92 -33.21 40.37
CA VAL QA 156 -29.61 -33.93 41.43
C VAL QA 156 -30.30 -35.13 40.80
N ILE QA 157 -29.99 -36.32 41.30
CA ILE QA 157 -30.58 -37.55 40.82
C ILE QA 157 -31.14 -38.31 42.02
N SER QA 158 -31.78 -39.44 41.74
CA SER QA 158 -32.30 -40.26 42.83
C SER QA 158 -31.14 -40.91 43.58
N SER QA 159 -31.39 -41.25 44.83
CA SER QA 159 -30.38 -41.94 45.62
C SER QA 159 -30.27 -43.41 45.24
N ALA QA 160 -31.18 -43.94 44.45
CA ALA QA 160 -31.17 -45.35 44.09
C ALA QA 160 -30.43 -45.63 42.79
N ASN QA 161 -29.96 -44.60 42.09
CA ASN QA 161 -29.24 -44.81 40.84
C ASN QA 161 -27.93 -45.55 41.09
N ARG QA 162 -27.67 -46.57 40.30
CA ARG QA 162 -26.48 -47.41 40.48
C ARG QA 162 -25.34 -46.86 39.65
N ALA QA 163 -24.11 -47.16 40.09
CA ALA QA 163 -22.94 -46.66 39.40
C ALA QA 163 -21.75 -47.55 39.74
N VAL QA 164 -20.86 -47.74 38.76
CA VAL QA 164 -19.59 -48.40 39.02
C VAL QA 164 -18.71 -47.47 39.85
N VAL QA 165 -17.86 -48.05 40.67
CA VAL QA 165 -16.94 -47.30 41.51
C VAL QA 165 -15.59 -47.23 40.82
N GLY QA 166 -15.07 -46.03 40.63
CA GLY QA 166 -13.82 -45.81 39.93
C GLY QA 166 -14.01 -44.91 38.72
N VAL QA 167 -12.94 -44.75 37.97
CA VAL QA 167 -12.97 -43.99 36.72
C VAL QA 167 -12.92 -44.98 35.57
N VAL QA 168 -13.59 -44.62 34.48
CA VAL QA 168 -13.60 -45.47 33.30
C VAL QA 168 -12.20 -45.51 32.68
N ALA QA 169 -11.79 -46.72 32.28
CA ALA QA 169 -10.47 -46.92 31.71
C ALA QA 169 -10.36 -46.22 30.36
N GLY QA 170 -9.20 -46.35 29.74
CA GLY QA 170 -8.93 -45.65 28.51
C GLY QA 170 -8.13 -44.39 28.71
N GLY QA 171 -7.97 -43.93 29.94
CA GLY QA 171 -7.00 -42.94 30.36
C GLY QA 171 -7.05 -41.66 29.55
N GLY QA 172 -5.88 -41.06 29.36
CA GLY QA 172 -5.76 -39.84 28.60
C GLY QA 172 -5.54 -40.09 27.13
N ARG QA 173 -6.59 -40.54 26.44
CA ARG QA 173 -6.45 -40.84 25.02
C ARG QA 173 -6.17 -39.59 24.21
N ILE QA 174 -6.81 -38.46 24.56
CA ILE QA 174 -6.73 -37.25 23.74
C ILE QA 174 -5.41 -36.52 23.86
N ASP QA 175 -4.46 -37.03 24.65
CA ASP QA 175 -3.17 -36.37 24.77
C ASP QA 175 -2.32 -36.56 23.53
N LYS QA 176 -2.30 -37.76 22.99
CA LYS QA 176 -1.46 -38.05 21.83
C LYS QA 176 -1.98 -37.33 20.61
N PRO QA 177 -1.19 -36.48 19.96
CA PRO QA 177 -1.65 -35.87 18.72
C PRO QA 177 -1.84 -36.91 17.63
N ILE QA 178 -2.85 -36.69 16.79
CA ILE QA 178 -3.17 -37.66 15.76
C ILE QA 178 -2.07 -37.72 14.71
N LEU QA 179 -1.48 -36.56 14.39
CA LEU QA 179 -0.27 -36.40 13.58
C LEU QA 179 -0.48 -36.65 12.10
N LYS QA 180 -1.64 -37.14 11.69
CA LYS QA 180 -1.78 -37.58 10.32
C LYS QA 180 -3.24 -37.53 9.91
N ALA QA 181 -3.49 -37.09 8.68
CA ALA QA 181 -4.84 -37.21 8.15
C ALA QA 181 -5.24 -38.67 7.98
N GLY QA 182 -4.25 -39.55 7.86
CA GLY QA 182 -4.56 -40.97 7.78
C GLY QA 182 -5.09 -41.52 9.09
N ARG QA 183 -4.49 -41.13 10.20
CA ARG QA 183 -4.93 -41.64 11.49
C ARG QA 183 -6.28 -41.04 11.87
N ALA QA 184 -6.52 -39.80 11.47
CA ALA QA 184 -7.85 -39.23 11.63
C ALA QA 184 -8.86 -39.95 10.74
N TYR QA 185 -8.44 -40.35 9.54
CA TYR QA 185 -9.33 -41.08 8.65
C TYR QA 185 -9.70 -42.43 9.25
N HIS QA 186 -8.75 -43.10 9.88
CA HIS QA 186 -9.03 -44.40 10.48
C HIS QA 186 -9.83 -44.26 11.75
N LYS QA 187 -9.67 -43.14 12.47
CA LYS QA 187 -10.42 -42.94 13.70
C LYS QA 187 -11.91 -42.82 13.42
N TYR QA 188 -12.29 -42.05 12.42
CA TYR QA 188 -13.69 -41.81 12.11
C TYR QA 188 -14.28 -42.82 11.16
N LYS QA 189 -13.46 -43.61 10.47
CA LYS QA 189 -14.00 -44.67 9.62
C LYS QA 189 -14.75 -45.70 10.45
N ALA QA 190 -14.35 -45.88 11.71
CA ALA QA 190 -15.04 -46.80 12.58
C ALA QA 190 -16.18 -46.16 13.35
N LYS QA 191 -16.33 -44.84 13.29
CA LYS QA 191 -17.39 -44.17 14.04
C LYS QA 191 -18.60 -43.85 13.18
N ARG QA 192 -18.44 -43.01 12.15
CA ARG QA 192 -19.53 -42.60 11.28
C ARG QA 192 -18.94 -41.72 10.20
N ASN QA 193 -19.73 -41.46 9.16
CA ASN QA 193 -19.28 -40.65 8.02
C ASN QA 193 -19.40 -39.18 8.39
N CYS QA 194 -18.35 -38.65 8.99
CA CYS QA 194 -18.35 -37.26 9.40
C CYS QA 194 -17.01 -36.54 9.24
N TRP QA 195 -15.95 -37.24 8.86
CA TRP QA 195 -14.63 -36.67 9.13
C TRP QA 195 -14.18 -35.55 8.20
N PRO QA 196 -14.14 -35.73 6.86
CA PRO QA 196 -13.53 -34.67 6.04
C PRO QA 196 -14.43 -33.45 6.03
N ARG QA 197 -14.00 -32.40 6.71
CA ARG QA 197 -14.86 -31.28 7.07
C ARG QA 197 -14.51 -30.09 6.21
N VAL QA 198 -15.24 -29.91 5.12
CA VAL QA 198 -15.06 -28.73 4.29
C VAL QA 198 -15.58 -27.52 5.03
N ARG QA 199 -14.81 -26.45 5.04
CA ARG QA 199 -15.24 -25.20 5.65
C ARG QA 199 -16.39 -24.62 4.85
N GLY QA 200 -17.34 -24.00 5.57
CA GLY QA 200 -18.48 -23.40 4.89
C GLY QA 200 -18.09 -22.26 3.98
N VAL QA 201 -17.04 -21.51 4.34
CA VAL QA 201 -16.61 -20.39 3.53
C VAL QA 201 -16.05 -20.84 2.19
N ALA QA 202 -15.63 -22.10 2.08
CA ALA QA 202 -15.14 -22.62 0.81
C ALA QA 202 -16.27 -23.06 -0.11
N MET QA 203 -17.49 -23.16 0.39
CA MET QA 203 -18.63 -23.59 -0.39
C MET QA 203 -19.20 -22.42 -1.19
N ASN QA 204 -20.20 -22.70 -1.98
CA ASN QA 204 -20.92 -21.70 -2.72
C ASN QA 204 -22.15 -21.27 -1.96
N PRO QA 205 -22.73 -20.10 -2.26
CA PRO QA 205 -23.89 -19.64 -1.49
C PRO QA 205 -25.07 -20.57 -1.59
N VAL QA 206 -25.14 -21.42 -2.60
CA VAL QA 206 -26.26 -22.34 -2.70
C VAL QA 206 -26.18 -23.39 -1.60
N GLU QA 207 -24.99 -23.86 -1.24
CA GLU QA 207 -24.89 -24.93 -0.26
C GLU QA 207 -24.72 -24.45 1.17
N HIS QA 208 -24.49 -23.17 1.41
CA HIS QA 208 -24.15 -22.76 2.77
C HIS QA 208 -24.45 -21.28 2.94
N PRO QA 209 -24.87 -20.85 4.14
CA PRO QA 209 -24.99 -19.42 4.40
C PRO QA 209 -23.68 -18.66 4.29
N PHE QA 210 -22.56 -19.30 4.57
CA PHE QA 210 -21.28 -18.61 4.60
C PHE QA 210 -20.55 -18.65 3.26
N GLY QA 211 -21.08 -19.37 2.28
CA GLY QA 211 -20.36 -19.54 1.04
C GLY QA 211 -20.40 -18.31 0.17
N GLY QA 212 -19.52 -18.32 -0.82
CA GLY QA 212 -19.51 -17.27 -1.82
C GLY QA 212 -18.66 -16.09 -1.46
N GLY QA 213 -18.56 -15.17 -2.40
CA GLY QA 213 -17.76 -13.98 -2.26
C GLY QA 213 -16.41 -14.15 -2.92
N ASN QA 214 -15.87 -13.03 -3.42
CA ASN QA 214 -14.59 -13.09 -4.11
C ASN QA 214 -13.43 -13.28 -3.16
N HIS QA 215 -13.65 -13.03 -1.87
CA HIS QA 215 -12.73 -13.45 -0.82
C HIS QA 215 -13.49 -14.39 0.10
N GLN QA 216 -12.76 -15.34 0.69
CA GLN QA 216 -13.38 -16.31 1.59
C GLN QA 216 -13.61 -15.63 2.94
N HIS QA 217 -14.74 -14.94 3.02
CA HIS QA 217 -15.15 -14.26 4.24
C HIS QA 217 -16.57 -14.64 4.57
N ILE QA 218 -16.89 -14.59 5.87
CA ILE QA 218 -18.24 -14.93 6.30
C ILE QA 218 -19.23 -13.89 5.82
N GLY QA 219 -18.92 -12.60 6.01
CA GLY QA 219 -19.78 -11.52 5.60
C GLY QA 219 -20.93 -11.23 6.53
N LYS QA 220 -21.28 -12.14 7.42
CA LYS QA 220 -22.38 -11.99 8.35
C LYS QA 220 -21.88 -12.44 9.72
N PRO QA 221 -22.49 -11.95 10.80
CA PRO QA 221 -22.08 -12.39 12.14
C PRO QA 221 -22.26 -13.89 12.29
N SER QA 222 -21.16 -14.58 12.60
CA SER QA 222 -21.19 -16.03 12.65
C SER QA 222 -22.00 -16.55 13.83
N THR QA 223 -22.16 -15.74 14.88
CA THR QA 223 -23.06 -16.12 15.96
C THR QA 223 -24.50 -16.04 15.47
N ILE QA 224 -25.27 -17.08 15.71
CA ILE QA 224 -26.63 -17.18 15.22
C ILE QA 224 -27.56 -17.43 16.39
N ARG QA 225 -28.79 -16.95 16.28
CA ARG QA 225 -29.74 -17.06 17.37
C ARG QA 225 -30.18 -18.51 17.55
N ARG QA 226 -30.79 -18.77 18.71
CA ARG QA 226 -31.19 -20.14 19.04
C ARG QA 226 -32.30 -20.63 18.13
N ASP QA 227 -33.27 -19.77 17.81
CA ASP QA 227 -34.47 -20.19 17.11
C ASP QA 227 -34.33 -20.18 15.59
N ALA QA 228 -33.11 -20.00 15.09
CA ALA QA 228 -32.90 -19.91 13.65
C ALA QA 228 -33.35 -21.20 12.97
N PRO QA 229 -33.91 -21.11 11.76
CA PRO QA 229 -34.40 -22.31 11.10
C PRO QA 229 -33.25 -23.25 10.73
N ALA QA 230 -33.58 -24.54 10.63
CA ALA QA 230 -32.61 -25.50 10.14
C ALA QA 230 -32.21 -25.15 8.72
N GLY QA 231 -30.94 -25.37 8.40
CA GLY QA 231 -30.39 -24.87 7.18
C GLY QA 231 -29.91 -23.44 7.26
N ARG QA 232 -30.06 -22.80 8.41
CA ARG QA 232 -29.56 -21.46 8.64
C ARG QA 232 -28.65 -21.37 9.85
N LYS QA 233 -28.94 -22.06 10.94
CA LYS QA 233 -28.11 -21.91 12.13
C LYS QA 233 -26.80 -22.67 11.93
N VAL QA 234 -25.79 -21.93 11.49
CA VAL QA 234 -24.42 -22.44 11.36
C VAL QA 234 -23.51 -21.38 11.98
N GLY QA 235 -22.30 -21.81 12.30
CA GLY QA 235 -21.38 -20.93 12.99
C GLY QA 235 -21.35 -21.21 14.48
N LEU QA 236 -21.66 -20.21 15.28
CA LEU QA 236 -21.62 -20.30 16.74
C LEU QA 236 -23.05 -20.21 17.24
N ILE QA 237 -23.67 -21.35 17.48
CA ILE QA 237 -25.10 -21.41 17.78
C ILE QA 237 -25.33 -20.91 19.20
N ALA QA 238 -26.15 -19.86 19.33
CA ALA QA 238 -26.62 -19.35 20.62
C ALA QA 238 -25.46 -19.02 21.56
N ALA QA 239 -24.41 -18.43 21.01
CA ALA QA 239 -23.18 -18.20 21.76
C ALA QA 239 -23.39 -17.14 22.83
N ARG QA 240 -23.04 -17.48 24.07
CA ARG QA 240 -23.10 -16.48 25.14
C ARG QA 240 -21.96 -15.48 25.03
N ARG QA 241 -20.84 -15.90 24.46
CA ARG QA 241 -19.68 -15.04 24.29
C ARG QA 241 -18.80 -15.67 23.23
N THR QA 242 -17.73 -14.97 22.88
CA THR QA 242 -16.77 -15.42 21.88
C THR QA 242 -15.38 -14.95 22.30
N GLY QA 243 -14.38 -15.34 21.52
CA GLY QA 243 -13.08 -14.73 21.68
C GLY QA 243 -12.02 -15.60 22.33
N ARG QA 244 -11.66 -15.26 23.56
CA ARG QA 244 -10.44 -15.80 24.15
C ARG QA 244 -10.61 -16.41 25.54
N LEU QA 245 -11.64 -16.05 26.30
CA LEU QA 245 -11.90 -16.60 27.63
C LEU QA 245 -10.72 -16.34 28.57
N ARG QA 246 -10.45 -15.05 28.81
CA ARG QA 246 -9.33 -14.65 29.63
C ARG QA 246 -9.73 -14.61 31.10
N GLY QA 247 -8.96 -15.31 31.95
CA GLY QA 247 -9.12 -15.18 33.38
C GLY QA 247 -9.51 -16.42 34.16
N THR QA 248 -10.41 -17.21 33.61
CA THR QA 248 -10.88 -18.40 34.31
C THR QA 248 -11.32 -19.49 33.34
N SER RA 1 -0.07 -1.95 -42.51
CA SER RA 1 1.07 -1.33 -41.85
C SER RA 1 2.35 -1.82 -42.48
N HIS RA 2 3.40 -1.02 -42.39
CA HIS RA 2 4.69 -1.39 -42.94
C HIS RA 2 5.29 -2.55 -42.16
N ARG RA 3 6.12 -3.34 -42.83
CA ARG RA 3 6.86 -4.37 -42.13
C ARG RA 3 7.86 -3.73 -41.19
N LYS RA 4 8.12 -4.41 -40.07
CA LYS RA 4 8.84 -3.79 -38.95
C LYS RA 4 10.24 -3.38 -39.36
N PHE RA 5 11.00 -4.29 -39.93
CA PHE RA 5 12.37 -4.03 -40.36
C PHE RA 5 12.49 -4.39 -41.83
N SER RA 6 13.17 -3.53 -42.58
CA SER RA 6 13.38 -3.78 -43.99
C SER RA 6 14.30 -4.98 -44.19
N ALA RA 7 14.07 -5.71 -45.28
CA ALA RA 7 14.94 -6.81 -45.65
C ALA RA 7 14.78 -7.04 -47.14
N PRO RA 8 15.86 -7.34 -47.85
CA PRO RA 8 15.73 -7.57 -49.29
C PRO RA 8 14.91 -8.81 -49.61
N ARG RA 9 14.24 -8.77 -50.76
CA ARG RA 9 13.40 -9.88 -51.16
C ARG RA 9 14.26 -11.06 -51.60
N HIS RA 10 13.67 -12.25 -51.52
CA HIS RA 10 14.36 -13.49 -51.83
C HIS RA 10 14.24 -13.80 -53.31
N GLY RA 11 15.37 -14.05 -53.96
CA GLY RA 11 15.35 -14.43 -55.35
C GLY RA 11 15.15 -13.25 -56.28
N SER RA 12 15.74 -13.33 -57.46
CA SER RA 12 15.62 -12.27 -58.44
C SER RA 12 14.35 -12.47 -59.25
N LEU RA 13 13.76 -11.36 -59.65
CA LEU RA 13 12.59 -11.40 -60.52
C LEU RA 13 12.98 -11.40 -61.99
N GLY RA 14 14.26 -11.40 -62.30
CA GLY RA 14 14.67 -11.45 -63.69
C GLY RA 14 14.73 -12.82 -64.29
N PHE RA 15 14.33 -13.84 -63.54
CA PHE RA 15 14.24 -15.20 -64.04
C PHE RA 15 12.88 -15.80 -63.72
N LEU RA 16 11.83 -14.96 -63.72
CA LEU RA 16 10.56 -15.37 -63.13
C LEU RA 16 9.88 -16.60 -63.74
N PRO RA 17 9.89 -16.85 -65.03
CA PRO RA 17 9.31 -18.12 -65.46
C PRO RA 17 10.23 -19.27 -65.10
N ARG RA 18 10.13 -19.71 -63.84
CA ARG RA 18 11.05 -20.68 -63.26
C ARG RA 18 10.60 -22.09 -63.59
N LYS RA 19 10.52 -22.34 -64.89
CA LYS RA 19 9.98 -23.57 -65.45
C LYS RA 19 11.10 -24.40 -66.04
N ARG RA 20 10.79 -25.67 -66.30
CA ARG RA 20 11.69 -26.50 -67.07
C ARG RA 20 11.98 -25.84 -68.39
N SER RA 21 13.26 -25.76 -68.74
CA SER RA 21 13.66 -25.14 -69.99
C SER RA 21 13.01 -25.85 -71.15
N SER RA 22 12.47 -25.07 -72.09
CA SER RA 22 11.84 -25.65 -73.26
C SER RA 22 12.85 -26.31 -74.19
N ARG RA 23 14.14 -26.08 -73.96
CA ARG RA 23 15.21 -26.62 -74.78
C ARG RA 23 16.15 -27.42 -73.90
N HIS RA 24 16.96 -28.25 -74.54
CA HIS RA 24 18.02 -28.98 -73.86
C HIS RA 24 19.40 -28.49 -74.21
N ARG RA 25 19.60 -28.00 -75.44
CA ARG RA 25 20.92 -27.64 -75.90
C ARG RA 25 21.42 -26.34 -75.25
N GLY RA 26 20.56 -25.34 -75.16
CA GLY RA 26 20.96 -24.05 -74.66
C GLY RA 26 21.24 -23.08 -75.79
N LYS RA 27 20.36 -22.11 -75.97
CA LYS RA 27 20.44 -21.24 -77.14
C LYS RA 27 21.33 -20.04 -76.85
N VAL RA 28 22.01 -19.58 -77.89
CA VAL RA 28 22.94 -18.46 -77.75
C VAL RA 28 22.19 -17.19 -77.39
N LYS RA 29 21.14 -16.87 -78.15
CA LYS RA 29 20.19 -15.77 -77.92
C LYS RA 29 20.77 -14.40 -78.22
N SER RA 30 22.08 -14.30 -78.44
CA SER RA 30 22.72 -13.02 -78.77
C SER RA 30 24.11 -13.30 -79.32
N PHE RA 31 24.32 -12.99 -80.51
CA PHE RA 31 25.67 -13.12 -81.02
C PHE RA 31 26.37 -11.76 -81.00
N PRO RA 32 27.70 -11.75 -80.89
CA PRO RA 32 28.41 -10.47 -80.76
C PRO RA 32 28.17 -9.56 -81.95
N LYS RA 33 28.24 -8.25 -81.68
CA LYS RA 33 27.94 -7.25 -82.69
C LYS RA 33 28.87 -7.38 -83.89
N ASP RA 34 28.29 -7.47 -85.07
CA ASP RA 34 29.05 -7.73 -86.28
C ASP RA 34 29.67 -6.44 -86.81
N ASP RA 35 30.97 -6.48 -87.08
CA ASP RA 35 31.65 -5.34 -87.67
C ASP RA 35 32.50 -5.80 -88.85
N PRO RA 36 32.60 -5.00 -89.91
CA PRO RA 36 33.27 -5.47 -91.13
C PRO RA 36 34.78 -5.38 -91.12
N SER RA 37 35.38 -4.58 -90.23
CA SER RA 37 36.83 -4.43 -90.27
C SER RA 37 37.54 -5.70 -89.83
N LYS RA 38 36.95 -6.45 -88.89
CA LYS RA 38 37.60 -7.61 -88.33
C LYS RA 38 37.61 -8.75 -89.35
N PRO RA 39 38.53 -9.70 -89.21
CA PRO RA 39 38.55 -10.85 -90.11
C PRO RA 39 37.38 -11.78 -89.85
N VAL RA 40 37.14 -12.69 -90.80
CA VAL RA 40 36.03 -13.61 -90.72
C VAL RA 40 36.31 -14.66 -89.64
N HIS RA 41 35.34 -14.88 -88.76
CA HIS RA 41 35.51 -15.84 -87.69
C HIS RA 41 34.16 -16.32 -87.20
N LEU RA 42 34.16 -17.45 -86.52
CA LEU RA 42 32.99 -18.00 -85.88
C LEU RA 42 32.84 -17.43 -84.48
N THR RA 43 31.62 -17.46 -83.96
CA THR RA 43 31.32 -16.82 -82.69
C THR RA 43 30.88 -17.78 -81.60
N ALA RA 44 30.74 -19.06 -81.88
CA ALA RA 44 30.26 -19.98 -80.87
C ALA RA 44 30.86 -21.37 -81.10
N PHE RA 45 30.56 -22.27 -80.18
CA PHE RA 45 31.02 -23.65 -80.26
C PHE RA 45 30.17 -24.48 -79.32
N LEU RA 46 30.22 -25.80 -79.52
CA LEU RA 46 29.48 -26.74 -78.69
C LEU RA 46 30.45 -27.71 -78.04
N GLY RA 47 30.42 -27.77 -76.71
CA GLY RA 47 31.20 -28.72 -75.96
C GLY RA 47 30.31 -29.51 -75.02
N TYR RA 48 30.95 -30.35 -74.22
CA TYR RA 48 30.25 -31.20 -73.26
C TYR RA 48 31.00 -31.16 -71.94
N LYS RA 49 30.26 -30.96 -70.86
CA LYS RA 49 30.87 -30.79 -69.53
C LYS RA 49 31.43 -32.12 -69.06
N ALA RA 50 32.74 -32.29 -69.19
CA ALA RA 50 33.37 -33.55 -68.83
C ALA RA 50 33.51 -33.71 -67.33
N GLY RA 51 33.83 -32.63 -66.61
CA GLY RA 51 34.04 -32.75 -65.18
C GLY RA 51 34.75 -31.52 -64.65
N MET RA 52 35.34 -31.68 -63.47
CA MET RA 52 36.05 -30.59 -62.82
C MET RA 52 37.32 -31.13 -62.19
N THR RA 53 38.27 -30.23 -61.96
CA THR RA 53 39.50 -30.52 -61.24
C THR RA 53 40.05 -29.19 -60.74
N HIS RA 54 41.24 -29.20 -60.16
CA HIS RA 54 41.89 -27.98 -59.73
C HIS RA 54 43.32 -27.93 -60.25
N ILE RA 55 43.85 -26.71 -60.33
CA ILE RA 55 45.17 -26.47 -60.90
C ILE RA 55 45.97 -25.66 -59.89
N VAL RA 56 47.24 -25.45 -60.22
CA VAL RA 56 48.14 -24.57 -59.48
C VAL RA 56 48.81 -23.64 -60.47
N ARG RA 57 48.83 -22.35 -60.17
CA ARG RA 57 49.43 -21.40 -61.09
C ARG RA 57 49.99 -20.21 -60.34
N GLU RA 58 50.88 -19.50 -61.02
CA GLU RA 58 51.54 -18.32 -60.48
C GLU RA 58 50.80 -17.06 -60.93
N VAL RA 59 50.39 -16.24 -59.97
CA VAL RA 59 49.56 -15.07 -60.25
C VAL RA 59 50.46 -13.88 -60.53
N ASP RA 60 50.05 -13.06 -61.51
CA ASP RA 60 50.80 -11.88 -61.89
C ASP RA 60 49.98 -10.61 -61.73
N ARG RA 61 49.32 -10.46 -60.58
CA ARG RA 61 48.46 -9.32 -60.32
C ARG RA 61 49.15 -8.36 -59.36
N PRO RA 62 49.80 -7.31 -59.86
CA PRO RA 62 50.54 -6.42 -58.97
C PRO RA 62 49.63 -5.66 -58.02
N GLY RA 63 50.17 -5.38 -56.84
CA GLY RA 63 49.39 -4.72 -55.81
C GLY RA 63 48.43 -5.63 -55.08
N SER RA 64 48.52 -6.94 -55.31
CA SER RA 64 47.65 -7.92 -54.67
C SER RA 64 48.46 -8.74 -53.68
N LYS RA 65 47.74 -9.39 -52.76
CA LYS RA 65 48.39 -10.28 -51.80
C LYS RA 65 48.81 -11.60 -52.41
N VAL RA 66 48.34 -11.92 -53.62
CA VAL RA 66 48.73 -13.13 -54.31
C VAL RA 66 49.71 -12.86 -55.44
N ASN RA 67 50.27 -11.66 -55.51
CA ASN RA 67 51.22 -11.34 -56.55
C ASN RA 67 52.48 -12.17 -56.39
N LYS RA 68 52.93 -12.79 -57.49
CA LYS RA 68 54.06 -13.71 -57.48
C LYS RA 68 53.86 -14.82 -56.46
N LYS RA 69 52.64 -15.33 -56.38
CA LYS RA 69 52.31 -16.39 -55.44
C LYS RA 69 51.56 -17.49 -56.18
N GLU RA 70 51.60 -18.69 -55.61
CA GLU RA 70 50.88 -19.82 -56.14
C GLU RA 70 49.49 -19.89 -55.53
N VAL RA 71 48.50 -20.22 -56.36
CA VAL RA 71 47.12 -20.39 -55.92
C VAL RA 71 46.59 -21.67 -56.53
N VAL RA 72 45.52 -22.18 -55.92
CA VAL RA 72 44.76 -23.27 -56.53
C VAL RA 72 43.41 -22.71 -56.96
N GLU RA 73 42.89 -23.24 -58.06
CA GLU RA 73 41.67 -22.74 -58.64
C GLU RA 73 40.88 -23.89 -59.23
N ALA RA 74 39.59 -23.91 -58.96
CA ALA RA 74 38.72 -24.91 -59.58
C ALA RA 74 38.55 -24.61 -61.06
N VAL RA 75 38.66 -25.63 -61.89
CA VAL RA 75 38.51 -25.49 -63.32
C VAL RA 75 37.57 -26.58 -63.81
N THR RA 76 36.84 -26.28 -64.88
CA THR RA 76 35.89 -27.22 -65.47
C THR RA 76 36.39 -27.64 -66.84
N ILE RA 77 36.52 -28.94 -67.04
CA ILE RA 77 36.96 -29.49 -68.32
C ILE RA 77 35.74 -29.66 -69.21
N VAL RA 78 35.82 -29.12 -70.43
CA VAL RA 78 34.75 -29.24 -71.41
C VAL RA 78 35.34 -29.86 -72.66
N GLU RA 79 34.86 -31.05 -73.01
CA GLU RA 79 35.35 -31.72 -74.21
C GLU RA 79 34.73 -31.11 -75.45
N THR RA 80 35.58 -30.68 -76.38
CA THR RA 80 35.15 -30.02 -77.61
C THR RA 80 35.81 -30.69 -78.80
N PRO RA 81 35.26 -31.82 -79.26
CA PRO RA 81 35.70 -32.37 -80.52
C PRO RA 81 35.32 -31.45 -81.66
N PRO RA 82 36.06 -31.47 -82.77
CA PRO RA 82 35.77 -30.54 -83.86
C PRO RA 82 34.37 -30.75 -84.42
N MET RA 83 33.71 -29.64 -84.73
CA MET RA 83 32.39 -29.70 -85.33
C MET RA 83 32.51 -29.76 -86.84
N VAL RA 84 31.39 -30.03 -87.49
CA VAL RA 84 31.34 -30.15 -88.95
C VAL RA 84 30.31 -29.16 -89.46
N VAL RA 85 30.72 -28.31 -90.40
CA VAL RA 85 29.83 -27.34 -91.02
C VAL RA 85 29.02 -28.06 -92.09
N VAL RA 86 27.70 -27.95 -92.02
CA VAL RA 86 26.81 -28.66 -92.93
C VAL RA 86 25.82 -27.74 -93.62
N GLY RA 87 25.82 -26.45 -93.34
CA GLY RA 87 24.84 -25.60 -93.99
C GLY RA 87 25.13 -24.13 -93.78
N ILE RA 88 24.35 -23.31 -94.48
CA ILE RA 88 24.45 -21.86 -94.44
C ILE RA 88 23.05 -21.29 -94.40
N VAL RA 89 22.81 -20.33 -93.51
CA VAL RA 89 21.53 -19.63 -93.39
C VAL RA 89 21.77 -18.16 -93.67
N GLY RA 90 20.92 -17.57 -94.49
CA GLY RA 90 20.90 -16.14 -94.67
C GLY RA 90 19.77 -15.52 -93.86
N TYR RA 91 20.00 -14.31 -93.37
CA TYR RA 91 18.99 -13.56 -92.65
C TYR RA 91 18.87 -12.17 -93.26
N VAL RA 92 17.66 -11.64 -93.25
CA VAL RA 92 17.39 -10.31 -93.79
C VAL RA 92 16.70 -9.49 -92.71
N GLU RA 93 17.12 -8.23 -92.58
CA GLU RA 93 16.61 -7.35 -91.54
C GLU RA 93 15.30 -6.72 -92.02
N THR RA 94 14.20 -7.17 -91.47
CA THR RA 94 12.90 -6.61 -91.75
C THR RA 94 12.49 -5.68 -90.62
N PRO RA 95 11.48 -4.83 -90.82
CA PRO RA 95 10.99 -4.02 -89.70
C PRO RA 95 10.21 -4.82 -88.66
N ARG RA 96 10.25 -6.15 -88.77
CA ARG RA 96 9.70 -7.02 -87.75
C ARG RA 96 10.75 -7.93 -87.15
N GLY RA 97 12.02 -7.71 -87.45
CA GLY RA 97 13.12 -8.52 -86.96
C GLY RA 97 13.87 -9.18 -88.08
N LEU RA 98 14.68 -10.17 -87.71
CA LEU RA 98 15.32 -11.01 -88.71
C LEU RA 98 14.35 -12.08 -89.16
N ARG RA 99 14.37 -12.39 -90.45
CA ARG RA 99 13.65 -13.55 -90.93
C ARG RA 99 14.58 -14.38 -91.81
N THR RA 100 14.44 -15.69 -91.71
CA THR RA 100 15.32 -16.61 -92.40
C THR RA 100 15.10 -16.50 -93.90
N PHE RA 101 16.08 -15.96 -94.61
CA PHE RA 101 15.92 -15.77 -96.04
C PHE RA 101 16.00 -17.10 -96.78
N LYS RA 102 17.13 -17.80 -96.65
CA LYS RA 102 17.34 -19.01 -97.42
C LYS RA 102 18.31 -19.91 -96.67
N THR RA 103 18.07 -21.21 -96.72
CA THR RA 103 18.95 -22.22 -96.15
C THR RA 103 19.52 -23.07 -97.27
N VAL RA 104 20.83 -23.31 -97.23
CA VAL RA 104 21.51 -24.17 -98.18
C VAL RA 104 22.28 -25.21 -97.39
N PHE RA 105 22.09 -26.48 -97.71
CA PHE RA 105 22.74 -27.56 -97.00
C PHE RA 105 23.76 -28.25 -97.89
N ALA RA 106 24.85 -28.67 -97.28
CA ALA RA 106 25.93 -29.31 -98.02
C ALA RA 106 25.54 -30.71 -98.44
N GLU RA 107 26.20 -31.19 -99.48
CA GLU RA 107 26.12 -32.59 -99.87
C GLU RA 107 26.80 -33.44 -98.79
N HIS RA 108 26.37 -34.69 -98.69
CA HIS RA 108 26.98 -35.68 -97.79
C HIS RA 108 26.90 -35.21 -96.32
N ILE RA 109 25.68 -35.11 -95.83
CA ILE RA 109 25.46 -34.94 -94.41
C ILE RA 109 25.72 -36.27 -93.72
N SER RA 110 26.51 -36.24 -92.64
CA SER RA 110 26.89 -37.46 -91.95
C SER RA 110 25.71 -38.08 -91.23
N ASP RA 111 25.80 -39.40 -91.01
CA ASP RA 111 24.71 -40.14 -90.40
C ASP RA 111 24.44 -39.67 -88.98
N GLU RA 112 25.51 -39.32 -88.25
CA GLU RA 112 25.33 -38.82 -86.89
C GLU RA 112 24.53 -37.53 -86.88
N CYS RA 113 24.69 -36.70 -87.92
CA CYS RA 113 23.92 -35.47 -88.00
C CYS RA 113 22.48 -35.75 -88.41
N LYS RA 114 22.27 -36.67 -89.33
CA LYS RA 114 20.92 -36.98 -89.79
C LYS RA 114 20.08 -37.64 -88.71
N ARG RA 115 20.69 -38.12 -87.63
CA ARG RA 115 19.90 -38.62 -86.52
C ARG RA 115 19.09 -37.51 -85.87
N ARG RA 116 19.56 -36.27 -85.96
CA ARG RA 116 18.88 -35.16 -85.33
C ARG RA 116 17.50 -34.93 -85.92
N PHE RA 117 17.28 -35.35 -87.16
CA PHE RA 117 16.01 -35.14 -87.82
C PHE RA 117 14.98 -36.21 -87.54
N TYR RA 118 15.31 -37.22 -86.73
CA TYR RA 118 14.44 -38.37 -86.52
C TYR RA 118 14.17 -38.57 -85.04
N LYS RA 119 12.90 -38.70 -84.68
CA LYS RA 119 12.54 -39.11 -83.33
C LYS RA 119 12.76 -40.60 -83.13
N ASN RA 120 12.71 -41.39 -84.20
CA ASN RA 120 12.99 -42.82 -84.16
C ASN RA 120 13.89 -43.16 -85.33
N TRP RA 121 15.20 -43.13 -85.09
CA TRP RA 121 16.17 -43.46 -86.12
C TRP RA 121 16.18 -44.95 -86.42
N HIS RA 122 15.80 -45.77 -85.44
CA HIS RA 122 15.89 -47.22 -85.61
C HIS RA 122 14.90 -47.71 -86.65
N LYS RA 123 13.63 -47.31 -86.55
CA LYS RA 123 12.63 -47.73 -87.51
C LYS RA 123 12.69 -46.93 -88.80
N SER RA 124 13.37 -45.80 -88.80
CA SER RA 124 13.42 -44.93 -89.96
C SER RA 124 14.15 -45.60 -91.11
N LYS RA 125 13.83 -45.16 -92.32
CA LYS RA 125 14.53 -45.59 -93.52
C LYS RA 125 15.60 -44.60 -93.94
N LYS RA 126 15.83 -43.56 -93.13
CA LYS RA 126 16.94 -42.63 -93.33
C LYS RA 126 16.87 -41.93 -94.68
N LYS RA 127 15.70 -41.41 -95.00
CA LYS RA 127 15.48 -40.74 -96.27
C LYS RA 127 15.73 -39.25 -96.22
N ALA RA 128 16.12 -38.70 -95.08
CA ALA RA 128 16.29 -37.26 -94.94
C ALA RA 128 17.44 -36.78 -95.82
N PHE RA 129 17.18 -35.70 -96.56
CA PHE RA 129 18.14 -35.02 -97.43
C PHE RA 129 18.64 -35.92 -98.56
N THR RA 130 17.93 -36.99 -98.90
CA THR RA 130 18.40 -37.84 -99.99
C THR RA 130 18.05 -37.25 -101.35
N LYS RA 131 16.91 -36.57 -101.47
CA LYS RA 131 16.59 -35.90 -102.72
C LYS RA 131 17.24 -34.53 -102.78
N TYR RA 132 17.51 -33.91 -101.64
CA TYR RA 132 18.16 -32.60 -101.65
C TYR RA 132 19.58 -32.70 -102.16
N CYS RA 133 20.34 -33.66 -101.67
CA CYS RA 133 21.72 -33.84 -102.09
C CYS RA 133 21.83 -34.21 -103.55
N LYS RA 134 20.74 -34.68 -104.16
CA LYS RA 134 20.76 -34.99 -105.58
C LYS RA 134 20.90 -33.74 -106.44
N LYS RA 135 20.53 -32.59 -105.92
CA LYS RA 135 20.61 -31.36 -106.70
C LYS RA 135 22.02 -30.79 -106.74
N TRP RA 136 22.94 -31.30 -105.92
CA TRP RA 136 24.32 -30.83 -105.98
C TRP RA 136 25.06 -31.34 -107.20
N GLN RA 137 24.49 -32.29 -107.93
CA GLN RA 137 25.18 -32.92 -109.05
C GLN RA 137 24.54 -32.69 -110.40
N ASP RA 138 23.25 -32.38 -110.47
CA ASP RA 138 22.61 -32.09 -111.74
C ASP RA 138 22.76 -30.61 -112.08
N GLU RA 139 22.50 -30.29 -113.35
CA GLU RA 139 22.77 -28.94 -113.83
C GLU RA 139 21.74 -27.95 -113.29
N ASP RA 140 20.46 -28.32 -113.29
CA ASP RA 140 19.45 -27.39 -112.81
C ASP RA 140 19.54 -27.19 -111.30
N GLY RA 141 19.94 -28.23 -110.57
CA GLY RA 141 20.12 -28.07 -109.14
C GLY RA 141 21.31 -27.20 -108.80
N LYS RA 142 22.46 -27.44 -109.43
CA LYS RA 142 23.64 -26.63 -109.16
C LYS RA 142 23.41 -25.19 -109.57
N LYS RA 143 22.78 -24.97 -110.72
CA LYS RA 143 22.47 -23.61 -111.14
C LYS RA 143 21.54 -22.93 -110.15
N GLN RA 144 20.60 -23.69 -109.60
CA GLN RA 144 19.73 -23.14 -108.56
C GLN RA 144 20.52 -22.76 -107.32
N LEU RA 145 21.48 -23.61 -106.94
CA LEU RA 145 22.30 -23.31 -105.77
C LEU RA 145 23.14 -22.07 -105.98
N GLU RA 146 23.63 -21.87 -107.20
CA GLU RA 146 24.34 -20.63 -107.52
C GLU RA 146 23.41 -19.43 -107.37
N LYS RA 147 22.16 -19.57 -107.81
CA LYS RA 147 21.21 -18.47 -107.69
C LYS RA 147 20.86 -18.21 -106.23
N ASP RA 148 20.85 -19.25 -105.41
CA ASP RA 148 20.52 -19.08 -104.00
C ASP RA 148 21.70 -18.49 -103.24
N PHE RA 149 22.93 -18.80 -103.64
CA PHE RA 149 24.09 -18.18 -103.02
C PHE RA 149 24.19 -16.71 -103.41
N SER RA 150 23.93 -16.40 -104.68
CA SER RA 150 23.97 -15.02 -105.12
C SER RA 150 22.85 -14.20 -104.50
N SER RA 151 21.69 -14.82 -104.29
CA SER RA 151 20.59 -14.12 -103.64
C SER RA 151 20.92 -13.80 -102.19
N MET RA 152 21.64 -14.70 -101.51
CA MET RA 152 22.12 -14.41 -100.17
C MET RA 152 23.08 -13.24 -100.19
N LYS RA 153 23.93 -13.17 -101.21
CA LYS RA 153 24.97 -12.15 -101.27
C LYS RA 153 24.37 -10.76 -101.34
N LYS RA 154 23.29 -10.59 -102.09
CA LYS RA 154 22.74 -9.28 -102.36
C LYS RA 154 21.53 -8.92 -101.52
N TYR RA 155 21.05 -9.82 -100.66
CA TYR RA 155 19.86 -9.53 -99.87
C TYR RA 155 20.02 -9.81 -98.38
N CYS RA 156 21.02 -10.56 -97.96
CA CYS RA 156 21.15 -10.96 -96.56
C CYS RA 156 22.18 -10.09 -95.84
N GLN RA 157 21.88 -9.79 -94.59
CA GLN RA 157 22.76 -8.97 -93.76
C GLN RA 157 23.71 -9.85 -92.94
N VAL RA 158 23.16 -10.77 -92.17
CA VAL RA 158 23.95 -11.69 -91.36
C VAL RA 158 23.72 -13.10 -91.85
N ILE RA 159 24.79 -13.88 -91.91
CA ILE RA 159 24.70 -15.28 -92.28
C ILE RA 159 25.26 -16.12 -91.15
N ARG RA 160 24.76 -17.33 -91.03
CA ARG RA 160 25.16 -18.27 -90.00
C ARG RA 160 25.42 -19.61 -90.64
N VAL RA 161 26.24 -20.43 -89.99
CA VAL RA 161 26.53 -21.77 -90.46
C VAL RA 161 25.86 -22.77 -89.54
N ILE RA 162 25.24 -23.78 -90.12
CA ILE RA 162 24.78 -24.90 -89.33
C ILE RA 162 25.96 -25.84 -89.09
N ALA RA 163 26.25 -26.11 -87.84
CA ALA RA 163 27.35 -27.00 -87.49
C ALA RA 163 26.86 -28.00 -86.46
N HIS RA 164 27.43 -29.19 -86.49
CA HIS RA 164 27.03 -30.25 -85.58
C HIS RA 164 28.26 -30.91 -84.98
N THR RA 165 28.10 -31.41 -83.76
CA THR RA 165 29.15 -32.13 -83.07
C THR RA 165 29.29 -33.54 -83.62
N GLN RA 166 30.44 -34.14 -83.38
CA GLN RA 166 30.71 -35.50 -83.79
C GLN RA 166 30.54 -36.39 -82.56
N MET RA 167 29.33 -36.92 -82.38
CA MET RA 167 29.02 -37.68 -81.17
C MET RA 167 29.73 -39.03 -81.13
N ARG RA 168 30.23 -39.51 -82.26
CA ARG RA 168 30.91 -40.80 -82.27
C ARG RA 168 32.27 -40.72 -81.59
N LEU RA 169 32.80 -39.53 -81.38
CA LEU RA 169 34.09 -39.33 -80.73
C LEU RA 169 33.97 -39.15 -79.23
N LEU RA 170 32.78 -39.28 -78.68
CA LEU RA 170 32.50 -39.12 -77.27
C LEU RA 170 32.17 -40.47 -76.63
N PRO RA 171 32.44 -40.64 -75.34
CA PRO RA 171 32.10 -41.88 -74.67
C PRO RA 171 30.65 -42.01 -74.22
N LEU RA 172 29.77 -41.15 -74.71
CA LEU RA 172 28.40 -41.11 -74.22
C LEU RA 172 27.54 -42.12 -74.97
N ARG RA 173 26.43 -42.47 -74.33
CA ARG RA 173 25.45 -43.39 -74.91
C ARG RA 173 24.76 -42.79 -76.11
N GLN RA 174 24.77 -41.48 -76.24
CA GLN RA 174 24.05 -40.79 -77.30
C GLN RA 174 24.86 -40.79 -78.59
N LYS RA 175 24.21 -41.14 -79.70
CA LYS RA 175 24.82 -41.06 -81.00
C LYS RA 175 24.26 -39.94 -81.86
N LYS RA 176 23.28 -39.20 -81.36
CA LYS RA 176 22.60 -38.18 -82.12
C LYS RA 176 23.34 -36.85 -81.99
N ALA RA 177 23.74 -36.28 -83.11
CA ALA RA 177 24.55 -35.07 -83.09
C ALA RA 177 23.71 -33.85 -82.75
N HIS RA 178 24.38 -32.83 -82.21
CA HIS RA 178 23.73 -31.60 -81.80
C HIS RA 178 23.94 -30.55 -82.89
N LEU RA 179 22.87 -30.08 -83.49
CA LEU RA 179 22.95 -29.02 -84.48
C LEU RA 179 22.80 -27.66 -83.83
N MET RA 180 23.47 -26.67 -84.40
CA MET RA 180 23.38 -25.31 -83.90
C MET RA 180 23.80 -24.34 -84.99
N GLU RA 181 23.18 -23.18 -85.01
CA GLU RA 181 23.55 -22.11 -85.92
C GLU RA 181 24.60 -21.23 -85.27
N ILE RA 182 25.73 -21.05 -85.95
CA ILE RA 182 26.85 -20.28 -85.44
C ILE RA 182 27.02 -19.08 -86.36
N GLN RA 183 26.87 -17.88 -85.81
CA GLN RA 183 26.97 -16.68 -86.63
C GLN RA 183 28.40 -16.50 -87.10
N VAL RA 184 28.54 -16.05 -88.34
CA VAL RA 184 29.83 -15.70 -88.91
C VAL RA 184 29.97 -14.19 -88.83
N ASN RA 185 30.96 -13.73 -88.07
CA ASN RA 185 31.20 -12.30 -87.87
C ASN RA 185 32.41 -11.86 -88.67
N GLY RA 186 32.60 -10.55 -88.74
CA GLY RA 186 33.83 -9.99 -89.24
C GLY RA 186 34.03 -9.98 -90.75
N GLY RA 187 33.23 -9.23 -91.47
CA GLY RA 187 33.48 -9.04 -92.88
C GLY RA 187 32.22 -8.67 -93.61
N THR RA 188 32.39 -8.42 -94.90
CA THR RA 188 31.24 -8.20 -95.75
C THR RA 188 30.46 -9.48 -95.92
N VAL RA 189 29.21 -9.35 -96.35
CA VAL RA 189 28.36 -10.52 -96.53
C VAL RA 189 28.92 -11.42 -97.61
N ALA RA 190 29.53 -10.83 -98.64
CA ALA RA 190 30.18 -11.63 -99.68
C ALA RA 190 31.36 -12.40 -99.10
N GLU RA 191 32.14 -11.75 -98.24
CA GLU RA 191 33.34 -12.40 -97.70
C GLU RA 191 32.98 -13.57 -96.81
N LYS RA 192 32.01 -13.38 -95.91
CA LYS RA 192 31.63 -14.46 -95.01
C LYS RA 192 30.89 -15.55 -95.76
N LEU RA 193 30.27 -15.22 -96.89
CA LEU RA 193 29.65 -16.26 -97.70
C LEU RA 193 30.69 -17.12 -98.41
N ASP RA 194 31.76 -16.49 -98.88
CA ASP RA 194 32.82 -17.26 -99.54
C ASP RA 194 33.60 -18.08 -98.54
N TRP RA 195 33.80 -17.56 -97.33
CA TRP RA 195 34.47 -18.32 -96.28
C TRP RA 195 33.66 -19.53 -95.88
N ALA RA 196 32.37 -19.32 -95.58
CA ALA RA 196 31.52 -20.42 -95.12
C ALA RA 196 31.32 -21.45 -96.21
N ARG RA 197 31.30 -21.02 -97.47
CA ARG RA 197 31.09 -21.95 -98.57
C ARG RA 197 32.22 -22.97 -98.66
N GLU RA 198 33.46 -22.53 -98.46
CA GLU RA 198 34.58 -23.46 -98.54
C GLU RA 198 34.67 -24.34 -97.30
N ARG RA 199 34.07 -23.94 -96.19
CA ARG RA 199 34.07 -24.78 -94.99
C ARG RA 199 32.97 -25.83 -95.01
N LEU RA 200 32.13 -25.85 -96.04
CA LEU RA 200 31.07 -26.85 -96.11
C LEU RA 200 31.66 -28.24 -96.15
N GLU RA 201 31.11 -29.13 -95.31
CA GLU RA 201 31.54 -30.50 -95.04
C GLU RA 201 32.85 -30.58 -94.26
N GLN RA 202 33.47 -29.45 -93.94
CA GLN RA 202 34.79 -29.45 -93.30
C GLN RA 202 34.66 -29.42 -91.79
N GLN RA 203 35.81 -29.59 -91.13
CA GLN RA 203 35.87 -29.65 -89.68
C GLN RA 203 36.50 -28.39 -89.12
N VAL RA 204 35.86 -27.80 -88.12
CA VAL RA 204 36.30 -26.56 -87.50
C VAL RA 204 36.71 -26.85 -86.06
N PRO RA 205 38.00 -26.91 -85.76
CA PRO RA 205 38.43 -27.16 -84.39
C PRO RA 205 38.19 -25.95 -83.50
N VAL RA 206 38.26 -26.19 -82.19
CA VAL RA 206 38.07 -25.12 -81.22
C VAL RA 206 39.28 -24.18 -81.19
N ASN RA 207 40.41 -24.61 -81.77
CA ASN RA 207 41.57 -23.72 -81.84
C ASN RA 207 41.27 -22.50 -82.70
N GLN RA 208 40.46 -22.66 -83.73
CA GLN RA 208 40.17 -21.58 -84.66
C GLN RA 208 38.95 -20.77 -84.24
N VAL RA 209 38.33 -21.09 -83.12
CA VAL RA 209 37.22 -20.31 -82.60
C VAL RA 209 37.64 -19.49 -81.40
N PHE RA 210 38.19 -20.14 -80.38
CA PHE RA 210 38.60 -19.47 -79.15
C PHE RA 210 40.12 -19.45 -79.03
N GLY RA 211 40.60 -18.65 -78.08
CA GLY RA 211 42.01 -18.54 -77.82
C GLY RA 211 42.30 -18.67 -76.33
N GLN RA 212 43.57 -18.79 -76.01
CA GLN RA 212 44.01 -18.91 -74.64
C GLN RA 212 43.71 -17.64 -73.86
N ASP RA 213 43.31 -17.82 -72.60
CA ASP RA 213 42.96 -16.75 -71.64
C ASP RA 213 42.20 -15.60 -72.27
N GLU RA 214 41.11 -15.94 -72.97
CA GLU RA 214 40.11 -14.95 -73.34
C GLU RA 214 38.82 -15.26 -72.61
N MET RA 215 38.09 -14.22 -72.22
CA MET RA 215 36.87 -14.39 -71.47
C MET RA 215 35.73 -14.70 -72.41
N ILE RA 216 35.10 -15.86 -72.23
CA ILE RA 216 33.96 -16.26 -73.03
C ILE RA 216 32.77 -16.40 -72.12
N ASP RA 217 31.61 -16.73 -72.69
CA ASP RA 217 30.39 -16.91 -71.94
C ASP RA 217 29.86 -18.32 -72.18
N VAL RA 218 29.34 -18.94 -71.13
CA VAL RA 218 28.85 -20.31 -71.20
C VAL RA 218 27.34 -20.28 -71.06
N ILE RA 219 26.67 -20.94 -72.00
CA ILE RA 219 25.21 -21.00 -72.05
C ILE RA 219 24.80 -22.46 -72.00
N GLY RA 220 23.86 -22.77 -71.12
CA GLY RA 220 23.40 -24.13 -71.02
C GLY RA 220 22.25 -24.23 -70.05
N VAL RA 221 21.86 -25.47 -69.76
CA VAL RA 221 20.78 -25.76 -68.83
C VAL RA 221 21.40 -26.26 -67.53
N THR RA 222 20.83 -25.84 -66.41
CA THR RA 222 21.36 -26.24 -65.12
C THR RA 222 20.86 -27.64 -64.75
N LYS RA 223 21.32 -28.14 -63.62
CA LYS RA 223 20.86 -29.44 -63.13
C LYS RA 223 19.42 -29.35 -62.69
N GLY RA 224 18.64 -30.38 -63.03
CA GLY RA 224 17.28 -30.45 -62.55
C GLY RA 224 17.24 -30.85 -61.08
N LYS RA 225 16.25 -30.32 -60.37
CA LYS RA 225 16.03 -30.66 -58.98
C LYS RA 225 14.63 -31.17 -58.72
N GLY RA 226 13.77 -31.22 -59.73
CA GLY RA 226 12.42 -31.68 -59.53
C GLY RA 226 11.58 -30.64 -58.84
N TYR RA 227 10.40 -31.08 -58.41
CA TYR RA 227 9.52 -30.23 -57.61
C TYR RA 227 10.22 -29.85 -56.32
N LYS RA 228 10.07 -28.59 -55.91
CA LYS RA 228 10.78 -28.12 -54.73
C LYS RA 228 9.93 -27.10 -54.00
N GLY RA 229 10.06 -27.09 -52.68
CA GLY RA 229 9.35 -26.14 -51.85
C GLY RA 229 10.04 -24.80 -51.84
N VAL RA 230 9.38 -23.85 -51.17
CA VAL RA 230 9.86 -22.47 -51.22
C VAL RA 230 11.20 -22.31 -50.51
N THR RA 231 11.50 -23.18 -49.55
CA THR RA 231 12.76 -23.04 -48.82
C THR RA 231 13.94 -23.45 -49.68
N SER RA 232 13.76 -24.46 -50.54
CA SER RA 232 14.82 -24.84 -51.45
C SER RA 232 14.79 -24.02 -52.73
N ARG RA 233 13.61 -23.61 -53.17
CA ARG RA 233 13.48 -22.91 -54.44
C ARG RA 233 13.87 -21.45 -54.31
N TRP RA 234 13.25 -20.73 -53.38
CA TRP RA 234 13.50 -19.31 -53.21
C TRP RA 234 14.32 -18.98 -51.99
N HIS RA 235 14.81 -19.98 -51.27
CA HIS RA 235 15.71 -19.80 -50.13
C HIS RA 235 15.10 -18.90 -49.06
N THR RA 236 13.81 -19.09 -48.80
CA THR RA 236 13.15 -18.28 -47.79
C THR RA 236 13.41 -18.85 -46.40
N LYS RA 237 13.20 -18.00 -45.39
CA LYS RA 237 13.46 -18.38 -44.02
C LYS RA 237 12.49 -19.47 -43.57
N LYS RA 238 13.01 -20.47 -42.87
CA LYS RA 238 12.16 -21.51 -42.30
C LYS RA 238 11.39 -20.97 -41.11
N LEU RA 239 10.14 -21.41 -40.99
CA LEU RA 239 9.33 -21.06 -39.85
C LEU RA 239 9.82 -21.81 -38.61
N PRO RA 240 9.47 -21.34 -37.41
CA PRO RA 240 9.97 -22.00 -36.20
C PRO RA 240 9.41 -23.40 -36.04
N ARG RA 241 9.99 -24.11 -35.08
CA ARG RA 241 9.61 -25.50 -34.85
C ARG RA 241 8.14 -25.63 -34.45
N LYS RA 242 7.59 -24.62 -33.78
CA LYS RA 242 6.26 -24.70 -33.22
C LYS RA 242 5.15 -24.52 -34.25
N THR RA 243 5.47 -24.40 -35.53
CA THR RA 243 4.44 -24.16 -36.54
C THR RA 243 3.58 -25.39 -36.75
N HIS RA 244 2.26 -25.17 -36.85
CA HIS RA 244 1.33 -26.28 -36.89
C HIS RA 244 1.36 -26.99 -38.24
N ARG RA 245 1.01 -26.29 -39.31
CA ARG RA 245 0.86 -26.94 -40.61
C ARG RA 245 2.18 -27.32 -41.25
N GLY RA 246 3.30 -26.86 -40.71
CA GLY RA 246 4.59 -27.12 -41.31
C GLY RA 246 5.38 -25.84 -41.44
N LEU RA 247 6.70 -25.97 -41.45
CA LEU RA 247 7.59 -24.84 -41.35
C LEU RA 247 8.38 -24.53 -42.61
N ARG RA 248 8.39 -25.42 -43.61
CA ARG RA 248 9.06 -25.14 -44.88
C ARG RA 248 8.10 -24.47 -45.85
N LYS RA 249 7.57 -23.32 -45.42
CA LYS RA 249 6.54 -22.60 -46.14
C LYS RA 249 6.83 -21.11 -46.07
N VAL RA 250 6.08 -20.35 -46.86
CA VAL RA 250 5.99 -18.90 -46.72
C VAL RA 250 4.73 -18.59 -45.94
N ALA RA 251 4.88 -17.86 -44.84
CA ALA RA 251 3.77 -17.66 -43.92
C ALA RA 251 2.66 -16.81 -44.54
N CYS RA 252 3.01 -15.66 -45.11
CA CYS RA 252 2.03 -14.77 -45.71
C CYS RA 252 2.31 -14.65 -47.20
N ILE RA 253 1.33 -15.04 -48.00
CA ILE RA 253 1.47 -14.98 -49.45
C ILE RA 253 0.73 -13.77 -50.03
N GLY RA 254 0.38 -12.81 -49.20
CA GLY RA 254 -0.20 -11.58 -49.69
C GLY RA 254 -1.08 -10.93 -48.65
N ALA RA 255 -1.31 -9.64 -48.81
CA ALA RA 255 -2.23 -8.91 -47.97
C ALA RA 255 -3.66 -9.16 -48.43
N TRP RA 256 -4.61 -8.64 -47.65
CA TRP RA 256 -6.02 -8.76 -48.01
C TRP RA 256 -6.28 -8.09 -49.35
N HIS RA 257 -5.69 -6.93 -49.59
CA HIS RA 257 -5.78 -6.31 -50.90
C HIS RA 257 -4.38 -6.10 -51.46
N PRO RA 258 -4.14 -6.37 -52.74
CA PRO RA 258 -5.06 -6.55 -53.89
C PRO RA 258 -5.88 -7.83 -54.02
N ALA RA 259 -6.13 -8.64 -52.99
CA ALA RA 259 -7.09 -9.75 -53.03
C ALA RA 259 -6.72 -10.81 -54.05
N ARG RA 260 -5.46 -10.85 -54.46
CA ARG RA 260 -4.96 -11.89 -55.35
C ARG RA 260 -3.52 -12.19 -54.94
N VAL RA 261 -3.06 -13.37 -55.31
CA VAL RA 261 -1.67 -13.72 -55.06
C VAL RA 261 -0.81 -13.08 -56.12
N ALA RA 262 0.21 -12.35 -55.70
CA ALA RA 262 1.06 -11.65 -56.65
C ALA RA 262 2.04 -12.61 -57.31
N PHE RA 263 2.50 -12.22 -58.49
CA PHE RA 263 3.51 -13.00 -59.21
C PHE RA 263 4.85 -12.98 -58.51
N SER RA 264 5.06 -12.04 -57.59
CA SER RA 264 6.33 -11.87 -56.91
C SER RA 264 6.40 -12.60 -55.58
N VAL RA 265 5.44 -13.50 -55.32
CA VAL RA 265 5.42 -14.26 -54.08
C VAL RA 265 6.11 -15.60 -54.32
N ALA RA 266 7.02 -15.96 -53.42
CA ALA RA 266 7.74 -17.21 -53.53
C ALA RA 266 6.80 -18.39 -53.34
N ARG RA 267 6.78 -19.31 -54.29
CA ARG RA 267 5.86 -20.44 -54.24
C ARG RA 267 6.54 -21.69 -54.75
N ALA RA 268 6.02 -22.83 -54.32
CA ALA RA 268 6.66 -24.10 -54.60
C ALA RA 268 6.42 -24.53 -56.04
N GLY RA 269 7.46 -25.08 -56.66
CA GLY RA 269 7.36 -25.52 -58.04
C GLY RA 269 8.66 -26.11 -58.51
N GLN RA 270 8.78 -26.22 -59.83
CA GLN RA 270 9.98 -26.78 -60.43
C GLN RA 270 11.21 -25.96 -60.08
N LYS RA 271 12.26 -26.63 -59.63
CA LYS RA 271 13.55 -26.01 -59.39
C LYS RA 271 14.60 -26.71 -60.22
N GLY RA 272 15.49 -25.93 -60.82
CA GLY RA 272 16.52 -26.49 -61.65
C GLY RA 272 16.05 -26.71 -63.06
N TYR RA 273 16.99 -27.17 -63.89
CA TYR RA 273 16.78 -27.34 -65.33
C TYR RA 273 16.30 -26.05 -65.98
N HIS RA 274 17.01 -24.96 -65.66
CA HIS RA 274 16.71 -23.66 -66.21
C HIS RA 274 17.80 -23.25 -67.18
N HIS RA 275 17.41 -22.51 -68.20
CA HIS RA 275 18.35 -22.02 -69.20
C HIS RA 275 19.04 -20.77 -68.68
N ARG RA 276 20.36 -20.84 -68.46
CA ARG RA 276 21.11 -19.73 -67.90
C ARG RA 276 22.36 -19.49 -68.73
N THR RA 277 22.75 -18.22 -68.81
CA THR RA 277 24.02 -17.82 -69.39
C THR RA 277 24.88 -17.20 -68.29
N GLU RA 278 26.16 -17.54 -68.28
CA GLU RA 278 27.12 -16.95 -67.37
C GLU RA 278 28.24 -16.33 -68.18
N ILE RA 279 28.62 -15.11 -67.83
CA ILE RA 279 29.58 -14.36 -68.60
C ILE RA 279 30.92 -14.37 -67.88
N ASN RA 280 31.97 -14.03 -68.63
CA ASN RA 280 33.33 -13.88 -68.11
C ASN RA 280 33.83 -15.16 -67.45
N LYS RA 281 33.94 -16.21 -68.27
CA LYS RA 281 34.58 -17.46 -67.87
C LYS RA 281 35.89 -17.58 -68.62
N LYS RA 282 37.00 -17.51 -67.90
CA LYS RA 282 38.31 -17.48 -68.53
C LYS RA 282 38.72 -18.86 -68.99
N ILE RA 283 39.41 -18.91 -70.12
CA ILE RA 283 39.93 -20.15 -70.66
C ILE RA 283 41.36 -20.33 -70.16
N TYR RA 284 41.61 -21.41 -69.46
CA TYR RA 284 42.93 -21.63 -68.89
C TYR RA 284 43.80 -22.52 -69.77
N LYS RA 285 43.21 -23.30 -70.66
CA LYS RA 285 43.98 -24.21 -71.50
C LYS RA 285 43.09 -24.67 -72.64
N ILE RA 286 43.72 -25.08 -73.72
CA ILE RA 286 43.06 -25.79 -74.81
C ILE RA 286 43.91 -27.01 -75.12
N GLY RA 287 43.44 -28.17 -74.71
CA GLY RA 287 44.23 -29.38 -74.87
C GLY RA 287 44.32 -29.83 -76.31
N GLN RA 288 45.35 -30.61 -76.58
CA GLN RA 288 45.59 -31.09 -77.94
C GLN RA 288 44.82 -32.35 -78.26
N GLY RA 289 44.26 -33.02 -77.28
CA GLY RA 289 43.63 -34.30 -77.51
C GLY RA 289 44.68 -35.35 -77.83
N TYR RA 290 44.20 -36.55 -78.13
CA TYR RA 290 45.10 -37.66 -78.38
C TYR RA 290 45.49 -37.67 -79.86
N LEU RA 291 46.75 -37.99 -80.12
CA LEU RA 291 47.27 -38.01 -81.48
C LEU RA 291 48.30 -39.13 -81.62
N ILE RA 292 48.19 -39.89 -82.70
CA ILE RA 292 49.10 -40.99 -82.96
C ILE RA 292 50.04 -40.60 -84.09
N LYS RA 293 51.34 -40.59 -83.80
CA LYS RA 293 52.36 -40.44 -84.83
C LYS RA 293 53.15 -41.73 -85.02
N ASP RA 294 53.69 -42.27 -83.94
CA ASP RA 294 54.22 -43.63 -83.88
C ASP RA 294 53.64 -44.40 -82.71
N GLY RA 295 53.39 -43.71 -81.59
CA GLY RA 295 52.63 -44.26 -80.49
C GLY RA 295 51.51 -43.30 -80.12
N LYS RA 296 50.84 -43.55 -79.00
CA LYS RA 296 49.75 -42.69 -78.55
C LYS RA 296 50.35 -41.52 -77.78
N LEU RA 297 50.38 -40.35 -78.41
CA LEU RA 297 50.95 -39.16 -77.80
C LEU RA 297 49.89 -38.53 -76.90
N ILE RA 298 50.05 -38.70 -75.59
CA ILE RA 298 49.05 -38.29 -74.61
C ILE RA 298 49.59 -37.23 -73.65
N LYS RA 299 50.90 -37.01 -73.61
CA LYS RA 299 51.51 -36.24 -72.53
C LYS RA 299 50.98 -34.83 -72.47
N ASN RA 300 50.94 -34.14 -73.61
CA ASN RA 300 50.71 -32.71 -73.63
C ASN RA 300 49.29 -32.31 -73.26
N ASN RA 301 48.41 -33.27 -72.93
CA ASN RA 301 47.09 -32.90 -72.46
C ASN RA 301 47.17 -32.18 -71.12
N ALA RA 302 47.86 -32.77 -70.15
CA ALA RA 302 47.97 -32.19 -68.82
C ALA RA 302 49.42 -31.94 -68.41
N SER RA 303 50.34 -31.98 -69.34
CA SER RA 303 51.74 -31.68 -69.05
C SER RA 303 51.93 -30.17 -69.18
N THR RA 304 52.06 -29.50 -68.04
CA THR RA 304 52.49 -28.12 -68.08
C THR RA 304 54.00 -28.08 -68.33
N ASP RA 305 54.50 -26.90 -68.67
CA ASP RA 305 55.92 -26.73 -68.91
C ASP RA 305 56.75 -26.86 -67.64
N TYR RA 306 56.11 -26.87 -66.47
CA TYR RA 306 56.80 -27.17 -65.22
C TYR RA 306 56.56 -28.59 -64.74
N ASP RA 307 55.57 -29.30 -65.30
CA ASP RA 307 55.31 -30.67 -64.88
C ASP RA 307 56.20 -31.66 -65.61
N LEU RA 308 56.13 -31.66 -66.94
CA LEU RA 308 56.90 -32.59 -67.77
C LEU RA 308 56.61 -34.04 -67.41
N SER RA 309 55.34 -34.33 -67.14
CA SER RA 309 54.90 -35.68 -66.81
C SER RA 309 53.94 -36.19 -67.88
N ASP RA 310 54.07 -37.47 -68.21
CA ASP RA 310 53.24 -38.09 -69.24
C ASP RA 310 51.91 -38.46 -68.60
N LYS RA 311 50.94 -37.56 -68.71
CA LYS RA 311 49.60 -37.83 -68.24
C LYS RA 311 48.62 -36.95 -69.00
N SER RA 312 47.36 -37.38 -69.01
CA SER RA 312 46.31 -36.67 -69.69
C SER RA 312 45.48 -35.87 -68.70
N ILE RA 313 44.50 -35.13 -69.22
CA ILE RA 313 43.58 -34.42 -68.35
C ILE RA 313 42.72 -35.38 -67.54
N ASN RA 314 42.66 -36.64 -67.95
CA ASN RA 314 41.82 -37.61 -67.27
C ASN RA 314 42.36 -37.88 -65.87
N PRO RA 315 41.48 -37.95 -64.87
CA PRO RA 315 41.92 -38.37 -63.55
C PRO RA 315 42.23 -39.86 -63.53
N LEU RA 316 42.75 -40.30 -62.40
CA LEU RA 316 42.94 -41.73 -62.19
C LEU RA 316 41.58 -42.40 -62.06
N GLY RA 317 41.37 -43.44 -62.84
CA GLY RA 317 40.08 -44.09 -62.86
C GLY RA 317 39.04 -43.44 -63.75
N GLY RA 318 39.42 -42.46 -64.56
CA GLY RA 318 38.52 -41.82 -65.47
C GLY RA 318 37.67 -40.75 -64.80
N PHE RA 319 37.12 -39.86 -65.62
CA PHE RA 319 36.18 -38.87 -65.13
C PHE RA 319 34.94 -39.57 -64.58
N VAL RA 320 34.49 -39.13 -63.41
CA VAL RA 320 33.33 -39.75 -62.79
C VAL RA 320 32.09 -39.42 -63.61
N HIS RA 321 31.31 -40.44 -63.91
CA HIS RA 321 30.01 -40.35 -64.56
C HIS RA 321 30.06 -39.84 -65.99
N TYR RA 322 31.25 -39.60 -66.54
CA TYR RA 322 31.36 -39.14 -67.91
C TYR RA 322 32.06 -40.16 -68.81
N GLY RA 323 33.29 -40.53 -68.47
CA GLY RA 323 34.06 -41.37 -69.35
C GLY RA 323 35.49 -40.87 -69.48
N GLU RA 324 36.08 -41.11 -70.64
CA GLU RA 324 37.45 -40.71 -70.91
C GLU RA 324 37.46 -39.59 -71.93
N VAL RA 325 38.17 -38.53 -71.62
CA VAL RA 325 38.32 -37.40 -72.54
C VAL RA 325 39.47 -37.71 -73.48
N THR RA 326 39.17 -37.71 -74.78
CA THR RA 326 40.15 -38.03 -75.79
C THR RA 326 40.34 -36.92 -76.82
N ASN RA 327 39.29 -36.17 -77.13
CA ASN RA 327 39.37 -35.16 -78.16
C ASN RA 327 39.99 -33.88 -77.57
N ASP RA 328 40.01 -32.81 -78.36
CA ASP RA 328 40.44 -31.52 -77.88
C ASP RA 328 39.46 -31.02 -76.82
N PHE RA 329 39.96 -30.25 -75.87
CA PHE RA 329 39.11 -29.77 -74.79
C PHE RA 329 39.52 -28.36 -74.42
N VAL RA 330 38.65 -27.70 -73.67
CA VAL RA 330 38.86 -26.33 -73.21
C VAL RA 330 38.66 -26.31 -71.70
N MET RA 331 39.66 -25.80 -70.98
CA MET RA 331 39.67 -25.82 -69.53
C MET RA 331 39.22 -24.45 -69.01
N LEU RA 332 37.92 -24.31 -68.82
CA LEU RA 332 37.39 -23.07 -68.28
C LEU RA 332 37.72 -22.94 -66.80
N LYS RA 333 37.57 -21.73 -66.29
CA LYS RA 333 37.86 -21.46 -64.89
C LYS RA 333 36.56 -21.37 -64.09
N GLY RA 334 36.47 -22.17 -63.04
CA GLY RA 334 35.33 -22.13 -62.15
C GLY RA 334 34.21 -23.05 -62.60
N CYS RA 335 33.15 -23.04 -61.81
CA CYS RA 335 32.01 -23.89 -62.08
C CYS RA 335 31.29 -23.44 -63.35
N VAL RA 336 30.50 -24.35 -63.90
CA VAL RA 336 29.74 -24.14 -65.12
C VAL RA 336 28.39 -24.81 -64.96
N VAL RA 337 27.33 -24.18 -65.48
CA VAL RA 337 25.99 -24.73 -65.35
C VAL RA 337 25.92 -26.13 -65.94
N GLY RA 338 25.14 -26.99 -65.30
CA GLY RA 338 24.75 -28.26 -65.88
C GLY RA 338 25.31 -29.44 -65.11
N THR RA 339 24.83 -30.61 -65.53
CA THR RA 339 25.32 -31.89 -65.02
C THR RA 339 26.59 -32.26 -65.77
N LYS RA 340 27.09 -33.47 -65.53
CA LYS RA 340 28.12 -34.01 -66.42
C LYS RA 340 27.48 -34.38 -67.75
N LYS RA 341 28.35 -34.54 -68.76
CA LYS RA 341 28.00 -34.83 -70.15
C LYS RA 341 26.82 -34.01 -70.65
N ARG RA 342 26.69 -32.78 -70.17
CA ARG RA 342 25.64 -31.87 -70.58
C ARG RA 342 26.18 -30.93 -71.64
N VAL RA 343 25.44 -30.80 -72.74
CA VAL RA 343 25.92 -30.00 -73.86
C VAL RA 343 25.95 -28.53 -73.47
N LEU RA 344 27.09 -27.89 -73.71
CA LEU RA 344 27.30 -26.49 -73.37
C LEU RA 344 27.58 -25.71 -74.64
N THR RA 345 27.02 -24.51 -74.71
CA THR RA 345 27.32 -23.58 -75.77
C THR RA 345 28.34 -22.57 -75.26
N LEU RA 346 29.44 -22.44 -75.99
CA LEU RA 346 30.51 -21.52 -75.63
C LEU RA 346 30.49 -20.37 -76.62
N ARG RA 347 30.36 -19.15 -76.13
CA ARG RA 347 30.12 -18.00 -76.98
C ARG RA 347 31.18 -16.94 -76.75
N LYS RA 348 31.59 -16.28 -77.82
CA LYS RA 348 32.46 -15.12 -77.71
C LYS RA 348 31.78 -14.04 -76.88
N SER RA 349 32.57 -13.30 -76.11
CA SER RA 349 32.00 -12.31 -75.20
C SER RA 349 31.34 -11.17 -75.96
N LEU RA 350 30.19 -10.72 -75.47
CA LEU RA 350 29.54 -9.55 -76.04
C LEU RA 350 30.18 -8.26 -75.61
N LEU RA 351 30.98 -8.29 -74.55
CA LEU RA 351 31.60 -7.09 -74.01
C LEU RA 351 32.97 -6.89 -74.63
N VAL RA 352 33.73 -5.94 -74.10
CA VAL RA 352 35.13 -5.73 -74.46
C VAL RA 352 35.95 -5.91 -73.20
N GLN RA 353 36.98 -6.74 -73.29
CA GLN RA 353 37.77 -7.11 -72.11
C GLN RA 353 38.87 -6.08 -71.92
N THR RA 354 38.72 -5.23 -70.90
CA THR RA 354 39.70 -4.19 -70.61
C THR RA 354 40.24 -4.21 -69.18
N LYS RA 355 39.53 -4.82 -68.24
CA LYS RA 355 40.03 -4.89 -66.88
C LYS RA 355 41.24 -5.82 -66.80
N ARG RA 356 42.07 -5.60 -65.79
CA ARG RA 356 43.25 -6.43 -65.59
C ARG RA 356 42.89 -7.87 -65.23
N ARG RA 357 41.67 -8.10 -64.74
CA ARG RA 357 41.21 -9.46 -64.51
C ARG RA 357 41.15 -10.23 -65.81
N ALA RA 358 40.59 -9.63 -66.85
CA ALA RA 358 40.74 -10.14 -68.20
C ALA RA 358 42.11 -9.74 -68.73
N LEU RA 359 42.40 -10.18 -69.96
CA LEU RA 359 43.66 -9.90 -70.67
C LEU RA 359 44.89 -10.20 -69.81
N GLU RA 360 44.74 -11.11 -68.85
CA GLU RA 360 45.85 -11.56 -68.02
C GLU RA 360 46.31 -12.92 -68.53
N LYS RA 361 47.59 -13.02 -68.83
CA LYS RA 361 48.12 -14.28 -69.35
C LYS RA 361 48.11 -15.35 -68.27
N ILE RA 362 47.71 -16.56 -68.66
CA ILE RA 362 47.65 -17.70 -67.76
C ILE RA 362 48.89 -18.56 -68.01
N ASP RA 363 49.57 -18.94 -66.93
CA ASP RA 363 50.79 -19.75 -66.98
C ASP RA 363 50.63 -20.87 -65.95
N LEU RA 364 50.12 -22.00 -66.40
CA LEU RA 364 49.87 -23.11 -65.49
C LEU RA 364 51.16 -23.68 -64.93
N LYS RA 365 51.05 -24.26 -63.74
CA LYS RA 365 52.13 -25.00 -63.12
C LYS RA 365 51.81 -26.45 -62.87
N PHE RA 366 50.55 -26.77 -62.58
CA PHE RA 366 50.20 -28.11 -62.15
C PHE RA 366 48.73 -28.35 -62.43
N ILE RA 367 48.41 -29.57 -62.84
CA ILE RA 367 47.04 -29.96 -63.12
C ILE RA 367 46.74 -31.24 -62.36
N ASP RA 368 45.73 -31.19 -61.50
CA ASP RA 368 45.45 -32.33 -60.62
C ASP RA 368 44.80 -33.46 -61.41
N THR RA 369 45.36 -34.64 -61.28
CA THR RA 369 44.80 -35.83 -61.93
C THR RA 369 44.53 -36.94 -60.93
N THR RA 370 44.45 -36.62 -59.65
CA THR RA 370 44.09 -37.63 -58.67
C THR RA 370 42.68 -38.13 -58.92
N SER RA 371 42.35 -39.27 -58.36
CA SER RA 371 41.04 -39.85 -58.60
C SER RA 371 39.95 -38.98 -57.98
N LYS RA 372 38.92 -38.71 -58.77
CA LYS RA 372 37.76 -37.97 -58.28
C LYS RA 372 36.67 -38.89 -57.78
N PHE RA 373 36.82 -40.19 -57.95
CA PHE RA 373 35.88 -41.20 -57.45
C PHE RA 373 36.23 -41.64 -56.05
N GLY RA 374 36.40 -40.67 -55.15
CA GLY RA 374 36.86 -40.89 -53.80
C GLY RA 374 37.96 -39.92 -53.47
N HIS RA 375 38.65 -40.19 -52.37
CA HIS RA 375 39.75 -39.34 -51.94
C HIS RA 375 41.05 -39.82 -52.58
N GLY RA 376 41.18 -39.54 -53.88
CA GLY RA 376 42.37 -39.93 -54.59
C GLY RA 376 43.60 -39.24 -54.06
N ARG RA 377 44.73 -39.94 -54.13
CA ARG RA 377 45.98 -39.42 -53.59
C ARG RA 377 47.18 -39.71 -54.48
N PHE RA 378 46.98 -40.19 -55.70
CA PHE RA 378 48.05 -40.46 -56.63
C PHE RA 378 47.70 -39.86 -57.98
N GLN RA 379 48.68 -39.20 -58.61
CA GLN RA 379 48.41 -38.53 -59.86
C GLN RA 379 48.29 -39.50 -61.03
N THR RA 380 49.19 -40.47 -61.10
CA THR RA 380 49.25 -41.39 -62.23
C THR RA 380 49.25 -42.82 -61.72
N MET RA 381 49.12 -43.76 -62.66
CA MET RA 381 49.29 -45.16 -62.31
C MET RA 381 50.71 -45.43 -61.84
N GLU RA 382 51.69 -44.89 -62.56
CA GLU RA 382 53.09 -45.23 -62.30
C GLU RA 382 53.55 -44.69 -60.95
N GLU RA 383 53.04 -43.53 -60.56
CA GLU RA 383 53.35 -43.03 -59.23
C GLU RA 383 52.78 -43.94 -58.15
N LYS RA 384 51.57 -44.45 -58.38
CA LYS RA 384 50.96 -45.37 -57.42
C LYS RA 384 51.76 -46.67 -57.33
N LYS RA 385 52.23 -47.18 -58.46
CA LYS RA 385 52.99 -48.42 -58.48
C LYS RA 385 54.31 -48.26 -57.73
N ALA RA 386 54.99 -47.13 -57.93
CA ALA RA 386 56.29 -46.95 -57.30
C ALA RA 386 56.16 -46.76 -55.80
N PHE RA 387 55.04 -46.20 -55.34
CA PHE RA 387 54.85 -45.97 -53.92
C PHE RA 387 54.52 -47.27 -53.19
N MET RA 388 53.65 -48.09 -53.78
CA MET RA 388 53.16 -49.28 -53.08
C MET RA 388 53.98 -50.52 -53.36
N GLY RA 389 54.69 -50.58 -54.48
CA GLY RA 389 55.41 -51.78 -54.85
C GLY RA 389 54.47 -52.82 -55.39
N PRO RA 390 54.97 -54.05 -55.58
CA PRO RA 390 54.12 -55.11 -56.11
C PRO RA 390 53.10 -55.60 -55.09
N LEU RA 391 51.90 -55.91 -55.56
CA LEU RA 391 50.80 -56.37 -54.74
C LEU RA 391 50.55 -57.85 -54.98
N LYS RA 392 49.58 -58.40 -54.24
CA LYS RA 392 49.27 -59.82 -54.39
C LYS RA 392 48.66 -60.13 -55.76
N LYS RA 393 47.80 -59.24 -56.25
CA LYS RA 393 47.18 -59.43 -57.56
C LYS RA 393 48.25 -59.49 -58.66
N ASP RA 394 49.32 -58.72 -58.49
CA ASP RA 394 50.39 -58.71 -59.48
C ASP RA 394 51.40 -59.82 -59.21
N ARG RA 395 51.44 -60.31 -57.97
CA ARG RA 395 52.31 -61.45 -57.67
C ARG RA 395 51.80 -62.70 -58.38
N ILE RA 396 50.51 -63.00 -58.25
CA ILE RA 396 49.96 -64.18 -58.91
C ILE RA 396 49.90 -63.97 -60.41
N ALA RA 397 49.83 -62.72 -60.87
CA ALA RA 397 49.89 -62.47 -62.30
C ALA RA 397 51.26 -62.84 -62.85
N LYS RA 398 52.32 -62.53 -62.11
CA LYS RA 398 53.67 -62.90 -62.50
C LYS RA 398 54.02 -64.32 -62.12
N GLU RA 399 53.10 -65.03 -61.48
CA GLU RA 399 53.35 -66.41 -61.07
C GLU RA 399 52.60 -67.42 -61.94
N GLU RA 400 51.36 -67.11 -62.32
CA GLU RA 400 50.57 -68.04 -63.10
C GLU RA 400 51.04 -68.12 -64.55
N GLY RA 401 51.34 -66.98 -65.14
CA GLY RA 401 51.77 -66.96 -66.53
C GLY RA 401 53.27 -66.86 -66.71
N ALA RA 402 53.98 -66.63 -65.61
CA ALA RA 402 55.44 -66.45 -65.60
C ALA RA 402 55.90 -65.41 -66.61
N MET SA 1 -105.37 -11.41 -66.15
CA MET SA 1 -104.97 -12.81 -66.14
C MET SA 1 -105.20 -13.40 -64.76
N ALA SA 2 -104.56 -12.82 -63.74
CA ALA SA 2 -104.70 -13.34 -62.39
C ALA SA 2 -106.11 -13.19 -61.84
N CYS SA 3 -106.91 -12.28 -62.39
CA CYS SA 3 -108.27 -12.11 -61.92
C CYS SA 3 -109.23 -13.14 -62.50
N ALA SA 4 -108.79 -13.95 -63.46
CA ALA SA 4 -109.63 -14.98 -64.06
C ALA SA 4 -108.93 -16.33 -63.96
N ARG SA 5 -109.66 -17.34 -63.48
CA ARG SA 5 -109.12 -18.68 -63.33
C ARG SA 5 -109.89 -19.64 -64.22
N PRO SA 6 -109.22 -20.34 -65.14
CA PRO SA 6 -109.93 -21.19 -66.11
C PRO SA 6 -110.47 -22.47 -65.50
N LEU SA 7 -110.99 -23.36 -66.33
CA LEU SA 7 -111.39 -24.70 -65.93
C LEU SA 7 -110.48 -25.71 -66.60
N ILE SA 8 -110.06 -26.71 -65.84
CA ILE SA 8 -109.15 -27.75 -66.28
C ILE SA 8 -109.90 -29.07 -66.31
N SER SA 9 -109.88 -29.74 -67.47
CA SER SA 9 -110.53 -31.03 -67.59
C SER SA 9 -109.74 -32.09 -66.84
N VAL SA 10 -110.46 -32.99 -66.19
CA VAL SA 10 -109.87 -34.14 -65.52
C VAL SA 10 -109.79 -35.28 -66.52
N TYR SA 11 -108.62 -35.89 -66.61
CA TYR SA 11 -108.36 -36.91 -67.62
C TYR SA 11 -108.49 -38.30 -67.00
N SER SA 12 -109.21 -39.18 -67.67
CA SER SA 12 -109.45 -40.51 -67.16
C SER SA 12 -108.20 -41.37 -67.30
N GLU SA 13 -108.24 -42.56 -66.68
CA GLU SA 13 -107.12 -43.48 -66.78
C GLU SA 13 -106.86 -43.95 -68.20
N LYS SA 14 -107.88 -43.90 -69.07
CA LYS SA 14 -107.68 -44.21 -70.48
C LYS SA 14 -106.91 -43.12 -71.21
N GLY SA 15 -106.82 -41.93 -70.64
CA GLY SA 15 -106.13 -40.83 -71.28
C GLY SA 15 -107.06 -39.73 -71.74
N GLU SA 16 -108.22 -40.09 -72.27
CA GLU SA 16 -109.16 -39.10 -72.75
C GLU SA 16 -109.80 -38.36 -71.58
N SER SA 17 -110.26 -37.15 -71.85
CA SER SA 17 -110.88 -36.33 -70.81
C SER SA 17 -112.21 -36.93 -70.40
N SER SA 18 -112.43 -37.04 -69.10
CA SER SA 18 -113.60 -37.72 -68.56
C SER SA 18 -114.82 -36.83 -68.46
N GLY SA 19 -114.73 -35.58 -68.90
CA GLY SA 19 -115.84 -34.68 -68.88
C GLY SA 19 -116.01 -33.89 -67.60
N LYS SA 20 -115.37 -34.30 -66.52
CA LYS SA 20 -115.37 -33.53 -65.30
C LYS SA 20 -114.33 -32.43 -65.39
N ASN SA 21 -114.62 -31.30 -64.74
CA ASN SA 21 -113.77 -30.12 -64.81
C ASN SA 21 -113.60 -29.51 -63.44
N VAL SA 22 -112.40 -29.02 -63.18
CA VAL SA 22 -112.07 -28.35 -61.93
C VAL SA 22 -111.52 -26.97 -62.25
N THR SA 23 -112.04 -25.94 -61.59
CA THR SA 23 -111.48 -24.61 -61.77
C THR SA 23 -110.06 -24.56 -61.25
N LEU SA 24 -109.24 -23.73 -61.89
CA LEU SA 24 -107.83 -23.65 -61.53
C LEU SA 24 -107.67 -23.12 -60.11
N PRO SA 25 -106.93 -23.82 -59.25
CA PRO SA 25 -106.61 -23.25 -57.94
C PRO SA 25 -105.86 -21.94 -58.09
N ALA SA 26 -106.17 -21.00 -57.20
CA ALA SA 26 -105.56 -19.68 -57.27
C ALA SA 26 -104.06 -19.73 -57.02
N VAL SA 27 -103.56 -20.80 -56.40
CA VAL SA 27 -102.14 -20.93 -56.13
C VAL SA 27 -101.33 -20.99 -57.42
N PHE SA 28 -101.94 -21.39 -58.52
CA PHE SA 28 -101.23 -21.45 -59.79
C PHE SA 28 -101.07 -20.09 -60.45
N LYS SA 29 -101.74 -19.06 -59.92
CA LYS SA 29 -101.56 -17.69 -60.38
C LYS SA 29 -100.69 -16.88 -59.44
N ALA SA 30 -100.11 -17.52 -58.43
CA ALA SA 30 -99.28 -16.86 -57.45
C ALA SA 30 -98.00 -16.35 -58.09
N PRO SA 31 -97.33 -15.38 -57.48
CA PRO SA 31 -96.11 -14.80 -58.09
C PRO SA 31 -95.01 -15.84 -58.27
N ILE SA 32 -94.60 -16.03 -59.52
CA ILE SA 32 -93.50 -16.92 -59.84
C ILE SA 32 -92.21 -16.15 -59.56
N ARG SA 33 -91.53 -16.49 -58.48
CA ARG SA 33 -90.43 -15.69 -57.97
C ARG SA 33 -89.25 -16.60 -57.67
N PRO SA 34 -88.48 -16.96 -58.69
CA PRO SA 34 -87.46 -18.00 -58.52
C PRO SA 34 -86.32 -17.63 -57.58
N ASP SA 35 -86.11 -16.35 -57.27
CA ASP SA 35 -85.01 -16.03 -56.36
C ASP SA 35 -85.33 -16.49 -54.95
N ILE SA 36 -86.60 -16.44 -54.56
CA ILE SA 36 -86.98 -16.99 -53.26
C ILE SA 36 -86.88 -18.50 -53.29
N VAL SA 37 -87.30 -19.11 -54.39
CA VAL SA 37 -87.22 -20.56 -54.54
C VAL SA 37 -85.78 -21.03 -54.40
N ASN SA 38 -84.85 -20.32 -55.05
CA ASN SA 38 -83.45 -20.68 -54.93
C ASN SA 38 -82.95 -20.49 -53.50
N PHE SA 39 -83.41 -19.42 -52.83
CA PHE SA 39 -82.97 -19.16 -51.47
C PHE SA 39 -83.47 -20.23 -50.51
N VAL SA 40 -84.76 -20.54 -50.57
CA VAL SA 40 -85.33 -21.55 -49.69
C VAL SA 40 -84.70 -22.91 -49.96
N HIS SA 41 -84.53 -23.26 -51.24
CA HIS SA 41 -83.90 -24.52 -51.58
C HIS SA 41 -82.46 -24.58 -51.11
N THR SA 42 -81.75 -23.46 -51.17
CA THR SA 42 -80.36 -23.43 -50.75
C THR SA 42 -80.24 -23.75 -49.25
N ASN SA 43 -81.09 -23.14 -48.44
CA ASN SA 43 -80.97 -23.31 -46.99
C ASN SA 43 -81.66 -24.55 -46.47
N LEU SA 44 -82.58 -25.14 -47.22
CA LEU SA 44 -83.27 -26.33 -46.74
C LEU SA 44 -82.57 -27.61 -47.14
N ARG SA 45 -81.77 -27.61 -48.21
CA ARG SA 45 -80.94 -28.76 -48.50
C ARG SA 45 -79.84 -28.94 -47.46
N LYS SA 46 -79.48 -27.88 -46.74
CA LYS SA 46 -78.49 -28.01 -45.69
C LYS SA 46 -79.03 -28.77 -44.48
N ASN SA 47 -80.33 -29.05 -44.44
CA ASN SA 47 -80.95 -29.58 -43.24
C ASN SA 47 -80.91 -31.10 -43.16
N ASN SA 48 -80.77 -31.81 -44.28
CA ASN SA 48 -80.58 -33.25 -44.23
C ASN SA 48 -79.12 -33.64 -44.14
N ARG SA 49 -78.24 -32.67 -44.01
CA ARG SA 49 -76.81 -32.94 -44.01
C ARG SA 49 -76.40 -33.68 -42.73
N GLN SA 50 -75.37 -34.48 -42.86
CA GLN SA 50 -74.83 -35.28 -41.79
C GLN SA 50 -73.48 -34.72 -41.40
N PRO SA 51 -73.21 -34.56 -40.10
CA PRO SA 51 -71.96 -33.93 -39.69
C PRO SA 51 -70.74 -34.74 -40.12
N TYR SA 52 -69.68 -34.02 -40.45
CA TYR SA 52 -68.38 -34.63 -40.68
C TYR SA 52 -67.33 -33.76 -40.01
N ALA SA 53 -66.31 -34.41 -39.46
CA ALA SA 53 -65.19 -33.73 -38.84
C ALA SA 53 -64.03 -34.69 -38.80
N VAL SA 54 -62.87 -34.21 -38.36
CA VAL SA 54 -61.70 -35.03 -38.22
C VAL SA 54 -61.50 -35.33 -36.73
N SER SA 55 -60.66 -36.33 -36.46
CA SER SA 55 -60.39 -36.72 -35.08
C SER SA 55 -59.79 -35.56 -34.31
N GLU SA 56 -60.30 -35.32 -33.12
CA GLU SA 56 -59.74 -34.28 -32.27
C GLU SA 56 -58.34 -34.64 -31.78
N LEU SA 57 -57.97 -35.91 -31.86
CA LEU SA 57 -56.66 -36.37 -31.44
C LEU SA 57 -55.67 -36.49 -32.59
N ALA SA 58 -56.12 -36.29 -33.82
CA ALA SA 58 -55.26 -36.53 -34.98
C ALA SA 58 -54.12 -35.54 -35.02
N GLY SA 59 -52.93 -36.06 -35.32
CA GLY SA 59 -51.74 -35.23 -35.42
C GLY SA 59 -51.22 -34.70 -34.11
N HIS SA 60 -51.81 -35.10 -32.99
CA HIS SA 60 -51.46 -34.53 -31.70
C HIS SA 60 -51.30 -35.63 -30.67
N GLN SA 61 -50.66 -36.72 -31.06
CA GLN SA 61 -50.39 -37.84 -30.17
C GLN SA 61 -48.95 -38.28 -30.36
N THR SA 62 -48.04 -37.31 -30.30
CA THR SA 62 -46.66 -37.49 -30.71
C THR SA 62 -45.63 -37.14 -29.63
N SER SA 63 -45.99 -36.32 -28.65
CA SER SA 63 -45.11 -35.86 -27.58
C SER SA 63 -43.85 -35.20 -28.13
N ALA SA 64 -43.91 -34.69 -29.34
CA ALA SA 64 -42.77 -34.06 -29.98
C ALA SA 64 -42.46 -32.72 -29.32
N GLU SA 65 -41.28 -32.21 -29.61
CA GLU SA 65 -40.92 -30.85 -29.20
C GLU SA 65 -39.80 -30.35 -30.11
N SER SA 66 -39.59 -29.04 -30.08
CA SER SA 66 -38.60 -28.42 -30.94
C SER SA 66 -37.18 -28.75 -30.51
N TRP SA 67 -36.30 -28.98 -31.48
CA TRP SA 67 -34.88 -29.15 -31.18
C TRP SA 67 -34.22 -27.86 -30.73
N GLY SA 68 -34.86 -26.71 -30.90
CA GLY SA 68 -34.22 -25.47 -30.52
C GLY SA 68 -33.81 -24.67 -31.72
N THR SA 69 -32.69 -23.97 -31.63
CA THR SA 69 -32.29 -23.07 -32.71
C THR SA 69 -30.84 -23.19 -33.14
N GLY SA 70 -30.00 -23.94 -32.43
CA GLY SA 70 -28.60 -23.99 -32.80
C GLY SA 70 -28.20 -25.22 -33.57
N ARG SA 71 -29.16 -25.93 -34.16
CA ARG SA 71 -28.90 -27.24 -34.75
C ARG SA 71 -29.16 -27.28 -36.25
N ALA SA 72 -29.11 -26.12 -36.92
CA ALA SA 72 -29.10 -26.00 -38.38
C ALA SA 72 -30.36 -26.54 -39.04
N VAL SA 73 -31.45 -26.69 -38.29
CA VAL SA 73 -32.70 -27.20 -38.84
C VAL SA 73 -33.81 -26.24 -38.44
N ALA SA 74 -34.95 -26.39 -39.13
CA ALA SA 74 -36.09 -25.55 -38.82
C ALA SA 74 -36.59 -25.84 -37.41
N ARG SA 75 -37.32 -24.87 -36.86
CA ARG SA 75 -37.71 -24.92 -35.46
C ARG SA 75 -39.04 -25.63 -35.23
N ILE SA 76 -39.53 -26.38 -36.20
CA ILE SA 76 -40.75 -27.17 -36.08
C ILE SA 76 -40.52 -28.26 -35.03
N PRO SA 77 -41.53 -28.69 -34.29
CA PRO SA 77 -41.32 -29.80 -33.35
C PRO SA 77 -40.87 -31.07 -34.05
N ARG SA 78 -39.90 -31.74 -33.45
CA ARG SA 78 -39.40 -33.01 -33.94
C ARG SA 78 -39.84 -34.13 -33.02
N VAL SA 79 -40.14 -35.28 -33.60
CA VAL SA 79 -40.47 -36.46 -32.80
C VAL SA 79 -39.26 -36.89 -31.98
N ARG SA 80 -39.50 -37.26 -30.73
CA ARG SA 80 -38.43 -37.70 -29.86
C ARG SA 80 -38.09 -39.15 -30.11
N GLY SA 81 -37.00 -39.60 -29.50
CA GLY SA 81 -36.59 -40.99 -29.61
C GLY SA 81 -35.65 -41.25 -30.76
N GLY SA 82 -35.35 -42.53 -30.95
CA GLY SA 82 -34.48 -42.95 -32.03
C GLY SA 82 -34.87 -44.33 -32.50
N GLY SA 83 -34.08 -44.86 -33.43
CA GLY SA 83 -34.26 -46.20 -33.92
C GLY SA 83 -35.31 -46.37 -34.98
N THR SA 84 -36.11 -45.35 -35.26
CA THR SA 84 -37.21 -45.46 -36.20
C THR SA 84 -37.11 -44.33 -37.21
N HIS SA 85 -37.75 -44.53 -38.36
CA HIS SA 85 -37.82 -43.48 -39.37
C HIS SA 85 -38.48 -42.23 -38.83
N ARG SA 86 -39.44 -42.38 -37.92
CA ARG SA 86 -40.21 -41.26 -37.41
C ARG SA 86 -39.37 -40.30 -36.58
N SER SA 87 -38.26 -40.76 -36.02
CA SER SA 87 -37.49 -39.93 -35.10
C SER SA 87 -36.86 -38.76 -35.82
N GLY SA 88 -37.03 -37.57 -35.26
CA GLY SA 88 -36.52 -36.35 -35.85
C GLY SA 88 -37.39 -35.77 -36.94
N GLN SA 89 -38.52 -36.39 -37.25
CA GLN SA 89 -39.42 -35.88 -38.27
C GLN SA 89 -40.30 -34.80 -37.69
N GLY SA 90 -40.80 -33.92 -38.56
CA GLY SA 90 -41.62 -32.83 -38.10
C GLY SA 90 -42.99 -33.30 -37.64
N ALA SA 91 -43.58 -32.52 -36.74
CA ALA SA 91 -44.84 -32.90 -36.11
C ALA SA 91 -45.65 -31.66 -35.77
N PHE SA 92 -46.94 -31.89 -35.52
CA PHE SA 92 -47.89 -30.91 -34.97
C PHE SA 92 -48.23 -29.80 -35.94
N GLY SA 93 -47.61 -29.77 -37.11
CA GLY SA 93 -47.77 -28.67 -38.04
C GLY SA 93 -48.66 -29.06 -39.19
N ASN SA 94 -49.43 -28.09 -39.68
CA ASN SA 94 -50.25 -28.34 -40.85
C ASN SA 94 -49.41 -28.55 -42.09
N MET SA 95 -48.19 -28.04 -42.11
CA MET SA 95 -47.26 -28.27 -43.21
C MET SA 95 -46.52 -29.59 -43.10
N CYS SA 96 -46.54 -30.23 -41.93
CA CYS SA 96 -45.80 -31.45 -41.71
C CYS SA 96 -46.60 -32.65 -42.19
N ARG SA 97 -45.89 -33.64 -42.71
CA ARG SA 97 -46.52 -34.91 -43.04
C ARG SA 97 -46.79 -35.66 -41.74
N GLY SA 98 -48.06 -35.91 -41.45
CA GLY SA 98 -48.44 -36.51 -40.20
C GLY SA 98 -48.95 -35.55 -39.16
N GLY SA 99 -48.75 -34.25 -39.34
CA GLY SA 99 -49.31 -33.28 -38.43
C GLY SA 99 -50.77 -33.04 -38.70
N ARG SA 100 -51.42 -32.36 -37.77
CA ARG SA 100 -52.84 -32.12 -37.93
C ARG SA 100 -53.08 -31.03 -38.96
N MET SA 101 -54.27 -31.03 -39.53
CA MET SA 101 -54.60 -30.04 -40.55
C MET SA 101 -54.76 -28.66 -39.94
N PHE SA 102 -54.68 -27.64 -40.79
CA PHE SA 102 -54.96 -26.29 -40.33
C PHE SA 102 -56.44 -26.17 -40.00
N ALA SA 103 -56.72 -25.70 -38.79
CA ALA SA 103 -58.09 -25.47 -38.33
C ALA SA 103 -58.93 -26.72 -38.54
N PRO SA 104 -58.73 -27.76 -37.74
CA PRO SA 104 -59.41 -29.03 -37.97
C PRO SA 104 -60.93 -28.84 -37.99
N THR SA 105 -61.58 -29.53 -38.92
CA THR SA 105 -63.02 -29.42 -39.05
C THR SA 105 -63.68 -29.99 -37.80
N LYS SA 106 -64.78 -29.37 -37.40
CA LYS SA 106 -65.44 -29.74 -36.15
C LYS SA 106 -66.93 -29.93 -36.38
N THR SA 107 -67.52 -30.78 -35.56
CA THR SA 107 -68.90 -31.19 -35.78
C THR SA 107 -69.91 -30.09 -35.48
N TRP SA 108 -69.52 -29.01 -34.82
CA TRP SA 108 -70.45 -27.92 -34.59
C TRP SA 108 -70.25 -26.81 -35.63
N ARG SA 109 -70.48 -27.16 -36.88
CA ARG SA 109 -70.30 -26.24 -37.99
C ARG SA 109 -71.56 -25.49 -38.35
N ARG SA 110 -72.65 -25.68 -37.60
CA ARG SA 110 -73.95 -25.11 -37.93
C ARG SA 110 -74.39 -25.57 -39.32
N TRP SA 111 -74.62 -26.88 -39.41
CA TRP SA 111 -75.03 -27.47 -40.68
C TRP SA 111 -76.43 -27.03 -41.08
N HIS SA 112 -77.31 -26.88 -40.11
CA HIS SA 112 -78.72 -26.65 -40.39
C HIS SA 112 -79.02 -25.16 -40.43
N ARG SA 113 -79.91 -24.78 -41.34
CA ARG SA 113 -80.44 -23.44 -41.42
C ARG SA 113 -81.94 -23.49 -41.18
N ARG SA 114 -82.47 -22.45 -40.57
CA ARG SA 114 -83.90 -22.29 -40.42
C ARG SA 114 -84.38 -21.20 -41.37
N VAL SA 115 -85.49 -21.44 -42.03
CA VAL SA 115 -86.08 -20.48 -42.95
C VAL SA 115 -87.46 -20.13 -42.42
N ASN SA 116 -87.88 -18.89 -42.64
CA ASN SA 116 -89.17 -18.46 -42.14
C ASN SA 116 -90.29 -19.26 -42.79
N THR SA 117 -91.36 -19.49 -42.01
CA THR SA 117 -92.46 -20.31 -42.50
C THR SA 117 -93.11 -19.68 -43.71
N THR SA 118 -93.33 -18.38 -43.68
CA THR SA 118 -93.93 -17.70 -44.82
C THR SA 118 -93.03 -17.75 -46.04
N GLN SA 119 -91.72 -17.77 -45.85
CA GLN SA 119 -90.81 -17.92 -46.98
C GLN SA 119 -90.96 -19.28 -47.61
N LYS SA 120 -91.00 -20.33 -46.78
CA LYS SA 120 -91.15 -21.68 -47.30
C LYS SA 120 -92.50 -21.85 -47.96
N ARG SA 121 -93.54 -21.24 -47.40
CA ARG SA 121 -94.85 -21.27 -48.04
C ARG SA 121 -94.84 -20.51 -49.36
N TYR SA 122 -94.10 -19.41 -49.41
CA TYR SA 122 -94.01 -18.63 -50.64
C TYR SA 122 -93.37 -19.47 -51.75
N ALA SA 123 -92.30 -20.18 -51.42
CA ALA SA 123 -91.56 -20.94 -52.41
C ALA SA 123 -92.40 -22.08 -52.97
N ILE SA 124 -93.26 -22.67 -52.15
CA ILE SA 124 -94.19 -23.67 -52.63
C ILE SA 124 -95.16 -23.05 -53.62
N CYS SA 125 -95.63 -21.83 -53.34
CA CYS SA 125 -96.55 -21.17 -54.26
C CYS SA 125 -95.89 -20.89 -55.59
N SER SA 126 -94.64 -20.44 -55.58
CA SER SA 126 -93.93 -20.18 -56.84
C SER SA 126 -93.64 -21.47 -57.58
N ALA SA 127 -93.27 -22.53 -56.86
CA ALA SA 127 -93.00 -23.80 -57.50
C ALA SA 127 -94.25 -24.38 -58.15
N LEU SA 128 -95.40 -24.24 -57.49
CA LEU SA 128 -96.64 -24.73 -58.06
C LEU SA 128 -97.08 -23.88 -59.24
N ALA SA 129 -96.94 -22.57 -59.13
CA ALA SA 129 -97.37 -21.69 -60.22
C ALA SA 129 -96.51 -21.88 -61.46
N ALA SA 130 -95.27 -22.28 -61.29
CA ALA SA 130 -94.38 -22.51 -62.42
C ALA SA 130 -94.67 -23.83 -63.13
N SER SA 131 -95.09 -24.84 -62.38
CA SER SA 131 -95.33 -26.15 -62.98
C SER SA 131 -96.53 -26.16 -63.91
N ALA SA 132 -97.36 -25.12 -63.90
CA ALA SA 132 -98.49 -25.03 -64.80
C ALA SA 132 -98.17 -24.22 -66.06
N LEU SA 133 -96.96 -23.68 -66.18
CA LEU SA 133 -96.59 -22.92 -67.36
C LEU SA 133 -95.82 -23.82 -68.32
N PRO SA 134 -96.28 -23.98 -69.56
CA PRO SA 134 -95.58 -24.86 -70.50
C PRO SA 134 -94.14 -24.47 -70.77
N ALA SA 135 -93.83 -23.18 -70.79
CA ALA SA 135 -92.45 -22.78 -71.07
C ALA SA 135 -91.52 -23.22 -69.94
N LEU SA 136 -91.99 -23.10 -68.70
CA LEU SA 136 -91.09 -23.34 -67.56
C LEU SA 136 -90.80 -24.81 -67.37
N VAL SA 137 -91.81 -25.66 -67.53
CA VAL SA 137 -91.59 -27.09 -67.37
C VAL SA 137 -90.77 -27.64 -68.54
N MET SA 138 -91.06 -27.16 -69.76
CA MET SA 138 -90.26 -27.58 -70.90
C MET SA 138 -88.82 -27.14 -70.77
N SER SA 139 -88.58 -26.03 -70.08
CA SER SA 139 -87.22 -25.56 -69.88
C SER SA 139 -86.48 -26.36 -68.82
N LYS SA 140 -87.18 -27.23 -68.10
CA LYS SA 140 -86.52 -28.22 -67.26
C LYS SA 140 -86.26 -29.51 -68.01
N GLY SA 141 -86.48 -29.52 -69.32
CA GLY SA 141 -86.27 -30.70 -70.13
C GLY SA 141 -87.23 -31.82 -69.82
N HIS SA 142 -88.51 -31.51 -69.59
CA HIS SA 142 -89.45 -32.48 -69.07
C HIS SA 142 -90.30 -33.14 -70.13
N ARG SA 143 -90.02 -32.89 -71.42
CA ARG SA 143 -90.55 -33.69 -72.52
C ARG SA 143 -92.08 -33.75 -72.52
N ILE SA 144 -92.71 -32.64 -72.16
CA ILE SA 144 -94.19 -32.57 -72.16
C ILE SA 144 -94.58 -32.02 -73.53
N GLU SA 145 -94.62 -32.91 -74.51
CA GLU SA 145 -94.98 -32.51 -75.87
C GLU SA 145 -96.38 -32.91 -76.24
N GLU SA 146 -96.77 -34.14 -75.94
CA GLU SA 146 -98.10 -34.64 -76.24
C GLU SA 146 -99.00 -34.67 -75.00
N VAL SA 147 -98.55 -34.06 -73.90
CA VAL SA 147 -99.36 -34.00 -72.68
C VAL SA 147 -100.57 -33.11 -72.94
N PRO SA 148 -101.79 -33.58 -72.66
CA PRO SA 148 -102.96 -32.81 -73.11
C PRO SA 148 -103.18 -31.51 -72.35
N GLU SA 149 -102.71 -31.39 -71.12
CA GLU SA 149 -102.96 -30.19 -70.32
C GLU SA 149 -101.99 -30.18 -69.16
N LEU SA 150 -101.19 -29.12 -69.04
CA LEU SA 150 -100.08 -29.12 -68.07
C LEU SA 150 -100.45 -29.00 -66.61
N PRO SA 151 -101.52 -28.33 -66.24
CA PRO SA 151 -102.09 -28.61 -64.91
C PRO SA 151 -102.80 -29.96 -64.97
N LEU SA 152 -102.01 -31.03 -65.12
CA LEU SA 152 -102.56 -32.33 -65.47
C LEU SA 152 -103.22 -32.96 -64.27
N VAL SA 153 -104.46 -33.42 -64.47
CA VAL SA 153 -105.26 -34.02 -63.41
C VAL SA 153 -105.78 -35.35 -63.91
N VAL SA 154 -105.82 -36.34 -63.02
CA VAL SA 154 -106.36 -37.65 -63.33
C VAL SA 154 -107.43 -37.98 -62.31
N GLU SA 155 -108.29 -38.93 -62.68
CA GLU SA 155 -109.37 -39.32 -61.80
C GLU SA 155 -108.83 -40.04 -60.57
N ASP SA 156 -109.67 -40.12 -59.53
CA ASP SA 156 -109.25 -40.66 -58.25
C ASP SA 156 -108.95 -42.16 -58.28
N LYS SA 157 -109.31 -42.84 -59.36
CA LYS SA 157 -109.06 -44.27 -59.44
C LYS SA 157 -107.57 -44.60 -59.46
N VAL SA 158 -106.71 -43.64 -59.77
CA VAL SA 158 -105.28 -43.87 -59.77
C VAL SA 158 -104.78 -44.14 -58.36
N GLU SA 159 -105.37 -43.48 -57.36
CA GLU SA 159 -104.91 -43.63 -55.98
C GLU SA 159 -105.00 -45.06 -55.49
N GLY SA 160 -105.84 -45.89 -56.12
CA GLY SA 160 -106.02 -47.27 -55.72
C GLY SA 160 -105.33 -48.32 -56.56
N TYR SA 161 -104.39 -47.94 -57.42
CA TYR SA 161 -103.65 -48.94 -58.17
C TYR SA 161 -102.76 -49.76 -57.26
N LYS SA 162 -102.47 -50.98 -57.72
CA LYS SA 162 -101.62 -51.89 -56.96
C LYS SA 162 -100.46 -52.46 -57.76
N LYS SA 163 -100.59 -52.61 -59.07
CA LYS SA 163 -99.57 -53.22 -59.90
C LYS SA 163 -98.77 -52.13 -60.60
N THR SA 164 -97.49 -52.39 -60.83
CA THR SA 164 -96.68 -51.45 -61.59
C THR SA 164 -97.01 -51.57 -63.07
N LYS SA 165 -97.63 -52.67 -63.48
CA LYS SA 165 -98.04 -52.83 -64.87
C LYS SA 165 -99.06 -51.78 -65.26
N GLU SA 166 -100.05 -51.52 -64.39
CA GLU SA 166 -101.07 -50.54 -64.74
C GLU SA 166 -100.55 -49.12 -64.54
N ALA SA 167 -99.66 -48.90 -63.57
CA ALA SA 167 -99.08 -47.57 -63.42
C ALA SA 167 -98.23 -47.19 -64.62
N VAL SA 168 -97.59 -48.17 -65.25
CA VAL SA 168 -96.91 -47.93 -66.51
C VAL SA 168 -97.93 -47.62 -67.61
N LEU SA 169 -99.03 -48.37 -67.63
CA LEU SA 169 -100.03 -48.21 -68.68
C LEU SA 169 -100.66 -46.82 -68.64
N LEU SA 170 -100.92 -46.32 -67.44
CA LEU SA 170 -101.52 -44.99 -67.31
C LEU SA 170 -100.59 -43.90 -67.80
N LEU SA 171 -99.30 -43.99 -67.47
CA LEU SA 171 -98.35 -42.98 -67.91
C LEU SA 171 -98.23 -42.96 -69.43
N LYS SA 172 -98.30 -44.14 -70.06
CA LYS SA 172 -98.28 -44.19 -71.51
C LYS SA 172 -99.50 -43.51 -72.09
N LYS SA 173 -100.67 -43.73 -71.48
CA LYS SA 173 -101.91 -43.18 -72.04
C LYS SA 173 -102.06 -41.70 -71.74
N LEU SA 174 -101.29 -41.15 -70.82
CA LEU SA 174 -101.28 -39.73 -70.56
C LEU SA 174 -100.23 -39.00 -71.38
N LYS SA 175 -99.53 -39.71 -72.26
CA LYS SA 175 -98.40 -39.20 -73.04
C LYS SA 175 -97.28 -38.67 -72.15
N ALA SA 176 -97.20 -39.14 -70.92
CA ALA SA 176 -96.13 -38.79 -70.00
C ALA SA 176 -95.06 -39.85 -69.93
N TRP SA 177 -95.08 -40.83 -70.82
CA TRP SA 177 -94.09 -41.89 -70.81
C TRP SA 177 -92.75 -41.45 -71.39
N ASN SA 178 -92.75 -40.48 -72.32
CA ASN SA 178 -91.51 -40.06 -72.94
C ASN SA 178 -90.54 -39.47 -71.92
N ASP SA 179 -91.07 -38.80 -70.90
CA ASP SA 179 -90.24 -38.28 -69.84
C ASP SA 179 -89.57 -39.41 -69.06
N ILE SA 180 -90.29 -40.51 -68.86
CA ILE SA 180 -89.73 -41.65 -68.17
C ILE SA 180 -88.63 -42.29 -69.00
N LYS SA 181 -88.85 -42.42 -70.31
CA LYS SA 181 -87.83 -43.00 -71.18
C LYS SA 181 -86.56 -42.16 -71.18
N LYS SA 182 -86.70 -40.85 -71.00
CA LYS SA 182 -85.54 -39.98 -70.91
C LYS SA 182 -84.80 -40.21 -69.59
N VAL SA 183 -85.54 -40.47 -68.51
CA VAL SA 183 -84.90 -40.77 -67.24
C VAL SA 183 -84.12 -42.08 -67.33
N TYR SA 184 -84.70 -43.07 -68.01
CA TYR SA 184 -83.97 -44.30 -68.29
C TYR SA 184 -82.72 -44.03 -69.11
N ALA SA 185 -82.84 -43.16 -70.12
CA ALA SA 185 -81.73 -42.91 -71.03
C ALA SA 185 -80.59 -42.19 -70.36
N SER SA 186 -80.87 -41.50 -69.25
CA SER SA 186 -79.87 -40.70 -68.58
C SER SA 186 -79.28 -41.37 -67.36
N GLN SA 187 -79.51 -42.67 -67.19
CA GLN SA 187 -78.90 -43.39 -66.07
C GLN SA 187 -77.46 -43.73 -66.44
N ARG SA 188 -76.52 -43.07 -65.79
CA ARG SA 188 -75.11 -43.30 -66.02
C ARG SA 188 -74.40 -43.23 -64.68
N MET SA 189 -73.14 -43.61 -64.68
CA MET SA 189 -72.35 -43.52 -63.46
C MET SA 189 -72.09 -42.06 -63.11
N ARG SA 190 -71.78 -41.84 -61.84
CA ARG SA 190 -71.42 -40.52 -61.36
C ARG SA 190 -69.93 -40.31 -61.54
N ALA SA 191 -69.53 -39.06 -61.75
CA ALA SA 191 -68.13 -38.71 -61.89
C ALA SA 191 -67.53 -38.41 -60.52
N GLY SA 192 -66.40 -39.03 -60.23
CA GLY SA 192 -65.63 -38.64 -59.08
C GLY SA 192 -65.80 -39.56 -57.89
N LYS SA 193 -65.33 -39.06 -56.76
CA LYS SA 193 -65.23 -39.83 -55.52
C LYS SA 193 -66.57 -40.20 -54.92
N GLY SA 194 -67.67 -39.62 -55.41
CA GLY SA 194 -68.98 -40.03 -54.94
C GLY SA 194 -69.31 -41.46 -55.26
N LYS SA 195 -68.60 -42.06 -56.23
CA LYS SA 195 -68.76 -43.48 -56.49
C LYS SA 195 -68.29 -44.32 -55.32
N MET SA 196 -67.24 -43.87 -54.62
CA MET SA 196 -66.75 -44.60 -53.47
C MET SA 196 -67.64 -44.44 -52.25
N ARG SA 197 -68.55 -43.47 -52.25
CA ARG SA 197 -69.33 -43.12 -51.07
C ARG SA 197 -70.81 -43.38 -51.30
N ASN SA 198 -71.14 -44.50 -51.93
CA ASN SA 198 -72.48 -45.03 -52.11
C ASN SA 198 -73.36 -44.17 -53.03
N ARG SA 199 -72.88 -43.06 -53.54
CA ARG SA 199 -73.60 -42.29 -54.55
C ARG SA 199 -73.13 -42.69 -55.94
N ARG SA 200 -73.26 -43.99 -56.19
CA ARG SA 200 -72.66 -44.60 -57.36
C ARG SA 200 -73.37 -44.19 -58.65
N ARG SA 201 -74.69 -44.27 -58.67
CA ARG SA 201 -75.46 -44.07 -59.89
C ARG SA 201 -76.26 -42.78 -59.81
N ILE SA 202 -76.39 -42.12 -60.96
CA ILE SA 202 -77.15 -40.88 -61.06
C ILE SA 202 -78.12 -40.99 -62.23
N GLN SA 203 -79.19 -40.21 -62.16
CA GLN SA 203 -80.22 -40.23 -63.19
C GLN SA 203 -81.00 -38.94 -63.13
N ARG SA 204 -81.72 -38.66 -64.21
CA ARG SA 204 -82.49 -37.44 -64.31
C ARG SA 204 -83.76 -37.52 -63.47
N ARG SA 205 -84.22 -36.38 -62.98
CA ARG SA 205 -85.42 -36.33 -62.16
C ARG SA 205 -86.66 -36.35 -63.03
N GLY SA 206 -87.56 -37.29 -62.76
CA GLY SA 206 -88.73 -37.48 -63.59
C GLY SA 206 -89.93 -36.71 -63.11
N PRO SA 207 -91.12 -37.08 -63.57
CA PRO SA 207 -92.34 -36.40 -63.12
C PRO SA 207 -92.68 -36.75 -61.68
N CYS SA 208 -93.46 -35.86 -61.08
CA CYS SA 208 -93.87 -35.95 -59.68
C CYS SA 208 -95.37 -36.21 -59.64
N ILE SA 209 -95.76 -37.34 -59.04
CA ILE SA 209 -97.17 -37.66 -58.87
C ILE SA 209 -97.62 -37.11 -57.53
N ILE SA 210 -98.66 -36.31 -57.53
CA ILE SA 210 -99.17 -35.69 -56.30
C ILE SA 210 -100.51 -36.30 -55.99
N TYR SA 211 -100.54 -37.20 -55.01
CA TYR SA 211 -101.75 -37.87 -54.58
C TYR SA 211 -102.30 -37.21 -53.34
N ASN SA 212 -103.50 -37.63 -52.95
CA ASN SA 212 -104.14 -37.18 -51.73
C ASN SA 212 -104.31 -38.29 -50.72
N GLU SA 213 -104.72 -39.48 -51.16
CA GLU SA 213 -104.87 -40.64 -50.30
C GLU SA 213 -104.13 -41.81 -50.92
N ASP SA 214 -103.13 -42.32 -50.22
CA ASP SA 214 -102.36 -43.46 -50.73
C ASP SA 214 -103.15 -44.72 -50.45
N ASN SA 215 -104.06 -45.05 -51.36
CA ASN SA 215 -104.78 -46.32 -51.31
C ASN SA 215 -104.02 -47.44 -51.98
N GLY SA 216 -102.72 -47.25 -52.22
CA GLY SA 216 -101.90 -48.22 -52.89
C GLY SA 216 -101.09 -47.61 -54.01
N ILE SA 217 -101.28 -46.30 -54.22
CA ILE SA 217 -100.64 -45.63 -55.36
C ILE SA 217 -99.12 -45.61 -55.20
N ILE SA 218 -98.63 -45.47 -53.96
CA ILE SA 218 -97.20 -45.40 -53.74
C ILE SA 218 -96.54 -46.70 -54.16
N LYS SA 219 -97.13 -47.83 -53.76
CA LYS SA 219 -96.56 -49.11 -54.13
C LYS SA 219 -96.74 -49.42 -55.61
N ALA SA 220 -97.79 -48.87 -56.23
CA ALA SA 220 -98.00 -49.09 -57.66
C ALA SA 220 -96.86 -48.49 -58.48
N PHE SA 221 -96.52 -47.24 -58.18
CA PHE SA 221 -95.29 -46.61 -58.64
C PHE SA 221 -94.17 -47.10 -57.74
N ARG SA 222 -93.09 -46.33 -57.62
CA ARG SA 222 -91.96 -46.58 -56.74
C ARG SA 222 -90.98 -47.57 -57.35
N ASN SA 223 -91.29 -48.16 -58.51
CA ASN SA 223 -90.28 -48.84 -59.28
C ASN SA 223 -90.03 -48.15 -60.61
N ILE SA 224 -90.79 -47.12 -60.95
CA ILE SA 224 -90.53 -46.30 -62.12
C ILE SA 224 -89.43 -45.31 -61.74
N PRO SA 225 -88.29 -45.33 -62.41
CA PRO SA 225 -87.21 -44.40 -62.03
C PRO SA 225 -87.57 -42.96 -62.34
N GLY SA 226 -87.22 -42.07 -61.42
CA GLY SA 226 -87.51 -40.67 -61.55
C GLY SA 226 -88.80 -40.22 -60.88
N ILE SA 227 -89.81 -41.08 -60.86
CA ILE SA 227 -91.08 -40.73 -60.24
C ILE SA 227 -90.89 -40.53 -58.74
N THR SA 228 -91.39 -39.42 -58.22
CA THR SA 228 -91.51 -39.20 -56.79
C THR SA 228 -92.97 -38.90 -56.49
N LEU SA 229 -93.47 -39.47 -55.40
CA LEU SA 229 -94.87 -39.29 -55.02
C LEU SA 229 -94.94 -38.41 -53.80
N LEU SA 230 -95.73 -37.34 -53.89
CA LEU SA 230 -95.78 -36.31 -52.87
C LEU SA 230 -97.21 -36.10 -52.43
N ASN SA 231 -97.47 -36.26 -51.13
CA ASN SA 231 -98.79 -35.97 -50.60
C ASN SA 231 -99.04 -34.47 -50.67
N VAL SA 232 -100.26 -34.09 -51.05
CA VAL SA 232 -100.55 -32.68 -51.26
C VAL SA 232 -100.47 -31.90 -49.95
N SER SA 233 -100.79 -32.54 -48.83
CA SER SA 233 -100.71 -31.85 -47.54
C SER SA 233 -99.28 -31.61 -47.10
N LYS SA 234 -98.31 -32.33 -47.67
CA LYS SA 234 -96.92 -32.29 -47.26
C LYS SA 234 -96.02 -31.95 -48.44
N LEU SA 235 -96.39 -30.92 -49.18
CA LEU SA 235 -95.63 -30.53 -50.37
C LEU SA 235 -94.22 -30.11 -49.98
N ASN SA 236 -93.25 -30.62 -50.72
CA ASN SA 236 -91.84 -30.43 -50.41
C ASN SA 236 -91.21 -29.56 -51.50
N ILE SA 237 -90.59 -28.46 -51.10
CA ILE SA 237 -89.90 -27.61 -52.07
C ILE SA 237 -88.68 -28.34 -52.62
N LEU SA 238 -88.13 -29.29 -51.86
CA LEU SA 238 -87.00 -30.06 -52.36
C LEU SA 238 -87.41 -31.04 -53.45
N LYS SA 239 -88.70 -31.34 -53.57
CA LYS SA 239 -89.18 -32.23 -54.61
C LYS SA 239 -89.91 -31.50 -55.73
N LEU SA 240 -90.59 -30.40 -55.42
CA LEU SA 240 -91.31 -29.65 -56.45
C LEU SA 240 -90.38 -28.82 -57.32
N ALA SA 241 -89.28 -28.34 -56.76
CA ALA SA 241 -88.27 -27.59 -57.50
C ALA SA 241 -86.95 -28.31 -57.25
N PRO SA 242 -86.67 -29.39 -57.99
CA PRO SA 242 -85.58 -30.28 -57.62
C PRO SA 242 -84.21 -29.62 -57.52
N GLY SA 243 -83.75 -28.97 -58.58
CA GLY SA 243 -82.41 -28.45 -58.54
C GLY SA 243 -82.32 -27.05 -57.97
N GLY SA 244 -83.35 -26.61 -57.29
CA GLY SA 244 -83.49 -25.21 -56.99
C GLY SA 244 -84.09 -24.42 -58.11
N HIS SA 245 -84.61 -25.09 -59.13
CA HIS SA 245 -85.22 -24.46 -60.28
C HIS SA 245 -86.64 -24.94 -60.44
N VAL SA 246 -87.54 -24.01 -60.70
CA VAL SA 246 -88.96 -24.30 -60.76
C VAL SA 246 -89.31 -24.91 -62.10
N GLY SA 247 -90.38 -25.70 -62.12
CA GLY SA 247 -90.84 -26.25 -63.38
C GLY SA 247 -90.79 -27.76 -63.48
N ARG SA 248 -91.02 -28.47 -62.38
CA ARG SA 248 -91.11 -29.92 -62.46
C ARG SA 248 -92.46 -30.34 -62.99
N PHE SA 249 -92.46 -31.33 -63.86
CA PHE SA 249 -93.70 -31.91 -64.36
C PHE SA 249 -94.43 -32.60 -63.22
N CYS SA 250 -95.65 -32.18 -62.94
CA CYS SA 250 -96.45 -32.71 -61.85
C CYS SA 250 -97.77 -33.26 -62.38
N ILE SA 251 -98.12 -34.48 -61.96
CA ILE SA 251 -99.38 -35.11 -62.33
C ILE SA 251 -100.24 -35.20 -61.08
N TRP SA 252 -101.34 -34.46 -61.07
CA TRP SA 252 -102.18 -34.32 -59.90
C TRP SA 252 -103.30 -35.33 -59.91
N THR SA 253 -103.58 -35.91 -58.74
CA THR SA 253 -104.83 -36.60 -58.54
C THR SA 253 -105.93 -35.57 -58.39
N GLU SA 254 -107.16 -35.94 -58.74
CA GLU SA 254 -108.26 -35.00 -58.66
C GLU SA 254 -108.51 -34.56 -57.22
N SER SA 255 -108.44 -35.50 -56.28
CA SER SA 255 -108.65 -35.16 -54.88
C SER SA 255 -107.58 -34.18 -54.38
N ALA SA 256 -106.34 -34.39 -54.81
CA ALA SA 256 -105.27 -33.45 -54.45
C ALA SA 256 -105.50 -32.09 -55.08
N PHE SA 257 -105.99 -32.07 -56.33
CA PHE SA 257 -106.20 -30.82 -57.02
C PHE SA 257 -107.29 -29.98 -56.35
N ARG SA 258 -108.39 -30.62 -55.97
CA ARG SA 258 -109.48 -29.90 -55.31
C ARG SA 258 -109.04 -29.36 -53.96
N LYS SA 259 -108.28 -30.15 -53.20
CA LYS SA 259 -107.85 -29.74 -51.87
C LYS SA 259 -106.92 -28.53 -51.90
N LEU SA 260 -106.34 -28.23 -53.05
CA LEU SA 260 -105.27 -27.24 -53.11
C LEU SA 260 -105.79 -25.83 -52.87
N ASP SA 261 -107.08 -25.59 -53.12
CA ASP SA 261 -107.67 -24.29 -52.80
C ASP SA 261 -107.89 -24.13 -51.30
N GLU SA 262 -108.29 -25.20 -50.63
CA GLU SA 262 -108.47 -25.13 -49.18
C GLU SA 262 -107.16 -25.25 -48.43
N LEU SA 263 -106.07 -25.54 -49.13
CA LEU SA 263 -104.79 -25.75 -48.47
C LEU SA 263 -103.97 -24.47 -48.41
N TYR SA 264 -103.99 -23.68 -49.50
CA TYR SA 264 -103.26 -22.44 -49.54
C TYR SA 264 -104.15 -21.21 -49.69
N GLY SA 265 -105.42 -21.40 -50.02
CA GLY SA 265 -106.34 -20.29 -50.10
C GLY SA 265 -106.41 -19.67 -51.49
N THR SA 266 -107.51 -18.98 -51.73
CA THR SA 266 -107.67 -18.10 -52.87
C THR SA 266 -107.10 -16.74 -52.45
N TRP SA 267 -107.31 -15.69 -53.25
CA TRP SA 267 -107.00 -14.37 -52.74
C TRP SA 267 -108.18 -13.77 -51.99
N ARG SA 268 -109.40 -14.09 -52.41
CA ARG SA 268 -110.59 -13.69 -51.70
C ARG SA 268 -110.84 -14.51 -50.44
N LYS SA 269 -110.17 -15.64 -50.27
CA LYS SA 269 -110.40 -16.50 -49.12
C LYS SA 269 -109.07 -16.97 -48.55
N ALA SA 270 -108.94 -16.89 -47.23
CA ALA SA 270 -107.77 -17.43 -46.54
C ALA SA 270 -107.82 -18.95 -46.49
N ALA SA 271 -106.66 -19.55 -46.33
CA ALA SA 271 -106.56 -21.01 -46.33
C ALA SA 271 -107.25 -21.58 -45.11
N SER SA 272 -108.06 -22.62 -45.32
CA SER SA 272 -108.80 -23.26 -44.25
C SER SA 272 -108.01 -24.35 -43.54
N LEU SA 273 -106.82 -24.68 -44.02
CA LEU SA 273 -106.01 -25.75 -43.44
C LEU SA 273 -104.64 -25.27 -43.01
N LYS SA 274 -104.40 -23.96 -42.99
CA LYS SA 274 -103.15 -23.40 -42.49
C LYS SA 274 -103.34 -22.35 -41.41
N SER SA 275 -104.56 -21.93 -41.14
CA SER SA 275 -105.02 -21.19 -39.96
C SER SA 275 -104.58 -19.74 -39.93
N ASN SA 276 -103.63 -19.36 -40.76
CA ASN SA 276 -103.35 -17.94 -40.91
C ASN SA 276 -102.89 -17.54 -42.31
N TYR SA 277 -102.82 -18.47 -43.26
CA TYR SA 277 -102.10 -18.21 -44.49
C TYR SA 277 -103.03 -17.69 -45.56
N ASN SA 278 -102.54 -16.74 -46.34
CA ASN SA 278 -103.22 -16.31 -47.55
C ASN SA 278 -102.18 -16.19 -48.65
N LEU SA 279 -102.63 -16.26 -49.89
CA LEU SA 279 -101.70 -16.27 -51.00
C LEU SA 279 -100.91 -14.96 -51.04
N PRO SA 280 -99.63 -15.00 -51.39
CA PRO SA 280 -98.84 -13.77 -51.44
C PRO SA 280 -99.30 -12.86 -52.56
N MET SA 281 -99.14 -11.57 -52.33
CA MET SA 281 -99.71 -10.57 -53.22
C MET SA 281 -98.71 -10.15 -54.29
N HIS SA 282 -99.25 -9.73 -55.43
CA HIS SA 282 -98.44 -9.28 -56.56
C HIS SA 282 -98.05 -7.82 -56.39
N LYS SA 283 -96.83 -7.50 -56.79
CA LYS SA 283 -96.41 -6.11 -56.91
C LYS SA 283 -96.53 -5.62 -58.35
N MET SA 284 -96.91 -6.49 -59.28
CA MET SA 284 -97.11 -6.11 -60.68
C MET SA 284 -98.24 -6.98 -61.22
N ILE SA 285 -99.44 -6.42 -61.30
CA ILE SA 285 -100.61 -7.20 -61.68
C ILE SA 285 -100.51 -7.65 -63.14
N ASN SA 286 -100.20 -6.71 -64.03
CA ASN SA 286 -100.11 -6.99 -65.46
C ASN SA 286 -98.65 -7.02 -65.85
N THR SA 287 -98.14 -8.21 -66.15
CA THR SA 287 -96.72 -8.40 -66.44
C THR SA 287 -96.40 -8.37 -67.92
N ASP SA 288 -97.41 -8.19 -68.79
CA ASP SA 288 -97.14 -8.15 -70.22
C ASP SA 288 -96.57 -6.79 -70.56
N LEU SA 289 -95.24 -6.73 -70.64
CA LEU SA 289 -94.58 -5.46 -70.92
C LEU SA 289 -94.91 -4.95 -72.31
N SER SA 290 -94.97 -5.84 -73.30
CA SER SA 290 -95.20 -5.41 -74.68
C SER SA 290 -96.56 -4.76 -74.83
N ARG SA 291 -97.57 -5.28 -74.12
CA ARG SA 291 -98.89 -4.69 -74.20
C ARG SA 291 -98.96 -3.35 -73.48
N ILE SA 292 -98.25 -3.22 -72.37
CA ILE SA 292 -98.24 -1.95 -71.64
C ILE SA 292 -97.52 -0.89 -72.46
N LEU SA 293 -96.36 -1.22 -73.01
CA LEU SA 293 -95.58 -0.26 -73.78
C LEU SA 293 -96.34 0.19 -75.02
N LYS SA 294 -97.02 -0.74 -75.69
CA LYS SA 294 -97.73 -0.43 -76.92
C LYS SA 294 -99.13 0.09 -76.69
N SER SA 295 -99.58 0.17 -75.44
CA SER SA 295 -100.92 0.65 -75.17
C SER SA 295 -101.04 2.12 -75.58
N PRO SA 296 -102.16 2.53 -76.18
CA PRO SA 296 -102.26 3.90 -76.68
C PRO SA 296 -102.18 4.96 -75.60
N GLU SA 297 -102.50 4.59 -74.36
CA GLU SA 297 -102.38 5.54 -73.25
C GLU SA 297 -100.92 5.89 -73.01
N ILE SA 298 -100.03 4.91 -73.06
CA ILE SA 298 -98.61 5.19 -72.90
C ILE SA 298 -98.07 5.91 -74.13
N GLN SA 299 -98.48 5.46 -75.33
CA GLN SA 299 -97.87 5.94 -76.55
C GLN SA 299 -98.14 7.41 -76.82
N ARG SA 300 -99.24 7.95 -76.28
CA ARG SA 300 -99.52 9.36 -76.48
C ARG SA 300 -98.58 10.26 -75.69
N ALA SA 301 -97.94 9.73 -74.65
CA ALA SA 301 -97.12 10.53 -73.75
C ALA SA 301 -95.63 10.46 -74.09
N LEU SA 302 -95.25 9.78 -75.16
CA LEU SA 302 -93.84 9.61 -75.51
C LEU SA 302 -93.45 10.60 -76.59
N ARG SA 303 -92.26 11.19 -76.43
CA ARG SA 303 -91.68 11.93 -77.53
C ARG SA 303 -91.22 10.96 -78.62
N ALA SA 304 -91.09 11.50 -79.84
CA ALA SA 304 -90.73 10.65 -80.97
C ALA SA 304 -89.33 10.07 -80.78
N PRO SA 305 -89.11 8.82 -81.17
CA PRO SA 305 -87.79 8.22 -80.99
C PRO SA 305 -86.74 8.90 -81.85
N ARG SA 306 -85.54 8.98 -81.29
CA ARG SA 306 -84.40 9.58 -81.98
C ARG SA 306 -83.59 8.44 -82.57
N LYS SA 307 -83.96 8.02 -83.77
CA LYS SA 307 -83.46 6.80 -84.37
C LYS SA 307 -82.46 7.05 -85.49
N LYS SA 308 -81.63 8.08 -85.35
CA LYS SA 308 -80.54 8.33 -86.29
C LYS SA 308 -79.23 8.35 -85.53
N ILE SA 309 -78.27 7.56 -86.00
CA ILE SA 309 -76.97 7.47 -85.35
C ILE SA 309 -76.05 8.53 -85.96
N HIS SA 310 -75.49 9.38 -85.11
CA HIS SA 310 -74.57 10.43 -85.52
C HIS SA 310 -73.19 10.07 -85.00
N ARG SA 311 -72.38 9.46 -85.86
CA ARG SA 311 -71.03 9.11 -85.48
C ARG SA 311 -70.12 10.34 -85.60
N ARG SA 312 -68.87 10.17 -85.20
CA ARG SA 312 -67.98 11.32 -85.10
C ARG SA 312 -67.62 11.84 -86.48
N VAL SA 313 -67.53 13.16 -86.59
CA VAL SA 313 -67.23 13.83 -87.84
C VAL SA 313 -65.74 14.11 -87.88
N LEU SA 314 -65.07 13.62 -88.91
CA LEU SA 314 -63.65 13.83 -89.06
C LEU SA 314 -63.39 15.30 -89.33
N LYS SA 315 -62.65 15.96 -88.46
CA LYS SA 315 -62.38 17.39 -88.59
C LYS SA 315 -61.43 17.60 -89.74
N LYS SA 316 -61.95 18.07 -90.86
CA LYS SA 316 -61.15 18.51 -91.98
C LYS SA 316 -60.73 19.96 -91.75
N ASN SA 317 -59.47 20.23 -92.02
CA ASN SA 317 -58.90 21.53 -91.66
C ASN SA 317 -59.41 22.61 -92.60
N PRO SA 318 -60.10 23.63 -92.09
CA PRO SA 318 -60.20 24.87 -92.85
C PRO SA 318 -58.83 25.50 -92.90
N LEU SA 319 -58.67 26.46 -93.80
CA LEU SA 319 -57.39 27.05 -94.22
C LEU SA 319 -56.59 26.06 -95.06
N LYS SA 320 -57.08 24.84 -95.23
CA LYS SA 320 -56.52 23.87 -96.16
C LYS SA 320 -57.58 23.18 -97.01
N ASN SA 321 -58.84 23.23 -96.61
CA ASN SA 321 -59.96 22.68 -97.36
C ASN SA 321 -60.89 23.84 -97.70
N LEU SA 322 -61.13 24.04 -99.00
CA LEU SA 322 -61.89 25.22 -99.40
C LEU SA 322 -63.36 25.10 -99.01
N ARG SA 323 -63.98 23.96 -99.33
CA ARG SA 323 -65.41 23.83 -99.11
C ARG SA 323 -65.76 23.65 -97.66
N ILE SA 324 -64.81 23.18 -96.84
CA ILE SA 324 -65.01 23.19 -95.40
C ILE SA 324 -64.94 24.62 -94.87
N MET SA 325 -64.04 25.42 -95.42
CA MET SA 325 -63.94 26.82 -95.00
C MET SA 325 -65.21 27.58 -95.33
N LEU SA 326 -65.82 27.29 -96.48
CA LEU SA 326 -67.04 27.98 -96.86
C LEU SA 326 -68.25 27.51 -96.06
N LYS SA 327 -68.18 26.33 -95.46
CA LYS SA 327 -69.29 25.87 -94.64
C LYS SA 327 -69.35 26.61 -93.31
N LEU SA 328 -68.24 27.20 -92.88
CA LEU SA 328 -68.21 27.98 -91.65
C LEU SA 328 -68.14 29.47 -91.90
N ASN SA 329 -67.57 29.89 -93.02
CA ASN SA 329 -67.42 31.30 -93.34
C ASN SA 329 -67.63 31.46 -94.84
N PRO SA 330 -68.88 31.59 -95.28
CA PRO SA 330 -69.14 31.72 -96.72
C PRO SA 330 -68.54 32.97 -97.33
N TYR SA 331 -68.25 34.00 -96.53
CA TYR SA 331 -67.63 35.19 -97.06
C TYR SA 331 -66.19 34.95 -97.48
N ALA SA 332 -65.59 33.85 -97.04
CA ALA SA 332 -64.20 33.57 -97.40
C ALA SA 332 -64.05 33.26 -98.89
N LYS SA 333 -65.15 32.99 -99.59
CA LYS SA 333 -65.04 32.79 -101.03
C LYS SA 333 -64.84 34.12 -101.75
N THR SA 334 -65.51 35.16 -101.29
CA THR SA 334 -65.35 36.45 -101.95
C THR SA 334 -64.03 37.10 -101.55
N MET SA 335 -63.61 36.92 -100.29
CA MET SA 335 -62.30 37.40 -99.89
C MET SA 335 -61.20 36.74 -100.70
N ARG SA 336 -61.34 35.45 -100.95
CA ARG SA 336 -60.33 34.73 -101.71
C ARG SA 336 -60.28 35.23 -103.15
N ARG SA 337 -61.43 35.29 -103.82
CA ARG SA 337 -61.38 35.69 -105.23
C ARG SA 337 -61.09 37.17 -105.37
N ASN SA 338 -61.23 37.94 -104.29
CA ASN SA 338 -60.81 39.33 -104.36
C ASN SA 338 -59.29 39.43 -104.32
N THR SA 339 -58.64 38.67 -103.44
CA THR SA 339 -57.18 38.77 -103.37
C THR SA 339 -56.52 38.07 -104.55
N ILE SA 340 -57.17 37.07 -105.13
CA ILE SA 340 -56.61 36.45 -106.32
C ILE SA 340 -56.71 37.40 -107.50
N LEU SA 341 -57.86 38.06 -107.64
CA LEU SA 341 -57.99 39.07 -108.69
C LEU SA 341 -57.06 40.24 -108.46
N ARG SA 342 -56.96 40.71 -107.21
CA ARG SA 342 -56.13 41.86 -106.92
C ARG SA 342 -54.67 41.56 -107.15
N GLN SA 343 -54.22 40.39 -106.73
CA GLN SA 343 -52.83 40.01 -106.97
C GLN SA 343 -52.59 39.69 -108.44
N ALA SA 344 -53.65 39.39 -109.19
CA ALA SA 344 -53.50 39.23 -110.63
C ALA SA 344 -53.26 40.57 -111.30
N ARG SA 345 -54.06 41.57 -110.93
CA ARG SA 345 -53.88 42.91 -111.50
C ARG SA 345 -52.57 43.52 -111.06
N ASN SA 346 -52.19 43.33 -109.79
CA ASN SA 346 -50.95 43.93 -109.30
C ASN SA 346 -49.74 43.32 -109.97
N HIS SA 347 -49.75 42.00 -110.19
CA HIS SA 347 -48.66 41.37 -110.91
C HIS SA 347 -48.59 41.88 -112.34
N LYS SA 348 -49.74 42.01 -113.00
CA LYS SA 348 -49.76 42.53 -114.36
C LYS SA 348 -49.32 43.98 -114.42
N LEU SA 349 -49.58 44.74 -113.36
CA LEU SA 349 -49.17 46.14 -113.34
C LEU SA 349 -47.66 46.28 -113.26
N ARG SA 350 -47.02 45.50 -112.39
CA ARG SA 350 -45.58 45.62 -112.24
C ARG SA 350 -44.83 45.00 -113.40
N VAL SA 351 -45.39 43.99 -114.04
CA VAL SA 351 -44.67 43.30 -115.11
C VAL SA 351 -44.49 44.21 -116.32
N ASP SA 352 -45.56 44.85 -116.78
CA ASP SA 352 -45.42 45.74 -117.91
C ASP SA 352 -44.91 47.12 -117.51
N LYS SA 353 -44.88 47.43 -116.22
CA LYS SA 353 -44.15 48.62 -115.76
C LYS SA 353 -42.65 48.37 -115.76
N ALA SA 354 -42.25 47.12 -115.55
CA ALA SA 354 -40.83 46.77 -115.67
C ALA SA 354 -40.41 46.70 -117.14
N ALA SA 355 -41.30 46.22 -118.00
CA ALA SA 355 -41.00 46.21 -119.43
C ALA SA 355 -41.00 47.63 -119.99
N ALA SA 356 -41.90 48.48 -119.50
CA ALA SA 356 -41.91 49.88 -119.93
C ALA SA 356 -40.64 50.59 -119.51
N ALA SA 357 -40.19 50.37 -118.27
CA ALA SA 357 -38.97 51.00 -117.79
C ALA SA 357 -37.75 50.46 -118.54
N ALA SA 358 -37.73 49.16 -118.82
CA ALA SA 358 -36.60 48.58 -119.53
C ALA SA 358 -36.54 49.07 -120.96
N ALA SA 359 -37.70 49.27 -121.59
CA ALA SA 359 -37.72 49.81 -122.95
C ALA SA 359 -37.34 51.28 -122.97
N ALA SA 360 -37.79 52.04 -121.98
CA ALA SA 360 -37.45 53.46 -121.92
C ALA SA 360 -35.98 53.66 -121.59
N LEU SA 361 -35.42 52.79 -120.75
CA LEU SA 361 -34.00 52.88 -120.43
C LEU SA 361 -33.14 52.62 -121.67
N GLN SA 362 -33.54 51.64 -122.48
CA GLN SA 362 -32.83 51.41 -123.75
C GLN SA 362 -33.01 52.60 -124.68
N ALA SA 363 -34.19 53.23 -124.66
CA ALA SA 363 -34.43 54.39 -125.51
C ALA SA 363 -33.55 55.56 -125.14
N LYS SA 364 -33.38 55.83 -123.84
CA LYS SA 364 -32.58 56.96 -123.40
C LYS SA 364 -31.08 56.66 -123.43
N SER SA 365 -30.69 55.42 -123.74
CA SER SA 365 -29.29 55.08 -123.96
C SER SA 365 -28.94 55.06 -125.44
N ASP SA 366 -29.89 54.68 -126.29
CA ASP SA 366 -29.69 54.51 -127.72
C ASP SA 366 -30.60 55.47 -128.51
N GLU SA 367 -30.78 56.69 -127.99
CA GLU SA 367 -31.67 57.63 -128.65
C GLU SA 367 -31.09 58.17 -129.94
N LYS SA 368 -29.76 58.28 -130.04
CA LYS SA 368 -29.06 58.85 -131.19
C LYS SA 368 -29.62 60.21 -131.60
N GLY TA 1 -23.59 73.42 -13.69
CA GLY TA 1 -24.23 72.13 -13.91
C GLY TA 1 -23.35 70.96 -13.54
N PHE TA 2 -23.85 70.14 -12.63
CA PHE TA 2 -23.10 68.96 -12.20
C PHE TA 2 -24.00 67.75 -12.04
N VAL TA 3 -25.24 67.81 -12.51
CA VAL TA 3 -26.17 66.70 -12.42
C VAL TA 3 -26.75 66.47 -13.82
N LYS TA 4 -27.16 65.24 -14.07
CA LYS TA 4 -27.81 64.90 -15.32
C LYS TA 4 -29.04 65.78 -15.51
N VAL TA 5 -29.16 66.37 -16.69
CA VAL TA 5 -30.31 67.19 -17.01
C VAL TA 5 -31.54 66.28 -17.01
N VAL TA 6 -32.46 66.55 -16.08
CA VAL TA 6 -33.66 65.72 -15.96
C VAL TA 6 -34.51 65.85 -17.21
N LYS TA 7 -34.79 67.08 -17.62
CA LYS TA 7 -35.57 67.35 -18.82
C LYS TA 7 -34.63 67.67 -19.98
N ASN TA 8 -33.94 66.63 -20.43
CA ASN TA 8 -33.08 66.75 -21.61
C ASN TA 8 -33.91 66.50 -22.86
N LYS TA 9 -33.25 66.36 -24.01
CA LYS TA 9 -33.99 66.18 -25.26
C LYS TA 9 -34.71 64.84 -25.28
N ALA TA 10 -34.11 63.80 -24.71
CA ALA TA 10 -34.73 62.48 -24.71
C ALA TA 10 -35.93 62.43 -23.77
N TYR TA 11 -35.95 63.28 -22.75
CA TYR TA 11 -37.11 63.31 -21.85
C TYR TA 11 -38.35 63.75 -22.59
N PHE TA 12 -38.23 64.74 -23.46
CA PHE TA 12 -39.37 65.18 -24.24
C PHE TA 12 -39.67 64.23 -25.38
N LYS TA 13 -38.67 63.51 -25.88
CA LYS TA 13 -38.92 62.58 -26.97
C LYS TA 13 -39.78 61.41 -26.51
N ARG TA 14 -39.76 61.09 -25.21
CA ARG TA 14 -40.51 59.97 -24.69
C ARG TA 14 -41.72 60.38 -23.86
N TYR TA 15 -41.86 61.66 -23.55
CA TYR TA 15 -42.94 62.11 -22.70
C TYR TA 15 -44.28 61.84 -23.37
N GLN TA 16 -45.21 61.28 -22.63
CA GLN TA 16 -46.57 61.07 -23.11
C GLN TA 16 -47.49 61.96 -22.30
N VAL TA 17 -48.05 62.99 -22.95
CA VAL TA 17 -48.93 63.90 -22.25
C VAL TA 17 -50.19 63.17 -21.84
N LYS TA 18 -50.77 63.59 -20.72
CA LYS TA 18 -52.03 63.03 -20.26
C LYS TA 18 -53.17 63.61 -21.10
N PHE TA 19 -54.39 63.18 -20.79
CA PHE TA 19 -55.55 63.74 -21.47
C PHE TA 19 -55.67 65.22 -21.15
N ARG TA 20 -56.19 65.98 -22.11
CA ARG TA 20 -56.15 67.44 -21.99
C ARG TA 20 -56.91 67.92 -20.78
N ARG TA 21 -58.08 67.35 -20.52
CA ARG TA 21 -58.86 67.78 -19.37
C ARG TA 21 -58.36 67.16 -18.07
N ARG TA 22 -57.35 66.31 -18.13
CA ARG TA 22 -56.64 65.91 -16.93
C ARG TA 22 -55.49 66.86 -16.62
N ARG TA 23 -54.75 67.30 -17.63
CA ARG TA 23 -53.74 68.32 -17.41
C ARG TA 23 -54.37 69.61 -16.90
N GLU TA 24 -55.56 69.93 -17.40
CA GLU TA 24 -56.29 71.10 -16.93
C GLU TA 24 -56.84 70.93 -15.53
N GLY TA 25 -56.76 69.71 -14.97
CA GLY TA 25 -57.25 69.47 -13.63
C GLY TA 25 -58.75 69.58 -13.48
N LYS TA 26 -59.51 69.20 -14.51
CA LYS TA 26 -60.95 69.30 -14.47
C LYS TA 26 -61.66 67.96 -14.43
N THR TA 27 -61.19 66.98 -15.19
CA THR TA 27 -61.90 65.72 -15.37
C THR TA 27 -61.17 64.60 -14.65
N ASP TA 28 -61.93 63.82 -13.88
CA ASP TA 28 -61.42 62.62 -13.23
C ASP TA 28 -61.88 61.44 -14.07
N TYR TA 29 -61.00 60.95 -14.95
CA TYR TA 29 -61.44 59.98 -15.94
C TYR TA 29 -61.68 58.61 -15.32
N TYR TA 30 -61.15 58.35 -14.14
CA TYR TA 30 -61.45 57.11 -13.46
C TYR TA 30 -62.93 57.04 -13.08
N ALA TA 31 -63.42 58.08 -12.40
CA ALA TA 31 -64.81 58.10 -11.99
C ALA TA 31 -65.73 58.45 -13.15
N ARG TA 32 -65.22 59.13 -14.16
CA ARG TA 32 -66.05 59.48 -15.31
C ARG TA 32 -66.45 58.24 -16.09
N LYS TA 33 -65.53 57.29 -16.24
CA LYS TA 33 -65.82 56.07 -16.98
C LYS TA 33 -66.95 55.29 -16.32
N ARG TA 34 -66.94 55.19 -15.00
CA ARG TA 34 -68.02 54.51 -14.31
C ARG TA 34 -69.31 55.31 -14.31
N LEU TA 35 -69.26 56.59 -14.67
CA LEU TA 35 -70.44 57.44 -14.58
C LEU TA 35 -71.18 57.55 -15.90
N VAL TA 36 -70.47 57.59 -17.02
CA VAL TA 36 -71.05 58.01 -18.28
C VAL TA 36 -71.15 56.88 -19.29
N ILE TA 37 -70.80 55.66 -18.92
CA ILE TA 37 -70.79 54.55 -19.86
C ILE TA 37 -72.02 53.69 -19.61
N GLN TA 38 -72.82 53.51 -20.66
CA GLN TA 38 -74.02 52.71 -20.60
C GLN TA 38 -73.68 51.25 -20.89
N ASP TA 39 -74.49 50.35 -20.32
CA ASP TA 39 -74.33 48.94 -20.62
C ASP TA 39 -74.51 48.69 -22.10
N LYS TA 40 -73.74 47.74 -22.64
CA LYS TA 40 -73.81 47.51 -24.07
C LYS TA 40 -75.11 46.83 -24.48
N ASN TA 41 -75.76 46.12 -23.58
CA ASN TA 41 -77.06 45.53 -23.91
C ASN TA 41 -78.21 46.49 -23.72
N LYS TA 42 -77.95 47.73 -23.31
CA LYS TA 42 -78.96 48.78 -23.35
C LYS TA 42 -78.80 49.69 -24.56
N TYR TA 43 -77.71 49.54 -25.31
CA TYR TA 43 -77.53 50.13 -26.64
C TYR TA 43 -77.55 51.66 -26.52
N ASN TA 44 -78.40 52.36 -27.26
CA ASN TA 44 -78.36 53.81 -27.33
C ASN TA 44 -79.18 54.48 -26.25
N THR TA 45 -79.53 53.76 -25.19
CA THR TA 45 -80.31 54.36 -24.12
C THR TA 45 -79.46 55.42 -23.42
N PRO TA 46 -79.92 56.66 -23.35
CA PRO TA 46 -79.10 57.71 -22.73
C PRO TA 46 -78.90 57.46 -21.25
N LYS TA 47 -77.70 57.75 -20.77
CA LYS TA 47 -77.37 57.63 -19.36
C LYS TA 47 -77.25 59.03 -18.79
N TYR TA 48 -78.36 59.57 -18.32
CA TYR TA 48 -78.37 60.94 -17.83
C TYR TA 48 -77.66 61.04 -16.48
N ARG TA 49 -76.95 62.13 -16.29
CA ARG TA 49 -76.26 62.42 -15.05
C ARG TA 49 -76.36 63.90 -14.75
N MET TA 50 -76.20 64.25 -13.49
CA MET TA 50 -76.42 65.61 -13.01
C MET TA 50 -75.07 66.19 -12.59
N ILE TA 51 -74.45 66.93 -13.48
CA ILE TA 51 -73.19 67.59 -13.18
C ILE TA 51 -73.45 68.77 -12.27
N VAL TA 52 -72.73 68.82 -11.15
CA VAL TA 52 -72.81 69.94 -10.22
C VAL TA 52 -71.41 70.46 -10.00
N ARG TA 53 -71.19 71.74 -10.31
CA ARG TA 53 -69.90 72.38 -10.13
C ARG TA 53 -70.08 73.64 -9.31
N VAL TA 54 -69.29 73.78 -8.25
CA VAL TA 54 -69.36 74.94 -7.38
C VAL TA 54 -68.18 75.84 -7.71
N THR TA 55 -68.50 77.02 -8.23
CA THR TA 55 -67.53 78.07 -8.51
C THR TA 55 -67.53 79.06 -7.34
N ASN TA 56 -66.46 79.85 -7.25
CA ASN TA 56 -66.34 80.82 -6.17
C ASN TA 56 -67.53 81.76 -6.10
N ARG TA 57 -68.13 82.08 -7.25
CA ARG TA 57 -69.24 83.03 -7.29
C ARG TA 57 -70.49 82.47 -7.94
N ASP TA 58 -70.50 81.21 -8.36
CA ASP TA 58 -71.60 80.69 -9.13
C ASP TA 58 -71.77 79.21 -8.81
N ILE TA 59 -72.95 78.69 -9.11
CA ILE TA 59 -73.23 77.26 -9.03
C ILE TA 59 -73.76 76.83 -10.39
N ILE TA 60 -73.26 75.71 -10.89
CA ILE TA 60 -73.65 75.21 -12.21
C ILE TA 60 -74.26 73.84 -12.02
N CYS TA 61 -75.50 73.68 -12.47
CA CYS TA 61 -76.20 72.41 -12.44
C CYS TA 61 -76.62 72.08 -13.86
N GLN TA 62 -76.17 70.95 -14.37
CA GLN TA 62 -76.44 70.57 -15.74
C GLN TA 62 -76.80 69.10 -15.80
N ILE TA 63 -77.54 68.73 -16.83
CA ILE TA 63 -77.94 67.35 -17.06
C ILE TA 63 -77.48 66.97 -18.46
N ALA TA 64 -76.60 65.99 -18.53
CA ALA TA 64 -75.99 65.61 -19.80
C ALA TA 64 -75.87 64.11 -19.86
N TYR TA 65 -75.73 63.61 -21.10
CA TYR TA 65 -75.47 62.21 -21.34
C TYR TA 65 -74.29 62.10 -22.30
N ALA TA 66 -73.53 61.03 -22.16
CA ALA TA 66 -72.31 60.87 -22.95
C ALA TA 66 -72.63 60.54 -24.39
N ARG TA 67 -71.99 61.25 -25.31
CA ARG TA 67 -71.98 60.92 -26.71
C ARG TA 67 -70.54 60.95 -27.20
N ILE TA 68 -70.28 60.27 -28.32
CA ILE TA 68 -68.92 60.16 -28.83
C ILE TA 68 -68.38 61.52 -29.20
N GLU TA 69 -69.19 62.35 -29.83
CA GLU TA 69 -68.74 63.68 -30.24
C GLU TA 69 -68.79 64.69 -29.11
N GLY TA 70 -68.93 64.26 -27.87
CA GLY TA 70 -68.98 65.17 -26.75
C GLY TA 70 -70.29 65.06 -26.01
N ASP TA 71 -70.30 65.45 -24.74
CA ASP TA 71 -71.51 65.34 -23.94
C ASP TA 71 -72.60 66.27 -24.48
N MET TA 72 -73.83 65.81 -24.41
CA MET TA 72 -74.98 66.58 -24.86
C MET TA 72 -75.75 67.05 -23.65
N ILE TA 73 -75.77 68.36 -23.44
CA ILE TA 73 -76.46 68.95 -22.29
C ILE TA 73 -77.91 69.23 -22.70
N VAL TA 74 -78.85 68.60 -22.00
CA VAL TA 74 -80.26 68.77 -22.31
C VAL TA 74 -80.93 69.82 -21.46
N CYS TA 75 -80.33 70.20 -20.32
CA CYS TA 75 -80.93 71.18 -19.43
C CYS TA 75 -79.85 71.71 -18.51
N ALA TA 76 -79.76 73.02 -18.40
CA ALA TA 76 -78.81 73.66 -17.52
C ALA TA 76 -79.52 74.69 -16.67
N ALA TA 77 -78.97 74.94 -15.48
CA ALA TA 77 -79.51 75.94 -14.58
C ALA TA 77 -78.40 76.41 -13.66
N TYR TA 78 -78.14 77.71 -13.68
CA TYR TA 78 -77.06 78.33 -12.92
C TYR TA 78 -77.62 79.02 -11.69
N ALA TA 79 -76.71 79.52 -10.86
CA ALA TA 79 -77.11 80.28 -9.69
C ALA TA 79 -77.20 81.76 -9.95
N HIS TA 80 -76.56 82.26 -11.00
CA HIS TA 80 -76.60 83.69 -11.29
C HIS TA 80 -77.96 84.16 -11.76
N GLU TA 81 -78.86 83.24 -12.08
CA GLU TA 81 -80.22 83.60 -12.47
C GLU TA 81 -81.17 83.59 -11.29
N LEU TA 82 -80.72 83.19 -10.11
CA LEU TA 82 -81.55 83.34 -8.92
C LEU TA 82 -81.99 84.78 -8.66
N PRO TA 83 -81.18 85.82 -8.87
CA PRO TA 83 -81.70 87.19 -8.68
C PRO TA 83 -82.90 87.54 -9.52
N LYS TA 84 -83.25 86.73 -10.53
CA LYS TA 84 -84.48 86.96 -11.28
C LYS TA 84 -85.70 86.94 -10.37
N TYR TA 85 -85.68 86.11 -9.33
CA TYR TA 85 -86.78 86.05 -8.39
C TYR TA 85 -86.25 85.91 -6.97
N GLY TA 86 -86.77 86.72 -6.06
CA GLY TA 86 -86.44 86.59 -4.65
C GLY TA 86 -84.98 86.80 -4.31
N VAL TA 87 -84.28 85.70 -4.01
CA VAL TA 87 -82.92 85.77 -3.51
C VAL TA 87 -81.99 86.28 -4.61
N LYS TA 88 -81.23 87.31 -4.30
CA LYS TA 88 -80.22 87.86 -5.19
C LYS TA 88 -78.83 87.82 -4.60
N VAL TA 89 -78.69 87.91 -3.29
CA VAL TA 89 -77.40 87.95 -2.63
C VAL TA 89 -77.19 86.62 -1.94
N GLY TA 90 -75.95 86.34 -1.60
CA GLY TA 90 -75.64 85.07 -0.98
C GLY TA 90 -75.84 83.90 -1.90
N LEU TA 91 -75.42 84.03 -3.16
CA LEU TA 91 -75.39 82.87 -4.05
C LEU TA 91 -74.24 81.97 -3.59
N THR TA 92 -74.00 80.91 -4.36
CA THR TA 92 -72.95 79.90 -4.14
C THR TA 92 -72.87 79.42 -2.68
N ASN TA 93 -73.98 79.50 -1.94
CA ASN TA 93 -74.09 78.92 -0.61
C ASN TA 93 -75.03 77.72 -0.70
N TYR TA 94 -75.25 77.07 0.45
CA TYR TA 94 -76.03 75.84 0.45
C TYR TA 94 -77.48 76.10 0.06
N ALA TA 95 -78.06 77.19 0.55
CA ALA TA 95 -79.46 77.47 0.24
C ALA TA 95 -79.65 77.76 -1.24
N ALA TA 96 -78.72 78.50 -1.83
CA ALA TA 96 -78.78 78.74 -3.28
C ALA TA 96 -78.49 77.46 -4.05
N ALA TA 97 -77.73 76.54 -3.47
CA ALA TA 97 -77.53 75.25 -4.11
C ALA TA 97 -78.81 74.45 -4.15
N TYR TA 98 -79.61 74.50 -3.08
CA TYR TA 98 -80.93 73.88 -3.10
C TYR TA 98 -81.81 74.55 -4.14
N CYS TA 99 -81.76 75.89 -4.20
CA CYS TA 99 -82.63 76.61 -5.12
C CYS TA 99 -82.26 76.32 -6.57
N THR TA 100 -80.96 76.26 -6.88
CA THR TA 100 -80.57 76.04 -8.27
C THR TA 100 -80.79 74.58 -8.68
N GLY TA 101 -80.61 73.63 -7.76
CA GLY TA 101 -80.94 72.26 -8.08
C GLY TA 101 -82.43 72.07 -8.29
N LEU TA 102 -83.25 72.79 -7.52
CA LEU TA 102 -84.68 72.76 -7.72
C LEU TA 102 -85.07 73.44 -9.04
N LEU TA 103 -84.35 74.51 -9.40
CA LEU TA 103 -84.64 75.18 -10.66
C LEU TA 103 -84.31 74.28 -11.84
N LEU TA 104 -83.21 73.53 -11.76
CA LEU TA 104 -82.88 72.60 -12.83
C LEU TA 104 -83.92 71.51 -12.96
N ALA TA 105 -84.39 70.97 -11.83
CA ALA TA 105 -85.37 69.90 -11.87
C ALA TA 105 -86.69 70.37 -12.45
N ARG TA 106 -87.16 71.54 -12.05
CA ARG TA 106 -88.43 72.03 -12.55
C ARG TA 106 -88.32 72.46 -14.01
N ARG TA 107 -87.20 73.08 -14.37
CA ARG TA 107 -87.00 73.49 -15.76
C ARG TA 107 -86.94 72.28 -16.69
N LEU TA 108 -86.28 71.21 -16.25
CA LEU TA 108 -86.19 70.01 -17.08
C LEU TA 108 -87.55 69.35 -17.25
N LEU TA 109 -88.26 69.14 -16.13
CA LEU TA 109 -89.57 68.50 -16.21
C LEU TA 109 -90.55 69.36 -16.98
N ASN TA 110 -90.37 70.68 -16.96
CA ASN TA 110 -91.20 71.54 -17.79
C ASN TA 110 -90.95 71.30 -19.27
N ARG TA 111 -89.68 71.09 -19.64
CA ARG TA 111 -89.36 70.80 -21.03
C ARG TA 111 -89.97 69.48 -21.46
N PHE TA 112 -89.92 68.47 -20.60
CA PHE TA 112 -90.43 67.15 -20.92
C PHE TA 112 -91.92 67.01 -20.72
N GLY TA 113 -92.57 67.99 -20.11
CA GLY TA 113 -94.00 67.93 -19.89
C GLY TA 113 -94.45 67.19 -18.64
N MET TA 114 -93.52 66.71 -17.82
CA MET TA 114 -93.87 66.01 -16.59
C MET TA 114 -94.00 67.03 -15.45
N ASP TA 115 -95.10 67.77 -15.48
CA ASP TA 115 -95.29 68.89 -14.56
C ASP TA 115 -96.46 68.66 -13.60
N LYS TA 116 -97.65 68.38 -14.12
CA LYS TA 116 -98.76 68.05 -13.25
C LYS TA 116 -98.48 66.75 -12.50
N ILE TA 117 -97.88 65.79 -13.18
CA ILE TA 117 -97.35 64.61 -12.50
C ILE TA 117 -95.95 64.92 -11.97
N TYR TA 118 -95.53 64.14 -10.98
CA TYR TA 118 -94.22 64.29 -10.33
C TYR TA 118 -94.05 65.70 -9.77
N GLU TA 119 -94.89 66.02 -8.79
CA GLU TA 119 -94.80 67.29 -8.10
C GLU TA 119 -93.60 67.35 -7.15
N GLY TA 120 -93.04 66.20 -6.79
CA GLY TA 120 -91.94 66.22 -5.84
C GLY TA 120 -92.43 66.62 -4.46
N GLN TA 121 -91.48 67.04 -3.63
CA GLN TA 121 -91.77 67.49 -2.27
C GLN TA 121 -91.88 69.01 -2.32
N VAL TA 122 -93.09 69.51 -2.55
CA VAL TA 122 -93.29 70.94 -2.71
C VAL TA 122 -93.07 71.67 -1.39
N GLU TA 123 -93.66 71.16 -0.32
CA GLU TA 123 -93.45 71.74 1.01
C GLU TA 123 -92.08 71.30 1.52
N VAL TA 124 -91.16 72.24 1.64
CA VAL TA 124 -89.76 71.90 1.85
C VAL TA 124 -89.55 71.43 3.29
N THR TA 125 -89.17 70.16 3.45
CA THR TA 125 -88.67 69.64 4.71
C THR TA 125 -87.36 68.92 4.44
N GLY TA 126 -86.52 68.83 5.47
CA GLY TA 126 -85.21 68.26 5.25
C GLY TA 126 -85.18 66.75 5.16
N ASP TA 127 -86.30 66.09 5.40
CA ASP TA 127 -86.30 64.64 5.49
C ASP TA 127 -86.06 64.01 4.12
N GLU TA 128 -85.71 62.73 4.14
CA GLU TA 128 -85.46 61.99 2.91
C GLU TA 128 -86.71 61.93 2.05
N TYR TA 129 -86.51 62.03 0.74
CA TYR TA 129 -87.60 61.91 -0.21
C TYR TA 129 -87.09 61.26 -1.47
N ASN TA 130 -87.94 60.46 -2.11
CA ASN TA 130 -87.63 59.84 -3.39
C ASN TA 130 -88.91 59.82 -4.21
N VAL TA 131 -88.88 60.44 -5.39
CA VAL TA 131 -90.04 60.43 -6.26
C VAL TA 131 -90.25 59.04 -6.82
N GLU TA 132 -91.50 58.59 -6.83
CA GLU TA 132 -91.86 57.26 -7.29
C GLU TA 132 -92.66 57.35 -8.58
N SER TA 133 -92.40 56.43 -9.49
CA SER TA 133 -93.12 56.40 -10.76
C SER TA 133 -94.59 56.10 -10.53
N ILE TA 134 -95.44 56.68 -11.36
CA ILE TA 134 -96.88 56.52 -11.29
C ILE TA 134 -97.33 55.77 -12.53
N ASP TA 135 -98.15 54.74 -12.34
CA ASP TA 135 -98.58 53.89 -13.43
C ASP TA 135 -99.35 54.66 -14.48
N GLY TA 136 -99.11 54.33 -15.75
CA GLY TA 136 -99.72 55.01 -16.88
C GLY TA 136 -98.92 56.20 -17.36
N GLN TA 137 -98.45 57.02 -16.43
CA GLN TA 137 -97.67 58.19 -16.79
C GLN TA 137 -96.27 57.79 -17.24
N PRO TA 138 -95.59 58.64 -18.00
CA PRO TA 138 -94.18 58.39 -18.31
C PRO TA 138 -93.37 58.34 -17.02
N GLY TA 139 -92.36 57.46 -17.02
CA GLY TA 139 -91.66 57.14 -15.79
C GLY TA 139 -90.91 58.33 -15.22
N ALA TA 140 -90.58 58.22 -13.94
CA ALA TA 140 -89.84 59.27 -13.27
C ALA TA 140 -88.44 59.39 -13.85
N PHE TA 141 -88.03 60.63 -14.11
CA PHE TA 141 -86.72 60.86 -14.71
C PHE TA 141 -85.61 60.48 -13.72
N THR TA 142 -84.66 59.69 -14.18
CA THR TA 142 -83.60 59.17 -13.31
C THR TA 142 -82.23 59.62 -13.83
N CYS TA 143 -81.45 60.22 -12.95
CA CYS TA 143 -80.07 60.60 -13.24
C CYS TA 143 -79.22 60.28 -12.03
N TYR TA 144 -77.92 60.58 -12.13
CA TYR TA 144 -76.98 60.29 -11.06
C TYR TA 144 -76.06 61.47 -10.85
N LEU TA 145 -75.79 61.79 -9.59
CA LEU TA 145 -74.97 62.95 -9.26
C LEU TA 145 -73.50 62.71 -9.62
N ASP TA 146 -72.91 63.70 -10.29
CA ASP TA 146 -71.49 63.70 -10.60
C ASP TA 146 -70.85 64.84 -9.81
N ALA TA 147 -70.26 64.50 -8.66
CA ALA TA 147 -69.61 65.52 -7.84
C ALA TA 147 -68.30 65.98 -8.45
N GLY TA 148 -67.62 65.12 -9.17
CA GLY TA 148 -66.34 65.49 -9.76
C GLY TA 148 -65.23 65.35 -8.75
N LEU TA 149 -64.39 66.38 -8.65
CA LEU TA 149 -63.27 66.39 -7.74
C LEU TA 149 -63.63 66.89 -6.36
N ALA TA 150 -64.89 67.27 -6.13
CA ALA TA 150 -65.29 67.77 -4.83
C ALA TA 150 -65.25 66.64 -3.80
N ARG TA 151 -64.56 66.87 -2.70
CA ARG TA 151 -64.52 65.89 -1.61
C ARG TA 151 -65.90 65.77 -1.00
N THR TA 152 -66.53 64.60 -1.15
CA THR TA 152 -67.93 64.42 -0.78
C THR TA 152 -68.02 64.06 0.71
N THR TA 153 -67.78 65.04 1.54
CA THR TA 153 -67.98 64.91 2.98
C THR TA 153 -69.34 65.48 3.34
N THR TA 154 -69.75 65.21 4.58
CA THR TA 154 -71.07 65.63 5.03
C THR TA 154 -71.18 67.14 5.01
N GLY TA 155 -72.20 67.65 4.32
CA GLY TA 155 -72.44 69.07 4.22
C GLY TA 155 -71.99 69.72 2.95
N ASN TA 156 -71.47 68.96 1.99
CA ASN TA 156 -71.04 69.54 0.73
C ASN TA 156 -72.24 70.06 -0.07
N LYS TA 157 -72.03 71.16 -0.78
CA LYS TA 157 -73.10 71.80 -1.50
C LYS TA 157 -73.53 71.02 -2.74
N VAL TA 158 -72.75 70.04 -3.17
CA VAL TA 158 -73.18 69.20 -4.28
C VAL TA 158 -74.41 68.38 -3.88
N PHE TA 159 -74.46 67.94 -2.63
CA PHE TA 159 -75.67 67.29 -2.13
C PHE TA 159 -76.77 68.29 -1.84
N GLY TA 160 -76.42 69.57 -1.68
CA GLY TA 160 -77.45 70.59 -1.61
C GLY TA 160 -78.17 70.76 -2.92
N ALA TA 161 -77.43 70.70 -4.03
CA ALA TA 161 -78.05 70.72 -5.35
C ALA TA 161 -78.85 69.45 -5.59
N LEU TA 162 -78.35 68.32 -5.10
CA LEU TA 162 -79.08 67.06 -5.24
C LEU TA 162 -80.41 67.10 -4.49
N LYS TA 163 -80.41 67.66 -3.29
CA LYS TA 163 -81.65 67.75 -2.53
C LYS TA 163 -82.68 68.59 -3.24
N GLY TA 164 -82.26 69.70 -3.85
CA GLY TA 164 -83.17 70.49 -4.64
C GLY TA 164 -83.72 69.73 -5.84
N ALA TA 165 -82.89 68.90 -6.45
CA ALA TA 165 -83.33 68.14 -7.61
C ALA TA 165 -84.35 67.07 -7.24
N VAL TA 166 -84.09 66.32 -6.16
CA VAL TA 166 -85.00 65.25 -5.78
C VAL TA 166 -86.32 65.81 -5.29
N ASP TA 167 -86.30 66.94 -4.58
CA ASP TA 167 -87.55 67.58 -4.18
C ASP TA 167 -88.26 68.19 -5.38
N GLY TA 168 -87.51 68.52 -6.42
CA GLY TA 168 -88.13 69.01 -7.63
C GLY TA 168 -88.85 67.95 -8.44
N GLY TA 169 -88.49 66.69 -8.23
CA GLY TA 169 -89.16 65.62 -8.94
C GLY TA 169 -88.22 64.75 -9.75
N LEU TA 170 -86.96 64.69 -9.36
CA LEU TA 170 -85.96 63.87 -10.03
C LEU TA 170 -85.58 62.67 -9.17
N SER TA 171 -85.53 61.50 -9.79
CA SER TA 171 -85.21 60.25 -9.11
C SER TA 171 -83.71 60.04 -9.18
N ILE TA 172 -83.01 60.44 -8.13
CA ILE TA 172 -81.56 60.30 -8.05
C ILE TA 172 -81.25 59.38 -6.87
N PRO TA 173 -80.58 58.25 -7.08
CA PRO TA 173 -80.21 57.39 -5.96
C PRO TA 173 -79.22 58.09 -5.05
N HIS TA 174 -79.46 58.00 -3.75
CA HIS TA 174 -78.64 58.68 -2.76
C HIS TA 174 -78.99 58.13 -1.39
N SER TA 175 -78.17 58.48 -0.41
CA SER TA 175 -78.47 58.25 0.99
C SER TA 175 -78.20 59.54 1.76
N THR TA 176 -78.85 59.69 2.90
CA THR TA 176 -78.76 60.91 3.68
C THR TA 176 -77.49 60.99 4.52
N LYS TA 177 -76.50 60.13 4.26
CA LYS TA 177 -75.29 60.15 5.05
C LYS TA 177 -74.49 61.44 4.83
N ARG TA 178 -74.65 62.07 3.67
CA ARG TA 178 -73.87 63.26 3.34
C ARG TA 178 -74.71 64.53 3.34
N PHE TA 179 -75.92 64.48 3.86
CA PHE TA 179 -76.62 65.74 4.07
C PHE TA 179 -76.13 66.41 5.35
N PRO TA 180 -76.21 67.74 5.44
CA PRO TA 180 -75.69 68.42 6.64
C PRO TA 180 -76.36 67.99 7.92
N GLY TA 181 -77.58 67.47 7.87
CA GLY TA 181 -78.26 67.07 9.09
C GLY TA 181 -77.72 65.80 9.70
N TYR TA 182 -77.03 64.98 8.92
CA TYR TA 182 -76.58 63.68 9.38
C TYR TA 182 -75.63 63.82 10.56
N ASP TA 183 -75.88 63.04 11.60
CA ASP TA 183 -75.03 63.00 12.79
C ASP TA 183 -74.02 61.87 12.62
N SER TA 184 -72.74 62.21 12.71
CA SER TA 184 -71.71 61.22 12.45
C SER TA 184 -71.61 60.18 13.55
N GLU TA 185 -71.67 60.61 14.81
CA GLU TA 185 -71.46 59.67 15.91
C GLU TA 185 -72.67 58.75 16.10
N SER TA 186 -73.86 59.32 16.13
CA SER TA 186 -75.07 58.53 16.35
C SER TA 186 -75.54 57.81 15.09
N LYS TA 187 -74.96 58.12 13.93
CA LYS TA 187 -75.34 57.54 12.65
C LYS TA 187 -76.83 57.73 12.38
N GLU TA 188 -77.36 58.89 12.76
CA GLU TA 188 -78.78 59.17 12.68
C GLU TA 188 -79.00 60.52 12.02
N PHE TA 189 -79.85 60.55 11.00
CA PHE TA 189 -80.10 61.77 10.24
C PHE TA 189 -81.08 62.66 10.98
N ASN TA 190 -80.69 63.90 11.22
CA ASN TA 190 -81.52 64.79 12.02
C ASN TA 190 -82.76 65.25 11.28
N ALA TA 191 -82.61 65.65 10.02
CA ALA TA 191 -83.67 66.18 9.16
C ALA TA 191 -84.31 67.45 9.71
N GLU TA 192 -83.78 68.01 10.79
CA GLU TA 192 -84.27 69.25 11.36
C GLU TA 192 -83.24 70.37 11.26
N VAL TA 193 -81.96 70.05 11.48
CA VAL TA 193 -80.93 71.02 11.15
C VAL TA 193 -80.71 71.08 9.65
N HIS TA 194 -81.03 70.00 8.94
CA HIS TA 194 -80.97 70.05 7.48
C HIS TA 194 -82.01 71.00 6.91
N ARG TA 195 -83.21 71.02 7.49
CA ARG TA 195 -84.21 71.97 7.05
C ARG TA 195 -83.80 73.40 7.37
N LYS TA 196 -82.98 73.58 8.40
CA LYS TA 196 -82.40 74.89 8.67
C LYS TA 196 -81.45 75.32 7.57
N HIS TA 197 -80.58 74.40 7.14
CA HIS TA 197 -79.57 74.72 6.14
C HIS TA 197 -80.20 75.07 4.81
N ILE TA 198 -81.27 74.36 4.43
CA ILE TA 198 -81.92 74.61 3.15
C ILE TA 198 -82.50 76.01 3.12
N MET TA 199 -83.04 76.47 4.24
CA MET TA 199 -83.66 77.78 4.30
C MET TA 199 -82.67 78.91 4.59
N GLY TA 200 -81.37 78.62 4.59
CA GLY TA 200 -80.40 79.65 4.87
C GLY TA 200 -80.42 80.12 6.31
N GLN TA 201 -80.86 79.26 7.23
CA GLN TA 201 -80.90 79.65 8.62
C GLN TA 201 -79.52 79.66 9.26
N ASN TA 202 -78.62 78.76 8.83
CA ASN TA 202 -77.29 78.75 9.40
C ASN TA 202 -76.52 80.01 9.01
N VAL TA 203 -76.84 80.59 7.84
CA VAL TA 203 -76.23 81.86 7.48
C VAL TA 203 -76.82 82.98 8.32
N ALA TA 204 -78.13 82.99 8.50
CA ALA TA 204 -78.78 84.05 9.27
C ALA TA 204 -78.29 84.07 10.71
N ASP TA 205 -78.05 82.89 11.29
CA ASP TA 205 -77.53 82.82 12.65
C ASP TA 205 -76.15 83.46 12.74
N TYR TA 206 -75.34 83.29 11.70
CA TYR TA 206 -74.05 83.95 11.65
C TYR TA 206 -74.22 85.47 11.57
N MET TA 207 -75.28 85.93 10.90
CA MET TA 207 -75.50 87.37 10.79
C MET TA 207 -75.83 87.98 12.15
N ARG TA 208 -76.76 87.38 12.88
CA ARG TA 208 -77.08 87.88 14.22
C ARG TA 208 -75.89 87.77 15.15
N TYR TA 209 -75.13 86.68 15.03
CA TYR TA 209 -73.97 86.48 15.90
C TYR TA 209 -72.94 87.56 15.71
N LEU TA 210 -72.70 87.98 14.46
CA LEU TA 210 -71.76 89.06 14.23
C LEU TA 210 -72.34 90.40 14.62
N MET TA 211 -73.67 90.53 14.61
CA MET TA 211 -74.30 91.80 14.96
C MET TA 211 -74.06 92.19 16.41
N GLU TA 212 -73.67 91.26 17.27
CA GLU TA 212 -73.49 91.54 18.69
C GLU TA 212 -72.02 91.79 19.05
N GLU TA 213 -71.15 90.83 18.77
CA GLU TA 213 -69.80 90.87 19.31
C GLU TA 213 -68.86 91.72 18.48
N ASP TA 214 -68.98 91.70 17.15
CA ASP TA 214 -68.07 92.44 16.27
C ASP TA 214 -68.93 93.12 15.20
N GLU TA 215 -69.39 94.33 15.50
CA GLU TA 215 -70.35 94.99 14.63
C GLU TA 215 -69.73 95.37 13.29
N ASP TA 216 -68.53 95.95 13.31
CA ASP TA 216 -67.89 96.33 12.06
C ASP TA 216 -67.50 95.10 11.25
N ALA TA 217 -67.07 94.02 11.91
CA ALA TA 217 -66.77 92.80 11.19
C ALA TA 217 -68.01 92.19 10.56
N TYR TA 218 -69.19 92.50 11.10
CA TYR TA 218 -70.43 92.07 10.45
C TYR TA 218 -70.59 92.78 9.11
N LYS TA 219 -70.31 94.08 9.07
CA LYS TA 219 -70.40 94.81 7.81
C LYS TA 219 -69.32 94.36 6.84
N LYS TA 220 -68.15 94.02 7.36
CA LYS TA 220 -67.07 93.53 6.50
C LYS TA 220 -67.46 92.22 5.84
N GLN TA 221 -68.11 91.32 6.58
CA GLN TA 221 -68.46 90.02 6.03
C GLN TA 221 -69.68 90.12 5.12
N PHE TA 222 -70.79 90.59 5.64
CA PHE TA 222 -72.03 90.67 4.88
C PHE TA 222 -72.25 92.05 4.27
N SER TA 223 -71.32 92.55 3.47
CA SER TA 223 -71.45 93.92 2.98
C SER TA 223 -72.54 94.03 1.92
N GLN TA 224 -72.59 93.10 0.97
CA GLN TA 224 -73.67 93.11 0.00
C GLN TA 224 -74.99 92.68 0.59
N TYR TA 225 -74.98 92.07 1.77
CA TYR TA 225 -76.22 91.84 2.50
C TYR TA 225 -76.81 93.14 3.01
N ILE TA 226 -75.95 94.09 3.39
CA ILE TA 226 -76.43 95.39 3.86
C ILE TA 226 -77.21 96.09 2.75
N LYS TA 227 -76.68 96.08 1.54
CA LYS TA 227 -77.43 96.56 0.39
C LYS TA 227 -78.67 95.70 0.20
N ASN TA 228 -79.77 96.34 -0.21
CA ASN TA 228 -81.09 95.73 -0.34
C ASN TA 228 -81.64 95.21 0.97
N SER TA 229 -80.96 95.50 2.09
CA SER TA 229 -81.45 95.25 3.45
C SER TA 229 -81.95 93.81 3.62
N VAL TA 230 -81.05 92.86 3.36
CA VAL TA 230 -81.37 91.47 3.56
C VAL TA 230 -81.15 91.14 5.03
N THR TA 231 -82.16 91.40 5.84
CA THR TA 231 -82.08 91.13 7.26
C THR TA 231 -82.18 89.63 7.52
N PRO TA 232 -81.62 89.15 8.63
CA PRO TA 232 -81.71 87.71 8.92
C PRO TA 232 -83.13 87.21 9.01
N ASP TA 233 -84.05 87.99 9.58
CA ASP TA 233 -85.41 87.53 9.82
C ASP TA 233 -86.22 87.37 8.54
N MET TA 234 -85.81 87.99 7.43
CA MET TA 234 -86.50 87.81 6.16
C MET TA 234 -85.82 86.79 5.26
N MET TA 235 -84.76 86.14 5.74
CA MET TA 235 -84.00 85.23 4.89
C MET TA 235 -84.81 83.98 4.54
N GLU TA 236 -85.41 83.34 5.54
CA GLU TA 236 -86.16 82.11 5.28
C GLU TA 236 -87.39 82.39 4.41
N GLU TA 237 -88.06 83.51 4.67
CA GLU TA 237 -89.18 83.90 3.81
C GLU TA 237 -88.72 84.14 2.38
N MET TA 238 -87.54 84.76 2.22
CA MET TA 238 -87.02 85.04 0.89
C MET TA 238 -86.74 83.76 0.12
N TYR TA 239 -86.17 82.76 0.78
CA TYR TA 239 -85.91 81.50 0.10
C TYR TA 239 -87.21 80.75 -0.18
N LYS TA 240 -88.17 80.83 0.73
CA LYS TA 240 -89.45 80.17 0.51
C LYS TA 240 -90.18 80.76 -0.68
N LYS TA 241 -90.14 82.09 -0.82
CA LYS TA 241 -90.68 82.72 -2.01
C LYS TA 241 -89.86 82.40 -3.24
N ALA TA 242 -88.56 82.15 -3.07
CA ALA TA 242 -87.73 81.75 -4.20
C ALA TA 242 -88.14 80.40 -4.75
N HIS TA 243 -88.42 79.44 -3.85
CA HIS TA 243 -88.88 78.14 -4.31
C HIS TA 243 -90.22 78.25 -5.03
N ALA TA 244 -91.11 79.09 -4.51
CA ALA TA 244 -92.43 79.23 -5.11
C ALA TA 244 -92.33 79.75 -6.54
N ALA TA 245 -91.46 80.71 -6.77
CA ALA TA 245 -91.29 81.24 -8.13
C ALA TA 245 -90.65 80.22 -9.06
N ILE TA 246 -89.82 79.32 -8.52
CA ILE TA 246 -89.23 78.27 -9.35
C ILE TA 246 -90.31 77.31 -9.84
N ARG TA 247 -91.20 76.88 -8.94
CA ARG TA 247 -92.31 76.05 -9.37
C ARG TA 247 -93.29 76.84 -10.23
N GLU TA 248 -93.24 78.17 -10.17
CA GLU TA 248 -94.21 78.99 -10.89
C GLU TA 248 -93.82 79.16 -12.36
N ASN TA 249 -92.58 79.58 -12.62
CA ASN TA 249 -92.09 79.75 -13.98
C ASN TA 249 -90.61 79.38 -14.02
N PRO TA 250 -90.28 78.14 -14.33
CA PRO TA 250 -88.87 77.73 -14.44
C PRO TA 250 -88.27 77.82 -15.84
N VAL TA 251 -89.01 78.31 -16.83
CA VAL TA 251 -88.51 78.36 -18.19
C VAL TA 251 -87.40 79.40 -18.29
N TYR TA 252 -86.47 79.18 -19.19
CA TYR TA 252 -85.36 80.09 -19.43
C TYR TA 252 -85.63 80.91 -20.69
N GLU TA 253 -85.52 82.23 -20.56
CA GLU TA 253 -85.53 83.12 -21.71
C GLU TA 253 -84.16 83.73 -21.87
N LYS TA 254 -83.73 83.90 -23.12
CA LYS TA 254 -82.36 84.28 -23.43
C LYS TA 254 -82.30 85.75 -23.80
N LYS TA 255 -81.29 86.43 -23.30
CA LYS TA 255 -81.10 87.84 -23.63
C LYS TA 255 -80.47 87.97 -25.01
N PRO TA 256 -81.07 88.78 -25.89
CA PRO TA 256 -80.52 88.91 -27.25
C PRO TA 256 -79.29 89.82 -27.26
N LYS TA 257 -78.33 89.47 -28.11
CA LYS TA 257 -77.15 90.32 -28.31
C LYS TA 257 -76.59 90.04 -29.70
N LYS TA 258 -76.84 90.95 -30.63
CA LYS TA 258 -76.29 90.86 -31.98
C LYS TA 258 -75.77 92.19 -32.47
N GLU TA 259 -75.79 93.23 -31.64
CA GLU TA 259 -75.32 94.57 -32.03
C GLU TA 259 -73.88 94.78 -31.59
N VAL TA 260 -73.02 93.91 -32.11
CA VAL TA 260 -71.61 93.89 -31.74
C VAL TA 260 -70.77 93.72 -33.01
N LYS TA 261 -69.67 94.45 -33.08
CA LYS TA 261 -68.72 94.32 -34.18
C LYS TA 261 -67.67 93.26 -33.85
N LYS TA 262 -67.00 92.78 -34.90
CA LYS TA 262 -65.98 91.73 -34.76
C LYS TA 262 -64.64 92.37 -34.40
N LYS TA 263 -64.59 92.95 -33.21
CA LYS TA 263 -63.40 93.62 -32.71
C LYS TA 263 -62.46 92.58 -32.12
N ARG TA 264 -61.25 92.50 -32.66
CA ARG TA 264 -60.30 91.46 -32.28
C ARG TA 264 -59.46 91.94 -31.10
N TRP TA 265 -59.54 91.23 -29.98
CA TRP TA 265 -58.84 91.62 -28.77
C TRP TA 265 -57.57 90.83 -28.52
N ASN TA 266 -57.17 89.97 -29.44
CA ASN TA 266 -55.99 89.15 -29.27
C ASN TA 266 -54.99 89.43 -30.39
N ARG TA 267 -53.72 89.17 -30.10
CA ARG TA 267 -52.70 89.29 -31.13
C ARG TA 267 -52.86 88.16 -32.13
N PRO TA 268 -52.86 88.44 -33.43
CA PRO TA 268 -52.86 87.35 -34.41
C PRO TA 268 -51.50 86.71 -34.50
N LYS TA 269 -51.47 85.52 -35.09
CA LYS TA 269 -50.21 84.82 -35.26
C LYS TA 269 -49.34 85.53 -36.29
N MET TA 270 -48.07 85.74 -35.96
CA MET TA 270 -47.14 86.29 -36.92
C MET TA 270 -47.00 85.36 -38.11
N SER TA 271 -46.90 85.93 -39.30
CA SER TA 271 -46.81 85.11 -40.50
C SER TA 271 -45.41 84.51 -40.59
N LEU TA 272 -45.28 83.51 -41.48
CA LEU TA 272 -43.97 82.92 -41.72
C LEU TA 272 -43.00 83.95 -42.29
N ALA TA 273 -43.48 84.76 -43.22
CA ALA TA 273 -42.63 85.79 -43.81
C ALA TA 273 -42.18 86.80 -42.75
N GLN TA 274 -43.08 87.17 -41.84
CA GLN TA 274 -42.70 88.07 -40.77
C GLN TA 274 -41.67 87.44 -39.85
N LYS TA 275 -41.81 86.14 -39.58
CA LYS TA 275 -40.86 85.46 -38.71
C LYS TA 275 -39.48 85.39 -39.34
N LYS TA 276 -39.41 85.17 -40.66
CA LYS TA 276 -38.13 85.14 -41.34
C LYS TA 276 -37.50 86.52 -41.38
N ASP TA 277 -38.26 87.53 -41.79
CA ASP TA 277 -37.72 88.88 -41.90
C ASP TA 277 -37.28 89.43 -40.55
N ARG TA 278 -38.02 89.12 -39.49
CA ARG TA 278 -37.64 89.60 -38.17
C ARG TA 278 -36.28 89.05 -37.76
N VAL TA 279 -36.01 87.79 -38.09
CA VAL TA 279 -34.70 87.22 -37.82
C VAL TA 279 -33.64 87.89 -38.68
N ALA TA 280 -33.99 88.24 -39.93
CA ALA TA 280 -33.05 88.96 -40.78
C ALA TA 280 -32.72 90.32 -40.21
N GLN TA 281 -33.72 91.02 -39.69
CA GLN TA 281 -33.46 92.32 -39.07
C GLN TA 281 -32.59 92.18 -37.83
N LYS TA 282 -32.84 91.16 -37.02
CA LYS TA 282 -32.05 90.96 -35.81
C LYS TA 282 -30.59 90.64 -36.15
N LYS TA 283 -30.37 89.82 -37.17
CA LYS TA 283 -29.01 89.53 -37.61
C LYS TA 283 -28.33 90.79 -38.14
N ALA TA 284 -29.07 91.59 -38.90
CA ALA TA 284 -28.50 92.80 -39.47
C ALA TA 284 -28.07 93.78 -38.39
N SER TA 285 -28.94 94.00 -37.40
CA SER TA 285 -28.66 95.02 -36.40
C SER TA 285 -27.54 94.59 -35.46
N PHE TA 286 -27.42 93.30 -35.18
CA PHE TA 286 -26.31 92.83 -34.36
C PHE TA 286 -24.99 93.02 -35.08
N LEU TA 287 -24.96 92.72 -36.38
CA LEU TA 287 -23.74 92.93 -37.16
C LEU TA 287 -23.39 94.40 -37.24
N ARG TA 288 -24.38 95.27 -37.45
CA ARG TA 288 -24.14 96.70 -37.52
C ARG TA 288 -23.64 97.24 -36.18
N ALA TA 289 -24.26 96.81 -35.08
CA ALA TA 289 -23.80 97.23 -33.76
C ALA TA 289 -22.41 96.69 -33.47
N GLN TA 290 -22.07 95.55 -34.06
CA GLN TA 290 -20.71 95.04 -33.97
C GLN TA 290 -19.75 95.94 -34.74
N GLU TA 291 -20.19 96.49 -35.87
CA GLU TA 291 -19.35 97.39 -36.65
C GLU TA 291 -19.08 98.69 -35.89
N ARG TA 292 -20.12 99.24 -35.26
CA ARG TA 292 -19.92 100.43 -34.44
C ARG TA 292 -18.98 100.15 -33.28
N ALA TA 293 -19.19 99.01 -32.61
CA ALA TA 293 -18.43 98.60 -31.43
C ALA TA 293 -18.44 99.66 -30.34
N LYS UA 1 -86.57 22.25 -124.99
CA LYS UA 1 -85.18 22.04 -124.59
C LYS UA 1 -84.26 22.97 -125.36
N GLY UA 2 -83.40 23.66 -124.63
CA GLY UA 2 -82.46 24.60 -125.22
C GLY UA 2 -81.06 24.02 -125.29
N LYS UA 3 -80.29 24.51 -126.26
CA LYS UA 3 -78.92 24.05 -126.42
C LYS UA 3 -78.10 24.43 -125.18
N PRO UA 4 -77.22 23.56 -124.73
CA PRO UA 4 -76.36 23.92 -123.58
C PRO UA 4 -75.39 25.03 -123.96
N HIS UA 5 -75.05 25.83 -122.96
CA HIS UA 5 -74.09 26.92 -123.12
C HIS UA 5 -72.79 26.55 -122.40
N CYS UA 6 -71.76 27.35 -122.62
CA CYS UA 6 -70.50 27.18 -121.91
C CYS UA 6 -70.68 27.63 -120.46
N SER UA 7 -69.59 27.62 -119.70
CA SER UA 7 -69.70 27.81 -118.26
C SER UA 7 -70.16 29.21 -117.89
N ARG UA 8 -69.79 30.22 -118.69
CA ARG UA 8 -70.05 31.63 -118.41
C ARG UA 8 -69.34 32.11 -117.15
N ASN UA 9 -68.62 31.22 -116.48
CA ASN UA 9 -67.93 31.54 -115.23
C ASN UA 9 -66.54 30.95 -115.34
N PRO UA 10 -65.61 31.66 -115.96
CA PRO UA 10 -64.24 31.15 -116.10
C PRO UA 10 -63.60 30.98 -114.72
N VAL UA 11 -63.24 29.74 -114.41
CA VAL UA 11 -62.59 29.48 -113.13
C VAL UA 11 -61.19 30.07 -113.16
N LEU UA 12 -60.81 30.73 -112.07
CA LEU UA 12 -59.47 31.28 -111.95
C LEU UA 12 -58.58 30.46 -111.03
N VAL UA 13 -59.14 29.89 -109.97
CA VAL UA 13 -58.54 28.80 -109.23
C VAL UA 13 -59.61 27.72 -109.11
N ARG UA 14 -59.18 26.48 -108.93
CA ARG UA 14 -60.13 25.39 -108.79
C ARG UA 14 -61.07 25.64 -107.62
N GLY UA 15 -62.36 25.49 -107.86
CA GLY UA 15 -63.37 25.71 -106.85
C GLY UA 15 -63.85 27.14 -106.74
N ILE UA 16 -63.21 28.07 -107.43
CA ILE UA 16 -63.60 29.49 -107.36
C ILE UA 16 -63.71 30.03 -108.77
N GLY UA 17 -64.84 30.62 -109.09
CA GLY UA 17 -64.99 31.29 -110.36
C GLY UA 17 -64.63 32.75 -110.27
N ARG UA 18 -64.49 33.37 -111.44
CA ARG UA 18 -64.07 34.76 -111.49
C ARG UA 18 -65.20 35.74 -111.14
N TYR UA 19 -66.45 35.36 -111.35
CA TYR UA 19 -67.56 36.24 -111.06
C TYR UA 19 -68.33 35.77 -109.83
N SER UA 20 -69.01 36.71 -109.19
CA SER UA 20 -69.67 36.48 -107.91
C SER UA 20 -71.13 36.09 -108.14
N ARG UA 21 -71.89 36.01 -107.04
CA ARG UA 21 -73.29 35.61 -107.14
C ARG UA 21 -74.11 36.62 -107.91
N SER UA 22 -74.00 37.90 -107.56
CA SER UA 22 -74.76 38.92 -108.27
C SER UA 22 -74.29 39.06 -109.70
N ALA UA 23 -72.98 38.94 -109.92
CA ALA UA 23 -72.45 39.06 -111.28
C ALA UA 23 -72.96 37.95 -112.17
N MET UA 24 -72.92 36.70 -111.69
CA MET UA 24 -73.39 35.58 -112.48
C MET UA 24 -74.89 35.62 -112.67
N TYR UA 25 -75.61 36.25 -111.74
CA TYR UA 25 -77.05 36.44 -111.91
C TYR UA 25 -77.33 37.26 -113.15
N SER UA 26 -76.58 38.34 -113.34
CA SER UA 26 -76.84 39.23 -114.47
C SER UA 26 -76.32 38.65 -115.77
N ARG UA 27 -75.19 37.95 -115.73
CA ARG UA 27 -74.70 37.30 -116.94
C ARG UA 27 -75.66 36.23 -117.42
N LYS UA 28 -76.28 35.50 -116.49
CA LYS UA 28 -77.31 34.54 -116.86
C LYS UA 28 -78.61 35.21 -117.24
N ALA UA 29 -78.79 36.48 -116.84
CA ALA UA 29 -80.07 37.18 -116.95
C ALA UA 29 -81.19 36.39 -116.29
N MET UA 30 -80.96 36.03 -115.03
CA MET UA 30 -81.97 35.30 -114.27
C MET UA 30 -83.20 36.14 -113.96
N TYR UA 31 -83.14 37.46 -114.19
CA TYR UA 31 -84.30 38.30 -113.93
C TYR UA 31 -85.44 38.03 -114.89
N LYS UA 32 -85.18 37.48 -116.07
CA LYS UA 32 -86.23 37.08 -116.99
C LYS UA 32 -86.40 35.57 -117.09
N ARG UA 33 -85.53 34.80 -116.47
CA ARG UA 33 -85.66 33.35 -116.45
C ARG UA 33 -86.29 32.89 -115.13
N LYS UA 34 -87.55 33.28 -114.93
CA LYS UA 34 -88.27 32.97 -113.70
C LYS UA 34 -89.40 32.00 -114.02
N TYR UA 35 -89.47 30.90 -113.27
CA TYR UA 35 -90.42 29.83 -113.51
C TYR UA 35 -91.14 29.52 -112.21
N SER UA 36 -92.46 29.68 -112.21
CA SER UA 36 -93.25 29.49 -110.99
C SER UA 36 -93.82 28.07 -110.90
N ALA UA 37 -94.62 27.68 -111.89
CA ALA UA 37 -95.29 26.38 -111.88
C ALA UA 37 -95.21 25.77 -113.27
N ALA UA 38 -95.44 24.46 -113.32
CA ALA UA 38 -95.44 23.72 -114.58
C ALA UA 38 -96.83 23.77 -115.22
N LYS UA 49 -93.33 3.59 -115.74
CA LYS UA 49 -92.12 3.56 -116.55
C LYS UA 49 -91.66 2.14 -116.80
N VAL UA 50 -90.90 1.58 -115.85
CA VAL UA 50 -90.32 0.26 -116.00
C VAL UA 50 -91.38 -0.77 -115.62
N LEU UA 51 -91.88 -1.50 -116.61
CA LEU UA 51 -92.93 -2.48 -116.36
C LEU UA 51 -92.28 -3.75 -115.85
N ALA UA 52 -92.72 -4.19 -114.65
CA ALA UA 52 -92.16 -5.42 -114.08
C ALA UA 52 -92.69 -6.64 -114.81
N THR UA 53 -93.98 -6.67 -115.08
CA THR UA 53 -94.61 -7.84 -115.68
C THR UA 53 -94.99 -7.57 -117.13
N VAL UA 54 -95.30 -8.65 -117.84
CA VAL UA 54 -95.78 -8.58 -119.21
C VAL UA 54 -96.68 -9.78 -119.43
N THR UA 55 -97.81 -9.55 -120.11
CA THR UA 55 -98.75 -10.62 -120.40
C THR UA 55 -98.40 -11.26 -121.74
N LYS UA 56 -98.36 -12.58 -121.76
CA LYS UA 56 -98.01 -13.31 -122.96
C LYS UA 56 -99.04 -14.40 -123.22
N PRO UA 57 -99.31 -14.71 -124.49
CA PRO UA 57 -100.27 -15.78 -124.78
C PRO UA 57 -99.69 -17.14 -124.45
N VAL UA 58 -100.17 -17.73 -123.35
CA VAL UA 58 -99.67 -19.05 -122.94
C VAL UA 58 -100.12 -20.12 -123.93
N GLY UA 59 -101.34 -20.00 -124.46
CA GLY UA 59 -101.85 -20.97 -125.39
C GLY UA 59 -102.34 -22.23 -124.69
N GLY UA 60 -102.82 -23.17 -125.51
CA GLY UA 60 -103.39 -24.39 -124.97
C GLY UA 60 -104.86 -24.26 -124.70
N ASP UA 61 -105.64 -25.29 -125.05
CA ASP UA 61 -107.07 -25.26 -124.83
C ASP UA 61 -107.40 -25.31 -123.34
N LYS UA 62 -108.49 -24.62 -122.98
CA LYS UA 62 -108.96 -24.41 -121.61
C LYS UA 62 -107.82 -24.15 -120.63
N ASN UA 63 -106.86 -23.33 -121.06
CA ASN UA 63 -105.69 -22.99 -120.25
C ASN UA 63 -105.70 -21.53 -119.81
N GLY UA 64 -106.86 -20.88 -119.86
CA GLY UA 64 -106.93 -19.47 -119.57
C GLY UA 64 -106.46 -18.63 -120.74
N GLY UA 65 -106.71 -17.34 -120.63
CA GLY UA 65 -106.36 -16.43 -121.70
C GLY UA 65 -104.88 -16.24 -121.87
N THR UA 66 -104.23 -15.62 -120.89
CA THR UA 66 -102.81 -15.35 -120.94
C THR UA 66 -102.21 -15.58 -119.56
N ARG UA 67 -100.93 -15.27 -119.42
CA ARG UA 67 -100.22 -15.34 -118.15
C ARG UA 67 -99.52 -14.01 -117.91
N VAL UA 68 -99.71 -13.45 -116.72
CA VAL UA 68 -99.02 -12.21 -116.36
C VAL UA 68 -97.66 -12.62 -115.80
N VAL UA 69 -96.73 -12.84 -116.73
CA VAL UA 69 -95.39 -13.26 -116.37
C VAL UA 69 -94.64 -12.07 -115.80
N LYS UA 70 -94.04 -12.24 -114.62
CA LYS UA 70 -93.26 -11.19 -114.00
C LYS UA 70 -91.79 -11.37 -114.32
N LEU UA 71 -91.08 -10.26 -114.47
CA LEU UA 71 -89.65 -10.29 -114.72
C LEU UA 71 -88.91 -10.08 -113.41
N ARG UA 72 -87.71 -10.67 -113.32
CA ARG UA 72 -86.87 -10.61 -112.13
C ARG UA 72 -87.63 -11.15 -110.91
N LYS UA 73 -87.89 -12.45 -110.97
CA LYS UA 73 -88.57 -13.16 -109.89
C LYS UA 73 -87.76 -13.07 -108.59
N MET UA 74 -88.38 -13.51 -107.50
CA MET UA 74 -87.75 -13.46 -106.21
C MET UA 74 -86.53 -14.37 -106.18
N PRO UA 75 -85.58 -14.12 -105.27
CA PRO UA 75 -84.50 -15.09 -105.07
C PRO UA 75 -85.05 -16.42 -104.60
N ARG UA 76 -84.44 -17.50 -105.06
CA ARG UA 76 -84.87 -18.82 -104.66
C ARG UA 76 -83.99 -19.42 -103.58
N TYR UA 77 -83.08 -18.63 -103.01
CA TYR UA 77 -82.25 -19.09 -101.91
C TYR UA 77 -81.61 -17.88 -101.25
N TYR UA 78 -81.78 -17.76 -99.96
CA TYR UA 78 -81.11 -16.72 -99.22
C TYR UA 78 -79.98 -17.30 -98.40
N PRO UA 79 -78.82 -16.65 -98.36
CA PRO UA 79 -77.75 -17.12 -97.49
C PRO UA 79 -78.12 -16.97 -96.03
N THR UA 80 -77.34 -17.61 -95.16
CA THR UA 80 -77.64 -17.59 -93.74
C THR UA 80 -77.50 -16.21 -93.14
N GLU UA 81 -76.65 -15.36 -93.72
CA GLU UA 81 -76.51 -13.99 -93.26
C GLU UA 81 -75.94 -13.16 -94.40
N ASP UA 82 -76.09 -11.85 -94.28
CA ASP UA 82 -75.67 -10.89 -95.29
C ASP UA 82 -74.71 -9.89 -94.68
N VAL UA 83 -74.28 -8.92 -95.49
CA VAL UA 83 -73.37 -7.87 -95.09
C VAL UA 83 -74.09 -6.54 -95.26
N PRO UA 84 -74.05 -5.63 -94.29
CA PRO UA 84 -74.70 -4.33 -94.47
C PRO UA 84 -74.02 -3.53 -95.55
N ARG UA 85 -74.82 -2.72 -96.25
CA ARG UA 85 -74.29 -1.92 -97.34
C ARG UA 85 -73.40 -0.81 -96.81
N LYS UA 86 -72.43 -0.40 -97.61
CA LYS UA 86 -71.47 0.60 -97.20
C LYS UA 86 -72.14 1.97 -97.11
N LEU UA 87 -71.44 2.91 -96.48
CA LEU UA 87 -71.83 4.31 -96.52
C LEU UA 87 -71.36 4.94 -97.84
N LEU UA 88 -71.74 6.19 -98.05
CA LEU UA 88 -71.43 6.90 -99.28
C LEU UA 88 -70.24 7.82 -99.07
N SER UA 89 -69.37 7.92 -100.09
CA SER UA 89 -68.05 8.49 -99.88
C SER UA 89 -67.74 9.75 -100.67
N HIS UA 90 -68.59 10.14 -101.61
CA HIS UA 90 -68.59 11.44 -102.30
C HIS UA 90 -67.32 11.78 -103.04
N GLY UA 91 -66.39 10.85 -103.18
CA GLY UA 91 -65.22 11.04 -104.01
C GLY UA 91 -64.93 9.77 -104.71
N LYS UA 92 -63.66 9.39 -104.77
CA LYS UA 92 -63.25 8.02 -105.06
C LYS UA 92 -63.77 7.56 -106.43
N LYS UA 93 -63.33 8.27 -107.45
CA LYS UA 93 -63.70 7.93 -108.81
C LYS UA 93 -63.05 6.61 -109.23
N PRO UA 94 -63.62 5.93 -110.21
CA PRO UA 94 -62.93 4.77 -110.79
C PRO UA 94 -61.69 5.21 -111.54
N PHE UA 95 -60.84 4.23 -111.84
CA PHE UA 95 -59.55 4.54 -112.46
C PHE UA 95 -59.72 5.16 -113.84
N SER UA 96 -60.73 4.72 -114.59
CA SER UA 96 -60.95 5.26 -115.91
C SER UA 96 -61.33 6.73 -115.88
N GLN UA 97 -61.90 7.20 -114.77
CA GLN UA 97 -62.35 8.57 -114.66
C GLN UA 97 -61.34 9.47 -113.95
N HIS UA 98 -60.17 8.95 -113.60
CA HIS UA 98 -59.17 9.75 -112.91
C HIS UA 98 -58.59 10.80 -113.85
N VAL UA 99 -58.03 11.84 -113.25
CA VAL UA 99 -57.24 12.81 -114.00
C VAL UA 99 -55.86 12.22 -114.24
N ARG UA 100 -55.32 12.44 -115.44
CA ARG UA 100 -54.04 11.90 -115.81
C ARG UA 100 -53.01 13.03 -115.80
N LYS UA 101 -51.91 12.81 -115.10
CA LYS UA 101 -50.87 13.82 -114.95
C LYS UA 101 -49.61 13.37 -115.67
N LEU UA 102 -48.94 14.32 -116.31
CA LEU UA 102 -47.73 14.05 -117.07
C LEU UA 102 -46.67 15.06 -116.66
N ARG UA 103 -45.46 14.58 -116.39
CA ARG UA 103 -44.39 15.46 -115.92
C ARG UA 103 -44.02 16.46 -117.00
N ALA UA 104 -43.70 17.68 -116.57
CA ALA UA 104 -43.38 18.73 -117.54
C ALA UA 104 -42.09 18.42 -118.29
N SER UA 105 -41.20 17.63 -117.70
CA SER UA 105 -39.99 17.23 -118.38
C SER UA 105 -40.22 16.19 -119.46
N ILE UA 106 -41.41 15.59 -119.51
CA ILE UA 106 -41.75 14.61 -120.53
C ILE UA 106 -42.66 15.29 -121.53
N THR UA 107 -42.16 15.54 -122.72
CA THR UA 107 -42.89 16.13 -123.83
C THR UA 107 -42.71 15.22 -125.03
N PRO UA 108 -43.65 15.24 -125.98
CA PRO UA 108 -43.49 14.42 -127.18
C PRO UA 108 -42.19 14.74 -127.91
N GLY UA 109 -41.39 13.70 -128.15
CA GLY UA 109 -40.08 13.83 -128.73
C GLY UA 109 -38.93 13.73 -127.75
N THR UA 110 -39.22 13.73 -126.45
CA THR UA 110 -38.16 13.63 -125.46
C THR UA 110 -37.60 12.21 -125.43
N ILE UA 111 -36.28 12.11 -125.32
CA ILE UA 111 -35.62 10.82 -125.16
C ILE UA 111 -35.71 10.42 -123.71
N LEU UA 112 -36.29 9.25 -123.45
CA LEU UA 112 -36.44 8.74 -122.10
C LEU UA 112 -35.51 7.57 -121.87
N ILE UA 113 -35.31 7.24 -120.60
CA ILE UA 113 -34.45 6.14 -120.19
C ILE UA 113 -35.31 5.17 -119.38
N ILE UA 114 -35.40 3.93 -119.85
CA ILE UA 114 -36.19 2.94 -119.14
C ILE UA 114 -35.42 2.46 -117.91
N LEU UA 115 -36.12 2.31 -116.80
CA LEU UA 115 -35.49 1.89 -115.56
C LEU UA 115 -35.93 0.51 -115.10
N THR UA 116 -36.82 -0.16 -115.84
CA THR UA 116 -37.34 -1.46 -115.46
C THR UA 116 -37.49 -2.31 -116.70
N GLY UA 117 -37.92 -3.55 -116.49
CA GLY UA 117 -38.25 -4.43 -117.60
C GLY UA 117 -37.03 -5.00 -118.28
N ARG UA 118 -37.30 -5.80 -119.31
CA ARG UA 118 -36.22 -6.40 -120.09
C ARG UA 118 -35.43 -5.35 -120.86
N HIS UA 119 -35.99 -4.15 -121.05
CA HIS UA 119 -35.31 -3.04 -121.70
C HIS UA 119 -34.71 -2.09 -120.69
N ARG UA 120 -34.17 -2.63 -119.60
CA ARG UA 120 -33.56 -1.83 -118.57
C ARG UA 120 -32.40 -1.02 -119.12
N GLY UA 121 -32.54 0.29 -119.12
CA GLY UA 121 -31.46 1.19 -119.43
C GLY UA 121 -31.48 1.75 -120.84
N LYS UA 122 -32.20 1.12 -121.75
CA LYS UA 122 -32.20 1.57 -123.14
C LYS UA 122 -32.86 2.93 -123.27
N ARG UA 123 -32.35 3.73 -124.21
CA ARG UA 123 -32.83 5.09 -124.42
C ARG UA 123 -33.82 5.09 -125.57
N VAL UA 124 -35.05 5.53 -125.29
CA VAL UA 124 -36.16 5.42 -126.23
C VAL UA 124 -36.73 6.79 -126.55
N VAL UA 125 -37.76 6.83 -127.41
CA VAL UA 125 -38.36 8.07 -127.86
C VAL UA 125 -39.81 8.10 -127.40
N PHE UA 126 -40.19 9.13 -126.64
CA PHE UA 126 -41.55 9.28 -126.18
C PHE UA 126 -42.40 9.90 -127.27
N LEU UA 127 -43.62 9.39 -127.45
CA LEU UA 127 -44.51 9.85 -128.50
C LEU UA 127 -45.75 10.55 -127.97
N LYS UA 128 -46.55 9.87 -127.15
CA LYS UA 128 -47.77 10.46 -126.61
C LYS UA 128 -48.19 9.69 -125.37
N GLN UA 129 -48.97 10.34 -124.53
CA GLN UA 129 -49.51 9.71 -123.33
C GLN UA 129 -50.86 9.10 -123.65
N LEU UA 130 -51.04 7.84 -123.29
CA LEU UA 130 -52.24 7.11 -123.64
C LEU UA 130 -53.38 7.49 -122.71
N ALA UA 131 -54.55 6.92 -122.97
CA ALA UA 131 -55.73 7.24 -122.17
C ALA UA 131 -55.57 6.80 -120.72
N SER UA 132 -54.73 5.81 -120.46
CA SER UA 132 -54.48 5.34 -119.10
C SER UA 132 -53.37 6.12 -118.41
N GLY UA 133 -52.76 7.07 -119.09
CA GLY UA 133 -51.63 7.79 -118.55
C GLY UA 133 -50.29 7.14 -118.79
N LEU UA 134 -50.27 5.93 -119.35
CA LEU UA 134 -49.02 5.28 -119.68
C LEU UA 134 -48.42 5.91 -120.92
N LEU UA 135 -47.12 6.18 -120.88
CA LEU UA 135 -46.43 6.77 -122.00
C LEU UA 135 -46.28 5.74 -123.11
N LEU UA 136 -46.42 6.20 -124.35
CA LEU UA 136 -46.20 5.37 -125.52
C LEU UA 136 -44.82 5.71 -126.09
N VAL UA 137 -43.87 4.82 -125.91
CA VAL UA 137 -42.49 5.06 -126.32
C VAL UA 137 -42.12 4.05 -127.38
N THR UA 138 -41.15 4.43 -128.22
CA THR UA 138 -40.48 3.50 -129.10
C THR UA 138 -39.12 4.09 -129.46
N GLY UA 139 -38.08 3.64 -128.78
CA GLY UA 139 -36.75 3.77 -129.35
C GLY UA 139 -36.75 2.82 -130.50
N PRO UA 140 -36.55 3.33 -131.72
CA PRO UA 140 -36.96 2.57 -132.90
C PRO UA 140 -36.35 1.18 -132.93
N LEU UA 141 -37.14 0.22 -133.38
CA LEU UA 141 -36.74 -1.19 -133.31
C LEU UA 141 -35.44 -1.45 -134.03
N VAL UA 142 -35.11 -0.64 -135.04
CA VAL UA 142 -33.86 -0.82 -135.77
C VAL UA 142 -32.66 -0.27 -135.02
N LEU UA 143 -32.88 0.48 -133.95
CA LEU UA 143 -31.79 1.10 -133.19
C LEU UA 143 -31.51 0.41 -131.87
N ASN UA 144 -32.54 0.04 -131.11
CA ASN UA 144 -32.29 -0.60 -129.82
C ASN UA 144 -33.24 -1.74 -129.51
N ARG UA 145 -34.02 -2.22 -130.50
CA ARG UA 145 -34.89 -3.38 -130.34
C ARG UA 145 -35.95 -3.16 -129.26
N VAL UA 146 -36.48 -1.95 -129.18
CA VAL UA 146 -37.61 -1.64 -128.30
C VAL UA 146 -38.80 -1.29 -129.19
N PRO UA 147 -39.81 -2.14 -129.28
CA PRO UA 147 -40.91 -1.89 -130.22
C PRO UA 147 -41.81 -0.78 -129.71
N LEU UA 148 -42.88 -0.53 -130.46
CA LEU UA 148 -43.95 0.31 -129.96
C LEU UA 148 -44.49 -0.32 -128.69
N ARG UA 149 -44.25 0.33 -127.55
CA ARG UA 149 -44.49 -0.31 -126.28
C ARG UA 149 -44.78 0.74 -125.23
N ARG UA 150 -45.76 0.46 -124.37
CA ARG UA 150 -46.08 1.37 -123.28
C ARG UA 150 -45.00 1.30 -122.21
N THR UA 151 -45.00 2.31 -121.34
CA THR UA 151 -44.19 2.31 -120.14
C THR UA 151 -44.78 3.31 -119.18
N HIS UA 152 -44.32 3.27 -117.94
CA HIS UA 152 -44.85 4.11 -116.88
C HIS UA 152 -43.97 5.33 -116.71
N GLN UA 153 -44.60 6.51 -116.60
CA GLN UA 153 -43.83 7.73 -116.43
C GLN UA 153 -43.06 7.76 -115.12
N LYS UA 154 -43.49 7.01 -114.12
CA LYS UA 154 -42.76 7.01 -112.87
C LYS UA 154 -41.45 6.24 -112.99
N PHE UA 155 -41.38 5.26 -113.89
CA PHE UA 155 -40.22 4.39 -114.01
C PHE UA 155 -39.34 4.76 -115.19
N VAL UA 156 -39.38 6.02 -115.65
CA VAL UA 156 -38.50 6.49 -116.70
C VAL UA 156 -37.89 7.82 -116.27
N ILE UA 157 -36.78 8.15 -116.91
CA ILE UA 157 -36.08 9.41 -116.68
C ILE UA 157 -36.19 10.23 -117.95
N ALA UA 158 -36.74 11.43 -117.83
CA ALA UA 158 -36.82 12.34 -118.98
C ALA UA 158 -35.50 13.08 -119.11
N THR UA 159 -34.71 12.72 -120.11
CA THR UA 159 -33.48 13.45 -120.36
C THR UA 159 -33.79 14.80 -121.01
N SER UA 160 -32.79 15.67 -121.03
CA SER UA 160 -33.01 17.01 -121.55
C SER UA 160 -33.11 17.02 -123.06
N THR UA 161 -32.47 16.06 -123.74
CA THR UA 161 -32.48 16.06 -125.19
C THR UA 161 -33.86 15.72 -125.74
N LYS UA 162 -34.21 16.35 -126.84
CA LYS UA 162 -35.49 16.15 -127.51
C LYS UA 162 -35.28 16.27 -129.01
N ILE UA 163 -36.18 15.64 -129.76
CA ILE UA 163 -36.28 15.86 -131.19
C ILE UA 163 -37.71 16.28 -131.50
N ASP UA 164 -37.87 17.08 -132.54
CA ASP UA 164 -39.19 17.58 -132.90
C ASP UA 164 -39.95 16.48 -133.63
N ILE UA 165 -40.80 15.77 -132.91
CA ILE UA 165 -41.62 14.72 -133.50
C ILE UA 165 -43.01 15.25 -133.88
N SER UA 166 -43.17 16.56 -133.94
CA SER UA 166 -44.44 17.10 -134.39
C SER UA 166 -44.67 16.71 -135.85
N ASN UA 167 -45.92 16.89 -136.29
CA ASN UA 167 -46.38 16.53 -137.63
C ASN UA 167 -45.92 15.14 -138.08
N VAL UA 168 -45.83 14.20 -137.15
CA VAL UA 168 -45.74 12.79 -137.50
C VAL UA 168 -47.08 12.16 -137.12
N LYS UA 169 -47.46 11.14 -137.87
CA LYS UA 169 -48.81 10.57 -137.75
C LYS UA 169 -48.73 9.31 -136.88
N ILE UA 170 -49.01 9.49 -135.60
CA ILE UA 170 -49.23 8.35 -134.72
C ILE UA 170 -50.57 7.77 -135.12
N PRO UA 171 -50.65 6.49 -135.49
CA PRO UA 171 -51.94 5.91 -135.87
C PRO UA 171 -52.94 5.99 -134.72
N LYS UA 172 -54.18 6.34 -135.05
CA LYS UA 172 -55.16 6.65 -134.02
C LYS UA 172 -55.62 5.42 -133.25
N HIS UA 173 -55.37 4.23 -133.78
CA HIS UA 173 -55.75 3.01 -133.08
C HIS UA 173 -54.69 2.53 -132.11
N LEU UA 174 -53.64 3.32 -131.90
CA LEU UA 174 -52.57 2.98 -130.95
C LEU UA 174 -53.03 3.39 -129.55
N THR UA 175 -53.85 2.53 -128.95
CA THR UA 175 -54.56 2.85 -127.72
C THR UA 175 -54.17 1.85 -126.63
N ASP UA 176 -54.77 2.03 -125.45
CA ASP UA 176 -54.57 1.06 -124.38
C ASP UA 176 -55.22 -0.28 -124.72
N ALA UA 177 -56.37 -0.25 -125.39
CA ALA UA 177 -56.99 -1.49 -125.82
C ALA UA 177 -56.14 -2.21 -126.87
N TYR UA 178 -55.37 -1.45 -127.65
CA TYR UA 178 -54.51 -2.08 -128.64
C TYR UA 178 -53.33 -2.79 -127.99
N PHE UA 179 -52.80 -2.23 -126.91
CA PHE UA 179 -51.60 -2.78 -126.28
C PHE UA 179 -51.87 -3.72 -125.12
N LYS UA 180 -53.12 -3.80 -124.65
CA LYS UA 180 -53.40 -4.59 -123.46
C LYS UA 180 -53.12 -6.06 -123.72
N LYS UA 181 -52.49 -6.71 -122.73
CA LYS UA 181 -52.05 -8.09 -122.89
C LYS UA 181 -53.22 -9.01 -123.15
N LYS UA 182 -53.06 -9.87 -124.15
CA LYS UA 182 -54.04 -10.90 -124.43
C LYS UA 182 -53.73 -12.14 -123.61
N LYS UA 183 -54.59 -13.14 -123.73
CA LYS UA 183 -54.38 -14.39 -123.02
C LYS UA 183 -55.13 -15.49 -123.73
N LEU UA 184 -54.65 -16.72 -123.57
CA LEU UA 184 -55.36 -17.91 -124.01
C LEU UA 184 -55.79 -18.79 -122.85
N ARG UA 185 -54.97 -18.89 -121.81
CA ARG UA 185 -55.26 -19.75 -120.67
C ARG UA 185 -56.29 -19.12 -119.74
N LYS UA 186 -57.14 -19.95 -119.13
CA LYS UA 186 -57.24 -21.39 -119.39
C LYS UA 186 -58.67 -21.87 -119.22
N PRO UA 187 -59.54 -21.58 -120.21
CA PRO UA 187 -60.90 -22.13 -120.18
C PRO UA 187 -60.90 -23.56 -120.69
N ARG UA 188 -62.10 -24.12 -120.92
CA ARG UA 188 -62.36 -25.48 -121.38
C ARG UA 188 -61.50 -26.51 -120.65
N HIS UA 189 -61.19 -26.24 -119.38
CA HIS UA 189 -60.22 -27.03 -118.63
C HIS UA 189 -60.42 -26.76 -117.14
N GLN UA 190 -60.56 -27.82 -116.36
CA GLN UA 190 -60.74 -27.69 -114.92
C GLN UA 190 -59.55 -28.27 -114.15
N GLU UA 191 -59.21 -29.53 -114.37
CA GLU UA 191 -58.12 -30.19 -113.64
C GLU UA 191 -56.93 -30.37 -114.57
N GLY UA 192 -55.76 -29.92 -114.11
CA GLY UA 192 -54.55 -30.00 -114.91
C GLY UA 192 -53.78 -31.28 -114.75
N GLU UA 193 -53.99 -32.22 -115.66
CA GLU UA 193 -53.18 -33.43 -115.76
C GLU UA 193 -52.59 -33.63 -117.14
N ILE UA 194 -53.02 -32.86 -118.14
CA ILE UA 194 -52.41 -32.83 -119.47
C ILE UA 194 -51.88 -31.43 -119.69
N PHE UA 195 -50.60 -31.32 -120.06
CA PHE UA 195 -49.93 -30.04 -120.14
C PHE UA 195 -50.52 -29.18 -121.27
N ASP UA 196 -50.69 -27.89 -120.99
CA ASP UA 196 -51.28 -26.94 -121.93
C ASP UA 196 -50.30 -25.83 -122.26
N THR UA 197 -49.06 -26.19 -122.60
CA THR UA 197 -47.97 -25.23 -122.83
C THR UA 197 -48.11 -24.44 -124.12
N GLU UA 198 -49.23 -24.46 -124.83
CA GLU UA 198 -49.38 -23.58 -125.99
C GLU UA 198 -49.44 -22.12 -125.53
N LYS UA 199 -49.26 -21.21 -126.50
CA LYS UA 199 -49.34 -19.76 -126.37
C LYS UA 199 -48.12 -19.21 -125.61
N GLU UA 200 -47.26 -20.10 -125.10
CA GLU UA 200 -46.09 -19.65 -124.37
C GLU UA 200 -45.17 -18.81 -125.25
N LYS UA 201 -44.97 -19.24 -126.49
CA LYS UA 201 -44.31 -18.39 -127.47
C LYS UA 201 -45.36 -17.41 -127.99
N TYR UA 202 -45.42 -16.25 -127.36
CA TYR UA 202 -46.31 -15.19 -127.84
C TYR UA 202 -45.91 -14.77 -129.24
N GLU UA 203 -46.90 -14.66 -130.11
CA GLU UA 203 -46.64 -14.37 -131.52
C GLU UA 203 -46.82 -12.88 -131.76
N ILE UA 204 -45.96 -12.33 -132.62
CA ILE UA 204 -46.04 -10.93 -132.99
C ILE UA 204 -47.15 -10.78 -134.02
N THR UA 205 -48.16 -9.98 -133.70
CA THR UA 205 -49.21 -9.68 -134.66
C THR UA 205 -48.61 -9.00 -135.87
N GLU UA 206 -49.05 -9.42 -137.06
CA GLU UA 206 -48.61 -8.75 -138.27
C GLU UA 206 -49.04 -7.29 -138.29
N GLN UA 207 -50.19 -6.99 -137.71
CA GLN UA 207 -50.62 -5.60 -137.58
C GLN UA 207 -49.64 -4.81 -136.74
N ARG UA 208 -49.11 -5.42 -135.68
CA ARG UA 208 -48.09 -4.76 -134.87
C ARG UA 208 -46.87 -4.41 -135.69
N LYS UA 209 -46.47 -5.30 -136.60
CA LYS UA 209 -45.35 -5.01 -137.48
C LYS UA 209 -45.67 -3.85 -138.41
N ILE UA 210 -46.91 -3.77 -138.89
CA ILE UA 210 -47.30 -2.70 -139.80
C ILE UA 210 -47.23 -1.35 -139.10
N ASP UA 211 -47.80 -1.28 -137.90
CA ASP UA 211 -47.79 -0.03 -137.15
C ASP UA 211 -46.37 0.36 -136.77
N GLN UA 212 -45.55 -0.61 -136.39
CA GLN UA 212 -44.15 -0.33 -136.07
C GLN UA 212 -43.43 0.25 -137.26
N LYS UA 213 -43.67 -0.33 -138.45
CA LYS UA 213 -43.03 0.18 -139.66
C LYS UA 213 -43.49 1.59 -139.97
N ALA UA 214 -44.79 1.87 -139.79
CA ALA UA 214 -45.31 3.19 -140.10
C ALA UA 214 -44.70 4.25 -139.19
N VAL UA 215 -44.59 3.97 -137.90
CA VAL UA 215 -44.07 4.95 -136.97
C VAL UA 215 -42.58 5.15 -137.18
N ASP UA 216 -41.84 4.06 -137.40
CA ASP UA 216 -40.40 4.16 -137.60
C ASP UA 216 -40.06 4.95 -138.86
N SER UA 217 -40.81 4.71 -139.94
CA SER UA 217 -40.47 5.25 -141.25
C SER UA 217 -40.58 6.77 -141.31
N GLN UA 218 -41.17 7.41 -140.32
CA GLN UA 218 -41.27 8.86 -140.27
C GLN UA 218 -40.47 9.50 -139.16
N ILE UA 219 -40.13 8.75 -138.11
CA ILE UA 219 -39.32 9.32 -137.02
C ILE UA 219 -37.83 9.12 -137.29
N LEU UA 220 -37.46 7.97 -137.85
CA LEU UA 220 -36.04 7.67 -138.05
C LEU UA 220 -35.29 8.72 -138.86
N PRO UA 221 -35.80 9.27 -139.98
CA PRO UA 221 -35.07 10.36 -140.63
C PRO UA 221 -34.87 11.58 -139.74
N LYS UA 222 -35.80 11.85 -138.82
CA LYS UA 222 -35.60 12.93 -137.88
C LYS UA 222 -34.51 12.60 -136.86
N ILE UA 223 -34.35 11.31 -136.53
CA ILE UA 223 -33.27 10.91 -135.62
C ILE UA 223 -31.92 11.04 -136.31
N LYS UA 224 -31.84 10.66 -137.57
CA LYS UA 224 -30.60 10.80 -138.32
C LYS UA 224 -30.23 12.26 -138.55
N ALA UA 225 -31.17 13.20 -138.35
CA ALA UA 225 -30.91 14.60 -138.65
C ALA UA 225 -29.82 15.17 -137.74
N ILE UA 226 -29.97 14.99 -136.44
CA ILE UA 226 -28.96 15.55 -135.53
C ILE UA 226 -27.82 14.54 -135.39
N PRO UA 227 -26.57 14.99 -135.43
CA PRO UA 227 -25.45 14.06 -135.51
C PRO UA 227 -25.32 13.18 -134.28
N GLN UA 228 -24.88 11.95 -134.54
CA GLN UA 228 -24.67 10.88 -133.55
C GLN UA 228 -25.74 10.85 -132.47
N LEU UA 229 -26.99 10.92 -132.90
CA LEU UA 229 -28.09 10.62 -132.01
C LEU UA 229 -28.48 9.15 -132.09
N GLN UA 230 -28.35 8.54 -133.27
CA GLN UA 230 -28.65 7.11 -133.39
C GLN UA 230 -27.65 6.29 -132.60
N GLY UA 231 -26.40 6.75 -132.52
CA GLY UA 231 -25.45 6.12 -131.63
C GLY UA 231 -25.84 6.26 -130.18
N TYR UA 232 -26.46 7.39 -129.83
CA TYR UA 232 -26.93 7.58 -128.46
C TYR UA 232 -28.05 6.59 -128.12
N LEU UA 233 -29.05 6.49 -128.99
CA LEU UA 233 -30.16 5.57 -128.76
C LEU UA 233 -29.72 4.13 -128.78
N ARG UA 234 -28.60 3.82 -129.43
CA ARG UA 234 -28.13 2.46 -129.55
C ARG UA 234 -27.41 1.97 -128.30
N SER UA 235 -27.09 2.85 -127.37
CA SER UA 235 -26.33 2.49 -126.18
C SER UA 235 -27.19 2.64 -124.93
N VAL UA 236 -26.95 1.76 -123.97
CA VAL UA 236 -27.73 1.74 -122.75
C VAL UA 236 -27.10 2.67 -121.73
N PHE UA 237 -27.87 3.01 -120.70
CA PHE UA 237 -27.44 3.92 -119.65
C PHE UA 237 -26.90 3.13 -118.46
N ALA UA 238 -25.75 3.55 -117.94
CA ALA UA 238 -25.08 2.84 -116.87
C ALA UA 238 -24.63 3.84 -115.82
N LEU UA 239 -24.22 3.30 -114.67
CA LEU UA 239 -23.69 4.12 -113.59
C LEU UA 239 -22.24 3.72 -113.35
N THR UA 240 -21.33 4.44 -114.00
CA THR UA 240 -19.91 4.31 -113.73
C THR UA 240 -19.61 4.71 -112.29
N ASN UA 241 -18.64 4.03 -111.68
CA ASN UA 241 -18.41 4.18 -110.24
C ASN UA 241 -18.03 5.60 -109.84
N GLY UA 242 -17.57 6.43 -110.78
CA GLY UA 242 -17.25 7.79 -110.44
C GLY UA 242 -18.44 8.72 -110.36
N ILE UA 243 -19.54 8.39 -111.01
CA ILE UA 243 -20.65 9.32 -111.19
C ILE UA 243 -21.76 9.02 -110.20
N TYR UA 244 -22.55 10.04 -109.92
CA TYR UA 244 -23.66 9.96 -108.99
C TYR UA 244 -24.89 10.59 -109.62
N PRO UA 245 -26.04 9.93 -109.57
CA PRO UA 245 -27.21 10.44 -110.32
C PRO UA 245 -27.70 11.79 -109.85
N HIS UA 246 -27.46 12.17 -108.61
CA HIS UA 246 -27.94 13.46 -108.15
C HIS UA 246 -27.12 14.62 -108.69
N LYS UA 247 -25.85 14.37 -109.00
CA LYS UA 247 -25.00 15.40 -109.59
C LYS UA 247 -25.08 15.43 -111.11
N LEU UA 248 -25.76 14.46 -111.72
CA LEU UA 248 -25.89 14.45 -113.17
C LEU UA 248 -27.06 15.32 -113.61
N VAL UA 249 -26.83 16.12 -114.63
CA VAL UA 249 -27.89 16.85 -115.31
C VAL UA 249 -28.23 16.07 -116.56
N PHE UA 250 -29.30 15.29 -116.50
CA PHE UA 250 -29.64 14.38 -117.59
C PHE UA 250 -30.04 15.14 -118.85
N ASN VA 1 -106.37 12.24 -98.81
CA ASN VA 1 -105.68 13.11 -97.87
C ASN VA 1 -104.17 12.98 -98.05
N PHE VA 2 -103.75 11.99 -98.84
CA PHE VA 2 -102.34 11.84 -99.16
C PHE VA 2 -101.79 13.08 -99.85
N ALA VA 3 -102.58 13.65 -100.78
CA ALA VA 3 -102.14 14.83 -101.50
C ALA VA 3 -101.95 16.01 -100.57
N GLU VA 4 -102.88 16.20 -99.63
CA GLU VA 4 -102.81 17.38 -98.76
C GLU VA 4 -101.68 17.26 -97.75
N LEU VA 5 -101.50 16.08 -97.14
CA LEU VA 5 -100.41 15.91 -96.19
C LEU VA 5 -99.06 15.98 -96.89
N LYS VA 6 -99.00 15.55 -98.15
CA LYS VA 6 -97.78 15.72 -98.94
C LYS VA 6 -97.46 17.19 -99.13
N ILE VA 7 -98.47 18.00 -99.47
CA ILE VA 7 -98.24 19.41 -99.70
C ILE VA 7 -97.88 20.11 -98.39
N LYS VA 8 -98.51 19.70 -97.28
CA LYS VA 8 -98.17 20.29 -95.99
C LYS VA 8 -96.73 19.99 -95.61
N ARG VA 9 -96.26 18.78 -95.89
CA ARG VA 9 -94.86 18.44 -95.63
C ARG VA 9 -93.91 19.21 -96.52
N LEU VA 10 -94.27 19.37 -97.80
CA LEU VA 10 -93.42 20.11 -98.71
C LEU VA 10 -93.42 21.61 -98.40
N ARG VA 11 -94.47 22.10 -97.76
CA ARG VA 11 -94.46 23.48 -97.28
C ARG VA 11 -93.50 23.64 -96.11
N LYS VA 12 -93.41 22.63 -95.24
CA LYS VA 12 -92.51 22.72 -94.10
C LYS VA 12 -91.06 22.51 -94.52
N LYS VA 13 -90.83 21.68 -95.54
CA LYS VA 13 -89.50 21.57 -96.09
C LYS VA 13 -89.06 22.89 -96.73
N PHE VA 14 -89.96 23.55 -97.44
CA PHE VA 14 -89.61 24.78 -98.12
C PHE VA 14 -89.40 25.92 -97.14
N ALA VA 15 -90.19 25.97 -96.08
CA ALA VA 15 -89.99 26.99 -95.06
C ALA VA 15 -88.64 26.84 -94.39
N GLN VA 16 -88.25 25.60 -94.07
CA GLN VA 16 -86.92 25.35 -93.54
C GLN VA 16 -85.85 25.71 -94.55
N LYS VA 17 -86.11 25.45 -95.82
CA LYS VA 17 -85.17 25.82 -96.88
C LYS VA 17 -84.97 27.33 -96.93
N MET VA 18 -86.06 28.09 -96.79
CA MET VA 18 -85.95 29.54 -96.82
C MET VA 18 -85.23 30.07 -95.58
N LEU VA 19 -85.53 29.51 -94.42
CA LEU VA 19 -84.90 29.98 -93.20
C LEU VA 19 -83.40 29.70 -93.19
N ARG VA 20 -83.00 28.54 -93.69
CA ARG VA 20 -81.59 28.23 -93.79
C ARG VA 20 -80.89 29.20 -94.73
N LYS VA 21 -81.53 29.53 -95.85
CA LYS VA 21 -80.97 30.49 -96.79
C LYS VA 21 -80.82 31.86 -96.16
N ALA VA 22 -81.81 32.29 -95.39
CA ALA VA 22 -81.75 33.61 -94.79
C ALA VA 22 -80.67 33.69 -93.71
N ARG VA 23 -80.45 32.60 -92.98
CA ARG VA 23 -79.39 32.58 -91.98
C ARG VA 23 -78.02 32.66 -92.63
N ARG VA 24 -77.87 32.00 -93.79
CA ARG VA 24 -76.59 32.03 -94.48
C ARG VA 24 -76.24 33.43 -94.96
N LYS VA 25 -77.23 34.15 -95.51
CA LYS VA 25 -76.98 35.50 -95.96
C LYS VA 25 -76.60 36.41 -94.81
N LEU VA 26 -77.19 36.18 -93.64
CA LEU VA 26 -76.80 36.94 -92.46
C LEU VA 26 -75.36 36.66 -92.06
N ILE VA 27 -74.96 35.39 -92.10
CA ILE VA 27 -73.59 35.04 -91.77
C ILE VA 27 -72.63 35.67 -92.76
N TYR VA 28 -72.99 35.66 -94.04
CA TYR VA 28 -72.15 36.25 -95.07
C TYR VA 28 -71.98 37.75 -94.83
N GLU VA 29 -73.06 38.43 -94.47
CA GLU VA 29 -72.99 39.87 -94.32
C GLU VA 29 -72.32 40.28 -93.02
N LYS VA 30 -72.48 39.49 -91.96
CA LYS VA 30 -71.77 39.77 -90.72
C LYS VA 30 -70.27 39.67 -90.93
N ALA VA 31 -69.82 38.67 -91.68
CA ALA VA 31 -68.40 38.51 -91.94
C ALA VA 31 -67.87 39.62 -92.82
N LYS VA 32 -68.67 40.09 -93.78
CA LYS VA 32 -68.26 41.23 -94.59
C LYS VA 32 -68.13 42.47 -93.73
N HIS VA 33 -69.06 42.66 -92.80
CA HIS VA 33 -69.01 43.82 -91.92
C HIS VA 33 -67.84 43.73 -90.96
N TYR VA 34 -67.52 42.53 -90.50
CA TYR VA 34 -66.39 42.36 -89.60
C TYR VA 34 -65.07 42.62 -90.32
N HIS VA 35 -64.98 42.26 -91.60
CA HIS VA 35 -63.78 42.57 -92.36
C HIS VA 35 -63.58 44.07 -92.49
N LYS VA 36 -64.67 44.81 -92.70
CA LYS VA 36 -64.57 46.26 -92.74
C LYS VA 36 -64.17 46.83 -91.40
N GLU VA 37 -64.71 46.27 -90.31
CA GLU VA 37 -64.39 46.77 -88.98
C GLU VA 37 -62.93 46.51 -88.64
N TYR VA 38 -62.40 45.34 -89.00
CA TYR VA 38 -61.02 45.01 -88.67
C TYR VA 38 -60.05 45.94 -89.38
N ARG VA 39 -60.22 46.12 -90.68
CA ARG VA 39 -59.29 46.96 -91.42
C ARG VA 39 -59.42 48.42 -91.01
N GLN VA 40 -60.57 48.79 -90.44
CA GLN VA 40 -60.69 50.12 -89.86
C GLN VA 40 -59.83 50.24 -88.61
N MET VA 41 -59.81 49.20 -87.78
CA MET VA 41 -58.95 49.21 -86.60
C MET VA 41 -57.48 49.27 -86.98
N TYR VA 42 -57.10 48.52 -88.01
CA TYR VA 42 -55.70 48.51 -88.45
C TYR VA 42 -55.29 49.87 -88.97
N ARG VA 43 -56.10 50.47 -89.84
CA ARG VA 43 -55.74 51.75 -90.43
C ARG VA 43 -55.75 52.87 -89.40
N THR VA 44 -56.65 52.79 -88.41
CA THR VA 44 -56.77 53.87 -87.44
C THR VA 44 -55.54 53.93 -86.53
N GLU VA 45 -55.04 52.78 -86.09
CA GLU VA 45 -53.84 52.78 -85.25
C GLU VA 45 -52.66 53.36 -86.02
N ILE VA 46 -52.53 53.02 -87.29
CA ILE VA 46 -51.46 53.59 -88.11
C ILE VA 46 -51.66 55.09 -88.27
N ARG VA 47 -52.90 55.51 -88.51
CA ARG VA 47 -53.16 56.92 -88.78
C ARG VA 47 -52.95 57.77 -87.53
N MET VA 48 -53.32 57.26 -86.37
CA MET VA 48 -53.18 58.03 -85.14
C MET VA 48 -51.73 58.29 -84.80
N ALA VA 49 -50.88 57.26 -84.95
CA ALA VA 49 -49.46 57.47 -84.74
C ALA VA 49 -48.86 58.31 -85.86
N ARG VA 50 -49.44 58.22 -87.05
CA ARG VA 50 -48.94 59.00 -88.18
C ARG VA 50 -49.18 60.49 -87.96
N MET VA 51 -50.35 60.84 -87.44
CA MET VA 51 -50.67 62.24 -87.22
C MET VA 51 -49.94 62.80 -86.00
N ALA VA 52 -49.56 61.93 -85.06
CA ALA VA 52 -48.79 62.39 -83.91
C ALA VA 52 -47.38 62.77 -84.33
N ARG VA 53 -46.76 61.96 -85.19
CA ARG VA 53 -45.40 62.22 -85.61
C ARG VA 53 -45.30 63.47 -86.47
N LYS VA 54 -46.36 63.80 -87.19
CA LYS VA 54 -46.40 65.06 -87.92
C LYS VA 54 -46.31 66.24 -86.97
N ALA VA 55 -47.02 66.14 -85.83
CA ALA VA 55 -47.01 67.20 -84.84
C ALA VA 55 -45.77 67.17 -83.95
N GLY VA 56 -44.93 66.15 -84.07
CA GLY VA 56 -43.78 66.01 -83.20
C GLY VA 56 -44.07 65.39 -81.86
N ASN VA 57 -45.31 65.00 -81.60
CA ASN VA 57 -45.67 64.37 -80.34
C ASN VA 57 -45.57 62.86 -80.49
N PHE VA 58 -46.10 62.14 -79.51
CA PHE VA 58 -46.14 60.69 -79.52
C PHE VA 58 -47.58 60.22 -79.38
N TYR VA 59 -47.87 59.08 -79.98
CA TYR VA 59 -49.16 58.43 -79.82
C TYR VA 59 -48.93 57.11 -79.11
N VAL VA 60 -49.15 57.10 -77.80
CA VAL VA 60 -49.08 55.86 -77.04
C VAL VA 60 -50.29 55.03 -77.42
N PRO VA 61 -50.09 53.84 -77.99
CA PRO VA 61 -51.23 53.01 -78.38
C PRO VA 61 -51.96 52.50 -77.15
N ALA VA 62 -53.22 52.14 -77.33
CA ALA VA 62 -54.00 51.60 -76.24
C ALA VA 62 -53.38 50.28 -75.78
N GLU VA 63 -53.37 50.07 -74.47
CA GLU VA 63 -52.79 48.86 -73.92
C GLU VA 63 -53.58 47.65 -74.40
N PRO VA 64 -52.91 46.53 -74.66
CA PRO VA 64 -53.63 45.33 -75.12
C PRO VA 64 -54.59 44.83 -74.06
N LYS VA 65 -55.73 44.35 -74.53
CA LYS VA 65 -56.75 43.81 -73.64
C LYS VA 65 -56.98 42.33 -73.84
N LEU VA 66 -56.28 41.72 -74.78
CA LEU VA 66 -56.40 40.29 -75.05
C LEU VA 66 -55.02 39.66 -75.06
N ALA VA 67 -54.91 38.48 -74.46
CA ALA VA 67 -53.66 37.76 -74.39
C ALA VA 67 -53.87 36.31 -74.77
N PHE VA 68 -52.82 35.67 -75.24
CA PHE VA 68 -52.80 34.23 -75.41
C PHE VA 68 -51.73 33.65 -74.52
N VAL VA 69 -52.13 32.75 -73.63
CA VAL VA 69 -51.25 32.23 -72.60
C VAL VA 69 -51.01 30.76 -72.89
N ILE VA 70 -49.74 30.39 -73.07
CA ILE VA 70 -49.35 29.03 -73.39
C ILE VA 70 -48.56 28.50 -72.21
N ARG VA 71 -48.98 27.36 -71.69
CA ARG VA 71 -48.18 26.68 -70.67
C ARG VA 71 -46.98 26.04 -71.34
N ILE VA 72 -45.81 26.20 -70.74
CA ILE VA 72 -44.60 25.63 -71.33
C ILE VA 72 -43.92 24.61 -70.43
N ARG VA 73 -44.22 24.54 -69.14
CA ARG VA 73 -43.60 23.57 -68.27
C ARG VA 73 -44.60 22.48 -67.90
N GLY VA 74 -44.09 21.30 -67.58
CA GLY VA 74 -44.91 20.15 -67.30
C GLY VA 74 -45.56 20.23 -65.93
N ILE VA 75 -46.12 19.09 -65.52
CA ILE VA 75 -46.97 19.03 -64.33
C ILE VA 75 -46.24 18.51 -63.11
N ASN VA 76 -44.95 18.19 -63.22
CA ASN VA 76 -44.25 17.55 -62.12
C ASN VA 76 -43.61 18.59 -61.21
N GLY VA 77 -43.87 18.47 -59.92
CA GLY VA 77 -43.26 19.33 -58.94
C GLY VA 77 -43.63 20.79 -59.07
N VAL VA 78 -44.89 21.13 -58.82
CA VAL VA 78 -45.37 22.49 -58.95
C VAL VA 78 -45.91 22.93 -57.58
N SER VA 79 -45.54 24.13 -57.17
CA SER VA 79 -45.96 24.66 -55.88
C SER VA 79 -47.48 24.84 -55.87
N PRO VA 80 -48.12 24.78 -54.70
CA PRO VA 80 -49.59 24.74 -54.68
C PRO VA 80 -50.25 26.01 -55.16
N LYS VA 81 -49.59 27.16 -55.02
CA LYS VA 81 -50.16 28.40 -55.53
C LYS VA 81 -50.10 28.47 -57.04
N VAL VA 82 -48.99 28.04 -57.63
CA VAL VA 82 -48.87 28.02 -59.08
C VAL VA 82 -49.82 26.99 -59.66
N ARG VA 83 -49.93 25.82 -59.03
CA ARG VA 83 -50.82 24.78 -59.51
C ARG VA 83 -52.27 25.25 -59.51
N LYS VA 84 -52.65 26.07 -58.53
CA LYS VA 84 -54.03 26.53 -58.48
C LYS VA 84 -54.32 27.57 -59.57
N VAL VA 85 -53.37 28.46 -59.82
CA VAL VA 85 -53.60 29.50 -60.82
C VAL VA 85 -53.64 28.90 -62.21
N LEU VA 86 -52.80 27.91 -62.48
CA LEU VA 86 -52.81 27.27 -63.79
C LEU VA 86 -54.13 26.55 -64.05
N GLN VA 87 -54.72 25.95 -63.01
CA GLN VA 87 -56.03 25.34 -63.15
C GLN VA 87 -57.11 26.39 -63.37
N LEU VA 88 -56.89 27.60 -62.87
CA LEU VA 88 -57.86 28.66 -63.11
C LEU VA 88 -57.76 29.20 -64.53
N LEU VA 89 -56.61 29.04 -65.17
CA LEU VA 89 -56.44 29.42 -66.55
C LEU VA 89 -56.72 28.27 -67.50
N ARG VA 90 -57.18 27.14 -66.98
CA ARG VA 90 -57.50 25.95 -67.77
C ARG VA 90 -56.28 25.44 -68.53
N LEU VA 91 -55.11 25.60 -67.94
CA LEU VA 91 -53.86 25.10 -68.52
C LEU VA 91 -53.36 23.99 -67.60
N ARG VA 92 -53.86 22.79 -67.80
CA ARG VA 92 -53.49 21.65 -66.98
C ARG VA 92 -52.47 20.75 -67.64
N GLN VA 93 -52.06 21.06 -68.86
CA GLN VA 93 -51.13 20.24 -69.61
C GLN VA 93 -50.09 21.14 -70.24
N ILE VA 94 -48.90 20.59 -70.46
CA ILE VA 94 -47.85 21.35 -71.13
C ILE VA 94 -48.26 21.58 -72.58
N PHE VA 95 -47.89 22.75 -73.11
CA PHE VA 95 -48.29 23.19 -74.46
C PHE VA 95 -49.81 23.16 -74.63
N ASN VA 96 -50.50 23.70 -73.63
CA ASN VA 96 -51.89 24.10 -73.77
C ASN VA 96 -51.94 25.62 -73.85
N GLY VA 97 -52.98 26.14 -74.51
CA GLY VA 97 -53.10 27.57 -74.68
C GLY VA 97 -54.55 27.99 -74.50
N THR VA 98 -54.72 29.25 -74.13
CA THR VA 98 -56.05 29.80 -73.96
C THR VA 98 -55.97 31.31 -74.02
N PHE VA 99 -57.09 31.94 -74.31
CA PHE VA 99 -57.17 33.39 -74.38
C PHE VA 99 -57.52 33.95 -73.02
N VAL VA 100 -56.84 35.03 -72.64
CA VAL VA 100 -57.06 35.69 -71.36
C VAL VA 100 -57.36 37.15 -71.62
N LYS VA 101 -58.52 37.60 -71.15
CA LYS VA 101 -58.84 39.02 -71.16
C LYS VA 101 -58.00 39.70 -70.09
N LEU VA 102 -57.40 40.84 -70.43
CA LEU VA 102 -56.37 41.45 -69.60
C LEU VA 102 -56.94 42.60 -68.78
N ASN VA 103 -56.73 42.55 -67.48
CA ASN VA 103 -57.02 43.63 -66.54
C ASN VA 103 -56.10 43.42 -65.34
N LYS VA 104 -56.34 44.17 -64.27
CA LYS VA 104 -55.46 44.08 -63.10
C LYS VA 104 -55.57 42.71 -62.45
N ALA VA 105 -56.78 42.15 -62.40
CA ALA VA 105 -56.97 40.86 -61.75
C ALA VA 105 -56.27 39.75 -62.52
N SER VA 106 -56.40 39.75 -63.85
CA SER VA 106 -55.81 38.66 -64.62
C SER VA 106 -54.31 38.80 -64.74
N ILE VA 107 -53.81 40.03 -64.85
CA ILE VA 107 -52.38 40.24 -65.04
C ILE VA 107 -51.61 39.79 -63.81
N ASN VA 108 -52.13 40.08 -62.62
CA ASN VA 108 -51.45 39.63 -61.41
C ASN VA 108 -51.52 38.13 -61.26
N MET VA 109 -52.53 37.48 -61.85
CA MET VA 109 -52.53 36.03 -61.90
C MET VA 109 -51.48 35.50 -62.87
N LEU VA 110 -51.18 36.26 -63.92
CA LEU VA 110 -50.14 35.86 -64.85
C LEU VA 110 -48.75 35.97 -64.24
N ARG VA 111 -48.55 36.97 -63.38
CA ARG VA 111 -47.25 37.17 -62.77
C ARG VA 111 -46.86 36.00 -61.87
N ILE VA 112 -47.85 35.36 -61.25
CA ILE VA 112 -47.56 34.26 -60.35
C ILE VA 112 -47.05 33.05 -61.12
N VAL VA 113 -47.64 32.77 -62.28
CA VAL VA 113 -47.28 31.59 -63.05
C VAL VA 113 -46.26 31.98 -64.12
N GLU VA 114 -45.59 33.10 -63.90
CA GLU VA 114 -44.61 33.61 -64.87
C GLU VA 114 -43.55 32.60 -65.29
N PRO VA 115 -42.92 31.84 -64.39
CA PRO VA 115 -41.93 30.85 -64.88
C PRO VA 115 -42.52 29.67 -65.62
N TYR VA 116 -43.84 29.47 -65.57
CA TYR VA 116 -44.43 28.27 -66.14
C TYR VA 116 -45.14 28.50 -67.46
N ILE VA 117 -45.23 29.74 -67.92
CA ILE VA 117 -45.98 30.07 -69.13
C ILE VA 117 -45.15 30.97 -70.02
N ALA VA 118 -45.48 30.93 -71.30
CA ALA VA 118 -45.10 31.94 -72.26
C ALA VA 118 -46.39 32.57 -72.78
N TRP VA 119 -46.46 33.89 -72.77
CA TRP VA 119 -47.69 34.54 -73.16
C TRP VA 119 -47.39 35.86 -73.86
N GLY VA 120 -48.41 36.40 -74.50
CA GLY VA 120 -48.25 37.62 -75.24
C GLY VA 120 -49.57 38.12 -75.76
N TYR VA 121 -49.50 38.96 -76.79
CA TYR VA 121 -50.69 39.58 -77.37
C TYR VA 121 -50.89 39.06 -78.77
N PRO VA 122 -51.81 38.13 -78.99
CA PRO VA 122 -51.99 37.59 -80.34
C PRO VA 122 -52.62 38.59 -81.28
N ASN VA 123 -52.21 38.54 -82.54
CA ASN VA 123 -52.77 39.36 -83.58
C ASN VA 123 -53.92 38.62 -84.25
N LEU VA 124 -54.55 39.28 -85.22
CA LEU VA 124 -55.77 38.74 -85.81
C LEU VA 124 -55.52 37.42 -86.52
N LYS VA 125 -54.40 37.31 -87.22
CA LYS VA 125 -54.10 36.07 -87.91
C LYS VA 125 -53.92 34.92 -86.93
N SER VA 126 -53.37 35.21 -85.75
CA SER VA 126 -53.23 34.17 -84.73
C SER VA 126 -54.59 33.68 -84.26
N VAL VA 127 -55.54 34.59 -84.10
CA VAL VA 127 -56.87 34.20 -83.63
C VAL VA 127 -57.59 33.36 -84.68
N ASN VA 128 -57.44 33.72 -85.95
CA ASN VA 128 -58.07 32.94 -87.01
C ASN VA 128 -57.53 31.51 -87.04
N GLU VA 129 -56.20 31.36 -87.03
CA GLU VA 129 -55.62 30.05 -87.23
C GLU VA 129 -55.88 29.14 -86.04
N LEU VA 130 -55.97 29.70 -84.84
CA LEU VA 130 -56.23 28.86 -83.68
C LEU VA 130 -57.67 28.38 -83.64
N ILE VA 131 -58.62 29.27 -83.92
CA ILE VA 131 -60.03 28.88 -83.88
C ILE VA 131 -60.36 27.94 -85.03
N TYR VA 132 -59.82 28.21 -86.22
CA TYR VA 132 -60.19 27.41 -87.37
C TYR VA 132 -59.54 26.05 -87.35
N LYS VA 133 -58.25 25.96 -86.99
CA LYS VA 133 -57.58 24.68 -87.03
C LYS VA 133 -57.72 23.91 -85.72
N ARG VA 134 -57.52 24.57 -84.58
CA ARG VA 134 -57.55 23.90 -83.29
C ARG VA 134 -58.76 24.28 -82.45
N GLY VA 135 -59.80 24.80 -83.07
CA GLY VA 135 -60.95 25.24 -82.29
C GLY VA 135 -61.93 24.14 -81.97
N TYR VA 136 -62.11 23.87 -80.69
CA TYR VA 136 -63.10 22.93 -80.21
C TYR VA 136 -64.05 23.65 -79.26
N GLY VA 137 -65.26 23.13 -79.15
CA GLY VA 137 -66.28 23.70 -78.28
C GLY VA 137 -66.61 22.75 -77.15
N LYS VA 138 -66.72 23.29 -75.94
CA LYS VA 138 -67.16 22.53 -74.77
C LYS VA 138 -68.68 22.55 -74.76
N ILE VA 139 -69.26 21.59 -75.45
CA ILE VA 139 -70.71 21.45 -75.53
C ILE VA 139 -71.10 20.23 -74.70
N ASN VA 140 -71.98 20.44 -73.71
CA ASN VA 140 -72.44 19.37 -72.83
C ASN VA 140 -71.27 18.66 -72.16
N LYS VA 141 -70.31 19.44 -71.69
CA LYS VA 141 -69.11 18.98 -71.00
C LYS VA 141 -68.22 18.11 -71.89
N LYS VA 142 -68.47 18.08 -73.20
CA LYS VA 142 -67.69 17.29 -74.13
C LYS VA 142 -66.87 18.21 -75.02
N ARG VA 143 -65.80 17.66 -75.58
CA ARG VA 143 -64.91 18.40 -76.48
C ARG VA 143 -65.32 18.07 -77.91
N ILE VA 144 -66.17 18.91 -78.49
CA ILE VA 144 -66.77 18.66 -79.78
C ILE VA 144 -66.15 19.62 -80.79
N ALA VA 145 -65.59 19.08 -81.85
CA ALA VA 145 -64.89 19.89 -82.84
C ALA VA 145 -65.85 20.81 -83.57
N LEU VA 146 -65.39 22.03 -83.84
CA LEU VA 146 -66.23 23.07 -84.44
C LEU VA 146 -66.24 22.90 -85.96
N THR VA 147 -67.00 21.90 -86.40
CA THR VA 147 -67.10 21.57 -87.82
C THR VA 147 -68.36 22.11 -88.48
N ASP VA 148 -69.32 22.59 -87.70
CA ASP VA 148 -70.54 23.17 -88.23
C ASP VA 148 -70.86 24.43 -87.45
N ASN VA 149 -71.48 25.40 -88.13
CA ASN VA 149 -71.86 26.64 -87.46
C ASN VA 149 -73.02 26.44 -86.50
N ALA VA 150 -73.82 25.40 -86.68
CA ALA VA 150 -74.96 25.17 -85.79
C ALA VA 150 -74.51 24.80 -84.38
N LEU VA 151 -73.30 24.27 -84.24
CA LEU VA 151 -72.78 23.97 -82.91
C LEU VA 151 -72.64 25.23 -82.08
N ILE VA 152 -72.10 26.29 -82.69
CA ILE VA 152 -71.97 27.55 -81.97
C ILE VA 152 -73.33 28.17 -81.74
N ALA VA 153 -74.24 28.05 -82.71
CA ALA VA 153 -75.52 28.74 -82.61
C ALA VA 153 -76.38 28.16 -81.49
N ARG VA 154 -76.31 26.85 -81.27
CA ARG VA 154 -77.16 26.25 -80.24
C ARG VA 154 -76.67 26.55 -78.83
N SER VA 155 -75.39 26.87 -78.65
CA SER VA 155 -74.85 27.09 -77.33
C SER VA 155 -74.51 28.53 -77.03
N LEU VA 156 -74.27 29.35 -78.05
CA LEU VA 156 -73.92 30.75 -77.87
C LEU VA 156 -74.79 31.68 -78.70
N GLY VA 157 -75.79 31.15 -79.41
CA GLY VA 157 -76.63 32.00 -80.23
C GLY VA 157 -77.46 32.99 -79.43
N LYS VA 158 -77.70 32.71 -78.15
CA LYS VA 158 -78.43 33.64 -77.32
C LYS VA 158 -77.64 34.92 -77.06
N TYR VA 159 -76.33 34.90 -77.26
CA TYR VA 159 -75.49 36.08 -77.15
C TYR VA 159 -75.26 36.76 -78.50
N GLY VA 160 -75.84 36.23 -79.57
CA GLY VA 160 -75.60 36.74 -80.90
C GLY VA 160 -74.45 36.07 -81.64
N ILE VA 161 -73.68 35.23 -80.97
CA ILE VA 161 -72.57 34.51 -81.59
C ILE VA 161 -73.16 33.29 -82.28
N ILE VA 162 -73.23 33.30 -83.60
CA ILE VA 162 -73.91 32.23 -84.32
C ILE VA 162 -73.04 31.66 -85.45
N CYS VA 163 -71.75 31.99 -85.45
CA CYS VA 163 -70.86 31.49 -86.48
C CYS VA 163 -69.43 31.58 -85.97
N MET VA 164 -68.50 31.00 -86.75
CA MET VA 164 -67.10 31.09 -86.40
C MET VA 164 -66.58 32.51 -86.52
N GLU VA 165 -67.11 33.27 -87.48
CA GLU VA 165 -66.73 34.69 -87.59
C GLU VA 165 -67.19 35.46 -86.35
N ASP VA 166 -68.37 35.16 -85.84
CA ASP VA 166 -68.84 35.79 -84.61
C ASP VA 166 -67.97 35.41 -83.43
N LEU VA 167 -67.55 34.15 -83.36
CA LEU VA 167 -66.68 33.72 -82.27
C LEU VA 167 -65.33 34.40 -82.34
N ILE VA 168 -64.77 34.54 -83.54
CA ILE VA 168 -63.47 35.16 -83.69
C ILE VA 168 -63.54 36.66 -83.39
N HIS VA 169 -64.63 37.30 -83.82
CA HIS VA 169 -64.80 38.71 -83.49
C HIS VA 169 -64.95 38.91 -82.00
N GLU VA 170 -65.71 38.04 -81.35
CA GLU VA 170 -65.93 38.16 -79.92
C GLU VA 170 -64.63 37.98 -79.15
N ILE VA 171 -63.74 37.13 -79.65
CA ILE VA 171 -62.49 36.87 -78.96
C ILE VA 171 -61.47 37.94 -79.24
N TYR VA 172 -61.26 38.27 -80.51
CA TYR VA 172 -60.27 39.28 -80.87
C TYR VA 172 -60.63 40.64 -80.29
N THR VA 173 -61.73 41.22 -80.74
CA THR VA 173 -62.25 42.41 -80.10
C THR VA 173 -63.01 41.96 -78.86
N VAL VA 174 -62.49 42.30 -77.68
CA VAL VA 174 -63.01 41.71 -76.45
C VAL VA 174 -64.39 42.29 -76.16
N GLY VA 175 -65.42 41.53 -76.47
CA GLY VA 175 -66.79 42.01 -76.40
C GLY VA 175 -67.40 41.81 -75.03
N LYS VA 176 -68.70 42.07 -74.96
CA LYS VA 176 -69.42 41.90 -73.70
C LYS VA 176 -69.47 40.44 -73.28
N ARG VA 177 -69.62 39.54 -74.24
CA ARG VA 177 -69.75 38.11 -73.96
C ARG VA 177 -68.44 37.37 -74.16
N PHE VA 178 -67.32 38.02 -73.83
CA PHE VA 178 -66.03 37.34 -73.98
C PHE VA 178 -65.94 36.14 -73.07
N LYS VA 179 -66.41 36.26 -71.83
CA LYS VA 179 -66.26 35.16 -70.87
C LYS VA 179 -67.02 33.93 -71.34
N GLU VA 180 -68.24 34.12 -71.84
CA GLU VA 180 -69.03 32.98 -72.29
C GLU VA 180 -68.44 32.37 -73.55
N ALA VA 181 -67.97 33.20 -74.48
CA ALA VA 181 -67.39 32.68 -75.71
C ALA VA 181 -66.06 32.00 -75.45
N ASN VA 182 -65.23 32.57 -74.57
CA ASN VA 182 -63.94 31.99 -74.27
C ASN VA 182 -64.07 30.70 -73.48
N ASN VA 183 -64.96 30.68 -72.49
CA ASN VA 183 -65.17 29.45 -71.74
C ASN VA 183 -65.76 28.37 -72.61
N PHE VA 184 -66.55 28.74 -73.61
CA PHE VA 184 -67.04 27.77 -74.58
C PHE VA 184 -65.89 27.14 -75.34
N LEU VA 185 -64.82 27.89 -75.59
CA LEU VA 185 -63.67 27.35 -76.29
C LEU VA 185 -62.93 26.38 -75.38
N TRP VA 186 -62.88 25.12 -75.79
CA TRP VA 186 -62.02 24.18 -75.10
C TRP VA 186 -60.59 24.65 -75.21
N PRO VA 187 -59.77 24.51 -74.15
CA PRO VA 187 -58.39 25.02 -74.23
C PRO VA 187 -57.62 24.38 -75.36
N PHE VA 188 -56.85 25.22 -76.06
CA PHE VA 188 -56.21 24.79 -77.30
C PHE VA 188 -55.08 23.83 -77.01
N LYS VA 189 -55.10 22.70 -77.68
CA LYS VA 189 -54.11 21.64 -77.46
C LYS VA 189 -53.12 21.72 -78.62
N LEU VA 190 -52.16 22.62 -78.49
CA LEU VA 190 -51.16 22.87 -79.51
C LEU VA 190 -50.07 21.80 -79.46
N SER VA 191 -49.31 21.70 -80.53
CA SER VA 191 -48.25 20.72 -80.61
C SER VA 191 -46.99 21.25 -79.95
N SER VA 192 -45.91 20.49 -80.06
CA SER VA 192 -44.61 21.00 -79.66
C SER VA 192 -44.18 22.09 -80.65
N PRO VA 193 -43.42 23.06 -80.20
CA PRO VA 193 -42.95 24.10 -81.11
C PRO VA 193 -41.96 23.56 -82.11
N ARG VA 194 -42.33 23.56 -83.39
CA ARG VA 194 -41.44 23.11 -84.43
C ARG VA 194 -40.29 24.08 -84.58
N GLY VA 195 -39.07 23.56 -84.61
CA GLY VA 195 -37.89 24.38 -84.54
C GLY VA 195 -37.36 24.59 -83.14
N GLY VA 196 -38.08 24.13 -82.12
CA GLY VA 196 -37.57 24.09 -80.77
C GLY VA 196 -37.72 25.41 -80.05
N MET VA 197 -37.50 25.34 -78.74
CA MET VA 197 -37.48 26.50 -77.86
C MET VA 197 -36.05 26.93 -77.65
N LYS VA 198 -35.88 28.18 -77.24
CA LYS VA 198 -34.55 28.67 -76.88
C LYS VA 198 -34.11 28.06 -75.56
N LYS VA 199 -34.84 28.37 -74.48
CA LYS VA 199 -34.55 27.82 -73.17
C LYS VA 199 -35.80 28.02 -72.32
N LYS VA 200 -36.44 26.93 -71.91
CA LYS VA 200 -37.74 27.07 -71.27
C LYS VA 200 -37.64 27.54 -69.82
N THR VA 201 -36.46 27.47 -69.22
CA THR VA 201 -36.31 27.69 -67.79
C THR VA 201 -35.97 29.12 -67.41
N THR VA 202 -35.93 30.05 -68.37
CA THR VA 202 -35.64 31.43 -68.08
C THR VA 202 -36.65 32.32 -68.78
N HIS VA 203 -36.70 33.57 -68.34
CA HIS VA 203 -37.60 34.55 -68.94
C HIS VA 203 -37.18 34.86 -70.37
N PHE VA 204 -38.15 35.34 -71.15
CA PHE VA 204 -37.89 35.63 -72.56
C PHE VA 204 -36.87 36.75 -72.70
N VAL VA 205 -36.90 37.75 -71.82
CA VAL VA 205 -35.99 38.88 -71.93
C VAL VA 205 -34.58 38.54 -71.51
N GLU VA 206 -34.35 37.36 -70.95
CA GLU VA 206 -32.99 36.89 -70.67
C GLU VA 206 -32.69 35.64 -71.49
N GLY VA 207 -33.07 35.67 -72.75
CA GLY VA 207 -32.73 34.60 -73.67
C GLY VA 207 -33.41 33.29 -73.35
N GLY VA 208 -34.69 33.31 -73.02
CA GLY VA 208 -35.42 32.11 -72.68
C GLY VA 208 -36.75 32.08 -73.40
N ASP VA 209 -37.74 31.48 -72.73
CA ASP VA 209 -39.08 31.35 -73.29
C ASP VA 209 -40.19 31.74 -72.34
N ALA VA 210 -39.97 31.74 -71.03
CA ALA VA 210 -41.03 32.03 -70.08
C ALA VA 210 -41.40 33.51 -70.12
N GLY VA 211 -42.40 33.88 -69.35
CA GLY VA 211 -42.79 35.26 -69.24
C GLY VA 211 -43.48 35.82 -70.48
N ASN VA 212 -43.59 37.14 -70.48
CA ASN VA 212 -44.36 37.86 -71.49
C ASN VA 212 -43.45 38.28 -72.63
N ARG VA 213 -43.82 37.90 -73.85
CA ARG VA 213 -43.27 38.47 -75.07
C ARG VA 213 -44.42 39.20 -75.76
N GLU VA 214 -44.27 40.50 -75.97
CA GLU VA 214 -45.44 41.31 -76.30
C GLU VA 214 -46.11 40.90 -77.60
N ASP VA 215 -45.45 41.06 -78.73
CA ASP VA 215 -46.00 40.63 -80.00
C ASP VA 215 -45.24 39.46 -80.59
N GLN VA 216 -44.25 38.94 -79.89
CA GLN VA 216 -43.47 37.81 -80.38
C GLN VA 216 -44.15 36.48 -80.11
N ILE VA 217 -45.32 36.49 -79.46
CA ILE VA 217 -46.05 35.26 -79.24
C ILE VA 217 -46.60 34.70 -80.53
N ASN VA 218 -46.81 35.55 -81.54
CA ASN VA 218 -47.34 35.08 -82.80
C ASN VA 218 -46.33 34.24 -83.57
N ARG VA 219 -45.04 34.56 -83.44
CA ARG VA 219 -44.02 33.71 -84.02
C ARG VA 219 -44.04 32.31 -83.42
N LEU VA 220 -44.24 32.24 -82.11
CA LEU VA 220 -44.34 30.94 -81.44
C LEU VA 220 -45.58 30.19 -81.89
N ILE VA 221 -46.67 30.91 -82.13
CA ILE VA 221 -47.93 30.26 -82.49
C ILE VA 221 -47.81 29.56 -83.84
N ARG VA 222 -47.21 30.22 -84.82
CA ARG VA 222 -47.09 29.63 -86.15
C ARG VA 222 -46.36 28.29 -86.10
N ARG VA 223 -45.36 28.19 -85.24
CA ARG VA 223 -44.64 26.94 -85.08
C ARG VA 223 -45.42 25.94 -84.24
N MET VA 224 -46.17 26.42 -83.26
CA MET VA 224 -46.81 25.54 -82.30
C MET VA 224 -48.08 24.90 -82.85
N ASN VA 225 -48.85 25.60 -83.68
CA ASN VA 225 -50.00 24.97 -84.32
C ASN VA 225 -49.86 24.93 -85.84
N LYS WA 1 -37.72 -96.46 62.71
CA LYS WA 1 -36.75 -97.05 63.62
C LYS WA 1 -35.69 -97.83 62.85
N VAL WA 2 -36.11 -98.43 61.74
CA VAL WA 2 -35.21 -99.16 60.86
C VAL WA 2 -34.74 -98.28 59.70
N VAL WA 3 -34.84 -96.96 59.85
CA VAL WA 3 -34.59 -96.03 58.76
C VAL WA 3 -33.16 -96.16 58.26
N ASN WA 4 -33.01 -96.14 56.94
CA ASN WA 4 -31.70 -96.24 56.32
C ASN WA 4 -30.85 -95.04 56.69
N PRO WA 5 -29.65 -95.22 57.23
CA PRO WA 5 -28.81 -94.08 57.60
C PRO WA 5 -28.37 -93.24 56.41
N LEU WA 6 -28.54 -93.74 55.19
CA LEU WA 6 -28.24 -92.95 54.01
C LEU WA 6 -29.29 -91.89 53.74
N PHE WA 7 -30.42 -91.94 54.44
CA PHE WA 7 -31.44 -90.92 54.29
C PHE WA 7 -31.11 -89.74 55.20
N GLU WA 8 -30.93 -88.57 54.61
CA GLU WA 8 -30.58 -87.40 55.38
C GLU WA 8 -31.18 -86.18 54.70
N LYS WA 9 -31.34 -85.11 55.49
CA LYS WA 9 -31.86 -83.87 54.94
C LYS WA 9 -30.81 -83.20 54.06
N ARG WA 10 -31.27 -82.67 52.94
CA ARG WA 10 -30.43 -81.90 52.02
C ARG WA 10 -31.11 -80.54 51.79
N PRO WA 11 -31.15 -79.70 52.81
CA PRO WA 11 -31.89 -78.44 52.70
C PRO WA 11 -31.16 -77.45 51.80
N LYS WA 12 -31.95 -76.59 51.16
CA LYS WA 12 -31.40 -75.50 50.36
C LYS WA 12 -31.91 -74.19 50.93
N ASN WA 13 -31.03 -73.20 50.97
CA ASN WA 13 -31.37 -71.88 51.48
C ASN WA 13 -31.47 -70.90 50.32
N PHE WA 14 -32.58 -70.18 50.23
CA PHE WA 14 -32.87 -69.33 49.09
C PHE WA 14 -32.49 -67.88 49.33
N GLY WA 15 -31.46 -67.64 50.12
CA GLY WA 15 -30.95 -66.30 50.25
C GLY WA 15 -30.31 -65.81 48.97
N ILE WA 16 -29.94 -64.53 48.97
CA ILE WA 16 -29.36 -63.94 47.78
C ILE WA 16 -27.99 -64.54 47.53
N GLY WA 17 -27.76 -64.98 46.29
CA GLY WA 17 -26.49 -65.54 45.89
C GLY WA 17 -26.35 -67.03 46.13
N GLN WA 18 -27.21 -67.62 46.94
CA GLN WA 18 -27.18 -69.04 47.26
C GLN WA 18 -28.07 -69.79 46.26
N ASP WA 19 -28.43 -71.04 46.59
CA ASP WA 19 -29.25 -71.91 45.75
C ASP WA 19 -30.39 -71.14 45.09
N ILE WA 20 -30.61 -71.43 43.80
CA ILE WA 20 -31.50 -70.57 43.01
C ILE WA 20 -32.94 -70.70 43.50
N GLN WA 21 -33.73 -69.68 43.19
CA GLN WA 21 -35.02 -69.50 43.81
C GLN WA 21 -35.97 -70.62 43.43
N PRO WA 22 -36.89 -70.99 44.32
CA PRO WA 22 -37.91 -71.99 43.97
C PRO WA 22 -38.91 -71.39 43.01
N LYS WA 23 -39.68 -72.29 42.39
CA LYS WA 23 -40.73 -71.89 41.46
C LYS WA 23 -41.94 -71.46 42.28
N ARG WA 24 -41.87 -70.25 42.81
CA ARG WA 24 -42.92 -69.72 43.65
C ARG WA 24 -43.99 -69.07 42.78
N ASP WA 25 -45.02 -68.54 43.45
CA ASP WA 25 -46.16 -67.95 42.75
C ASP WA 25 -45.81 -66.56 42.27
N LEU WA 26 -46.08 -66.29 40.99
CA LEU WA 26 -45.81 -64.98 40.40
C LEU WA 26 -47.05 -64.34 39.82
N THR WA 27 -48.24 -64.72 40.30
CA THR WA 27 -49.48 -64.20 39.74
C THR WA 27 -49.56 -62.70 39.82
N ARG WA 28 -48.98 -62.11 40.86
CA ARG WA 28 -49.03 -60.67 41.04
C ARG WA 28 -48.23 -59.93 39.97
N PHE WA 29 -47.20 -60.57 39.44
CA PHE WA 29 -46.25 -59.91 38.56
C PHE WA 29 -46.29 -60.48 37.14
N VAL WA 30 -47.47 -60.77 36.65
CA VAL WA 30 -47.64 -61.37 35.33
C VAL WA 30 -47.84 -60.25 34.31
N LYS WA 31 -47.20 -60.40 33.16
CA LYS WA 31 -47.50 -59.59 31.99
C LYS WA 31 -48.84 -60.03 31.43
N TRP WA 32 -49.92 -59.38 31.84
CA TRP WA 32 -51.25 -59.84 31.47
C TRP WA 32 -51.64 -59.33 30.09
N PRO WA 33 -52.53 -60.04 29.41
CA PRO WA 33 -53.04 -59.55 28.12
C PRO WA 33 -53.77 -58.22 28.27
N ARG WA 34 -53.82 -57.46 27.17
CA ARG WA 34 -54.32 -56.10 27.21
C ARG WA 34 -55.78 -56.05 27.66
N TYR WA 35 -56.57 -57.06 27.30
CA TYR WA 35 -57.97 -57.04 27.69
C TYR WA 35 -58.14 -57.31 29.19
N ILE WA 36 -57.24 -58.10 29.77
CA ILE WA 36 -57.27 -58.30 31.21
C ILE WA 36 -56.83 -57.04 31.94
N ARG WA 37 -55.79 -56.39 31.42
CA ARG WA 37 -55.33 -55.14 32.03
C ARG WA 37 -56.38 -54.05 31.92
N LEU WA 38 -57.18 -54.08 30.85
CA LEU WA 38 -58.19 -53.04 30.66
C LEU WA 38 -59.33 -53.18 31.66
N GLN WA 39 -59.84 -54.39 31.82
CA GLN WA 39 -60.99 -54.58 32.70
C GLN WA 39 -60.58 -54.49 34.16
N ARG WA 40 -59.30 -54.76 34.46
CA ARG WA 40 -58.84 -54.59 35.83
C ARG WA 40 -58.65 -53.12 36.18
N GLN WA 41 -58.09 -52.35 35.25
CA GLN WA 41 -57.89 -50.94 35.51
C GLN WA 41 -59.21 -50.17 35.49
N ARG WA 42 -60.21 -50.69 34.81
CA ARG WA 42 -61.53 -50.06 34.85
C ARG WA 42 -62.20 -50.32 36.20
N ALA WA 43 -61.98 -51.50 36.78
CA ALA WA 43 -62.47 -51.76 38.12
C ALA WA 43 -61.82 -50.84 39.12
N ILE WA 44 -60.52 -50.60 38.98
CA ILE WA 44 -59.81 -49.67 39.85
C ILE WA 44 -60.28 -48.24 39.63
N LEU WA 45 -60.61 -47.89 38.38
CA LEU WA 45 -61.01 -46.52 38.08
C LEU WA 45 -62.30 -46.14 38.77
N TYR WA 46 -63.23 -47.09 38.90
CA TYR WA 46 -64.46 -46.79 39.62
C TYR WA 46 -64.25 -46.65 41.11
N LYS WA 47 -63.05 -46.95 41.60
CA LYS WA 47 -62.71 -46.72 43.00
C LYS WA 47 -62.07 -45.35 43.22
N ARG WA 48 -61.22 -44.90 42.30
CA ARG WA 48 -60.58 -43.59 42.47
C ARG WA 48 -61.57 -42.45 42.22
N LEU WA 49 -62.32 -42.53 41.14
CA LEU WA 49 -63.11 -41.40 40.69
C LEU WA 49 -64.33 -41.20 41.58
N LYS WA 50 -64.78 -39.95 41.63
CA LYS WA 50 -65.98 -39.59 42.39
C LYS WA 50 -67.19 -40.01 41.57
N VAL WA 51 -67.64 -41.24 41.79
CA VAL WA 51 -68.79 -41.76 41.05
C VAL WA 51 -70.04 -41.00 41.49
N PRO WA 52 -70.82 -40.44 40.55
CA PRO WA 52 -72.01 -39.67 40.93
C PRO WA 52 -73.02 -40.55 41.64
N PRO WA 53 -73.91 -39.95 42.43
CA PRO WA 53 -74.91 -40.75 43.15
C PRO WA 53 -75.83 -41.54 42.24
N ALA WA 54 -76.11 -41.03 41.05
CA ALA WA 54 -76.98 -41.75 40.13
C ALA WA 54 -76.38 -43.07 39.66
N ILE WA 55 -75.06 -43.19 39.68
CA ILE WA 55 -74.38 -44.44 39.31
C ILE WA 55 -73.99 -45.23 40.53
N ASN WA 56 -73.56 -44.56 41.60
CA ASN WA 56 -73.17 -45.23 42.83
C ASN WA 56 -74.33 -45.93 43.51
N GLN WA 57 -75.58 -45.54 43.21
CA GLN WA 57 -76.71 -46.15 43.88
C GLN WA 57 -76.88 -47.62 43.54
N PHE WA 58 -76.22 -48.10 42.49
CA PHE WA 58 -76.26 -49.51 42.13
C PHE WA 58 -75.24 -50.34 42.87
N THR WA 59 -74.31 -49.72 43.60
CA THR WA 59 -73.41 -50.50 44.44
C THR WA 59 -74.12 -51.04 45.67
N GLN WA 60 -75.16 -50.35 46.11
CA GLN WA 60 -76.01 -50.82 47.19
C GLN WA 60 -77.06 -51.75 46.60
N ALA WA 61 -76.91 -53.05 46.83
CA ALA WA 61 -77.85 -54.04 46.33
C ALA WA 61 -78.37 -54.88 47.48
N LEU WA 62 -79.30 -55.76 47.15
CA LEU WA 62 -79.96 -56.59 48.15
C LEU WA 62 -78.97 -57.57 48.76
N ASP WA 63 -79.12 -57.80 50.07
CA ASP WA 63 -78.26 -58.74 50.75
C ASP WA 63 -78.61 -60.17 50.35
N ARG WA 64 -77.81 -61.12 50.82
CA ARG WA 64 -77.94 -62.50 50.38
C ARG WA 64 -79.27 -63.11 50.82
N GLN WA 65 -79.74 -62.76 52.02
CA GLN WA 65 -80.98 -63.35 52.52
C GLN WA 65 -82.18 -62.90 51.69
N THR WA 66 -82.32 -61.59 51.49
CA THR WA 66 -83.47 -61.08 50.77
C THR WA 66 -83.43 -61.49 49.29
N ALA WA 67 -82.24 -61.50 48.70
CA ALA WA 67 -82.12 -61.90 47.30
C ALA WA 67 -82.50 -63.36 47.11
N THR WA 68 -82.31 -64.19 48.13
CA THR WA 68 -82.69 -65.59 48.03
C THR WA 68 -84.20 -65.75 48.01
N GLN WA 69 -84.89 -65.09 48.93
CA GLN WA 69 -86.34 -65.27 49.01
C GLN WA 69 -87.07 -64.53 47.90
N LEU WA 70 -86.48 -63.46 47.38
CA LEU WA 70 -87.10 -62.75 46.26
C LEU WA 70 -87.03 -63.59 44.98
N LEU WA 71 -85.85 -64.13 44.68
CA LEU WA 71 -85.72 -64.96 43.49
C LEU WA 71 -86.47 -66.27 43.63
N LYS WA 72 -86.79 -66.68 44.86
CA LYS WA 72 -87.63 -67.85 45.05
C LYS WA 72 -89.07 -67.56 44.68
N LEU WA 73 -89.58 -66.39 45.09
CA LEU WA 73 -90.92 -65.99 44.67
C LEU WA 73 -91.00 -65.80 43.17
N ALA WA 74 -90.03 -65.08 42.60
CA ALA WA 74 -90.04 -64.83 41.17
C ALA WA 74 -89.81 -66.09 40.36
N HIS WA 75 -89.22 -67.13 40.96
CA HIS WA 75 -89.09 -68.40 40.25
C HIS WA 75 -90.43 -69.09 40.06
N LYS WA 76 -91.43 -68.74 40.86
CA LYS WA 76 -92.77 -69.30 40.68
C LYS WA 76 -93.58 -68.56 39.62
N TYR WA 77 -93.02 -67.52 39.01
CA TYR WA 77 -93.76 -66.73 38.02
C TYR WA 77 -92.94 -66.54 36.75
N ARG WA 78 -92.12 -67.53 36.41
CA ARG WA 78 -91.37 -67.44 35.17
C ARG WA 78 -92.31 -67.50 33.98
N PRO WA 79 -92.06 -66.71 32.94
CA PRO WA 79 -92.85 -66.84 31.72
C PRO WA 79 -92.65 -68.22 31.09
N GLU WA 80 -93.71 -68.74 30.49
CA GLU WA 80 -93.64 -70.07 29.89
C GLU WA 80 -92.68 -70.07 28.71
N THR WA 81 -91.93 -71.16 28.57
CA THR WA 81 -90.93 -71.26 27.53
C THR WA 81 -91.59 -71.51 26.17
N LYS WA 82 -90.75 -71.67 25.15
CA LYS WA 82 -91.26 -71.98 23.82
C LYS WA 82 -91.87 -73.38 23.75
N GLN WA 83 -91.53 -74.26 24.69
CA GLN WA 83 -92.07 -75.61 24.68
C GLN WA 83 -93.48 -75.64 25.26
N GLU WA 84 -93.63 -75.23 26.52
CA GLU WA 84 -94.94 -75.32 27.15
C GLU WA 84 -95.94 -74.31 26.59
N LYS WA 85 -95.48 -73.30 25.86
CA LYS WA 85 -96.44 -72.47 25.13
C LYS WA 85 -97.02 -73.23 23.95
N LYS WA 86 -96.21 -74.05 23.28
CA LYS WA 86 -96.73 -74.91 22.22
C LYS WA 86 -97.77 -75.86 22.75
N GLN WA 87 -97.50 -76.50 23.88
CA GLN WA 87 -98.46 -77.44 24.47
C GLN WA 87 -99.74 -76.73 24.87
N ARG WA 88 -99.62 -75.53 25.45
CA ARG WA 88 -100.80 -74.78 25.86
C ARG WA 88 -101.63 -74.37 24.65
N LEU WA 89 -100.97 -74.00 23.55
CA LEU WA 89 -101.70 -73.65 22.34
C LEU WA 89 -102.40 -74.87 21.74
N LEU WA 90 -101.74 -76.03 21.78
CA LEU WA 90 -102.34 -77.23 21.22
C LEU WA 90 -103.62 -77.60 21.96
N ALA WA 91 -103.56 -77.65 23.30
CA ALA WA 91 -104.73 -77.98 24.09
C ALA WA 91 -105.80 -76.91 23.95
N ARG WA 92 -105.39 -75.66 23.75
CA ARG WA 92 -106.34 -74.57 23.55
C ARG WA 92 -107.14 -74.78 22.27
N ALA WA 93 -106.48 -75.22 21.20
CA ALA WA 93 -107.16 -75.41 19.92
C ALA WA 93 -108.05 -76.65 19.95
N GLU WA 94 -107.61 -77.71 20.64
CA GLU WA 94 -108.44 -78.90 20.74
C GLU WA 94 -109.71 -78.63 21.54
N LYS WA 95 -109.58 -77.91 22.65
CA LYS WA 95 -110.75 -77.54 23.43
C LYS WA 95 -111.63 -76.56 22.68
N LYS WA 96 -111.02 -75.71 21.84
CA LYS WA 96 -111.81 -74.79 21.03
C LYS WA 96 -112.66 -75.55 20.01
N ALA WA 97 -112.07 -76.57 19.38
CA ALA WA 97 -112.81 -77.33 18.37
C ALA WA 97 -113.91 -78.17 19.02
N ALA WA 98 -113.63 -78.77 20.18
CA ALA WA 98 -114.61 -79.61 20.86
C ALA WA 98 -114.42 -79.43 22.37
N GLY WA 99 -115.22 -78.54 22.95
CA GLY WA 99 -116.15 -77.72 22.20
C GLY WA 99 -116.37 -76.33 22.79
N LYS WA 100 -115.53 -75.96 23.77
CA LYS WA 100 -115.79 -74.76 24.55
C LYS WA 100 -115.68 -73.49 23.71
N GLY WA 101 -114.58 -73.34 22.97
CA GLY WA 101 -114.40 -72.16 22.14
C GLY WA 101 -113.29 -71.24 22.57
N ASP WA 102 -113.64 -69.99 22.88
CA ASP WA 102 -112.63 -68.99 23.24
C ASP WA 102 -111.90 -69.38 24.52
N VAL WA 103 -112.65 -69.42 25.63
CA VAL WA 103 -112.16 -69.90 26.92
C VAL WA 103 -110.88 -69.17 27.35
N PRO WA 104 -110.97 -67.91 27.77
CA PRO WA 104 -109.76 -67.23 28.26
C PRO WA 104 -109.12 -67.91 29.46
N THR WA 105 -109.94 -68.54 30.31
CA THR WA 105 -109.49 -69.45 31.37
C THR WA 105 -108.43 -68.83 32.28
N LYS WA 106 -108.63 -67.55 32.62
CA LYS WA 106 -107.90 -66.89 33.72
C LYS WA 106 -106.39 -66.90 33.48
N ARG WA 107 -105.97 -66.14 32.47
CA ARG WA 107 -104.56 -65.92 32.12
C ARG WA 107 -103.71 -65.74 33.37
N PRO WA 108 -102.70 -66.60 33.57
CA PRO WA 108 -102.03 -66.62 34.86
C PRO WA 108 -101.15 -65.40 35.05
N PRO WA 109 -100.88 -65.02 36.30
CA PRO WA 109 -99.96 -63.89 36.54
C PRO WA 109 -98.54 -64.26 36.13
N VAL WA 110 -97.85 -63.29 35.51
CA VAL WA 110 -96.54 -63.52 34.94
C VAL WA 110 -95.61 -62.38 35.35
N LEU WA 111 -94.32 -62.67 35.31
CA LEU WA 111 -93.29 -61.69 35.65
C LEU WA 111 -92.85 -60.99 34.37
N ARG WA 112 -93.26 -59.74 34.21
CA ARG WA 112 -92.86 -58.99 33.03
C ARG WA 112 -91.37 -58.67 33.08
N ALA WA 113 -90.77 -58.54 31.91
CA ALA WA 113 -89.33 -58.39 31.81
C ALA WA 113 -89.01 -57.38 30.73
N GLY WA 114 -87.82 -56.79 30.82
CA GLY WA 114 -87.38 -55.82 29.85
C GLY WA 114 -87.51 -54.41 30.37
N VAL WA 115 -86.59 -53.53 29.97
CA VAL WA 115 -86.62 -52.17 30.50
C VAL WA 115 -87.72 -51.36 29.84
N ASN WA 116 -88.11 -51.72 28.62
CA ASN WA 116 -89.21 -51.02 27.96
C ASN WA 116 -90.55 -51.42 28.56
N THR WA 117 -90.74 -52.70 28.80
CA THR WA 117 -91.98 -53.18 29.41
C THR WA 117 -92.13 -52.66 30.83
N VAL WA 118 -91.03 -52.65 31.59
CA VAL WA 118 -91.12 -52.27 32.98
C VAL WA 118 -91.39 -50.79 33.14
N THR WA 119 -90.68 -49.95 32.37
CA THR WA 119 -90.85 -48.51 32.54
C THR WA 119 -92.25 -48.04 32.18
N THR WA 120 -92.94 -48.77 31.30
CA THR WA 120 -94.32 -48.44 31.01
C THR WA 120 -95.24 -48.82 32.15
N LEU WA 121 -94.90 -49.92 32.84
CA LEU WA 121 -95.68 -50.33 34.01
C LEU WA 121 -95.48 -49.37 35.17
N VAL WA 122 -94.29 -48.77 35.26
CA VAL WA 122 -94.03 -47.81 36.33
C VAL WA 122 -94.80 -46.52 36.07
N GLU WA 123 -94.81 -46.06 34.82
CA GLU WA 123 -95.57 -44.85 34.49
C GLU WA 123 -97.05 -45.04 34.73
N ASN WA 124 -97.55 -46.26 34.51
CA ASN WA 124 -98.94 -46.56 34.74
C ASN WA 124 -99.21 -47.01 36.17
N LYS WA 125 -98.19 -47.08 37.02
CA LYS WA 125 -98.29 -47.46 38.42
C LYS WA 125 -98.82 -48.87 38.60
N LYS WA 126 -98.79 -49.70 37.55
CA LYS WA 126 -99.33 -51.05 37.66
C LYS WA 126 -98.35 -52.03 38.28
N ALA WA 127 -97.07 -51.71 38.32
CA ALA WA 127 -96.09 -52.61 38.90
C ALA WA 127 -96.15 -52.56 40.42
N GLN WA 128 -96.04 -53.73 41.04
CA GLN WA 128 -96.05 -53.83 42.49
C GLN WA 128 -94.65 -53.90 43.08
N LEU WA 129 -93.66 -54.32 42.30
CA LEU WA 129 -92.29 -54.45 42.78
C LEU WA 129 -91.39 -54.55 41.57
N VAL WA 130 -90.37 -53.71 41.52
CA VAL WA 130 -89.45 -53.66 40.38
C VAL WA 130 -88.09 -54.13 40.86
N VAL WA 131 -87.50 -55.06 40.13
CA VAL WA 131 -86.16 -55.58 40.42
C VAL WA 131 -85.24 -55.15 39.29
N ILE WA 132 -84.13 -54.52 39.65
CA ILE WA 132 -83.20 -53.97 38.69
C ILE WA 132 -81.84 -54.61 38.90
N ALA WA 133 -81.25 -55.12 37.83
CA ALA WA 133 -79.89 -55.63 37.89
C ALA WA 133 -78.92 -54.50 38.19
N HIS WA 134 -77.90 -54.80 38.97
CA HIS WA 134 -76.95 -53.78 39.40
C HIS WA 134 -75.80 -53.59 38.42
N ASP WA 135 -75.69 -54.40 37.38
CA ASP WA 135 -74.51 -54.42 36.53
C ASP WA 135 -74.88 -54.32 35.07
N VAL WA 136 -75.78 -53.41 34.73
CA VAL WA 136 -76.08 -53.15 33.32
C VAL WA 136 -74.90 -52.39 32.73
N ASP WA 137 -74.14 -53.03 31.85
CA ASP WA 137 -72.87 -52.46 31.41
C ASP WA 137 -73.03 -51.14 30.66
N PRO WA 138 -73.96 -50.99 29.71
CA PRO WA 138 -74.30 -49.63 29.28
C PRO WA 138 -75.19 -48.98 30.31
N ILE WA 139 -74.61 -48.34 31.32
CA ILE WA 139 -75.41 -47.85 32.44
C ILE WA 139 -75.98 -46.48 32.04
N GLU WA 140 -77.00 -46.53 31.21
CA GLU WA 140 -77.97 -45.46 30.98
C GLU WA 140 -79.36 -46.03 30.86
N LEU WA 141 -79.50 -47.33 30.66
CA LEU WA 141 -80.81 -47.94 30.55
C LEU WA 141 -81.55 -47.97 31.87
N VAL WA 142 -80.84 -47.87 32.99
CA VAL WA 142 -81.47 -48.04 34.29
C VAL WA 142 -81.13 -46.94 35.28
N VAL WA 143 -80.39 -45.92 34.84
CA VAL WA 143 -80.07 -44.84 35.76
C VAL WA 143 -81.32 -44.10 36.20
N PHE WA 144 -82.29 -43.98 35.30
CA PHE WA 144 -83.51 -43.26 35.61
C PHE WA 144 -84.54 -44.11 36.34
N LEU WA 145 -84.38 -45.43 36.36
CA LEU WA 145 -85.39 -46.28 36.96
C LEU WA 145 -85.56 -46.06 38.46
N PRO WA 146 -84.52 -45.99 39.28
CA PRO WA 146 -84.76 -45.72 40.71
C PRO WA 146 -85.50 -44.43 40.96
N ALA WA 147 -85.18 -43.38 40.21
CA ALA WA 147 -85.84 -42.10 40.42
C ALA WA 147 -87.27 -42.13 39.92
N LEU WA 148 -87.51 -42.80 38.79
CA LEU WA 148 -88.87 -42.88 38.26
C LEU WA 148 -89.75 -43.74 39.15
N CYS WA 149 -89.21 -44.85 39.66
CA CYS WA 149 -89.97 -45.73 40.54
C CYS WA 149 -90.29 -45.04 41.86
N ARG WA 150 -89.36 -44.21 42.35
CA ARG WA 150 -89.66 -43.42 43.54
C ARG WA 150 -90.74 -42.40 43.29
N LYS WA 151 -90.68 -41.72 42.13
CA LYS WA 151 -91.65 -40.67 41.83
C LYS WA 151 -93.06 -41.24 41.70
N MET WA 152 -93.19 -42.39 41.05
CA MET WA 152 -94.49 -43.02 40.89
C MET WA 152 -94.94 -43.77 42.14
N GLY WA 153 -94.07 -43.93 43.13
CA GLY WA 153 -94.47 -44.55 44.37
C GLY WA 153 -94.44 -46.06 44.39
N VAL WA 154 -93.79 -46.69 43.41
CA VAL WA 154 -93.69 -48.15 43.41
C VAL WA 154 -92.39 -48.55 44.08
N PRO WA 155 -92.37 -49.59 44.90
CA PRO WA 155 -91.12 -50.02 45.50
C PRO WA 155 -90.22 -50.67 44.46
N TYR WA 156 -88.93 -50.43 44.59
CA TYR WA 156 -87.94 -50.99 43.69
C TYR WA 156 -86.76 -51.48 44.50
N CYS WA 157 -86.12 -52.54 44.01
CA CYS WA 157 -84.91 -53.06 44.63
C CYS WA 157 -83.85 -53.22 43.55
N ILE WA 158 -82.61 -53.38 43.99
CA ILE WA 158 -81.49 -53.66 43.12
C ILE WA 158 -80.90 -55.00 43.52
N ILE WA 159 -80.62 -55.84 42.53
CA ILE WA 159 -80.18 -57.20 42.78
C ILE WA 159 -78.86 -57.41 42.05
N LYS WA 160 -78.10 -58.41 42.50
CA LYS WA 160 -76.79 -58.68 41.91
C LYS WA 160 -76.95 -59.66 40.76
N GLY WA 161 -76.47 -59.25 39.58
CA GLY WA 161 -76.43 -60.13 38.43
C GLY WA 161 -77.58 -59.94 37.47
N LYS WA 162 -77.28 -59.43 36.27
CA LYS WA 162 -78.25 -59.46 35.19
C LYS WA 162 -78.38 -60.86 34.60
N ALA WA 163 -77.43 -61.73 34.87
CA ALA WA 163 -77.56 -63.11 34.44
C ALA WA 163 -78.57 -63.87 35.28
N ARG WA 164 -78.73 -63.50 36.56
CA ARG WA 164 -79.75 -64.14 37.37
C ARG WA 164 -81.15 -63.77 36.90
N LEU WA 165 -81.36 -62.51 36.54
CA LEU WA 165 -82.63 -62.12 35.94
C LEU WA 165 -82.81 -62.77 34.58
N GLY WA 166 -81.73 -62.93 33.83
CA GLY WA 166 -81.82 -63.59 32.54
C GLY WA 166 -82.25 -65.04 32.67
N ARG WA 167 -81.64 -65.76 33.62
CA ARG WA 167 -82.03 -67.14 33.87
C ARG WA 167 -83.47 -67.22 34.38
N LEU WA 168 -83.98 -66.10 34.90
CA LEU WA 168 -85.33 -66.09 35.44
C LEU WA 168 -86.37 -66.07 34.33
N VAL WA 169 -86.02 -65.51 33.18
CA VAL WA 169 -86.93 -65.42 32.05
C VAL WA 169 -86.42 -66.22 30.84
N HIS WA 170 -85.49 -67.15 31.07
CA HIS WA 170 -84.94 -68.02 30.03
C HIS WA 170 -84.31 -67.21 28.91
N ARG WA 171 -83.33 -66.38 29.29
CA ARG WA 171 -82.53 -65.64 28.34
C ARG WA 171 -81.12 -65.56 28.89
N LYS WA 172 -80.20 -65.02 28.09
CA LYS WA 172 -78.83 -64.85 28.57
C LYS WA 172 -78.74 -63.74 29.60
N THR WA 173 -79.45 -62.64 29.38
CA THR WA 173 -79.38 -61.49 30.26
C THR WA 173 -80.68 -60.72 30.18
N CYS WA 174 -81.29 -60.47 31.33
CA CYS WA 174 -82.46 -59.59 31.43
C CYS WA 174 -82.12 -58.45 32.36
N THR WA 175 -82.47 -57.24 31.96
CA THR WA 175 -82.08 -56.06 32.71
C THR WA 175 -82.96 -55.88 33.94
N THR WA 176 -84.28 -55.81 33.75
CA THR WA 176 -85.20 -55.63 34.85
C THR WA 176 -86.37 -56.58 34.71
N VAL WA 177 -86.97 -56.91 35.85
CA VAL WA 177 -88.24 -57.61 35.90
C VAL WA 177 -89.14 -56.83 36.85
N ALA WA 178 -90.45 -57.05 36.69
CA ALA WA 178 -91.43 -56.39 37.52
C ALA WA 178 -92.57 -57.35 37.81
N PHE WA 179 -93.21 -57.14 38.96
CA PHE WA 179 -94.34 -57.96 39.39
C PHE WA 179 -95.63 -57.22 39.06
N THR WA 180 -96.47 -57.84 38.24
CA THR WA 180 -97.84 -57.37 38.07
C THR WA 180 -98.63 -58.01 39.20
N GLN WA 181 -99.95 -58.07 39.10
CA GLN WA 181 -100.76 -58.77 40.11
C GLN WA 181 -100.19 -60.18 40.36
N VAL WA 182 -100.40 -60.67 41.57
CA VAL WA 182 -99.77 -61.89 42.04
C VAL WA 182 -100.86 -62.84 42.51
N ASN WA 183 -100.52 -64.12 42.59
CA ASN WA 183 -101.46 -65.10 43.12
C ASN WA 183 -101.78 -64.79 44.57
N SER WA 184 -103.03 -65.05 44.94
CA SER WA 184 -103.49 -64.71 46.28
C SER WA 184 -102.74 -65.48 47.35
N GLU WA 185 -102.23 -66.67 47.03
CA GLU WA 185 -101.48 -67.42 48.02
C GLU WA 185 -100.12 -66.78 48.28
N ASP WA 186 -99.58 -66.03 47.32
CA ASP WA 186 -98.30 -65.36 47.47
C ASP WA 186 -98.44 -63.88 47.78
N LYS WA 187 -99.65 -63.41 48.09
CA LYS WA 187 -99.85 -62.00 48.39
C LYS WA 187 -99.11 -61.60 49.66
N GLY WA 188 -99.16 -62.45 50.68
CA GLY WA 188 -98.47 -62.15 51.92
C GLY WA 188 -96.96 -62.13 51.77
N ALA WA 189 -96.41 -63.13 51.06
CA ALA WA 189 -94.97 -63.21 50.88
C ALA WA 189 -94.45 -62.04 50.06
N LEU WA 190 -95.24 -61.57 49.09
CA LEU WA 190 -94.87 -60.36 48.36
C LEU WA 190 -94.90 -59.14 49.27
N ALA WA 191 -95.89 -59.07 50.15
CA ALA WA 191 -95.96 -57.93 51.07
C ALA WA 191 -94.80 -57.93 52.04
N LYS WA 192 -94.33 -59.11 52.45
CA LYS WA 192 -93.16 -59.19 53.33
C LYS WA 192 -91.93 -58.61 52.64
N LEU WA 193 -91.76 -58.90 51.35
CA LEU WA 193 -90.66 -58.31 50.61
C LEU WA 193 -90.81 -56.81 50.48
N VAL WA 194 -92.02 -56.34 50.16
CA VAL WA 194 -92.22 -54.94 49.80
C VAL WA 194 -91.89 -54.03 50.98
N GLU WA 195 -92.25 -54.42 52.19
CA GLU WA 195 -91.96 -53.57 53.35
C GLU WA 195 -90.46 -53.46 53.58
N ALA WA 196 -89.71 -54.54 53.38
CA ALA WA 196 -88.27 -54.49 53.55
C ALA WA 196 -87.59 -53.75 52.40
N ILE WA 197 -88.11 -53.89 51.19
CA ILE WA 197 -87.56 -53.17 50.04
C ILE WA 197 -87.80 -51.68 50.17
N ARG WA 198 -89.03 -51.31 50.54
CA ARG WA 198 -89.37 -49.91 50.69
C ARG WA 198 -88.56 -49.26 51.80
N THR WA 199 -88.20 -50.02 52.83
CA THR WA 199 -87.43 -49.48 53.93
C THR WA 199 -86.07 -48.96 53.47
N ASN WA 200 -85.38 -49.73 52.64
CA ASN WA 200 -83.99 -49.44 52.29
C ASN WA 200 -83.81 -48.82 50.91
N TYR WA 201 -84.87 -48.63 50.16
CA TYR WA 201 -84.72 -48.11 48.81
C TYR WA 201 -85.58 -46.91 48.50
N ASN WA 202 -86.80 -46.86 49.04
CA ASN WA 202 -87.70 -45.73 48.78
C ASN WA 202 -87.77 -44.75 49.94
N ASP WA 203 -87.83 -45.25 51.18
CA ASP WA 203 -87.92 -44.37 52.34
C ASP WA 203 -86.65 -43.55 52.53
N ARG WA 204 -85.51 -44.02 52.04
CA ARG WA 204 -84.25 -43.33 52.20
C ARG WA 204 -83.71 -42.85 50.85
N TYR WA 205 -84.59 -42.35 50.00
CA TYR WA 205 -84.20 -41.99 48.64
C TYR WA 205 -83.37 -40.71 48.61
N ASP WA 206 -83.57 -39.82 49.58
CA ASP WA 206 -82.91 -38.53 49.51
C ASP WA 206 -81.42 -38.65 49.81
N GLU WA 207 -81.04 -39.52 50.75
CA GLU WA 207 -79.63 -39.76 50.98
C GLU WA 207 -78.99 -40.61 49.89
N ILE WA 208 -79.80 -41.43 49.20
CA ILE WA 208 -79.32 -42.11 48.01
C ILE WA 208 -78.96 -41.09 46.94
N ARG WA 209 -79.76 -40.01 46.84
CA ARG WA 209 -79.53 -38.97 45.85
C ARG WA 209 -78.23 -38.21 46.07
N ARG WA 210 -77.65 -38.31 47.27
CA ARG WA 210 -76.48 -37.51 47.61
C ARG WA 210 -75.22 -38.32 47.85
N HIS WA 211 -75.33 -39.62 48.11
CA HIS WA 211 -74.18 -40.42 48.48
C HIS WA 211 -73.30 -40.66 47.27
N TRP WA 212 -72.11 -40.07 47.26
CA TRP WA 212 -71.18 -40.27 46.16
C TRP WA 212 -70.37 -41.53 46.38
N GLY WA 213 -69.83 -42.06 45.29
CA GLY WA 213 -69.07 -43.29 45.32
C GLY WA 213 -67.62 -43.07 44.96
N GLY WA 214 -66.86 -44.16 45.07
CA GLY WA 214 -65.45 -44.09 44.75
C GLY WA 214 -64.68 -43.22 45.73
N ASN WA 215 -63.79 -42.39 45.18
CA ASN WA 215 -63.01 -41.42 45.96
C ASN WA 215 -62.23 -42.10 47.08
N VAL WA 216 -61.70 -43.29 46.81
CA VAL WA 216 -60.87 -44.01 47.76
C VAL WA 216 -59.53 -44.31 47.08
N LEU WA 217 -58.45 -44.03 47.79
CA LEU WA 217 -57.13 -44.20 47.22
C LEU WA 217 -56.73 -45.67 47.23
N GLY WA 218 -55.61 -45.94 46.56
CA GLY WA 218 -55.06 -47.27 46.55
C GLY WA 218 -54.48 -47.64 47.89
N PRO WA 219 -54.32 -48.94 48.14
CA PRO WA 219 -53.74 -49.36 49.42
C PRO WA 219 -52.35 -48.82 49.67
N LYS WA 220 -51.53 -48.69 48.62
CA LYS WA 220 -50.18 -48.16 48.80
C LYS WA 220 -50.23 -46.69 49.21
N SER WA 221 -51.08 -45.90 48.55
CA SER WA 221 -51.17 -44.49 48.86
C SER WA 221 -51.73 -44.27 50.26
N VAL WA 222 -52.71 -45.08 50.67
CA VAL WA 222 -53.25 -44.99 52.02
C VAL WA 222 -52.19 -45.37 53.04
N ALA WA 223 -51.37 -46.38 52.72
CA ALA WA 223 -50.32 -46.81 53.63
C ALA WA 223 -49.28 -45.72 53.85
N ARG WA 224 -48.87 -45.04 52.78
CA ARG WA 224 -47.89 -43.96 52.92
C ARG WA 224 -48.46 -42.77 53.67
N ILE WA 225 -49.73 -42.45 53.44
CA ILE WA 225 -50.36 -41.35 54.17
C ILE WA 225 -50.49 -41.71 55.65
N ALA WA 226 -50.84 -42.96 55.94
CA ALA WA 226 -50.91 -43.39 57.33
C ALA WA 226 -49.54 -43.35 58.00
N LYS WA 227 -48.50 -43.80 57.29
CA LYS WA 227 -47.16 -43.81 57.85
C LYS WA 227 -46.65 -42.40 58.09
N LEU WA 228 -46.91 -41.49 57.16
CA LEU WA 228 -46.47 -40.10 57.33
C LEU WA 228 -47.28 -39.39 58.40
N GLU WA 229 -48.57 -39.74 58.53
CA GLU WA 229 -49.39 -39.14 59.58
C GLU WA 229 -48.89 -39.57 60.97
N LYS WA 230 -48.48 -40.82 61.10
CA LYS WA 230 -47.85 -41.24 62.35
C LYS WA 230 -46.47 -40.60 62.52
N ALA WA 231 -45.74 -40.45 61.42
CA ALA WA 231 -44.38 -39.90 61.51
C ALA WA 231 -44.39 -38.43 61.89
N LYS WA 232 -45.46 -37.72 61.59
CA LYS WA 232 -45.59 -36.33 62.03
C LYS WA 232 -46.44 -36.18 63.28
N ALA WA 233 -46.93 -37.28 63.85
CA ALA WA 233 -47.65 -37.23 65.11
C ALA WA 233 -46.84 -37.79 66.27
N LYS WA 234 -45.71 -38.44 66.00
CA LYS WA 234 -44.89 -38.97 67.08
C LYS WA 234 -44.16 -37.86 67.82
N GLU WA 235 -43.72 -36.83 67.10
CA GLU WA 235 -42.98 -35.75 67.73
C GLU WA 235 -43.88 -34.87 68.57
N LEU WA 236 -45.17 -34.82 68.24
CA LEU WA 236 -46.09 -34.02 69.04
C LEU WA 236 -46.40 -34.68 70.37
N ALA WA 237 -46.26 -36.00 70.45
CA ALA WA 237 -46.45 -36.70 71.72
C ALA WA 237 -45.41 -36.29 72.75
N THR WA 238 -44.16 -36.12 72.32
CA THR WA 238 -43.12 -35.63 73.22
C THR WA 238 -43.23 -34.13 73.44
N LYS WA 239 -43.78 -33.39 72.47
CA LYS WA 239 -43.84 -31.95 72.58
C LYS WA 239 -44.86 -31.49 73.62
N LEU WA 240 -45.98 -32.20 73.73
CA LEU WA 240 -46.97 -31.86 74.74
C LEU WA 240 -46.85 -32.82 75.93
N GLY WA 241 -46.99 -32.25 77.12
CA GLY WA 241 -46.89 -33.03 78.34
C GLY WA 241 -46.71 -32.19 79.59
N MET XA 1 -3.72 41.85 -79.48
CA MET XA 1 -3.34 42.71 -80.59
C MET XA 1 -2.38 41.99 -81.51
N LYS XA 2 -2.48 42.28 -82.81
CA LYS XA 2 -1.56 41.73 -83.81
C LYS XA 2 -1.01 42.88 -84.65
N THR XA 3 0.31 42.99 -84.71
CA THR XA 3 0.93 44.01 -85.53
C THR XA 3 0.88 43.61 -86.99
N ILE XA 4 0.45 44.54 -87.85
CA ILE XA 4 0.28 44.23 -89.26
C ILE XA 4 1.62 43.88 -89.90
N LEU XA 5 2.65 44.65 -89.60
CA LEU XA 5 3.96 44.42 -90.18
C LEU XA 5 5.03 44.87 -89.20
N SER XA 6 6.01 44.01 -88.96
CA SER XA 6 7.13 44.32 -88.09
C SER XA 6 8.40 43.94 -88.85
N ASN XA 7 8.92 44.88 -89.64
CA ASN XA 7 10.04 44.60 -90.51
C ASN XA 7 11.34 45.13 -89.93
N GLN XA 8 12.44 44.55 -90.39
CA GLN XA 8 13.77 45.01 -90.04
C GLN XA 8 14.71 44.68 -91.18
N THR XA 9 15.66 45.57 -91.44
CA THR XA 9 16.57 45.44 -92.56
C THR XA 9 18.01 45.51 -92.07
N VAL XA 10 18.80 44.49 -92.40
CA VAL XA 10 20.24 44.51 -92.17
C VAL XA 10 20.92 44.83 -93.49
N ASP XA 11 22.17 45.27 -93.40
CA ASP XA 11 22.93 45.66 -94.57
C ASP XA 11 24.13 44.75 -94.71
N ILE XA 12 24.35 44.25 -95.93
CA ILE XA 12 25.43 43.31 -96.21
C ILE XA 12 26.59 44.09 -96.83
N PRO XA 13 27.82 43.90 -96.36
CA PRO XA 13 28.97 44.52 -97.02
C PRO XA 13 29.17 43.98 -98.41
N GLU XA 14 29.88 44.75 -99.23
CA GLU XA 14 30.03 44.41 -100.64
C GLU XA 14 30.94 43.21 -100.87
N ASN XA 15 31.85 42.92 -99.93
CA ASN XA 15 32.77 41.81 -100.11
C ASN XA 15 32.13 40.46 -99.82
N VAL XA 16 30.92 40.44 -99.28
CA VAL XA 16 30.23 39.22 -98.89
C VAL XA 16 28.85 39.23 -99.52
N ASP XA 17 28.47 38.10 -100.11
CA ASP XA 17 27.18 37.99 -100.77
C ASP XA 17 26.33 36.92 -100.08
N ILE XA 18 25.02 37.15 -100.07
CA ILE XA 18 24.06 36.30 -99.38
C ILE XA 18 23.10 35.74 -100.40
N THR XA 19 22.87 34.44 -100.36
CA THR XA 19 21.93 33.76 -101.24
C THR XA 19 20.84 33.11 -100.40
N LEU XA 20 19.59 33.34 -100.75
CA LEU XA 20 18.44 32.86 -99.99
C LEU XA 20 17.77 31.71 -100.73
N LYS XA 21 17.55 30.61 -100.02
CA LYS XA 21 16.77 29.48 -100.53
C LYS XA 21 15.58 29.32 -99.59
N GLY XA 22 14.52 30.07 -99.85
CA GLY XA 22 13.38 30.07 -98.96
C GLY XA 22 13.71 30.80 -97.67
N ARG XA 23 13.84 30.05 -96.58
CA ARG XA 23 14.22 30.61 -95.29
C ARG XA 23 15.63 30.22 -94.88
N THR XA 24 16.43 29.73 -95.84
CA THR XA 24 17.81 29.36 -95.58
C THR XA 24 18.74 30.46 -96.07
N VAL XA 25 19.61 30.93 -95.19
CA VAL XA 25 20.57 31.98 -95.51
C VAL XA 25 21.93 31.35 -95.74
N ILE XA 26 22.53 31.63 -96.90
CA ILE XA 26 23.86 31.14 -97.22
C ILE XA 26 24.75 32.36 -97.38
N VAL XA 27 25.53 32.65 -96.35
CA VAL XA 27 26.40 33.81 -96.32
C VAL XA 27 27.77 33.39 -96.82
N LYS XA 28 28.29 34.08 -97.82
CA LYS XA 28 29.54 33.70 -98.46
C LYS XA 28 30.46 34.91 -98.47
N GLY XA 29 31.52 34.87 -97.68
CA GLY XA 29 32.48 35.92 -97.61
C GLY XA 29 33.90 35.44 -97.87
N PRO XA 30 34.88 36.30 -97.65
CA PRO XA 30 36.28 35.91 -97.91
C PRO XA 30 36.77 34.76 -97.04
N ARG XA 31 36.30 34.66 -95.80
CA ARG XA 31 36.79 33.63 -94.89
C ARG XA 31 36.07 32.30 -95.04
N GLY XA 32 35.11 32.20 -95.95
CA GLY XA 32 34.42 30.95 -96.17
C GLY XA 32 32.95 31.10 -96.43
N THR XA 33 32.16 30.09 -96.06
CA THR XA 33 30.72 30.11 -96.24
C THR XA 33 30.04 29.61 -94.98
N LEU XA 34 29.16 30.43 -94.42
CA LEU XA 34 28.28 30.01 -93.34
C LEU XA 34 26.90 29.76 -93.92
N ARG XA 35 26.14 28.89 -93.26
CA ARG XA 35 24.87 28.46 -93.80
C ARG XA 35 23.95 28.10 -92.64
N ARG XA 36 22.80 28.76 -92.57
CA ARG XA 36 21.87 28.51 -91.47
C ARG XA 36 20.45 28.66 -91.98
N ASP XA 37 19.61 27.68 -91.66
CA ASP XA 37 18.21 27.70 -92.05
C ASP XA 37 17.35 28.19 -90.88
N PHE XA 38 16.27 28.88 -91.23
CA PHE XA 38 15.36 29.45 -90.25
C PHE XA 38 13.94 28.96 -90.49
N ASN XA 39 13.80 27.70 -90.88
CA ASN XA 39 12.47 27.16 -91.16
C ASN XA 39 11.62 27.03 -89.91
N HIS XA 40 12.20 27.20 -88.73
CA HIS XA 40 11.42 27.17 -87.49
C HIS XA 40 10.75 28.50 -87.20
N ILE XA 41 10.92 29.51 -88.05
CA ILE XA 41 10.30 30.81 -87.88
C ILE XA 41 9.57 31.17 -89.16
N ASN XA 42 8.30 31.56 -89.03
CA ASN XA 42 7.47 31.92 -90.18
C ASN XA 42 7.66 33.39 -90.47
N VAL XA 43 8.66 33.71 -91.29
CA VAL XA 43 8.92 35.07 -91.72
C VAL XA 43 9.16 35.07 -93.21
N GLU XA 44 9.19 36.27 -93.78
CA GLU XA 44 9.51 36.45 -95.19
C GLU XA 44 10.88 37.12 -95.28
N LEU XA 45 11.81 36.46 -95.95
CA LEU XA 45 13.13 37.04 -96.18
C LEU XA 45 13.19 37.57 -97.60
N SER XA 46 13.79 38.74 -97.77
CA SER XA 46 13.88 39.36 -99.07
C SER XA 46 15.24 40.00 -99.26
N LEU XA 47 15.81 39.82 -100.45
CA LEU XA 47 17.02 40.52 -100.84
C LEU XA 47 16.62 41.77 -101.61
N LEU XA 48 17.07 42.93 -101.14
CA LEU XA 48 16.50 44.18 -101.62
C LEU XA 48 17.28 44.79 -102.78
N GLY XA 49 18.57 45.07 -102.57
CA GLY XA 49 19.35 45.84 -103.51
C GLY XA 49 20.39 44.99 -104.20
N LYS XA 50 20.48 45.14 -105.53
CA LYS XA 50 21.67 44.76 -106.27
C LYS XA 50 22.76 45.80 -106.15
N LYS XA 51 22.42 46.98 -105.61
CA LYS XA 51 23.33 48.10 -105.43
C LYS XA 51 24.02 48.11 -104.08
N LYS XA 52 23.30 47.75 -103.01
CA LYS XA 52 23.81 47.85 -101.65
C LYS XA 52 23.57 46.60 -100.82
N LYS XA 53 22.81 45.63 -101.34
CA LYS XA 53 22.61 44.33 -100.70
C LYS XA 53 22.05 44.47 -99.29
N ARG XA 54 20.81 44.94 -99.21
CA ARG XA 54 20.08 44.90 -97.96
C ARG XA 54 19.28 43.60 -97.87
N LEU XA 55 18.90 43.24 -96.65
CA LEU XA 55 18.08 42.06 -96.40
C LEU XA 55 16.96 42.46 -95.45
N ARG XA 56 15.73 42.36 -95.93
CA ARG XA 56 14.55 42.78 -95.17
C ARG XA 56 13.78 41.53 -94.73
N VAL XA 57 13.58 41.40 -93.42
CA VAL XA 57 12.76 40.33 -92.86
C VAL XA 57 11.42 40.95 -92.47
N ASP XA 58 10.34 40.25 -92.78
CA ASP XA 58 9.00 40.74 -92.56
C ASP XA 58 8.22 39.72 -91.75
N LYS XA 59 7.34 40.20 -90.88
CA LYS XA 59 6.42 39.34 -90.15
C LYS XA 59 5.05 39.99 -90.21
N TRP XA 60 4.09 39.31 -90.83
CA TRP XA 60 2.75 39.83 -90.98
C TRP XA 60 1.85 39.18 -89.94
N TRP XA 61 1.14 40.02 -89.17
CA TRP XA 61 0.18 39.59 -88.16
C TRP XA 61 0.85 38.68 -87.13
N GLY XA 62 1.82 39.26 -86.42
CA GLY XA 62 2.53 38.58 -85.36
C GLY XA 62 2.12 39.14 -84.01
N ASN XA 63 2.03 38.26 -83.02
CA ASN XA 63 1.75 38.69 -81.66
C ASN XA 63 3.06 39.06 -80.99
N ARG XA 64 3.04 39.22 -79.67
CA ARG XA 64 4.21 39.73 -78.98
C ARG XA 64 5.36 38.74 -78.97
N LYS XA 65 5.07 37.44 -78.93
CA LYS XA 65 6.14 36.45 -78.85
C LYS XA 65 6.87 36.32 -80.18
N GLU XA 66 6.14 36.34 -81.28
CA GLU XA 66 6.73 36.10 -82.59
C GLU XA 66 7.17 37.38 -83.29
N LEU XA 67 6.93 38.54 -82.68
CA LEU XA 67 7.64 39.73 -83.10
C LEU XA 67 9.08 39.73 -82.61
N ALA XA 68 9.36 38.97 -81.55
CA ALA XA 68 10.71 38.86 -81.01
C ALA XA 68 11.64 38.07 -81.93
N THR XA 69 11.11 37.36 -82.91
CA THR XA 69 11.96 36.61 -83.82
C THR XA 69 12.42 37.43 -85.01
N VAL XA 70 11.89 38.65 -85.19
CA VAL XA 70 12.33 39.48 -86.30
C VAL XA 70 13.75 39.95 -86.07
N ARG XA 71 14.02 40.51 -84.89
CA ARG XA 71 15.35 41.01 -84.61
C ARG XA 71 16.32 39.87 -84.30
N THR XA 72 15.82 38.75 -83.78
CA THR XA 72 16.66 37.60 -83.52
C THR XA 72 17.28 37.07 -84.80
N ILE XA 73 16.48 36.98 -85.87
CA ILE XA 73 17.02 36.59 -87.17
C ILE XA 73 18.02 37.62 -87.65
N CYS XA 74 17.71 38.91 -87.46
CA CYS XA 74 18.60 39.95 -87.93
C CYS XA 74 19.95 39.89 -87.25
N SER XA 75 19.97 39.58 -85.96
CA SER XA 75 21.24 39.51 -85.26
C SER XA 75 21.99 38.23 -85.60
N HIS XA 76 21.26 37.15 -85.89
CA HIS XA 76 21.92 35.91 -86.29
C HIS XA 76 22.62 36.08 -87.63
N VAL XA 77 21.97 36.77 -88.57
CA VAL XA 77 22.59 37.03 -89.86
C VAL XA 77 23.73 38.03 -89.72
N GLN XA 78 23.57 39.02 -88.85
CA GLN XA 78 24.64 39.98 -88.62
C GLN XA 78 25.87 39.29 -88.05
N ASN XA 79 25.67 38.24 -87.25
CA ASN XA 79 26.80 37.46 -86.77
C ASN XA 79 27.39 36.61 -87.88
N MET XA 80 26.55 36.17 -88.82
CA MET XA 80 27.06 35.42 -89.97
C MET XA 80 27.96 36.28 -90.83
N ILE XA 81 27.58 37.53 -91.04
CA ILE XA 81 28.41 38.46 -91.80
C ILE XA 81 29.72 38.71 -91.06
N LYS XA 82 29.61 38.93 -89.74
CA LYS XA 82 30.80 39.16 -88.93
C LYS XA 82 31.74 37.96 -88.94
N GLY XA 83 31.18 36.75 -89.11
CA GLY XA 83 31.98 35.56 -89.01
C GLY XA 83 32.69 35.15 -90.29
N VAL XA 84 32.08 35.45 -91.45
CA VAL XA 84 32.71 35.10 -92.72
C VAL XA 84 33.59 36.20 -93.26
N THR XA 85 33.65 37.36 -92.60
CA THR XA 85 34.53 38.44 -93.00
C THR XA 85 35.63 38.71 -91.98
N LEU XA 86 35.29 38.74 -90.70
CA LEU XA 86 36.26 38.89 -89.64
C LEU XA 86 36.56 37.60 -88.89
N GLY XA 87 35.55 36.80 -88.61
CA GLY XA 87 35.72 35.63 -87.79
C GLY XA 87 35.62 35.96 -86.31
N PHE XA 88 35.46 34.93 -85.50
CA PHE XA 88 35.31 35.07 -84.07
C PHE XA 88 36.51 34.47 -83.37
N ARG XA 89 37.08 35.21 -82.42
CA ARG XA 89 38.23 34.76 -81.64
C ARG XA 89 37.89 34.91 -80.17
N TYR XA 90 38.05 33.84 -79.41
CA TYR XA 90 37.73 33.83 -78.00
C TYR XA 90 38.99 33.51 -77.22
N LYS XA 91 39.42 34.45 -76.38
CA LYS XA 91 40.60 34.29 -75.56
C LYS XA 91 40.19 33.73 -74.22
N MET XA 92 40.85 32.67 -73.77
CA MET XA 92 40.53 32.01 -72.52
C MET XA 92 41.73 32.05 -71.60
N ARG XA 93 41.56 32.66 -70.43
CA ARG XA 93 42.59 32.68 -69.40
C ARG XA 93 42.36 31.54 -68.43
N SER XA 94 43.42 30.83 -68.09
CA SER XA 94 43.36 29.77 -67.10
C SER XA 94 43.90 30.31 -65.79
N VAL XA 95 43.04 30.41 -64.79
CA VAL XA 95 43.38 30.97 -63.50
C VAL XA 95 43.53 29.83 -62.50
N TYR XA 96 44.48 29.97 -61.59
CA TYR XA 96 44.76 28.95 -60.60
C TYR XA 96 45.54 29.58 -59.46
N ALA XA 97 45.57 28.89 -58.33
CA ALA XA 97 46.32 29.34 -57.17
C ALA XA 97 47.59 28.52 -56.93
N HIS XA 98 47.48 27.19 -56.88
CA HIS XA 98 48.62 26.35 -56.59
C HIS XA 98 48.99 25.46 -57.77
N PHE XA 99 48.05 24.68 -58.29
CA PHE XA 99 48.35 23.73 -59.35
C PHE XA 99 48.17 24.40 -60.70
N PRO XA 100 49.22 24.58 -61.49
CA PRO XA 100 49.06 25.14 -62.83
C PRO XA 100 48.27 24.18 -63.72
N ILE XA 101 47.56 24.75 -64.67
CA ILE XA 101 46.75 23.98 -65.61
C ILE XA 101 47.56 23.79 -66.88
N ASN XA 102 47.88 22.55 -67.20
CA ASN XA 102 48.67 22.22 -68.38
C ASN XA 102 47.72 21.93 -69.53
N VAL XA 103 47.46 22.96 -70.33
CA VAL XA 103 46.62 22.83 -71.52
C VAL XA 103 47.51 22.40 -72.66
N VAL XA 104 47.19 21.27 -73.27
CA VAL XA 104 47.91 20.76 -74.43
C VAL XA 104 46.93 20.67 -75.59
N ILE XA 105 47.28 21.29 -76.70
CA ILE XA 105 46.41 21.34 -77.87
C ILE XA 105 46.77 20.16 -78.77
N GLN XA 106 45.79 19.31 -79.01
CA GLN XA 106 45.95 18.13 -79.84
C GLN XA 106 45.59 18.47 -81.29
N GLU XA 107 45.34 17.43 -82.09
CA GLU XA 107 45.29 17.50 -83.55
C GLU XA 107 44.51 18.69 -84.09
N ASN XA 108 45.23 19.58 -84.79
CA ASN XA 108 44.65 20.69 -85.54
C ASN XA 108 43.74 21.57 -84.68
N GLY XA 109 44.00 21.60 -83.38
CA GLY XA 109 43.23 22.44 -82.49
C GLY XA 109 41.85 21.93 -82.15
N SER XA 110 41.45 20.77 -82.63
CA SER XA 110 40.10 20.27 -82.39
C SER XA 110 40.00 19.43 -81.11
N LEU XA 111 41.06 19.36 -80.32
CA LEU XA 111 41.03 18.63 -79.06
C LEU XA 111 41.94 19.31 -78.06
N VAL XA 112 41.50 19.39 -76.82
CA VAL XA 112 42.24 20.06 -75.75
C VAL XA 112 42.39 19.08 -74.60
N GLU XA 113 43.59 19.02 -74.04
CA GLU XA 113 43.90 18.15 -72.91
C GLU XA 113 44.27 19.01 -71.71
N ILE XA 114 43.37 19.11 -70.74
CA ILE XA 114 43.64 19.80 -69.49
C ILE XA 114 44.17 18.77 -68.51
N ARG XA 115 45.38 18.99 -68.01
CA ARG XA 115 46.07 17.95 -67.25
C ARG XA 115 45.85 18.08 -65.75
N ASN XA 116 46.32 19.19 -65.16
CA ASN XA 116 46.53 19.27 -63.73
C ASN XA 116 45.52 20.18 -63.04
N PHE XA 117 44.26 20.13 -63.48
CA PHE XA 117 43.25 21.04 -62.95
C PHE XA 117 43.02 20.74 -61.48
N LEU XA 118 43.43 21.67 -60.61
CA LEU XA 118 43.39 21.49 -59.16
C LEU XA 118 44.15 20.26 -58.70
N GLY XA 119 45.20 19.90 -59.45
CA GLY XA 119 46.11 18.85 -59.03
C GLY XA 119 45.52 17.47 -58.93
N GLU XA 120 44.72 17.07 -59.89
CA GLU XA 120 44.17 15.72 -59.92
C GLU XA 120 44.70 14.98 -61.14
N LYS XA 121 44.69 13.66 -61.05
CA LYS XA 121 45.27 12.82 -62.09
C LYS XA 121 44.26 12.41 -63.15
N TYR XA 122 43.13 13.11 -63.22
CA TYR XA 122 42.19 12.91 -64.31
C TYR XA 122 42.61 13.76 -65.49
N ILE XA 123 42.55 13.18 -66.69
CA ILE XA 123 42.88 13.89 -67.91
C ILE XA 123 41.58 14.30 -68.57
N ARG XA 124 41.37 15.59 -68.73
CA ARG XA 124 40.16 16.12 -69.35
C ARG XA 124 40.41 16.30 -70.83
N ARG XA 125 39.56 15.70 -71.66
CA ARG XA 125 39.65 15.82 -73.10
C ARG XA 125 38.40 16.50 -73.63
N VAL XA 126 38.57 17.63 -74.27
CA VAL XA 126 37.47 18.43 -74.79
C VAL XA 126 37.61 18.52 -76.30
N ARG XA 127 36.56 18.12 -77.02
CA ARG XA 127 36.57 18.10 -78.47
C ARG XA 127 35.84 19.32 -79.00
N MET XA 128 36.55 20.16 -79.74
CA MET XA 128 35.96 21.37 -80.28
C MET XA 128 34.94 21.02 -81.35
N ARG XA 129 33.97 21.92 -81.53
CA ARG XA 129 32.99 21.75 -82.58
C ARG XA 129 33.68 21.86 -83.94
N PRO XA 130 33.12 21.22 -84.97
CA PRO XA 130 33.72 21.32 -86.30
C PRO XA 130 33.75 22.76 -86.80
N GLY XA 131 34.84 23.12 -87.46
CA GLY XA 131 35.06 24.48 -87.87
C GLY XA 131 35.73 25.36 -86.84
N VAL XA 132 35.94 24.85 -85.62
CA VAL XA 132 36.57 25.60 -84.54
C VAL XA 132 37.98 25.04 -84.33
N ALA XA 133 38.95 25.93 -84.23
CA ALA XA 133 40.33 25.55 -83.97
C ALA XA 133 40.84 26.32 -82.77
N CYS XA 134 41.45 25.61 -81.82
CA CYS XA 134 42.03 26.21 -80.63
C CYS XA 134 43.55 26.21 -80.75
N SER XA 135 44.18 27.21 -80.15
CA SER XA 135 45.63 27.31 -80.17
C SER XA 135 46.11 28.07 -78.95
N VAL XA 136 47.11 27.52 -78.26
CA VAL XA 136 47.71 28.20 -77.12
C VAL XA 136 48.47 29.41 -77.64
N SER XA 137 48.14 30.58 -77.12
CA SER XA 137 48.74 31.80 -77.64
C SER XA 137 50.20 31.90 -77.24
N GLN XA 138 50.99 32.48 -78.13
CA GLN XA 138 52.36 32.88 -77.80
C GLN XA 138 52.41 34.27 -77.19
N ALA XA 139 51.26 34.92 -77.01
CA ALA XA 139 51.23 36.26 -76.46
C ALA XA 139 51.41 36.25 -74.94
N GLN XA 140 50.49 35.59 -74.25
CA GLN XA 140 50.51 35.56 -72.79
C GLN XA 140 50.77 34.15 -72.28
N LYS XA 141 51.04 34.06 -70.98
CA LYS XA 141 51.50 32.81 -70.39
C LYS XA 141 50.39 31.77 -70.38
N ASP XA 142 49.19 32.13 -69.93
CA ASP XA 142 48.09 31.19 -69.77
C ASP XA 142 46.93 31.66 -70.64
N GLU XA 143 46.91 31.25 -71.90
CA GLU XA 143 45.85 31.66 -72.80
C GLU XA 143 45.48 30.54 -73.76
N LEU XA 144 44.26 30.60 -74.25
CA LEU XA 144 43.77 29.76 -75.32
C LEU XA 144 43.09 30.67 -76.32
N ILE XA 145 43.14 30.31 -77.59
CA ILE XA 145 42.59 31.11 -78.67
C ILE XA 145 41.67 30.22 -79.49
N LEU XA 146 40.37 30.38 -79.32
CA LEU XA 146 39.39 29.62 -80.09
C LEU XA 146 38.94 30.48 -81.26
N GLU XA 147 39.28 30.07 -82.48
CA GLU XA 147 38.97 30.81 -83.67
C GLU XA 147 38.10 29.99 -84.60
N GLY XA 148 37.08 30.61 -85.17
CA GLY XA 148 36.23 29.94 -86.11
C GLY XA 148 35.29 30.92 -86.76
N ASN XA 149 34.52 30.43 -87.73
CA ASN XA 149 33.61 31.27 -88.49
C ASN XA 149 32.25 31.43 -87.83
N ASP XA 150 31.74 30.40 -87.17
CA ASP XA 150 30.42 30.44 -86.56
C ASP XA 150 30.55 30.79 -85.10
N ILE XA 151 29.83 31.83 -84.67
CA ILE XA 151 29.86 32.20 -83.26
C ILE XA 151 29.23 31.11 -82.42
N GLU XA 152 28.13 30.52 -82.90
CA GLU XA 152 27.45 29.44 -82.20
C GLU XA 152 28.42 28.31 -81.85
N LEU XA 153 29.28 27.96 -82.80
CA LEU XA 153 30.22 26.88 -82.56
C LEU XA 153 31.39 27.33 -81.71
N VAL XA 154 31.86 28.57 -81.88
CA VAL XA 154 33.05 29.03 -81.17
C VAL XA 154 32.76 29.18 -79.69
N SER XA 155 31.63 29.79 -79.35
CA SER XA 155 31.31 29.99 -77.94
C SER XA 155 30.84 28.71 -77.28
N ASN XA 156 30.19 27.82 -78.03
CA ASN XA 156 29.81 26.53 -77.45
C ASN XA 156 31.04 25.68 -77.16
N SER XA 157 32.06 25.77 -78.01
CA SER XA 157 33.31 25.08 -77.72
C SER XA 157 34.02 25.68 -76.53
N ALA XA 158 33.99 27.01 -76.41
CA ALA XA 158 34.58 27.67 -75.25
C ALA XA 158 33.86 27.28 -73.97
N ALA XA 159 32.53 27.16 -74.04
CA ALA XA 159 31.76 26.75 -72.87
C ALA XA 159 32.07 25.31 -72.50
N LEU XA 160 32.41 24.48 -73.50
CA LEU XA 160 32.80 23.10 -73.21
C LEU XA 160 34.05 23.06 -72.36
N ILE XA 161 35.04 23.90 -72.68
CA ILE XA 161 36.28 23.91 -71.91
C ILE XA 161 36.04 24.47 -70.51
N GLN XA 162 35.32 25.59 -70.43
CA GLN XA 162 35.10 26.23 -69.14
C GLN XA 162 34.31 25.33 -68.20
N GLN XA 163 33.28 24.66 -68.71
CA GLN XA 163 32.51 23.76 -67.89
C GLN XA 163 33.20 22.42 -67.67
N ALA XA 164 34.26 22.13 -68.42
CA ALA XA 164 35.04 20.93 -68.14
C ALA XA 164 35.89 21.12 -66.89
N THR XA 165 36.29 22.34 -66.60
CA THR XA 165 37.12 22.65 -65.43
C THR XA 165 36.22 23.25 -64.36
N THR XA 166 35.56 22.39 -63.59
CA THR XA 166 34.61 22.81 -62.58
C THR XA 166 35.01 22.24 -61.24
N VAL XA 167 35.14 23.11 -60.24
CA VAL XA 167 35.45 22.69 -58.88
C VAL XA 167 34.23 22.00 -58.29
N LYS XA 168 34.45 20.90 -57.57
CA LYS XA 168 33.36 20.14 -56.98
C LYS XA 168 33.66 19.85 -55.52
N ASN XA 169 32.60 19.92 -54.69
CA ASN XA 169 32.66 19.63 -53.26
C ASN XA 169 33.55 20.60 -52.50
N LYS XA 170 33.72 21.81 -53.05
CA LYS XA 170 34.48 22.86 -52.41
C LYS XA 170 33.67 24.14 -52.45
N ASP XA 171 34.27 25.21 -51.92
CA ASP XA 171 33.69 26.54 -52.06
C ASP XA 171 34.09 27.09 -53.42
N ILE XA 172 33.10 27.29 -54.30
CA ILE XA 172 33.38 27.84 -55.61
C ILE XA 172 33.84 29.30 -55.54
N ARG XA 173 33.50 29.99 -54.46
CA ARG XA 173 33.96 31.36 -54.28
C ARG XA 173 35.40 31.42 -53.83
N LYS XA 174 35.85 30.46 -53.05
CA LYS XA 174 37.23 30.40 -52.59
C LYS XA 174 38.15 29.77 -53.64
N PHE XA 175 37.77 28.60 -54.13
CA PHE XA 175 38.53 27.89 -55.16
C PHE XA 175 38.11 28.45 -56.52
N LEU XA 176 38.67 29.60 -56.84
CA LEU XA 176 38.37 30.29 -58.09
C LEU XA 176 39.04 29.67 -59.31
N ASP XA 177 39.66 28.50 -59.15
CA ASP XA 177 40.42 27.91 -60.23
C ASP XA 177 39.51 27.49 -61.37
N GLY XA 178 40.00 27.64 -62.59
CA GLY XA 178 39.22 27.28 -63.77
C GLY XA 178 39.76 27.99 -64.98
N ILE XA 179 39.16 27.66 -66.13
CA ILE XA 179 39.47 28.32 -67.39
C ILE XA 179 38.24 29.11 -67.80
N TYR XA 180 38.41 30.41 -67.98
CA TYR XA 180 37.30 31.30 -68.25
C TYR XA 180 37.57 32.12 -69.50
N VAL XA 181 36.49 32.54 -70.15
CA VAL XA 181 36.60 33.33 -71.38
C VAL XA 181 36.89 34.77 -71.00
N SER XA 182 38.13 35.22 -71.24
CA SER XA 182 38.50 36.57 -70.87
C SER XA 182 37.82 37.61 -71.74
N GLU XA 183 37.86 37.43 -73.06
CA GLU XA 183 37.22 38.39 -73.94
C GLU XA 183 36.77 37.71 -75.21
N LYS XA 184 35.79 38.34 -75.86
CA LYS XA 184 35.19 37.84 -77.10
C LYS XA 184 35.47 38.85 -78.19
N GLY XA 185 36.58 38.67 -78.89
CA GLY XA 185 36.90 39.58 -79.98
C GLY XA 185 36.70 38.93 -81.32
N THR XA 186 37.34 39.47 -82.35
CA THR XA 186 37.27 38.93 -83.69
C THR XA 186 38.67 38.55 -84.16
N VAL XA 187 38.77 38.13 -85.42
CA VAL XA 187 40.04 37.99 -86.10
C VAL XA 187 40.08 39.08 -87.17
N GLN XA 188 41.28 39.53 -87.51
CA GLN XA 188 41.55 40.47 -88.59
C GLN XA 188 41.11 41.89 -88.25
N GLN XA 189 40.40 42.05 -87.12
CA GLN XA 189 40.24 43.31 -86.39
C GLN XA 189 40.05 44.52 -87.30
N ALA XA 190 39.10 44.41 -88.21
CA ALA XA 190 38.89 45.49 -89.18
C ALA XA 190 37.64 46.30 -88.86
N GLY YA 1 -3.51 25.85 -28.26
CA GLY YA 1 -4.19 26.67 -27.28
C GLY YA 1 -5.44 27.32 -27.82
N ARG YA 2 -5.31 27.92 -29.00
CA ARG YA 2 -6.42 28.56 -29.68
C ARG YA 2 -6.69 27.83 -30.99
N ARG YA 3 -7.97 27.70 -31.32
CA ARG YA 3 -8.34 27.05 -32.56
C ARG YA 3 -7.88 27.89 -33.75
N PRO YA 4 -7.63 27.26 -34.89
CA PRO YA 4 -7.36 28.03 -36.10
C PRO YA 4 -8.54 28.92 -36.45
N ALA YA 5 -8.24 30.12 -36.93
CA ALA YA 5 -9.30 31.08 -37.20
C ALA YA 5 -10.25 30.62 -38.29
N ARG YA 6 -9.83 29.63 -39.11
CA ARG YA 6 -10.71 29.12 -40.16
C ARG YA 6 -11.92 28.41 -39.59
N CYS YA 7 -11.90 28.04 -38.31
CA CYS YA 7 -13.06 27.42 -37.69
C CYS YA 7 -14.13 28.43 -37.34
N TYR YA 8 -13.79 29.71 -37.23
CA TYR YA 8 -14.75 30.75 -36.87
C TYR YA 8 -14.74 31.90 -37.86
N ARG YA 9 -14.58 31.60 -39.16
CA ARG YA 9 -14.39 32.67 -40.13
C ARG YA 9 -15.71 33.25 -40.62
N TYR YA 10 -16.74 32.43 -40.73
CA TYR YA 10 -17.98 32.84 -41.36
C TYR YA 10 -19.03 33.17 -40.32
N CYS YA 11 -19.85 34.19 -40.63
CA CYS YA 11 -20.90 34.63 -39.74
C CYS YA 11 -22.06 33.63 -39.83
N LYS YA 12 -21.95 32.56 -39.05
CA LYS YA 12 -22.95 31.51 -39.05
C LYS YA 12 -24.00 31.67 -37.97
N ASN YA 13 -23.61 32.11 -36.79
CA ASN YA 13 -24.54 32.25 -35.69
C ASN YA 13 -25.11 33.66 -35.63
N LYS YA 14 -26.24 33.79 -34.95
CA LYS YA 14 -26.78 35.10 -34.66
C LYS YA 14 -25.84 35.83 -33.70
N PRO YA 15 -25.89 37.15 -33.68
CA PRO YA 15 -24.98 37.88 -32.79
C PRO YA 15 -25.16 37.46 -31.34
N TYR YA 16 -24.04 37.28 -30.66
CA TYR YA 16 -23.98 36.71 -29.32
C TYR YA 16 -23.16 37.64 -28.44
N PRO YA 17 -23.67 38.82 -28.12
CA PRO YA 17 -22.88 39.78 -27.38
C PRO YA 17 -22.66 39.33 -25.95
N LYS YA 18 -21.62 39.87 -25.34
CA LYS YA 18 -21.39 39.65 -23.92
C LYS YA 18 -22.43 40.42 -23.12
N SER YA 19 -23.26 39.69 -22.39
CA SER YA 19 -24.40 40.29 -21.68
C SER YA 19 -24.67 39.47 -20.43
N ARG YA 20 -25.84 39.66 -19.84
CA ARG YA 20 -26.21 38.88 -18.67
C ARG YA 20 -26.45 37.42 -19.01
N PHE YA 21 -26.86 37.12 -20.24
CA PHE YA 21 -27.05 35.73 -20.65
C PHE YA 21 -25.76 35.07 -21.08
N CYS YA 22 -24.76 35.85 -21.46
CA CYS YA 22 -23.45 35.33 -21.85
C CYS YA 22 -22.43 35.87 -20.86
N ARG YA 23 -22.24 35.14 -19.76
CA ARG YA 23 -21.32 35.55 -18.71
C ARG YA 23 -20.08 34.68 -18.74
N GLY YA 24 -19.03 35.19 -18.09
CA GLY YA 24 -17.75 34.50 -18.09
C GLY YA 24 -16.94 34.66 -19.34
N VAL YA 25 -17.25 35.67 -20.16
CA VAL YA 25 -16.48 35.90 -21.38
C VAL YA 25 -15.10 36.42 -21.02
N PRO YA 26 -14.02 35.83 -21.55
CA PRO YA 26 -12.69 36.40 -21.32
C PRO YA 26 -12.55 37.74 -22.03
N ASP YA 27 -11.68 38.58 -21.47
CA ASP YA 27 -11.46 39.90 -22.05
C ASP YA 27 -10.86 39.78 -23.43
N ALA YA 28 -11.26 40.71 -24.30
CA ALA YA 28 -10.81 40.68 -25.69
C ALA YA 28 -9.33 41.00 -25.81
N LYS YA 29 -8.75 40.61 -26.94
CA LYS YA 29 -7.32 40.81 -27.14
C LYS YA 29 -7.00 42.27 -27.42
N ILE YA 30 -7.83 42.95 -28.20
CA ILE YA 30 -7.59 44.34 -28.56
C ILE YA 30 -8.28 45.22 -27.52
N ARG YA 31 -7.48 45.94 -26.74
CA ARG YA 31 -7.99 46.85 -25.73
C ARG YA 31 -7.81 48.31 -26.11
N ILE YA 32 -7.10 48.60 -27.20
CA ILE YA 32 -6.81 49.96 -27.62
C ILE YA 32 -7.25 50.10 -29.07
N PHE YA 33 -8.00 51.17 -29.34
CA PHE YA 33 -8.52 51.39 -30.68
C PHE YA 33 -8.03 52.69 -31.30
N ASP YA 34 -7.37 53.56 -30.56
CA ASP YA 34 -6.79 54.78 -31.10
C ASP YA 34 -5.31 54.84 -30.74
N LEU YA 35 -4.50 55.21 -31.72
CA LEU YA 35 -3.05 55.26 -31.55
C LEU YA 35 -2.51 56.51 -32.25
N GLY YA 36 -1.25 56.80 -31.98
CA GLY YA 36 -0.62 57.97 -32.56
C GLY YA 36 -1.01 59.24 -31.83
N ARG YA 37 -0.90 60.36 -32.53
CA ARG YA 37 -1.31 61.65 -31.98
C ARG YA 37 -2.82 61.78 -32.13
N LYS YA 38 -3.53 61.18 -31.16
CA LYS YA 38 -4.98 61.28 -31.15
C LYS YA 38 -5.44 62.72 -30.94
N LYS YA 39 -4.71 63.46 -30.11
CA LYS YA 39 -5.12 64.81 -29.71
C LYS YA 39 -4.91 65.85 -30.79
N ALA YA 40 -4.60 65.46 -32.02
CA ALA YA 40 -4.40 66.44 -33.08
C ALA YA 40 -5.71 67.08 -33.48
N LYS YA 41 -5.60 68.24 -34.13
CA LYS YA 41 -6.78 68.94 -34.60
C LYS YA 41 -7.19 68.41 -35.97
N VAL YA 42 -8.37 68.84 -36.42
CA VAL YA 42 -8.91 68.34 -37.68
C VAL YA 42 -8.07 68.80 -38.86
N ASP YA 43 -7.59 70.03 -38.82
CA ASP YA 43 -6.87 70.62 -39.94
C ASP YA 43 -5.42 70.14 -40.03
N GLU YA 44 -4.93 69.38 -39.05
CA GLU YA 44 -3.54 68.93 -39.11
C GLU YA 44 -3.39 67.66 -39.94
N PHE YA 45 -4.44 66.85 -40.05
CA PHE YA 45 -4.38 65.59 -40.79
C PHE YA 45 -5.51 65.58 -41.81
N PRO YA 46 -5.33 66.27 -42.94
CA PRO YA 46 -6.41 66.34 -43.93
C PRO YA 46 -6.67 65.03 -44.66
N LEU YA 47 -5.71 64.11 -44.70
CA LEU YA 47 -5.85 62.89 -45.47
C LEU YA 47 -6.50 61.80 -44.63
N GLY YA 48 -7.17 60.86 -45.29
CA GLY YA 48 -7.73 59.71 -44.63
C GLY YA 48 -7.70 58.47 -45.51
N GLY YA 49 -7.14 57.38 -45.00
CA GLY YA 49 -7.07 56.13 -45.74
C GLY YA 49 -7.75 55.02 -44.96
N HIS YA 50 -8.56 54.24 -45.66
CA HIS YA 50 -9.37 53.19 -45.05
C HIS YA 50 -8.93 51.83 -45.55
N MET YA 51 -9.10 50.81 -44.70
CA MET YA 51 -8.96 49.43 -45.11
C MET YA 51 -10.35 48.81 -45.10
N VAL YA 52 -10.93 48.65 -46.28
CA VAL YA 52 -12.34 48.30 -46.44
C VAL YA 52 -12.41 46.84 -46.83
N SER YA 53 -13.24 46.07 -46.12
CA SER YA 53 -13.36 44.66 -46.44
C SER YA 53 -14.24 44.45 -47.65
N ASP YA 54 -14.16 43.25 -48.22
CA ASP YA 54 -15.02 42.84 -49.33
C ASP YA 54 -15.75 41.54 -49.03
N GLU YA 55 -15.68 41.05 -47.80
CA GLU YA 55 -16.29 39.79 -47.43
C GLU YA 55 -17.19 40.00 -46.23
N TYR YA 56 -18.23 39.17 -46.14
CA TYR YA 56 -19.06 39.10 -44.94
C TYR YA 56 -18.49 37.99 -44.08
N GLU YA 57 -17.66 38.37 -43.10
CA GLU YA 57 -16.88 37.40 -42.35
C GLU YA 57 -16.70 37.89 -40.93
N GLN YA 58 -15.85 37.20 -40.18
CA GLN YA 58 -15.52 37.55 -38.81
C GLN YA 58 -14.02 37.66 -38.67
N LEU YA 59 -13.56 38.68 -37.97
CA LEU YA 59 -12.16 38.87 -37.65
C LEU YA 59 -11.97 38.73 -36.16
N SER YA 60 -11.02 37.88 -35.75
CA SER YA 60 -10.82 37.66 -34.32
C SER YA 60 -10.23 38.90 -33.67
N SER YA 61 -10.51 39.05 -32.37
CA SER YA 61 -9.94 40.17 -31.63
C SER YA 61 -8.43 40.10 -31.59
N GLU YA 62 -7.86 38.90 -31.65
CA GLU YA 62 -6.41 38.78 -31.76
C GLU YA 62 -5.92 39.35 -33.08
N ALA YA 63 -6.63 39.05 -34.17
CA ALA YA 63 -6.20 39.51 -35.48
C ALA YA 63 -6.28 41.03 -35.59
N LEU YA 64 -7.31 41.63 -35.00
CA LEU YA 64 -7.41 43.08 -34.99
C LEU YA 64 -6.29 43.69 -34.16
N GLU YA 65 -5.96 43.07 -33.03
CA GLU YA 65 -4.87 43.56 -32.19
C GLU YA 65 -3.54 43.47 -32.92
N ALA YA 66 -3.30 42.38 -33.64
CA ALA YA 66 -2.03 42.23 -34.34
C ALA YA 66 -1.88 43.27 -35.43
N ALA YA 67 -2.93 43.51 -36.22
CA ALA YA 67 -2.85 44.49 -37.30
C ALA YA 67 -2.80 45.90 -36.75
N ARG YA 68 -3.31 46.10 -35.54
CA ARG YA 68 -3.18 47.39 -34.87
C ARG YA 68 -1.71 47.74 -34.65
N ILE YA 69 -0.94 46.78 -34.14
CA ILE YA 69 0.49 46.99 -33.93
C ILE YA 69 1.22 47.03 -35.26
N CYS YA 70 0.84 46.15 -36.19
CA CYS YA 70 1.57 46.03 -37.44
C CYS YA 70 1.50 47.31 -38.25
N ALA YA 71 0.34 47.94 -38.30
CA ALA YA 71 0.23 49.22 -39.00
C ALA YA 71 0.88 50.34 -38.20
N ASN YA 72 0.85 50.24 -36.88
CA ASN YA 72 1.42 51.28 -36.03
C ASN YA 72 2.94 51.32 -36.15
N LYS YA 73 3.58 50.15 -36.20
CA LYS YA 73 5.04 50.09 -36.25
C LYS YA 73 5.56 50.70 -37.53
N TYR YA 74 4.90 50.43 -38.65
CA TYR YA 74 5.34 50.99 -39.92
C TYR YA 74 5.10 52.50 -39.97
N MET YA 75 3.94 52.95 -39.49
CA MET YA 75 3.63 54.37 -39.53
C MET YA 75 4.58 55.17 -38.65
N VAL YA 76 4.90 54.63 -37.47
CA VAL YA 76 5.86 55.30 -36.58
C VAL YA 76 7.22 55.37 -37.25
N LYS YA 77 7.65 54.28 -37.89
CA LYS YA 77 8.97 54.26 -38.51
C LYS YA 77 9.08 55.25 -39.66
N SER YA 78 8.04 55.35 -40.48
CA SER YA 78 8.13 56.14 -41.71
C SER YA 78 7.55 57.55 -41.56
N CYS YA 79 6.84 57.84 -40.48
CA CYS YA 79 6.21 59.15 -40.32
C CYS YA 79 6.39 59.76 -38.93
N GLY YA 80 6.97 59.05 -37.97
CA GLY YA 80 7.09 59.56 -36.63
C GLY YA 80 5.87 59.22 -35.78
N ARG YA 81 6.05 59.29 -34.46
CA ARG YA 81 4.97 58.92 -33.56
C ARG YA 81 3.85 59.95 -33.54
N ASP YA 82 4.10 61.17 -34.01
CA ASP YA 82 3.11 62.23 -33.98
C ASP YA 82 2.67 62.65 -35.37
N GLY YA 83 3.05 61.90 -36.39
CA GLY YA 83 2.67 62.27 -37.73
C GLY YA 83 1.37 61.69 -38.22
N PHE YA 84 0.67 60.93 -37.39
CA PHE YA 84 -0.50 60.21 -37.86
C PHE YA 84 -1.46 59.98 -36.70
N HIS YA 85 -2.56 59.32 -37.01
CA HIS YA 85 -3.57 58.97 -36.02
C HIS YA 85 -4.34 57.79 -36.58
N MET YA 86 -4.43 56.71 -35.81
CA MET YA 86 -5.10 55.51 -36.27
C MET YA 86 -6.36 55.25 -35.44
N ARG YA 87 -7.34 54.64 -36.07
CA ARG YA 87 -8.61 54.30 -35.41
C ARG YA 87 -9.09 52.97 -35.94
N VAL YA 88 -8.96 51.93 -35.14
CA VAL YA 88 -9.51 50.61 -35.47
C VAL YA 88 -11.02 50.69 -35.30
N ARG YA 89 -11.74 50.57 -36.40
CA ARG YA 89 -13.18 50.84 -36.45
C ARG YA 89 -14.01 49.58 -36.37
N LEU YA 90 -13.58 48.58 -35.61
CA LEU YA 90 -14.34 47.35 -35.44
C LEU YA 90 -14.16 46.87 -34.02
N HIS YA 91 -15.25 46.75 -33.29
CA HIS YA 91 -15.14 46.28 -31.92
C HIS YA 91 -15.60 44.84 -31.82
N PRO YA 92 -14.89 44.01 -31.07
CA PRO YA 92 -15.22 42.57 -31.00
C PRO YA 92 -16.35 42.25 -30.02
N PHE YA 93 -17.58 42.42 -30.49
CA PHE YA 93 -18.74 42.24 -29.63
C PHE YA 93 -19.36 40.85 -29.74
N HIS YA 94 -19.29 40.22 -30.91
CA HIS YA 94 -19.76 38.86 -31.05
C HIS YA 94 -18.84 37.92 -30.31
N VAL YA 95 -19.42 36.90 -29.68
CA VAL YA 95 -18.67 35.93 -28.89
C VAL YA 95 -18.77 34.57 -29.57
N ILE YA 96 -17.63 33.95 -29.79
CA ILE YA 96 -17.57 32.61 -30.36
C ILE YA 96 -17.41 31.61 -29.22
N ARG YA 97 -18.00 30.42 -29.39
CA ARG YA 97 -18.05 29.42 -28.34
C ARG YA 97 -17.28 28.18 -28.74
N ILE YA 98 -16.93 27.38 -27.73
CA ILE YA 98 -16.20 26.13 -27.93
C ILE YA 98 -16.87 25.02 -27.15
N ASN YA 99 -17.03 23.87 -27.78
CA ASN YA 99 -17.47 22.64 -27.11
C ASN YA 99 -16.21 21.87 -26.79
N LYS YA 100 -15.71 22.03 -25.56
CA LYS YA 100 -14.41 21.48 -25.20
C LYS YA 100 -14.46 19.96 -25.13
N MET YA 101 -13.51 19.30 -25.78
CA MET YA 101 -13.39 17.85 -25.77
C MET YA 101 -12.04 17.48 -25.16
N LEU YA 102 -12.07 16.55 -24.20
CA LEU YA 102 -10.83 16.09 -23.58
C LEU YA 102 -10.06 15.23 -24.58
N SER YA 103 -8.82 15.63 -24.86
CA SER YA 103 -8.00 14.95 -25.87
C SER YA 103 -7.23 13.77 -25.28
N CYS YA 104 -7.95 12.88 -24.61
CA CYS YA 104 -7.40 11.62 -24.14
C CYS YA 104 -7.71 10.50 -25.13
N ALA YA 105 -6.96 9.42 -25.04
CA ALA YA 105 -7.10 8.30 -25.98
C ALA YA 105 -8.22 7.35 -25.54
N GLY YA 106 -9.39 7.93 -25.32
CA GLY YA 106 -10.58 7.16 -25.00
C GLY YA 106 -11.77 8.04 -24.63
N ALA YA 107 -12.93 7.70 -25.18
CA ALA YA 107 -14.18 8.36 -24.79
C ALA YA 107 -14.78 7.75 -23.54
N ASP YA 108 -14.15 6.70 -22.99
CA ASP YA 108 -14.60 6.10 -21.75
C ASP YA 108 -14.57 7.08 -20.59
N ARG YA 109 -13.70 8.10 -20.65
CA ARG YA 109 -13.58 9.06 -19.55
C ARG YA 109 -14.65 10.13 -19.64
N LEU YA 110 -15.91 9.72 -19.77
CA LEU YA 110 -17.09 10.59 -19.77
C LEU YA 110 -16.90 11.76 -20.74
N GLN YA 111 -16.76 11.42 -22.02
CA GLN YA 111 -16.61 12.45 -23.04
C GLN YA 111 -17.94 13.16 -23.31
N THR YA 112 -19.05 12.41 -23.20
CA THR YA 112 -20.43 12.89 -23.30
C THR YA 112 -20.80 13.20 -24.75
N GLY YA 113 -19.81 13.20 -25.65
CA GLY YA 113 -20.09 13.37 -27.07
C GLY YA 113 -20.79 14.67 -27.37
N MET YA 114 -21.84 14.58 -28.17
CA MET YA 114 -22.65 15.72 -28.55
C MET YA 114 -23.83 15.95 -27.61
N ARG YA 115 -23.90 15.22 -26.51
CA ARG YA 115 -24.93 15.47 -25.52
C ARG YA 115 -24.57 16.70 -24.70
N GLY YA 116 -25.50 17.64 -24.60
CA GLY YA 116 -25.23 18.89 -23.94
C GLY YA 116 -24.18 19.68 -24.69
N ALA YA 117 -24.34 19.76 -26.02
CA ALA YA 117 -23.28 20.21 -26.89
C ALA YA 117 -23.02 21.70 -26.80
N PHE YA 118 -23.87 22.48 -26.14
CA PHE YA 118 -23.69 23.92 -26.12
C PHE YA 118 -22.36 24.29 -25.47
N GLY YA 119 -21.70 25.30 -26.03
CA GLY YA 119 -20.33 25.59 -25.69
C GLY YA 119 -20.13 26.78 -24.78
N LYS YA 120 -19.01 26.73 -24.04
CA LYS YA 120 -18.57 27.84 -23.22
C LYS YA 120 -18.02 28.94 -24.12
N PRO YA 121 -17.93 30.17 -23.62
CA PRO YA 121 -17.30 31.24 -24.40
C PRO YA 121 -15.83 30.94 -24.64
N GLN YA 122 -15.33 31.34 -25.81
CA GLN YA 122 -13.96 31.07 -26.19
C GLN YA 122 -13.20 32.31 -26.62
N GLY YA 123 -13.90 33.34 -27.10
CA GLY YA 123 -13.25 34.55 -27.53
C GLY YA 123 -14.27 35.47 -28.15
N THR YA 124 -13.78 36.59 -28.67
CA THR YA 124 -14.62 37.58 -29.30
C THR YA 124 -14.14 37.85 -30.71
N VAL YA 125 -15.08 38.09 -31.62
CA VAL YA 125 -14.77 38.42 -33.00
C VAL YA 125 -15.57 39.64 -33.40
N ALA YA 126 -15.11 40.31 -34.44
CA ALA YA 126 -15.79 41.47 -35.02
C ALA YA 126 -16.45 41.03 -36.32
N ARG YA 127 -17.75 41.19 -36.39
CA ARG YA 127 -18.53 40.78 -37.55
C ARG YA 127 -18.55 41.91 -38.55
N VAL YA 128 -17.95 41.70 -39.72
CA VAL YA 128 -17.70 42.76 -40.68
C VAL YA 128 -18.51 42.51 -41.94
N HIS YA 129 -19.16 43.55 -42.44
CA HIS YA 129 -19.99 43.48 -43.63
C HIS YA 129 -19.20 43.86 -44.87
N ILE YA 130 -19.76 43.53 -46.03
CA ILE YA 130 -19.13 43.86 -47.30
C ILE YA 130 -19.08 45.38 -47.44
N GLY YA 131 -17.88 45.92 -47.61
CA GLY YA 131 -17.70 47.34 -47.74
C GLY YA 131 -17.58 48.11 -46.45
N GLN YA 132 -17.53 47.42 -45.31
CA GLN YA 132 -17.37 48.08 -44.03
C GLN YA 132 -15.91 48.40 -43.78
N VAL YA 133 -15.66 49.56 -43.21
CA VAL YA 133 -14.29 50.00 -42.96
C VAL YA 133 -13.77 49.33 -41.69
N ILE YA 134 -12.59 48.74 -41.79
CA ILE YA 134 -11.96 48.05 -40.66
C ILE YA 134 -11.01 48.97 -39.92
N MET YA 135 -10.18 49.70 -40.63
CA MET YA 135 -9.17 50.54 -40.01
C MET YA 135 -9.08 51.86 -40.74
N SER YA 136 -8.73 52.91 -40.01
CA SER YA 136 -8.58 54.23 -40.58
C SER YA 136 -7.30 54.87 -40.08
N ILE YA 137 -6.65 55.63 -40.95
CA ILE YA 137 -5.48 56.43 -40.58
C ILE YA 137 -5.64 57.80 -41.21
N ARG YA 138 -5.45 58.83 -40.41
CA ARG YA 138 -5.42 60.20 -40.91
C ARG YA 138 -4.03 60.76 -40.70
N THR YA 139 -3.58 61.57 -41.65
CA THR YA 139 -2.20 62.03 -41.66
C THR YA 139 -2.09 63.24 -42.57
N LYS YA 140 -0.90 63.83 -42.57
CA LYS YA 140 -0.62 64.94 -43.48
C LYS YA 140 -0.71 64.46 -44.91
N LEU YA 141 -1.05 65.40 -45.81
CA LEU YA 141 -1.33 65.03 -47.20
C LEU YA 141 -0.10 64.47 -47.91
N GLN YA 142 1.10 64.73 -47.42
CA GLN YA 142 2.32 64.27 -48.06
C GLN YA 142 2.75 62.88 -47.60
N ASN YA 143 1.95 62.22 -46.76
CA ASN YA 143 2.25 60.87 -46.28
C ASN YA 143 1.34 59.83 -46.91
N GLU YA 144 0.83 60.12 -48.12
CA GLU YA 144 -0.14 59.22 -48.73
C GLU YA 144 0.46 57.85 -49.02
N GLU YA 145 1.71 57.82 -49.49
CA GLU YA 145 2.33 56.54 -49.83
C GLU YA 145 2.51 55.66 -48.60
N HIS YA 146 2.86 56.26 -47.46
CA HIS YA 146 3.07 55.48 -46.25
C HIS YA 146 1.76 54.95 -45.71
N VAL YA 147 0.66 55.66 -45.96
CA VAL YA 147 -0.65 55.18 -45.52
C VAL YA 147 -1.03 53.91 -46.25
N ILE YA 148 -0.90 53.92 -47.57
CA ILE YA 148 -1.26 52.75 -48.35
C ILE YA 148 -0.37 51.57 -47.97
N GLU YA 149 0.93 51.81 -47.82
CA GLU YA 149 1.85 50.73 -47.51
C GLU YA 149 1.59 50.15 -46.12
N ALA YA 150 1.32 51.02 -45.14
CA ALA YA 150 1.08 50.54 -43.79
C ALA YA 150 -0.18 49.67 -43.73
N LEU YA 151 -1.23 50.09 -44.43
CA LEU YA 151 -2.46 49.30 -44.46
C LEU YA 151 -2.26 48.03 -45.27
N ARG YA 152 -1.48 48.10 -46.35
CA ARG YA 152 -1.21 46.92 -47.16
C ARG YA 152 -0.50 45.85 -46.34
N ARG YA 153 0.36 46.27 -45.42
CA ARG YA 153 1.04 45.31 -44.56
C ARG YA 153 0.09 44.73 -43.53
N ALA YA 154 -0.88 45.51 -43.08
CA ALA YA 154 -1.84 45.01 -42.10
C ALA YA 154 -2.92 44.14 -42.74
N LYS YA 155 -3.02 44.14 -44.07
CA LYS YA 155 -3.95 43.25 -44.74
C LYS YA 155 -3.61 41.79 -44.50
N PHE YA 156 -2.32 41.50 -44.28
CA PHE YA 156 -1.87 40.13 -44.13
C PHE YA 156 -2.31 39.50 -42.82
N LYS YA 157 -2.85 40.29 -41.90
CA LYS YA 157 -3.34 39.77 -40.63
C LYS YA 157 -4.81 39.36 -40.70
N PHE YA 158 -5.44 39.43 -41.86
CA PHE YA 158 -6.86 39.18 -41.92
C PHE YA 158 -7.17 38.06 -42.90
N PRO YA 159 -8.25 37.32 -42.66
CA PRO YA 159 -8.59 36.20 -43.55
C PRO YA 159 -8.95 36.61 -44.97
N GLY YA 160 -9.92 37.50 -45.10
CA GLY YA 160 -10.55 37.75 -46.38
C GLY YA 160 -9.82 38.77 -47.23
N ARG YA 161 -10.53 39.26 -48.24
CA ARG YA 161 -9.99 40.23 -49.17
C ARG YA 161 -10.30 41.64 -48.69
N GLN YA 162 -9.29 42.48 -48.62
CA GLN YA 162 -9.42 43.86 -48.18
C GLN YA 162 -8.97 44.80 -49.28
N LYS YA 163 -9.35 46.06 -49.15
CA LYS YA 163 -9.02 47.08 -50.12
C LYS YA 163 -8.53 48.33 -49.40
N ILE YA 164 -7.62 49.05 -50.03
CA ILE YA 164 -7.05 50.27 -49.46
C ILE YA 164 -7.60 51.43 -50.27
N HIS YA 165 -8.61 52.09 -49.73
CA HIS YA 165 -9.31 53.17 -50.43
C HIS YA 165 -9.02 54.49 -49.74
N ILE YA 166 -8.53 55.46 -50.50
CA ILE YA 166 -8.26 56.79 -49.98
C ILE YA 166 -9.56 57.59 -50.05
N SER YA 167 -10.12 57.89 -48.89
CA SER YA 167 -11.41 58.56 -48.83
C SER YA 167 -11.32 60.00 -49.30
N LYS YA 168 -12.43 60.52 -49.79
CA LYS YA 168 -12.51 61.91 -50.19
C LYS YA 168 -13.03 62.81 -49.08
N LYS YA 169 -13.27 62.26 -47.89
CA LYS YA 169 -13.59 63.08 -46.74
C LYS YA 169 -12.31 63.67 -46.15
N TRP YA 170 -12.47 64.74 -45.40
CA TRP YA 170 -11.36 65.40 -44.72
C TRP YA 170 -11.14 64.72 -43.39
N GLY YA 171 -10.10 63.91 -43.29
CA GLY YA 171 -9.81 63.26 -42.04
C GLY YA 171 -10.92 62.32 -41.64
N PHE YA 172 -11.21 62.28 -40.35
CA PHE YA 172 -12.22 61.38 -39.82
C PHE YA 172 -13.62 61.97 -39.91
N THR YA 173 -13.77 63.22 -40.31
CA THR YA 173 -15.09 63.83 -40.38
C THR YA 173 -15.81 63.39 -41.65
N LYS YA 174 -17.11 63.63 -41.68
CA LYS YA 174 -17.98 63.16 -42.75
C LYS YA 174 -18.22 64.20 -43.83
N PHE YA 175 -17.28 65.12 -44.02
CA PHE YA 175 -17.42 66.18 -45.00
C PHE YA 175 -16.31 66.09 -46.03
N ASN YA 176 -16.64 66.38 -47.28
CA ASN YA 176 -15.67 66.28 -48.36
C ASN YA 176 -14.52 67.26 -48.17
N ALA YA 177 -13.33 66.84 -48.58
CA ALA YA 177 -12.14 67.62 -48.35
C ALA YA 177 -12.20 68.96 -49.08
N ASP YA 178 -12.75 68.98 -50.29
CA ASP YA 178 -12.88 70.24 -51.02
C ASP YA 178 -13.93 71.14 -50.41
N GLU YA 179 -14.90 70.58 -49.68
CA GLU YA 179 -15.93 71.36 -49.01
C GLU YA 179 -15.57 71.69 -47.57
N PHE YA 180 -14.39 71.28 -47.12
CA PHE YA 180 -14.05 71.46 -45.71
C PHE YA 180 -13.67 72.89 -45.40
N GLU YA 181 -12.69 73.42 -46.12
CA GLU YA 181 -12.09 74.71 -45.75
C GLU YA 181 -13.12 75.84 -45.84
N ASP YA 182 -13.96 75.82 -46.87
CA ASP YA 182 -14.93 76.91 -47.01
C ASP YA 182 -16.09 76.77 -46.03
N MET YA 183 -16.43 75.54 -45.63
CA MET YA 183 -17.44 75.37 -44.60
C MET YA 183 -16.93 75.85 -43.24
N VAL YA 184 -15.64 75.65 -42.98
CA VAL YA 184 -15.04 76.23 -41.78
C VAL YA 184 -15.03 77.74 -41.88
N ALA YA 185 -14.80 78.27 -43.07
CA ALA YA 185 -14.74 79.71 -43.25
C ALA YA 185 -16.09 80.37 -42.99
N LYS YA 186 -17.15 79.83 -43.60
CA LYS YA 186 -18.49 80.38 -43.40
C LYS YA 186 -19.16 79.83 -42.14
N LYS YA 187 -18.38 79.26 -41.23
CA LYS YA 187 -18.79 78.93 -39.88
C LYS YA 187 -19.91 77.90 -39.82
N CYS YA 188 -20.07 77.08 -40.86
CA CYS YA 188 -20.92 75.91 -40.72
C CYS YA 188 -20.27 74.85 -39.85
N LEU YA 189 -18.94 74.85 -39.76
CA LEU YA 189 -18.19 73.86 -39.01
C LEU YA 189 -17.27 74.57 -38.02
N ILE YA 190 -17.26 74.09 -36.78
CA ILE YA 190 -16.45 74.65 -35.71
C ILE YA 190 -15.55 73.55 -35.17
N PRO YA 191 -14.24 73.66 -35.30
CA PRO YA 191 -13.35 72.57 -34.87
C PRO YA 191 -13.36 72.39 -33.36
N ASP YA 192 -13.24 71.13 -32.93
CA ASP YA 192 -13.11 70.80 -31.52
C ASP YA 192 -12.40 69.45 -31.42
N GLY YA 193 -11.16 69.46 -30.94
CA GLY YA 193 -10.41 68.22 -30.85
C GLY YA 193 -10.18 67.59 -32.20
N CYS YA 194 -10.41 66.29 -32.28
CA CYS YA 194 -10.23 65.54 -33.51
C CYS YA 194 -11.44 65.62 -34.42
N GLY YA 195 -12.51 66.31 -34.02
CA GLY YA 195 -13.71 66.42 -34.81
C GLY YA 195 -14.12 67.87 -35.00
N VAL YA 196 -15.24 68.03 -35.71
CA VAL YA 196 -15.83 69.34 -35.92
C VAL YA 196 -17.30 69.26 -35.55
N LYS YA 197 -17.87 70.40 -35.18
CA LYS YA 197 -19.26 70.50 -34.80
C LYS YA 197 -20.04 71.20 -35.90
N TYR YA 198 -21.12 70.56 -36.35
CA TYR YA 198 -21.98 71.14 -37.36
C TYR YA 198 -22.92 72.14 -36.70
N VAL YA 199 -22.97 73.34 -37.25
CA VAL YA 199 -23.82 74.41 -36.73
C VAL YA 199 -24.86 74.75 -37.79
N PRO YA 200 -26.07 74.22 -37.66
CA PRO YA 200 -27.11 74.49 -38.66
C PRO YA 200 -27.67 75.89 -38.53
N SER YA 201 -28.37 76.32 -39.58
CA SER YA 201 -28.97 77.65 -39.59
C SER YA 201 -30.34 77.63 -38.91
N HIS YA 202 -30.40 77.09 -37.69
CA HIS YA 202 -31.62 77.09 -36.91
C HIS YA 202 -31.27 76.81 -35.47
N GLY YA 203 -32.13 77.25 -34.56
CA GLY YA 203 -31.85 77.21 -33.15
C GLY YA 203 -31.91 78.59 -32.56
N PRO YA 204 -31.53 78.74 -31.29
CA PRO YA 204 -31.50 80.07 -30.68
C PRO YA 204 -30.47 80.97 -31.34
N LEU YA 205 -30.84 82.23 -31.56
CA LEU YA 205 -29.89 83.22 -32.07
C LEU YA 205 -28.80 83.55 -31.09
N ASP YA 206 -28.96 83.19 -29.81
CA ASP YA 206 -27.86 83.36 -28.87
C ASP YA 206 -26.67 82.53 -29.30
N LYS YA 207 -26.92 81.30 -29.75
CA LYS YA 207 -25.86 80.46 -30.30
C LYS YA 207 -25.31 81.00 -31.61
N TRP YA 208 -26.03 81.89 -32.27
CA TRP YA 208 -25.54 82.49 -33.50
C TRP YA 208 -24.68 83.71 -33.25
N ARG YA 209 -25.06 84.55 -32.29
CA ARG YA 209 -24.27 85.74 -32.01
C ARG YA 209 -23.07 85.47 -31.13
N VAL YA 210 -22.96 84.27 -30.55
CA VAL YA 210 -21.69 83.91 -29.93
C VAL YA 210 -20.70 83.47 -31.01
N LEU YA 211 -21.21 82.97 -32.13
CA LEU YA 211 -20.43 82.96 -33.35
C LEU YA 211 -20.57 84.33 -34.02
N HIS YA 212 -19.87 84.51 -35.13
CA HIS YA 212 -19.87 85.78 -35.86
C HIS YA 212 -19.48 86.93 -34.94
N SER YA 213 -18.66 86.65 -33.94
CA SER YA 213 -18.25 87.66 -32.98
C SER YA 213 -16.73 87.67 -32.85
N LYS ZA 6 -46.21 101.26 -6.57
CA LYS ZA 6 -45.19 100.79 -7.50
C LYS ZA 6 -45.40 99.31 -7.81
N GLU ZA 7 -44.83 98.45 -6.97
CA GLU ZA 7 -45.03 97.02 -7.11
C GLU ZA 7 -46.48 96.65 -6.85
N ASN ZA 8 -46.91 95.56 -7.46
CA ASN ZA 8 -48.26 95.05 -7.25
C ASN ZA 8 -48.44 94.59 -5.82
N PRO ZA 9 -49.48 95.04 -5.12
CA PRO ZA 9 -49.69 94.59 -3.74
C PRO ZA 9 -49.88 93.10 -3.59
N MET ZA 10 -50.30 92.40 -4.64
CA MET ZA 10 -50.46 90.96 -4.57
C MET ZA 10 -49.13 90.21 -4.65
N ARG ZA 11 -48.02 90.91 -4.83
CA ARG ZA 11 -46.71 90.29 -4.91
C ARG ZA 11 -45.95 90.34 -3.59
N GLU ZA 12 -46.53 90.88 -2.54
CA GLU ZA 12 -45.79 91.05 -1.30
C GLU ZA 12 -45.52 89.69 -0.65
N LEU ZA 13 -44.29 89.53 -0.15
CA LEU ZA 13 -43.92 88.28 0.50
C LEU ZA 13 -44.52 88.22 1.89
N ARG ZA 14 -44.71 86.99 2.36
CA ARG ZA 14 -45.23 86.75 3.69
C ARG ZA 14 -44.91 85.32 4.08
N ILE ZA 15 -45.00 85.03 5.36
CA ILE ZA 15 -44.65 83.69 5.83
C ILE ZA 15 -45.76 82.72 5.46
N ARG ZA 16 -45.40 81.63 4.80
CA ARG ZA 16 -46.35 80.54 4.58
C ARG ZA 16 -46.47 79.66 5.82
N LYS ZA 17 -45.34 79.19 6.33
CA LYS ZA 17 -45.32 78.34 7.51
C LYS ZA 17 -43.94 78.46 8.16
N LEU ZA 18 -43.77 77.78 9.29
CA LEU ZA 18 -42.53 77.89 10.04
C LEU ZA 18 -41.85 76.56 10.33
N CYS ZA 19 -42.62 75.47 10.46
CA CYS ZA 19 -42.09 74.11 10.38
C CYS ZA 19 -40.98 73.86 11.40
N LEU ZA 20 -41.36 73.91 12.67
CA LEU ZA 20 -40.46 73.51 13.73
C LEU ZA 20 -40.17 72.02 13.67
N ASN ZA 21 -39.01 71.63 14.18
CA ASN ZA 21 -38.60 70.23 14.13
C ASN ZA 21 -37.60 69.95 15.25
N ILE ZA 22 -37.75 68.80 15.90
CA ILE ZA 22 -36.81 68.33 16.90
C ILE ZA 22 -36.52 66.86 16.63
N CYS ZA 23 -35.28 66.54 16.26
CA CYS ZA 23 -34.89 65.17 16.03
C CYS ZA 23 -33.98 64.70 17.16
N VAL ZA 24 -34.44 63.69 17.91
CA VAL ZA 24 -33.64 63.10 18.97
C VAL ZA 24 -33.34 61.65 18.60
N GLY ZA 25 -32.53 60.99 19.43
CA GLY ZA 25 -32.09 59.65 19.13
C GLY ZA 25 -33.17 58.60 19.08
N GLU ZA 26 -33.84 58.36 20.20
CA GLU ZA 26 -34.72 57.20 20.35
C GLU ZA 26 -36.11 57.65 20.80
N SER ZA 27 -37.00 56.67 20.94
CA SER ZA 27 -38.34 56.90 21.43
C SER ZA 27 -38.34 56.91 22.96
N GLY ZA 28 -39.52 56.86 23.56
CA GLY ZA 28 -39.63 56.72 24.99
C GLY ZA 28 -39.99 58.00 25.70
N ASP ZA 29 -39.55 58.11 26.96
CA ASP ZA 29 -39.83 59.33 27.73
C ASP ZA 29 -39.06 60.51 27.17
N ARG ZA 30 -37.87 60.27 26.62
CA ARG ZA 30 -37.07 61.36 26.07
C ARG ZA 30 -37.80 62.04 24.92
N LEU ZA 31 -38.47 61.26 24.07
CA LEU ZA 31 -39.19 61.84 22.95
C LEU ZA 31 -40.47 62.54 23.41
N THR ZA 32 -41.21 61.91 24.32
CA THR ZA 32 -42.46 62.51 24.78
C THR ZA 32 -42.20 63.81 25.53
N ARG ZA 33 -41.11 63.86 26.31
CA ARG ZA 33 -40.70 65.12 26.90
C ARG ZA 33 -40.25 66.12 25.85
N ALA ZA 34 -39.62 65.63 24.79
CA ALA ZA 34 -39.24 66.52 23.69
C ALA ZA 34 -40.47 67.11 23.01
N ALA ZA 35 -41.49 66.28 22.77
CA ALA ZA 35 -42.70 66.75 22.11
C ALA ZA 35 -43.41 67.79 22.96
N LYS ZA 36 -43.40 67.60 24.28
CA LYS ZA 36 -44.06 68.54 25.18
C LYS ZA 36 -43.46 69.94 25.06
N VAL ZA 37 -42.19 70.04 24.67
CA VAL ZA 37 -41.55 71.34 24.44
C VAL ZA 37 -42.23 72.04 23.28
N LEU ZA 38 -42.45 71.33 22.18
CA LEU ZA 38 -43.17 71.91 21.05
C LEU ZA 38 -44.61 72.23 21.42
N GLU ZA 39 -45.22 71.38 22.25
CA GLU ZA 39 -46.60 71.58 22.65
C GLU ZA 39 -46.76 72.88 23.41
N GLN ZA 40 -45.84 73.17 24.33
CA GLN ZA 40 -45.90 74.41 25.09
C GLN ZA 40 -45.30 75.57 24.33
N LEU ZA 41 -44.58 75.31 23.25
CA LEU ZA 41 -44.02 76.38 22.43
C LEU ZA 41 -45.08 77.03 21.55
N THR ZA 42 -46.03 76.23 21.05
CA THR ZA 42 -47.03 76.72 20.12
C THR ZA 42 -48.46 76.62 20.65
N GLY ZA 43 -48.66 76.02 21.82
CA GLY ZA 43 -50.01 75.77 22.29
C GLY ZA 43 -50.78 74.89 21.34
N GLN ZA 44 -50.12 73.92 20.74
CA GLN ZA 44 -50.66 73.21 19.58
C GLN ZA 44 -49.99 71.85 19.50
N THR ZA 45 -50.79 70.81 19.34
CA THR ZA 45 -50.31 69.45 19.51
C THR ZA 45 -49.31 69.09 18.41
N PRO ZA 46 -48.09 68.71 18.75
CA PRO ZA 46 -47.13 68.31 17.72
C PRO ZA 46 -47.39 66.88 17.27
N VAL ZA 47 -46.73 66.52 16.18
CA VAL ZA 47 -46.90 65.21 15.54
C VAL ZA 47 -45.54 64.52 15.50
N PHE ZA 48 -45.52 63.24 15.89
CA PHE ZA 48 -44.29 62.48 15.87
C PHE ZA 48 -43.96 62.04 14.45
N SER ZA 49 -42.82 61.36 14.32
CA SER ZA 49 -42.40 60.87 13.01
C SER ZA 49 -41.56 59.61 13.19
N LYS ZA 50 -41.81 58.62 12.35
CA LYS ZA 50 -41.09 57.36 12.42
C LYS ZA 50 -39.72 57.52 11.75
N ALA ZA 51 -39.03 56.40 11.56
CA ALA ZA 51 -37.74 56.39 10.89
C ALA ZA 51 -37.84 55.62 9.58
N ARG ZA 52 -37.19 56.12 8.55
CA ARG ZA 52 -37.28 55.49 7.24
C ARG ZA 52 -36.58 54.14 7.23
N TYR ZA 53 -35.35 54.07 7.76
CA TYR ZA 53 -34.57 52.84 7.75
C TYR ZA 53 -34.07 52.54 9.15
N THR ZA 54 -33.33 51.44 9.26
CA THR ZA 54 -32.67 51.05 10.48
C THR ZA 54 -31.18 51.31 10.32
N VAL ZA 55 -30.63 52.20 11.16
CA VAL ZA 55 -29.23 52.57 11.08
C VAL ZA 55 -28.55 52.16 12.38
N ARG ZA 56 -27.58 51.26 12.27
CA ARG ZA 56 -26.81 50.83 13.44
C ARG ZA 56 -26.03 52.00 14.03
N SER ZA 57 -25.44 52.83 13.16
CA SER ZA 57 -24.54 53.88 13.62
C SER ZA 57 -25.25 54.88 14.51
N PHE ZA 58 -26.50 55.18 14.21
CA PHE ZA 58 -27.31 56.04 15.06
C PHE ZA 58 -28.11 55.27 16.10
N GLY ZA 59 -28.14 53.94 16.01
CA GLY ZA 59 -28.91 53.18 16.97
C GLY ZA 59 -30.40 53.30 16.80
N ILE ZA 60 -30.87 53.67 15.61
CA ILE ZA 60 -32.30 53.83 15.35
C ILE ZA 60 -32.77 52.64 14.54
N ARG ZA 61 -34.07 52.38 14.62
CA ARG ZA 61 -34.71 51.29 13.91
C ARG ZA 61 -35.83 51.82 13.03
N ARG ZA 62 -36.21 51.01 12.03
CA ARG ZA 62 -37.26 51.39 11.11
C ARG ZA 62 -38.59 51.50 11.86
N ASN ZA 63 -39.40 52.46 11.42
CA ASN ZA 63 -40.72 52.77 11.97
C ASN ZA 63 -40.67 53.28 13.40
N GLU ZA 64 -39.48 53.54 13.94
CA GLU ZA 64 -39.33 53.99 15.31
C GLU ZA 64 -39.53 55.50 15.39
N LYS ZA 65 -40.27 55.95 16.40
CA LYS ZA 65 -40.57 57.37 16.56
C LYS ZA 65 -39.30 58.10 16.94
N ILE ZA 66 -38.68 58.74 15.96
CA ILE ZA 66 -37.38 59.38 16.14
C ILE ZA 66 -37.54 60.85 16.51
N ALA ZA 67 -38.43 61.56 15.81
CA ALA ZA 67 -38.51 63.00 15.93
C ALA ZA 67 -39.95 63.43 16.16
N VAL ZA 68 -40.11 64.74 16.33
CA VAL ZA 68 -41.41 65.36 16.53
C VAL ZA 68 -41.35 66.75 15.91
N HIS ZA 69 -42.42 67.15 15.24
CA HIS ZA 69 -42.40 68.39 14.47
C HIS ZA 69 -43.79 69.01 14.47
N CYS ZA 70 -43.85 70.24 13.98
CA CYS ZA 70 -45.08 71.01 13.94
C CYS ZA 70 -44.96 72.04 12.84
N THR ZA 71 -46.10 72.47 12.30
CA THR ZA 71 -46.17 73.57 11.37
C THR ZA 71 -47.07 74.65 11.94
N VAL ZA 72 -46.59 75.89 11.94
CA VAL ZA 72 -47.30 77.02 12.52
C VAL ZA 72 -47.51 78.04 11.42
N ARG ZA 73 -48.72 78.56 11.31
CA ARG ZA 73 -49.05 79.52 10.27
C ARG ZA 73 -49.79 80.71 10.88
N GLY ZA 74 -49.60 81.87 10.26
CA GLY ZA 74 -50.30 83.07 10.67
C GLY ZA 74 -49.55 83.91 11.69
N ALA ZA 75 -50.31 84.60 12.55
CA ALA ZA 75 -49.70 85.46 13.55
C ALA ZA 75 -48.92 84.65 14.59
N LYS ZA 76 -49.38 83.43 14.88
CA LYS ZA 76 -48.65 82.57 15.82
C LYS ZA 76 -47.26 82.25 15.28
N ALA ZA 77 -47.15 82.02 13.98
CA ALA ZA 77 -45.83 81.80 13.38
C ALA ZA 77 -44.97 83.04 13.47
N GLU ZA 78 -45.56 84.22 13.24
CA GLU ZA 78 -44.77 85.45 13.24
C GLU ZA 78 -44.21 85.74 14.61
N GLU ZA 79 -44.99 85.48 15.66
CA GLU ZA 79 -44.50 85.74 17.01
C GLU ZA 79 -43.41 84.75 17.41
N ILE ZA 80 -43.44 83.55 16.85
CA ILE ZA 80 -42.38 82.58 17.13
C ILE ZA 80 -41.10 82.98 16.40
N LEU ZA 81 -41.23 83.48 15.17
CA LEU ZA 81 -40.06 83.81 14.37
C LEU ZA 81 -39.26 84.93 15.00
N GLU ZA 82 -39.92 86.00 15.46
CA GLU ZA 82 -39.20 87.07 16.14
C GLU ZA 82 -38.60 86.58 17.45
N LYS ZA 83 -39.17 85.53 18.03
CA LYS ZA 83 -38.59 84.93 19.22
C LYS ZA 83 -37.30 84.19 18.90
N GLY ZA 84 -37.31 83.38 17.84
CA GLY ZA 84 -36.11 82.66 17.47
C GLY ZA 84 -35.00 83.58 16.98
N LEU ZA 85 -35.38 84.64 16.26
CA LEU ZA 85 -34.39 85.57 15.72
C LEU ZA 85 -33.69 86.36 16.83
N LYS ZA 86 -34.24 86.37 18.04
CA LYS ZA 86 -33.60 87.10 19.13
C LYS ZA 86 -32.30 86.44 19.56
N VAL ZA 87 -32.26 85.11 19.56
CA VAL ZA 87 -31.02 84.40 19.88
C VAL ZA 87 -29.95 84.73 18.85
N ARG ZA 88 -30.32 84.70 17.57
CA ARG ZA 88 -29.39 85.06 16.51
C ARG ZA 88 -29.13 86.55 16.44
N GLU ZA 89 -29.89 87.36 17.19
CA GLU ZA 89 -29.77 88.81 17.18
C GLU ZA 89 -29.91 89.37 15.77
N TYR ZA 90 -30.85 88.79 15.01
CA TYR ZA 90 -31.18 89.24 13.66
C TYR ZA 90 -29.96 89.24 12.76
N GLU ZA 91 -29.13 88.23 12.90
CA GLU ZA 91 -27.98 87.99 12.02
C GLU ZA 91 -28.08 86.57 11.49
N LEU ZA 92 -28.05 86.42 10.18
CA LEU ZA 92 -28.10 85.13 9.52
C LEU ZA 92 -27.02 85.05 8.47
N ARG ZA 93 -26.36 83.90 8.39
CA ARG ZA 93 -25.39 83.67 7.32
C ARG ZA 93 -26.11 83.55 5.98
N LYS ZA 94 -25.42 83.92 4.90
CA LYS ZA 94 -26.03 83.89 3.58
C LYS ZA 94 -26.31 82.48 3.10
N ASN ZA 95 -25.65 81.47 3.65
CA ASN ZA 95 -25.94 80.10 3.22
C ASN ZA 95 -27.17 79.52 3.89
N ASN ZA 96 -27.72 80.20 4.89
CA ASN ZA 96 -28.94 79.72 5.52
C ASN ZA 96 -30.12 79.84 4.58
N PHE ZA 97 -30.09 80.81 3.67
CA PHE ZA 97 -31.11 80.91 2.65
C PHE ZA 97 -30.89 79.82 1.61
N SER ZA 98 -31.99 79.34 1.04
CA SER ZA 98 -31.93 78.36 -0.02
C SER ZA 98 -32.43 78.96 -1.32
N ASP ZA 99 -32.09 78.30 -2.42
CA ASP ZA 99 -32.34 78.85 -3.75
C ASP ZA 99 -33.81 78.93 -4.09
N THR ZA 100 -34.68 78.20 -3.40
CA THR ZA 100 -36.10 78.27 -3.70
C THR ZA 100 -36.79 79.42 -2.99
N GLY ZA 101 -36.13 80.08 -2.06
CA GLY ZA 101 -36.69 81.27 -1.44
C GLY ZA 101 -37.19 81.10 -0.02
N ASN ZA 102 -36.47 80.33 0.79
CA ASN ZA 102 -36.83 80.15 2.19
C ASN ZA 102 -35.64 79.67 2.98
N PHE ZA 103 -35.58 80.06 4.25
CA PHE ZA 103 -34.38 79.88 5.06
C PHE ZA 103 -34.74 79.26 6.39
N GLY ZA 104 -33.72 79.04 7.22
CA GLY ZA 104 -33.92 78.47 8.53
C GLY ZA 104 -32.66 78.60 9.35
N PHE ZA 105 -32.74 78.17 10.60
CA PHE ZA 105 -31.61 78.17 11.51
C PHE ZA 105 -31.94 77.26 12.68
N GLY ZA 106 -30.95 77.03 13.53
CA GLY ZA 106 -31.08 76.15 14.67
C GLY ZA 106 -31.02 76.91 15.98
N ILE ZA 107 -31.62 76.33 17.02
CA ILE ZA 107 -31.59 76.87 18.37
C ILE ZA 107 -31.09 75.79 19.30
N GLN ZA 108 -30.02 76.09 20.04
CA GLN ZA 108 -29.38 75.08 20.87
C GLN ZA 108 -30.15 74.83 22.16
N GLU ZA 109 -30.73 75.87 22.75
CA GLU ZA 109 -31.43 75.76 24.03
C GLU ZA 109 -32.83 76.32 23.86
N HIS ZA 110 -33.84 75.50 24.16
CA HIS ZA 110 -35.21 75.93 24.00
C HIS ZA 110 -35.66 76.89 25.08
N ILE ZA 111 -35.04 76.81 26.27
CA ILE ZA 111 -35.54 77.50 27.45
C ILE ZA 111 -35.49 79.00 27.25
N ASP ZA 112 -34.57 79.48 26.41
CA ASP ZA 112 -34.30 80.90 26.32
C ASP ZA 112 -35.47 81.71 25.78
N LEU ZA 113 -36.43 81.08 25.11
CA LEU ZA 113 -37.58 81.80 24.58
C LEU ZA 113 -38.85 81.35 25.29
N GLY ZA 114 -39.32 82.17 26.22
CA GLY ZA 114 -40.65 82.06 26.78
C GLY ZA 114 -40.83 81.00 27.86
N ILE ZA 115 -40.55 79.75 27.52
CA ILE ZA 115 -40.84 78.65 28.43
C ILE ZA 115 -39.87 78.70 29.60
N LYS ZA 116 -40.42 78.80 30.80
CA LYS ZA 116 -39.61 78.67 32.00
C LYS ZA 116 -39.12 77.24 32.12
N TYR ZA 117 -37.88 77.09 32.57
CA TYR ZA 117 -37.29 75.76 32.67
C TYR ZA 117 -38.08 74.92 33.65
N ASP ZA 118 -38.25 73.65 33.31
CA ASP ZA 118 -38.89 72.68 34.17
C ASP ZA 118 -37.92 71.52 34.36
N PRO ZA 119 -37.69 71.07 35.60
CA PRO ZA 119 -36.86 69.86 35.79
C PRO ZA 119 -37.41 68.65 35.06
N SER ZA 120 -38.73 68.54 34.92
CA SER ZA 120 -39.31 67.49 34.10
C SER ZA 120 -38.96 67.68 32.63
N ILE ZA 121 -38.94 68.94 32.16
CA ILE ZA 121 -38.60 69.22 30.78
C ILE ZA 121 -37.10 69.05 30.57
N GLY ZA 122 -36.73 68.35 29.51
CA GLY ZA 122 -35.32 68.19 29.19
C GLY ZA 122 -34.64 69.45 28.71
N ILE ZA 123 -33.53 69.31 28.03
CA ILE ZA 123 -32.70 70.43 27.59
C ILE ZA 123 -32.70 70.54 26.06
N TYR ZA 124 -33.70 69.94 25.41
CA TYR ZA 124 -33.68 69.75 23.97
C TYR ZA 124 -33.67 71.08 23.22
N GLY ZA 125 -32.74 71.21 22.28
CA GLY ZA 125 -32.79 72.26 21.31
C GLY ZA 125 -33.79 71.90 20.22
N LEU ZA 126 -33.84 72.74 19.19
CA LEU ZA 126 -34.83 72.52 18.15
C LEU ZA 126 -34.31 73.10 16.85
N ASP ZA 127 -35.19 73.14 15.86
CA ASP ZA 127 -34.86 73.57 14.50
C ASP ZA 127 -35.96 74.47 14.00
N PHE ZA 128 -35.59 75.43 13.15
CA PHE ZA 128 -36.52 76.33 12.51
C PHE ZA 128 -36.32 76.25 11.01
N TYR ZA 129 -37.41 76.31 10.25
CA TYR ZA 129 -37.31 76.48 8.81
C TYR ZA 129 -38.52 77.26 8.33
N VAL ZA 130 -38.37 78.58 8.28
CA VAL ZA 130 -39.45 79.43 7.81
C VAL ZA 130 -39.57 79.32 6.29
N VAL ZA 131 -40.79 79.08 5.82
CA VAL ZA 131 -41.10 79.00 4.40
C VAL ZA 131 -41.85 80.26 4.01
N LEU ZA 132 -41.44 80.88 2.91
CA LEU ZA 132 -42.03 82.12 2.46
C LEU ZA 132 -43.01 81.85 1.32
N GLY ZA 133 -43.66 82.91 0.85
CA GLY ZA 133 -44.64 82.75 -0.20
C GLY ZA 133 -45.20 84.09 -0.62
N ARG ZA 134 -46.05 84.04 -1.63
CA ARG ZA 134 -46.79 85.17 -2.14
C ARG ZA 134 -48.25 84.77 -2.27
N PRO ZA 135 -49.16 85.74 -2.30
CA PRO ZA 135 -50.57 85.41 -2.57
C PRO ZA 135 -50.74 84.73 -3.91
N GLY ZA 136 -51.12 83.46 -3.89
CA GLY ZA 136 -51.28 82.71 -5.12
C GLY ZA 136 -50.50 81.42 -5.13
N PHE ZA 137 -49.76 81.16 -4.05
CA PHE ZA 137 -49.00 79.92 -3.95
C PHE ZA 137 -49.89 78.72 -3.66
N SER ZA 138 -51.15 78.94 -3.32
CA SER ZA 138 -52.04 77.84 -2.98
C SER ZA 138 -52.40 76.99 -4.20
N ILE ZA 139 -52.27 77.53 -5.41
CA ILE ZA 139 -52.67 76.79 -6.59
C ILE ZA 139 -51.77 75.60 -6.89
N ALA ZA 140 -50.59 75.53 -6.27
CA ALA ZA 140 -49.77 74.34 -6.38
C ALA ZA 140 -50.18 73.26 -5.40
N ASP ZA 141 -51.03 73.58 -4.42
CA ASP ZA 141 -51.58 72.62 -3.48
C ASP ZA 141 -53.07 72.43 -3.65
N LYS ZA 142 -53.69 73.15 -4.58
CA LYS ZA 142 -55.12 73.06 -4.81
C LYS ZA 142 -55.46 71.68 -5.37
N LYS ZA 143 -56.73 71.27 -5.19
CA LYS ZA 143 -57.15 69.99 -5.75
C LYS ZA 143 -57.55 70.13 -7.22
N ARG ZA 144 -58.58 70.91 -7.49
CA ARG ZA 144 -59.07 71.07 -8.85
C ARG ZA 144 -58.31 72.17 -9.56
N ARG ZA 145 -57.91 71.88 -10.81
CA ARG ZA 145 -57.22 72.84 -11.67
C ARG ZA 145 -55.91 73.34 -11.04
N THR ZA 146 -55.22 72.44 -10.35
CA THR ZA 146 -53.94 72.78 -9.77
C THR ZA 146 -52.92 73.08 -10.87
N GLY ZA 147 -51.97 73.97 -10.56
CA GLY ZA 147 -50.99 74.35 -11.55
C GLY ZA 147 -49.78 75.01 -10.95
N CYS ZA 148 -48.80 75.28 -11.81
CA CYS ZA 148 -47.55 75.91 -11.41
C CYS ZA 148 -47.74 77.40 -11.19
N ILE ZA 149 -46.74 78.02 -10.56
CA ILE ZA 149 -46.89 79.38 -10.05
C ILE ZA 149 -46.20 80.42 -10.92
N GLY ZA 150 -45.64 80.04 -12.06
CA GLY ZA 150 -45.10 81.03 -12.97
C GLY ZA 150 -43.75 81.58 -12.54
N ALA ZA 151 -42.93 81.99 -13.51
CA ALA ZA 151 -41.54 82.31 -13.22
C ALA ZA 151 -41.41 83.66 -12.52
N LYS ZA 152 -42.22 84.65 -12.93
CA LYS ZA 152 -42.13 85.97 -12.31
C LYS ZA 152 -42.59 85.96 -10.86
N HIS ZA 153 -43.42 84.99 -10.48
CA HIS ZA 153 -44.00 84.95 -9.15
C HIS ZA 153 -43.16 84.18 -8.15
N ARG ZA 154 -42.10 83.51 -8.59
CA ARG ZA 154 -41.29 82.72 -7.68
C ARG ZA 154 -40.42 83.63 -6.82
N ILE ZA 155 -40.04 83.12 -5.66
CA ILE ZA 155 -39.17 83.83 -4.73
C ILE ZA 155 -37.76 83.26 -4.86
N SER ZA 156 -36.78 84.14 -4.92
CA SER ZA 156 -35.39 83.75 -5.10
C SER ZA 156 -34.62 83.92 -3.80
N LYS ZA 157 -33.35 83.53 -3.84
CA LYS ZA 157 -32.46 83.76 -2.71
C LYS ZA 157 -32.28 85.25 -2.45
N GLU ZA 158 -32.23 86.04 -3.51
CA GLU ZA 158 -32.10 87.49 -3.35
C GLU ZA 158 -33.35 88.09 -2.73
N GLU ZA 159 -34.52 87.71 -3.24
CA GLU ZA 159 -35.76 88.29 -2.75
C GLU ZA 159 -36.00 87.95 -1.29
N ALA ZA 160 -35.69 86.73 -0.88
CA ALA ZA 160 -35.82 86.34 0.51
C ALA ZA 160 -34.87 87.14 1.39
N MET ZA 161 -33.66 87.38 0.92
CA MET ZA 161 -32.71 88.16 1.70
C MET ZA 161 -33.14 89.62 1.82
N ARG ZA 162 -33.66 90.19 0.73
CA ARG ZA 162 -34.14 91.57 0.79
C ARG ZA 162 -35.29 91.71 1.79
N TRP ZA 163 -36.20 90.74 1.77
CA TRP ZA 163 -37.34 90.76 2.69
C TRP ZA 163 -36.87 90.68 4.13
N PHE ZA 164 -35.83 89.89 4.39
CA PHE ZA 164 -35.25 89.84 5.73
C PHE ZA 164 -34.63 91.17 6.12
N GLN ZA 165 -33.95 91.82 5.17
CA GLN ZA 165 -33.35 93.12 5.45
C GLN ZA 165 -34.40 94.18 5.72
N GLN ZA 166 -35.63 93.97 5.26
CA GLN ZA 166 -36.68 94.96 5.40
C GLN ZA 166 -37.50 94.75 6.66
N LYS ZA 167 -38.14 93.58 6.78
CA LYS ZA 167 -39.12 93.37 7.84
C LYS ZA 167 -38.46 93.30 9.21
N TYR ZA 168 -37.41 92.52 9.34
CA TYR ZA 168 -36.72 92.33 10.61
C TYR ZA 168 -35.44 93.13 10.70
N ASP ZA 169 -35.21 94.04 9.76
CA ASP ZA 169 -33.95 94.77 9.56
C ASP ZA 169 -32.74 93.87 9.77
N GLY ZA 170 -32.81 92.65 9.24
CA GLY ZA 170 -31.79 91.67 9.52
C GLY ZA 170 -30.47 91.97 8.83
N ILE ZA 171 -29.42 91.36 9.35
CA ILE ZA 171 -28.07 91.52 8.82
C ILE ZA 171 -27.62 90.17 8.29
N ILE ZA 172 -27.26 90.13 7.01
CA ILE ZA 172 -26.79 88.91 6.37
C ILE ZA 172 -25.28 88.87 6.56
N LEU ZA 173 -24.83 88.12 7.55
CA LEU ZA 173 -23.40 87.94 7.74
C LEU ZA 173 -22.84 87.14 6.57
N PRO ZA 174 -21.83 87.65 5.88
CA PRO ZA 174 -21.23 86.87 4.77
C PRO ZA 174 -20.31 85.78 5.28
N GLY ZA 175 -20.88 84.65 5.67
CA GLY ZA 175 -20.11 83.55 6.19
C GLY ZA 175 -20.49 82.21 5.57
N ALA AB 1 -58.05 -5.20 -29.45
CA ALA AB 1 -58.15 -3.77 -29.22
C ALA AB 1 -59.45 -3.24 -29.79
N PRO AB 2 -60.09 -2.30 -29.09
CA PRO AB 2 -61.32 -1.70 -29.60
C PRO AB 2 -61.04 -0.90 -30.86
N SER AB 3 -62.04 -0.84 -31.73
CA SER AB 3 -61.91 -0.15 -33.01
C SER AB 3 -63.14 0.71 -33.21
N ARG AB 4 -62.97 2.02 -33.12
CA ARG AB 4 -64.02 3.02 -33.34
C ARG AB 4 -65.18 2.71 -32.39
N ASN AB 5 -66.39 3.01 -32.82
CA ASN AB 5 -67.55 2.71 -32.00
C ASN AB 5 -67.82 1.22 -32.01
N GLY AB 6 -68.46 0.76 -30.95
CA GLY AB 6 -68.76 -0.65 -30.81
C GLY AB 6 -69.43 -0.87 -29.47
N MET AB 7 -69.70 -2.14 -29.20
CA MET AB 7 -70.30 -2.54 -27.93
C MET AB 7 -69.24 -3.25 -27.10
N VAL AB 8 -69.15 -2.89 -25.83
CA VAL AB 8 -68.20 -3.55 -24.94
C VAL AB 8 -68.72 -4.96 -24.68
N LEU AB 9 -68.03 -5.94 -25.23
CA LEU AB 9 -68.47 -7.33 -25.18
C LEU AB 9 -67.67 -8.11 -24.16
N LYS AB 10 -68.34 -9.05 -23.50
CA LYS AB 10 -67.72 -9.91 -22.49
C LYS AB 10 -68.04 -11.36 -22.84
N PRO AB 11 -67.30 -11.94 -23.78
CA PRO AB 11 -67.56 -13.32 -24.17
C PRO AB 11 -67.07 -14.28 -23.10
N HIS AB 12 -67.91 -15.24 -22.73
CA HIS AB 12 -67.58 -16.20 -21.68
C HIS AB 12 -66.92 -17.42 -22.31
N PHE AB 13 -65.72 -17.22 -22.84
CA PHE AB 13 -65.00 -18.28 -23.53
C PHE AB 13 -63.56 -18.34 -23.06
N HIS AB 14 -63.33 -18.09 -21.77
CA HIS AB 14 -62.00 -18.16 -21.20
C HIS AB 14 -61.76 -19.42 -20.41
N LYS AB 15 -62.60 -20.44 -20.57
CA LYS AB 15 -62.65 -21.52 -19.60
C LYS AB 15 -62.69 -22.89 -20.27
N ASP AB 16 -61.97 -23.05 -21.38
CA ASP AB 16 -61.84 -24.33 -22.07
C ASP AB 16 -63.21 -24.92 -22.42
N TRP AB 17 -64.03 -24.10 -23.06
CA TRP AB 17 -65.40 -24.48 -23.37
C TRP AB 17 -65.49 -25.60 -24.39
N GLN AB 18 -64.41 -25.93 -25.09
CA GLN AB 18 -64.49 -26.91 -26.15
C GLN AB 18 -64.51 -28.34 -25.64
N ARG AB 19 -64.16 -28.57 -24.37
CA ARG AB 19 -64.31 -29.90 -23.82
C ARG AB 19 -65.75 -30.25 -23.53
N ARG AB 20 -66.58 -29.25 -23.21
CA ARG AB 20 -67.98 -29.46 -22.87
C ARG AB 20 -68.84 -28.67 -23.86
N VAL AB 21 -69.10 -29.28 -25.02
CA VAL AB 21 -70.01 -28.74 -26.01
C VAL AB 21 -71.10 -29.77 -26.23
N ALA AB 22 -72.36 -29.34 -26.13
CA ALA AB 22 -73.50 -30.21 -26.32
C ALA AB 22 -74.02 -30.03 -27.73
N THR AB 23 -73.93 -31.07 -28.54
CA THR AB 23 -74.52 -31.04 -29.87
C THR AB 23 -75.88 -31.72 -29.85
N TRP AB 24 -76.71 -31.35 -30.82
CA TRP AB 24 -78.10 -31.80 -30.85
C TRP AB 24 -78.40 -32.61 -32.10
N PHE AB 25 -77.41 -33.36 -32.59
CA PHE AB 25 -77.67 -34.22 -33.74
C PHE AB 25 -78.53 -35.40 -33.38
N ASN AB 26 -78.64 -35.71 -32.09
CA ASN AB 26 -79.51 -36.75 -31.61
C ASN AB 26 -80.89 -36.22 -31.25
N GLN AB 27 -81.15 -34.94 -31.52
CA GLN AB 27 -82.48 -34.39 -31.27
C GLN AB 27 -83.57 -35.05 -32.09
N PRO AB 28 -83.46 -35.20 -33.42
CA PRO AB 28 -84.52 -35.92 -34.15
C PRO AB 28 -84.68 -37.35 -33.70
N ALA AB 29 -83.60 -38.02 -33.32
CA ALA AB 29 -83.71 -39.38 -32.83
C ALA AB 29 -84.34 -39.40 -31.44
N ARG AB 30 -84.12 -38.36 -30.66
CA ARG AB 30 -84.72 -38.28 -29.33
C ARG AB 30 -86.22 -38.04 -29.43
N LYS AB 31 -86.65 -37.23 -30.39
CA LYS AB 31 -88.07 -37.02 -30.59
C LYS AB 31 -88.77 -38.32 -31.00
N ILE AB 32 -88.15 -39.08 -31.89
CA ILE AB 32 -88.73 -40.34 -32.33
C ILE AB 32 -88.82 -41.32 -31.17
N ARG AB 33 -87.77 -41.40 -30.36
CA ARG AB 33 -87.77 -42.31 -29.23
C ARG AB 33 -88.83 -41.92 -28.20
N ARG AB 34 -88.98 -40.63 -27.94
CA ARG AB 34 -90.02 -40.17 -27.02
C ARG AB 34 -91.41 -40.48 -27.56
N ARG AB 35 -91.63 -40.24 -28.85
CA ARG AB 35 -92.93 -40.51 -29.44
C ARG AB 35 -93.26 -41.99 -29.38
N LYS AB 36 -92.26 -42.85 -29.58
CA LYS AB 36 -92.50 -44.28 -29.52
C LYS AB 36 -92.89 -44.72 -28.11
N ALA AB 37 -92.23 -44.17 -27.10
CA ALA AB 37 -92.52 -44.56 -25.73
C ALA AB 37 -93.89 -44.05 -25.29
N ARG AB 38 -94.30 -42.88 -25.79
CA ARG AB 38 -95.65 -42.40 -25.51
C ARG AB 38 -96.69 -43.36 -26.04
N GLN AB 39 -96.49 -43.85 -27.27
CA GLN AB 39 -97.43 -44.80 -27.84
C GLN AB 39 -97.44 -46.09 -27.06
N ALA AB 40 -96.25 -46.61 -26.71
CA ALA AB 40 -96.18 -47.87 -25.99
C ALA AB 40 -96.85 -47.77 -24.65
N LYS AB 41 -96.70 -46.63 -23.97
CA LYS AB 41 -97.42 -46.41 -22.73
C LYS AB 41 -98.92 -46.39 -22.97
N ALA AB 42 -99.35 -45.77 -24.06
CA ALA AB 42 -100.78 -45.67 -24.35
C ALA AB 42 -101.40 -47.04 -24.58
N ARG AB 43 -100.70 -47.93 -25.28
CA ARG AB 43 -101.22 -49.28 -25.45
C ARG AB 43 -101.22 -50.04 -24.14
N ARG AB 44 -100.26 -49.76 -23.25
CA ARG AB 44 -100.15 -50.51 -22.02
C ARG AB 44 -101.33 -50.21 -21.08
N ILE AB 45 -101.80 -48.97 -21.08
CA ILE AB 45 -103.00 -48.60 -20.34
C ILE AB 45 -104.10 -48.42 -21.38
N ALA AB 46 -104.86 -49.50 -21.62
CA ALA AB 46 -105.66 -49.55 -22.84
C ALA AB 46 -106.80 -48.54 -22.86
N PRO AB 47 -107.76 -48.57 -21.93
CA PRO AB 47 -108.84 -47.57 -21.99
C PRO AB 47 -108.59 -46.33 -21.14
N ARG AB 48 -107.58 -46.33 -20.29
CA ARG AB 48 -107.27 -45.17 -19.47
C ARG AB 48 -106.78 -44.03 -20.37
N PRO AB 49 -106.91 -42.80 -19.91
CA PRO AB 49 -106.39 -41.67 -20.70
C PRO AB 49 -104.89 -41.78 -20.91
N ALA AB 50 -104.45 -41.38 -22.10
CA ALA AB 50 -103.05 -41.54 -22.47
C ALA AB 50 -102.14 -40.52 -21.79
N SER AB 51 -102.65 -39.33 -21.49
CA SER AB 51 -101.84 -38.28 -20.91
C SER AB 51 -101.82 -38.30 -19.39
N GLY AB 52 -102.44 -39.31 -18.77
CA GLY AB 52 -102.29 -39.52 -17.35
C GLY AB 52 -103.46 -39.00 -16.54
N PRO AB 53 -103.25 -38.90 -15.23
CA PRO AB 53 -104.35 -38.55 -14.33
C PRO AB 53 -104.80 -37.12 -14.51
N ILE AB 54 -105.99 -36.83 -13.99
CA ILE AB 54 -106.51 -35.48 -14.04
C ILE AB 54 -105.80 -34.62 -13.01
N ARG AB 55 -105.40 -33.43 -13.42
CA ARG AB 55 -104.72 -32.47 -12.57
C ARG AB 55 -105.66 -31.32 -12.23
N PRO AB 56 -105.47 -30.66 -11.09
CA PRO AB 56 -106.44 -29.67 -10.63
C PRO AB 56 -106.29 -28.33 -11.33
N ILE AB 57 -107.14 -27.41 -10.91
CA ILE AB 57 -107.09 -26.02 -11.37
C ILE AB 57 -106.26 -25.21 -10.39
N VAL AB 58 -105.30 -24.45 -10.91
CA VAL AB 58 -104.28 -23.83 -10.11
C VAL AB 58 -103.93 -22.47 -10.69
N ARG AB 59 -103.92 -21.45 -9.84
CA ARG AB 59 -103.54 -20.11 -10.25
C ARG AB 59 -102.04 -19.92 -10.07
N CYS AB 60 -101.40 -19.29 -11.05
CA CYS AB 60 -99.96 -19.10 -10.98
C CYS AB 60 -99.60 -18.16 -9.84
N PRO AB 61 -98.48 -18.40 -9.15
CA PRO AB 61 -98.21 -17.67 -7.91
C PRO AB 61 -98.01 -16.17 -8.07
N THR AB 62 -97.01 -15.76 -8.82
CA THR AB 62 -96.49 -14.42 -8.65
C THR AB 62 -97.37 -13.40 -9.35
N VAL AB 63 -97.17 -12.13 -9.01
CA VAL AB 63 -97.96 -11.03 -9.51
C VAL AB 63 -97.81 -10.84 -11.02
N ARG AB 64 -96.83 -11.49 -11.63
CA ARG AB 64 -96.71 -11.46 -13.09
C ARG AB 64 -97.77 -12.31 -13.74
N TYR AB 65 -98.02 -13.51 -13.22
CA TYR AB 65 -98.91 -14.46 -13.87
C TYR AB 65 -100.16 -14.77 -13.06
N HIS AB 66 -100.47 -13.99 -12.04
CA HIS AB 66 -101.53 -14.41 -11.13
C HIS AB 66 -102.92 -14.23 -11.72
N THR AB 67 -103.01 -13.72 -12.94
CA THR AB 67 -104.28 -13.68 -13.66
C THR AB 67 -104.50 -14.90 -14.53
N LYS AB 68 -103.54 -15.82 -14.58
CA LYS AB 68 -103.57 -16.97 -15.46
C LYS AB 68 -103.70 -18.25 -14.65
N VAL AB 69 -104.58 -19.12 -15.09
CA VAL AB 69 -104.82 -20.41 -14.44
C VAL AB 69 -104.19 -21.51 -15.29
N ARG AB 70 -103.42 -22.37 -14.64
CA ARG AB 70 -102.81 -23.52 -15.29
C ARG AB 70 -103.18 -24.79 -14.56
N ALA AB 71 -102.53 -25.90 -14.90
CA ALA AB 71 -102.80 -27.19 -14.29
C ALA AB 71 -101.78 -27.47 -13.20
N GLY AB 72 -102.26 -27.78 -12.01
CA GLY AB 72 -101.40 -28.03 -10.87
C GLY AB 72 -100.96 -29.47 -10.80
N ARG AB 73 -100.40 -29.82 -9.64
CA ARG AB 73 -99.84 -31.16 -9.44
C ARG AB 73 -100.91 -32.17 -9.04
N GLY AB 74 -101.75 -31.82 -8.09
CA GLY AB 74 -102.75 -32.74 -7.61
C GLY AB 74 -103.75 -32.03 -6.71
N PHE AB 75 -104.87 -32.68 -6.52
CA PHE AB 75 -105.92 -32.12 -5.68
C PHE AB 75 -105.53 -32.21 -4.21
N SER AB 76 -105.80 -31.15 -3.47
CA SER AB 76 -105.54 -31.16 -2.04
C SER AB 76 -106.47 -32.14 -1.34
N LEU AB 77 -106.08 -32.54 -0.13
CA LEU AB 77 -106.90 -33.49 0.62
C LEU AB 77 -108.26 -32.92 0.96
N GLU AB 78 -108.35 -31.61 1.18
CA GLU AB 78 -109.65 -30.99 1.38
C GLU AB 78 -110.49 -31.06 0.12
N GLU AB 79 -109.87 -30.85 -1.05
CA GLU AB 79 -110.59 -30.93 -2.31
C GLU AB 79 -111.14 -32.34 -2.54
N LEU AB 80 -110.50 -33.35 -1.97
CA LEU AB 80 -111.01 -34.71 -2.09
C LEU AB 80 -112.02 -35.02 -1.00
N ARG AB 81 -111.91 -34.38 0.16
CA ARG AB 81 -112.82 -34.65 1.26
C ARG AB 81 -114.24 -34.24 0.92
N VAL AB 82 -114.42 -32.99 0.49
CA VAL AB 82 -115.76 -32.51 0.16
C VAL AB 82 -116.27 -33.09 -1.14
N ALA AB 83 -115.40 -33.64 -1.97
CA ALA AB 83 -115.81 -34.37 -3.15
C ALA AB 83 -116.18 -35.81 -2.84
N GLY AB 84 -116.04 -36.24 -1.58
CA GLY AB 84 -116.39 -37.59 -1.19
C GLY AB 84 -115.52 -38.68 -1.78
N ILE AB 85 -114.22 -38.45 -1.87
CA ILE AB 85 -113.27 -39.40 -2.43
C ILE AB 85 -112.18 -39.64 -1.40
N HIS AB 86 -111.89 -40.92 -1.14
CA HIS AB 86 -110.83 -41.26 -0.22
C HIS AB 86 -109.48 -40.82 -0.78
N LYS AB 87 -108.54 -40.53 0.11
CA LYS AB 87 -107.24 -40.05 -0.35
C LYS AB 87 -106.38 -41.15 -0.96
N LYS AB 88 -106.79 -42.42 -0.84
CA LYS AB 88 -106.06 -43.52 -1.44
C LYS AB 88 -106.78 -44.17 -2.61
N VAL AB 89 -108.11 -44.07 -2.65
CA VAL AB 89 -108.85 -44.59 -3.79
C VAL AB 89 -108.69 -43.68 -5.00
N ALA AB 90 -108.40 -42.40 -4.78
CA ALA AB 90 -108.25 -41.47 -5.89
C ALA AB 90 -107.10 -41.86 -6.80
N ARG AB 91 -106.00 -42.36 -6.22
CA ARG AB 91 -104.85 -42.72 -7.04
C ARG AB 91 -105.11 -43.96 -7.87
N THR AB 92 -105.97 -44.86 -7.39
CA THR AB 92 -106.27 -46.06 -8.18
C THR AB 92 -107.14 -45.72 -9.38
N ILE AB 93 -108.06 -44.77 -9.23
CA ILE AB 93 -108.92 -44.38 -10.33
C ILE AB 93 -108.35 -43.24 -11.14
N GLY AB 94 -107.11 -42.83 -10.88
CA GLY AB 94 -106.43 -41.92 -11.76
C GLY AB 94 -106.70 -40.46 -11.52
N ILE AB 95 -106.68 -40.05 -10.26
CA ILE AB 95 -106.79 -38.66 -9.86
C ILE AB 95 -105.52 -38.30 -9.12
N SER AB 96 -104.75 -37.37 -9.68
CA SER AB 96 -103.51 -36.97 -9.02
C SER AB 96 -103.84 -36.19 -7.76
N VAL AB 97 -103.19 -36.53 -6.65
CA VAL AB 97 -103.44 -35.84 -5.40
C VAL AB 97 -102.16 -35.15 -4.96
N ASP AB 98 -102.31 -34.20 -4.04
CA ASP AB 98 -101.20 -33.38 -3.57
C ASP AB 98 -101.46 -33.05 -2.12
N PRO AB 99 -100.95 -33.87 -1.21
CA PRO AB 99 -101.20 -33.62 0.22
C PRO AB 99 -100.62 -32.32 0.72
N ARG AB 100 -99.51 -31.86 0.14
CA ARG AB 100 -98.79 -30.72 0.70
C ARG AB 100 -99.36 -29.39 0.25
N ARG AB 101 -100.42 -29.37 -0.54
CA ARG AB 101 -101.05 -28.15 -0.99
C ARG AB 101 -102.27 -27.84 -0.12
N ARG AB 102 -102.33 -26.64 0.41
CA ARG AB 102 -103.48 -26.21 1.20
C ARG AB 102 -104.21 -25.07 0.49
N ASN AB 103 -105.49 -24.93 0.79
CA ASN AB 103 -106.35 -23.97 0.13
C ASN AB 103 -106.50 -22.73 1.00
N LYS AB 104 -106.14 -21.58 0.44
CA LYS AB 104 -106.26 -20.31 1.15
C LYS AB 104 -107.55 -19.59 0.83
N SER AB 105 -108.44 -20.19 0.06
CA SER AB 105 -109.70 -19.54 -0.29
C SER AB 105 -110.73 -20.60 -0.61
N THR AB 106 -112.00 -20.25 -0.41
CA THR AB 106 -113.07 -21.17 -0.75
C THR AB 106 -113.39 -21.15 -2.24
N GLU AB 107 -112.91 -20.14 -2.96
CA GLU AB 107 -113.21 -20.06 -4.38
C GLU AB 107 -112.39 -21.07 -5.18
N SER AB 108 -111.12 -21.22 -4.83
CA SER AB 108 -110.29 -22.21 -5.51
C SER AB 108 -110.70 -23.62 -5.13
N LEU AB 109 -111.05 -23.83 -3.87
CA LEU AB 109 -111.53 -25.13 -3.43
C LEU AB 109 -112.81 -25.51 -4.16
N GLN AB 110 -113.78 -24.60 -4.19
CA GLN AB 110 -115.06 -24.89 -4.80
C GLN AB 110 -114.92 -25.14 -6.30
N ALA AB 111 -113.95 -24.50 -6.95
CA ALA AB 111 -113.74 -24.75 -8.36
C ALA AB 111 -113.20 -26.14 -8.61
N ASN AB 112 -112.40 -26.66 -7.68
CA ASN AB 112 -111.78 -27.96 -7.90
C ASN AB 112 -112.69 -29.12 -7.51
N VAL AB 113 -113.65 -28.90 -6.61
CA VAL AB 113 -114.58 -29.98 -6.30
C VAL AB 113 -115.58 -30.15 -7.42
N GLN AB 114 -115.83 -29.10 -8.21
CA GLN AB 114 -116.63 -29.26 -9.41
C GLN AB 114 -115.85 -29.99 -10.49
N ARG AB 115 -114.53 -29.87 -10.47
CA ARG AB 115 -113.70 -30.62 -11.39
C ARG AB 115 -113.71 -32.10 -11.06
N LEU AB 116 -113.69 -32.43 -9.77
CA LEU AB 116 -113.72 -33.84 -9.38
C LEU AB 116 -115.11 -34.42 -9.55
N LYS AB 117 -116.15 -33.60 -9.45
CA LYS AB 117 -117.50 -34.09 -9.64
C LYS AB 117 -117.82 -34.27 -11.11
N GLU AB 118 -117.27 -33.40 -11.97
CA GLU AB 118 -117.41 -33.64 -13.40
C GLU AB 118 -116.60 -34.85 -13.85
N TYR AB 119 -115.39 -35.01 -13.28
CA TYR AB 119 -114.59 -36.18 -13.61
C TYR AB 119 -115.27 -37.45 -13.15
N ARG AB 120 -115.87 -37.44 -11.97
CA ARG AB 120 -116.56 -38.61 -11.46
C ARG AB 120 -117.77 -38.94 -12.32
N SER AB 121 -118.44 -37.92 -12.86
CA SER AB 121 -119.60 -38.17 -13.71
C SER AB 121 -119.20 -38.74 -15.06
N LYS AB 122 -118.07 -38.30 -15.60
CA LYS AB 122 -117.59 -38.80 -16.88
C LYS AB 122 -116.82 -40.09 -16.77
N LEU AB 123 -116.61 -40.60 -15.56
CA LEU AB 123 -115.79 -41.78 -15.37
C LEU AB 123 -116.55 -43.04 -15.74
N ILE AB 124 -115.91 -43.90 -16.52
CA ILE AB 124 -116.40 -45.26 -16.78
C ILE AB 124 -115.47 -46.20 -16.04
N LEU AB 125 -115.98 -46.85 -15.00
CA LEU AB 125 -115.20 -47.78 -14.21
C LEU AB 125 -115.47 -49.20 -14.69
N PHE AB 126 -114.44 -49.85 -15.20
CA PHE AB 126 -114.57 -51.24 -15.56
C PHE AB 126 -114.73 -52.08 -14.29
N PRO AB 127 -115.53 -53.13 -14.33
CA PRO AB 127 -115.64 -54.00 -13.16
C PRO AB 127 -114.31 -54.70 -12.91
N ARG AB 128 -114.03 -54.95 -11.63
CA ARG AB 128 -112.75 -55.55 -11.27
C ARG AB 128 -112.57 -56.91 -11.94
N LYS AB 129 -113.58 -57.76 -11.83
CA LYS AB 129 -113.67 -58.95 -12.67
C LYS AB 129 -114.64 -58.67 -13.79
N PRO AB 130 -114.23 -58.83 -15.05
CA PRO AB 130 -115.14 -58.53 -16.17
C PRO AB 130 -116.41 -59.37 -16.14
N SER AB 131 -116.31 -60.63 -15.73
CA SER AB 131 -117.47 -61.49 -15.65
C SER AB 131 -118.27 -61.28 -14.37
N ALA AB 132 -117.73 -60.54 -13.41
CA ALA AB 132 -118.38 -60.31 -12.12
C ALA AB 132 -118.51 -58.82 -11.88
N PRO AB 133 -119.52 -58.17 -12.46
CA PRO AB 133 -119.75 -56.74 -12.21
C PRO AB 133 -120.36 -56.54 -10.83
N LYS AB 134 -119.59 -55.95 -9.92
CA LYS AB 134 -119.99 -55.88 -8.53
C LYS AB 134 -120.57 -54.51 -8.17
N LYS AB 135 -119.78 -53.46 -8.34
CA LYS AB 135 -120.28 -52.10 -8.18
C LYS AB 135 -119.70 -51.14 -9.21
N GLY AB 136 -118.99 -51.64 -10.21
CA GLY AB 136 -118.32 -50.78 -11.17
C GLY AB 136 -119.27 -50.05 -12.09
N ASP AB 137 -119.91 -50.78 -13.01
CA ASP AB 137 -120.77 -50.18 -14.02
C ASP AB 137 -121.65 -51.25 -14.65
N SER AB 138 -122.60 -50.79 -15.46
CA SER AB 138 -123.37 -51.64 -16.35
C SER AB 138 -122.60 -51.84 -17.65
N SER AB 139 -122.57 -53.08 -18.13
CA SER AB 139 -121.79 -53.39 -19.31
C SER AB 139 -122.34 -52.74 -20.57
N ALA AB 140 -123.59 -52.29 -20.57
CA ALA AB 140 -124.16 -51.66 -21.75
C ALA AB 140 -123.43 -50.38 -22.11
N GLU AB 141 -123.07 -49.58 -21.11
CA GLU AB 141 -122.47 -48.28 -21.34
C GLU AB 141 -120.95 -48.31 -21.33
N GLU AB 142 -120.34 -49.47 -21.09
CA GLU AB 142 -118.89 -49.58 -21.13
C GLU AB 142 -118.38 -50.48 -22.25
N LEU AB 143 -119.23 -51.32 -22.83
CA LEU AB 143 -118.79 -52.18 -23.93
C LEU AB 143 -118.39 -51.35 -25.14
N LYS AB 144 -119.10 -50.26 -25.38
CA LYS AB 144 -118.88 -49.44 -26.56
C LYS AB 144 -118.31 -48.06 -26.26
N LEU AB 145 -118.73 -47.40 -25.17
CA LEU AB 145 -118.27 -46.05 -24.91
C LEU AB 145 -116.87 -45.98 -24.33
N ALA AB 146 -116.26 -47.11 -24.01
CA ALA AB 146 -114.87 -47.09 -23.54
C ALA AB 146 -113.95 -46.69 -24.68
N THR AB 147 -113.19 -45.61 -24.48
CA THR AB 147 -112.27 -45.11 -25.49
C THR AB 147 -111.13 -44.39 -24.80
N GLN AB 148 -109.91 -44.67 -25.25
CA GLN AB 148 -108.75 -43.98 -24.71
C GLN AB 148 -108.78 -42.51 -25.11
N LEU AB 149 -108.63 -41.63 -24.13
CA LEU AB 149 -108.71 -40.20 -24.37
C LEU AB 149 -107.33 -39.62 -24.61
N THR AB 150 -107.19 -38.86 -25.69
CA THR AB 150 -105.93 -38.25 -26.07
C THR AB 150 -105.86 -36.82 -25.54
N GLY AB 151 -104.70 -36.44 -25.05
CA GLY AB 151 -104.52 -35.13 -24.47
C GLY AB 151 -104.88 -35.12 -23.00
N PRO AB 152 -104.74 -33.96 -22.37
CA PRO AB 152 -105.09 -33.85 -20.95
C PRO AB 152 -106.57 -34.06 -20.72
N VAL AB 153 -106.90 -34.54 -19.53
CA VAL AB 153 -108.30 -34.81 -19.17
C VAL AB 153 -108.94 -33.51 -18.72
N MET AB 154 -109.97 -33.07 -19.46
CA MET AB 154 -110.64 -31.80 -19.24
C MET AB 154 -109.61 -30.67 -19.20
N PRO AB 155 -109.02 -30.30 -20.33
CA PRO AB 155 -107.85 -29.42 -20.30
C PRO AB 155 -108.17 -28.07 -19.70
N VAL AB 156 -107.21 -27.54 -18.95
CA VAL AB 156 -107.41 -26.30 -18.22
C VAL AB 156 -107.34 -25.14 -19.19
N ARG AB 157 -108.36 -24.28 -19.14
CA ARG AB 157 -108.45 -23.16 -20.06
C ARG AB 157 -108.70 -21.88 -19.27
N ASN AB 158 -108.13 -20.78 -19.74
CA ASN AB 158 -108.33 -19.48 -19.13
C ASN AB 158 -109.66 -18.91 -19.58
N VAL AB 159 -110.54 -18.61 -18.64
CA VAL AB 159 -111.89 -18.12 -18.93
C VAL AB 159 -111.97 -16.66 -18.50
N TYR AB 160 -112.58 -15.84 -19.36
CA TYR AB 160 -112.70 -14.40 -19.13
C TYR AB 160 -114.17 -14.02 -19.11
N LYS AB 161 -114.57 -13.30 -18.06
CA LYS AB 161 -115.96 -12.94 -17.87
C LYS AB 161 -116.29 -11.69 -18.68
N LYS AB 162 -117.02 -11.87 -19.77
CA LYS AB 162 -117.36 -10.75 -20.63
C LYS AB 162 -118.34 -9.82 -19.94
N GLU AB 163 -118.11 -8.51 -20.08
CA GLU AB 163 -118.94 -7.50 -19.43
C GLU AB 163 -119.78 -6.78 -20.47
N LYS AB 164 -121.09 -6.79 -20.27
CA LYS AB 164 -122.00 -6.04 -21.13
C LYS AB 164 -121.81 -4.55 -20.94
N ALA AB 165 -121.83 -3.81 -22.04
CA ALA AB 165 -121.70 -2.36 -21.98
C ALA AB 165 -122.83 -1.75 -21.16
N ARG AB 166 -122.47 -0.84 -20.26
CA ARG AB 166 -123.43 -0.23 -19.35
C ARG AB 166 -123.30 1.28 -19.39
N VAL AB 167 -124.31 1.94 -18.82
CA VAL AB 167 -124.31 3.39 -18.74
C VAL AB 167 -123.46 3.82 -17.55
N ILE AB 168 -122.51 4.72 -17.81
CA ILE AB 168 -121.63 5.19 -16.74
C ILE AB 168 -122.42 6.08 -15.79
N THR AB 169 -122.31 5.79 -14.50
CA THR AB 169 -123.02 6.56 -13.49
C THR AB 169 -122.25 7.82 -13.14
N GLU AB 170 -122.89 8.67 -12.33
CA GLU AB 170 -122.23 9.89 -11.88
C GLU AB 170 -121.06 9.57 -10.97
N GLU AB 171 -121.21 8.58 -10.09
CA GLU AB 171 -120.13 8.23 -9.17
C GLU AB 171 -118.92 7.68 -9.92
N GLU AB 172 -119.17 6.88 -10.96
CA GLU AB 172 -118.07 6.36 -11.77
C GLU AB 172 -117.30 7.50 -12.44
N LYS AB 173 -118.03 8.51 -12.95
CA LYS AB 173 -117.37 9.64 -13.58
C LYS AB 173 -116.67 10.53 -12.57
N ASN AB 174 -117.14 10.56 -11.32
CA ASN AB 174 -116.56 11.42 -10.31
C ASN AB 174 -115.45 10.75 -9.52
N PHE AB 175 -115.22 9.46 -9.72
CA PHE AB 175 -114.14 8.78 -9.03
C PHE AB 175 -112.80 9.24 -9.57
N LYS AB 176 -111.81 9.33 -8.68
CA LYS AB 176 -110.47 9.77 -9.03
C LYS AB 176 -109.52 8.60 -8.90
N ALA AB 177 -109.09 8.07 -10.03
CA ALA AB 177 -108.20 6.91 -10.01
C ALA AB 177 -106.80 7.30 -9.58
N PHE AB 178 -106.26 8.39 -10.13
CA PHE AB 178 -104.86 8.74 -9.84
C PHE AB 178 -104.73 9.30 -8.43
N ALA AB 179 -105.70 10.10 -7.99
CA ALA AB 179 -105.65 10.61 -6.63
C ALA AB 179 -105.75 9.47 -5.62
N SER AB 180 -106.60 8.49 -5.89
CA SER AB 180 -106.76 7.38 -4.96
C SER AB 180 -105.55 6.47 -4.97
N LEU AB 181 -104.90 6.31 -6.11
CA LEU AB 181 -103.71 5.47 -6.16
C LEU AB 181 -102.55 6.12 -5.42
N ARG AB 182 -102.37 7.43 -5.61
CA ARG AB 182 -101.32 8.12 -4.89
C ARG AB 182 -101.61 8.18 -3.40
N MET AB 183 -102.87 8.42 -3.03
CA MET AB 183 -103.22 8.47 -1.62
C MET AB 183 -103.07 7.11 -0.96
N ALA AB 184 -103.39 6.04 -1.68
CA ALA AB 184 -103.25 4.70 -1.12
C ALA AB 184 -101.80 4.37 -0.84
N ARG AB 185 -100.90 4.76 -1.74
CA ARG AB 185 -99.48 4.55 -1.51
C ARG AB 185 -98.99 5.33 -0.31
N ALA AB 186 -99.47 6.57 -0.16
CA ALA AB 186 -99.07 7.39 0.99
C ALA AB 186 -99.58 6.79 2.30
N ASN AB 187 -100.83 6.34 2.33
CA ASN AB 187 -101.40 5.80 3.56
C ASN AB 187 -100.69 4.52 3.98
N ALA AB 188 -100.36 3.66 3.02
CA ALA AB 188 -99.65 2.43 3.35
C ALA AB 188 -98.23 2.71 3.79
N ARG AB 189 -97.60 3.74 3.22
CA ARG AB 189 -96.21 4.04 3.57
C ARG AB 189 -96.12 4.66 4.96
N LEU AB 190 -97.01 5.59 5.27
CA LEU AB 190 -96.95 6.34 6.52
C LEU AB 190 -97.85 5.78 7.59
N PHE AB 191 -98.33 4.54 7.42
CA PHE AB 191 -99.20 3.94 8.42
C PHE AB 191 -98.47 3.73 9.73
N GLY AB 192 -97.26 3.16 9.67
CA GLY AB 192 -96.54 2.83 10.90
C GLY AB 192 -96.13 4.06 11.69
N ILE AB 193 -95.65 5.10 10.99
CA ILE AB 193 -95.20 6.30 11.70
C ILE AB 193 -96.38 7.04 12.30
N ARG AB 194 -97.53 7.05 11.61
CA ARG AB 194 -98.71 7.69 12.16
C ARG AB 194 -99.17 6.99 13.43
N ALA AB 195 -99.03 5.66 13.47
CA ALA AB 195 -99.36 4.92 14.68
C ALA AB 195 -98.43 5.28 15.82
N LYS AB 196 -97.12 5.39 15.54
CA LYS AB 196 -96.18 5.77 16.58
C LYS AB 196 -96.43 7.18 17.08
N ARG AB 197 -96.73 8.10 16.17
CA ARG AB 197 -96.98 9.48 16.57
C ARG AB 197 -98.28 9.61 17.32
N ALA AB 198 -99.27 8.79 16.99
CA ALA AB 198 -100.54 8.84 17.71
C ALA AB 198 -100.38 8.33 19.13
N LYS AB 199 -99.70 7.18 19.30
CA LYS AB 199 -99.49 6.64 20.64
C LYS AB 199 -98.62 7.57 21.49
N GLU AB 200 -97.55 8.10 20.91
CA GLU AB 200 -96.69 9.01 21.65
C GLU AB 200 -97.37 10.36 21.88
N ALA AB 201 -98.39 10.69 21.09
CA ALA AB 201 -99.23 11.83 21.42
C ALA AB 201 -100.14 11.50 22.60
N ALA AB 202 -100.59 10.25 22.68
CA ALA AB 202 -101.40 9.83 23.82
C ALA AB 202 -100.60 9.87 25.11
N GLU AB 203 -99.35 9.38 25.07
CA GLU AB 203 -98.52 9.43 26.26
C GLU AB 203 -98.19 10.86 26.66
N GLN AB 204 -98.01 11.75 25.68
CA GLN AB 204 -97.69 13.14 25.99
C GLN AB 204 -98.92 13.90 26.50
N ASP AB 205 -100.12 13.45 26.15
CA ASP AB 205 -101.33 14.17 26.54
C ASP AB 205 -102.00 13.60 27.78
N VAL AB 206 -101.61 12.40 28.22
CA VAL AB 206 -102.07 11.91 29.52
C VAL AB 206 -101.26 12.46 30.67
N GLU AB 207 -100.27 13.31 30.38
CA GLU AB 207 -99.45 13.94 31.40
C GLU AB 207 -99.55 15.47 31.32
N LYS AB 208 -100.64 15.96 30.74
CA LYS AB 208 -100.83 17.41 30.62
C LYS AB 208 -100.95 18.06 31.99
N LYS AB 209 -101.68 17.43 32.91
CA LYS AB 209 -101.86 17.92 34.27
C LYS AB 209 -101.09 17.01 35.22
N LYS AB 210 -100.15 17.58 35.95
CA LYS AB 210 -99.32 16.82 36.88
C LYS AB 210 -98.87 17.72 38.04
N VAL BB 1 8.48 37.01 -101.00
CA VAL BB 1 7.71 35.78 -101.08
C VAL BB 1 6.31 36.08 -101.59
N PHE BB 2 5.60 36.96 -100.88
CA PHE BB 2 4.21 37.23 -101.20
C PHE BB 2 4.10 38.13 -102.43
N ARG BB 3 3.12 37.83 -103.28
CA ARG BB 3 2.90 38.59 -104.50
C ARG BB 3 1.55 39.29 -104.56
N ARG BB 4 0.60 38.91 -103.72
CA ARG BB 4 -0.74 39.49 -103.75
C ARG BB 4 -1.08 40.04 -102.37
N PHE BB 5 -1.41 41.33 -102.32
CA PHE BB 5 -1.59 42.06 -101.08
C PHE BB 5 -2.98 42.64 -101.00
N VAL BB 6 -3.63 42.46 -99.85
CA VAL BB 6 -4.90 43.13 -99.59
C VAL BB 6 -4.63 44.63 -99.48
N GLU BB 7 -5.14 45.40 -100.42
CA GLU BB 7 -4.90 46.83 -100.46
C GLU BB 7 -6.09 47.50 -101.12
N VAL BB 8 -6.14 48.82 -100.98
CA VAL BB 8 -7.25 49.58 -101.57
C VAL BB 8 -7.10 49.57 -103.09
N GLY BB 9 -8.06 48.97 -103.76
CA GLY BB 9 -8.03 48.78 -105.19
C GLY BB 9 -7.86 47.34 -105.61
N ARG BB 10 -7.35 46.48 -104.73
CA ARG BB 10 -7.11 45.10 -105.10
C ARG BB 10 -8.42 44.41 -105.39
N VAL BB 11 -8.48 43.69 -106.51
CA VAL BB 11 -9.69 43.02 -106.94
C VAL BB 11 -9.66 41.59 -106.42
N ALA BB 12 -10.71 41.20 -105.71
CA ALA BB 12 -10.80 39.90 -105.08
C ALA BB 12 -11.92 39.09 -105.72
N TYR BB 13 -11.89 37.80 -105.48
CA TYR BB 13 -12.87 36.87 -106.02
C TYR BB 13 -13.62 36.24 -104.86
N VAL BB 14 -14.94 36.41 -104.83
CA VAL BB 14 -15.76 35.90 -103.74
C VAL BB 14 -15.83 34.38 -103.88
N SER BB 15 -15.13 33.66 -103.00
CA SER BB 15 -15.04 32.22 -103.14
C SER BB 15 -16.33 31.51 -102.74
N PHE BB 16 -17.00 31.99 -101.70
CA PHE BB 16 -18.26 31.39 -101.26
C PHE BB 16 -19.13 32.47 -100.65
N GLY BB 17 -20.34 32.08 -100.25
CA GLY BB 17 -21.27 32.99 -99.65
C GLY BB 17 -22.34 33.45 -100.62
N PRO BB 18 -23.10 34.47 -100.23
CA PRO BB 18 -24.17 34.96 -101.10
C PRO BB 18 -23.69 35.57 -102.40
N HIS BB 19 -22.42 35.99 -102.48
CA HIS BB 19 -21.89 36.63 -103.67
C HIS BB 19 -20.87 35.76 -104.39
N ALA BB 20 -20.92 34.45 -104.19
CA ALA BB 20 -19.90 33.55 -104.72
C ALA BB 20 -19.84 33.63 -106.24
N GLY BB 21 -18.64 33.84 -106.75
CA GLY BB 21 -18.42 33.87 -108.18
C GLY BB 21 -18.39 35.24 -108.81
N LYS BB 22 -18.40 36.30 -108.01
CA LYS BB 22 -18.42 37.65 -108.54
C LYS BB 22 -17.12 38.36 -108.21
N LEU BB 23 -16.64 39.16 -109.14
CA LEU BB 23 -15.51 40.03 -108.85
C LEU BB 23 -15.96 41.18 -107.96
N VAL BB 24 -15.03 41.68 -107.16
CA VAL BB 24 -15.26 42.82 -106.28
C VAL BB 24 -14.00 43.66 -106.25
N ALA BB 25 -14.11 44.83 -105.63
CA ALA BB 25 -12.97 45.69 -105.39
C ALA BB 25 -12.89 45.97 -103.90
N ILE BB 26 -11.67 45.98 -103.36
CA ILE BB 26 -11.45 46.26 -101.95
C ILE BB 26 -11.33 47.76 -101.79
N VAL BB 27 -12.29 48.36 -101.09
CA VAL BB 27 -12.31 49.80 -100.91
C VAL BB 27 -11.62 50.22 -99.64
N ASP BB 28 -11.93 49.56 -98.52
CA ASP BB 28 -11.32 49.88 -97.24
C ASP BB 28 -11.16 48.59 -96.45
N VAL BB 29 -10.50 48.69 -95.31
CA VAL BB 29 -10.24 47.54 -94.46
C VAL BB 29 -10.66 47.87 -93.03
N ILE BB 30 -11.33 46.93 -92.39
CA ILE BB 30 -11.80 47.08 -91.02
C ILE BB 30 -11.35 45.89 -90.20
N ASP BB 31 -10.70 46.18 -89.07
CA ASP BB 31 -10.44 45.23 -87.96
C ASP BB 31 -9.94 43.87 -88.41
N GLN BB 32 -9.06 43.85 -89.42
CA GLN BB 32 -8.13 42.75 -89.76
C GLN BB 32 -8.81 41.46 -90.20
N ASN BB 33 -10.14 41.43 -90.22
CA ASN BB 33 -10.90 40.27 -90.63
C ASN BB 33 -11.89 40.57 -91.73
N ARG BB 34 -12.34 41.81 -91.85
CA ARG BB 34 -13.31 42.21 -92.85
C ARG BB 34 -12.74 43.34 -93.67
N ALA BB 35 -13.47 43.73 -94.70
CA ALA BB 35 -13.09 44.82 -95.58
C ALA BB 35 -14.33 45.44 -96.17
N LEU BB 36 -14.32 46.75 -96.34
CA LEU BB 36 -15.34 47.40 -97.13
C LEU BB 36 -15.12 47.05 -98.59
N VAL BB 37 -16.11 46.39 -99.20
CA VAL BB 37 -15.94 45.77 -100.49
C VAL BB 37 -17.08 46.22 -101.41
N ASP BB 38 -16.74 46.61 -102.62
CA ASP BB 38 -17.70 47.19 -103.54
C ASP BB 38 -17.41 46.73 -104.96
N GLY BB 39 -18.34 45.98 -105.55
CA GLY BB 39 -18.31 45.72 -106.97
C GLY BB 39 -19.40 46.49 -107.68
N PRO BB 40 -19.04 47.60 -108.30
CA PRO BB 40 -20.04 48.43 -108.97
C PRO BB 40 -20.42 47.91 -110.35
N CYS BB 41 -19.44 47.35 -111.05
CA CYS BB 41 -19.66 46.82 -112.39
C CYS BB 41 -19.86 45.31 -112.39
N THR BB 42 -20.10 44.73 -111.22
CA THR BB 42 -20.23 43.28 -111.10
C THR BB 42 -21.37 42.88 -110.18
N GLN BB 43 -22.25 43.82 -109.82
CA GLN BB 43 -23.45 43.55 -109.02
C GLN BB 43 -23.10 43.02 -107.64
N VAL BB 44 -22.28 43.79 -106.93
CA VAL BB 44 -22.05 43.60 -105.50
C VAL BB 44 -22.06 44.98 -104.86
N ARG BB 45 -23.16 45.34 -104.21
CA ARG BB 45 -23.20 46.67 -103.62
C ARG BB 45 -22.32 46.73 -102.37
N ARG BB 46 -21.97 47.95 -101.98
CA ARG BB 46 -20.96 48.16 -100.95
C ARG BB 46 -21.41 47.58 -99.62
N GLN BB 47 -20.52 46.81 -99.00
CA GLN BB 47 -20.82 46.10 -97.77
C GLN BB 47 -19.54 45.56 -97.19
N ALA BB 48 -19.56 45.29 -95.89
CA ALA BB 48 -18.44 44.62 -95.27
C ALA BB 48 -18.38 43.18 -95.73
N MET BB 49 -17.17 42.62 -95.76
CA MET BB 49 -17.00 41.29 -96.25
C MET BB 49 -15.72 40.69 -95.70
N PRO BB 50 -15.76 39.48 -95.15
CA PRO BB 50 -14.56 38.90 -94.56
C PRO BB 50 -13.58 38.38 -95.60
N PHE BB 51 -12.30 38.39 -95.23
CA PHE BB 51 -11.26 37.89 -96.12
C PHE BB 51 -11.33 36.38 -96.32
N LYS BB 52 -12.08 35.67 -95.48
CA LYS BB 52 -12.15 34.22 -95.62
C LYS BB 52 -12.87 33.83 -96.90
N CYS BB 53 -13.80 34.65 -97.37
CA CYS BB 53 -14.49 34.40 -98.63
C CYS BB 53 -13.91 35.21 -99.77
N MET BB 54 -12.60 35.42 -99.77
CA MET BB 54 -11.93 36.18 -100.81
C MET BB 54 -10.77 35.39 -101.38
N GLN BB 55 -10.46 35.64 -102.64
CA GLN BB 55 -9.30 35.06 -103.31
C GLN BB 55 -8.71 36.17 -104.19
N LEU BB 56 -7.60 36.76 -103.76
CA LEU BB 56 -7.07 37.94 -104.42
C LEU BB 56 -6.58 37.61 -105.83
N THR BB 57 -6.83 38.52 -106.76
CA THR BB 57 -6.39 38.39 -108.13
C THR BB 57 -5.22 39.34 -108.37
N ASP BB 58 -4.75 39.38 -109.61
CA ASP BB 58 -3.62 40.23 -109.97
C ASP BB 58 -4.03 41.64 -110.35
N PHE BB 59 -5.32 41.93 -110.44
CA PHE BB 59 -5.79 43.25 -110.84
C PHE BB 59 -5.83 44.17 -109.64
N ILE BB 60 -5.35 45.40 -109.82
CA ILE BB 60 -5.42 46.44 -108.79
C ILE BB 60 -5.90 47.72 -109.46
N LEU BB 61 -6.84 48.40 -108.83
CA LEU BB 61 -7.34 49.67 -109.29
C LEU BB 61 -6.76 50.80 -108.46
N LYS BB 62 -6.78 52.00 -109.04
CA LYS BB 62 -6.18 53.18 -108.41
C LYS BB 62 -7.29 54.18 -108.10
N PHE BB 63 -7.76 54.17 -106.86
CA PHE BB 63 -8.66 55.19 -106.35
C PHE BB 63 -8.37 55.41 -104.88
N PRO BB 64 -8.69 56.58 -104.34
CA PRO BB 64 -8.53 56.80 -102.90
C PRO BB 64 -9.46 55.92 -102.10
N HIS BB 65 -9.02 55.59 -100.88
CA HIS BB 65 -9.81 54.73 -100.02
C HIS BB 65 -11.11 55.40 -99.63
N SER BB 66 -12.16 54.60 -99.54
CA SER BB 66 -13.51 55.05 -99.20
C SER BB 66 -14.03 56.09 -100.19
N ALA BB 67 -13.59 56.03 -101.44
CA ALA BB 67 -14.21 56.82 -102.48
C ALA BB 67 -15.59 56.25 -102.79
N HIS BB 68 -16.44 57.07 -103.38
CA HIS BB 68 -17.81 56.64 -103.61
C HIS BB 68 -17.88 55.63 -104.76
N GLN BB 69 -19.01 54.95 -104.85
CA GLN BB 69 -19.21 53.93 -105.89
C GLN BB 69 -19.06 54.53 -107.28
N LYS BB 70 -19.30 55.83 -107.44
CA LYS BB 70 -19.10 56.47 -108.73
C LYS BB 70 -17.65 56.36 -109.17
N TYR BB 71 -16.71 56.66 -108.28
CA TYR BB 71 -15.30 56.65 -108.66
C TYR BB 71 -14.78 55.24 -108.83
N VAL BB 72 -15.23 54.30 -108.01
CA VAL BB 72 -14.81 52.91 -108.16
C VAL BB 72 -15.32 52.35 -109.48
N ARG BB 73 -16.52 52.76 -109.89
CA ARG BB 73 -17.05 52.34 -111.18
C ARG BB 73 -16.21 52.89 -112.33
N GLN BB 74 -15.74 54.13 -112.21
CA GLN BB 74 -14.93 54.72 -113.28
C GLN BB 74 -13.58 54.03 -113.38
N ALA BB 75 -12.97 53.69 -112.25
CA ALA BB 75 -11.70 52.97 -112.28
C ALA BB 75 -11.89 51.57 -112.84
N TRP BB 76 -13.02 50.94 -112.55
CA TRP BB 76 -13.28 49.60 -113.06
C TRP BB 76 -13.54 49.62 -114.56
N GLN BB 77 -14.34 50.58 -115.03
CA GLN BB 77 -14.69 50.61 -116.45
C GLN BB 77 -13.48 50.98 -117.29
N LYS BB 78 -12.77 52.05 -116.93
CA LYS BB 78 -11.53 52.37 -117.59
C LYS BB 78 -10.51 51.29 -117.31
N ALA BB 79 -9.85 50.77 -118.34
CA ALA BB 79 -9.04 49.58 -118.24
C ALA BB 79 -9.85 48.45 -117.60
N ASP BB 80 -10.87 48.04 -118.36
CA ASP BB 80 -11.96 47.25 -117.80
C ASP BB 80 -11.48 45.91 -117.26
N ILE BB 81 -12.00 45.55 -116.09
CA ILE BB 81 -11.62 44.32 -115.43
C ILE BB 81 -12.46 43.14 -115.90
N ASN BB 82 -13.65 43.38 -116.44
CA ASN BB 82 -14.52 42.27 -116.82
C ASN BB 82 -13.97 41.52 -118.03
N THR BB 83 -13.45 42.25 -119.02
CA THR BB 83 -12.89 41.58 -120.17
C THR BB 83 -11.51 40.98 -119.85
N LYS BB 84 -10.73 41.67 -119.03
CA LYS BB 84 -9.43 41.13 -118.62
C LYS BB 84 -9.60 39.88 -117.78
N TRP BB 85 -10.62 39.84 -116.93
CA TRP BB 85 -10.88 38.67 -116.12
C TRP BB 85 -11.14 37.46 -116.99
N ALA BB 86 -12.02 37.60 -117.98
CA ALA BB 86 -12.36 36.48 -118.84
C ALA BB 86 -11.15 35.97 -119.62
N ALA BB 87 -10.16 36.82 -119.85
CA ALA BB 87 -8.97 36.40 -120.58
C ALA BB 87 -8.04 35.55 -119.72
N THR BB 88 -8.08 35.72 -118.40
CA THR BB 88 -7.15 35.00 -117.54
C THR BB 88 -7.47 33.50 -117.54
N ARG BB 89 -6.45 32.71 -117.24
CA ARG BB 89 -6.64 31.27 -117.13
C ARG BB 89 -7.52 30.93 -115.95
N TRP BB 90 -7.55 31.79 -114.93
CA TRP BB 90 -8.39 31.53 -113.77
C TRP BB 90 -9.87 31.51 -114.14
N ALA BB 91 -10.35 32.55 -114.83
CA ALA BB 91 -11.77 32.65 -115.11
C ALA BB 91 -12.22 31.57 -116.07
N LYS BB 92 -11.40 31.25 -117.07
CA LYS BB 92 -11.79 30.20 -118.01
C LYS BB 92 -11.59 28.82 -117.40
N LYS BB 93 -10.81 28.72 -116.31
CA LYS BB 93 -10.83 27.48 -115.54
C LYS BB 93 -12.15 27.32 -114.82
N ILE BB 94 -12.67 28.41 -114.25
CA ILE BB 94 -13.99 28.36 -113.61
C ILE BB 94 -15.05 28.08 -114.66
N GLU BB 95 -14.95 28.74 -115.81
CA GLU BB 95 -15.94 28.54 -116.86
C GLU BB 95 -15.95 27.10 -117.34
N ALA BB 96 -14.77 26.51 -117.54
CA ALA BB 96 -14.70 25.11 -117.93
C ALA BB 96 -15.29 24.21 -116.86
N ARG BB 97 -15.08 24.56 -115.59
CA ARG BB 97 -15.71 23.80 -114.51
C ARG BB 97 -17.22 23.92 -114.57
N GLU BB 98 -17.73 25.09 -114.94
CA GLU BB 98 -19.17 25.31 -114.93
C GLU BB 98 -19.86 24.52 -116.03
N ARG BB 99 -19.29 24.53 -117.24
CA ARG BB 99 -19.94 23.83 -118.34
C ARG BB 99 -19.73 22.33 -118.26
N LYS BB 100 -18.71 21.89 -117.52
CA LYS BB 100 -18.56 20.45 -117.29
C LYS BB 100 -19.70 19.92 -116.43
N ALA BB 101 -20.18 20.73 -115.49
CA ALA BB 101 -21.24 20.28 -114.59
C ALA BB 101 -22.60 20.30 -115.27
N LYS BB 102 -22.81 21.23 -116.20
CA LYS BB 102 -24.08 21.37 -116.89
C LYS BB 102 -24.18 20.50 -118.14
N MET BB 103 -23.19 19.65 -118.38
CA MET BB 103 -23.21 18.76 -119.53
C MET BB 103 -24.35 17.75 -119.40
N THR BB 104 -25.13 17.60 -120.47
CA THR BB 104 -26.31 16.77 -120.46
C THR BB 104 -25.91 15.29 -120.57
N ASP BB 105 -26.91 14.41 -120.60
CA ASP BB 105 -26.62 12.99 -120.73
C ASP BB 105 -26.21 12.65 -122.16
N PHE BB 106 -26.84 13.31 -123.14
CA PHE BB 106 -26.39 13.17 -124.52
C PHE BB 106 -25.01 13.75 -124.71
N ASP BB 107 -24.75 14.92 -124.13
CA ASP BB 107 -23.44 15.54 -124.25
C ASP BB 107 -22.37 14.70 -123.60
N ARG BB 108 -22.69 14.05 -122.48
CA ARG BB 108 -21.74 13.13 -121.86
C ARG BB 108 -21.38 11.99 -122.80
N PHE BB 109 -22.32 11.58 -123.65
CA PHE BB 109 -22.06 10.49 -124.58
C PHE BB 109 -21.13 10.95 -125.70
N LYS BB 110 -21.37 12.14 -126.25
CA LYS BB 110 -20.55 12.61 -127.35
C LYS BB 110 -19.12 12.88 -126.90
N VAL BB 111 -18.96 13.31 -125.65
CA VAL BB 111 -17.62 13.45 -125.09
C VAL BB 111 -16.94 12.09 -124.98
N MET BB 112 -17.71 11.05 -124.65
CA MET BB 112 -17.15 9.71 -124.52
C MET BB 112 -16.58 9.22 -125.83
N LYS BB 113 -17.28 9.49 -126.94
CA LYS BB 113 -16.81 9.05 -128.24
C LYS BB 113 -15.63 9.87 -128.72
N ALA BB 114 -15.65 11.18 -128.46
CA ALA BB 114 -14.56 12.04 -128.90
C ALA BB 114 -13.30 11.77 -128.10
N LYS BB 115 -13.44 11.58 -126.78
CA LYS BB 115 -12.29 11.22 -125.96
C LYS BB 115 -11.78 9.83 -126.33
N LYS BB 116 -12.68 8.93 -126.71
CA LYS BB 116 -12.27 7.58 -127.10
C LYS BB 116 -11.40 7.62 -128.34
N MET BB 117 -11.74 8.45 -129.32
CA MET BB 117 -10.96 8.50 -130.54
C MET BB 117 -9.70 9.33 -130.36
N ARG BB 118 -9.79 10.45 -129.64
CA ARG BB 118 -8.64 11.32 -129.47
C ARG BB 118 -7.53 10.63 -128.70
N ASN BB 119 -7.89 9.90 -127.64
CA ASN BB 119 -6.88 9.21 -126.85
C ASN BB 119 -6.23 8.08 -127.63
N ARG BB 120 -6.95 7.50 -128.59
CA ARG BB 120 -6.37 6.42 -129.37
C ARG BB 120 -5.35 6.96 -130.37
N ILE BB 121 -5.63 8.10 -130.97
CA ILE BB 121 -4.68 8.68 -131.91
C ILE BB 121 -3.45 9.19 -131.18
N ILE BB 122 -3.65 9.78 -130.00
CA ILE BB 122 -2.52 10.24 -129.21
C ILE BB 122 -1.67 9.06 -128.75
N LYS BB 123 -2.31 8.00 -128.24
CA LYS BB 123 -1.56 6.84 -127.78
C LYS BB 123 -0.89 6.13 -128.94
N ASN BB 124 -1.50 6.16 -130.12
CA ASN BB 124 -0.87 5.60 -131.31
C ASN BB 124 0.38 6.38 -131.68
N GLU BB 125 0.33 7.70 -131.53
CA GLU BB 125 1.51 8.52 -131.82
C GLU BB 125 2.59 8.33 -130.75
N VAL BB 126 2.17 8.14 -129.50
CA VAL BB 126 3.14 7.94 -128.43
C VAL BB 126 3.90 6.65 -128.64
N LYS BB 127 3.20 5.59 -129.06
CA LYS BB 127 3.86 4.34 -129.42
C LYS BB 127 4.86 4.57 -130.55
N LYS BB 128 4.48 5.39 -131.53
CA LYS BB 128 5.37 5.70 -132.63
C LYS BB 128 6.62 6.42 -132.16
N LEU BB 129 6.45 7.37 -131.24
CA LEU BB 129 7.60 8.12 -130.73
C LEU BB 129 8.52 7.26 -129.89
N GLN BB 130 7.94 6.33 -129.13
CA GLN BB 130 8.76 5.38 -128.38
C GLN BB 130 9.54 4.48 -129.32
N LYS BB 131 8.90 4.06 -130.42
CA LYS BB 131 9.54 3.15 -131.36
C LYS BB 131 10.76 3.78 -132.01
N ALA BB 132 10.59 5.00 -132.53
CA ALA BB 132 11.68 5.63 -133.27
C ALA BB 132 12.81 6.06 -132.35
N ALA BB 133 12.48 6.48 -131.13
CA ALA BB 133 13.51 6.92 -130.19
C ALA BB 133 14.39 5.77 -129.75
N LEU BB 134 13.85 4.55 -129.72
CA LEU BB 134 14.64 3.40 -129.29
C LEU BB 134 15.68 2.98 -130.32
N LEU BB 135 15.82 3.72 -131.42
CA LEU BB 135 16.87 3.43 -132.41
C LEU BB 135 18.17 4.10 -131.97
N LYS BB 136 18.64 3.66 -130.80
CA LYS BB 136 19.91 4.11 -130.24
C LYS BB 136 20.90 2.96 -130.33
N ALA BB 137 21.98 3.15 -131.10
CA ALA BB 137 23.05 2.16 -131.21
C ALA BB 137 24.36 2.94 -131.05
N SER BB 138 24.78 3.10 -129.80
CA SER BB 138 25.94 3.92 -129.48
C SER BB 138 26.80 3.19 -128.46
N PRO BB 139 28.13 3.36 -128.51
CA PRO BB 139 29.03 2.77 -127.53
C PRO BB 139 29.00 3.51 -126.19
N GLY CB 1 -91.32 -47.26 27.10
CA GLY CB 1 -91.01 -45.84 27.04
C GLY CB 1 -89.60 -45.51 27.46
N ALA CB 2 -88.76 -46.54 27.54
CA ALA CB 2 -87.42 -46.36 28.10
C ALA CB 2 -86.48 -45.62 27.16
N TYR CB 3 -86.67 -45.76 25.86
CA TYR CB 3 -85.77 -45.09 24.93
C TYR CB 3 -85.91 -43.58 24.98
N LYS CB 4 -87.11 -43.08 25.29
CA LYS CB 4 -87.30 -41.64 25.42
C LYS CB 4 -86.48 -41.10 26.59
N TYR CB 5 -86.42 -41.85 27.70
CA TYR CB 5 -85.61 -41.42 28.83
C TYR CB 5 -84.13 -41.41 28.48
N ILE CB 6 -83.69 -42.42 27.73
CA ILE CB 6 -82.27 -42.52 27.42
C ILE CB 6 -81.80 -41.36 26.57
N GLN CB 7 -82.57 -40.97 25.53
CA GLN CB 7 -82.12 -39.86 24.71
C GLN CB 7 -82.13 -38.56 25.48
N GLU CB 8 -83.13 -38.36 26.35
CA GLU CB 8 -83.15 -37.15 27.16
C GLU CB 8 -81.96 -37.11 28.09
N LEU CB 9 -81.50 -38.27 28.53
CA LEU CB 9 -80.30 -38.34 29.36
C LEU CB 9 -79.06 -38.04 28.53
N TRP CB 10 -79.03 -38.53 27.28
CA TRP CB 10 -77.89 -38.32 26.41
C TRP CB 10 -77.89 -36.94 25.78
N ARG CB 11 -78.85 -36.09 26.09
CA ARG CB 11 -78.79 -34.69 25.71
C ARG CB 11 -78.22 -33.82 26.82
N LYS CB 12 -77.77 -34.42 27.91
CA LYS CB 12 -77.30 -33.71 29.09
C LYS CB 12 -75.84 -34.03 29.33
N LYS CB 13 -75.00 -33.95 28.28
CA LYS CB 13 -73.64 -34.42 28.33
C LYS CB 13 -72.76 -33.65 29.30
N GLN CB 14 -73.20 -32.48 29.77
CA GLN CB 14 -72.43 -31.72 30.76
C GLN CB 14 -72.88 -31.96 32.18
N SER CB 15 -73.90 -32.78 32.40
CA SER CB 15 -74.30 -33.11 33.75
C SER CB 15 -73.26 -34.04 34.38
N ASP CB 16 -73.30 -34.16 35.71
CA ASP CB 16 -72.27 -34.92 36.42
C ASP CB 16 -72.32 -36.39 36.08
N VAL CB 17 -73.51 -36.95 35.90
CA VAL CB 17 -73.63 -38.37 35.57
C VAL CB 17 -73.12 -38.64 34.16
N MET CB 18 -73.50 -37.80 33.21
CA MET CB 18 -73.08 -38.03 31.83
C MET CB 18 -71.63 -37.61 31.60
N ARG CB 19 -71.13 -36.63 32.35
CA ARG CB 19 -69.73 -36.27 32.26
C ARG CB 19 -68.85 -37.41 32.71
N PHE CB 20 -69.21 -38.05 33.82
CA PHE CB 20 -68.43 -39.18 34.31
C PHE CB 20 -68.43 -40.32 33.31
N LEU CB 21 -69.60 -40.64 32.76
CA LEU CB 21 -69.73 -41.80 31.88
C LEU CB 21 -68.93 -41.61 30.60
N LEU CB 22 -68.98 -40.41 30.02
CA LEU CB 22 -68.20 -40.16 28.82
C LEU CB 22 -66.72 -40.12 29.12
N ARG CB 23 -66.35 -39.68 30.32
CA ARG CB 23 -64.94 -39.61 30.69
C ARG CB 23 -64.34 -41.02 30.83
N VAL CB 24 -65.06 -41.90 31.51
CA VAL CB 24 -64.54 -43.25 31.76
C VAL CB 24 -64.53 -44.07 30.48
N ARG CB 25 -65.60 -43.97 29.69
CA ARG CB 25 -65.67 -44.72 28.45
C ARG CB 25 -64.59 -44.27 27.46
N CYS CB 26 -64.33 -42.97 27.40
CA CYS CB 26 -63.29 -42.46 26.52
C CYS CB 26 -61.92 -43.00 26.93
N TRP CB 27 -61.69 -43.18 28.23
CA TRP CB 27 -60.44 -43.80 28.67
C TRP CB 27 -60.33 -45.21 28.13
N GLN CB 28 -61.40 -45.99 28.23
CA GLN CB 28 -61.37 -47.37 27.76
C GLN CB 28 -61.17 -47.43 26.25
N TYR CB 29 -61.76 -46.50 25.52
CA TYR CB 29 -61.63 -46.49 24.07
C TYR CB 29 -60.21 -46.14 23.64
N ARG CB 30 -59.51 -45.31 24.42
CA ARG CB 30 -58.13 -44.99 24.08
C ARG CB 30 -57.20 -46.17 24.30
N GLN CB 31 -57.64 -47.16 25.08
CA GLN CB 31 -56.78 -48.29 25.40
C GLN CB 31 -56.92 -49.44 24.41
N LEU CB 32 -57.71 -49.28 23.36
CA LEU CB 32 -57.96 -50.33 22.40
C LEU CB 32 -57.48 -49.91 21.01
N SER CB 33 -57.76 -50.76 20.03
CA SER CB 33 -57.33 -50.53 18.67
C SER CB 33 -58.09 -49.36 18.05
N ALA CB 34 -57.56 -48.86 16.94
CA ALA CB 34 -58.27 -47.82 16.20
C ALA CB 34 -59.60 -48.35 15.65
N LEU CB 35 -59.58 -49.56 15.11
CA LEU CB 35 -60.78 -50.20 14.59
C LEU CB 35 -61.01 -51.48 15.39
N HIS CB 36 -62.20 -51.61 15.97
CA HIS CB 36 -62.42 -52.61 17.00
C HIS CB 36 -63.91 -52.93 17.06
N ARG CB 37 -64.26 -54.19 16.81
CA ARG CB 37 -65.67 -54.58 16.74
C ARG CB 37 -66.29 -54.55 18.13
N ALA CB 38 -67.18 -53.60 18.36
CA ALA CB 38 -67.94 -53.57 19.60
C ALA CB 38 -68.95 -54.71 19.62
N PRO CB 39 -69.11 -55.40 20.76
CA PRO CB 39 -70.07 -56.51 20.81
C PRO CB 39 -71.51 -56.07 20.67
N ARG CB 40 -71.82 -54.82 20.98
CA ARG CB 40 -73.19 -54.31 20.91
C ARG CB 40 -73.11 -52.79 20.82
N PRO CB 41 -74.15 -52.14 20.33
CA PRO CB 41 -74.15 -50.67 20.27
C PRO CB 41 -74.10 -50.06 21.66
N THR CB 42 -73.16 -49.14 21.86
CA THR CB 42 -73.02 -48.46 23.13
C THR CB 42 -74.28 -47.67 23.48
N ARG CB 43 -74.83 -46.96 22.51
CA ARG CB 43 -76.10 -46.25 22.68
C ARG CB 43 -77.15 -46.97 21.86
N PRO CB 44 -77.84 -47.97 22.42
CA PRO CB 44 -78.83 -48.72 21.64
C PRO CB 44 -79.98 -47.86 21.16
N ASP CB 45 -80.33 -46.80 21.89
CA ASP CB 45 -81.42 -45.93 21.47
C ASP CB 45 -81.06 -45.17 20.20
N LYS CB 46 -79.85 -44.62 20.14
CA LYS CB 46 -79.43 -43.89 18.95
C LYS CB 46 -79.14 -44.83 17.80
N ALA CB 47 -78.69 -46.05 18.10
CA ALA CB 47 -78.41 -47.01 17.04
C ALA CB 47 -79.67 -47.38 16.29
N ARG CB 48 -80.70 -47.81 17.00
CA ARG CB 48 -81.93 -48.23 16.34
C ARG CB 48 -82.66 -47.06 15.71
N ARG CB 49 -82.45 -45.84 16.23
CA ARG CB 49 -83.00 -44.65 15.61
C ARG CB 49 -82.36 -44.40 14.26
N LEU CB 50 -81.08 -44.70 14.12
CA LEU CB 50 -80.38 -44.50 12.86
C LEU CB 50 -80.57 -45.66 11.88
N GLY CB 51 -81.12 -46.78 12.32
CA GLY CB 51 -81.40 -47.86 11.40
C GLY CB 51 -80.96 -49.23 11.86
N TYR CB 52 -80.34 -49.30 13.03
CA TYR CB 52 -79.92 -50.58 13.59
C TYR CB 52 -81.13 -51.38 14.04
N LYS CB 53 -81.04 -52.69 13.92
CA LYS CB 53 -82.01 -53.61 14.48
C LYS CB 53 -81.26 -54.75 15.15
N ALA CB 54 -81.74 -55.17 16.32
CA ALA CB 54 -81.06 -56.18 17.12
C ALA CB 54 -81.36 -57.57 16.58
N LYS CB 55 -80.75 -57.87 15.43
CA LYS CB 55 -80.93 -59.14 14.78
C LYS CB 55 -79.64 -59.49 14.07
N GLN CB 56 -79.51 -60.74 13.67
CA GLN CB 56 -78.32 -61.18 12.96
C GLN CB 56 -78.20 -60.44 11.64
N GLY CB 57 -76.96 -60.09 11.29
CA GLY CB 57 -76.69 -59.28 10.13
C GLY CB 57 -76.36 -57.84 10.43
N TYR CB 58 -76.59 -57.37 11.65
CA TYR CB 58 -76.22 -56.03 12.07
C TYR CB 58 -75.05 -56.13 13.04
N VAL CB 59 -73.95 -55.46 12.71
CA VAL CB 59 -72.77 -55.47 13.56
C VAL CB 59 -72.32 -54.03 13.77
N ILE CB 60 -71.52 -53.83 14.81
CA ILE CB 60 -71.06 -52.51 15.20
C ILE CB 60 -69.54 -52.52 15.30
N TYR CB 61 -68.91 -51.56 14.64
CA TYR CB 61 -67.46 -51.37 14.71
C TYR CB 61 -67.20 -49.98 15.29
N ARG CB 62 -66.43 -49.92 16.37
CA ARG CB 62 -66.07 -48.66 16.97
C ARG CB 62 -64.77 -48.16 16.36
N ILE CB 63 -64.80 -46.94 15.82
CA ILE CB 63 -63.66 -46.38 15.10
C ILE CB 63 -63.16 -45.16 15.85
N ARG CB 64 -61.84 -45.01 15.90
CA ARG CB 64 -61.18 -43.89 16.56
C ARG CB 64 -60.39 -43.11 15.52
N VAL CB 65 -60.71 -41.83 15.36
CA VAL CB 65 -60.04 -40.99 14.38
C VAL CB 65 -59.33 -39.87 15.11
N ARG CB 66 -58.36 -39.26 14.42
CA ARG CB 66 -57.59 -38.17 15.01
C ARG CB 66 -58.21 -36.83 14.65
N ARG CB 67 -58.15 -35.91 15.59
CA ARG CB 67 -58.85 -34.64 15.45
C ARG CB 67 -57.96 -33.59 14.80
N GLY CB 68 -58.59 -32.50 14.37
CA GLY CB 68 -57.89 -31.36 13.85
C GLY CB 68 -58.05 -31.23 12.35
N GLY CB 69 -57.53 -30.11 11.84
CA GLY CB 69 -57.62 -29.80 10.43
C GLY CB 69 -56.63 -30.60 9.61
N ARG CB 70 -56.70 -30.40 8.31
CA ARG CB 70 -55.92 -31.19 7.36
C ARG CB 70 -54.69 -30.39 6.96
N LYS CB 71 -53.54 -30.75 7.52
CA LYS CB 71 -52.29 -30.15 7.07
C LYS CB 71 -51.99 -30.58 5.65
N ARG CB 72 -51.57 -29.62 4.83
CA ARG CB 72 -51.24 -29.92 3.45
C ARG CB 72 -49.97 -30.75 3.40
N PRO CB 73 -50.00 -31.94 2.81
CA PRO CB 73 -48.81 -32.81 2.79
C PRO CB 73 -47.80 -32.42 1.71
N VAL CB 74 -46.99 -31.43 2.02
CA VAL CB 74 -45.99 -30.93 1.07
C VAL CB 74 -44.63 -30.90 1.76
N PRO CB 75 -43.54 -31.15 1.05
CA PRO CB 75 -42.23 -31.28 1.70
C PRO CB 75 -41.75 -29.95 2.23
N LYS CB 76 -41.48 -29.91 3.53
CA LYS CB 76 -40.92 -28.74 4.22
C LYS CB 76 -41.80 -27.52 4.08
N GLY CB 77 -43.11 -27.72 3.92
CA GLY CB 77 -44.01 -26.59 3.81
C GLY CB 77 -43.96 -25.85 2.50
N ALA CB 78 -43.28 -26.39 1.49
CA ALA CB 78 -43.14 -25.72 0.21
C ALA CB 78 -44.32 -26.06 -0.68
N THR CB 79 -45.17 -25.08 -0.94
CA THR CB 79 -46.24 -25.18 -1.92
C THR CB 79 -45.88 -24.21 -3.04
N TYR CB 80 -45.09 -24.70 -3.99
CA TYR CB 80 -44.58 -23.87 -5.07
C TYR CB 80 -45.73 -23.35 -5.93
N GLY CB 81 -45.97 -22.05 -5.86
CA GLY CB 81 -47.07 -21.46 -6.58
C GLY CB 81 -47.33 -20.06 -6.06
N LYS CB 82 -48.45 -19.50 -6.52
CA LYS CB 82 -48.81 -18.15 -6.13
C LYS CB 82 -49.15 -18.12 -4.65
N PRO CB 83 -49.01 -16.95 -4.01
CA PRO CB 83 -49.17 -16.90 -2.55
C PRO CB 83 -50.53 -17.31 -2.03
N VAL CB 84 -51.57 -17.30 -2.86
CA VAL CB 84 -52.90 -17.67 -2.36
C VAL CB 84 -52.96 -19.15 -2.04
N HIS CB 85 -52.01 -19.93 -2.52
CA HIS CB 85 -51.94 -21.37 -2.24
C HIS CB 85 -50.75 -21.71 -1.36
N HIS CB 86 -50.22 -20.73 -0.62
CA HIS CB 86 -49.10 -20.99 0.28
C HIS CB 86 -49.53 -21.58 1.60
N GLY CB 87 -50.83 -21.71 1.84
CA GLY CB 87 -51.31 -22.20 3.12
C GLY CB 87 -50.97 -23.65 3.32
N VAL CB 88 -50.33 -23.95 4.45
CA VAL CB 88 -50.04 -25.32 4.85
C VAL CB 88 -50.84 -25.71 6.09
N ASN CB 89 -50.81 -24.88 7.12
CA ASN CB 89 -51.61 -25.10 8.31
C ASN CB 89 -52.94 -24.38 8.15
N GLN CB 90 -53.80 -24.51 9.17
CA GLN CB 90 -55.11 -23.85 9.21
C GLN CB 90 -56.01 -24.23 8.05
N LEU CB 91 -55.68 -25.30 7.35
CA LEU CB 91 -56.53 -25.82 6.30
C LEU CB 91 -57.47 -26.87 6.87
N LYS CB 92 -58.62 -27.04 6.21
CA LYS CB 92 -59.64 -27.93 6.71
C LYS CB 92 -60.05 -28.92 5.63
N PHE CB 93 -60.30 -30.16 6.04
CA PHE CB 93 -60.77 -31.18 5.14
C PHE CB 93 -62.24 -30.94 4.81
N ALA CB 94 -62.64 -31.33 3.60
CA ALA CB 94 -63.99 -31.05 3.15
C ALA CB 94 -65.02 -32.03 3.69
N ARG CB 95 -64.61 -33.11 4.33
CA ARG CB 95 -65.53 -34.09 4.89
C ARG CB 95 -65.32 -34.20 6.39
N SER CB 96 -66.42 -34.33 7.13
CA SER CB 96 -66.35 -34.36 8.59
C SER CB 96 -65.59 -35.58 9.05
N LEU CB 97 -65.15 -35.54 10.31
CA LEU CB 97 -64.44 -36.68 10.87
C LEU CB 97 -65.33 -37.90 10.94
N GLN CB 98 -66.64 -37.70 11.07
CA GLN CB 98 -67.57 -38.83 11.07
C GLN CB 98 -67.59 -39.53 9.73
N SER CB 99 -67.44 -38.78 8.64
CA SER CB 99 -67.34 -39.39 7.32
C SER CB 99 -66.09 -40.26 7.23
N VAL CB 100 -64.99 -39.80 7.82
CA VAL CB 100 -63.75 -40.56 7.74
C VAL CB 100 -63.86 -41.84 8.56
N ALA CB 101 -64.54 -41.78 9.70
CA ALA CB 101 -64.74 -42.98 10.50
C ALA CB 101 -65.59 -44.00 9.76
N GLU CB 102 -66.62 -43.55 9.07
CA GLU CB 102 -67.42 -44.44 8.25
C GLU CB 102 -66.59 -45.03 7.12
N GLU CB 103 -65.75 -44.21 6.51
CA GLU CB 103 -64.91 -44.69 5.41
C GLU CB 103 -63.91 -45.73 5.89
N ARG CB 104 -63.31 -45.52 7.07
CA ARG CB 104 -62.32 -46.45 7.56
C ARG CB 104 -62.96 -47.74 8.05
N ALA CB 105 -64.22 -47.69 8.46
CA ALA CB 105 -64.92 -48.90 8.86
C ALA CB 105 -65.25 -49.75 7.64
N GLY CB 106 -65.74 -49.13 6.57
CA GLY CB 106 -66.19 -49.90 5.43
C GLY CB 106 -65.05 -50.41 4.57
N ARG CB 107 -63.93 -49.68 4.56
CA ARG CB 107 -62.77 -50.14 3.79
C ARG CB 107 -62.21 -51.43 4.37
N HIS CB 108 -62.10 -51.49 5.69
CA HIS CB 108 -61.62 -52.72 6.32
C HIS CB 108 -62.62 -53.86 6.14
N CYS CB 109 -63.88 -53.61 6.47
CA CYS CB 109 -64.94 -54.59 6.27
C CYS CB 109 -65.63 -54.35 4.92
N GLY CB 110 -64.95 -54.79 3.86
CA GLY CB 110 -65.47 -54.59 2.53
C GLY CB 110 -66.60 -55.54 2.15
N ALA CB 111 -66.90 -56.52 3.00
CA ALA CB 111 -67.99 -57.44 2.76
C ALA CB 111 -69.30 -56.97 3.38
N LEU CB 112 -69.30 -55.86 4.09
CA LEU CB 112 -70.49 -55.30 4.71
C LEU CB 112 -70.80 -53.94 4.10
N ARG CB 113 -71.96 -53.40 4.47
CA ARG CB 113 -72.42 -52.11 3.99
C ARG CB 113 -72.63 -51.18 5.17
N VAL CB 114 -71.94 -50.04 5.16
CA VAL CB 114 -72.13 -49.04 6.19
C VAL CB 114 -73.54 -48.48 6.09
N LEU CB 115 -74.26 -48.45 7.22
CA LEU CB 115 -75.60 -47.89 7.27
C LEU CB 115 -75.59 -46.48 7.85
N ASN CB 116 -75.07 -46.32 9.06
CA ASN CB 116 -75.00 -45.01 9.71
C ASN CB 116 -73.94 -45.09 10.80
N SER CB 117 -73.75 -43.97 11.49
CA SER CB 117 -72.78 -43.92 12.57
C SER CB 117 -73.19 -42.83 13.55
N TYR CB 118 -72.58 -42.85 14.73
CA TYR CB 118 -72.92 -41.86 15.74
C TYR CB 118 -71.75 -41.63 16.68
N TRP CB 119 -71.73 -40.45 17.27
CA TRP CB 119 -70.69 -40.04 18.20
C TRP CB 119 -70.86 -40.77 19.52
N VAL CB 120 -69.77 -41.35 20.04
CA VAL CB 120 -69.82 -42.11 21.28
C VAL CB 120 -68.87 -41.56 22.33
N GLY CB 121 -68.12 -40.52 22.02
CA GLY CB 121 -67.17 -39.96 22.96
C GLY CB 121 -65.99 -39.35 22.24
N GLU CB 122 -65.37 -38.36 22.87
CA GLU CB 122 -64.26 -37.67 22.25
C GLU CB 122 -63.26 -37.23 23.30
N ASP CB 123 -62.03 -37.00 22.83
CA ASP CB 123 -60.92 -36.53 23.65
C ASP CB 123 -60.33 -35.30 23.00
N SER CB 124 -59.16 -34.85 23.47
CA SER CB 124 -58.52 -33.70 22.84
C SER CB 124 -57.91 -34.07 21.50
N THR CB 125 -57.45 -35.31 21.35
CA THR CB 125 -56.79 -35.72 20.13
C THR CB 125 -57.54 -36.81 19.37
N TYR CB 126 -58.45 -37.53 20.01
CA TYR CB 126 -59.17 -38.60 19.39
C TYR CB 126 -60.67 -38.31 19.40
N LYS CB 127 -61.37 -38.93 18.46
CA LYS CB 127 -62.82 -38.83 18.39
C LYS CB 127 -63.35 -40.19 18.00
N PHE CB 128 -64.25 -40.74 18.83
CA PHE CB 128 -64.70 -42.11 18.69
C PHE CB 128 -66.12 -42.13 18.16
N PHE CB 129 -66.37 -43.00 17.20
CA PHE CB 129 -67.70 -43.21 16.64
C PHE CB 129 -67.98 -44.70 16.63
N GLU CB 130 -69.24 -45.04 16.42
CA GLU CB 130 -69.64 -46.42 16.21
C GLU CB 130 -70.42 -46.51 14.92
N VAL CB 131 -69.98 -47.37 14.02
CA VAL CB 131 -70.54 -47.48 12.69
C VAL CB 131 -71.41 -48.72 12.62
N ILE CB 132 -72.65 -48.55 12.21
CA ILE CB 132 -73.56 -49.66 11.99
C ILE CB 132 -73.24 -50.27 10.64
N LEU CB 133 -72.95 -51.56 10.63
CA LEU CB 133 -72.64 -52.29 9.43
C LEU CB 133 -73.72 -53.35 9.20
N ILE CB 134 -73.93 -53.72 7.96
CA ILE CB 134 -74.91 -54.72 7.58
C ILE CB 134 -74.25 -55.75 6.69
N ASP CB 135 -74.41 -57.02 7.03
CA ASP CB 135 -73.92 -58.10 6.18
C ASP CB 135 -74.98 -58.40 5.13
N PRO CB 136 -74.77 -57.96 3.88
CA PRO CB 136 -75.85 -58.05 2.88
C PRO CB 136 -76.18 -59.46 2.45
N PHE CB 137 -75.37 -60.45 2.80
CA PHE CB 137 -75.58 -61.82 2.35
C PHE CB 137 -76.12 -62.73 3.44
N HIS CB 138 -76.27 -62.23 4.66
CA HIS CB 138 -76.94 -63.02 5.68
C HIS CB 138 -78.41 -63.14 5.35
N LYS CB 139 -78.98 -64.33 5.59
CA LYS CB 139 -80.34 -64.59 5.17
C LYS CB 139 -81.35 -63.76 5.95
N ALA CB 140 -81.03 -63.36 7.18
CA ALA CB 140 -81.92 -62.49 7.92
C ALA CB 140 -82.05 -61.13 7.26
N ILE CB 141 -80.93 -60.59 6.77
CA ILE CB 141 -80.97 -59.36 5.99
C ILE CB 141 -81.61 -59.61 4.63
N ARG CB 142 -81.28 -60.74 4.02
CA ARG CB 142 -81.59 -60.95 2.62
C ARG CB 142 -83.07 -61.27 2.40
N ARG CB 143 -83.71 -61.94 3.35
CA ARG CB 143 -85.09 -62.36 3.21
C ARG CB 143 -86.09 -61.34 3.71
N ASN CB 144 -85.64 -60.17 4.17
CA ASN CB 144 -86.54 -59.19 4.75
C ASN CB 144 -86.69 -58.00 3.82
N PRO CB 145 -87.88 -57.70 3.33
CA PRO CB 145 -88.09 -56.40 2.68
C PRO CB 145 -88.04 -55.30 3.72
N ASP CB 146 -87.82 -54.07 3.24
CA ASP CB 146 -87.43 -52.88 3.97
C ASP CB 146 -85.97 -52.94 4.40
N THR CB 147 -85.28 -54.06 4.20
CA THR CB 147 -83.84 -54.13 4.27
C THR CB 147 -83.23 -54.73 3.02
N GLN CB 148 -84.03 -55.17 2.06
CA GLN CB 148 -83.51 -55.74 0.83
C GLN CB 148 -82.90 -54.70 -0.10
N TRP CB 149 -83.07 -53.41 0.20
CA TRP CB 149 -82.44 -52.39 -0.64
C TRP CB 149 -80.93 -52.37 -0.47
N ILE CB 150 -80.44 -52.64 0.73
CA ILE CB 150 -79.00 -52.60 0.98
C ILE CB 150 -78.28 -53.74 0.27
N THR CB 151 -79.00 -54.77 -0.14
CA THR CB 151 -78.37 -55.89 -0.83
C THR CB 151 -78.18 -55.64 -2.32
N LYS CB 152 -78.76 -54.59 -2.86
CA LYS CB 152 -78.60 -54.28 -4.27
C LYS CB 152 -77.15 -53.91 -4.57
N PRO CB 153 -76.66 -54.24 -5.76
CA PRO CB 153 -75.27 -53.90 -6.10
C PRO CB 153 -75.01 -52.42 -6.13
N VAL CB 154 -76.04 -51.60 -6.33
CA VAL CB 154 -75.88 -50.15 -6.43
C VAL CB 154 -75.64 -49.50 -5.07
N HIS CB 155 -75.61 -50.27 -3.99
CA HIS CB 155 -75.48 -49.71 -2.65
C HIS CB 155 -74.21 -50.17 -1.94
N LYS CB 156 -73.24 -50.70 -2.66
CA LYS CB 156 -71.99 -51.12 -2.05
C LYS CB 156 -71.08 -49.92 -1.89
N HIS CB 157 -70.41 -49.86 -0.74
CA HIS CB 157 -69.49 -48.77 -0.39
C HIS CB 157 -70.20 -47.42 -0.48
N ARG CB 158 -71.30 -47.30 0.27
CA ARG CB 158 -72.01 -46.03 0.31
C ARG CB 158 -71.15 -44.93 0.89
N GLU CB 159 -70.37 -45.25 1.92
CA GLU CB 159 -69.57 -44.25 2.61
C GLU CB 159 -68.46 -43.67 1.76
N MET CB 160 -68.07 -44.35 0.69
CA MET CB 160 -67.02 -43.86 -0.19
C MET CB 160 -67.56 -42.97 -1.30
N ARG CB 161 -68.88 -42.90 -1.46
CA ARG CB 161 -69.49 -41.98 -2.39
C ARG CB 161 -70.30 -40.91 -1.68
N GLY CB 162 -70.27 -40.86 -0.36
CA GLY CB 162 -71.02 -39.86 0.36
C GLY CB 162 -72.52 -40.01 0.26
N LEU CB 163 -73.01 -41.24 0.26
CA LEU CB 163 -74.45 -41.48 0.28
C LEU CB 163 -74.97 -41.79 1.66
N THR CB 164 -74.09 -41.97 2.64
CA THR CB 164 -74.48 -42.11 4.03
C THR CB 164 -74.82 -40.74 4.60
N SER CB 165 -75.49 -40.75 5.76
CA SER CB 165 -75.98 -39.50 6.33
C SER CB 165 -74.84 -38.56 6.67
N ALA CB 166 -73.78 -39.07 7.29
CA ALA CB 166 -72.67 -38.21 7.69
C ALA CB 166 -71.85 -37.76 6.49
N GLY CB 167 -71.71 -38.62 5.49
CA GLY CB 167 -70.97 -38.25 4.29
C GLY CB 167 -71.72 -37.35 3.35
N ARG CB 168 -73.05 -37.31 3.46
CA ARG CB 168 -73.86 -36.49 2.57
C ARG CB 168 -73.88 -35.03 3.00
N LYS CB 169 -73.67 -34.76 4.29
CA LYS CB 169 -73.74 -33.39 4.78
C LYS CB 169 -72.66 -32.51 4.16
N SER CB 170 -71.54 -33.11 3.75
CA SER CB 170 -70.45 -32.33 3.18
C SER CB 170 -70.64 -32.00 1.72
N ARG CB 171 -71.62 -32.60 1.05
CA ARG CB 171 -71.82 -32.33 -0.37
C ARG CB 171 -72.60 -31.07 -0.64
N GLY CB 172 -73.23 -30.48 0.37
CA GLY CB 172 -74.01 -29.29 0.16
C GLY CB 172 -75.37 -29.52 -0.45
N LEU CB 173 -75.86 -30.75 -0.42
CA LEU CB 173 -77.18 -31.05 -0.94
C LEU CB 173 -78.26 -30.43 -0.07
N GLY CB 174 -79.38 -30.10 -0.69
CA GLY CB 174 -80.50 -29.55 0.03
C GLY CB 174 -81.44 -28.85 -0.92
N LYS CB 175 -82.53 -28.34 -0.35
CA LYS CB 175 -83.55 -27.65 -1.11
C LYS CB 175 -83.55 -26.18 -0.77
N GLY CB 176 -83.76 -25.34 -1.77
CA GLY CB 176 -84.05 -23.95 -1.55
C GLY CB 176 -82.90 -23.04 -1.91
N HIS CB 177 -83.02 -21.80 -1.45
CA HIS CB 177 -82.12 -20.74 -1.87
C HIS CB 177 -80.72 -20.90 -1.32
N LYS CB 178 -80.56 -21.65 -0.24
CA LYS CB 178 -79.24 -21.82 0.35
C LYS CB 178 -78.40 -22.87 -0.36
N PHE CB 179 -78.99 -23.68 -1.21
CA PHE CB 179 -78.32 -24.86 -1.75
C PHE CB 179 -78.36 -24.86 -3.25
N HIS CB 180 -78.01 -23.72 -3.85
CA HIS CB 180 -78.00 -23.60 -5.29
C HIS CB 180 -76.78 -24.24 -5.93
N HIS CB 181 -75.72 -24.49 -5.17
CA HIS CB 181 -74.52 -25.09 -5.75
C HIS CB 181 -74.78 -26.49 -6.27
N THR CB 182 -75.80 -27.16 -5.76
CA THR CB 182 -76.04 -28.57 -6.02
C THR CB 182 -77.38 -28.82 -6.68
N ILE CB 183 -77.76 -27.96 -7.62
CA ILE CB 183 -78.95 -28.20 -8.40
C ILE CB 183 -78.57 -29.14 -9.54
N GLY CB 184 -79.21 -30.29 -9.60
CA GLY CB 184 -78.85 -31.33 -10.55
C GLY CB 184 -78.31 -32.57 -9.89
N GLY CB 185 -77.95 -32.51 -8.61
CA GLY CB 185 -77.55 -33.68 -7.85
C GLY CB 185 -76.23 -33.52 -7.12
N SER CB 186 -75.36 -32.64 -7.60
CA SER CB 186 -74.04 -32.51 -7.00
C SER CB 186 -73.41 -31.21 -7.46
N ARG CB 187 -72.26 -30.89 -6.85
CA ARG CB 187 -71.46 -29.77 -7.33
C ARG CB 187 -71.03 -29.98 -8.77
N ARG CB 188 -70.59 -31.20 -9.09
CA ARG CB 188 -70.11 -31.48 -10.44
C ARG CB 188 -71.23 -31.40 -11.45
N ALA CB 189 -72.39 -31.96 -11.11
CA ALA CB 189 -73.50 -31.97 -12.06
C ALA CB 189 -73.99 -30.56 -12.35
N ALA CB 190 -74.09 -29.73 -11.31
CA ALA CB 190 -74.49 -28.35 -11.52
C ALA CB 190 -73.46 -27.59 -12.34
N TRP CB 191 -72.18 -27.79 -12.03
CA TRP CB 191 -71.13 -27.07 -12.75
C TRP CB 191 -71.07 -27.49 -14.21
N ARG CB 192 -71.20 -28.79 -14.48
CA ARG CB 192 -71.16 -29.28 -15.85
C ARG CB 192 -72.30 -28.71 -16.68
N ARG CB 193 -73.51 -28.69 -16.12
CA ARG CB 193 -74.65 -28.18 -16.85
C ARG CB 193 -74.52 -26.69 -17.11
N ARG CB 194 -74.02 -25.93 -16.14
CA ARG CB 194 -73.89 -24.50 -16.30
C ARG CB 194 -72.73 -24.10 -17.18
N ASN CB 195 -71.76 -24.98 -17.38
CA ASN CB 195 -70.59 -24.68 -18.18
C ASN CB 195 -70.53 -25.46 -19.47
N THR CB 196 -71.66 -26.02 -19.91
CA THR CB 196 -71.73 -26.70 -21.20
C THR CB 196 -72.40 -25.79 -22.22
N LEU CB 197 -71.73 -25.56 -23.34
CA LEU CB 197 -72.24 -24.66 -24.36
C LEU CB 197 -73.24 -25.42 -25.22
N GLN CB 198 -74.52 -25.21 -24.95
CA GLN CB 198 -75.58 -25.88 -25.71
C GLN CB 198 -75.61 -25.32 -27.11
N LEU CB 199 -75.17 -26.12 -28.07
CA LEU CB 199 -75.14 -25.73 -29.48
C LEU CB 199 -76.22 -26.53 -30.19
N HIS CB 200 -77.39 -25.91 -30.35
CA HIS CB 200 -78.51 -26.59 -30.97
C HIS CB 200 -78.23 -26.83 -32.45
N ARG CB 201 -79.16 -27.52 -33.10
CA ARG CB 201 -79.00 -27.76 -34.52
C ARG CB 201 -79.30 -26.51 -35.32
N TYR CB 202 -80.30 -25.74 -34.91
CA TYR CB 202 -80.70 -24.52 -35.59
C TYR CB 202 -80.37 -23.33 -34.70
N ARG CB 203 -79.63 -22.38 -35.23
CA ARG CB 203 -79.27 -21.18 -34.47
C ARG CB 203 -79.66 -19.92 -35.20
N GLU DB 1 -17.30 2.15 -100.21
CA GLU DB 1 -16.99 1.74 -101.57
C GLU DB 1 -16.55 0.29 -101.63
N VAL DB 2 -15.87 -0.06 -102.71
CA VAL DB 2 -15.41 -1.43 -102.92
C VAL DB 2 -13.89 -1.57 -102.82
N GLN DB 3 -13.13 -0.50 -103.04
CA GLN DB 3 -11.69 -0.58 -102.96
C GLN DB 3 -11.24 -0.61 -101.50
N VAL DB 4 -9.94 -0.83 -101.31
CA VAL DB 4 -9.31 -0.69 -100.01
C VAL DB 4 -8.70 0.71 -99.95
N LEU DB 5 -9.12 1.49 -98.98
CA LEU DB 5 -8.65 2.86 -98.85
C LEU DB 5 -7.27 2.84 -98.22
N VAL DB 6 -6.25 3.18 -99.01
CA VAL DB 6 -4.87 3.21 -98.53
C VAL DB 6 -4.50 4.65 -98.23
N LEU DB 7 -3.97 4.89 -97.04
CA LEU DB 7 -3.66 6.23 -96.57
C LEU DB 7 -2.19 6.34 -96.21
N ASP DB 8 -1.62 7.51 -96.45
CA ASP DB 8 -0.25 7.81 -96.07
C ASP DB 8 -0.29 8.54 -94.74
N GLY DB 9 0.26 7.94 -93.71
CA GLY DB 9 0.19 8.49 -92.38
C GLY DB 9 1.14 9.61 -92.08
N ARG DB 10 1.96 10.01 -93.05
CA ARG DB 10 2.91 11.07 -92.83
C ARG DB 10 2.21 12.40 -92.60
N GLY DB 11 2.63 13.13 -91.58
CA GLY DB 11 2.10 14.44 -91.32
C GLY DB 11 0.66 14.47 -90.87
N HIS DB 12 0.13 13.36 -90.38
CA HIS DB 12 -1.25 13.27 -89.93
C HIS DB 12 -1.28 13.20 -88.42
N LEU DB 13 -2.13 14.03 -87.81
CA LEU DB 13 -2.27 13.99 -86.36
C LEU DB 13 -2.86 12.65 -85.94
N LEU DB 14 -2.42 12.16 -84.78
CA LEU DB 14 -2.68 10.77 -84.41
C LEU DB 14 -4.16 10.51 -84.21
N GLY DB 15 -4.79 11.22 -83.27
CA GLY DB 15 -6.18 10.95 -82.97
C GLY DB 15 -7.13 11.52 -84.00
N ARG DB 16 -6.73 12.58 -84.69
CA ARG DB 16 -7.56 13.10 -85.77
C ARG DB 16 -7.67 12.09 -86.90
N LEU DB 17 -6.56 11.46 -87.25
CA LEU DB 17 -6.60 10.42 -88.28
C LEU DB 17 -7.34 9.19 -87.79
N ALA DB 18 -7.17 8.85 -86.52
CA ALA DB 18 -7.81 7.66 -85.98
C ALA DB 18 -9.32 7.81 -85.94
N ALA DB 19 -9.82 9.04 -85.74
CA ALA DB 19 -11.26 9.26 -85.72
C ALA DB 19 -11.87 8.96 -87.08
N ILE DB 20 -11.21 9.42 -88.15
CA ILE DB 20 -11.70 9.17 -89.50
C ILE DB 20 -11.66 7.67 -89.80
N VAL DB 21 -10.57 7.01 -89.43
CA VAL DB 21 -10.40 5.60 -89.76
C VAL DB 21 -11.41 4.74 -89.00
N ALA DB 22 -11.70 5.11 -87.76
CA ALA DB 22 -12.65 4.34 -86.96
C ALA DB 22 -14.03 4.34 -87.58
N LYS DB 23 -14.48 5.49 -88.08
CA LYS DB 23 -15.78 5.56 -88.72
C LYS DB 23 -15.76 4.84 -90.06
N GLN DB 24 -14.61 4.83 -90.74
CA GLN DB 24 -14.53 4.20 -92.05
C GLN DB 24 -14.72 2.69 -91.94
N VAL DB 25 -13.97 2.05 -91.05
CA VAL DB 25 -14.08 0.60 -90.91
C VAL DB 25 -15.40 0.21 -90.27
N LEU DB 26 -16.05 1.11 -89.53
CA LEU DB 26 -17.37 0.81 -89.01
C LEU DB 26 -18.41 0.80 -90.11
N LEU DB 27 -18.13 1.46 -91.23
CA LEU DB 27 -18.99 1.46 -92.40
C LEU DB 27 -18.59 0.41 -93.42
N GLY DB 28 -17.99 -0.68 -92.97
CA GLY DB 28 -17.69 -1.78 -93.86
C GLY DB 28 -16.64 -1.49 -94.91
N ARG DB 29 -15.75 -0.54 -94.65
CA ARG DB 29 -14.73 -0.14 -95.60
C ARG DB 29 -13.37 -0.55 -95.09
N LYS DB 30 -12.59 -1.22 -95.92
CA LYS DB 30 -11.27 -1.65 -95.53
C LYS DB 30 -10.27 -0.51 -95.68
N VAL DB 31 -9.46 -0.31 -94.65
CA VAL DB 31 -8.52 0.81 -94.57
C VAL DB 31 -7.14 0.25 -94.32
N VAL DB 32 -6.15 0.73 -95.05
CA VAL DB 32 -4.75 0.41 -94.83
C VAL DB 32 -4.01 1.72 -94.59
N VAL DB 33 -3.38 1.85 -93.43
CA VAL DB 33 -2.60 3.03 -93.10
C VAL DB 33 -1.14 2.62 -93.09
N VAL DB 34 -0.33 3.30 -93.89
CA VAL DB 34 1.09 3.02 -93.98
C VAL DB 34 1.86 4.23 -93.45
N ARG DB 35 3.15 4.03 -93.20
CA ARG DB 35 4.04 5.06 -92.66
C ARG DB 35 3.49 5.63 -91.35
N CYS DB 36 3.13 4.73 -90.44
CA CYS DB 36 2.64 5.18 -89.14
C CYS DB 36 3.71 5.90 -88.34
N GLU DB 37 4.98 5.77 -88.71
CA GLU DB 37 6.03 6.50 -88.03
C GLU DB 37 6.04 7.98 -88.40
N GLY DB 38 5.45 8.33 -89.55
CA GLY DB 38 5.37 9.73 -89.92
C GLY DB 38 4.24 10.48 -89.27
N ILE DB 39 3.43 9.80 -88.47
CA ILE DB 39 2.30 10.43 -87.80
C ILE DB 39 2.81 11.44 -86.78
N ASN DB 40 2.23 12.63 -86.77
CA ASN DB 40 2.55 13.64 -85.77
C ASN DB 40 1.53 13.60 -84.65
N ILE DB 41 1.95 14.07 -83.48
CA ILE DB 41 1.06 14.27 -82.33
C ILE DB 41 1.32 15.67 -81.80
N SER DB 42 0.26 16.40 -81.51
CA SER DB 42 0.39 17.78 -81.06
C SER DB 42 1.00 17.84 -79.67
N GLY DB 43 1.64 18.96 -79.39
CA GLY DB 43 2.34 19.13 -78.12
C GLY DB 43 3.81 18.79 -78.23
N ASN DB 44 4.62 19.48 -77.44
CA ASN DB 44 6.06 19.30 -77.52
C ASN DB 44 6.43 17.87 -77.15
N PHE DB 45 7.58 17.43 -77.67
CA PHE DB 45 7.90 16.00 -77.62
C PHE DB 45 8.00 15.49 -76.20
N TYR DB 46 8.62 16.26 -75.31
CA TYR DB 46 8.78 15.80 -73.94
C TYR DB 46 7.44 15.62 -73.26
N ARG DB 47 6.47 16.45 -73.60
CA ARG DB 47 5.12 16.31 -73.07
C ARG DB 47 4.50 14.99 -73.52
N ASN DB 48 4.68 14.64 -74.79
CA ASN DB 48 4.07 13.43 -75.31
C ASN DB 48 4.81 12.19 -74.84
N LYS DB 49 6.13 12.28 -74.68
CA LYS DB 49 6.87 11.16 -74.12
C LYS DB 49 6.43 10.87 -72.70
N LEU DB 50 6.16 11.91 -71.92
CA LEU DB 50 5.62 11.71 -70.58
C LEU DB 50 4.24 11.08 -70.63
N LYS DB 51 3.47 11.40 -71.67
CA LYS DB 51 2.14 10.79 -71.81
C LYS DB 51 2.26 9.29 -72.03
N TYR DB 52 3.21 8.87 -72.86
CA TYR DB 52 3.35 7.44 -73.09
C TYR DB 52 3.98 6.74 -71.91
N LEU DB 53 4.96 7.37 -71.27
CA LEU DB 53 5.58 6.75 -70.11
C LEU DB 53 4.59 6.56 -68.98
N ALA DB 54 3.63 7.47 -68.85
CA ALA DB 54 2.56 7.28 -67.87
C ALA DB 54 1.70 6.08 -68.23
N PHE DB 55 1.52 5.83 -69.53
CA PHE DB 55 0.81 4.63 -69.96
C PHE DB 55 1.62 3.37 -69.64
N LEU DB 56 2.94 3.46 -69.70
CA LEU DB 56 3.79 2.32 -69.37
C LEU DB 56 3.62 1.91 -67.92
N ARG DB 57 3.43 2.89 -67.03
CA ARG DB 57 3.28 2.57 -65.63
C ARG DB 57 1.99 1.82 -65.34
N LYS DB 58 0.99 1.96 -66.20
CA LYS DB 58 -0.28 1.28 -66.01
C LYS DB 58 -0.09 -0.20 -66.33
N ARG DB 59 0.09 -1.02 -65.29
CA ARG DB 59 0.22 -2.45 -65.45
C ARG DB 59 -0.47 -3.12 -64.28
N MET DB 60 -0.87 -4.37 -64.47
CA MET DB 60 -1.54 -5.10 -63.40
C MET DB 60 -0.55 -5.42 -62.30
N ASN DB 61 -0.91 -5.08 -61.06
CA ASN DB 61 0.00 -5.29 -59.94
C ASN DB 61 0.18 -6.78 -59.65
N THR DB 62 -0.90 -7.55 -59.75
CA THR DB 62 -0.83 -8.96 -59.41
C THR DB 62 -0.03 -9.76 -60.42
N ASN DB 63 -0.30 -9.56 -61.71
CA ASN DB 63 0.39 -10.29 -62.77
C ASN DB 63 0.48 -9.38 -63.97
N PRO DB 64 1.62 -8.71 -64.15
CA PRO DB 64 1.74 -7.76 -65.26
C PRO DB 64 1.61 -8.40 -66.62
N SER DB 65 1.82 -9.72 -66.74
CA SER DB 65 1.63 -10.38 -68.01
C SER DB 65 0.18 -10.36 -68.47
N ARG DB 66 -0.77 -10.21 -67.55
CA ARG DB 66 -2.17 -10.04 -67.88
C ARG DB 66 -2.56 -8.59 -68.08
N GLY DB 67 -1.72 -7.65 -67.68
CA GLY DB 67 -2.09 -6.25 -67.64
C GLY DB 67 -2.13 -5.64 -69.01
N PRO DB 68 -2.25 -4.32 -69.07
CA PRO DB 68 -2.25 -3.65 -70.37
C PRO DB 68 -1.00 -3.95 -71.16
N TYR DB 69 -1.19 -4.36 -72.40
CA TYR DB 69 -0.08 -4.68 -73.29
C TYR DB 69 0.33 -3.42 -74.02
N HIS DB 70 1.49 -2.88 -73.67
CA HIS DB 70 1.99 -1.64 -74.26
C HIS DB 70 2.75 -1.97 -75.53
N PHE DB 71 2.23 -1.51 -76.65
CA PHE DB 71 2.79 -1.84 -77.95
C PHE DB 71 3.67 -0.68 -78.41
N ARG DB 72 4.94 -0.96 -78.65
CA ARG DB 72 5.94 0.07 -78.83
C ARG DB 72 6.15 0.46 -80.29
N ALA DB 73 5.57 -0.27 -81.23
CA ALA DB 73 5.73 0.09 -82.62
C ALA DB 73 4.76 1.21 -82.99
N PRO DB 74 5.16 2.12 -83.88
CA PRO DB 74 4.23 3.18 -84.29
C PRO DB 74 2.95 2.68 -84.91
N SER DB 75 3.02 1.59 -85.68
CA SER DB 75 1.82 1.01 -86.25
C SER DB 75 0.91 0.48 -85.17
N ARG DB 76 1.49 -0.18 -84.16
CA ARG DB 76 0.66 -0.74 -83.10
C ARG DB 76 0.17 0.32 -82.13
N ILE DB 77 0.88 1.44 -82.03
CA ILE DB 77 0.36 2.56 -81.25
C ILE DB 77 -0.86 3.15 -81.94
N PHE DB 78 -0.77 3.35 -83.25
CA PHE DB 78 -1.92 3.86 -83.98
C PHE DB 78 -3.06 2.86 -83.95
N TRP DB 79 -2.76 1.58 -84.08
CA TRP DB 79 -3.79 0.55 -84.06
C TRP DB 79 -4.53 0.57 -82.73
N ARG DB 80 -3.82 0.70 -81.62
CA ARG DB 80 -4.47 0.75 -80.33
C ARG DB 80 -5.27 2.04 -80.15
N THR DB 81 -4.81 3.13 -80.76
CA THR DB 81 -5.58 4.37 -80.72
C THR DB 81 -6.90 4.22 -81.46
N VAL DB 82 -6.86 3.59 -82.63
CA VAL DB 82 -8.09 3.32 -83.36
C VAL DB 82 -9.00 2.40 -82.56
N ARG DB 83 -8.42 1.37 -81.93
CA ARG DB 83 -9.20 0.44 -81.14
C ARG DB 83 -9.88 1.13 -79.97
N GLY DB 84 -9.27 2.19 -79.44
CA GLY DB 84 -9.91 2.96 -78.40
C GLY DB 84 -11.14 3.72 -78.88
N MET DB 85 -11.27 3.91 -80.18
CA MET DB 85 -12.44 4.55 -80.75
C MET DB 85 -13.46 3.57 -81.29
N LEU DB 86 -13.23 2.33 -81.17
CA LEU DB 86 -14.16 1.34 -81.70
C LEU DB 86 -14.85 0.60 -80.55
N PRO DB 87 -16.04 0.06 -80.79
CA PRO DB 87 -16.64 -0.85 -79.80
C PRO DB 87 -16.04 -2.25 -79.91
N HIS DB 88 -14.76 -2.35 -79.57
CA HIS DB 88 -13.98 -3.54 -79.90
C HIS DB 88 -14.34 -4.74 -79.05
N LYS DB 89 -15.19 -4.59 -78.04
CA LYS DB 89 -15.59 -5.73 -77.23
C LYS DB 89 -16.83 -6.42 -77.74
N THR DB 90 -17.36 -6.01 -78.89
CA THR DB 90 -18.47 -6.69 -79.53
C THR DB 90 -17.99 -7.36 -80.80
N LYS DB 91 -18.88 -8.14 -81.42
CA LYS DB 91 -18.53 -8.78 -82.68
C LYS DB 91 -18.46 -7.76 -83.81
N ARG DB 92 -19.28 -6.71 -83.75
CA ARG DB 92 -19.23 -5.68 -84.77
C ARG DB 92 -17.91 -4.91 -84.71
N GLY DB 93 -17.50 -4.53 -83.51
CA GLY DB 93 -16.27 -3.79 -83.38
C GLY DB 93 -15.05 -4.60 -83.77
N GLN DB 94 -15.06 -5.90 -83.43
CA GLN DB 94 -13.95 -6.75 -83.82
C GLN DB 94 -13.91 -6.97 -85.32
N ALA DB 95 -15.07 -7.07 -85.97
CA ALA DB 95 -15.10 -7.24 -87.41
C ALA DB 95 -14.62 -5.99 -88.12
N ALA DB 96 -14.99 -4.81 -87.61
CA ALA DB 96 -14.50 -3.57 -88.18
C ALA DB 96 -13.00 -3.42 -87.99
N LEU DB 97 -12.50 -3.80 -86.81
CA LEU DB 97 -11.08 -3.71 -86.52
C LEU DB 97 -10.27 -4.65 -87.40
N ASP DB 98 -10.87 -5.74 -87.87
CA ASP DB 98 -10.19 -6.63 -88.79
C ASP DB 98 -10.07 -6.04 -90.18
N ARG DB 99 -10.80 -4.97 -90.48
CA ARG DB 99 -10.74 -4.32 -91.77
C ARG DB 99 -9.64 -3.28 -91.84
N LEU DB 100 -8.92 -3.05 -90.75
CA LEU DB 100 -7.86 -2.05 -90.68
C LEU DB 100 -6.51 -2.75 -90.59
N LYS DB 101 -5.57 -2.32 -91.43
CA LYS DB 101 -4.21 -2.84 -91.43
C LYS DB 101 -3.24 -1.69 -91.35
N VAL DB 102 -2.36 -1.71 -90.35
CA VAL DB 102 -1.45 -0.61 -90.08
C VAL DB 102 -0.02 -1.09 -90.24
N PHE DB 103 0.80 -0.29 -90.91
CA PHE DB 103 2.18 -0.67 -91.21
C PHE DB 103 3.12 0.46 -90.84
N ASP DB 104 4.29 0.09 -90.35
CA ASP DB 104 5.45 0.97 -90.34
C ASP DB 104 6.12 0.88 -91.69
N GLY DB 105 6.67 1.99 -92.17
CA GLY DB 105 7.22 1.96 -93.51
C GLY DB 105 6.10 1.77 -94.52
N ILE DB 106 6.47 1.23 -95.68
CA ILE DB 106 5.47 0.85 -96.69
C ILE DB 106 5.81 -0.52 -97.26
N PRO DB 107 5.03 -1.55 -96.96
CA PRO DB 107 5.31 -2.89 -97.47
C PRO DB 107 5.09 -2.99 -98.96
N PRO DB 108 5.66 -3.99 -99.61
CA PRO DB 108 5.58 -4.12 -101.08
C PRO DB 108 4.16 -4.21 -101.62
N PRO DB 109 3.17 -4.77 -100.91
CA PRO DB 109 1.82 -4.77 -101.50
C PRO DB 109 1.29 -3.39 -101.83
N TYR DB 110 1.71 -2.36 -101.09
CA TYR DB 110 1.20 -1.02 -101.25
C TYR DB 110 2.25 -0.01 -101.68
N ASP DB 111 3.51 -0.40 -101.79
CA ASP DB 111 4.52 0.57 -102.21
C ASP DB 111 4.45 0.89 -103.69
N LYS DB 112 3.69 0.11 -104.46
CA LYS DB 112 3.41 0.42 -105.86
C LYS DB 112 1.96 0.88 -106.05
N LYS DB 113 1.36 1.51 -105.04
CA LYS DB 113 0.01 2.00 -105.13
C LYS DB 113 -0.06 3.43 -104.65
N LYS DB 114 -1.02 4.18 -105.19
CA LYS DB 114 -1.21 5.57 -104.80
C LYS DB 114 -1.76 5.65 -103.39
N ARG DB 115 -1.18 6.54 -102.58
CA ARG DB 115 -1.56 6.72 -101.20
C ARG DB 115 -2.47 7.94 -101.06
N MET DB 116 -3.61 7.76 -100.40
CA MET DB 116 -4.52 8.86 -100.12
C MET DB 116 -4.03 9.66 -98.92
N VAL DB 117 -4.75 10.73 -98.64
CA VAL DB 117 -4.42 11.71 -97.61
C VAL DB 117 -5.73 12.23 -97.03
N VAL DB 118 -5.78 12.40 -95.72
CA VAL DB 118 -6.95 12.97 -95.06
C VAL DB 118 -6.64 14.42 -94.69
N PRO DB 119 -7.17 15.40 -95.42
CA PRO DB 119 -6.93 16.80 -95.05
C PRO DB 119 -7.47 17.17 -93.69
N ALA DB 120 -8.60 16.59 -93.28
CA ALA DB 120 -9.19 16.95 -92.01
C ALA DB 120 -8.37 16.46 -90.82
N ALA DB 121 -7.32 15.68 -91.07
CA ALA DB 121 -6.45 15.20 -90.00
C ALA DB 121 -4.99 15.53 -90.26
N LEU DB 122 -4.72 16.50 -91.13
CA LEU DB 122 -3.36 16.87 -91.47
C LEU DB 122 -2.82 17.90 -90.50
N LYS DB 123 -1.53 17.80 -90.22
CA LYS DB 123 -0.91 18.74 -89.30
C LYS DB 123 -0.88 20.15 -89.87
N VAL DB 124 -0.71 20.28 -91.18
CA VAL DB 124 -0.51 21.61 -91.77
C VAL DB 124 -1.79 22.44 -91.68
N VAL DB 125 -2.95 21.80 -91.59
CA VAL DB 125 -4.22 22.53 -91.60
C VAL DB 125 -5.02 22.35 -90.32
N ARG DB 126 -4.64 21.44 -89.44
CA ARG DB 126 -5.31 21.30 -88.15
C ARG DB 126 -4.49 21.85 -87.00
N LEU DB 127 -3.32 22.41 -87.26
CA LEU DB 127 -2.43 22.84 -86.20
C LEU DB 127 -1.84 24.19 -86.57
N LYS DB 128 -1.74 25.08 -85.58
CA LYS DB 128 -1.18 26.39 -85.83
C LYS DB 128 0.30 26.26 -86.19
N PRO DB 129 0.82 27.11 -87.07
CA PRO DB 129 2.21 26.95 -87.51
C PRO DB 129 3.23 27.12 -86.41
N THR DB 130 2.89 27.79 -85.32
CA THR DB 130 3.83 28.06 -84.25
C THR DB 130 3.74 27.08 -83.11
N ARG DB 131 2.86 26.09 -83.19
CA ARG DB 131 2.72 25.12 -82.12
C ARG DB 131 3.68 23.96 -82.32
N LYS DB 132 4.15 23.41 -81.20
CA LYS DB 132 5.08 22.31 -81.23
C LYS DB 132 4.35 20.98 -81.37
N PHE DB 133 5.09 19.97 -81.83
CA PHE DB 133 4.52 18.66 -82.08
C PHE DB 133 5.62 17.61 -81.92
N ALA DB 134 5.25 16.35 -82.11
CA ALA DB 134 6.16 15.23 -81.94
C ALA DB 134 5.96 14.24 -83.08
N TYR DB 135 6.97 13.42 -83.30
CA TYR DB 135 6.92 12.38 -84.31
C TYR DB 135 6.71 11.03 -83.64
N LEU DB 136 5.71 10.29 -84.12
CA LEU DB 136 5.43 8.98 -83.55
C LEU DB 136 6.57 8.01 -83.79
N GLY DB 137 7.34 8.22 -84.85
CA GLY DB 137 8.49 7.35 -85.08
C GLY DB 137 9.59 7.56 -84.07
N ARG DB 138 9.81 8.82 -83.66
CA ARG DB 138 10.81 9.10 -82.64
C ARG DB 138 10.31 8.74 -81.25
N LEU DB 139 9.02 8.98 -80.99
CA LEU DB 139 8.45 8.65 -79.70
C LEU DB 139 8.48 7.15 -79.45
N ALA DB 140 8.20 6.36 -80.48
CA ALA DB 140 8.25 4.91 -80.34
C ALA DB 140 9.67 4.43 -80.09
N HIS DB 141 10.62 4.97 -80.85
CA HIS DB 141 12.00 4.51 -80.74
C HIS DB 141 12.56 4.76 -79.36
N GLU DB 142 12.13 5.84 -78.71
CA GLU DB 142 12.65 6.19 -77.41
C GLU DB 142 11.87 5.57 -76.27
N VAL DB 143 10.87 4.75 -76.57
CA VAL DB 143 10.08 4.09 -75.54
C VAL DB 143 10.08 2.58 -75.71
N GLY DB 144 10.80 2.04 -76.69
CA GLY DB 144 10.98 0.61 -76.75
C GLY DB 144 11.02 0.02 -78.14
N TRP DB 145 10.69 0.80 -79.14
CA TRP DB 145 10.72 0.31 -80.51
C TRP DB 145 12.15 0.08 -80.97
N LYS DB 146 12.38 -1.06 -81.62
CA LYS DB 146 13.72 -1.49 -81.95
C LYS DB 146 14.07 -1.33 -83.42
N TYR DB 147 13.12 -0.97 -84.27
CA TYR DB 147 13.32 -1.06 -85.71
C TYR DB 147 13.21 0.28 -86.40
N GLN DB 148 13.51 1.36 -85.69
CA GLN DB 148 13.52 2.65 -86.34
C GLN DB 148 14.62 2.74 -87.38
N ALA DB 149 15.79 2.17 -87.08
CA ALA DB 149 16.92 2.30 -87.98
C ALA DB 149 16.71 1.50 -89.26
N VAL DB 150 16.30 0.24 -89.13
CA VAL DB 150 16.16 -0.61 -90.32
C VAL DB 150 15.03 -0.10 -91.20
N THR DB 151 13.94 0.38 -90.60
CA THR DB 151 12.87 0.96 -91.39
C THR DB 151 13.30 2.25 -92.05
N ALA DB 152 14.23 2.99 -91.43
CA ALA DB 152 14.75 4.20 -92.03
C ALA DB 152 15.53 3.91 -93.29
N THR DB 153 16.35 2.85 -93.26
CA THR DB 153 17.13 2.51 -94.46
C THR DB 153 16.24 1.87 -95.51
N LEU DB 154 15.20 1.14 -95.09
CA LEU DB 154 14.31 0.53 -96.05
C LEU DB 154 13.43 1.57 -96.73
N GLU DB 155 13.05 2.62 -95.99
CA GLU DB 155 12.27 3.69 -96.60
C GLU DB 155 13.13 4.51 -97.56
N GLU DB 156 14.39 4.71 -97.22
CA GLU DB 156 15.31 5.36 -98.16
C GLU DB 156 15.47 4.53 -99.41
N LYS DB 157 15.56 3.21 -99.27
CA LYS DB 157 15.64 2.34 -100.45
C LYS DB 157 14.38 2.44 -101.29
N ARG DB 158 13.22 2.48 -100.65
CA ARG DB 158 11.97 2.60 -101.40
C ARG DB 158 11.91 3.92 -102.14
N LYS DB 159 12.37 5.00 -101.51
CA LYS DB 159 12.26 6.31 -102.13
C LYS DB 159 13.22 6.45 -103.30
N GLU DB 160 14.32 5.69 -103.30
CA GLU DB 160 15.20 5.68 -104.45
C GLU DB 160 14.50 5.07 -105.66
N LYS DB 161 13.78 3.97 -105.44
CA LYS DB 161 13.10 3.30 -106.54
C LYS DB 161 11.89 4.10 -107.01
N ALA DB 162 11.23 4.80 -106.08
CA ALA DB 162 10.08 5.59 -106.45
C ALA DB 162 10.48 6.78 -107.32
N LYS DB 163 11.64 7.37 -107.05
CA LYS DB 163 12.13 8.48 -107.87
C LYS DB 163 12.42 8.03 -109.29
N ILE DB 164 12.98 6.82 -109.44
CA ILE DB 164 13.28 6.30 -110.76
C ILE DB 164 11.99 6.02 -111.53
N HIS DB 165 11.00 5.46 -110.85
CA HIS DB 165 9.70 5.25 -111.48
C HIS DB 165 9.06 6.58 -111.85
N TYR DB 166 9.26 7.60 -111.02
CA TYR DB 166 8.66 8.89 -111.28
C TYR DB 166 9.29 9.58 -112.48
N ARG DB 167 10.62 9.50 -112.61
CA ARG DB 167 11.28 10.15 -113.73
C ARG DB 167 10.95 9.47 -115.04
N LYS DB 168 10.65 8.17 -114.98
CA LYS DB 168 10.08 7.50 -116.15
C LYS DB 168 8.72 8.09 -116.50
N LYS DB 169 7.88 8.31 -115.48
CA LYS DB 169 6.54 8.84 -115.72
C LYS DB 169 6.61 10.27 -116.22
N LYS DB 170 7.54 11.07 -115.70
CA LYS DB 170 7.74 12.42 -116.22
C LYS DB 170 8.19 12.38 -117.66
N GLN DB 171 9.06 11.43 -118.01
CA GLN DB 171 9.51 11.30 -119.39
C GLN DB 171 8.36 10.90 -120.30
N LEU DB 172 7.48 10.03 -119.82
CA LEU DB 172 6.34 9.62 -120.64
C LEU DB 172 5.35 10.76 -120.81
N MET DB 173 5.13 11.55 -119.76
CA MET DB 173 4.24 12.70 -119.90
C MET DB 173 4.83 13.74 -120.85
N ARG DB 174 6.15 13.91 -120.81
CA ARG DB 174 6.80 14.76 -121.80
C ARG DB 174 6.62 14.19 -123.20
N LEU DB 175 6.66 12.88 -123.32
CA LEU DB 175 6.49 12.25 -124.62
C LEU DB 175 5.07 12.40 -125.12
N ARG DB 176 4.09 12.33 -124.20
CA ARG DB 176 2.69 12.50 -124.59
C ARG DB 176 2.41 13.92 -125.02
N LYS DB 177 2.97 14.91 -124.32
CA LYS DB 177 2.74 16.30 -124.68
C LYS DB 177 3.28 16.60 -126.06
N GLN DB 178 4.45 16.03 -126.40
CA GLN DB 178 4.99 16.23 -127.74
C GLN DB 178 4.13 15.55 -128.78
N ALA DB 179 3.59 14.38 -128.46
CA ALA DB 179 2.70 13.70 -129.40
C ALA DB 179 1.45 14.52 -129.68
N GLU DB 180 0.98 15.29 -128.70
CA GLU DB 180 -0.22 16.09 -128.89
C GLU DB 180 -0.01 17.12 -129.99
N LYS DB 181 1.16 17.76 -130.02
CA LYS DB 181 1.43 18.73 -131.07
C LYS DB 181 1.87 18.08 -132.37
N ASN DB 182 2.14 16.77 -132.35
CA ASN DB 182 2.42 16.06 -133.59
C ASN DB 182 1.14 15.75 -134.33
N VAL DB 183 0.25 14.97 -133.71
CA VAL DB 183 -1.09 14.74 -134.24
C VAL DB 183 -1.98 15.86 -133.71
N GLU DB 184 -2.11 16.91 -134.49
CA GLU DB 184 -2.97 18.02 -134.11
C GLU DB 184 -4.05 18.31 -135.13
N LYS DB 185 -3.74 18.17 -136.42
CA LYS DB 185 -4.77 18.35 -137.44
C LYS DB 185 -5.86 17.28 -137.31
N LYS DB 186 -5.46 16.05 -137.05
CA LYS DB 186 -6.42 14.96 -136.93
C LYS DB 186 -6.98 14.82 -135.52
N ILE DB 187 -6.59 15.71 -134.61
CA ILE DB 187 -7.10 15.68 -133.25
C ILE DB 187 -8.03 16.85 -132.94
N ASP DB 188 -7.90 17.99 -133.66
CA ASP DB 188 -8.74 19.15 -133.36
C ASP DB 188 -10.22 18.87 -133.58
N LYS DB 189 -10.56 17.90 -134.42
CA LYS DB 189 -11.96 17.51 -134.57
C LYS DB 189 -12.55 17.03 -133.26
N TYR DB 190 -11.73 16.39 -132.43
CA TYR DB 190 -12.17 15.85 -131.16
C TYR DB 190 -11.83 16.74 -129.98
N THR DB 191 -10.74 17.50 -130.06
CA THR DB 191 -10.38 18.40 -128.96
C THR DB 191 -11.44 19.46 -128.76
N GLU DB 192 -11.95 20.04 -129.86
CA GLU DB 192 -12.95 21.10 -129.75
C GLU DB 192 -14.23 20.57 -129.12
N VAL DB 193 -14.54 19.30 -129.32
CA VAL DB 193 -15.70 18.71 -128.66
C VAL DB 193 -15.50 18.72 -127.15
N LEU DB 194 -14.28 18.41 -126.70
CA LEU DB 194 -13.99 18.43 -125.28
C LEU DB 194 -14.07 19.84 -124.72
N LYS DB 195 -13.59 20.83 -125.47
CA LYS DB 195 -13.55 22.20 -124.98
C LYS DB 195 -14.95 22.76 -124.74
N THR DB 196 -15.88 22.47 -125.65
CA THR DB 196 -17.22 23.02 -125.51
C THR DB 196 -17.93 22.48 -124.27
N HIS DB 197 -17.55 21.28 -123.84
CA HIS DB 197 -18.25 20.61 -122.75
C HIS DB 197 -17.49 20.69 -121.43
N GLY DB 198 -16.47 21.53 -121.33
CA GLY DB 198 -15.80 21.79 -120.08
C GLY DB 198 -14.47 21.08 -119.90
N LEU DB 199 -14.33 19.90 -120.45
CA LEU DB 199 -13.05 19.21 -120.39
C LEU DB 199 -12.01 19.98 -121.20
N LEU DB 200 -10.75 19.87 -120.77
CA LEU DB 200 -9.62 20.35 -121.55
C LEU DB 200 -9.74 21.85 -121.84
N VAL DB 201 -9.60 22.62 -120.77
CA VAL DB 201 -9.59 24.09 -120.79
C VAL DB 201 -9.02 24.71 -122.05
N VAL EB 1 -36.53 -57.42 -75.85
CA VAL EB 1 -36.73 -56.36 -74.88
C VAL EB 1 -36.49 -55.03 -75.59
N ARG EB 2 -36.99 -53.94 -75.02
CA ARG EB 2 -36.87 -52.63 -75.66
C ARG EB 2 -35.43 -52.15 -75.56
N TYR EB 3 -34.73 -52.12 -76.69
CA TYR EB 3 -33.46 -51.43 -76.81
C TYR EB 3 -33.69 -50.00 -77.26
N SER EB 4 -32.74 -49.13 -76.93
CA SER EB 4 -32.66 -47.84 -77.58
C SER EB 4 -31.82 -48.00 -78.83
N LEU EB 5 -32.13 -47.19 -79.85
CA LEU EB 5 -31.45 -47.27 -81.14
C LEU EB 5 -31.54 -48.67 -81.73
N ASP EB 6 -32.77 -49.05 -82.10
CA ASP EB 6 -32.93 -50.23 -82.92
C ASP EB 6 -32.13 -50.09 -84.21
N PRO EB 7 -31.58 -51.18 -84.73
CA PRO EB 7 -30.73 -51.08 -85.92
C PRO EB 7 -31.52 -50.74 -87.16
N GLU EB 8 -30.80 -50.36 -88.21
CA GLU EB 8 -31.44 -50.03 -89.48
C GLU EB 8 -32.09 -51.25 -90.11
N ASN EB 9 -31.59 -52.43 -89.81
CA ASN EB 9 -32.26 -53.68 -90.20
C ASN EB 9 -31.76 -54.79 -89.27
N PRO EB 10 -32.65 -55.42 -88.51
CA PRO EB 10 -32.20 -56.46 -87.59
C PRO EB 10 -32.09 -57.82 -88.25
N THR EB 11 -31.53 -57.85 -89.46
CA THR EB 11 -31.23 -59.10 -90.13
C THR EB 11 -29.74 -59.35 -90.24
N LYS EB 12 -28.93 -58.29 -90.14
CA LYS EB 12 -27.48 -58.40 -90.10
C LYS EB 12 -26.94 -57.93 -88.75
N SER EB 13 -27.73 -58.09 -87.69
CA SER EB 13 -27.36 -57.50 -86.41
C SER EB 13 -27.63 -58.48 -85.28
N CYS EB 14 -26.89 -58.31 -84.19
CA CYS EB 14 -27.05 -59.09 -82.98
C CYS EB 14 -26.92 -58.17 -81.77
N LYS EB 15 -27.55 -58.55 -80.67
CA LYS EB 15 -27.65 -57.68 -79.51
C LYS EB 15 -27.18 -58.40 -78.26
N SER EB 16 -26.65 -57.62 -77.31
CA SER EB 16 -26.29 -58.13 -76.00
C SER EB 16 -26.74 -57.13 -74.96
N ARG EB 17 -27.00 -57.61 -73.75
CA ARG EB 17 -27.53 -56.77 -72.70
C ARG EB 17 -27.05 -57.30 -71.36
N GLY EB 18 -26.94 -56.40 -70.39
CA GLY EB 18 -26.66 -56.78 -69.02
C GLY EB 18 -27.28 -55.79 -68.08
N SER EB 19 -27.88 -56.25 -66.98
CA SER EB 19 -28.54 -55.38 -66.02
C SER EB 19 -27.91 -55.54 -64.66
N ASN EB 20 -27.79 -54.42 -63.95
CA ASN EB 20 -27.29 -54.38 -62.58
C ASN EB 20 -25.90 -54.98 -62.47
N LEU EB 21 -25.08 -54.75 -63.48
CA LEU EB 21 -23.70 -55.23 -63.43
C LEU EB 21 -22.91 -54.44 -62.40
N ARG EB 22 -22.14 -55.13 -61.57
CA ARG EB 22 -21.41 -54.51 -60.46
C ARG EB 22 -20.08 -53.93 -60.95
N VAL EB 23 -20.18 -52.88 -61.75
CA VAL EB 23 -19.02 -52.11 -62.18
C VAL EB 23 -19.34 -50.63 -62.01
N HIS EB 24 -18.29 -49.83 -61.92
CA HIS EB 24 -18.47 -48.40 -61.80
C HIS EB 24 -19.02 -47.82 -63.09
N PHE EB 25 -20.07 -47.01 -62.98
CA PHE EB 25 -20.70 -46.46 -64.17
C PHE EB 25 -19.76 -45.52 -64.92
N LYS EB 26 -19.04 -44.67 -64.19
CA LYS EB 26 -18.16 -43.71 -64.84
C LYS EB 26 -17.03 -44.40 -65.57
N ASN EB 27 -16.47 -45.47 -64.99
CA ASN EB 27 -15.42 -46.21 -65.66
C ASN EB 27 -15.95 -46.91 -66.91
N THR EB 28 -17.11 -47.57 -66.80
CA THR EB 28 -17.64 -48.32 -67.92
C THR EB 28 -18.09 -47.41 -69.05
N ARG EB 29 -18.59 -46.21 -68.71
CA ARG EB 29 -19.00 -45.27 -69.75
C ARG EB 29 -17.81 -44.86 -70.60
N GLU EB 30 -16.66 -44.64 -69.98
CA GLU EB 30 -15.49 -44.27 -70.74
C GLU EB 30 -14.98 -45.42 -71.60
N THR EB 31 -15.01 -46.64 -71.06
CA THR EB 31 -14.56 -47.79 -71.81
C THR EB 31 -15.46 -48.06 -73.01
N ALA EB 32 -16.77 -47.95 -72.81
CA ALA EB 32 -17.70 -48.18 -73.90
C ALA EB 32 -17.56 -47.13 -74.98
N GLN EB 33 -17.21 -45.91 -74.59
CA GLN EB 33 -16.99 -44.85 -75.58
C GLN EB 33 -15.75 -45.14 -76.42
N ALA EB 34 -14.74 -45.75 -75.81
CA ALA EB 34 -13.53 -46.05 -76.54
C ALA EB 34 -13.76 -47.11 -77.61
N ILE EB 35 -14.56 -48.13 -77.30
CA ILE EB 35 -14.72 -49.27 -78.20
C ILE EB 35 -15.86 -49.10 -79.18
N LYS EB 36 -16.58 -47.98 -79.12
CA LYS EB 36 -17.72 -47.80 -80.01
C LYS EB 36 -17.23 -47.61 -81.44
N GLY EB 37 -17.95 -48.22 -82.39
CA GLY EB 37 -17.57 -48.17 -83.78
C GLY EB 37 -16.43 -49.08 -84.15
N MET EB 38 -15.82 -49.75 -83.19
CA MET EB 38 -14.70 -50.63 -83.48
C MET EB 38 -15.17 -51.91 -84.13
N HIS EB 39 -14.29 -52.50 -84.94
CA HIS EB 39 -14.48 -53.87 -85.37
C HIS EB 39 -14.40 -54.78 -84.14
N ILE EB 40 -15.15 -55.87 -84.18
CA ILE EB 40 -15.27 -56.71 -82.99
C ILE EB 40 -13.93 -57.34 -82.61
N ARG EB 41 -13.15 -57.76 -83.62
CA ARG EB 41 -11.84 -58.32 -83.33
C ARG EB 41 -10.91 -57.24 -82.79
N LYS EB 42 -11.09 -56.00 -83.22
CA LYS EB 42 -10.30 -54.90 -82.71
C LYS EB 42 -10.65 -54.61 -81.26
N ALA EB 43 -11.94 -54.64 -80.93
CA ALA EB 43 -12.35 -54.37 -79.56
C ALA EB 43 -11.93 -55.50 -78.63
N THR EB 44 -11.89 -56.72 -79.14
CA THR EB 44 -11.40 -57.84 -78.35
C THR EB 44 -9.93 -57.66 -77.99
N LYS EB 45 -9.09 -57.34 -78.98
CA LYS EB 45 -7.68 -57.11 -78.71
C LYS EB 45 -7.47 -55.88 -77.84
N TYR EB 46 -8.28 -54.85 -78.06
CA TYR EB 46 -8.13 -53.63 -77.29
C TYR EB 46 -8.46 -53.83 -75.83
N LEU EB 47 -9.58 -54.50 -75.54
CA LEU EB 47 -9.99 -54.69 -74.15
C LEU EB 47 -9.06 -55.64 -73.42
N LYS EB 48 -8.42 -56.56 -74.15
CA LYS EB 48 -7.38 -57.37 -73.55
C LYS EB 48 -6.15 -56.54 -73.24
N ASP EB 49 -5.83 -55.58 -74.11
CA ASP EB 49 -4.69 -54.70 -73.88
C ASP EB 49 -4.93 -53.80 -72.69
N VAL EB 50 -6.16 -53.34 -72.49
CA VAL EB 50 -6.48 -52.47 -71.36
C VAL EB 50 -6.27 -53.21 -70.05
N THR EB 51 -6.61 -54.50 -70.03
CA THR EB 51 -6.35 -55.33 -68.86
C THR EB 51 -4.85 -55.49 -68.63
N LEU EB 52 -4.07 -55.60 -69.71
CA LEU EB 52 -2.62 -55.73 -69.61
C LEU EB 52 -1.92 -54.39 -69.46
N GLN EB 53 -2.67 -53.28 -69.47
CA GLN EB 53 -2.13 -51.93 -69.39
C GLN EB 53 -1.15 -51.67 -70.53
N LYS EB 54 -1.56 -52.02 -71.74
CA LYS EB 54 -0.83 -51.68 -72.95
C LYS EB 54 -1.52 -50.60 -73.77
N GLN EB 55 -2.84 -50.53 -73.75
CA GLN EB 55 -3.60 -49.43 -74.31
C GLN EB 55 -4.50 -48.87 -73.22
N CYS EB 56 -4.63 -47.56 -73.16
CA CYS EB 56 -5.45 -46.91 -72.15
C CYS EB 56 -6.78 -46.50 -72.76
N VAL EB 57 -7.77 -46.31 -71.90
CA VAL EB 57 -9.03 -45.75 -72.35
C VAL EB 57 -8.99 -44.26 -71.99
N PRO EB 58 -9.39 -43.37 -72.87
CA PRO EB 58 -9.32 -41.95 -72.54
C PRO EB 58 -10.52 -41.49 -71.73
N PHE EB 59 -10.25 -40.96 -70.53
CA PHE EB 59 -11.32 -40.48 -69.65
C PHE EB 59 -11.65 -39.06 -70.06
N ARG EB 60 -12.72 -38.91 -70.84
CA ARG EB 60 -13.06 -37.62 -71.41
C ARG EB 60 -14.04 -36.84 -70.54
N ARG EB 61 -15.19 -37.43 -70.23
CA ARG EB 61 -16.18 -36.72 -69.44
C ARG EB 61 -15.92 -36.83 -67.94
N TYR EB 62 -15.73 -38.04 -67.44
CA TYR EB 62 -15.55 -38.27 -66.01
C TYR EB 62 -14.06 -38.34 -65.67
N ASN EB 63 -13.42 -37.18 -65.74
CA ASN EB 63 -11.97 -37.09 -65.63
C ASN EB 63 -11.51 -36.28 -64.43
N GLY EB 64 -12.37 -36.10 -63.43
CA GLY EB 64 -11.96 -35.36 -62.25
C GLY EB 64 -10.92 -36.10 -61.45
N GLY EB 65 -9.70 -35.58 -61.45
CA GLY EB 65 -8.62 -36.20 -60.73
C GLY EB 65 -7.90 -37.30 -61.46
N VAL EB 66 -8.36 -37.68 -62.65
CA VAL EB 66 -7.74 -38.75 -63.40
C VAL EB 66 -6.37 -38.31 -63.88
N GLY EB 67 -5.37 -39.15 -63.67
CA GLY EB 67 -4.01 -38.78 -63.97
C GLY EB 67 -3.72 -38.84 -65.47
N ARG EB 68 -2.57 -38.27 -65.82
CA ARG EB 68 -2.11 -38.25 -67.20
C ARG EB 68 -1.29 -39.50 -67.48
N CYS EB 69 -1.33 -39.94 -68.74
CA CYS EB 69 -0.55 -41.10 -69.15
C CYS EB 69 -0.08 -40.91 -70.57
N ALA EB 70 0.99 -41.62 -70.93
CA ALA EB 70 1.55 -41.50 -72.26
C ALA EB 70 0.67 -42.18 -73.30
N GLN EB 71 -0.04 -43.22 -72.90
CA GLN EB 71 -0.87 -43.95 -73.84
C GLN EB 71 -2.12 -43.19 -74.24
N ALA EB 72 -2.43 -42.08 -73.57
CA ALA EB 72 -3.56 -41.26 -73.97
C ALA EB 72 -3.31 -40.56 -75.30
N LYS EB 73 -2.06 -40.50 -75.75
CA LYS EB 73 -1.73 -39.84 -77.01
C LYS EB 73 -2.14 -40.63 -78.24
N GLN EB 74 -2.44 -41.92 -78.09
CA GLN EB 74 -3.07 -42.64 -79.20
C GLN EB 74 -4.41 -42.00 -79.54
N TRP EB 75 -5.18 -41.68 -78.51
CA TRP EB 75 -6.34 -40.83 -78.64
C TRP EB 75 -5.86 -39.38 -78.64
N GLY EB 76 -6.79 -38.44 -78.74
CA GLY EB 76 -6.35 -37.06 -78.75
C GLY EB 76 -6.30 -36.44 -77.38
N TRP EB 77 -6.34 -37.27 -76.36
CA TRP EB 77 -6.58 -36.81 -75.00
C TRP EB 77 -5.29 -36.76 -74.21
N THR EB 78 -5.43 -36.46 -72.93
CA THR EB 78 -4.31 -36.40 -72.01
C THR EB 78 -4.48 -37.34 -70.83
N GLN EB 79 -5.70 -37.53 -70.35
CA GLN EB 79 -5.97 -38.37 -69.18
C GLN EB 79 -6.50 -39.72 -69.64
N GLY EB 80 -5.94 -40.78 -69.09
CA GLY EB 80 -6.43 -42.11 -69.38
C GLY EB 80 -6.12 -43.05 -68.25
N ARG EB 81 -6.85 -44.16 -68.23
CA ARG EB 81 -6.67 -45.18 -67.22
C ARG EB 81 -6.86 -46.54 -67.88
N TRP EB 82 -6.78 -47.60 -67.08
CA TRP EB 82 -6.92 -48.97 -67.57
C TRP EB 82 -7.88 -49.72 -66.68
N PRO EB 83 -9.18 -49.42 -66.77
CA PRO EB 83 -10.14 -50.09 -65.89
C PRO EB 83 -10.24 -51.58 -66.19
N LYS EB 84 -9.75 -52.41 -65.26
CA LYS EB 84 -9.69 -53.84 -65.51
C LYS EB 84 -11.08 -54.47 -65.39
N LYS EB 85 -11.88 -54.01 -64.44
CA LYS EB 85 -13.20 -54.61 -64.27
C LYS EB 85 -14.13 -54.23 -65.40
N SER EB 86 -14.06 -52.98 -65.87
CA SER EB 86 -14.91 -52.57 -66.99
C SER EB 86 -14.53 -53.31 -68.26
N ALA EB 87 -13.23 -53.50 -68.49
CA ALA EB 87 -12.80 -54.26 -69.65
C ALA EB 87 -13.22 -55.72 -69.54
N GLU EB 88 -13.16 -56.29 -68.35
CA GLU EB 88 -13.62 -57.65 -68.15
C GLU EB 88 -15.10 -57.78 -68.45
N PHE EB 89 -15.90 -56.85 -67.95
CA PHE EB 89 -17.34 -56.93 -68.14
C PHE EB 89 -17.73 -56.77 -69.59
N LEU EB 90 -17.10 -55.83 -70.29
CA LEU EB 90 -17.40 -55.66 -71.71
C LEU EB 90 -16.87 -56.81 -72.54
N LEU EB 91 -15.84 -57.50 -72.06
CA LEU EB 91 -15.36 -58.68 -72.78
C LEU EB 91 -16.36 -59.82 -72.68
N HIS EB 92 -16.94 -60.02 -71.51
CA HIS EB 92 -17.97 -61.04 -71.37
C HIS EB 92 -19.20 -60.70 -72.20
N MET EB 93 -19.57 -59.42 -72.23
CA MET EB 93 -20.70 -59.00 -73.04
C MET EB 93 -20.40 -59.16 -74.53
N LEU EB 94 -19.14 -59.00 -74.92
CA LEU EB 94 -18.78 -59.17 -76.32
C LEU EB 94 -18.79 -60.64 -76.72
N LYS EB 95 -18.37 -61.52 -75.81
CA LYS EB 95 -18.45 -62.94 -76.11
C LYS EB 95 -19.89 -63.41 -76.16
N ASN EB 96 -20.76 -62.81 -75.34
CA ASN EB 96 -22.17 -63.16 -75.39
C ASN EB 96 -22.80 -62.69 -76.69
N ALA EB 97 -22.44 -61.49 -77.15
CA ALA EB 97 -23.00 -60.98 -78.40
C ALA EB 97 -22.45 -61.74 -79.59
N GLU EB 98 -21.19 -62.16 -79.53
CA GLU EB 98 -20.60 -62.94 -80.61
C GLU EB 98 -21.30 -64.28 -80.76
N SER EB 99 -21.59 -64.95 -79.64
CA SER EB 99 -22.28 -66.23 -79.70
C SER EB 99 -23.68 -66.07 -80.25
N ASN EB 100 -24.32 -64.93 -80.00
CA ASN EB 100 -25.63 -64.66 -80.58
C ASN EB 100 -25.55 -64.57 -82.08
N ALA EB 101 -24.48 -63.98 -82.61
CA ALA EB 101 -24.29 -63.94 -84.06
C ALA EB 101 -24.12 -65.34 -84.63
N GLU EB 102 -23.42 -66.21 -83.91
CA GLU EB 102 -23.30 -67.60 -84.33
C GLU EB 102 -24.67 -68.27 -84.40
N LEU EB 103 -25.56 -67.91 -83.47
CA LEU EB 103 -26.92 -68.45 -83.50
C LEU EB 103 -27.71 -67.90 -84.68
N LYS EB 104 -27.45 -66.66 -85.08
CA LYS EB 104 -28.17 -66.05 -86.18
C LYS EB 104 -27.56 -66.36 -87.54
N GLY EB 105 -26.42 -67.04 -87.59
CA GLY EB 105 -25.88 -67.54 -88.84
C GLY EB 105 -25.09 -66.55 -89.67
N LEU EB 106 -24.80 -65.37 -89.15
CA LEU EB 106 -24.04 -64.36 -89.86
C LEU EB 106 -22.60 -64.36 -89.39
N ASP EB 107 -21.68 -64.11 -90.31
CA ASP EB 107 -20.25 -64.25 -90.00
C ASP EB 107 -19.82 -63.23 -88.96
N VAL EB 108 -19.00 -63.68 -88.00
CA VAL EB 108 -18.60 -62.82 -86.90
C VAL EB 108 -17.33 -62.05 -87.20
N ASP EB 109 -16.66 -62.35 -88.32
CA ASP EB 109 -15.39 -61.70 -88.64
C ASP EB 109 -15.56 -60.31 -89.22
N SER EB 110 -16.79 -59.80 -89.29
CA SER EB 110 -17.06 -58.49 -89.86
C SER EB 110 -17.97 -57.64 -88.98
N LEU EB 111 -18.15 -58.02 -87.73
CA LEU EB 111 -19.05 -57.29 -86.85
C LEU EB 111 -18.41 -55.99 -86.39
N VAL EB 112 -19.22 -54.94 -86.33
CA VAL EB 112 -18.79 -53.63 -85.88
C VAL EB 112 -19.78 -53.14 -84.84
N ILE EB 113 -19.29 -52.59 -83.74
CA ILE EB 113 -20.15 -52.18 -82.64
C ILE EB 113 -20.80 -50.86 -83.00
N GLU EB 114 -21.97 -50.92 -83.64
CA GLU EB 114 -22.63 -49.70 -84.10
C GLU EB 114 -23.28 -48.94 -82.95
N HIS EB 115 -23.68 -49.62 -81.89
CA HIS EB 115 -24.36 -48.97 -80.78
C HIS EB 115 -23.90 -49.59 -79.48
N ILE EB 116 -23.68 -48.75 -78.48
CA ILE EB 116 -23.37 -49.21 -77.14
C ILE EB 116 -23.75 -48.11 -76.16
N GLN EB 117 -24.35 -48.49 -75.06
CA GLN EB 117 -24.89 -47.53 -74.11
C GLN EB 117 -24.77 -48.07 -72.69
N VAL EB 118 -24.36 -47.20 -71.78
CA VAL EB 118 -24.24 -47.53 -70.36
C VAL EB 118 -25.22 -46.65 -69.61
N ASN EB 119 -26.12 -47.27 -68.85
CA ASN EB 119 -27.12 -46.58 -68.05
C ASN EB 119 -26.82 -46.79 -66.59
N LYS EB 120 -27.33 -45.90 -65.75
CA LYS EB 120 -27.17 -46.07 -64.32
C LYS EB 120 -28.24 -47.00 -63.77
N ALA EB 121 -27.82 -47.97 -63.00
CA ALA EB 121 -28.70 -48.93 -62.35
C ALA EB 121 -29.13 -48.41 -60.99
N PRO EB 122 -30.18 -49.00 -60.40
CA PRO EB 122 -30.50 -48.64 -59.01
C PRO EB 122 -29.34 -48.94 -58.08
N LYS EB 123 -29.08 -48.03 -57.16
CA LYS EB 123 -27.89 -48.13 -56.34
C LYS EB 123 -28.07 -49.14 -55.21
N MET EB 124 -26.95 -49.64 -54.73
CA MET EB 124 -26.91 -50.59 -53.62
C MET EB 124 -26.32 -49.89 -52.41
N ARG EB 125 -26.99 -50.02 -51.27
CA ARG EB 125 -26.69 -49.21 -50.10
C ARG EB 125 -25.73 -49.94 -49.17
N ARG EB 126 -24.64 -49.28 -48.81
CA ARG EB 126 -23.73 -49.73 -47.77
C ARG EB 126 -23.54 -48.60 -46.77
N ARG EB 127 -22.67 -48.81 -45.81
CA ARG EB 127 -22.58 -47.94 -44.66
C ARG EB 127 -21.12 -47.72 -44.30
N THR EB 128 -20.80 -46.47 -43.94
CA THR EB 128 -19.48 -46.13 -43.45
C THR EB 128 -19.64 -45.32 -42.17
N TYR EB 129 -18.63 -45.40 -41.31
CA TYR EB 129 -18.67 -44.82 -39.98
C TYR EB 129 -17.65 -43.70 -39.87
N ARG EB 130 -18.11 -42.54 -39.43
CA ARG EB 130 -17.35 -41.31 -39.48
C ARG EB 130 -17.04 -40.80 -38.07
N ALA EB 131 -16.49 -39.58 -38.01
CA ALA EB 131 -15.77 -39.11 -36.83
C ALA EB 131 -16.61 -39.05 -35.56
N HIS EB 132 -17.60 -38.18 -35.49
CA HIS EB 132 -18.30 -37.94 -34.23
C HIS EB 132 -19.61 -38.71 -34.18
N GLY EB 133 -19.48 -40.03 -34.22
CA GLY EB 133 -20.64 -40.91 -34.11
C GLY EB 133 -21.65 -40.73 -35.22
N ARG EB 134 -21.19 -40.53 -36.45
CA ARG EB 134 -22.05 -40.27 -37.57
C ARG EB 134 -21.93 -41.36 -38.61
N ILE EB 135 -22.96 -41.48 -39.43
CA ILE EB 135 -23.04 -42.47 -40.49
C ILE EB 135 -23.16 -41.72 -41.81
N ASN EB 136 -22.49 -42.23 -42.84
CA ASN EB 136 -22.66 -41.72 -44.19
C ASN EB 136 -22.87 -42.87 -45.15
N PRO EB 137 -23.49 -42.61 -46.30
CA PRO EB 137 -23.68 -43.68 -47.28
C PRO EB 137 -22.36 -44.14 -47.85
N TYR EB 138 -22.35 -45.38 -48.31
CA TYR EB 138 -21.25 -46.00 -49.03
C TYR EB 138 -21.80 -46.70 -50.26
N MET EB 139 -22.64 -45.98 -50.98
CA MET EB 139 -23.41 -46.55 -52.06
C MET EB 139 -22.53 -47.01 -53.21
N SER EB 140 -23.02 -48.00 -53.93
CA SER EB 140 -22.41 -48.48 -55.16
C SER EB 140 -23.18 -47.90 -56.34
N SER EB 141 -22.52 -47.86 -57.49
CA SER EB 141 -23.10 -47.32 -58.72
C SER EB 141 -23.01 -48.35 -59.82
N PRO EB 142 -23.88 -49.36 -59.81
CA PRO EB 142 -23.90 -50.34 -60.89
C PRO EB 142 -24.43 -49.72 -62.17
N CYS EB 143 -24.43 -50.52 -63.24
CA CYS EB 143 -24.80 -49.99 -64.53
C CYS EB 143 -25.42 -51.05 -65.42
N HIS EB 144 -26.42 -50.66 -66.20
CA HIS EB 144 -26.91 -51.47 -67.30
C HIS EB 144 -26.09 -51.18 -68.55
N ILE EB 145 -25.90 -52.19 -69.37
CA ILE EB 145 -25.20 -52.04 -70.64
C ILE EB 145 -26.02 -52.70 -71.73
N GLU EB 146 -25.93 -52.16 -72.94
CA GLU EB 146 -26.48 -52.80 -74.12
C GLU EB 146 -25.58 -52.50 -75.30
N MET EB 147 -25.59 -53.39 -76.28
CA MET EB 147 -24.77 -53.20 -77.47
C MET EB 147 -25.43 -53.87 -78.66
N ILE EB 148 -25.14 -53.35 -79.84
CA ILE EB 148 -25.64 -53.87 -81.11
C ILE EB 148 -24.49 -53.92 -82.09
N LEU EB 149 -24.27 -55.09 -82.68
CA LEU EB 149 -23.21 -55.30 -83.65
C LEU EB 149 -23.84 -55.55 -85.01
N THR EB 150 -23.13 -55.18 -86.08
CA THR EB 150 -23.69 -55.31 -87.42
C THR EB 150 -22.65 -55.85 -88.39
N GLU EB 151 -23.12 -56.52 -89.42
CA GLU EB 151 -22.27 -56.95 -90.52
C GLU EB 151 -21.89 -55.77 -91.39
N LYS EB 152 -20.58 -55.57 -91.59
CA LYS EB 152 -20.04 -54.64 -92.57
C LYS EB 152 -18.55 -54.90 -92.72
N GLU EB 153 -18.08 -54.85 -93.96
CA GLU EB 153 -16.66 -55.09 -94.26
C GLU EB 153 -16.26 -54.43 -95.56
N GLY FB 1 -48.65 14.17 -69.31
CA GLY FB 1 -49.79 13.96 -68.44
C GLY FB 1 -50.56 15.23 -68.16
N VAL FB 2 -51.76 15.07 -67.59
CA VAL FB 2 -52.63 16.19 -67.28
C VAL FB 2 -52.71 16.35 -65.77
N ASP FB 3 -52.93 17.58 -65.34
CA ASP FB 3 -52.89 17.93 -63.92
C ASP FB 3 -54.30 17.89 -63.34
N ILE FB 4 -54.85 16.68 -63.29
CA ILE FB 4 -56.18 16.45 -62.75
C ILE FB 4 -56.10 15.39 -61.68
N ARG FB 5 -57.25 15.09 -61.09
CA ARG FB 5 -57.35 14.10 -60.03
C ARG FB 5 -58.45 13.10 -60.39
N HIS FB 6 -58.19 11.82 -60.11
CA HIS FB 6 -59.07 10.74 -60.55
C HIS FB 6 -59.81 10.08 -59.40
N ASN FB 7 -59.77 10.64 -58.20
CA ASN FB 7 -60.40 9.97 -57.06
C ASN FB 7 -61.90 10.19 -56.99
N LYS FB 8 -62.44 11.13 -57.76
CA LYS FB 8 -63.88 11.37 -57.80
C LYS FB 8 -64.48 11.08 -59.17
N ASP FB 9 -63.75 10.40 -60.04
CA ASP FB 9 -64.21 10.20 -61.41
C ASP FB 9 -65.45 9.32 -61.45
N ARG FB 10 -65.43 8.22 -60.71
CA ARG FB 10 -66.52 7.25 -60.74
C ARG FB 10 -67.58 7.68 -59.74
N LYS FB 11 -68.72 8.14 -60.24
CA LYS FB 11 -69.82 8.50 -59.37
C LYS FB 11 -70.47 7.24 -58.80
N VAL FB 12 -70.66 7.23 -57.49
CA VAL FB 12 -71.16 6.05 -56.79
C VAL FB 12 -72.66 6.21 -56.64
N ARG FB 13 -73.42 5.50 -57.47
CA ARG FB 13 -74.87 5.55 -57.39
C ARG FB 13 -75.44 4.28 -57.98
N ARG FB 14 -76.64 3.94 -57.55
CA ARG FB 14 -77.33 2.77 -58.06
C ARG FB 14 -77.78 3.03 -59.49
N LYS FB 15 -77.28 2.23 -60.43
CA LYS FB 15 -77.74 2.29 -61.80
C LYS FB 15 -78.69 1.16 -62.16
N GLU FB 16 -78.93 0.25 -61.23
CA GLU FB 16 -79.86 -0.86 -61.42
C GLU FB 16 -80.19 -1.42 -60.05
N PRO FB 17 -81.33 -2.11 -59.91
CA PRO FB 17 -81.66 -2.68 -58.61
C PRO FB 17 -80.75 -3.86 -58.30
N LYS FB 18 -80.15 -3.84 -57.11
CA LYS FB 18 -79.33 -4.97 -56.68
C LYS FB 18 -80.17 -6.21 -56.44
N SER FB 19 -81.47 -6.05 -56.34
CA SER FB 19 -82.38 -7.18 -56.21
C SER FB 19 -82.41 -8.00 -57.50
N GLN FB 20 -82.71 -9.29 -57.34
CA GLN FB 20 -82.96 -10.17 -58.48
C GLN FB 20 -84.44 -10.50 -58.64
N ASP FB 21 -85.32 -9.76 -57.96
CA ASP FB 21 -86.75 -9.99 -58.07
C ASP FB 21 -87.21 -9.63 -59.47
N ILE FB 22 -87.82 -10.60 -60.17
CA ILE FB 22 -88.14 -10.39 -61.57
C ILE FB 22 -89.35 -9.47 -61.72
N TYR FB 23 -90.30 -9.54 -60.80
CA TYR FB 23 -91.44 -8.64 -60.86
C TYR FB 23 -91.01 -7.20 -60.64
N LEU FB 24 -89.95 -7.00 -59.85
CA LEU FB 24 -89.41 -5.66 -59.68
C LEU FB 24 -88.62 -5.22 -60.91
N ARG FB 25 -87.84 -6.13 -61.48
CA ARG FB 25 -87.03 -5.78 -62.64
C ARG FB 25 -87.88 -5.53 -63.87
N LEU FB 26 -89.08 -6.12 -63.93
CA LEU FB 26 -89.95 -5.89 -65.07
C LEU FB 26 -90.48 -4.46 -65.07
N LEU FB 27 -90.93 -3.98 -63.92
CA LEU FB 27 -91.39 -2.60 -63.86
C LEU FB 27 -90.23 -1.62 -63.72
N VAL FB 28 -89.02 -2.12 -63.45
CA VAL FB 28 -87.83 -1.30 -63.66
C VAL FB 28 -87.58 -1.12 -65.15
N LYS FB 29 -87.81 -2.18 -65.94
CA LYS FB 29 -87.74 -2.05 -67.38
C LYS FB 29 -88.76 -1.06 -67.90
N LEU FB 30 -89.96 -1.08 -67.33
CA LEU FB 30 -91.04 -0.25 -67.84
C LEU FB 30 -90.78 1.22 -67.55
N TYR FB 31 -90.40 1.54 -66.32
CA TYR FB 31 -90.14 2.93 -65.97
C TYR FB 31 -88.81 3.43 -66.47
N ARG FB 32 -87.92 2.52 -66.89
CA ARG FB 32 -86.73 2.94 -67.61
C ARG FB 32 -87.09 3.46 -68.99
N PHE FB 33 -88.10 2.86 -69.60
CA PHE FB 33 -88.60 3.34 -70.88
C PHE FB 33 -89.35 4.66 -70.72
N LEU FB 34 -90.18 4.75 -69.69
CA LEU FB 34 -90.97 5.96 -69.47
C LEU FB 34 -90.08 7.15 -69.12
N ALA FB 35 -89.05 6.93 -68.30
CA ALA FB 35 -88.14 8.01 -67.96
C ALA FB 35 -87.39 8.50 -69.20
N ARG FB 36 -86.94 7.57 -70.03
CA ARG FB 36 -86.17 7.94 -71.22
C ARG FB 36 -87.01 8.63 -72.26
N ARG FB 37 -88.23 8.13 -72.49
CA ARG FB 37 -89.02 8.54 -73.64
C ARG FB 37 -90.07 9.59 -73.32
N THR FB 38 -90.11 10.11 -72.10
CA THR FB 38 -90.98 11.24 -71.79
C THR FB 38 -90.16 12.33 -71.10
N ASN FB 39 -90.72 13.53 -71.08
CA ASN FB 39 -90.09 14.66 -70.44
C ASN FB 39 -90.45 14.78 -68.97
N SER FB 40 -91.22 13.84 -68.43
CA SER FB 40 -91.64 13.94 -67.04
C SER FB 40 -90.50 13.58 -66.10
N THR FB 41 -90.19 14.48 -65.19
CA THR FB 41 -89.22 14.17 -64.15
C THR FB 41 -89.79 13.27 -63.08
N PHE FB 42 -91.11 13.09 -63.03
CA PHE FB 42 -91.69 12.16 -62.09
C PHE FB 42 -91.23 10.74 -62.36
N ASN FB 43 -91.20 10.36 -63.64
CA ASN FB 43 -90.75 9.02 -63.98
C ASN FB 43 -89.30 8.81 -63.60
N GLN FB 44 -88.50 9.88 -63.65
CA GLN FB 44 -87.09 9.75 -63.29
C GLN FB 44 -86.92 9.51 -61.80
N VAL FB 45 -87.70 10.21 -60.97
CA VAL FB 45 -87.60 10.01 -59.53
C VAL FB 45 -88.10 8.62 -59.14
N VAL FB 46 -89.19 8.18 -59.76
CA VAL FB 46 -89.72 6.86 -59.47
C VAL FB 46 -88.73 5.78 -59.92
N LEU FB 47 -88.11 5.99 -61.08
CA LEU FB 47 -87.15 5.00 -61.58
C LEU FB 47 -85.95 4.87 -60.65
N LYS FB 48 -85.39 5.99 -60.21
CA LYS FB 48 -84.23 5.91 -59.33
C LYS FB 48 -84.62 5.44 -57.93
N ARG FB 49 -85.89 5.59 -57.54
CA ARG FB 49 -86.33 5.03 -56.28
C ARG FB 49 -86.56 3.53 -56.38
N LEU FB 50 -86.71 3.01 -57.60
CA LEU FB 50 -86.83 1.57 -57.75
C LEU FB 50 -85.49 0.86 -57.62
N PHE FB 51 -84.38 1.60 -57.68
CA PHE FB 51 -83.08 1.00 -57.48
C PHE FB 51 -82.68 0.97 -56.01
N MET FB 52 -83.33 1.76 -55.17
CA MET FB 52 -82.85 1.99 -53.82
C MET FB 52 -83.02 0.76 -52.94
N SER FB 53 -82.16 0.66 -51.94
CA SER FB 53 -82.22 -0.42 -50.97
C SER FB 53 -83.44 -0.26 -50.07
N ARG FB 54 -83.70 -1.29 -49.28
CA ARG FB 54 -84.85 -1.26 -48.39
C ARG FB 54 -84.72 -0.18 -47.33
N THR FB 55 -83.51 0.04 -46.84
CA THR FB 55 -83.29 1.11 -45.87
C THR FB 55 -83.51 2.47 -46.48
N ASN FB 56 -83.29 2.61 -47.78
CA ASN FB 56 -83.57 3.83 -48.50
C ASN FB 56 -84.97 3.86 -49.07
N ARG FB 57 -85.77 2.84 -48.80
CA ARG FB 57 -87.19 2.81 -49.14
C ARG FB 57 -87.97 2.46 -47.89
N PRO FB 58 -88.04 3.39 -46.93
CA PRO FB 58 -88.69 3.09 -45.66
C PRO FB 58 -90.19 2.96 -45.85
N PRO FB 59 -90.87 2.23 -44.96
CA PRO FB 59 -92.32 2.10 -45.07
C PRO FB 59 -93.02 3.41 -44.78
N LEU FB 60 -94.18 3.58 -45.42
CA LEU FB 60 -95.04 4.72 -45.18
C LEU FB 60 -96.27 4.24 -44.43
N SER FB 61 -96.47 4.77 -43.24
CA SER FB 61 -97.62 4.36 -42.45
C SER FB 61 -98.91 4.89 -43.06
N LEU FB 62 -100.03 4.40 -42.54
CA LEU FB 62 -101.33 4.88 -43.01
C LEU FB 62 -101.65 6.25 -42.43
N SER FB 63 -101.22 6.50 -41.19
CA SER FB 63 -101.48 7.79 -40.57
C SER FB 63 -100.72 8.90 -41.29
N ARG FB 64 -99.50 8.62 -41.73
CA ARG FB 64 -98.71 9.63 -42.42
C ARG FB 64 -99.27 9.92 -43.80
N MET FB 65 -99.77 8.91 -44.49
CA MET FB 65 -100.33 9.12 -45.82
C MET FB 65 -101.62 9.91 -45.75
N ILE FB 66 -102.47 9.62 -44.77
CA ILE FB 66 -103.71 10.37 -44.61
C ILE FB 66 -103.40 11.82 -44.29
N ARG FB 67 -102.37 12.06 -43.49
CA ARG FB 67 -102.00 13.43 -43.13
C ARG FB 67 -101.56 14.22 -44.36
N LYS FB 68 -100.75 13.60 -45.22
CA LYS FB 68 -100.29 14.31 -46.42
C LYS FB 68 -101.41 14.53 -47.42
N MET FB 69 -102.34 13.57 -47.53
CA MET FB 69 -103.46 13.74 -48.45
C MET FB 69 -104.47 14.75 -47.93
N LYS FB 70 -104.45 15.07 -46.63
CA LYS FB 70 -105.38 16.04 -46.08
C LYS FB 70 -104.97 17.47 -46.36
N LEU FB 71 -103.77 17.69 -46.89
CA LEU FB 71 -103.30 19.03 -47.14
C LEU FB 71 -104.09 19.68 -48.28
N PRO FB 72 -104.26 21.00 -48.25
CA PRO FB 72 -105.16 21.66 -49.21
C PRO FB 72 -104.71 21.49 -50.65
N GLY FB 73 -105.68 21.22 -51.52
CA GLY FB 73 -105.39 21.07 -52.93
C GLY FB 73 -104.88 19.72 -53.34
N ARG FB 74 -104.72 18.78 -52.40
CA ARG FB 74 -104.23 17.45 -52.72
C ARG FB 74 -105.35 16.43 -52.87
N GLU FB 75 -106.60 16.87 -52.84
CA GLU FB 75 -107.71 15.94 -53.03
C GLU FB 75 -107.73 15.43 -54.46
N ASN FB 76 -108.32 14.25 -54.64
CA ASN FB 76 -108.47 13.61 -55.95
C ASN FB 76 -107.12 13.39 -56.62
N LYS FB 77 -106.07 13.17 -55.84
CA LYS FB 77 -104.76 12.85 -56.36
C LYS FB 77 -104.35 11.47 -55.91
N THR FB 78 -103.53 10.81 -56.71
CA THR FB 78 -103.05 9.47 -56.41
C THR FB 78 -101.77 9.57 -55.58
N ALA FB 79 -101.82 9.06 -54.35
CA ALA FB 79 -100.64 9.01 -53.52
C ALA FB 79 -99.72 7.92 -54.03
N VAL FB 80 -98.51 8.28 -54.41
CA VAL FB 80 -97.54 7.35 -54.98
C VAL FB 80 -96.40 7.19 -53.98
N VAL FB 81 -96.13 5.97 -53.58
CA VAL FB 81 -95.01 5.65 -52.71
C VAL FB 81 -94.23 4.49 -53.31
N VAL FB 82 -92.93 4.64 -53.43
CA VAL FB 82 -92.06 3.55 -53.90
C VAL FB 82 -91.61 2.82 -52.65
N GLY FB 83 -92.45 1.92 -52.17
CA GLY FB 83 -92.15 1.20 -50.95
C GLY FB 83 -93.40 0.55 -50.39
N THR FB 84 -93.32 0.20 -49.12
CA THR FB 84 -94.37 -0.52 -48.43
C THR FB 84 -95.28 0.46 -47.71
N ILE FB 85 -96.59 0.25 -47.83
CA ILE FB 85 -97.58 0.98 -47.06
C ILE FB 85 -98.01 0.11 -45.90
N THR FB 86 -98.04 0.69 -44.71
CA THR FB 86 -98.17 -0.03 -43.46
C THR FB 86 -99.38 0.46 -42.69
N ASP FB 87 -100.18 -0.46 -42.18
CA ASP FB 87 -101.33 -0.09 -41.37
C ASP FB 87 -100.89 0.60 -40.09
N ASP FB 88 -101.66 1.59 -39.67
CA ASP FB 88 -101.45 2.29 -38.41
C ASP FB 88 -102.72 2.17 -37.59
N VAL FB 89 -102.64 1.50 -36.44
CA VAL FB 89 -103.80 1.34 -35.58
C VAL FB 89 -104.03 2.54 -34.68
N ARG FB 90 -103.24 3.59 -34.81
CA ARG FB 90 -103.46 4.80 -34.04
C ARG FB 90 -104.45 5.76 -34.70
N VAL FB 91 -104.83 5.50 -35.95
CA VAL FB 91 -105.86 6.29 -36.61
C VAL FB 91 -107.15 5.49 -36.57
N GLN FB 92 -108.27 6.22 -36.58
CA GLN FB 92 -109.58 5.61 -36.48
C GLN FB 92 -110.45 5.83 -37.70
N GLU FB 93 -110.29 6.95 -38.41
CA GLU FB 93 -111.10 7.28 -39.56
C GLU FB 93 -110.22 7.33 -40.80
N VAL FB 94 -110.32 6.32 -41.63
CA VAL FB 94 -109.57 6.24 -42.89
C VAL FB 94 -110.44 6.80 -44.00
N PRO FB 95 -110.01 7.82 -44.71
CA PRO FB 95 -110.82 8.38 -45.80
C PRO FB 95 -110.70 7.53 -47.06
N LYS FB 96 -111.32 8.01 -48.12
CA LYS FB 96 -111.22 7.36 -49.42
C LYS FB 96 -109.95 7.85 -50.10
N LEU FB 97 -109.06 6.92 -50.44
CA LEU FB 97 -107.76 7.27 -51.01
C LEU FB 97 -107.49 6.41 -52.24
N LYS FB 98 -107.05 7.05 -53.31
CA LYS FB 98 -106.52 6.37 -54.48
C LYS FB 98 -105.00 6.37 -54.33
N VAL FB 99 -104.41 5.18 -54.31
CA VAL FB 99 -103.05 5.01 -53.81
C VAL FB 99 -102.32 3.96 -54.63
N CYS FB 100 -101.14 4.32 -55.12
CA CYS FB 100 -100.24 3.41 -55.82
C CYS FB 100 -99.03 3.15 -54.94
N ALA FB 101 -98.80 1.88 -54.62
CA ALA FB 101 -97.71 1.50 -53.73
C ALA FB 101 -97.00 0.28 -54.28
N LEU FB 102 -95.72 0.15 -53.92
CA LEU FB 102 -94.95 -1.01 -54.32
C LEU FB 102 -95.44 -2.26 -53.61
N ARG FB 103 -96.00 -2.10 -52.42
CA ARG FB 103 -96.39 -3.23 -51.58
C ARG FB 103 -97.23 -2.69 -50.45
N VAL FB 104 -98.31 -3.39 -50.11
CA VAL FB 104 -99.23 -2.96 -49.07
C VAL FB 104 -99.44 -4.10 -48.10
N THR FB 105 -99.32 -3.80 -46.81
CA THR FB 105 -99.62 -4.76 -45.77
C THR FB 105 -101.05 -5.25 -45.89
N SER FB 106 -101.27 -6.55 -45.66
CA SER FB 106 -102.59 -7.14 -45.85
C SER FB 106 -103.65 -6.52 -44.94
N ARG FB 107 -103.26 -5.89 -43.85
CA ARG FB 107 -104.22 -5.21 -42.99
C ARG FB 107 -104.45 -3.77 -43.42
N ALA FB 108 -103.41 -3.10 -43.91
CA ALA FB 108 -103.60 -1.78 -44.50
C ALA FB 108 -104.41 -1.88 -45.78
N ARG FB 109 -104.27 -2.99 -46.51
CA ARG FB 109 -105.02 -3.18 -47.73
C ARG FB 109 -106.51 -3.24 -47.45
N SER FB 110 -106.90 -3.97 -46.42
CA SER FB 110 -108.32 -4.16 -46.13
C SER FB 110 -108.98 -2.86 -45.71
N ARG FB 111 -108.27 -2.04 -44.92
CA ARG FB 111 -108.86 -0.81 -44.43
C ARG FB 111 -109.05 0.20 -45.54
N ILE FB 112 -108.09 0.27 -46.48
CA ILE FB 112 -108.19 1.21 -47.59
C ILE FB 112 -109.35 0.83 -48.50
N LEU FB 113 -109.43 -0.46 -48.85
CA LEU FB 113 -110.50 -0.92 -49.74
C LEU FB 113 -111.86 -0.80 -49.07
N ARG FB 114 -111.94 -1.08 -47.77
CA ARG FB 114 -113.20 -0.95 -47.05
C ARG FB 114 -113.71 0.48 -47.07
N ALA FB 115 -112.81 1.45 -47.04
CA ALA FB 115 -113.19 2.86 -47.10
C ALA FB 115 -113.43 3.33 -48.52
N GLY FB 116 -113.64 2.43 -49.46
CA GLY FB 116 -113.92 2.81 -50.83
C GLY FB 116 -112.72 3.26 -51.61
N GLY FB 117 -111.51 3.06 -51.10
CA GLY FB 117 -110.32 3.49 -51.77
C GLY FB 117 -109.91 2.56 -52.89
N LYS FB 118 -108.90 3.00 -53.63
CA LYS FB 118 -108.35 2.24 -54.75
C LYS FB 118 -106.88 1.99 -54.51
N ILE FB 119 -106.40 0.82 -54.90
CA ILE FB 119 -105.00 0.45 -54.75
C ILE FB 119 -104.46 0.05 -56.11
N LEU FB 120 -103.36 0.66 -56.50
CA LEU FB 120 -102.73 0.41 -57.78
C LEU FB 120 -101.32 -0.10 -57.58
N THR FB 121 -100.89 -0.99 -58.46
CA THR FB 121 -99.49 -1.28 -58.61
C THR FB 121 -98.90 -0.33 -59.63
N PHE FB 122 -97.57 -0.35 -59.78
CA PHE FB 122 -96.92 0.63 -60.63
C PHE FB 122 -97.16 0.36 -62.11
N ASP FB 123 -97.54 -0.87 -62.47
CA ASP FB 123 -97.92 -1.12 -63.85
C ASP FB 123 -99.31 -0.57 -64.16
N GLN FB 124 -100.19 -0.56 -63.16
CA GLN FB 124 -101.48 0.09 -63.35
C GLN FB 124 -101.35 1.60 -63.29
N LEU FB 125 -100.34 2.11 -62.58
CA LEU FB 125 -100.14 3.55 -62.51
C LEU FB 125 -99.66 4.11 -63.85
N ALA FB 126 -98.83 3.35 -64.56
CA ALA FB 126 -98.34 3.82 -65.85
C ALA FB 126 -99.49 4.01 -66.84
N LEU FB 127 -100.42 3.05 -66.86
CA LEU FB 127 -101.59 3.20 -67.73
C LEU FB 127 -102.53 4.27 -67.20
N ASP FB 128 -102.52 4.51 -65.89
CA ASP FB 128 -103.33 5.57 -65.32
C ASP FB 128 -102.82 6.95 -65.75
N SER FB 129 -101.58 7.26 -65.38
CA SER FB 129 -100.95 8.52 -65.74
C SER FB 129 -99.48 8.25 -66.05
N PRO FB 130 -99.14 8.05 -67.32
CA PRO FB 130 -97.75 7.77 -67.67
C PRO FB 130 -96.78 8.87 -67.29
N LYS FB 131 -97.21 10.13 -67.34
CA LYS FB 131 -96.37 11.24 -66.95
C LYS FB 131 -96.42 11.52 -65.47
N GLY FB 132 -97.13 10.71 -64.70
CA GLY FB 132 -97.29 10.97 -63.29
C GLY FB 132 -98.05 12.23 -62.99
N CYS FB 133 -99.01 12.59 -63.83
CA CYS FB 133 -99.81 13.77 -63.59
C CYS FB 133 -100.89 13.47 -62.56
N GLY FB 134 -101.17 14.45 -61.70
CA GLY FB 134 -102.14 14.28 -60.66
C GLY FB 134 -101.75 13.29 -59.58
N THR FB 135 -100.47 13.25 -59.22
CA THR FB 135 -99.96 12.34 -58.21
C THR FB 135 -99.26 13.12 -57.11
N VAL FB 136 -99.18 12.50 -55.94
CA VAL FB 136 -98.44 13.05 -54.81
C VAL FB 136 -97.39 12.04 -54.42
N LEU FB 137 -96.13 12.33 -54.73
CA LEU FB 137 -95.03 11.42 -54.48
C LEU FB 137 -94.61 11.54 -53.02
N LEU FB 138 -95.03 10.58 -52.20
CA LEU FB 138 -94.74 10.57 -50.79
C LEU FB 138 -93.51 9.71 -50.51
N SER FB 139 -93.08 9.72 -49.25
CA SER FB 139 -91.95 8.91 -48.81
C SER FB 139 -92.07 8.65 -47.32
N GLY FB 140 -91.58 7.50 -46.89
CA GLY FB 140 -91.50 7.20 -45.49
C GLY FB 140 -90.35 7.91 -44.85
N PRO FB 141 -90.34 7.93 -43.52
CA PRO FB 141 -89.28 8.63 -42.80
C PRO FB 141 -87.94 7.94 -42.94
N ARG FB 142 -87.03 8.58 -43.68
CA ARG FB 142 -85.76 7.95 -44.02
C ARG FB 142 -84.91 7.72 -42.78
N LYS FB 143 -84.88 8.68 -41.87
CA LYS FB 143 -84.06 8.61 -40.67
C LYS FB 143 -84.79 8.00 -39.50
N GLY FB 144 -86.02 7.51 -39.70
CA GLY FB 144 -86.71 6.84 -38.63
C GLY FB 144 -86.27 5.41 -38.47
N ARG FB 145 -85.00 5.21 -38.15
CA ARG FB 145 -84.45 3.89 -37.93
C ARG FB 145 -83.60 3.94 -36.66
N GLU FB 146 -83.48 2.79 -36.01
CA GLU FB 146 -82.77 2.74 -34.74
C GLU FB 146 -81.28 3.02 -34.90
N VAL FB 147 -80.73 2.80 -36.10
CA VAL FB 147 -79.31 3.05 -36.31
C VAL FB 147 -78.99 4.53 -36.15
N TYR FB 148 -79.91 5.41 -36.55
CA TYR FB 148 -79.60 6.82 -36.58
C TYR FB 148 -79.53 7.42 -35.18
N ARG FB 149 -80.03 6.72 -34.17
CA ARG FB 149 -79.86 7.19 -32.81
C ARG FB 149 -78.41 7.07 -32.37
N HIS FB 150 -77.69 6.09 -32.93
CA HIS FB 150 -76.29 5.89 -32.57
C HIS FB 150 -75.36 6.77 -33.40
N PHE FB 151 -75.79 7.21 -34.57
CA PHE FB 151 -74.93 8.01 -35.42
C PHE FB 151 -74.81 9.43 -34.86
N GLY FB 152 -73.87 10.17 -35.42
CA GLY FB 152 -73.60 11.51 -34.94
C GLY FB 152 -72.26 11.59 -34.25
N LYS FB 153 -72.14 12.50 -33.29
CA LYS FB 153 -70.91 12.60 -32.53
C LYS FB 153 -70.77 11.42 -31.58
N ALA FB 154 -69.58 11.26 -31.04
CA ALA FB 154 -69.36 10.20 -30.07
C ALA FB 154 -70.10 10.50 -28.78
N PRO FB 155 -70.63 9.49 -28.09
CA PRO FB 155 -71.41 9.75 -26.87
C PRO FB 155 -70.62 10.42 -25.76
N GLY FB 156 -69.31 10.22 -25.74
CA GLY FB 156 -68.49 10.78 -24.69
C GLY FB 156 -67.85 12.09 -25.09
N THR FB 157 -68.61 12.91 -25.82
CA THR FB 157 -68.17 14.24 -26.21
C THR FB 157 -69.22 15.25 -25.75
N PRO FB 158 -68.81 16.49 -25.48
CA PRO FB 158 -69.79 17.49 -25.05
C PRO FB 158 -70.83 17.75 -26.12
N HIS FB 159 -72.06 18.01 -25.67
CA HIS FB 159 -73.19 18.41 -26.52
C HIS FB 159 -73.55 17.35 -27.55
N SER FB 160 -73.28 16.09 -27.25
CA SER FB 160 -73.68 14.99 -28.10
C SER FB 160 -74.75 14.19 -27.38
N HIS FB 161 -75.84 13.89 -28.08
CA HIS FB 161 -76.92 13.13 -27.48
C HIS FB 161 -77.16 11.86 -28.27
N THR FB 162 -76.08 11.16 -28.60
CA THR FB 162 -76.17 9.95 -29.40
C THR FB 162 -76.19 8.73 -28.50
N LYS FB 163 -76.99 7.76 -28.87
CA LYS FB 163 -77.17 6.58 -28.05
C LYS FB 163 -75.92 5.73 -28.08
N PRO FB 164 -75.34 5.40 -26.93
CA PRO FB 164 -74.18 4.51 -26.91
C PRO FB 164 -74.59 3.07 -27.19
N TYR FB 165 -73.61 2.28 -27.63
CA TYR FB 165 -73.83 0.86 -27.87
C TYR FB 165 -73.62 0.13 -26.54
N VAL FB 166 -74.71 -0.29 -25.92
CA VAL FB 166 -74.68 -0.98 -24.64
C VAL FB 166 -75.45 -2.27 -24.78
N ARG FB 167 -74.96 -3.34 -24.14
CA ARG FB 167 -75.65 -4.61 -24.25
C ARG FB 167 -76.91 -4.62 -23.39
N SER FB 168 -76.95 -3.81 -22.33
CA SER FB 168 -78.12 -3.75 -21.48
C SER FB 168 -78.27 -2.33 -20.97
N LYS FB 169 -79.50 -1.97 -20.62
CA LYS FB 169 -79.80 -0.68 -20.03
C LYS FB 169 -80.11 -0.90 -18.56
N GLY FB 170 -79.35 -0.26 -17.69
CA GLY FB 170 -79.58 -0.38 -16.27
C GLY FB 170 -78.60 0.52 -15.55
N ARG FB 171 -78.77 0.60 -14.23
CA ARG FB 171 -77.94 1.51 -13.47
C ARG FB 171 -76.50 1.05 -13.36
N LYS FB 172 -76.20 -0.18 -13.76
CA LYS FB 172 -74.83 -0.70 -13.74
C LYS FB 172 -74.13 -0.58 -15.08
N PHE FB 173 -74.82 -0.16 -16.13
CA PHE FB 173 -74.32 -0.24 -17.49
C PHE FB 173 -74.04 1.15 -18.03
N GLU FB 174 -72.77 1.56 -17.96
CA GLU FB 174 -72.26 2.79 -18.56
C GLU FB 174 -73.01 4.02 -18.03
N ARG FB 175 -72.88 4.24 -16.73
CA ARG FB 175 -73.55 5.37 -16.10
C ARG FB 175 -72.71 6.12 -15.08
N ALA FB 176 -71.48 5.70 -14.79
CA ALA FB 176 -70.77 6.33 -13.68
C ALA FB 176 -69.82 7.45 -14.06
N ARG FB 177 -68.71 7.14 -14.73
CA ARG FB 177 -67.60 8.09 -14.84
C ARG FB 177 -67.61 8.72 -16.22
N GLY FB 178 -67.93 10.00 -16.29
CA GLY FB 178 -68.23 10.65 -17.54
C GLY FB 178 -69.70 10.86 -17.77
N ARG FB 179 -70.55 10.42 -16.85
CA ARG FB 179 -71.99 10.59 -16.98
C ARG FB 179 -72.60 11.42 -15.86
N ARG FB 180 -71.82 11.77 -14.84
CA ARG FB 180 -72.31 12.59 -13.75
C ARG FB 180 -71.15 13.34 -13.13
N ALA FB 181 -71.44 14.50 -12.54
CA ALA FB 181 -70.38 15.33 -11.98
C ALA FB 181 -69.71 14.70 -10.77
N SER FB 182 -70.33 13.70 -10.16
CA SER FB 182 -69.76 13.09 -8.97
C SER FB 182 -68.73 12.02 -9.29
N ARG FB 183 -68.66 11.56 -10.53
CA ARG FB 183 -67.69 10.55 -10.93
C ARG FB 183 -66.88 11.10 -12.10
N GLY FB 184 -65.81 11.81 -11.78
CA GLY FB 184 -64.92 12.33 -12.80
C GLY FB 184 -65.42 13.61 -13.44
N TYR FB 185 -66.39 13.47 -14.34
CA TYR FB 185 -66.83 14.59 -15.16
C TYR FB 185 -68.16 14.22 -15.79
N LYS FB 186 -68.70 15.12 -16.55
CA LYS FB 186 -70.00 14.82 -17.14
C LYS FB 186 -70.05 15.01 -18.65
N ASN FB 187 -69.37 16.04 -19.17
CA ASN FB 187 -69.51 16.60 -20.52
C ASN FB 187 -70.75 16.22 -21.33
N LYS GB 1 -29.74 39.32 -69.69
CA LYS GB 1 -29.81 39.62 -71.11
C LYS GB 1 -28.84 38.77 -71.91
N ALA GB 2 -29.36 38.06 -72.90
CA ALA GB 2 -28.53 37.32 -73.85
C ALA GB 2 -28.22 38.23 -75.04
N SER GB 3 -27.76 37.67 -76.15
CA SER GB 3 -27.29 38.49 -77.25
C SER GB 3 -27.61 37.78 -78.56
N GLY GB 4 -26.92 38.18 -79.62
CA GLY GB 4 -27.29 37.88 -81.00
C GLY GB 4 -26.61 38.89 -81.89
N THR GB 5 -27.36 39.60 -82.72
CA THR GB 5 -26.89 40.82 -83.35
C THR GB 5 -27.68 41.97 -82.75
N LEU GB 6 -27.01 42.77 -81.92
CA LEU GB 6 -27.71 43.79 -81.16
C LEU GB 6 -28.22 44.90 -82.07
N ARG GB 7 -29.26 45.58 -81.62
CA ARG GB 7 -29.85 46.70 -82.32
C ARG GB 7 -29.98 47.87 -81.37
N GLU GB 8 -29.79 49.07 -81.89
CA GLU GB 8 -30.00 50.27 -81.08
C GLU GB 8 -31.47 50.64 -81.11
N TYR GB 9 -31.98 51.04 -79.95
CA TYR GB 9 -33.37 51.43 -79.80
C TYR GB 9 -33.44 52.76 -79.09
N LYS GB 10 -34.18 53.69 -79.65
CA LYS GB 10 -34.51 54.92 -78.95
C LYS GB 10 -35.78 54.69 -78.16
N VAL GB 11 -35.66 54.64 -76.83
CA VAL GB 11 -36.77 54.30 -75.96
C VAL GB 11 -37.09 55.52 -75.11
N VAL GB 12 -38.32 55.99 -75.20
CA VAL GB 12 -38.77 57.16 -74.46
C VAL GB 12 -39.89 56.73 -73.53
N GLY GB 13 -39.78 57.08 -72.25
CA GLY GB 13 -40.78 56.73 -71.27
C GLY GB 13 -40.95 57.84 -70.26
N ARG GB 14 -41.96 57.69 -69.41
CA ARG GB 14 -42.28 58.70 -68.42
C ARG GB 14 -43.13 58.08 -67.33
N CYS GB 15 -43.24 58.79 -66.21
CA CYS GB 15 -44.18 58.41 -65.18
C CYS GB 15 -45.61 58.62 -65.67
N LEU GB 16 -46.52 57.87 -65.09
CA LEU GB 16 -47.93 58.11 -65.37
C LEU GB 16 -48.33 59.49 -64.83
N PRO GB 17 -49.23 60.19 -65.50
CA PRO GB 17 -49.62 61.52 -65.03
C PRO GB 17 -50.47 61.45 -63.77
N THR GB 18 -49.88 61.81 -62.64
CA THR GB 18 -50.57 61.79 -61.36
C THR GB 18 -51.11 63.18 -61.05
N PRO GB 19 -51.98 63.32 -60.05
CA PRO GB 19 -52.37 64.66 -59.61
C PRO GB 19 -51.33 65.32 -58.72
N LYS GB 20 -50.07 65.19 -59.10
CA LYS GB 20 -48.96 65.94 -58.54
C LYS GB 20 -48.21 66.70 -59.62
N CYS GB 21 -47.83 66.02 -60.70
CA CYS GB 21 -47.39 66.65 -61.93
C CYS GB 21 -48.18 65.98 -63.06
N HIS GB 22 -48.99 66.78 -63.76
CA HIS GB 22 -49.82 66.21 -64.82
C HIS GB 22 -49.02 65.94 -66.09
N THR GB 23 -47.86 66.56 -66.23
CA THR GB 23 -46.99 66.35 -67.39
C THR GB 23 -45.59 66.04 -66.87
N PRO GB 24 -45.37 64.80 -66.40
CA PRO GB 24 -44.04 64.44 -65.93
C PRO GB 24 -43.04 64.47 -67.07
N PRO GB 25 -41.77 64.69 -66.79
CA PRO GB 25 -40.78 64.81 -67.86
C PRO GB 25 -40.63 63.51 -68.62
N LEU GB 26 -40.33 63.64 -69.90
CA LEU GB 26 -40.08 62.50 -70.77
C LEU GB 26 -38.59 62.24 -70.85
N TYR GB 27 -38.21 60.98 -70.73
CA TYR GB 27 -36.82 60.57 -70.70
C TYR GB 27 -36.52 59.65 -71.85
N ARG GB 28 -35.35 59.82 -72.45
CA ARG GB 28 -34.93 59.07 -73.63
C ARG GB 28 -33.64 58.33 -73.33
N MET GB 29 -33.55 57.09 -73.79
CA MET GB 29 -32.36 56.28 -73.59
C MET GB 29 -32.04 55.53 -74.88
N ARG GB 30 -30.76 55.29 -75.10
CA ARG GB 30 -30.30 54.46 -76.21
C ARG GB 30 -29.98 53.09 -75.65
N ILE GB 31 -30.76 52.09 -76.05
CA ILE GB 31 -30.61 50.74 -75.54
C ILE GB 31 -30.17 49.85 -76.68
N PHE GB 32 -29.10 49.09 -76.46
CA PHE GB 32 -28.64 48.11 -77.44
C PHE GB 32 -29.11 46.75 -76.96
N ALA GB 33 -30.15 46.24 -77.60
CA ALA GB 33 -30.83 45.03 -77.18
C ALA GB 33 -31.11 44.16 -78.40
N PRO GB 34 -31.26 42.85 -78.22
CA PRO GB 34 -31.60 41.99 -79.36
C PRO GB 34 -32.92 42.34 -80.02
N ASN GB 35 -33.91 42.78 -79.26
CA ASN GB 35 -35.22 43.12 -79.83
C ASN GB 35 -35.92 44.10 -78.93
N HIS GB 36 -37.03 44.64 -79.42
CA HIS GB 36 -37.75 45.69 -78.71
C HIS GB 36 -38.36 45.19 -77.40
N VAL GB 37 -38.51 43.87 -77.25
CA VAL GB 37 -39.00 43.34 -75.99
C VAL GB 37 -37.96 43.53 -74.90
N VAL GB 38 -36.71 43.14 -75.19
CA VAL GB 38 -35.64 43.33 -74.22
C VAL GB 38 -35.33 44.81 -74.04
N ALA GB 39 -35.45 45.59 -75.12
CA ALA GB 39 -35.16 47.01 -75.03
C ALA GB 39 -36.10 47.71 -74.06
N LYS GB 40 -37.38 47.34 -74.07
CA LYS GB 40 -38.31 47.92 -73.11
C LYS GB 40 -38.00 47.47 -71.69
N SER GB 41 -37.49 46.25 -71.52
CA SER GB 41 -37.13 45.77 -70.20
C SER GB 41 -35.90 46.50 -69.67
N ARG GB 42 -34.90 46.70 -70.52
CA ARG GB 42 -33.66 47.34 -70.08
C ARG GB 42 -33.84 48.83 -69.87
N PHE GB 43 -34.84 49.43 -70.52
CA PHE GB 43 -35.14 50.82 -70.25
C PHE GB 43 -35.60 51.02 -68.82
N TRP GB 44 -36.48 50.14 -68.36
CA TRP GB 44 -36.97 50.25 -66.99
C TRP GB 44 -35.88 49.93 -65.99
N TYR GB 45 -35.00 48.99 -66.31
CA TYR GB 45 -33.90 48.67 -65.42
C TYR GB 45 -32.96 49.85 -65.25
N PHE GB 46 -32.85 50.71 -66.27
CA PHE GB 46 -31.93 51.83 -66.18
C PHE GB 46 -32.59 53.05 -65.55
N VAL GB 47 -33.80 53.40 -65.97
CA VAL GB 47 -34.46 54.55 -65.37
C VAL GB 47 -34.84 54.28 -63.93
N SER GB 48 -34.95 53.01 -63.52
CA SER GB 48 -35.15 52.71 -62.11
C SER GB 48 -33.95 53.12 -61.29
N GLN GB 49 -32.75 52.92 -61.83
CA GLN GB 49 -31.55 53.26 -61.09
C GLN GB 49 -31.31 54.75 -61.07
N LEU GB 50 -31.59 55.44 -62.18
CA LEU GB 50 -31.30 56.86 -62.26
C LEU GB 50 -32.40 57.68 -61.60
N LYS GB 51 -33.62 57.58 -62.13
CA LYS GB 51 -34.77 58.25 -61.55
C LYS GB 51 -35.53 57.27 -60.66
N LYS GB 52 -36.51 57.80 -59.93
CA LYS GB 52 -37.34 56.96 -59.08
C LYS GB 52 -38.57 56.52 -59.87
N MET GB 53 -38.29 55.72 -60.90
CA MET GB 53 -39.30 55.31 -61.87
C MET GB 53 -39.46 53.80 -61.86
N LYS GB 54 -40.62 53.35 -62.30
CA LYS GB 54 -40.97 51.94 -62.26
C LYS GB 54 -41.84 51.62 -63.46
N LYS GB 55 -41.83 50.36 -63.86
CA LYS GB 55 -42.70 49.93 -64.94
C LYS GB 55 -44.16 50.05 -64.52
N SER GB 56 -44.46 49.71 -63.27
CA SER GB 56 -45.83 49.82 -62.77
C SER GB 56 -46.29 51.27 -62.74
N SER GB 57 -45.43 52.17 -62.28
CA SER GB 57 -45.79 53.58 -62.14
C SER GB 57 -45.48 54.39 -63.38
N GLY GB 58 -45.03 53.77 -64.46
CA GLY GB 58 -44.69 54.50 -65.65
C GLY GB 58 -45.19 53.82 -66.91
N GLU GB 59 -44.86 54.40 -68.06
CA GLU GB 59 -45.25 53.86 -69.35
C GLU GB 59 -44.21 54.26 -70.38
N ILE GB 60 -44.12 53.48 -71.45
CA ILE GB 60 -43.19 53.75 -72.53
C ILE GB 60 -43.98 54.37 -73.68
N VAL GB 61 -43.64 55.61 -74.02
CA VAL GB 61 -44.35 56.33 -75.07
C VAL GB 61 -43.77 56.07 -76.45
N TYR GB 62 -42.55 55.54 -76.54
CA TYR GB 62 -41.95 55.25 -77.83
C TYR GB 62 -40.84 54.23 -77.64
N CYS GB 63 -40.73 53.32 -78.60
CA CYS GB 63 -39.63 52.35 -78.62
C CYS GB 63 -39.42 51.96 -80.08
N GLY GB 64 -38.39 52.53 -80.70
CA GLY GB 64 -38.14 52.27 -82.10
C GLY GB 64 -36.68 52.08 -82.41
N GLN GB 65 -36.38 51.26 -83.41
CA GLN GB 65 -35.00 51.00 -83.78
C GLN GB 65 -34.37 52.25 -84.38
N VAL GB 66 -33.09 52.47 -84.06
CA VAL GB 66 -32.33 53.60 -84.58
C VAL GB 66 -31.43 53.04 -85.68
N PHE GB 67 -31.82 53.26 -86.92
CA PHE GB 67 -31.01 52.81 -88.05
C PHE GB 67 -29.73 53.63 -88.14
N GLU GB 68 -28.65 52.98 -88.55
CA GLU GB 68 -27.36 53.63 -88.64
C GLU GB 68 -27.39 54.68 -89.75
N LYS GB 69 -26.83 55.85 -89.46
CA LYS GB 69 -26.89 56.98 -90.38
C LYS GB 69 -25.87 56.91 -91.49
N SER GB 70 -24.89 56.02 -91.40
CA SER GB 70 -23.92 55.87 -92.48
C SER GB 70 -23.34 54.46 -92.44
N PRO GB 71 -24.12 53.45 -92.83
CA PRO GB 71 -23.63 52.07 -92.73
C PRO GB 71 -22.58 51.70 -93.77
N LEU GB 72 -22.20 52.61 -94.66
CA LEU GB 72 -21.17 52.33 -95.65
C LEU GB 72 -19.91 53.16 -95.41
N ARG GB 73 -19.68 53.58 -94.18
CA ARG GB 73 -18.51 54.38 -93.84
C ARG GB 73 -17.77 53.72 -92.69
N VAL GB 74 -16.46 53.61 -92.82
CA VAL GB 74 -15.63 53.07 -91.75
C VAL GB 74 -15.47 54.13 -90.66
N LYS GB 75 -15.70 53.74 -89.42
CA LYS GB 75 -15.61 54.70 -88.34
C LYS GB 75 -15.21 54.00 -87.04
N ASN GB 76 -14.61 54.77 -86.15
CA ASN GB 76 -14.13 54.27 -84.87
C ASN GB 76 -15.12 54.61 -83.78
N PHE GB 77 -15.45 53.64 -82.95
CA PHE GB 77 -16.38 53.83 -81.84
C PHE GB 77 -15.62 53.71 -80.53
N GLY GB 78 -15.79 54.70 -79.66
CA GLY GB 78 -15.31 54.61 -78.30
C GLY GB 78 -16.49 54.34 -77.38
N ILE GB 79 -16.39 53.25 -76.63
CA ILE GB 79 -17.50 52.78 -75.82
C ILE GB 79 -17.08 52.82 -74.37
N TRP GB 80 -17.54 53.83 -73.65
CA TRP GB 80 -17.38 53.89 -72.21
C TRP GB 80 -18.38 52.92 -71.59
N LEU GB 81 -17.93 52.13 -70.64
CA LEU GB 81 -18.81 51.14 -70.04
C LEU GB 81 -18.37 50.88 -68.61
N ARG GB 82 -19.20 50.16 -67.87
CA ARG GB 82 -18.83 49.64 -66.57
C ARG GB 82 -19.31 48.21 -66.47
N TYR GB 83 -18.58 47.40 -65.72
CA TYR GB 83 -18.91 45.99 -65.62
C TYR GB 83 -18.48 45.45 -64.26
N ASP GB 84 -19.07 44.32 -63.89
CA ASP GB 84 -18.73 43.64 -62.66
C ASP GB 84 -17.74 42.52 -62.96
N SER GB 85 -16.57 42.58 -62.34
CA SER GB 85 -15.65 41.47 -62.35
C SER GB 85 -16.10 40.47 -61.28
N ARG GB 86 -15.25 39.50 -60.97
CA ARG GB 86 -15.55 38.63 -59.84
C ARG GB 86 -15.25 39.30 -58.51
N SER GB 87 -14.46 40.37 -58.50
CA SER GB 87 -13.96 40.95 -57.26
C SER GB 87 -14.06 42.47 -57.29
N GLY GB 88 -15.09 43.00 -57.91
CA GLY GB 88 -15.28 44.44 -57.90
C GLY GB 88 -15.94 44.90 -59.18
N THR GB 89 -16.04 46.23 -59.29
CA THR GB 89 -16.67 46.90 -60.41
C THR GB 89 -15.69 47.88 -61.05
N HIS GB 90 -15.64 47.90 -62.36
CA HIS GB 90 -14.64 48.68 -63.08
C HIS GB 90 -15.28 49.47 -64.20
N ASN GB 91 -14.78 50.69 -64.41
CA ASN GB 91 -15.13 51.47 -65.58
C ASN GB 91 -14.08 51.22 -66.65
N MET GB 92 -14.54 51.03 -67.88
CA MET GB 92 -13.66 50.68 -68.98
C MET GB 92 -13.91 51.61 -70.15
N TYR GB 93 -12.91 51.75 -71.00
CA TYR GB 93 -13.05 52.44 -72.27
C TYR GB 93 -12.43 51.55 -73.34
N ARG GB 94 -13.22 51.15 -74.32
CA ARG GB 94 -12.76 50.29 -75.39
C ARG GB 94 -13.05 50.94 -76.73
N GLU GB 95 -12.27 50.57 -77.74
CA GLU GB 95 -12.43 51.11 -79.08
C GLU GB 95 -12.60 49.98 -80.07
N TYR GB 96 -13.43 50.21 -81.09
CA TYR GB 96 -13.71 49.22 -82.11
C TYR GB 96 -13.91 49.91 -83.44
N ARG GB 97 -13.70 49.16 -84.50
CA ARG GB 97 -14.03 49.60 -85.85
C ARG GB 97 -15.23 48.84 -86.35
N ASP GB 98 -16.22 49.55 -86.88
CA ASP GB 98 -17.37 48.91 -87.49
C ASP GB 98 -18.06 49.92 -88.38
N LEU GB 99 -18.90 49.40 -89.28
CA LEU GB 99 -19.70 50.27 -90.12
C LEU GB 99 -20.86 50.87 -89.35
N THR GB 100 -21.42 50.13 -88.39
CA THR GB 100 -22.64 50.54 -87.71
C THR GB 100 -22.41 50.63 -86.22
N THR GB 101 -23.23 51.44 -85.56
CA THR GB 101 -23.14 51.57 -84.11
C THR GB 101 -23.49 50.27 -83.42
N ALA GB 102 -24.58 49.63 -83.84
CA ALA GB 102 -25.07 48.44 -83.16
C ALA GB 102 -24.09 47.28 -83.30
N GLY GB 103 -23.42 47.19 -84.44
CA GLY GB 103 -22.42 46.16 -84.61
C GLY GB 103 -21.22 46.34 -83.71
N ALA GB 104 -20.84 47.58 -83.45
CA ALA GB 104 -19.67 47.82 -82.61
C ALA GB 104 -19.97 47.51 -81.15
N VAL GB 105 -21.20 47.69 -80.73
CA VAL GB 105 -21.57 47.30 -79.37
C VAL GB 105 -21.62 45.79 -79.25
N THR GB 106 -22.00 45.11 -80.33
CA THR GB 106 -21.94 43.65 -80.34
C THR GB 106 -20.50 43.16 -80.24
N GLN GB 107 -19.59 43.79 -80.98
CA GLN GB 107 -18.18 43.45 -80.85
C GLN GB 107 -17.68 43.67 -79.42
N CYS GB 108 -18.18 44.72 -78.78
CA CYS GB 108 -17.81 44.96 -77.39
C CYS GB 108 -18.28 43.83 -76.48
N TYR GB 109 -19.51 43.34 -76.70
CA TYR GB 109 -20.04 42.29 -75.86
C TYR GB 109 -19.28 40.99 -76.04
N ARG GB 110 -18.92 40.65 -77.28
CA ARG GB 110 -18.08 39.49 -77.51
C ARG GB 110 -16.71 39.67 -76.87
N ASP GB 111 -16.16 40.87 -76.97
CA ASP GB 111 -14.80 41.12 -76.51
C ASP GB 111 -14.70 41.08 -74.98
N MET GB 112 -15.70 41.64 -74.30
CA MET GB 112 -15.69 41.60 -72.83
C MET GB 112 -15.79 40.17 -72.33
N GLY GB 113 -16.65 39.36 -72.94
CA GLY GB 113 -16.71 37.96 -72.57
C GLY GB 113 -15.45 37.20 -72.92
N ALA GB 114 -14.78 37.59 -73.99
CA ALA GB 114 -13.59 36.89 -74.43
C ALA GB 114 -12.39 37.19 -73.55
N ARG GB 115 -12.19 38.46 -73.20
CA ARG GB 115 -10.98 38.86 -72.48
C ARG GB 115 -11.18 39.01 -70.98
N HIS GB 116 -12.41 39.18 -70.51
CA HIS GB 116 -12.65 39.39 -69.10
C HIS GB 116 -13.73 38.47 -68.53
N ARG GB 117 -14.19 37.50 -69.31
CA ARG GB 117 -15.15 36.50 -68.86
C ARG GB 117 -16.43 37.14 -68.34
N ALA GB 118 -16.76 38.32 -68.85
CA ALA GB 118 -17.92 39.05 -68.38
C ALA GB 118 -19.14 38.67 -69.19
N ARG GB 119 -20.21 38.29 -68.50
CA ARG GB 119 -21.47 37.99 -69.16
C ARG GB 119 -22.24 39.29 -69.39
N ALA GB 120 -23.24 39.22 -70.28
CA ALA GB 120 -23.91 40.42 -70.72
C ALA GB 120 -24.72 41.09 -69.61
N HIS GB 121 -25.03 40.38 -68.53
CA HIS GB 121 -25.79 41.01 -67.46
C HIS GB 121 -24.90 41.88 -66.58
N SER GB 122 -23.58 41.74 -66.68
CA SER GB 122 -22.67 42.59 -65.93
C SER GB 122 -22.21 43.80 -66.72
N ILE GB 123 -22.05 43.65 -68.04
CA ILE GB 123 -21.65 44.76 -68.89
C ILE GB 123 -22.78 45.77 -68.95
N GLN GB 124 -22.43 47.04 -68.85
CA GLN GB 124 -23.40 48.13 -68.72
C GLN GB 124 -22.87 49.30 -69.56
N ILE GB 125 -23.30 49.35 -70.82
CA ILE GB 125 -22.84 50.39 -71.73
C ILE GB 125 -23.42 51.72 -71.29
N MET GB 126 -22.56 52.72 -71.09
CA MET GB 126 -23.02 54.01 -70.64
C MET GB 126 -22.82 55.15 -71.62
N LYS GB 127 -22.01 54.96 -72.66
CA LYS GB 127 -21.85 55.98 -73.70
C LYS GB 127 -21.14 55.38 -74.89
N VAL GB 128 -21.71 55.55 -76.07
CA VAL GB 128 -21.09 55.15 -77.33
C VAL GB 128 -20.97 56.38 -78.20
N GLU GB 129 -19.82 56.56 -78.83
CA GLU GB 129 -19.60 57.76 -79.63
C GLU GB 129 -18.65 57.44 -80.77
N GLU GB 130 -18.94 58.00 -81.94
CA GLU GB 130 -18.05 57.88 -83.07
C GLU GB 130 -16.93 58.91 -82.91
N ILE GB 131 -15.72 58.43 -82.71
CA ILE GB 131 -14.57 59.29 -82.46
C ILE GB 131 -13.76 59.42 -83.74
N ALA GB 132 -13.03 60.53 -83.84
CA ALA GB 132 -12.10 60.72 -84.95
C ALA GB 132 -10.87 59.87 -84.74
N ALA GB 133 -10.21 59.51 -85.85
CA ALA GB 133 -9.01 58.67 -85.76
C ALA GB 133 -7.90 59.40 -85.01
N SER GB 134 -7.86 60.73 -85.10
CA SER GB 134 -6.87 61.51 -84.37
C SER GB 134 -7.11 61.52 -82.87
N LYS GB 135 -8.26 61.00 -82.41
CA LYS GB 135 -8.58 60.97 -81.00
C LYS GB 135 -8.49 59.57 -80.39
N CYS GB 136 -8.05 58.58 -81.16
CA CYS GB 136 -8.05 57.21 -80.69
C CYS GB 136 -6.91 56.97 -79.70
N ARG GB 137 -7.02 55.86 -78.97
CA ARG GB 137 -6.05 55.51 -77.94
C ARG GB 137 -5.59 54.06 -77.97
N ARG GB 138 -6.26 53.19 -78.74
CA ARG GB 138 -5.91 51.78 -78.75
C ARG GB 138 -5.09 51.46 -79.98
N PRO GB 139 -3.84 50.99 -79.81
CA PRO GB 139 -2.97 50.81 -80.98
C PRO GB 139 -3.45 49.77 -81.98
N ALA GB 140 -4.33 48.85 -81.56
CA ALA GB 140 -4.90 47.90 -82.51
C ALA GB 140 -5.84 48.60 -83.47
N VAL GB 141 -6.64 49.53 -82.98
CA VAL GB 141 -7.50 50.32 -83.85
C VAL GB 141 -6.67 51.30 -84.66
N LYS GB 142 -5.65 51.90 -84.04
CA LYS GB 142 -4.88 52.94 -84.69
C LYS GB 142 -4.08 52.43 -85.88
N GLN GB 143 -3.70 51.15 -85.88
CA GLN GB 143 -2.84 50.65 -86.94
C GLN GB 143 -3.54 50.55 -88.28
N PHE GB 144 -4.86 50.67 -88.32
CA PHE GB 144 -5.59 50.67 -89.58
C PHE GB 144 -5.82 52.06 -90.13
N HIS GB 145 -5.39 53.09 -89.41
CA HIS GB 145 -5.45 54.46 -89.92
C HIS GB 145 -4.22 54.69 -90.80
N ASP GB 146 -4.28 54.10 -92.00
CA ASP GB 146 -3.19 54.16 -92.95
C ASP GB 146 -3.75 54.32 -94.34
N SER GB 147 -3.48 55.45 -94.98
CA SER GB 147 -4.03 55.66 -96.31
C SER GB 147 -3.38 54.76 -97.36
N LYS GB 148 -2.31 54.06 -97.01
CA LYS GB 148 -1.65 53.11 -97.90
C LYS GB 148 -1.48 51.77 -97.20
N ILE GB 149 -2.55 51.29 -96.56
CA ILE GB 149 -2.49 50.01 -95.87
C ILE GB 149 -2.31 48.89 -96.88
N LYS GB 150 -1.54 47.88 -96.51
CA LYS GB 150 -1.25 46.77 -97.40
C LYS GB 150 -0.74 45.61 -96.58
N PHE GB 151 -1.40 44.45 -96.69
CA PHE GB 151 -0.91 43.27 -95.99
C PHE GB 151 -1.36 42.04 -96.76
N PRO GB 152 -0.54 41.01 -96.86
CA PRO GB 152 -0.95 39.77 -97.48
C PRO GB 152 -1.70 38.90 -96.47
N LEU GB 153 -2.20 37.78 -96.96
CA LEU GB 153 -2.82 36.79 -96.10
C LEU GB 153 -1.93 35.56 -96.08
N PRO GB 154 -1.06 35.42 -95.07
CA PRO GB 154 0.10 34.54 -95.20
C PRO GB 154 -0.19 33.05 -95.24
N HIS GB 155 -0.95 32.55 -94.27
CA HIS GB 155 -1.15 31.12 -94.07
C HIS GB 155 -2.64 30.82 -94.23
N ARG GB 156 -3.07 30.62 -95.47
CA ARG GB 156 -4.48 30.38 -95.75
C ARG GB 156 -4.81 28.95 -95.38
N VAL GB 157 -5.47 28.78 -94.24
CA VAL GB 157 -5.81 27.44 -93.77
C VAL GB 157 -6.92 26.88 -94.64
N LEU GB 158 -6.75 25.64 -95.09
CA LEU GB 158 -7.80 24.97 -95.84
C LEU GB 158 -9.03 24.78 -94.98
N ARG GB 159 -10.19 25.16 -95.50
CA ARG GB 159 -11.43 25.07 -94.75
C ARG GB 159 -12.35 23.97 -95.22
N ARG GB 160 -12.32 23.62 -96.50
CA ARG GB 160 -13.13 22.51 -97.01
C ARG GB 160 -12.40 21.18 -96.80
N GLN GB 161 -12.16 20.88 -95.53
CA GLN GB 161 -11.40 19.70 -95.16
C GLN GB 161 -12.19 18.42 -95.34
N HIS GB 162 -13.48 18.51 -95.65
CA HIS GB 162 -14.31 17.33 -95.84
C HIS GB 162 -14.92 17.25 -97.21
N LYS GB 163 -14.56 18.14 -98.14
CA LYS GB 163 -14.97 18.06 -99.53
C LYS GB 163 -13.74 18.27 -100.40
N PRO GB 164 -13.05 17.20 -100.79
CA PRO GB 164 -13.29 15.79 -100.47
C PRO GB 164 -12.67 15.40 -99.13
N ARG GB 165 -13.22 14.38 -98.48
CA ARG GB 165 -12.63 13.92 -97.23
C ARG GB 165 -11.32 13.19 -97.48
N PHE GB 166 -11.23 12.44 -98.57
CA PHE GB 166 -10.01 11.73 -98.94
C PHE GB 166 -9.57 12.18 -100.33
N THR GB 167 -8.30 12.54 -100.45
CA THR GB 167 -7.76 13.03 -101.72
C THR GB 167 -6.31 12.61 -101.81
N THR GB 168 -5.74 12.68 -103.00
CA THR GB 168 -4.33 12.32 -103.19
C THR GB 168 -3.39 13.50 -103.10
N LYS GB 169 -3.90 14.72 -102.93
CA LYS GB 169 -3.06 15.91 -102.94
C LYS GB 169 -3.14 16.60 -101.59
N ARG GB 170 -1.98 16.91 -101.02
CA ARG GB 170 -1.92 17.67 -99.78
C ARG GB 170 -2.19 19.14 -100.09
N PRO GB 171 -2.90 19.85 -99.21
CA PRO GB 171 -3.37 21.19 -99.55
C PRO GB 171 -2.24 22.18 -99.71
N ASN GB 172 -2.48 23.19 -100.53
CA ASN GB 172 -1.55 24.28 -100.71
C ASN GB 172 -1.94 25.41 -99.78
N THR GB 173 -0.97 25.94 -99.05
CA THR GB 173 -1.23 27.03 -98.12
C THR GB 173 -0.88 28.39 -98.69
N PHE GB 174 0.22 28.50 -99.41
CA PHE GB 174 0.60 29.77 -99.99
C PHE GB 174 -0.35 30.12 -101.13
N PHE GB 175 -0.90 31.32 -101.08
CA PHE GB 175 -1.82 31.77 -102.11
C PHE GB 175 -1.53 33.22 -102.48
N THR HB 1 -42.23 21.18 -26.37
CA THR HB 1 -41.24 21.87 -25.57
C THR HB 1 -41.72 23.25 -25.14
N ASN HB 2 -42.45 23.91 -26.02
CA ASN HB 2 -43.02 25.20 -25.68
C ASN HB 2 -44.04 25.05 -24.57
N THR HB 3 -44.09 26.06 -23.71
CA THR HB 3 -45.10 26.09 -22.67
C THR HB 3 -46.47 26.34 -23.28
N LYS HB 4 -47.51 26.01 -22.51
CA LYS HB 4 -48.89 26.18 -22.94
C LYS HB 4 -49.56 27.37 -22.27
N GLY HB 5 -48.77 28.40 -21.92
CA GLY HB 5 -49.34 29.54 -21.25
C GLY HB 5 -50.34 30.28 -22.13
N LYS HB 6 -51.34 30.87 -21.49
CA LYS HB 6 -52.36 31.59 -22.23
C LYS HB 6 -51.84 32.89 -22.83
N ARG HB 7 -50.67 33.36 -22.39
CA ARG HB 7 -50.14 34.63 -22.86
C ARG HB 7 -48.69 34.49 -23.28
N ARG HB 8 -48.27 33.30 -23.69
CA ARG HB 8 -46.92 33.12 -24.16
C ARG HB 8 -46.75 33.77 -25.53
N GLY HB 9 -45.65 34.49 -25.71
CA GLY HB 9 -45.37 35.12 -26.98
C GLY HB 9 -46.12 36.39 -27.24
N THR HB 10 -46.88 36.88 -26.28
CA THR HB 10 -47.63 38.13 -26.42
C THR HB 10 -46.88 39.30 -25.83
N ARG HB 11 -45.54 39.27 -25.86
CA ARG HB 11 -44.77 40.36 -25.29
C ARG HB 11 -45.02 41.66 -26.04
N TYR HB 12 -45.07 41.60 -27.38
CA TYR HB 12 -45.38 42.78 -28.16
C TYR HB 12 -46.82 42.83 -28.64
N MET HB 13 -47.45 41.66 -28.79
CA MET HB 13 -48.80 41.62 -29.34
C MET HB 13 -49.78 42.35 -28.44
N PHE HB 14 -49.67 42.15 -27.13
CA PHE HB 14 -50.60 42.75 -26.19
C PHE HB 14 -50.05 44.02 -25.54
N SER HB 15 -48.86 44.46 -25.91
CA SER HB 15 -48.33 45.68 -25.34
C SER HB 15 -48.97 46.89 -26.00
N ARG HB 16 -48.89 48.02 -25.32
CA ARG HB 16 -49.42 49.27 -25.84
C ARG HB 16 -48.48 49.85 -26.89
N PRO HB 17 -49.00 50.61 -27.84
CA PRO HB 17 -48.14 51.32 -28.78
C PRO HB 17 -47.35 52.40 -28.06
N PHE HB 18 -46.25 52.81 -28.70
CA PHE HB 18 -45.36 53.79 -28.10
C PHE HB 18 -46.10 55.08 -27.81
N ARG HB 19 -45.99 55.55 -26.57
CA ARG HB 19 -46.64 56.78 -26.11
C ARG HB 19 -48.15 56.72 -26.29
N LYS HB 20 -48.72 55.55 -26.06
CA LYS HB 20 -50.17 55.37 -26.09
C LYS HB 20 -50.64 54.63 -24.84
N HIS HB 21 -49.92 54.79 -23.74
CA HIS HB 21 -50.29 54.13 -22.49
C HIS HB 21 -51.40 54.92 -21.80
N GLY HB 22 -51.64 54.60 -20.53
CA GLY HB 22 -52.51 55.43 -19.72
C GLY HB 22 -53.98 55.08 -19.78
N VAL HB 23 -54.83 56.11 -19.65
CA VAL HB 23 -56.26 55.91 -19.60
C VAL HB 23 -56.76 55.40 -20.95
N VAL HB 24 -57.72 54.50 -20.90
CA VAL HB 24 -58.39 54.04 -22.12
C VAL HB 24 -59.28 55.18 -22.58
N PRO HB 25 -59.13 55.66 -23.82
CA PRO HB 25 -60.07 56.66 -24.32
C PRO HB 25 -61.51 56.16 -24.28
N LEU HB 26 -62.41 57.03 -23.83
CA LEU HB 26 -63.76 56.60 -23.49
C LEU HB 26 -64.68 56.43 -24.69
N ALA HB 27 -64.28 56.85 -25.89
CA ALA HB 27 -65.10 56.56 -27.06
C ALA HB 27 -65.13 55.07 -27.35
N THR HB 28 -64.10 54.34 -26.96
CA THR HB 28 -64.11 52.89 -27.10
C THR HB 28 -65.14 52.24 -26.20
N TYR HB 29 -65.64 52.97 -25.21
CA TYR HB 29 -66.74 52.49 -24.37
C TYR HB 29 -68.09 53.01 -24.81
N MET HB 30 -68.14 53.86 -25.83
CA MET HB 30 -69.41 54.38 -26.30
C MET HB 30 -69.84 53.78 -27.63
N ARG HB 31 -69.06 52.86 -28.18
CA ARG HB 31 -69.45 52.20 -29.42
C ARG HB 31 -70.66 51.32 -29.20
N ILE HB 32 -71.54 51.29 -30.17
CA ILE HB 32 -72.77 50.51 -30.08
C ILE HB 32 -72.60 49.27 -30.94
N TYR HB 33 -72.67 48.11 -30.31
CA TYR HB 33 -72.54 46.84 -31.00
C TYR HB 33 -73.89 46.13 -30.94
N LYS HB 34 -74.53 46.00 -32.09
CA LYS HB 34 -75.74 45.21 -32.21
C LYS HB 34 -75.35 43.76 -32.51
N LYS HB 35 -76.34 42.92 -32.75
CA LYS HB 35 -76.05 41.56 -33.17
C LYS HB 35 -75.91 41.51 -34.69
N GLY HB 36 -74.98 40.71 -35.15
CA GLY HB 36 -74.80 40.50 -36.57
C GLY HB 36 -73.85 41.46 -37.25
N ASP HB 37 -73.32 42.45 -36.55
CA ASP HB 37 -72.35 43.35 -37.18
C ASP HB 37 -70.93 42.84 -36.97
N ILE HB 38 -70.04 43.34 -37.81
CA ILE HB 38 -68.71 42.76 -37.99
C ILE HB 38 -67.71 43.57 -37.18
N VAL HB 39 -66.94 42.88 -36.35
CA VAL HB 39 -65.96 43.52 -35.48
C VAL HB 39 -64.61 42.85 -35.67
N ASP HB 40 -63.56 43.62 -35.43
CA ASP HB 40 -62.19 43.11 -35.43
C ASP HB 40 -61.69 43.02 -34.01
N ILE HB 41 -61.05 41.91 -33.67
CA ILE HB 41 -60.62 41.64 -32.31
C ILE HB 41 -59.16 42.04 -32.19
N LYS HB 42 -58.91 43.20 -31.58
CA LYS HB 42 -57.54 43.66 -31.35
C LYS HB 42 -56.95 43.03 -30.09
N GLY HB 43 -57.52 43.32 -28.93
CA GLY HB 43 -56.97 42.78 -27.70
C GLY HB 43 -55.89 43.61 -27.04
N MET HB 44 -56.19 44.85 -26.69
CA MET HB 44 -55.22 45.69 -25.98
C MET HB 44 -54.94 45.14 -24.60
N GLY HB 45 -53.75 45.44 -24.09
CA GLY HB 45 -53.27 44.86 -22.85
C GLY HB 45 -53.49 45.65 -21.60
N THR HB 46 -54.05 46.85 -21.69
CA THR HB 46 -54.34 47.63 -20.50
C THR HB 46 -55.37 46.93 -19.62
N VAL HB 47 -56.39 46.36 -20.23
CA VAL HB 47 -57.47 45.69 -19.52
C VAL HB 47 -57.20 44.20 -19.56
N GLN HB 48 -56.94 43.60 -18.40
CA GLN HB 48 -56.63 42.18 -18.34
C GLN HB 48 -57.89 41.31 -18.30
N LYS HB 49 -59.04 41.89 -18.01
CA LYS HB 49 -60.28 41.13 -17.98
C LYS HB 49 -60.84 40.97 -19.38
N GLY HB 50 -61.44 39.82 -19.63
CA GLY HB 50 -62.08 39.59 -20.91
C GLY HB 50 -61.15 39.57 -22.09
N MET HB 51 -59.87 39.30 -21.87
CA MET HB 51 -58.90 39.35 -22.95
C MET HB 51 -59.17 38.24 -23.95
N PRO HB 52 -59.15 38.52 -25.24
CA PRO HB 52 -59.21 37.43 -26.23
C PRO HB 52 -57.93 36.62 -26.19
N HIS HB 53 -58.03 35.37 -26.61
CA HIS HB 53 -56.83 34.57 -26.75
C HIS HB 53 -55.99 35.10 -27.90
N LYS HB 54 -54.69 34.82 -27.84
CA LYS HB 54 -53.75 35.36 -28.81
C LYS HB 54 -54.03 34.88 -30.22
N CYS HB 55 -54.73 33.75 -30.37
CA CYS HB 55 -55.03 33.26 -31.70
C CYS HB 55 -56.15 34.04 -32.37
N TYR HB 56 -56.96 34.76 -31.62
CA TYR HB 56 -58.01 35.60 -32.17
C TYR HB 56 -57.58 37.04 -32.36
N HIS HB 57 -56.35 37.38 -31.97
CA HIS HB 57 -55.84 38.71 -32.20
C HIS HB 57 -55.62 38.91 -33.69
N GLY HB 58 -56.27 39.92 -34.25
CA GLY HB 58 -56.21 40.19 -35.67
C GLY HB 58 -57.29 39.53 -36.49
N LYS HB 59 -58.03 38.58 -35.92
CA LYS HB 59 -59.11 37.93 -36.64
C LYS HB 59 -60.37 38.78 -36.55
N THR HB 60 -61.34 38.43 -37.38
CA THR HB 60 -62.58 39.20 -37.53
C THR HB 60 -63.77 38.25 -37.48
N GLY HB 61 -64.79 38.63 -36.73
CA GLY HB 61 -65.97 37.81 -36.57
C GLY HB 61 -67.22 38.66 -36.45
N ARG HB 62 -68.34 37.99 -36.27
CA ARG HB 62 -69.65 38.62 -36.25
C ARG HB 62 -70.28 38.45 -34.88
N VAL HB 63 -70.78 39.55 -34.31
CA VAL HB 63 -71.39 39.51 -32.99
C VAL HB 63 -72.66 38.66 -33.02
N TYR HB 64 -72.89 37.92 -31.93
CA TYR HB 64 -74.15 37.21 -31.75
C TYR HB 64 -74.79 37.45 -30.41
N ASN HB 65 -74.04 37.86 -29.39
CA ASN HB 65 -74.57 38.13 -28.07
C ASN HB 65 -74.01 39.45 -27.58
N VAL HB 66 -74.81 40.16 -26.79
CA VAL HB 66 -74.41 41.45 -26.24
C VAL HB 66 -74.73 41.48 -24.77
N THR HB 67 -73.73 41.72 -23.94
CA THR HB 67 -73.85 41.73 -22.49
C THR HB 67 -73.51 43.12 -21.96
N GLN HB 68 -73.37 43.21 -20.63
CA GLN HB 68 -73.15 44.50 -19.99
C GLN HB 68 -71.84 45.13 -20.44
N HIS HB 69 -70.76 44.36 -20.44
CA HIS HB 69 -69.44 44.90 -20.71
C HIS HB 69 -68.69 44.10 -21.77
N ALA HB 70 -69.39 43.30 -22.56
CA ALA HB 70 -68.71 42.45 -23.52
C ALA HB 70 -69.69 42.08 -24.63
N VAL HB 71 -69.16 41.40 -25.64
CA VAL HB 71 -69.96 40.84 -26.71
C VAL HB 71 -69.49 39.41 -26.95
N GLY HB 72 -70.38 38.61 -27.53
CA GLY HB 72 -70.02 37.28 -28.01
C GLY HB 72 -69.84 37.35 -29.51
N ILE HB 73 -68.77 36.73 -30.00
CA ILE HB 73 -68.37 36.85 -31.38
C ILE HB 73 -68.21 35.45 -31.95
N VAL HB 74 -68.71 35.25 -33.16
CA VAL HB 74 -68.50 34.01 -33.90
C VAL HB 74 -67.37 34.26 -34.88
N VAL HB 75 -66.20 33.70 -34.58
CA VAL HB 75 -64.98 33.96 -35.33
C VAL HB 75 -64.41 32.61 -35.78
N ASN HB 76 -64.02 32.54 -37.05
CA ASN HB 76 -63.49 31.29 -37.60
C ASN HB 76 -62.02 31.15 -37.24
N LYS HB 77 -61.69 30.05 -36.56
CA LYS HB 77 -60.32 29.72 -36.22
C LYS HB 77 -59.96 28.41 -36.89
N GLN HB 78 -58.94 28.44 -37.74
CA GLN HB 78 -58.55 27.24 -38.47
C GLN HB 78 -57.72 26.34 -37.56
N VAL HB 79 -58.16 25.11 -37.40
CA VAL HB 79 -57.47 24.11 -36.59
C VAL HB 79 -57.04 23.01 -37.53
N LYS HB 80 -55.73 22.87 -37.73
CA LYS HB 80 -55.15 21.87 -38.62
C LYS HB 80 -55.77 21.95 -40.00
N GLY HB 81 -56.58 20.95 -40.36
CA GLY HB 81 -57.14 20.88 -41.68
C GLY HB 81 -58.62 21.21 -41.76
N LYS HB 82 -59.12 21.91 -40.74
CA LYS HB 82 -60.53 22.25 -40.66
C LYS HB 82 -60.65 23.68 -40.18
N ILE HB 83 -61.79 24.30 -40.46
CA ILE HB 83 -62.12 25.62 -39.96
C ILE HB 83 -63.40 25.49 -39.16
N LEU HB 84 -63.40 26.00 -37.93
CA LEU HB 84 -64.56 25.89 -37.09
C LEU HB 84 -64.84 27.23 -36.42
N ALA HB 85 -66.11 27.51 -36.20
CA ALA HB 85 -66.60 28.82 -35.77
C ALA HB 85 -66.61 28.87 -34.25
N LYS HB 86 -65.53 29.37 -33.67
CA LYS HB 86 -65.47 29.57 -32.24
C LYS HB 86 -66.38 30.69 -31.80
N ARG HB 87 -66.87 30.60 -30.56
CA ARG HB 87 -67.71 31.61 -29.96
C ARG HB 87 -67.03 32.09 -28.69
N ILE HB 88 -66.57 33.34 -28.69
CA ILE HB 88 -65.74 33.86 -27.61
C ILE HB 88 -66.39 35.11 -27.04
N ASN HB 89 -66.32 35.25 -25.71
CA ASN HB 89 -66.75 36.46 -25.03
C ASN HB 89 -65.57 37.40 -24.90
N VAL HB 90 -65.71 38.62 -25.40
CA VAL HB 90 -64.63 39.60 -25.43
C VAL HB 90 -65.17 40.92 -24.94
N ARG HB 91 -64.48 41.52 -23.97
CA ARG HB 91 -64.88 42.84 -23.50
C ARG HB 91 -64.66 43.87 -24.59
N ILE HB 92 -65.49 44.93 -24.56
CA ILE HB 92 -65.54 45.86 -25.68
C ILE HB 92 -64.29 46.69 -25.85
N GLU HB 93 -63.36 46.66 -24.89
CA GLU HB 93 -62.08 47.32 -25.09
C GLU HB 93 -61.29 46.67 -26.21
N HIS HB 94 -61.44 45.36 -26.38
CA HIS HB 94 -60.57 44.58 -27.25
C HIS HB 94 -61.13 44.44 -28.66
N ILE HB 95 -62.17 45.18 -29.01
CA ILE HB 95 -62.77 45.09 -30.33
C ILE HB 95 -63.00 46.49 -30.88
N LYS HB 96 -63.34 46.54 -32.16
CA LYS HB 96 -63.81 47.75 -32.80
C LYS HB 96 -64.57 47.35 -34.04
N HIS HB 97 -65.34 48.29 -34.58
CA HIS HB 97 -66.09 48.02 -35.80
C HIS HB 97 -65.15 47.79 -36.96
N SER HB 98 -65.57 46.91 -37.87
CA SER HB 98 -64.79 46.62 -39.07
C SER HB 98 -65.22 47.58 -40.17
N LYS HB 99 -64.28 48.35 -40.69
CA LYS HB 99 -64.60 49.34 -41.71
C LYS HB 99 -64.94 48.69 -43.05
N SER HB 100 -64.55 47.43 -43.25
CA SER HB 100 -64.84 46.77 -44.52
C SER HB 100 -66.34 46.64 -44.74
N ARG HB 101 -67.07 46.16 -43.72
CA ARG HB 101 -68.51 46.03 -43.86
C ARG HB 101 -69.19 47.38 -43.90
N ASP HB 102 -68.65 48.37 -43.17
CA ASP HB 102 -69.25 49.69 -43.15
C ASP HB 102 -69.22 50.34 -44.52
N SER HB 103 -68.15 50.10 -45.29
CA SER HB 103 -68.10 50.64 -46.64
C SER HB 103 -68.98 49.84 -47.59
N PHE HB 104 -69.12 48.54 -47.35
CA PHE HB 104 -69.97 47.72 -48.22
C PHE HB 104 -71.43 48.10 -48.08
N LEU HB 105 -71.87 48.40 -46.86
CA LEU HB 105 -73.21 48.94 -46.67
C LEU HB 105 -73.37 50.24 -47.43
N LYS HB 106 -72.32 51.08 -47.43
CA LYS HB 106 -72.40 52.35 -48.15
C LYS HB 106 -72.55 52.14 -49.64
N ARG HB 107 -71.83 51.16 -50.20
CA ARG HB 107 -71.94 50.90 -51.63
C ARG HB 107 -73.32 50.36 -51.98
N VAL HB 108 -73.92 49.58 -51.09
CA VAL HB 108 -75.28 49.09 -51.32
C VAL HB 108 -76.27 50.25 -51.28
N LYS HB 109 -76.12 51.15 -50.31
CA LYS HB 109 -77.00 52.31 -50.22
C LYS HB 109 -76.90 53.16 -51.48
N GLU HB 110 -75.69 53.30 -52.00
CA GLU HB 110 -75.50 54.04 -53.25
C GLU HB 110 -76.04 53.25 -54.44
N ASN HB 111 -76.01 51.93 -54.35
CA ASN HB 111 -76.45 51.11 -55.47
C ASN HB 111 -77.96 51.19 -55.67
N ASP HB 112 -78.72 51.07 -54.58
CA ASP HB 112 -80.17 51.08 -54.68
C ASP HB 112 -80.69 52.44 -55.14
N GLN HB 113 -80.05 53.52 -54.68
CA GLN HB 113 -80.39 54.84 -55.19
C GLN HB 113 -80.09 54.95 -56.68
N LYS HB 114 -78.93 54.45 -57.09
CA LYS HB 114 -78.52 54.59 -58.49
C LYS HB 114 -79.45 53.79 -59.42
N LYS HB 115 -79.90 52.62 -58.98
CA LYS HB 115 -80.82 51.83 -59.79
C LYS HB 115 -82.13 52.55 -59.97
N LYS HB 116 -82.68 53.10 -58.89
CA LYS HB 116 -83.98 53.76 -58.96
C LYS HB 116 -83.88 55.06 -59.75
N GLU HB 117 -82.81 55.82 -59.55
CA GLU HB 117 -82.66 57.10 -60.23
C GLU HB 117 -82.55 56.92 -61.74
N ALA HB 118 -81.72 55.98 -62.18
CA ALA HB 118 -81.49 55.81 -63.62
C ALA HB 118 -82.69 55.16 -64.30
N LYS HB 119 -83.29 54.17 -63.66
CA LYS HB 119 -84.46 53.52 -64.26
C LYS HB 119 -85.64 54.47 -64.35
N GLU HB 120 -85.76 55.41 -63.42
CA GLU HB 120 -86.80 56.43 -63.52
C GLU HB 120 -86.59 57.30 -64.74
N LYS HB 121 -85.36 57.76 -64.95
CA LYS HB 121 -85.06 58.76 -65.97
C LYS HB 121 -84.64 58.18 -67.30
N GLY HB 122 -84.68 56.86 -67.45
CA GLY HB 122 -84.60 56.27 -68.78
C GLY HB 122 -83.43 55.36 -69.10
N THR HB 123 -82.22 55.68 -68.64
CA THR HB 123 -81.04 54.98 -69.11
C THR HB 123 -80.53 53.99 -68.08
N TRP HB 124 -79.66 53.08 -68.55
CA TRP HB 124 -79.00 52.08 -67.74
C TRP HB 124 -77.60 52.55 -67.37
N VAL HB 125 -77.15 52.16 -66.18
CA VAL HB 125 -75.83 52.53 -65.69
C VAL HB 125 -75.18 51.28 -65.09
N GLN HB 126 -73.86 51.33 -64.95
CA GLN HB 126 -73.08 50.20 -64.47
C GLN HB 126 -72.99 50.22 -62.95
N LEU HB 127 -73.35 49.10 -62.32
CA LEU HB 127 -73.31 48.96 -60.87
C LEU HB 127 -72.21 48.03 -60.38
N LYS HB 128 -71.95 46.93 -61.09
CA LYS HB 128 -70.80 46.10 -60.77
C LYS HB 128 -69.52 46.89 -60.99
N ARG HB 129 -68.61 46.83 -60.02
CA ARG HB 129 -67.33 47.48 -60.17
C ARG HB 129 -66.40 46.56 -60.95
N GLN HB 130 -65.73 47.10 -61.92
CA GLN HB 130 -64.84 46.31 -62.75
C GLN HB 130 -63.41 46.40 -62.25
N PRO HB 131 -62.58 45.40 -62.53
CA PRO HB 131 -61.15 45.54 -62.21
C PRO HB 131 -60.53 46.61 -63.08
N ALA HB 132 -59.29 46.96 -62.75
CA ALA HB 132 -58.63 48.05 -63.46
C ALA HB 132 -58.43 47.66 -64.92
N PRO HB 133 -58.98 48.42 -65.87
CA PRO HB 133 -58.86 48.04 -67.27
C PRO HB 133 -57.53 48.45 -67.84
N PRO HB 134 -57.16 47.95 -69.01
CA PRO HB 134 -55.97 48.45 -69.69
C PRO HB 134 -56.09 49.93 -70.00
N ARG HB 135 -54.97 50.63 -69.94
CA ARG HB 135 -54.95 52.05 -70.24
C ARG HB 135 -55.30 52.29 -71.69
N GLU HB 136 -56.03 53.38 -71.94
CA GLU HB 136 -56.47 53.69 -73.30
C GLU HB 136 -55.33 54.32 -74.09
N ALA HB 137 -55.60 54.58 -75.36
CA ALA HB 137 -54.65 55.29 -76.21
C ALA HB 137 -54.73 56.78 -75.93
N HIS HB 138 -53.57 57.43 -75.93
CA HIS HB 138 -53.54 58.86 -75.67
C HIS HB 138 -52.29 59.46 -76.30
N PHE HB 139 -52.38 60.73 -76.65
CA PHE HB 139 -51.26 61.45 -77.25
C PHE HB 139 -50.48 62.15 -76.15
N VAL HB 140 -49.18 61.87 -76.08
CA VAL HB 140 -48.30 62.52 -75.13
C VAL HB 140 -47.54 63.60 -75.89
N ARG HB 141 -47.79 64.86 -75.54
CA ARG HB 141 -47.16 65.95 -76.25
C ARG HB 141 -45.72 66.14 -75.77
N THR HB 142 -44.93 66.79 -76.61
CA THR HB 142 -43.57 67.16 -76.25
C THR HB 142 -43.45 68.60 -75.78
N ASN HB 143 -44.40 69.47 -76.16
CA ASN HB 143 -44.37 70.90 -75.84
C ASN HB 143 -43.07 71.53 -76.31
N GLY HB 144 -42.56 71.07 -77.44
CA GLY HB 144 -41.37 71.64 -78.01
C GLY HB 144 -40.07 71.29 -77.31
N LYS HB 145 -40.10 70.34 -76.38
CA LYS HB 145 -38.90 69.95 -75.63
C LYS HB 145 -38.52 68.52 -76.02
N GLU HB 146 -37.29 68.35 -76.45
CA GLU HB 146 -36.77 67.01 -76.69
C GLU HB 146 -36.59 66.30 -75.36
N PRO HB 147 -37.04 65.05 -75.23
CA PRO HB 147 -36.86 64.33 -73.96
C PRO HB 147 -35.38 64.20 -73.60
N GLU HB 148 -35.10 64.36 -72.31
CA GLU HB 148 -33.73 64.41 -71.84
C GLU HB 148 -33.08 63.04 -71.94
N LEU HB 149 -31.82 63.02 -72.37
CA LEU HB 149 -31.08 61.77 -72.47
C LEU HB 149 -30.60 61.33 -71.11
N LEU HB 150 -30.73 60.03 -70.82
CA LEU HB 150 -30.28 59.44 -69.58
C LEU HB 150 -29.28 58.34 -69.88
N GLU HB 151 -28.18 58.33 -69.14
CA GLU HB 151 -27.15 57.33 -69.26
C GLU HB 151 -26.82 56.76 -67.90
N PRO HB 152 -26.41 55.50 -67.82
CA PRO HB 152 -25.88 54.98 -66.56
C PRO HB 152 -24.63 55.75 -66.16
N ILE HB 153 -24.44 55.90 -64.85
CA ILE HB 153 -23.36 56.73 -64.32
C ILE HB 153 -22.14 55.86 -64.05
N PRO HB 154 -20.94 56.41 -64.14
CA PRO HB 154 -19.73 55.63 -63.83
C PRO HB 154 -19.71 55.18 -62.38
N TYR HB 155 -19.16 54.00 -62.16
CA TYR HB 155 -18.99 53.47 -60.83
C TYR HB 155 -17.88 54.20 -60.10
N GLU HB 156 -18.11 54.48 -58.82
CA GLU HB 156 -17.05 55.01 -57.98
C GLU HB 156 -17.30 54.51 -56.57
N PHE HB 157 -16.22 54.15 -55.87
CA PHE HB 157 -16.35 53.59 -54.54
C PHE HB 157 -16.85 54.66 -53.59
N MET HB 158 -18.00 54.39 -52.95
CA MET HB 158 -18.62 55.39 -52.08
C MET HB 158 -17.71 55.73 -50.90
N ALA HB 159 -17.47 54.75 -50.03
CA ALA HB 159 -16.74 55.01 -48.80
C ALA HB 159 -16.21 53.71 -48.20
N GLN IB 1 30.82 -106.85 -15.37
CA GLN IB 1 31.77 -105.78 -15.58
C GLN IB 1 32.18 -105.67 -17.05
N VAL IB 2 31.58 -106.51 -17.88
CA VAL IB 2 31.77 -106.50 -19.33
C VAL IB 2 30.52 -105.95 -19.97
N LEU IB 3 30.67 -104.92 -20.81
CA LEU IB 3 29.52 -104.27 -21.41
C LEU IB 3 29.02 -105.07 -22.61
N LYS IB 4 29.89 -105.28 -23.61
CA LYS IB 4 29.60 -106.13 -24.76
C LYS IB 4 28.38 -105.65 -25.54
N PHE IB 5 28.51 -104.45 -26.10
CA PHE IB 5 27.52 -103.97 -27.05
C PHE IB 5 27.77 -104.59 -28.41
N THR IB 6 26.81 -104.41 -29.32
CA THR IB 6 26.93 -104.93 -30.67
C THR IB 6 26.39 -103.92 -31.67
N LEU IB 7 27.00 -103.94 -32.86
CA LEU IB 7 26.49 -103.23 -34.02
C LEU IB 7 26.19 -104.27 -35.09
N ASP IB 8 25.19 -104.00 -35.92
CA ASP IB 8 24.71 -104.99 -36.89
C ASP IB 8 24.60 -104.35 -38.27
N CYS IB 9 25.70 -104.37 -39.02
CA CYS IB 9 25.69 -103.92 -40.41
C CYS IB 9 25.45 -105.15 -41.28
N THR IB 10 24.19 -105.53 -41.44
CA THR IB 10 23.83 -106.67 -42.27
C THR IB 10 23.05 -106.25 -43.51
N HIS IB 11 21.93 -105.55 -43.35
CA HIS IB 11 21.14 -105.16 -44.51
C HIS IB 11 21.88 -104.31 -45.52
N PRO IB 12 22.69 -103.30 -45.14
CA PRO IB 12 23.43 -102.58 -46.17
C PRO IB 12 24.56 -103.39 -46.81
N VAL IB 13 25.25 -104.24 -46.05
CA VAL IB 13 26.40 -104.94 -46.62
C VAL IB 13 25.98 -106.06 -47.58
N GLU IB 14 24.76 -106.56 -47.49
CA GLU IB 14 24.27 -107.49 -48.50
C GLU IB 14 23.68 -106.78 -49.69
N ASP IB 15 23.68 -105.44 -49.70
CA ASP IB 15 23.33 -104.66 -50.86
C ASP IB 15 24.52 -103.97 -51.49
N GLY IB 16 25.69 -104.03 -50.88
CA GLY IB 16 26.91 -103.48 -51.45
C GLY IB 16 27.09 -101.99 -51.26
N ILE IB 17 26.16 -101.31 -50.61
CA ILE IB 17 26.27 -99.87 -50.45
C ILE IB 17 27.31 -99.49 -49.43
N MET IB 18 27.69 -100.42 -48.56
CA MET IB 18 28.79 -100.24 -47.62
C MET IB 18 29.22 -101.63 -47.15
N ASP IB 19 30.36 -101.66 -46.47
CA ASP IB 19 30.91 -102.92 -45.96
C ASP IB 19 31.23 -102.80 -44.49
N ALA IB 20 31.10 -103.91 -43.79
CA ALA IB 20 31.37 -103.93 -42.35
C ALA IB 20 32.86 -103.81 -42.05
N ALA IB 21 33.71 -104.07 -43.05
CA ALA IB 21 35.15 -103.98 -42.83
C ALA IB 21 35.58 -102.53 -42.64
N ASN IB 22 35.08 -101.63 -43.49
CA ASN IB 22 35.52 -100.23 -43.41
C ASN IB 22 34.90 -99.52 -42.21
N PHE IB 23 33.70 -99.90 -41.81
CA PHE IB 23 33.15 -99.37 -40.57
C PHE IB 23 33.91 -99.90 -39.37
N GLU IB 24 34.30 -101.18 -39.42
CA GLU IB 24 35.17 -101.72 -38.39
C GLU IB 24 36.48 -100.94 -38.32
N GLN IB 25 37.06 -100.65 -39.47
CA GLN IB 25 38.30 -99.86 -39.53
C GLN IB 25 38.06 -98.46 -38.98
N PHE IB 26 36.91 -97.87 -39.30
CA PHE IB 26 36.64 -96.51 -38.88
C PHE IB 26 36.55 -96.41 -37.36
N LEU IB 27 36.11 -97.48 -36.70
CA LEU IB 27 35.72 -97.36 -35.30
C LEU IB 27 36.91 -97.27 -34.36
N GLN IB 28 37.96 -98.10 -34.58
CA GLN IB 28 38.94 -98.24 -33.51
C GLN IB 28 39.81 -97.00 -33.33
N GLU IB 29 39.81 -96.08 -34.30
CA GLU IB 29 40.55 -94.84 -34.12
C GLU IB 29 39.68 -93.67 -33.68
N ARG IB 30 38.36 -93.79 -33.80
CA ARG IB 30 37.48 -92.74 -33.33
C ARG IB 30 36.98 -92.97 -31.91
N ILE IB 31 37.13 -94.19 -31.39
CA ILE IB 31 36.60 -94.49 -30.07
C ILE IB 31 37.48 -93.82 -29.02
N LYS IB 32 36.86 -92.98 -28.19
CA LYS IB 32 37.56 -92.23 -27.16
C LYS IB 32 37.47 -92.98 -25.83
N VAL IB 33 38.61 -93.19 -25.21
CA VAL IB 33 38.69 -93.74 -23.87
C VAL IB 33 39.45 -92.75 -23.00
N ASN IB 34 38.80 -92.27 -21.94
CA ASN IB 34 39.31 -91.18 -21.11
C ASN IB 34 39.63 -89.95 -21.94
N GLY IB 35 38.84 -89.73 -22.99
CA GLY IB 35 39.04 -88.59 -23.86
C GLY IB 35 40.17 -88.73 -24.85
N LYS IB 36 40.79 -89.90 -24.92
CA LYS IB 36 41.96 -90.11 -25.78
C LYS IB 36 41.53 -90.99 -26.94
N ALA IB 37 41.26 -90.35 -28.08
CA ALA IB 37 40.81 -91.07 -29.26
C ALA IB 37 41.95 -91.88 -29.87
N GLY IB 38 41.58 -92.90 -30.63
CA GLY IB 38 42.55 -93.77 -31.26
C GLY IB 38 42.99 -94.91 -30.35
N ASN IB 39 43.47 -95.97 -30.99
CA ASN IB 39 44.12 -97.14 -30.37
C ASN IB 39 43.27 -97.78 -29.26
N LEU IB 40 41.96 -97.53 -29.24
CA LEU IB 40 41.03 -98.12 -28.28
C LEU IB 40 41.42 -97.87 -26.83
N GLY IB 41 42.19 -96.82 -26.58
CA GLY IB 41 42.64 -96.54 -25.22
C GLY IB 41 43.54 -97.62 -24.65
N GLY IB 42 44.51 -98.07 -25.43
CA GLY IB 42 45.39 -99.15 -24.99
C GLY IB 42 44.70 -100.49 -24.84
N GLY IB 43 43.72 -100.78 -25.69
CA GLY IB 43 43.11 -102.09 -25.73
C GLY IB 43 42.13 -102.39 -24.62
N VAL IB 44 41.85 -101.43 -23.73
CA VAL IB 44 40.90 -101.67 -22.65
C VAL IB 44 39.49 -101.87 -23.20
N VAL IB 45 39.19 -101.33 -24.37
CA VAL IB 45 37.90 -101.51 -25.03
C VAL IB 45 38.18 -102.20 -26.35
N THR IB 46 38.05 -103.51 -26.37
CA THR IB 46 38.39 -104.30 -27.54
C THR IB 46 37.26 -104.28 -28.56
N ILE IB 47 37.65 -104.31 -29.83
CA ILE IB 47 36.71 -104.35 -30.95
C ILE IB 47 36.98 -105.62 -31.75
N GLU IB 48 35.90 -106.27 -32.18
CA GLU IB 48 36.03 -107.46 -33.02
C GLU IB 48 34.78 -107.61 -33.87
N ARG IB 49 34.93 -108.32 -34.98
CA ARG IB 49 33.89 -108.44 -35.99
C ARG IB 49 33.77 -109.89 -36.43
N SER IB 50 32.53 -110.34 -36.62
CA SER IB 50 32.24 -111.68 -37.11
C SER IB 50 31.77 -111.68 -38.55
N LYS IB 51 32.24 -110.72 -39.35
CA LYS IB 51 31.96 -110.57 -40.78
C LYS IB 51 30.52 -110.11 -41.04
N SER IB 52 29.70 -110.09 -39.99
CA SER IB 52 28.35 -109.54 -40.09
C SER IB 52 27.99 -108.58 -38.96
N LYS IB 53 28.57 -108.73 -37.78
CA LYS IB 53 28.30 -107.86 -36.65
C LYS IB 53 29.61 -107.31 -36.12
N ILE IB 54 29.55 -106.14 -35.53
CA ILE IB 54 30.71 -105.45 -35.00
C ILE IB 54 30.47 -105.25 -33.51
N THR IB 55 30.95 -106.19 -32.71
CA THR IB 55 30.72 -106.17 -31.27
C THR IB 55 31.83 -105.42 -30.56
N VAL IB 56 31.45 -104.62 -29.57
CA VAL IB 56 32.36 -103.78 -28.81
C VAL IB 56 32.31 -104.24 -27.35
N THR IB 57 33.40 -104.81 -26.87
CA THR IB 57 33.48 -105.31 -25.50
C THR IB 57 34.40 -104.42 -24.70
N SER IB 58 33.93 -104.00 -23.52
CA SER IB 58 34.69 -103.08 -22.69
C SER IB 58 34.61 -103.55 -21.24
N GLU IB 59 35.63 -103.20 -20.46
CA GLU IB 59 35.63 -103.43 -19.03
C GLU IB 59 35.55 -102.15 -18.22
N VAL IB 60 35.51 -101.00 -18.89
CA VAL IB 60 35.38 -99.70 -18.23
C VAL IB 60 34.00 -99.16 -18.59
N PRO IB 61 33.46 -98.20 -17.85
CA PRO IB 61 32.13 -97.67 -18.18
C PRO IB 61 32.07 -97.12 -19.59
N PHE IB 62 31.12 -97.63 -20.37
CA PHE IB 62 30.96 -97.28 -21.77
C PHE IB 62 29.51 -96.93 -22.04
N SER IB 63 29.30 -96.01 -22.97
CA SER IB 63 27.97 -95.54 -23.33
C SER IB 63 27.53 -96.20 -24.62
N LYS IB 64 26.38 -96.86 -24.59
CA LYS IB 64 25.82 -97.45 -25.80
C LYS IB 64 25.46 -96.38 -26.81
N ARG IB 65 24.91 -95.26 -26.34
CA ARG IB 65 24.55 -94.17 -27.24
C ARG IB 65 25.78 -93.56 -27.91
N TYR IB 66 26.96 -93.73 -27.31
CA TYR IB 66 28.18 -93.31 -27.99
C TYR IB 66 28.41 -94.10 -29.25
N LEU IB 67 28.11 -95.40 -29.23
CA LEU IB 67 28.25 -96.21 -30.43
C LEU IB 67 27.30 -95.74 -31.52
N LYS IB 68 26.07 -95.38 -31.14
CA LYS IB 68 25.15 -94.80 -32.12
C LYS IB 68 25.66 -93.46 -32.61
N TYR IB 69 26.39 -92.74 -31.76
CA TYR IB 69 26.93 -91.44 -32.17
C TYR IB 69 28.02 -91.62 -33.21
N LEU IB 70 28.94 -92.57 -32.98
CA LEU IB 70 29.99 -92.84 -33.95
C LEU IB 70 29.43 -93.46 -35.22
N THR IB 71 28.45 -94.35 -35.10
CA THR IB 71 27.86 -94.97 -36.27
C THR IB 71 27.18 -93.93 -37.14
N LYS IB 72 26.40 -93.02 -36.54
CA LYS IB 72 25.76 -91.97 -37.32
C LYS IB 72 26.79 -91.04 -37.95
N LYS IB 73 27.93 -90.86 -37.27
CA LYS IB 73 29.02 -90.09 -37.84
C LYS IB 73 29.58 -90.78 -39.07
N TYR IB 74 29.72 -92.10 -39.03
CA TYR IB 74 30.20 -92.85 -40.18
C TYR IB 74 29.19 -92.79 -41.32
N LEU IB 75 27.91 -92.79 -41.00
CA LEU IB 75 26.88 -92.77 -42.04
C LEU IB 75 26.91 -91.47 -42.82
N LYS IB 76 27.07 -90.34 -42.13
CA LYS IB 76 27.18 -89.07 -42.82
C LYS IB 76 28.45 -89.00 -43.64
N LYS IB 77 29.55 -89.55 -43.13
CA LYS IB 77 30.84 -89.44 -43.79
C LYS IB 77 30.85 -90.13 -45.14
N ASN IB 78 30.18 -91.28 -45.24
CA ASN IB 78 30.13 -92.03 -46.47
C ASN IB 78 28.92 -91.68 -47.33
N ASN IB 79 28.24 -90.57 -47.02
CA ASN IB 79 27.05 -90.12 -47.74
C ASN IB 79 25.97 -91.20 -47.76
N LEU IB 80 25.83 -91.89 -46.63
CA LEU IB 80 24.81 -92.91 -46.44
C LEU IB 80 23.73 -92.51 -45.45
N ARG IB 81 23.95 -91.44 -44.69
CA ARG IB 81 23.08 -91.11 -43.55
C ARG IB 81 21.63 -90.93 -43.98
N ASP IB 82 21.41 -90.49 -45.21
CA ASP IB 82 20.05 -90.22 -45.65
C ASP IB 82 19.27 -91.50 -45.97
N TRP IB 83 19.97 -92.59 -46.28
CA TRP IB 83 19.31 -93.85 -46.59
C TRP IB 83 19.24 -94.77 -45.38
N LEU IB 84 20.35 -94.96 -44.68
CA LEU IB 84 20.39 -95.85 -43.53
C LEU IB 84 20.02 -95.09 -42.26
N ARG IB 85 19.74 -95.85 -41.21
CA ARG IB 85 19.20 -95.28 -39.99
C ARG IB 85 19.41 -96.25 -38.85
N VAL IB 86 20.07 -95.81 -37.79
CA VAL IB 86 20.43 -96.67 -36.67
C VAL IB 86 19.23 -96.84 -35.75
N VAL IB 87 18.91 -98.08 -35.43
CA VAL IB 87 17.77 -98.42 -34.58
C VAL IB 87 18.20 -99.50 -33.60
N ALA IB 88 17.94 -99.27 -32.31
CA ALA IB 88 18.23 -100.26 -31.30
C ALA IB 88 17.23 -101.40 -31.40
N ASN IB 89 17.59 -102.46 -32.11
CA ASN IB 89 16.69 -103.60 -32.27
C ASN IB 89 16.45 -104.34 -30.97
N SER IB 90 17.38 -104.23 -30.02
CA SER IB 90 17.25 -104.90 -28.73
C SER IB 90 18.13 -104.17 -27.73
N LYS IB 91 18.18 -104.69 -26.52
CA LYS IB 91 19.14 -104.21 -25.56
C LYS IB 91 20.56 -104.53 -26.04
N GLU IB 92 21.49 -103.63 -25.71
CA GLU IB 92 22.90 -103.71 -26.06
C GLU IB 92 23.15 -104.11 -27.51
N SER IB 93 22.28 -103.68 -28.42
CA SER IB 93 22.44 -104.00 -29.83
C SER IB 93 21.84 -102.91 -30.68
N TYR IB 94 22.58 -102.48 -31.70
CA TYR IB 94 22.10 -101.56 -32.70
C TYR IB 94 22.06 -102.26 -34.05
N GLU IB 95 21.03 -101.95 -34.83
CA GLU IB 95 20.79 -102.66 -36.09
C GLU IB 95 20.30 -101.61 -37.10
N LEU IB 96 21.23 -101.06 -37.86
CA LEU IB 96 20.86 -100.04 -38.82
C LEU IB 96 20.13 -100.66 -40.00
N ARG IB 97 19.14 -99.93 -40.51
CA ARG IB 97 18.33 -100.37 -41.62
C ARG IB 97 17.80 -99.15 -42.36
N TYR IB 98 17.27 -99.38 -43.56
CA TYR IB 98 16.84 -98.28 -44.40
C TYR IB 98 15.57 -97.63 -43.84
N PHE IB 99 15.08 -96.64 -44.56
CA PHE IB 99 13.75 -96.10 -44.32
C PHE IB 99 12.74 -96.94 -45.11
N GLN IB 100 11.46 -96.59 -44.98
CA GLN IB 100 10.39 -97.30 -45.65
C GLN IB 100 9.64 -96.36 -46.57
N ILE IB 101 9.45 -96.78 -47.82
CA ILE IB 101 8.69 -96.00 -48.77
C ILE IB 101 7.19 -96.25 -48.54
N SER JB 1 50.43 -2.90 -50.09
CA SER JB 1 49.16 -3.24 -49.47
C SER JB 1 48.69 -4.64 -49.90
N GLY JB 2 47.45 -4.72 -50.36
CA GLY JB 2 46.81 -5.99 -50.60
C GLY JB 2 45.89 -6.35 -49.44
N ALA JB 3 44.59 -6.24 -49.64
CA ALA JB 3 43.65 -6.39 -48.54
C ALA JB 3 43.34 -7.86 -48.29
N LYS JB 4 42.87 -8.13 -47.08
CA LYS JB 4 42.59 -9.50 -46.67
C LYS JB 4 41.45 -10.09 -47.47
N PHE JB 5 41.62 -11.34 -47.88
CA PHE JB 5 40.58 -12.05 -48.60
C PHE JB 5 39.50 -12.52 -47.65
N ARG JB 6 38.38 -12.96 -48.21
CA ARG JB 6 37.27 -13.43 -47.40
C ARG JB 6 37.53 -14.85 -46.93
N ILE JB 7 37.29 -15.09 -45.64
CA ILE JB 7 37.50 -16.40 -45.03
C ILE JB 7 36.25 -16.76 -44.24
N SER JB 8 36.11 -18.05 -43.97
CA SER JB 8 35.00 -18.52 -43.15
C SER JB 8 35.06 -17.88 -41.76
N LEU JB 9 33.92 -17.37 -41.30
CA LEU JB 9 33.93 -16.56 -40.09
C LEU JB 9 33.91 -17.42 -38.82
N GLY JB 10 32.83 -18.17 -38.62
CA GLY JB 10 32.78 -19.14 -37.55
C GLY JB 10 32.52 -18.61 -36.15
N LEU JB 11 32.79 -17.34 -35.88
CA LEU JB 11 32.64 -16.79 -34.53
C LEU JB 11 31.55 -15.73 -34.51
N PRO JB 12 30.30 -16.10 -34.32
CA PRO JB 12 29.22 -15.11 -34.26
C PRO JB 12 29.23 -14.36 -32.94
N VAL JB 13 28.29 -13.42 -32.81
CA VAL JB 13 28.12 -12.72 -31.56
C VAL JB 13 27.69 -13.69 -30.48
N GLY JB 14 28.31 -13.57 -29.31
CA GLY JB 14 28.06 -14.47 -28.21
C GLY JB 14 29.12 -15.52 -28.04
N ALA JB 15 30.07 -15.62 -28.95
CA ALA JB 15 31.16 -16.56 -28.80
C ALA JB 15 32.12 -16.07 -27.71
N VAL JB 16 32.58 -17.00 -26.89
CA VAL JB 16 33.57 -16.69 -25.85
C VAL JB 16 34.88 -17.34 -26.28
N ILE JB 17 35.87 -16.52 -26.56
CA ILE JB 17 37.15 -16.97 -27.07
C ILE JB 17 38.20 -16.77 -25.99
N ASN JB 18 39.29 -17.52 -26.11
CA ASN JB 18 40.38 -17.38 -25.16
C ASN JB 18 41.07 -16.03 -25.34
N CYS JB 19 41.80 -15.63 -24.32
CA CYS JB 19 42.56 -14.38 -24.35
C CYS JB 19 44.02 -14.74 -24.32
N ALA JB 20 44.74 -14.45 -25.40
CA ALA JB 20 46.11 -14.87 -25.56
C ALA JB 20 47.13 -13.85 -25.08
N ASP JB 21 46.69 -12.68 -24.64
CA ASP JB 21 47.63 -11.66 -24.19
C ASP JB 21 47.99 -11.91 -22.72
N ASN JB 22 48.66 -10.94 -22.12
CA ASN JB 22 49.03 -11.02 -20.70
C ASN JB 22 48.40 -9.88 -19.92
N THR JB 23 47.26 -9.37 -20.36
CA THR JB 23 46.57 -8.30 -19.65
C THR JB 23 45.88 -8.79 -18.39
N GLY JB 24 45.76 -10.10 -18.19
CA GLY JB 24 45.08 -10.65 -17.05
C GLY JB 24 43.69 -11.18 -17.33
N ALA JB 25 43.14 -10.85 -18.49
CA ALA JB 25 41.86 -11.41 -18.90
C ALA JB 25 42.03 -12.84 -19.39
N LYS JB 26 41.05 -13.69 -19.09
CA LYS JB 26 41.11 -15.08 -19.48
C LYS JB 26 40.22 -15.44 -20.64
N ASN JB 27 39.15 -14.67 -20.88
CA ASN JB 27 38.32 -14.92 -22.05
C ASN JB 27 37.76 -13.60 -22.55
N LEU JB 28 37.12 -13.66 -23.72
CA LEU JB 28 36.53 -12.51 -24.37
C LEU JB 28 35.18 -12.90 -24.94
N TYR JB 29 34.14 -12.21 -24.52
CA TYR JB 29 32.78 -12.47 -24.98
C TYR JB 29 32.48 -11.48 -26.10
N ILE JB 30 32.37 -11.98 -27.32
CA ILE JB 30 32.25 -11.14 -28.50
C ILE JB 30 30.84 -10.57 -28.54
N ILE JB 31 30.71 -9.26 -28.33
CA ILE JB 31 29.40 -8.62 -28.34
C ILE JB 31 29.05 -8.04 -29.72
N SER JB 32 30.04 -7.82 -30.58
CA SER JB 32 29.77 -7.32 -31.93
C SER JB 32 31.04 -7.48 -32.75
N VAL JB 33 30.93 -7.14 -34.03
CA VAL JB 33 32.04 -7.19 -34.96
C VAL JB 33 32.11 -5.86 -35.68
N LYS JB 34 33.31 -5.29 -35.75
CA LYS JB 34 33.51 -4.04 -36.48
C LYS JB 34 33.30 -4.25 -37.97
N GLY JB 35 32.76 -3.22 -38.62
CA GLY JB 35 32.64 -3.22 -40.07
C GLY JB 35 31.56 -4.11 -40.62
N ILE JB 36 30.50 -4.36 -39.87
CA ILE JB 36 29.42 -5.25 -40.29
C ILE JB 36 28.19 -4.41 -40.56
N LYS JB 37 27.82 -4.28 -41.84
CA LYS JB 37 26.55 -3.66 -42.16
C LYS JB 37 25.40 -4.55 -41.73
N GLY JB 38 25.51 -5.83 -42.01
CA GLY JB 38 24.55 -6.81 -41.50
C GLY JB 38 23.37 -7.04 -42.40
N ARG JB 39 22.51 -7.94 -41.93
CA ARG JB 39 21.30 -8.33 -42.63
C ARG JB 39 20.31 -8.77 -41.56
N LEU JB 40 19.03 -8.80 -41.93
CA LEU JB 40 18.00 -9.19 -40.97
C LEU JB 40 18.25 -10.61 -40.46
N ASN JB 41 18.21 -10.75 -39.14
CA ASN JB 41 18.34 -11.99 -38.38
C ASN JB 41 19.73 -12.61 -38.47
N ARG JB 42 20.66 -12.03 -39.20
CA ARG JB 42 21.99 -12.59 -39.32
C ARG JB 42 22.87 -12.09 -38.19
N LEU JB 43 23.55 -13.00 -37.53
CA LEU JB 43 24.46 -12.62 -36.46
C LEU JB 43 25.78 -12.11 -37.04
N PRO JB 44 26.29 -11.00 -36.53
CA PRO JB 44 27.64 -10.57 -36.92
C PRO JB 44 28.68 -11.59 -36.50
N ALA JB 45 29.50 -12.01 -37.46
CA ALA JB 45 30.46 -13.07 -37.24
C ALA JB 45 31.85 -12.62 -37.63
N ALA JB 46 32.86 -13.22 -37.00
CA ALA JB 46 34.23 -12.76 -37.14
C ALA JB 46 35.18 -13.93 -37.37
N GLY JB 47 36.15 -13.72 -38.26
CA GLY JB 47 37.24 -14.63 -38.45
C GLY JB 47 38.55 -14.06 -37.92
N VAL JB 48 39.64 -14.73 -38.27
CA VAL JB 48 40.96 -14.27 -37.84
C VAL JB 48 41.29 -12.96 -38.53
N GLY JB 49 41.82 -12.01 -37.78
CA GLY JB 49 42.11 -10.69 -38.28
C GLY JB 49 40.98 -9.71 -38.18
N ASP JB 50 39.80 -10.15 -37.77
CA ASP JB 50 38.67 -9.25 -37.62
C ASP JB 50 38.77 -8.50 -36.30
N MET JB 51 38.29 -7.27 -36.29
CA MET JB 51 38.21 -6.47 -35.08
C MET JB 51 36.82 -6.61 -34.50
N VAL JB 52 36.74 -6.86 -33.20
CA VAL JB 52 35.48 -7.10 -32.53
C VAL JB 52 35.38 -6.18 -31.32
N MET JB 53 34.16 -5.99 -30.85
CA MET JB 53 33.91 -5.44 -29.53
C MET JB 53 33.63 -6.59 -28.60
N ALA JB 54 34.31 -6.60 -27.45
CA ALA JB 54 34.22 -7.74 -26.55
C ALA JB 54 34.25 -7.26 -25.11
N THR JB 55 33.70 -8.09 -24.23
CA THR JB 55 33.72 -7.86 -22.79
C THR JB 55 34.26 -9.12 -22.14
N VAL JB 56 35.24 -8.98 -21.25
CA VAL JB 56 35.81 -10.16 -20.63
C VAL JB 56 34.83 -10.67 -19.59
N LYS JB 57 34.65 -11.99 -19.56
CA LYS JB 57 33.71 -12.60 -18.63
C LYS JB 57 34.39 -13.08 -17.36
N LYS JB 58 35.66 -13.46 -17.44
CA LYS JB 58 36.45 -13.74 -16.25
C LYS JB 58 37.83 -13.14 -16.44
N GLY JB 59 38.45 -12.79 -15.33
CA GLY JB 59 39.74 -12.14 -15.35
C GLY JB 59 39.85 -11.15 -14.22
N LYS JB 60 40.74 -10.18 -14.40
CA LYS JB 60 40.93 -9.14 -13.40
C LYS JB 60 39.64 -8.32 -13.26
N PRO JB 61 39.22 -8.00 -12.04
CA PRO JB 61 37.96 -7.26 -11.87
C PRO JB 61 37.96 -5.86 -12.45
N GLU JB 62 39.13 -5.27 -12.71
CA GLU JB 62 39.15 -3.95 -13.31
C GLU JB 62 38.99 -3.99 -14.82
N LEU JB 63 39.00 -5.18 -15.43
CA LEU JB 63 38.77 -5.30 -16.87
C LEU JB 63 37.37 -5.77 -17.20
N ARG JB 64 36.55 -6.08 -16.20
CA ARG JB 64 35.38 -6.92 -16.42
C ARG JB 64 34.22 -6.17 -17.05
N LYS JB 65 33.69 -5.16 -16.37
CA LYS JB 65 32.44 -4.54 -16.81
C LYS JB 65 32.69 -3.36 -17.75
N LYS JB 66 33.48 -3.60 -18.78
CA LYS JB 66 33.85 -2.60 -19.77
C LYS JB 66 33.89 -3.25 -21.15
N VAL JB 67 33.72 -2.42 -22.17
CA VAL JB 67 33.77 -2.87 -23.55
C VAL JB 67 35.14 -2.54 -24.10
N HIS JB 68 35.88 -3.57 -24.49
CA HIS JB 68 37.21 -3.47 -25.03
C HIS JB 68 37.21 -3.87 -26.50
N PRO JB 69 37.88 -3.11 -27.37
CA PRO JB 69 38.14 -3.62 -28.71
C PRO JB 69 39.10 -4.79 -28.62
N ALA JB 70 38.92 -5.76 -29.50
CA ALA JB 70 39.77 -6.94 -29.52
C ALA JB 70 39.89 -7.42 -30.96
N VAL JB 71 40.92 -8.23 -31.21
CA VAL JB 71 41.19 -8.73 -32.54
C VAL JB 71 41.37 -10.24 -32.45
N VAL JB 72 40.60 -10.98 -33.24
CA VAL JB 72 40.71 -12.44 -33.23
C VAL JB 72 42.03 -12.83 -33.89
N ILE JB 73 42.82 -13.65 -33.20
CA ILE JB 73 44.11 -14.08 -33.70
C ILE JB 73 44.12 -15.56 -34.07
N ARG JB 74 43.20 -16.36 -33.54
CA ARG JB 74 43.10 -17.77 -33.86
C ARG JB 74 41.63 -18.13 -33.94
N GLN JB 75 41.27 -19.03 -34.84
CA GLN JB 75 39.90 -19.50 -34.95
C GLN JB 75 39.91 -20.99 -35.16
N ARG JB 76 38.82 -21.63 -34.74
CA ARG JB 76 38.72 -23.08 -34.81
C ARG JB 76 38.02 -23.55 -36.08
N LYS JB 77 37.26 -22.67 -36.73
CA LYS JB 77 36.68 -22.98 -38.02
C LYS JB 77 37.76 -23.01 -39.10
N SER JB 78 37.69 -24.00 -39.98
CA SER JB 78 38.63 -24.07 -41.08
C SER JB 78 38.39 -22.93 -42.06
N TYR JB 79 39.47 -22.41 -42.63
CA TYR JB 79 39.34 -21.38 -43.66
C TYR JB 79 40.39 -21.60 -44.73
N ARG JB 80 40.01 -21.31 -45.97
CA ARG JB 80 40.86 -21.55 -47.12
C ARG JB 80 41.77 -20.35 -47.35
N ARG JB 81 43.06 -20.60 -47.50
CA ARG JB 81 44.06 -19.55 -47.60
C ARG JB 81 44.50 -19.32 -49.04
N LYS JB 82 43.56 -19.43 -49.97
CA LYS JB 82 43.74 -19.05 -51.38
C LYS JB 82 44.76 -19.89 -52.13
N ASP JB 83 45.33 -20.89 -51.48
CA ASP JB 83 46.24 -21.80 -52.15
C ASP JB 83 46.04 -23.23 -51.70
N GLY JB 84 44.81 -23.58 -51.35
CA GLY JB 84 44.45 -24.96 -51.14
C GLY JB 84 44.74 -25.53 -49.77
N VAL JB 85 45.09 -24.71 -48.79
CA VAL JB 85 45.29 -25.18 -47.43
C VAL JB 85 44.10 -24.72 -46.61
N PHE JB 86 43.47 -25.65 -45.92
CA PHE JB 86 42.33 -25.37 -45.06
C PHE JB 86 42.84 -25.39 -43.63
N LEU JB 87 43.34 -24.26 -43.17
CA LEU JB 87 43.95 -24.18 -41.85
C LEU JB 87 42.89 -23.93 -40.79
N TYR JB 88 43.08 -24.54 -39.63
CA TYR JB 88 42.26 -24.26 -38.46
C TYR JB 88 43.10 -24.50 -37.23
N PHE JB 89 42.70 -23.92 -36.12
CA PHE JB 89 43.50 -23.93 -34.91
C PHE JB 89 42.82 -24.80 -33.85
N GLU JB 90 43.60 -25.11 -32.82
CA GLU JB 90 43.08 -25.93 -31.73
C GLU JB 90 42.01 -25.19 -30.94
N ASP JB 91 42.06 -23.86 -30.90
CA ASP JB 91 41.11 -23.09 -30.14
C ASP JB 91 40.99 -21.69 -30.72
N ASN JB 92 39.93 -20.99 -30.31
CA ASN JB 92 39.77 -19.60 -30.66
C ASN JB 92 40.57 -18.72 -29.72
N ALA JB 93 41.06 -17.60 -30.21
CA ALA JB 93 41.84 -16.70 -29.36
C ALA JB 93 41.68 -15.28 -29.85
N GLY JB 94 41.87 -14.33 -28.95
CA GLY JB 94 41.81 -12.93 -29.29
C GLY JB 94 42.61 -12.12 -28.29
N VAL JB 95 43.12 -10.99 -28.76
CA VAL JB 95 43.94 -10.10 -27.94
C VAL JB 95 43.24 -8.75 -27.84
N ILE JB 96 43.30 -8.16 -26.65
CA ILE JB 96 42.69 -6.85 -26.44
C ILE JB 96 43.57 -5.79 -27.08
N VAL JB 97 42.95 -4.89 -27.84
CA VAL JB 97 43.68 -3.80 -28.48
C VAL JB 97 42.94 -2.50 -28.16
N ASN JB 98 43.41 -1.40 -28.72
CA ASN JB 98 42.65 -0.16 -28.76
C ASN JB 98 42.21 0.10 -30.18
N ASN JB 99 41.41 1.16 -30.37
CA ASN JB 99 40.87 1.43 -31.69
C ASN JB 99 41.95 1.81 -32.70
N LYS JB 100 43.14 2.17 -32.23
CA LYS JB 100 44.26 2.39 -33.14
C LYS JB 100 44.82 1.07 -33.64
N GLY JB 101 44.82 0.05 -32.81
CA GLY JB 101 45.41 -1.24 -33.15
C GLY JB 101 46.51 -1.69 -32.21
N GLU JB 102 47.03 -0.81 -31.36
CA GLU JB 102 48.04 -1.20 -30.39
C GLU JB 102 47.45 -2.17 -29.38
N MET JB 103 48.22 -3.20 -29.05
CA MET JB 103 47.79 -4.18 -28.08
C MET JB 103 47.85 -3.61 -26.68
N LYS JB 104 46.91 -4.01 -25.82
CA LYS JB 104 46.97 -3.59 -24.42
C LYS JB 104 48.07 -4.34 -23.69
N GLY JB 105 48.31 -5.60 -24.06
CA GLY JB 105 49.36 -6.40 -23.47
C GLY JB 105 50.67 -6.28 -24.21
N SER JB 106 51.57 -7.23 -23.93
CA SER JB 106 52.89 -7.23 -24.52
C SER JB 106 53.35 -8.59 -25.03
N ALA JB 107 52.68 -9.68 -24.68
CA ALA JB 107 53.07 -11.01 -25.10
C ALA JB 107 51.86 -11.79 -25.54
N ILE JB 108 52.00 -12.59 -26.60
CA ILE JB 108 50.94 -13.43 -27.11
C ILE JB 108 51.33 -14.87 -26.86
N THR JB 109 50.46 -15.61 -26.19
CA THR JB 109 50.67 -17.03 -25.94
C THR JB 109 50.08 -17.82 -27.10
N GLY JB 110 50.93 -18.54 -27.82
CA GLY JB 110 50.48 -19.37 -28.91
C GLY JB 110 50.67 -18.72 -30.27
N PRO JB 111 50.29 -19.43 -31.32
CA PRO JB 111 50.46 -18.91 -32.67
C PRO JB 111 49.44 -17.83 -33.00
N VAL JB 112 49.76 -17.07 -34.04
CA VAL JB 112 48.88 -16.04 -34.57
C VAL JB 112 48.68 -16.31 -36.05
N ALA JB 113 47.43 -16.25 -36.51
CA ALA JB 113 47.14 -16.49 -37.91
C ALA JB 113 47.83 -15.44 -38.77
N LYS JB 114 48.26 -15.85 -39.97
CA LYS JB 114 48.98 -14.95 -40.84
C LYS JB 114 48.11 -13.80 -41.31
N GLU JB 115 46.81 -14.05 -41.49
CA GLU JB 115 45.89 -12.97 -41.85
C GLU JB 115 45.85 -11.92 -40.74
N CYS JB 116 45.78 -12.36 -39.49
CA CYS JB 116 45.76 -11.43 -38.38
C CYS JB 116 47.10 -10.72 -38.24
N ALA JB 117 48.18 -11.38 -38.64
CA ALA JB 117 49.51 -10.83 -38.45
C ALA JB 117 49.74 -9.65 -39.39
N ASP JB 118 49.70 -9.90 -40.69
CA ASP JB 118 50.04 -8.87 -41.66
C ASP JB 118 48.99 -7.76 -41.74
N LEU JB 119 47.81 -7.96 -41.19
CA LEU JB 119 46.83 -6.90 -41.11
C LEU JB 119 47.03 -6.00 -39.89
N TRP JB 120 47.63 -6.54 -38.84
CA TRP JB 120 47.89 -5.82 -37.59
C TRP JB 120 49.37 -5.95 -37.26
N PRO JB 121 50.21 -5.04 -37.74
CA PRO JB 121 51.65 -5.15 -37.46
C PRO JB 121 51.99 -5.09 -35.98
N ARG JB 122 51.25 -4.31 -35.20
CA ARG JB 122 51.53 -4.24 -33.77
C ARG JB 122 51.28 -5.58 -33.10
N ILE JB 123 50.23 -6.28 -33.51
CA ILE JB 123 50.01 -7.64 -33.03
C ILE JB 123 51.08 -8.57 -33.57
N ALA JB 124 51.55 -8.33 -34.80
CA ALA JB 124 52.46 -9.24 -35.45
C ALA JB 124 53.78 -9.35 -34.70
N SER JB 125 54.29 -8.24 -34.18
CA SER JB 125 55.60 -8.25 -33.55
C SER JB 125 55.62 -9.14 -32.30
N ASN JB 126 54.55 -9.09 -31.49
CA ASN JB 126 54.56 -9.79 -30.21
C ASN JB 126 54.25 -11.27 -30.33
N ALA JB 127 53.91 -11.76 -31.51
CA ALA JB 127 53.51 -13.15 -31.65
C ALA JB 127 54.70 -14.07 -31.52
N GLY JB 128 54.54 -15.14 -30.73
CA GLY JB 128 55.61 -16.12 -30.62
C GLY JB 128 55.88 -16.82 -31.93
N SER JB 129 54.82 -17.27 -32.60
CA SER JB 129 54.94 -17.91 -33.88
C SER JB 129 53.76 -17.50 -34.75
N ILE JB 130 53.95 -17.59 -36.05
CA ILE JB 130 52.91 -17.28 -37.02
C ILE JB 130 52.49 -18.58 -37.69
N ALA JB 131 51.20 -18.85 -37.67
CA ALA JB 131 50.67 -20.04 -38.30
C ALA JB 131 49.81 -19.63 -39.49
N LYS KB 1 -56.40 -72.93 44.85
CA LYS KB 1 -55.34 -73.43 45.73
C LYS KB 1 -54.21 -74.05 44.92
N LYS KB 2 -54.50 -74.40 43.67
CA LYS KB 2 -53.53 -75.02 42.79
C LYS KB 2 -53.26 -74.22 41.53
N LYS KB 3 -53.95 -73.10 41.33
CA LYS KB 3 -53.86 -72.34 40.08
C LYS KB 3 -52.62 -71.45 40.18
N ILE KB 4 -51.48 -72.04 39.89
CA ILE KB 4 -50.18 -71.42 40.13
C ILE KB 4 -49.63 -70.92 38.81
N ARG KB 5 -48.88 -69.81 38.88
CA ARG KB 5 -48.25 -69.21 37.72
C ARG KB 5 -46.77 -69.05 38.03
N THR KB 6 -46.00 -70.09 37.69
CA THR KB 6 -44.58 -70.08 37.95
C THR KB 6 -43.79 -69.28 36.93
N SER KB 7 -44.47 -68.63 35.99
CA SER KB 7 -43.83 -67.79 34.99
C SER KB 7 -44.49 -66.43 34.94
N PRO KB 8 -43.73 -65.36 34.77
CA PRO KB 8 -44.32 -64.02 34.75
C PRO KB 8 -44.85 -63.65 33.38
N THR KB 9 -45.05 -64.63 32.53
CA THR KB 9 -45.51 -64.43 31.17
C THR KB 9 -46.85 -65.11 30.96
N PHE KB 10 -47.75 -64.43 30.25
CA PHE KB 10 -49.00 -65.02 29.79
C PHE KB 10 -48.80 -65.49 28.36
N ARG KB 11 -49.16 -66.74 28.10
CA ARG KB 11 -49.14 -67.29 26.76
C ARG KB 11 -50.54 -67.66 26.33
N ARG KB 12 -50.79 -67.57 25.03
CA ARG KB 12 -52.08 -67.95 24.50
C ARG KB 12 -52.32 -69.43 24.76
N PRO KB 13 -53.39 -69.81 25.44
CA PRO KB 13 -53.58 -71.22 25.79
C PRO KB 13 -53.83 -72.08 24.57
N LYS KB 14 -53.52 -73.37 24.70
CA LYS KB 14 -53.69 -74.31 23.60
C LYS KB 14 -55.15 -74.79 23.60
N THR KB 15 -55.90 -74.38 22.59
CA THR KB 15 -57.29 -74.77 22.40
C THR KB 15 -57.39 -75.61 21.14
N LEU KB 16 -58.13 -76.72 21.19
CA LEU KB 16 -58.07 -77.69 20.11
C LEU KB 16 -58.65 -77.11 18.83
N ARG KB 17 -58.03 -77.47 17.70
CA ARG KB 17 -58.45 -77.03 16.38
C ARG KB 17 -58.94 -78.25 15.60
N LEU KB 18 -60.16 -78.17 15.10
CA LEU KB 18 -60.78 -79.30 14.42
C LEU KB 18 -60.23 -79.47 13.01
N ARG KB 19 -60.31 -80.69 12.52
CA ARG KB 19 -60.01 -80.95 11.12
C ARG KB 19 -61.26 -80.71 10.29
N ARG KB 20 -61.04 -80.34 9.02
CA ARG KB 20 -62.13 -80.01 8.14
C ARG KB 20 -63.01 -81.23 7.84
N GLN KB 21 -64.32 -81.04 7.92
CA GLN KB 21 -65.29 -82.05 7.54
C GLN KB 21 -66.30 -81.41 6.59
N PRO KB 22 -65.89 -81.08 5.38
CA PRO KB 22 -66.74 -80.29 4.49
C PRO KB 22 -68.00 -81.02 4.07
N LYS KB 23 -69.05 -80.24 3.86
CA LYS KB 23 -70.34 -80.76 3.44
C LYS KB 23 -70.43 -80.98 1.94
N TYR KB 24 -69.42 -80.54 1.19
CA TYR KB 24 -69.39 -80.78 -0.24
C TYR KB 24 -67.97 -80.58 -0.71
N PRO KB 25 -67.44 -81.47 -1.54
CA PRO KB 25 -66.14 -81.20 -2.16
C PRO KB 25 -66.24 -79.98 -3.05
N ARG KB 26 -65.18 -79.16 -3.02
CA ARG KB 26 -65.20 -77.95 -3.84
C ARG KB 26 -65.03 -78.26 -5.32
N LYS KB 27 -64.59 -79.46 -5.65
CA LYS KB 27 -64.59 -79.93 -7.02
C LYS KB 27 -65.26 -81.30 -7.06
N SER KB 28 -66.08 -81.51 -8.09
CA SER KB 28 -66.90 -82.72 -8.17
C SER KB 28 -66.04 -83.97 -8.32
N ALA KB 29 -65.00 -83.90 -9.14
CA ALA KB 29 -64.15 -85.06 -9.38
C ALA KB 29 -62.69 -84.63 -9.37
N PRO KB 30 -61.79 -85.50 -8.92
CA PRO KB 30 -60.36 -85.19 -8.99
C PRO KB 30 -59.89 -85.05 -10.44
N ARG KB 31 -58.97 -84.12 -10.65
CA ARG KB 31 -58.42 -83.92 -11.98
C ARG KB 31 -57.58 -85.13 -12.37
N ARG KB 32 -57.81 -85.66 -13.56
CA ARG KB 32 -57.08 -86.83 -13.99
C ARG KB 32 -55.64 -86.47 -14.33
N ASN KB 33 -54.78 -87.47 -14.27
CA ASN KB 33 -53.36 -87.26 -14.45
C ASN KB 33 -53.07 -86.94 -15.91
N LYS KB 34 -52.86 -85.65 -16.19
CA LYS KB 34 -52.51 -85.24 -17.55
C LYS KB 34 -51.11 -85.68 -17.92
N LEU KB 35 -50.18 -85.68 -16.96
CA LEU KB 35 -48.81 -86.11 -17.21
C LEU KB 35 -48.68 -87.63 -17.07
N ASP KB 36 -49.43 -88.34 -17.91
CA ASP KB 36 -49.35 -89.79 -17.95
C ASP KB 36 -48.08 -90.21 -18.67
N HIS KB 37 -47.89 -91.52 -18.77
CA HIS KB 37 -46.61 -92.02 -19.28
C HIS KB 37 -46.45 -91.78 -20.78
N TYR KB 38 -47.53 -91.87 -21.55
CA TYR KB 38 -47.45 -91.52 -22.96
C TYR KB 38 -47.16 -90.03 -23.14
N ALA KB 39 -47.72 -89.19 -22.25
CA ALA KB 39 -47.37 -87.78 -22.28
C ALA KB 39 -45.93 -87.55 -21.88
N ILE KB 40 -45.36 -88.41 -21.04
CA ILE KB 40 -43.98 -88.24 -20.61
C ILE KB 40 -43.03 -88.49 -21.77
N ILE KB 41 -43.20 -89.61 -22.48
CA ILE KB 41 -42.30 -90.00 -23.55
C ILE KB 41 -42.87 -89.51 -24.87
N LYS KB 42 -42.30 -88.44 -25.41
CA LYS KB 42 -42.83 -87.89 -26.65
C LYS KB 42 -42.43 -88.73 -27.85
N PHE KB 43 -41.13 -88.84 -28.11
CA PHE KB 43 -40.63 -89.61 -29.23
C PHE KB 43 -39.16 -89.88 -29.01
N PRO KB 44 -38.62 -90.97 -29.53
CA PRO KB 44 -37.18 -91.24 -29.37
C PRO KB 44 -36.36 -90.34 -30.28
N LEU KB 45 -35.13 -90.09 -29.87
CA LEU KB 45 -34.17 -89.38 -30.69
C LEU KB 45 -33.44 -90.38 -31.57
N THR KB 46 -33.39 -90.12 -32.87
CA THR KB 46 -32.77 -91.05 -33.81
C THR KB 46 -31.56 -90.44 -34.51
N THR KB 47 -30.97 -89.39 -33.93
CA THR KB 47 -29.84 -88.74 -34.57
C THR KB 47 -28.61 -89.64 -34.48
N GLU KB 48 -27.54 -89.22 -35.15
CA GLU KB 48 -26.35 -90.06 -35.25
C GLU KB 48 -25.69 -90.26 -33.89
N SER KB 49 -25.71 -89.23 -33.04
CA SER KB 49 -25.21 -89.40 -31.69
C SER KB 49 -26.10 -90.34 -30.88
N ALA KB 50 -27.42 -90.24 -31.08
CA ALA KB 50 -28.34 -91.14 -30.38
C ALA KB 50 -28.13 -92.58 -30.80
N MET KB 51 -27.89 -92.81 -32.09
CA MET KB 51 -27.59 -94.16 -32.56
C MET KB 51 -26.29 -94.66 -31.96
N LYS KB 52 -25.34 -93.76 -31.75
CA LYS KB 52 -24.07 -94.16 -31.17
C LYS KB 52 -24.24 -94.58 -29.71
N LYS KB 53 -25.10 -93.87 -28.98
CA LYS KB 53 -25.35 -94.22 -27.58
C LYS KB 53 -26.03 -95.57 -27.47
N ILE KB 54 -26.83 -95.93 -28.48
CA ILE KB 54 -27.61 -97.16 -28.40
C ILE KB 54 -26.70 -98.38 -28.48
N GLU KB 55 -25.76 -98.36 -29.42
CA GLU KB 55 -24.93 -99.54 -29.65
C GLU KB 55 -23.63 -99.52 -28.87
N ASP KB 56 -23.33 -98.45 -28.14
CA ASP KB 56 -22.12 -98.38 -27.33
C ASP KB 56 -22.42 -98.54 -25.84
N ASN KB 57 -23.27 -97.68 -25.30
CA ASN KB 57 -23.49 -97.60 -23.86
C ASN KB 57 -24.74 -98.30 -23.41
N ASN KB 58 -25.40 -99.06 -24.29
CA ASN KB 58 -26.65 -99.75 -23.96
C ASN KB 58 -27.71 -98.77 -23.48
N THR KB 59 -27.75 -97.60 -24.11
CA THR KB 59 -28.56 -96.47 -23.65
C THR KB 59 -29.50 -96.04 -24.76
N LEU KB 60 -30.78 -95.91 -24.43
CA LEU KB 60 -31.74 -95.32 -25.34
C LEU KB 60 -31.84 -93.83 -25.08
N VAL KB 61 -32.06 -93.05 -26.13
CA VAL KB 61 -32.20 -91.60 -26.04
C VAL KB 61 -33.62 -91.22 -26.43
N PHE KB 62 -34.29 -90.47 -25.55
CA PHE KB 62 -35.67 -90.08 -25.76
C PHE KB 62 -35.81 -88.57 -25.63
N ILE KB 63 -36.88 -88.04 -26.19
CA ILE KB 63 -37.30 -86.68 -25.97
C ILE KB 63 -38.53 -86.74 -25.08
N VAL KB 64 -38.41 -86.23 -23.86
CA VAL KB 64 -39.45 -86.39 -22.86
C VAL KB 64 -40.04 -85.03 -22.52
N ASP KB 65 -41.12 -85.06 -21.73
CA ASP KB 65 -41.77 -83.83 -21.32
C ASP KB 65 -40.89 -83.05 -20.37
N VAL KB 66 -40.86 -81.72 -20.55
CA VAL KB 66 -39.94 -80.87 -19.82
C VAL KB 66 -40.21 -80.89 -18.32
N LYS KB 67 -41.42 -81.27 -17.91
CA LYS KB 67 -41.78 -81.31 -16.50
C LYS KB 67 -41.53 -82.67 -15.87
N ALA KB 68 -41.02 -83.63 -16.62
CA ALA KB 68 -40.84 -84.98 -16.12
C ALA KB 68 -39.46 -85.13 -15.49
N ASN KB 69 -39.44 -85.61 -14.25
CA ASN KB 69 -38.18 -85.82 -13.56
C ASN KB 69 -37.64 -87.22 -13.85
N LYS KB 70 -36.49 -87.54 -13.26
CA LYS KB 70 -35.86 -88.83 -13.54
C LYS KB 70 -36.70 -89.99 -13.01
N HIS KB 71 -37.40 -89.78 -11.90
CA HIS KB 71 -38.21 -90.84 -11.33
C HIS KB 71 -39.40 -91.16 -12.24
N GLN KB 72 -40.03 -90.13 -12.81
CA GLN KB 72 -41.16 -90.38 -13.69
C GLN KB 72 -40.71 -90.95 -15.02
N ILE KB 73 -39.59 -90.46 -15.56
CA ILE KB 73 -39.09 -90.96 -16.84
C ILE KB 73 -38.73 -92.44 -16.73
N LYS KB 74 -38.10 -92.82 -15.63
CA LYS KB 74 -37.67 -94.21 -15.45
C LYS KB 74 -38.87 -95.15 -15.40
N GLN KB 75 -39.93 -94.74 -14.71
CA GLN KB 75 -41.12 -95.58 -14.64
C GLN KB 75 -41.83 -95.66 -15.97
N ALA KB 76 -41.92 -94.52 -16.67
CA ALA KB 76 -42.65 -94.48 -17.94
C ALA KB 76 -41.97 -95.36 -18.99
N VAL KB 77 -40.64 -95.32 -19.04
CA VAL KB 77 -39.91 -96.19 -19.95
C VAL KB 77 -40.10 -97.65 -19.55
N LYS KB 78 -40.12 -97.91 -18.24
CA LYS KB 78 -40.22 -99.27 -17.75
C LYS KB 78 -41.56 -99.91 -18.12
N LYS KB 79 -42.65 -99.13 -18.09
CA LYS KB 79 -43.94 -99.80 -18.15
C LYS KB 79 -44.38 -100.04 -19.59
N LEU KB 80 -44.14 -99.09 -20.50
CA LEU KB 80 -44.64 -99.21 -21.86
C LEU KB 80 -43.59 -99.77 -22.81
N TYR KB 81 -42.42 -100.15 -22.30
CA TYR KB 81 -41.47 -100.92 -23.09
C TYR KB 81 -41.06 -102.20 -22.38
N ASP KB 82 -41.47 -102.39 -21.13
CA ASP KB 82 -41.26 -103.64 -20.38
C ASP KB 82 -39.77 -103.96 -20.25
N ILE KB 83 -38.98 -102.94 -19.94
CA ILE KB 83 -37.54 -103.09 -19.77
C ILE KB 83 -37.17 -102.50 -18.42
N ASP KB 84 -36.02 -102.93 -17.91
CA ASP KB 84 -35.51 -102.46 -16.63
C ASP KB 84 -34.35 -101.51 -16.87
N VAL KB 85 -34.44 -100.31 -16.31
CA VAL KB 85 -33.46 -99.27 -16.56
C VAL KB 85 -32.61 -99.07 -15.32
N ALA KB 86 -31.35 -98.71 -15.54
CA ALA KB 86 -30.38 -98.57 -14.47
C ALA KB 86 -30.35 -97.14 -13.93
N LYS KB 87 -30.08 -96.18 -14.81
CA LYS KB 87 -30.03 -94.78 -14.42
C LYS KB 87 -30.52 -93.93 -15.57
N VAL KB 88 -30.91 -92.70 -15.25
CA VAL KB 88 -31.47 -91.77 -16.22
C VAL KB 88 -30.73 -90.46 -16.07
N ASN KB 89 -29.90 -90.11 -17.04
CA ASN KB 89 -29.37 -88.76 -17.13
C ASN KB 89 -30.35 -87.93 -17.92
N THR KB 90 -30.33 -86.63 -17.69
CA THR KB 90 -31.34 -85.77 -18.29
C THR KB 90 -30.81 -84.35 -18.43
N LEU KB 91 -30.87 -83.82 -19.65
CA LEU KB 91 -30.54 -82.44 -19.93
C LEU KB 91 -31.73 -81.79 -20.61
N ILE KB 92 -31.64 -80.49 -20.82
CA ILE KB 92 -32.62 -79.76 -21.59
C ILE KB 92 -31.92 -79.16 -22.80
N ARG KB 93 -32.48 -79.40 -23.97
CA ARG KB 93 -31.88 -78.92 -25.20
C ARG KB 93 -32.01 -77.41 -25.31
N PRO KB 94 -31.20 -76.77 -26.17
CA PRO KB 94 -31.35 -75.32 -26.38
C PRO KB 94 -32.72 -74.92 -26.88
N ASP KB 95 -33.39 -75.78 -27.64
CA ASP KB 95 -34.71 -75.46 -28.17
C ASP KB 95 -35.82 -75.69 -27.14
N GLY KB 96 -35.48 -76.16 -25.94
CA GLY KB 96 -36.43 -76.25 -24.86
C GLY KB 96 -36.94 -77.65 -24.57
N GLU KB 97 -36.76 -78.58 -25.50
CA GLU KB 97 -37.21 -79.94 -25.29
C GLU KB 97 -36.24 -80.66 -24.36
N LYS KB 98 -36.77 -81.33 -23.34
CA LYS KB 98 -35.95 -82.08 -22.41
C LYS KB 98 -35.59 -83.43 -23.01
N LYS KB 99 -34.32 -83.80 -22.91
CA LYS KB 99 -33.80 -85.04 -23.48
C LYS KB 99 -33.30 -85.93 -22.36
N ALA KB 100 -33.60 -87.23 -22.44
CA ALA KB 100 -33.21 -88.19 -21.43
C ALA KB 100 -32.31 -89.24 -22.05
N TYR KB 101 -31.21 -89.53 -21.37
CA TYR KB 101 -30.32 -90.64 -21.73
C TYR KB 101 -30.58 -91.77 -20.73
N VAL KB 102 -31.33 -92.77 -21.15
CA VAL KB 102 -31.79 -93.83 -20.28
C VAL KB 102 -30.90 -95.04 -20.52
N ARG KB 103 -30.06 -95.38 -19.55
CA ARG KB 103 -29.19 -96.54 -19.67
C ARG KB 103 -29.93 -97.78 -19.19
N LEU KB 104 -30.02 -98.78 -20.05
CA LEU KB 104 -30.72 -100.00 -19.71
C LEU KB 104 -29.86 -100.86 -18.78
N ALA KB 105 -30.52 -101.82 -18.12
CA ALA KB 105 -29.83 -102.77 -17.31
C ALA KB 105 -29.02 -103.72 -18.18
N PRO KB 106 -27.97 -104.35 -17.63
CA PRO KB 106 -27.14 -105.24 -18.46
C PRO KB 106 -27.90 -106.38 -19.11
N ASP KB 107 -28.90 -106.95 -18.43
CA ASP KB 107 -29.63 -108.08 -18.98
C ASP KB 107 -30.54 -107.71 -20.13
N TYR KB 108 -30.74 -106.43 -20.39
CA TYR KB 108 -31.50 -105.96 -21.55
C TYR KB 108 -30.56 -105.39 -22.59
N ASP KB 109 -30.74 -105.79 -23.84
CA ASP KB 109 -29.92 -105.31 -24.94
C ASP KB 109 -30.61 -104.13 -25.59
N ALA KB 110 -29.93 -102.99 -25.65
CA ALA KB 110 -30.57 -101.77 -26.15
C ALA KB 110 -30.61 -101.76 -27.67
N LEU KB 111 -29.92 -102.70 -28.33
CA LEU KB 111 -29.98 -102.75 -29.78
C LEU KB 111 -31.30 -103.34 -30.26
N ASP KB 112 -31.68 -104.50 -29.72
CA ASP KB 112 -32.91 -105.12 -30.15
C ASP KB 112 -34.15 -104.49 -29.52
N VAL KB 113 -33.99 -103.84 -28.36
CA VAL KB 113 -35.08 -103.05 -27.81
C VAL KB 113 -35.41 -101.89 -28.73
N ALA KB 114 -34.38 -101.23 -29.26
CA ALA KB 114 -34.61 -100.15 -30.21
C ALA KB 114 -35.24 -100.65 -31.49
N ASN KB 115 -34.85 -101.84 -31.93
CA ASN KB 115 -35.39 -102.38 -33.17
C ASN KB 115 -36.87 -102.70 -33.04
N LYS KB 116 -37.28 -103.28 -31.90
CA LYS KB 116 -38.70 -103.56 -31.73
C LYS KB 116 -39.49 -102.33 -31.33
N ILE KB 117 -38.83 -101.26 -30.91
CA ILE KB 117 -39.51 -99.97 -30.82
C ILE KB 117 -39.77 -99.43 -32.21
N GLY KB 118 -38.78 -99.51 -33.09
CA GLY KB 118 -38.95 -99.13 -34.47
C GLY KB 118 -37.95 -98.12 -34.99
N ILE KB 119 -36.80 -98.00 -34.33
CA ILE KB 119 -35.81 -97.00 -34.72
C ILE KB 119 -34.55 -97.68 -35.24
N ILE KB 120 -34.70 -98.84 -35.87
CA ILE KB 120 -33.61 -99.51 -36.54
C ILE KB 120 -33.05 -98.61 -37.64
N MET LB 1 -87.12 -50.00 -53.97
CA MET LB 1 -85.75 -50.36 -53.61
C MET LB 1 -85.69 -50.98 -52.23
N LYS LB 2 -84.54 -50.86 -51.58
CA LYS LB 2 -84.31 -51.52 -50.29
C LYS LB 2 -84.84 -50.66 -49.16
N PHE LB 3 -85.73 -51.22 -48.34
CA PHE LB 3 -86.32 -50.52 -47.22
C PHE LB 3 -85.96 -51.09 -45.86
N ASN LB 4 -85.46 -52.29 -45.79
CA ASN LB 4 -85.13 -52.91 -44.52
C ASN LB 4 -83.95 -52.20 -43.89
N PRO LB 5 -84.09 -51.62 -42.69
CA PRO LB 5 -82.98 -50.86 -42.12
C PRO LB 5 -81.83 -51.71 -41.63
N PHE LB 6 -81.96 -53.02 -41.57
CA PHE LB 6 -80.92 -53.89 -41.04
C PHE LB 6 -80.12 -54.58 -42.13
N VAL LB 7 -80.35 -54.26 -43.39
CA VAL LB 7 -79.54 -54.76 -44.49
C VAL LB 7 -78.84 -53.57 -45.14
N THR LB 8 -77.54 -53.69 -45.33
CA THR LB 8 -76.73 -52.59 -45.81
C THR LB 8 -76.71 -52.53 -47.33
N SER LB 9 -76.60 -51.32 -47.85
CA SER LB 9 -76.32 -51.10 -49.26
C SER LB 9 -74.93 -50.54 -49.49
N ASP LB 10 -74.12 -50.48 -48.44
CA ASP LB 10 -72.75 -49.98 -48.55
C ASP LB 10 -71.96 -50.84 -49.52
N ARG LB 11 -71.22 -50.19 -50.41
CA ARG LB 11 -70.38 -50.92 -51.35
C ARG LB 11 -69.25 -51.63 -50.62
N SER LB 12 -68.63 -50.96 -49.66
CA SER LB 12 -67.51 -51.54 -48.94
C SER LB 12 -67.97 -52.72 -48.08
N LYS LB 13 -69.15 -52.62 -47.48
CA LYS LB 13 -69.61 -53.67 -46.58
C LYS LB 13 -69.99 -54.92 -47.36
N ASN LB 14 -70.72 -54.77 -48.47
CA ASN LB 14 -71.11 -55.92 -49.26
C ASN LB 14 -69.90 -56.62 -49.87
N ARG LB 15 -68.92 -55.84 -50.32
CA ARG LB 15 -67.70 -56.44 -50.84
C ARG LB 15 -66.93 -57.18 -49.76
N LYS LB 16 -66.88 -56.61 -48.55
CA LYS LB 16 -66.20 -57.26 -47.44
C LYS LB 16 -66.89 -58.56 -47.06
N ARG LB 17 -68.22 -58.55 -47.01
CA ARG LB 17 -68.96 -59.75 -46.68
C ARG LB 17 -68.79 -60.81 -47.76
N HIS LB 18 -68.71 -60.39 -49.01
CA HIS LB 18 -68.63 -61.34 -50.11
C HIS LB 18 -67.26 -62.01 -50.18
N PHE LB 19 -66.19 -61.24 -50.04
CA PHE LB 19 -64.86 -61.80 -50.20
C PHE LB 19 -64.37 -62.49 -48.94
N ASN LB 20 -65.02 -62.28 -47.81
CA ASN LB 20 -64.69 -62.97 -46.57
C ASN LB 20 -65.79 -63.93 -46.16
N ALA LB 21 -66.58 -64.41 -47.11
CA ALA LB 21 -67.69 -65.27 -46.78
C ALA LB 21 -67.17 -66.64 -46.34
N PRO LB 22 -67.78 -67.23 -45.31
CA PRO LB 22 -67.45 -68.62 -44.96
C PRO LB 22 -67.90 -69.57 -46.05
N SER LB 23 -67.28 -70.75 -46.09
CA SER LB 23 -67.50 -71.66 -47.20
C SER LB 23 -68.92 -72.18 -47.25
N HIS LB 24 -69.67 -72.08 -46.16
CA HIS LB 24 -71.04 -72.58 -46.18
C HIS LB 24 -72.02 -71.59 -46.79
N ILE LB 25 -71.61 -70.34 -46.97
CA ILE LB 25 -72.39 -69.41 -47.78
C ILE LB 25 -71.68 -69.03 -49.07
N ARG LB 26 -70.42 -69.41 -49.24
CA ARG LB 26 -69.83 -69.41 -50.57
C ARG LB 26 -70.51 -70.43 -51.46
N ARG LB 27 -71.05 -71.48 -50.87
CA ARG LB 27 -71.82 -72.45 -51.64
C ARG LB 27 -73.10 -71.84 -52.17
N LYS LB 28 -73.73 -70.95 -51.40
CA LYS LB 28 -74.92 -70.27 -51.87
C LYS LB 28 -74.58 -69.26 -52.95
N ILE LB 29 -73.48 -68.52 -52.78
CA ILE LB 29 -73.09 -67.52 -53.76
C ILE LB 29 -72.78 -68.15 -55.10
N MET LB 30 -72.09 -69.29 -55.07
CA MET LB 30 -71.69 -69.99 -56.29
C MET LB 30 -72.84 -70.85 -56.78
N SER LB 31 -73.84 -70.18 -57.35
CA SER LB 31 -75.03 -70.84 -57.87
C SER LB 31 -75.09 -70.69 -59.38
N SER LB 32 -75.68 -71.67 -60.04
CA SER LB 32 -75.78 -71.69 -61.48
C SER LB 32 -77.24 -71.83 -61.89
N PRO LB 33 -77.65 -71.16 -62.97
CA PRO LB 33 -79.00 -71.38 -63.49
C PRO LB 33 -79.16 -72.77 -64.06
N LEU LB 34 -80.37 -73.29 -63.97
CA LEU LB 34 -80.64 -74.56 -64.63
C LEU LB 34 -80.97 -74.32 -66.09
N SER LB 35 -80.87 -75.38 -66.88
CA SER LB 35 -81.23 -75.29 -68.29
C SER LB 35 -82.75 -75.15 -68.42
N LYS LB 36 -83.21 -74.99 -69.66
CA LYS LB 36 -84.64 -74.82 -69.88
C LYS LB 36 -85.42 -76.05 -69.48
N GLU LB 37 -84.92 -77.24 -69.84
CA GLU LB 37 -85.62 -78.47 -69.50
C GLU LB 37 -85.73 -78.63 -67.99
N LEU LB 38 -84.63 -78.38 -67.28
CA LEU LB 38 -84.64 -78.57 -65.83
C LEU LB 38 -85.51 -77.52 -65.15
N ARG LB 39 -85.48 -76.28 -65.65
CA ARG LB 39 -86.29 -75.22 -65.08
C ARG LB 39 -87.78 -75.49 -65.27
N GLN LB 40 -88.14 -76.20 -66.32
CA GLN LB 40 -89.53 -76.63 -66.48
C GLN LB 40 -89.85 -77.84 -65.62
N LYS LB 41 -88.93 -78.80 -65.58
CA LYS LB 41 -89.10 -80.06 -64.86
C LYS LB 41 -89.28 -79.81 -63.37
N TYR LB 42 -88.24 -79.30 -62.73
CA TYR LB 42 -88.34 -78.78 -61.38
C TYR LB 42 -88.65 -77.29 -61.48
N ASN LB 43 -89.61 -76.83 -60.68
CA ASN LB 43 -90.03 -75.44 -60.78
C ASN LB 43 -89.08 -74.54 -60.01
N VAL LB 44 -87.79 -74.62 -60.33
CA VAL LB 44 -86.77 -73.81 -59.69
C VAL LB 44 -85.96 -73.13 -60.79
N ARG LB 45 -85.33 -72.01 -60.44
CA ARG LB 45 -84.54 -71.27 -61.39
C ARG LB 45 -83.04 -71.48 -61.19
N SER LB 46 -82.56 -71.36 -59.97
CA SER LB 46 -81.15 -71.48 -59.65
C SER LB 46 -80.89 -72.75 -58.86
N MET LB 47 -79.61 -73.02 -58.64
CA MET LB 47 -79.18 -74.12 -57.80
C MET LB 47 -77.71 -73.91 -57.42
N PRO LB 48 -77.35 -74.09 -56.15
CA PRO LB 48 -75.93 -74.04 -55.80
C PRO LB 48 -75.16 -75.14 -56.50
N ILE LB 49 -73.95 -74.80 -56.93
CA ILE LB 49 -73.18 -75.70 -57.78
C ILE LB 49 -72.73 -76.92 -56.97
N ARG LB 50 -72.49 -78.02 -57.69
CA ARG LB 50 -72.15 -79.29 -57.07
C ARG LB 50 -70.90 -79.84 -57.73
N LYS LB 51 -70.25 -80.76 -57.03
CA LYS LB 51 -68.98 -81.31 -57.51
C LYS LB 51 -69.15 -82.05 -58.83
N ASP LB 52 -70.21 -82.86 -58.96
CA ASP LB 52 -70.28 -83.81 -60.05
C ASP LB 52 -71.57 -83.71 -60.87
N ASP LB 53 -72.09 -82.50 -61.04
CA ASP LB 53 -73.14 -82.27 -62.02
C ASP LB 53 -72.51 -81.64 -63.26
N GLU LB 54 -73.19 -81.78 -64.38
CA GLU LB 54 -72.62 -81.40 -65.66
C GLU LB 54 -73.28 -80.14 -66.19
N VAL LB 55 -72.45 -79.19 -66.61
CA VAL LB 55 -72.88 -77.87 -67.04
C VAL LB 55 -72.30 -77.59 -68.41
N GLN LB 56 -72.72 -76.49 -69.01
CA GLN LB 56 -72.09 -75.99 -70.22
C GLN LB 56 -71.83 -74.51 -70.07
N VAL LB 57 -70.69 -74.07 -70.56
CA VAL LB 57 -70.28 -72.68 -70.43
C VAL LB 57 -71.06 -71.83 -71.42
N VAL LB 58 -71.51 -70.66 -70.97
CA VAL LB 58 -72.29 -69.77 -71.82
C VAL LB 58 -71.61 -68.44 -72.07
N ARG LB 59 -70.55 -68.11 -71.35
CA ARG LB 59 -69.84 -66.86 -71.55
C ARG LB 59 -68.34 -67.15 -71.62
N GLY LB 60 -67.59 -66.15 -72.01
CA GLY LB 60 -66.16 -66.29 -72.05
C GLY LB 60 -65.68 -67.05 -73.27
N HIS LB 61 -64.39 -67.39 -73.21
CA HIS LB 61 -63.70 -68.00 -74.34
C HIS LB 61 -64.18 -69.42 -74.62
N TYR LB 62 -64.74 -70.11 -73.62
CA TYR LB 62 -65.10 -71.51 -73.76
C TYR LB 62 -66.59 -71.72 -73.97
N LYS LB 63 -67.26 -70.79 -74.64
CA LYS LB 63 -68.67 -70.97 -74.96
C LYS LB 63 -68.87 -72.19 -75.86
N GLY LB 64 -70.12 -72.59 -75.99
CA GLY LB 64 -70.46 -73.68 -76.87
C GLY LB 64 -71.62 -74.47 -76.30
N GLN LB 65 -71.90 -75.60 -76.95
CA GLN LB 65 -72.98 -76.48 -76.55
C GLN LB 65 -72.48 -77.80 -75.99
N GLN LB 66 -71.17 -77.95 -75.81
CA GLN LB 66 -70.63 -79.18 -75.25
C GLN LB 66 -70.96 -79.26 -73.77
N ILE LB 67 -71.35 -80.45 -73.33
CA ILE LB 67 -71.72 -80.68 -71.94
C ILE LB 67 -70.53 -81.31 -71.24
N GLY LB 68 -70.06 -80.67 -70.19
CA GLY LB 68 -68.92 -81.17 -69.44
C GLY LB 68 -69.23 -81.23 -67.97
N LYS LB 69 -68.71 -82.27 -67.32
CA LYS LB 69 -68.95 -82.46 -65.90
C LYS LB 69 -68.01 -81.60 -65.06
N VAL LB 70 -68.57 -80.95 -64.04
CA VAL LB 70 -67.74 -80.24 -63.08
C VAL LB 70 -66.86 -81.27 -62.37
N VAL LB 71 -65.61 -80.88 -62.09
CA VAL LB 71 -64.67 -81.78 -61.43
C VAL LB 71 -64.12 -81.21 -60.14
N GLN LB 72 -64.32 -79.92 -59.87
CA GLN LB 72 -63.86 -79.34 -58.62
C GLN LB 72 -64.51 -77.99 -58.39
N VAL LB 73 -65.19 -77.82 -57.28
CA VAL LB 73 -65.81 -76.55 -56.91
C VAL LB 73 -64.83 -75.88 -55.96
N TYR LB 74 -64.00 -75.00 -56.48
CA TYR LB 74 -62.94 -74.39 -55.69
C TYR LB 74 -63.48 -73.11 -55.06
N ARG LB 75 -64.06 -73.25 -53.87
CA ARG LB 75 -64.80 -72.13 -53.32
C ARG LB 75 -63.91 -70.97 -52.93
N LYS LB 76 -62.65 -71.24 -52.58
CA LYS LB 76 -61.79 -70.16 -52.10
C LYS LB 76 -61.55 -69.12 -53.18
N LYS LB 77 -61.45 -69.54 -54.43
CA LYS LB 77 -61.30 -68.63 -55.55
C LYS LB 77 -62.60 -68.34 -56.29
N TYR LB 78 -63.74 -68.84 -55.82
CA TYR LB 78 -65.04 -68.59 -56.47
C TYR LB 78 -65.03 -69.04 -57.93
N VAL LB 79 -64.45 -70.20 -58.19
CA VAL LB 79 -64.37 -70.75 -59.53
C VAL LB 79 -64.69 -72.24 -59.47
N ILE LB 80 -64.97 -72.81 -60.63
CA ILE LB 80 -65.17 -74.24 -60.77
C ILE LB 80 -64.33 -74.72 -61.94
N TYR LB 81 -64.05 -76.02 -61.94
CA TYR LB 81 -63.30 -76.67 -63.01
C TYR LB 81 -64.20 -77.65 -63.74
N ILE LB 82 -64.01 -77.77 -65.05
CA ILE LB 82 -64.84 -78.63 -65.88
C ILE LB 82 -63.91 -79.53 -66.69
N GLU LB 83 -64.47 -80.61 -67.23
CA GLU LB 83 -63.72 -81.67 -67.88
C GLU LB 83 -62.83 -81.18 -69.02
N ARG LB 84 -63.43 -80.66 -70.08
CA ARG LB 84 -62.67 -80.25 -71.25
C ARG LB 84 -62.34 -78.77 -71.26
N VAL LB 85 -62.70 -78.04 -70.20
CA VAL LB 85 -62.40 -76.62 -70.12
C VAL LB 85 -61.03 -76.50 -69.46
N GLN LB 86 -59.99 -76.43 -70.28
CA GLN LB 86 -58.63 -76.37 -69.79
C GLN LB 86 -57.75 -75.78 -70.87
N ARG LB 87 -56.46 -75.68 -70.58
CA ARG LB 87 -55.51 -75.12 -71.52
C ARG LB 87 -54.15 -75.78 -71.32
N GLU LB 88 -53.30 -75.65 -72.33
CA GLU LB 88 -51.93 -76.14 -72.25
C GLU LB 88 -51.02 -75.03 -71.76
N LYS LB 89 -50.12 -75.37 -70.84
CA LYS LB 89 -49.13 -74.41 -70.40
C LYS LB 89 -47.80 -74.71 -71.09
N ALA LB 90 -46.74 -74.05 -70.64
CA ALA LB 90 -45.47 -74.05 -71.37
C ALA LB 90 -44.90 -75.45 -71.50
N ASN LB 91 -44.85 -76.19 -70.40
CA ASN LB 91 -44.21 -77.50 -70.44
C ASN LB 91 -45.03 -78.56 -71.15
N GLY LB 92 -46.19 -78.22 -71.70
CA GLY LB 92 -47.04 -79.17 -72.39
C GLY LB 92 -48.13 -79.78 -71.54
N THR LB 93 -48.05 -79.66 -70.22
CA THR LB 93 -49.09 -80.20 -69.37
C THR LB 93 -50.33 -79.33 -69.43
N THR LB 94 -51.45 -79.87 -68.97
CA THR LB 94 -52.72 -79.17 -69.00
C THR LB 94 -53.15 -78.82 -67.57
N VAL LB 95 -53.79 -77.67 -67.44
CA VAL LB 95 -54.38 -77.24 -66.17
C VAL LB 95 -55.79 -76.74 -66.47
N HIS LB 96 -56.70 -76.96 -65.53
CA HIS LB 96 -58.06 -76.47 -65.72
C HIS LB 96 -58.09 -74.95 -65.65
N VAL LB 97 -59.06 -74.37 -66.36
CA VAL LB 97 -59.29 -72.94 -66.35
C VAL LB 97 -60.52 -72.68 -65.48
N GLY LB 98 -60.33 -71.93 -64.40
CA GLY LB 98 -61.45 -71.64 -63.52
C GLY LB 98 -62.40 -70.66 -64.17
N ILE LB 99 -63.69 -70.97 -64.12
CA ILE LB 99 -64.72 -70.08 -64.63
C ILE LB 99 -65.79 -69.92 -63.57
N HIS LB 100 -66.33 -68.72 -63.46
CA HIS LB 100 -67.30 -68.43 -62.43
C HIS LB 100 -68.57 -69.25 -62.65
N PRO LB 101 -69.13 -69.83 -61.59
CA PRO LB 101 -70.33 -70.67 -61.76
C PRO LB 101 -71.54 -69.93 -62.27
N SER LB 102 -71.62 -68.62 -62.10
CA SER LB 102 -72.77 -67.89 -62.63
C SER LB 102 -72.76 -67.80 -64.15
N LYS LB 103 -71.67 -68.23 -64.80
CA LYS LB 103 -71.53 -68.20 -66.24
C LYS LB 103 -71.71 -69.57 -66.88
N VAL LB 104 -72.39 -70.49 -66.21
CA VAL LB 104 -72.69 -71.81 -66.74
C VAL LB 104 -74.18 -72.09 -66.53
N VAL LB 105 -74.66 -73.11 -67.22
CA VAL LB 105 -76.02 -73.62 -66.99
C VAL LB 105 -75.94 -75.12 -66.73
N ILE LB 106 -76.55 -75.54 -65.63
CA ILE LB 106 -76.59 -76.96 -65.29
C ILE LB 106 -77.53 -77.67 -66.25
N THR LB 107 -77.09 -78.80 -66.80
CA THR LB 107 -77.92 -79.58 -67.69
C THR LB 107 -78.26 -80.96 -67.15
N ARG LB 108 -77.66 -81.37 -66.04
CA ARG LB 108 -78.09 -82.58 -65.35
C ARG LB 108 -77.60 -82.50 -63.91
N LEU LB 109 -78.53 -82.35 -62.97
CA LEU LB 109 -78.18 -82.18 -61.58
C LEU LB 109 -77.71 -83.50 -60.98
N LYS LB 110 -76.72 -83.42 -60.10
CA LYS LB 110 -76.27 -84.58 -59.34
C LYS LB 110 -77.26 -84.80 -58.20
N LEU LB 111 -78.22 -85.70 -58.42
CA LEU LB 111 -79.35 -85.88 -57.51
C LEU LB 111 -79.04 -86.92 -56.44
N ASP LB 112 -79.49 -86.64 -55.23
CA ASP LB 112 -79.47 -87.59 -54.11
C ASP LB 112 -80.56 -87.17 -53.14
N LYS LB 113 -80.56 -87.77 -51.95
CA LYS LB 113 -81.63 -87.50 -50.99
C LYS LB 113 -81.62 -86.04 -50.52
N ASP LB 114 -80.50 -85.33 -50.69
CA ASP LB 114 -80.43 -83.94 -50.25
C ASP LB 114 -80.77 -82.96 -51.35
N ARG LB 115 -80.32 -83.20 -52.59
CA ARG LB 115 -80.65 -82.29 -53.67
C ARG LB 115 -82.14 -82.31 -53.98
N LYS LB 116 -82.77 -83.48 -53.92
CA LYS LB 116 -84.22 -83.54 -54.06
C LYS LB 116 -84.90 -82.77 -52.94
N LYS LB 117 -84.33 -82.83 -51.73
CA LYS LB 117 -84.87 -82.11 -50.60
C LYS LB 117 -84.85 -80.61 -50.85
N ILE LB 118 -83.74 -80.09 -51.37
CA ILE LB 118 -83.63 -78.66 -51.67
C ILE LB 118 -84.53 -78.31 -52.85
N LEU LB 119 -84.58 -79.17 -53.85
CA LEU LB 119 -85.33 -78.87 -55.06
C LEU LB 119 -86.81 -78.72 -54.79
N GLU LB 120 -87.39 -79.65 -54.02
CA GLU LB 120 -88.79 -79.52 -53.67
C GLU LB 120 -89.02 -78.33 -52.75
N ARG LB 121 -88.00 -77.96 -51.98
CA ARG LB 121 -88.12 -76.79 -51.12
C ARG LB 121 -88.25 -75.51 -51.94
N LYS LB 122 -87.36 -75.33 -52.93
CA LYS LB 122 -87.41 -74.14 -53.76
C LYS LB 122 -88.66 -74.13 -54.62
N ALA LB 123 -89.09 -75.29 -55.10
CA ALA LB 123 -90.34 -75.36 -55.85
C ALA LB 123 -91.53 -75.02 -54.97
N LYS LB 124 -91.52 -75.46 -53.72
CA LYS LB 124 -92.66 -75.22 -52.83
C LYS LB 124 -92.80 -73.74 -52.51
N SER LB 125 -91.68 -73.07 -52.19
CA SER LB 125 -91.74 -71.64 -51.91
C SER LB 125 -92.19 -70.87 -53.14
N ARG LB 126 -91.72 -71.26 -54.31
CA ARG LB 126 -92.15 -70.61 -55.54
C ARG LB 126 -93.64 -70.79 -55.78
N GLN LB 127 -94.16 -71.98 -55.51
CA GLN LB 127 -95.58 -72.24 -55.74
C GLN LB 127 -96.45 -71.38 -54.86
N VAL LB 128 -96.07 -71.21 -53.59
CA VAL LB 128 -96.83 -70.36 -52.68
C VAL LB 128 -96.83 -68.93 -53.17
N GLY LB 129 -95.70 -68.48 -53.73
CA GLY LB 129 -95.64 -67.13 -54.27
C GLY LB 129 -96.50 -66.96 -55.50
N LYS LB 130 -96.57 -67.99 -56.34
CA LYS LB 130 -97.38 -67.91 -57.56
C LYS LB 130 -98.86 -67.78 -57.23
N GLU LB 131 -99.33 -68.53 -56.22
CA GLU LB 131 -100.72 -68.39 -55.80
C GLU LB 131 -100.93 -67.14 -54.97
N LYS LB 132 -99.86 -66.56 -54.41
CA LYS LB 132 -100.01 -65.31 -53.68
C LYS LB 132 -100.39 -64.18 -54.64
N GLY LB 133 -99.86 -64.22 -55.86
CA GLY LB 133 -100.22 -63.23 -56.87
C GLY LB 133 -101.34 -63.65 -57.81
N LYS LB 134 -102.46 -64.11 -57.28
CA LYS LB 134 -103.64 -64.37 -58.11
C LYS LB 134 -104.89 -63.76 -57.49
N GLY MB 1 5.35 -83.20 59.37
CA GLY MB 1 5.27 -84.64 59.57
C GLY MB 1 4.70 -85.36 58.37
N LYS MB 2 5.14 -86.61 58.17
CA LYS MB 2 4.68 -87.40 57.04
C LYS MB 2 3.20 -87.71 57.22
N PHE MB 3 2.35 -87.07 56.39
CA PHE MB 3 0.92 -87.27 56.48
C PHE MB 3 0.40 -88.23 55.42
N MET MB 4 1.27 -88.86 54.66
CA MET MB 4 0.84 -89.81 53.64
C MET MB 4 0.82 -91.23 54.21
N LYS MB 5 0.17 -91.35 55.30
CA LYS MB 5 0.06 -92.67 55.92
C LYS MB 5 -1.03 -93.48 55.24
N PRO MB 6 -0.94 -94.80 55.28
CA PRO MB 6 -2.06 -95.63 54.80
C PRO MB 6 -3.32 -95.35 55.61
N GLY MB 7 -4.45 -95.38 54.92
CA GLY MB 7 -5.71 -94.97 55.48
C GLY MB 7 -6.09 -93.52 55.21
N LYS MB 8 -5.14 -92.71 54.77
CA LYS MB 8 -5.43 -91.33 54.41
C LYS MB 8 -6.29 -91.29 53.15
N VAL MB 9 -6.96 -90.17 52.94
CA VAL MB 9 -7.85 -89.97 51.80
C VAL MB 9 -7.25 -88.87 50.93
N VAL MB 10 -7.13 -89.15 49.63
CA VAL MB 10 -6.56 -88.21 48.68
C VAL MB 10 -7.53 -88.04 47.53
N LEU MB 11 -7.39 -86.91 46.85
CA LEU MB 11 -8.12 -86.63 45.62
C LEU MB 11 -7.18 -86.82 44.45
N VAL MB 12 -7.59 -87.64 43.49
CA VAL MB 12 -6.75 -87.90 42.33
C VAL MB 12 -6.72 -86.66 41.46
N LEU MB 13 -5.52 -86.23 41.06
CA LEU MB 13 -5.38 -84.99 40.32
C LEU MB 13 -5.03 -85.20 38.85
N ALA MB 14 -4.90 -86.44 38.39
CA ALA MB 14 -4.50 -86.66 37.01
C ALA MB 14 -4.95 -88.04 36.56
N GLY MB 15 -5.06 -88.18 35.24
CA GLY MB 15 -5.37 -89.47 34.66
C GLY MB 15 -6.85 -89.68 34.45
N ARG MB 16 -7.20 -90.93 34.14
CA ARG MB 16 -8.58 -91.28 33.85
C ARG MB 16 -9.49 -91.04 35.04
N TYR MB 17 -8.95 -91.11 36.26
CA TYR MB 17 -9.74 -90.94 37.48
C TYR MB 17 -9.50 -89.60 38.13
N SER MB 18 -9.33 -88.54 37.35
CA SER MB 18 -9.18 -87.21 37.91
C SER MB 18 -10.43 -86.81 38.67
N GLY MB 19 -10.25 -86.30 39.89
CA GLY MB 19 -11.37 -85.87 40.68
C GLY MB 19 -12.12 -86.97 41.39
N ARG MB 20 -11.51 -88.14 41.55
CA ARG MB 20 -12.13 -89.24 42.26
C ARG MB 20 -11.50 -89.37 43.64
N LYS MB 21 -12.34 -89.43 44.67
CA LYS MB 21 -11.85 -89.63 46.01
C LYS MB 21 -11.29 -91.04 46.16
N ALA MB 22 -10.23 -91.16 46.96
CA ALA MB 22 -9.49 -92.42 47.03
C ALA MB 22 -8.80 -92.51 48.38
N VAL MB 23 -8.46 -93.73 48.76
CA VAL MB 23 -7.79 -94.02 50.02
C VAL MB 23 -6.44 -94.65 49.74
N ILE MB 24 -5.40 -94.13 50.39
CA ILE MB 24 -4.07 -94.72 50.28
C ILE MB 24 -4.05 -96.07 50.98
N VAL MB 25 -3.59 -97.09 50.27
CA VAL MB 25 -3.43 -98.41 50.87
C VAL MB 25 -2.01 -98.62 51.36
N LYS MB 26 -1.04 -98.25 50.52
CA LYS MB 26 0.36 -98.34 50.87
C LYS MB 26 1.06 -97.12 50.29
N ASN MB 27 2.09 -96.65 50.98
CA ASN MB 27 2.87 -95.51 50.52
C ASN MB 27 4.34 -95.88 50.49
N ILE MB 28 5.10 -95.21 49.64
CA ILE MB 28 6.49 -95.55 49.43
C ILE MB 28 7.39 -94.37 49.77
N ASP MB 29 7.16 -93.23 49.11
CA ASP MB 29 7.87 -91.97 49.30
C ASP MB 29 9.40 -92.13 49.30
N ASP MB 30 9.91 -93.17 48.65
CA ASP MB 30 11.33 -93.39 48.50
C ASP MB 30 11.74 -93.76 47.09
N GLY MB 31 10.84 -94.28 46.28
CA GLY MB 31 11.28 -94.88 45.04
C GLY MB 31 11.60 -96.35 45.21
N THR MB 32 11.43 -97.10 44.12
CA THR MB 32 11.64 -98.54 44.13
C THR MB 32 12.39 -98.98 42.89
N SER MB 33 13.30 -98.13 42.40
CA SER MB 33 14.26 -98.38 41.33
C SER MB 33 13.61 -98.57 39.97
N ASP MB 34 12.28 -98.56 39.94
CA ASP MB 34 11.51 -98.53 38.71
C ASP MB 34 10.38 -97.51 38.76
N ARG MB 35 10.09 -96.97 39.94
CA ARG MB 35 9.33 -95.74 40.11
C ARG MB 35 10.17 -94.86 41.02
N PRO MB 36 11.19 -94.19 40.48
CA PRO MB 36 12.06 -93.39 41.34
C PRO MB 36 11.36 -92.22 42.00
N TYR MB 37 10.22 -91.81 41.49
CA TYR MB 37 9.41 -90.80 42.14
C TYR MB 37 8.73 -91.39 43.38
N SER MB 38 8.34 -90.50 44.29
CA SER MB 38 7.58 -90.92 45.46
C SER MB 38 6.18 -91.31 45.04
N HIS MB 39 5.79 -92.56 45.29
CA HIS MB 39 4.50 -93.05 44.83
C HIS MB 39 3.80 -93.78 45.97
N ALA MB 40 2.53 -94.10 45.74
CA ALA MB 40 1.72 -94.78 46.73
C ALA MB 40 0.63 -95.60 46.06
N LEU MB 41 0.51 -96.86 46.45
CA LEU MB 41 -0.60 -97.68 46.00
C LEU MB 41 -1.90 -97.17 46.61
N VAL MB 42 -2.93 -97.04 45.78
CA VAL MB 42 -4.15 -96.34 46.15
C VAL MB 42 -5.35 -97.11 45.61
N ALA MB 43 -6.38 -97.24 46.45
CA ALA MB 43 -7.66 -97.80 46.04
C ALA MB 43 -8.70 -96.70 46.07
N GLY MB 44 -9.36 -96.46 44.94
CA GLY MB 44 -10.36 -95.41 44.87
C GLY MB 44 -11.70 -95.89 44.37
N ILE MB 45 -12.62 -94.96 44.10
CA ILE MB 45 -13.94 -95.30 43.59
C ILE MB 45 -14.14 -94.58 42.26
N ASP MB 46 -14.33 -95.35 41.19
CA ASP MB 46 -14.61 -94.78 39.89
C ASP MB 46 -16.04 -94.28 39.79
N ARG MB 47 -16.98 -95.00 40.38
CA ARG MB 47 -18.39 -94.63 40.35
C ARG MB 47 -18.87 -94.45 41.77
N TYR MB 48 -19.34 -93.26 42.08
CA TYR MB 48 -19.93 -93.03 43.38
C TYR MB 48 -21.34 -93.61 43.41
N PRO MB 49 -21.78 -94.11 44.57
CA PRO MB 49 -23.15 -94.61 44.68
C PRO MB 49 -24.14 -93.48 44.47
N ARG MB 50 -25.29 -93.83 43.90
CA ARG MB 50 -26.27 -92.80 43.57
C ARG MB 50 -27.06 -92.39 44.81
N LYS MB 51 -27.69 -91.23 44.70
CA LYS MB 51 -28.48 -90.67 45.78
C LYS MB 51 -29.71 -91.53 46.04
N VAL MB 52 -29.94 -91.87 47.30
CA VAL MB 52 -31.08 -92.70 47.70
C VAL MB 52 -31.96 -91.90 48.64
N THR MB 53 -33.27 -92.01 48.44
CA THR MB 53 -34.25 -91.28 49.23
C THR MB 53 -35.27 -92.26 49.79
N ALA MB 54 -36.09 -91.76 50.71
CA ALA MB 54 -37.08 -92.61 51.37
C ALA MB 54 -38.15 -93.10 50.41
N ALA MB 55 -38.49 -92.31 49.41
CA ALA MB 55 -39.54 -92.68 48.45
C ALA MB 55 -38.93 -93.40 47.25
N MET MB 56 -38.19 -94.46 47.52
CA MET MB 56 -37.44 -95.10 46.45
C MET MB 56 -37.71 -96.60 46.32
N GLY MB 57 -37.87 -97.30 47.43
CA GLY MB 57 -38.10 -98.74 47.38
C GLY MB 57 -36.83 -99.52 47.58
N LYS MB 58 -36.96 -100.71 48.17
CA LYS MB 58 -35.80 -101.50 48.55
C LYS MB 58 -35.01 -101.96 47.32
N LYS MB 59 -35.71 -102.35 46.26
CA LYS MB 59 -35.02 -102.82 45.06
C LYS MB 59 -34.22 -101.70 44.42
N LYS MB 60 -34.79 -100.49 44.36
CA LYS MB 60 -34.10 -99.38 43.72
C LYS MB 60 -32.97 -98.85 44.59
N ILE MB 61 -33.11 -98.94 45.91
CA ILE MB 61 -32.05 -98.50 46.80
C ILE MB 61 -30.83 -99.41 46.69
N ALA MB 62 -31.06 -100.72 46.67
CA ALA MB 62 -29.95 -101.65 46.56
C ALA MB 62 -29.30 -101.58 45.19
N LYS MB 63 -30.08 -101.25 44.16
CA LYS MB 63 -29.51 -101.12 42.81
C LYS MB 63 -28.63 -99.88 42.70
N ARG MB 64 -29.00 -98.80 43.38
CA ARG MB 64 -28.25 -97.55 43.29
C ARG MB 64 -27.05 -97.51 44.22
N SER MB 65 -26.98 -98.41 45.20
CA SER MB 65 -25.89 -98.38 46.16
C SER MB 65 -24.64 -99.10 45.66
N LYS MB 66 -24.68 -99.65 44.46
CA LYS MB 66 -23.51 -100.34 43.94
C LYS MB 66 -22.38 -99.35 43.67
N ILE MB 67 -21.16 -99.79 43.95
CA ILE MB 67 -19.98 -98.94 43.89
C ILE MB 67 -18.96 -99.60 42.98
N LYS MB 68 -18.44 -98.84 42.02
CA LYS MB 68 -17.36 -99.29 41.14
C LYS MB 68 -16.07 -98.65 41.60
N SER MB 69 -15.00 -99.45 41.68
CA SER MB 69 -13.75 -99.04 42.28
C SER MB 69 -12.60 -99.19 41.29
N PHE MB 70 -11.40 -98.84 41.76
CA PHE MB 70 -10.19 -99.00 40.97
C PHE MB 70 -8.99 -99.05 41.91
N VAL MB 71 -7.91 -99.66 41.43
CA VAL MB 71 -6.65 -99.66 42.15
C VAL MB 71 -5.55 -99.18 41.21
N LYS MB 72 -4.78 -98.19 41.67
CA LYS MB 72 -3.72 -97.61 40.88
C LYS MB 72 -2.51 -97.38 41.78
N VAL MB 73 -1.38 -97.09 41.15
CA VAL MB 73 -0.21 -96.57 41.84
C VAL MB 73 0.03 -95.17 41.29
N TYR MB 74 0.08 -94.19 42.19
CA TYR MB 74 0.09 -92.78 41.85
C TYR MB 74 1.34 -92.09 42.35
N ASN MB 75 1.93 -91.27 41.48
CA ASN MB 75 2.92 -90.30 41.93
C ASN MB 75 2.28 -89.34 42.91
N TYR MB 76 3.06 -88.93 43.93
CA TYR MB 76 2.54 -87.99 44.90
C TYR MB 76 2.14 -86.67 44.26
N ASN MB 77 2.85 -86.26 43.21
CA ASN MB 77 2.53 -85.01 42.54
C ASN MB 77 1.20 -85.06 41.80
N HIS MB 78 0.60 -86.24 41.66
CA HIS MB 78 -0.71 -86.39 41.04
C HIS MB 78 -1.78 -86.76 42.07
N LEU MB 79 -1.56 -86.40 43.33
CA LEU MB 79 -2.53 -86.61 44.39
C LEU MB 79 -2.62 -85.34 45.24
N MET MB 80 -3.81 -85.10 45.78
CA MET MB 80 -4.03 -83.98 46.69
C MET MB 80 -4.44 -84.55 48.04
N PRO MB 81 -3.53 -84.59 49.01
CA PRO MB 81 -3.89 -85.14 50.32
C PRO MB 81 -4.94 -84.29 51.00
N THR MB 82 -5.87 -84.94 51.67
CA THR MB 82 -6.87 -84.27 52.47
C THR MB 82 -6.64 -84.61 53.93
N ARG MB 83 -7.40 -83.96 54.80
CA ARG MB 83 -7.31 -84.24 56.22
C ARG MB 83 -8.07 -85.48 56.64
N TYR MB 84 -8.99 -85.95 55.80
CA TYR MB 84 -9.84 -87.06 56.18
C TYR MB 84 -9.14 -88.38 56.00
N SER MB 85 -9.49 -89.35 56.85
CA SER MB 85 -8.97 -90.70 56.75
C SER MB 85 -10.10 -91.68 56.97
N VAL MB 86 -10.10 -92.77 56.22
CA VAL MB 86 -11.08 -93.84 56.36
C VAL MB 86 -10.34 -95.08 56.84
N ASP MB 87 -10.84 -95.68 57.91
CA ASP MB 87 -10.21 -96.88 58.46
C ASP MB 87 -10.80 -98.14 57.84
N ILE MB 88 -10.84 -98.17 56.52
CA ILE MB 88 -11.33 -99.33 55.79
C ILE MB 88 -10.20 -100.36 55.75
N PRO MB 89 -10.40 -101.54 56.31
CA PRO MB 89 -9.33 -102.54 56.36
C PRO MB 89 -9.25 -103.40 55.11
N LEU MB 90 -8.71 -102.81 54.05
CA LEU MB 90 -8.46 -103.54 52.82
C LEU MB 90 -7.35 -104.57 53.05
N ASP MB 91 -7.42 -105.67 52.30
CA ASP MB 91 -6.46 -106.74 52.46
C ASP MB 91 -5.12 -106.33 51.87
N LYS MB 92 -4.07 -106.34 52.70
CA LYS MB 92 -2.74 -106.07 52.20
C LYS MB 92 -2.28 -107.14 51.22
N THR MB 93 -2.62 -108.39 51.49
CA THR MB 93 -2.18 -109.49 50.65
C THR MB 93 -2.91 -109.56 49.32
N VAL MB 94 -4.03 -108.86 49.17
CA VAL MB 94 -4.78 -108.85 47.92
C VAL MB 94 -4.53 -107.57 47.15
N VAL MB 95 -4.72 -106.42 47.78
CA VAL MB 95 -4.41 -105.13 47.14
C VAL MB 95 -2.96 -104.82 47.48
N ASN MB 96 -2.06 -105.38 46.68
CA ASN MB 96 -0.63 -105.17 46.82
C ASN MB 96 -0.08 -104.55 45.54
N LYS MB 97 1.19 -104.17 45.58
CA LYS MB 97 1.78 -103.42 44.47
C LYS MB 97 1.94 -104.29 43.24
N ASP MB 98 2.24 -105.57 43.41
CA ASP MB 98 2.46 -106.45 42.27
C ASP MB 98 1.18 -107.06 41.73
N VAL MB 99 0.03 -106.43 41.98
CA VAL MB 99 -1.22 -106.95 41.47
C VAL MB 99 -1.43 -106.59 40.00
N PHE MB 100 -0.70 -105.60 39.50
CA PHE MB 100 -0.94 -105.11 38.15
C PHE MB 100 -0.38 -105.99 37.06
N ARG MB 101 0.43 -107.00 37.40
CA ARG MB 101 0.98 -107.87 36.37
C ARG MB 101 -0.08 -108.79 35.79
N ASP MB 102 -0.90 -109.40 36.65
CA ASP MB 102 -1.95 -110.28 36.21
C ASP MB 102 -3.27 -109.52 36.16
N PRO MB 103 -3.94 -109.45 35.01
CA PRO MB 103 -5.28 -108.85 34.98
C PRO MB 103 -6.26 -109.52 35.92
N ALA MB 104 -6.21 -110.84 36.02
CA ALA MB 104 -7.14 -111.56 36.90
C ALA MB 104 -6.90 -111.20 38.36
N LEU MB 105 -5.62 -111.03 38.74
CA LEU MB 105 -5.33 -110.59 40.09
C LEU MB 105 -5.89 -109.20 40.35
N LYS MB 106 -5.75 -108.30 39.38
CA LYS MB 106 -6.28 -106.95 39.55
C LYS MB 106 -7.80 -106.97 39.66
N ARG MB 107 -8.45 -107.89 38.95
CA ARG MB 107 -9.90 -108.04 39.08
C ARG MB 107 -10.27 -108.50 40.47
N LYS MB 108 -9.48 -109.41 41.04
CA LYS MB 108 -9.70 -109.84 42.42
C LYS MB 108 -9.51 -108.68 43.39
N ALA MB 109 -8.49 -107.86 43.17
CA ALA MB 109 -8.23 -106.74 44.06
C ALA MB 109 -9.32 -105.69 43.97
N ARG MB 110 -9.76 -105.37 42.76
CA ARG MB 110 -10.83 -104.40 42.60
C ARG MB 110 -12.14 -104.94 43.16
N ARG MB 111 -12.37 -106.25 43.02
CA ARG MB 111 -13.55 -106.85 43.62
C ARG MB 111 -13.51 -106.75 45.14
N GLU MB 112 -12.35 -106.99 45.73
CA GLU MB 112 -12.22 -106.92 47.17
C GLU MB 112 -12.36 -105.49 47.66
N ALA MB 113 -11.86 -104.53 46.90
CA ALA MB 113 -12.05 -103.12 47.25
C ALA MB 113 -13.51 -102.74 47.17
N LYS MB 114 -14.24 -103.30 46.20
CA LYS MB 114 -15.63 -102.93 46.00
C LYS MB 114 -16.50 -103.37 47.15
N VAL MB 115 -16.28 -104.57 47.68
CA VAL MB 115 -17.13 -105.08 48.75
C VAL MB 115 -16.90 -104.31 50.04
N LYS MB 116 -15.66 -103.88 50.28
CA LYS MB 116 -15.37 -103.11 51.49
C LYS MB 116 -15.95 -101.70 51.39
N PHE MB 117 -15.91 -101.11 50.20
CA PHE MB 117 -16.47 -99.78 50.02
C PHE MB 117 -17.98 -99.79 50.19
N GLU MB 118 -18.65 -100.86 49.76
CA GLU MB 118 -20.10 -100.89 49.84
C GLU MB 118 -20.58 -101.14 51.26
N GLU MB 119 -19.93 -102.05 51.98
CA GLU MB 119 -20.37 -102.31 53.35
C GLU MB 119 -20.03 -101.16 54.29
N ARG MB 120 -19.10 -100.30 53.89
CA ARG MB 120 -18.87 -99.05 54.62
C ARG MB 120 -19.79 -97.94 54.14
N TYR MB 121 -20.27 -98.04 52.90
CA TYR MB 121 -21.24 -97.06 52.42
C TYR MB 121 -22.55 -97.16 53.17
N LYS MB 122 -22.94 -98.36 53.58
CA LYS MB 122 -24.04 -98.50 54.50
C LYS MB 122 -23.67 -97.88 55.85
N THR MB 123 -24.68 -97.79 56.73
CA THR MB 123 -24.58 -97.21 58.06
C THR MB 123 -24.17 -95.74 58.05
N GLY MB 124 -24.06 -95.12 56.88
CA GLY MB 124 -23.89 -93.68 56.80
C GLY MB 124 -22.64 -93.12 57.45
N LYS MB 125 -21.50 -93.74 57.22
CA LYS MB 125 -20.23 -93.20 57.70
C LYS MB 125 -19.33 -92.87 56.53
N ASN MB 126 -18.41 -91.93 56.76
CA ASN MB 126 -17.54 -91.39 55.71
C ASN MB 126 -18.38 -90.84 54.56
N LYS MB 127 -19.37 -90.01 54.91
CA LYS MB 127 -20.28 -89.47 53.90
C LYS MB 127 -19.54 -88.59 52.90
N TRP MB 128 -18.54 -87.84 53.37
CA TRP MB 128 -17.74 -87.03 52.46
C TRP MB 128 -16.98 -87.92 51.47
N PHE MB 129 -16.44 -89.03 51.96
CA PHE MB 129 -15.62 -89.89 51.10
C PHE MB 129 -16.45 -90.51 49.98
N PHE MB 130 -17.73 -90.75 50.21
CA PHE MB 130 -18.59 -91.37 49.21
C PHE MB 130 -19.40 -90.38 48.42
N GLN MB 131 -19.21 -89.09 48.64
CA GLN MB 131 -19.85 -88.08 47.83
C GLN MB 131 -18.96 -87.70 46.66
N LYS MB 132 -19.57 -87.58 45.48
CA LYS MB 132 -18.83 -87.09 44.33
C LYS MB 132 -18.42 -85.65 44.56
N LEU MB 133 -17.16 -85.34 44.25
CA LEU MB 133 -16.69 -83.97 44.31
C LEU MB 133 -17.24 -83.20 43.13
N ARG MB 134 -17.90 -82.08 43.40
CA ARG MB 134 -18.50 -81.27 42.36
C ARG MB 134 -17.47 -80.24 41.91
N PHE MB 135 -17.06 -80.32 40.64
CA PHE MB 135 -16.07 -79.40 40.11
C PHE MB 135 -16.24 -79.24 38.61
N PRO NB 1 -70.62 -19.52 -47.57
CA PRO NB 1 -69.87 -19.60 -48.83
C PRO NB 1 -68.50 -18.98 -48.71
N SER NB 2 -67.48 -19.84 -48.65
CA SER NB 2 -66.11 -19.34 -48.54
C SER NB 2 -65.60 -18.75 -49.84
N ARG NB 3 -66.24 -19.08 -50.97
CA ARG NB 3 -65.79 -18.58 -52.26
C ARG NB 3 -66.04 -17.09 -52.44
N LEU NB 4 -66.88 -16.48 -51.62
CA LEU NB 4 -67.25 -15.08 -51.76
C LEU NB 4 -66.43 -14.17 -50.87
N ARG NB 5 -65.39 -14.69 -50.22
CA ARG NB 5 -64.69 -13.95 -49.20
C ARG NB 5 -63.37 -13.39 -49.71
N LYS NB 6 -62.83 -12.45 -48.95
CA LYS NB 6 -61.59 -11.78 -49.30
C LYS NB 6 -60.42 -12.73 -49.38
N THR NB 7 -60.46 -13.83 -48.63
CA THR NB 7 -59.34 -14.76 -48.61
C THR NB 7 -59.10 -15.37 -49.98
N ARG NB 8 -60.15 -15.56 -50.77
CA ARG NB 8 -59.96 -16.13 -52.09
C ARG NB 8 -59.35 -15.14 -53.06
N LYS NB 9 -59.41 -13.85 -52.75
CA LYS NB 9 -58.79 -12.84 -53.61
C LYS NB 9 -57.40 -12.45 -53.16
N LEU NB 10 -57.05 -12.73 -51.90
CA LEU NB 10 -55.76 -12.32 -51.36
C LEU NB 10 -54.67 -13.36 -51.60
N ARG NB 11 -54.96 -14.42 -52.34
CA ARG NB 11 -53.92 -15.35 -52.74
C ARG NB 11 -52.94 -14.65 -53.66
N GLY NB 12 -51.65 -14.87 -53.42
CA GLY NB 12 -50.63 -14.22 -54.20
C GLY NB 12 -50.18 -12.87 -53.68
N HIS NB 13 -50.90 -12.31 -52.74
CA HIS NB 13 -50.49 -11.09 -52.05
C HIS NB 13 -49.88 -11.51 -50.72
N VAL NB 14 -48.59 -11.22 -50.54
CA VAL NB 14 -47.82 -11.90 -49.50
C VAL NB 14 -48.33 -11.56 -48.11
N SER NB 15 -48.81 -10.34 -47.90
CA SER NB 15 -49.19 -9.90 -46.57
C SER NB 15 -50.59 -10.32 -46.17
N HIS NB 16 -51.37 -10.85 -47.11
CA HIS NB 16 -52.75 -11.24 -46.87
C HIS NB 16 -53.56 -10.09 -46.28
N GLY NB 17 -53.38 -8.89 -46.84
CA GLY NB 17 -54.20 -7.76 -46.46
C GLY NB 17 -53.96 -7.24 -45.06
N HIS NB 18 -52.77 -7.45 -44.52
CA HIS NB 18 -52.47 -7.05 -43.16
C HIS NB 18 -51.22 -6.20 -43.03
N GLY NB 19 -50.58 -5.85 -44.13
CA GLY NB 19 -49.48 -4.92 -44.06
C GLY NB 19 -48.13 -5.60 -44.01
N ARG NB 20 -47.13 -4.93 -44.57
CA ARG NB 20 -45.77 -5.41 -44.50
C ARG NB 20 -45.01 -4.85 -43.32
N ILE NB 21 -45.34 -3.63 -42.90
CA ILE NB 21 -44.60 -2.98 -41.83
C ILE NB 21 -45.04 -3.50 -40.47
N GLY NB 22 -46.31 -3.32 -40.14
CA GLY NB 22 -46.84 -3.68 -38.85
C GLY NB 22 -47.35 -5.09 -38.73
N LYS NB 23 -47.51 -5.78 -39.85
CA LYS NB 23 -47.76 -7.21 -39.89
C LYS NB 23 -49.06 -7.58 -39.20
N HIS NB 24 -49.30 -8.87 -39.00
CA HIS NB 24 -50.45 -9.34 -38.24
C HIS NB 24 -49.92 -10.15 -37.07
N ARG NB 25 -49.72 -9.49 -35.95
CA ARG NB 25 -49.16 -10.14 -34.77
C ARG NB 25 -50.28 -10.69 -33.90
N LYS NB 26 -49.89 -11.41 -32.85
CA LYS NB 26 -50.84 -12.15 -32.04
C LYS NB 26 -51.84 -11.26 -31.33
N HIS NB 27 -51.38 -10.43 -30.40
CA HIS NB 27 -52.26 -9.58 -29.60
C HIS NB 27 -51.54 -8.30 -29.26
N PRO NB 28 -51.44 -7.37 -30.20
CA PRO NB 28 -50.87 -6.05 -29.88
C PRO NB 28 -51.94 -5.18 -29.25
N GLY NB 29 -51.79 -4.91 -27.95
CA GLY NB 29 -52.76 -4.13 -27.22
C GLY NB 29 -53.47 -4.89 -26.12
N GLY NB 30 -53.13 -6.17 -25.90
CA GLY NB 30 -53.79 -6.96 -24.89
C GLY NB 30 -55.01 -7.67 -25.43
N ARG NB 31 -55.52 -8.59 -24.62
CA ARG NB 31 -56.67 -9.38 -24.98
C ARG NB 31 -57.93 -8.77 -24.38
N GLY NB 32 -59.02 -8.82 -25.14
CA GLY NB 32 -60.29 -8.36 -24.62
C GLY NB 32 -60.29 -6.87 -24.40
N ASN NB 33 -60.88 -6.45 -23.28
CA ASN NB 33 -60.94 -5.04 -22.92
C ASN NB 33 -59.73 -4.64 -22.08
N ALA NB 34 -58.55 -5.01 -22.57
CA ALA NB 34 -57.32 -4.77 -21.83
C ALA NB 34 -56.94 -3.29 -21.89
N GLY NB 35 -56.53 -2.75 -20.74
CA GLY NB 35 -56.05 -1.40 -20.70
C GLY NB 35 -57.09 -0.35 -20.99
N GLY NB 36 -58.33 -0.57 -20.56
CA GLY NB 36 -59.37 0.42 -20.76
C GLY NB 36 -59.14 1.71 -20.03
N LEU NB 37 -58.24 1.70 -19.04
CA LEU NB 37 -57.90 2.91 -18.31
C LEU NB 37 -56.53 3.46 -18.65
N HIS NB 38 -55.69 2.71 -19.37
CA HIS NB 38 -54.34 3.16 -19.62
C HIS NB 38 -54.06 3.46 -21.08
N HIS NB 39 -54.14 2.48 -21.98
CA HIS NB 39 -53.76 2.71 -23.36
C HIS NB 39 -54.92 2.59 -24.32
N HIS NB 40 -56.10 2.24 -23.84
CA HIS NB 40 -57.33 2.39 -24.60
C HIS NB 40 -58.29 3.36 -23.91
N ARG NB 41 -57.74 4.28 -23.10
CA ARG NB 41 -58.60 5.19 -22.35
C ARG NB 41 -59.37 6.11 -23.29
N ILE NB 42 -58.75 6.54 -24.37
CA ILE NB 42 -59.40 7.47 -25.28
C ILE NB 42 -60.64 6.84 -25.90
N ASN NB 43 -60.53 5.58 -26.31
CA ASN NB 43 -61.68 4.92 -26.94
C ASN NB 43 -62.81 4.72 -25.94
N PHE NB 44 -62.47 4.31 -24.72
CA PHE NB 44 -63.52 4.10 -23.72
C PHE NB 44 -64.17 5.41 -23.31
N ASP NB 45 -63.37 6.46 -23.14
CA ASP NB 45 -63.94 7.77 -22.80
C ASP NB 45 -64.77 8.31 -23.95
N LYS NB 46 -64.34 8.09 -25.18
CA LYS NB 46 -65.02 8.68 -26.32
C LYS NB 46 -66.33 7.98 -26.63
N TYR NB 47 -66.37 6.65 -26.58
CA TYR NB 47 -67.54 5.93 -27.05
C TYR NB 47 -68.36 5.28 -25.95
N HIS NB 48 -67.79 5.02 -24.78
CA HIS NB 48 -68.51 4.41 -23.66
C HIS NB 48 -68.28 5.23 -22.40
N PRO NB 49 -68.84 6.42 -22.32
CA PRO NB 49 -68.76 7.17 -21.05
C PRO NB 49 -69.59 6.49 -19.99
N GLY NB 50 -69.15 6.65 -18.74
CA GLY NB 50 -69.81 6.00 -17.63
C GLY NB 50 -69.44 4.56 -17.40
N TYR NB 51 -68.45 4.05 -18.13
CA TYR NB 51 -68.15 2.63 -18.06
C TYR NB 51 -67.54 2.23 -16.73
N PHE NB 52 -66.78 3.11 -16.09
CA PHE NB 52 -66.04 2.76 -14.89
C PHE NB 52 -66.70 3.39 -13.68
N GLY NB 53 -66.92 2.59 -12.63
CA GLY NB 53 -67.44 3.07 -11.38
C GLY NB 53 -68.79 2.47 -11.04
N LYS NB 54 -69.23 2.78 -9.82
CA LYS NB 54 -70.53 2.35 -9.33
C LYS NB 54 -71.45 3.54 -9.19
N VAL NB 55 -72.73 3.33 -9.49
CA VAL NB 55 -73.78 4.32 -9.27
C VAL NB 55 -74.99 3.61 -8.71
N GLY NB 56 -75.52 4.11 -7.59
CA GLY NB 56 -76.81 3.64 -7.10
C GLY NB 56 -76.69 2.62 -5.99
N MET NB 57 -77.86 2.17 -5.55
CA MET NB 57 -77.97 1.18 -4.50
C MET NB 57 -78.06 -0.21 -5.10
N LYS NB 58 -77.25 -1.13 -4.58
CA LYS NB 58 -77.34 -2.52 -5.01
C LYS NB 58 -78.42 -3.23 -4.23
N HIS NB 59 -79.17 -4.08 -4.91
CA HIS NB 59 -80.28 -4.80 -4.31
C HIS NB 59 -80.12 -6.28 -4.61
N TYR NB 60 -80.04 -7.08 -3.56
CA TYR NB 60 -79.88 -8.52 -3.71
C TYR NB 60 -81.22 -9.19 -3.94
N HIS NB 61 -81.19 -10.30 -4.67
CA HIS NB 61 -82.38 -11.09 -4.97
C HIS NB 61 -83.46 -10.24 -5.61
N LEU NB 62 -83.15 -9.72 -6.78
CA LEU NB 62 -84.13 -8.97 -7.55
C LEU NB 62 -84.99 -9.95 -8.32
N LYS NB 63 -86.28 -9.96 -8.03
CA LYS NB 63 -87.24 -10.76 -8.77
C LYS NB 63 -87.92 -9.87 -9.79
N ARG NB 64 -87.73 -10.18 -11.07
CA ARG NB 64 -88.31 -9.38 -12.13
C ARG NB 64 -89.83 -9.50 -12.21
N ASN NB 65 -90.42 -10.48 -11.52
CA ASN NB 65 -91.86 -10.65 -11.55
C ASN NB 65 -92.56 -9.65 -10.66
N GLN NB 66 -91.93 -9.20 -9.57
CA GLN NB 66 -92.57 -8.28 -8.65
C GLN NB 66 -92.86 -6.94 -9.32
N SER NB 67 -91.93 -6.46 -10.13
CA SER NB 67 -92.06 -5.18 -10.81
C SER NB 67 -92.65 -5.31 -12.20
N PHE NB 68 -93.24 -6.44 -12.52
CA PHE NB 68 -93.87 -6.63 -13.83
C PHE NB 68 -95.09 -5.73 -13.93
N CYS NB 69 -95.04 -4.78 -14.86
CA CYS NB 69 -96.15 -3.85 -15.06
C CYS NB 69 -96.09 -3.24 -16.45
N PRO NB 70 -96.51 -3.96 -17.48
CA PRO NB 70 -96.50 -3.40 -18.83
C PRO NB 70 -97.57 -2.34 -19.00
N THR NB 71 -97.32 -1.42 -19.92
CA THR NB 71 -98.17 -0.26 -20.12
C THR NB 71 -98.68 -0.20 -21.55
N VAL NB 72 -99.84 0.43 -21.73
CA VAL NB 72 -100.42 0.65 -23.04
C VAL NB 72 -100.97 2.08 -23.08
N ASN NB 73 -100.67 2.78 -24.16
CA ASN NB 73 -101.09 4.18 -24.30
C ASN NB 73 -102.54 4.27 -24.74
N LEU NB 74 -103.09 5.48 -24.61
CA LEU NB 74 -104.49 5.69 -24.97
C LEU NB 74 -104.73 5.50 -26.46
N ASP NB 75 -103.71 5.71 -27.28
CA ASP NB 75 -103.90 5.59 -28.72
C ASP NB 75 -104.05 4.13 -29.16
N LYS NB 76 -103.44 3.20 -28.45
CA LYS NB 76 -103.60 1.78 -28.73
C LYS NB 76 -104.69 1.15 -27.88
N LEU NB 77 -105.46 1.95 -27.15
CA LEU NB 77 -106.44 1.40 -26.23
C LEU NB 77 -107.58 0.72 -26.96
N TRP NB 78 -108.11 1.36 -27.99
CA TRP NB 78 -109.30 0.85 -28.67
C TRP NB 78 -109.03 -0.38 -29.51
N THR NB 79 -107.77 -0.73 -29.71
CA THR NB 79 -107.44 -1.96 -30.42
C THR NB 79 -107.43 -3.18 -29.51
N LEU NB 80 -107.63 -3.00 -28.20
CA LEU NB 80 -107.70 -4.11 -27.28
C LEU NB 80 -109.04 -4.83 -27.35
N VAL NB 81 -110.03 -4.20 -27.95
CA VAL NB 81 -111.34 -4.81 -28.13
C VAL NB 81 -111.57 -5.02 -29.62
N SER NB 82 -112.70 -5.61 -29.98
CA SER NB 82 -112.98 -5.88 -31.36
C SER NB 82 -113.32 -4.59 -32.10
N GLU NB 83 -113.25 -4.68 -33.44
CA GLU NB 83 -113.70 -3.56 -34.27
C GLU NB 83 -115.20 -3.35 -34.13
N GLN NB 84 -115.96 -4.44 -33.97
CA GLN NB 84 -117.39 -4.33 -33.76
C GLN NB 84 -117.73 -3.56 -32.49
N THR NB 85 -116.89 -3.65 -31.47
CA THR NB 85 -117.18 -3.01 -30.20
C THR NB 85 -117.23 -1.50 -30.33
N ARG NB 86 -116.25 -0.91 -31.02
CA ARG NB 86 -116.20 0.54 -31.07
C ARG NB 86 -117.36 1.12 -31.86
N VAL NB 87 -117.64 0.57 -33.06
CA VAL NB 87 -118.69 1.13 -33.89
C VAL NB 87 -120.05 0.95 -33.25
N ASN NB 88 -120.25 -0.15 -32.53
CA ASN NB 88 -121.53 -0.36 -31.85
C ASN NB 88 -121.75 0.68 -30.76
N ALA NB 89 -120.68 1.12 -30.12
CA ALA NB 89 -120.81 2.18 -29.12
C ALA NB 89 -121.06 3.52 -29.76
N ALA NB 90 -120.42 3.79 -30.91
CA ALA NB 90 -120.54 5.10 -31.54
C ALA NB 90 -121.94 5.32 -32.10
N LYS NB 91 -122.55 4.28 -32.67
CA LYS NB 91 -123.90 4.40 -33.20
C LYS NB 91 -124.96 4.08 -32.17
N ASN NB 92 -124.57 3.75 -30.94
CA ASN NB 92 -125.54 3.44 -29.90
C ASN NB 92 -126.28 4.71 -29.50
N LYS NB 93 -127.59 4.72 -29.72
CA LYS NB 93 -128.41 5.86 -29.30
C LYS NB 93 -128.38 5.99 -27.78
N THR NB 94 -128.49 4.88 -27.07
CA THR NB 94 -128.25 4.89 -25.64
C THR NB 94 -126.78 5.21 -25.37
N GLY NB 95 -126.54 5.98 -24.32
CA GLY NB 95 -125.19 6.34 -23.95
C GLY NB 95 -124.50 5.26 -23.15
N ALA NB 96 -124.64 4.01 -23.59
CA ALA NB 96 -124.03 2.87 -22.90
C ALA NB 96 -122.62 2.68 -23.43
N ALA NB 97 -121.67 2.85 -22.58
CA ALA NB 97 -120.28 2.76 -22.98
C ALA NB 97 -119.74 1.35 -22.77
N PRO NB 98 -118.84 0.88 -23.62
CA PRO NB 98 -118.26 -0.44 -23.44
C PRO NB 98 -117.17 -0.42 -22.37
N ILE NB 99 -116.79 -1.61 -21.94
CA ILE NB 99 -115.78 -1.81 -20.90
C ILE NB 99 -114.53 -2.38 -21.56
N ILE NB 100 -113.40 -1.74 -21.32
CA ILE NB 100 -112.11 -2.20 -21.80
C ILE NB 100 -111.30 -2.65 -20.60
N ASP NB 101 -111.04 -3.95 -20.51
CA ASP NB 101 -110.33 -4.54 -19.38
C ASP NB 101 -108.91 -4.81 -19.85
N VAL NB 102 -108.01 -3.85 -19.61
CA VAL NB 102 -106.66 -3.98 -20.15
C VAL NB 102 -105.87 -5.04 -19.42
N VAL NB 103 -106.32 -5.48 -18.24
CA VAL NB 103 -105.66 -6.59 -17.57
C VAL NB 103 -105.86 -7.86 -18.37
N ARG NB 104 -107.03 -8.01 -18.99
CA ARG NB 104 -107.30 -9.16 -19.84
C ARG NB 104 -106.36 -9.17 -21.04
N SER NB 105 -106.04 -8.01 -21.58
CA SER NB 105 -105.14 -7.93 -22.72
C SER NB 105 -103.67 -7.97 -22.32
N GLY NB 106 -103.38 -8.08 -21.04
CA GLY NB 106 -102.01 -8.27 -20.59
C GLY NB 106 -101.31 -7.05 -20.08
N TYR NB 107 -101.98 -5.91 -19.97
CA TYR NB 107 -101.38 -4.68 -19.48
C TYR NB 107 -101.90 -4.38 -18.08
N TYR NB 108 -101.08 -3.67 -17.30
CA TYR NB 108 -101.45 -3.29 -15.95
C TYR NB 108 -101.65 -1.79 -15.78
N LYS NB 109 -100.88 -0.98 -16.49
CA LYS NB 109 -100.95 0.47 -16.36
C LYS NB 109 -101.36 1.09 -17.68
N VAL NB 110 -102.21 2.11 -17.60
CA VAL NB 110 -102.66 2.85 -18.78
C VAL NB 110 -101.95 4.19 -18.79
N LEU NB 111 -101.22 4.45 -19.84
CA LEU NB 111 -100.52 5.71 -20.02
C LEU NB 111 -101.27 6.58 -21.02
N GLY NB 112 -100.92 7.86 -21.03
CA GLY NB 112 -101.75 8.84 -21.69
C GLY NB 112 -101.15 9.53 -22.89
N LYS NB 113 -100.46 8.78 -23.75
CA LYS NB 113 -99.95 9.34 -25.00
C LYS NB 113 -101.00 9.22 -26.08
N GLY NB 114 -101.12 10.27 -26.88
CA GLY NB 114 -102.09 10.28 -27.94
C GLY NB 114 -103.40 10.92 -27.52
N LYS NB 115 -104.44 10.68 -28.30
CA LYS NB 115 -105.75 11.21 -28.04
C LYS NB 115 -106.80 10.12 -28.20
N LEU NB 116 -107.91 10.31 -27.58
CA LEU NB 116 -108.97 9.33 -27.67
C LEU NB 116 -110.05 9.81 -28.63
N PRO NB 117 -110.75 8.88 -29.27
CA PRO NB 117 -111.96 9.26 -30.02
C PRO NB 117 -113.06 9.71 -29.08
N LYS NB 118 -113.95 10.53 -29.62
CA LYS NB 118 -115.00 11.17 -28.81
C LYS NB 118 -116.15 10.19 -28.59
N GLN NB 119 -115.93 9.25 -27.67
CA GLN NB 119 -116.98 8.36 -27.21
C GLN NB 119 -116.61 7.84 -25.84
N PRO NB 120 -117.54 7.80 -24.89
CA PRO NB 120 -117.19 7.35 -23.54
C PRO NB 120 -116.88 5.86 -23.53
N VAL NB 121 -116.09 5.47 -22.52
CA VAL NB 121 -115.68 4.08 -22.36
C VAL NB 121 -115.21 3.91 -20.93
N ILE NB 122 -115.51 2.75 -20.36
CA ILE NB 122 -115.01 2.40 -19.03
C ILE NB 122 -113.70 1.64 -19.20
N VAL NB 123 -112.67 2.07 -18.50
CA VAL NB 123 -111.35 1.46 -18.60
C VAL NB 123 -110.99 0.88 -17.26
N LYS NB 124 -110.71 -0.42 -17.23
CA LYS NB 124 -110.33 -1.14 -16.03
C LYS NB 124 -108.83 -1.40 -16.07
N ALA NB 125 -108.11 -1.02 -15.02
CA ALA NB 125 -106.68 -1.23 -14.99
C ALA NB 125 -106.21 -1.20 -13.55
N LYS NB 126 -105.00 -1.71 -13.35
CA LYS NB 126 -104.40 -1.66 -12.03
C LYS NB 126 -103.89 -0.26 -11.71
N PHE NB 127 -103.35 0.43 -12.71
CA PHE NB 127 -102.81 1.77 -12.51
C PHE NB 127 -103.18 2.64 -13.70
N PHE NB 128 -103.23 3.94 -13.45
CA PHE NB 128 -103.40 4.95 -14.48
C PHE NB 128 -102.36 6.04 -14.25
N SER NB 129 -102.08 6.79 -15.31
CA SER NB 129 -101.34 8.03 -15.10
C SER NB 129 -102.34 9.17 -14.95
N ARG NB 130 -101.85 10.30 -14.43
CA ARG NB 130 -102.73 11.43 -14.19
C ARG NB 130 -103.32 11.97 -15.48
N ARG NB 131 -102.49 12.10 -16.52
CA ARG NB 131 -102.99 12.56 -17.80
C ARG NB 131 -103.83 11.49 -18.48
N ALA NB 132 -103.58 10.21 -18.18
CA ALA NB 132 -104.40 9.15 -18.76
C ALA NB 132 -105.81 9.21 -18.22
N GLU NB 133 -105.96 9.38 -16.92
CA GLU NB 133 -107.31 9.50 -16.36
C GLU NB 133 -107.97 10.80 -16.80
N GLU NB 134 -107.19 11.87 -16.96
CA GLU NB 134 -107.75 13.13 -17.39
C GLU NB 134 -108.34 13.03 -18.79
N LYS NB 135 -107.64 12.34 -19.69
CA LYS NB 135 -108.12 12.24 -21.07
C LYS NB 135 -109.27 11.26 -21.19
N ILE NB 136 -109.28 10.21 -20.37
CA ILE NB 136 -110.42 9.29 -20.38
C ILE NB 136 -111.66 9.98 -19.83
N LYS NB 137 -111.48 10.82 -18.82
CA LYS NB 137 -112.60 11.58 -18.28
C LYS NB 137 -113.12 12.59 -19.29
N SER NB 138 -112.23 13.17 -20.10
CA SER NB 138 -112.61 14.25 -20.99
C SER NB 138 -113.51 13.78 -22.12
N VAL NB 139 -113.48 12.50 -22.47
CA VAL NB 139 -114.37 11.97 -23.49
C VAL NB 139 -115.65 11.41 -22.87
N GLY NB 140 -115.90 11.68 -21.60
CA GLY NB 140 -117.08 11.17 -20.92
C GLY NB 140 -116.93 9.78 -20.36
N GLY NB 141 -115.74 9.20 -20.38
CA GLY NB 141 -115.51 7.86 -19.90
C GLY NB 141 -115.28 7.81 -18.40
N ALA NB 142 -114.97 6.61 -17.92
CA ALA NB 142 -114.73 6.36 -16.52
C ALA NB 142 -113.47 5.55 -16.34
N CYS NB 143 -112.74 5.84 -15.26
CA CYS NB 143 -111.55 5.10 -14.90
C CYS NB 143 -111.83 4.36 -13.60
N VAL NB 144 -111.88 3.04 -13.68
CA VAL NB 144 -112.11 2.22 -12.50
C VAL NB 144 -110.87 1.37 -12.26
N LEU NB 145 -110.72 0.90 -11.03
CA LEU NB 145 -109.54 0.19 -10.59
C LEU NB 145 -109.86 -1.27 -10.32
N VAL NB 146 -108.86 -2.11 -10.51
CA VAL NB 146 -108.94 -3.52 -10.17
C VAL NB 146 -107.69 -3.89 -9.37
N ALA NB 147 -107.58 -5.17 -9.04
CA ALA NB 147 -106.41 -5.65 -8.32
C ALA NB 147 -105.88 -6.93 -8.95
N ALA OB 1 -33.36 3.61 -30.40
CA ALA OB 1 -32.85 4.71 -29.60
C ALA OB 1 -33.58 6.00 -29.94
N LYS OB 2 -32.82 7.04 -30.31
CA LYS OB 2 -33.41 8.32 -30.60
C LYS OB 2 -34.15 8.29 -31.93
N SER OB 3 -35.09 9.21 -32.09
CA SER OB 3 -35.96 9.24 -33.26
C SER OB 3 -36.42 10.66 -33.49
N LYS OB 4 -37.16 10.87 -34.58
CA LYS OB 4 -37.70 12.18 -34.89
C LYS OB 4 -38.65 12.63 -33.80
N ASN OB 5 -38.55 13.89 -33.41
CA ASN OB 5 -39.34 14.41 -32.31
C ASN OB 5 -40.73 14.88 -32.77
N HIS OB 6 -40.78 15.74 -33.78
CA HIS OB 6 -42.02 16.34 -34.22
C HIS OB 6 -41.78 16.99 -35.56
N THR OB 7 -42.78 16.93 -36.44
CA THR OB 7 -42.73 17.69 -37.68
C THR OB 7 -44.14 17.82 -38.24
N THR OB 8 -44.42 18.95 -38.87
CA THR OB 8 -45.65 19.17 -39.58
C THR OB 8 -45.48 19.06 -41.08
N HIS OB 9 -44.36 18.49 -41.52
CA HIS OB 9 -44.15 18.22 -42.93
C HIS OB 9 -45.26 17.30 -43.44
N ASN OB 10 -45.76 17.60 -44.64
CA ASN OB 10 -46.77 16.84 -45.35
C ASN OB 10 -48.14 17.01 -44.72
N GLN OB 11 -48.22 17.70 -43.58
CA GLN OB 11 -49.52 17.90 -42.94
C GLN OB 11 -50.42 18.79 -43.79
N SER OB 12 -49.86 19.87 -44.33
CA SER OB 12 -50.65 20.77 -45.16
C SER OB 12 -51.17 20.06 -46.39
N ARG OB 13 -50.34 19.19 -46.99
CA ARG OB 13 -50.78 18.42 -48.14
C ARG OB 13 -51.93 17.49 -47.78
N LYS OB 14 -51.87 16.89 -46.59
CA LYS OB 14 -52.95 16.02 -46.16
C LYS OB 14 -54.23 16.80 -45.91
N TRP OB 15 -54.11 18.02 -45.40
CA TRP OB 15 -55.29 18.80 -45.07
C TRP OB 15 -56.05 19.22 -46.32
N HIS OB 16 -55.34 19.60 -47.36
CA HIS OB 16 -55.98 20.14 -48.55
C HIS OB 16 -56.51 19.07 -49.49
N ARG OB 17 -56.26 17.80 -49.20
CA ARG OB 17 -56.76 16.74 -50.09
C ARG OB 17 -58.27 16.69 -50.08
N ASN OB 18 -58.87 16.76 -48.90
CA ASN OB 18 -60.31 16.91 -48.77
C ASN OB 18 -60.73 18.36 -48.61
N GLY OB 19 -59.81 19.29 -48.78
CA GLY OB 19 -60.10 20.69 -48.66
C GLY OB 19 -60.19 21.14 -47.22
N ILE OB 20 -60.08 22.45 -47.03
CA ILE OB 20 -60.31 23.07 -45.73
C ILE OB 20 -61.61 23.83 -45.80
N LYS OB 21 -62.71 23.18 -45.43
CA LYS OB 21 -64.03 23.74 -45.63
C LYS OB 21 -64.43 24.60 -44.44
N LYS OB 22 -64.91 25.81 -44.73
CA LYS OB 22 -65.45 26.68 -43.70
C LYS OB 22 -66.73 26.08 -43.14
N PRO OB 23 -67.12 26.47 -41.92
CA PRO OB 23 -68.36 25.93 -41.36
C PRO OB 23 -69.56 26.35 -42.20
N ARG OB 24 -70.58 25.51 -42.18
CA ARG OB 24 -71.75 25.70 -43.05
C ARG OB 24 -72.57 26.88 -42.53
N SER OB 25 -72.34 28.06 -43.11
CA SER OB 25 -73.14 29.23 -42.77
C SER OB 25 -74.57 29.04 -43.27
N GLN OB 26 -75.52 29.49 -42.46
CA GLN OB 26 -76.92 29.23 -42.77
C GLN OB 26 -77.79 30.21 -42.00
N ARG OB 27 -79.00 30.39 -42.51
CA ARG OB 27 -79.98 31.22 -41.82
C ARG OB 27 -80.38 30.56 -40.51
N TYR OB 28 -80.84 31.38 -39.57
CA TYR OB 28 -81.37 30.91 -38.29
C TYR OB 28 -80.30 30.13 -37.51
N GLU OB 29 -79.28 30.87 -37.08
CA GLU OB 29 -78.30 30.29 -36.18
C GLU OB 29 -78.94 29.96 -34.82
N SER OB 30 -78.30 29.07 -34.09
CA SER OB 30 -78.81 28.68 -32.78
C SER OB 30 -78.60 29.79 -31.77
N LEU OB 31 -79.39 29.75 -30.70
CA LEU OB 31 -79.33 30.74 -29.63
C LEU OB 31 -78.67 30.19 -28.37
N LYS OB 32 -77.82 29.17 -28.50
CA LYS OB 32 -77.05 28.71 -27.37
C LYS OB 32 -75.99 29.74 -27.01
N GLY OB 33 -75.91 30.08 -25.73
CA GLY OB 33 -74.92 31.03 -25.25
C GLY OB 33 -75.40 32.45 -25.14
N VAL OB 34 -76.58 32.77 -25.68
CA VAL OB 34 -77.12 34.12 -25.55
C VAL OB 34 -77.45 34.40 -24.09
N ASP OB 35 -77.44 35.69 -23.73
CA ASP OB 35 -77.85 36.17 -22.42
C ASP OB 35 -79.20 35.58 -22.04
N PRO OB 36 -79.28 34.76 -20.99
CA PRO OB 36 -80.58 34.18 -20.62
C PRO OB 36 -81.62 35.20 -20.23
N LYS OB 37 -81.22 36.33 -19.66
CA LYS OB 37 -82.19 37.35 -19.27
C LYS OB 37 -82.93 37.89 -20.50
N PHE OB 38 -82.20 38.14 -21.58
CA PHE OB 38 -82.82 38.56 -22.83
C PHE OB 38 -83.47 37.37 -23.55
N LEU OB 39 -82.89 36.19 -23.40
CA LEU OB 39 -83.38 35.02 -24.10
C LEU OB 39 -84.77 34.62 -23.62
N ARG OB 40 -85.01 34.68 -22.31
CA ARG OB 40 -86.33 34.34 -21.79
C ARG OB 40 -87.34 35.42 -22.14
N ASN OB 41 -86.90 36.66 -22.32
CA ASN OB 41 -87.81 37.71 -22.73
C ASN OB 41 -88.26 37.49 -24.17
N MET OB 42 -87.35 37.02 -25.02
CA MET OB 42 -87.71 36.77 -26.41
C MET OB 42 -88.74 35.66 -26.52
N ARG OB 43 -88.72 34.71 -25.59
CA ARG OB 43 -89.73 33.65 -25.59
C ARG OB 43 -91.08 34.20 -25.21
N PHE OB 44 -91.13 35.19 -24.32
CA PHE OB 44 -92.40 35.81 -23.96
C PHE OB 44 -92.96 36.63 -25.12
N ALA OB 45 -92.10 37.35 -25.84
CA ALA OB 45 -92.55 38.11 -26.98
C ALA OB 45 -93.10 37.21 -28.07
N LYS OB 46 -92.44 36.08 -28.31
CA LYS OB 46 -92.92 35.12 -29.29
C LYS OB 46 -94.25 34.52 -28.85
N LYS OB 47 -94.38 34.21 -27.56
CA LYS OB 47 -95.58 33.54 -27.06
C LYS OB 47 -96.81 34.41 -27.23
N HIS OB 48 -96.68 35.72 -27.01
CA HIS OB 48 -97.80 36.63 -27.09
C HIS OB 48 -98.00 37.22 -28.48
N ASN OB 49 -97.27 36.73 -29.48
CA ASN OB 49 -97.52 37.13 -30.86
C ASN OB 49 -98.90 36.68 -31.32
N LYS OB 50 -99.51 35.71 -30.65
CA LYS OB 50 -100.87 35.32 -30.96
C LYS OB 50 -101.82 36.49 -30.82
N LYS OB 51 -101.80 37.17 -29.67
CA LYS OB 51 -102.58 38.38 -29.52
C LYS OB 51 -101.98 39.48 -30.38
N GLY OB 52 -102.81 40.46 -30.69
CA GLY OB 52 -102.41 41.48 -31.64
C GLY OB 52 -102.47 41.03 -33.08
N LEU OB 53 -102.83 39.77 -33.34
CA LEU OB 53 -103.02 39.33 -34.71
C LEU OB 53 -104.18 40.04 -35.37
N LYS OB 54 -105.29 40.22 -34.65
CA LYS OB 54 -106.45 40.88 -35.23
C LYS OB 54 -106.16 42.33 -35.56
N LYS OB 55 -105.37 42.99 -34.72
CA LYS OB 55 -104.95 44.36 -35.04
C LYS OB 55 -103.94 44.35 -36.17
N MET OB 56 -103.19 43.25 -36.32
CA MET OB 56 -102.20 43.17 -37.38
C MET OB 56 -102.84 42.91 -38.74
N GLN OB 57 -103.89 42.08 -38.77
CA GLN OB 57 -104.56 41.79 -40.03
C GLN OB 57 -105.42 42.96 -40.48
N ALA OB 58 -105.90 43.76 -39.54
CA ALA OB 58 -106.57 45.00 -39.91
C ALA OB 58 -105.60 45.93 -40.63
N ASN OB 59 -104.39 46.06 -40.12
CA ASN OB 59 -103.37 46.85 -40.79
C ASN OB 59 -102.98 46.24 -42.13
N ASN OB 60 -102.84 44.91 -42.16
CA ASN OB 60 -102.40 44.24 -43.39
C ASN OB 60 -103.43 44.42 -44.51
N ALA OB 61 -104.71 44.29 -44.19
CA ALA OB 61 -105.74 44.46 -45.20
C ALA OB 61 -105.91 45.93 -45.59
N LYS OB 62 -105.85 46.84 -44.60
CA LYS OB 62 -106.08 48.24 -44.89
C LYS OB 62 -104.96 48.83 -45.75
N ALA OB 63 -103.76 48.25 -45.66
CA ALA OB 63 -102.67 48.69 -46.51
C ALA OB 63 -102.69 47.97 -47.85
N MET OB 64 -103.29 46.77 -47.88
CA MET OB 64 -103.32 45.99 -49.11
C MET OB 64 -104.30 46.59 -50.11
N SER OB 65 -105.48 46.98 -49.66
CA SER OB 65 -106.42 47.68 -50.54
C SER OB 65 -105.88 49.04 -50.93
N ALA OB 66 -105.25 49.75 -49.99
CA ALA OB 66 -104.72 51.07 -50.28
C ALA OB 66 -103.60 51.01 -51.32
N ARG OB 67 -102.78 49.97 -51.26
CA ARG OB 67 -101.76 49.78 -52.28
C ARG OB 67 -102.38 49.39 -53.61
N ALA OB 68 -103.42 48.55 -53.58
CA ALA OB 68 -104.00 48.04 -54.81
C ALA OB 68 -104.64 49.13 -55.64
N GLU OB 69 -105.33 50.08 -55.00
CA GLU OB 69 -105.94 51.18 -55.76
C GLU OB 69 -104.87 52.11 -56.32
N ALA OB 70 -103.72 52.21 -55.65
CA ALA OB 70 -102.62 53.00 -56.19
C ALA OB 70 -102.06 52.38 -57.46
N ILE OB 71 -101.94 51.05 -57.49
CA ILE OB 71 -101.44 50.37 -58.67
C ILE OB 71 -102.46 50.42 -59.80
N LYS OB 72 -103.74 50.26 -59.48
CA LYS OB 72 -104.80 50.17 -60.46
C LYS OB 72 -105.31 51.53 -60.92
N ALA OB 73 -104.63 52.61 -60.53
CA ALA OB 73 -104.97 53.95 -61.02
C ALA OB 73 -104.50 54.06 -62.46
N LEU OB 74 -105.41 53.79 -63.41
CA LEU OB 74 -105.11 53.84 -64.83
C LEU OB 74 -106.22 54.59 -65.55
N VAL OB 75 -105.93 55.83 -65.94
CA VAL OB 75 -106.86 56.76 -66.63
C VAL OB 75 -108.34 56.60 -66.26
N VAL OB 76 -82.81 54.39 -90.80
CA VAL OB 76 -82.63 54.09 -92.22
C VAL OB 76 -83.05 52.66 -92.52
N SER OB 77 -82.50 52.12 -93.60
CA SER OB 77 -82.80 50.73 -93.94
C SER OB 77 -82.07 49.76 -93.02
N ARG OB 78 -80.80 50.05 -92.68
CA ARG OB 78 -80.00 49.25 -91.75
C ARG OB 78 -79.91 47.80 -92.24
N LYS OB 79 -79.17 47.65 -93.34
CA LYS OB 79 -79.09 46.37 -94.05
C LYS OB 79 -78.78 45.20 -93.14
N LEU OB 80 -77.78 45.36 -92.26
CA LEU OB 80 -77.44 44.26 -91.35
C LEU OB 80 -78.55 44.01 -90.34
N ASP OB 81 -79.19 45.07 -89.85
CA ASP OB 81 -80.31 44.89 -88.93
C ASP OB 81 -81.49 44.21 -89.60
N ARG OB 82 -81.77 44.59 -90.85
CA ARG OB 82 -82.88 44.00 -91.58
C ARG OB 82 -82.64 42.52 -91.84
N LEU OB 83 -81.41 42.16 -92.17
CA LEU OB 83 -81.08 40.76 -92.43
C LEU OB 83 -81.22 39.92 -91.18
N ALA OB 84 -80.86 40.48 -90.02
CA ALA OB 84 -81.02 39.75 -88.78
C ALA OB 84 -82.48 39.51 -88.48
N TYR OB 85 -83.34 40.49 -88.77
CA TYR OB 85 -84.77 40.33 -88.57
C TYR OB 85 -85.33 39.26 -89.49
N ILE OB 86 -84.92 39.25 -90.75
CA ILE OB 86 -85.42 38.28 -91.71
C ILE OB 86 -85.02 36.87 -91.29
N ALA OB 87 -83.82 36.72 -90.73
CA ALA OB 87 -83.35 35.41 -90.31
C ALA OB 87 -84.01 34.93 -89.03
N HIS OB 88 -84.76 35.79 -88.34
CA HIS OB 88 -85.46 35.36 -87.15
C HIS OB 88 -86.52 34.32 -87.51
N PRO OB 89 -86.58 33.19 -86.82
CA PRO OB 89 -87.49 32.11 -87.24
C PRO OB 89 -88.96 32.49 -87.19
N LYS OB 90 -89.33 33.49 -86.40
CA LYS OB 90 -90.72 33.89 -86.29
C LYS OB 90 -90.99 35.28 -86.85
N LEU OB 91 -90.19 36.27 -86.45
CA LEU OB 91 -90.46 37.65 -86.83
C LEU OB 91 -90.31 37.86 -88.33
N GLY OB 92 -89.43 37.12 -88.98
CA GLY OB 92 -89.21 37.27 -90.40
C GLY OB 92 -89.88 36.21 -91.23
N LYS OB 93 -90.86 35.51 -90.66
CA LYS OB 93 -91.55 34.45 -91.39
C LYS OB 93 -92.25 34.99 -92.63
N ARG OB 94 -93.05 36.05 -92.45
CA ARG OB 94 -93.65 36.71 -93.59
C ARG OB 94 -92.60 37.41 -94.44
N ALA OB 95 -91.49 37.82 -93.83
CA ALA OB 95 -90.48 38.58 -94.55
C ALA OB 95 -89.81 37.75 -95.63
N ARG OB 96 -89.34 36.56 -95.28
CA ARG OB 96 -88.63 35.74 -96.25
C ARG OB 96 -89.58 34.97 -97.15
N ALA OB 97 -90.86 34.88 -96.79
CA ALA OB 97 -91.83 34.30 -97.72
C ALA OB 97 -92.11 35.25 -98.87
N ARG OB 98 -92.10 36.55 -98.60
CA ARG OB 98 -92.35 37.53 -99.65
C ARG OB 98 -91.25 37.51 -100.70
N ILE OB 99 -90.00 37.46 -100.27
CA ILE OB 99 -88.90 37.48 -101.23
C ILE OB 99 -88.73 36.13 -101.90
N ALA OB 100 -89.25 35.05 -101.28
CA ALA OB 100 -89.22 33.76 -101.92
C ALA OB 100 -90.23 33.69 -103.06
N LYS OB 101 -91.46 34.16 -102.84
CA LYS OB 101 -92.45 34.13 -103.90
C LYS OB 101 -92.20 35.21 -104.93
N GLY OB 102 -91.43 36.24 -104.57
CA GLY OB 102 -90.93 37.17 -105.56
C GLY OB 102 -89.78 36.62 -106.38
N LEU OB 103 -89.21 35.50 -105.94
CA LEU OB 103 -88.18 34.82 -106.72
C LEU OB 103 -88.79 33.95 -107.83
N ARG OB 104 -90.08 33.63 -107.75
CA ARG OB 104 -90.73 32.85 -108.78
C ARG OB 104 -91.61 33.69 -109.70
N LEU OB 105 -92.51 34.50 -109.16
CA LEU OB 105 -93.43 35.25 -110.01
C LEU OB 105 -92.70 36.41 -110.70
N CYS OB 106 -93.15 36.71 -111.92
CA CYS OB 106 -92.67 37.85 -112.68
C CYS OB 106 -93.86 38.49 -113.38
N ARG OB 107 -94.01 39.80 -113.21
CA ARG OB 107 -95.16 40.50 -113.75
C ARG OB 107 -94.71 41.80 -114.40
N PRO OB 108 -95.34 42.20 -115.49
CA PRO OB 108 -95.01 43.49 -116.12
C PRO OB 108 -95.55 44.64 -115.30
N LYS OB 109 -95.10 45.84 -115.68
CA LYS OB 109 -95.45 47.09 -114.99
C LYS OB 109 -95.10 47.04 -113.51
N LYS PB 1 9.28 -52.73 61.94
CA LYS PB 1 10.64 -53.17 62.21
C LYS PB 1 10.79 -54.66 61.92
N SER PB 2 9.72 -55.27 61.44
CA SER PB 2 9.74 -56.70 61.15
C SER PB 2 10.05 -57.01 59.69
N LEU PB 3 9.82 -56.07 58.78
CA LEU PB 3 10.12 -56.29 57.37
C LEU PB 3 11.62 -56.33 57.15
N GLU PB 4 12.37 -55.43 57.81
CA GLU PB 4 13.82 -55.49 57.71
C GLU PB 4 14.38 -56.71 58.42
N SER PB 5 13.76 -57.11 59.53
CA SER PB 5 14.28 -58.24 60.30
C SER PB 5 13.97 -59.57 59.61
N ILE PB 6 12.82 -59.66 58.93
CA ILE PB 6 12.55 -60.89 58.18
C ILE PB 6 13.49 -60.98 56.98
N ASN PB 7 13.90 -59.85 56.42
CA ASN PB 7 14.87 -59.89 55.33
C ASN PB 7 16.27 -60.19 55.85
N SER PB 8 16.59 -59.74 57.07
CA SER PB 8 17.91 -60.01 57.62
C SER PB 8 18.00 -61.44 58.14
N ARG PB 9 16.92 -61.95 58.74
CA ARG PB 9 16.91 -63.34 59.16
C ARG PB 9 16.91 -64.28 57.96
N LEU PB 10 16.14 -63.95 56.93
CA LEU PB 10 16.14 -64.75 55.71
C LEU PB 10 17.51 -64.74 55.06
N GLN PB 11 18.17 -63.59 55.04
CA GLN PB 11 19.52 -63.51 54.50
C GLN PB 11 20.47 -64.39 55.29
N LEU PB 12 20.27 -64.46 56.60
CA LEU PB 12 21.13 -65.33 57.41
C LEU PB 12 20.75 -66.80 57.25
N VAL PB 13 19.51 -67.10 56.86
CA VAL PB 13 19.14 -68.49 56.60
C VAL PB 13 19.94 -69.02 55.42
N MET PB 14 20.03 -68.23 54.36
CA MET PB 14 21.02 -68.49 53.32
C MET PB 14 22.41 -68.34 53.92
N LYS PB 15 23.37 -69.06 53.34
CA LYS PB 15 24.78 -69.13 53.73
C LYS PB 15 24.99 -69.46 55.20
N SER PB 16 23.97 -69.95 55.90
CA SER PB 16 24.17 -70.57 57.19
C SER PB 16 23.39 -71.87 57.39
N GLY PB 17 22.26 -72.06 56.73
CA GLY PB 17 21.46 -73.25 56.91
C GLY PB 17 20.72 -73.60 55.64
N LYS PB 18 20.08 -74.77 55.67
CA LYS PB 18 19.40 -75.30 54.49
C LYS PB 18 18.15 -74.50 54.18
N TYR PB 19 17.68 -74.67 52.95
CA TYR PB 19 16.47 -74.05 52.43
C TYR PB 19 16.17 -74.72 51.11
N VAL PB 20 15.10 -74.25 50.46
CA VAL PB 20 14.80 -74.70 49.11
C VAL PB 20 13.91 -73.64 48.47
N LEU PB 21 14.10 -73.43 47.17
CA LEU PB 21 13.43 -72.34 46.46
C LEU PB 21 12.54 -72.91 45.37
N GLY PB 22 11.32 -72.42 45.31
CA GLY PB 22 10.38 -72.79 44.27
C GLY PB 22 9.22 -73.61 44.81
N TYR PB 23 8.21 -73.76 43.96
CA TYR PB 23 6.94 -74.33 44.39
C TYR PB 23 6.96 -75.85 44.39
N LYS PB 24 7.47 -76.45 43.31
CA LYS PB 24 7.48 -77.91 43.22
C LYS PB 24 8.37 -78.51 44.30
N GLN PB 25 9.53 -77.90 44.54
CA GLN PB 25 10.44 -78.43 45.54
C GLN PB 25 9.87 -78.27 46.95
N THR PB 26 9.18 -77.16 47.20
CA THR PB 26 8.63 -76.91 48.52
C THR PB 26 7.58 -77.95 48.88
N LEU PB 27 6.71 -78.31 47.94
CA LEU PB 27 5.75 -79.37 48.20
C LEU PB 27 6.44 -80.68 48.48
N LYS PB 28 7.57 -80.94 47.82
CA LYS PB 28 8.33 -82.15 48.07
C LYS PB 28 8.85 -82.18 49.49
N MET PB 29 9.26 -81.01 50.01
CA MET PB 29 9.77 -80.96 51.37
C MET PB 29 8.65 -81.10 52.39
N ILE PB 30 7.51 -80.48 52.11
CA ILE PB 30 6.42 -80.45 53.09
C ILE PB 30 5.87 -81.85 53.31
N ARG PB 31 5.57 -82.56 52.22
CA ARG PB 31 4.96 -83.87 52.36
C ARG PB 31 5.96 -84.91 52.87
N GLN PB 32 7.26 -84.63 52.76
CA GLN PB 32 8.24 -85.50 53.41
C GLN PB 32 8.40 -85.17 54.88
N GLY PB 33 7.87 -84.04 55.34
CA GLY PB 33 7.89 -83.70 56.74
C GLY PB 33 9.17 -83.06 57.23
N LYS PB 34 10.02 -82.55 56.34
CA LYS PB 34 11.25 -81.87 56.74
C LYS PB 34 11.22 -80.39 56.41
N ALA PB 35 10.07 -79.85 56.02
CA ALA PB 35 9.92 -78.40 55.95
C ALA PB 35 9.54 -77.87 57.32
N LYS PB 36 10.25 -76.83 57.76
CA LYS PB 36 10.01 -76.27 59.08
C LYS PB 36 9.30 -74.93 59.03
N LEU PB 37 9.42 -74.19 57.93
CA LEU PB 37 8.72 -72.92 57.77
C LEU PB 37 8.67 -72.61 56.29
N VAL PB 38 7.49 -72.22 55.81
CA VAL PB 38 7.28 -71.91 54.40
C VAL PB 38 6.93 -70.44 54.30
N ILE PB 39 7.61 -69.72 53.40
CA ILE PB 39 7.40 -68.30 53.21
C ILE PB 39 6.84 -68.09 51.80
N LEU PB 40 5.77 -67.31 51.70
CA LEU PB 40 5.08 -67.08 50.44
C LEU PB 40 5.07 -65.60 50.11
N ALA PB 41 5.43 -65.27 48.88
CA ALA PB 41 5.26 -63.90 48.41
C ALA PB 41 3.78 -63.60 48.22
N ASN PB 42 3.41 -62.34 48.40
CA ASN PB 42 2.02 -61.97 48.23
C ASN PB 42 1.57 -62.01 46.77
N ASN PB 43 2.52 -62.09 45.84
CA ASN PB 43 2.21 -62.24 44.43
C ASN PB 43 1.73 -63.64 44.09
N CYS PB 44 1.78 -64.55 45.06
CA CYS PB 44 1.45 -65.94 44.79
C CYS PB 44 0.01 -66.06 44.31
N PRO PB 45 -0.28 -66.94 43.35
CA PRO PB 45 -1.66 -67.17 42.96
C PRO PB 45 -2.48 -67.61 44.16
N ALA PB 46 -3.72 -67.11 44.23
CA ALA PB 46 -4.53 -67.36 45.41
C ALA PB 46 -4.81 -68.84 45.60
N LEU PB 47 -4.87 -69.60 44.50
CA LEU PB 47 -5.04 -71.04 44.62
C LEU PB 47 -3.81 -71.69 45.22
N ARG PB 48 -2.62 -71.24 44.82
CA ARG PB 48 -1.40 -71.82 45.34
C ARG PB 48 -1.17 -71.42 46.79
N LYS PB 49 -1.62 -70.22 47.17
CA LYS PB 49 -1.49 -69.78 48.55
C LYS PB 49 -2.29 -70.69 49.48
N SER PB 50 -3.52 -71.01 49.12
CA SER PB 50 -4.36 -71.81 49.98
C SER PB 50 -3.98 -73.29 49.92
N GLU PB 51 -3.51 -73.74 48.76
CA GLU PB 51 -3.08 -75.13 48.65
C GLU PB 51 -1.86 -75.40 49.53
N ILE PB 52 -0.88 -74.51 49.49
CA ILE PB 52 0.31 -74.68 50.31
C ILE PB 52 -0.04 -74.53 51.79
N GLU PB 53 -0.97 -73.64 52.10
CA GLU PB 53 -1.42 -73.50 53.48
C GLU PB 53 -2.13 -74.76 53.96
N TYR PB 54 -2.85 -75.43 53.07
CA TYR PB 54 -3.48 -76.69 53.45
C TYR PB 54 -2.45 -77.78 53.66
N TYR PB 55 -1.45 -77.87 52.77
CA TYR PB 55 -0.38 -78.85 52.95
C TYR PB 55 0.34 -78.63 54.28
N ALA PB 56 0.65 -77.38 54.59
CA ALA PB 56 1.35 -77.07 55.83
C ALA PB 56 0.49 -77.37 57.05
N MET PB 57 -0.82 -77.25 56.93
CA MET PB 57 -1.69 -77.63 58.04
C MET PB 57 -1.58 -79.12 58.33
N LEU PB 58 -1.52 -79.94 57.29
CA LEU PB 58 -1.38 -81.39 57.49
C LEU PB 58 -0.04 -81.72 58.14
N ALA PB 59 1.03 -81.07 57.69
CA ALA PB 59 2.36 -81.39 58.15
C ALA PB 59 2.78 -80.59 59.39
N LYS PB 60 1.89 -79.75 59.92
CA LYS PB 60 2.12 -78.99 61.15
C LYS PB 60 3.36 -78.11 61.03
N THR PB 61 3.45 -77.37 59.93
CA THR PB 61 4.53 -76.42 59.72
C THR PB 61 3.96 -75.01 59.63
N GLY PB 62 4.81 -74.03 59.92
CA GLY PB 62 4.37 -72.66 59.87
C GLY PB 62 4.37 -72.09 58.46
N VAL PB 63 3.58 -71.03 58.27
CA VAL PB 63 3.51 -70.31 57.00
C VAL PB 63 3.63 -68.83 57.30
N HIS PB 64 4.68 -68.21 56.79
CA HIS PB 64 4.87 -66.78 56.91
C HIS PB 64 4.51 -66.14 55.58
N HIS PB 65 3.59 -65.18 55.60
CA HIS PB 65 3.19 -64.47 54.40
C HIS PB 65 4.10 -63.27 54.22
N TYR PB 66 5.12 -63.43 53.40
CA TYR PB 66 6.10 -62.38 53.15
C TYR PB 66 5.43 -61.15 52.56
N SER PB 67 5.75 -59.98 53.12
CA SER PB 67 5.15 -58.73 52.66
C SER PB 67 6.01 -58.08 51.58
N GLY PB 68 6.32 -58.84 50.55
CA GLY PB 68 7.04 -58.31 49.41
C GLY PB 68 6.28 -58.58 48.14
N ASN PB 69 6.92 -59.24 47.19
CA ASN PB 69 6.26 -59.94 46.09
C ASN PB 69 7.26 -60.96 45.57
N ASN PB 70 6.88 -61.69 44.51
CA ASN PB 70 7.76 -62.75 44.06
C ASN PB 70 9.06 -62.23 43.47
N ILE PB 71 9.15 -60.94 43.17
CA ILE PB 71 10.40 -60.37 42.66
C ILE PB 71 11.32 -60.06 43.82
N GLU PB 72 10.85 -59.27 44.79
CA GLU PB 72 11.71 -58.88 45.89
C GLU PB 72 11.86 -59.97 46.93
N LEU PB 73 11.12 -61.06 46.82
CA LEU PB 73 11.46 -62.24 47.60
C LEU PB 73 12.73 -62.89 47.04
N GLY PB 74 12.89 -62.87 45.71
CA GLY PB 74 14.12 -63.36 45.12
C GLY PB 74 15.31 -62.52 45.52
N THR PB 75 15.13 -61.21 45.61
CA THR PB 75 16.21 -60.35 46.08
C THR PB 75 16.44 -60.52 47.57
N ALA PB 76 15.38 -60.79 48.34
CA ALA PB 76 15.54 -61.02 49.76
C ALA PB 76 16.36 -62.26 50.05
N CYS PB 77 16.33 -63.24 49.14
CA CYS PB 77 17.17 -64.43 49.29
C CYS PB 77 18.52 -64.27 48.63
N GLY PB 78 18.80 -63.11 48.03
CA GLY PB 78 20.07 -62.89 47.37
C GLY PB 78 20.18 -63.49 46.00
N LYS PB 79 19.10 -64.06 45.47
CA LYS PB 79 19.10 -64.68 44.16
C LYS PB 79 18.74 -63.66 43.09
N TYR PB 80 19.15 -63.96 41.86
CA TYR PB 80 18.92 -63.07 40.73
C TYR PB 80 17.69 -63.45 39.93
N TYR PB 81 16.71 -64.11 40.54
CA TYR PB 81 15.47 -64.45 39.87
C TYR PB 81 14.28 -64.17 40.77
N ARG PB 82 13.10 -64.59 40.36
CA ARG PB 82 11.88 -64.37 41.13
C ARG PB 82 11.46 -65.70 41.77
N VAL PB 83 11.51 -65.75 43.10
CA VAL PB 83 11.04 -66.90 43.85
C VAL PB 83 9.72 -66.52 44.51
N CYS PB 84 8.75 -67.42 44.42
CA CYS PB 84 7.42 -67.17 44.96
C CYS PB 84 7.12 -67.99 46.20
N THR PB 85 7.82 -69.10 46.41
CA THR PB 85 7.63 -69.96 47.56
C THR PB 85 8.97 -70.52 47.97
N LEU PB 86 9.21 -70.63 49.27
CA LEU PB 86 10.42 -71.26 49.74
C LEU PB 86 10.19 -71.91 51.09
N ALA PB 87 11.05 -72.86 51.42
CA ALA PB 87 10.87 -73.66 52.62
C ALA PB 87 12.21 -73.82 53.33
N ILE PB 88 12.26 -73.43 54.59
CA ILE PB 88 13.45 -73.53 55.40
C ILE PB 88 13.49 -74.90 56.06
N ILE PB 89 14.58 -75.63 55.86
CA ILE PB 89 14.75 -76.92 56.51
C ILE PB 89 15.35 -76.78 57.90
N ASP PB 90 16.41 -75.98 58.03
CA ASP PB 90 16.92 -75.60 59.34
C ASP PB 90 17.48 -74.19 59.22
N PRO PB 91 17.20 -73.32 60.17
CA PRO PB 91 17.61 -71.92 60.03
C PRO PB 91 19.11 -71.68 60.10
N GLY PB 92 19.75 -72.15 61.17
CA GLY PB 92 21.08 -71.71 61.51
C GLY PB 92 21.16 -70.32 62.09
N ASP PB 93 20.03 -69.62 62.19
CA ASP PB 93 20.01 -68.26 62.70
C ASP PB 93 18.83 -67.97 63.61
N SER PB 94 18.10 -69.01 64.04
CA SER PB 94 17.07 -68.89 65.08
C SER PB 94 15.93 -67.95 64.69
N ASP PB 95 15.60 -67.88 63.40
CA ASP PB 95 14.37 -67.17 63.04
C ASP PB 95 13.13 -67.96 63.42
N ILE PB 96 13.30 -69.25 63.73
CA ILE PB 96 12.26 -70.03 64.37
C ILE PB 96 12.66 -70.26 65.83
N ILE PB 97 11.73 -70.77 66.60
CA ILE PB 97 11.94 -71.04 68.03
C ILE PB 97 11.92 -72.54 68.23
N ARG PB 98 12.98 -73.08 68.81
CA ARG PB 98 13.06 -74.51 69.11
C ARG PB 98 12.11 -74.88 70.24
N ASN QB 1 18.29 -74.87 -80.02
CA ASN QB 1 17.15 -75.67 -79.59
C ASN QB 1 16.23 -74.83 -78.73
N GLU QB 2 15.13 -75.42 -78.25
CA GLU QB 2 14.20 -74.71 -77.39
C GLU QB 2 13.93 -75.43 -76.09
N VAL QB 3 14.69 -76.47 -75.76
CA VAL QB 3 14.59 -77.12 -74.47
C VAL QB 3 15.93 -76.92 -73.78
N VAL QB 4 16.56 -75.79 -74.09
CA VAL QB 4 17.93 -75.53 -73.65
C VAL QB 4 17.94 -75.22 -72.16
N THR QB 5 19.10 -75.43 -71.54
CA THR QB 5 19.34 -75.03 -70.16
C THR QB 5 20.69 -74.34 -70.09
N ARG QB 6 20.78 -73.32 -69.23
CA ARG QB 6 21.97 -72.51 -69.13
C ARG QB 6 22.20 -72.15 -67.67
N GLU QB 7 23.44 -71.81 -67.35
CA GLU QB 7 23.85 -71.50 -65.99
C GLU QB 7 24.32 -70.06 -65.94
N TYR QB 8 23.61 -69.24 -65.18
CA TYR QB 8 23.91 -67.82 -65.06
C TYR QB 8 24.33 -67.49 -63.63
N THR QB 9 24.97 -66.35 -63.47
CA THR QB 9 25.15 -65.72 -62.17
C THR QB 9 24.55 -64.33 -62.21
N ILE QB 10 23.85 -63.97 -61.14
CA ILE QB 10 23.05 -62.76 -61.08
C ILE QB 10 23.62 -61.84 -60.01
N ASN QB 11 23.92 -60.61 -60.39
CA ASN QB 11 24.28 -59.58 -59.42
C ASN QB 11 22.99 -59.08 -58.79
N ILE QB 12 22.57 -59.77 -57.73
CA ILE QB 12 21.41 -59.33 -56.95
C ILE QB 12 21.68 -57.97 -56.34
N HIS QB 13 22.91 -57.73 -55.89
CA HIS QB 13 23.27 -56.46 -55.26
C HIS QB 13 22.99 -55.29 -56.17
N LYS QB 14 23.35 -55.43 -57.45
CA LYS QB 14 23.12 -54.37 -58.42
C LYS QB 14 21.64 -54.10 -58.61
N ARG QB 15 20.84 -55.15 -58.70
CA ARG QB 15 19.41 -54.99 -58.97
C ARG QB 15 18.62 -54.60 -57.73
N ILE QB 16 19.15 -54.84 -56.54
CA ILE QB 16 18.45 -54.54 -55.29
C ILE QB 16 18.75 -53.13 -54.79
N HIS QB 17 19.90 -52.55 -55.15
CA HIS QB 17 20.40 -51.33 -54.55
C HIS QB 17 19.37 -50.22 -54.53
N GLY QB 18 19.03 -49.77 -53.32
CA GLY QB 18 18.08 -48.69 -53.14
C GLY QB 18 16.74 -49.11 -52.59
N VAL QB 19 16.49 -50.40 -52.44
CA VAL QB 19 15.23 -50.89 -51.90
C VAL QB 19 15.30 -50.87 -50.39
N GLY QB 20 14.19 -50.50 -49.75
CA GLY QB 20 14.14 -50.45 -48.30
C GLY QB 20 14.31 -51.81 -47.66
N PHE QB 21 14.51 -51.78 -46.34
CA PHE QB 21 14.89 -52.99 -45.61
C PHE QB 21 13.82 -54.06 -45.71
N LYS QB 22 12.58 -53.71 -45.43
CA LYS QB 22 11.50 -54.70 -45.37
C LYS QB 22 11.06 -55.17 -46.74
N LYS QB 23 11.74 -54.76 -47.82
CA LYS QB 23 11.34 -55.15 -49.17
C LYS QB 23 12.51 -55.60 -50.02
N ARG QB 24 13.70 -55.74 -49.45
CA ARG QB 24 14.86 -56.11 -50.26
C ARG QB 24 14.74 -57.53 -50.78
N ALA QB 25 14.50 -58.49 -49.89
CA ALA QB 25 14.39 -59.89 -50.28
C ALA QB 25 13.20 -60.15 -51.20
N PRO QB 26 11.99 -59.63 -50.92
CA PRO QB 26 10.91 -59.78 -51.91
C PRO QB 26 11.24 -59.19 -53.26
N ARG QB 27 11.94 -58.05 -53.29
CA ARG QB 27 12.32 -57.47 -54.57
C ARG QB 27 13.34 -58.34 -55.30
N ALA QB 28 14.17 -59.08 -54.55
CA ALA QB 28 15.16 -59.94 -55.18
C ALA QB 28 14.49 -61.08 -55.93
N LEU QB 29 13.32 -61.50 -55.50
CA LEU QB 29 12.60 -62.56 -56.20
C LEU QB 29 11.83 -62.03 -57.38
N LYS QB 30 11.33 -60.80 -57.29
CA LYS QB 30 10.72 -60.17 -58.46
C LYS QB 30 11.77 -59.86 -59.50
N GLU QB 31 13.00 -59.54 -59.07
CA GLU QB 31 14.07 -59.27 -60.01
C GLU QB 31 14.62 -60.55 -60.62
N ILE QB 32 14.61 -61.64 -59.85
CA ILE QB 32 15.04 -62.93 -60.40
C ILE QB 32 14.05 -63.42 -61.43
N ARG QB 33 12.75 -63.32 -61.14
CA ARG QB 33 11.75 -63.71 -62.12
C ARG QB 33 11.80 -62.81 -63.35
N LYS QB 34 11.96 -61.50 -63.15
CA LYS QB 34 12.10 -60.58 -64.27
C LYS QB 34 13.36 -60.86 -65.07
N PHE QB 35 14.41 -61.36 -64.41
CA PHE QB 35 15.63 -61.71 -65.11
C PHE QB 35 15.40 -62.89 -66.06
N ALA QB 36 14.75 -63.94 -65.55
CA ALA QB 36 14.55 -65.13 -66.35
C ALA QB 36 13.64 -64.86 -67.54
N MET QB 37 12.65 -63.99 -67.36
CA MET QB 37 11.79 -63.59 -68.47
C MET QB 37 12.58 -62.90 -69.57
N LYS QB 38 13.73 -62.32 -69.22
CA LYS QB 38 14.53 -61.61 -70.21
C LYS QB 38 15.49 -62.55 -70.93
N GLU QB 39 16.25 -63.34 -70.17
CA GLU QB 39 17.23 -64.24 -70.77
C GLU QB 39 16.64 -65.50 -71.36
N MET QB 40 15.35 -65.76 -71.15
CA MET QB 40 14.70 -66.89 -71.77
C MET QB 40 13.50 -66.51 -72.63
N GLY QB 41 12.99 -65.29 -72.51
CA GLY QB 41 11.87 -64.87 -73.32
C GLY QB 41 10.54 -65.46 -72.91
N THR QB 42 10.48 -66.14 -71.78
CA THR QB 42 9.22 -66.77 -71.41
C THR QB 42 8.49 -65.92 -70.36
N PRO QB 43 7.16 -65.92 -70.39
CA PRO QB 43 6.42 -65.29 -69.29
C PRO QB 43 6.18 -66.23 -68.12
N ASP QB 44 6.22 -67.54 -68.34
CA ASP QB 44 6.01 -68.52 -67.27
C ASP QB 44 7.36 -68.88 -66.67
N VAL QB 45 7.61 -68.42 -65.45
CA VAL QB 45 8.87 -68.68 -64.77
C VAL QB 45 8.54 -69.30 -63.41
N ARG QB 46 8.98 -70.53 -63.20
CA ARG QB 46 8.80 -71.23 -61.94
C ARG QB 46 10.11 -71.14 -61.16
N ILE QB 47 10.03 -70.63 -59.94
CA ILE QB 47 11.21 -70.46 -59.11
C ILE QB 47 11.26 -71.61 -58.11
N ASP QB 48 12.35 -72.36 -58.13
CA ASP QB 48 12.50 -73.50 -57.24
C ASP QB 48 12.55 -73.03 -55.79
N THR QB 49 11.94 -73.82 -54.90
CA THR QB 49 11.86 -73.42 -53.50
C THR QB 49 13.23 -73.41 -52.85
N ARG QB 50 14.16 -74.23 -53.33
CA ARG QB 50 15.52 -74.19 -52.80
C ARG QB 50 16.22 -72.91 -53.20
N LEU QB 51 15.81 -72.31 -54.32
CA LEU QB 51 16.31 -70.99 -54.68
C LEU QB 51 15.69 -69.92 -53.80
N ASN QB 52 14.39 -70.05 -53.50
CA ASN QB 52 13.73 -69.11 -52.63
C ASN QB 52 14.33 -69.17 -51.23
N LYS QB 53 14.73 -70.35 -50.79
CA LYS QB 53 15.40 -70.47 -49.49
C LYS QB 53 16.73 -69.76 -49.50
N ALA QB 54 17.49 -69.87 -50.58
CA ALA QB 54 18.80 -69.22 -50.65
C ALA QB 54 18.65 -67.71 -50.64
N VAL QB 55 17.64 -67.19 -51.32
CA VAL QB 55 17.40 -65.74 -51.33
C VAL QB 55 17.07 -65.26 -49.93
N TRP QB 56 16.27 -66.03 -49.20
CA TRP QB 56 15.88 -65.67 -47.85
C TRP QB 56 16.81 -66.24 -46.80
N ALA QB 57 18.00 -66.71 -47.19
CA ALA QB 57 18.86 -67.41 -46.24
C ALA QB 57 19.34 -66.49 -45.13
N LYS QB 58 19.65 -65.23 -45.47
CA LYS QB 58 20.18 -64.28 -44.49
C LYS QB 58 19.13 -63.24 -44.08
N GLY QB 59 17.86 -63.58 -44.16
CA GLY QB 59 16.83 -62.67 -43.72
C GLY QB 59 16.26 -61.85 -44.85
N ILE QB 60 15.56 -60.78 -44.46
CA ILE QB 60 14.83 -59.97 -45.42
C ILE QB 60 15.66 -58.80 -45.95
N ARG QB 61 16.62 -58.29 -45.19
CA ARG QB 61 17.35 -57.11 -45.62
C ARG QB 61 18.80 -57.37 -45.99
N ASN QB 62 19.41 -58.44 -45.48
CA ASN QB 62 20.79 -58.75 -45.81
C ASN QB 62 20.86 -59.82 -46.90
N VAL QB 63 20.34 -59.47 -48.08
CA VAL QB 63 20.24 -60.38 -49.20
C VAL QB 63 21.65 -60.70 -49.70
N PRO QB 64 21.93 -61.92 -50.18
CA PRO QB 64 23.24 -62.17 -50.80
C PRO QB 64 23.48 -61.27 -52.00
N TYR QB 65 24.74 -60.86 -52.17
CA TYR QB 65 25.09 -59.97 -53.27
C TYR QB 65 24.97 -60.69 -54.61
N ARG QB 66 25.53 -61.88 -54.71
CA ARG QB 66 25.52 -62.64 -55.95
C ARG QB 66 24.91 -64.00 -55.70
N ILE QB 67 24.18 -64.49 -56.69
CA ILE QB 67 23.56 -65.80 -56.65
C ILE QB 67 23.91 -66.51 -57.95
N ARG QB 68 23.95 -67.83 -57.90
CA ARG QB 68 24.21 -68.64 -59.08
C ARG QB 68 22.94 -69.42 -59.37
N VAL QB 69 22.33 -69.17 -60.52
CA VAL QB 69 21.08 -69.82 -60.87
C VAL QB 69 21.31 -70.69 -62.09
N ARG QB 70 20.28 -71.47 -62.42
CA ARG QB 70 20.30 -72.32 -63.61
C ARG QB 70 18.91 -72.24 -64.25
N LEU QB 71 18.84 -71.59 -65.41
CA LEU QB 71 17.58 -71.47 -66.14
C LEU QB 71 17.36 -72.71 -66.99
N SER QB 72 16.14 -73.23 -66.97
CA SER QB 72 15.82 -74.45 -67.70
C SER QB 72 14.49 -74.24 -68.40
N ARG QB 73 14.54 -73.98 -69.71
CA ARG QB 73 13.33 -73.77 -70.49
C ARG QB 73 12.79 -75.13 -70.90
N LYS QB 74 11.95 -75.72 -70.07
CA LYS QB 74 11.33 -77.00 -70.34
C LYS QB 74 10.06 -76.80 -71.15
N ARG QB 75 9.35 -77.90 -71.39
CA ARG QB 75 8.12 -77.86 -72.16
C ARG QB 75 6.91 -77.95 -71.25
N ASN QB 76 5.93 -77.09 -71.52
CA ASN QB 76 4.66 -77.08 -70.81
C ASN QB 76 3.57 -77.81 -71.59
N GLU QB 77 3.95 -78.89 -72.27
CA GLU QB 77 2.96 -79.75 -72.91
C GLU QB 77 2.28 -80.63 -71.87
N ASP QB 78 1.72 -80.01 -70.83
CA ASP QB 78 1.07 -80.71 -69.74
C ASP QB 78 -0.39 -80.30 -69.56
N GLU QB 79 -0.76 -79.09 -69.91
CA GLU QB 79 -2.14 -78.65 -69.83
C GLU QB 79 -2.38 -77.58 -70.86
N ASP QB 80 -3.64 -77.17 -70.99
CA ASP QB 80 -4.02 -76.08 -71.87
C ASP QB 80 -3.58 -74.77 -71.25
N SER QB 81 -2.41 -74.29 -71.63
CA SER QB 81 -1.90 -73.01 -71.18
C SER QB 81 -1.57 -72.14 -72.38
N PRO QB 82 -1.66 -70.82 -72.23
CA PRO QB 82 -1.21 -69.93 -73.32
C PRO QB 82 0.27 -70.06 -73.61
N ASN QB 83 1.08 -70.36 -72.60
CA ASN QB 83 2.53 -70.41 -72.76
C ASN QB 83 2.95 -71.85 -72.94
N LYS QB 84 3.56 -72.15 -74.09
CA LYS QB 84 3.97 -73.52 -74.38
C LYS QB 84 5.26 -73.91 -73.68
N LEU QB 85 6.04 -72.93 -73.21
CA LEU QB 85 7.32 -73.19 -72.56
C LEU QB 85 7.41 -72.41 -71.27
N TYR QB 86 7.99 -73.03 -70.25
CA TYR QB 86 8.23 -72.37 -68.99
C TYR QB 86 9.70 -72.51 -68.63
N THR QB 87 10.19 -71.56 -67.84
CA THR QB 87 11.59 -71.54 -67.41
C THR QB 87 11.62 -71.86 -65.93
N LEU QB 88 12.08 -73.05 -65.58
CA LEU QB 88 12.30 -73.43 -64.19
C LEU QB 88 13.71 -72.99 -63.81
N VAL QB 89 13.81 -72.13 -62.80
CA VAL QB 89 15.08 -71.59 -62.34
C VAL QB 89 15.43 -72.23 -61.01
N THR QB 90 16.59 -72.86 -60.94
CA THR QB 90 17.05 -73.53 -59.75
C THR QB 90 18.21 -72.78 -59.13
N TYR QB 91 18.77 -73.36 -58.09
CA TYR QB 91 19.83 -72.75 -57.30
C TYR QB 91 21.07 -73.62 -57.35
N VAL QB 92 22.19 -73.03 -57.74
CA VAL QB 92 23.46 -73.74 -57.86
C VAL QB 92 24.38 -73.23 -56.75
N PRO QB 93 24.79 -74.08 -55.81
CA PRO QB 93 25.71 -73.62 -54.77
C PRO QB 93 27.12 -73.45 -55.32
N VAL QB 94 27.72 -72.30 -55.01
CA VAL QB 94 29.08 -72.00 -55.44
C VAL QB 94 29.83 -71.40 -54.25
N THR QB 95 31.13 -71.70 -54.19
CA THR QB 95 31.98 -71.15 -53.14
C THR QB 95 32.67 -69.86 -53.56
N THR QB 96 32.93 -69.70 -54.86
CA THR QB 96 33.52 -68.48 -55.38
C THR QB 96 32.76 -68.04 -56.61
N PHE QB 97 32.66 -66.72 -56.78
CA PHE QB 97 32.07 -66.15 -57.98
C PHE QB 97 33.11 -65.61 -58.94
N LYS QB 98 34.39 -65.82 -58.65
CA LYS QB 98 35.45 -65.29 -59.48
C LYS QB 98 35.57 -66.08 -60.77
N ASN QB 99 35.69 -65.36 -61.88
CA ASN QB 99 35.90 -65.96 -63.20
C ASN QB 99 34.79 -66.95 -63.56
N LEU QB 100 33.56 -66.62 -63.20
CA LEU QB 100 32.42 -67.47 -63.50
C LEU QB 100 31.65 -66.88 -64.67
N GLN QB 101 31.67 -67.59 -65.80
CA GLN QB 101 30.98 -67.14 -66.99
C GLN QB 101 29.57 -67.71 -67.02
N THR QB 102 28.79 -67.30 -68.02
CA THR QB 102 27.51 -67.92 -68.31
C THR QB 102 27.78 -69.10 -69.21
N VAL QB 103 27.63 -70.31 -68.67
CA VAL QB 103 28.01 -71.52 -69.37
C VAL QB 103 26.76 -72.29 -69.78
N ASN QB 104 26.72 -72.68 -71.04
CA ASN QB 104 25.73 -73.67 -71.46
C ASN QB 104 26.05 -74.99 -70.78
N VAL QB 105 25.01 -75.67 -70.32
CA VAL QB 105 25.17 -76.92 -69.60
C VAL QB 105 24.41 -78.00 -70.33
N ASP QB 106 25.06 -79.14 -70.54
CA ASP QB 106 24.40 -80.25 -71.21
C ASP QB 106 23.48 -80.97 -70.23
N GLU QB 107 22.68 -81.89 -70.78
CA GLU QB 107 21.71 -82.61 -69.98
C GLU QB 107 22.29 -83.94 -69.48
N ALA RB 1 -61.15 -24.41 -101.92
CA ALA RB 1 -62.10 -25.52 -101.88
C ALA RB 1 -62.95 -25.46 -100.62
N ALA RB 2 -62.37 -24.93 -99.55
CA ALA RB 2 -63.06 -24.91 -98.26
C ALA RB 2 -64.10 -23.80 -98.23
N LEU RB 3 -64.98 -23.89 -97.24
CA LEU RB 3 -66.00 -22.87 -97.03
C LEU RB 3 -65.35 -21.57 -96.59
N ARG RB 4 -65.90 -20.47 -97.05
CA ARG RB 4 -65.33 -19.18 -96.71
C ARG RB 4 -66.22 -18.45 -95.71
N PRO RB 5 -65.63 -17.69 -94.79
CA PRO RB 5 -66.44 -16.89 -93.88
C PRO RB 5 -67.11 -15.74 -94.62
N LEU RB 6 -68.10 -15.14 -93.96
CA LEU RB 6 -68.83 -14.04 -94.56
C LEU RB 6 -67.93 -12.84 -94.83
N VAL RB 7 -67.09 -12.50 -93.86
CA VAL RB 7 -66.13 -11.42 -94.00
C VAL RB 7 -64.80 -11.90 -93.46
N LYS RB 8 -63.71 -11.51 -94.11
CA LYS RB 8 -62.36 -11.89 -93.71
C LYS RB 8 -61.52 -10.63 -93.62
N PRO RB 9 -61.60 -9.93 -92.50
CA PRO RB 9 -60.78 -8.72 -92.32
C PRO RB 9 -59.34 -9.09 -91.98
N LYS RB 10 -58.53 -8.05 -91.80
CA LYS RB 10 -57.17 -8.24 -91.35
C LYS RB 10 -57.16 -8.42 -89.84
N ILE RB 11 -56.63 -9.55 -89.37
CA ILE RB 11 -56.58 -9.82 -87.94
C ILE RB 11 -55.24 -9.28 -87.43
N VAL RB 12 -55.29 -8.11 -86.82
CA VAL RB 12 -54.11 -7.44 -86.29
C VAL RB 12 -53.92 -7.87 -84.85
N LYS RB 13 -52.73 -8.33 -84.52
CA LYS RB 13 -52.39 -8.70 -83.16
C LYS RB 13 -51.40 -7.69 -82.60
N LYS RB 14 -51.74 -7.09 -81.46
CA LYS RB 14 -50.84 -6.15 -80.83
C LYS RB 14 -49.57 -6.84 -80.36
N ARG RB 15 -49.70 -8.03 -79.80
CA ARG RB 15 -48.55 -8.84 -79.42
C ARG RB 15 -48.81 -10.28 -79.84
N THR RB 16 -47.80 -10.92 -80.40
CA THR RB 16 -47.94 -12.28 -80.88
C THR RB 16 -47.30 -13.31 -79.96
N LYS RB 17 -46.25 -12.93 -79.24
CA LYS RB 17 -45.56 -13.84 -78.34
C LYS RB 17 -46.37 -14.02 -77.06
N LYS RB 18 -45.87 -14.91 -76.20
CA LYS RB 18 -46.51 -15.17 -74.91
C LYS RB 18 -45.84 -14.37 -73.82
N PHE RB 19 -46.63 -14.00 -72.82
CA PHE RB 19 -46.10 -13.35 -71.61
C PHE RB 19 -45.64 -14.44 -70.67
N ILE RB 20 -44.35 -14.61 -70.56
CA ILE RB 20 -43.81 -15.64 -69.70
C ILE RB 20 -43.63 -15.06 -68.30
N ARG RB 21 -43.67 -15.94 -67.31
CA ARG RB 21 -43.47 -15.51 -65.93
C ARG RB 21 -42.02 -15.07 -65.72
N HIS RB 22 -41.85 -14.09 -64.84
CA HIS RB 22 -40.52 -13.65 -64.46
C HIS RB 22 -39.74 -14.80 -63.87
N GLN RB 23 -38.51 -14.98 -64.34
CA GLN RB 23 -37.58 -16.01 -63.88
C GLN RB 23 -38.07 -17.42 -64.13
N SER RB 24 -39.10 -17.60 -64.97
CA SER RB 24 -39.52 -18.95 -65.31
C SER RB 24 -38.49 -19.67 -66.15
N ASP RB 25 -37.54 -18.94 -66.71
CA ASP RB 25 -36.43 -19.52 -67.45
C ASP RB 25 -35.37 -20.12 -66.54
N ARG RB 26 -35.15 -19.54 -65.37
CA ARG RB 26 -34.06 -19.98 -64.50
C ARG RB 26 -34.40 -21.23 -63.70
N TYR RB 27 -35.68 -21.59 -63.60
CA TYR RB 27 -36.08 -22.69 -62.75
C TYR RB 27 -37.06 -23.58 -63.47
N VAL RB 28 -37.08 -24.85 -63.06
CA VAL RB 28 -38.08 -25.77 -63.54
C VAL RB 28 -39.32 -25.74 -62.65
N LYS RB 29 -39.16 -25.40 -61.38
CA LYS RB 29 -40.27 -25.33 -60.45
C LYS RB 29 -41.23 -24.20 -60.78
N ILE RB 30 -40.80 -23.26 -61.61
CA ILE RB 30 -41.62 -22.12 -62.01
C ILE RB 30 -42.00 -22.32 -63.45
N LYS RB 31 -43.30 -22.50 -63.70
CA LYS RB 31 -43.80 -22.74 -65.03
C LYS RB 31 -43.95 -21.43 -65.79
N ARG RB 32 -44.30 -21.53 -67.06
CA ARG RB 32 -44.39 -20.35 -67.90
C ARG RB 32 -45.71 -19.60 -67.76
N ASN RB 33 -46.64 -20.10 -66.95
CA ASN RB 33 -47.89 -19.37 -66.73
C ASN RB 33 -47.60 -18.05 -66.06
N TRP RB 34 -48.29 -17.00 -66.51
CA TRP RB 34 -47.99 -15.67 -66.02
C TRP RB 34 -48.45 -15.49 -64.59
N ARG RB 35 -47.60 -14.89 -63.77
CA ARG RB 35 -47.95 -14.45 -62.42
C ARG RB 35 -47.45 -13.03 -62.24
N LYS RB 36 -48.27 -12.22 -61.60
CA LYS RB 36 -47.90 -10.84 -61.34
C LYS RB 36 -46.82 -10.77 -60.29
N PRO RB 37 -45.64 -10.21 -60.58
CA PRO RB 37 -44.63 -10.06 -59.54
C PRO RB 37 -45.07 -9.05 -58.50
N ARG RB 38 -44.77 -9.35 -57.24
CA ARG RB 38 -45.16 -8.47 -56.16
C ARG RB 38 -44.02 -8.20 -55.19
N GLY RB 39 -42.79 -8.54 -55.57
CA GLY RB 39 -41.67 -8.27 -54.69
C GLY RB 39 -41.43 -6.79 -54.52
N ILE RB 40 -40.91 -6.43 -53.35
CA ILE RB 40 -40.72 -5.03 -53.03
C ILE RB 40 -39.66 -4.40 -53.91
N ASP RB 41 -38.70 -5.18 -54.38
CA ASP RB 41 -37.63 -4.68 -55.23
C ASP RB 41 -37.66 -5.30 -56.63
N ASN RB 42 -38.76 -5.94 -57.00
CA ASN RB 42 -38.82 -6.65 -58.26
C ASN RB 42 -38.79 -5.68 -59.42
N ARG RB 43 -37.78 -5.80 -60.29
CA ARG RB 43 -37.61 -4.83 -61.35
C ARG RB 43 -38.62 -5.01 -62.46
N VAL RB 44 -39.17 -6.21 -62.62
CA VAL RB 44 -40.20 -6.42 -63.63
C VAL RB 44 -41.49 -5.71 -63.26
N ARG RB 45 -41.88 -5.81 -61.98
CA ARG RB 45 -43.06 -5.10 -61.52
C ARG RB 45 -42.86 -3.60 -61.61
N ARG RB 46 -41.66 -3.12 -61.30
CA ARG RB 46 -41.36 -1.71 -61.43
C ARG RB 46 -41.25 -1.27 -62.89
N ARG RB 47 -41.25 -2.20 -63.84
CA ARG RB 47 -41.30 -1.91 -65.28
C ARG RB 47 -40.03 -1.20 -65.75
N PHE RB 48 -38.89 -1.72 -65.33
CA PHE RB 48 -37.62 -1.20 -65.83
C PHE RB 48 -37.47 -1.53 -67.30
N LYS RB 49 -36.56 -0.80 -67.96
CA LYS RB 49 -36.35 -1.02 -69.38
C LYS RB 49 -35.58 -2.30 -69.62
N GLY RB 50 -35.93 -2.98 -70.72
CA GLY RB 50 -35.24 -4.20 -71.09
C GLY RB 50 -35.69 -5.44 -70.36
N GLN RB 51 -36.73 -5.35 -69.54
CA GLN RB 51 -37.17 -6.47 -68.72
C GLN RB 51 -38.38 -7.15 -69.33
N ILE RB 52 -38.84 -8.20 -68.65
CA ILE RB 52 -40.01 -8.95 -69.10
C ILE RB 52 -41.23 -8.05 -69.06
N LEU RB 53 -42.03 -8.09 -70.12
CA LEU RB 53 -43.19 -7.22 -70.24
C LEU RB 53 -44.37 -7.78 -69.46
N MET RB 54 -45.06 -6.92 -68.77
CA MET RB 54 -46.22 -7.30 -67.98
C MET RB 54 -47.48 -7.20 -68.82
N PRO RB 55 -48.31 -8.23 -68.85
CA PRO RB 55 -49.60 -8.12 -69.53
C PRO RB 55 -50.49 -7.07 -68.87
N ASN RB 56 -51.21 -6.32 -69.68
CA ASN RB 56 -52.19 -5.37 -69.18
C ASN RB 56 -53.27 -5.22 -70.24
N ILE RB 57 -54.21 -4.31 -70.01
CA ILE RB 57 -55.36 -4.20 -70.88
C ILE RB 57 -55.04 -3.52 -72.20
N GLY RB 58 -53.88 -2.88 -72.33
CA GLY RB 58 -53.56 -2.21 -73.57
C GLY RB 58 -53.34 -3.14 -74.73
N TYR RB 59 -53.04 -4.41 -74.45
CA TYR RB 59 -52.76 -5.39 -75.49
C TYR RB 59 -54.00 -6.04 -76.04
N GLY RB 60 -55.19 -5.65 -75.59
CA GLY RB 60 -56.40 -6.35 -75.98
C GLY RB 60 -56.65 -6.24 -77.48
N SER RB 61 -57.13 -7.33 -78.05
CA SER RB 61 -57.37 -7.38 -79.49
C SER RB 61 -58.60 -6.58 -79.87
N ASN RB 62 -58.68 -6.26 -81.16
CA ASN RB 62 -59.86 -5.59 -81.71
C ASN RB 62 -61.10 -6.43 -81.44
N LYS RB 63 -62.17 -5.77 -80.98
CA LYS RB 63 -63.40 -6.48 -80.67
C LYS RB 63 -64.00 -7.13 -81.92
N LYS RB 64 -63.69 -6.59 -83.09
CA LYS RB 64 -64.23 -7.15 -84.32
C LYS RB 64 -63.53 -8.45 -84.70
N THR RB 65 -62.27 -8.60 -84.34
CA THR RB 65 -61.50 -9.78 -84.74
C THR RB 65 -61.09 -10.64 -83.56
N LYS RB 66 -61.65 -10.42 -82.38
CA LYS RB 66 -61.28 -11.21 -81.22
C LYS RB 66 -61.78 -12.65 -81.39
N HIS RB 67 -61.00 -13.60 -80.90
CA HIS RB 67 -61.33 -15.03 -80.92
C HIS RB 67 -61.48 -15.57 -82.33
N MET RB 68 -60.98 -14.86 -83.32
CA MET RB 68 -61.15 -15.24 -84.72
C MET RB 68 -59.97 -16.11 -85.15
N LEU RB 69 -60.28 -17.29 -85.68
CA LEU RB 69 -59.27 -18.19 -86.19
C LEU RB 69 -58.60 -17.58 -87.40
N PRO RB 70 -57.41 -18.06 -87.77
CA PRO RB 70 -56.77 -17.56 -88.99
C PRO RB 70 -57.63 -17.74 -90.24
N SER RB 71 -58.50 -18.75 -90.26
CA SER RB 71 -59.40 -18.94 -91.38
C SER RB 71 -60.48 -17.87 -91.45
N GLY RB 72 -60.64 -17.06 -90.41
CA GLY RB 72 -61.68 -16.05 -90.38
C GLY RB 72 -62.95 -16.49 -89.69
N PHE RB 73 -62.97 -17.66 -89.08
CA PHE RB 73 -64.14 -18.18 -88.39
C PHE RB 73 -63.96 -18.04 -86.89
N ARG RB 74 -64.91 -18.60 -86.14
CA ARG RB 74 -64.81 -18.72 -84.70
C ARG RB 74 -65.29 -20.10 -84.31
N LYS RB 75 -64.46 -20.85 -83.60
CA LYS RB 75 -64.79 -22.23 -83.27
C LYS RB 75 -65.93 -22.28 -82.26
N PHE RB 76 -66.62 -23.41 -82.26
CA PHE RB 76 -67.65 -23.73 -81.26
C PHE RB 76 -67.60 -25.22 -81.03
N LEU RB 77 -67.23 -25.62 -79.82
CA LEU RB 77 -66.94 -27.02 -79.52
C LEU RB 77 -68.23 -27.82 -79.39
N VAL RB 78 -68.42 -28.78 -80.29
CA VAL RB 78 -69.59 -29.63 -80.27
C VAL RB 78 -69.20 -31.04 -79.84
N HIS RB 79 -70.17 -31.77 -79.32
CA HIS RB 79 -69.96 -33.12 -78.81
C HIS RB 79 -70.77 -34.18 -79.53
N ASN RB 80 -71.85 -33.82 -80.20
CA ASN RB 80 -72.68 -34.79 -80.89
C ASN RB 80 -73.39 -34.09 -82.05
N VAL RB 81 -74.18 -34.86 -82.79
CA VAL RB 81 -74.83 -34.31 -83.98
C VAL RB 81 -75.89 -33.28 -83.59
N LYS RB 82 -76.61 -33.52 -82.49
CA LYS RB 82 -77.67 -32.62 -82.08
C LYS RB 82 -77.13 -31.24 -81.73
N GLU RB 83 -75.95 -31.18 -81.12
CA GLU RB 83 -75.34 -29.89 -80.78
C GLU RB 83 -74.81 -29.16 -82.00
N LEU RB 84 -74.74 -29.82 -83.15
CA LEU RB 84 -74.18 -29.19 -84.33
C LEU RB 84 -75.15 -28.25 -85.01
N GLU RB 85 -76.45 -28.54 -84.96
CA GLU RB 85 -77.40 -27.77 -85.75
C GLU RB 85 -77.72 -26.42 -85.16
N VAL RB 86 -77.18 -26.08 -83.98
CA VAL RB 86 -77.30 -24.70 -83.52
C VAL RB 86 -76.54 -23.76 -84.43
N LEU RB 87 -75.56 -24.26 -85.16
CA LEU RB 87 -74.77 -23.48 -86.10
C LEU RB 87 -75.38 -23.45 -87.49
N LEU RB 88 -76.58 -24.00 -87.65
CA LEU RB 88 -77.22 -24.02 -88.97
C LEU RB 88 -77.45 -22.62 -89.51
N MET RB 89 -77.69 -21.64 -88.63
CA MET RB 89 -77.92 -20.28 -89.03
C MET RB 89 -76.70 -19.38 -88.82
N CYS RB 90 -75.55 -19.96 -88.54
CA CYS RB 90 -74.29 -19.24 -88.41
C CYS RB 90 -73.21 -19.94 -89.23
N ASN RB 91 -73.57 -20.33 -90.46
CA ASN RB 91 -72.64 -21.07 -91.31
C ASN RB 91 -71.40 -20.24 -91.63
N LYS RB 92 -71.58 -18.95 -91.87
CA LYS RB 92 -70.52 -18.13 -92.40
C LYS RB 92 -69.77 -17.34 -91.34
N SER RB 93 -70.10 -17.52 -90.05
CA SER RB 93 -69.38 -16.77 -89.04
C SER RB 93 -68.76 -17.72 -88.02
N TYR RB 94 -69.37 -18.87 -87.81
CA TYR RB 94 -68.92 -19.82 -86.79
C TYR RB 94 -68.65 -21.17 -87.42
N CYS RB 95 -67.52 -21.77 -87.05
CA CYS RB 95 -67.21 -23.14 -87.40
C CYS RB 95 -67.36 -24.01 -86.17
N ALA RB 96 -67.54 -25.30 -86.39
CA ALA RB 96 -67.62 -26.25 -85.30
C ALA RB 96 -66.34 -27.06 -85.23
N GLU RB 97 -66.09 -27.64 -84.06
CA GLU RB 97 -65.04 -28.65 -83.96
C GLU RB 97 -65.44 -29.68 -82.93
N ILE RB 98 -65.00 -30.90 -83.15
CA ILE RB 98 -65.44 -32.05 -82.39
C ILE RB 98 -64.51 -32.23 -81.20
N ALA RB 99 -65.08 -32.57 -80.05
CA ALA RB 99 -64.31 -32.67 -78.82
C ALA RB 99 -63.36 -33.87 -78.87
N HIS RB 100 -62.34 -33.83 -78.02
CA HIS RB 100 -61.30 -34.83 -78.05
C HIS RB 100 -61.77 -36.18 -77.54
N ASN RB 101 -62.87 -36.20 -76.80
CA ASN RB 101 -63.39 -37.43 -76.21
C ASN RB 101 -64.42 -38.12 -77.07
N VAL RB 102 -64.79 -37.53 -78.19
CA VAL RB 102 -65.77 -38.13 -79.09
C VAL RB 102 -65.12 -39.29 -79.83
N SER RB 103 -65.83 -40.42 -79.90
CA SER RB 103 -65.27 -41.61 -80.50
C SER RB 103 -65.10 -41.46 -82.00
N SER RB 104 -64.47 -42.47 -82.60
CA SER RB 104 -64.23 -42.41 -84.04
C SER RB 104 -65.50 -42.68 -84.83
N LYS RB 105 -66.32 -43.62 -84.37
CA LYS RB 105 -67.52 -43.97 -85.12
C LYS RB 105 -68.61 -42.92 -84.96
N ASN RB 106 -68.53 -42.07 -83.95
CA ASN RB 106 -69.53 -41.04 -83.75
C ASN RB 106 -69.16 -39.75 -84.47
N ARG RB 107 -67.87 -39.48 -84.64
CA ARG RB 107 -67.46 -38.26 -85.33
C ARG RB 107 -67.48 -38.41 -86.83
N LYS RB 108 -67.62 -39.63 -87.35
CA LYS RB 108 -67.86 -39.79 -88.78
C LYS RB 108 -69.20 -39.19 -89.15
N ALA RB 109 -70.21 -39.40 -88.32
CA ALA RB 109 -71.54 -38.87 -88.59
C ALA RB 109 -71.59 -37.37 -88.34
N ILE RB 110 -70.82 -36.87 -87.38
CA ILE RB 110 -70.78 -35.43 -87.14
C ILE RB 110 -70.18 -34.71 -88.35
N VAL RB 111 -69.09 -35.26 -88.88
CA VAL RB 111 -68.46 -34.66 -90.05
C VAL RB 111 -69.38 -34.74 -91.26
N GLU RB 112 -70.02 -35.89 -91.45
CA GLU RB 112 -70.92 -36.05 -92.59
C GLU RB 112 -72.11 -35.12 -92.51
N ARG RB 113 -72.64 -34.91 -91.30
CA ARG RB 113 -73.74 -33.97 -91.12
C ARG RB 113 -73.29 -32.54 -91.34
N ALA RB 114 -72.06 -32.21 -90.93
CA ALA RB 114 -71.57 -30.85 -91.09
C ALA RB 114 -71.32 -30.50 -92.55
N ALA RB 115 -71.02 -31.51 -93.37
CA ALA RB 115 -70.91 -31.28 -94.79
C ALA RB 115 -72.24 -30.87 -95.39
N GLN RB 116 -73.32 -31.49 -94.94
CA GLN RB 116 -74.64 -31.19 -95.49
C GLN RB 116 -75.10 -29.80 -95.10
N LEU RB 117 -74.85 -29.40 -93.85
CA LEU RB 117 -75.29 -28.10 -93.38
C LEU RB 117 -74.35 -26.97 -93.78
N ALA RB 118 -73.30 -27.26 -94.54
CA ALA RB 118 -72.29 -26.29 -94.92
C ALA RB 118 -71.65 -25.64 -93.69
N ILE RB 119 -71.37 -26.45 -92.69
CA ILE RB 119 -70.68 -26.01 -91.48
C ILE RB 119 -69.24 -26.48 -91.57
N ARG RB 120 -68.30 -25.54 -91.49
CA ARG RB 120 -66.90 -25.92 -91.53
C ARG RB 120 -66.48 -26.53 -90.20
N VAL RB 121 -65.68 -27.58 -90.26
CA VAL RB 121 -65.13 -28.24 -89.08
C VAL RB 121 -63.63 -27.99 -89.05
N THR RB 122 -63.12 -27.60 -87.89
CA THR RB 122 -61.69 -27.31 -87.81
C THR RB 122 -60.84 -28.57 -87.85
N ASN RB 123 -61.40 -29.71 -87.48
CA ASN RB 123 -60.70 -30.99 -87.51
C ASN RB 123 -61.57 -32.01 -88.22
N PRO RB 124 -61.80 -31.85 -89.52
CA PRO RB 124 -62.75 -32.72 -90.21
C PRO RB 124 -62.23 -34.12 -90.44
N ASN RB 125 -60.94 -34.35 -90.31
CA ASN RB 125 -60.35 -35.70 -90.42
C ASN RB 125 -59.47 -35.89 -89.19
N ALA RB 126 -60.10 -36.32 -88.09
CA ALA RB 126 -59.45 -36.31 -86.79
C ALA RB 126 -59.20 -37.69 -86.21
N ARG RB 127 -59.93 -38.71 -86.65
CA ARG RB 127 -59.61 -40.09 -86.25
C ARG RB 127 -59.80 -40.97 -87.48
N LEU RB 128 -58.75 -41.06 -88.29
CA LEU RB 128 -58.74 -41.87 -89.51
C LEU RB 128 -57.35 -41.83 -90.14
N SER SB 1 -26.06 -4.49 -118.12
CA SER SB 1 -24.93 -3.81 -118.74
C SER SB 1 -24.59 -2.52 -118.01
N GLY SB 2 -25.12 -2.37 -116.81
CA GLY SB 2 -24.89 -1.16 -116.04
C GLY SB 2 -25.28 -1.39 -114.60
N ARG SB 3 -24.95 -0.40 -113.76
CA ARG SB 3 -25.24 -0.56 -112.34
C ARG SB 3 -26.68 -0.22 -112.02
N LEU SB 4 -27.16 0.94 -112.50
CA LEU SB 4 -28.57 1.32 -112.41
C LEU SB 4 -29.09 1.41 -110.97
N TRP SB 5 -28.22 1.43 -109.97
CA TRP SB 5 -28.62 1.76 -108.62
C TRP SB 5 -27.46 2.40 -107.89
N SER SB 6 -27.78 3.24 -106.91
CA SER SB 6 -26.76 3.93 -106.16
C SER SB 6 -26.32 3.12 -104.97
N LYS SB 7 -25.02 3.09 -104.72
CA LYS SB 7 -24.47 2.34 -103.62
C LYS SB 7 -24.72 3.06 -102.31
N ALA SB 8 -25.25 2.35 -101.33
CA ALA SB 8 -25.49 2.87 -100.01
C ALA SB 8 -24.96 1.89 -98.98
N ILE SB 9 -24.80 2.36 -97.76
CA ILE SB 9 -24.29 1.56 -96.65
C ILE SB 9 -25.31 1.59 -95.53
N PHE SB 10 -25.71 0.41 -95.06
CA PHE SB 10 -26.62 0.35 -93.92
C PHE SB 10 -25.81 0.69 -92.68
N ALA SB 11 -25.84 1.97 -92.28
CA ALA SB 11 -25.00 2.41 -91.18
C ALA SB 11 -25.50 1.90 -89.85
N GLY SB 12 -26.80 1.97 -89.62
CA GLY SB 12 -27.37 1.52 -88.37
C GLY SB 12 -28.80 1.98 -88.26
N TYR SB 13 -29.46 1.50 -87.23
CA TYR SB 13 -30.85 1.86 -87.04
C TYR SB 13 -30.97 3.28 -86.51
N LYS SB 14 -32.16 3.86 -86.68
CA LYS SB 14 -32.46 5.09 -85.98
C LYS SB 14 -32.45 4.83 -84.49
N ARG SB 15 -31.76 5.67 -83.74
CA ARG SB 15 -31.54 5.35 -82.34
C ARG SB 15 -31.24 6.62 -81.57
N GLY SB 16 -31.53 6.56 -80.28
CA GLY SB 16 -30.91 7.43 -79.31
C GLY SB 16 -29.58 6.82 -78.90
N LEU SB 17 -29.10 7.24 -77.74
CA LEU SB 17 -27.87 6.63 -77.24
C LEU SB 17 -28.15 5.26 -76.66
N ARG SB 18 -29.29 5.08 -76.01
CA ARG SB 18 -29.58 3.85 -75.29
C ARG SB 18 -30.90 3.21 -75.71
N ASN SB 19 -31.51 3.66 -76.80
CA ASN SB 19 -32.74 3.05 -77.27
C ASN SB 19 -32.68 2.94 -78.78
N GLN SB 20 -32.92 1.73 -79.28
CA GLN SB 20 -32.82 1.44 -80.71
C GLN SB 20 -34.20 1.31 -81.29
N ARG SB 21 -34.49 2.07 -82.33
CA ARG SB 21 -35.75 1.99 -83.06
C ARG SB 21 -35.47 1.23 -84.35
N GLU SB 22 -35.73 -0.07 -84.34
CA GLU SB 22 -35.35 -0.91 -85.47
C GLU SB 22 -36.28 -0.80 -86.66
N HIS SB 23 -37.45 -0.18 -86.52
CA HIS SB 23 -38.37 -0.14 -87.64
C HIS SB 23 -37.85 0.75 -88.76
N THR SB 24 -37.11 1.80 -88.43
CA THR SB 24 -36.54 2.71 -89.41
C THR SB 24 -35.02 2.67 -89.32
N ALA SB 25 -34.36 2.76 -90.47
CA ALA SB 25 -32.93 2.55 -90.60
C ALA SB 25 -32.27 3.75 -91.26
N LEU SB 26 -30.95 3.79 -91.18
CA LEU SB 26 -30.16 4.90 -91.70
C LEU SB 26 -29.20 4.38 -92.75
N LEU SB 27 -29.21 5.01 -93.91
CA LEU SB 27 -28.33 4.66 -95.01
C LEU SB 27 -27.39 5.82 -95.29
N LYS SB 28 -26.19 5.52 -95.74
CA LYS SB 28 -25.22 6.51 -96.16
C LYS SB 28 -24.98 6.30 -97.65
N ILE SB 29 -25.69 7.06 -98.48
CA ILE SB 29 -25.52 6.95 -99.92
C ILE SB 29 -24.18 7.56 -100.31
N GLU SB 30 -23.46 6.86 -101.17
CA GLU SB 30 -22.13 7.30 -101.58
C GLU SB 30 -22.22 8.56 -102.43
N GLY SB 31 -21.30 9.49 -102.20
CA GLY SB 31 -21.30 10.74 -102.93
C GLY SB 31 -22.33 11.74 -102.47
N VAL SB 32 -23.03 11.45 -101.38
CA VAL SB 32 -24.07 12.32 -100.85
C VAL SB 32 -23.64 12.68 -99.44
N TYR SB 33 -22.95 13.80 -99.28
CA TYR SB 33 -22.37 14.19 -98.01
C TYR SB 33 -22.83 15.58 -97.58
N ALA SB 34 -24.06 15.95 -97.95
CA ALA SB 34 -24.66 17.20 -97.52
C ALA SB 34 -26.16 16.99 -97.45
N ARG SB 35 -26.82 17.79 -96.61
CA ARG SB 35 -28.27 17.63 -96.47
C ARG SB 35 -29.01 18.07 -97.73
N ASP SB 36 -28.50 19.09 -98.42
CA ASP SB 36 -29.16 19.55 -99.64
C ASP SB 36 -29.03 18.58 -100.79
N GLU SB 37 -28.11 17.61 -100.69
CA GLU SB 37 -27.94 16.63 -101.75
C GLU SB 37 -28.92 15.48 -101.68
N THR SB 38 -29.60 15.29 -100.55
CA THR SB 38 -30.46 14.14 -100.37
C THR SB 38 -31.83 14.32 -100.99
N GLU SB 39 -32.14 15.50 -101.52
CA GLU SB 39 -33.47 15.73 -102.09
C GLU SB 39 -33.74 14.87 -103.30
N PHE SB 40 -32.69 14.42 -104.00
CA PHE SB 40 -32.88 13.54 -105.14
C PHE SB 40 -33.42 12.19 -104.70
N TYR SB 41 -32.96 11.68 -103.56
CA TYR SB 41 -33.18 10.31 -103.17
C TYR SB 41 -34.41 10.12 -102.31
N LEU SB 42 -35.23 11.15 -102.14
CA LEU SB 42 -36.43 11.00 -101.33
C LEU SB 42 -37.46 10.15 -102.04
N GLY SB 43 -37.97 9.14 -101.35
CA GLY SB 43 -38.98 8.28 -101.92
C GLY SB 43 -38.46 7.21 -102.84
N LYS SB 44 -37.15 7.16 -103.08
CA LYS SB 44 -36.59 6.15 -103.97
C LYS SB 44 -36.62 4.78 -103.30
N ARG SB 45 -36.83 3.76 -104.11
CA ARG SB 45 -36.88 2.39 -103.61
C ARG SB 45 -35.48 1.90 -103.27
N CYS SB 46 -35.33 1.33 -102.08
CA CYS SB 46 -34.07 0.75 -101.66
C CYS SB 46 -34.23 -0.74 -101.47
N ALA SB 47 -33.15 -1.48 -101.66
CA ALA SB 47 -33.19 -2.93 -101.61
C ALA SB 47 -31.96 -3.46 -100.89
N TYR SB 48 -32.18 -4.41 -99.99
CA TYR SB 48 -31.11 -5.15 -99.35
C TYR SB 48 -31.08 -6.54 -99.97
N VAL SB 49 -30.04 -6.84 -100.72
CA VAL SB 49 -29.94 -8.08 -101.47
C VAL SB 49 -28.88 -8.96 -100.81
N TYR SB 50 -29.26 -10.19 -100.50
CA TYR SB 50 -28.37 -11.13 -99.82
C TYR SB 50 -28.59 -12.51 -100.42
N LYS SB 51 -27.76 -13.45 -100.01
CA LYS SB 51 -27.85 -14.84 -100.46
C LYS SB 51 -28.13 -15.72 -99.26
N ALA SB 52 -28.97 -16.74 -99.47
CA ALA SB 52 -29.28 -17.70 -98.42
C ALA SB 52 -29.13 -19.10 -98.98
N LYS SB 53 -29.27 -20.09 -98.08
CA LYS SB 53 -28.97 -21.47 -98.45
C LYS SB 53 -29.99 -22.05 -99.42
N ASN SB 54 -31.27 -21.72 -99.22
CA ASN SB 54 -32.34 -22.34 -99.98
C ASN SB 54 -32.74 -21.47 -101.17
N ASN SB 55 -33.19 -22.14 -102.22
CA ASN SB 55 -33.66 -21.43 -103.40
C ASN SB 55 -35.03 -20.81 -103.15
N THR SB 56 -35.24 -19.64 -103.74
CA THR SB 56 -36.52 -18.93 -103.69
C THR SB 56 -36.90 -18.53 -105.10
N VAL SB 57 -38.21 -18.36 -105.32
CA VAL SB 57 -38.69 -18.00 -106.65
C VAL SB 57 -38.16 -16.62 -107.02
N THR SB 58 -37.74 -16.48 -108.26
CA THR SB 58 -37.26 -15.23 -108.79
C THR SB 58 -38.25 -14.70 -109.81
N PRO SB 59 -38.75 -13.48 -109.64
CA PRO SB 59 -39.70 -12.94 -110.63
C PRO SB 59 -39.03 -12.77 -111.98
N GLY SB 60 -39.64 -13.40 -112.99
CA GLY SB 60 -39.04 -13.42 -114.31
C GLY SB 60 -37.73 -14.16 -114.37
N GLY SB 61 -37.68 -15.35 -113.78
CA GLY SB 61 -36.49 -16.16 -113.85
C GLY SB 61 -36.68 -17.46 -113.11
N LYS SB 62 -35.66 -18.30 -113.18
CA LYS SB 62 -35.63 -19.55 -112.45
C LYS SB 62 -35.23 -19.30 -111.00
N PRO SB 63 -35.62 -20.18 -110.08
CA PRO SB 63 -35.26 -19.99 -108.67
C PRO SB 63 -33.75 -19.97 -108.47
N ASN SB 64 -33.30 -19.07 -107.59
CA ASN SB 64 -31.89 -18.97 -107.23
C ASN SB 64 -31.80 -18.72 -105.74
N LYS SB 65 -30.59 -18.42 -105.26
CA LYS SB 65 -30.37 -18.17 -103.85
C LYS SB 65 -30.45 -16.70 -103.49
N THR SB 66 -30.86 -15.85 -104.41
CA THR SB 66 -30.93 -14.43 -104.16
C THR SB 66 -32.21 -14.08 -103.41
N ARG SB 67 -32.08 -13.35 -102.32
CA ARG SB 67 -33.20 -12.85 -101.56
C ARG SB 67 -33.07 -11.34 -101.40
N VAL SB 68 -34.20 -10.65 -101.35
CA VAL SB 68 -34.20 -9.19 -101.30
C VAL SB 68 -35.25 -8.73 -100.28
N ILE SB 69 -34.93 -7.65 -99.58
CA ILE SB 69 -35.88 -6.97 -98.70
C ILE SB 69 -36.05 -5.56 -99.23
N TRP SB 70 -37.26 -5.20 -99.59
CA TRP SB 70 -37.51 -3.91 -100.20
C TRP SB 70 -37.77 -2.84 -99.14
N GLY SB 71 -37.82 -1.60 -99.60
CA GLY SB 71 -38.06 -0.48 -98.72
C GLY SB 71 -38.03 0.80 -99.52
N LYS SB 72 -38.10 1.93 -98.81
CA LYS SB 72 -38.00 3.20 -99.51
C LYS SB 72 -37.44 4.27 -98.58
N VAL SB 73 -36.64 5.15 -99.16
CA VAL SB 73 -36.12 6.30 -98.43
C VAL SB 73 -37.28 7.22 -98.04
N THR SB 74 -37.33 7.59 -96.76
CA THR SB 74 -38.41 8.44 -96.29
C THR SB 74 -38.00 9.90 -96.14
N ARG SB 75 -36.81 10.18 -95.62
CA ARG SB 75 -36.41 11.56 -95.38
C ARG SB 75 -34.90 11.61 -95.22
N ALA SB 76 -34.39 12.80 -94.91
CA ALA SB 76 -32.98 13.01 -94.64
C ALA SB 76 -32.72 12.94 -93.15
N HIS SB 77 -31.56 12.42 -92.79
CA HIS SB 77 -31.13 12.29 -91.40
C HIS SB 77 -29.86 13.11 -91.21
N GLY SB 78 -29.96 14.19 -90.45
CA GLY SB 78 -28.79 14.97 -90.14
C GLY SB 78 -28.32 15.81 -91.31
N ASN SB 79 -27.19 16.48 -91.09
CA ASN SB 79 -26.66 17.45 -92.04
C ASN SB 79 -25.65 16.88 -93.02
N SER SB 80 -25.25 15.61 -92.86
CA SER SB 80 -24.13 15.07 -93.61
C SER SB 80 -24.55 14.11 -94.71
N GLY SB 81 -25.77 14.22 -95.21
CA GLY SB 81 -26.21 13.42 -96.33
C GLY SB 81 -26.78 12.06 -96.00
N MET SB 82 -26.95 11.73 -94.72
CA MET SB 82 -27.59 10.48 -94.38
C MET SB 82 -29.08 10.54 -94.70
N VAL SB 83 -29.67 9.37 -94.92
CA VAL SB 83 -31.09 9.26 -95.21
C VAL SB 83 -31.69 8.17 -94.34
N ARG SB 84 -32.99 8.27 -94.12
CA ARG SB 84 -33.74 7.25 -93.40
C ARG SB 84 -34.47 6.36 -94.40
N ALA SB 85 -34.71 5.13 -94.00
CA ALA SB 85 -35.38 4.18 -94.88
C ALA SB 85 -36.28 3.26 -94.06
N LYS SB 86 -37.53 3.14 -94.50
CA LYS SB 86 -38.49 2.21 -93.93
C LYS SB 86 -38.55 0.99 -94.82
N PHE SB 87 -38.22 -0.16 -94.28
CA PHE SB 87 -38.25 -1.41 -95.01
C PHE SB 87 -39.52 -2.18 -94.68
N ARG SB 88 -39.86 -3.14 -95.54
CA ARG SB 88 -41.10 -3.87 -95.34
C ARG SB 88 -40.99 -4.82 -94.16
N SER SB 89 -39.77 -5.24 -93.82
CA SER SB 89 -39.47 -5.81 -92.52
C SER SB 89 -38.19 -5.16 -92.03
N ASN SB 90 -38.06 -5.05 -90.71
CA ASN SB 90 -36.87 -4.43 -90.14
C ASN SB 90 -35.63 -5.19 -90.58
N LEU SB 91 -34.58 -4.45 -90.93
CA LEU SB 91 -33.39 -5.07 -91.46
C LEU SB 91 -32.66 -5.86 -90.39
N PRO SB 92 -32.02 -6.96 -90.76
CA PRO SB 92 -31.21 -7.70 -89.79
C PRO SB 92 -29.98 -6.92 -89.39
N ALA SB 93 -29.50 -7.19 -88.18
CA ALA SB 93 -28.31 -6.49 -87.70
C ALA SB 93 -27.03 -7.04 -88.28
N LYS SB 94 -27.10 -8.12 -89.06
CA LYS SB 94 -25.94 -8.61 -89.78
C LYS SB 94 -25.66 -7.80 -91.04
N ALA SB 95 -26.59 -6.94 -91.46
CA ALA SB 95 -26.41 -6.12 -92.64
C ALA SB 95 -25.75 -4.79 -92.35
N ILE SB 96 -25.40 -4.53 -91.10
CA ILE SB 96 -24.76 -3.25 -90.77
C ILE SB 96 -23.38 -3.20 -91.39
N GLY SB 97 -23.14 -2.15 -92.17
CA GLY SB 97 -21.89 -2.05 -92.89
C GLY SB 97 -21.86 -2.76 -94.22
N HIS SB 98 -23.01 -3.12 -94.77
CA HIS SB 98 -23.09 -3.81 -96.04
C HIS SB 98 -23.81 -2.94 -97.06
N ARG SB 99 -23.97 -3.48 -98.27
CA ARG SB 99 -24.45 -2.70 -99.39
C ARG SB 99 -25.99 -2.71 -99.44
N ILE SB 100 -26.55 -1.52 -99.58
CA ILE SB 100 -27.97 -1.33 -99.91
C ILE SB 100 -28.02 -0.60 -101.24
N ARG SB 101 -28.90 -1.06 -102.13
CA ARG SB 101 -29.06 -0.43 -103.43
C ARG SB 101 -30.16 0.61 -103.38
N VAL SB 102 -30.05 1.63 -104.24
CA VAL SB 102 -31.04 2.70 -104.33
C VAL SB 102 -31.42 2.81 -105.80
N MET SB 103 -32.67 2.48 -106.12
CA MET SB 103 -33.02 1.93 -107.42
C MET SB 103 -33.31 2.95 -108.51
N LEU SB 104 -33.48 4.23 -108.17
CA LEU SB 104 -33.93 5.29 -109.08
C LEU SB 104 -35.36 5.05 -109.58
N TYR SB 105 -36.09 4.08 -109.03
CA TYR SB 105 -37.38 3.71 -109.62
C TYR SB 105 -38.41 4.80 -109.52
N PRO SB 106 -38.75 5.34 -108.33
CA PRO SB 106 -39.78 6.40 -108.35
C PRO SB 106 -39.19 7.75 -108.70
N SER SB 107 -38.80 7.91 -109.96
CA SER SB 107 -38.07 9.09 -110.38
C SER SB 107 -39.00 10.29 -110.54
N ARG SB 108 -38.48 11.46 -110.18
CA ARG SB 108 -39.18 12.72 -110.37
C ARG SB 108 -38.48 13.60 -111.39
N ILE SB 109 -37.55 13.05 -112.15
CA ILE SB 109 -36.78 13.81 -113.12
C ILE SB 109 -37.28 13.52 -114.53
N VAL TB 1 7.78 -74.78 -19.28
CA VAL TB 1 6.94 -75.32 -18.22
C VAL TB 1 5.54 -75.51 -18.77
N GLN TB 2 4.78 -76.41 -18.15
CA GLN TB 2 3.40 -76.67 -18.53
C GLN TB 2 2.47 -75.92 -17.58
N ARG TB 3 1.70 -74.99 -18.11
CA ARG TB 3 0.89 -74.10 -17.29
C ARG TB 3 -0.48 -74.72 -17.01
N LEU TB 4 -1.13 -74.23 -15.96
CA LEU TB 4 -2.32 -74.86 -15.41
C LEU TB 4 -3.54 -73.96 -15.51
N THR TB 5 -4.71 -74.58 -15.34
CA THR TB 5 -6.00 -73.91 -15.38
C THR TB 5 -6.85 -74.38 -14.23
N TYR TB 6 -7.81 -73.54 -13.83
CA TYR TB 6 -8.79 -73.95 -12.84
C TYR TB 6 -9.71 -75.01 -13.42
N ARG TB 7 -10.12 -75.95 -12.57
CA ARG TB 7 -11.02 -77.01 -13.01
C ARG TB 7 -12.47 -76.76 -12.63
N ARG TB 8 -12.77 -75.59 -12.08
CA ARG TB 8 -14.12 -75.23 -11.71
C ARG TB 8 -14.43 -73.83 -12.23
N ARG TB 9 -15.69 -73.44 -12.13
CA ARG TB 9 -16.11 -72.14 -12.65
C ARG TB 9 -15.87 -71.02 -11.66
N LEU TB 10 -15.27 -71.30 -10.51
CA LEU TB 10 -14.81 -70.25 -9.60
C LEU TB 10 -13.40 -69.86 -10.03
N SER TB 11 -13.26 -68.61 -10.48
CA SER TB 11 -12.03 -68.15 -11.11
C SER TB 11 -11.24 -67.19 -10.24
N TYR TB 12 -11.61 -67.02 -8.99
CA TYR TB 12 -10.98 -66.05 -8.12
C TYR TB 12 -10.26 -66.75 -6.99
N ASN TB 13 -9.22 -66.11 -6.47
CA ASN TB 13 -8.37 -66.72 -5.44
C ASN TB 13 -8.95 -66.49 -4.05
N THR TB 14 -10.18 -66.96 -3.88
CA THR TB 14 -10.87 -66.80 -2.61
C THR TB 14 -10.42 -67.89 -1.63
N ALA TB 15 -10.90 -67.78 -0.39
CA ALA TB 15 -10.47 -68.71 0.65
C ALA TB 15 -11.04 -70.11 0.45
N SER TB 16 -12.07 -70.26 -0.37
CA SER TB 16 -12.64 -71.57 -0.66
C SER TB 16 -12.09 -72.18 -1.95
N ASN TB 17 -11.15 -71.50 -2.61
CA ASN TB 17 -10.64 -71.95 -3.91
C ASN TB 17 -9.19 -72.39 -3.85
N LYS TB 18 -8.67 -72.67 -2.66
CA LYS TB 18 -7.28 -73.08 -2.53
C LYS TB 18 -7.09 -74.46 -3.16
N THR TB 19 -6.01 -74.60 -3.93
CA THR TB 19 -5.70 -75.83 -4.63
C THR TB 19 -4.29 -76.29 -4.24
N ARG TB 20 -3.84 -77.33 -4.93
CA ARG TB 20 -2.46 -77.79 -4.83
C ARG TB 20 -2.13 -78.53 -6.11
N LEU TB 21 -0.88 -78.95 -6.24
CA LEU TB 21 -0.40 -79.56 -7.47
C LEU TB 21 -0.19 -81.05 -7.27
N SER TB 22 -0.64 -81.84 -8.25
CA SER TB 22 -0.58 -83.28 -8.17
C SER TB 22 -0.23 -83.85 -9.53
N ARG TB 23 0.66 -84.84 -9.56
CA ARG TB 23 1.07 -85.49 -10.80
C ARG TB 23 0.28 -86.78 -10.95
N THR TB 24 -0.60 -86.81 -11.93
CA THR TB 24 -1.47 -87.96 -12.16
C THR TB 24 -0.67 -89.11 -12.75
N PRO TB 25 -1.24 -90.33 -12.74
CA PRO TB 25 -0.58 -91.44 -13.44
C PRO TB 25 -0.43 -91.21 -14.93
N GLY TB 26 -1.19 -90.29 -15.52
CA GLY TB 26 -0.96 -89.90 -16.88
C GLY TB 26 0.18 -88.92 -17.08
N ASN TB 27 0.91 -88.63 -16.01
CA ASN TB 27 2.07 -87.74 -16.01
C ASN TB 27 1.69 -86.34 -16.49
N ARG TB 28 0.74 -85.74 -15.78
CA ARG TB 28 0.41 -84.34 -15.96
C ARG TB 28 0.07 -83.75 -14.60
N ILE TB 29 0.43 -82.49 -14.41
CA ILE TB 29 0.12 -81.79 -13.17
C ILE TB 29 -1.27 -81.19 -13.29
N VAL TB 30 -2.11 -81.42 -12.28
CA VAL TB 30 -3.44 -80.86 -12.24
C VAL TB 30 -3.68 -80.27 -10.86
N TYR TB 31 -4.66 -79.38 -10.79
CA TYR TB 31 -5.10 -78.83 -9.52
C TYR TB 31 -5.91 -79.85 -8.75
N LEU TB 32 -5.56 -80.04 -7.49
CA LEU TB 32 -6.39 -80.75 -6.53
C LEU TB 32 -6.89 -79.74 -5.52
N TYR TB 33 -8.22 -79.63 -5.40
CA TYR TB 33 -8.79 -78.66 -4.49
C TYR TB 33 -8.74 -79.23 -3.08
N THR TB 34 -8.04 -78.53 -2.19
CA THR TB 34 -7.80 -79.03 -0.86
C THR TB 34 -8.90 -78.59 0.10
N LYS TB 35 -9.16 -79.43 1.10
CA LYS TB 35 -10.07 -79.07 2.16
C LYS TB 35 -9.43 -78.06 3.09
N LYS TB 36 -10.27 -77.30 3.78
CA LYS TB 36 -9.77 -76.31 4.72
C LYS TB 36 -9.12 -76.98 5.92
N VAL TB 37 -8.08 -76.34 6.45
CA VAL TB 37 -7.36 -76.88 7.59
C VAL TB 37 -8.22 -76.73 8.83
N GLY TB 38 -8.42 -77.81 9.55
CA GLY TB 38 -9.20 -77.77 10.77
C GLY TB 38 -8.41 -77.24 11.94
N LYS TB 39 -9.12 -76.96 13.03
CA LYS TB 39 -8.53 -76.49 14.26
C LYS TB 39 -8.93 -77.42 15.40
N ALA TB 40 -7.95 -77.84 16.19
CA ALA TB 40 -8.23 -78.59 17.40
C ALA TB 40 -8.99 -77.69 18.37
N PRO TB 41 -9.74 -78.26 19.31
CA PRO TB 41 -10.54 -77.43 20.22
C PRO TB 41 -9.67 -76.57 21.11
N LYS TB 42 -10.24 -75.45 21.53
CA LYS TB 42 -9.65 -74.63 22.58
C LYS TB 42 -10.19 -75.06 23.93
N SER TB 43 -9.46 -74.70 24.98
CA SER TB 43 -9.86 -75.08 26.31
C SER TB 43 -11.03 -74.22 26.79
N ALA TB 44 -11.95 -74.85 27.52
CA ALA TB 44 -13.09 -74.14 28.06
C ALA TB 44 -12.71 -73.19 29.19
N CYS TB 45 -11.48 -73.25 29.68
CA CYS TB 45 -11.05 -72.31 30.70
C CYS TB 45 -10.86 -70.92 30.11
N GLY TB 46 -10.40 -70.84 28.87
CA GLY TB 46 -10.19 -69.55 28.24
C GLY TB 46 -8.95 -68.82 28.69
N VAL TB 47 -8.10 -69.44 29.50
CA VAL TB 47 -6.91 -68.77 29.98
C VAL TB 47 -5.71 -69.18 29.14
N CYS TB 48 -5.35 -70.46 29.18
CA CYS TB 48 -4.16 -70.88 28.46
C CYS TB 48 -4.47 -71.05 26.97
N PRO TB 49 -3.54 -70.65 26.10
CA PRO TB 49 -3.86 -70.53 24.67
C PRO TB 49 -3.61 -71.76 23.82
N GLY TB 50 -2.90 -72.76 24.32
CA GLY TB 50 -2.66 -73.96 23.52
C GLY TB 50 -3.95 -74.72 23.27
N ARG TB 51 -4.09 -75.25 22.07
CA ARG TB 51 -5.23 -76.08 21.75
C ARG TB 51 -5.04 -77.47 22.32
N LEU TB 52 -6.15 -78.16 22.57
CA LEU TB 52 -6.11 -79.42 23.29
C LEU TB 52 -5.43 -80.51 22.47
N ARG TB 53 -4.91 -81.51 23.17
CA ARG TB 53 -4.21 -82.62 22.57
C ARG TB 53 -5.11 -83.85 22.56
N GLY TB 54 -4.74 -84.84 21.76
CA GLY TB 54 -5.50 -86.06 21.66
C GLY TB 54 -6.77 -85.95 20.85
N VAL TB 55 -7.00 -84.82 20.19
CA VAL TB 55 -8.22 -84.59 19.44
C VAL TB 55 -7.83 -84.29 17.99
N ARG TB 56 -8.55 -84.91 17.06
CA ARG TB 56 -8.31 -84.64 15.64
C ARG TB 56 -8.65 -83.20 15.30
N ALA TB 57 -7.85 -82.61 14.42
CA ALA TB 57 -8.04 -81.22 13.97
C ALA TB 57 -8.70 -81.26 12.60
N VAL TB 58 -10.04 -81.27 12.60
CA VAL TB 58 -10.79 -81.39 11.37
C VAL TB 58 -11.86 -80.30 11.33
N ARG TB 59 -12.39 -80.09 10.13
CA ARG TB 59 -13.48 -79.13 9.95
C ARG TB 59 -14.71 -79.60 10.73
N PRO TB 60 -15.58 -78.68 11.14
CA PRO TB 60 -16.65 -79.05 12.09
C PRO TB 60 -17.59 -80.13 11.60
N LYS TB 61 -17.95 -80.13 10.32
CA LYS TB 61 -18.87 -81.15 9.85
C LYS TB 61 -18.22 -82.50 9.66
N VAL TB 62 -16.89 -82.57 9.71
CA VAL TB 62 -16.21 -83.85 9.67
C VAL TB 62 -16.29 -84.57 11.01
N LEU TB 63 -16.47 -83.85 12.11
CA LEU TB 63 -16.59 -84.48 13.41
C LEU TB 63 -17.79 -85.39 13.51
N MET TB 64 -18.77 -85.23 12.61
CA MET TB 64 -19.96 -86.06 12.64
C MET TB 64 -19.62 -87.53 12.38
N ARG TB 65 -18.69 -87.79 11.47
CA ARG TB 65 -18.35 -89.15 11.06
C ARG TB 65 -17.12 -89.70 11.76
N LEU TB 66 -16.51 -88.95 12.68
CA LEU TB 66 -15.41 -89.49 13.45
C LEU TB 66 -15.92 -90.31 14.62
N SER TB 67 -15.11 -91.27 15.03
CA SER TB 67 -15.44 -92.06 16.20
C SER TB 67 -15.40 -91.18 17.44
N LYS TB 68 -16.05 -91.64 18.50
CA LYS TB 68 -16.09 -90.87 19.74
C LYS TB 68 -14.70 -90.68 20.33
N THR TB 69 -13.89 -91.73 20.29
CA THR TB 69 -12.56 -91.67 20.91
C THR TB 69 -11.64 -90.68 20.20
N LYS TB 70 -11.91 -90.37 18.95
CA LYS TB 70 -11.10 -89.39 18.23
C LYS TB 70 -11.51 -87.96 18.51
N LYS TB 71 -12.52 -87.74 19.36
CA LYS TB 71 -13.01 -86.41 19.62
C LYS TB 71 -12.84 -85.98 21.07
N HIS TB 72 -12.20 -86.81 21.91
CA HIS TB 72 -12.11 -86.48 23.32
C HIS TB 72 -10.93 -87.22 23.93
N VAL TB 73 -10.73 -87.01 25.23
CA VAL TB 73 -9.66 -87.62 26.01
C VAL TB 73 -10.31 -88.31 27.20
N SER TB 74 -9.74 -89.44 27.62
CA SER TB 74 -10.29 -90.25 28.71
C SER TB 74 -9.95 -89.62 30.05
N ARG TB 75 -10.67 -88.54 30.37
CA ARG TB 75 -10.51 -87.82 31.62
C ARG TB 75 -11.77 -87.01 31.85
N ALA TB 76 -11.99 -86.62 33.11
CA ALA TB 76 -13.06 -85.68 33.41
C ALA TB 76 -12.81 -84.39 32.64
N TYR TB 77 -13.86 -83.86 32.02
CA TYR TB 77 -13.74 -82.74 31.08
C TYR TB 77 -12.79 -83.06 29.95
N GLY TB 78 -12.68 -84.33 29.59
CA GLY TB 78 -11.71 -84.73 28.59
C GLY TB 78 -12.13 -84.25 27.22
N GLY TB 79 -11.20 -83.62 26.51
CA GLY TB 79 -11.49 -83.10 25.19
C GLY TB 79 -12.26 -81.79 25.18
N SER TB 80 -12.51 -81.20 26.34
CA SER TB 80 -13.18 -79.90 26.39
C SER TB 80 -12.38 -78.95 27.26
N MET TB 81 -11.66 -79.47 28.24
CA MET TB 81 -10.84 -78.66 29.12
C MET TB 81 -9.46 -79.30 29.25
N CYS TB 82 -8.44 -78.46 29.31
CA CYS TB 82 -7.07 -78.93 29.39
C CYS TB 82 -6.81 -79.64 30.71
N ALA TB 83 -5.80 -80.51 30.70
CA ALA TB 83 -5.45 -81.26 31.91
C ALA TB 83 -5.00 -80.34 33.03
N LYS TB 84 -4.19 -79.33 32.70
CA LYS TB 84 -3.63 -78.46 33.74
C LYS TB 84 -4.72 -77.67 34.44
N CYS TB 85 -5.66 -77.12 33.67
CA CYS TB 85 -6.72 -76.32 34.26
C CYS TB 85 -7.81 -77.17 34.90
N VAL TB 86 -7.84 -78.47 34.62
CA VAL TB 86 -8.68 -79.37 35.40
C VAL TB 86 -8.13 -79.57 36.80
N ARG TB 87 -6.80 -79.75 36.92
CA ARG TB 87 -6.19 -79.89 38.24
C ARG TB 87 -6.46 -78.67 39.09
N ASP TB 88 -6.40 -77.49 38.49
CA ASP TB 88 -6.67 -76.27 39.23
C ASP TB 88 -8.11 -76.22 39.71
N ARG TB 89 -9.05 -76.68 38.89
CA ARG TB 89 -10.45 -76.65 39.31
C ARG TB 89 -10.74 -77.71 40.36
N ILE TB 90 -10.03 -78.84 40.31
CA ILE TB 90 -10.21 -79.86 41.34
C ILE TB 90 -9.70 -79.35 42.68
N LYS TB 91 -8.51 -78.78 42.69
CA LYS TB 91 -7.96 -78.23 43.92
C LYS TB 91 -8.80 -77.06 44.41
N ARG TB 92 -9.24 -76.20 43.50
CA ARG TB 92 -10.05 -75.06 43.90
C ARG TB 92 -11.39 -75.49 44.48
N ALA TB 93 -12.00 -76.52 43.89
CA ALA TB 93 -13.26 -77.02 44.42
C ALA TB 93 -13.08 -77.62 45.80
N PHE TB 94 -11.98 -78.35 45.99
CA PHE TB 94 -11.75 -79.01 47.27
C PHE TB 94 -11.41 -78.00 48.36
N LEU TB 95 -10.54 -77.04 48.05
CA LEU TB 95 -10.02 -76.14 49.08
C LEU TB 95 -11.06 -75.10 49.48
N ILE TB 96 -11.83 -74.59 48.51
CA ILE TB 96 -12.86 -73.62 48.85
C ILE TB 96 -13.94 -74.26 49.69
N GLU TB 97 -14.31 -75.51 49.37
CA GLU TB 97 -15.26 -76.22 50.20
C GLU TB 97 -14.71 -76.49 51.59
N GLU TB 98 -13.39 -76.65 51.72
CA GLU TB 98 -12.79 -76.73 53.04
C GLU TB 98 -12.92 -75.41 53.79
N GLN TB 99 -12.77 -74.31 53.06
CA GLN TB 99 -12.93 -72.99 53.69
C GLN TB 99 -14.33 -72.82 54.25
N LYS TB 100 -15.34 -73.34 53.54
CA LYS TB 100 -16.70 -73.27 54.04
C LYS TB 100 -16.85 -74.03 55.35
N ILE TB 101 -16.11 -75.13 55.50
CA ILE TB 101 -16.12 -75.87 56.76
C ILE TB 101 -15.42 -75.07 57.84
N VAL TB 102 -14.40 -74.29 57.47
CA VAL TB 102 -13.67 -73.49 58.45
C VAL TB 102 -14.57 -72.40 59.03
N VAL TB 103 -15.28 -71.67 58.17
CA VAL TB 103 -16.13 -70.59 58.66
C VAL TB 103 -17.33 -71.15 59.43
N LYS TB 104 -17.89 -72.28 58.96
CA LYS TB 104 -19.03 -72.88 59.65
C LYS TB 104 -18.63 -73.37 61.03
N VAL TB 105 -17.46 -73.98 61.16
CA VAL TB 105 -16.97 -74.39 62.47
C VAL TB 105 -16.63 -73.19 63.31
N LEU TB 106 -16.06 -72.14 62.69
CA LEU TB 106 -15.68 -70.95 63.44
C LEU TB 106 -16.90 -70.28 64.06
N LYS TB 107 -17.99 -70.18 63.31
CA LYS TB 107 -19.21 -69.61 63.87
C LYS TB 107 -19.87 -70.57 64.86
N ALA TB 108 -19.62 -71.88 64.71
CA ALA TB 108 -20.16 -72.84 65.66
C ALA TB 108 -19.49 -72.70 67.02
N GLN TB 109 -18.18 -72.48 67.04
CA GLN TB 109 -17.47 -72.22 68.28
C GLN TB 109 -17.54 -70.76 68.71
N ALA TB 110 -18.11 -69.89 67.88
CA ALA TB 110 -18.34 -68.51 68.26
C ALA TB 110 -19.70 -68.29 68.91
N GLN TB 111 -20.69 -69.12 68.57
CA GLN TB 111 -22.03 -68.98 69.11
C GLN TB 111 -22.18 -69.60 70.49
N SER TB 112 -21.09 -70.03 71.12
CA SER TB 112 -21.14 -70.49 72.50
C SER TB 112 -21.28 -69.35 73.49
N GLN TB 113 -21.22 -68.11 73.03
CA GLN TB 113 -21.40 -66.92 73.86
C GLN TB 113 -22.77 -66.32 73.59
N LYS TB 114 -23.46 -65.96 74.67
CA LYS TB 114 -24.78 -65.34 74.58
C LYS TB 114 -24.70 -63.96 73.94
N ALA UB 1 -63.79 -97.06 -40.73
CA ALA UB 1 -63.14 -97.79 -39.64
C ALA UB 1 -62.93 -96.87 -38.46
N LYS UB 2 -63.13 -95.57 -38.67
CA LYS UB 2 -62.94 -94.59 -37.62
C LYS UB 2 -63.99 -94.77 -36.53
N ILE UB 3 -63.78 -94.07 -35.42
CA ILE UB 3 -64.73 -94.09 -34.32
C ILE UB 3 -65.46 -92.76 -34.28
N LYS UB 4 -66.73 -92.83 -33.93
CA LYS UB 4 -67.59 -91.67 -33.75
C LYS UB 4 -67.89 -91.53 -32.26
N ALA UB 5 -68.58 -90.44 -31.91
CA ALA UB 5 -68.89 -90.24 -30.51
C ALA UB 5 -70.18 -90.91 -30.10
N ARG UB 6 -71.18 -90.93 -30.98
CA ARG UB 6 -72.50 -91.39 -30.58
C ARG UB 6 -72.55 -92.88 -30.32
N ASP UB 7 -71.59 -93.65 -30.83
CA ASP UB 7 -71.53 -95.07 -30.52
C ASP UB 7 -70.62 -95.38 -29.34
N LEU UB 8 -69.71 -94.47 -29.00
CA LEU UB 8 -68.92 -94.63 -27.79
C LEU UB 8 -69.77 -94.48 -26.54
N ARG UB 9 -70.88 -93.78 -26.65
CA ARG UB 9 -71.73 -93.55 -25.48
C ARG UB 9 -72.39 -94.84 -25.01
N GLY UB 10 -72.63 -95.77 -25.92
CA GLY UB 10 -73.23 -97.04 -25.52
C GLY UB 10 -72.32 -97.93 -24.71
N LYS UB 11 -71.00 -97.69 -24.78
CA LYS UB 11 -70.04 -98.49 -24.04
C LYS UB 11 -69.99 -98.04 -22.58
N LYS UB 12 -69.09 -98.65 -21.82
CA LYS UB 12 -68.96 -98.39 -20.40
C LYS UB 12 -67.52 -98.00 -20.06
N LYS UB 13 -67.25 -97.88 -18.76
CA LYS UB 13 -66.01 -97.26 -18.30
C LYS UB 13 -64.78 -98.05 -18.74
N GLU UB 14 -64.83 -99.37 -18.61
CA GLU UB 14 -63.63 -100.17 -18.83
C GLU UB 14 -63.25 -100.22 -20.30
N GLU UB 15 -64.23 -100.48 -21.17
CA GLU UB 15 -63.92 -100.59 -22.59
C GLU UB 15 -63.59 -99.23 -23.20
N LEU UB 16 -64.09 -98.15 -22.60
CA LEU UB 16 -63.66 -96.82 -22.99
C LEU UB 16 -62.18 -96.63 -22.69
N LEU UB 17 -61.73 -97.08 -21.52
CA LEU UB 17 -60.34 -96.94 -21.15
C LEU UB 17 -59.45 -97.85 -22.00
N LYS UB 18 -59.97 -99.01 -22.39
CA LYS UB 18 -59.23 -99.88 -23.29
C LYS UB 18 -59.06 -99.23 -24.65
N GLN UB 19 -60.14 -98.65 -25.18
CA GLN UB 19 -60.09 -97.98 -26.48
C GLN UB 19 -59.17 -96.78 -26.45
N LEU UB 20 -59.21 -96.02 -25.34
CA LEU UB 20 -58.32 -94.88 -25.19
C LEU UB 20 -56.87 -95.31 -25.15
N ASP UB 21 -56.59 -96.41 -24.45
CA ASP UB 21 -55.20 -96.89 -24.35
C ASP UB 21 -54.68 -97.32 -25.71
N ASP UB 22 -55.53 -97.93 -26.54
CA ASP UB 22 -55.09 -98.38 -27.85
C ASP UB 22 -54.80 -97.20 -28.77
N LEU UB 23 -55.54 -96.11 -28.60
CA LEU UB 23 -55.27 -94.91 -29.39
C LEU UB 23 -54.00 -94.23 -28.91
N LYS UB 24 -53.70 -94.30 -27.61
CA LYS UB 24 -52.49 -93.68 -27.10
C LYS UB 24 -51.25 -94.41 -27.59
N VAL UB 25 -51.28 -95.75 -27.58
CA VAL UB 25 -50.11 -96.49 -28.04
C VAL UB 25 -49.93 -96.35 -29.54
N GLU UB 26 -51.02 -96.22 -30.29
CA GLU UB 26 -50.90 -96.02 -31.73
C GLU UB 26 -50.30 -94.66 -32.04
N LEU UB 27 -50.62 -93.64 -31.23
CA LEU UB 27 -50.04 -92.33 -31.45
C LEU UB 27 -48.55 -92.33 -31.13
N SER UB 28 -48.13 -93.14 -30.16
CA SER UB 28 -46.70 -93.24 -29.88
C SER UB 28 -45.97 -93.89 -31.04
N GLN UB 29 -46.58 -94.89 -31.68
CA GLN UB 29 -45.95 -95.51 -32.84
C GLN UB 29 -45.91 -94.56 -34.03
N LEU UB 30 -46.96 -93.75 -34.19
CA LEU UB 30 -46.97 -92.79 -35.29
C LEU UB 30 -45.96 -91.66 -35.05
N ARG UB 31 -45.66 -91.35 -33.79
CA ARG UB 31 -44.67 -90.33 -33.51
C ARG UB 31 -43.25 -90.86 -33.71
N VAL UB 32 -43.06 -92.17 -33.55
CA VAL UB 32 -41.79 -92.78 -33.89
C VAL UB 32 -41.57 -92.75 -35.40
N ALA UB 33 -42.62 -93.05 -36.16
CA ALA UB 33 -42.51 -93.04 -37.62
C ALA UB 33 -42.28 -91.63 -38.14
N LYS UB 34 -42.75 -90.62 -37.41
CA LYS UB 34 -42.47 -89.25 -37.80
C LYS UB 34 -40.99 -88.94 -37.70
N VAL UB 35 -40.34 -89.41 -36.64
CA VAL UB 35 -38.91 -89.16 -36.46
C VAL UB 35 -38.09 -90.01 -37.42
N THR UB 36 -38.52 -91.25 -37.66
CA THR UB 36 -37.76 -92.18 -38.49
C THR UB 36 -38.17 -92.11 -39.96
N GLY UB 37 -38.56 -90.94 -40.43
CA GLY UB 37 -39.00 -90.79 -41.80
C GLY UB 37 -40.44 -91.15 -41.97
N GLY UB 38 -40.75 -92.45 -41.97
CA GLY UB 38 -42.13 -92.84 -42.17
C GLY UB 38 -42.60 -92.51 -43.58
N ALA UB 39 -43.90 -92.50 -43.74
CA ALA UB 39 -44.51 -92.20 -45.03
C ALA UB 39 -45.61 -91.18 -44.84
N ALA UB 40 -46.18 -90.73 -45.96
CA ALA UB 40 -47.30 -89.82 -45.90
C ALA UB 40 -48.52 -90.50 -45.27
N SER UB 41 -48.73 -91.77 -45.57
CA SER UB 41 -49.88 -92.49 -45.03
C SER UB 41 -49.83 -92.58 -43.52
N LYS UB 42 -48.64 -92.50 -42.93
CA LYS UB 42 -48.50 -92.63 -41.49
C LYS UB 42 -48.42 -91.28 -40.79
N LEU UB 43 -47.92 -90.25 -41.47
CA LEU UB 43 -47.96 -88.92 -40.87
C LEU UB 43 -49.38 -88.37 -40.85
N SER UB 44 -50.15 -88.64 -41.91
CA SER UB 44 -51.51 -88.13 -41.98
C SER UB 44 -52.40 -88.73 -40.91
N LYS UB 45 -52.07 -89.92 -40.41
CA LYS UB 45 -52.86 -90.55 -39.36
C LYS UB 45 -52.56 -89.98 -37.98
N ILE UB 46 -51.59 -89.10 -37.87
CA ILE UB 46 -51.28 -88.51 -36.56
C ILE UB 46 -52.45 -87.67 -36.07
N ARG UB 47 -53.02 -86.84 -36.95
CA ARG UB 47 -54.15 -86.02 -36.55
C ARG UB 47 -55.40 -86.86 -36.34
N VAL UB 48 -55.57 -87.92 -37.13
CA VAL UB 48 -56.76 -88.75 -37.01
C VAL UB 48 -56.81 -89.40 -35.64
N VAL UB 49 -55.69 -89.97 -35.22
CA VAL UB 49 -55.63 -90.62 -33.91
C VAL UB 49 -55.75 -89.59 -32.80
N ARG UB 50 -55.17 -88.41 -32.99
CA ARG UB 50 -55.28 -87.36 -31.97
C ARG UB 50 -56.72 -86.91 -31.79
N LYS UB 51 -57.47 -86.82 -32.89
CA LYS UB 51 -58.89 -86.50 -32.78
C LYS UB 51 -59.65 -87.63 -32.11
N SER UB 52 -59.23 -88.87 -32.36
CA SER UB 52 -59.89 -90.00 -31.71
C SER UB 52 -59.65 -89.99 -30.21
N ILE UB 53 -58.45 -89.58 -29.79
CA ILE UB 53 -58.14 -89.50 -28.37
C ILE UB 53 -59.01 -88.43 -27.70
N ALA UB 54 -59.15 -87.28 -28.36
CA ALA UB 54 -59.99 -86.22 -27.83
C ALA UB 54 -61.44 -86.66 -27.77
N ARG UB 55 -61.86 -87.50 -28.72
CA ARG UB 55 -63.25 -87.93 -28.75
C ARG UB 55 -63.56 -88.91 -27.63
N VAL UB 56 -62.67 -89.86 -27.39
CA VAL UB 56 -62.89 -90.81 -26.30
C VAL UB 56 -62.85 -90.08 -24.96
N LEU UB 57 -61.92 -89.14 -24.82
CA LEU UB 57 -61.80 -88.43 -23.56
C LEU UB 57 -63.01 -87.54 -23.29
N THR UB 58 -63.54 -86.89 -24.31
CA THR UB 58 -64.68 -86.01 -24.08
C THR UB 58 -65.94 -86.80 -23.77
N VAL UB 59 -65.98 -88.07 -24.16
CA VAL UB 59 -67.12 -88.92 -23.81
C VAL UB 59 -66.97 -89.44 -22.40
N ILE UB 60 -65.73 -89.71 -21.98
CA ILE UB 60 -65.48 -90.11 -20.60
C ILE UB 60 -65.81 -88.95 -19.66
N ASN UB 61 -65.34 -87.76 -20.00
CA ASN UB 61 -65.54 -86.60 -19.13
C ASN UB 61 -66.96 -86.09 -19.18
N GLN UB 62 -67.76 -86.54 -20.14
CA GLN UB 62 -69.16 -86.17 -20.17
C GLN UB 62 -70.01 -87.20 -19.44
N THR UB 63 -69.72 -88.48 -19.63
CA THR UB 63 -70.43 -89.52 -18.91
C THR UB 63 -70.19 -89.41 -17.42
N GLN UB 64 -68.94 -89.15 -17.03
CA GLN UB 64 -68.63 -88.98 -15.61
C GLN UB 64 -69.32 -87.76 -15.03
N LYS UB 65 -69.31 -86.65 -15.76
CA LYS UB 65 -69.90 -85.42 -15.26
C LYS UB 65 -71.41 -85.55 -15.09
N GLU UB 66 -72.08 -86.22 -16.04
CA GLU UB 66 -73.52 -86.39 -15.95
C GLU UB 66 -73.91 -87.21 -14.74
N ASN UB 67 -73.11 -88.21 -14.40
CA ASN UB 67 -73.40 -89.01 -13.22
C ASN UB 67 -73.18 -88.21 -11.95
N LEU UB 68 -72.25 -87.26 -11.98
CA LEU UB 68 -72.04 -86.40 -10.82
C LEU UB 68 -73.18 -85.41 -10.66
N ARG UB 69 -73.67 -84.85 -11.77
CA ARG UB 69 -74.85 -83.99 -11.70
C ARG UB 69 -76.07 -84.76 -11.23
N LYS UB 70 -76.22 -85.99 -11.73
CA LYS UB 70 -77.35 -86.82 -11.35
C LYS UB 70 -77.28 -87.22 -9.89
N PHE UB 71 -76.07 -87.43 -9.36
CA PHE UB 71 -75.91 -87.84 -7.97
C PHE UB 71 -76.14 -86.67 -7.02
N TYR UB 72 -75.63 -85.50 -7.37
CA TYR UB 72 -75.70 -84.33 -6.49
C TYR UB 72 -76.99 -83.55 -6.66
N LYS UB 73 -77.92 -84.01 -7.48
CA LYS UB 73 -79.20 -83.34 -7.61
C LYS UB 73 -80.04 -83.59 -6.37
N GLY UB 74 -80.65 -82.52 -5.86
CA GLY UB 74 -81.49 -82.60 -4.69
C GLY UB 74 -80.78 -82.42 -3.37
N LYS UB 75 -79.45 -82.42 -3.37
CA LYS UB 75 -78.70 -82.17 -2.15
C LYS UB 75 -78.55 -80.66 -1.95
N LYS UB 76 -78.46 -80.25 -0.69
CA LYS UB 76 -78.44 -78.83 -0.37
C LYS UB 76 -77.17 -78.17 -0.88
N TYR UB 77 -76.04 -78.86 -0.80
CA TYR UB 77 -74.75 -78.31 -1.19
C TYR UB 77 -74.17 -79.14 -2.32
N LYS UB 78 -73.79 -78.47 -3.39
CA LYS UB 78 -73.21 -79.10 -4.57
C LYS UB 78 -71.78 -78.60 -4.76
N PRO UB 79 -70.94 -79.37 -5.44
CA PRO UB 79 -69.61 -78.87 -5.78
C PRO UB 79 -69.72 -77.64 -6.67
N LEU UB 80 -68.70 -76.78 -6.58
CA LEU UB 80 -68.76 -75.48 -7.24
C LEU UB 80 -68.89 -75.61 -8.74
N ASP UB 81 -68.23 -76.61 -9.33
CA ASP UB 81 -68.34 -76.80 -10.77
C ASP UB 81 -69.65 -77.47 -11.17
N LEU UB 82 -70.46 -77.92 -10.23
CA LEU UB 82 -71.79 -78.39 -10.54
C LEU UB 82 -72.86 -77.32 -10.36
N ARG UB 83 -72.48 -76.15 -9.87
CA ARG UB 83 -73.40 -75.04 -9.70
C ARG UB 83 -73.46 -74.21 -10.97
N PRO UB 84 -74.54 -73.45 -11.17
CA PRO UB 84 -74.60 -72.56 -12.32
C PRO UB 84 -73.49 -71.52 -12.29
N LYS UB 85 -73.01 -71.17 -13.48
CA LYS UB 85 -71.90 -70.24 -13.66
C LYS UB 85 -72.30 -69.11 -14.57
N LYS UB 86 -73.42 -68.48 -14.25
CA LYS UB 86 -73.95 -67.39 -15.05
C LYS UB 86 -72.95 -66.25 -15.18
N THR UB 87 -72.68 -65.59 -14.06
CA THR UB 87 -71.88 -64.39 -13.92
C THR UB 87 -71.74 -64.15 -12.43
N ARG UB 88 -70.57 -63.67 -12.01
CA ARG UB 88 -70.36 -63.39 -10.60
C ARG UB 88 -71.41 -62.42 -10.07
N ALA UB 89 -71.71 -61.38 -10.85
CA ALA UB 89 -72.76 -60.44 -10.46
C ALA UB 89 -74.13 -61.12 -10.44
N MET UB 90 -74.41 -61.96 -11.44
CA MET UB 90 -75.72 -62.60 -11.52
C MET UB 90 -75.90 -63.68 -10.46
N ARG UB 91 -74.84 -64.08 -9.79
CA ARG UB 91 -74.94 -65.04 -8.71
C ARG UB 91 -75.06 -64.39 -7.34
N ARG UB 92 -74.75 -63.10 -7.23
CA ARG UB 92 -74.89 -62.39 -5.97
C ARG UB 92 -76.27 -61.80 -5.78
N ARG UB 93 -77.17 -61.93 -6.75
CA ARG UB 93 -78.44 -61.24 -6.68
C ARG UB 93 -79.50 -62.08 -5.99
N LEU UB 94 -80.65 -61.44 -5.76
CA LEU UB 94 -81.78 -62.08 -5.11
C LEU UB 94 -82.34 -63.19 -5.99
N ASN UB 95 -82.67 -64.31 -5.38
CA ASN UB 95 -83.37 -65.32 -6.14
C ASN UB 95 -84.81 -64.88 -6.37
N LYS UB 96 -85.49 -65.59 -7.28
CA LYS UB 96 -86.85 -65.20 -7.63
C LYS UB 96 -87.79 -65.27 -6.44
N HIS UB 97 -87.50 -66.13 -5.48
CA HIS UB 97 -88.38 -66.24 -4.32
C HIS UB 97 -88.32 -64.98 -3.46
N GLU UB 98 -87.11 -64.52 -3.14
CA GLU UB 98 -86.97 -63.36 -2.27
C GLU UB 98 -86.96 -62.04 -3.01
N GLU UB 99 -86.96 -62.07 -4.34
CA GLU UB 99 -87.07 -60.82 -5.08
C GLU UB 99 -88.49 -60.28 -5.00
N ASN UB 100 -89.49 -61.16 -4.96
CA ASN UB 100 -90.88 -60.77 -5.06
C ASN UB 100 -91.68 -61.14 -3.81
N LEU UB 101 -91.07 -61.14 -2.64
CA LEU UB 101 -91.83 -61.27 -1.41
C LEU UB 101 -91.94 -59.90 -0.74
N LYS UB 102 -93.15 -59.57 -0.30
CA LYS UB 102 -93.46 -58.25 0.23
C LYS UB 102 -93.88 -58.34 1.68
N THR UB 103 -93.69 -57.25 2.41
CA THR UB 103 -94.12 -57.16 3.79
C THR UB 103 -95.64 -57.11 3.87
N LYS UB 104 -96.14 -57.38 5.08
CA LYS UB 104 -97.59 -57.42 5.26
C LYS UB 104 -98.23 -56.06 5.08
N LYS UB 105 -97.47 -54.99 5.31
CA LYS UB 105 -98.00 -53.65 5.04
C LYS UB 105 -98.24 -53.45 3.55
N GLN UB 106 -97.30 -53.89 2.71
CA GLN UB 106 -97.42 -53.66 1.27
C GLN UB 106 -98.57 -54.46 0.68
N GLN UB 107 -98.73 -55.72 1.10
CA GLN UB 107 -99.78 -56.54 0.52
C GLN UB 107 -101.15 -56.20 1.07
N ARG UB 108 -101.21 -55.47 2.19
CA ARG UB 108 -102.47 -54.92 2.65
C ARG UB 108 -102.86 -53.71 1.81
N LYS UB 109 -101.89 -52.89 1.43
CA LYS UB 109 -102.17 -51.76 0.54
C LYS UB 109 -102.64 -52.23 -0.82
N GLU UB 110 -102.04 -53.31 -1.33
CA GLU UB 110 -102.41 -53.79 -2.65
C GLU UB 110 -103.75 -54.50 -2.64
N ARG UB 111 -104.13 -55.09 -1.51
CA ARG UB 111 -105.46 -55.69 -1.40
C ARG UB 111 -106.53 -54.62 -1.25
N LEU UB 112 -106.27 -53.60 -0.41
CA LEU UB 112 -107.29 -52.60 -0.13
C LEU UB 112 -107.44 -51.59 -1.25
N TYR UB 113 -106.36 -51.24 -1.94
CA TYR UB 113 -106.39 -50.22 -2.98
C TYR UB 113 -105.77 -50.77 -4.25
N PRO UB 114 -106.45 -51.68 -4.93
CA PRO UB 114 -105.94 -52.20 -6.19
C PRO UB 114 -106.17 -51.21 -7.32
N LEU UB 115 -105.26 -51.23 -8.30
CA LEU UB 115 -105.37 -50.33 -9.43
C LEU UB 115 -106.54 -50.77 -10.32
N ARG UB 116 -107.35 -49.79 -10.73
CA ARG UB 116 -108.57 -50.07 -11.45
C ARG UB 116 -108.41 -49.78 -12.94
N LYS UB 117 -109.13 -50.56 -13.74
CA LYS UB 117 -109.26 -50.27 -15.17
C LYS UB 117 -110.43 -49.33 -15.37
N TYR UB 118 -110.20 -48.26 -16.11
CA TYR UB 118 -111.24 -47.24 -16.29
C TYR UB 118 -110.98 -46.50 -17.59
N ALA UB 119 -112.01 -45.83 -18.07
CA ALA UB 119 -111.93 -44.97 -19.24
C ALA UB 119 -112.68 -43.68 -18.95
N VAL UB 120 -112.21 -42.59 -19.54
CA VAL UB 120 -112.81 -41.28 -19.33
C VAL UB 120 -113.55 -40.90 -20.60
N LYS UB 121 -114.83 -40.55 -20.47
CA LYS UB 121 -115.62 -40.12 -21.60
C LYS UB 121 -115.14 -38.78 -22.12
N ALA UB 122 -115.36 -38.55 -23.41
CA ALA UB 122 -114.95 -37.31 -24.05
C ALA UB 122 -115.98 -36.85 -25.07
N ALA VB 1 -118.13 3.27 -7.90
CA ALA VB 1 -118.18 2.98 -6.47
C ALA VB 1 -117.13 3.80 -5.74
N LEU VB 2 -117.31 3.94 -4.43
CA LEU VB 2 -116.39 4.74 -3.64
C LEU VB 2 -115.06 4.04 -3.42
N ARG VB 3 -115.08 2.73 -3.16
CA ARG VB 3 -113.87 1.97 -2.87
C ARG VB 3 -113.76 0.82 -3.86
N TYR VB 4 -112.83 0.93 -4.76
CA TYR VB 4 -112.47 -0.13 -5.68
C TYR VB 4 -111.30 -0.93 -5.12
N PRO VB 5 -111.23 -2.23 -5.38
CA PRO VB 5 -110.04 -3.00 -5.01
C PRO VB 5 -108.82 -2.47 -5.75
N MET VB 6 -107.72 -2.33 -5.02
CA MET VB 6 -106.53 -1.68 -5.54
C MET VB 6 -105.33 -2.60 -5.45
N ALA VB 7 -104.36 -2.34 -6.30
CA ALA VB 7 -103.10 -3.07 -6.28
C ALA VB 7 -102.10 -2.51 -5.30
N VAL VB 8 -102.41 -1.40 -4.64
CA VAL VB 8 -101.56 -0.79 -3.64
C VAL VB 8 -102.41 -0.40 -2.44
N GLY VB 9 -101.77 0.10 -1.40
CA GLY VB 9 -102.46 0.56 -0.22
C GLY VB 9 -102.44 -0.44 0.91
N LEU VB 10 -103.15 -0.09 1.98
CA LEU VB 10 -103.26 -0.99 3.12
C LEU VB 10 -103.99 -2.27 2.75
N ASN VB 11 -105.04 -2.15 1.94
CA ASN VB 11 -105.91 -3.27 1.58
C ASN VB 11 -105.72 -3.69 0.13
N LYS VB 12 -104.48 -3.72 -0.32
CA LYS VB 12 -104.20 -4.12 -1.68
C LYS VB 12 -104.52 -5.60 -1.88
N GLY VB 13 -104.79 -5.96 -3.13
CA GLY VB 13 -104.99 -7.35 -3.48
C GLY VB 13 -106.37 -7.67 -3.98
N HIS VB 14 -106.45 -8.71 -4.81
CA HIS VB 14 -107.72 -9.24 -5.27
C HIS VB 14 -108.49 -9.83 -4.10
N LYS VB 15 -109.81 -9.70 -4.15
CA LYS VB 15 -110.65 -10.07 -3.02
C LYS VB 15 -111.18 -11.49 -3.19
N VAL VB 16 -110.83 -12.36 -2.25
CA VAL VB 16 -111.40 -13.69 -2.13
C VAL VB 16 -111.76 -13.92 -0.68
N THR VB 17 -112.70 -14.84 -0.44
CA THR VB 17 -113.08 -15.19 0.92
C THR VB 17 -112.17 -16.31 1.42
N LYS VB 18 -111.51 -16.05 2.55
CA LYS VB 18 -110.47 -16.95 3.03
C LYS VB 18 -111.08 -18.24 3.57
N ASN VB 19 -110.50 -19.37 3.19
CA ASN VB 19 -110.94 -20.68 3.65
C ASN VB 19 -110.23 -20.98 4.95
N VAL VB 20 -110.89 -20.64 6.06
CA VAL VB 20 -110.36 -20.98 7.37
C VAL VB 20 -110.59 -22.46 7.65
N SER VB 21 -109.54 -23.14 8.10
CA SER VB 21 -109.62 -24.56 8.40
C SER VB 21 -108.57 -24.87 9.46
N LYS VB 22 -108.68 -26.06 10.02
CA LYS VB 22 -107.75 -26.46 11.07
C LYS VB 22 -106.33 -26.49 10.52
N PRO VB 23 -105.34 -26.09 11.30
CA PRO VB 23 -103.96 -26.12 10.81
C PRO VB 23 -103.49 -27.55 10.58
N ARG VB 24 -102.49 -27.67 9.72
CA ARG VB 24 -101.91 -28.97 9.41
C ARG VB 24 -101.31 -29.58 10.66
N HIS VB 25 -101.24 -30.91 10.69
CA HIS VB 25 -100.65 -31.57 11.84
C HIS VB 25 -99.16 -31.33 11.93
N SER VB 26 -98.50 -30.97 10.82
CA SER VB 26 -97.09 -30.61 10.90
C SER VB 26 -96.90 -29.37 11.74
N ARG VB 27 -97.85 -28.43 11.70
CA ARG VB 27 -97.75 -27.21 12.50
C ARG VB 27 -97.78 -27.50 13.99
N ARG VB 28 -98.32 -28.65 14.38
CA ARG VB 28 -98.39 -29.04 15.78
C ARG VB 28 -97.02 -29.36 16.37
N ARG VB 29 -96.00 -29.55 15.53
CA ARG VB 29 -94.67 -29.94 15.99
C ARG VB 29 -94.13 -28.94 17.01
N GLY VB 30 -93.52 -29.46 18.07
CA GLY VB 30 -92.91 -28.65 19.10
C GLY VB 30 -93.77 -28.43 20.33
N ARG VB 31 -95.04 -28.80 20.28
CA ARG VB 31 -95.91 -28.61 21.44
C ARG VB 31 -95.54 -29.58 22.54
N LEU VB 32 -95.31 -29.05 23.75
CA LEU VB 32 -94.89 -29.85 24.89
C LEU VB 32 -96.06 -30.63 25.44
N THR VB 33 -95.94 -31.95 25.49
CA THR VB 33 -97.00 -32.82 25.95
C THR VB 33 -96.82 -33.11 27.44
N LYS VB 34 -97.87 -33.68 28.03
CA LYS VB 34 -97.81 -34.03 29.44
C LYS VB 34 -96.76 -35.10 29.70
N HIS VB 35 -96.69 -36.10 28.83
CA HIS VB 35 -95.73 -37.18 29.06
C HIS VB 35 -94.31 -36.73 28.80
N THR VB 36 -94.09 -35.93 27.76
CA THR VB 36 -92.75 -35.40 27.49
C THR VB 36 -92.30 -34.48 28.60
N LYS VB 37 -93.22 -33.68 29.14
CA LYS VB 37 -92.89 -32.82 30.27
C LYS VB 37 -92.51 -33.65 31.48
N PHE VB 38 -93.20 -34.77 31.70
CA PHE VB 38 -92.86 -35.65 32.81
C PHE VB 38 -91.45 -36.21 32.64
N VAL VB 39 -91.10 -36.62 31.43
CA VAL VB 39 -89.79 -37.23 31.21
C VAL VB 39 -88.68 -36.22 31.43
N ARG VB 40 -88.80 -35.05 30.81
CA ARG VB 40 -87.72 -34.06 30.87
C ARG VB 40 -87.53 -33.54 32.29
N ASP VB 41 -88.60 -33.50 33.07
CA ASP VB 41 -88.45 -33.14 34.48
C ASP VB 41 -87.74 -34.23 35.26
N MET VB 42 -88.03 -35.50 34.93
CA MET VB 42 -87.36 -36.60 35.59
C MET VB 42 -85.86 -36.57 35.31
N ILE VB 43 -85.48 -36.28 34.07
CA ILE VB 43 -84.07 -36.20 33.73
C ILE VB 43 -83.41 -35.03 34.45
N ARG VB 44 -84.14 -33.92 34.60
CA ARG VB 44 -83.56 -32.74 35.24
C ARG VB 44 -83.22 -33.02 36.70
N GLU VB 45 -84.08 -33.75 37.40
CA GLU VB 45 -83.82 -34.05 38.80
C GLU VB 45 -82.82 -35.17 38.98
N VAL VB 46 -82.48 -35.90 37.93
CA VAL VB 46 -81.43 -36.90 38.03
C VAL VB 46 -80.08 -36.29 37.65
N CYS VB 47 -80.03 -35.62 36.50
CA CYS VB 47 -78.77 -35.12 35.97
C CYS VB 47 -78.27 -33.90 36.72
N GLY VB 48 -79.17 -33.00 37.11
CA GLY VB 48 -78.76 -31.74 37.68
C GLY VB 48 -78.71 -30.66 36.61
N PHE VB 49 -77.65 -29.87 36.60
CA PHE VB 49 -77.52 -28.78 35.64
C PHE VB 49 -76.13 -28.81 35.03
N ALA VB 50 -76.01 -28.18 33.87
CA ALA VB 50 -74.71 -27.95 33.29
C ALA VB 50 -73.94 -26.93 34.14
N PRO VB 51 -72.61 -26.99 34.13
CA PRO VB 51 -71.85 -26.05 34.97
C PRO VB 51 -72.10 -24.59 34.66
N TYR VB 52 -72.26 -24.23 33.38
CA TYR VB 52 -72.51 -22.82 33.06
C TYR VB 52 -73.90 -22.39 33.50
N GLU VB 53 -74.84 -23.32 33.57
CA GLU VB 53 -76.17 -22.98 34.07
C GLU VB 53 -76.14 -22.79 35.58
N ARG VB 54 -75.33 -23.57 36.28
CA ARG VB 54 -75.17 -23.35 37.71
C ARG VB 54 -74.46 -22.04 38.00
N ARG VB 55 -73.47 -21.70 37.18
CA ARG VB 55 -72.81 -20.41 37.33
C ARG VB 55 -73.78 -19.26 37.08
N ALA VB 56 -74.61 -19.38 36.05
CA ALA VB 56 -75.57 -18.33 35.76
C ALA VB 56 -76.60 -18.20 36.86
N MET VB 57 -76.92 -19.30 37.55
CA MET VB 57 -77.81 -19.21 38.71
C MET VB 57 -77.17 -18.41 39.82
N GLU VB 58 -75.85 -18.53 40.00
CA GLU VB 58 -75.16 -17.71 40.99
C GLU VB 58 -75.32 -16.23 40.68
N LEU VB 59 -75.20 -15.87 39.41
CA LEU VB 59 -75.37 -14.48 39.01
C LEU VB 59 -76.80 -14.01 39.24
N LEU VB 60 -77.77 -14.91 39.12
CA LEU VB 60 -79.15 -14.52 39.35
C LEU VB 60 -79.46 -14.37 40.83
N LYS VB 61 -78.78 -15.14 41.68
CA LYS VB 61 -79.00 -15.03 43.11
C LYS VB 61 -78.49 -13.71 43.65
N VAL VB 62 -77.52 -13.10 42.99
CA VAL VB 62 -76.96 -11.84 43.46
C VAL VB 62 -77.61 -10.69 42.71
N SER VB 63 -78.71 -10.98 42.01
CA SER VB 63 -79.50 -9.99 41.28
C SER VB 63 -78.68 -9.27 40.21
N LYS VB 64 -77.74 -9.98 39.60
CA LYS VB 64 -77.02 -9.47 38.44
C LYS VB 64 -77.67 -10.01 37.17
N ASP VB 65 -78.90 -9.56 36.94
CA ASP VB 65 -79.69 -10.06 35.82
C ASP VB 65 -79.06 -9.70 34.49
N LYS VB 66 -78.56 -8.47 34.37
CA LYS VB 66 -77.94 -8.06 33.11
C LYS VB 66 -76.68 -8.87 32.83
N ARG VB 67 -75.86 -9.10 33.84
CA ARG VB 67 -74.63 -9.85 33.63
C ARG VB 67 -74.91 -11.33 33.36
N ALA VB 68 -75.93 -11.88 34.02
CA ALA VB 68 -76.30 -13.26 33.76
C ALA VB 68 -76.78 -13.46 32.33
N LEU VB 69 -77.57 -12.52 31.82
CA LEU VB 69 -78.02 -12.61 30.44
C LEU VB 69 -76.86 -12.51 29.46
N LYS VB 70 -75.88 -11.65 29.76
CA LYS VB 70 -74.70 -11.56 28.91
C LYS VB 70 -73.90 -12.84 28.94
N PHE VB 71 -73.79 -13.47 30.11
CA PHE VB 71 -73.04 -14.72 30.22
C PHE VB 71 -73.73 -15.84 29.46
N ILE VB 72 -75.05 -15.98 29.65
CA ILE VB 72 -75.81 -17.03 28.97
C ILE VB 72 -75.79 -16.81 27.47
N LYS VB 73 -75.92 -15.57 27.02
CA LYS VB 73 -75.87 -15.28 25.59
C LYS VB 73 -74.51 -15.62 25.01
N LYS VB 74 -73.44 -15.37 25.77
CA LYS VB 74 -72.11 -15.73 25.29
C LYS VB 74 -71.93 -17.24 25.20
N ARG VB 75 -72.63 -18.00 26.05
CA ARG VB 75 -72.52 -19.44 26.01
C ARG VB 75 -73.42 -20.06 24.94
N VAL VB 76 -74.73 -19.86 25.08
CA VAL VB 76 -75.69 -20.48 24.17
C VAL VB 76 -75.53 -19.92 22.76
N GLY VB 77 -75.39 -18.60 22.64
CA GLY VB 77 -75.02 -18.01 21.37
C GLY VB 77 -75.89 -16.89 20.87
N THR VB 78 -77.20 -16.98 21.05
CA THR VB 78 -78.10 -15.98 20.53
C THR VB 78 -78.86 -15.31 21.66
N HIS VB 79 -79.39 -14.12 21.36
CA HIS VB 79 -80.11 -13.37 22.38
C HIS VB 79 -81.45 -14.01 22.70
N ILE VB 80 -82.16 -14.49 21.68
CA ILE VB 80 -83.50 -15.04 21.90
C ILE VB 80 -83.44 -16.33 22.69
N ARG VB 81 -82.42 -17.16 22.42
CA ARG VB 81 -82.24 -18.36 23.22
C ARG VB 81 -81.75 -18.01 24.62
N ALA VB 82 -80.98 -16.94 24.75
CA ALA VB 82 -80.52 -16.52 26.07
C ALA VB 82 -81.67 -16.07 26.95
N LYS VB 83 -82.62 -15.32 26.38
CA LYS VB 83 -83.75 -14.83 27.15
C LYS VB 83 -84.61 -15.99 27.64
N ARG VB 84 -84.83 -16.98 26.78
CA ARG VB 84 -85.60 -18.16 27.19
C ARG VB 84 -84.88 -18.94 28.27
N LYS VB 85 -83.56 -19.10 28.14
CA LYS VB 85 -82.80 -19.87 29.12
C LYS VB 85 -82.77 -19.18 30.47
N ARG VB 86 -82.65 -17.86 30.48
CA ARG VB 86 -82.61 -17.12 31.74
C ARG VB 86 -83.92 -17.29 32.51
N GLU VB 87 -85.04 -17.32 31.80
CA GLU VB 87 -86.31 -17.53 32.47
C GLU VB 87 -86.42 -18.95 33.02
N GLU VB 88 -85.85 -19.92 32.30
CA GLU VB 88 -85.87 -21.29 32.79
C GLU VB 88 -85.01 -21.44 34.04
N LEU VB 89 -83.89 -20.73 34.10
CA LEU VB 89 -83.04 -20.78 35.28
C LEU VB 89 -83.64 -19.99 36.44
N SER VB 90 -84.34 -18.91 36.15
CA SER VB 90 -85.00 -18.16 37.22
C SER VB 90 -86.17 -18.95 37.78
N ASN VB 91 -86.85 -19.72 36.94
CA ASN VB 91 -87.99 -20.50 37.41
C ASN VB 91 -87.55 -21.53 38.44
N VAL VB 92 -86.39 -22.14 38.23
CA VAL VB 92 -85.95 -23.16 39.17
C VAL VB 92 -85.29 -22.53 40.39
N LEU VB 93 -84.84 -21.29 40.29
CA LEU VB 93 -84.34 -20.61 41.48
C LEU VB 93 -85.48 -20.26 42.42
N ALA VB 94 -86.59 -19.76 41.86
CA ALA VB 94 -87.76 -19.48 42.69
C ALA VB 94 -88.40 -20.76 43.18
N ALA VB 95 -88.36 -21.81 42.36
CA ALA VB 95 -88.93 -23.09 42.77
C ALA VB 95 -88.15 -23.70 43.93
N MET VB 96 -86.81 -23.64 43.88
CA MET VB 96 -86.03 -24.15 45.00
C MET VB 96 -86.06 -23.18 46.17
N ARG VB 97 -86.43 -21.93 45.93
CA ARG VB 97 -86.52 -20.97 47.03
C ARG VB 97 -87.70 -21.28 47.93
N LYS VB 98 -88.86 -21.53 47.33
CA LYS VB 98 -90.01 -21.96 48.12
C LYS VB 98 -89.94 -23.43 48.47
N ALA VB 99 -89.02 -24.18 47.87
CA ALA VB 99 -88.78 -25.55 48.31
C ALA VB 99 -88.06 -25.57 49.66
N ALA VB 100 -87.06 -24.70 49.83
CA ALA VB 100 -86.32 -24.64 51.08
C ALA VB 100 -87.02 -23.76 52.12
N ALA VB 101 -87.88 -22.83 51.68
CA ALA VB 101 -88.58 -21.96 52.60
C ALA VB 101 -89.70 -22.66 53.35
N LYS VB 102 -90.01 -23.90 52.99
CA LYS VB 102 -91.15 -24.60 53.58
C LYS VB 102 -90.74 -25.95 54.15
N THR WB 1 -13.55 -40.26 -18.41
CA THR WB 1 -14.18 -40.05 -19.69
C THR WB 1 -15.64 -40.43 -19.64
N LYS WB 2 -16.53 -39.47 -19.90
CA LYS WB 2 -17.95 -39.68 -19.69
C LYS WB 2 -18.67 -40.27 -20.88
N GLY WB 3 -17.97 -40.55 -21.97
CA GLY WB 3 -18.64 -41.01 -23.17
C GLY WB 3 -18.46 -42.47 -23.50
N THR WB 4 -17.60 -42.76 -24.47
CA THR WB 4 -17.39 -44.12 -24.93
C THR WB 4 -16.75 -44.98 -23.85
N SER WB 5 -15.78 -44.43 -23.12
CA SER WB 5 -15.03 -45.22 -22.16
C SER WB 5 -15.91 -45.68 -21.00
N SER WB 6 -16.81 -44.82 -20.54
CA SER WB 6 -17.70 -45.24 -19.46
C SER WB 6 -18.79 -46.20 -19.93
N PHE WB 7 -18.99 -46.31 -21.25
CA PHE WB 7 -19.95 -47.28 -21.75
C PHE WB 7 -19.40 -48.70 -21.75
N GLY WB 8 -18.13 -48.87 -21.43
CA GLY WB 8 -17.60 -50.21 -21.35
C GLY WB 8 -17.89 -50.93 -20.06
N LYS WB 9 -18.32 -50.22 -19.03
CA LYS WB 9 -18.50 -50.80 -17.71
C LYS WB 9 -19.92 -51.26 -17.44
N ARG WB 10 -20.84 -51.06 -18.36
CA ARG WB 10 -22.24 -51.44 -18.11
C ARG WB 10 -22.41 -52.91 -18.40
N ARG WB 11 -22.47 -53.71 -17.32
CA ARG WB 11 -22.71 -55.14 -17.48
C ARG WB 11 -23.62 -55.70 -16.39
N ASN WB 12 -24.24 -54.87 -15.57
CA ASN WB 12 -25.12 -55.31 -14.49
C ASN WB 12 -26.52 -54.81 -14.77
N LYS WB 13 -27.44 -55.71 -15.05
CA LYS WB 13 -28.78 -55.32 -15.43
C LYS WB 13 -29.53 -54.72 -14.25
N THR WB 14 -30.05 -53.51 -14.45
CA THR WB 14 -30.93 -52.91 -13.46
C THR WB 14 -32.26 -53.63 -13.40
N HIS WB 15 -32.84 -53.90 -14.56
CA HIS WB 15 -34.18 -54.44 -14.67
C HIS WB 15 -34.13 -55.86 -15.22
N THR WB 16 -35.28 -56.53 -15.13
CA THR WB 16 -35.41 -57.89 -15.61
C THR WB 16 -36.87 -58.11 -15.98
N LEU WB 17 -37.17 -59.32 -16.47
CA LEU WB 17 -38.53 -59.64 -16.83
C LEU WB 17 -39.42 -59.70 -15.59
N CYS WB 18 -40.64 -59.20 -15.74
CA CYS WB 18 -41.60 -59.13 -14.64
C CYS WB 18 -42.58 -60.28 -14.76
N ARG WB 19 -42.83 -60.96 -13.66
CA ARG WB 19 -43.70 -62.15 -13.72
C ARG WB 19 -45.14 -61.77 -14.03
N ARG WB 20 -45.58 -60.59 -13.60
CA ARG WB 20 -46.77 -59.97 -14.13
C ARG WB 20 -46.35 -59.06 -15.28
N CYS WB 21 -47.22 -58.94 -16.29
CA CYS WB 21 -47.10 -57.98 -17.40
C CYS WB 21 -45.94 -58.27 -18.35
N GLY WB 22 -45.08 -59.23 -18.03
CA GLY WB 22 -44.05 -59.70 -18.93
C GLY WB 22 -43.14 -58.64 -19.52
N SER WB 23 -42.98 -57.52 -18.85
CA SER WB 23 -42.16 -56.45 -19.38
C SER WB 23 -40.83 -56.38 -18.64
N LYS WB 24 -39.80 -55.91 -19.34
CA LYS WB 24 -38.48 -55.79 -18.77
C LYS WB 24 -38.38 -54.51 -17.96
N ALA WB 25 -39.25 -54.35 -16.97
CA ALA WB 25 -39.19 -53.19 -16.11
C ALA WB 25 -39.05 -53.56 -14.64
N TYR WB 26 -38.98 -54.85 -14.32
CA TYR WB 26 -38.96 -55.28 -12.94
C TYR WB 26 -37.61 -54.96 -12.34
N HIS WB 27 -37.55 -53.86 -11.60
CA HIS WB 27 -36.35 -53.43 -10.91
C HIS WB 27 -35.88 -54.50 -9.94
N LEU WB 28 -34.72 -55.10 -10.22
CA LEU WB 28 -34.23 -56.18 -9.36
C LEU WB 28 -33.96 -55.68 -7.95
N GLN WB 29 -33.38 -54.49 -7.83
CA GLN WB 29 -32.91 -54.03 -6.54
C GLN WB 29 -34.03 -53.41 -5.71
N LYS WB 30 -35.06 -52.86 -6.37
CA LYS WB 30 -36.24 -52.33 -5.69
C LYS WB 30 -37.37 -53.34 -5.58
N SER WB 31 -37.29 -54.48 -6.26
CA SER WB 31 -38.32 -55.51 -6.27
C SER WB 31 -39.67 -54.94 -6.69
N THR WB 32 -39.67 -54.06 -7.69
CA THR WB 32 -40.90 -53.42 -8.14
C THR WB 32 -40.83 -53.17 -9.63
N CYS WB 33 -41.86 -53.59 -10.36
CA CYS WB 33 -41.89 -53.34 -11.79
C CYS WB 33 -42.16 -51.87 -12.05
N GLY WB 34 -41.36 -51.27 -12.92
CA GLY WB 34 -41.57 -49.88 -13.27
C GLY WB 34 -42.71 -49.63 -14.21
N LYS WB 35 -43.33 -50.68 -14.75
CA LYS WB 35 -44.46 -50.52 -15.66
C LYS WB 35 -45.79 -50.87 -15.01
N CYS WB 36 -45.89 -52.01 -14.35
CA CYS WB 36 -47.14 -52.41 -13.71
C CYS WB 36 -47.11 -52.29 -12.20
N GLY WB 37 -45.94 -52.09 -11.59
CA GLY WB 37 -45.83 -52.12 -10.15
C GLY WB 37 -46.27 -53.46 -9.59
N TYR WB 38 -45.50 -54.52 -9.85
CA TYR WB 38 -46.01 -55.86 -9.62
C TYR WB 38 -46.37 -56.16 -8.17
N PRO WB 39 -45.52 -55.92 -7.16
CA PRO WB 39 -45.92 -56.31 -5.81
C PRO WB 39 -47.15 -55.58 -5.33
N ALA WB 40 -47.44 -54.42 -5.88
CA ALA WB 40 -48.70 -53.75 -5.60
C ALA WB 40 -49.85 -54.57 -6.18
N LYS WB 41 -50.95 -54.66 -5.42
CA LYS WB 41 -52.10 -55.40 -5.90
C LYS WB 41 -52.64 -54.80 -7.17
N ARG WB 42 -52.72 -53.48 -7.23
CA ARG WB 42 -53.32 -52.79 -8.35
C ARG WB 42 -52.30 -52.56 -9.45
N LYS WB 43 -52.78 -52.58 -10.69
CA LYS WB 43 -51.94 -52.29 -11.83
C LYS WB 43 -51.61 -50.80 -11.86
N ARG WB 44 -50.37 -50.49 -12.22
CA ARG WB 44 -49.92 -49.10 -12.33
C ARG WB 44 -50.47 -48.51 -13.61
N LYS WB 45 -51.30 -47.48 -13.50
CA LYS WB 45 -51.92 -46.87 -14.66
C LYS WB 45 -52.08 -45.38 -14.38
N TYR WB 46 -51.73 -44.56 -15.37
CA TYR WB 46 -51.77 -43.12 -15.20
C TYR WB 46 -52.48 -42.47 -16.38
N ASN WB 47 -53.43 -41.58 -16.06
CA ASN WB 47 -54.18 -40.85 -17.06
C ASN WB 47 -53.34 -39.86 -17.85
N TRP WB 48 -52.13 -39.53 -17.38
CA TRP WB 48 -51.32 -38.62 -18.16
C TRP WB 48 -50.66 -39.30 -19.34
N SER WB 49 -50.76 -40.62 -19.44
CA SER WB 49 -50.27 -41.36 -20.61
C SER WB 49 -51.45 -42.12 -21.18
N ALA WB 50 -52.18 -41.50 -22.10
CA ALA WB 50 -53.27 -42.20 -22.77
C ALA WB 50 -52.73 -43.23 -23.75
N LYS WB 51 -51.59 -42.93 -24.39
CA LYS WB 51 -50.99 -43.87 -25.33
C LYS WB 51 -50.57 -45.15 -24.63
N ALA WB 52 -49.98 -45.03 -23.44
CA ALA WB 52 -49.57 -46.23 -22.70
C ALA WB 52 -50.76 -47.07 -22.28
N LYS WB 53 -51.89 -46.44 -21.99
CA LYS WB 53 -53.07 -47.20 -21.59
C LYS WB 53 -53.60 -48.03 -22.75
N ARG WB 54 -53.62 -47.48 -23.97
CA ARG WB 54 -54.12 -48.23 -25.11
C ARG WB 54 -53.22 -49.40 -25.45
N ARG WB 55 -52.00 -49.43 -24.95
CA ARG WB 55 -51.11 -50.54 -25.23
C ARG WB 55 -51.48 -51.78 -24.42
N ASN WB 56 -51.88 -51.59 -23.17
CA ASN WB 56 -52.12 -52.69 -22.27
C ASN WB 56 -53.54 -52.68 -21.73
N THR WB 57 -54.50 -52.13 -22.47
CA THR WB 57 -55.87 -52.10 -22.03
C THR WB 57 -56.57 -53.42 -22.38
N THR WB 58 -57.79 -53.58 -21.86
CA THR WB 58 -58.58 -54.76 -22.18
C THR WB 58 -58.88 -54.79 -23.66
N GLY WB 59 -58.62 -55.93 -24.30
CA GLY WB 59 -58.80 -56.10 -25.72
C GLY WB 59 -57.52 -56.16 -26.50
N THR WB 60 -56.40 -55.74 -25.92
CA THR WB 60 -55.12 -55.84 -26.61
C THR WB 60 -54.48 -57.19 -26.42
N GLY WB 61 -55.05 -58.07 -25.62
CA GLY WB 61 -54.46 -59.36 -25.39
C GLY WB 61 -55.22 -60.48 -26.06
N ARG WB 62 -55.78 -61.37 -25.27
CA ARG WB 62 -56.47 -62.53 -25.78
C ARG WB 62 -57.97 -62.54 -25.48
N MET WB 63 -58.37 -62.05 -24.31
CA MET WB 63 -59.77 -62.06 -23.87
C MET WB 63 -60.34 -63.47 -23.92
N ARG WB 64 -59.61 -64.41 -23.30
CA ARG WB 64 -60.02 -65.81 -23.34
C ARG WB 64 -61.39 -66.02 -22.72
N HIS WB 65 -61.64 -65.35 -21.60
CA HIS WB 65 -62.92 -65.46 -20.92
C HIS WB 65 -63.93 -64.45 -21.42
N LEU WB 66 -63.49 -63.28 -21.86
CA LEU WB 66 -64.41 -62.22 -22.23
C LEU WB 66 -64.97 -62.41 -23.64
N LYS WB 67 -64.28 -63.16 -24.50
CA LYS WB 67 -64.88 -63.51 -25.78
C LYS WB 67 -66.12 -64.36 -25.56
N ILE WB 68 -66.04 -65.31 -24.64
CA ILE WB 68 -67.15 -66.21 -24.40
C ILE WB 68 -68.27 -65.49 -23.68
N VAL WB 69 -67.95 -64.52 -22.83
CA VAL WB 69 -68.97 -63.80 -22.10
C VAL WB 69 -69.83 -62.99 -23.07
N TYR WB 70 -69.20 -62.34 -24.05
CA TYR WB 70 -69.95 -61.57 -25.02
C TYR WB 70 -70.82 -62.46 -25.89
N ARG WB 71 -70.36 -63.67 -26.19
CA ARG WB 71 -71.16 -64.59 -26.99
C ARG WB 71 -72.29 -65.20 -26.17
N ARG WB 72 -72.01 -65.54 -24.91
CA ARG WB 72 -73.01 -66.16 -24.06
C ARG WB 72 -74.10 -65.18 -23.68
N PHE WB 73 -73.77 -63.89 -23.64
CA PHE WB 73 -74.76 -62.87 -23.30
C PHE WB 73 -75.89 -62.81 -24.31
N ARG WB 74 -75.61 -63.17 -25.57
CA ARG WB 74 -76.59 -63.06 -26.62
C ARG WB 74 -77.75 -64.03 -26.47
N HIS WB 75 -77.65 -65.00 -25.57
CA HIS WB 75 -78.76 -65.90 -25.27
C HIS WB 75 -79.10 -65.87 -23.78
N GLY WB 76 -78.72 -64.82 -23.08
CA GLY WB 76 -79.07 -64.68 -21.68
C GLY WB 76 -78.32 -65.61 -20.76
N PHE WB 77 -77.11 -66.01 -21.15
CA PHE WB 77 -76.28 -66.91 -20.34
C PHE WB 77 -77.03 -68.19 -20.01
N ARG WB 78 -77.72 -68.77 -20.99
CA ARG WB 78 -78.43 -70.00 -20.78
C ARG WB 78 -77.46 -71.13 -20.45
N GLU WB 79 -77.87 -72.02 -19.56
CA GLU WB 79 -76.98 -73.07 -19.10
C GLU WB 79 -77.80 -74.31 -18.76
N GLY WB 80 -77.12 -75.44 -18.74
CA GLY WB 80 -77.74 -76.71 -18.44
C GLY WB 80 -78.59 -77.29 -19.56
N THR WB 81 -78.98 -76.49 -20.54
CA THR WB 81 -79.78 -76.95 -21.66
C THR WB 81 -78.89 -77.22 -22.86
N THR WB 82 -79.39 -78.06 -23.75
CA THR WB 82 -78.69 -78.47 -24.95
C THR WB 82 -79.65 -78.45 -26.12
N PRO WB 83 -79.14 -78.32 -27.35
CA PRO WB 83 -80.03 -78.36 -28.51
C PRO WB 83 -80.76 -79.68 -28.62
N LYS WB 84 -81.97 -79.61 -29.15
CA LYS WB 84 -82.81 -80.80 -29.28
C LYS WB 84 -82.17 -81.79 -30.23
N PRO WB 85 -82.01 -83.06 -29.84
CA PRO WB 85 -81.36 -84.03 -30.72
C PRO WB 85 -82.15 -84.27 -31.99
N LYS WB 86 -81.41 -84.52 -33.06
CA LYS WB 86 -82.00 -84.66 -34.40
C LYS WB 86 -82.73 -85.98 -34.56
N PRO XB 1 -8.94 -99.27 -1.61
CA PRO XB 1 -8.36 -100.62 -1.69
C PRO XB 1 -7.72 -101.03 -0.39
N ARG XB 2 -7.96 -102.26 0.04
CA ARG XB 2 -7.51 -102.75 1.32
C ARG XB 2 -6.49 -103.85 1.12
N LYS XB 3 -5.35 -103.73 1.79
CA LYS XB 3 -4.29 -104.72 1.68
C LYS XB 3 -4.45 -105.74 2.80
N ILE XB 4 -4.87 -106.95 2.44
CA ILE XB 4 -5.01 -108.04 3.40
C ILE XB 4 -3.63 -108.58 3.71
N GLU XB 5 -3.35 -108.81 5.00
CA GLU XB 5 -2.01 -109.17 5.42
C GLU XB 5 -1.65 -110.60 5.03
N GLU XB 6 -2.40 -111.57 5.55
CA GLU XB 6 -2.02 -112.96 5.44
C GLU XB 6 -3.08 -113.76 4.67
N ILE XB 7 -2.91 -115.07 4.65
CA ILE XB 7 -3.65 -115.91 3.71
C ILE XB 7 -5.06 -116.21 4.22
N LYS XB 8 -5.17 -116.72 5.45
CA LYS XB 8 -6.45 -117.24 5.92
C LYS XB 8 -7.49 -116.15 6.15
N ASP XB 9 -7.07 -114.91 6.38
CA ASP XB 9 -8.02 -113.81 6.46
C ASP XB 9 -8.33 -113.21 5.09
N PHE XB 10 -7.75 -113.77 4.02
CA PHE XB 10 -8.20 -113.51 2.67
C PHE XB 10 -9.20 -114.55 2.20
N LEU XB 11 -9.15 -115.77 2.74
CA LEU XB 11 -10.04 -116.83 2.30
C LEU XB 11 -11.49 -116.50 2.60
N LEU XB 12 -11.79 -116.01 3.81
CA LEU XB 12 -13.19 -115.74 4.13
C LEU XB 12 -13.69 -114.50 3.44
N THR XB 13 -12.83 -113.51 3.21
CA THR XB 13 -13.26 -112.35 2.43
C THR XB 13 -13.47 -112.72 0.98
N ALA XB 14 -12.85 -113.81 0.53
CA ALA XB 14 -13.13 -114.32 -0.81
C ALA XB 14 -14.48 -115.02 -0.85
N ARG XB 15 -14.80 -115.78 0.19
CA ARG XB 15 -16.03 -116.56 0.23
C ARG XB 15 -17.20 -115.77 0.80
N ARG XB 16 -17.03 -114.48 1.06
CA ARG XB 16 -18.13 -113.65 1.50
C ARG XB 16 -19.23 -113.59 0.44
N LYS XB 17 -20.45 -113.30 0.89
CA LYS XB 17 -21.59 -113.32 -0.02
C LYS XB 17 -21.51 -112.22 -1.07
N ASP XB 18 -20.86 -111.11 -0.76
CA ASP XB 18 -20.84 -109.96 -1.64
C ASP XB 18 -19.64 -109.93 -2.57
N ALA XB 19 -18.79 -110.96 -2.55
CA ALA XB 19 -17.65 -111.00 -3.45
C ALA XB 19 -18.11 -111.24 -4.88
N LYS XB 20 -17.60 -110.44 -5.81
CA LYS XB 20 -18.00 -110.55 -7.20
C LYS XB 20 -17.01 -111.36 -8.04
N SER XB 21 -15.72 -111.10 -7.87
CA SER XB 21 -14.72 -111.72 -8.72
C SER XB 21 -13.39 -111.74 -7.99
N VAL XB 22 -12.49 -112.60 -8.48
CA VAL XB 22 -11.11 -112.64 -8.01
C VAL XB 22 -10.22 -112.55 -9.24
N LYS XB 23 -9.46 -111.47 -9.34
CA LYS XB 23 -8.56 -111.24 -10.46
C LYS XB 23 -7.14 -111.48 -9.99
N ILE XB 24 -6.40 -112.31 -10.71
CA ILE XB 24 -5.07 -112.72 -10.31
C ILE XB 24 -4.07 -112.14 -11.30
N LYS XB 25 -3.13 -111.35 -10.78
CA LYS XB 25 -2.12 -110.69 -11.59
C LYS XB 25 -0.75 -111.24 -11.23
N LYS XB 26 -0.01 -111.69 -12.24
CA LYS XB 26 1.29 -112.32 -12.06
C LYS XB 26 2.37 -111.31 -12.41
N ASN XB 27 3.06 -110.82 -11.38
CA ASN XB 27 4.16 -109.88 -11.56
C ASN XB 27 5.49 -110.60 -11.52
N LYS XB 28 6.55 -109.84 -11.80
CA LYS XB 28 7.88 -110.42 -11.88
C LYS XB 28 8.41 -110.85 -10.52
N ASP XB 29 7.80 -110.39 -9.43
CA ASP XB 29 8.31 -110.69 -8.10
C ASP XB 29 7.25 -111.07 -7.09
N ASN XB 30 5.97 -111.04 -7.46
CA ASN XB 30 4.90 -111.50 -6.58
C ASN XB 30 3.67 -111.75 -7.43
N VAL XB 31 2.66 -112.38 -6.81
CA VAL XB 31 1.38 -112.61 -7.44
C VAL XB 31 0.30 -112.06 -6.52
N LYS XB 32 -0.57 -111.22 -7.06
CA LYS XB 32 -1.58 -110.52 -6.28
C LYS XB 32 -2.96 -111.08 -6.57
N PHE XB 33 -3.70 -111.40 -5.52
CA PHE XB 33 -5.07 -111.88 -5.63
C PHE XB 33 -6.01 -110.75 -5.24
N LYS XB 34 -6.94 -110.42 -6.12
CA LYS XB 34 -7.80 -109.26 -5.96
C LYS XB 34 -9.25 -109.69 -5.92
N VAL XB 35 -9.77 -109.88 -4.71
CA VAL XB 35 -11.19 -110.16 -4.55
C VAL XB 35 -11.95 -108.84 -4.49
N ARG XB 36 -12.95 -108.70 -5.36
CA ARG XB 36 -13.71 -107.47 -5.52
C ARG XB 36 -14.97 -107.60 -4.68
N CYS XB 37 -14.92 -107.08 -3.46
CA CYS XB 37 -16.09 -107.07 -2.60
C CYS XB 37 -16.93 -105.84 -2.94
N SER XB 38 -17.96 -105.59 -2.15
CA SER XB 38 -18.92 -104.54 -2.51
C SER XB 38 -18.34 -103.15 -2.32
N ARG XB 39 -17.55 -102.96 -1.27
CA ARG XB 39 -16.97 -101.65 -0.98
C ARG XB 39 -15.49 -101.58 -1.32
N TYR XB 40 -14.71 -102.59 -0.94
CA TYR XB 40 -13.27 -102.57 -1.10
C TYR XB 40 -12.81 -103.67 -2.04
N LEU XB 41 -11.73 -103.38 -2.76
CA LEU XB 41 -11.00 -104.37 -3.53
C LEU XB 41 -9.81 -104.83 -2.69
N TYR XB 42 -9.88 -106.07 -2.20
CA TYR XB 42 -8.88 -106.59 -1.28
C TYR XB 42 -7.77 -107.25 -2.08
N THR XB 43 -6.54 -106.81 -1.86
CA THR XB 43 -5.39 -107.35 -2.55
C THR XB 43 -4.50 -108.09 -1.57
N LEU XB 44 -4.23 -109.36 -1.85
CA LEU XB 44 -3.33 -110.17 -1.05
C LEU XB 44 -2.11 -110.49 -1.91
N VAL XB 45 -0.93 -110.25 -1.36
CA VAL XB 45 0.32 -110.37 -2.09
C VAL XB 45 1.10 -111.55 -1.55
N ILE XB 46 1.46 -112.47 -2.43
CA ILE XB 46 2.30 -113.61 -2.09
C ILE XB 46 3.59 -113.49 -2.90
N THR XB 47 4.72 -113.48 -2.21
CA THR XB 47 6.01 -113.39 -2.87
C THR XB 47 6.48 -114.74 -3.40
N ASP XB 48 5.97 -115.84 -2.85
CA ASP XB 48 6.36 -117.17 -3.27
C ASP XB 48 5.48 -117.66 -4.42
N LYS XB 49 6.10 -118.21 -5.45
CA LYS XB 49 5.34 -118.65 -6.61
C LYS XB 49 4.52 -119.90 -6.30
N GLU XB 50 5.07 -120.83 -5.50
CA GLU XB 50 4.38 -122.08 -5.26
C GLU XB 50 3.14 -121.91 -4.38
N LYS XB 51 3.20 -121.01 -3.40
CA LYS XB 51 2.07 -120.80 -2.51
C LYS XB 51 0.87 -120.28 -3.28
N ALA XB 52 1.12 -119.49 -4.33
CA ALA XB 52 0.03 -118.97 -5.15
C ALA XB 52 -0.71 -120.09 -5.85
N GLU XB 53 0.01 -121.12 -6.31
CA GLU XB 53 -0.64 -122.21 -7.01
C GLU XB 53 -1.56 -122.99 -6.09
N LYS XB 54 -1.13 -123.22 -4.85
CA LYS XB 54 -1.97 -123.91 -3.88
C LYS XB 54 -3.24 -123.13 -3.58
N LEU XB 55 -3.10 -121.83 -3.35
CA LEU XB 55 -4.26 -120.99 -3.02
C LEU XB 55 -5.21 -120.90 -4.20
N LYS XB 56 -4.68 -120.81 -5.42
CA LYS XB 56 -5.53 -120.80 -6.61
C LYS XB 56 -6.34 -122.09 -6.71
N GLN XB 57 -5.70 -123.23 -6.48
CA GLN XB 57 -6.41 -124.51 -6.52
C GLN XB 57 -7.37 -124.66 -5.35
N SER XB 58 -7.20 -123.88 -4.29
CA SER XB 58 -8.05 -123.97 -3.11
C SER XB 58 -9.09 -122.87 -3.05
N LEU XB 59 -9.30 -122.15 -4.16
CA LEU XB 59 -10.27 -121.08 -4.17
C LEU XB 59 -11.70 -121.63 -4.09
N PRO XB 60 -12.60 -120.91 -3.41
CA PRO XB 60 -13.97 -121.41 -3.31
C PRO XB 60 -14.66 -121.41 -4.66
N PRO XB 61 -15.63 -122.30 -4.87
CA PRO XB 61 -16.37 -122.32 -6.13
C PRO XB 61 -17.37 -121.18 -6.18
N GLY XB 62 -17.98 -121.04 -7.35
CA GLY XB 62 -19.01 -120.04 -7.56
C GLY XB 62 -18.50 -118.62 -7.69
N LEU XB 63 -17.19 -118.43 -7.74
CA LEU XB 63 -16.59 -117.11 -7.82
C LEU XB 63 -15.75 -117.02 -9.08
N ALA XB 64 -15.74 -115.83 -9.69
CA ALA XB 64 -14.92 -115.62 -10.87
C ALA XB 64 -13.44 -115.73 -10.51
N VAL XB 65 -12.69 -116.44 -11.34
CA VAL XB 65 -11.28 -116.68 -11.09
C VAL XB 65 -10.52 -116.08 -12.27
N LYS XB 66 -11.04 -114.97 -12.80
CA LYS XB 66 -10.46 -114.34 -13.97
C LYS XB 66 -8.97 -114.06 -13.76
N GLU XB 67 -8.16 -114.54 -14.69
CA GLU XB 67 -6.71 -114.42 -14.64
C GLU XB 67 -6.27 -113.42 -15.69
N LEU XB 68 -5.37 -112.51 -15.31
CA LEU XB 68 -5.06 -111.34 -16.12
C LEU XB 68 -4.10 -111.64 -17.27
N LYS XB 69 -3.92 -112.89 -17.65
CA LYS XB 69 -3.15 -113.22 -18.84
C LYS XB 69 -3.80 -114.38 -19.60
N SER YB 1 -24.59 -65.59 -20.04
CA SER YB 1 -23.51 -66.35 -19.44
C SER YB 1 -23.81 -67.84 -19.48
N SER YB 2 -22.90 -68.63 -18.92
CA SER YB 2 -23.17 -70.05 -18.78
C SER YB 2 -24.19 -70.31 -17.68
N HIS YB 3 -24.08 -69.59 -16.57
CA HIS YB 3 -25.04 -69.68 -15.49
C HIS YB 3 -26.30 -68.93 -15.90
N LYS YB 4 -27.38 -69.66 -16.16
CA LYS YB 4 -28.64 -69.04 -16.51
C LYS YB 4 -29.76 -69.70 -15.74
N THR YB 5 -30.75 -68.91 -15.36
CA THR YB 5 -31.93 -69.44 -14.71
C THR YB 5 -32.81 -70.13 -15.75
N PHE YB 6 -33.76 -70.92 -15.27
CA PHE YB 6 -34.61 -71.67 -16.19
C PHE YB 6 -35.55 -70.75 -16.97
N ARG YB 7 -35.99 -69.66 -16.36
CA ARG YB 7 -36.84 -68.72 -17.08
C ARG YB 7 -36.09 -68.09 -18.24
N ILE YB 8 -34.80 -67.77 -18.03
CA ILE YB 8 -34.00 -67.17 -19.10
C ILE YB 8 -33.79 -68.19 -20.21
N LYS YB 9 -33.41 -69.41 -19.85
CA LYS YB 9 -33.14 -70.42 -20.86
C LYS YB 9 -34.37 -70.73 -21.68
N ARG YB 10 -35.53 -70.79 -21.04
CA ARG YB 10 -36.77 -71.07 -21.75
C ARG YB 10 -37.14 -69.91 -22.67
N PHE YB 11 -36.80 -68.68 -22.27
CA PHE YB 11 -37.08 -67.54 -23.12
C PHE YB 11 -36.20 -67.51 -24.35
N LEU YB 12 -34.91 -67.84 -24.19
CA LEU YB 12 -34.01 -67.89 -25.32
C LEU YB 12 -34.42 -68.99 -26.30
N ALA YB 13 -35.04 -70.04 -25.81
CA ALA YB 13 -35.47 -71.14 -26.68
C ALA YB 13 -36.51 -70.67 -27.68
N LYS YB 14 -37.50 -69.90 -27.21
CA LYS YB 14 -38.54 -69.43 -28.12
C LYS YB 14 -37.99 -68.43 -29.11
N LYS YB 15 -37.15 -67.50 -28.65
CA LYS YB 15 -36.55 -66.51 -29.54
C LYS YB 15 -35.64 -67.15 -30.56
N GLN YB 16 -35.16 -68.36 -30.28
CA GLN YB 16 -34.35 -69.10 -31.23
C GLN YB 16 -35.20 -69.89 -32.21
N LYS YB 17 -36.26 -70.53 -31.72
CA LYS YB 17 -37.09 -71.37 -32.57
C LYS YB 17 -37.86 -70.54 -33.59
N GLN YB 18 -38.21 -69.31 -33.26
CA GLN YB 18 -38.96 -68.47 -34.18
C GLN YB 18 -38.06 -67.69 -35.14
N ASN YB 19 -36.74 -67.84 -35.02
CA ASN YB 19 -35.80 -67.15 -35.90
C ASN YB 19 -35.37 -68.12 -36.99
N ARG YB 20 -36.28 -68.33 -37.95
CA ARG YB 20 -36.03 -69.21 -39.08
C ARG YB 20 -36.80 -68.68 -40.27
N PRO YB 21 -36.37 -68.98 -41.50
CA PRO YB 21 -37.09 -68.48 -42.67
C PRO YB 21 -38.47 -69.10 -42.77
N ILE YB 22 -39.32 -68.44 -43.56
CA ILE YB 22 -40.65 -69.00 -43.81
C ILE YB 22 -40.48 -70.21 -44.72
N PRO YB 23 -41.38 -71.18 -44.66
CA PRO YB 23 -41.31 -72.29 -45.61
C PRO YB 23 -41.61 -71.82 -47.03
N GLN YB 24 -41.06 -72.54 -48.00
CA GLN YB 24 -41.23 -72.15 -49.39
C GLN YB 24 -42.67 -72.36 -49.85
N TRP YB 25 -43.36 -73.38 -49.34
CA TRP YB 25 -44.71 -73.65 -49.80
C TRP YB 25 -45.71 -72.59 -49.38
N ILE YB 26 -45.33 -71.68 -48.49
CA ILE YB 26 -46.24 -70.61 -48.11
C ILE YB 26 -46.52 -69.71 -49.30
N ARG YB 27 -45.49 -69.40 -50.11
CA ARG YB 27 -45.67 -68.44 -51.18
C ARG YB 27 -46.62 -68.92 -52.25
N MET YB 28 -46.90 -70.22 -52.31
CA MET YB 28 -47.88 -70.74 -53.26
C MET YB 28 -49.32 -70.56 -52.78
N LYS YB 29 -49.52 -70.19 -51.52
CA LYS YB 29 -50.86 -70.02 -50.99
C LYS YB 29 -51.54 -68.81 -51.60
N THR YB 30 -52.85 -68.93 -51.80
CA THR YB 30 -53.62 -67.82 -52.36
C THR YB 30 -53.64 -66.64 -51.41
N GLY YB 31 -53.57 -65.43 -51.97
CA GLY YB 31 -53.61 -64.22 -51.19
C GLY YB 31 -52.48 -64.14 -50.19
N ASN YB 32 -51.26 -64.43 -50.65
CA ASN YB 32 -50.16 -64.65 -49.73
C ASN YB 32 -49.58 -63.34 -49.21
N LYS YB 33 -49.02 -62.53 -50.12
CA LYS YB 33 -48.44 -61.22 -49.78
C LYS YB 33 -47.34 -61.33 -48.73
N ILE YB 34 -46.60 -62.44 -48.71
CA ILE YB 34 -45.45 -62.61 -47.84
C ILE YB 34 -44.28 -63.08 -48.68
N ARG YB 35 -43.16 -62.37 -48.60
CA ARG YB 35 -41.99 -62.72 -49.37
C ARG YB 35 -40.89 -63.36 -48.54
N TYR YB 36 -40.78 -63.00 -47.27
CA TYR YB 36 -39.73 -63.53 -46.41
C TYR YB 36 -40.08 -63.17 -44.97
N ASN YB 37 -39.36 -63.78 -44.03
CA ASN YB 37 -39.57 -63.49 -42.62
C ASN YB 37 -38.94 -62.15 -42.29
N SER YB 38 -39.78 -61.15 -42.06
CA SER YB 38 -39.28 -59.83 -41.73
C SER YB 38 -38.87 -59.70 -40.27
N LYS YB 39 -39.12 -60.73 -39.46
CA LYS YB 39 -38.75 -60.72 -38.05
C LYS YB 39 -37.47 -61.50 -37.79
N ARG YB 40 -36.66 -61.72 -38.82
CA ARG YB 40 -35.37 -62.36 -38.62
C ARG YB 40 -34.47 -61.48 -37.77
N ARG YB 41 -33.76 -62.10 -36.84
CA ARG YB 41 -32.97 -61.36 -35.87
C ARG YB 41 -31.61 -62.01 -35.75
N HIS YB 42 -30.59 -61.34 -36.25
CA HIS YB 42 -29.22 -61.83 -36.10
C HIS YB 42 -28.68 -61.40 -34.75
N TRP YB 43 -27.88 -62.28 -34.14
CA TRP YB 43 -27.39 -62.01 -32.79
C TRP YB 43 -26.50 -60.78 -32.75
N ARG YB 44 -25.63 -60.63 -33.75
CA ARG YB 44 -24.68 -59.53 -33.72
C ARG YB 44 -25.33 -58.20 -34.09
N ARG YB 45 -26.34 -58.21 -34.94
CA ARG YB 45 -26.93 -56.96 -35.42
C ARG YB 45 -27.80 -56.31 -34.35
N THR YB 46 -28.85 -57.00 -33.93
CA THR YB 46 -29.78 -56.47 -32.96
C THR YB 46 -29.83 -57.39 -31.74
N LYS YB 47 -29.77 -56.80 -30.56
CA LYS YB 47 -29.75 -57.59 -29.35
C LYS YB 47 -31.16 -57.84 -28.85
N LEU YB 48 -31.30 -58.91 -28.07
CA LEU YB 48 -32.57 -59.24 -27.47
C LEU YB 48 -32.91 -58.24 -26.38
N GLY YB 49 -34.17 -58.24 -25.98
CA GLY YB 49 -34.62 -57.31 -24.96
C GLY YB 49 -33.98 -57.56 -23.62
N LEU YB 50 -34.00 -58.80 -23.15
CA LEU YB 50 -33.49 -59.14 -21.83
C LEU YB 50 -31.98 -58.96 -21.78
N ILE ZB 1 47.36 32.11 -55.56
CA ILE ZB 1 48.15 33.32 -55.67
C ILE ZB 1 47.69 34.16 -56.84
N ILE ZB 2 46.37 34.18 -57.05
CA ILE ZB 2 45.81 34.83 -58.23
C ILE ZB 2 46.06 36.32 -58.17
N GLU ZB 3 46.57 36.88 -59.26
CA GLU ZB 3 46.75 38.31 -59.38
C GLU ZB 3 45.40 38.98 -59.63
N PRO ZB 4 45.24 40.24 -59.20
CA PRO ZB 4 43.88 40.79 -59.04
C PRO ZB 4 43.02 40.77 -60.30
N SER ZB 5 43.59 41.00 -61.48
CA SER ZB 5 42.74 41.08 -62.67
C SER ZB 5 42.17 39.72 -63.03
N LEU ZB 6 42.96 38.65 -62.90
CA LEU ZB 6 42.43 37.32 -63.14
C LEU ZB 6 41.52 36.87 -62.03
N ARG ZB 7 41.71 37.39 -60.81
CA ARG ZB 7 40.81 37.08 -59.72
C ARG ZB 7 39.41 37.62 -59.99
N GLN ZB 8 39.33 38.83 -60.54
CA GLN ZB 8 38.02 39.38 -60.90
C GLN ZB 8 37.39 38.61 -62.04
N LEU ZB 9 38.20 38.09 -62.96
CA LEU ZB 9 37.67 37.27 -64.04
C LEU ZB 9 37.05 36.00 -63.50
N ALA ZB 10 37.67 35.39 -62.50
CA ALA ZB 10 37.09 34.21 -61.89
C ALA ZB 10 35.87 34.56 -61.05
N GLN ZB 11 35.93 35.67 -60.32
CA GLN ZB 11 34.79 36.10 -59.52
C GLN ZB 11 33.62 36.51 -60.40
N LYS ZB 12 33.87 36.81 -61.66
CA LYS ZB 12 32.78 37.17 -62.57
C LYS ZB 12 31.85 35.99 -62.78
N TYR ZB 13 32.40 34.78 -62.93
CA TYR ZB 13 31.59 33.60 -63.19
C TYR ZB 13 31.24 32.83 -61.94
N ASN ZB 14 31.83 33.18 -60.79
CA ASN ZB 14 31.66 32.39 -59.58
C ASN ZB 14 30.91 33.13 -58.48
N CYS ZB 15 31.26 34.39 -58.22
CA CYS ZB 15 30.68 35.11 -57.08
C CYS ZB 15 29.74 36.23 -57.47
N ASP ZB 16 29.89 36.81 -58.65
CA ASP ZB 16 29.16 38.03 -59.01
C ASP ZB 16 27.84 37.63 -59.66
N LYS ZB 17 26.90 37.20 -58.81
CA LYS ZB 17 25.64 36.66 -59.28
C LYS ZB 17 24.57 36.89 -58.22
N MET ZB 18 23.32 36.71 -58.62
CA MET ZB 18 22.17 36.81 -57.74
C MET ZB 18 21.64 35.43 -57.44
N ILE ZB 19 21.03 35.28 -56.26
CA ILE ZB 19 20.51 34.00 -55.81
C ILE ZB 19 19.03 34.15 -55.48
N CYS ZB 20 18.22 33.22 -55.93
CA CYS ZB 20 16.81 33.23 -55.59
C CYS ZB 20 16.62 32.83 -54.13
N ARG ZB 21 15.71 33.53 -53.44
CA ARG ZB 21 15.40 33.15 -52.07
C ARG ZB 21 14.45 31.97 -51.99
N LYS ZB 22 13.75 31.66 -53.07
CA LYS ZB 22 12.76 30.59 -53.04
C LYS ZB 22 13.27 29.28 -53.62
N CYS ZB 23 14.23 29.33 -54.54
CA CYS ZB 23 14.76 28.10 -55.11
C CYS ZB 23 16.28 28.11 -55.26
N TYR ZB 24 16.98 29.07 -54.65
CA TYR ZB 24 18.43 29.12 -54.54
C TYR ZB 24 19.14 29.19 -55.89
N ALA ZB 25 18.42 29.44 -56.98
CA ALA ZB 25 19.02 29.38 -58.30
C ALA ZB 25 20.07 30.48 -58.48
N ARG ZB 26 21.01 30.23 -59.38
CA ARG ZB 26 22.09 31.16 -59.68
C ARG ZB 26 21.71 31.99 -60.89
N LEU ZB 27 21.71 33.31 -60.74
CA LEU ZB 27 21.16 34.22 -61.73
C LEU ZB 27 22.16 35.31 -62.03
N HIS ZB 28 22.00 35.95 -63.19
CA HIS ZB 28 22.94 36.99 -63.59
C HIS ZB 28 22.83 38.19 -62.63
N PRO ZB 29 23.91 38.96 -62.47
CA PRO ZB 29 23.92 40.01 -61.44
C PRO ZB 29 22.87 41.10 -61.63
N ARG ZB 30 22.34 41.28 -62.84
CA ARG ZB 30 21.32 42.29 -63.08
C ARG ZB 30 19.92 41.72 -63.04
N ALA ZB 31 19.75 40.50 -62.55
CA ALA ZB 31 18.46 39.85 -62.59
C ALA ZB 31 17.48 40.51 -61.64
N VAL ZB 32 16.23 40.62 -62.07
CA VAL ZB 32 15.15 41.08 -61.22
C VAL ZB 32 14.18 39.96 -60.87
N ASN ZB 33 13.91 39.04 -61.79
CA ASN ZB 33 13.03 37.92 -61.56
C ASN ZB 33 13.80 36.63 -61.81
N CYS ZB 34 13.56 35.62 -60.98
CA CYS ZB 34 14.16 34.32 -61.23
C CYS ZB 34 13.63 33.73 -62.52
N ARG ZB 35 14.48 33.00 -63.22
CA ARG ZB 35 14.13 32.46 -64.52
C ARG ZB 35 13.44 31.12 -64.44
N LYS ZB 36 13.22 30.58 -63.25
CA LYS ZB 36 12.83 29.19 -63.10
C LYS ZB 36 11.37 29.06 -62.69
N LYS ZB 37 10.76 27.98 -63.19
CA LYS ZB 37 9.32 27.78 -63.10
C LYS ZB 37 8.87 27.38 -61.71
N LYS ZB 38 9.71 26.67 -60.96
CA LYS ZB 38 9.27 26.10 -59.70
C LYS ZB 38 9.14 27.14 -58.59
N CYS ZB 39 9.79 28.27 -58.73
CA CYS ZB 39 9.62 29.36 -57.78
C CYS ZB 39 8.58 30.38 -58.21
N GLY ZB 40 7.92 30.14 -59.34
CA GLY ZB 40 6.95 31.09 -59.82
C GLY ZB 40 7.53 32.36 -60.39
N HIS ZB 41 8.78 32.32 -60.83
CA HIS ZB 41 9.48 33.49 -61.39
C HIS ZB 41 9.46 34.66 -60.41
N THR ZB 42 9.68 34.37 -59.13
CA THR ZB 42 9.58 35.38 -58.11
C THR ZB 42 10.69 36.41 -58.23
N ASN ZB 43 10.41 37.61 -57.71
CA ASN ZB 43 11.39 38.67 -57.65
C ASN ZB 43 12.04 38.78 -56.27
N ASN ZB 44 12.04 37.69 -55.50
CA ASN ZB 44 12.72 37.64 -54.20
C ASN ZB 44 14.14 37.19 -54.44
N LEU ZB 45 15.02 38.13 -54.79
CA LEU ZB 45 16.40 37.83 -55.07
C LEU ZB 45 17.30 38.52 -54.07
N ARG ZB 46 18.43 37.89 -53.79
CA ARG ZB 46 19.43 38.41 -52.89
C ARG ZB 46 20.79 38.26 -53.55
N PRO ZB 47 21.74 39.13 -53.24
CA PRO ZB 47 23.09 38.96 -53.77
C PRO ZB 47 23.73 37.69 -53.23
N LYS ZB 48 24.59 37.09 -54.05
CA LYS ZB 48 25.38 35.95 -53.58
C LYS ZB 48 26.39 36.45 -52.56
N LYS ZB 49 26.51 35.73 -51.45
CA LYS ZB 49 27.33 36.20 -50.36
C LYS ZB 49 28.81 36.12 -50.73
N LYS ZB 50 29.57 37.11 -50.26
CA LYS ZB 50 30.99 37.20 -50.51
C LYS ZB 50 31.76 36.61 -49.34
N VAL ZB 51 32.96 36.10 -49.63
CA VAL ZB 51 33.75 35.38 -48.63
C VAL ZB 51 34.44 36.30 -47.63
N LYS ZB 52 34.23 37.60 -47.70
CA LYS ZB 52 34.84 38.52 -46.75
C LYS ZB 52 33.85 38.87 -45.64
N MET AC 1 23.17 6.71 32.69
CA MET AC 1 22.11 5.75 32.95
C MET AC 1 22.46 4.85 34.11
N ARG AC 2 21.44 4.20 34.67
CA ARG AC 2 21.67 3.13 35.63
C ARG AC 2 22.38 1.97 34.94
N ALA AC 3 23.20 1.25 35.70
CA ALA AC 3 23.89 0.11 35.12
C ALA AC 3 22.92 -0.97 34.68
N LYS AC 4 21.86 -1.20 35.46
CA LYS AC 4 20.88 -2.22 35.10
C LYS AC 4 20.07 -1.81 33.87
N TRP AC 5 19.67 -0.54 33.78
CA TRP AC 5 18.91 -0.11 32.61
C TRP AC 5 19.79 0.01 31.39
N ARG AC 6 21.07 0.31 31.57
CA ARG AC 6 22.01 0.25 30.45
C ARG AC 6 22.15 -1.18 29.96
N LYS AC 7 22.15 -2.15 30.88
CA LYS AC 7 22.17 -3.54 30.49
C LYS AC 7 20.93 -3.92 29.71
N LYS AC 8 19.75 -3.47 30.17
CA LYS AC 8 18.52 -3.79 29.45
C LYS AC 8 18.49 -3.15 28.08
N ARG AC 9 18.99 -1.92 27.97
CA ARG AC 9 19.10 -1.28 26.66
C ARG AC 9 20.01 -2.09 25.75
N MET AC 10 21.11 -2.61 26.30
CA MET AC 10 22.03 -3.41 25.50
C MET AC 10 21.37 -4.69 25.02
N ARG AC 11 20.57 -5.33 25.87
CA ARG AC 11 19.89 -6.55 25.46
C ARG AC 11 18.95 -6.30 24.31
N ARG AC 12 18.20 -5.19 24.36
CA ARG AC 12 17.31 -4.86 23.27
C ARG AC 12 18.07 -4.58 21.98
N LEU AC 13 19.27 -3.99 22.12
CA LEU AC 13 20.12 -3.79 20.95
C LEU AC 13 20.61 -5.11 20.40
N LYS AC 14 20.90 -6.08 21.27
CA LYS AC 14 21.46 -7.34 20.82
C LYS AC 14 20.42 -8.18 20.10
N ARG AC 15 19.16 -8.12 20.53
CA ARG AC 15 18.11 -8.83 19.80
C ARG AC 15 17.87 -8.22 18.44
N LYS AC 16 18.00 -6.90 18.33
CA LYS AC 16 17.89 -6.24 17.03
C LYS AC 16 19.01 -6.69 16.10
N ARG AC 17 20.22 -6.80 16.64
CA ARG AC 17 21.34 -7.28 15.84
C ARG AC 17 21.14 -8.73 15.41
N ARG AC 18 20.64 -9.56 16.32
CA ARG AC 18 20.39 -10.96 15.97
C ARG AC 18 19.34 -11.09 14.89
N LYS AC 19 18.32 -10.23 14.93
CA LYS AC 19 17.25 -10.31 13.94
C LYS AC 19 17.76 -10.03 12.55
N MET AC 20 18.66 -9.05 12.41
CA MET AC 20 19.14 -8.69 11.08
C MET AC 20 20.11 -9.73 10.55
N ARG AC 21 20.98 -10.27 11.39
CA ARG AC 21 21.87 -11.33 10.96
C ARG AC 21 21.09 -12.57 10.57
N GLN AC 22 20.05 -12.90 11.33
CA GLN AC 22 19.17 -14.00 10.96
C GLN AC 22 18.43 -13.69 9.66
N ARG AC 23 18.07 -12.42 9.45
CA ARG AC 23 17.33 -12.04 8.26
C ARG AC 23 18.15 -12.27 6.99
N SER AC 24 19.45 -12.01 7.04
CA SER AC 24 20.32 -12.27 5.91
C SER AC 24 20.53 -13.77 5.73
N VAL BC 1 -51.29 30.69 6.37
CA VAL BC 1 -52.38 31.63 6.25
C VAL BC 1 -53.00 31.89 7.61
N ASN BC 2 -53.99 32.76 7.66
CA ASN BC 2 -54.66 33.11 8.90
C ASN BC 2 -56.10 33.47 8.61
N VAL BC 3 -57.03 32.75 9.22
CA VAL BC 3 -58.45 33.04 9.04
C VAL BC 3 -59.04 33.36 10.41
N PRO BC 4 -59.97 34.30 10.51
CA PRO BC 4 -60.59 34.57 11.80
C PRO BC 4 -61.54 33.47 12.20
N LYS BC 5 -61.85 33.42 13.49
CA LYS BC 5 -62.69 32.37 14.03
C LYS BC 5 -64.18 32.59 13.73
N THR BC 6 -64.56 33.76 13.23
CA THR BC 6 -65.94 34.02 12.87
C THR BC 6 -65.97 34.80 11.57
N ARG BC 7 -67.05 34.61 10.80
CA ARG BC 7 -67.21 35.30 9.53
C ARG BC 7 -68.68 35.30 9.17
N ARG BC 8 -69.12 36.37 8.53
CA ARG BC 8 -70.52 36.50 8.12
C ARG BC 8 -70.62 36.08 6.67
N THR BC 9 -71.00 34.83 6.42
CA THR BC 9 -71.09 34.31 5.07
C THR BC 9 -72.46 33.67 4.89
N PHE BC 10 -72.75 33.25 3.66
CA PHE BC 10 -74.08 32.77 3.32
C PHE BC 10 -74.36 31.43 3.99
N CYS BC 11 -75.51 31.34 4.65
CA CYS BC 11 -75.98 30.11 5.26
C CYS BC 11 -77.09 29.53 4.40
N LYS BC 12 -76.94 28.28 3.99
CA LYS BC 12 -77.89 27.69 3.05
C LYS BC 12 -79.24 27.42 3.71
N LYS BC 13 -79.23 26.90 4.93
CA LYS BC 13 -80.49 26.59 5.60
C LYS BC 13 -81.29 27.84 5.89
N CYS BC 14 -80.64 28.87 6.43
CA CYS BC 14 -81.32 30.14 6.64
C CYS BC 14 -81.67 30.80 5.31
N GLY BC 15 -80.89 30.53 4.26
CA GLY BC 15 -81.10 31.18 2.99
C GLY BC 15 -80.66 32.63 2.95
N LYS BC 16 -79.77 33.03 3.85
CA LYS BC 16 -79.30 34.41 3.89
C LYS BC 16 -77.97 34.43 4.63
N HIS BC 17 -77.29 35.57 4.53
CA HIS BC 17 -76.00 35.73 5.17
C HIS BC 17 -76.16 35.75 6.68
N GLN BC 18 -75.47 34.83 7.35
CA GLN BC 18 -75.54 34.70 8.80
C GLN BC 18 -74.14 34.66 9.37
N PRO BC 19 -73.96 35.10 10.61
CA PRO BC 19 -72.68 34.89 11.28
C PRO BC 19 -72.40 33.40 11.41
N HIS BC 20 -71.15 33.04 11.23
CA HIS BC 20 -70.73 31.64 11.23
C HIS BC 20 -69.57 31.46 12.20
N LYS BC 21 -69.35 30.22 12.59
CA LYS BC 21 -68.23 29.85 13.46
C LYS BC 21 -67.31 28.92 12.69
N VAL BC 22 -66.04 29.31 12.55
CA VAL BC 22 -65.10 28.61 11.69
C VAL BC 22 -64.14 27.83 12.56
N THR BC 23 -63.95 26.56 12.24
CA THR BC 23 -62.96 25.70 12.89
C THR BC 23 -62.19 24.93 11.82
N GLN BC 24 -61.33 24.03 12.25
CA GLN BC 24 -60.55 23.20 11.35
C GLN BC 24 -61.12 21.79 11.32
N TYR BC 25 -61.42 21.29 10.13
CA TYR BC 25 -61.99 19.96 9.98
C TYR BC 25 -60.90 18.91 9.99
N LYS BC 26 -61.07 17.89 10.82
CA LYS BC 26 -60.15 16.77 10.88
C LYS BC 26 -60.87 15.50 10.43
N LYS BC 27 -60.16 14.65 9.70
CA LYS BC 27 -60.74 13.40 9.24
C LYS BC 27 -61.14 12.55 10.43
N GLY BC 28 -62.36 12.00 10.38
CA GLY BC 28 -62.86 11.20 11.47
C GLY BC 28 -62.27 9.81 11.49
N LYS BC 29 -62.78 8.99 12.41
CA LYS BC 29 -62.33 7.63 12.57
C LYS BC 29 -62.98 6.73 11.51
N ASP BC 30 -62.21 5.76 11.03
CA ASP BC 30 -62.75 4.78 10.09
C ASP BC 30 -63.74 3.87 10.81
N SER BC 31 -64.85 3.55 10.13
CA SER BC 31 -65.98 2.94 10.80
C SER BC 31 -65.78 1.46 11.11
N LEU BC 32 -65.06 0.73 10.25
CA LEU BC 32 -64.79 -0.70 10.34
C LEU BC 32 -66.04 -1.52 10.03
N TYR BC 33 -67.18 -0.85 9.90
CA TYR BC 33 -68.39 -1.46 9.38
C TYR BC 33 -68.88 -0.74 8.14
N ALA BC 34 -68.04 0.10 7.54
CA ALA BC 34 -68.31 0.63 6.23
C ALA BC 34 -68.28 -0.48 5.20
N GLN BC 35 -68.98 -0.27 4.08
CA GLN BC 35 -69.10 -1.34 3.09
C GLN BC 35 -67.75 -1.67 2.46
N GLY BC 36 -66.85 -0.69 2.40
CA GLY BC 36 -65.56 -0.93 1.76
C GLY BC 36 -64.54 -1.51 2.72
N LYS BC 37 -64.69 -1.23 4.02
CA LYS BC 37 -63.85 -1.89 5.00
C LYS BC 37 -64.35 -3.30 5.30
N ARG BC 38 -65.66 -3.52 5.18
CA ARG BC 38 -66.19 -4.87 5.28
C ARG BC 38 -65.67 -5.74 4.17
N ARG BC 39 -65.56 -5.18 2.96
CA ARG BC 39 -65.02 -5.93 1.83
C ARG BC 39 -63.52 -6.13 1.98
N TYR BC 40 -62.81 -5.12 2.47
CA TYR BC 40 -61.37 -5.24 2.65
C TYR BC 40 -61.03 -6.31 3.69
N ASP BC 41 -61.78 -6.33 4.79
CA ASP BC 41 -61.49 -7.29 5.85
C ASP BC 41 -61.75 -8.73 5.40
N ARG BC 42 -62.78 -8.94 4.58
CA ARG BC 42 -63.05 -10.27 4.08
C ARG BC 42 -62.01 -10.70 3.04
N LYS BC 43 -61.61 -9.77 2.17
CA LYS BC 43 -60.63 -10.08 1.15
C LYS BC 43 -59.28 -10.44 1.77
N GLN BC 44 -58.92 -9.78 2.86
CA GLN BC 44 -57.62 -9.97 3.48
C GLN BC 44 -57.53 -11.26 4.28
N SER BC 45 -58.65 -11.77 4.77
CA SER BC 45 -58.62 -12.99 5.59
C SER BC 45 -58.22 -14.18 4.74
N GLY BC 46 -57.41 -15.06 5.34
CA GLY BC 46 -56.98 -16.25 4.64
C GLY BC 46 -55.56 -16.14 4.15
N TYR BC 47 -55.29 -16.75 3.00
CA TYR BC 47 -53.96 -16.72 2.39
C TYR BC 47 -54.00 -15.90 1.12
N GLY BC 48 -52.83 -15.43 0.71
CA GLY BC 48 -52.74 -14.60 -0.47
C GLY BC 48 -52.01 -13.31 -0.20
N GLY BC 49 -51.80 -12.99 1.06
CA GLY BC 49 -51.07 -11.80 1.41
C GLY BC 49 -51.89 -10.53 1.20
N GLN BC 50 -51.18 -9.42 1.02
CA GLN BC 50 -51.83 -8.16 0.74
C GLN BC 50 -52.49 -8.22 -0.62
N THR BC 51 -53.73 -7.72 -0.69
CA THR BC 51 -54.55 -7.85 -1.87
C THR BC 51 -54.97 -6.52 -2.49
N LYS BC 52 -54.76 -5.41 -1.81
CA LYS BC 52 -55.01 -4.08 -2.34
C LYS BC 52 -53.72 -3.27 -2.27
N PRO BC 53 -53.55 -2.28 -3.14
CA PRO BC 53 -52.28 -1.54 -3.17
C PRO BC 53 -52.04 -0.73 -1.91
N ILE BC 54 -50.77 -0.49 -1.61
CA ILE BC 54 -50.32 0.36 -0.52
C ILE BC 54 -49.49 1.46 -1.13
N PHE BC 55 -49.97 2.70 -1.04
CA PHE BC 55 -49.49 3.79 -1.88
C PHE BC 55 -47.99 4.07 -1.81
N ARG BC 56 -47.51 4.52 -0.66
CA ARG BC 56 -46.08 4.61 -0.31
C ARG BC 56 -45.22 5.36 -1.36
N LYS BC 57 -45.80 6.32 -2.08
CA LYS BC 57 -44.99 7.21 -2.94
C LYS BC 57 -45.44 8.66 -2.78
N LYS BC 58 -45.56 9.09 -1.52
CA LYS BC 58 -46.04 10.42 -1.21
C LYS BC 58 -45.12 11.49 -1.82
N ALA BC 59 -45.72 12.52 -2.40
CA ALA BC 59 -44.99 13.62 -2.99
C ALA BC 59 -45.47 14.94 -2.43
N LYS BC 60 -46.74 15.02 -2.04
CA LYS BC 60 -47.28 16.22 -1.44
C LYS BC 60 -46.67 16.46 -0.07
N THR BC 61 -46.53 17.73 0.28
CA THR BC 61 -46.10 18.12 1.61
C THR BC 61 -47.19 18.87 2.37
N THR BC 62 -48.24 19.32 1.70
CA THR BC 62 -49.33 20.05 2.31
C THR BC 62 -50.65 19.40 1.94
N LYS BC 63 -51.65 19.63 2.79
CA LYS BC 63 -53.01 19.21 2.54
C LYS BC 63 -53.89 20.45 2.40
N LYS BC 64 -54.93 20.35 1.57
CA LYS BC 64 -55.90 21.42 1.46
C LYS BC 64 -56.63 21.56 2.78
N ILE BC 65 -56.59 22.75 3.36
CA ILE BC 65 -57.21 23.00 4.66
C ILE BC 65 -58.71 23.19 4.46
N VAL BC 66 -59.51 22.49 5.25
CA VAL BC 66 -60.96 22.55 5.15
C VAL BC 66 -61.49 23.27 6.39
N LEU BC 67 -62.14 24.40 6.17
CA LEU BC 67 -62.84 25.08 7.26
C LEU BC 67 -64.18 24.43 7.48
N ARG BC 68 -64.64 24.48 8.72
CA ARG BC 68 -65.92 23.89 9.11
C ARG BC 68 -66.80 25.01 9.66
N LEU BC 69 -67.57 25.62 8.78
CA LEU BC 69 -68.46 26.70 9.19
C LEU BC 69 -69.62 26.13 9.99
N GLU BC 70 -70.28 27.01 10.75
CA GLU BC 70 -71.43 26.62 11.54
C GLU BC 70 -72.25 27.85 11.86
N CYS BC 71 -73.45 27.92 11.28
CA CYS BC 71 -74.34 29.05 11.52
C CYS BC 71 -74.67 29.15 13.01
N VAL BC 72 -74.69 30.37 13.53
CA VAL BC 72 -74.89 30.60 14.95
C VAL BC 72 -76.32 30.96 15.30
N GLU BC 73 -77.23 30.94 14.33
CA GLU BC 73 -78.64 31.11 14.66
C GLU BC 73 -79.12 29.86 15.39
N PRO BC 74 -79.77 30.00 16.55
CA PRO BC 74 -80.04 28.81 17.39
C PRO BC 74 -80.93 27.77 16.72
N ASN BC 75 -81.90 28.20 15.90
CA ASN BC 75 -82.75 27.22 15.22
C ASN BC 75 -82.08 26.59 14.01
N CYS BC 76 -80.93 27.12 13.58
CA CYS BC 76 -80.20 26.62 12.42
C CYS BC 76 -78.73 26.45 12.80
N ARG BC 77 -78.37 25.25 13.27
CA ARG BC 77 -76.97 24.92 13.55
C ARG BC 77 -76.34 24.15 12.40
N SER BC 78 -76.76 24.44 11.17
CA SER BC 78 -76.22 23.72 10.03
C SER BC 78 -74.77 24.12 9.79
N LYS BC 79 -73.98 23.15 9.37
CA LYS BC 79 -72.57 23.33 9.08
C LYS BC 79 -72.36 23.43 7.57
N ARG BC 80 -71.10 23.58 7.19
CA ARG BC 80 -70.71 23.63 5.79
C ARG BC 80 -69.24 23.28 5.72
N MET BC 81 -68.77 22.94 4.52
CA MET BC 81 -67.38 22.66 4.28
C MET BC 81 -66.84 23.60 3.21
N LEU BC 82 -66.05 24.58 3.63
CA LEU BC 82 -65.30 25.42 2.72
C LEU BC 82 -63.87 24.92 2.61
N ALA BC 83 -63.26 25.17 1.46
CA ALA BC 83 -61.88 24.81 1.21
C ALA BC 83 -61.09 26.05 0.81
N ILE BC 84 -59.85 26.14 1.29
CA ILE BC 84 -58.94 27.20 0.89
C ILE BC 84 -57.76 26.55 0.19
N LYS BC 85 -56.83 27.36 -0.31
CA LYS BC 85 -55.69 26.82 -1.01
C LYS BC 85 -54.75 26.09 -0.05
N ARG BC 86 -53.83 25.32 -0.62
CA ARG BC 86 -52.86 24.59 0.18
C ARG BC 86 -51.94 25.56 0.91
N CYS BC 87 -51.66 25.25 2.17
CA CYS BC 87 -50.76 26.08 2.97
C CYS BC 87 -50.07 25.19 4.01
N LYS BC 88 -48.81 25.52 4.29
CA LYS BC 88 -48.04 24.72 5.26
C LYS BC 88 -48.48 25.00 6.68
N HIS BC 89 -48.66 26.27 7.02
CA HIS BC 89 -48.96 26.69 8.38
C HIS BC 89 -50.36 27.28 8.42
N PHE BC 90 -51.28 26.61 9.10
CA PHE BC 90 -52.65 27.09 9.24
C PHE BC 90 -52.90 27.40 10.70
N GLU BC 91 -53.38 28.61 10.97
CA GLU BC 91 -53.74 29.00 12.31
C GLU BC 91 -55.12 29.66 12.29
N LEU BC 92 -55.93 29.31 13.28
CA LEU BC 92 -57.29 29.81 13.38
C LEU BC 92 -57.32 30.91 14.44
N GLY BC 93 -57.80 32.08 14.07
CA GLY BC 93 -57.86 33.19 14.99
C GLY BC 93 -56.50 33.69 15.45
N GLY BC 94 -55.49 33.62 14.59
CA GLY BC 94 -54.21 34.18 14.93
C GLY BC 94 -54.26 35.69 15.02
N ASP BC 95 -53.30 36.24 15.75
CA ASP BC 95 -53.26 37.67 15.98
C ASP BC 95 -53.01 38.42 14.67
N LYS BC 96 -53.77 39.48 14.45
CA LYS BC 96 -53.74 40.19 13.19
C LYS BC 96 -52.42 40.93 13.02
N LYS BC 97 -52.16 41.38 11.79
CA LYS BC 97 -50.94 42.09 11.46
C LYS BC 97 -51.22 43.59 11.39
N ARG BC 98 -50.26 44.37 11.87
CA ARG BC 98 -50.32 45.82 11.86
C ARG BC 98 -49.28 46.36 10.88
N LYS BC 99 -49.28 47.67 10.70
CA LYS BC 99 -48.33 48.34 9.82
C LYS BC 99 -47.44 49.33 10.55
N GLY BC 100 -47.97 50.01 11.55
CA GLY BC 100 -47.19 50.99 12.30
C GLY BC 100 -46.54 50.40 13.53
N GLN BC 101 -45.80 49.31 13.35
CA GLN BC 101 -45.13 48.62 14.45
C GLN BC 101 -43.69 48.35 14.06
N VAL BC 102 -42.78 48.62 15.00
CA VAL BC 102 -41.37 48.37 14.76
C VAL BC 102 -41.11 46.87 14.80
N ILE BC 103 -40.29 46.39 13.86
CA ILE BC 103 -39.85 45.01 13.93
C ILE BC 103 -38.93 44.85 15.14
N GLN BC 104 -39.24 43.87 15.99
CA GLN BC 104 -38.51 43.70 17.24
C GLN BC 104 -37.08 43.29 16.96
N PHE BC 105 -36.14 44.08 17.47
CA PHE BC 105 -34.72 43.84 17.27
C PHE BC 105 -34.26 42.58 17.98
N ALA CC 1 25.96 -48.25 17.85
CA ALA CC 1 26.35 -46.86 18.08
C ALA CC 1 25.12 -45.99 18.29
N LYS CC 2 25.31 -44.80 18.85
CA LYS CC 2 24.21 -43.87 19.03
C LYS CC 2 23.80 -43.35 17.66
N ARG CC 3 22.69 -43.87 17.15
CA ARG CC 3 22.31 -43.61 15.76
C ARG CC 3 21.71 -42.22 15.60
N THR CC 4 20.88 -41.79 16.52
CA THR CC 4 20.28 -40.46 16.46
C THR CC 4 20.63 -39.66 17.69
N LYS CC 5 20.79 -38.35 17.50
CA LYS CC 5 21.20 -37.48 18.59
C LYS CC 5 20.08 -37.25 19.58
N LYS CC 6 18.89 -36.89 19.11
CA LYS CC 6 17.80 -36.56 20.01
C LYS CC 6 16.44 -37.14 19.67
N VAL CC 7 16.16 -37.53 18.42
CA VAL CC 7 14.79 -37.91 18.08
C VAL CC 7 14.39 -39.21 18.75
N GLY CC 8 15.31 -40.17 18.81
CA GLY CC 8 14.98 -41.45 19.41
C GLY CC 8 13.95 -42.21 18.61
N ILE CC 9 12.79 -42.45 19.20
CA ILE CC 9 11.79 -43.31 18.57
C ILE CC 9 11.04 -42.62 17.44
N VAL CC 10 10.97 -41.30 17.43
CA VAL CC 10 10.14 -40.60 16.45
C VAL CC 10 10.90 -40.40 15.16
N GLY CC 11 12.06 -41.04 15.03
CA GLY CC 11 12.81 -40.95 13.80
C GLY CC 11 12.10 -41.59 12.62
N LYS CC 12 11.13 -42.46 12.90
CA LYS CC 12 10.34 -43.06 11.83
C LYS CC 12 9.50 -42.01 11.11
N TYR CC 13 9.13 -40.94 11.80
CA TYR CC 13 8.36 -39.86 11.19
C TYR CC 13 9.21 -38.94 10.33
N GLY CC 14 10.53 -39.05 10.41
CA GLY CC 14 11.36 -38.24 9.55
C GLY CC 14 11.25 -36.77 9.93
N THR CC 15 11.09 -35.92 8.92
CA THR CC 15 11.04 -34.48 9.10
C THR CC 15 9.64 -33.95 9.27
N ARG CC 16 8.64 -34.82 9.22
CA ARG CC 16 7.26 -34.34 9.15
C ARG CC 16 6.74 -33.94 10.52
N TYR CC 17 5.63 -33.19 10.49
CA TYR CC 17 4.71 -32.92 11.58
C TYR CC 17 5.21 -31.91 12.61
N GLY CC 18 6.43 -31.44 12.53
CA GLY CC 18 6.85 -30.42 13.47
C GLY CC 18 7.60 -30.94 14.67
N ALA CC 19 8.57 -30.16 15.14
CA ALA CC 19 9.47 -30.63 16.19
C ALA CC 19 8.74 -30.86 17.50
N SER CC 20 7.85 -29.97 17.88
CA SER CC 20 7.18 -30.14 19.17
C SER CC 20 6.12 -31.22 19.11
N LEU CC 21 5.55 -31.48 17.93
CA LEU CC 21 4.58 -32.56 17.83
C LEU CC 21 5.27 -33.91 17.92
N ARG CC 22 6.42 -34.07 17.28
CA ARG CC 22 7.19 -35.30 17.43
C ARG CC 22 7.74 -35.41 18.84
N LYS CC 23 8.08 -34.29 19.45
CA LYS CC 23 8.56 -34.32 20.84
C LYS CC 23 7.44 -34.72 21.79
N MET CC 24 6.23 -34.22 21.56
CA MET CC 24 5.10 -34.53 22.43
C MET CC 24 4.67 -35.97 22.27
N VAL CC 25 4.65 -36.47 21.04
CA VAL CC 25 4.24 -37.86 20.79
C VAL CC 25 5.34 -38.84 21.12
N LYS CC 26 6.57 -38.37 21.37
CA LYS CC 26 7.67 -39.29 21.61
C LYS CC 26 7.51 -40.00 22.95
N LYS CC 27 7.22 -39.25 24.02
CA LYS CC 27 7.13 -39.88 25.32
C LYS CC 27 5.87 -40.72 25.45
N ILE CC 28 4.84 -40.39 24.68
CA ILE CC 28 3.65 -41.24 24.64
C ILE CC 28 3.95 -42.54 23.91
N GLU CC 29 4.71 -42.47 22.83
CA GLU CC 29 5.06 -43.68 22.09
C GLU CC 29 5.98 -44.58 22.89
N ILE CC 30 6.88 -43.99 23.67
CA ILE CC 30 7.76 -44.78 24.53
C ILE CC 30 6.93 -45.56 25.53
N SER CC 31 6.02 -44.88 26.23
CA SER CC 31 5.21 -45.54 27.25
C SER CC 31 4.26 -46.54 26.64
N GLN CC 32 3.75 -46.27 25.44
CA GLN CC 32 2.81 -47.18 24.80
C GLN CC 32 3.48 -48.51 24.46
N HIS CC 33 4.63 -48.48 23.81
CA HIS CC 33 5.27 -49.67 23.32
C HIS CC 33 6.16 -50.35 24.37
N ALA CC 34 6.27 -49.79 25.56
CA ALA CC 34 7.10 -50.38 26.60
C ALA CC 34 6.42 -51.61 27.17
N LYS CC 35 7.24 -52.51 27.70
CA LYS CC 35 6.76 -53.73 28.35
C LYS CC 35 6.88 -53.55 29.85
N TYR CC 36 5.74 -53.40 30.51
CA TYR CC 36 5.69 -53.19 31.93
C TYR CC 36 5.89 -54.52 32.66
N THR CC 37 6.14 -54.42 33.96
CA THR CC 37 6.23 -55.60 34.79
C THR CC 37 4.85 -55.96 35.33
N CYS CC 38 4.46 -57.21 35.16
CA CYS CC 38 3.15 -57.67 35.59
C CYS CC 38 3.12 -57.77 37.10
N SER CC 39 2.07 -57.24 37.71
CA SER CC 39 1.92 -57.30 39.16
C SER CC 39 1.21 -58.57 39.61
N PHE CC 40 0.80 -59.43 38.68
CA PHE CC 40 0.15 -60.68 39.02
C PHE CC 40 1.07 -61.88 38.93
N CYS CC 41 2.15 -61.78 38.15
CA CYS CC 41 3.08 -62.88 37.99
C CYS CC 41 4.54 -62.47 38.09
N GLY CC 42 4.84 -61.17 38.11
CA GLY CC 42 6.20 -60.70 38.25
C GLY CC 42 6.99 -60.63 36.96
N LYS CC 43 6.58 -61.36 35.93
CA LYS CC 43 7.28 -61.32 34.67
C LYS CC 43 7.02 -59.99 33.97
N THR CC 44 8.05 -59.48 33.30
CA THR CC 44 7.95 -58.23 32.56
C THR CC 44 7.38 -58.52 31.17
N LYS CC 45 6.09 -58.85 31.15
CA LYS CC 45 5.44 -59.28 29.91
C LYS CC 45 4.14 -58.53 29.66
N MET CC 46 3.86 -57.49 30.43
CA MET CC 46 2.62 -56.75 30.34
C MET CC 46 2.77 -55.67 29.26
N LYS CC 47 2.15 -55.88 28.11
CA LYS CC 47 2.23 -54.94 27.01
C LYS CC 47 0.84 -54.64 26.48
N ARG CC 48 0.71 -53.48 25.84
CA ARG CC 48 -0.59 -53.03 25.36
C ARG CC 48 -1.07 -53.88 24.20
N ARG CC 49 -2.36 -54.20 24.22
CA ARG CC 49 -3.01 -54.91 23.12
C ARG CC 49 -3.81 -53.94 22.25
N ALA CC 50 -4.76 -53.24 22.86
CA ALA CC 50 -5.49 -52.16 22.22
C ALA CC 50 -5.47 -50.96 23.15
N VAL CC 51 -6.09 -49.87 22.72
CA VAL CC 51 -6.08 -48.66 23.53
C VAL CC 51 -6.85 -48.91 24.83
N GLY CC 52 -6.15 -48.79 25.96
CA GLY CC 52 -6.74 -49.03 27.24
C GLY CC 52 -6.70 -50.47 27.72
N ILE CC 53 -6.25 -51.40 26.90
CA ILE CC 53 -6.25 -52.81 27.25
C ILE CC 53 -4.80 -53.27 27.37
N TRP CC 54 -4.44 -53.78 28.53
CA TRP CC 54 -3.11 -54.27 28.80
C TRP CC 54 -3.19 -55.76 29.09
N HIS CC 55 -2.24 -56.52 28.56
CA HIS CC 55 -2.31 -57.97 28.60
C HIS CC 55 -0.95 -58.54 28.86
N CYS CC 56 -0.89 -59.54 29.74
CA CYS CC 56 0.36 -60.22 30.04
C CYS CC 56 0.49 -61.48 29.20
N GLY CC 57 1.65 -61.65 28.56
CA GLY CC 57 1.87 -62.86 27.79
C GLY CC 57 1.93 -64.10 28.64
N SER CC 58 2.59 -64.02 29.80
CA SER CC 58 2.86 -65.21 30.60
C SER CC 58 1.60 -65.70 31.30
N CYS CC 59 1.05 -64.91 32.20
CA CYS CC 59 -0.10 -65.35 32.99
C CYS CC 59 -1.42 -65.06 32.30
N MET CC 60 -1.40 -64.48 31.11
CA MET CC 60 -2.60 -64.26 30.29
C MET CC 60 -3.64 -63.41 31.01
N LYS CC 61 -3.20 -62.56 31.92
CA LYS CC 61 -4.09 -61.71 32.69
C LYS CC 61 -4.29 -60.39 31.96
N THR CC 62 -5.54 -60.10 31.58
CA THR CC 62 -5.87 -58.86 30.90
C THR CC 62 -6.40 -57.86 31.93
N VAL CC 63 -5.82 -56.67 31.94
CA VAL CC 63 -6.18 -55.63 32.90
C VAL CC 63 -6.46 -54.34 32.15
N ALA CC 64 -7.60 -53.72 32.45
CA ALA CC 64 -7.92 -52.43 31.88
C ALA CC 64 -7.05 -51.36 32.54
N GLY CC 65 -6.53 -50.45 31.73
CA GLY CC 65 -5.65 -49.41 32.22
C GLY CC 65 -5.76 -48.19 31.34
N GLY CC 66 -4.73 -47.36 31.37
CA GLY CC 66 -4.76 -46.15 30.59
C GLY CC 66 -4.51 -46.40 29.13
N ALA CC 67 -4.68 -45.34 28.34
CA ALA CC 67 -4.47 -45.45 26.90
C ALA CC 67 -3.00 -45.62 26.58
N TRP CC 68 -2.14 -44.81 27.20
CA TRP CC 68 -0.75 -44.75 26.83
C TRP CC 68 0.18 -45.28 27.90
N THR CC 69 -0.30 -45.48 29.11
CA THR CC 69 0.46 -46.07 30.19
C THR CC 69 -0.34 -47.21 30.80
N TYR CC 70 0.34 -48.04 31.57
CA TYR CC 70 -0.32 -49.20 32.17
C TYR CC 70 -1.42 -48.77 33.12
N ASN CC 71 -1.16 -47.73 33.92
CA ASN CC 71 -2.19 -47.12 34.73
C ASN CC 71 -1.93 -45.62 34.81
N THR CC 72 -3.01 -44.85 34.82
CA THR CC 72 -2.88 -43.41 34.86
C THR CC 72 -2.72 -42.92 36.28
N THR CC 73 -1.93 -41.85 36.44
CA THR CC 73 -1.78 -41.24 37.75
C THR CC 73 -3.09 -40.69 38.27
N SER CC 74 -4.03 -40.40 37.38
CA SER CC 74 -5.36 -40.01 37.81
C SER CC 74 -6.06 -41.14 38.54
N ALA CC 75 -6.09 -42.33 37.92
CA ALA CC 75 -6.79 -43.45 38.52
C ALA CC 75 -6.05 -44.02 39.72
N VAL CC 76 -4.74 -43.75 39.84
CA VAL CC 76 -3.99 -44.20 41.00
C VAL CC 76 -4.46 -43.48 42.25
N THR CC 77 -4.60 -42.15 42.17
CA THR CC 77 -5.13 -41.42 43.30
C THR CC 77 -6.60 -41.76 43.55
N VAL CC 78 -7.30 -42.25 42.53
CA VAL CC 78 -8.69 -42.65 42.70
C VAL CC 78 -8.78 -43.90 43.57
N LYS CC 79 -7.94 -44.89 43.28
CA LYS CC 79 -7.99 -46.14 44.04
C LYS CC 79 -7.64 -45.92 45.50
N SER CC 80 -6.63 -45.08 45.76
CA SER CC 80 -6.26 -44.82 47.14
C SER CC 80 -7.30 -43.97 47.85
N ALA CC 81 -7.95 -43.06 47.12
CA ALA CC 81 -9.04 -42.29 47.70
C ALA CC 81 -10.22 -43.18 48.05
N ILE CC 82 -10.53 -44.16 47.20
CA ILE CC 82 -11.62 -45.08 47.49
C ILE CC 82 -11.31 -45.91 48.72
N ARG CC 83 -10.04 -46.28 48.89
CA ARG CC 83 -9.64 -46.98 50.11
C ARG CC 83 -9.83 -46.10 51.34
N ARG CC 84 -9.52 -44.80 51.21
CA ARG CC 84 -9.71 -43.88 52.32
C ARG CC 84 -11.18 -43.75 52.69
N LEU CC 85 -12.04 -43.68 51.68
CA LEU CC 85 -13.47 -43.53 51.95
C LEU CC 85 -14.09 -44.83 52.43
N LYS CC 86 -13.56 -45.96 52.00
CA LYS CC 86 -14.07 -47.23 52.49
C LYS CC 86 -13.72 -47.44 53.96
N GLU CC 87 -12.47 -47.19 54.33
CA GLU CC 87 -12.06 -47.30 55.72
C GLU CC 87 -12.76 -46.27 56.59
N LEU CC 88 -13.17 -45.14 56.01
CA LEU CC 88 -13.96 -44.14 56.72
C LEU CC 88 -15.41 -44.57 56.86
N LYS CC 89 -15.94 -45.25 55.83
CA LYS CC 89 -17.33 -45.68 55.85
C LYS CC 89 -17.59 -46.66 56.98
N ASP CC 90 -16.70 -47.64 57.15
CA ASP CC 90 -16.73 -48.51 58.30
C ASP CC 90 -15.83 -47.92 59.39
N GLN CC 91 -15.65 -48.66 60.48
CA GLN CC 91 -14.79 -48.20 61.57
C GLN CC 91 -14.06 -49.37 62.21
N SER DC 1 -96.98 -14.90 -68.89
CA SER DC 1 -96.56 -13.78 -69.71
C SER DC 1 -95.23 -14.04 -70.38
N ALA DC 2 -95.06 -13.53 -71.61
CA ALA DC 2 -93.81 -13.74 -72.32
C ALA DC 2 -92.64 -13.11 -71.58
N HIS DC 3 -92.84 -11.89 -71.07
CA HIS DC 3 -91.75 -11.22 -70.38
C HIS DC 3 -91.45 -11.87 -69.04
N LEU DC 4 -92.49 -12.34 -68.33
CA LEU DC 4 -92.26 -13.00 -67.05
C LEU DC 4 -91.53 -14.32 -67.24
N GLN DC 5 -92.00 -15.16 -68.15
CA GLN DC 5 -91.33 -16.41 -68.41
C GLN DC 5 -89.92 -16.19 -68.95
N TRP DC 6 -89.70 -15.07 -69.63
CA TRP DC 6 -88.34 -14.77 -70.08
C TRP DC 6 -87.43 -14.47 -68.90
N MET DC 7 -87.93 -13.76 -67.90
CA MET DC 7 -87.10 -13.43 -66.75
C MET DC 7 -86.77 -14.67 -65.93
N VAL DC 8 -87.45 -15.78 -66.21
CA VAL DC 8 -87.18 -17.03 -65.50
C VAL DC 8 -86.09 -17.82 -66.21
N VAL DC 9 -86.17 -17.92 -67.53
CA VAL DC 9 -85.35 -18.84 -68.30
C VAL DC 9 -84.30 -18.12 -69.14
N ARG DC 10 -84.11 -16.82 -68.93
CA ARG DC 10 -83.08 -16.12 -69.71
C ARG DC 10 -81.68 -16.61 -69.37
N ASN DC 11 -81.49 -17.23 -68.21
CA ASN DC 11 -80.20 -17.81 -67.86
C ASN DC 11 -80.30 -19.22 -67.32
N CYS DC 12 -81.44 -19.64 -66.79
CA CYS DC 12 -81.60 -20.99 -66.26
C CYS DC 12 -82.56 -21.73 -67.18
N SER DC 13 -82.01 -22.47 -68.13
CA SER DC 13 -82.83 -23.23 -69.06
C SER DC 13 -82.04 -24.44 -69.53
N SER DC 14 -82.75 -25.53 -69.78
CA SER DC 14 -82.08 -26.75 -70.22
C SER DC 14 -81.60 -26.63 -71.66
N PHE DC 15 -82.28 -25.83 -72.47
CA PHE DC 15 -81.89 -25.66 -73.86
C PHE DC 15 -80.72 -24.71 -74.04
N LEU DC 16 -80.29 -24.03 -72.98
CA LEU DC 16 -79.20 -23.08 -73.07
C LEU DC 16 -77.87 -23.79 -73.29
N ILE DC 17 -77.01 -23.17 -74.10
CA ILE DC 17 -75.64 -23.64 -74.30
C ILE DC 17 -74.72 -22.43 -74.26
N LYS DC 18 -73.95 -22.29 -73.20
CA LYS DC 18 -72.98 -21.21 -73.05
C LYS DC 18 -71.60 -21.79 -73.24
N ARG DC 19 -70.91 -21.35 -74.30
CA ARG DC 19 -69.69 -22.03 -74.70
C ARG DC 19 -68.96 -21.16 -75.70
N ASN DC 20 -67.64 -21.04 -75.52
CA ASN DC 20 -66.77 -20.31 -76.44
C ASN DC 20 -67.26 -18.88 -76.66
N LYS DC 21 -67.62 -18.21 -75.57
CA LYS DC 21 -68.13 -16.84 -75.60
C LYS DC 21 -69.34 -16.71 -76.54
N GLN DC 22 -70.15 -17.75 -76.60
CA GLN DC 22 -71.38 -17.76 -77.36
C GLN DC 22 -72.49 -18.31 -76.50
N THR DC 23 -73.73 -18.05 -76.93
CA THR DC 23 -74.90 -18.53 -76.19
C THR DC 23 -75.96 -18.95 -77.19
N TYR DC 24 -76.22 -20.25 -77.26
CA TYR DC 24 -77.24 -20.81 -78.13
C TYR DC 24 -78.40 -21.33 -77.31
N SER DC 25 -79.44 -21.77 -78.00
CA SER DC 25 -80.66 -22.22 -77.35
C SER DC 25 -81.35 -23.20 -78.28
N THR DC 26 -81.74 -24.35 -77.74
CA THR DC 26 -82.09 -25.50 -78.57
C THR DC 26 -83.55 -25.92 -78.45
N GLU DC 27 -84.45 -25.04 -78.05
CA GLU DC 27 -85.86 -25.43 -78.03
C GLU DC 27 -86.35 -25.61 -79.46
N PRO DC 28 -87.40 -26.42 -79.67
CA PRO DC 28 -87.78 -26.80 -81.04
C PRO DC 28 -88.12 -25.66 -81.98
N ASN DC 29 -88.72 -24.57 -81.50
CA ASN DC 29 -89.27 -23.55 -82.37
C ASN DC 29 -88.43 -22.29 -82.38
N ASN DC 30 -87.11 -22.41 -82.31
CA ASN DC 30 -86.22 -21.26 -82.26
C ASN DC 30 -85.55 -21.10 -83.62
N LEU DC 31 -86.07 -20.19 -84.43
CA LEU DC 31 -85.35 -19.75 -85.62
C LEU DC 31 -84.06 -19.07 -85.16
N LYS DC 32 -82.97 -19.32 -85.88
CA LYS DC 32 -81.65 -18.77 -85.61
C LYS DC 32 -81.03 -19.39 -84.35
N ALA DC 33 -81.81 -20.18 -83.62
CA ALA DC 33 -81.32 -21.00 -82.50
C ALA DC 33 -80.59 -20.19 -81.44
N ARG DC 34 -80.90 -18.90 -81.35
CA ARG DC 34 -80.19 -18.02 -80.43
C ARG DC 34 -81.02 -17.78 -79.18
N ASN DC 35 -80.32 -17.60 -78.06
CA ASN DC 35 -80.96 -17.35 -76.78
C ASN DC 35 -81.37 -15.89 -76.73
N SER DC 36 -82.59 -15.60 -77.17
CA SER DC 36 -83.07 -14.23 -77.19
C SER DC 36 -84.57 -14.24 -76.91
N PHE DC 37 -85.05 -13.12 -76.37
CA PHE DC 37 -86.48 -12.99 -76.13
C PHE DC 37 -87.25 -13.04 -77.44
N ARG DC 38 -86.74 -12.37 -78.46
CA ARG DC 38 -87.43 -12.31 -79.75
C ARG DC 38 -87.58 -13.68 -80.37
N TYR DC 39 -86.56 -14.53 -80.24
CA TYR DC 39 -86.52 -15.81 -80.93
C TYR DC 39 -86.82 -17.00 -80.06
N ASN DC 40 -87.11 -16.80 -78.77
CA ASN DC 40 -87.42 -17.92 -77.90
C ASN DC 40 -88.66 -18.64 -78.39
N GLY DC 41 -88.60 -19.97 -78.40
CA GLY DC 41 -89.64 -20.76 -79.02
C GLY DC 41 -90.64 -21.36 -78.07
N LEU DC 42 -90.71 -20.82 -76.85
CA LEU DC 42 -91.57 -21.39 -75.82
C LEU DC 42 -92.40 -20.37 -75.07
N ILE DC 43 -92.01 -19.10 -75.02
CA ILE DC 43 -92.61 -18.15 -74.10
C ILE DC 43 -93.65 -17.27 -74.76
N HIS DC 44 -93.79 -17.30 -76.09
CA HIS DC 44 -94.68 -16.38 -76.78
C HIS DC 44 -96.02 -17.02 -77.07
N ARG DC 45 -97.05 -16.17 -77.13
CA ARG DC 45 -98.38 -16.66 -77.47
C ARG DC 45 -98.44 -17.13 -78.92
N LYS DC 46 -97.54 -16.66 -79.76
CA LYS DC 46 -97.49 -17.10 -81.15
C LYS DC 46 -96.04 -17.18 -81.59
N THR DC 47 -95.62 -18.37 -82.00
CA THR DC 47 -94.26 -18.63 -82.45
C THR DC 47 -94.34 -19.38 -83.77
N VAL DC 48 -93.25 -19.33 -84.52
CA VAL DC 48 -93.15 -20.03 -85.79
C VAL DC 48 -91.82 -20.76 -85.85
N GLY DC 49 -91.85 -21.99 -86.34
CA GLY DC 49 -90.66 -22.79 -86.47
C GLY DC 49 -90.63 -23.49 -87.81
N VAL DC 50 -89.43 -23.64 -88.35
CA VAL DC 50 -89.21 -24.34 -89.61
C VAL DC 50 -88.26 -25.49 -89.33
N GLU DC 51 -88.65 -26.69 -89.71
CA GLU DC 51 -87.88 -27.90 -89.52
C GLU DC 51 -87.85 -28.67 -90.81
N PRO DC 52 -86.87 -29.55 -90.99
CA PRO DC 52 -86.93 -30.48 -92.13
C PRO DC 52 -88.05 -31.49 -91.95
N ALA DC 53 -88.50 -32.04 -93.07
CA ALA DC 53 -89.59 -33.00 -93.04
C ALA DC 53 -89.12 -34.34 -92.47
N ALA DC 54 -90.10 -35.22 -92.23
CA ALA DC 54 -89.78 -36.54 -91.71
C ALA DC 54 -88.90 -37.32 -92.69
N ASP DC 55 -89.22 -37.25 -93.97
CA ASP DC 55 -88.30 -37.68 -95.00
C ASP DC 55 -87.35 -36.55 -95.36
N GLY DC 56 -86.32 -36.88 -96.12
CA GLY DC 56 -85.30 -35.90 -96.45
C GLY DC 56 -85.64 -35.00 -97.61
N LYS DC 57 -86.88 -34.51 -97.67
CA LYS DC 57 -87.31 -33.63 -98.75
C LYS DC 57 -88.45 -32.75 -98.27
N GLY DC 58 -88.29 -31.44 -98.45
CA GLY DC 58 -89.27 -30.49 -97.99
C GLY DC 58 -89.01 -29.99 -96.58
N VAL DC 59 -89.88 -29.10 -96.13
CA VAL DC 59 -89.83 -28.54 -94.79
C VAL DC 59 -91.17 -28.77 -94.11
N VAL DC 60 -91.18 -28.58 -92.80
CA VAL DC 60 -92.39 -28.59 -91.99
C VAL DC 60 -92.45 -27.28 -91.24
N VAL DC 61 -93.40 -26.43 -91.63
CA VAL DC 61 -93.59 -25.14 -90.99
C VAL DC 61 -94.66 -25.28 -89.93
N VAL DC 62 -94.34 -24.91 -88.70
CA VAL DC 62 -95.20 -25.11 -87.56
C VAL DC 62 -95.46 -23.77 -86.90
N ILE DC 63 -96.73 -23.52 -86.56
CA ILE DC 63 -97.13 -22.29 -85.90
C ILE DC 63 -97.93 -22.66 -84.66
N LYS DC 64 -97.91 -21.76 -83.69
CA LYS DC 64 -98.63 -21.94 -82.44
C LYS DC 64 -100.04 -21.37 -82.58
N ARG DC 65 -101.04 -22.18 -82.29
CA ARG DC 65 -102.40 -21.67 -82.30
C ARG DC 65 -102.64 -20.83 -81.06
N ARG DC 66 -103.70 -20.01 -81.11
CA ARG DC 66 -103.93 -19.02 -80.07
C ARG DC 66 -104.77 -19.52 -78.92
N SER DC 67 -105.47 -20.65 -79.07
CA SER DC 67 -106.45 -21.03 -78.07
C SER DC 67 -105.89 -22.00 -77.03
N GLY DC 68 -105.28 -23.10 -77.47
CA GLY DC 68 -104.78 -24.07 -76.53
C GLY DC 68 -103.38 -23.73 -76.04
N GLN DC 69 -103.24 -22.65 -75.28
CA GLN DC 69 -101.92 -22.23 -74.83
C GLN DC 69 -101.36 -23.21 -73.81
N ARG DC 70 -102.17 -23.63 -72.85
CA ARG DC 70 -101.72 -24.53 -71.79
C ARG DC 70 -101.97 -25.99 -72.14
N LYS DC 71 -102.20 -26.30 -73.40
CA LYS DC 71 -102.47 -27.67 -73.86
C LYS DC 71 -101.43 -27.99 -74.92
N PRO DC 72 -100.22 -28.34 -74.52
CA PRO DC 72 -99.13 -28.50 -75.51
C PRO DC 72 -99.36 -29.61 -76.50
N ALA DC 73 -100.25 -30.56 -76.21
CA ALA DC 73 -100.49 -31.65 -77.14
C ALA DC 73 -101.06 -31.15 -78.46
N THR DC 74 -101.96 -30.17 -78.40
CA THR DC 74 -102.61 -29.64 -79.59
C THR DC 74 -102.16 -28.21 -79.91
N SER DC 75 -101.21 -27.66 -79.16
CA SER DC 75 -100.89 -26.25 -79.26
C SER DC 75 -100.16 -25.88 -80.55
N TYR DC 76 -99.71 -26.84 -81.34
CA TYR DC 76 -98.92 -26.55 -82.52
C TYR DC 76 -99.59 -27.14 -83.76
N VAL DC 77 -99.54 -26.38 -84.86
CA VAL DC 77 -100.12 -26.79 -86.12
C VAL DC 77 -98.98 -26.96 -87.12
N ARG DC 78 -98.75 -28.18 -87.55
CA ARG DC 78 -97.63 -28.51 -88.42
C ARG DC 78 -98.14 -28.77 -89.83
N THR DC 79 -97.53 -28.13 -90.81
CA THR DC 79 -97.85 -28.37 -92.21
C THR DC 79 -96.57 -28.56 -92.99
N THR DC 80 -96.62 -29.43 -94.00
CA THR DC 80 -95.45 -29.80 -94.78
C THR DC 80 -95.50 -29.10 -96.13
N ILE DC 81 -94.38 -28.53 -96.54
CA ILE DC 81 -94.24 -27.89 -97.84
C ILE DC 81 -93.15 -28.63 -98.61
N ASN DC 82 -93.49 -29.12 -99.79
CA ASN DC 82 -92.61 -29.96 -100.58
C ASN DC 82 -92.57 -29.51 -102.02
N LYS DC 83 -92.39 -28.22 -102.24
CA LYS DC 83 -92.36 -27.64 -103.56
C LYS DC 83 -90.94 -27.24 -103.95
N ASN DC 84 -90.83 -26.57 -105.08
CA ASN DC 84 -89.56 -26.01 -105.51
C ASN DC 84 -89.14 -24.88 -104.57
N ALA DC 85 -87.89 -24.45 -104.75
CA ALA DC 85 -87.30 -23.51 -103.80
C ALA DC 85 -88.02 -22.17 -103.80
N ARG DC 86 -88.43 -21.68 -104.97
CA ARG DC 86 -89.06 -20.38 -105.02
C ARG DC 86 -90.49 -20.43 -104.50
N ALA DC 87 -91.23 -21.48 -104.84
CA ALA DC 87 -92.62 -21.58 -104.41
C ALA DC 87 -92.72 -21.81 -102.91
N THR DC 88 -91.74 -22.52 -102.34
CA THR DC 88 -91.73 -22.77 -100.90
C THR DC 88 -91.61 -21.47 -100.13
N LEU DC 89 -90.65 -20.63 -100.50
CA LEU DC 89 -90.41 -19.39 -99.76
C LEU DC 89 -91.58 -18.43 -99.89
N SER DC 90 -92.31 -18.51 -101.00
CA SER DC 90 -93.50 -17.68 -101.13
C SER DC 90 -94.58 -18.12 -100.15
N SER DC 91 -94.69 -19.42 -99.89
CA SER DC 91 -95.67 -19.90 -98.94
C SER DC 91 -95.34 -19.47 -97.51
N ILE DC 92 -94.05 -19.50 -97.16
CA ILE DC 92 -93.64 -19.09 -95.82
C ILE DC 92 -93.81 -17.59 -95.66
N ARG DC 93 -93.46 -16.82 -96.69
CA ARG DC 93 -93.64 -15.39 -96.65
C ARG DC 93 -95.11 -15.01 -96.56
N HIS DC 94 -95.96 -15.73 -97.28
CA HIS DC 94 -97.39 -15.47 -97.22
C HIS DC 94 -97.96 -15.87 -95.87
N MET DC 95 -97.50 -16.98 -95.31
CA MET DC 95 -98.00 -17.43 -94.02
C MET DC 95 -97.72 -16.40 -92.94
N ILE DC 96 -96.59 -15.71 -93.04
CA ILE DC 96 -96.18 -14.78 -91.99
C ILE DC 96 -96.71 -13.38 -92.27
N ARG DC 97 -96.41 -12.85 -93.45
CA ARG DC 97 -96.73 -11.46 -93.74
C ARG DC 97 -98.24 -11.25 -93.89
N LYS DC 98 -98.91 -12.12 -94.65
CA LYS DC 98 -100.34 -11.93 -94.87
C LYS DC 98 -101.14 -12.11 -93.59
N ASN DC 99 -100.83 -13.17 -92.83
CA ASN DC 99 -101.56 -13.42 -91.59
C ASN DC 99 -101.19 -12.45 -90.48
N LYS DC 100 -100.16 -11.63 -90.68
CA LYS DC 100 -99.58 -10.78 -89.63
C LYS DC 100 -99.14 -11.62 -88.43
N TYR DC 101 -98.81 -12.87 -88.67
CA TYR DC 101 -98.41 -13.79 -87.63
C TYR DC 101 -96.91 -13.63 -87.40
N ARG DC 102 -96.55 -12.89 -86.37
CA ARG DC 102 -95.16 -12.65 -86.00
C ARG DC 102 -94.34 -12.14 -87.19
N PRO DC 103 -94.66 -10.96 -87.73
CA PRO DC 103 -93.95 -10.48 -88.92
C PRO DC 103 -92.47 -10.24 -88.68
N ASP DC 104 -92.05 -10.09 -87.42
CA ASP DC 104 -90.64 -9.89 -87.11
C ASP DC 104 -89.79 -11.12 -87.38
N LEU DC 105 -90.40 -12.29 -87.56
CA LEU DC 105 -89.67 -13.52 -87.85
C LEU DC 105 -89.74 -13.91 -89.31
N ARG DC 106 -90.13 -12.99 -90.20
CA ARG DC 106 -90.31 -13.35 -91.58
C ARG DC 106 -88.98 -13.72 -92.24
N MET DC 107 -87.97 -12.86 -92.07
CA MET DC 107 -86.71 -13.11 -92.76
C MET DC 107 -85.92 -14.23 -92.10
N ALA DC 108 -86.03 -14.37 -90.78
CA ALA DC 108 -85.36 -15.48 -90.11
C ALA DC 108 -85.92 -16.82 -90.55
N ALA DC 109 -87.24 -16.89 -90.76
CA ALA DC 109 -87.86 -18.12 -91.22
C ALA DC 109 -87.47 -18.42 -92.66
N ILE DC 110 -87.43 -17.40 -93.52
CA ILE DC 110 -87.05 -17.61 -94.91
C ILE DC 110 -85.61 -18.08 -95.00
N ARG DC 111 -84.71 -17.45 -94.25
CA ARG DC 111 -83.32 -17.86 -94.27
C ARG DC 111 -83.14 -19.26 -93.72
N ARG DC 112 -83.88 -19.61 -92.68
CA ARG DC 112 -83.80 -20.97 -92.15
C ARG DC 112 -84.30 -21.99 -93.15
N ALA DC 113 -85.38 -21.68 -93.85
CA ALA DC 113 -85.90 -22.59 -94.86
C ALA DC 113 -84.91 -22.76 -96.00
N SER DC 114 -84.22 -21.68 -96.38
CA SER DC 114 -83.21 -21.80 -97.41
C SER DC 114 -82.08 -22.70 -96.97
N ALA DC 115 -81.69 -22.62 -95.71
CA ALA DC 115 -80.65 -23.51 -95.19
C ALA DC 115 -81.09 -24.96 -95.26
N ILE DC 116 -82.35 -25.25 -94.93
CA ILE DC 116 -82.84 -26.61 -94.93
C ILE DC 116 -82.98 -27.15 -96.34
N LEU DC 117 -83.55 -26.35 -97.25
CA LEU DC 117 -83.71 -26.79 -98.62
C LEU DC 117 -82.37 -27.04 -99.28
N ARG DC 118 -81.41 -26.13 -99.07
CA ARG DC 118 -80.08 -26.31 -99.62
C ARG DC 118 -79.36 -27.49 -98.98
N SER DC 119 -79.69 -27.82 -97.74
CA SER DC 119 -79.06 -28.96 -97.10
C SER DC 119 -79.62 -30.28 -97.60
N GLN DC 120 -80.67 -30.25 -98.43
CA GLN DC 120 -81.29 -31.48 -98.88
C GLN DC 120 -80.87 -31.86 -100.29
N LYS DC 121 -80.47 -30.89 -101.11
CA LYS DC 121 -79.98 -31.23 -102.44
C LYS DC 121 -78.66 -31.98 -102.32
N PRO DC 122 -78.34 -32.83 -103.30
CA PRO DC 122 -77.16 -33.69 -103.17
C PRO DC 122 -75.87 -32.89 -103.04
N VAL DC 123 -74.96 -33.43 -102.23
CA VAL DC 123 -73.68 -32.78 -101.99
C VAL DC 123 -72.77 -32.97 -103.19
N MET DC 124 -71.88 -32.02 -103.40
CA MET DC 124 -70.93 -32.05 -104.50
C MET DC 124 -69.57 -32.55 -104.05
N VAL DC 125 -68.71 -32.85 -105.02
CA VAL DC 125 -67.36 -33.31 -104.75
C VAL DC 125 -66.40 -32.13 -104.63
N ASP EC 1 10.87 73.43 -61.61
CA ASP EC 1 12.24 73.92 -61.56
C ASP EC 1 12.93 73.76 -62.91
N ARG EC 2 12.67 72.64 -63.59
CA ARG EC 2 13.30 72.40 -64.88
C ARG EC 2 12.71 73.30 -65.96
N ALA EC 3 11.38 73.40 -66.02
CA ALA EC 3 10.75 74.26 -67.02
C ALA EC 3 11.06 75.73 -66.75
N THR EC 4 11.16 76.12 -65.49
CA THR EC 4 11.60 77.47 -65.18
C THR EC 4 13.06 77.67 -65.53
N TRP EC 5 13.87 76.61 -65.40
CA TRP EC 5 15.26 76.70 -65.81
C TRP EC 5 15.38 76.91 -67.30
N LYS EC 6 14.54 76.22 -68.09
CA LYS EC 6 14.61 76.34 -69.53
C LYS EC 6 14.21 77.73 -70.00
N SER EC 7 13.18 78.31 -69.37
CA SER EC 7 12.83 79.70 -69.67
C SER EC 7 13.93 80.66 -69.23
N ASN EC 8 14.54 80.39 -68.08
CA ASN EC 8 15.64 81.24 -67.61
C ASN EC 8 16.83 81.19 -68.56
N TYR EC 9 17.16 80.00 -69.05
CA TYR EC 9 18.25 79.86 -70.00
C TYR EC 9 17.90 80.49 -71.34
N PHE EC 10 16.63 80.38 -71.75
CA PHE EC 10 16.20 80.98 -73.01
C PHE EC 10 16.29 82.49 -72.97
N LEU EC 11 15.77 83.09 -71.90
CA LEU EC 11 15.71 84.54 -71.81
C LEU EC 11 17.10 85.16 -71.68
N LYS EC 12 18.02 84.43 -71.06
CA LYS EC 12 19.39 84.94 -70.89
C LYS EC 12 20.18 84.82 -72.20
N ILE EC 13 19.97 83.73 -72.93
CA ILE EC 13 20.80 83.46 -74.10
C ILE EC 13 20.40 84.35 -75.27
N ILE EC 14 19.16 84.85 -75.30
CA ILE EC 14 18.73 85.61 -76.45
C ILE EC 14 19.00 87.10 -76.25
N GLN EC 15 18.98 87.58 -75.00
CA GLN EC 15 19.48 88.92 -74.71
C GLN EC 15 21.01 88.98 -74.79
N LEU EC 16 21.68 87.82 -74.81
CA LEU EC 16 23.14 87.77 -74.94
C LEU EC 16 23.58 87.74 -76.40
N LEU EC 17 22.72 87.31 -77.32
CA LEU EC 17 23.06 87.35 -78.73
C LEU EC 17 22.47 88.56 -79.45
N ASP EC 18 21.34 89.09 -78.98
CA ASP EC 18 20.87 90.37 -79.51
C ASP EC 18 21.88 91.46 -79.22
N ASP EC 19 22.41 91.49 -78.00
CA ASP EC 19 23.39 92.50 -77.61
C ASP EC 19 24.78 92.19 -78.17
N TYR EC 20 25.00 90.96 -78.62
CA TYR EC 20 26.27 90.55 -79.22
C TYR EC 20 25.97 89.88 -80.55
N PRO EC 21 25.58 90.65 -81.57
CA PRO EC 21 25.25 90.05 -82.87
C PRO EC 21 26.43 89.36 -83.52
N LYS EC 22 27.64 89.69 -83.10
CA LYS EC 22 28.84 88.99 -83.53
C LYS EC 22 28.98 87.72 -82.70
N CYS EC 23 28.31 86.66 -83.13
CA CYS EC 23 28.24 85.42 -82.35
C CYS EC 23 28.89 84.29 -83.13
N PHE EC 24 29.92 83.68 -82.54
CA PHE EC 24 30.65 82.58 -83.14
C PHE EC 24 30.29 81.30 -82.41
N ILE EC 25 30.04 80.23 -83.16
CA ILE EC 25 29.73 78.94 -82.56
C ILE EC 25 31.04 78.20 -82.32
N VAL EC 26 31.11 77.50 -81.19
CA VAL EC 26 32.37 76.96 -80.70
C VAL EC 26 32.14 75.50 -80.30
N GLY EC 27 33.23 74.74 -80.23
CA GLY EC 27 33.16 73.31 -79.98
C GLY EC 27 33.85 72.93 -78.69
N ALA EC 28 33.29 71.93 -78.01
CA ALA EC 28 33.81 71.44 -76.73
C ALA EC 28 34.28 70.00 -76.91
N ASP EC 29 35.59 69.78 -76.76
CA ASP EC 29 36.17 68.44 -76.81
C ASP EC 29 36.00 67.75 -75.47
N ASN EC 30 36.72 66.65 -75.26
CA ASN EC 30 36.67 65.92 -74.00
C ASN EC 30 37.34 66.74 -72.91
N VAL EC 31 36.55 67.49 -72.15
CA VAL EC 31 37.06 68.49 -71.24
C VAL EC 31 36.60 68.17 -69.82
N GLY EC 32 37.49 68.37 -68.85
CA GLY EC 32 37.15 68.24 -67.45
C GLY EC 32 36.53 69.50 -66.88
N SER EC 33 36.23 69.45 -65.58
CA SER EC 33 35.57 70.57 -64.92
C SER EC 33 36.45 71.81 -64.86
N LYS EC 34 37.78 71.63 -64.77
CA LYS EC 34 38.66 72.77 -64.54
C LYS EC 34 38.88 73.62 -65.78
N GLN EC 35 38.87 73.02 -66.97
CA GLN EC 35 39.18 73.78 -68.19
C GLN EC 35 38.11 74.83 -68.49
N MET EC 36 36.86 74.55 -68.16
CA MET EC 36 35.79 75.53 -68.41
C MET EC 36 36.00 76.79 -67.58
N GLN EC 37 36.44 76.64 -66.33
CA GLN EC 37 36.69 77.81 -65.50
C GLN EC 37 37.98 78.52 -65.91
N GLN EC 38 38.91 77.80 -66.54
CA GLN EC 38 40.15 78.43 -67.01
C GLN EC 38 39.86 79.48 -68.08
N ILE EC 39 39.12 79.10 -69.13
CA ILE EC 39 38.81 80.03 -70.20
C ILE EC 39 37.82 81.09 -69.72
N ARG EC 40 36.93 80.74 -68.80
CA ARG EC 40 35.96 81.70 -68.28
C ARG EC 40 36.65 82.83 -67.52
N MET EC 41 37.76 82.52 -66.84
CA MET EC 41 38.53 83.57 -66.17
C MET EC 41 39.14 84.54 -67.18
N SER EC 42 39.67 84.02 -68.28
CA SER EC 42 40.38 84.83 -69.27
C SER EC 42 39.45 85.47 -70.30
N LEU EC 43 38.16 85.17 -70.27
CA LEU EC 43 37.23 85.69 -71.27
C LEU EC 43 36.09 86.52 -70.69
N ARG EC 44 35.58 86.18 -69.50
CA ARG EC 44 34.39 86.84 -68.97
C ARG EC 44 34.61 88.32 -68.66
N GLY EC 45 35.85 88.79 -68.62
CA GLY EC 45 36.08 90.20 -68.42
C GLY EC 45 35.59 91.05 -69.58
N LYS EC 46 35.69 90.54 -70.80
CA LYS EC 46 35.30 91.27 -72.00
C LYS EC 46 34.29 90.52 -72.87
N ALA EC 47 33.89 89.31 -72.48
CA ALA EC 47 33.08 88.45 -73.33
C ALA EC 47 32.38 87.43 -72.43
N VAL EC 48 31.85 86.36 -73.03
CA VAL EC 48 31.15 85.33 -72.27
C VAL EC 48 31.18 84.04 -73.09
N VAL EC 49 31.02 82.91 -72.41
CA VAL EC 49 30.82 81.61 -73.07
C VAL EC 49 29.88 80.79 -72.20
N LEU EC 50 28.98 80.05 -72.83
CA LEU EC 50 27.99 79.25 -72.12
C LEU EC 50 27.72 77.96 -72.89
N MET EC 51 27.34 76.91 -72.16
CA MET EC 51 27.11 75.59 -72.72
C MET EC 51 25.84 74.99 -72.14
N GLY EC 52 25.21 74.13 -72.94
CA GLY EC 52 23.98 73.50 -72.52
C GLY EC 52 23.50 72.54 -73.59
N LYS EC 53 22.26 72.06 -73.41
CA LYS EC 53 21.68 71.12 -74.36
C LYS EC 53 21.55 71.76 -75.74
N ASN EC 54 21.72 70.93 -76.77
CA ASN EC 54 21.80 71.45 -78.13
C ASN EC 54 20.51 72.12 -78.55
N THR EC 55 19.37 71.47 -78.35
CA THR EC 55 18.10 72.04 -78.78
C THR EC 55 17.57 73.07 -77.78
N MET EC 56 18.22 73.20 -76.62
CA MET EC 56 18.02 74.42 -75.83
C MET EC 56 18.53 75.64 -76.58
N MET EC 57 19.45 75.43 -77.52
CA MET EC 57 19.93 76.52 -78.37
C MET EC 57 19.21 76.53 -79.71
N ARG EC 58 18.88 75.36 -80.25
CA ARG EC 58 18.18 75.31 -81.54
C ARG EC 58 16.81 75.94 -81.44
N LYS EC 59 16.09 75.71 -80.36
CA LYS EC 59 14.79 76.35 -80.19
C LYS EC 59 14.93 77.85 -79.95
N ALA EC 60 16.04 78.27 -79.32
CA ALA EC 60 16.26 79.69 -79.08
C ALA EC 60 16.37 80.46 -80.39
N ILE EC 61 17.03 79.87 -81.39
CA ILE EC 61 17.09 80.47 -82.72
C ILE EC 61 15.97 79.99 -83.62
N ARG EC 62 15.06 79.17 -83.13
CA ARG EC 62 13.91 78.75 -83.92
C ARG EC 62 12.70 79.66 -83.67
N GLY EC 63 12.32 79.80 -82.41
CA GLY EC 63 11.17 80.60 -82.04
C GLY EC 63 11.46 82.04 -81.68
N HIS EC 64 12.72 82.45 -81.68
CA HIS EC 64 13.07 83.81 -81.30
C HIS EC 64 14.19 84.34 -82.19
N LEU EC 65 14.02 84.15 -83.50
CA LEU EC 65 14.95 84.62 -84.53
C LEU EC 65 14.48 85.87 -85.24
N GLU EC 66 13.16 86.04 -85.40
CA GLU EC 66 12.62 87.10 -86.24
C GLU EC 66 12.88 88.49 -85.66
N ASN EC 67 13.35 88.55 -84.41
CA ASN EC 67 13.71 89.84 -83.83
C ASN EC 67 14.85 90.51 -84.59
N ASN EC 68 15.89 89.75 -84.94
CA ASN EC 68 16.97 90.25 -85.78
C ASN EC 68 17.10 89.36 -87.01
N PRO EC 69 16.63 89.81 -88.18
CA PRO EC 69 16.62 88.93 -89.37
C PRO EC 69 18.03 88.64 -89.87
N ALA EC 70 18.11 87.85 -90.95
CA ALA EC 70 19.37 87.32 -91.48
C ALA EC 70 20.14 86.54 -90.43
N LEU EC 71 19.44 85.95 -89.46
CA LEU EC 71 20.03 85.05 -88.49
C LEU EC 71 19.80 83.58 -88.83
N GLU EC 72 19.11 83.30 -89.93
CA GLU EC 72 18.74 81.93 -90.29
C GLU EC 72 19.93 81.08 -90.73
N LYS EC 73 21.11 81.68 -90.89
CA LYS EC 73 22.29 80.90 -91.25
C LYS EC 73 22.81 80.06 -90.10
N LEU EC 74 22.29 80.26 -88.89
CA LEU EC 74 22.65 79.42 -87.76
C LEU EC 74 21.69 78.25 -87.56
N LEU EC 75 20.63 78.14 -88.38
CA LEU EC 75 19.76 76.97 -88.27
C LEU EC 75 20.38 75.72 -88.86
N PRO EC 76 20.76 75.67 -90.15
CA PRO EC 76 21.18 74.39 -90.73
C PRO EC 76 22.58 73.96 -90.36
N HIS EC 77 23.37 74.83 -89.71
CA HIS EC 77 24.75 74.53 -89.40
C HIS EC 77 24.96 74.02 -87.98
N ILE EC 78 24.08 74.38 -87.04
CA ILE EC 78 24.24 73.99 -85.64
C ILE EC 78 23.81 72.53 -85.52
N ARG EC 79 24.81 71.66 -85.31
CA ARG EC 79 24.58 70.25 -85.05
C ARG EC 79 25.65 69.75 -84.09
N GLY EC 80 25.29 68.74 -83.30
CA GLY EC 80 26.28 68.14 -82.42
C GLY EC 80 26.60 69.01 -81.20
N ASN EC 81 27.77 68.73 -80.62
CA ASN EC 81 28.20 69.40 -79.39
C ASN EC 81 28.85 70.74 -79.75
N VAL EC 82 27.99 71.68 -80.13
CA VAL EC 82 28.41 73.05 -80.42
C VAL EC 82 27.54 74.00 -79.61
N GLY EC 83 28.09 75.18 -79.34
CA GLY EC 83 27.37 76.16 -78.54
C GLY EC 83 27.49 77.57 -79.10
N PHE EC 84 27.75 78.54 -78.21
CA PHE EC 84 27.90 79.92 -78.62
C PHE EC 84 28.90 80.62 -77.71
N VAL EC 85 29.73 81.47 -78.31
CA VAL EC 85 30.60 82.38 -77.57
C VAL EC 85 30.42 83.78 -78.16
N PHE EC 86 30.24 84.76 -77.30
CA PHE EC 86 29.84 86.10 -77.71
C PHE EC 86 30.96 87.09 -77.46
N THR EC 87 31.31 87.85 -78.49
CA THR EC 87 32.35 88.86 -78.39
C THR EC 87 31.98 90.03 -79.30
N LYS EC 88 32.61 91.17 -79.03
CA LYS EC 88 32.33 92.40 -79.76
C LYS EC 88 33.50 92.90 -80.59
N GLU EC 89 34.70 92.36 -80.38
CA GLU EC 89 35.88 92.81 -81.10
C GLU EC 89 36.02 92.03 -82.40
N ASP EC 90 37.09 92.30 -83.13
CA ASP EC 90 37.26 91.74 -84.47
C ASP EC 90 37.45 90.22 -84.40
N LEU EC 91 37.29 89.59 -85.57
CA LEU EC 91 37.32 88.12 -85.65
C LEU EC 91 38.68 87.58 -85.21
N THR EC 92 39.76 88.17 -85.73
CA THR EC 92 41.09 87.65 -85.43
C THR EC 92 41.46 87.89 -83.98
N GLU EC 93 40.94 88.95 -83.37
CA GLU EC 93 41.32 89.31 -82.01
C GLU EC 93 40.98 88.20 -81.02
N ILE EC 94 39.79 87.60 -81.15
CA ILE EC 94 39.42 86.52 -80.26
C ILE EC 94 39.88 85.16 -80.79
N ARG EC 95 40.03 85.03 -82.11
CA ARG EC 95 40.44 83.76 -82.68
C ARG EC 95 41.87 83.39 -82.28
N ASP EC 96 42.80 84.34 -82.42
CA ASP EC 96 44.21 84.00 -82.21
C ASP EC 96 44.51 83.75 -80.73
N MET EC 97 43.79 84.39 -79.82
CA MET EC 97 44.01 84.13 -78.40
C MET EC 97 43.34 82.82 -77.98
N LEU EC 98 42.17 82.51 -78.53
CA LEU EC 98 41.47 81.28 -78.18
C LEU EC 98 42.23 80.07 -78.70
N LEU EC 99 42.91 80.22 -79.84
CA LEU EC 99 43.73 79.15 -80.39
C LEU EC 99 45.11 79.08 -79.75
N ALA EC 100 45.37 79.91 -78.74
CA ALA EC 100 46.66 79.94 -78.07
C ALA EC 100 46.59 79.41 -76.64
N ASN EC 101 45.62 79.89 -75.85
CA ASN EC 101 45.53 79.53 -74.43
C ASN EC 101 44.74 78.23 -74.24
N LYS EC 102 45.27 77.16 -74.84
CA LYS EC 102 44.71 75.84 -74.67
C LYS EC 102 45.18 75.23 -73.35
N VAL EC 103 44.89 73.95 -73.15
CA VAL EC 103 45.31 73.24 -71.95
C VAL EC 103 45.88 71.88 -72.33
N PRO EC 104 47.08 71.52 -71.87
CA PRO EC 104 47.54 70.14 -72.00
C PRO EC 104 46.95 69.25 -70.92
N ALA EC 105 45.77 68.70 -71.18
CA ALA EC 105 45.00 67.97 -70.18
C ALA EC 105 45.43 66.51 -70.06
N ALA EC 106 46.69 66.22 -70.40
CA ALA EC 106 47.31 64.90 -70.31
C ALA EC 106 46.73 63.93 -71.32
N ALA EC 107 47.41 62.81 -71.55
CA ALA EC 107 46.94 61.78 -72.47
C ALA EC 107 46.36 60.64 -71.62
N ARG EC 108 45.04 60.59 -71.53
CA ARG EC 108 44.38 59.50 -70.83
C ARG EC 108 44.49 58.22 -71.64
N ALA EC 109 44.13 57.10 -71.01
CA ALA EC 109 44.08 55.83 -71.70
C ALA EC 109 42.84 55.82 -72.60
N GLY EC 110 43.06 55.82 -73.92
CA GLY EC 110 41.95 55.84 -74.85
C GLY EC 110 41.63 57.21 -75.43
N ALA EC 111 42.65 57.90 -75.92
CA ALA EC 111 42.49 59.19 -76.57
C ALA EC 111 43.24 59.22 -77.90
N ILE EC 112 42.61 59.77 -78.94
CA ILE EC 112 43.25 59.91 -80.23
C ILE EC 112 44.39 60.92 -80.12
N ALA EC 113 45.30 60.87 -81.10
CA ALA EC 113 46.43 61.79 -81.14
C ALA EC 113 46.29 62.73 -82.32
N PRO EC 114 45.78 63.96 -82.12
CA PRO EC 114 45.68 64.89 -83.25
C PRO EC 114 47.01 65.49 -83.68
N CYS EC 115 48.02 65.48 -82.82
CA CYS EC 115 49.32 66.07 -83.11
C CYS EC 115 50.41 65.02 -82.94
N GLU EC 116 51.38 65.03 -83.85
CA GLU EC 116 52.46 64.04 -83.83
C GLU EC 116 53.56 64.53 -82.89
N VAL EC 117 53.88 63.72 -81.88
CA VAL EC 117 54.85 64.07 -80.85
C VAL EC 117 55.88 62.96 -80.76
N THR EC 118 57.16 63.35 -80.69
CA THR EC 118 58.28 62.42 -80.73
C THR EC 118 59.14 62.61 -79.49
N VAL EC 119 59.51 61.52 -78.84
CA VAL EC 119 60.50 61.58 -77.77
C VAL EC 119 61.90 61.64 -78.39
N PRO EC 120 62.64 62.71 -78.15
CA PRO EC 120 64.00 62.80 -78.71
C PRO EC 120 65.02 62.07 -77.84
N ALA EC 121 66.30 62.23 -78.17
CA ALA EC 121 67.38 61.62 -77.39
C ALA EC 121 67.80 62.61 -76.31
N GLN EC 122 67.31 62.40 -75.09
CA GLN EC 122 67.64 63.28 -73.98
C GLN EC 122 67.44 62.50 -72.68
N ASN EC 123 68.06 63.00 -71.62
CA ASN EC 123 67.98 62.36 -70.32
C ASN EC 123 66.58 62.50 -69.74
N THR EC 124 66.06 61.43 -69.16
CA THR EC 124 64.69 61.45 -68.64
C THR EC 124 64.58 62.31 -67.39
N GLY EC 125 65.48 62.11 -66.42
CA GLY EC 125 65.52 62.92 -65.22
C GLY EC 125 65.10 62.22 -63.94
N LEU EC 126 64.53 61.02 -64.02
CA LEU EC 126 64.12 60.31 -62.81
C LEU EC 126 65.13 59.21 -62.46
N GLY EC 127 64.79 58.43 -61.44
CA GLY EC 127 65.65 57.37 -60.95
C GLY EC 127 65.74 56.20 -61.90
N PRO EC 128 66.84 55.42 -61.78
CA PRO EC 128 67.10 54.30 -62.70
C PRO EC 128 66.47 52.99 -62.26
N GLU EC 129 65.18 53.04 -61.88
CA GLU EC 129 64.47 51.86 -61.43
C GLU EC 129 63.29 51.49 -62.31
N LYS EC 130 62.82 52.40 -63.17
CA LYS EC 130 61.61 52.20 -63.95
C LYS EC 130 61.90 51.76 -65.36
N THR EC 131 62.91 50.92 -65.54
CA THR EC 131 63.24 50.37 -66.86
C THR EC 131 62.17 49.42 -67.39
N SER EC 132 61.23 48.99 -66.55
CA SER EC 132 60.21 48.05 -66.98
C SER EC 132 59.30 48.64 -68.06
N PHE EC 133 58.90 49.92 -67.89
CA PHE EC 133 58.03 50.54 -68.88
C PHE EC 133 58.75 50.79 -70.19
N PHE EC 134 60.06 51.04 -70.13
CA PHE EC 134 60.83 51.17 -71.37
C PHE EC 134 60.88 49.85 -72.12
N GLN EC 135 61.07 48.74 -71.40
CA GLN EC 135 61.23 47.43 -72.05
C GLN EC 135 59.96 46.99 -72.75
N ALA EC 136 58.80 47.20 -72.11
CA ALA EC 136 57.54 46.75 -72.69
C ALA EC 136 57.25 47.48 -74.00
N LEU EC 137 57.51 48.79 -74.05
CA LEU EC 137 57.29 49.55 -75.26
C LEU EC 137 58.29 49.22 -76.36
N GLY EC 138 59.43 48.62 -76.01
CA GLY EC 138 60.43 48.25 -76.98
C GLY EC 138 61.67 49.14 -77.01
N ILE EC 139 61.82 50.03 -76.04
CA ILE EC 139 62.98 50.92 -75.98
C ILE EC 139 63.94 50.41 -74.91
N THR EC 140 65.20 50.22 -75.29
CA THR EC 140 66.24 49.93 -74.31
C THR EC 140 66.78 51.23 -73.73
N THR EC 141 67.18 51.19 -72.47
CA THR EC 141 67.76 52.36 -71.80
C THR EC 141 68.94 51.92 -70.96
N LYS EC 142 69.99 52.75 -70.96
CA LYS EC 142 71.22 52.45 -70.23
C LYS EC 142 71.45 53.53 -69.19
N ILE EC 143 72.08 53.14 -68.08
CA ILE EC 143 72.23 54.03 -66.93
C ILE EC 143 73.47 54.88 -67.10
N SER EC 144 73.30 56.20 -67.02
CA SER EC 144 74.41 57.13 -66.96
C SER EC 144 74.19 58.08 -65.79
N ARG EC 145 75.21 58.18 -64.92
CA ARG EC 145 75.14 59.01 -63.71
C ARG EC 145 73.95 58.64 -62.83
N GLY EC 146 73.53 57.38 -62.87
CA GLY EC 146 72.37 56.97 -62.11
C GLY EC 146 71.05 57.49 -62.63
N THR EC 147 70.95 57.80 -63.93
CA THR EC 147 69.69 58.23 -64.52
C THR EC 147 69.46 57.48 -65.84
N ILE EC 148 68.19 57.36 -66.19
CA ILE EC 148 67.79 56.72 -67.43
C ILE EC 148 68.15 57.61 -68.61
N GLU EC 149 68.71 57.01 -69.65
CA GLU EC 149 69.19 57.73 -70.82
C GLU EC 149 68.49 57.21 -72.07
N ILE EC 150 67.76 58.09 -72.75
CA ILE EC 150 67.20 57.75 -74.06
C ILE EC 150 68.34 57.73 -75.07
N LEU EC 151 68.54 56.59 -75.73
CA LEU EC 151 69.74 56.39 -76.53
C LEU EC 151 69.59 56.69 -78.01
N SER EC 152 68.36 56.69 -78.55
CA SER EC 152 68.17 56.93 -79.97
C SER EC 152 66.77 57.44 -80.21
N ASP EC 153 66.54 57.91 -81.43
CA ASP EC 153 65.24 58.44 -81.82
C ASP EC 153 64.32 57.31 -82.25
N VAL EC 154 63.11 57.27 -81.68
CA VAL EC 154 62.18 56.16 -81.85
C VAL EC 154 60.77 56.74 -81.89
N GLN EC 155 59.82 55.91 -82.34
CA GLN EC 155 58.41 56.29 -82.37
C GLN EC 155 57.68 55.72 -81.15
N LEU EC 156 56.95 56.59 -80.46
CA LEU EC 156 56.09 56.20 -79.34
C LEU EC 156 54.62 56.15 -79.72
N ILE EC 157 54.19 57.00 -80.64
CA ILE EC 157 52.79 57.12 -81.03
C ILE EC 157 52.72 57.74 -82.42
N LYS EC 158 51.87 57.19 -83.27
CA LYS EC 158 51.71 57.66 -84.63
C LYS EC 158 50.61 58.71 -84.69
N THR EC 159 50.16 59.05 -85.89
CA THR EC 159 49.03 59.94 -86.09
C THR EC 159 47.76 59.13 -86.27
N GLY EC 160 46.73 59.45 -85.49
CA GLY EC 160 45.47 58.74 -85.58
C GLY EC 160 45.51 57.31 -85.09
N ASP EC 161 45.73 57.13 -83.78
CA ASP EC 161 45.74 55.80 -83.19
C ASP EC 161 45.23 55.84 -81.76
N LYS EC 162 45.39 54.72 -81.05
CA LYS EC 162 45.01 54.62 -79.64
C LYS EC 162 46.25 54.43 -78.79
N VAL EC 163 46.23 54.95 -77.57
CA VAL EC 163 47.37 54.91 -76.68
C VAL EC 163 47.23 53.69 -75.76
N GLY EC 164 48.27 52.86 -75.73
CA GLY EC 164 48.26 51.72 -74.84
C GLY EC 164 48.45 52.10 -73.39
N ALA EC 165 48.21 51.15 -72.50
CA ALA EC 165 48.32 51.43 -71.07
C ALA EC 165 49.77 51.64 -70.67
N SER EC 166 50.66 50.73 -71.08
CA SER EC 166 52.08 50.86 -70.76
C SER EC 166 52.70 52.05 -71.49
N GLU EC 167 52.24 52.32 -72.71
CA GLU EC 167 52.69 53.49 -73.45
C GLU EC 167 52.27 54.78 -72.74
N ALA EC 168 51.03 54.84 -72.26
CA ALA EC 168 50.52 56.05 -71.63
C ALA EC 168 51.14 56.27 -70.26
N THR EC 169 51.35 55.20 -69.48
CA THR EC 169 51.90 55.38 -68.15
C THR EC 169 53.38 55.76 -68.20
N LEU EC 170 54.06 55.48 -69.31
CA LEU EC 170 55.39 56.03 -69.53
C LEU EC 170 55.30 57.50 -69.92
N LEU EC 171 54.23 57.89 -70.60
CA LEU EC 171 54.05 59.28 -71.00
C LEU EC 171 53.69 60.15 -69.80
N ASN EC 172 52.89 59.61 -68.87
CA ASN EC 172 52.51 60.35 -67.68
C ASN EC 172 53.72 60.59 -66.78
N MET EC 173 54.63 59.63 -66.70
CA MET EC 173 55.82 59.75 -65.87
C MET EC 173 57.00 60.41 -66.59
N LEU EC 174 56.90 60.64 -67.90
CA LEU EC 174 57.99 61.26 -68.63
C LEU EC 174 58.02 62.78 -68.47
N ASN EC 175 56.96 63.37 -67.92
CA ASN EC 175 56.83 64.81 -67.73
C ASN EC 175 56.96 65.57 -69.05
N ILE EC 176 56.46 64.97 -70.13
CA ILE EC 176 56.53 65.60 -71.44
C ILE EC 176 55.11 65.84 -71.95
N SER EC 177 54.98 66.90 -72.74
CA SER EC 177 53.66 67.39 -73.14
C SER EC 177 52.99 66.44 -74.12
N PRO EC 178 51.78 65.96 -73.83
CA PRO EC 178 51.05 65.16 -74.82
C PRO EC 178 50.36 66.03 -75.85
N PHE EC 179 49.54 65.41 -76.70
CA PHE EC 179 48.80 66.13 -77.72
C PHE EC 179 47.86 67.16 -77.09
N SER EC 180 47.78 68.32 -77.72
CA SER EC 180 47.06 69.47 -77.17
C SER EC 180 45.71 69.63 -77.85
N PHE EC 181 44.74 70.13 -77.08
CA PHE EC 181 43.39 70.34 -77.57
C PHE EC 181 42.69 71.33 -76.62
N GLY EC 182 41.48 71.73 -76.99
CA GLY EC 182 40.71 72.64 -76.18
C GLY EC 182 39.46 73.17 -76.86
N LEU EC 183 39.08 74.41 -76.56
CA LEU EC 183 37.86 75.02 -77.10
C LEU EC 183 38.20 75.61 -78.46
N VAL EC 184 38.08 74.79 -79.51
CA VAL EC 184 38.41 75.20 -80.87
C VAL EC 184 37.18 75.82 -81.53
N ILE EC 185 37.42 76.67 -82.52
CA ILE EC 185 36.34 77.40 -83.18
C ILE EC 185 35.69 76.49 -84.20
N GLN EC 186 34.35 76.38 -84.14
CA GLN EC 186 33.63 75.68 -85.20
C GLN EC 186 33.53 76.56 -86.44
N GLN EC 187 32.87 77.70 -86.32
CA GLN EC 187 32.82 78.70 -87.38
C GLN EC 187 32.45 80.04 -86.76
N VAL EC 188 32.26 81.06 -87.60
CA VAL EC 188 32.03 82.42 -87.15
C VAL EC 188 30.87 83.02 -87.93
N PHE EC 189 30.34 84.13 -87.40
CA PHE EC 189 29.14 84.76 -87.95
C PHE EC 189 29.22 86.25 -87.67
N ASP EC 190 29.66 87.03 -88.65
CA ASP EC 190 29.83 88.47 -88.50
C ASP EC 190 28.64 89.17 -89.17
N ASN EC 191 27.53 89.25 -88.44
CA ASN EC 191 26.36 90.04 -88.82
C ASN EC 191 25.85 89.64 -90.21
N GLY EC 192 25.38 88.40 -90.29
CA GLY EC 192 24.80 87.89 -91.53
C GLY EC 192 25.80 87.50 -92.58
N SER EC 193 26.93 86.91 -92.17
CA SER EC 193 27.93 86.41 -93.11
C SER EC 193 28.73 85.32 -92.42
N ILE EC 194 29.51 84.59 -93.20
CA ILE EC 194 30.27 83.45 -92.72
C ILE EC 194 31.72 83.60 -93.15
N TYR EC 195 32.64 83.40 -92.22
CA TYR EC 195 34.08 83.39 -92.52
C TYR EC 195 34.76 82.16 -91.93
N ASN EC 196 36.09 82.14 -91.96
CA ASN EC 196 36.85 81.05 -91.38
C ASN EC 196 36.68 81.01 -89.86
N PRO FC 1 62.94 68.80 -54.70
CA PRO FC 1 61.58 68.80 -54.16
C PRO FC 1 61.45 69.59 -52.86
N ASN FC 2 62.04 70.79 -52.82
CA ASN FC 2 61.99 71.67 -51.65
C ASN FC 2 62.57 70.99 -50.41
N GLU FC 3 63.44 70.01 -50.62
CA GLU FC 3 64.21 69.27 -49.62
C GLU FC 3 63.35 68.36 -48.75
N ILE FC 4 62.03 68.37 -48.89
CA ILE FC 4 61.15 67.47 -48.15
C ILE FC 4 59.79 67.46 -48.84
N LYS FC 5 59.02 66.40 -48.60
CA LYS FC 5 57.63 66.31 -49.05
C LYS FC 5 56.83 65.70 -47.88
N VAL FC 6 56.32 66.57 -47.02
CA VAL FC 6 55.74 66.17 -45.74
C VAL FC 6 54.36 66.81 -45.60
N VAL FC 7 53.69 67.00 -46.73
CA VAL FC 7 52.49 67.83 -46.83
C VAL FC 7 51.31 67.30 -46.02
N TYR FC 8 51.39 66.06 -45.52
CA TYR FC 8 50.31 65.52 -44.72
C TYR FC 8 50.10 66.34 -43.45
N LEU FC 9 48.85 66.43 -43.01
CA LEU FC 9 48.45 67.31 -41.91
C LEU FC 9 48.37 66.54 -40.59
N ARG FC 10 48.07 67.29 -39.53
CA ARG FC 10 47.99 66.76 -38.17
C ARG FC 10 46.78 67.37 -37.48
N CYS FC 11 46.06 66.56 -36.70
CA CYS FC 11 44.81 66.96 -36.06
C CYS FC 11 44.87 66.75 -34.56
N THR FC 12 45.95 67.21 -33.93
CA THR FC 12 46.07 67.21 -32.49
C THR FC 12 45.84 68.63 -31.96
N GLY FC 13 45.44 68.72 -30.70
CA GLY FC 13 45.18 70.02 -30.12
C GLY FC 13 44.81 69.89 -28.65
N GLY FC 14 44.57 71.04 -28.03
CA GLY FC 14 44.22 71.09 -26.63
C GLY FC 14 45.40 70.71 -25.75
N GLU FC 15 45.34 69.54 -25.16
CA GLU FC 15 46.45 69.04 -24.37
C GLU FC 15 47.62 68.67 -25.28
N VAL FC 16 48.82 68.66 -24.69
CA VAL FC 16 50.01 68.27 -25.44
C VAL FC 16 49.90 66.83 -25.92
N GLY FC 17 49.46 65.93 -25.04
CA GLY FC 17 49.27 64.54 -25.41
C GLY FC 17 50.53 63.73 -25.35
N ALA FC 18 51.42 63.91 -26.34
CA ALA FC 18 52.70 63.22 -26.45
C ALA FC 18 52.54 61.71 -26.47
N THR FC 19 52.68 61.07 -25.31
CA THR FC 19 52.57 59.61 -25.26
C THR FC 19 51.16 59.14 -25.55
N SER FC 20 50.15 59.97 -25.28
CA SER FC 20 48.77 59.65 -25.60
C SER FC 20 48.37 60.11 -26.99
N ALA FC 21 49.26 60.78 -27.72
CA ALA FC 21 48.95 61.28 -29.04
C ALA FC 21 48.99 60.17 -30.08
N LEU FC 22 48.38 60.46 -31.23
CA LEU FC 22 48.50 59.63 -32.42
C LEU FC 22 49.86 59.80 -33.09
N ALA FC 23 50.65 60.79 -32.65
CA ALA FC 23 51.94 61.06 -33.27
C ALA FC 23 52.90 59.87 -33.30
N PRO FC 24 53.05 59.05 -32.24
CA PRO FC 24 53.92 57.86 -32.37
C PRO FC 24 53.49 56.90 -33.46
N LYS FC 25 52.20 56.87 -33.80
CA LYS FC 25 51.70 56.00 -34.86
C LYS FC 25 51.80 56.64 -36.25
N ILE FC 26 52.26 57.88 -36.35
CA ILE FC 26 52.42 58.56 -37.62
C ILE FC 26 53.86 59.00 -37.87
N GLY FC 27 54.72 58.97 -36.86
CA GLY FC 27 56.08 59.44 -36.96
C GLY FC 27 56.93 58.78 -38.04
N PRO FC 28 56.94 57.44 -38.11
CA PRO FC 28 57.74 56.77 -39.15
C PRO FC 28 57.26 57.01 -40.58
N LEU FC 29 56.25 57.84 -40.81
CA LEU FC 29 55.90 58.23 -42.18
C LEU FC 29 57.04 59.02 -42.81
N GLY FC 30 57.67 59.91 -42.04
CA GLY FC 30 58.83 60.64 -42.52
C GLY FC 30 60.10 60.18 -41.83
N LEU FC 31 59.94 59.50 -40.69
CA LEU FC 31 61.00 58.88 -39.89
C LEU FC 31 61.88 59.90 -39.20
N SER FC 32 61.68 61.18 -39.49
CA SER FC 32 62.44 62.28 -38.88
C SER FC 32 61.94 62.69 -37.50
N PRO FC 33 60.62 62.94 -37.27
CA PRO FC 33 60.21 63.54 -35.99
C PRO FC 33 60.46 62.68 -34.76
N LYS FC 34 59.91 61.48 -34.72
CA LYS FC 34 59.93 60.62 -33.52
C LYS FC 34 59.24 61.41 -32.40
N LYS FC 35 59.83 61.47 -31.20
CA LYS FC 35 59.33 62.34 -30.14
C LYS FC 35 59.98 63.73 -30.18
N VAL FC 36 61.25 63.80 -30.60
CA VAL FC 36 61.96 65.07 -30.61
C VAL FC 36 61.46 66.02 -31.69
N GLY FC 37 60.59 65.55 -32.58
CA GLY FC 37 60.09 66.35 -33.67
C GLY FC 37 58.65 66.77 -33.47
N ASP FC 38 57.86 65.94 -32.81
CA ASP FC 38 56.47 66.31 -32.57
C ASP FC 38 56.31 67.18 -31.33
N ASP FC 39 57.32 67.23 -30.46
CA ASP FC 39 57.28 68.17 -29.33
C ASP FC 39 57.58 69.59 -29.80
N ILE FC 40 58.56 69.75 -30.70
CA ILE FC 40 58.87 71.07 -31.21
C ILE FC 40 57.78 71.60 -32.13
N ALA FC 41 57.02 70.70 -32.76
CA ALA FC 41 55.83 71.14 -33.48
C ALA FC 41 54.69 71.48 -32.53
N LYS FC 42 54.55 70.71 -31.45
CA LYS FC 42 53.48 70.95 -30.48
C LYS FC 42 53.72 72.25 -29.71
N ALA FC 43 54.98 72.57 -29.42
CA ALA FC 43 55.28 73.75 -28.62
C ALA FC 43 54.85 75.04 -29.31
N THR FC 44 54.80 75.04 -30.63
CA THR FC 44 54.30 76.19 -31.38
C THR FC 44 52.81 76.08 -31.69
N GLY FC 45 52.32 74.88 -31.95
CA GLY FC 45 50.94 74.63 -32.30
C GLY FC 45 50.03 74.28 -31.15
N ASP FC 46 50.44 74.53 -29.92
CA ASP FC 46 49.59 74.24 -28.76
C ASP FC 46 48.29 75.02 -28.83
N TRP FC 47 48.36 76.30 -29.22
CA TRP FC 47 47.22 77.18 -29.25
C TRP FC 47 46.84 77.47 -30.70
N LYS FC 48 45.80 78.27 -30.88
CA LYS FC 48 45.13 78.50 -32.17
C LYS FC 48 44.84 77.18 -32.89
N GLY FC 49 43.92 76.39 -32.32
CA GLY FC 49 43.24 76.67 -31.06
C GLY FC 49 43.67 75.65 -30.03
N LEU FC 50 42.80 75.38 -29.05
CA LEU FC 50 42.93 74.22 -28.18
C LEU FC 50 41.96 73.11 -28.61
N ARG FC 51 41.72 73.01 -29.90
CA ARG FC 51 40.65 72.24 -30.52
C ARG FC 51 41.27 71.19 -31.44
N ILE FC 52 40.43 70.61 -32.33
CA ILE FC 52 40.89 69.52 -33.20
C ILE FC 52 42.10 69.95 -34.03
N THR FC 53 42.08 71.18 -34.54
CA THR FC 53 43.25 71.85 -35.13
C THR FC 53 43.88 71.02 -36.26
N VAL FC 54 43.13 70.90 -37.34
CA VAL FC 54 43.68 70.37 -38.58
C VAL FC 54 44.70 71.39 -39.11
N LYS FC 55 45.98 71.03 -39.08
CA LYS FC 55 47.04 71.95 -39.45
C LYS FC 55 48.07 71.23 -40.31
N LEU FC 56 48.64 71.96 -41.26
CA LEU FC 56 49.60 71.43 -42.22
C LEU FC 56 51.00 71.95 -41.90
N THR FC 57 52.01 71.12 -42.14
CA THR FC 57 53.38 71.46 -41.79
C THR FC 57 54.34 71.14 -42.93
N ILE FC 58 55.41 71.93 -43.00
CA ILE FC 58 56.50 71.72 -43.95
C ILE FC 58 57.79 71.54 -43.15
N GLN FC 59 58.55 70.51 -43.47
CA GLN FC 59 59.76 70.19 -42.72
C GLN FC 59 60.94 71.02 -43.21
N ASN FC 60 61.85 71.31 -42.30
CA ASN FC 60 63.09 72.05 -42.56
C ASN FC 60 64.26 71.32 -41.92
N ARG FC 61 64.35 70.02 -42.19
CA ARG FC 61 65.28 69.05 -41.60
C ARG FC 61 64.92 68.76 -40.16
N GLN FC 62 65.04 69.76 -39.27
CA GLN FC 62 64.65 69.59 -37.87
C GLN FC 62 63.36 70.34 -37.55
N ALA FC 63 63.33 71.64 -37.79
CA ALA FC 63 62.18 72.46 -37.43
C ALA FC 63 61.06 72.27 -38.45
N GLN FC 64 59.83 72.40 -37.96
CA GLN FC 64 58.64 72.28 -38.79
C GLN FC 64 57.89 73.60 -38.74
N ILE FC 65 57.59 74.17 -39.90
CA ILE FC 65 56.79 75.38 -39.99
C ILE FC 65 55.33 74.97 -40.09
N GLU FC 66 54.52 75.46 -39.15
CA GLU FC 66 53.12 75.07 -39.04
C GLU FC 66 52.24 76.21 -39.54
N VAL FC 67 51.42 75.91 -40.54
CA VAL FC 67 50.38 76.80 -41.02
C VAL FC 67 49.05 76.07 -40.91
N VAL FC 68 48.11 76.67 -40.19
CA VAL FC 68 46.85 76.02 -39.85
C VAL FC 68 45.78 76.54 -40.82
N PRO FC 69 45.21 75.68 -41.67
CA PRO FC 69 44.09 76.14 -42.52
C PRO FC 69 42.92 76.59 -41.66
N SER FC 70 42.26 77.67 -42.10
CA SER FC 70 41.21 78.31 -41.31
C SER FC 70 39.88 77.62 -41.60
N ALA FC 71 39.46 76.75 -40.68
CA ALA FC 71 38.18 76.08 -40.80
C ALA FC 71 37.15 76.79 -39.93
N SER FC 72 35.93 76.94 -40.46
CA SER FC 72 34.89 77.66 -39.73
C SER FC 72 34.50 76.92 -38.46
N ALA FC 73 34.32 75.60 -38.53
CA ALA FC 73 33.99 74.84 -37.33
C ALA FC 73 35.14 74.84 -36.34
N LEU FC 74 36.37 74.97 -36.83
CA LEU FC 74 37.52 75.12 -35.95
C LEU FC 74 37.45 76.44 -35.16
N ILE FC 75 37.03 77.51 -35.82
CA ILE FC 75 37.17 78.84 -35.24
C ILE FC 75 35.95 79.25 -34.43
N ILE FC 76 34.79 78.62 -34.65
CA ILE FC 76 33.62 78.94 -33.83
C ILE FC 76 33.81 78.42 -32.41
N LYS FC 77 34.37 77.22 -32.27
CA LYS FC 77 34.59 76.65 -30.94
C LYS FC 77 35.76 77.32 -30.24
N ALA FC 78 36.80 77.69 -31.00
CA ALA FC 78 37.95 78.38 -30.40
C ALA FC 78 37.56 79.75 -29.87
N LEU FC 79 36.72 80.49 -30.60
CA LEU FC 79 36.25 81.77 -30.10
C LEU FC 79 35.17 81.61 -29.03
N LYS FC 80 34.46 80.49 -29.03
CA LYS FC 80 33.53 80.21 -27.94
C LYS FC 80 34.30 79.92 -26.65
N GLU FC 81 33.75 80.40 -25.54
CA GLU FC 81 34.39 80.25 -24.25
C GLU FC 81 34.12 78.87 -23.64
N ILE FC 82 22.25 85.18 -31.82
CA ILE FC 82 23.38 86.10 -31.81
C ILE FC 82 24.21 85.95 -33.09
N THR FC 83 24.55 87.10 -33.68
CA THR FC 83 25.15 87.14 -35.02
C THR FC 83 26.66 87.04 -34.99
N PHE FC 84 27.30 87.83 -34.12
CA PHE FC 84 28.76 88.05 -34.08
C PHE FC 84 29.36 88.12 -35.48
N ASP FC 85 28.81 89.03 -36.30
CA ASP FC 85 29.33 89.23 -37.64
C ASP FC 85 30.72 89.83 -37.63
N GLU FC 86 31.10 90.51 -36.54
CA GLU FC 86 32.40 91.16 -36.50
C GLU FC 86 33.53 90.15 -36.34
N ILE FC 87 33.32 89.13 -35.50
CA ILE FC 87 34.37 88.14 -35.25
C ILE FC 87 34.55 87.19 -36.43
N VAL FC 88 33.60 87.17 -37.36
CA VAL FC 88 33.69 86.29 -38.52
C VAL FC 88 34.02 87.07 -39.80
N ASN FC 89 33.77 88.37 -39.84
CA ASN FC 89 34.10 89.18 -41.01
C ASN FC 89 35.59 89.19 -41.28
N ILE FC 90 36.39 89.30 -40.22
CA ILE FC 90 37.84 89.44 -40.37
C ILE FC 90 38.54 88.08 -40.41
N ALA FC 91 37.98 87.07 -39.75
CA ALA FC 91 38.65 85.78 -39.60
C ALA FC 91 38.85 85.07 -40.93
N ARG FC 92 38.00 85.31 -41.91
CA ARG FC 92 38.05 84.59 -43.17
C ARG FC 92 38.80 85.35 -44.26
N GLN FC 93 39.32 86.54 -43.94
CA GLN FC 93 40.17 87.26 -44.88
C GLN FC 93 41.47 86.50 -45.14
N MET FC 94 42.05 85.92 -44.09
CA MET FC 94 43.26 85.13 -44.20
C MET FC 94 42.98 83.67 -44.58
N ARG FC 95 41.72 83.31 -44.74
CA ARG FC 95 41.36 81.96 -45.17
C ARG FC 95 41.87 81.70 -46.58
N HIS FC 96 41.87 80.42 -46.97
CA HIS FC 96 42.22 80.07 -48.35
C HIS FC 96 41.23 80.69 -49.33
N ARG FC 97 39.93 80.60 -49.03
CA ARG FC 97 38.89 81.37 -49.72
C ARG FC 97 38.74 80.95 -51.18
N SER FC 98 38.83 79.64 -51.44
CA SER FC 98 38.79 79.17 -52.82
C SER FC 98 37.36 79.07 -53.34
N LEU FC 99 36.58 78.13 -52.78
CA LEU FC 99 35.12 78.05 -52.85
C LEU FC 99 34.57 78.02 -54.29
N ALA FC 100 35.42 77.80 -55.30
CA ALA FC 100 35.04 78.01 -56.71
C ALA FC 100 34.41 79.40 -56.87
N ARG FC 101 35.10 80.40 -56.34
CA ARG FC 101 34.48 81.68 -56.04
C ARG FC 101 34.40 82.58 -57.27
N GLU FC 102 33.42 83.48 -57.24
CA GLU FC 102 33.28 84.55 -58.23
C GLU FC 102 33.19 85.93 -57.63
N LEU FC 103 32.37 86.15 -56.60
CA LEU FC 103 32.12 87.49 -56.07
C LEU FC 103 32.31 87.61 -54.56
N SER FC 104 32.01 88.78 -54.01
CA SER FC 104 32.39 89.09 -52.63
C SER FC 104 31.48 88.41 -51.60
N GLY FC 105 30.22 88.17 -51.97
CA GLY FC 105 29.24 87.69 -51.00
C GLY FC 105 29.34 86.23 -50.66
N THR FC 106 30.15 85.45 -51.39
CA THR FC 106 30.13 84.00 -51.24
C THR FC 106 30.58 83.57 -49.85
N ILE FC 107 31.57 84.25 -49.27
CA ILE FC 107 32.15 83.81 -48.01
C ILE FC 107 31.19 84.08 -46.86
N LYS FC 108 30.62 85.28 -46.80
CA LYS FC 108 29.71 85.63 -45.71
C LYS FC 108 28.43 84.81 -45.79
N GLU FC 109 27.97 84.50 -47.00
CA GLU FC 109 26.79 83.66 -47.15
C GLU FC 109 27.08 82.21 -46.80
N ILE FC 110 28.31 81.76 -47.03
CA ILE FC 110 28.65 80.37 -46.74
C ILE FC 110 28.61 80.11 -45.24
N LEU FC 111 29.31 80.94 -44.46
CA LEU FC 111 29.47 80.66 -43.04
C LEU FC 111 28.21 80.96 -42.24
N GLY FC 112 27.34 81.83 -42.77
CA GLY FC 112 26.16 82.24 -42.02
C GLY FC 112 25.18 81.12 -41.73
N THR FC 113 25.27 80.01 -42.46
CA THR FC 113 24.44 78.84 -42.20
C THR FC 113 25.25 77.60 -41.86
N ALA FC 114 26.53 77.57 -42.19
CA ALA FC 114 27.39 76.49 -41.74
C ALA FC 114 27.52 76.49 -40.22
N GLN FC 115 27.35 77.64 -39.59
CA GLN FC 115 27.37 77.78 -38.15
C GLN FC 115 26.04 77.43 -37.51
N SER FC 116 25.10 76.84 -38.26
CA SER FC 116 23.88 76.32 -37.66
C SER FC 116 24.15 75.11 -36.78
N VAL FC 117 25.35 74.54 -36.84
CA VAL FC 117 25.72 73.40 -36.02
C VAL FC 117 25.91 73.84 -34.58
N HIS FC 125 16.68 81.73 -36.31
CA HIS FC 125 17.61 80.77 -36.88
C HIS FC 125 18.49 81.43 -37.94
N PRO FC 126 19.76 80.99 -38.05
CA PRO FC 126 20.71 81.58 -39.01
C PRO FC 126 20.50 81.13 -40.46
N HIS FC 127 19.28 81.27 -40.95
CA HIS FC 127 18.94 81.02 -42.36
C HIS FC 127 18.23 82.21 -43.00
N ASP FC 128 17.37 82.89 -42.25
CA ASP FC 128 16.74 84.11 -42.77
C ASP FC 128 17.73 85.26 -42.91
N ILE FC 129 18.85 85.20 -42.16
CA ILE FC 129 19.89 86.20 -42.30
C ILE FC 129 20.52 86.12 -43.69
N ILE FC 130 20.78 84.89 -44.16
CA ILE FC 130 21.47 84.68 -45.43
C ILE FC 130 20.62 85.17 -46.59
N ASP FC 131 19.30 84.98 -46.51
CA ASP FC 131 18.40 85.29 -47.61
C ASP FC 131 18.40 86.77 -47.99
N ASP FC 132 17.97 87.63 -47.08
CA ASP FC 132 17.88 89.07 -47.37
C ASP FC 132 19.01 89.82 -46.67
N ILE FC 133 20.23 89.53 -47.10
CA ILE FC 133 21.41 90.15 -46.51
C ILE FC 133 21.83 91.36 -47.33
N ASN FC 134 22.04 92.48 -46.64
CA ASN FC 134 22.64 93.66 -47.26
C ASN FC 134 23.70 94.31 -46.37
N SER FC 135 23.96 93.76 -45.19
CA SER FC 135 24.91 94.32 -44.26
C SER FC 135 26.30 93.77 -44.55
N GLY FC 136 27.21 94.64 -44.97
CA GLY FC 136 28.57 94.24 -45.24
C GLY FC 136 28.71 93.27 -46.40
N ALA FC 137 28.02 93.54 -47.51
CA ALA FC 137 28.26 92.78 -48.72
C ALA FC 137 29.60 93.15 -49.36
N VAL FC 138 30.06 94.37 -49.09
CA VAL FC 138 31.32 94.87 -49.62
C VAL FC 138 32.30 94.94 -48.45
N GLU FC 139 32.07 94.09 -47.43
CA GLU FC 139 32.86 94.19 -46.21
C GLU FC 139 34.24 93.59 -46.37
N CYS FC 140 34.39 92.55 -47.19
CA CYS FC 140 35.72 92.00 -47.47
C CYS FC 140 36.63 93.00 -48.17
N PRO FC 141 36.20 93.72 -49.23
CA PRO FC 141 37.15 94.70 -49.74
C PRO FC 141 37.04 96.06 -49.03
#